data_6G2I
#
_entry.id   6G2I
#
_cell.length_a   1.0
_cell.length_b   1.0
_cell.length_c   1.0
_cell.angle_alpha   90.000
_cell.angle_beta   90.000
_cell.angle_gamma   90.000
#
_symmetry.space_group_name_H-M   'P 1'
#
loop_
_entity.id
_entity.type
_entity.pdbx_description
1 polymer 'Acetyl-CoA carboxylase 1'
2 polymer 'Breast cancer type 1 susceptibility protein'
#
loop_
_entity_poly.entity_id
_entity_poly.type
_entity_poly.pdbx_seq_one_letter_code
_entity_poly.pdbx_strand_id
1 'polypeptide(L)'
;MDEPSPLAQPLELNQHSRFIIGSVSEDNSEDEISNLVKLDLLEEKEGSLSPASVGSDTLSDLGISSLQDGLALHIRSSMS
GLHLVKQGRDRKKIDSQRDFTVASPAEFVTRFGGNKVIEKVLIANNGIAAVKCMRSIRRWSYEMFRNERAIRFVVMVTPE
DLKANAEYIKMADHYVPVPGGPNNNNYANVELILDIAKRIPVQAVWAGWGHASENPKLPELLLKNGIAFMGPPSQAMWAL
GDKIASSIVAQTAGIPTLPWSGSGLRVDWQENDFSKRILNVPQELYEKGYVKDVDDGLQAAEEVGYPVMIKASEGGGGKG
IRKVNNADDFPNLFRQVQAEVPGSPIFVMRLAKQSRHLEVQILADQYGNAISLFGRDCSVQRRHQKIIEEAPATIATPAV
FEHMEQCAVKLAKMVGYVSAGTVEYLYSQDGSFYFLELNPRLQVEHPCTEMVADVNLPAAQLQIAMGIPLYRIKDIRMMY
GVSPWGDSPIDFEDSAHVPCPRGHVIAARITSENPDEGFKPSSGTVQELNFRSNKNVWGYFSVAAAGGLHEFADSQFGHC
FSWGENREEAISNMVVALKELSIRGDFRTTVEYLIKLLETESFQMNRIDTGWLDRLIAEKVQAERPDTMLGVVCGALHVA
DVSLRNSVSNFLHSLERGQVLPAHTLLNTVDVELIYEGVKYVLKVTRQSPNSYVVIMNGSCVEVDVHRLSDGGLLLSYDG
SSYTTYMKEEVDRYRITIGNKTCVFEKENDPSVMRSPSAGKLIQYIVEDGGHVFAGQCYAEIEVMKMVMTLTAVESGCIH
YVKRPGAALDPGCVLAKMQLDNPSKVQQAELHTGSLPRIQSTALRGEKLHRVFHYVLDNLVNVMNGYCLPDPFFSSKVKD
WVERLMKTLRDPSLPLLELQDIMTSVSGRIPPNVEKSIKKEMAQYASNITSVLCQFPSQQIANILDSHAATLNRKSEREV
FFMNTQSIVQLVQRYRSGIRGHMKAVVMDLLRQYLRVETQFQNGHYDKCVFALREENKSDMNTVLNYIFSHAQVTKKNLL
VTMLIDQLCGRDPTLTDELLNILTELTQLSKTTNAKVALRARQVLIASHLPSYELRHNQVESIFLSAIDMYGHQFCIENL
QKLILSETSIFDVLPNFFYHSNQVVRMAALEVYVRRAYIAYELNSVQHRQLKDNTCVVEFQFMLPTSHPNRGNIPTLNRM
SFSSNLNHYGMTHVASVSDVLLDNSFTPPCQRMGGMVSFRTFEDFVRIFDEVMGCFSDSPPQ(SEP)PTFPEAGHTSLYD
EDKVPRDEPIHILNVAIKTDCDIEDDRLAAMFREFTQQNKATLVDHGIRRLTFLVAQKDFRKQVNYEVDRRFHREFPKFF
TFRARDKFEEDRIYRHLEPALAFQLELNRMRNFDLTAIPCANHKMHLYLGAAKVEVGTEVTDYRFFVRAIIRHSDLVTKE
ASFEYLQNEGERLLLEAMDELEVAFNNTNVRTDCNHIFLNFVPTVIMDPSKIEESVRSMVMRYGSRLWKLRVLQAELKIN
IRLTPTGKAIPIRLFLTNESGYYLDISLYKEVTDSRTAQIMFQAYGDKQGPLHGMLINTPYVTKDLLQSKRFQAQSLGTT
YIYDIPEMFRQSLIKLWESMSTQAFLPSPPLPSDMLTYTELVLDDQGQLVHMNRLPGGNEIGMVAWKMTFKSPEYPEGRD
IIVIGNDITYRIGSFGPQEDLLFLRASELARAEGIPRIYVSANSGARIGLAEEIRHMFHVAWVDPEDPYKGYRYLYLTPQ
DYKRVSALNSVHCEHVEDEGESRYKITDIIGKEEGIGPENLRGSGMIAGESSLAYNEIITISLVTCRAIGIGAYLVRLGQ
RTIQVENSHLILTGAGALNKVLGREVYTSNNQLGGIQIMHNNGVTHCTVCDDFEGVFTVLHWLSYMPKSVHSSVPLLNSK
DPIDRIIEFVPTKTPYDPRWMLAGRPHPTQKGQWLSGFFDYGSFSEIMQPWAQTVVVGRARLGGIPVGVVAVETRTVELS
IPADPANLDSEAKIIQQAGQVWFPDSAFKTYQAIKDFNREGLPLMVFANWRGFSGGMKDMYDQVLKFGAYIVDGLRECCQ
PVLVYIPPQAELRGGSWVVIDSSINPRHMEMYADRESRGSVLEPEGTVEIKFRRKDLVKTMRRVDPVYIHLAERLGTPEL
STAERKELENKLKEREEFLIPIYHQVAVQFADLHDTPGRMQEKGVISDILDWKTSRTFFYWRLRRLLLEDLVKKKIHNAN
PELTDGQIQAMLRRWFVEVEGTVKAYVWDNNKDLAEWLEKQLTEEDGVHSVIEENIKCISRDYVLKQIRSLVQANPEVAM
DSIIHMTQHISPTQRAEVIRILSTMDSPST
;
D,E,C,F,B,A,G,Q,J,R
2 'polypeptide(L)'
;MKHHHHHHPMTSLYKKAGLENLYFQGVNKRMSMVVSGLTPEEFMLVYKFARKHHITLTNLITEETTHVVMKTDAEFVCER
TLKYFLGIAGGKWVVSYFWVTQSIKERKMLNEHDFEVRGDVVNGRNHQGPKRARESQDRKIFRGLEICCYGPFTNMPTDQ
LEWMVQLCGASVVKELSSFTLGTGVHPIVVVQPDAWTEDNGFHAIGQMCEAPVVTREWVLDSVALYQCQELDTYLIPQIP
;
H,K,M,O,S,U,Y,W
#
# COMPACT_ATOMS: atom_id res chain seq x y z
N VAL A 102 -23.53 -44.00 -103.61
CA VAL A 102 -23.40 -42.55 -103.41
C VAL A 102 -22.29 -41.97 -104.30
N ALA A 103 -22.48 -40.71 -104.73
CA ALA A 103 -21.55 -40.09 -105.67
C ALA A 103 -20.33 -39.37 -105.11
N SER A 104 -20.31 -38.85 -103.89
CA SER A 104 -19.18 -38.03 -103.51
C SER A 104 -19.14 -37.84 -101.99
N PRO A 105 -18.00 -37.40 -101.42
CA PRO A 105 -17.95 -37.09 -99.98
C PRO A 105 -19.02 -36.12 -99.54
N ALA A 106 -19.34 -35.14 -100.41
CA ALA A 106 -20.38 -34.16 -100.14
C ALA A 106 -21.74 -34.83 -99.95
N GLU A 107 -22.05 -35.84 -100.77
CA GLU A 107 -23.31 -36.56 -100.66
C GLU A 107 -23.40 -37.33 -99.35
N PHE A 108 -22.29 -37.94 -98.91
CA PHE A 108 -22.28 -38.68 -97.64
C PHE A 108 -22.69 -37.77 -96.48
N VAL A 109 -22.09 -36.59 -96.41
CA VAL A 109 -22.38 -35.63 -95.34
C VAL A 109 -23.86 -35.26 -95.34
N THR A 110 -24.44 -35.01 -96.51
CA THR A 110 -25.86 -34.68 -96.62
C THR A 110 -26.75 -35.87 -96.26
N ARG A 111 -26.50 -37.03 -96.87
CA ARG A 111 -27.31 -38.23 -96.64
C ARG A 111 -27.37 -38.62 -95.16
N PHE A 112 -26.25 -38.52 -94.45
CA PHE A 112 -26.16 -38.90 -93.04
C PHE A 112 -26.29 -37.71 -92.08
N GLY A 113 -26.73 -36.56 -92.57
CA GLY A 113 -26.99 -35.46 -91.66
C GLY A 113 -25.78 -34.75 -91.07
N GLY A 114 -24.68 -34.67 -91.80
CA GLY A 114 -23.51 -33.94 -91.35
C GLY A 114 -23.60 -32.51 -91.83
N ASN A 115 -22.59 -31.69 -91.51
CA ASN A 115 -22.63 -30.28 -91.86
C ASN A 115 -21.36 -29.66 -92.44
N LYS A 116 -20.29 -30.42 -92.69
CA LYS A 116 -19.05 -29.83 -93.20
C LYS A 116 -18.51 -30.84 -94.20
N VAL A 117 -18.41 -30.44 -95.46
CA VAL A 117 -17.89 -31.28 -96.53
C VAL A 117 -16.37 -31.35 -96.58
N ILE A 118 -15.82 -32.56 -96.42
CA ILE A 118 -14.39 -32.79 -96.57
C ILE A 118 -14.24 -33.73 -97.76
N GLU A 119 -13.66 -33.20 -98.82
CA GLU A 119 -13.33 -33.88 -100.06
C GLU A 119 -11.83 -33.97 -100.23
N LYS A 120 -11.10 -33.22 -99.42
CA LYS A 120 -9.66 -33.10 -99.47
C LYS A 120 -9.17 -32.99 -98.03
N VAL A 121 -8.17 -33.80 -97.68
CA VAL A 121 -7.61 -33.85 -96.34
C VAL A 121 -6.14 -33.48 -96.51
N LEU A 122 -5.63 -32.57 -95.67
CA LEU A 122 -4.21 -32.28 -95.67
C LEU A 122 -3.61 -33.13 -94.56
N ILE A 123 -2.61 -33.94 -94.91
CA ILE A 123 -1.91 -34.75 -93.92
C ILE A 123 -0.71 -33.97 -93.37
N ALA A 124 -0.79 -33.60 -92.10
CA ALA A 124 0.33 -32.95 -91.41
C ALA A 124 1.09 -34.02 -90.63
N ASN A 125 1.66 -34.97 -91.39
CA ASN A 125 2.34 -36.11 -90.78
C ASN A 125 3.06 -36.90 -91.87
N ASN A 126 3.66 -38.01 -91.47
CA ASN A 126 4.37 -38.93 -92.34
C ASN A 126 4.21 -40.36 -91.80
N GLY A 127 5.07 -41.26 -92.28
CA GLY A 127 5.23 -42.66 -91.94
C GLY A 127 3.96 -43.48 -92.09
N ILE A 128 3.81 -44.46 -91.20
CA ILE A 128 2.64 -45.34 -91.25
C ILE A 128 1.37 -44.53 -91.07
N ALA A 129 1.43 -43.49 -90.24
CA ALA A 129 0.26 -42.64 -90.01
C ALA A 129 -0.24 -42.06 -91.33
N ALA A 130 0.64 -41.39 -92.06
CA ALA A 130 0.26 -40.84 -93.35
C ALA A 130 -0.26 -41.93 -94.29
N VAL A 131 0.41 -43.09 -94.29
CA VAL A 131 -0.02 -44.21 -95.13
C VAL A 131 -1.36 -44.76 -94.64
N LYS A 132 -1.50 -44.99 -93.32
CA LYS A 132 -2.75 -45.49 -92.73
C LYS A 132 -3.93 -44.57 -93.01
N CYS A 133 -3.75 -43.25 -92.84
CA CYS A 133 -4.83 -42.29 -93.12
C CYS A 133 -5.30 -42.41 -94.56
N MET A 134 -4.37 -42.45 -95.51
CA MET A 134 -4.72 -42.56 -96.92
C MET A 134 -5.39 -43.90 -97.19
N ARG A 135 -4.75 -44.99 -96.75
CA ARG A 135 -5.30 -46.32 -96.94
C ARG A 135 -6.67 -46.45 -96.26
N SER A 136 -6.77 -46.00 -95.00
CA SER A 136 -8.03 -46.10 -94.29
C SER A 136 -9.13 -45.29 -94.97
N ILE A 137 -8.85 -44.05 -95.36
CA ILE A 137 -9.89 -43.26 -96.01
C ILE A 137 -10.20 -43.86 -97.38
N ARG A 138 -9.17 -44.19 -98.15
CA ARG A 138 -9.42 -44.77 -99.47
C ARG A 138 -10.19 -46.09 -99.43
N ARG A 139 -10.00 -46.93 -98.40
CA ARG A 139 -10.80 -48.16 -98.36
C ARG A 139 -12.26 -47.87 -98.10
N TRP A 140 -12.54 -46.98 -97.17
CA TRP A 140 -13.92 -46.64 -96.90
C TRP A 140 -14.52 -45.88 -98.09
N SER A 141 -13.75 -44.94 -98.67
CA SER A 141 -14.27 -44.17 -99.79
C SER A 141 -14.53 -45.03 -101.04
N TYR A 142 -13.65 -45.99 -101.38
CA TYR A 142 -14.01 -46.86 -102.49
C TYR A 142 -15.17 -47.75 -102.08
N GLU A 143 -15.14 -48.23 -100.84
CA GLU A 143 -16.26 -49.02 -100.33
C GLU A 143 -17.55 -48.20 -100.42
N MET A 144 -17.50 -46.91 -100.07
CA MET A 144 -18.72 -46.08 -100.10
C MET A 144 -19.02 -45.55 -101.50
N PHE A 145 -18.01 -45.10 -102.24
CA PHE A 145 -18.16 -44.45 -103.54
C PHE A 145 -17.45 -45.11 -104.70
N ARG A 146 -16.69 -46.17 -104.48
CA ARG A 146 -15.92 -46.81 -105.55
C ARG A 146 -14.97 -45.82 -106.20
N ASN A 147 -14.43 -44.87 -105.40
CA ASN A 147 -13.48 -43.87 -105.88
C ASN A 147 -12.48 -43.54 -104.79
N GLU A 148 -11.22 -43.96 -105.00
CA GLU A 148 -10.18 -43.73 -104.01
C GLU A 148 -9.76 -42.27 -103.93
N ARG A 149 -10.12 -41.45 -104.92
CA ARG A 149 -9.72 -40.05 -104.91
C ARG A 149 -10.85 -39.16 -104.44
N ALA A 150 -11.92 -39.75 -103.90
CA ALA A 150 -13.02 -38.94 -103.40
C ALA A 150 -12.52 -37.96 -102.35
N ILE A 151 -11.61 -38.43 -101.50
CA ILE A 151 -10.91 -37.57 -100.54
C ILE A 151 -9.49 -37.36 -101.07
N ARG A 152 -9.19 -36.15 -101.53
CA ARG A 152 -7.85 -35.91 -102.05
C ARG A 152 -6.92 -35.70 -100.87
N PHE A 153 -5.63 -36.02 -101.05
CA PHE A 153 -4.64 -35.83 -99.99
C PHE A 153 -3.49 -34.91 -100.36
N VAL A 154 -3.27 -33.90 -99.52
CA VAL A 154 -2.11 -33.02 -99.62
C VAL A 154 -1.17 -33.48 -98.50
N VAL A 155 0.12 -33.72 -98.80
CA VAL A 155 1.05 -34.11 -97.75
C VAL A 155 2.21 -33.13 -97.57
N MET A 156 2.72 -33.10 -96.35
CA MET A 156 3.90 -32.32 -95.96
C MET A 156 5.04 -33.31 -95.83
N VAL A 157 6.18 -33.01 -96.46
CA VAL A 157 7.32 -33.91 -96.54
C VAL A 157 8.59 -33.26 -95.96
N THR A 158 9.18 -33.89 -94.90
CA THR A 158 10.42 -33.39 -94.34
C THR A 158 11.59 -33.95 -95.17
N PRO A 159 12.75 -33.26 -95.20
CA PRO A 159 13.92 -33.79 -95.94
C PRO A 159 14.36 -35.21 -95.62
N GLU A 160 14.31 -35.63 -94.35
CA GLU A 160 14.70 -37.01 -94.01
C GLU A 160 13.84 -38.02 -94.76
N ASP A 161 12.52 -37.87 -94.63
CA ASP A 161 11.58 -38.75 -95.34
C ASP A 161 11.72 -38.64 -96.85
N LEU A 162 11.98 -37.43 -97.36
CA LEU A 162 12.13 -37.23 -98.81
C LEU A 162 13.37 -37.94 -99.36
N LYS A 163 14.51 -37.81 -98.67
CA LYS A 163 15.72 -38.50 -99.12
C LYS A 163 15.52 -40.01 -99.07
N ALA A 164 14.73 -40.48 -98.11
CA ALA A 164 14.42 -41.90 -97.92
C ALA A 164 13.46 -42.45 -98.96
N ASN A 165 12.84 -41.60 -99.77
CA ASN A 165 11.84 -42.02 -100.77
C ASN A 165 10.62 -42.64 -100.09
N ALA A 166 10.18 -41.99 -99.02
CA ALA A 166 9.01 -42.35 -98.23
C ALA A 166 7.74 -42.59 -99.05
N GLU A 167 7.20 -43.81 -98.92
CA GLU A 167 6.05 -44.30 -99.68
C GLU A 167 4.81 -43.40 -99.64
N TYR A 168 4.58 -42.67 -98.55
CA TYR A 168 3.35 -41.90 -98.42
C TYR A 168 3.23 -40.77 -99.45
N ILE A 169 4.34 -40.24 -99.94
CA ILE A 169 4.27 -39.15 -100.93
C ILE A 169 3.51 -39.60 -102.17
N LYS A 170 3.91 -40.73 -102.77
CA LYS A 170 3.23 -41.15 -104.00
C LYS A 170 1.82 -41.66 -103.74
N MET A 171 1.52 -42.19 -102.55
CA MET A 171 0.12 -42.56 -102.30
C MET A 171 -0.73 -41.31 -102.33
N ALA A 172 -0.21 -40.22 -101.75
CA ALA A 172 -0.90 -38.96 -101.68
C ALA A 172 -1.16 -38.39 -103.06
N ASP A 173 -2.23 -37.61 -103.16
CA ASP A 173 -2.58 -36.94 -104.40
C ASP A 173 -1.78 -35.66 -104.61
N HIS A 174 -1.26 -35.07 -103.53
CA HIS A 174 -0.54 -33.81 -103.64
C HIS A 174 0.43 -33.60 -102.47
N TYR A 175 1.60 -33.01 -102.77
CA TYR A 175 2.62 -32.68 -101.78
C TYR A 175 2.94 -31.19 -101.93
N VAL A 176 3.30 -30.54 -100.81
CA VAL A 176 3.55 -29.11 -100.79
C VAL A 176 4.90 -28.74 -100.17
N PRO A 177 5.84 -28.12 -100.91
CA PRO A 177 7.12 -27.69 -100.31
C PRO A 177 6.96 -26.53 -99.33
N VAL A 178 7.58 -26.68 -98.16
CA VAL A 178 7.53 -25.69 -97.08
C VAL A 178 8.93 -25.19 -96.73
N PRO A 179 9.04 -24.05 -96.05
CA PRO A 179 10.34 -23.55 -95.62
C PRO A 179 10.94 -24.52 -94.62
N GLY A 180 12.27 -24.65 -94.67
CA GLY A 180 13.01 -25.56 -93.82
C GLY A 180 13.19 -25.10 -92.38
N GLY A 181 13.99 -25.89 -91.66
CA GLY A 181 14.29 -25.64 -90.26
C GLY A 181 13.44 -26.40 -89.24
N PRO A 182 13.26 -25.83 -88.04
CA PRO A 182 12.49 -26.53 -87.00
C PRO A 182 11.03 -26.80 -87.35
N ASN A 183 10.49 -27.86 -86.72
CA ASN A 183 9.13 -28.37 -86.96
C ASN A 183 8.07 -27.28 -86.97
N ASN A 184 8.38 -26.13 -86.40
CA ASN A 184 7.52 -24.97 -86.39
C ASN A 184 7.35 -24.41 -87.80
N ASN A 185 8.22 -24.78 -88.75
CA ASN A 185 8.11 -24.33 -90.14
C ASN A 185 7.31 -25.28 -91.02
N ASN A 186 7.09 -26.53 -90.60
CA ASN A 186 6.37 -27.49 -91.44
C ASN A 186 5.18 -28.16 -90.72
N TYR A 187 5.31 -29.42 -90.26
CA TYR A 187 4.19 -30.11 -89.59
C TYR A 187 3.53 -29.30 -88.49
N ALA A 188 4.31 -28.50 -87.77
CA ALA A 188 3.78 -27.69 -86.69
C ALA A 188 3.51 -26.24 -87.09
N ASN A 189 3.81 -25.83 -88.33
CA ASN A 189 3.54 -24.45 -88.71
C ASN A 189 2.07 -24.30 -89.09
N VAL A 190 1.23 -23.89 -88.14
CA VAL A 190 -0.19 -23.77 -88.43
C VAL A 190 -0.46 -22.71 -89.49
N GLU A 191 0.24 -21.57 -89.44
CA GLU A 191 0.02 -20.54 -90.45
C GLU A 191 0.40 -21.04 -91.82
N LEU A 192 1.53 -21.75 -91.92
CA LEU A 192 1.90 -22.30 -93.20
C LEU A 192 0.91 -23.40 -93.57
N ILE A 193 0.59 -24.26 -92.60
CA ILE A 193 -0.39 -25.32 -92.85
C ILE A 193 -1.67 -24.66 -93.29
N LEU A 194 -2.04 -23.62 -92.56
CA LEU A 194 -3.23 -22.86 -92.89
C LEU A 194 -3.05 -22.25 -94.27
N ASP A 195 -1.90 -21.61 -94.48
CA ASP A 195 -1.58 -21.02 -95.78
C ASP A 195 -1.68 -22.08 -96.87
N ILE A 196 -1.14 -23.27 -96.59
CA ILE A 196 -1.22 -24.36 -97.55
C ILE A 196 -2.64 -24.85 -97.62
N ALA A 197 -3.27 -24.98 -96.46
CA ALA A 197 -4.66 -25.42 -96.41
C ALA A 197 -5.50 -24.47 -97.23
N LYS A 198 -5.25 -23.18 -97.06
CA LYS A 198 -5.95 -22.13 -97.80
C LYS A 198 -5.58 -22.08 -99.29
N ARG A 199 -4.32 -22.39 -99.65
CA ARG A 199 -3.87 -22.19 -101.04
C ARG A 199 -4.43 -23.22 -102.01
N ILE A 200 -4.45 -24.50 -101.63
CA ILE A 200 -4.94 -25.55 -102.54
C ILE A 200 -6.37 -25.25 -102.98
N PRO A 201 -7.36 -25.07 -102.08
CA PRO A 201 -7.42 -25.25 -100.63
C PRO A 201 -7.80 -26.66 -100.18
N VAL A 202 -7.61 -26.97 -98.89
CA VAL A 202 -8.02 -28.24 -98.31
C VAL A 202 -9.16 -27.99 -97.32
N GLN A 203 -9.86 -29.07 -96.97
CA GLN A 203 -10.95 -29.00 -96.01
C GLN A 203 -10.60 -29.54 -94.63
N ALA A 204 -9.48 -30.24 -94.47
CA ALA A 204 -9.14 -30.72 -93.14
C ALA A 204 -7.63 -30.88 -92.99
N VAL A 205 -7.18 -30.84 -91.74
CA VAL A 205 -5.77 -31.06 -91.39
C VAL A 205 -5.72 -32.20 -90.37
N TRP A 206 -4.82 -33.16 -90.61
CA TRP A 206 -4.52 -34.24 -89.67
C TRP A 206 -3.06 -34.10 -89.23
N ALA A 207 -2.84 -33.97 -87.92
CA ALA A 207 -1.52 -33.75 -87.33
C ALA A 207 -0.78 -34.98 -86.82
N GLY A 208 -1.45 -36.08 -86.49
CA GLY A 208 -0.70 -37.25 -86.00
C GLY A 208 -0.13 -37.26 -84.58
N TRP A 209 1.16 -37.57 -84.47
CA TRP A 209 1.89 -37.68 -83.20
C TRP A 209 3.08 -36.74 -83.04
N GLY A 210 3.34 -36.43 -81.74
CA GLY A 210 4.28 -35.47 -81.19
C GLY A 210 3.93 -33.99 -81.04
N HIS A 211 5.01 -33.24 -80.79
CA HIS A 211 5.09 -31.80 -80.50
C HIS A 211 3.84 -30.93 -80.68
N ALA A 212 3.16 -30.92 -81.81
CA ALA A 212 1.97 -30.08 -81.89
C ALA A 212 0.68 -30.82 -81.56
N SER A 213 0.77 -32.07 -81.08
CA SER A 213 -0.43 -32.83 -80.75
C SER A 213 -1.28 -32.18 -79.67
N GLU A 214 -0.68 -31.31 -78.85
CA GLU A 214 -1.28 -30.61 -77.72
C GLU A 214 -1.13 -29.10 -77.87
N ASN A 215 -0.93 -28.62 -79.08
CA ASN A 215 -0.78 -27.20 -79.34
C ASN A 215 -2.17 -26.66 -79.60
N PRO A 216 -2.75 -25.86 -78.68
CA PRO A 216 -4.13 -25.39 -78.87
C PRO A 216 -4.31 -24.50 -80.08
N LYS A 217 -3.23 -23.96 -80.64
CA LYS A 217 -3.34 -23.14 -81.83
C LYS A 217 -3.69 -23.98 -83.04
N LEU A 218 -3.24 -25.24 -83.07
CA LEU A 218 -3.50 -26.09 -84.23
C LEU A 218 -4.98 -26.28 -84.54
N PRO A 219 -5.80 -26.89 -83.68
CA PRO A 219 -7.23 -26.93 -84.03
C PRO A 219 -7.89 -25.56 -84.09
N GLU A 220 -7.42 -24.64 -83.25
CA GLU A 220 -7.98 -23.29 -83.21
C GLU A 220 -7.82 -22.47 -84.48
N LEU A 221 -6.58 -22.25 -84.89
CA LEU A 221 -6.33 -21.44 -86.07
C LEU A 221 -6.79 -22.07 -87.37
N LEU A 222 -6.60 -23.38 -87.54
CA LEU A 222 -7.07 -24.00 -88.78
C LEU A 222 -8.59 -23.97 -88.88
N LEU A 223 -9.29 -24.31 -87.79
CA LEU A 223 -10.76 -24.31 -87.74
C LEU A 223 -11.31 -22.90 -87.95
N LYS A 224 -10.65 -21.90 -87.35
CA LYS A 224 -11.04 -20.50 -87.48
C LYS A 224 -11.11 -20.05 -88.93
N ASN A 225 -10.36 -20.69 -89.82
CA ASN A 225 -10.31 -20.40 -91.25
C ASN A 225 -11.18 -21.34 -92.08
N GLY A 226 -12.11 -22.06 -91.44
CA GLY A 226 -12.98 -23.01 -92.10
C GLY A 226 -12.33 -24.25 -92.66
N ILE A 227 -11.22 -24.65 -92.08
CA ILE A 227 -10.46 -25.84 -92.47
C ILE A 227 -10.71 -26.79 -91.31
N ALA A 228 -11.19 -27.99 -91.59
CA ALA A 228 -11.52 -28.93 -90.54
C ALA A 228 -10.28 -29.50 -89.86
N PHE A 229 -10.51 -29.98 -88.64
CA PHE A 229 -9.47 -30.60 -87.84
C PHE A 229 -10.03 -31.95 -87.41
N MET A 230 -9.31 -33.03 -87.69
CA MET A 230 -9.78 -34.36 -87.29
C MET A 230 -9.39 -34.66 -85.85
N GLY A 231 -10.02 -33.95 -84.93
CA GLY A 231 -9.76 -34.09 -83.52
C GLY A 231 -10.57 -33.11 -82.70
N PRO A 232 -10.44 -33.18 -81.38
CA PRO A 232 -11.21 -32.27 -80.53
C PRO A 232 -10.77 -30.84 -80.75
N PRO A 233 -11.65 -29.86 -80.54
CA PRO A 233 -11.20 -28.47 -80.66
C PRO A 233 -10.18 -28.11 -79.58
N SER A 234 -9.47 -27.01 -79.86
CA SER A 234 -8.41 -26.49 -79.00
C SER A 234 -8.73 -26.55 -77.52
N GLN A 235 -9.86 -25.98 -77.12
CA GLN A 235 -10.21 -25.98 -75.72
C GLN A 235 -10.32 -27.41 -75.20
N ALA A 236 -11.10 -28.24 -75.90
CA ALA A 236 -11.27 -29.62 -75.43
C ALA A 236 -10.01 -30.45 -75.58
N MET A 237 -9.16 -30.20 -76.57
CA MET A 237 -7.97 -31.05 -76.66
C MET A 237 -6.96 -30.76 -75.58
N TRP A 238 -6.84 -29.50 -75.23
CA TRP A 238 -5.89 -29.07 -74.22
C TRP A 238 -6.54 -29.28 -72.84
N ALA A 239 -7.76 -28.78 -72.66
CA ALA A 239 -8.44 -28.90 -71.37
C ALA A 239 -8.72 -30.36 -70.99
N LEU A 240 -8.63 -31.32 -71.94
CA LEU A 240 -8.83 -32.74 -71.71
C LEU A 240 -7.60 -33.61 -71.99
N GLY A 241 -6.66 -33.16 -72.83
CA GLY A 241 -5.47 -33.95 -73.09
C GLY A 241 -4.41 -33.76 -72.03
N ASP A 242 -4.28 -32.53 -71.55
CA ASP A 242 -3.36 -32.22 -70.48
C ASP A 242 -3.89 -32.81 -69.18
N LYS A 243 -3.07 -33.61 -68.47
CA LYS A 243 -3.57 -34.30 -67.28
C LYS A 243 -4.09 -33.31 -66.24
N ILE A 244 -3.37 -32.21 -66.00
CA ILE A 244 -3.86 -31.18 -65.07
C ILE A 244 -5.19 -30.62 -65.56
N ALA A 245 -5.21 -30.13 -66.80
CA ALA A 245 -6.44 -29.55 -67.30
C ALA A 245 -7.53 -30.61 -67.36
N SER A 246 -7.16 -31.81 -67.81
CA SER A 246 -8.14 -32.88 -67.90
C SER A 246 -8.58 -33.33 -66.52
N SER A 247 -7.66 -33.36 -65.55
CA SER A 247 -8.06 -33.75 -64.19
C SER A 247 -9.02 -32.74 -63.59
N ILE A 248 -8.84 -31.45 -63.88
CA ILE A 248 -9.82 -30.49 -63.37
C ILE A 248 -11.15 -30.71 -64.07
N VAL A 249 -11.11 -30.92 -65.39
CA VAL A 249 -12.33 -31.26 -66.11
C VAL A 249 -12.86 -32.62 -65.64
N ALA A 250 -11.96 -33.61 -65.53
CA ALA A 250 -12.31 -34.95 -65.07
C ALA A 250 -12.93 -34.88 -63.68
N GLN A 251 -12.33 -34.07 -62.82
CA GLN A 251 -12.86 -33.89 -61.47
C GLN A 251 -14.25 -33.31 -61.56
N THR A 252 -14.45 -32.39 -62.49
CA THR A 252 -15.79 -31.85 -62.71
C THR A 252 -16.72 -32.99 -63.15
N ALA A 253 -16.19 -33.93 -63.96
CA ALA A 253 -16.98 -35.06 -64.44
C ALA A 253 -17.14 -36.20 -63.43
N GLY A 254 -16.39 -36.21 -62.33
CA GLY A 254 -16.51 -37.29 -61.37
C GLY A 254 -15.74 -38.56 -61.63
N ILE A 255 -14.64 -38.50 -62.38
CA ILE A 255 -13.81 -39.69 -62.65
C ILE A 255 -12.73 -39.75 -61.59
N PRO A 256 -12.47 -40.89 -60.92
CA PRO A 256 -11.40 -40.87 -59.92
C PRO A 256 -10.08 -40.58 -60.60
N THR A 257 -9.20 -39.87 -59.90
CA THR A 257 -7.88 -39.50 -60.38
C THR A 257 -6.86 -39.69 -59.26
N LEU A 258 -5.61 -39.93 -59.65
CA LEU A 258 -4.58 -40.06 -58.65
C LEU A 258 -4.28 -38.72 -57.99
N PRO A 259 -3.81 -38.74 -56.74
CA PRO A 259 -3.41 -37.49 -56.08
C PRO A 259 -2.38 -36.76 -56.92
N TRP A 260 -2.63 -35.49 -57.13
CA TRP A 260 -1.81 -34.59 -57.92
C TRP A 260 -1.96 -33.22 -57.27
N SER A 261 -1.13 -32.27 -57.72
CA SER A 261 -1.15 -30.92 -57.19
C SER A 261 -2.53 -30.24 -57.20
N GLY A 262 -3.48 -30.72 -58.01
CA GLY A 262 -4.81 -30.18 -58.12
C GLY A 262 -5.99 -31.03 -57.67
N SER A 263 -5.74 -32.03 -56.82
CA SER A 263 -6.86 -32.77 -56.26
C SER A 263 -7.74 -31.79 -55.51
N GLY A 264 -9.06 -31.98 -55.58
CA GLY A 264 -9.95 -31.05 -54.91
C GLY A 264 -10.42 -29.88 -55.74
N LEU A 265 -9.78 -29.58 -56.87
CA LEU A 265 -10.18 -28.42 -57.68
C LEU A 265 -11.47 -28.70 -58.42
N ARG A 266 -12.38 -27.74 -58.39
CA ARG A 266 -13.66 -27.85 -59.08
C ARG A 266 -14.26 -26.45 -59.16
N VAL A 267 -15.51 -26.37 -59.61
CA VAL A 267 -16.20 -25.10 -59.79
C VAL A 267 -17.69 -25.29 -59.58
N ILE A 278 -20.19 -26.74 -71.77
CA ILE A 278 -18.88 -27.15 -72.24
C ILE A 278 -17.88 -26.41 -71.35
N LEU A 279 -16.83 -27.10 -70.91
CA LEU A 279 -15.90 -26.54 -69.93
C LEU A 279 -14.56 -26.05 -70.49
N ASN A 280 -13.94 -25.19 -69.68
CA ASN A 280 -12.61 -24.63 -69.91
C ASN A 280 -12.07 -24.40 -68.49
N VAL A 281 -10.80 -24.72 -68.26
CA VAL A 281 -10.19 -24.53 -66.94
C VAL A 281 -9.34 -23.25 -66.96
N PRO A 282 -9.70 -22.21 -66.21
CA PRO A 282 -8.89 -20.98 -66.19
C PRO A 282 -7.52 -21.18 -65.52
N GLN A 283 -6.49 -20.48 -66.03
CA GLN A 283 -5.12 -20.63 -65.50
C GLN A 283 -5.00 -20.53 -63.99
N GLU A 284 -5.82 -19.71 -63.33
CA GLU A 284 -5.64 -19.61 -61.88
C GLU A 284 -6.08 -20.88 -61.15
N LEU A 285 -7.21 -21.47 -61.51
CA LEU A 285 -7.57 -22.74 -60.89
C LEU A 285 -6.54 -23.75 -61.33
N TYR A 286 -6.27 -23.71 -62.62
CA TYR A 286 -5.28 -24.54 -63.26
C TYR A 286 -3.95 -24.29 -62.60
N GLU A 287 -3.65 -23.02 -62.26
CA GLU A 287 -2.39 -22.72 -61.58
C GLU A 287 -2.34 -23.41 -60.24
N LYS A 288 -3.49 -23.90 -59.73
CA LYS A 288 -3.43 -24.67 -58.52
C LYS A 288 -3.15 -26.10 -58.93
N GLY A 289 -3.71 -26.52 -60.08
CA GLY A 289 -3.47 -27.88 -60.52
C GLY A 289 -2.07 -28.09 -61.03
N TYR A 290 -1.46 -27.04 -61.57
CA TYR A 290 -0.13 -27.14 -62.12
C TYR A 290 0.96 -26.64 -61.17
N VAL A 291 2.20 -27.03 -61.46
CA VAL A 291 3.34 -26.60 -60.67
C VAL A 291 4.21 -25.77 -61.61
N LYS A 292 4.01 -24.46 -61.62
CA LYS A 292 4.73 -23.54 -62.50
C LYS A 292 6.25 -23.74 -62.47
N ASP A 293 6.77 -24.28 -61.36
CA ASP A 293 8.20 -24.44 -61.13
C ASP A 293 8.44 -25.59 -60.15
N VAL A 294 9.71 -25.81 -59.87
CA VAL A 294 10.16 -26.86 -58.96
C VAL A 294 9.54 -26.67 -57.58
N ASP A 295 9.44 -25.42 -57.09
CA ASP A 295 8.85 -25.22 -55.76
C ASP A 295 7.44 -25.76 -55.67
N ASP A 296 6.58 -25.39 -56.62
CA ASP A 296 5.27 -26.00 -56.55
C ASP A 296 5.35 -27.49 -56.78
N GLY A 297 6.32 -27.95 -57.58
CA GLY A 297 6.45 -29.39 -57.77
C GLY A 297 6.91 -30.06 -56.49
N LEU A 298 7.96 -29.53 -55.88
CA LEU A 298 8.43 -30.03 -54.61
C LEU A 298 7.29 -29.93 -53.58
N GLN A 299 6.50 -28.87 -53.68
CA GLN A 299 5.33 -28.67 -52.82
C GLN A 299 4.29 -29.72 -53.17
N ALA A 300 4.07 -29.89 -54.48
CA ALA A 300 3.18 -30.89 -55.02
C ALA A 300 3.66 -32.28 -54.61
N ALA A 301 4.98 -32.49 -54.68
CA ALA A 301 5.59 -33.77 -54.33
C ALA A 301 5.20 -34.25 -52.95
N GLU A 302 5.00 -33.34 -52.01
CA GLU A 302 4.56 -33.77 -50.68
C GLU A 302 3.11 -34.19 -50.75
N GLU A 303 2.31 -33.46 -51.53
CA GLU A 303 0.89 -33.81 -51.66
C GLU A 303 0.80 -35.20 -52.27
N VAL A 304 1.46 -35.39 -53.42
CA VAL A 304 1.46 -36.73 -53.99
C VAL A 304 2.22 -37.68 -53.06
N GLY A 305 3.32 -37.19 -52.45
CA GLY A 305 4.17 -37.95 -51.53
C GLY A 305 5.37 -38.58 -52.22
N TYR A 306 6.56 -38.50 -51.61
CA TYR A 306 7.75 -39.09 -52.20
C TYR A 306 7.64 -40.62 -52.24
N PRO A 307 8.24 -41.29 -53.26
CA PRO A 307 9.05 -40.88 -54.40
C PRO A 307 8.08 -40.30 -55.41
N VAL A 308 8.53 -39.29 -56.15
CA VAL A 308 7.69 -38.55 -57.08
C VAL A 308 8.17 -38.65 -58.53
N MET A 309 7.35 -38.07 -59.41
CA MET A 309 7.56 -38.02 -60.85
C MET A 309 7.57 -36.62 -61.45
N ILE A 310 8.63 -36.31 -62.19
CA ILE A 310 8.71 -35.08 -62.97
C ILE A 310 8.09 -35.49 -64.30
N LYS A 311 7.00 -34.81 -64.67
CA LYS A 311 6.21 -35.13 -65.85
C LYS A 311 5.92 -33.87 -66.67
N ALA A 312 6.18 -33.94 -67.96
CA ALA A 312 5.86 -32.86 -68.88
C ALA A 312 4.35 -32.76 -69.08
N SER A 313 3.82 -31.55 -68.92
CA SER A 313 2.39 -31.37 -69.00
C SER A 313 1.92 -31.50 -70.44
N GLU A 314 2.82 -31.37 -71.41
CA GLU A 314 2.46 -31.52 -72.81
C GLU A 314 2.91 -32.90 -73.27
N GLY A 315 3.43 -33.70 -72.36
CA GLY A 315 3.86 -35.05 -72.68
C GLY A 315 2.69 -36.00 -72.85
N GLY A 316 2.71 -36.78 -73.94
CA GLY A 316 1.69 -37.78 -74.17
C GLY A 316 2.42 -39.08 -74.38
N GLY A 317 1.77 -40.19 -74.00
CA GLY A 317 2.41 -41.48 -74.19
C GLY A 317 3.79 -41.58 -73.58
N GLY A 318 3.96 -41.16 -72.33
CA GLY A 318 5.28 -41.25 -71.75
C GLY A 318 6.33 -40.25 -72.22
N LYS A 319 5.94 -39.12 -72.83
CA LYS A 319 6.93 -38.14 -73.28
C LYS A 319 7.16 -37.10 -72.20
N GLY A 320 8.41 -36.84 -71.89
CA GLY A 320 8.70 -35.80 -70.93
C GLY A 320 8.43 -36.25 -69.51
N ILE A 321 8.73 -37.50 -69.19
CA ILE A 321 8.47 -38.05 -67.86
C ILE A 321 9.76 -38.70 -67.38
N ARG A 322 10.18 -38.35 -66.17
CA ARG A 322 11.40 -38.89 -65.58
C ARG A 322 11.16 -39.29 -64.14
N LYS A 323 11.71 -40.45 -63.75
CA LYS A 323 11.57 -41.00 -62.40
C LYS A 323 12.58 -40.45 -61.38
N VAL A 324 12.02 -40.01 -60.25
CA VAL A 324 12.70 -39.38 -59.11
C VAL A 324 12.38 -40.20 -57.87
N ASN A 325 13.42 -40.65 -57.15
CA ASN A 325 13.21 -41.47 -55.94
C ASN A 325 13.15 -40.66 -54.66
N ASN A 326 13.77 -39.49 -54.58
CA ASN A 326 13.72 -38.70 -53.35
C ASN A 326 13.85 -37.24 -53.73
N ALA A 327 13.42 -36.39 -52.81
CA ALA A 327 13.39 -34.95 -52.98
C ALA A 327 14.75 -34.34 -53.30
N ASP A 328 15.85 -34.99 -52.93
CA ASP A 328 17.17 -34.43 -53.20
C ASP A 328 17.55 -34.51 -54.68
N ASP A 329 17.16 -35.57 -55.38
CA ASP A 329 17.47 -35.69 -56.81
C ASP A 329 16.60 -34.79 -57.68
N PHE A 330 15.35 -34.56 -57.27
CA PHE A 330 14.35 -33.79 -58.02
C PHE A 330 14.80 -32.49 -58.66
N PRO A 331 15.42 -31.53 -57.95
CA PRO A 331 15.70 -30.25 -58.61
C PRO A 331 16.56 -30.30 -59.84
N ASN A 332 17.69 -31.02 -59.83
CA ASN A 332 18.47 -31.03 -61.05
C ASN A 332 17.83 -31.78 -62.20
N LEU A 333 17.22 -32.93 -61.93
CA LEU A 333 16.55 -33.66 -63.00
C LEU A 333 15.39 -32.83 -63.51
N PHE A 334 14.73 -32.12 -62.60
CA PHE A 334 13.69 -31.20 -62.99
C PHE A 334 14.35 -30.10 -63.80
N ARG A 335 15.50 -29.66 -63.30
CA ARG A 335 16.30 -28.65 -63.96
C ARG A 335 16.85 -29.16 -65.28
N GLN A 336 17.16 -30.46 -65.35
CA GLN A 336 17.67 -31.00 -66.61
C GLN A 336 16.58 -30.99 -67.66
N VAL A 337 15.38 -31.44 -67.30
CA VAL A 337 14.28 -31.42 -68.25
C VAL A 337 14.00 -30.00 -68.66
N GLN A 338 14.00 -29.11 -67.68
CA GLN A 338 13.87 -27.68 -67.95
C GLN A 338 15.07 -27.22 -68.78
N ALA A 339 16.28 -27.65 -68.41
CA ALA A 339 17.46 -27.25 -69.16
C ALA A 339 17.34 -27.82 -70.55
N GLU A 340 16.76 -29.01 -70.66
CA GLU A 340 16.56 -29.63 -71.95
C GLU A 340 15.56 -28.83 -72.78
N VAL A 341 14.44 -28.48 -72.16
CA VAL A 341 13.35 -27.73 -72.77
C VAL A 341 13.03 -26.49 -71.94
N PRO A 342 13.79 -25.40 -72.03
CA PRO A 342 13.53 -24.23 -71.17
C PRO A 342 12.19 -23.54 -71.43
N GLY A 343 11.55 -23.14 -70.31
CA GLY A 343 10.26 -22.50 -70.34
C GLY A 343 9.06 -23.42 -70.17
N SER A 344 9.22 -24.72 -70.37
CA SER A 344 8.04 -25.58 -70.26
C SER A 344 7.65 -25.87 -68.81
N PRO A 345 6.37 -25.77 -68.46
CA PRO A 345 5.88 -26.24 -67.17
C PRO A 345 5.98 -27.75 -66.95
N ILE A 346 5.98 -28.10 -65.67
CA ILE A 346 6.05 -29.46 -65.13
C ILE A 346 4.87 -29.67 -64.19
N PHE A 347 4.32 -30.90 -64.13
CA PHE A 347 3.23 -31.23 -63.19
C PHE A 347 3.61 -32.45 -62.35
N VAL A 348 2.83 -32.70 -61.29
CA VAL A 348 3.08 -33.79 -60.34
C VAL A 348 1.87 -34.69 -60.06
N MET A 349 2.08 -36.04 -60.06
CA MET A 349 0.99 -36.97 -59.74
C MET A 349 1.54 -38.17 -58.93
N ARG A 350 0.67 -38.77 -58.07
CA ARG A 350 0.98 -39.94 -57.21
C ARG A 350 1.17 -41.34 -57.84
N LEU A 351 2.27 -42.01 -57.44
CA LEU A 351 2.60 -43.39 -57.84
C LEU A 351 1.82 -44.46 -57.09
N ALA A 352 0.90 -45.13 -57.78
CA ALA A 352 0.05 -46.16 -57.21
C ALA A 352 0.85 -47.42 -56.88
N LYS A 353 0.22 -48.30 -56.10
CA LYS A 353 0.81 -49.59 -55.78
C LYS A 353 0.65 -50.43 -57.04
N GLN A 354 1.42 -51.52 -57.14
CA GLN A 354 1.25 -52.39 -58.31
C GLN A 354 -0.20 -52.78 -58.51
N SER A 355 -0.71 -52.43 -59.68
CA SER A 355 -2.11 -52.55 -60.04
C SER A 355 -2.23 -52.90 -61.52
N ARG A 356 -3.47 -52.91 -62.03
CA ARG A 356 -3.77 -53.12 -63.45
C ARG A 356 -4.08 -51.76 -64.09
N HIS A 357 -3.52 -51.53 -65.27
CA HIS A 357 -3.71 -50.32 -66.07
C HIS A 357 -4.69 -50.60 -67.21
N LEU A 358 -5.82 -49.88 -67.23
CA LEU A 358 -6.89 -50.09 -68.20
C LEU A 358 -7.16 -48.83 -69.02
N GLU A 359 -7.67 -48.99 -70.25
CA GLU A 359 -8.01 -47.85 -71.08
C GLU A 359 -9.43 -48.01 -71.61
N VAL A 360 -10.15 -46.89 -71.73
CA VAL A 360 -11.49 -46.83 -72.33
C VAL A 360 -11.51 -46.02 -73.63
N GLN A 361 -12.02 -46.64 -74.70
CA GLN A 361 -12.17 -45.98 -76.01
C GLN A 361 -13.45 -45.13 -76.01
N ILE A 362 -13.32 -43.85 -76.38
CA ILE A 362 -14.42 -42.90 -76.43
C ILE A 362 -14.80 -42.43 -77.84
N LEU A 363 -16.10 -42.14 -78.04
CA LEU A 363 -16.57 -41.56 -79.30
C LEU A 363 -17.71 -40.60 -78.95
N ALA A 364 -17.53 -39.31 -79.23
CA ALA A 364 -18.53 -38.27 -78.95
C ALA A 364 -18.85 -37.35 -80.14
N ASP A 365 -20.13 -36.96 -80.29
CA ASP A 365 -20.52 -35.99 -81.32
C ASP A 365 -20.54 -34.57 -80.73
N GLN A 366 -21.01 -33.56 -81.50
CA GLN A 366 -21.06 -32.17 -81.02
C GLN A 366 -22.33 -31.79 -80.25
N TYR A 367 -23.23 -32.72 -79.94
CA TYR A 367 -24.52 -32.43 -79.31
C TYR A 367 -24.74 -33.08 -77.95
N GLY A 368 -23.74 -33.78 -77.40
CA GLY A 368 -23.87 -34.44 -76.13
C GLY A 368 -24.03 -35.94 -76.16
N ASN A 369 -24.17 -36.57 -77.33
CA ASN A 369 -24.20 -38.03 -77.37
C ASN A 369 -22.74 -38.50 -77.47
N ALA A 370 -22.32 -39.29 -76.48
CA ALA A 370 -20.97 -39.85 -76.37
C ALA A 370 -21.15 -41.31 -75.97
N ILE A 371 -20.39 -42.21 -76.59
CA ILE A 371 -20.53 -43.61 -76.23
C ILE A 371 -19.22 -44.31 -75.90
N SER A 372 -19.41 -45.45 -75.25
CA SER A 372 -18.43 -46.46 -74.90
C SER A 372 -18.52 -47.65 -75.83
N LEU A 373 -17.39 -48.31 -76.04
CA LEU A 373 -17.37 -49.54 -76.84
C LEU A 373 -16.95 -50.65 -75.88
N PHE A 374 -15.72 -50.64 -75.40
CA PHE A 374 -15.12 -51.62 -74.49
C PHE A 374 -13.85 -50.97 -73.93
N GLY A 375 -12.94 -51.76 -73.36
CA GLY A 375 -11.70 -51.24 -72.80
C GLY A 375 -10.48 -51.93 -73.36
N ARG A 376 -9.32 -51.50 -72.87
CA ARG A 376 -8.04 -52.08 -73.24
C ARG A 376 -7.20 -52.21 -71.97
N ASP A 377 -6.50 -53.33 -71.80
CA ASP A 377 -5.56 -53.53 -70.69
C ASP A 377 -4.14 -53.22 -71.15
N CYS A 378 -3.52 -52.23 -70.52
CA CYS A 378 -2.14 -51.82 -70.80
C CYS A 378 -1.28 -51.83 -69.54
N SER A 379 -1.45 -52.82 -68.66
CA SER A 379 -0.66 -52.91 -67.43
C SER A 379 0.80 -53.24 -67.70
N VAL A 380 1.08 -53.98 -68.76
CA VAL A 380 2.45 -54.37 -69.11
C VAL A 380 3.22 -53.12 -69.56
N GLN A 381 3.99 -52.54 -68.62
CA GLN A 381 4.75 -51.29 -68.80
C GLN A 381 6.21 -51.41 -68.39
N ARG A 382 7.08 -50.61 -69.04
CA ARG A 382 8.50 -50.58 -68.67
C ARG A 382 9.01 -49.15 -68.52
N ARG A 383 9.30 -48.76 -67.28
CA ARG A 383 9.77 -47.43 -66.92
C ARG A 383 8.81 -46.35 -67.41
N HIS A 384 7.51 -46.63 -67.29
CA HIS A 384 6.41 -45.75 -67.70
C HIS A 384 6.33 -45.68 -69.22
N GLN A 385 7.07 -46.53 -69.93
CA GLN A 385 6.99 -46.54 -71.39
C GLN A 385 6.02 -47.65 -71.73
N LYS A 386 4.99 -47.30 -72.50
CA LYS A 386 4.00 -48.30 -72.87
C LYS A 386 4.68 -49.31 -73.80
N ILE A 387 4.83 -50.56 -73.35
CA ILE A 387 5.53 -51.59 -74.15
C ILE A 387 4.57 -52.54 -74.87
N ILE A 388 3.65 -53.14 -74.09
CA ILE A 388 2.63 -54.08 -74.55
C ILE A 388 1.26 -53.53 -74.17
N GLU A 389 0.30 -53.67 -75.06
CA GLU A 389 -1.08 -53.31 -74.78
C GLU A 389 -1.90 -54.58 -74.96
N GLU A 390 -3.03 -54.65 -74.25
CA GLU A 390 -3.93 -55.78 -74.38
C GLU A 390 -5.36 -55.25 -74.40
N ALA A 391 -6.23 -55.86 -75.22
CA ALA A 391 -7.67 -55.52 -75.20
C ALA A 391 -8.76 -56.60 -75.28
N PRO A 392 -9.76 -56.64 -74.35
CA PRO A 392 -10.21 -56.00 -73.09
C PRO A 392 -9.48 -56.52 -71.82
N ALA A 393 -9.82 -55.93 -70.67
CA ALA A 393 -9.27 -56.27 -69.35
C ALA A 393 -10.04 -57.34 -68.55
N THR A 394 -9.86 -58.63 -68.89
CA THR A 394 -10.58 -59.72 -68.19
C THR A 394 -10.23 -59.85 -66.71
N ILE A 395 -9.07 -59.34 -66.28
CA ILE A 395 -8.60 -59.42 -64.89
C ILE A 395 -9.61 -58.85 -63.89
N ALA A 396 -10.23 -57.72 -64.21
CA ALA A 396 -11.15 -57.11 -63.26
C ALA A 396 -12.42 -57.91 -62.98
N THR A 397 -12.90 -57.71 -61.75
CA THR A 397 -14.14 -58.31 -61.27
C THR A 397 -15.34 -57.73 -62.03
N PRO A 398 -16.29 -58.58 -62.44
CA PRO A 398 -17.47 -58.11 -63.20
C PRO A 398 -18.20 -56.87 -62.67
N ALA A 399 -18.30 -56.73 -61.35
CA ALA A 399 -19.01 -55.61 -60.71
C ALA A 399 -18.40 -54.22 -60.97
N VAL A 400 -17.08 -54.10 -60.98
CA VAL A 400 -16.38 -52.83 -61.16
C VAL A 400 -16.58 -52.19 -62.56
N PHE A 401 -16.62 -52.97 -63.63
CA PHE A 401 -16.74 -52.43 -65.00
C PHE A 401 -18.00 -51.60 -65.36
N GLU A 402 -19.19 -51.88 -64.84
CA GLU A 402 -20.34 -51.03 -65.22
C GLU A 402 -20.21 -49.56 -64.82
N HIS A 403 -19.65 -49.25 -63.64
CA HIS A 403 -19.45 -47.86 -63.21
C HIS A 403 -18.54 -47.04 -64.13
N MET A 404 -17.42 -47.62 -64.54
CA MET A 404 -16.43 -46.93 -65.40
C MET A 404 -16.93 -46.47 -66.79
N GLU A 405 -17.77 -47.24 -67.49
CA GLU A 405 -18.22 -46.79 -68.82
C GLU A 405 -19.00 -45.48 -68.86
N GLN A 406 -19.95 -45.25 -67.95
CA GLN A 406 -20.71 -44.01 -68.06
C GLN A 406 -19.86 -42.79 -67.71
N CYS A 407 -18.99 -42.93 -66.71
CA CYS A 407 -18.09 -41.83 -66.37
C CYS A 407 -17.22 -41.47 -67.58
N ALA A 408 -16.68 -42.50 -68.24
CA ALA A 408 -15.87 -42.28 -69.43
C ALA A 408 -16.68 -41.55 -70.50
N VAL A 409 -17.92 -41.98 -70.66
CA VAL A 409 -18.87 -41.38 -71.60
C VAL A 409 -19.25 -39.96 -71.21
N LYS A 410 -19.50 -39.73 -69.93
CA LYS A 410 -19.90 -38.42 -69.42
C LYS A 410 -18.85 -37.32 -69.68
N LEU A 411 -17.58 -37.58 -69.34
CA LEU A 411 -16.51 -36.58 -69.56
C LEU A 411 -16.50 -36.06 -70.98
N ALA A 412 -16.68 -36.93 -71.95
CA ALA A 412 -16.73 -36.48 -73.33
C ALA A 412 -17.95 -35.61 -73.53
N LYS A 413 -19.09 -36.08 -73.04
CA LYS A 413 -20.33 -35.35 -73.19
C LYS A 413 -20.28 -33.97 -72.52
N MET A 414 -19.71 -33.91 -71.31
CA MET A 414 -19.64 -32.66 -70.55
C MET A 414 -18.91 -31.51 -71.25
N VAL A 415 -17.79 -31.79 -71.94
CA VAL A 415 -17.01 -30.73 -72.58
C VAL A 415 -17.34 -30.63 -74.05
N GLY A 416 -18.20 -31.50 -74.54
CA GLY A 416 -18.52 -31.51 -75.93
C GLY A 416 -17.35 -32.09 -76.68
N TYR A 417 -16.75 -33.15 -76.16
CA TYR A 417 -15.62 -33.73 -76.86
C TYR A 417 -16.07 -34.31 -78.16
N VAL A 418 -15.29 -34.13 -79.20
CA VAL A 418 -15.60 -34.80 -80.45
C VAL A 418 -14.33 -35.40 -81.00
N SER A 419 -14.43 -36.62 -81.58
CA SER A 419 -13.41 -37.41 -82.31
C SER A 419 -13.30 -38.80 -81.69
N ALA A 420 -12.15 -39.45 -81.93
CA ALA A 420 -11.76 -40.72 -81.37
C ALA A 420 -10.99 -40.36 -80.11
N GLY A 421 -11.09 -41.17 -79.06
CA GLY A 421 -10.29 -40.86 -77.88
C GLY A 421 -10.00 -42.06 -77.02
N THR A 422 -8.99 -41.90 -76.16
CA THR A 422 -8.57 -42.96 -75.24
C THR A 422 -8.56 -42.37 -73.85
N VAL A 423 -9.32 -42.99 -72.95
CA VAL A 423 -9.37 -42.66 -71.53
C VAL A 423 -8.55 -43.73 -70.80
N GLU A 424 -7.47 -43.35 -70.13
CA GLU A 424 -6.64 -44.34 -69.44
C GLU A 424 -7.05 -44.40 -67.96
N TYR A 425 -7.24 -45.63 -67.46
CA TYR A 425 -7.65 -45.91 -66.08
C TYR A 425 -6.72 -46.90 -65.42
N LEU A 426 -6.62 -46.77 -64.12
CA LEU A 426 -5.93 -47.68 -63.24
C LEU A 426 -6.91 -48.53 -62.46
N TYR A 427 -6.82 -49.85 -62.56
CA TYR A 427 -7.73 -50.76 -61.87
C TYR A 427 -6.92 -51.61 -60.90
N SER A 428 -7.42 -51.81 -59.68
CA SER A 428 -6.74 -52.67 -58.72
C SER A 428 -7.58 -53.92 -58.52
N GLN A 429 -6.92 -55.02 -58.16
CA GLN A 429 -7.66 -56.27 -57.91
C GLN A 429 -8.68 -56.08 -56.81
N ASP A 430 -8.36 -55.24 -55.84
CA ASP A 430 -9.27 -54.86 -54.77
C ASP A 430 -10.61 -54.39 -55.34
N GLY A 431 -10.55 -53.66 -56.47
CA GLY A 431 -11.70 -53.07 -57.14
C GLY A 431 -11.84 -51.55 -57.16
N SER A 432 -10.84 -50.80 -56.69
CA SER A 432 -10.89 -49.35 -56.74
C SER A 432 -10.22 -48.98 -58.05
N PHE A 433 -10.68 -47.93 -58.72
CA PHE A 433 -10.06 -47.54 -59.98
C PHE A 433 -9.74 -46.04 -60.05
N TYR A 434 -8.70 -45.72 -60.83
CA TYR A 434 -8.26 -44.33 -61.05
C TYR A 434 -7.82 -43.98 -62.47
N PHE A 435 -8.30 -42.83 -62.95
CA PHE A 435 -7.91 -42.22 -64.22
C PHE A 435 -6.46 -41.74 -64.25
N LEU A 436 -5.76 -42.00 -65.37
CA LEU A 436 -4.37 -41.58 -65.53
C LEU A 436 -4.24 -40.45 -66.54
N GLU A 437 -4.72 -40.64 -67.76
CA GLU A 437 -4.61 -39.60 -68.76
C GLU A 437 -5.52 -39.90 -69.94
N LEU A 438 -5.71 -38.89 -70.78
CA LEU A 438 -6.46 -38.96 -72.02
C LEU A 438 -5.62 -38.49 -73.20
N ASN A 439 -5.47 -39.31 -74.23
CA ASN A 439 -4.79 -38.83 -75.42
C ASN A 439 -5.90 -38.27 -76.29
N PRO A 440 -5.98 -36.96 -76.51
CA PRO A 440 -7.16 -36.42 -77.21
C PRO A 440 -7.03 -36.48 -78.73
N ARG A 441 -6.53 -37.59 -79.24
CA ARG A 441 -6.22 -37.72 -80.65
C ARG A 441 -6.03 -39.20 -80.93
N LEU A 442 -5.78 -39.52 -82.18
CA LEU A 442 -5.44 -40.89 -82.53
C LEU A 442 -4.07 -41.21 -81.93
N GLN A 443 -3.90 -42.48 -81.57
CA GLN A 443 -2.63 -42.98 -81.08
C GLN A 443 -1.95 -43.83 -82.14
N VAL A 444 -0.65 -44.02 -81.96
CA VAL A 444 0.11 -44.86 -82.87
C VAL A 444 -0.39 -46.31 -82.83
N GLU A 445 -0.91 -46.76 -81.68
CA GLU A 445 -1.42 -48.12 -81.41
C GLU A 445 -2.92 -48.35 -81.70
N HIS A 446 -3.63 -47.39 -82.28
CA HIS A 446 -5.05 -47.46 -82.66
C HIS A 446 -5.67 -48.62 -83.47
N PRO A 447 -4.98 -49.30 -84.41
CA PRO A 447 -5.64 -50.43 -85.12
C PRO A 447 -6.24 -51.55 -84.28
N CYS A 448 -5.79 -51.71 -83.04
CA CYS A 448 -6.36 -52.71 -82.12
C CYS A 448 -7.87 -52.64 -81.99
N THR A 449 -8.41 -51.46 -81.74
CA THR A 449 -9.85 -51.31 -81.59
C THR A 449 -10.60 -51.61 -82.88
N GLU A 450 -10.06 -51.15 -84.01
CA GLU A 450 -10.71 -51.31 -85.31
C GLU A 450 -11.12 -52.74 -85.60
N MET A 451 -10.26 -53.70 -85.28
CA MET A 451 -10.55 -55.11 -85.58
C MET A 451 -11.68 -55.71 -84.73
N VAL A 452 -11.87 -55.28 -83.48
CA VAL A 452 -12.94 -55.87 -82.66
C VAL A 452 -14.25 -55.13 -82.79
N ALA A 453 -14.22 -53.85 -83.07
CA ALA A 453 -15.40 -53.00 -83.19
C ALA A 453 -15.92 -52.88 -84.62
N ASP A 454 -15.13 -53.27 -85.63
CA ASP A 454 -15.50 -53.05 -87.03
C ASP A 454 -15.70 -51.56 -87.18
N VAL A 455 -14.74 -50.83 -86.64
CA VAL A 455 -14.73 -49.39 -86.67
C VAL A 455 -13.44 -48.95 -87.35
N ASN A 456 -13.58 -48.20 -88.43
CA ASN A 456 -12.42 -47.63 -89.09
C ASN A 456 -12.17 -46.35 -88.30
N LEU A 457 -11.15 -46.41 -87.46
CA LEU A 457 -10.85 -45.29 -86.57
C LEU A 457 -10.49 -44.02 -87.32
N PRO A 458 -9.52 -44.00 -88.25
CA PRO A 458 -9.28 -42.75 -89.00
C PRO A 458 -10.49 -42.26 -89.77
N ALA A 459 -11.34 -43.18 -90.24
CA ALA A 459 -12.55 -42.78 -90.96
C ALA A 459 -13.56 -42.15 -90.03
N ALA A 460 -13.69 -42.67 -88.81
CA ALA A 460 -14.60 -42.07 -87.84
C ALA A 460 -14.19 -40.65 -87.47
N GLN A 461 -12.88 -40.41 -87.28
CA GLN A 461 -12.44 -39.05 -86.97
C GLN A 461 -12.79 -38.08 -88.09
N LEU A 462 -12.58 -38.49 -89.35
CA LEU A 462 -12.94 -37.65 -90.49
C LEU A 462 -14.44 -37.41 -90.53
N GLN A 463 -15.25 -38.48 -90.44
CA GLN A 463 -16.71 -38.32 -90.50
C GLN A 463 -17.18 -37.44 -89.34
N ILE A 464 -16.62 -37.70 -88.17
CA ILE A 464 -16.91 -36.92 -86.98
C ILE A 464 -16.53 -35.45 -87.18
N ALA A 465 -15.40 -35.19 -87.85
CA ALA A 465 -15.01 -33.80 -88.08
C ALA A 465 -15.99 -33.12 -89.02
N MET A 466 -16.73 -33.92 -89.81
CA MET A 466 -17.78 -33.45 -90.70
C MET A 466 -19.13 -33.28 -89.99
N GLY A 467 -19.18 -33.46 -88.67
CA GLY A 467 -20.44 -33.35 -87.94
C GLY A 467 -21.41 -34.50 -88.02
N ILE A 468 -20.95 -35.72 -88.29
CA ILE A 468 -21.84 -36.88 -88.34
C ILE A 468 -22.21 -37.34 -86.93
N PRO A 469 -23.51 -37.40 -86.57
CA PRO A 469 -23.88 -37.88 -85.24
C PRO A 469 -23.55 -39.35 -85.03
N LEU A 470 -23.31 -39.71 -83.77
CA LEU A 470 -22.95 -41.08 -83.39
C LEU A 470 -23.90 -42.13 -83.96
N TYR A 471 -25.22 -41.88 -83.91
CA TYR A 471 -26.13 -42.87 -84.45
C TYR A 471 -26.06 -43.01 -85.98
N ARG A 472 -25.39 -42.09 -86.68
CA ARG A 472 -25.18 -42.13 -88.13
C ARG A 472 -23.78 -42.55 -88.56
N ILE A 473 -22.95 -43.06 -87.66
CA ILE A 473 -21.61 -43.51 -88.04
C ILE A 473 -21.63 -45.02 -88.22
N LYS A 474 -21.33 -45.41 -89.47
CA LYS A 474 -21.31 -46.80 -89.94
C LYS A 474 -20.63 -47.73 -88.97
N ASP A 475 -19.41 -47.36 -88.59
CA ASP A 475 -18.59 -48.14 -87.68
C ASP A 475 -19.39 -48.54 -86.43
N ILE A 476 -20.09 -47.57 -85.84
CA ILE A 476 -20.95 -47.79 -84.68
C ILE A 476 -22.24 -48.52 -85.05
N ARG A 477 -22.79 -48.20 -86.22
CA ARG A 477 -24.06 -48.74 -86.69
C ARG A 477 -24.08 -50.27 -86.78
N MET A 478 -23.07 -50.88 -87.42
CA MET A 478 -23.06 -52.35 -87.48
C MET A 478 -22.99 -52.97 -86.09
N MET A 479 -22.12 -52.41 -85.25
CA MET A 479 -21.90 -52.88 -83.89
C MET A 479 -23.21 -52.92 -83.10
N TYR A 480 -24.07 -51.92 -83.27
CA TYR A 480 -25.33 -51.90 -82.53
C TYR A 480 -26.43 -52.64 -83.27
N GLY A 481 -26.09 -53.43 -84.28
CA GLY A 481 -27.09 -54.25 -84.94
C GLY A 481 -28.21 -53.44 -85.56
N VAL A 482 -27.95 -52.18 -85.95
CA VAL A 482 -28.99 -51.39 -86.58
C VAL A 482 -28.83 -51.24 -88.09
N SER A 483 -29.79 -50.53 -88.70
CA SER A 483 -29.80 -50.30 -90.14
C SER A 483 -28.57 -49.53 -90.62
N PRO A 484 -27.87 -49.95 -91.69
CA PRO A 484 -26.72 -49.15 -92.12
C PRO A 484 -27.10 -47.74 -92.59
N TRP A 485 -28.33 -47.57 -93.09
CA TRP A 485 -28.83 -46.31 -93.63
C TRP A 485 -30.05 -45.69 -92.95
N GLY A 486 -30.55 -46.21 -91.83
CA GLY A 486 -31.67 -45.55 -91.21
C GLY A 486 -31.22 -44.29 -90.47
N ASP A 487 -32.16 -43.39 -90.16
CA ASP A 487 -31.82 -42.15 -89.46
C ASP A 487 -32.41 -42.05 -88.06
N SER A 488 -33.05 -43.09 -87.55
CA SER A 488 -33.64 -43.00 -86.21
C SER A 488 -32.60 -42.81 -85.12
N PRO A 489 -32.67 -41.77 -84.27
CA PRO A 489 -31.69 -41.66 -83.20
C PRO A 489 -31.82 -42.78 -82.19
N ILE A 490 -30.69 -43.23 -81.69
CA ILE A 490 -30.57 -44.32 -80.71
C ILE A 490 -30.21 -43.69 -79.38
N ASP A 491 -30.94 -44.06 -78.33
CA ASP A 491 -30.63 -43.59 -76.97
C ASP A 491 -29.57 -44.55 -76.48
N PHE A 492 -28.34 -44.04 -76.52
CA PHE A 492 -27.12 -44.78 -76.21
C PHE A 492 -27.05 -45.18 -74.75
N GLU A 493 -27.71 -44.44 -73.89
CA GLU A 493 -27.75 -44.80 -72.47
C GLU A 493 -28.61 -46.04 -72.30
N ASP A 494 -29.78 -46.04 -72.92
CA ASP A 494 -30.71 -47.17 -72.86
C ASP A 494 -30.19 -48.42 -73.58
N SER A 495 -29.23 -48.28 -74.50
CA SER A 495 -28.67 -49.40 -75.26
C SER A 495 -27.21 -49.72 -74.91
N ALA A 496 -26.83 -49.51 -73.65
CA ALA A 496 -25.47 -49.78 -73.19
C ALA A 496 -25.12 -51.26 -73.32
N HIS A 497 -26.09 -52.14 -73.09
CA HIS A 497 -25.94 -53.59 -73.16
C HIS A 497 -25.95 -54.16 -74.58
N VAL A 498 -26.42 -53.39 -75.56
CA VAL A 498 -26.50 -53.89 -76.94
C VAL A 498 -25.17 -54.37 -77.50
N PRO A 499 -24.08 -53.61 -77.44
CA PRO A 499 -22.81 -54.06 -78.02
C PRO A 499 -22.10 -55.18 -77.28
N CYS A 500 -21.56 -56.13 -78.07
CA CYS A 500 -20.82 -57.28 -77.58
C CYS A 500 -19.58 -57.37 -78.46
N PRO A 501 -18.40 -57.66 -77.89
CA PRO A 501 -17.17 -57.65 -78.72
C PRO A 501 -17.10 -58.70 -79.81
N ARG A 502 -16.49 -58.32 -80.93
CA ARG A 502 -16.24 -59.24 -82.03
C ARG A 502 -14.76 -59.59 -81.89
N GLY A 503 -14.47 -60.71 -81.26
CA GLY A 503 -13.11 -61.19 -81.03
C GLY A 503 -12.23 -60.44 -80.03
N HIS A 504 -10.90 -60.62 -80.23
CA HIS A 504 -9.83 -60.10 -79.38
C HIS A 504 -8.62 -59.59 -80.19
N VAL A 505 -7.87 -58.62 -79.64
CA VAL A 505 -6.64 -58.09 -80.25
C VAL A 505 -5.50 -58.02 -79.22
N ILE A 506 -4.30 -58.41 -79.68
CA ILE A 506 -3.06 -58.32 -78.92
C ILE A 506 -2.07 -57.41 -79.69
N ALA A 507 -1.49 -56.43 -79.00
CA ALA A 507 -0.46 -55.56 -79.59
C ALA A 507 0.93 -55.80 -78.98
N ALA A 508 1.95 -55.79 -79.84
CA ALA A 508 3.35 -56.03 -79.49
C ALA A 508 4.33 -55.04 -80.11
N ARG A 509 5.17 -54.43 -79.29
CA ARG A 509 6.20 -53.51 -79.78
C ARG A 509 7.38 -54.22 -80.45
N ILE A 510 7.68 -53.80 -81.68
CA ILE A 510 8.79 -54.32 -82.47
C ILE A 510 9.73 -53.13 -82.62
N THR A 511 11.04 -53.38 -82.61
CA THR A 511 12.01 -52.29 -82.73
C THR A 511 12.94 -52.53 -83.89
N GLY A 524 13.28 -45.99 -97.73
CA GLY A 524 11.87 -45.86 -97.50
C GLY A 524 11.55 -45.44 -96.08
N THR A 525 10.25 -45.49 -95.73
CA THR A 525 9.80 -45.16 -94.39
C THR A 525 8.81 -46.15 -93.81
N VAL A 526 8.12 -46.94 -94.62
CA VAL A 526 7.13 -47.89 -94.14
C VAL A 526 7.36 -49.18 -94.91
N GLN A 527 7.71 -50.24 -94.19
CA GLN A 527 7.90 -51.57 -94.76
C GLN A 527 6.71 -52.35 -94.24
N GLU A 528 5.79 -52.69 -95.13
CA GLU A 528 4.63 -53.48 -94.73
C GLU A 528 5.01 -54.92 -94.51
N LEU A 529 4.91 -55.38 -93.28
CA LEU A 529 5.25 -56.76 -92.93
C LEU A 529 3.89 -57.46 -92.84
N ASN A 530 3.57 -58.24 -93.86
CA ASN A 530 2.32 -58.98 -93.91
C ASN A 530 2.56 -60.33 -93.27
N PHE A 531 1.58 -60.80 -92.51
CA PHE A 531 1.71 -62.07 -91.79
C PHE A 531 0.83 -63.17 -92.37
N ARG A 532 1.47 -64.32 -92.55
CA ARG A 532 0.95 -65.59 -93.02
C ARG A 532 0.36 -66.38 -91.86
N SER A 533 0.73 -66.00 -90.63
CA SER A 533 0.29 -66.64 -89.40
C SER A 533 -1.20 -66.42 -89.16
N ASN A 534 -1.74 -65.32 -89.65
CA ASN A 534 -3.14 -64.99 -89.44
C ASN A 534 -3.59 -64.20 -90.67
N LYS A 535 -4.78 -64.53 -91.20
CA LYS A 535 -5.34 -63.82 -92.36
C LYS A 535 -5.91 -62.47 -92.00
N ASN A 536 -6.34 -62.26 -90.75
CA ASN A 536 -6.87 -60.98 -90.33
C ASN A 536 -5.73 -60.10 -89.84
N VAL A 537 -4.48 -60.55 -90.04
CA VAL A 537 -3.30 -59.85 -89.62
C VAL A 537 -2.44 -59.64 -90.86
N TRP A 538 -1.96 -58.42 -90.94
CA TRP A 538 -1.08 -57.75 -91.85
C TRP A 538 -0.35 -56.76 -90.97
N GLY A 539 0.71 -56.16 -91.47
CA GLY A 539 1.40 -55.27 -90.58
C GLY A 539 2.44 -54.41 -91.26
N TYR A 540 3.15 -53.68 -90.40
CA TYR A 540 4.18 -52.75 -90.80
C TYR A 540 5.30 -52.58 -89.78
N PHE A 541 6.44 -52.20 -90.37
CA PHE A 541 7.73 -51.83 -89.79
C PHE A 541 8.15 -50.58 -90.53
N SER A 542 8.61 -49.55 -89.84
CA SER A 542 8.98 -48.33 -90.54
C SER A 542 10.48 -48.10 -90.46
N VAL A 543 10.94 -47.30 -91.41
CA VAL A 543 12.34 -46.94 -91.58
C VAL A 543 12.50 -45.42 -91.56
N GLN A 556 13.67 -48.28 -88.28
CA GLN A 556 13.28 -47.34 -87.23
C GLN A 556 12.52 -48.11 -86.16
N PHE A 557 11.21 -48.30 -86.37
CA PHE A 557 10.38 -49.00 -85.42
C PHE A 557 9.09 -49.37 -86.14
N GLY A 558 8.32 -50.25 -85.52
CA GLY A 558 7.05 -50.65 -86.08
C GLY A 558 6.15 -51.13 -84.97
N HIS A 559 4.98 -51.63 -85.34
CA HIS A 559 4.02 -52.12 -84.38
C HIS A 559 3.34 -53.35 -84.98
N CYS A 560 3.06 -54.37 -84.16
CA CYS A 560 2.26 -55.50 -84.64
C CYS A 560 0.93 -55.58 -83.90
N PHE A 561 -0.12 -55.89 -84.66
CA PHE A 561 -1.48 -55.99 -84.14
C PHE A 561 -2.07 -57.31 -84.62
N SER A 562 -2.54 -58.17 -83.72
CA SER A 562 -3.07 -59.48 -84.10
C SER A 562 -4.48 -59.68 -83.57
N TRP A 563 -5.45 -59.81 -84.46
CA TRP A 563 -6.80 -60.09 -84.01
C TRP A 563 -7.10 -61.58 -84.02
N GLY A 564 -7.97 -61.98 -83.09
CA GLY A 564 -8.43 -63.34 -82.98
C GLY A 564 -9.78 -63.36 -82.29
N GLU A 565 -10.49 -64.47 -82.44
CA GLU A 565 -11.79 -64.59 -81.79
C GLU A 565 -11.68 -64.66 -80.26
N ASN A 566 -10.57 -65.16 -79.71
CA ASN A 566 -10.42 -65.25 -78.26
C ASN A 566 -8.96 -65.18 -77.84
N ARG A 567 -8.78 -65.02 -76.53
CA ARG A 567 -7.47 -64.90 -75.90
C ARG A 567 -6.48 -65.93 -76.40
N GLU A 568 -6.85 -67.22 -76.30
CA GLU A 568 -5.97 -68.27 -76.75
C GLU A 568 -5.63 -68.07 -78.22
N GLU A 569 -6.67 -67.86 -79.03
CA GLU A 569 -6.51 -67.59 -80.44
C GLU A 569 -5.70 -66.32 -80.70
N ALA A 570 -5.91 -65.29 -79.89
CA ALA A 570 -5.14 -64.06 -80.10
C ALA A 570 -3.69 -64.24 -79.64
N ILE A 571 -3.48 -64.87 -78.50
CA ILE A 571 -2.11 -65.18 -78.05
C ILE A 571 -1.45 -66.13 -79.03
N SER A 572 -2.19 -67.17 -79.44
CA SER A 572 -1.67 -68.16 -80.37
C SER A 572 -1.18 -67.50 -81.65
N ASN A 573 -1.98 -66.61 -82.23
CA ASN A 573 -1.56 -65.92 -83.44
C ASN A 573 -0.31 -65.10 -83.17
N MET A 574 -0.23 -64.48 -82.00
CA MET A 574 0.95 -63.70 -81.67
C MET A 574 2.21 -64.56 -81.58
N VAL A 575 2.14 -65.67 -80.86
CA VAL A 575 3.30 -66.55 -80.75
C VAL A 575 3.80 -66.98 -82.12
N VAL A 576 2.92 -67.57 -82.92
CA VAL A 576 3.29 -68.00 -84.28
C VAL A 576 3.69 -66.81 -85.16
N ALA A 577 2.96 -65.68 -85.06
CA ALA A 577 3.30 -64.49 -85.84
C ALA A 577 4.67 -63.92 -85.44
N LEU A 578 4.96 -63.86 -84.14
CA LEU A 578 6.25 -63.36 -83.68
C LEU A 578 7.38 -64.30 -84.11
N LYS A 579 7.11 -65.59 -84.24
CA LYS A 579 8.13 -66.50 -84.77
C LYS A 579 8.42 -66.10 -86.21
N GLU A 580 7.39 -65.67 -86.94
CA GLU A 580 7.56 -65.15 -88.29
C GLU A 580 8.33 -63.83 -88.21
N LEU A 581 8.01 -63.02 -87.21
CA LEU A 581 8.70 -61.75 -86.96
C LEU A 581 10.18 -61.96 -86.67
N SER A 582 10.56 -63.13 -86.16
CA SER A 582 11.98 -63.37 -85.88
C SER A 582 12.81 -63.26 -87.15
N ILE A 583 12.18 -63.50 -88.31
CA ILE A 583 12.86 -63.36 -89.59
C ILE A 583 13.29 -61.90 -89.82
N ARG A 584 12.69 -60.95 -89.10
CA ARG A 584 13.10 -59.56 -89.21
C ARG A 584 14.42 -59.24 -88.49
N GLY A 585 15.07 -58.19 -88.98
CA GLY A 585 16.33 -57.64 -88.50
C GLY A 585 16.28 -56.83 -87.22
N ASP A 586 15.44 -55.79 -87.30
CA ASP A 586 15.20 -54.80 -86.25
C ASP A 586 14.65 -55.35 -84.94
N PHE A 587 14.02 -56.52 -84.94
CA PHE A 587 13.45 -57.11 -83.73
C PHE A 587 14.23 -58.32 -83.25
N ARG A 588 15.54 -58.12 -83.08
CA ARG A 588 16.48 -59.15 -82.62
C ARG A 588 16.89 -59.09 -81.15
N THR A 589 17.54 -58.02 -80.68
CA THR A 589 17.96 -58.03 -79.28
C THR A 589 16.73 -58.02 -78.38
N THR A 590 15.81 -57.10 -78.65
CA THR A 590 14.59 -56.97 -77.87
C THR A 590 13.80 -58.27 -77.80
N VAL A 591 13.67 -58.96 -78.95
CA VAL A 591 12.86 -60.18 -79.06
C VAL A 591 13.40 -61.49 -78.46
N GLU A 592 14.68 -61.64 -78.12
CA GLU A 592 15.07 -62.96 -77.60
C GLU A 592 14.47 -63.20 -76.21
N TYR A 593 14.68 -62.27 -75.29
CA TYR A 593 14.12 -62.32 -73.94
C TYR A 593 12.59 -62.33 -73.96
N LEU A 594 12.01 -61.70 -74.98
CA LEU A 594 10.55 -61.58 -75.14
C LEU A 594 9.86 -62.89 -75.51
N ILE A 595 10.40 -63.67 -76.45
CA ILE A 595 9.76 -64.96 -76.76
C ILE A 595 9.72 -65.81 -75.49
N LYS A 596 10.80 -65.79 -74.71
CA LYS A 596 10.81 -66.48 -73.43
C LYS A 596 9.68 -65.93 -72.56
N LEU A 597 9.65 -64.60 -72.39
CA LEU A 597 8.62 -63.92 -71.62
C LEU A 597 7.21 -64.20 -72.12
N LEU A 598 6.99 -64.24 -73.45
CA LEU A 598 5.65 -64.49 -73.98
C LEU A 598 5.12 -65.87 -73.61
N GLU A 599 5.99 -66.84 -73.44
CA GLU A 599 5.59 -68.20 -73.09
C GLU A 599 5.38 -68.38 -71.61
N THR A 600 5.88 -67.46 -70.77
CA THR A 600 5.72 -67.57 -69.33
C THR A 600 4.26 -67.73 -68.95
N GLU A 601 4.07 -68.59 -67.95
CA GLU A 601 2.76 -68.92 -67.41
C GLU A 601 1.97 -67.71 -66.91
N SER A 602 2.64 -66.75 -66.26
CA SER A 602 1.94 -65.59 -65.71
C SER A 602 1.14 -64.81 -66.77
N PHE A 603 1.74 -64.47 -67.90
CA PHE A 603 0.95 -63.79 -68.93
C PHE A 603 -0.09 -64.75 -69.48
N GLN A 604 0.36 -65.98 -69.79
CA GLN A 604 -0.52 -67.03 -70.30
C GLN A 604 -1.72 -67.21 -69.38
N MET A 605 -1.49 -67.10 -68.09
CA MET A 605 -2.54 -67.22 -67.08
C MET A 605 -3.25 -65.89 -66.84
N ASN A 606 -2.91 -64.83 -67.60
CA ASN A 606 -3.51 -63.51 -67.47
C ASN A 606 -3.29 -62.97 -66.05
N ARG A 607 -2.06 -63.14 -65.61
CA ARG A 607 -1.55 -62.81 -64.29
C ARG A 607 -0.48 -61.72 -64.35
N ILE A 608 -0.79 -60.53 -64.88
CA ILE A 608 0.20 -59.46 -65.00
C ILE A 608 -0.27 -58.21 -64.26
N ASP A 609 0.66 -57.24 -64.12
CA ASP A 609 0.37 -55.97 -63.45
C ASP A 609 1.33 -54.88 -63.91
N THR A 610 1.15 -53.69 -63.33
CA THR A 610 1.92 -52.48 -63.63
C THR A 610 3.44 -52.57 -63.35
N GLY A 611 3.90 -53.38 -62.41
CA GLY A 611 5.35 -53.47 -62.14
C GLY A 611 6.17 -54.59 -62.75
N TRP A 612 5.49 -55.54 -63.38
CA TRP A 612 5.97 -56.76 -64.02
C TRP A 612 7.19 -56.75 -64.96
N LEU A 613 7.03 -56.11 -66.12
CA LEU A 613 8.02 -56.00 -67.21
C LEU A 613 9.45 -55.54 -66.91
N ASP A 614 9.65 -54.53 -66.07
CA ASP A 614 11.00 -53.98 -65.87
C ASP A 614 12.14 -54.89 -65.39
N ARG A 615 11.92 -56.04 -64.73
CA ARG A 615 13.07 -56.89 -64.28
C ARG A 615 13.40 -58.16 -65.06
N LEU A 616 12.58 -58.66 -65.98
CA LEU A 616 13.00 -59.90 -66.64
C LEU A 616 14.19 -59.74 -67.59
N ILE A 617 14.49 -58.54 -68.06
CA ILE A 617 15.58 -58.34 -69.01
C ILE A 617 16.74 -57.61 -68.34
N ARG A 625 7.05 -75.53 -56.09
CA ARG A 625 5.96 -74.89 -55.37
C ARG A 625 6.46 -74.07 -54.15
N PRO A 626 5.57 -73.45 -53.38
CA PRO A 626 6.06 -72.47 -52.39
C PRO A 626 6.98 -73.02 -51.32
N ASP A 627 7.46 -72.06 -50.54
CA ASP A 627 8.27 -72.26 -49.34
C ASP A 627 7.35 -71.82 -48.21
N THR A 628 7.23 -72.65 -47.17
CA THR A 628 6.30 -72.43 -46.06
C THR A 628 6.20 -70.98 -45.61
N MET A 629 7.33 -70.36 -45.25
CA MET A 629 7.23 -69.05 -44.64
C MET A 629 6.84 -67.96 -45.63
N LEU A 630 7.39 -67.98 -46.84
CA LEU A 630 6.83 -67.12 -47.89
C LEU A 630 5.32 -67.30 -48.06
N GLY A 631 4.86 -68.55 -48.18
CA GLY A 631 3.44 -68.82 -48.30
C GLY A 631 2.54 -68.24 -47.24
N VAL A 632 2.83 -68.67 -46.02
CA VAL A 632 2.08 -68.25 -44.83
C VAL A 632 2.18 -66.74 -44.61
N VAL A 633 3.37 -66.18 -44.76
CA VAL A 633 3.62 -64.76 -44.54
C VAL A 633 2.83 -63.91 -45.54
N CYS A 634 3.23 -64.05 -46.81
CA CYS A 634 2.55 -63.30 -47.86
C CYS A 634 1.06 -63.59 -47.89
N GLY A 635 0.66 -64.78 -47.49
CA GLY A 635 -0.73 -65.11 -47.29
C GLY A 635 -1.40 -64.17 -46.32
N ALA A 636 -0.91 -64.23 -45.07
CA ALA A 636 -1.48 -63.45 -43.99
C ALA A 636 -1.67 -62.01 -44.40
N LEU A 637 -0.64 -61.44 -45.00
CA LEU A 637 -0.80 -60.08 -45.47
C LEU A 637 -1.61 -59.95 -46.74
N HIS A 638 -1.85 -61.03 -47.49
CA HIS A 638 -2.77 -60.92 -48.61
C HIS A 638 -4.19 -60.75 -48.07
N VAL A 639 -4.53 -61.60 -47.10
CA VAL A 639 -5.81 -61.54 -46.39
C VAL A 639 -5.95 -60.17 -45.76
N ALA A 640 -4.86 -59.70 -45.15
CA ALA A 640 -4.82 -58.37 -44.57
C ALA A 640 -5.25 -57.39 -45.63
N ASP A 641 -4.50 -57.31 -46.74
CA ASP A 641 -4.78 -56.34 -47.80
C ASP A 641 -6.24 -56.31 -48.21
N VAL A 642 -6.85 -57.47 -48.40
CA VAL A 642 -8.26 -57.50 -48.80
C VAL A 642 -9.14 -56.88 -47.71
N SER A 643 -9.02 -57.41 -46.49
CA SER A 643 -9.75 -56.89 -45.34
C SER A 643 -9.51 -55.40 -45.16
N LEU A 644 -8.27 -54.99 -45.38
CA LEU A 644 -7.87 -53.61 -45.26
C LEU A 644 -8.66 -52.76 -46.26
N ARG A 645 -8.78 -53.23 -47.50
CA ARG A 645 -9.65 -52.56 -48.47
C ARG A 645 -11.08 -52.44 -47.96
N ASN A 646 -11.57 -53.48 -47.27
CA ASN A 646 -12.94 -53.38 -46.78
C ASN A 646 -13.01 -52.23 -45.80
N SER A 647 -12.06 -52.17 -44.88
CA SER A 647 -12.02 -51.12 -43.87
C SER A 647 -11.99 -49.75 -44.54
N VAL A 648 -11.22 -49.65 -45.63
CA VAL A 648 -11.11 -48.44 -46.40
C VAL A 648 -12.45 -48.07 -47.01
N SER A 649 -13.11 -49.02 -47.64
CA SER A 649 -14.37 -48.70 -48.30
C SER A 649 -15.42 -48.34 -47.27
N ASN A 650 -15.26 -48.81 -46.03
CA ASN A 650 -16.19 -48.49 -44.96
C ASN A 650 -15.94 -47.06 -44.51
N PHE A 651 -14.66 -46.71 -44.47
CA PHE A 651 -14.25 -45.34 -44.32
C PHE A 651 -14.85 -44.47 -45.40
N LEU A 652 -14.80 -44.96 -46.65
CA LEU A 652 -15.27 -44.18 -47.76
C LEU A 652 -16.77 -43.93 -47.71
N HIS A 653 -17.54 -44.91 -47.25
CA HIS A 653 -18.93 -44.65 -46.93
C HIS A 653 -19.16 -43.58 -45.89
N SER A 654 -18.71 -43.90 -44.68
CA SER A 654 -19.09 -43.09 -43.54
C SER A 654 -18.58 -41.67 -43.65
N LEU A 655 -17.37 -41.50 -44.15
CA LEU A 655 -16.82 -40.17 -44.21
C LEU A 655 -17.35 -39.40 -45.42
N GLU A 656 -17.58 -40.10 -46.54
CA GLU A 656 -18.20 -39.43 -47.69
C GLU A 656 -19.55 -38.86 -47.32
N ARG A 657 -20.31 -39.65 -46.59
CA ARG A 657 -21.63 -39.28 -46.14
C ARG A 657 -21.66 -38.34 -44.93
N GLY A 658 -20.60 -38.31 -44.13
CA GLY A 658 -20.52 -37.44 -42.98
C GLY A 658 -20.66 -38.12 -41.62
N GLN A 659 -20.74 -39.43 -41.59
CA GLN A 659 -20.74 -40.22 -40.36
C GLN A 659 -19.53 -39.95 -39.49
N VAL A 660 -19.78 -39.80 -38.20
CA VAL A 660 -18.71 -39.56 -37.24
C VAL A 660 -18.23 -40.96 -36.93
N LEU A 661 -17.33 -41.42 -37.79
CA LEU A 661 -16.80 -42.74 -37.70
C LEU A 661 -15.84 -42.93 -36.52
N PRO A 662 -15.83 -44.11 -35.91
CA PRO A 662 -14.84 -44.37 -34.88
C PRO A 662 -13.51 -44.58 -35.60
N ALA A 663 -12.42 -44.11 -34.97
CA ALA A 663 -11.09 -44.20 -35.58
C ALA A 663 -10.86 -45.61 -36.10
N HIS A 664 -11.36 -46.59 -35.33
CA HIS A 664 -10.90 -47.95 -35.39
C HIS A 664 -11.20 -48.48 -36.78
N THR A 665 -12.21 -47.89 -37.45
CA THR A 665 -12.73 -48.53 -38.64
C THR A 665 -11.69 -48.62 -39.72
N LEU A 666 -10.62 -47.82 -39.68
CA LEU A 666 -9.69 -48.01 -40.79
C LEU A 666 -8.93 -49.32 -40.69
N LEU A 667 -8.90 -49.95 -39.50
CA LEU A 667 -8.43 -51.31 -39.33
C LEU A 667 -7.09 -51.56 -40.02
N ASN A 668 -5.96 -51.14 -39.45
CA ASN A 668 -4.70 -51.80 -39.77
C ASN A 668 -4.58 -53.20 -39.20
N THR A 669 -4.77 -53.33 -37.90
CA THR A 669 -4.54 -54.59 -37.20
C THR A 669 -5.49 -55.70 -37.70
N VAL A 670 -4.89 -56.78 -38.22
CA VAL A 670 -5.57 -57.93 -38.80
C VAL A 670 -4.95 -59.21 -38.24
N ASP A 671 -5.77 -60.25 -38.09
CA ASP A 671 -5.39 -61.49 -37.40
C ASP A 671 -5.72 -62.68 -38.29
N VAL A 672 -4.68 -63.27 -38.88
CA VAL A 672 -4.77 -64.37 -39.84
C VAL A 672 -4.24 -65.69 -39.27
N GLU A 673 -5.04 -66.74 -39.43
CA GLU A 673 -4.78 -68.11 -38.95
C GLU A 673 -4.81 -68.95 -40.22
N LEU A 674 -3.67 -69.52 -40.60
CA LEU A 674 -3.50 -70.10 -41.92
C LEU A 674 -2.91 -71.47 -41.68
N ILE A 675 -3.75 -72.47 -41.91
CA ILE A 675 -3.46 -73.84 -41.54
C ILE A 675 -2.81 -74.58 -42.69
N TYR A 676 -1.54 -74.90 -42.47
CA TYR A 676 -0.70 -75.69 -43.36
C TYR A 676 -0.50 -77.03 -42.68
N GLU A 677 -0.87 -78.10 -43.38
CA GLU A 677 -0.70 -79.46 -42.86
C GLU A 677 -1.52 -79.71 -41.60
N GLY A 678 -2.60 -78.97 -41.39
CA GLY A 678 -3.45 -79.14 -40.22
C GLY A 678 -3.00 -78.38 -38.99
N VAL A 679 -1.70 -78.28 -38.77
CA VAL A 679 -1.20 -77.49 -37.65
C VAL A 679 -1.29 -76.03 -38.04
N LYS A 680 -2.03 -75.24 -37.24
CA LYS A 680 -2.33 -73.89 -37.70
C LYS A 680 -1.10 -73.02 -37.52
N TYR A 681 -0.93 -72.09 -38.44
CA TYR A 681 0.01 -70.99 -38.28
C TYR A 681 -0.82 -69.82 -37.77
N VAL A 682 -0.45 -69.30 -36.59
CA VAL A 682 -1.12 -68.15 -35.98
C VAL A 682 -0.29 -66.93 -36.30
N LEU A 683 -0.97 -65.95 -36.91
CA LEU A 683 -0.35 -64.75 -37.42
C LEU A 683 -1.21 -63.52 -37.17
N LYS A 684 -0.51 -62.39 -37.19
CA LYS A 684 -1.08 -61.06 -37.30
C LYS A 684 -0.35 -60.27 -38.37
N VAL A 685 -1.03 -59.28 -38.92
CA VAL A 685 -0.45 -58.34 -39.85
C VAL A 685 -0.92 -56.96 -39.41
N THR A 686 0.04 -56.10 -39.09
CA THR A 686 -0.22 -54.70 -38.70
C THR A 686 0.48 -53.80 -39.70
N ARG A 687 -0.31 -52.91 -40.31
CA ARG A 687 0.20 -51.89 -41.21
C ARG A 687 0.99 -50.86 -40.39
N GLN A 688 2.26 -50.64 -40.72
CA GLN A 688 3.17 -49.92 -39.85
C GLN A 688 3.55 -48.56 -40.40
N SER A 689 3.43 -48.38 -41.69
CA SER A 689 3.82 -47.24 -42.48
C SER A 689 3.25 -47.58 -43.85
N PRO A 690 2.77 -46.61 -44.65
CA PRO A 690 2.23 -46.92 -45.98
C PRO A 690 3.12 -47.85 -46.79
N ASN A 691 4.42 -47.77 -46.57
CA ASN A 691 5.39 -48.63 -47.23
C ASN A 691 5.71 -49.86 -46.40
N SER A 692 5.75 -49.73 -45.07
CA SER A 692 6.28 -50.78 -44.22
C SER A 692 5.10 -51.53 -43.60
N TYR A 693 5.20 -52.85 -43.66
CA TYR A 693 4.19 -53.78 -43.24
C TYR A 693 4.85 -54.73 -42.25
N VAL A 694 4.17 -55.11 -41.17
CA VAL A 694 4.78 -56.07 -40.24
C VAL A 694 3.89 -57.31 -40.17
N VAL A 695 4.51 -58.41 -40.56
CA VAL A 695 3.97 -59.75 -40.49
C VAL A 695 4.46 -60.35 -39.19
N ILE A 696 3.54 -60.91 -38.43
CA ILE A 696 3.73 -61.40 -37.08
C ILE A 696 3.35 -62.87 -37.06
N MET A 697 4.35 -63.73 -36.88
CA MET A 697 4.13 -65.18 -36.90
C MET A 697 4.12 -65.61 -35.45
N ASN A 698 2.92 -65.90 -34.96
CA ASN A 698 2.70 -66.64 -33.72
C ASN A 698 3.53 -66.09 -32.56
N GLY A 699 3.72 -64.78 -32.55
CA GLY A 699 4.54 -64.12 -31.54
C GLY A 699 5.93 -63.86 -32.06
N SER A 700 6.00 -63.30 -33.26
CA SER A 700 7.24 -62.84 -33.88
C SER A 700 6.99 -61.57 -34.68
N CYS A 701 8.08 -60.93 -35.12
CA CYS A 701 8.02 -59.66 -35.83
C CYS A 701 8.97 -59.76 -37.01
N VAL A 702 8.41 -59.74 -38.21
CA VAL A 702 9.16 -59.65 -39.47
C VAL A 702 8.66 -58.43 -40.22
N GLU A 703 9.61 -57.61 -40.67
CA GLU A 703 9.37 -56.30 -41.25
C GLU A 703 9.63 -56.37 -42.76
N VAL A 704 8.61 -56.01 -43.54
CA VAL A 704 8.65 -56.02 -44.99
C VAL A 704 8.22 -54.65 -45.49
N ASP A 705 8.45 -54.42 -46.78
CA ASP A 705 7.99 -53.23 -47.47
C ASP A 705 7.44 -53.64 -48.83
N VAL A 706 6.54 -52.81 -49.37
CA VAL A 706 5.76 -53.23 -50.52
C VAL A 706 5.78 -52.18 -51.62
N HIS A 707 5.00 -52.47 -52.67
CA HIS A 707 4.56 -51.51 -53.64
C HIS A 707 3.11 -51.80 -54.06
N LEU A 714 1.06 -56.55 -58.14
CA LEU A 714 1.52 -56.60 -56.77
C LEU A 714 3.00 -56.97 -56.78
N LEU A 715 3.87 -56.05 -56.35
CA LEU A 715 5.29 -56.31 -56.09
C LEU A 715 5.71 -56.17 -54.63
N LEU A 716 6.56 -57.10 -54.20
CA LEU A 716 7.24 -57.09 -52.91
C LEU A 716 8.75 -57.03 -53.01
N SER A 717 9.34 -56.23 -52.13
CA SER A 717 10.78 -56.04 -52.01
C SER A 717 11.07 -56.59 -50.63
N TYR A 718 12.05 -57.48 -50.52
CA TYR A 718 12.29 -58.06 -49.22
C TYR A 718 13.82 -58.13 -49.03
N ASP A 719 14.30 -58.90 -48.06
CA ASP A 719 15.73 -59.21 -47.98
C ASP A 719 16.31 -59.70 -49.28
N GLY A 720 15.76 -60.78 -49.82
CA GLY A 720 16.44 -61.53 -50.83
C GLY A 720 16.46 -60.62 -52.02
N SER A 721 15.27 -60.37 -52.52
CA SER A 721 15.10 -59.81 -53.84
C SER A 721 13.70 -59.21 -53.88
N SER A 722 13.22 -58.99 -55.08
CA SER A 722 11.94 -58.36 -55.35
C SER A 722 11.08 -59.53 -55.76
N TYR A 723 9.87 -59.62 -55.23
CA TYR A 723 9.06 -60.81 -55.39
C TYR A 723 7.69 -60.37 -55.84
N THR A 724 6.92 -61.32 -56.39
CA THR A 724 5.58 -61.00 -56.86
C THR A 724 4.59 -62.00 -56.30
N THR A 725 3.56 -61.48 -55.68
CA THR A 725 2.50 -62.27 -55.07
C THR A 725 1.16 -61.72 -55.50
N TYR A 726 0.23 -62.63 -55.68
CA TYR A 726 -1.15 -62.37 -56.03
C TYR A 726 -2.05 -63.17 -55.12
N MET A 727 -3.24 -62.61 -54.96
CA MET A 727 -4.22 -63.04 -53.99
C MET A 727 -5.50 -63.35 -54.75
N LYS A 728 -5.91 -64.60 -54.64
CA LYS A 728 -7.17 -65.08 -55.17
C LYS A 728 -8.03 -65.38 -53.97
N GLU A 729 -9.20 -64.79 -53.99
CA GLU A 729 -10.21 -64.96 -52.97
C GLU A 729 -11.30 -65.83 -53.55
N GLU A 730 -11.83 -66.65 -52.69
CA GLU A 730 -12.97 -67.43 -53.03
C GLU A 730 -14.00 -67.03 -52.00
N VAL A 731 -15.26 -67.28 -52.32
CA VAL A 731 -16.35 -67.26 -51.36
C VAL A 731 -15.91 -67.78 -50.00
N ASP A 732 -15.28 -68.98 -49.95
CA ASP A 732 -14.95 -69.65 -48.70
C ASP A 732 -13.54 -70.24 -48.62
N ARG A 733 -12.62 -69.83 -49.47
CA ARG A 733 -11.25 -70.34 -49.48
C ARG A 733 -10.25 -69.22 -49.60
N TYR A 734 -9.00 -69.54 -49.25
CA TYR A 734 -7.93 -68.55 -49.23
C TYR A 734 -6.90 -69.08 -50.19
N ARG A 735 -6.77 -68.42 -51.32
CA ARG A 735 -6.25 -69.04 -52.53
C ARG A 735 -5.06 -68.17 -52.84
N ILE A 736 -3.86 -68.67 -52.53
CA ILE A 736 -2.69 -67.81 -52.43
C ILE A 736 -1.79 -68.19 -53.60
N THR A 737 -1.35 -67.17 -54.33
CA THR A 737 -0.42 -67.31 -55.44
C THR A 737 0.82 -66.45 -55.26
N ILE A 738 1.99 -67.08 -55.26
CA ILE A 738 3.25 -66.37 -55.05
C ILE A 738 4.07 -66.61 -56.31
N GLY A 739 3.71 -65.86 -57.36
CA GLY A 739 4.28 -66.01 -58.69
C GLY A 739 3.45 -67.00 -59.51
N ASN A 740 4.09 -68.08 -59.97
CA ASN A 740 3.41 -69.08 -60.76
C ASN A 740 2.92 -70.23 -59.91
N LYS A 741 3.03 -70.11 -58.60
CA LYS A 741 2.78 -71.20 -57.70
C LYS A 741 1.49 -70.85 -56.97
N THR A 742 0.60 -71.83 -56.82
CA THR A 742 -0.60 -71.66 -56.00
C THR A 742 -0.67 -72.68 -54.88
N CYS A 743 -1.16 -72.24 -53.73
CA CYS A 743 -1.54 -73.15 -52.66
C CYS A 743 -2.74 -72.50 -51.99
N VAL A 744 -3.70 -73.32 -51.54
CA VAL A 744 -4.97 -72.80 -51.05
C VAL A 744 -5.22 -73.39 -49.69
N PHE A 745 -5.62 -72.54 -48.76
CA PHE A 745 -5.80 -72.96 -47.38
C PHE A 745 -7.12 -72.51 -46.78
N GLU A 746 -7.54 -73.37 -45.87
CA GLU A 746 -8.73 -73.21 -45.07
C GLU A 746 -8.25 -72.57 -43.78
N LYS A 747 -9.06 -71.69 -43.22
CA LYS A 747 -8.85 -71.21 -41.87
C LYS A 747 -9.98 -71.85 -41.08
N GLU A 748 -9.62 -72.56 -40.01
CA GLU A 748 -10.58 -73.34 -39.27
C GLU A 748 -10.23 -73.38 -37.78
N SER A 752 -10.11 -78.20 -37.99
CA SER A 752 -10.25 -79.04 -36.81
C SER A 752 -11.18 -78.42 -35.78
N VAL A 753 -11.25 -77.09 -35.77
CA VAL A 753 -12.15 -76.35 -34.90
C VAL A 753 -13.33 -75.84 -35.71
N MET A 754 -14.51 -75.92 -35.11
CA MET A 754 -15.75 -75.48 -35.72
C MET A 754 -16.07 -74.09 -35.21
N ARG A 755 -15.92 -73.09 -36.07
CA ARG A 755 -16.08 -71.71 -35.67
C ARG A 755 -17.43 -71.24 -36.19
N SER A 756 -18.29 -70.81 -35.29
CA SER A 756 -19.50 -70.15 -35.73
C SER A 756 -19.15 -68.84 -36.45
N PRO A 757 -19.91 -68.44 -37.47
CA PRO A 757 -19.58 -67.21 -38.20
C PRO A 757 -20.48 -66.01 -37.85
N SER A 758 -21.30 -66.11 -36.80
CA SER A 758 -22.28 -65.08 -36.49
C SER A 758 -22.61 -65.08 -35.01
N ALA A 759 -23.12 -63.95 -34.54
CA ALA A 759 -23.46 -63.72 -33.15
C ALA A 759 -24.92 -64.08 -32.86
N GLY A 760 -25.35 -63.74 -31.64
CA GLY A 760 -26.70 -63.93 -31.15
C GLY A 760 -26.84 -65.09 -30.19
N LYS A 761 -28.08 -65.34 -29.78
CA LYS A 761 -28.40 -66.44 -28.88
C LYS A 761 -28.29 -67.82 -29.54
N LEU A 762 -28.04 -68.83 -28.72
CA LEU A 762 -28.11 -70.23 -29.10
C LEU A 762 -29.49 -70.74 -28.72
N ILE A 763 -30.37 -70.92 -29.70
CA ILE A 763 -31.70 -71.48 -29.43
C ILE A 763 -31.55 -72.91 -28.97
N GLN A 764 -31.02 -73.75 -29.84
CA GLN A 764 -30.98 -75.19 -29.67
C GLN A 764 -29.88 -75.72 -30.57
N TYR A 765 -29.60 -77.00 -30.42
CA TYR A 765 -28.57 -77.66 -31.21
C TYR A 765 -29.26 -78.79 -31.95
N ILE A 766 -29.17 -78.79 -33.28
CA ILE A 766 -29.96 -79.72 -34.09
C ILE A 766 -29.22 -81.05 -34.30
N VAL A 767 -28.04 -81.21 -33.71
CA VAL A 767 -27.23 -82.42 -33.78
C VAL A 767 -27.22 -82.85 -32.31
N GLU A 768 -26.33 -83.74 -31.90
CA GLU A 768 -26.05 -83.97 -30.49
C GLU A 768 -24.54 -84.02 -30.29
N ASP A 769 -24.14 -84.00 -29.03
CA ASP A 769 -22.75 -84.15 -28.66
C ASP A 769 -22.18 -85.45 -29.21
N GLY A 770 -20.89 -85.39 -29.53
CA GLY A 770 -20.19 -86.54 -30.08
C GLY A 770 -20.83 -87.08 -31.35
N GLY A 771 -21.30 -86.20 -32.23
CA GLY A 771 -22.00 -86.62 -33.44
C GLY A 771 -21.26 -86.26 -34.71
N HIS A 772 -21.04 -87.26 -35.55
CA HIS A 772 -20.50 -87.04 -36.88
C HIS A 772 -21.46 -86.25 -37.76
N VAL A 773 -20.90 -85.37 -38.60
CA VAL A 773 -21.69 -84.52 -39.48
C VAL A 773 -21.13 -84.60 -40.91
N PHE A 774 -21.84 -83.93 -41.82
CA PHE A 774 -21.56 -83.89 -43.25
C PHE A 774 -21.26 -82.46 -43.70
N ALA A 775 -20.82 -82.33 -44.95
CA ALA A 775 -20.92 -81.07 -45.66
C ALA A 775 -22.37 -80.62 -45.79
N GLY A 776 -22.57 -79.31 -45.63
CA GLY A 776 -23.85 -78.67 -45.88
C GLY A 776 -24.91 -78.97 -44.85
N GLN A 777 -24.54 -79.60 -43.74
CA GLN A 777 -25.51 -80.02 -42.73
C GLN A 777 -25.62 -79.00 -41.61
N CYS A 778 -26.84 -78.60 -41.32
CA CYS A 778 -27.14 -77.75 -40.18
C CYS A 778 -26.71 -78.46 -38.90
N TYR A 779 -26.08 -77.71 -37.98
CA TYR A 779 -25.69 -78.27 -36.70
C TYR A 779 -26.18 -77.47 -35.51
N ALA A 780 -26.51 -76.19 -35.68
CA ALA A 780 -27.16 -75.43 -34.62
C ALA A 780 -28.13 -74.47 -35.30
N GLU A 781 -28.91 -73.75 -34.49
CA GLU A 781 -29.77 -72.72 -35.05
C GLU A 781 -29.82 -71.59 -34.04
N ILE A 782 -29.64 -70.36 -34.52
CA ILE A 782 -29.48 -69.17 -33.68
C ILE A 782 -30.44 -68.08 -34.16
N GLU A 783 -30.59 -67.03 -33.34
CA GLU A 783 -31.46 -65.90 -33.67
C GLU A 783 -30.57 -64.71 -33.92
N VAL A 784 -30.53 -64.24 -35.17
CA VAL A 784 -29.74 -63.07 -35.53
C VAL A 784 -30.63 -62.15 -36.35
N MET A 785 -30.68 -60.87 -35.97
CA MET A 785 -31.46 -59.89 -36.70
C MET A 785 -32.95 -60.21 -36.71
N LYS A 786 -33.43 -60.98 -35.73
CA LYS A 786 -34.82 -61.47 -35.62
C LYS A 786 -35.12 -62.68 -36.50
N MET A 787 -34.13 -63.50 -36.89
CA MET A 787 -34.34 -64.52 -37.90
C MET A 787 -33.55 -65.79 -37.59
N VAL A 788 -34.00 -66.89 -38.20
CA VAL A 788 -33.38 -68.19 -38.01
C VAL A 788 -32.07 -68.22 -38.79
N MET A 789 -31.21 -69.17 -38.43
CA MET A 789 -29.95 -69.30 -39.16
C MET A 789 -29.50 -70.74 -39.15
N THR A 790 -29.40 -71.30 -40.35
CA THR A 790 -28.70 -72.55 -40.63
C THR A 790 -27.25 -72.44 -40.20
N LEU A 791 -26.86 -73.06 -39.08
CA LEU A 791 -25.42 -73.15 -38.79
C LEU A 791 -24.93 -74.30 -39.65
N THR A 792 -24.63 -73.96 -40.90
CA THR A 792 -23.98 -74.88 -41.83
C THR A 792 -22.64 -75.30 -41.28
N ALA A 793 -22.43 -76.62 -41.21
CA ALA A 793 -21.13 -77.16 -40.87
C ALA A 793 -20.22 -77.06 -42.09
N VAL A 794 -18.91 -76.97 -41.83
CA VAL A 794 -17.93 -76.72 -42.89
C VAL A 794 -16.95 -77.87 -43.03
N GLU A 795 -16.89 -78.77 -42.06
CA GLU A 795 -15.97 -79.90 -42.10
C GLU A 795 -16.70 -81.05 -41.43
N SER A 796 -16.46 -82.26 -41.92
CA SER A 796 -17.18 -83.42 -41.41
C SER A 796 -16.42 -83.93 -40.19
N GLY A 797 -17.16 -84.29 -39.15
CA GLY A 797 -16.51 -84.92 -38.02
C GLY A 797 -17.39 -84.94 -36.79
N CYS A 798 -16.87 -85.61 -35.77
CA CYS A 798 -17.57 -85.88 -34.52
C CYS A 798 -17.55 -84.63 -33.66
N ILE A 799 -18.62 -83.84 -33.73
CA ILE A 799 -18.71 -82.64 -32.91
C ILE A 799 -18.78 -83.04 -31.45
N HIS A 800 -17.97 -82.38 -30.63
CA HIS A 800 -18.20 -82.33 -29.20
C HIS A 800 -19.02 -81.08 -28.89
N TYR A 801 -20.15 -81.28 -28.23
CA TYR A 801 -21.04 -80.17 -27.88
C TYR A 801 -20.37 -79.30 -26.83
N VAL A 802 -19.92 -78.12 -27.24
CA VAL A 802 -19.21 -77.21 -26.34
C VAL A 802 -20.16 -76.25 -25.65
N LYS A 803 -21.08 -75.66 -26.42
CA LYS A 803 -21.91 -74.55 -25.93
C LYS A 803 -23.26 -75.08 -25.47
N ARG A 804 -23.41 -75.26 -24.16
CA ARG A 804 -24.70 -75.44 -23.51
C ARG A 804 -25.67 -74.36 -23.98
N PRO A 805 -26.98 -74.64 -24.01
CA PRO A 805 -27.89 -73.80 -24.79
C PRO A 805 -28.08 -72.42 -24.19
N GLY A 806 -28.60 -71.52 -25.02
CA GLY A 806 -29.00 -70.19 -24.58
C GLY A 806 -27.86 -69.29 -24.14
N ALA A 807 -27.02 -68.88 -25.09
CA ALA A 807 -25.95 -67.94 -24.83
C ALA A 807 -25.78 -67.02 -26.04
N ALA A 808 -25.66 -65.73 -25.79
CA ALA A 808 -25.28 -64.80 -26.84
C ALA A 808 -23.91 -65.22 -27.40
N LEU A 809 -23.82 -65.32 -28.72
CA LEU A 809 -22.70 -65.95 -29.40
C LEU A 809 -21.87 -64.89 -30.10
N ASP A 810 -20.79 -65.33 -30.74
CA ASP A 810 -19.86 -64.48 -31.45
C ASP A 810 -19.58 -65.07 -32.83
N PRO A 811 -19.15 -64.24 -33.81
CA PRO A 811 -18.57 -64.84 -35.03
C PRO A 811 -17.19 -65.41 -34.71
N GLY A 812 -17.12 -66.73 -34.60
CA GLY A 812 -15.90 -67.42 -34.22
C GLY A 812 -15.97 -68.15 -32.90
N CYS A 813 -17.12 -68.13 -32.23
CA CYS A 813 -17.23 -68.80 -30.94
C CYS A 813 -17.12 -70.31 -31.11
N VAL A 814 -16.70 -70.97 -30.04
CA VAL A 814 -16.52 -72.42 -30.05
C VAL A 814 -17.83 -73.02 -29.57
N LEU A 815 -18.79 -73.13 -30.49
CA LEU A 815 -19.94 -73.99 -30.25
C LEU A 815 -19.58 -75.46 -30.32
N ALA A 816 -18.49 -75.79 -31.01
CA ALA A 816 -18.19 -77.16 -31.37
C ALA A 816 -16.71 -77.30 -31.66
N LYS A 817 -16.17 -78.47 -31.35
CA LYS A 817 -14.94 -78.93 -31.98
C LYS A 817 -15.11 -80.38 -32.40
N MET A 818 -14.66 -80.66 -33.62
CA MET A 818 -14.53 -81.99 -34.18
C MET A 818 -13.05 -82.20 -34.51
N GLN A 819 -12.77 -83.24 -35.29
CA GLN A 819 -11.47 -83.41 -35.91
C GLN A 819 -11.65 -83.51 -37.42
N LEU A 820 -10.68 -82.97 -38.16
CA LEU A 820 -10.65 -83.13 -39.60
C LEU A 820 -10.45 -84.61 -39.90
N ASP A 821 -11.51 -85.30 -40.29
CA ASP A 821 -11.46 -86.74 -40.51
C ASP A 821 -10.52 -87.09 -41.65
N HIS A 832 3.45 -75.34 -36.04
CA HIS A 832 2.78 -74.19 -35.44
C HIS A 832 3.50 -72.90 -35.76
N THR A 833 4.81 -73.00 -36.00
CA THR A 833 5.70 -71.86 -35.90
C THR A 833 6.60 -71.75 -37.12
N GLY A 834 7.54 -70.83 -37.06
CA GLY A 834 8.54 -70.61 -38.08
C GLY A 834 9.00 -69.17 -37.96
N SER A 835 10.21 -68.92 -38.45
CA SER A 835 10.74 -67.57 -38.50
C SER A 835 11.59 -67.43 -39.74
N LEU A 836 11.92 -66.18 -40.06
CA LEU A 836 12.76 -65.84 -41.20
C LEU A 836 13.71 -64.73 -40.78
N PRO A 837 14.65 -65.02 -39.86
CA PRO A 837 15.61 -63.99 -39.46
C PRO A 837 16.47 -63.58 -40.65
N ARG A 838 16.24 -62.34 -41.09
CA ARG A 838 16.65 -61.86 -42.39
C ARG A 838 16.75 -60.34 -42.30
N ILE A 839 17.75 -59.77 -42.97
CA ILE A 839 17.93 -58.32 -43.03
C ILE A 839 16.93 -57.67 -43.99
N LYS A 848 25.47 -43.73 -48.96
CA LYS A 848 24.40 -44.51 -48.36
C LYS A 848 23.68 -43.82 -47.23
N LEU A 849 24.38 -43.00 -46.46
CA LEU A 849 23.71 -42.38 -45.33
C LEU A 849 22.65 -41.41 -45.80
N HIS A 850 22.86 -40.75 -46.93
CA HIS A 850 21.81 -39.89 -47.48
C HIS A 850 20.47 -40.58 -47.69
N ARG A 851 20.45 -41.68 -48.41
CA ARG A 851 19.19 -42.39 -48.60
C ARG A 851 18.69 -43.18 -47.40
N VAL A 852 19.57 -43.89 -46.71
CA VAL A 852 19.21 -44.58 -45.46
C VAL A 852 18.60 -43.61 -44.45
N PHE A 853 19.27 -42.51 -44.22
CA PHE A 853 18.74 -41.40 -43.43
C PHE A 853 17.35 -41.03 -43.86
N HIS A 854 17.24 -40.52 -45.09
CA HIS A 854 15.96 -40.05 -45.62
C HIS A 854 14.91 -41.13 -45.37
N TYR A 855 15.29 -42.38 -45.63
CA TYR A 855 14.43 -43.53 -45.39
C TYR A 855 13.96 -43.63 -43.93
N VAL A 856 14.90 -43.68 -42.96
CA VAL A 856 14.51 -43.81 -41.56
C VAL A 856 13.60 -42.69 -41.11
N LEU A 857 13.81 -41.52 -41.66
CA LEU A 857 13.01 -40.38 -41.24
C LEU A 857 11.65 -40.55 -41.86
N ASP A 858 11.60 -41.00 -43.11
CA ASP A 858 10.32 -41.15 -43.78
C ASP A 858 9.49 -42.21 -43.05
N ASN A 859 10.14 -43.31 -42.67
CA ASN A 859 9.49 -44.32 -41.85
C ASN A 859 8.96 -43.68 -40.61
N LEU A 860 9.74 -42.76 -40.05
CA LEU A 860 9.37 -42.13 -38.81
C LEU A 860 8.20 -41.19 -38.94
N VAL A 861 8.18 -40.35 -39.97
CA VAL A 861 7.01 -39.52 -40.18
C VAL A 861 5.75 -40.28 -40.50
N ASN A 862 5.85 -41.43 -41.17
CA ASN A 862 4.62 -42.20 -41.30
C ASN A 862 4.21 -42.87 -40.02
N VAL A 863 5.18 -43.41 -39.31
CA VAL A 863 5.00 -43.98 -38.00
C VAL A 863 4.43 -42.96 -37.04
N MET A 864 4.98 -41.75 -37.08
CA MET A 864 4.85 -40.74 -36.06
C MET A 864 3.82 -39.72 -36.45
N ASN A 865 3.25 -39.88 -37.63
CA ASN A 865 2.00 -39.23 -37.88
C ASN A 865 0.89 -39.97 -37.16
N GLY A 866 1.12 -41.23 -36.73
CA GLY A 866 0.07 -41.99 -36.06
C GLY A 866 -0.43 -43.13 -36.91
N TYR A 867 0.48 -43.86 -37.57
CA TYR A 867 0.03 -44.93 -38.45
C TYR A 867 -0.70 -46.06 -37.72
N CYS A 868 -0.06 -46.66 -36.71
CA CYS A 868 -0.52 -47.63 -35.71
C CYS A 868 0.67 -48.49 -35.33
N LEU A 869 0.75 -48.85 -34.05
CA LEU A 869 1.84 -49.65 -33.55
C LEU A 869 1.43 -51.07 -33.19
N PRO A 870 2.10 -52.10 -33.69
CA PRO A 870 1.67 -53.44 -33.32
C PRO A 870 1.94 -53.79 -31.86
N ASP A 871 3.12 -53.46 -31.35
CA ASP A 871 3.54 -53.92 -30.03
C ASP A 871 4.39 -52.98 -29.17
N PRO A 872 4.78 -53.45 -27.97
CA PRO A 872 5.67 -52.64 -27.10
C PRO A 872 6.98 -52.39 -27.80
N PHE A 873 7.43 -53.42 -28.52
CA PHE A 873 8.62 -53.58 -29.34
C PHE A 873 8.95 -52.31 -30.13
N PHE A 874 7.92 -51.48 -30.35
CA PHE A 874 8.08 -50.18 -30.96
C PHE A 874 9.17 -49.41 -30.26
N SER A 875 9.10 -49.38 -28.92
CA SER A 875 10.00 -48.58 -28.12
C SER A 875 11.45 -48.99 -28.35
N SER A 876 11.65 -50.16 -28.96
CA SER A 876 12.96 -50.56 -29.42
C SER A 876 13.17 -49.99 -30.80
N LYS A 877 12.18 -50.16 -31.70
CA LYS A 877 12.46 -49.85 -33.09
C LYS A 877 12.77 -48.39 -33.29
N VAL A 878 11.91 -47.53 -32.77
CA VAL A 878 12.15 -46.13 -32.96
C VAL A 878 13.33 -45.66 -32.17
N LYS A 879 13.61 -46.28 -31.05
CA LYS A 879 14.67 -45.74 -30.24
C LYS A 879 15.98 -45.98 -30.94
N ASP A 880 16.18 -47.22 -31.42
CA ASP A 880 17.35 -47.53 -32.23
C ASP A 880 17.38 -46.66 -33.47
N TRP A 881 16.24 -46.61 -34.18
CA TRP A 881 16.11 -45.85 -35.40
C TRP A 881 16.59 -44.44 -35.23
N VAL A 882 16.28 -43.88 -34.08
CA VAL A 882 16.15 -42.45 -33.92
C VAL A 882 17.39 -41.89 -33.26
N GLU A 883 18.00 -42.67 -32.36
CA GLU A 883 19.36 -42.27 -32.03
C GLU A 883 20.23 -42.44 -33.27
N ARG A 884 20.03 -43.52 -34.03
CA ARG A 884 20.80 -43.64 -35.28
C ARG A 884 20.53 -42.47 -36.21
N LEU A 885 19.27 -42.02 -36.27
CA LEU A 885 18.90 -40.90 -37.12
C LEU A 885 19.63 -39.65 -36.65
N MET A 886 19.35 -39.22 -35.42
CA MET A 886 19.91 -37.97 -34.89
C MET A 886 21.42 -37.94 -35.09
N LYS A 887 22.08 -39.04 -34.77
CA LYS A 887 23.52 -39.09 -34.92
C LYS A 887 23.94 -38.99 -36.39
N THR A 888 23.23 -39.71 -37.27
CA THR A 888 23.57 -39.61 -38.69
C THR A 888 23.22 -38.27 -39.28
N LEU A 889 22.50 -37.46 -38.56
CA LEU A 889 22.19 -36.11 -38.98
C LEU A 889 23.17 -35.14 -38.37
N ARG A 890 23.85 -35.56 -37.29
CA ARG A 890 24.87 -34.72 -36.72
C ARG A 890 26.13 -34.75 -37.57
N ASP A 891 26.50 -35.93 -38.16
CA ASP A 891 27.74 -36.00 -38.94
C ASP A 891 27.84 -34.88 -39.97
N PRO A 892 28.67 -33.86 -39.78
CA PRO A 892 28.70 -32.76 -40.74
C PRO A 892 29.43 -33.01 -42.04
N SER A 893 29.81 -34.22 -42.44
CA SER A 893 30.25 -34.42 -43.82
C SER A 893 29.10 -34.75 -44.75
N LEU A 894 27.92 -34.81 -44.19
CA LEU A 894 26.73 -35.07 -45.00
C LEU A 894 26.47 -33.88 -45.89
N PRO A 895 26.36 -32.65 -45.38
CA PRO A 895 26.02 -31.53 -46.24
C PRO A 895 26.96 -31.50 -47.40
N LEU A 896 28.23 -31.83 -47.13
CA LEU A 896 29.22 -32.03 -48.18
C LEU A 896 28.74 -33.08 -49.17
N LEU A 897 28.20 -34.19 -48.69
CA LEU A 897 27.82 -35.22 -49.65
C LEU A 897 26.59 -34.87 -50.48
N GLU A 898 25.67 -34.10 -49.93
CA GLU A 898 24.50 -33.68 -50.70
C GLU A 898 24.76 -32.51 -51.65
N LEU A 899 25.60 -31.58 -51.24
CA LEU A 899 26.03 -30.55 -52.16
C LEU A 899 27.04 -31.10 -53.13
N GLN A 900 27.68 -32.19 -52.76
CA GLN A 900 28.42 -32.92 -53.75
C GLN A 900 27.44 -33.39 -54.77
N ASP A 901 26.34 -33.97 -54.33
CA ASP A 901 25.66 -34.94 -55.15
C ASP A 901 24.89 -34.16 -56.16
N ILE A 902 24.33 -33.04 -55.71
CA ILE A 902 23.79 -32.12 -56.67
C ILE A 902 24.91 -31.62 -57.56
N MET A 903 26.05 -31.24 -56.98
CA MET A 903 27.08 -30.71 -57.87
C MET A 903 27.69 -31.74 -58.79
N THR A 904 27.35 -32.97 -58.63
CA THR A 904 27.74 -34.02 -59.52
C THR A 904 26.69 -34.04 -60.60
N SER A 905 25.46 -33.74 -60.17
CA SER A 905 24.28 -33.74 -61.01
C SER A 905 24.08 -32.40 -61.71
N VAL A 906 24.86 -31.38 -61.40
CA VAL A 906 24.85 -30.11 -62.11
C VAL A 906 26.22 -29.73 -62.58
N SER A 907 26.89 -30.66 -63.20
CA SER A 907 28.17 -30.34 -63.78
C SER A 907 27.90 -29.38 -64.93
N GLY A 908 26.79 -29.56 -65.64
CA GLY A 908 26.37 -28.59 -66.62
C GLY A 908 25.62 -27.44 -65.97
N ARG A 909 25.04 -26.59 -66.84
CA ARG A 909 24.25 -25.40 -66.50
C ARG A 909 25.07 -24.39 -65.70
N ILE A 910 26.38 -24.54 -65.77
CA ILE A 910 27.28 -24.09 -64.71
C ILE A 910 28.12 -22.91 -65.18
N PRO A 911 28.33 -21.86 -64.39
CA PRO A 911 29.43 -20.97 -64.69
C PRO A 911 30.70 -21.53 -64.06
N PRO A 912 31.66 -21.98 -64.86
CA PRO A 912 32.83 -22.67 -64.28
C PRO A 912 33.62 -21.82 -63.31
N ASN A 913 33.56 -20.51 -63.46
CA ASN A 913 34.18 -19.60 -62.51
C ASN A 913 33.59 -19.83 -61.13
N VAL A 914 32.27 -19.92 -61.09
CA VAL A 914 31.53 -20.00 -59.85
C VAL A 914 31.66 -21.39 -59.31
N GLU A 915 31.73 -22.32 -60.22
CA GLU A 915 31.98 -23.70 -59.91
C GLU A 915 33.34 -23.83 -59.32
N LYS A 916 34.31 -23.20 -59.93
CA LYS A 916 35.64 -23.26 -59.38
C LYS A 916 35.70 -22.61 -58.01
N SER A 917 34.87 -21.61 -57.78
CA SER A 917 34.82 -21.03 -56.44
C SER A 917 34.24 -22.00 -55.42
N ILE A 918 33.05 -22.49 -55.71
CA ILE A 918 32.39 -23.40 -54.78
C ILE A 918 33.11 -24.70 -54.65
N LYS A 919 33.69 -25.18 -55.72
CA LYS A 919 34.25 -26.51 -55.65
C LYS A 919 35.56 -26.41 -54.91
N LYS A 920 36.19 -25.23 -55.00
CA LYS A 920 37.35 -24.94 -54.18
C LYS A 920 36.94 -25.00 -52.73
N GLU A 921 35.88 -24.32 -52.40
CA GLU A 921 35.68 -24.04 -51.00
C GLU A 921 34.96 -25.19 -50.31
N MET A 922 34.27 -26.05 -51.05
CA MET A 922 33.87 -27.32 -50.48
C MET A 922 35.12 -28.12 -50.20
N ALA A 923 36.05 -28.09 -51.17
CA ALA A 923 37.36 -28.69 -51.00
C ALA A 923 37.95 -28.25 -49.68
N GLN A 924 37.69 -27.01 -49.32
CA GLN A 924 38.13 -26.46 -48.06
C GLN A 924 37.07 -26.44 -46.97
N TYR A 925 35.89 -26.99 -47.23
CA TYR A 925 35.19 -27.72 -46.19
C TYR A 925 35.96 -28.95 -45.80
N ALA A 926 36.49 -29.64 -46.80
CA ALA A 926 37.27 -30.83 -46.56
C ALA A 926 38.53 -30.48 -45.80
N SER A 927 39.16 -29.36 -46.13
CA SER A 927 40.34 -29.00 -45.38
C SER A 927 40.00 -28.57 -43.97
N ASN A 928 38.89 -27.84 -43.75
CA ASN A 928 38.67 -27.38 -42.39
C ASN A 928 37.78 -28.29 -41.57
N ILE A 929 37.32 -29.40 -42.14
CA ILE A 929 36.52 -30.33 -41.38
C ILE A 929 37.42 -31.03 -40.38
N THR A 930 36.81 -31.49 -39.29
CA THR A 930 37.35 -32.14 -38.12
C THR A 930 37.94 -31.08 -37.20
N SER A 931 37.82 -29.81 -37.56
CA SER A 931 38.01 -28.74 -36.62
C SER A 931 36.74 -28.58 -35.82
N VAL A 932 36.91 -28.06 -34.62
CA VAL A 932 35.79 -27.78 -33.77
C VAL A 932 34.99 -26.63 -34.38
N LEU A 933 35.65 -25.81 -35.20
CA LEU A 933 35.10 -24.59 -35.77
C LEU A 933 35.02 -24.53 -37.30
N CYS A 934 34.27 -25.45 -37.89
CA CYS A 934 34.07 -25.45 -39.34
C CYS A 934 32.60 -25.21 -39.64
N GLN A 935 32.29 -24.11 -40.33
CA GLN A 935 30.97 -23.97 -40.88
C GLN A 935 31.05 -23.68 -42.37
N PHE A 936 29.98 -24.04 -43.00
CA PHE A 936 29.81 -23.80 -44.39
C PHE A 936 29.76 -22.28 -44.64
N PRO A 937 30.42 -21.76 -45.68
CA PRO A 937 30.29 -20.33 -46.01
C PRO A 937 29.20 -20.08 -47.04
N SER A 938 28.03 -20.55 -46.62
CA SER A 938 26.73 -20.35 -47.22
C SER A 938 26.56 -18.94 -47.77
N GLN A 939 26.53 -17.97 -46.89
CA GLN A 939 26.31 -16.62 -47.34
C GLN A 939 27.35 -16.18 -48.35
N GLN A 940 28.59 -16.63 -48.22
CA GLN A 940 29.61 -16.24 -49.18
C GLN A 940 29.31 -16.78 -50.56
N ILE A 941 29.01 -18.06 -50.66
CA ILE A 941 28.76 -18.61 -51.99
C ILE A 941 27.51 -18.02 -52.58
N ALA A 942 26.48 -17.88 -51.78
CA ALA A 942 25.24 -17.33 -52.30
C ALA A 942 25.43 -15.91 -52.78
N ASN A 943 26.11 -15.12 -51.97
CA ASN A 943 26.30 -13.72 -52.31
C ASN A 943 27.12 -13.63 -53.58
N ILE A 944 28.13 -14.47 -53.68
CA ILE A 944 28.99 -14.49 -54.87
C ILE A 944 28.15 -14.80 -56.08
N LEU A 945 27.35 -15.84 -55.96
CA LEU A 945 26.41 -16.19 -57.02
C LEU A 945 25.56 -15.02 -57.39
N ASP A 946 25.20 -14.24 -56.41
CA ASP A 946 24.37 -13.09 -56.62
C ASP A 946 25.15 -11.90 -57.13
N SER A 947 26.48 -11.94 -57.03
CA SER A 947 27.31 -11.13 -57.90
C SER A 947 27.00 -11.50 -59.33
N HIS A 948 26.84 -12.78 -59.59
CA HIS A 948 26.58 -13.11 -60.97
C HIS A 948 25.10 -12.99 -61.28
N ALA A 949 24.27 -12.80 -60.27
CA ALA A 949 22.95 -12.28 -60.50
C ALA A 949 23.04 -10.81 -60.80
N ALA A 950 24.04 -10.18 -60.19
CA ALA A 950 24.28 -8.76 -60.37
C ALA A 950 24.61 -8.51 -61.81
N THR A 951 25.23 -9.48 -62.45
CA THR A 951 25.69 -9.34 -63.81
C THR A 951 24.70 -9.93 -64.81
N LEU A 952 24.04 -11.03 -64.48
CA LEU A 952 23.14 -11.64 -65.45
C LEU A 952 21.77 -10.98 -65.51
N ASN A 953 21.30 -10.43 -64.40
CA ASN A 953 19.87 -10.27 -64.16
C ASN A 953 19.22 -9.22 -65.04
N ARG A 954 19.96 -8.52 -65.89
CA ARG A 954 19.32 -7.49 -66.68
C ARG A 954 18.65 -8.03 -67.94
N LYS A 955 18.40 -9.34 -68.06
CA LYS A 955 18.21 -9.90 -69.39
C LYS A 955 17.09 -10.91 -69.52
N SER A 956 16.50 -11.40 -68.43
CA SER A 956 15.44 -12.40 -68.50
C SER A 956 15.92 -13.67 -69.20
N GLU A 957 17.22 -13.90 -69.15
CA GLU A 957 17.87 -14.98 -69.88
C GLU A 957 18.04 -16.20 -69.00
N ARG A 958 17.07 -16.41 -68.14
CA ARG A 958 17.40 -16.88 -66.82
C ARG A 958 16.50 -17.97 -66.28
N GLU A 959 15.81 -18.73 -67.10
CA GLU A 959 14.87 -19.65 -66.47
C GLU A 959 15.45 -21.02 -66.19
N VAL A 960 16.32 -21.53 -67.07
CA VAL A 960 17.26 -22.55 -66.61
C VAL A 960 18.10 -22.01 -65.46
N PHE A 961 18.63 -20.80 -65.63
CA PHE A 961 19.59 -20.35 -64.65
C PHE A 961 18.93 -20.01 -63.34
N PHE A 962 17.80 -19.35 -63.42
CA PHE A 962 17.09 -19.03 -62.20
C PHE A 962 16.76 -20.30 -61.47
N MET A 963 16.22 -21.29 -62.20
CA MET A 963 15.88 -22.55 -61.55
C MET A 963 17.07 -23.43 -61.16
N ASN A 964 18.30 -23.06 -61.49
CA ASN A 964 19.46 -23.77 -60.95
C ASN A 964 19.98 -23.02 -59.76
N THR A 965 19.79 -21.74 -59.79
CA THR A 965 20.13 -20.89 -58.68
C THR A 965 19.02 -20.99 -57.66
N GLN A 966 17.96 -21.71 -57.99
CA GLN A 966 16.87 -21.98 -57.10
C GLN A 966 17.22 -23.29 -56.50
N SER A 967 17.69 -24.23 -57.31
CA SER A 967 17.95 -25.52 -56.73
C SER A 967 19.02 -25.37 -55.65
N ILE A 968 19.96 -24.45 -55.86
CA ILE A 968 20.99 -24.18 -54.87
C ILE A 968 20.50 -23.31 -53.74
N VAL A 969 19.69 -22.30 -54.03
CA VAL A 969 19.33 -21.46 -52.89
C VAL A 969 18.44 -22.24 -51.96
N GLN A 970 17.73 -23.20 -52.48
CA GLN A 970 16.93 -24.06 -51.65
C GLN A 970 17.76 -25.14 -51.00
N LEU A 971 18.82 -25.52 -51.69
CA LEU A 971 19.79 -26.44 -51.12
C LEU A 971 20.43 -25.87 -49.89
N VAL A 972 20.94 -24.67 -50.04
CA VAL A 972 21.58 -23.96 -48.96
C VAL A 972 20.54 -23.54 -47.94
N GLN A 973 19.32 -23.26 -48.42
CA GLN A 973 18.25 -22.94 -47.49
C GLN A 973 17.89 -24.05 -46.56
N ARG A 974 18.22 -25.28 -46.89
CA ARG A 974 17.94 -26.27 -45.86
C ARG A 974 18.97 -26.15 -44.77
N TYR A 975 20.10 -25.52 -45.05
CA TYR A 975 21.33 -25.81 -44.37
C TYR A 975 22.17 -24.56 -44.22
N ARG A 976 21.67 -23.41 -44.63
CA ARG A 976 22.45 -22.21 -44.46
C ARG A 976 22.73 -21.90 -43.02
N SER A 977 21.69 -21.88 -42.21
CA SER A 977 21.86 -21.59 -40.80
C SER A 977 22.13 -22.80 -39.93
N GLY A 978 22.72 -23.83 -40.48
CA GLY A 978 23.15 -24.94 -39.67
C GLY A 978 22.22 -26.04 -39.20
N ILE A 979 22.94 -26.95 -38.55
CA ILE A 979 22.47 -28.16 -37.91
C ILE A 979 21.45 -27.89 -36.83
N ARG A 980 21.43 -26.69 -36.27
CA ARG A 980 20.88 -26.44 -34.95
C ARG A 980 19.46 -26.01 -35.21
N GLY A 981 19.37 -25.06 -36.10
CA GLY A 981 18.13 -24.82 -36.78
C GLY A 981 17.47 -26.06 -37.33
N HIS A 982 18.20 -26.95 -38.00
CA HIS A 982 17.50 -28.18 -38.38
C HIS A 982 16.95 -28.99 -37.22
N MET A 983 17.81 -29.36 -36.26
CA MET A 983 17.32 -30.16 -35.15
C MET A 983 16.18 -29.54 -34.38
N LYS A 984 16.16 -28.22 -34.33
CA LYS A 984 15.04 -27.47 -33.79
C LYS A 984 13.84 -27.60 -34.70
N ALA A 985 14.01 -27.18 -35.94
CA ALA A 985 12.93 -26.98 -36.88
C ALA A 985 12.11 -28.24 -36.95
N VAL A 986 12.82 -29.31 -37.20
CA VAL A 986 12.22 -30.60 -37.44
C VAL A 986 11.39 -31.02 -36.24
N VAL A 987 11.96 -30.98 -35.05
CA VAL A 987 11.21 -31.38 -33.89
C VAL A 987 10.02 -30.45 -33.70
N MET A 988 10.19 -29.18 -34.01
CA MET A 988 9.08 -28.24 -33.92
C MET A 988 7.98 -28.71 -34.83
N ASP A 989 8.38 -29.20 -36.00
CA ASP A 989 7.42 -29.77 -36.92
C ASP A 989 6.73 -30.95 -36.27
N LEU A 990 7.54 -31.91 -35.77
CA LEU A 990 7.05 -33.13 -35.14
C LEU A 990 6.04 -32.78 -34.07
N LEU A 991 6.38 -31.77 -33.32
CA LEU A 991 5.55 -31.20 -32.30
C LEU A 991 4.23 -30.71 -32.88
N ARG A 992 4.33 -29.91 -33.93
CA ARG A 992 3.16 -29.41 -34.60
C ARG A 992 2.21 -30.42 -35.19
N GLN A 993 2.60 -31.66 -35.48
CA GLN A 993 1.54 -32.52 -36.01
C GLN A 993 0.51 -32.89 -34.97
N TYR A 994 0.95 -33.58 -33.92
CA TYR A 994 0.32 -33.68 -32.60
C TYR A 994 -0.36 -32.39 -32.19
N LEU A 995 0.24 -31.22 -32.46
CA LEU A 995 -0.33 -30.06 -31.81
C LEU A 995 -1.54 -29.63 -32.59
N ARG A 996 -1.32 -29.42 -33.89
CA ARG A 996 -2.34 -28.98 -34.82
C ARG A 996 -3.51 -29.92 -34.81
N VAL A 997 -3.20 -31.14 -35.21
CA VAL A 997 -4.13 -32.25 -35.25
C VAL A 997 -4.89 -32.35 -33.95
N GLU A 998 -4.20 -32.54 -32.83
CA GLU A 998 -5.02 -32.90 -31.69
C GLU A 998 -5.66 -31.73 -30.95
N THR A 999 -5.31 -30.48 -31.26
CA THR A 999 -6.03 -29.39 -30.61
C THR A 999 -7.26 -29.03 -31.43
N GLN A 1000 -7.07 -28.98 -32.75
CA GLN A 1000 -8.23 -28.78 -33.60
C GLN A 1000 -9.14 -29.97 -33.49
N PHE A 1001 -8.54 -31.16 -33.35
CA PHE A 1001 -9.33 -32.35 -33.22
C PHE A 1001 -10.18 -32.33 -31.98
N GLN A 1002 -9.61 -31.93 -30.85
CA GLN A 1002 -10.39 -31.93 -29.63
C GLN A 1002 -10.35 -30.50 -29.10
N ASN A 1003 -11.56 -29.93 -29.18
CA ASN A 1003 -12.09 -28.64 -28.81
C ASN A 1003 -13.58 -28.90 -28.57
N GLY A 1004 -13.84 -29.51 -27.42
CA GLY A 1004 -15.12 -29.96 -26.91
C GLY A 1004 -15.23 -31.45 -26.68
N HIS A 1005 -15.87 -32.23 -27.54
CA HIS A 1005 -15.91 -33.68 -27.34
C HIS A 1005 -15.90 -34.33 -28.71
N TYR A 1006 -15.48 -35.59 -28.78
CA TYR A 1006 -15.21 -36.28 -30.05
C TYR A 1006 -16.22 -36.06 -31.17
N ASP A 1007 -17.52 -36.24 -30.89
CA ASP A 1007 -18.53 -36.06 -31.94
C ASP A 1007 -18.62 -34.59 -32.36
N LYS A 1008 -18.88 -33.72 -31.39
CA LYS A 1008 -19.05 -32.30 -31.66
C LYS A 1008 -17.80 -31.79 -32.35
N CYS A 1009 -16.68 -32.33 -31.91
CA CYS A 1009 -15.39 -32.08 -32.50
C CYS A 1009 -15.33 -32.60 -33.94
N VAL A 1010 -16.02 -33.73 -34.27
CA VAL A 1010 -15.94 -34.19 -35.66
C VAL A 1010 -16.59 -33.15 -36.52
N PHE A 1011 -17.55 -32.44 -35.96
CA PHE A 1011 -18.09 -31.36 -36.75
C PHE A 1011 -17.07 -30.26 -36.86
N ALA A 1012 -16.25 -30.03 -35.82
CA ALA A 1012 -15.17 -29.04 -35.97
C ALA A 1012 -14.07 -29.44 -36.97
N LEU A 1013 -13.68 -30.71 -37.08
CA LEU A 1013 -12.70 -31.08 -38.09
C LEU A 1013 -13.29 -31.03 -39.50
N ARG A 1014 -14.49 -31.61 -39.61
CA ARG A 1014 -15.26 -31.68 -40.84
C ARG A 1014 -15.41 -30.29 -41.40
N GLU A 1015 -15.61 -29.33 -40.51
CA GLU A 1015 -16.04 -28.01 -40.90
C GLU A 1015 -14.85 -27.07 -41.01
N GLU A 1016 -13.77 -27.37 -40.28
CA GLU A 1016 -12.55 -26.60 -40.46
C GLU A 1016 -11.98 -26.83 -41.85
N ASN A 1017 -12.00 -28.09 -42.33
CA ASN A 1017 -11.54 -28.43 -43.68
C ASN A 1017 -12.58 -29.33 -44.36
N LYS A 1018 -13.64 -28.68 -44.78
CA LYS A 1018 -14.78 -29.30 -45.45
C LYS A 1018 -14.47 -29.87 -46.84
N SER A 1019 -13.67 -29.17 -47.64
CA SER A 1019 -13.56 -29.50 -49.07
C SER A 1019 -13.07 -30.90 -49.34
N ASP A 1020 -12.05 -31.36 -48.63
CA ASP A 1020 -11.51 -32.69 -48.84
C ASP A 1020 -11.47 -33.34 -47.48
N MET A 1021 -11.46 -34.67 -47.48
CA MET A 1021 -11.43 -35.43 -46.25
C MET A 1021 -10.33 -36.47 -46.24
N ASN A 1022 -9.46 -36.47 -47.24
CA ASN A 1022 -8.32 -37.36 -47.15
C ASN A 1022 -7.44 -36.82 -46.04
N THR A 1023 -7.35 -35.49 -45.98
CA THR A 1023 -6.67 -34.85 -44.88
C THR A 1023 -7.33 -35.25 -43.59
N VAL A 1024 -8.66 -35.38 -43.62
CA VAL A 1024 -9.36 -35.87 -42.45
C VAL A 1024 -8.86 -37.25 -42.14
N LEU A 1025 -8.61 -38.05 -43.17
CA LEU A 1025 -8.19 -39.40 -42.86
C LEU A 1025 -6.85 -39.36 -42.20
N ASN A 1026 -5.95 -38.55 -42.69
CA ASN A 1026 -4.67 -38.37 -42.02
C ASN A 1026 -4.85 -37.80 -40.62
N TYR A 1027 -5.81 -36.90 -40.45
CA TYR A 1027 -6.09 -36.34 -39.13
C TYR A 1027 -6.53 -37.44 -38.17
N ILE A 1028 -7.56 -38.15 -38.60
CA ILE A 1028 -8.23 -39.13 -37.79
C ILE A 1028 -7.32 -40.30 -37.52
N PHE A 1029 -6.69 -40.75 -38.57
CA PHE A 1029 -5.69 -41.79 -38.52
C PHE A 1029 -4.56 -41.38 -37.59
N SER A 1030 -4.16 -40.12 -37.65
CA SER A 1030 -3.06 -39.67 -36.83
C SER A 1030 -3.45 -39.71 -35.36
N HIS A 1031 -4.46 -38.93 -35.00
CA HIS A 1031 -4.92 -38.89 -33.63
C HIS A 1031 -5.67 -40.13 -33.25
N ALA A 1032 -5.78 -41.11 -34.11
CA ALA A 1032 -6.49 -42.29 -33.68
C ALA A 1032 -5.73 -42.94 -32.57
N GLN A 1033 -4.45 -43.14 -32.81
CA GLN A 1033 -3.53 -43.60 -31.81
C GLN A 1033 -2.80 -42.40 -31.20
N VAL A 1034 -3.55 -41.58 -30.47
CA VAL A 1034 -2.90 -40.48 -29.79
C VAL A 1034 -1.96 -41.01 -28.75
N THR A 1035 -2.40 -42.01 -28.02
CA THR A 1035 -1.62 -42.48 -26.90
C THR A 1035 -0.21 -42.91 -27.29
N LYS A 1036 -0.07 -43.51 -28.48
CA LYS A 1036 1.25 -43.81 -28.99
C LYS A 1036 1.94 -42.51 -29.37
N LYS A 1037 1.31 -41.72 -30.24
CA LYS A 1037 1.77 -40.34 -30.49
C LYS A 1037 2.19 -39.64 -29.21
N ASN A 1038 1.46 -39.89 -28.13
CA ASN A 1038 1.54 -39.02 -26.97
C ASN A 1038 2.77 -39.53 -26.24
N LEU A 1039 2.81 -40.87 -26.16
CA LEU A 1039 3.95 -41.62 -25.69
C LEU A 1039 5.19 -41.16 -26.44
N LEU A 1040 5.08 -41.13 -27.75
CA LEU A 1040 6.19 -40.81 -28.62
C LEU A 1040 6.70 -39.43 -28.39
N VAL A 1041 5.82 -38.51 -28.06
CA VAL A 1041 6.30 -37.21 -27.68
C VAL A 1041 7.18 -37.37 -26.47
N THR A 1042 6.69 -38.12 -25.49
CA THR A 1042 7.51 -38.41 -24.32
C THR A 1042 8.89 -38.97 -24.70
N MET A 1043 8.94 -40.02 -25.52
CA MET A 1043 10.19 -40.48 -26.13
C MET A 1043 11.06 -39.34 -26.68
N LEU A 1044 10.42 -38.53 -27.54
CA LEU A 1044 11.12 -37.48 -28.25
C LEU A 1044 11.75 -36.51 -27.30
N ILE A 1045 10.93 -36.02 -26.37
CA ILE A 1045 11.37 -35.08 -25.38
C ILE A 1045 12.39 -35.73 -24.49
N ASP A 1046 12.27 -37.03 -24.23
CA ASP A 1046 13.18 -37.63 -23.27
C ASP A 1046 14.62 -37.55 -23.76
N GLN A 1047 14.89 -37.87 -25.04
CA GLN A 1047 16.30 -37.78 -25.47
C GLN A 1047 16.71 -36.42 -26.00
N LEU A 1048 15.76 -35.76 -26.64
CA LEU A 1048 15.75 -34.31 -26.80
C LEU A 1048 16.09 -33.45 -25.60
N CYS A 1049 15.24 -33.45 -24.58
CA CYS A 1049 15.56 -32.80 -23.32
C CYS A 1049 16.85 -33.33 -22.79
N GLY A 1050 17.15 -34.59 -23.12
CA GLY A 1050 18.46 -35.14 -22.86
C GLY A 1050 19.54 -34.23 -23.36
N ARG A 1051 19.28 -33.48 -24.44
CA ARG A 1051 20.17 -32.37 -24.79
C ARG A 1051 19.39 -31.10 -25.17
N ASP A 1052 18.41 -30.69 -24.35
CA ASP A 1052 17.82 -29.36 -24.52
C ASP A 1052 18.66 -28.19 -24.00
N PRO A 1053 19.43 -28.36 -22.92
CA PRO A 1053 19.33 -27.39 -21.82
C PRO A 1053 19.48 -25.87 -22.02
N THR A 1054 19.91 -25.32 -23.16
CA THR A 1054 19.92 -23.85 -23.34
C THR A 1054 19.38 -23.43 -24.70
N LEU A 1055 18.19 -23.87 -25.06
CA LEU A 1055 17.82 -23.85 -26.47
C LEU A 1055 17.37 -22.46 -26.92
N THR A 1056 16.15 -21.99 -26.64
CA THR A 1056 15.68 -20.83 -27.40
C THR A 1056 14.29 -20.40 -26.96
N ASP A 1057 14.15 -19.12 -26.71
CA ASP A 1057 12.93 -18.62 -26.12
C ASP A 1057 11.77 -18.83 -27.07
N GLU A 1058 11.91 -18.44 -28.34
CA GLU A 1058 10.87 -18.66 -29.36
C GLU A 1058 10.33 -20.08 -29.35
N LEU A 1059 11.15 -21.03 -28.98
CA LEU A 1059 10.66 -22.38 -28.98
C LEU A 1059 9.92 -22.52 -27.67
N LEU A 1060 10.58 -22.17 -26.55
CA LEU A 1060 9.96 -22.23 -25.22
C LEU A 1060 8.58 -21.58 -25.24
N ASN A 1061 8.41 -20.57 -26.08
CA ASN A 1061 7.12 -20.01 -26.38
C ASN A 1061 6.22 -21.09 -26.99
N ILE A 1062 6.70 -21.76 -28.04
CA ILE A 1062 5.93 -22.88 -28.59
C ILE A 1062 5.64 -23.89 -27.49
N LEU A 1063 6.61 -24.13 -26.62
CA LEU A 1063 6.42 -25.03 -25.49
C LEU A 1063 5.30 -24.51 -24.64
N THR A 1064 5.29 -23.21 -24.43
CA THR A 1064 4.24 -22.60 -23.65
C THR A 1064 2.89 -22.77 -24.33
N GLU A 1065 2.90 -22.91 -25.67
CA GLU A 1065 1.66 -23.31 -26.33
C GLU A 1065 1.30 -24.69 -25.89
N LEU A 1066 2.30 -25.53 -25.74
CA LEU A 1066 2.03 -26.93 -25.48
C LEU A 1066 1.49 -27.18 -24.09
N THR A 1067 1.96 -26.45 -23.07
CA THR A 1067 1.41 -26.73 -21.75
C THR A 1067 -0.07 -26.40 -21.66
N GLN A 1068 -0.53 -25.41 -22.42
CA GLN A 1068 -1.91 -25.01 -22.27
C GLN A 1068 -2.93 -25.93 -22.92
N LEU A 1069 -2.44 -26.92 -23.66
CA LEU A 1069 -3.33 -27.74 -24.47
C LEU A 1069 -4.27 -28.47 -23.53
N SER A 1070 -5.56 -28.34 -23.80
CA SER A 1070 -6.55 -28.52 -22.77
C SER A 1070 -7.45 -29.69 -23.05
N LYS A 1071 -6.90 -30.89 -23.30
CA LYS A 1071 -7.81 -32.00 -23.52
C LYS A 1071 -7.21 -33.29 -22.96
N THR A 1072 -8.14 -34.18 -22.64
CA THR A 1072 -7.93 -35.39 -21.84
C THR A 1072 -6.80 -36.32 -22.30
N THR A 1073 -6.73 -36.63 -23.59
CA THR A 1073 -5.66 -37.54 -24.03
C THR A 1073 -4.26 -36.95 -23.93
N ASN A 1074 -4.07 -35.70 -24.32
CA ASN A 1074 -2.76 -35.08 -24.28
C ASN A 1074 -2.70 -34.33 -22.96
N ALA A 1075 -2.56 -35.12 -21.91
CA ALA A 1075 -2.59 -34.57 -20.59
C ALA A 1075 -1.39 -34.84 -19.74
N LYS A 1076 -0.68 -35.96 -19.91
CA LYS A 1076 0.56 -35.99 -19.16
C LYS A 1076 1.53 -35.08 -19.87
N VAL A 1077 1.54 -35.20 -21.19
CA VAL A 1077 2.50 -34.55 -22.07
C VAL A 1077 2.46 -33.03 -22.07
N ALA A 1078 1.29 -32.42 -22.08
CA ALA A 1078 1.29 -30.96 -22.02
C ALA A 1078 1.94 -30.49 -20.73
N LEU A 1079 1.49 -31.04 -19.61
CA LEU A 1079 2.13 -30.75 -18.35
C LEU A 1079 3.58 -31.22 -18.32
N ARG A 1080 3.90 -32.24 -19.11
CA ARG A 1080 5.28 -32.71 -19.14
C ARG A 1080 6.11 -31.65 -19.79
N ALA A 1081 5.50 -31.03 -20.79
CA ALA A 1081 6.05 -29.88 -21.47
C ALA A 1081 6.38 -28.84 -20.42
N ARG A 1082 5.50 -28.72 -19.42
CA ARG A 1082 5.74 -27.72 -18.38
C ARG A 1082 6.98 -28.07 -17.56
N GLN A 1083 7.12 -29.36 -17.20
CA GLN A 1083 8.28 -29.77 -16.42
C GLN A 1083 9.51 -29.42 -17.19
N VAL A 1084 9.38 -29.57 -18.48
CA VAL A 1084 10.40 -29.16 -19.43
C VAL A 1084 10.61 -27.66 -19.31
N LEU A 1085 9.52 -26.86 -19.15
CA LEU A 1085 9.73 -25.41 -19.19
C LEU A 1085 10.62 -24.98 -18.07
N ILE A 1086 10.64 -25.73 -16.99
CA ILE A 1086 11.52 -25.38 -15.88
C ILE A 1086 12.84 -26.08 -16.04
N ALA A 1087 12.82 -27.37 -16.31
CA ALA A 1087 14.05 -28.13 -16.51
C ALA A 1087 14.95 -27.51 -17.56
N SER A 1088 14.42 -26.59 -18.37
CA SER A 1088 15.18 -25.48 -18.88
C SER A 1088 16.11 -24.90 -17.82
N HIS A 1089 15.55 -24.41 -16.71
CA HIS A 1089 16.38 -24.07 -15.56
C HIS A 1089 17.23 -25.24 -15.14
N LEU A 1090 16.61 -26.42 -15.10
CA LEU A 1090 17.07 -27.50 -14.24
C LEU A 1090 17.10 -28.84 -14.98
N PRO A 1091 18.20 -29.14 -15.68
CA PRO A 1091 18.21 -30.23 -16.67
C PRO A 1091 18.48 -31.63 -16.09
N SER A 1092 18.30 -32.65 -16.94
CA SER A 1092 17.99 -34.01 -16.47
C SER A 1092 18.65 -35.16 -17.25
N TYR A 1093 19.95 -35.09 -17.55
CA TYR A 1093 20.59 -36.11 -18.39
C TYR A 1093 22.04 -36.16 -17.94
N GLU A 1094 22.97 -36.48 -18.83
CA GLU A 1094 24.34 -36.63 -18.41
C GLU A 1094 24.96 -35.27 -18.19
N LEU A 1095 24.33 -34.21 -18.68
CA LEU A 1095 24.89 -32.89 -18.49
C LEU A 1095 24.69 -32.41 -17.07
N ARG A 1096 23.50 -32.64 -16.50
CA ARG A 1096 23.34 -32.23 -15.13
C ARG A 1096 23.83 -33.31 -14.21
N HIS A 1097 23.93 -34.54 -14.70
CA HIS A 1097 24.71 -35.54 -13.98
C HIS A 1097 26.12 -35.07 -13.86
N ASN A 1098 26.64 -34.45 -14.90
CA ASN A 1098 27.93 -33.82 -14.76
C ASN A 1098 27.89 -32.62 -13.85
N GLN A 1099 26.80 -31.88 -13.87
CA GLN A 1099 26.77 -30.68 -13.07
C GLN A 1099 26.71 -30.97 -11.59
N VAL A 1100 25.93 -31.96 -11.21
CA VAL A 1100 25.83 -32.32 -9.82
C VAL A 1100 27.07 -33.04 -9.36
N GLU A 1101 27.56 -33.94 -10.21
CA GLU A 1101 28.89 -34.49 -10.01
C GLU A 1101 29.86 -33.38 -9.71
N SER A 1102 29.83 -32.33 -10.52
CA SER A 1102 30.74 -31.21 -10.35
C SER A 1102 30.57 -30.63 -8.96
N ILE A 1103 29.37 -30.17 -8.69
CA ILE A 1103 29.01 -29.55 -7.42
C ILE A 1103 29.47 -30.41 -6.25
N PHE A 1104 29.11 -31.67 -6.32
CA PHE A 1104 29.36 -32.66 -5.28
C PHE A 1104 30.84 -32.93 -5.09
N LEU A 1105 31.48 -33.34 -6.15
CA LEU A 1105 32.87 -33.75 -6.12
C LEU A 1105 33.71 -32.57 -5.70
N SER A 1106 33.29 -31.38 -6.12
CA SER A 1106 33.94 -30.16 -5.72
C SER A 1106 33.77 -30.01 -4.23
N ALA A 1107 32.54 -30.24 -3.78
CA ALA A 1107 32.18 -30.09 -2.38
C ALA A 1107 33.05 -30.96 -1.48
N ILE A 1108 33.24 -32.23 -1.85
CA ILE A 1108 33.82 -33.23 -0.94
C ILE A 1108 35.24 -32.87 -0.52
N ASP A 1109 35.55 -33.10 0.77
CA ASP A 1109 36.88 -32.81 1.31
C ASP A 1109 37.96 -33.59 0.59
N MET A 1110 37.79 -34.91 0.45
CA MET A 1110 38.81 -35.82 -0.08
C MET A 1110 40.14 -35.87 0.72
N TYR A 1111 40.19 -35.50 2.01
CA TYR A 1111 41.14 -36.16 2.91
C TYR A 1111 40.44 -37.28 3.68
N GLY A 1112 41.20 -37.89 4.61
CA GLY A 1112 40.66 -38.94 5.46
C GLY A 1112 39.58 -38.41 6.36
N HIS A 1113 39.55 -37.09 6.56
CA HIS A 1113 38.55 -36.45 7.40
C HIS A 1113 37.20 -36.68 6.76
N GLN A 1114 37.05 -36.15 5.54
CA GLN A 1114 35.89 -36.29 4.70
C GLN A 1114 34.61 -35.84 5.43
N PHE A 1115 34.71 -34.73 6.15
CA PHE A 1115 33.59 -34.19 6.90
C PHE A 1115 32.88 -33.17 6.02
N CYS A 1116 32.08 -33.67 5.08
CA CYS A 1116 31.25 -32.77 4.26
C CYS A 1116 29.80 -32.98 4.67
N ILE A 1117 29.62 -32.89 5.99
CA ILE A 1117 28.31 -32.97 6.63
C ILE A 1117 27.42 -31.80 6.21
N GLU A 1118 27.98 -30.60 6.07
CA GLU A 1118 27.17 -29.47 5.60
C GLU A 1118 26.64 -29.69 4.18
N ASN A 1119 27.46 -30.23 3.29
CA ASN A 1119 26.91 -30.47 1.96
C ASN A 1119 25.89 -31.58 2.06
N LEU A 1120 26.15 -32.50 2.98
CA LEU A 1120 25.19 -33.55 3.27
C LEU A 1120 23.87 -33.02 3.78
N GLN A 1121 23.84 -31.98 4.60
CA GLN A 1121 22.53 -31.45 4.94
C GLN A 1121 21.86 -30.84 3.72
N LYS A 1122 22.62 -30.38 2.73
CA LYS A 1122 21.90 -29.97 1.52
C LYS A 1122 21.39 -31.17 0.75
N LEU A 1123 22.13 -32.27 0.82
CA LEU A 1123 21.70 -33.53 0.22
C LEU A 1123 20.47 -34.11 0.90
N ILE A 1124 20.41 -34.00 2.22
CA ILE A 1124 19.32 -34.58 3.02
C ILE A 1124 18.20 -33.58 3.11
N LEU A 1125 18.41 -32.36 2.61
CA LEU A 1125 17.36 -31.39 2.49
C LEU A 1125 17.46 -30.90 1.06
N SER A 1126 17.31 -31.93 0.24
CA SER A 1126 17.31 -31.90 -1.20
C SER A 1126 15.88 -32.15 -1.62
N GLU A 1127 15.32 -31.25 -2.43
CA GLU A 1127 14.01 -31.53 -2.97
C GLU A 1127 14.13 -32.76 -3.84
N THR A 1128 15.22 -32.81 -4.56
CA THR A 1128 15.59 -33.91 -5.42
C THR A 1128 16.05 -35.14 -4.67
N SER A 1129 15.63 -36.29 -5.18
CA SER A 1129 16.06 -37.59 -4.67
C SER A 1129 17.41 -37.83 -5.29
N ILE A 1130 18.33 -38.32 -4.48
CA ILE A 1130 19.72 -38.45 -4.87
C ILE A 1130 20.16 -39.91 -4.91
N PHE A 1131 19.23 -40.83 -4.96
CA PHE A 1131 19.59 -42.18 -5.33
C PHE A 1131 19.83 -42.34 -6.82
N ASP A 1132 19.59 -41.33 -7.66
CA ASP A 1132 19.73 -41.55 -9.10
C ASP A 1132 21.18 -41.61 -9.58
N VAL A 1133 21.93 -40.52 -9.40
CA VAL A 1133 23.25 -40.39 -10.03
C VAL A 1133 24.36 -40.68 -9.03
N LEU A 1134 24.14 -40.30 -7.78
CA LEU A 1134 24.99 -40.62 -6.64
C LEU A 1134 25.54 -42.04 -6.68
N PRO A 1135 24.73 -43.04 -7.01
CA PRO A 1135 25.27 -44.38 -7.22
C PRO A 1135 26.28 -44.54 -8.31
N ASN A 1136 26.24 -43.75 -9.38
CA ASN A 1136 27.21 -43.99 -10.44
C ASN A 1136 28.64 -43.79 -9.94
N PHE A 1137 28.91 -42.75 -9.14
CA PHE A 1137 30.24 -42.66 -8.54
C PHE A 1137 30.38 -43.29 -7.17
N PHE A 1138 29.33 -43.51 -6.37
CA PHE A 1138 29.78 -44.11 -5.08
C PHE A 1138 30.38 -45.60 -5.21
N TYR A 1139 30.63 -46.08 -6.42
CA TYR A 1139 31.46 -47.25 -6.70
C TYR A 1139 32.49 -46.83 -7.75
N HIS A 1140 32.98 -45.59 -7.60
CA HIS A 1140 34.05 -44.98 -8.37
C HIS A 1140 35.34 -45.42 -7.67
N SER A 1141 36.47 -45.11 -8.27
CA SER A 1141 37.76 -45.52 -7.77
C SER A 1141 38.24 -44.68 -6.60
N ASN A 1142 37.35 -43.93 -5.95
CA ASN A 1142 37.76 -42.85 -5.08
C ASN A 1142 37.20 -43.12 -3.70
N GLN A 1143 38.12 -43.49 -2.81
CA GLN A 1143 37.79 -44.06 -1.52
C GLN A 1143 36.84 -43.15 -0.78
N VAL A 1144 37.00 -41.86 -1.01
CA VAL A 1144 36.18 -40.86 -0.35
C VAL A 1144 34.73 -40.89 -0.83
N VAL A 1145 34.48 -40.87 -2.16
CA VAL A 1145 33.09 -40.86 -2.59
C VAL A 1145 32.41 -42.18 -2.30
N ARG A 1146 33.16 -43.29 -2.44
CA ARG A 1146 32.72 -44.55 -1.89
C ARG A 1146 32.18 -44.45 -0.46
N MET A 1147 33.12 -44.25 0.46
CA MET A 1147 32.85 -44.25 1.89
C MET A 1147 31.71 -43.30 2.30
N ALA A 1148 31.90 -42.01 1.99
CA ALA A 1148 30.93 -40.96 2.32
C ALA A 1148 29.54 -41.31 1.82
N ALA A 1149 29.43 -41.51 0.50
CA ALA A 1149 28.14 -41.75 -0.11
C ALA A 1149 27.48 -42.97 0.53
N LEU A 1150 28.27 -44.00 0.78
CA LEU A 1150 27.75 -45.24 1.34
C LEU A 1150 27.16 -45.03 2.75
N GLU A 1151 27.87 -44.34 3.64
CA GLU A 1151 27.26 -44.20 4.97
C GLU A 1151 26.10 -43.22 4.98
N VAL A 1152 26.15 -42.21 4.13
CA VAL A 1152 24.99 -41.34 4.07
C VAL A 1152 23.81 -42.11 3.51
N TYR A 1153 24.07 -43.05 2.61
CA TYR A 1153 23.02 -43.93 2.14
C TYR A 1153 22.39 -44.66 3.31
N VAL A 1154 23.23 -45.21 4.21
CA VAL A 1154 22.69 -45.78 5.45
C VAL A 1154 21.73 -44.77 6.02
N ARG A 1155 22.22 -43.55 6.16
CA ARG A 1155 21.49 -42.51 6.87
C ARG A 1155 20.20 -42.22 6.12
N ARG A 1156 20.22 -42.36 4.78
CA ARG A 1156 19.08 -42.15 3.91
C ARG A 1156 18.08 -43.27 4.08
N ALA A 1157 18.50 -44.38 4.71
CA ALA A 1157 17.61 -45.47 5.09
C ALA A 1157 17.01 -45.21 6.46
N TYR A 1158 17.88 -45.04 7.45
CA TYR A 1158 17.53 -44.91 8.86
C TYR A 1158 17.27 -43.51 9.30
N ILE A 1159 16.88 -42.64 8.37
CA ILE A 1159 16.43 -41.30 8.78
C ILE A 1159 15.42 -41.44 9.92
N ALA A 1160 14.67 -42.55 9.93
CA ALA A 1160 13.70 -42.89 10.95
C ALA A 1160 14.34 -43.31 12.28
N TYR A 1161 15.29 -44.27 12.26
CA TYR A 1161 15.90 -44.74 13.50
C TYR A 1161 16.97 -43.82 14.07
N GLU A 1162 17.42 -44.19 15.28
CA GLU A 1162 18.46 -43.51 16.03
C GLU A 1162 19.74 -44.30 15.86
N LEU A 1163 20.77 -43.66 15.37
CA LEU A 1163 22.04 -44.31 15.09
C LEU A 1163 22.98 -43.93 16.22
N ASN A 1164 23.53 -44.92 16.98
CA ASN A 1164 24.36 -44.53 18.12
C ASN A 1164 25.83 -44.81 17.88
N SER A 1165 26.18 -45.44 16.76
CA SER A 1165 27.59 -45.67 16.48
C SER A 1165 27.70 -46.18 15.05
N VAL A 1166 28.66 -45.66 14.31
CA VAL A 1166 28.85 -46.10 12.94
C VAL A 1166 30.31 -45.95 12.68
N GLN A 1167 30.96 -47.08 12.50
CA GLN A 1167 32.37 -47.14 12.22
C GLN A 1167 32.56 -47.79 10.86
N HIS A 1168 33.32 -47.13 10.03
CA HIS A 1168 33.84 -47.72 8.81
C HIS A 1168 35.01 -48.67 8.98
N ARG A 1169 34.90 -49.83 8.34
CA ARG A 1169 36.00 -50.75 8.14
C ARG A 1169 36.39 -50.68 6.67
N GLN A 1170 37.56 -51.23 6.39
CA GLN A 1170 38.29 -51.06 5.14
C GLN A 1170 39.10 -52.34 5.19
N LEU A 1171 38.58 -53.35 4.51
CA LEU A 1171 39.11 -54.69 4.63
C LEU A 1171 39.28 -55.32 3.28
N LYS A 1172 39.50 -56.62 3.27
CA LYS A 1172 40.83 -57.18 3.11
C LYS A 1172 41.67 -56.17 2.37
N ASP A 1173 41.35 -55.93 1.11
CA ASP A 1173 41.71 -54.66 0.50
C ASP A 1173 40.53 -54.12 -0.30
N ASN A 1174 39.86 -55.03 -1.00
CA ASN A 1174 38.83 -54.75 -1.97
C ASN A 1174 37.47 -54.45 -1.36
N THR A 1175 37.35 -54.34 -0.04
CA THR A 1175 36.08 -53.97 0.57
C THR A 1175 36.07 -52.66 1.33
N CYS A 1176 35.06 -51.85 1.01
CA CYS A 1176 34.80 -50.56 1.62
C CYS A 1176 33.62 -50.90 2.50
N VAL A 1177 33.76 -50.73 3.81
CA VAL A 1177 32.69 -51.03 4.74
C VAL A 1177 32.20 -49.88 5.60
N VAL A 1178 30.88 -49.78 5.72
CA VAL A 1178 30.27 -49.01 6.79
C VAL A 1178 29.57 -50.00 7.72
N GLU A 1179 29.53 -49.63 9.00
CA GLU A 1179 28.86 -50.32 10.09
C GLU A 1179 27.68 -49.55 10.64
N PHE A 1180 26.60 -50.26 10.99
CA PHE A 1180 25.49 -49.57 11.60
C PHE A 1180 25.57 -49.98 13.05
N GLN A 1181 25.09 -49.11 13.92
CA GLN A 1181 24.89 -49.39 15.33
C GLN A 1181 23.75 -48.45 15.65
N PHE A 1182 22.62 -48.98 16.09
CA PHE A 1182 21.46 -48.13 16.28
C PHE A 1182 20.60 -48.79 17.34
N MET A 1183 19.39 -48.26 17.53
CA MET A 1183 18.46 -48.87 18.45
C MET A 1183 17.03 -48.58 18.04
N LEU A 1184 16.12 -49.28 18.71
CA LEU A 1184 14.71 -49.28 18.35
C LEU A 1184 13.95 -48.08 18.90
N PRO A 1185 13.35 -47.20 18.05
CA PRO A 1185 12.34 -46.23 18.53
C PRO A 1185 10.90 -46.67 18.31
N THR A 1186 10.37 -47.61 19.11
CA THR A 1186 9.03 -48.16 18.90
C THR A 1186 8.84 -48.75 17.49
N SER A 1187 9.93 -49.08 16.80
CA SER A 1187 9.81 -49.66 15.48
C SER A 1187 9.19 -51.05 15.54
N HIS A 1188 9.63 -51.83 16.53
CA HIS A 1188 9.20 -53.21 16.76
C HIS A 1188 10.10 -53.82 17.83
N CYS A 1230 17.39 -54.21 21.97
CA CYS A 1230 17.51 -52.78 22.26
C CYS A 1230 18.35 -52.12 21.18
N GLN A 1231 19.46 -52.74 20.83
CA GLN A 1231 20.43 -52.18 19.90
C GLN A 1231 20.72 -53.26 18.88
N ARG A 1232 21.37 -52.86 17.80
CA ARG A 1232 21.59 -53.79 16.71
C ARG A 1232 22.54 -53.12 15.75
N MET A 1233 23.24 -53.94 14.95
CA MET A 1233 24.10 -53.40 13.90
C MET A 1233 23.73 -53.73 12.45
N GLY A 1234 24.58 -53.21 11.55
CA GLY A 1234 24.40 -53.33 10.11
C GLY A 1234 25.69 -53.26 9.32
N GLY A 1235 25.58 -53.58 8.03
CA GLY A 1235 26.70 -53.39 7.12
C GLY A 1235 26.38 -53.10 5.66
N MET A 1236 26.97 -52.01 5.14
CA MET A 1236 26.94 -51.69 3.70
C MET A 1236 28.31 -51.65 3.06
N VAL A 1237 28.37 -52.22 1.86
CA VAL A 1237 29.53 -52.21 0.97
C VAL A 1237 29.10 -51.93 -0.47
N SER A 1238 29.82 -51.02 -1.16
CA SER A 1238 29.46 -50.66 -2.53
C SER A 1238 30.35 -51.45 -3.51
N PHE A 1239 29.68 -52.31 -4.29
CA PHE A 1239 30.21 -53.27 -5.27
C PHE A 1239 29.59 -53.38 -6.65
N ARG A 1240 30.44 -53.94 -7.48
CA ARG A 1240 30.37 -54.02 -8.90
C ARG A 1240 29.60 -55.27 -9.35
N THR A 1241 29.87 -56.46 -8.79
CA THR A 1241 29.09 -57.64 -9.18
C THR A 1241 28.69 -58.58 -8.05
N PHE A 1242 27.60 -59.30 -8.33
CA PHE A 1242 27.05 -60.25 -7.37
C PHE A 1242 28.03 -61.37 -7.23
N GLU A 1243 28.80 -61.58 -8.29
CA GLU A 1243 29.73 -62.67 -8.35
C GLU A 1243 30.75 -62.34 -7.29
N ASP A 1244 31.24 -61.09 -7.35
CA ASP A 1244 32.27 -60.63 -6.44
C ASP A 1244 31.78 -60.80 -5.03
N PHE A 1245 30.51 -60.45 -4.76
CA PHE A 1245 29.95 -60.75 -3.44
C PHE A 1245 30.21 -62.20 -3.08
N VAL A 1246 29.63 -63.12 -3.84
CA VAL A 1246 29.56 -64.49 -3.40
C VAL A 1246 30.94 -65.11 -3.24
N ARG A 1247 31.96 -64.54 -3.88
CA ARG A 1247 33.34 -64.86 -3.50
C ARG A 1247 33.72 -64.21 -2.17
N ILE A 1248 33.23 -63.00 -1.96
CA ILE A 1248 33.40 -62.10 -0.82
C ILE A 1248 32.53 -62.49 0.38
N PHE A 1249 31.90 -63.68 0.29
CA PHE A 1249 31.17 -64.29 1.40
C PHE A 1249 31.89 -64.04 2.72
N ASP A 1250 33.16 -64.35 2.79
CA ASP A 1250 33.68 -64.88 4.03
C ASP A 1250 34.11 -63.78 4.98
N GLU A 1251 34.32 -62.57 4.47
CA GLU A 1251 34.58 -61.38 5.27
C GLU A 1251 33.35 -60.68 5.82
N VAL A 1252 32.21 -60.80 5.14
CA VAL A 1252 30.98 -60.23 5.68
C VAL A 1252 30.59 -60.91 6.98
N MET A 1253 30.56 -62.22 6.93
CA MET A 1253 30.42 -63.09 8.07
C MET A 1253 31.73 -63.25 8.83
N GLY A 1254 32.79 -62.74 8.24
CA GLY A 1254 34.07 -62.64 8.91
C GLY A 1254 33.96 -61.59 10.01
N CYS A 1255 33.43 -60.42 9.63
CA CYS A 1255 33.31 -59.25 10.47
C CYS A 1255 31.97 -59.23 11.18
N PHE A 1256 31.21 -60.31 11.11
CA PHE A 1256 29.90 -60.42 11.73
C PHE A 1256 29.86 -59.89 13.17
N PRO A 1261 35.69 -64.24 21.71
CA PRO A 1261 37.08 -64.49 22.11
C PRO A 1261 37.63 -63.37 23.02
N GLN A 1262 37.73 -63.62 24.32
CA GLN A 1262 38.40 -62.72 25.27
C GLN A 1262 39.04 -63.45 26.46
N SEP A 1263 40.05 -62.83 27.07
CA SEP A 1263 40.73 -63.45 28.21
CB SEP A 1263 42.24 -63.25 28.20
OG SEP A 1263 42.85 -64.34 27.52
C SEP A 1263 40.10 -62.84 29.47
O SEP A 1263 40.18 -61.63 29.66
P SEP A 1263 44.35 -64.01 27.05
O1P SEP A 1263 45.19 -63.94 28.42
O2P SEP A 1263 44.45 -62.62 26.25
O3P SEP A 1263 44.92 -65.22 26.16
H SEP A 1263 40.36 -62.06 26.87
HA SEP A 1263 40.61 -64.41 28.15
HB2 SEP A 1263 42.57 -63.22 29.10
HB3 SEP A 1263 42.45 -62.42 27.73
N PRO A 1264 39.47 -63.66 30.33
CA PRO A 1264 38.89 -63.05 31.54
C PRO A 1264 39.85 -62.52 32.61
N THR A 1265 39.54 -61.32 33.08
CA THR A 1265 40.19 -60.65 34.19
C THR A 1265 39.27 -60.65 35.41
N PHE A 1266 39.89 -60.47 36.58
CA PHE A 1266 39.25 -60.55 37.89
C PHE A 1266 39.34 -59.21 38.61
N PRO A 1267 38.27 -58.35 38.61
CA PRO A 1267 38.42 -57.06 39.30
C PRO A 1267 38.65 -57.27 40.80
N GLU A 1268 38.72 -56.22 41.61
CA GLU A 1268 39.50 -56.25 42.86
C GLU A 1268 39.04 -57.36 43.79
N ALA A 1269 39.89 -57.65 44.77
CA ALA A 1269 39.81 -58.88 45.55
C ALA A 1269 38.60 -58.92 46.50
N GLY A 1270 38.76 -59.52 47.67
CA GLY A 1270 37.68 -59.55 48.65
C GLY A 1270 36.71 -60.68 48.40
N GLU A 1284 19.07 -64.53 17.99
CA GLU A 1284 18.53 -63.23 17.64
C GLU A 1284 19.42 -62.61 16.55
N PRO A 1285 18.96 -62.52 15.31
CA PRO A 1285 19.75 -61.80 14.30
C PRO A 1285 19.72 -60.31 14.55
N ILE A 1286 20.89 -59.71 14.67
CA ILE A 1286 21.05 -58.29 14.97
C ILE A 1286 21.96 -57.70 13.90
N HIS A 1287 22.13 -58.37 12.78
CA HIS A 1287 22.86 -57.81 11.65
C HIS A 1287 22.02 -57.54 10.41
N ILE A 1288 22.26 -56.37 9.85
CA ILE A 1288 21.66 -55.86 8.63
C ILE A 1288 22.67 -55.99 7.50
N LEU A 1289 22.19 -56.37 6.33
CA LEU A 1289 23.08 -56.45 5.18
C LEU A 1289 22.48 -55.91 3.90
N ASN A 1290 23.11 -54.86 3.36
CA ASN A 1290 22.71 -54.34 2.07
C ASN A 1290 23.96 -54.29 1.21
N VAL A 1291 23.82 -54.79 -0.01
CA VAL A 1291 24.96 -54.89 -0.91
C VAL A 1291 24.68 -54.10 -2.18
N ALA A 1292 25.62 -53.24 -2.54
CA ALA A 1292 25.48 -52.44 -3.75
C ALA A 1292 26.18 -53.21 -4.85
N ILE A 1293 25.48 -53.43 -5.96
CA ILE A 1293 26.02 -54.23 -7.05
C ILE A 1293 25.81 -53.49 -8.36
N LYS A 1294 26.54 -53.93 -9.39
CA LYS A 1294 26.59 -53.35 -10.74
C LYS A 1294 26.52 -54.54 -11.71
N THR A 1295 26.93 -54.36 -12.99
CA THR A 1295 26.83 -55.30 -14.12
C THR A 1295 25.54 -55.18 -14.91
N ASP A 1296 24.77 -54.13 -14.64
CA ASP A 1296 23.82 -53.51 -15.55
C ASP A 1296 23.07 -54.44 -16.51
N CYS A 1297 22.65 -55.59 -16.00
CA CYS A 1297 21.93 -56.58 -16.78
C CYS A 1297 20.50 -56.05 -16.94
N ASP A 1298 19.56 -56.87 -17.37
CA ASP A 1298 18.30 -56.37 -17.95
C ASP A 1298 17.17 -57.31 -17.53
N ILE A 1299 16.06 -57.30 -18.26
CA ILE A 1299 14.70 -57.50 -17.73
C ILE A 1299 14.51 -58.71 -16.80
N GLU A 1300 15.40 -59.69 -16.84
CA GLU A 1300 14.98 -61.02 -16.42
C GLU A 1300 14.80 -61.21 -14.92
N ASP A 1301 14.00 -60.33 -14.31
CA ASP A 1301 13.81 -60.29 -12.86
C ASP A 1301 13.49 -61.68 -12.34
N ASP A 1302 12.74 -62.43 -13.11
CA ASP A 1302 12.38 -63.79 -12.79
C ASP A 1302 13.63 -64.65 -12.68
N ARG A 1303 14.31 -64.84 -13.81
CA ARG A 1303 15.52 -65.66 -13.83
C ARG A 1303 16.57 -65.09 -12.88
N LEU A 1304 16.66 -63.78 -12.86
CA LEU A 1304 17.50 -62.99 -12.00
C LEU A 1304 17.25 -63.43 -10.59
N ALA A 1305 16.19 -62.88 -10.00
CA ALA A 1305 15.89 -63.17 -8.62
C ALA A 1305 15.82 -64.65 -8.33
N ALA A 1306 15.53 -65.45 -9.34
CA ALA A 1306 15.44 -66.88 -9.13
C ALA A 1306 16.82 -67.44 -8.81
N MET A 1307 17.80 -67.06 -9.64
CA MET A 1307 19.22 -67.29 -9.36
C MET A 1307 19.62 -66.79 -7.97
N PHE A 1308 19.22 -65.56 -7.68
CA PHE A 1308 19.60 -64.92 -6.44
C PHE A 1308 19.03 -65.70 -5.29
N ARG A 1309 17.78 -66.06 -5.45
CA ARG A 1309 17.06 -66.89 -4.52
C ARG A 1309 17.80 -68.18 -4.30
N GLU A 1310 18.22 -68.83 -5.37
CA GLU A 1310 18.90 -70.08 -5.10
C GLU A 1310 20.29 -69.86 -4.53
N PHE A 1311 20.75 -68.61 -4.45
CA PHE A 1311 21.88 -68.33 -3.58
C PHE A 1311 21.42 -68.40 -2.15
N THR A 1312 20.23 -67.87 -1.92
CA THR A 1312 19.70 -67.93 -0.58
C THR A 1312 19.38 -69.37 -0.20
N GLN A 1313 18.68 -70.07 -1.07
CA GLN A 1313 18.28 -71.42 -0.80
C GLN A 1313 19.44 -72.39 -0.81
N GLN A 1314 20.52 -72.09 -1.52
CA GLN A 1314 21.68 -72.94 -1.37
C GLN A 1314 22.33 -72.67 -0.01
N ASN A 1315 22.56 -71.40 0.31
CA ASN A 1315 23.08 -71.07 1.64
C ASN A 1315 22.16 -70.14 2.39
N LYS A 1316 21.22 -70.74 3.12
CA LYS A 1316 20.88 -70.12 4.38
C LYS A 1316 22.00 -70.30 5.42
N ALA A 1317 23.07 -70.99 5.00
CA ALA A 1317 24.36 -71.00 5.67
C ALA A 1317 24.79 -69.58 5.98
N THR A 1318 24.44 -68.65 5.07
CA THR A 1318 24.60 -67.23 5.32
C THR A 1318 24.04 -66.87 6.68
N LEU A 1319 22.85 -67.38 6.96
CA LEU A 1319 22.24 -67.19 8.26
C LEU A 1319 23.03 -67.94 9.32
N VAL A 1320 23.54 -69.11 8.97
CA VAL A 1320 24.30 -69.90 9.94
C VAL A 1320 25.58 -69.22 10.42
N ASP A 1321 26.24 -68.42 9.60
CA ASP A 1321 27.43 -67.68 10.08
C ASP A 1321 27.03 -66.48 10.93
N HIS A 1322 26.51 -66.81 12.10
CA HIS A 1322 25.96 -65.93 13.11
C HIS A 1322 24.84 -65.04 12.58
N GLY A 1323 24.22 -65.40 11.47
CA GLY A 1323 22.97 -64.77 11.11
C GLY A 1323 22.96 -63.33 10.68
N ILE A 1324 22.07 -63.06 9.73
CA ILE A 1324 21.81 -61.71 9.24
C ILE A 1324 20.31 -61.54 9.35
N ARG A 1325 19.88 -60.40 9.85
CA ARG A 1325 18.46 -60.11 9.88
C ARG A 1325 17.88 -60.03 8.47
N ARG A 1326 18.53 -59.29 7.60
CA ARG A 1326 18.00 -58.96 6.29
C ARG A 1326 19.15 -59.01 5.32
N LEU A 1327 18.85 -59.51 4.13
CA LEU A 1327 19.83 -59.48 3.06
C LEU A 1327 19.13 -58.80 1.90
N THR A 1328 19.48 -57.54 1.69
CA THR A 1328 18.98 -56.76 0.59
C THR A 1328 20.03 -56.60 -0.49
N PHE A 1329 19.62 -56.89 -1.72
CA PHE A 1329 20.48 -56.69 -2.86
C PHE A 1329 20.03 -55.41 -3.53
N LEU A 1330 20.98 -54.54 -3.78
CA LEU A 1330 20.79 -53.26 -4.43
C LEU A 1330 21.50 -53.35 -5.77
N VAL A 1331 20.78 -53.26 -6.87
CA VAL A 1331 21.37 -53.35 -8.21
C VAL A 1331 21.39 -51.99 -8.91
N ALA A 1332 22.56 -51.68 -9.45
CA ALA A 1332 23.01 -50.49 -10.16
C ALA A 1332 22.78 -50.70 -11.66
N GLN A 1333 23.27 -49.77 -12.49
CA GLN A 1333 22.65 -49.38 -13.75
C GLN A 1333 22.68 -50.51 -14.73
N PHE A 1352 17.77 -44.99 -10.33
CA PHE A 1352 16.80 -46.06 -10.51
C PHE A 1352 17.21 -47.45 -9.91
N PRO A 1353 18.13 -47.57 -8.92
CA PRO A 1353 18.51 -48.94 -8.49
C PRO A 1353 17.35 -49.83 -8.10
N LYS A 1354 17.43 -51.06 -8.58
CA LYS A 1354 16.42 -52.05 -8.32
C LYS A 1354 16.80 -52.89 -7.10
N PHE A 1355 15.99 -52.91 -6.06
CA PHE A 1355 16.35 -53.81 -4.96
C PHE A 1355 15.72 -55.16 -5.25
N PHE A 1356 16.36 -56.18 -4.71
CA PHE A 1356 15.97 -57.58 -4.82
C PHE A 1356 16.17 -57.89 -3.35
N THR A 1357 15.10 -57.70 -2.60
CA THR A 1357 15.19 -57.83 -1.15
C THR A 1357 14.86 -59.25 -0.75
N PHE A 1358 15.81 -59.89 -0.11
CA PHE A 1358 15.73 -61.24 0.45
C PHE A 1358 15.99 -61.11 1.93
N ARG A 1359 14.95 -61.02 2.71
CA ARG A 1359 15.11 -60.88 4.14
C ARG A 1359 14.83 -62.21 4.81
N ALA A 1360 15.88 -62.75 5.44
CA ALA A 1360 15.84 -63.98 6.20
C ALA A 1360 16.58 -63.67 7.48
N ARG A 1361 15.88 -63.08 8.44
CA ARG A 1361 16.38 -63.01 9.79
C ARG A 1361 16.40 -64.39 10.44
N ASP A 1362 15.31 -65.11 10.28
CA ASP A 1362 15.14 -66.52 10.58
C ASP A 1362 14.25 -67.14 9.52
N LYS A 1363 14.00 -66.44 8.43
CA LYS A 1363 12.78 -66.59 7.67
C LYS A 1363 13.06 -67.26 6.36
N PHE A 1364 11.99 -67.46 5.60
CA PHE A 1364 12.11 -67.71 4.18
C PHE A 1364 12.95 -66.58 3.56
N GLU A 1365 13.55 -66.87 2.42
CA GLU A 1365 14.53 -65.97 1.84
C GLU A 1365 13.96 -64.58 1.54
N GLU A 1366 12.75 -64.51 1.00
CA GLU A 1366 12.39 -63.32 0.25
C GLU A 1366 10.95 -62.86 0.38
N ASP A 1367 10.82 -61.54 0.45
CA ASP A 1367 9.57 -60.86 0.70
C ASP A 1367 9.32 -60.13 -0.61
N ARG A 1368 8.10 -60.21 -1.09
CA ARG A 1368 7.76 -59.86 -2.45
C ARG A 1368 7.18 -58.46 -2.46
N ILE A 1369 6.50 -58.15 -1.36
CA ILE A 1369 5.94 -56.85 -1.04
C ILE A 1369 7.03 -55.82 -0.93
N TYR A 1370 8.12 -56.21 -0.30
CA TYR A 1370 9.22 -55.30 -0.08
C TYR A 1370 10.25 -55.38 -1.15
N ARG A 1371 10.02 -56.15 -2.21
CA ARG A 1371 11.02 -56.07 -3.25
C ARG A 1371 11.06 -54.69 -3.85
N HIS A 1372 12.27 -54.28 -4.14
CA HIS A 1372 12.76 -53.07 -4.73
C HIS A 1372 12.77 -51.94 -3.69
N LEU A 1373 12.45 -52.21 -2.43
CA LEU A 1373 12.54 -51.18 -1.39
C LEU A 1373 12.83 -51.78 -0.02
N GLU A 1374 13.51 -51.04 0.84
CA GLU A 1374 13.91 -51.30 2.22
C GLU A 1374 12.98 -50.66 3.26
N PRO A 1375 12.31 -51.44 4.11
CA PRO A 1375 11.29 -50.85 5.01
C PRO A 1375 11.77 -49.75 5.91
N ALA A 1376 13.06 -49.58 6.14
CA ALA A 1376 13.55 -48.39 6.84
C ALA A 1376 13.27 -47.16 6.00
N LEU A 1377 13.52 -47.26 4.70
CA LEU A 1377 13.32 -46.14 3.80
C LEU A 1377 11.86 -45.82 3.61
N ALA A 1378 10.98 -46.81 3.66
CA ALA A 1378 9.56 -46.50 3.67
C ALA A 1378 8.93 -46.71 5.03
N PHE A 1379 9.75 -46.74 6.08
CA PHE A 1379 9.26 -46.93 7.45
C PHE A 1379 8.17 -45.89 7.68
N GLN A 1380 8.42 -44.70 7.13
CA GLN A 1380 7.56 -43.54 7.19
C GLN A 1380 6.15 -43.87 6.76
N LEU A 1381 5.97 -44.39 5.53
CA LEU A 1381 4.68 -45.01 5.30
C LEU A 1381 4.66 -46.23 6.20
N GLU A 1382 4.03 -46.02 7.35
CA GLU A 1382 3.86 -47.03 8.37
C GLU A 1382 2.98 -48.22 8.02
N LEU A 1383 3.38 -49.38 8.53
CA LEU A 1383 2.86 -50.65 8.09
C LEU A 1383 1.85 -51.17 9.09
N ASN A 1384 1.71 -50.46 10.22
CA ASN A 1384 0.73 -50.97 11.10
C ASN A 1384 -0.61 -50.43 10.68
N ARG A 1385 -0.59 -49.48 9.75
CA ARG A 1385 -1.80 -48.91 9.25
C ARG A 1385 -2.26 -49.81 8.10
N MET A 1386 -1.50 -50.87 7.78
CA MET A 1386 -1.95 -51.86 6.82
C MET A 1386 -1.82 -53.27 7.34
N ARG A 1387 -1.89 -53.44 8.65
CA ARG A 1387 -1.74 -54.76 9.23
C ARG A 1387 -2.95 -55.64 8.98
N ASN A 1388 -4.09 -55.01 8.84
CA ASN A 1388 -5.32 -55.70 8.52
C ASN A 1388 -5.53 -56.03 7.05
N PHE A 1389 -4.57 -56.74 6.44
CA PHE A 1389 -4.67 -56.92 5.00
C PHE A 1389 -3.84 -58.09 4.53
N ASP A 1390 -4.22 -58.56 3.35
CA ASP A 1390 -3.46 -59.55 2.60
C ASP A 1390 -3.18 -58.92 1.24
N LEU A 1391 -1.94 -58.57 1.00
CA LEU A 1391 -1.53 -57.70 -0.10
C LEU A 1391 -0.55 -58.39 -1.03
N THR A 1392 -0.69 -58.15 -2.34
CA THR A 1392 0.10 -58.88 -3.34
C THR A 1392 1.04 -58.02 -4.18
N ALA A 1393 2.33 -58.30 -4.16
CA ALA A 1393 3.28 -57.48 -4.90
C ALA A 1393 3.22 -57.88 -6.37
N ILE A 1394 2.91 -56.95 -7.26
CA ILE A 1394 2.84 -57.03 -8.72
C ILE A 1394 4.06 -56.31 -9.25
N PRO A 1395 4.86 -56.92 -10.12
CA PRO A 1395 6.03 -56.20 -10.61
C PRO A 1395 5.66 -55.19 -11.67
N CYS A 1396 6.36 -54.06 -11.61
CA CYS A 1396 5.99 -52.85 -12.33
C CYS A 1396 7.24 -52.01 -12.42
N ALA A 1397 7.35 -51.22 -13.48
CA ALA A 1397 8.47 -50.31 -13.44
C ALA A 1397 8.19 -49.20 -12.45
N ASN A 1398 9.21 -48.40 -12.20
CA ASN A 1398 9.12 -47.30 -11.26
C ASN A 1398 8.71 -47.74 -9.85
N HIS A 1399 9.57 -48.54 -9.23
CA HIS A 1399 9.14 -49.39 -8.13
C HIS A 1399 8.86 -48.56 -6.90
N LYS A 1400 9.33 -47.31 -6.89
CA LYS A 1400 8.79 -46.21 -6.11
C LYS A 1400 7.29 -46.32 -5.81
N MET A 1401 6.50 -46.65 -6.86
CA MET A 1401 5.06 -46.82 -6.81
C MET A 1401 4.75 -48.30 -6.66
N HIS A 1402 4.30 -48.73 -5.49
CA HIS A 1402 4.08 -50.15 -5.24
C HIS A 1402 2.60 -50.45 -5.31
N LEU A 1403 2.15 -51.39 -6.17
CA LEU A 1403 0.72 -51.67 -6.17
C LEU A 1403 0.61 -53.10 -5.70
N TYR A 1404 -0.24 -53.25 -4.72
CA TYR A 1404 -0.55 -54.46 -3.99
C TYR A 1404 -2.03 -54.74 -4.14
N LEU A 1405 -2.47 -55.99 -4.22
CA LEU A 1405 -3.91 -56.19 -4.25
C LEU A 1405 -4.18 -56.73 -2.86
N GLY A 1406 -5.14 -56.10 -2.18
CA GLY A 1406 -5.44 -56.40 -0.81
C GLY A 1406 -6.84 -56.97 -0.82
N ALA A 1407 -6.99 -58.10 -0.18
CA ALA A 1407 -8.32 -58.65 0.02
C ALA A 1407 -8.58 -58.75 1.50
N ALA A 1408 -9.81 -59.09 1.85
CA ALA A 1408 -10.16 -59.19 3.25
C ALA A 1408 -9.34 -60.31 3.89
N LYS A 1409 -8.48 -59.99 4.85
CA LYS A 1409 -7.87 -61.12 5.54
C LYS A 1409 -8.99 -61.59 6.46
N VAL A 1410 -9.29 -62.87 6.42
CA VAL A 1410 -10.52 -63.37 7.04
C VAL A 1410 -10.15 -64.64 7.77
N GLU A 1411 -11.10 -65.14 8.52
CA GLU A 1411 -10.90 -66.36 9.26
C GLU A 1411 -11.49 -67.47 8.41
N VAL A 1412 -11.05 -68.71 8.68
CA VAL A 1412 -11.64 -69.92 8.10
C VAL A 1412 -13.17 -69.84 8.10
N GLY A 1413 -13.71 -69.18 9.12
CA GLY A 1413 -15.13 -68.98 9.26
C GLY A 1413 -15.73 -68.21 8.11
N THR A 1414 -14.94 -67.36 7.45
CA THR A 1414 -15.47 -66.45 6.47
C THR A 1414 -14.70 -66.41 5.16
N GLU A 1415 -15.44 -65.90 4.19
CA GLU A 1415 -15.07 -65.79 2.79
C GLU A 1415 -14.85 -64.32 2.49
N VAL A 1416 -13.86 -63.99 1.67
CA VAL A 1416 -13.43 -62.59 1.65
C VAL A 1416 -14.54 -61.78 1.00
N THR A 1417 -14.76 -60.62 1.57
CA THR A 1417 -15.68 -59.61 1.11
C THR A 1417 -14.99 -58.41 0.49
N ASP A 1418 -13.74 -58.17 0.89
CA ASP A 1418 -12.98 -57.01 0.50
C ASP A 1418 -11.94 -57.27 -0.57
N TYR A 1419 -11.75 -56.23 -1.38
CA TYR A 1419 -10.98 -56.31 -2.58
C TYR A 1419 -10.54 -54.87 -2.83
N ARG A 1420 -9.42 -54.53 -2.21
CA ARG A 1420 -8.84 -53.21 -2.24
C ARG A 1420 -7.60 -53.27 -3.08
N PHE A 1421 -7.40 -52.26 -3.89
CA PHE A 1421 -6.12 -52.08 -4.53
C PHE A 1421 -5.33 -51.12 -3.65
N PHE A 1422 -4.15 -51.50 -3.24
CA PHE A 1422 -3.29 -50.51 -2.62
C PHE A 1422 -2.22 -50.01 -3.56
N VAL A 1423 -2.01 -48.70 -3.56
CA VAL A 1423 -0.84 -48.19 -4.26
C VAL A 1423 -0.18 -47.27 -3.27
N ARG A 1424 1.05 -47.58 -2.90
CA ARG A 1424 1.72 -46.80 -1.88
C ARG A 1424 3.06 -46.40 -2.42
N ALA A 1425 3.28 -45.10 -2.57
CA ALA A 1425 4.55 -44.65 -3.12
C ALA A 1425 5.30 -43.76 -2.15
N ILE A 1426 6.49 -43.32 -2.59
CA ILE A 1426 7.17 -42.24 -1.87
C ILE A 1426 7.83 -41.41 -2.97
N ILE A 1427 7.76 -40.07 -2.89
CA ILE A 1427 8.24 -39.26 -4.02
C ILE A 1427 8.93 -37.92 -3.66
N ARG A 1428 10.25 -37.83 -3.88
CA ARG A 1428 11.03 -36.57 -3.70
C ARG A 1428 11.88 -36.41 -4.96
N HIS A 1429 11.40 -35.79 -6.04
CA HIS A 1429 12.22 -35.77 -7.26
C HIS A 1429 12.84 -34.46 -7.70
N SER A 1430 12.16 -33.32 -7.55
CA SER A 1430 12.71 -32.04 -7.97
C SER A 1430 11.72 -30.91 -7.81
N GLU A 1436 6.64 -22.69 -3.52
CA GLU A 1436 5.90 -21.99 -4.55
C GLU A 1436 6.24 -22.63 -5.89
N ALA A 1437 7.49 -23.00 -6.11
CA ALA A 1437 7.84 -23.62 -7.38
C ALA A 1437 7.05 -24.92 -7.58
N SER A 1438 6.84 -25.62 -6.49
CA SER A 1438 6.26 -26.95 -6.47
C SER A 1438 4.88 -27.09 -7.04
N PHE A 1439 3.94 -26.23 -6.69
CA PHE A 1439 2.57 -26.57 -7.06
C PHE A 1439 2.41 -26.74 -8.56
N GLU A 1440 2.92 -25.84 -9.38
CA GLU A 1440 2.70 -26.15 -10.78
C GLU A 1440 3.45 -27.43 -11.19
N TYR A 1441 4.73 -27.55 -10.81
CA TYR A 1441 5.49 -28.76 -11.18
C TYR A 1441 4.91 -29.98 -10.48
N LEU A 1442 4.65 -29.83 -9.19
CA LEU A 1442 4.14 -30.94 -8.40
C LEU A 1442 2.83 -31.39 -9.01
N GLN A 1443 1.99 -30.43 -9.38
CA GLN A 1443 0.69 -30.72 -9.97
C GLN A 1443 0.93 -31.62 -11.18
N ASN A 1444 1.89 -31.20 -12.00
CA ASN A 1444 2.22 -31.85 -13.25
C ASN A 1444 2.66 -33.29 -12.98
N GLU A 1445 3.56 -33.43 -12.03
CA GLU A 1445 4.08 -34.76 -11.72
C GLU A 1445 3.01 -35.62 -11.07
N GLY A 1446 2.18 -35.01 -10.21
CA GLY A 1446 1.17 -35.77 -9.50
C GLY A 1446 0.19 -36.39 -10.46
N GLU A 1447 -0.27 -35.63 -11.46
CA GLU A 1447 -1.18 -36.21 -12.42
C GLU A 1447 -0.49 -37.36 -13.15
N ARG A 1448 0.77 -37.13 -13.53
CA ARG A 1448 1.50 -38.14 -14.27
C ARG A 1448 1.61 -39.41 -13.42
N LEU A 1449 1.90 -39.20 -12.15
CA LEU A 1449 1.99 -40.28 -11.19
C LEU A 1449 0.66 -40.98 -11.05
N LEU A 1450 -0.43 -40.21 -11.11
CA LEU A 1450 -1.76 -40.75 -10.97
C LEU A 1450 -2.07 -41.73 -12.09
N LEU A 1451 -1.73 -41.35 -13.32
CA LEU A 1451 -1.92 -42.23 -14.45
C LEU A 1451 -1.02 -43.45 -14.33
N GLU A 1452 0.21 -43.27 -13.86
CA GLU A 1452 1.10 -44.43 -13.77
C GLU A 1452 0.49 -45.44 -12.82
N ALA A 1453 -0.02 -44.95 -11.71
CA ALA A 1453 -0.63 -45.81 -10.71
C ALA A 1453 -1.81 -46.53 -11.31
N MET A 1454 -2.63 -45.79 -12.05
CA MET A 1454 -3.80 -46.39 -12.67
C MET A 1454 -3.42 -47.39 -13.73
N ASP A 1455 -2.30 -47.18 -14.36
CA ASP A 1455 -1.73 -48.20 -15.22
C ASP A 1455 -1.37 -49.44 -14.42
N GLU A 1456 -0.79 -49.27 -13.24
CA GLU A 1456 -0.36 -50.42 -12.46
C GLU A 1456 -1.57 -51.25 -12.13
N LEU A 1457 -2.57 -50.61 -11.57
CA LEU A 1457 -3.82 -51.26 -11.25
C LEU A 1457 -4.53 -51.76 -12.49
N GLU A 1458 -4.27 -51.15 -13.65
CA GLU A 1458 -4.80 -51.66 -14.90
C GLU A 1458 -4.23 -53.02 -15.16
N VAL A 1459 -2.92 -53.15 -14.94
CA VAL A 1459 -2.28 -54.45 -15.03
C VAL A 1459 -2.96 -55.44 -14.13
N ALA A 1460 -3.30 -55.02 -12.91
CA ALA A 1460 -3.97 -55.77 -11.87
C ALA A 1460 -5.40 -56.17 -12.25
N PHE A 1461 -6.18 -55.24 -12.83
CA PHE A 1461 -7.53 -55.57 -13.26
C PHE A 1461 -7.54 -56.63 -14.35
N ASN A 1462 -6.83 -56.35 -15.44
CA ASN A 1462 -6.67 -57.10 -16.67
C ASN A 1462 -6.14 -58.48 -16.35
N ASN A 1463 -5.08 -58.50 -15.56
CA ASN A 1463 -4.37 -59.71 -15.15
C ASN A 1463 -5.26 -60.64 -14.36
N THR A 1464 -5.85 -60.12 -13.29
CA THR A 1464 -6.76 -60.91 -12.50
C THR A 1464 -7.97 -60.15 -12.01
N ASN A 1465 -9.11 -60.83 -12.03
CA ASN A 1465 -10.37 -60.23 -11.67
C ASN A 1465 -11.04 -61.00 -10.54
N VAL A 1466 -11.53 -60.23 -9.59
CA VAL A 1466 -12.32 -60.64 -8.44
C VAL A 1466 -13.36 -59.54 -8.22
N ARG A 1467 -13.33 -58.51 -9.08
CA ARG A 1467 -14.00 -57.24 -8.89
C ARG A 1467 -13.51 -56.58 -7.61
N THR A 1468 -12.25 -56.15 -7.61
CA THR A 1468 -11.87 -55.28 -6.51
C THR A 1468 -12.75 -54.07 -6.43
N ASP A 1469 -12.88 -53.58 -5.26
CA ASP A 1469 -13.91 -52.64 -4.85
C ASP A 1469 -13.45 -51.34 -4.24
N CYS A 1470 -12.42 -51.39 -3.41
CA CYS A 1470 -12.11 -50.29 -2.52
C CYS A 1470 -10.71 -49.75 -2.68
N ASN A 1471 -10.48 -49.22 -3.87
CA ASN A 1471 -9.14 -48.81 -4.25
C ASN A 1471 -8.65 -47.73 -3.30
N HIS A 1472 -7.39 -47.91 -2.96
CA HIS A 1472 -6.61 -47.07 -2.07
C HIS A 1472 -5.52 -46.42 -2.88
N ILE A 1473 -5.35 -45.13 -2.59
CA ILE A 1473 -4.27 -44.33 -3.12
C ILE A 1473 -3.48 -43.80 -1.94
N PHE A 1474 -2.20 -44.10 -1.95
CA PHE A 1474 -1.29 -43.57 -0.94
C PHE A 1474 -0.10 -42.73 -1.30
N LEU A 1475 -0.14 -41.52 -0.76
CA LEU A 1475 0.96 -40.58 -0.78
C LEU A 1475 1.46 -39.92 0.49
N ASN A 1476 2.72 -40.15 0.78
CA ASN A 1476 3.45 -39.48 1.85
C ASN A 1476 4.38 -38.39 1.28
N PHE A 1477 4.02 -37.09 1.31
CA PHE A 1477 5.02 -36.11 0.85
C PHE A 1477 6.17 -35.84 1.81
N VAL A 1478 7.32 -36.31 1.33
CA VAL A 1478 8.65 -36.06 1.86
C VAL A 1478 9.42 -34.84 1.36
N PRO A 1479 9.07 -34.16 0.27
CA PRO A 1479 9.70 -32.86 0.03
C PRO A 1479 9.08 -31.77 0.89
N THR A 1480 9.69 -30.55 0.85
CA THR A 1480 9.15 -29.43 1.64
C THR A 1480 9.15 -28.06 0.95
N VAL A 1481 8.13 -27.75 0.17
CA VAL A 1481 8.05 -26.48 -0.56
C VAL A 1481 7.20 -25.50 0.26
N ILE A 1482 7.13 -24.24 -0.20
CA ILE A 1482 6.33 -23.15 0.36
C ILE A 1482 5.28 -22.64 -0.59
N MET A 1483 4.02 -22.67 -0.17
CA MET A 1483 2.93 -22.12 -0.96
C MET A 1483 1.74 -21.95 -0.01
N ASP A 1484 0.62 -21.35 -0.52
CA ASP A 1484 -0.60 -21.18 0.26
C ASP A 1484 -1.62 -22.28 -0.03
N PRO A 1485 -2.59 -22.51 0.85
CA PRO A 1485 -3.55 -23.63 0.65
C PRO A 1485 -4.80 -23.70 -0.25
N SER A 1486 -5.53 -22.62 -0.50
CA SER A 1486 -6.85 -22.83 -1.10
C SER A 1486 -6.88 -22.77 -2.60
N LYS A 1487 -5.91 -22.12 -3.14
CA LYS A 1487 -5.64 -22.12 -4.55
C LYS A 1487 -4.95 -23.40 -4.97
N ILE A 1488 -4.20 -23.99 -4.05
CA ILE A 1488 -3.73 -25.34 -4.16
C ILE A 1488 -4.90 -26.28 -4.19
N GLU A 1489 -5.88 -25.94 -3.39
CA GLU A 1489 -7.06 -26.76 -3.25
C GLU A 1489 -7.86 -26.70 -4.52
N GLU A 1490 -7.92 -25.53 -5.12
CA GLU A 1490 -8.49 -25.47 -6.44
C GLU A 1490 -7.63 -26.21 -7.46
N SER A 1491 -6.32 -26.20 -7.31
CA SER A 1491 -5.48 -26.86 -8.30
C SER A 1491 -5.76 -28.35 -8.35
N VAL A 1492 -5.80 -28.94 -7.17
CA VAL A 1492 -6.07 -30.34 -6.99
C VAL A 1492 -7.54 -30.62 -7.27
N ARG A 1493 -8.38 -29.61 -7.06
CA ARG A 1493 -9.78 -29.74 -7.41
C ARG A 1493 -9.86 -29.98 -8.91
N SER A 1494 -9.22 -29.11 -9.67
CA SER A 1494 -9.19 -29.25 -11.11
C SER A 1494 -8.60 -30.61 -11.46
N MET A 1495 -7.60 -31.03 -10.69
CA MET A 1495 -6.96 -32.32 -10.91
C MET A 1495 -8.02 -33.41 -10.87
N VAL A 1496 -8.70 -33.54 -9.74
CA VAL A 1496 -9.70 -34.58 -9.56
C VAL A 1496 -10.76 -34.43 -10.62
N MET A 1497 -11.02 -33.20 -11.05
CA MET A 1497 -12.05 -32.99 -12.03
C MET A 1497 -11.66 -33.66 -13.32
N ARG A 1498 -10.39 -33.52 -13.70
CA ARG A 1498 -9.94 -34.07 -14.97
C ARG A 1498 -10.35 -35.52 -15.16
N TYR A 1499 -10.22 -36.32 -14.10
CA TYR A 1499 -10.68 -37.69 -14.04
C TYR A 1499 -12.06 -37.83 -13.40
N GLY A 1500 -13.04 -38.36 -14.14
CA GLY A 1500 -14.43 -38.34 -13.67
C GLY A 1500 -15.10 -39.69 -13.48
N SER A 1501 -15.74 -40.19 -14.56
CA SER A 1501 -16.45 -41.46 -14.74
C SER A 1501 -15.51 -42.59 -14.39
N ARG A 1502 -14.29 -42.43 -14.88
CA ARG A 1502 -13.18 -43.31 -14.67
C ARG A 1502 -13.01 -43.62 -13.21
N LEU A 1503 -13.26 -42.64 -12.33
CA LEU A 1503 -13.19 -42.97 -10.92
C LEU A 1503 -14.13 -44.15 -10.67
N TRP A 1504 -15.31 -44.12 -11.31
CA TRP A 1504 -16.33 -45.10 -11.05
C TRP A 1504 -16.05 -46.38 -11.81
N LYS A 1505 -15.37 -46.25 -12.95
CA LYS A 1505 -14.94 -47.38 -13.75
C LYS A 1505 -13.91 -48.21 -13.01
N LEU A 1506 -12.87 -47.52 -12.57
CA LEU A 1506 -11.76 -47.90 -11.75
C LEU A 1506 -12.06 -48.18 -10.30
N ARG A 1507 -13.26 -47.79 -9.84
CA ARG A 1507 -13.74 -47.93 -8.46
C ARG A 1507 -12.72 -47.28 -7.58
N VAL A 1508 -12.40 -46.05 -7.92
CA VAL A 1508 -11.49 -45.27 -7.12
C VAL A 1508 -12.23 -44.56 -6.01
N LEU A 1509 -11.88 -44.88 -4.79
CA LEU A 1509 -12.58 -44.41 -3.63
C LEU A 1509 -11.69 -43.71 -2.63
N GLN A 1510 -10.37 -43.89 -2.74
CA GLN A 1510 -9.50 -43.40 -1.69
C GLN A 1510 -8.17 -42.76 -2.05
N ALA A 1511 -7.88 -41.62 -1.42
CA ALA A 1511 -6.60 -40.95 -1.61
C ALA A 1511 -6.09 -40.43 -0.27
N GLU A 1512 -4.78 -40.60 -0.04
CA GLU A 1512 -4.10 -40.18 1.18
C GLU A 1512 -2.91 -39.29 0.86
N LEU A 1513 -2.80 -38.23 1.64
CA LEU A 1513 -1.66 -37.34 1.70
C LEU A 1513 -1.05 -37.17 3.08
N LYS A 1514 0.19 -36.69 3.05
CA LYS A 1514 0.72 -35.89 4.15
C LYS A 1514 1.32 -34.73 3.40
N ILE A 1515 1.57 -33.61 4.12
CA ILE A 1515 2.17 -32.48 3.43
C ILE A 1515 2.96 -31.43 4.21
N ASN A 1516 4.20 -31.23 3.77
CA ASN A 1516 5.12 -30.29 4.37
C ASN A 1516 4.97 -28.91 3.73
N ILE A 1517 4.77 -27.85 4.53
CA ILE A 1517 4.77 -26.52 3.91
C ILE A 1517 5.06 -25.40 4.91
N ARG A 1518 5.18 -24.14 4.48
CA ARG A 1518 5.44 -23.03 5.41
C ARG A 1518 5.48 -21.76 4.55
N LEU A 1519 5.64 -20.58 5.17
CA LEU A 1519 5.65 -19.33 4.43
C LEU A 1519 7.04 -19.07 3.83
N THR A 1520 7.17 -17.94 3.13
CA THR A 1520 8.31 -17.70 2.25
C THR A 1520 9.65 -17.58 2.96
N PRO A 1521 9.82 -16.78 3.99
CA PRO A 1521 11.12 -16.75 4.67
C PRO A 1521 11.30 -17.87 5.66
N THR A 1522 10.21 -18.28 6.30
CA THR A 1522 10.29 -18.88 7.62
C THR A 1522 11.11 -20.16 7.61
N GLY A 1523 10.84 -21.05 6.65
CA GLY A 1523 11.44 -22.35 6.62
C GLY A 1523 10.85 -23.36 7.58
N LYS A 1524 9.96 -22.92 8.47
CA LYS A 1524 9.38 -23.82 9.46
C LYS A 1524 8.37 -24.73 8.78
N ALA A 1525 8.91 -25.79 8.18
CA ALA A 1525 8.10 -26.67 7.36
C ALA A 1525 7.21 -27.54 8.22
N ILE A 1526 5.90 -27.44 8.01
CA ILE A 1526 5.01 -28.25 8.80
C ILE A 1526 4.34 -29.40 8.04
N PRO A 1527 4.06 -30.48 8.71
CA PRO A 1527 3.39 -31.60 8.05
C PRO A 1527 1.91 -31.62 8.36
N ILE A 1528 1.11 -32.05 7.40
CA ILE A 1528 -0.32 -32.18 7.60
C ILE A 1528 -0.84 -33.49 7.00
N ARG A 1529 -0.96 -34.54 7.80
CA ARG A 1529 -1.35 -35.75 7.09
C ARG A 1529 -2.82 -35.54 6.79
N LEU A 1530 -2.99 -35.17 5.53
CA LEU A 1530 -4.23 -34.87 4.84
C LEU A 1530 -4.85 -36.10 4.22
N PHE A 1531 -6.15 -36.31 4.41
CA PHE A 1531 -6.74 -37.46 3.75
C PHE A 1531 -7.87 -36.81 2.98
N LEU A 1532 -7.92 -37.08 1.69
CA LEU A 1532 -8.88 -36.43 0.82
C LEU A 1532 -10.03 -37.38 0.57
N THR A 1533 -11.24 -36.84 0.52
CA THR A 1533 -12.38 -37.72 0.41
C THR A 1533 -13.49 -37.53 -0.60
N ASN A 1534 -13.56 -38.40 -1.61
CA ASN A 1534 -14.70 -38.35 -2.51
C ASN A 1534 -15.08 -39.80 -2.81
N GLU A 1535 -16.37 -40.07 -2.66
CA GLU A 1535 -17.06 -41.33 -2.84
C GLU A 1535 -18.00 -41.19 -4.03
N SER A 1536 -19.09 -41.96 -4.04
CA SER A 1536 -20.04 -41.80 -5.13
C SER A 1536 -20.55 -40.38 -5.17
N GLY A 1537 -20.65 -39.86 -6.38
CA GLY A 1537 -20.97 -38.47 -6.49
C GLY A 1537 -19.64 -37.75 -6.49
N TYR A 1538 -19.64 -36.54 -6.98
CA TYR A 1538 -18.39 -35.79 -7.04
C TYR A 1538 -18.22 -34.88 -5.85
N TYR A 1539 -19.04 -35.06 -4.83
CA TYR A 1539 -18.90 -34.24 -3.63
C TYR A 1539 -17.70 -34.69 -2.88
N LEU A 1540 -16.84 -33.78 -2.52
CA LEU A 1540 -15.66 -34.21 -1.84
C LEU A 1540 -15.51 -33.37 -0.61
N ASP A 1541 -15.26 -34.06 0.46
CA ASP A 1541 -15.05 -33.47 1.75
C ASP A 1541 -13.56 -33.63 1.93
N ILE A 1542 -12.93 -32.57 2.35
CA ILE A 1542 -11.51 -32.56 2.52
C ILE A 1542 -11.28 -32.76 3.99
N SER A 1543 -10.46 -33.73 4.33
CA SER A 1543 -10.18 -33.91 5.73
C SER A 1543 -8.80 -33.36 5.61
N LEU A 1544 -8.67 -32.17 6.15
CA LEU A 1544 -7.43 -31.47 6.20
C LEU A 1544 -7.20 -31.22 7.66
N TYR A 1545 -5.98 -31.40 8.08
CA TYR A 1545 -5.73 -31.21 9.49
C TYR A 1545 -4.53 -30.32 9.55
N LYS A 1546 -4.02 -30.22 10.75
CA LYS A 1546 -2.84 -29.75 11.42
C LYS A 1546 -2.73 -30.85 12.46
N GLU A 1547 -1.55 -31.12 13.02
CA GLU A 1547 -1.54 -32.26 13.93
C GLU A 1547 -0.40 -32.18 14.93
N VAL A 1548 -0.64 -32.84 16.06
CA VAL A 1548 -0.37 -32.25 17.35
C VAL A 1548 0.06 -33.29 18.34
N THR A 1549 1.12 -32.97 19.04
CA THR A 1549 1.57 -33.74 20.19
C THR A 1549 0.51 -33.78 21.28
N ALA A 1554 0.91 -37.25 24.41
CA ALA A 1554 1.86 -36.62 23.51
C ALA A 1554 1.97 -37.31 22.15
N GLN A 1555 1.14 -38.34 21.97
CA GLN A 1555 1.16 -39.18 20.79
C GLN A 1555 0.22 -38.54 19.78
N ILE A 1556 0.81 -38.11 18.68
CA ILE A 1556 0.29 -37.14 17.72
C ILE A 1556 -1.15 -37.35 17.28
N MET A 1557 -1.80 -36.22 17.00
CA MET A 1557 -3.24 -36.06 16.99
C MET A 1557 -3.65 -35.20 15.81
N PHE A 1558 -4.40 -35.82 14.92
CA PHE A 1558 -4.99 -35.26 13.71
C PHE A 1558 -6.08 -34.27 14.05
N GLN A 1559 -5.83 -32.96 13.91
CA GLN A 1559 -6.84 -31.96 14.25
C GLN A 1559 -7.15 -30.99 13.12
N ALA A 1560 -8.43 -30.95 12.77
CA ALA A 1560 -8.97 -30.10 11.72
C ALA A 1560 -8.61 -28.65 11.98
N LYS A 1564 -11.87 -25.03 9.86
CA LYS A 1564 -13.07 -25.51 9.19
C LYS A 1564 -13.62 -26.49 10.24
N GLN A 1565 -14.39 -27.49 9.83
CA GLN A 1565 -14.39 -28.77 10.51
C GLN A 1565 -14.16 -29.96 9.62
N GLY A 1566 -13.25 -30.81 10.09
CA GLY A 1566 -12.69 -31.92 9.38
C GLY A 1566 -13.06 -33.15 10.16
N PRO A 1567 -13.41 -34.23 9.46
CA PRO A 1567 -13.82 -35.44 10.18
C PRO A 1567 -12.69 -35.93 11.02
N LEU A 1568 -13.04 -36.62 12.10
CA LEU A 1568 -12.02 -37.11 12.98
C LEU A 1568 -11.13 -35.99 13.50
N HIS A 1569 -11.71 -35.10 14.28
CA HIS A 1569 -10.88 -34.01 14.78
C HIS A 1569 -9.62 -34.48 15.57
N GLY A 1570 -9.36 -35.79 15.76
CA GLY A 1570 -8.27 -36.30 16.58
C GLY A 1570 -8.10 -37.83 16.57
N MET A 1571 -6.88 -38.32 16.33
CA MET A 1571 -6.55 -39.74 16.43
C MET A 1571 -5.05 -39.92 16.51
N LEU A 1572 -4.65 -41.09 16.98
CA LEU A 1572 -3.24 -41.41 17.01
C LEU A 1572 -2.89 -41.90 15.62
N ILE A 1573 -1.67 -42.34 15.40
CA ILE A 1573 -1.28 -42.32 14.01
C ILE A 1573 -1.47 -43.63 13.23
N ASN A 1574 -1.38 -44.78 13.88
CA ASN A 1574 -1.43 -46.01 13.10
C ASN A 1574 -2.78 -46.71 12.92
N THR A 1575 -3.81 -46.03 12.44
CA THR A 1575 -5.15 -46.60 12.43
C THR A 1575 -5.25 -47.42 11.15
N PRO A 1576 -5.25 -48.74 11.21
CA PRO A 1576 -5.28 -49.50 9.98
C PRO A 1576 -6.54 -49.25 9.20
N TYR A 1577 -6.39 -49.44 7.90
CA TYR A 1577 -7.40 -49.04 6.94
C TYR A 1577 -8.35 -50.15 7.31
N VAL A 1578 -9.25 -49.70 8.18
CA VAL A 1578 -10.29 -50.46 8.83
C VAL A 1578 -11.09 -51.23 7.82
N THR A 1579 -11.46 -52.43 8.25
CA THR A 1579 -12.22 -53.33 7.42
C THR A 1579 -13.72 -53.12 7.51
N LYS A 1580 -14.21 -52.83 6.32
CA LYS A 1580 -15.53 -52.72 5.74
C LYS A 1580 -16.53 -53.70 6.36
N ASP A 1581 -16.08 -54.87 6.80
CA ASP A 1581 -16.98 -55.91 7.26
C ASP A 1581 -17.87 -55.49 8.42
N LEU A 1582 -17.53 -54.41 9.13
CA LEU A 1582 -18.54 -53.73 9.93
C LEU A 1582 -19.74 -53.48 9.05
N LEU A 1583 -19.53 -52.72 7.96
CA LEU A 1583 -20.62 -52.48 7.01
C LEU A 1583 -21.25 -53.75 6.51
N GLN A 1584 -20.45 -54.65 5.93
CA GLN A 1584 -21.03 -55.90 5.46
C GLN A 1584 -21.92 -56.55 6.50
N SER A 1585 -21.45 -56.63 7.73
CA SER A 1585 -22.26 -57.27 8.75
C SER A 1585 -23.53 -56.49 8.99
N LYS A 1586 -23.39 -55.19 9.07
CA LYS A 1586 -24.51 -54.33 9.42
C LYS A 1586 -25.46 -54.16 8.25
N ARG A 1587 -24.88 -54.14 7.07
CA ARG A 1587 -25.59 -54.08 5.80
C ARG A 1587 -26.38 -55.36 5.66
N PHE A 1588 -25.78 -56.44 6.12
CA PHE A 1588 -26.43 -57.72 6.11
C PHE A 1588 -27.60 -57.69 7.06
N GLN A 1589 -27.45 -57.09 8.22
CA GLN A 1589 -28.61 -57.06 9.07
C GLN A 1589 -29.73 -56.26 8.45
N ALA A 1590 -29.44 -55.14 7.83
CA ALA A 1590 -30.59 -54.41 7.31
C ALA A 1590 -31.22 -55.09 6.12
N GLN A 1591 -30.42 -55.39 5.10
CA GLN A 1591 -30.97 -56.10 3.97
C GLN A 1591 -31.58 -57.45 4.33
N SER A 1592 -30.92 -58.19 5.23
CA SER A 1592 -31.37 -59.49 5.69
C SER A 1592 -32.63 -59.44 6.53
N LEU A 1593 -32.94 -58.33 7.15
CA LEU A 1593 -34.09 -57.83 7.87
C LEU A 1593 -35.05 -57.05 6.99
N GLY A 1594 -34.86 -57.05 5.68
CA GLY A 1594 -35.81 -56.35 4.85
C GLY A 1594 -35.94 -54.87 5.04
N THR A 1595 -34.85 -54.15 5.29
CA THR A 1595 -34.93 -52.70 5.45
C THR A 1595 -33.78 -52.02 4.75
N THR A 1596 -33.73 -50.69 4.89
CA THR A 1596 -32.71 -49.89 4.22
C THR A 1596 -31.67 -49.47 5.24
N TYR A 1597 -30.42 -49.61 4.86
CA TYR A 1597 -29.36 -49.13 5.73
C TYR A 1597 -29.47 -47.64 5.92
N ILE A 1598 -29.31 -47.22 7.14
CA ILE A 1598 -29.48 -45.88 7.68
C ILE A 1598 -28.61 -44.85 6.92
N TYR A 1599 -27.32 -45.10 6.78
CA TYR A 1599 -26.37 -44.17 6.14
C TYR A 1599 -26.39 -44.06 4.61
N ASP A 1600 -27.18 -44.86 3.91
CA ASP A 1600 -27.32 -44.73 2.46
C ASP A 1600 -28.38 -43.74 2.06
N ILE A 1601 -29.14 -43.36 3.06
CA ILE A 1601 -30.26 -42.50 2.83
C ILE A 1601 -29.87 -41.20 2.16
N PRO A 1602 -28.79 -40.52 2.54
CA PRO A 1602 -28.52 -39.24 1.87
C PRO A 1602 -28.51 -39.37 0.36
N GLU A 1603 -27.83 -40.38 -0.13
CA GLU A 1603 -27.86 -40.59 -1.56
C GLU A 1603 -29.20 -41.12 -1.98
N MET A 1604 -29.91 -41.80 -1.09
CA MET A 1604 -31.26 -42.21 -1.42
C MET A 1604 -32.16 -41.00 -1.62
N PHE A 1605 -31.87 -39.93 -0.88
CA PHE A 1605 -32.56 -38.68 -1.08
C PHE A 1605 -32.25 -38.16 -2.46
N ARG A 1606 -30.97 -38.15 -2.81
CA ARG A 1606 -30.53 -37.61 -4.08
C ARG A 1606 -31.06 -38.40 -5.24
N GLN A 1607 -31.09 -39.71 -5.15
CA GLN A 1607 -31.55 -40.47 -6.30
C GLN A 1607 -33.00 -40.14 -6.52
N SER A 1608 -33.71 -40.01 -5.40
CA SER A 1608 -35.10 -39.65 -5.47
C SER A 1608 -35.26 -38.28 -6.08
N LEU A 1609 -34.41 -37.34 -5.66
CA LEU A 1609 -34.27 -35.95 -6.03
C LEU A 1609 -33.98 -35.77 -7.49
N ILE A 1610 -33.10 -36.59 -8.01
CA ILE A 1610 -32.79 -36.56 -9.41
C ILE A 1610 -34.01 -36.93 -10.19
N LYS A 1611 -34.62 -38.01 -9.74
CA LYS A 1611 -35.83 -38.52 -10.36
C LYS A 1611 -36.85 -37.40 -10.35
N LEU A 1612 -36.82 -36.60 -9.31
CA LEU A 1612 -37.69 -35.46 -9.24
C LEU A 1612 -37.30 -34.42 -10.25
N TRP A 1613 -36.01 -34.13 -10.32
CA TRP A 1613 -35.57 -33.13 -11.24
C TRP A 1613 -36.07 -33.40 -12.65
N GLU A 1614 -36.19 -34.69 -12.97
CA GLU A 1614 -36.65 -35.07 -14.27
C GLU A 1614 -38.15 -34.91 -14.32
N SER A 1615 -38.82 -35.46 -13.30
CA SER A 1615 -40.27 -35.45 -13.28
C SER A 1615 -40.75 -34.03 -13.26
N MET A 1616 -40.05 -33.19 -12.53
CA MET A 1616 -40.55 -31.86 -12.50
C MET A 1616 -40.27 -31.19 -13.83
N SER A 1617 -39.27 -31.74 -14.57
CA SER A 1617 -39.03 -31.22 -15.90
C SER A 1617 -40.21 -31.64 -16.75
N THR A 1618 -40.83 -32.76 -16.39
CA THR A 1618 -42.15 -33.10 -16.88
C THR A 1618 -43.14 -31.97 -16.59
N GLN A 1619 -43.18 -31.51 -15.33
CA GLN A 1619 -44.34 -30.67 -15.04
C GLN A 1619 -44.26 -29.24 -15.54
N ALA A 1620 -43.13 -28.53 -15.48
CA ALA A 1620 -41.96 -28.72 -16.32
C ALA A 1620 -40.91 -27.68 -16.02
N PHE A 1621 -41.40 -26.43 -15.93
CA PHE A 1621 -40.53 -25.30 -16.21
C PHE A 1621 -39.64 -25.02 -15.03
N LEU A 1622 -38.37 -25.18 -15.28
CA LEU A 1622 -37.28 -25.04 -14.33
C LEU A 1622 -36.22 -24.09 -14.81
N PRO A 1623 -35.43 -23.52 -13.90
CA PRO A 1623 -34.19 -22.87 -14.31
C PRO A 1623 -33.29 -24.00 -14.82
N SER A 1624 -32.11 -23.72 -15.39
CA SER A 1624 -31.31 -24.87 -15.80
C SER A 1624 -30.96 -25.64 -14.52
N PRO A 1625 -31.05 -26.97 -14.53
CA PRO A 1625 -30.82 -27.69 -13.31
C PRO A 1625 -29.39 -27.51 -12.82
N PRO A 1626 -29.17 -27.54 -11.51
CA PRO A 1626 -27.83 -27.72 -11.00
C PRO A 1626 -27.49 -29.20 -11.02
N LEU A 1627 -26.21 -29.46 -10.92
CA LEU A 1627 -25.66 -30.79 -10.80
C LEU A 1627 -25.91 -31.53 -9.48
N PRO A 1628 -25.97 -32.87 -9.54
CA PRO A 1628 -26.21 -33.67 -8.32
C PRO A 1628 -25.16 -33.29 -7.31
N SER A 1629 -23.98 -32.99 -7.84
CA SER A 1629 -22.85 -32.50 -7.10
C SER A 1629 -23.15 -31.15 -6.48
N ASP A 1630 -24.02 -30.36 -7.10
CA ASP A 1630 -24.30 -29.04 -6.56
C ASP A 1630 -25.52 -28.98 -5.62
N MET A 1631 -26.27 -30.07 -5.38
CA MET A 1631 -27.44 -29.86 -4.49
C MET A 1631 -27.18 -29.68 -3.01
N LEU A 1632 -26.17 -30.31 -2.44
CA LEU A 1632 -26.19 -30.37 -0.97
C LEU A 1632 -24.89 -30.36 -0.18
N THR A 1633 -24.99 -29.70 0.95
CA THR A 1633 -23.98 -29.80 1.98
C THR A 1633 -24.80 -30.16 3.20
N TYR A 1634 -24.27 -31.11 3.93
CA TYR A 1634 -24.88 -31.58 5.14
C TYR A 1634 -23.87 -31.45 6.24
N THR A 1635 -24.40 -31.35 7.44
CA THR A 1635 -23.59 -31.39 8.62
C THR A 1635 -24.34 -32.22 9.62
N GLU A 1636 -23.63 -33.15 10.21
CA GLU A 1636 -24.18 -34.06 11.18
C GLU A 1636 -24.55 -33.37 12.47
N LEU A 1637 -25.67 -33.79 13.02
CA LEU A 1637 -26.15 -33.27 14.28
C LEU A 1637 -25.80 -34.20 15.40
N VAL A 1638 -25.21 -33.60 16.42
CA VAL A 1638 -24.60 -34.35 17.48
C VAL A 1638 -24.75 -33.76 18.85
N LEU A 1639 -24.92 -34.65 19.80
CA LEU A 1639 -25.02 -34.28 21.17
C LEU A 1639 -23.61 -34.01 21.62
N ASP A 1640 -23.37 -32.88 22.21
CA ASP A 1640 -22.08 -32.67 22.83
C ASP A 1640 -22.17 -33.37 24.19
N ASP A 1641 -21.17 -33.19 25.04
CA ASP A 1641 -21.22 -33.80 26.36
C ASP A 1641 -22.42 -33.28 27.13
N GLN A 1642 -22.75 -32.01 26.94
CA GLN A 1642 -23.84 -31.39 27.65
C GLN A 1642 -25.16 -31.62 26.94
N GLY A 1643 -25.22 -32.56 26.01
CA GLY A 1643 -26.46 -32.75 25.30
C GLY A 1643 -26.84 -31.56 24.48
N GLN A 1644 -25.88 -30.84 23.96
CA GLN A 1644 -26.13 -29.68 23.12
C GLN A 1644 -25.77 -29.91 21.67
N LEU A 1645 -26.48 -29.25 20.76
CA LEU A 1645 -26.26 -29.55 19.36
C LEU A 1645 -24.94 -29.08 18.84
N VAL A 1646 -24.42 -29.96 17.99
CA VAL A 1646 -23.11 -29.81 17.40
C VAL A 1646 -23.06 -30.22 15.95
N HIS A 1647 -22.46 -29.36 15.15
CA HIS A 1647 -22.26 -29.58 13.73
C HIS A 1647 -21.00 -30.40 13.53
N MET A 1648 -21.12 -31.50 12.81
CA MET A 1648 -20.05 -32.47 12.64
C MET A 1648 -19.99 -32.95 11.22
N ASN A 1649 -18.84 -32.92 10.58
CA ASN A 1649 -18.47 -33.37 9.25
C ASN A 1649 -17.69 -34.66 9.48
N ARG A 1650 -18.41 -35.78 9.68
CA ARG A 1650 -17.76 -37.06 10.00
C ARG A 1650 -18.08 -38.12 8.95
N LEU A 1651 -17.33 -39.19 9.10
CA LEU A 1651 -17.43 -40.36 8.25
C LEU A 1651 -18.74 -41.07 8.48
N PRO A 1652 -19.39 -41.62 7.46
CA PRO A 1652 -20.61 -42.38 7.76
C PRO A 1652 -20.18 -43.56 8.59
N GLY A 1653 -21.02 -43.96 9.52
CA GLY A 1653 -20.65 -45.06 10.38
C GLY A 1653 -20.08 -44.71 11.72
N GLY A 1654 -20.05 -43.45 12.11
CA GLY A 1654 -19.28 -43.14 13.30
C GLY A 1654 -20.09 -43.33 14.56
N ASN A 1655 -21.35 -43.67 14.38
CA ASN A 1655 -22.32 -43.81 15.44
C ASN A 1655 -21.95 -44.85 16.47
N GLU A 1656 -22.23 -44.52 17.72
CA GLU A 1656 -22.12 -45.44 18.85
C GLU A 1656 -23.52 -45.79 19.33
N ILE A 1657 -24.54 -45.38 18.56
CA ILE A 1657 -25.93 -45.67 18.82
C ILE A 1657 -26.70 -45.92 17.55
N GLY A 1658 -27.91 -46.40 17.70
CA GLY A 1658 -28.69 -46.80 16.55
C GLY A 1658 -29.39 -45.67 15.82
N MET A 1659 -28.87 -44.45 15.91
CA MET A 1659 -29.53 -43.33 15.26
C MET A 1659 -28.59 -42.31 14.65
N VAL A 1660 -29.00 -41.75 13.50
CA VAL A 1660 -28.22 -40.77 12.75
C VAL A 1660 -29.06 -39.58 12.33
N ALA A 1661 -28.41 -38.39 12.32
CA ALA A 1661 -29.07 -37.16 11.96
C ALA A 1661 -28.17 -36.17 11.24
N TRP A 1662 -28.81 -35.40 10.34
CA TRP A 1662 -28.15 -34.32 9.61
C TRP A 1662 -29.05 -33.13 9.44
N LYS A 1663 -28.45 -31.95 9.28
CA LYS A 1663 -28.88 -30.69 8.70
C LYS A 1663 -28.40 -30.89 7.28
N MET A 1664 -29.25 -30.57 6.34
CA MET A 1664 -29.24 -30.68 4.90
C MET A 1664 -29.58 -29.37 4.24
N THR A 1665 -28.85 -29.00 3.20
CA THR A 1665 -29.22 -27.86 2.39
C THR A 1665 -29.34 -28.37 0.99
N PHE A 1666 -30.48 -28.10 0.37
CA PHE A 1666 -30.62 -28.57 -0.99
C PHE A 1666 -31.52 -27.76 -1.89
N LYS A 1667 -31.17 -27.91 -3.14
CA LYS A 1667 -31.80 -27.30 -4.29
C LYS A 1667 -32.81 -28.18 -4.97
N SER A 1668 -33.97 -27.64 -5.23
CA SER A 1668 -35.21 -28.02 -5.84
C SER A 1668 -35.59 -27.06 -6.93
N PRO A 1669 -36.47 -27.47 -7.84
CA PRO A 1669 -36.91 -26.57 -8.92
C PRO A 1669 -37.43 -25.28 -8.35
N GLU A 1670 -38.10 -25.44 -7.22
CA GLU A 1670 -38.76 -24.42 -6.43
C GLU A 1670 -37.76 -23.66 -5.61
N TYR A 1671 -36.64 -24.27 -5.29
CA TYR A 1671 -35.62 -23.64 -4.48
C TYR A 1671 -34.28 -23.68 -5.15
N PRO A 1672 -34.09 -22.83 -6.17
CA PRO A 1672 -32.88 -22.96 -6.94
C PRO A 1672 -31.73 -22.58 -6.07
N GLU A 1673 -31.96 -21.71 -5.08
CA GLU A 1673 -30.94 -21.46 -4.11
C GLU A 1673 -30.99 -22.45 -2.97
N GLY A 1674 -32.10 -23.18 -2.79
CA GLY A 1674 -32.06 -24.23 -1.78
C GLY A 1674 -33.03 -24.06 -0.61
N ARG A 1675 -33.33 -25.16 0.08
CA ARG A 1675 -34.19 -25.19 1.25
C ARG A 1675 -33.47 -26.24 2.05
N ASP A 1676 -33.66 -26.16 3.34
CA ASP A 1676 -32.94 -26.95 4.33
C ASP A 1676 -33.85 -27.92 5.04
N ILE A 1677 -33.28 -29.06 5.44
CA ILE A 1677 -34.02 -29.95 6.31
C ILE A 1677 -33.18 -30.50 7.44
N ILE A 1678 -33.85 -31.03 8.46
CA ILE A 1678 -33.40 -31.77 9.64
C ILE A 1678 -33.87 -33.20 9.45
N VAL A 1679 -32.92 -34.13 9.57
CA VAL A 1679 -33.12 -35.55 9.39
C VAL A 1679 -32.73 -36.32 10.64
N ILE A 1680 -33.68 -37.10 11.19
CA ILE A 1680 -33.48 -38.01 12.34
C ILE A 1680 -33.90 -39.42 11.94
N GLY A 1681 -33.21 -40.49 12.38
CA GLY A 1681 -33.47 -41.93 12.22
C GLY A 1681 -32.92 -42.96 13.19
N ASN A 1682 -33.79 -43.90 13.58
CA ASN A 1682 -33.43 -45.12 14.31
C ASN A 1682 -32.80 -46.26 13.49
N ASP A 1683 -31.92 -47.03 14.12
CA ASP A 1683 -31.42 -48.33 13.64
C ASP A 1683 -31.99 -49.45 14.50
N ILE A 1684 -33.03 -50.11 14.02
CA ILE A 1684 -33.66 -51.14 14.81
C ILE A 1684 -32.70 -52.28 15.13
N THR A 1685 -31.65 -52.43 14.32
CA THR A 1685 -30.62 -53.45 14.49
C THR A 1685 -29.63 -53.14 15.59
N TYR A 1686 -29.50 -51.88 15.98
CA TYR A 1686 -28.59 -51.51 17.04
C TYR A 1686 -29.48 -51.53 18.25
N ARG A 1687 -29.31 -52.58 19.06
CA ARG A 1687 -30.08 -52.79 20.29
C ARG A 1687 -31.56 -52.73 19.95
N ILE A 1688 -31.98 -53.69 19.10
CA ILE A 1688 -33.27 -53.86 18.43
C ILE A 1688 -34.23 -52.69 18.15
N GLY A 1689 -34.00 -51.52 18.73
CA GLY A 1689 -34.76 -50.30 18.60
C GLY A 1689 -35.12 -49.75 19.95
N SER A 1690 -34.31 -50.09 20.96
CA SER A 1690 -34.60 -49.56 22.25
C SER A 1690 -34.38 -48.07 22.27
N PHE A 1691 -34.95 -47.46 23.28
CA PHE A 1691 -34.93 -46.01 23.46
C PHE A 1691 -34.20 -45.74 24.75
N GLY A 1692 -32.93 -45.43 24.69
CA GLY A 1692 -32.29 -45.01 25.90
C GLY A 1692 -32.43 -43.53 26.16
N PRO A 1693 -31.93 -43.11 27.33
CA PRO A 1693 -32.05 -41.69 27.68
C PRO A 1693 -31.28 -40.80 26.77
N GLN A 1694 -30.15 -41.31 26.35
CA GLN A 1694 -29.32 -40.59 25.43
C GLN A 1694 -30.02 -40.54 24.10
N GLU A 1695 -30.68 -41.64 23.75
CA GLU A 1695 -31.42 -41.70 22.51
C GLU A 1695 -32.58 -40.70 22.47
N ASP A 1696 -33.35 -40.65 23.55
CA ASP A 1696 -34.44 -39.73 23.60
C ASP A 1696 -33.92 -38.29 23.54
N LEU A 1697 -32.76 -38.07 24.17
CA LEU A 1697 -32.23 -36.75 24.36
C LEU A 1697 -31.63 -36.19 23.07
N LEU A 1698 -30.87 -37.01 22.34
CA LEU A 1698 -30.34 -36.56 21.08
C LEU A 1698 -31.49 -36.25 20.14
N PHE A 1699 -32.48 -37.15 20.11
CA PHE A 1699 -33.63 -36.92 19.26
C PHE A 1699 -34.26 -35.58 19.56
N LEU A 1700 -34.47 -35.32 20.85
CA LEU A 1700 -35.06 -34.13 21.44
C LEU A 1700 -34.33 -32.91 20.94
N ARG A 1701 -33.00 -32.93 21.06
CA ARG A 1701 -32.31 -31.70 20.74
C ARG A 1701 -32.39 -31.42 19.24
N ALA A 1702 -32.47 -32.49 18.43
CA ALA A 1702 -32.68 -32.25 17.01
C ALA A 1702 -34.04 -31.61 16.77
N SER A 1703 -35.04 -32.11 17.48
CA SER A 1703 -36.37 -31.58 17.35
C SER A 1703 -36.47 -30.13 17.79
N GLU A 1704 -35.86 -29.81 18.93
CA GLU A 1704 -35.86 -28.44 19.43
C GLU A 1704 -35.26 -27.50 18.40
N LEU A 1705 -34.24 -27.97 17.70
CA LEU A 1705 -33.64 -27.14 16.70
C LEU A 1705 -34.59 -26.96 15.54
N ALA A 1706 -35.25 -28.05 15.17
CA ALA A 1706 -36.24 -28.00 14.12
C ALA A 1706 -37.27 -26.90 14.37
N ARG A 1707 -37.86 -26.84 15.58
CA ARG A 1707 -38.79 -25.74 15.81
C ARG A 1707 -38.07 -24.41 15.83
N ALA A 1708 -36.83 -24.40 16.33
CA ALA A 1708 -36.11 -23.14 16.47
C ALA A 1708 -36.07 -22.38 15.17
N GLU A 1709 -35.90 -23.08 14.04
CA GLU A 1709 -35.93 -22.33 12.81
C GLU A 1709 -37.32 -22.45 12.24
N GLY A 1710 -38.14 -23.32 12.82
CA GLY A 1710 -39.49 -23.43 12.37
C GLY A 1710 -39.63 -24.27 11.15
N ILE A 1711 -38.59 -25.01 10.79
CA ILE A 1711 -38.14 -25.85 9.68
C ILE A 1711 -38.39 -27.34 9.82
N PRO A 1712 -38.42 -28.09 8.71
CA PRO A 1712 -38.87 -29.48 8.79
C PRO A 1712 -37.95 -30.49 9.45
N ARG A 1713 -38.60 -31.49 10.06
CA ARG A 1713 -37.97 -32.63 10.72
C ARG A 1713 -38.53 -33.94 10.14
N ILE A 1714 -37.65 -34.73 9.52
CA ILE A 1714 -37.96 -36.03 8.92
C ILE A 1714 -37.46 -37.22 9.74
N TYR A 1715 -38.34 -38.18 10.05
CA TYR A 1715 -38.01 -39.29 10.92
C TYR A 1715 -38.08 -40.70 10.32
N VAL A 1716 -36.96 -41.41 10.46
CA VAL A 1716 -36.82 -42.80 10.07
C VAL A 1716 -37.13 -43.73 11.23
N SER A 1717 -38.23 -44.45 11.08
CA SER A 1717 -38.81 -45.29 12.12
C SER A 1717 -38.51 -46.76 11.89
N ALA A 1718 -37.75 -47.33 12.80
CA ALA A 1718 -37.55 -48.76 12.88
C ALA A 1718 -37.13 -49.06 14.32
N ASN A 1719 -38.04 -49.56 15.15
CA ASN A 1719 -37.74 -49.51 16.57
C ASN A 1719 -38.44 -50.51 17.48
N SER A 1720 -38.09 -50.43 18.78
CA SER A 1720 -38.65 -51.31 19.80
C SER A 1720 -39.18 -50.51 20.98
N GLY A 1721 -39.46 -49.24 20.80
CA GLY A 1721 -39.89 -48.49 21.96
C GLY A 1721 -38.72 -48.46 22.93
N ALA A 1722 -39.05 -48.25 24.19
CA ALA A 1722 -38.31 -47.96 25.41
C ALA A 1722 -37.32 -49.07 25.74
N ARG A 1723 -36.24 -48.69 26.41
CA ARG A 1723 -35.18 -49.61 26.79
C ARG A 1723 -35.68 -50.69 27.75
N ILE A 1724 -35.16 -51.91 27.56
CA ILE A 1724 -35.46 -53.08 28.38
C ILE A 1724 -34.14 -53.68 28.88
N GLY A 1725 -34.10 -54.26 30.09
CA GLY A 1725 -33.03 -55.04 30.75
C GLY A 1725 -33.36 -55.60 32.12
N LEU A 1726 -32.51 -56.54 32.58
CA LEU A 1726 -32.50 -57.01 33.95
C LEU A 1726 -31.11 -56.84 34.58
N ALA A 1727 -31.03 -56.48 35.86
CA ALA A 1727 -29.72 -56.34 36.50
C ALA A 1727 -29.04 -57.69 36.72
N GLU A 1728 -28.18 -58.07 35.78
CA GLU A 1728 -27.51 -59.35 35.86
C GLU A 1728 -26.60 -59.47 37.08
N GLU A 1729 -25.86 -58.40 37.37
CA GLU A 1729 -24.86 -58.41 38.43
C GLU A 1729 -25.43 -58.89 39.74
N ILE A 1730 -26.68 -58.60 39.99
CA ILE A 1730 -27.32 -59.07 41.21
C ILE A 1730 -27.94 -60.44 40.96
N ARG A 1731 -28.50 -60.62 39.75
CA ARG A 1731 -29.17 -61.87 39.41
C ARG A 1731 -28.25 -63.05 39.70
N HIS A 1732 -26.97 -62.87 39.45
CA HIS A 1732 -25.97 -63.91 39.48
C HIS A 1732 -25.29 -64.10 40.81
N MET A 1733 -25.70 -63.36 41.85
CA MET A 1733 -25.09 -63.51 43.15
C MET A 1733 -26.09 -63.61 44.29
N PHE A 1734 -27.40 -63.49 44.02
CA PHE A 1734 -28.38 -63.63 45.10
C PHE A 1734 -28.64 -65.10 45.44
N HIS A 1735 -29.10 -65.35 46.66
CA HIS A 1735 -29.50 -66.64 47.22
C HIS A 1735 -30.95 -66.54 47.65
N VAL A 1736 -31.64 -67.69 47.75
CA VAL A 1736 -33.06 -67.70 48.06
C VAL A 1736 -33.33 -68.10 49.51
N ALA A 1737 -34.16 -67.29 50.18
CA ALA A 1737 -34.70 -67.45 51.53
C ALA A 1737 -36.07 -68.11 51.51
N TRP A 1738 -36.12 -69.44 51.61
CA TRP A 1738 -37.37 -70.18 51.52
C TRP A 1738 -38.32 -70.08 52.68
N VAL A 1739 -39.62 -70.10 52.36
CA VAL A 1739 -40.65 -70.32 53.35
C VAL A 1739 -40.38 -71.66 54.00
N ASP A 1740 -40.10 -72.66 53.15
CA ASP A 1740 -39.74 -73.99 53.58
C ASP A 1740 -38.75 -74.58 52.57
N PRO A 1741 -37.52 -74.89 52.96
CA PRO A 1741 -36.60 -75.52 52.01
C PRO A 1741 -37.02 -76.94 51.66
N GLU A 1742 -37.51 -77.68 52.66
CA GLU A 1742 -38.01 -79.06 52.52
C GLU A 1742 -39.22 -79.20 51.61
N ASP A 1743 -39.79 -78.12 51.15
CA ASP A 1743 -40.77 -78.21 50.08
C ASP A 1743 -40.70 -76.89 49.36
N PRO A 1744 -40.16 -76.85 48.14
CA PRO A 1744 -40.04 -75.57 47.46
C PRO A 1744 -41.39 -75.03 47.11
N TYR A 1745 -42.35 -75.91 46.87
CA TYR A 1745 -43.67 -75.52 46.42
C TYR A 1745 -44.42 -74.74 47.48
N LYS A 1746 -43.94 -74.73 48.72
CA LYS A 1746 -44.38 -73.82 49.76
C LYS A 1746 -43.89 -72.41 49.59
N GLY A 1747 -43.39 -71.93 48.47
CA GLY A 1747 -43.06 -70.53 48.37
C GLY A 1747 -41.69 -70.24 48.96
N TYR A 1748 -41.18 -69.07 48.61
CA TYR A 1748 -39.94 -68.53 49.16
C TYR A 1748 -40.27 -67.21 49.81
N ARG A 1749 -39.44 -66.80 50.75
CA ARG A 1749 -39.72 -65.59 51.48
C ARG A 1749 -39.08 -64.44 50.74
N TYR A 1750 -37.82 -64.57 50.37
CA TYR A 1750 -37.17 -63.44 49.70
C TYR A 1750 -35.89 -63.89 49.04
N LEU A 1751 -35.37 -63.00 48.22
CA LEU A 1751 -34.09 -63.16 47.58
C LEU A 1751 -33.14 -62.31 48.41
N TYR A 1752 -31.89 -62.73 48.49
CA TYR A 1752 -30.97 -62.04 49.37
C TYR A 1752 -29.55 -62.33 48.94
N LEU A 1753 -28.62 -61.67 49.61
CA LEU A 1753 -27.20 -61.86 49.39
C LEU A 1753 -26.57 -62.38 50.66
N THR A 1754 -25.60 -63.25 50.50
CA THR A 1754 -24.79 -63.64 51.63
C THR A 1754 -24.03 -62.39 52.02
N PRO A 1755 -23.54 -62.27 53.25
CA PRO A 1755 -22.85 -61.01 53.57
C PRO A 1755 -21.68 -60.76 52.68
N GLN A 1756 -20.97 -61.80 52.31
CA GLN A 1756 -19.90 -61.65 51.32
C GLN A 1756 -20.45 -61.12 50.00
N ASP A 1757 -21.54 -61.72 49.52
CA ASP A 1757 -22.15 -61.30 48.27
C ASP A 1757 -22.72 -59.90 48.38
N TYR A 1758 -23.20 -59.55 49.55
CA TYR A 1758 -23.77 -58.25 49.79
C TYR A 1758 -22.70 -57.18 49.82
N LYS A 1759 -21.58 -57.49 50.45
CA LYS A 1759 -20.43 -56.65 50.75
C LYS A 1759 -19.65 -56.09 49.57
N ARG A 1760 -20.15 -56.31 48.35
CA ARG A 1760 -19.42 -56.01 47.13
C ARG A 1760 -20.24 -55.04 46.29
N VAL A 1761 -21.48 -55.37 45.97
CA VAL A 1761 -22.47 -54.41 45.47
C VAL A 1761 -22.77 -53.35 46.53
N SER A 1762 -22.59 -53.69 47.82
CA SER A 1762 -22.98 -52.84 48.95
C SER A 1762 -22.36 -51.46 48.85
N ALA A 1763 -21.10 -51.38 48.44
CA ALA A 1763 -20.45 -50.10 48.28
C ALA A 1763 -21.11 -49.19 47.24
N LEU A 1764 -22.05 -49.69 46.40
CA LEU A 1764 -22.34 -49.03 45.14
C LEU A 1764 -23.75 -48.48 45.00
N ASN A 1765 -24.56 -48.40 46.07
CA ASN A 1765 -25.91 -47.84 45.91
C ASN A 1765 -26.67 -48.66 44.86
N SER A 1766 -26.61 -49.98 45.01
CA SER A 1766 -27.14 -50.88 43.99
C SER A 1766 -28.58 -51.32 44.23
N VAL A 1767 -28.90 -51.71 45.43
CA VAL A 1767 -30.26 -52.10 45.77
C VAL A 1767 -30.53 -51.53 47.14
N HIS A 1768 -31.78 -51.63 47.55
CA HIS A 1768 -32.11 -51.36 48.93
C HIS A 1768 -32.52 -52.69 49.52
N CYS A 1769 -31.80 -53.05 50.55
CA CYS A 1769 -31.92 -54.24 51.36
C CYS A 1769 -32.01 -53.91 52.83
N GLU A 1770 -32.33 -54.94 53.59
CA GLU A 1770 -32.20 -54.91 55.03
C GLU A 1770 -31.34 -56.05 55.51
N HIS A 1771 -30.43 -55.75 56.44
CA HIS A 1771 -29.64 -56.84 56.96
C HIS A 1771 -30.68 -57.62 57.73
N VAL A 1772 -30.63 -58.93 57.70
CA VAL A 1772 -31.59 -59.71 58.48
C VAL A 1772 -30.99 -61.01 58.92
N GLU A 1773 -31.39 -61.45 60.10
CA GLU A 1773 -31.20 -62.83 60.53
C GLU A 1773 -32.57 -63.46 60.31
N ASP A 1774 -32.61 -64.56 59.58
CA ASP A 1774 -33.88 -65.20 59.26
C ASP A 1774 -33.65 -66.68 59.07
N GLU A 1775 -34.64 -67.45 59.50
CA GLU A 1775 -34.64 -68.92 59.47
C GLU A 1775 -33.30 -69.46 59.99
N GLY A 1776 -32.77 -68.78 61.00
CA GLY A 1776 -31.51 -69.09 61.67
C GLY A 1776 -30.35 -68.39 61.01
N GLU A 1777 -30.30 -68.45 59.69
CA GLU A 1777 -29.18 -67.93 58.91
C GLU A 1777 -29.32 -66.42 58.75
N SER A 1778 -28.20 -65.76 58.46
CA SER A 1778 -28.19 -64.33 58.22
C SER A 1778 -28.19 -64.06 56.72
N ARG A 1779 -29.16 -63.28 56.30
CA ARG A 1779 -29.48 -63.01 54.92
C ARG A 1779 -29.57 -61.51 54.76
N TYR A 1780 -29.46 -61.06 53.52
CA TYR A 1780 -29.60 -59.65 53.18
C TYR A 1780 -30.86 -59.52 52.33
N LYS A 1781 -31.95 -59.24 53.01
CA LYS A 1781 -33.27 -59.17 52.40
C LYS A 1781 -33.48 -58.07 51.38
N ILE A 1782 -33.91 -58.48 50.19
CA ILE A 1782 -34.13 -57.55 49.06
C ILE A 1782 -35.45 -56.82 49.15
N THR A 1783 -35.37 -55.51 49.21
CA THR A 1783 -36.56 -54.70 49.32
C THR A 1783 -36.88 -54.03 48.00
N ASP A 1784 -35.86 -53.55 47.28
CA ASP A 1784 -36.04 -52.98 45.95
C ASP A 1784 -34.87 -53.26 45.01
N ILE A 1785 -35.19 -53.50 43.75
CA ILE A 1785 -34.22 -53.61 42.67
C ILE A 1785 -34.22 -52.35 41.83
N ILE A 1786 -33.05 -51.73 41.81
CA ILE A 1786 -32.79 -50.45 41.19
C ILE A 1786 -32.27 -50.58 39.78
N GLY A 1787 -31.30 -51.47 39.59
CA GLY A 1787 -30.78 -51.78 38.27
C GLY A 1787 -29.69 -50.71 38.17
N LYS A 1788 -28.43 -51.14 38.19
CA LYS A 1788 -27.34 -50.16 38.23
C LYS A 1788 -27.18 -49.33 36.99
N GLU A 1789 -27.61 -49.81 35.85
CA GLU A 1789 -27.49 -49.01 34.65
C GLU A 1789 -28.55 -47.93 34.79
N GLU A 1790 -28.17 -46.67 34.82
CA GLU A 1790 -29.23 -45.69 34.86
C GLU A 1790 -29.74 -45.68 33.43
N GLY A 1791 -31.06 -45.64 33.25
CA GLY A 1791 -31.59 -45.53 31.92
C GLY A 1791 -32.17 -46.81 31.36
N ILE A 1792 -32.20 -47.91 32.11
CA ILE A 1792 -32.69 -49.21 31.63
C ILE A 1792 -34.01 -49.57 32.28
N GLY A 1793 -34.64 -48.58 32.85
CA GLY A 1793 -35.78 -48.76 33.67
C GLY A 1793 -36.89 -47.97 33.03
N PRO A 1794 -37.95 -47.79 33.79
CA PRO A 1794 -39.12 -47.08 33.29
C PRO A 1794 -38.91 -45.59 32.97
N GLU A 1795 -37.78 -44.93 33.30
CA GLU A 1795 -37.31 -43.59 32.92
C GLU A 1795 -37.34 -43.35 31.41
N ASN A 1796 -37.08 -44.37 30.60
CA ASN A 1796 -37.11 -44.15 29.16
C ASN A 1796 -38.50 -43.78 28.69
N LEU A 1797 -39.50 -44.20 29.44
CA LEU A 1797 -40.85 -43.84 29.14
C LEU A 1797 -41.07 -42.39 29.46
N ARG A 1798 -40.50 -41.92 30.57
CA ARG A 1798 -40.61 -40.51 30.87
C ARG A 1798 -40.00 -39.73 29.72
N GLY A 1799 -38.81 -40.12 29.32
CA GLY A 1799 -38.16 -39.46 28.21
C GLY A 1799 -39.00 -39.54 26.96
N SER A 1800 -39.66 -40.67 26.79
CA SER A 1800 -40.46 -40.92 25.62
C SER A 1800 -41.61 -39.96 25.55
N GLY A 1801 -42.39 -39.94 26.62
CA GLY A 1801 -43.44 -38.98 26.75
C GLY A 1801 -42.94 -37.57 26.52
N MET A 1802 -41.80 -37.24 27.14
CA MET A 1802 -41.21 -35.92 27.03
C MET A 1802 -41.08 -35.50 25.58
N ILE A 1803 -40.54 -36.40 24.78
CA ILE A 1803 -40.33 -36.04 23.39
C ILE A 1803 -41.58 -36.10 22.56
N ALA A 1804 -42.56 -36.86 23.00
CA ALA A 1804 -43.86 -36.85 22.40
C ALA A 1804 -44.52 -35.51 22.61
N GLY A 1805 -44.57 -35.06 23.84
CA GLY A 1805 -45.19 -33.79 24.09
C GLY A 1805 -44.54 -32.70 23.27
N GLU A 1806 -43.21 -32.63 23.33
CA GLU A 1806 -42.54 -31.61 22.56
C GLU A 1806 -42.82 -31.73 21.08
N SER A 1807 -42.87 -32.97 20.58
CA SER A 1807 -43.02 -33.42 19.22
C SER A 1807 -44.39 -33.13 18.69
N SER A 1808 -45.37 -33.37 19.52
CA SER A 1808 -46.74 -33.05 19.25
C SER A 1808 -46.96 -31.57 19.08
N LEU A 1809 -46.39 -30.79 19.98
CA LEU A 1809 -46.60 -29.35 19.91
C LEU A 1809 -45.89 -28.81 18.71
N ALA A 1810 -44.65 -29.24 18.60
CA ALA A 1810 -43.78 -28.89 17.51
C ALA A 1810 -44.49 -29.22 16.24
N TYR A 1811 -45.10 -30.39 16.24
CA TYR A 1811 -45.80 -30.91 15.10
C TYR A 1811 -46.94 -29.97 14.76
N ASN A 1812 -47.56 -29.39 15.78
CA ASN A 1812 -48.64 -28.49 15.53
C ASN A 1812 -48.25 -27.16 14.98
N GLU A 1813 -46.97 -26.86 14.92
CA GLU A 1813 -46.60 -25.56 14.39
C GLU A 1813 -45.82 -25.71 13.12
N ILE A 1814 -45.03 -26.78 12.99
CA ILE A 1814 -44.20 -26.97 11.82
C ILE A 1814 -44.25 -28.46 11.56
N ILE A 1815 -43.72 -28.87 10.43
CA ILE A 1815 -43.74 -30.27 10.05
C ILE A 1815 -42.60 -31.18 10.49
N THR A 1816 -42.96 -32.27 11.12
CA THR A 1816 -42.09 -33.44 11.32
C THR A 1816 -42.95 -34.55 10.73
N ILE A 1817 -42.38 -35.46 9.96
CA ILE A 1817 -43.12 -36.61 9.42
C ILE A 1817 -42.27 -37.86 9.50
N SER A 1818 -42.89 -39.05 9.61
CA SER A 1818 -42.27 -40.36 9.84
C SER A 1818 -42.77 -41.56 9.03
N LEU A 1819 -41.75 -42.36 8.71
CA LEU A 1819 -41.84 -43.59 7.93
C LEU A 1819 -41.24 -44.83 8.58
N VAL A 1820 -42.05 -45.87 8.67
CA VAL A 1820 -41.69 -47.15 9.27
C VAL A 1820 -41.37 -48.29 8.35
N THR A 1821 -40.17 -48.82 8.53
CA THR A 1821 -39.50 -49.74 7.65
C THR A 1821 -39.69 -51.13 8.22
N CYS A 1822 -39.48 -51.26 9.52
CA CYS A 1822 -39.57 -52.56 10.17
C CYS A 1822 -40.63 -52.60 11.27
N ARG A 1823 -40.56 -51.76 12.30
CA ARG A 1823 -41.68 -51.72 13.22
C ARG A 1823 -41.57 -50.45 14.08
N ALA A 1824 -42.47 -50.43 15.04
CA ALA A 1824 -43.31 -49.32 15.39
C ALA A 1824 -43.31 -48.55 16.68
N ILE A 1825 -42.53 -48.78 17.70
CA ILE A 1825 -43.09 -49.38 18.87
C ILE A 1825 -43.10 -48.48 20.04
N GLY A 1826 -44.23 -48.63 20.74
CA GLY A 1826 -44.51 -47.89 21.93
C GLY A 1826 -44.36 -46.45 21.53
N ILE A 1827 -43.38 -45.79 22.13
CA ILE A 1827 -43.20 -44.37 21.87
C ILE A 1827 -43.04 -44.12 20.38
N GLY A 1828 -42.44 -45.06 19.66
CA GLY A 1828 -42.35 -44.91 18.22
C GLY A 1828 -43.70 -44.81 17.56
N ALA A 1829 -44.59 -45.73 17.93
CA ALA A 1829 -45.96 -45.70 17.44
C ALA A 1829 -46.64 -44.40 17.78
N TYR A 1830 -46.50 -43.96 19.02
CA TYR A 1830 -47.23 -42.79 19.45
C TYR A 1830 -46.74 -41.55 18.72
N LEU A 1831 -45.42 -41.45 18.49
CA LEU A 1831 -44.89 -40.31 17.75
C LEU A 1831 -45.31 -40.33 16.31
N VAL A 1832 -45.49 -41.51 15.74
CA VAL A 1832 -45.89 -41.56 14.35
C VAL A 1832 -47.32 -41.12 14.30
N ARG A 1833 -48.02 -41.44 15.35
CA ARG A 1833 -49.39 -41.17 15.38
C ARG A 1833 -49.53 -39.65 15.46
N LEU A 1834 -48.66 -38.99 16.27
CA LEU A 1834 -48.63 -37.55 16.30
C LEU A 1834 -48.31 -36.94 14.96
N GLY A 1835 -47.41 -37.56 14.21
CA GLY A 1835 -47.14 -37.05 12.88
C GLY A 1835 -48.19 -37.23 11.84
N GLN A 1836 -49.05 -38.22 11.96
CA GLN A 1836 -50.21 -38.43 11.09
C GLN A 1836 -49.67 -38.98 9.79
N ARG A 1837 -48.71 -38.30 9.21
CA ARG A 1837 -48.16 -38.79 7.98
C ARG A 1837 -47.19 -39.85 8.40
N THR A 1838 -47.60 -41.01 7.97
CA THR A 1838 -47.20 -42.26 8.52
C THR A 1838 -47.02 -43.12 7.29
N ILE A 1839 -45.82 -43.66 7.15
CA ILE A 1839 -45.55 -44.60 6.08
C ILE A 1839 -45.31 -45.98 6.62
N GLN A 1840 -45.84 -46.97 5.95
CA GLN A 1840 -45.74 -48.33 6.41
C GLN A 1840 -45.18 -49.09 5.24
N VAL A 1841 -44.04 -49.63 5.43
CA VAL A 1841 -43.29 -50.45 4.53
C VAL A 1841 -43.93 -51.82 4.55
N GLU A 1842 -44.01 -52.44 3.39
CA GLU A 1842 -44.51 -53.80 3.40
C GLU A 1842 -43.60 -54.57 4.35
N ASN A 1843 -44.19 -55.53 5.06
CA ASN A 1843 -43.58 -56.39 6.07
C ASN A 1843 -43.21 -55.64 7.36
N SER A 1844 -43.44 -54.32 7.45
CA SER A 1844 -43.34 -53.70 8.77
C SER A 1844 -44.58 -54.03 9.59
N HIS A 1845 -44.50 -53.84 10.92
CA HIS A 1845 -45.65 -54.10 11.79
C HIS A 1845 -45.72 -53.19 13.01
N LEU A 1846 -46.95 -53.04 13.55
CA LEU A 1846 -47.27 -51.96 14.50
C LEU A 1846 -48.05 -52.46 15.72
N ILE A 1847 -47.31 -52.67 16.82
CA ILE A 1847 -47.82 -53.36 18.03
C ILE A 1847 -47.09 -52.94 19.29
N LEU A 1848 -47.68 -53.28 20.44
CA LEU A 1848 -47.06 -53.05 21.76
C LEU A 1848 -46.55 -54.32 22.44
N THR A 1849 -47.32 -55.41 22.43
CA THR A 1849 -47.02 -56.69 23.10
C THR A 1849 -47.28 -57.82 22.12
N GLY A 1850 -46.47 -58.89 22.20
CA GLY A 1850 -46.43 -59.87 21.13
C GLY A 1850 -47.58 -60.86 21.13
N ALA A 1851 -47.86 -61.31 19.90
CA ALA A 1851 -48.93 -62.25 19.57
C ALA A 1851 -48.91 -63.44 20.49
N GLY A 1852 -47.72 -63.86 20.89
CA GLY A 1852 -47.62 -64.99 21.78
C GLY A 1852 -48.35 -64.70 23.07
N ALA A 1853 -48.04 -63.55 23.68
CA ALA A 1853 -48.58 -62.98 24.91
C ALA A 1853 -50.09 -62.89 24.80
N LEU A 1854 -50.57 -62.36 23.67
CA LEU A 1854 -52.01 -62.18 23.55
C LEU A 1854 -52.75 -63.50 23.44
N ASN A 1855 -52.19 -64.40 22.63
CA ASN A 1855 -52.77 -65.70 22.42
C ASN A 1855 -52.77 -66.51 23.68
N LYS A 1856 -51.66 -66.41 24.41
CA LYS A 1856 -51.50 -67.10 25.67
C LYS A 1856 -52.49 -66.64 26.72
N VAL A 1857 -52.57 -65.34 26.96
CA VAL A 1857 -53.54 -64.85 27.93
C VAL A 1857 -54.97 -65.20 27.54
N LEU A 1858 -55.29 -65.22 26.24
CA LEU A 1858 -56.66 -65.51 25.79
C LEU A 1858 -56.86 -67.00 25.52
N GLY A 1859 -55.88 -67.84 25.81
CA GLY A 1859 -56.06 -69.27 25.69
C GLY A 1859 -56.10 -69.85 24.30
N ARG A 1860 -55.84 -69.08 23.25
CA ARG A 1860 -55.73 -69.71 21.95
C ARG A 1860 -54.90 -68.80 21.07
N GLU A 1861 -54.49 -69.34 19.93
CA GLU A 1861 -53.66 -68.62 18.97
C GLU A 1861 -54.52 -67.70 18.11
N VAL A 1862 -54.99 -66.59 18.69
CA VAL A 1862 -55.86 -65.62 18.05
C VAL A 1862 -55.13 -65.03 16.86
N TYR A 1863 -53.95 -64.44 17.10
CA TYR A 1863 -53.18 -63.83 16.04
C TYR A 1863 -51.91 -64.64 15.81
N THR A 1864 -51.52 -64.76 14.54
CA THR A 1864 -50.38 -65.56 14.14
C THR A 1864 -49.21 -64.73 13.63
N SER A 1865 -49.44 -63.46 13.29
CA SER A 1865 -48.40 -62.68 12.63
C SER A 1865 -48.54 -61.21 12.91
N ASN A 1866 -47.42 -60.59 13.26
CA ASN A 1866 -47.43 -59.16 13.44
C ASN A 1866 -48.04 -58.45 12.23
N ASN A 1867 -47.89 -59.01 11.02
CA ASN A 1867 -48.60 -58.45 9.87
C ASN A 1867 -50.11 -58.57 10.04
N GLN A 1868 -50.58 -59.63 10.74
CA GLN A 1868 -52.00 -59.73 11.08
C GLN A 1868 -52.35 -58.54 11.93
N LEU A 1869 -51.36 -58.05 12.66
CA LEU A 1869 -51.56 -56.99 13.62
C LEU A 1869 -51.52 -55.61 12.97
N GLY A 1870 -50.59 -55.36 12.01
CA GLY A 1870 -50.35 -54.03 11.46
C GLY A 1870 -50.26 -53.87 9.96
N GLY A 1871 -50.62 -54.86 9.15
CA GLY A 1871 -50.44 -54.73 7.71
C GLY A 1871 -51.41 -53.77 7.09
N ILE A 1872 -51.24 -53.53 5.78
CA ILE A 1872 -52.11 -52.60 5.05
C ILE A 1872 -53.53 -53.08 5.11
N GLN A 1873 -53.69 -54.38 5.24
CA GLN A 1873 -55.01 -54.94 5.35
C GLN A 1873 -55.67 -54.50 6.63
N ILE A 1874 -54.88 -53.97 7.57
CA ILE A 1874 -55.42 -53.34 8.74
C ILE A 1874 -55.33 -51.81 8.61
N MET A 1875 -54.10 -51.30 8.49
CA MET A 1875 -53.85 -49.87 8.61
C MET A 1875 -54.24 -49.08 7.38
N HIS A 1876 -54.12 -49.70 6.21
CA HIS A 1876 -54.52 -49.02 4.99
C HIS A 1876 -56.01 -49.05 4.74
N ASN A 1877 -56.65 -50.18 5.07
CA ASN A 1877 -58.09 -50.28 4.93
C ASN A 1877 -58.82 -49.49 5.98
N ASN A 1878 -58.14 -49.09 7.07
CA ASN A 1878 -58.75 -48.26 8.08
C ASN A 1878 -58.14 -46.88 8.24
N GLY A 1879 -57.10 -46.55 7.49
CA GLY A 1879 -56.60 -45.21 7.54
C GLY A 1879 -55.62 -44.90 8.65
N VAL A 1880 -55.18 -45.90 9.42
CA VAL A 1880 -54.12 -45.59 10.37
C VAL A 1880 -52.85 -45.27 9.62
N THR A 1881 -52.60 -46.00 8.55
CA THR A 1881 -51.47 -45.69 7.70
C THR A 1881 -51.80 -44.77 6.54
N HIS A 1882 -50.97 -43.75 6.33
CA HIS A 1882 -51.24 -42.81 5.26
C HIS A 1882 -50.74 -43.35 3.97
N CYS A 1883 -49.52 -43.90 3.95
CA CYS A 1883 -49.08 -44.53 2.71
C CYS A 1883 -48.36 -45.81 3.06
N THR A 1884 -48.47 -46.76 2.14
CA THR A 1884 -47.70 -47.98 2.23
C THR A 1884 -46.86 -48.03 0.97
N VAL A 1885 -45.69 -48.61 1.11
CA VAL A 1885 -44.78 -48.72 -0.01
C VAL A 1885 -44.09 -50.06 -0.07
N CYS A 1886 -43.64 -50.40 -1.27
CA CYS A 1886 -42.97 -51.67 -1.44
C CYS A 1886 -41.54 -51.50 -0.98
N ASP A 1887 -41.00 -50.28 -1.03
CA ASP A 1887 -39.66 -50.08 -0.52
C ASP A 1887 -39.45 -48.63 -0.10
N ASP A 1888 -38.33 -48.47 0.57
CA ASP A 1888 -37.96 -47.19 1.16
C ASP A 1888 -37.71 -46.15 0.09
N PHE A 1889 -36.96 -46.56 -0.93
CA PHE A 1889 -36.59 -45.66 -2.01
C PHE A 1889 -37.81 -45.02 -2.66
N GLU A 1890 -38.79 -45.83 -3.07
CA GLU A 1890 -39.92 -45.23 -3.76
C GLU A 1890 -40.76 -44.42 -2.80
N GLY A 1891 -40.74 -44.80 -1.52
CA GLY A 1891 -41.43 -43.99 -0.53
C GLY A 1891 -40.86 -42.58 -0.48
N VAL A 1892 -39.55 -42.48 -0.31
CA VAL A 1892 -38.93 -41.17 -0.25
C VAL A 1892 -39.19 -40.38 -1.52
N PHE A 1893 -39.19 -41.04 -2.68
CA PHE A 1893 -39.53 -40.31 -3.91
C PHE A 1893 -40.87 -39.59 -3.72
N THR A 1894 -41.85 -40.30 -3.17
CA THR A 1894 -43.11 -39.65 -2.89
C THR A 1894 -42.92 -38.52 -1.89
N VAL A 1895 -42.04 -38.73 -0.91
CA VAL A 1895 -41.77 -37.73 0.11
C VAL A 1895 -41.41 -36.43 -0.55
N LEU A 1896 -40.41 -36.48 -1.40
CA LEU A 1896 -39.96 -35.26 -2.05
C LEU A 1896 -41.06 -34.64 -2.89
N HIS A 1897 -41.93 -35.47 -3.47
CA HIS A 1897 -42.99 -34.90 -4.27
C HIS A 1897 -43.88 -34.10 -3.35
N TRP A 1898 -44.18 -34.67 -2.18
CA TRP A 1898 -44.90 -33.92 -1.17
C TRP A 1898 -44.19 -32.62 -0.78
N LEU A 1899 -42.89 -32.71 -0.41
CA LEU A 1899 -42.09 -31.57 0.01
C LEU A 1899 -42.08 -30.42 -0.98
N SER A 1900 -42.35 -30.71 -2.24
CA SER A 1900 -42.34 -29.67 -3.24
C SER A 1900 -43.41 -28.62 -3.06
N TYR A 1901 -44.39 -28.89 -2.22
CA TYR A 1901 -45.39 -27.89 -1.93
C TYR A 1901 -45.14 -26.99 -0.73
N MET A 1902 -44.12 -27.23 0.11
CA MET A 1902 -44.20 -26.50 1.37
C MET A 1902 -43.03 -25.56 1.61
N PRO A 1903 -43.27 -24.37 2.17
CA PRO A 1903 -42.14 -23.49 2.42
C PRO A 1903 -41.37 -24.00 3.61
N LYS A 1904 -40.07 -23.89 3.49
CA LYS A 1904 -39.15 -24.30 4.54
C LYS A 1904 -39.57 -23.70 5.86
N SER A 1905 -40.09 -22.46 5.83
CA SER A 1905 -40.50 -21.79 7.03
C SER A 1905 -41.68 -20.87 6.77
N VAL A 1906 -42.11 -20.26 7.87
CA VAL A 1906 -43.21 -19.31 7.97
C VAL A 1906 -43.05 -17.91 7.45
N HIS A 1907 -41.85 -17.47 7.19
CA HIS A 1907 -41.62 -16.13 6.70
C HIS A 1907 -41.89 -16.00 5.22
N SER A 1908 -42.34 -17.05 4.58
CA SER A 1908 -42.40 -17.13 3.15
C SER A 1908 -43.81 -17.42 2.68
N SER A 1909 -44.08 -16.94 1.48
CA SER A 1909 -44.79 -17.72 0.53
C SER A 1909 -43.73 -18.55 -0.09
N VAL A 1910 -44.14 -19.64 -0.68
CA VAL A 1910 -43.62 -20.71 -1.50
C VAL A 1910 -42.93 -20.09 -2.72
N PRO A 1911 -41.72 -20.53 -3.11
CA PRO A 1911 -41.09 -19.96 -4.30
C PRO A 1911 -41.66 -20.60 -5.56
N LEU A 1912 -42.22 -19.76 -6.40
CA LEU A 1912 -42.94 -20.22 -7.59
C LEU A 1912 -42.35 -20.22 -8.97
N LEU A 1913 -42.66 -21.26 -9.72
CA LEU A 1913 -42.35 -21.36 -11.15
C LEU A 1913 -43.67 -21.28 -11.88
N ASN A 1914 -43.60 -20.99 -13.17
CA ASN A 1914 -44.73 -21.07 -14.09
C ASN A 1914 -44.76 -22.40 -14.85
N SER A 1915 -45.63 -23.31 -14.42
CA SER A 1915 -45.76 -24.71 -14.82
C SER A 1915 -46.48 -24.94 -16.16
N LYS A 1916 -46.31 -26.15 -16.74
CA LYS A 1916 -46.94 -26.44 -18.05
C LYS A 1916 -48.41 -26.75 -18.07
N ASP A 1917 -49.11 -27.03 -16.98
CA ASP A 1917 -50.56 -27.14 -17.16
C ASP A 1917 -50.96 -25.67 -17.00
N PRO A 1918 -51.40 -24.99 -18.06
CA PRO A 1918 -51.63 -23.55 -17.97
C PRO A 1918 -52.77 -23.15 -17.07
N ILE A 1919 -52.80 -21.85 -16.86
CA ILE A 1919 -53.69 -21.20 -15.91
C ILE A 1919 -54.90 -20.79 -16.71
N ASP A 1920 -54.70 -20.41 -17.97
CA ASP A 1920 -55.77 -19.98 -18.84
C ASP A 1920 -56.32 -21.17 -19.62
N ARG A 1921 -56.37 -22.33 -18.97
CA ARG A 1921 -57.01 -23.50 -19.55
C ARG A 1921 -58.37 -23.67 -18.95
N ILE A 1922 -59.15 -24.44 -19.65
CA ILE A 1922 -60.43 -24.90 -19.18
C ILE A 1922 -60.24 -26.26 -18.53
N ILE A 1923 -61.16 -26.60 -17.64
CA ILE A 1923 -61.19 -27.91 -17.01
C ILE A 1923 -62.07 -28.79 -17.88
N GLU A 1924 -61.60 -29.96 -18.27
CA GLU A 1924 -62.42 -30.72 -19.20
C GLU A 1924 -63.53 -31.54 -18.53
N PHE A 1925 -63.26 -32.17 -17.38
CA PHE A 1925 -64.30 -32.95 -16.74
C PHE A 1925 -65.39 -32.07 -16.17
N VAL A 1926 -66.62 -32.50 -16.38
CA VAL A 1926 -67.81 -31.79 -15.95
C VAL A 1926 -68.62 -32.70 -15.03
N PRO A 1927 -68.92 -32.26 -13.82
CA PRO A 1927 -69.75 -33.04 -12.90
C PRO A 1927 -71.11 -33.43 -13.45
N THR A 1928 -71.59 -34.57 -12.98
CA THR A 1928 -72.74 -35.24 -13.54
C THR A 1928 -73.75 -35.53 -12.43
N LYS A 1929 -75.00 -35.65 -12.85
CA LYS A 1929 -76.05 -36.12 -11.95
C LYS A 1929 -75.75 -37.52 -11.46
N THR A 1930 -75.32 -38.36 -12.39
CA THR A 1930 -74.85 -39.66 -12.00
C THR A 1930 -73.61 -39.48 -11.13
N PRO A 1931 -73.44 -40.29 -10.09
CA PRO A 1931 -72.28 -40.07 -9.24
C PRO A 1931 -71.05 -40.48 -10.05
N TYR A 1932 -69.89 -40.02 -9.62
CA TYR A 1932 -68.67 -40.20 -10.42
C TYR A 1932 -67.41 -40.11 -9.57
N ASP A 1933 -66.31 -40.67 -10.09
CA ASP A 1933 -65.05 -40.51 -9.39
C ASP A 1933 -64.53 -39.09 -9.44
N PRO A 1934 -64.39 -38.43 -8.29
CA PRO A 1934 -63.94 -37.04 -8.27
C PRO A 1934 -62.49 -36.84 -8.59
N ARG A 1935 -61.70 -37.91 -8.62
CA ARG A 1935 -60.30 -37.75 -8.96
C ARG A 1935 -60.13 -37.30 -10.39
N TRP A 1936 -61.02 -37.76 -11.27
CA TRP A 1936 -61.05 -37.26 -12.62
C TRP A 1936 -61.33 -35.78 -12.60
N MET A 1937 -62.29 -35.42 -11.76
CA MET A 1937 -62.70 -34.05 -11.56
C MET A 1937 -61.60 -33.14 -10.98
N LEU A 1938 -60.78 -33.70 -10.09
CA LEU A 1938 -59.81 -32.98 -9.28
C LEU A 1938 -58.45 -32.81 -9.92
N ALA A 1939 -57.82 -33.93 -10.21
CA ALA A 1939 -56.45 -34.01 -10.67
C ALA A 1939 -56.36 -34.16 -12.16
N GLY A 1940 -57.48 -34.44 -12.77
CA GLY A 1940 -57.57 -34.73 -14.16
C GLY A 1940 -57.44 -36.19 -14.26
N ARG A 1941 -57.59 -36.64 -15.49
CA ARG A 1941 -57.48 -38.06 -15.75
C ARG A 1941 -56.93 -38.24 -17.12
N PRO A 1942 -56.45 -39.41 -17.43
CA PRO A 1942 -56.07 -39.69 -18.80
C PRO A 1942 -57.38 -39.69 -19.55
N HIS A 1943 -57.32 -39.37 -20.82
CA HIS A 1943 -58.54 -39.28 -21.59
C HIS A 1943 -59.14 -40.67 -21.69
N PRO A 1944 -60.44 -40.83 -21.36
CA PRO A 1944 -61.08 -42.14 -21.46
C PRO A 1944 -60.93 -42.86 -22.77
N THR A 1945 -60.93 -42.15 -23.90
CA THR A 1945 -60.78 -42.86 -25.15
C THR A 1945 -59.29 -42.93 -25.49
N GLN A 1946 -58.76 -42.00 -26.28
CA GLN A 1946 -57.38 -42.02 -26.73
C GLN A 1946 -56.41 -41.72 -25.58
N LYS A 1947 -56.07 -42.74 -24.79
CA LYS A 1947 -54.98 -42.56 -23.83
C LYS A 1947 -53.63 -42.71 -24.57
N GLY A 1948 -52.55 -42.11 -24.04
CA GLY A 1948 -52.50 -41.27 -22.85
C GLY A 1948 -52.59 -39.78 -23.05
N GLN A 1949 -53.76 -39.36 -23.51
CA GLN A 1949 -54.16 -37.98 -23.48
C GLN A 1949 -54.83 -37.81 -22.14
N TRP A 1950 -55.29 -36.61 -21.82
CA TRP A 1950 -55.73 -36.33 -20.47
C TRP A 1950 -56.96 -35.43 -20.50
N LEU A 1951 -58.07 -35.91 -19.94
CA LEU A 1951 -59.25 -35.07 -19.71
C LEU A 1951 -58.98 -34.22 -18.50
N SER A 1952 -58.83 -32.93 -18.70
CA SER A 1952 -58.36 -32.15 -17.60
C SER A 1952 -59.39 -32.07 -16.50
N GLY A 1953 -58.85 -32.23 -15.30
CA GLY A 1953 -59.54 -32.08 -14.06
C GLY A 1953 -59.22 -30.70 -13.59
N PHE A 1954 -59.50 -30.46 -12.34
CA PHE A 1954 -59.10 -29.17 -11.83
C PHE A 1954 -57.57 -29.02 -11.86
N PHE A 1955 -56.80 -29.99 -11.38
CA PHE A 1955 -55.36 -29.77 -11.23
C PHE A 1955 -54.40 -30.10 -12.38
N ASP A 1956 -53.17 -29.61 -12.20
CA ASP A 1956 -52.05 -29.84 -13.13
C ASP A 1956 -51.79 -31.29 -13.44
N TYR A 1957 -51.61 -31.59 -14.72
CA TYR A 1957 -51.28 -32.94 -15.16
C TYR A 1957 -50.17 -33.52 -14.30
N GLY A 1958 -50.47 -34.64 -13.66
CA GLY A 1958 -49.47 -35.35 -12.92
C GLY A 1958 -49.09 -34.72 -11.60
N SER A 1959 -49.80 -33.69 -11.17
CA SER A 1959 -49.38 -32.94 -10.00
C SER A 1959 -50.06 -33.27 -8.69
N PHE A 1960 -51.22 -33.91 -8.73
CA PHE A 1960 -52.02 -34.11 -7.54
C PHE A 1960 -51.63 -35.24 -6.62
N SER A 1961 -51.47 -34.91 -5.34
CA SER A 1961 -51.07 -35.90 -4.36
C SER A 1961 -51.97 -36.13 -3.15
N GLU A 1962 -52.75 -37.22 -3.24
CA GLU A 1962 -53.72 -37.77 -2.31
C GLU A 1962 -53.04 -38.56 -1.18
N ILE A 1963 -53.74 -38.77 -0.05
CA ILE A 1963 -53.33 -39.78 0.92
C ILE A 1963 -54.55 -40.50 1.47
N MET A 1964 -54.29 -41.68 2.03
CA MET A 1964 -55.31 -42.51 2.67
C MET A 1964 -56.50 -42.81 1.78
N GLN A 1965 -56.26 -43.05 0.49
CA GLN A 1965 -57.37 -43.13 -0.44
C GLN A 1965 -58.36 -44.23 -0.08
N PRO A 1966 -57.95 -45.44 0.35
CA PRO A 1966 -58.95 -46.49 0.46
C PRO A 1966 -59.71 -46.50 1.76
N TRP A 1967 -59.42 -45.59 2.68
CA TRP A 1967 -60.14 -45.58 3.95
C TRP A 1967 -61.06 -44.40 3.86
N ALA A 1968 -62.33 -44.62 4.15
CA ALA A 1968 -63.34 -43.57 4.15
C ALA A 1968 -63.20 -42.82 2.81
N GLN A 1969 -63.54 -43.56 1.78
CA GLN A 1969 -63.25 -43.21 0.42
C GLN A 1969 -64.34 -42.33 -0.14
N THR A 1970 -65.28 -41.94 0.73
CA THR A 1970 -66.35 -40.99 0.48
C THR A 1970 -65.84 -39.60 0.20
N VAL A 1971 -64.61 -39.33 0.59
CA VAL A 1971 -63.93 -38.09 0.28
C VAL A 1971 -62.55 -38.26 -0.34
N VAL A 1972 -62.13 -37.27 -1.13
CA VAL A 1972 -60.85 -37.31 -1.83
C VAL A 1972 -60.22 -36.00 -1.41
N VAL A 1973 -59.02 -36.10 -0.85
CA VAL A 1973 -58.33 -34.95 -0.27
C VAL A 1973 -56.89 -34.84 -0.71
N GLY A 1974 -56.36 -33.62 -0.65
CA GLY A 1974 -54.98 -33.50 -1.08
C GLY A 1974 -54.46 -32.07 -1.13
N ARG A 1975 -53.29 -31.97 -1.76
CA ARG A 1975 -52.34 -30.93 -2.13
C ARG A 1975 -52.14 -30.89 -3.65
N ALA A 1976 -51.85 -29.72 -4.22
CA ALA A 1976 -51.64 -29.76 -5.66
C ALA A 1976 -50.73 -28.66 -6.21
N ARG A 1977 -50.60 -28.66 -7.54
CA ARG A 1977 -49.87 -27.67 -8.32
C ARG A 1977 -50.74 -27.21 -9.45
N LEU A 1978 -50.67 -25.93 -9.69
CA LEU A 1978 -51.37 -25.30 -10.79
C LEU A 1978 -50.74 -24.00 -11.27
N GLY A 1979 -50.17 -24.04 -12.48
CA GLY A 1979 -49.29 -22.96 -12.87
C GLY A 1979 -48.10 -22.85 -11.93
N GLY A 1980 -47.74 -23.96 -11.27
CA GLY A 1980 -46.60 -24.08 -10.35
C GLY A 1980 -46.85 -23.73 -8.90
N ILE A 1981 -48.07 -23.44 -8.52
CA ILE A 1981 -48.46 -23.22 -7.12
C ILE A 1981 -48.96 -24.29 -6.15
N PRO A 1982 -48.32 -24.43 -5.00
CA PRO A 1982 -48.81 -25.40 -4.02
C PRO A 1982 -50.14 -24.88 -3.50
N VAL A 1983 -51.13 -25.77 -3.42
CA VAL A 1983 -52.42 -25.43 -2.83
C VAL A 1983 -52.96 -26.52 -1.91
N GLY A 1984 -53.89 -26.11 -1.01
CA GLY A 1984 -54.71 -27.07 -0.30
C GLY A 1984 -55.99 -27.37 -1.06
N VAL A 1985 -56.44 -28.62 -0.90
CA VAL A 1985 -57.43 -29.20 -1.81
C VAL A 1985 -58.51 -30.03 -1.14
N VAL A 1986 -59.79 -29.77 -1.47
CA VAL A 1986 -60.88 -30.60 -0.99
C VAL A 1986 -61.88 -31.06 -2.05
N ALA A 1987 -62.14 -32.38 -2.12
CA ALA A 1987 -63.17 -32.94 -2.99
C ALA A 1987 -63.84 -34.12 -2.29
N VAL A 1988 -65.00 -34.53 -2.82
CA VAL A 1988 -65.85 -35.54 -2.20
C VAL A 1988 -66.05 -36.69 -3.15
N GLU A 1989 -65.89 -37.91 -2.66
CA GLU A 1989 -66.26 -39.03 -3.53
C GLU A 1989 -67.76 -39.05 -3.70
N THR A 1990 -68.19 -39.29 -4.92
CA THR A 1990 -69.62 -39.23 -5.20
C THR A 1990 -70.38 -40.55 -5.43
N ARG A 1991 -69.75 -41.66 -5.81
CA ARG A 1991 -70.54 -42.88 -5.97
C ARG A 1991 -70.70 -43.63 -4.66
N THR A 1992 -71.83 -44.33 -4.55
CA THR A 1992 -72.11 -45.12 -3.37
C THR A 1992 -71.05 -46.16 -3.15
N VAL A 1993 -70.52 -46.18 -1.95
CA VAL A 1993 -69.54 -47.16 -1.54
C VAL A 1993 -70.23 -48.40 -1.04
N GLU A 1994 -69.67 -49.54 -1.36
CA GLU A 1994 -70.08 -50.79 -0.77
C GLU A 1994 -68.80 -51.12 -0.01
N LEU A 1995 -68.83 -50.88 1.30
CA LEU A 1995 -67.67 -51.07 2.16
C LEU A 1995 -67.68 -52.42 2.87
N SER A 1996 -66.57 -53.13 2.79
CA SER A 1996 -66.35 -54.40 3.47
C SER A 1996 -65.62 -54.16 4.78
N ILE A 1997 -66.22 -54.65 5.86
CA ILE A 1997 -65.68 -54.55 7.22
C ILE A 1997 -65.04 -55.88 7.58
N PRO A 1998 -63.76 -55.93 7.95
CA PRO A 1998 -63.12 -57.22 8.23
C PRO A 1998 -63.59 -57.86 9.53
N ALA A 1999 -63.40 -59.17 9.60
CA ALA A 1999 -63.75 -59.95 10.77
C ALA A 1999 -62.66 -59.87 11.84
N ASP A 2000 -63.07 -59.84 13.09
CA ASP A 2000 -62.18 -59.92 14.25
C ASP A 2000 -61.82 -61.37 14.60
N PRO A 2001 -60.58 -61.83 14.44
CA PRO A 2001 -60.31 -63.23 14.78
C PRO A 2001 -60.35 -63.48 16.29
N ALA A 2002 -60.07 -62.46 17.10
CA ALA A 2002 -60.25 -62.56 18.54
C ALA A 2002 -61.64 -63.00 18.89
N ASN A 2003 -62.64 -62.46 18.22
CA ASN A 2003 -64.03 -62.72 18.54
C ASN A 2003 -64.53 -63.70 17.49
N LEU A 2004 -64.94 -64.88 17.91
CA LEU A 2004 -65.35 -65.90 16.97
C LEU A 2004 -66.68 -65.58 16.30
N ASP A 2005 -67.42 -64.64 16.87
CA ASP A 2005 -68.68 -64.18 16.32
C ASP A 2005 -68.45 -63.35 15.06
N SER A 2006 -67.50 -62.41 15.14
CA SER A 2006 -67.22 -61.44 14.09
C SER A 2006 -67.11 -62.10 12.73
N GLU A 2007 -68.00 -61.73 11.82
CA GLU A 2007 -67.79 -62.00 10.41
C GLU A 2007 -67.60 -60.70 9.63
N ALA A 2008 -66.83 -60.78 8.55
CA ALA A 2008 -66.53 -59.58 7.78
C ALA A 2008 -67.78 -59.13 7.03
N LYS A 2009 -68.46 -58.11 7.52
CA LYS A 2009 -69.64 -57.59 6.83
C LYS A 2009 -69.33 -56.67 5.66
N ILE A 2010 -70.39 -56.38 4.90
CA ILE A 2010 -70.36 -55.55 3.71
C ILE A 2010 -71.55 -54.60 3.70
N ILE A 2011 -71.25 -53.31 3.71
CA ILE A 2011 -72.22 -52.25 3.95
C ILE A 2011 -72.33 -51.38 2.72
N GLN A 2012 -73.55 -50.98 2.38
CA GLN A 2012 -73.77 -50.01 1.33
C GLN A 2012 -73.62 -48.66 2.03
N GLN A 2013 -72.81 -47.77 1.45
CA GLN A 2013 -72.60 -46.43 2.01
C GLN A 2013 -72.99 -45.23 1.13
N ALA A 2014 -74.11 -44.58 1.50
CA ALA A 2014 -74.73 -43.46 0.80
C ALA A 2014 -73.80 -42.25 0.60
N GLY A 2015 -74.04 -41.51 -0.52
CA GLY A 2015 -73.37 -40.25 -0.84
C GLY A 2015 -73.84 -38.97 -0.07
N GLN A 2016 -73.02 -37.91 -0.21
CA GLN A 2016 -73.16 -36.58 0.46
C GLN A 2016 -73.22 -36.64 1.98
N VAL A 2017 -72.56 -37.60 2.63
CA VAL A 2017 -72.61 -37.65 4.08
C VAL A 2017 -71.24 -37.79 4.73
N TRP A 2018 -71.18 -37.14 5.86
CA TRP A 2018 -70.12 -37.14 6.84
C TRP A 2018 -70.38 -38.17 7.92
N PHE A 2019 -69.39 -39.02 8.17
CA PHE A 2019 -69.39 -39.93 9.30
C PHE A 2019 -68.47 -39.39 10.38
N PRO A 2020 -68.38 -40.04 11.55
CA PRO A 2020 -67.42 -39.58 12.56
C PRO A 2020 -66.03 -39.52 12.00
N ASP A 2021 -65.60 -40.64 11.42
CA ASP A 2021 -64.33 -40.95 10.77
C ASP A 2021 -64.07 -40.03 9.60
N SER A 2022 -65.03 -39.92 8.70
CA SER A 2022 -64.82 -39.11 7.50
C SER A 2022 -64.65 -37.67 7.91
N ALA A 2023 -65.49 -37.23 8.82
CA ALA A 2023 -65.44 -35.84 9.25
C ALA A 2023 -64.15 -35.59 9.99
N PHE A 2024 -63.74 -36.54 10.82
CA PHE A 2024 -62.51 -36.40 11.56
C PHE A 2024 -61.29 -36.40 10.66
N LYS A 2025 -61.14 -37.40 9.83
CA LYS A 2025 -60.04 -37.43 8.90
C LYS A 2025 -60.00 -36.17 8.06
N THR A 2026 -61.16 -35.66 7.70
CA THR A 2026 -61.22 -34.45 6.89
C THR A 2026 -60.72 -33.27 7.68
N TYR A 2027 -61.20 -33.19 8.92
CA TYR A 2027 -60.80 -32.18 9.88
C TYR A 2027 -59.32 -32.22 10.10
N GLN A 2028 -58.79 -33.41 10.15
CA GLN A 2028 -57.40 -33.61 10.45
C GLN A 2028 -56.52 -33.16 9.32
N ALA A 2029 -56.85 -33.55 8.09
CA ALA A 2029 -56.02 -33.14 6.96
C ALA A 2029 -55.97 -31.62 6.80
N ILE A 2030 -57.14 -31.01 6.76
CA ILE A 2030 -57.18 -29.56 6.64
C ILE A 2030 -56.47 -28.93 7.83
N LYS A 2031 -56.74 -29.46 9.03
CA LYS A 2031 -56.16 -28.92 10.25
C LYS A 2031 -54.65 -28.97 10.13
N ASP A 2032 -54.16 -30.06 9.62
CA ASP A 2032 -52.73 -30.27 9.49
C ASP A 2032 -52.17 -29.16 8.64
N PHE A 2033 -52.80 -28.95 7.49
CA PHE A 2033 -52.36 -27.92 6.58
C PHE A 2033 -52.37 -26.60 7.30
N ASN A 2034 -53.35 -26.44 8.18
CA ASN A 2034 -53.55 -25.21 8.92
C ASN A 2034 -52.41 -24.98 9.90
N ARG A 2035 -51.85 -26.02 10.50
CA ARG A 2035 -50.79 -26.03 11.48
C ARG A 2035 -49.49 -25.79 10.75
N GLU A 2036 -49.51 -26.02 9.44
CA GLU A 2036 -48.46 -25.66 8.52
C GLU A 2036 -48.64 -24.21 8.11
N GLY A 2037 -49.90 -23.81 8.04
CA GLY A 2037 -50.39 -22.51 7.65
C GLY A 2037 -50.95 -22.26 6.26
N LEU A 2038 -51.37 -23.38 5.43
CA LEU A 2038 -51.85 -23.11 4.06
C LEU A 2038 -53.37 -22.95 3.92
N PRO A 2039 -53.75 -22.11 2.95
CA PRO A 2039 -55.13 -22.08 2.44
C PRO A 2039 -55.64 -23.27 1.62
N LEU A 2040 -56.97 -23.31 1.63
CA LEU A 2040 -57.83 -24.33 1.05
C LEU A 2040 -58.78 -23.83 -0.04
N MET A 2041 -58.94 -24.68 -1.05
CA MET A 2041 -60.02 -24.53 -2.03
C MET A 2041 -60.83 -25.81 -2.00
N VAL A 2042 -62.06 -25.64 -1.52
CA VAL A 2042 -63.03 -26.72 -1.36
C VAL A 2042 -64.17 -26.74 -2.36
N PHE A 2043 -64.34 -27.86 -3.06
CA PHE A 2043 -65.57 -28.06 -3.82
C PHE A 2043 -66.53 -28.84 -2.92
N ALA A 2044 -67.22 -28.07 -2.07
CA ALA A 2044 -67.99 -28.57 -0.94
C ALA A 2044 -69.31 -29.17 -1.33
N ASN A 2045 -69.63 -30.36 -0.81
CA ASN A 2045 -70.88 -31.02 -1.18
C ASN A 2045 -71.44 -31.99 -0.14
N TRP A 2046 -71.84 -31.53 1.06
CA TRP A 2046 -72.32 -32.44 2.08
C TRP A 2046 -73.71 -32.05 2.50
N ARG A 2047 -74.64 -33.00 2.46
CA ARG A 2047 -75.98 -32.68 2.87
C ARG A 2047 -76.16 -32.74 4.38
N GLY A 2048 -75.30 -33.41 5.09
CA GLY A 2048 -75.49 -33.53 6.52
C GLY A 2048 -74.82 -34.78 7.07
N PHE A 2049 -74.91 -34.91 8.39
CA PHE A 2049 -74.60 -36.14 9.08
C PHE A 2049 -75.83 -37.06 9.10
N SER A 2050 -75.58 -38.37 9.04
CA SER A 2050 -76.67 -39.31 9.22
C SER A 2050 -77.02 -39.24 10.69
N GLY A 2051 -78.31 -39.20 11.00
CA GLY A 2051 -78.70 -38.90 12.35
C GLY A 2051 -79.33 -40.05 13.07
N GLY A 2052 -79.01 -41.28 12.65
CA GLY A 2052 -79.65 -42.41 13.26
C GLY A 2052 -79.03 -42.79 14.59
N MET A 2053 -79.76 -43.63 15.31
CA MET A 2053 -79.46 -43.92 16.70
C MET A 2053 -78.07 -44.49 16.96
N LYS A 2054 -77.74 -45.60 16.32
CA LYS A 2054 -76.52 -46.27 16.73
C LYS A 2054 -75.30 -45.41 16.39
N ASP A 2055 -75.17 -45.00 15.13
CA ASP A 2055 -73.98 -44.26 14.75
C ASP A 2055 -73.88 -42.87 15.38
N MET A 2056 -75.03 -42.22 15.55
CA MET A 2056 -75.03 -40.91 16.17
C MET A 2056 -74.64 -41.06 17.62
N TYR A 2057 -75.22 -42.06 18.27
CA TYR A 2057 -74.79 -42.46 19.60
C TYR A 2057 -73.31 -42.68 19.60
N ASP A 2058 -72.79 -43.25 18.51
CA ASP A 2058 -71.40 -43.54 18.33
C ASP A 2058 -70.62 -42.29 17.93
N GLN A 2059 -71.27 -41.14 18.14
CA GLN A 2059 -70.66 -39.84 18.33
C GLN A 2059 -70.12 -38.99 17.18
N VAL A 2060 -70.75 -39.09 16.01
CA VAL A 2060 -70.37 -38.27 14.86
C VAL A 2060 -70.49 -36.77 15.17
N LEU A 2061 -71.38 -36.41 16.11
CA LEU A 2061 -71.63 -35.02 16.48
C LEU A 2061 -70.38 -34.36 16.99
N LYS A 2062 -69.56 -35.13 17.67
CA LYS A 2062 -68.43 -34.64 18.40
C LYS A 2062 -67.46 -34.11 17.39
N PHE A 2063 -67.39 -34.82 16.27
CA PHE A 2063 -66.42 -34.56 15.24
C PHE A 2063 -66.94 -33.42 14.39
N GLY A 2064 -68.27 -33.24 14.37
CA GLY A 2064 -68.84 -32.06 13.75
C GLY A 2064 -68.44 -30.82 14.50
N ALA A 2065 -68.59 -30.89 15.83
CA ALA A 2065 -68.14 -29.83 16.71
C ALA A 2065 -66.69 -29.50 16.44
N TYR A 2066 -65.90 -30.53 16.29
CA TYR A 2066 -64.49 -30.28 16.12
C TYR A 2066 -64.25 -29.50 14.85
N ILE A 2067 -64.94 -29.85 13.75
CA ILE A 2067 -64.78 -29.03 12.55
C ILE A 2067 -65.04 -27.57 12.84
N VAL A 2068 -66.10 -27.30 13.61
CA VAL A 2068 -66.40 -25.90 13.89
C VAL A 2068 -65.24 -25.23 14.61
N ASP A 2069 -64.75 -25.84 15.68
CA ASP A 2069 -63.62 -25.30 16.42
C ASP A 2069 -62.46 -25.01 15.48
N GLY A 2070 -62.18 -25.97 14.60
CA GLY A 2070 -61.00 -25.89 13.76
C GLY A 2070 -61.08 -24.72 12.82
N LEU A 2071 -62.22 -24.59 12.15
CA LEU A 2071 -62.27 -23.54 11.17
C LEU A 2071 -62.37 -22.20 11.86
N ARG A 2072 -62.99 -22.14 13.05
CA ARG A 2072 -63.02 -20.83 13.69
C ARG A 2072 -61.61 -20.37 13.96
N GLU A 2073 -60.72 -21.32 14.28
CA GLU A 2073 -59.34 -20.92 14.55
C GLU A 2073 -58.47 -20.88 13.28
N CYS A 2074 -59.02 -21.21 12.13
CA CYS A 2074 -58.25 -21.17 10.90
C CYS A 2074 -57.81 -19.75 10.54
N CYS A 2075 -56.59 -19.64 9.99
CA CYS A 2075 -55.94 -18.34 9.78
C CYS A 2075 -55.62 -17.94 8.35
N GLN A 2076 -55.90 -18.75 7.34
CA GLN A 2076 -55.68 -18.35 5.96
C GLN A 2076 -56.88 -18.65 5.10
N PRO A 2077 -56.91 -18.10 3.89
CA PRO A 2077 -58.10 -18.22 3.05
C PRO A 2077 -58.59 -19.61 2.66
N VAL A 2078 -59.89 -19.80 2.79
CA VAL A 2078 -60.54 -20.93 2.14
C VAL A 2078 -61.68 -20.51 1.24
N LEU A 2079 -61.54 -20.76 -0.05
CA LEU A 2079 -62.61 -20.42 -0.98
C LEU A 2079 -63.34 -21.70 -1.37
N VAL A 2080 -64.59 -21.71 -1.02
CA VAL A 2080 -65.48 -22.84 -1.22
C VAL A 2080 -66.48 -22.59 -2.33
N TYR A 2081 -66.66 -23.59 -3.16
CA TYR A 2081 -67.53 -23.57 -4.32
C TYR A 2081 -68.36 -24.82 -4.15
N ILE A 2082 -69.68 -24.69 -4.11
CA ILE A 2082 -70.56 -25.86 -4.12
C ILE A 2082 -70.94 -26.26 -5.54
N PRO A 2083 -70.46 -27.39 -6.02
CA PRO A 2083 -70.74 -27.83 -7.38
C PRO A 2083 -72.18 -28.30 -7.60
N PRO A 2084 -72.55 -28.46 -8.86
CA PRO A 2084 -73.89 -28.90 -9.29
C PRO A 2084 -74.39 -30.23 -8.78
N GLN A 2085 -75.71 -30.29 -8.58
CA GLN A 2085 -76.45 -31.40 -7.98
C GLN A 2085 -76.30 -31.53 -6.49
N ALA A 2086 -75.65 -30.57 -5.87
CA ALA A 2086 -75.55 -30.55 -4.44
C ALA A 2086 -76.66 -29.83 -3.70
N GLU A 2087 -76.63 -30.09 -2.40
CA GLU A 2087 -77.44 -29.47 -1.39
C GLU A 2087 -76.48 -29.48 -0.24
N LEU A 2088 -76.61 -28.52 0.66
CA LEU A 2088 -75.70 -28.51 1.79
C LEU A 2088 -76.52 -28.03 2.96
N ARG A 2089 -76.61 -28.85 3.98
CA ARG A 2089 -77.67 -28.64 4.95
C ARG A 2089 -77.13 -28.70 6.37
N GLY A 2090 -77.77 -27.89 7.20
CA GLY A 2090 -77.64 -27.96 8.64
C GLY A 2090 -76.20 -27.96 8.99
N GLY A 2091 -75.69 -29.02 9.59
CA GLY A 2091 -74.35 -28.98 10.15
C GLY A 2091 -73.32 -28.53 9.13
N SER A 2092 -73.47 -28.96 7.89
CA SER A 2092 -72.44 -28.64 6.93
C SER A 2092 -72.46 -27.16 6.63
N TRP A 2093 -73.64 -26.58 6.57
CA TRP A 2093 -73.79 -25.15 6.41
C TRP A 2093 -73.37 -24.39 7.65
N VAL A 2094 -73.92 -24.85 8.77
CA VAL A 2094 -73.77 -24.26 10.09
C VAL A 2094 -72.30 -24.03 10.37
N VAL A 2095 -71.50 -25.03 10.08
CA VAL A 2095 -70.10 -24.90 10.41
C VAL A 2095 -69.33 -24.10 9.40
N ILE A 2096 -69.94 -23.75 8.27
CA ILE A 2096 -69.21 -22.98 7.28
C ILE A 2096 -69.69 -21.67 6.72
N ASP A 2097 -70.62 -20.98 7.35
CA ASP A 2097 -70.87 -19.67 6.80
C ASP A 2097 -69.62 -18.79 6.95
N SER A 2098 -69.32 -18.02 5.90
CA SER A 2098 -68.19 -17.10 5.85
C SER A 2098 -68.14 -16.05 6.94
N SER A 2099 -69.25 -15.74 7.59
CA SER A 2099 -69.24 -14.72 8.62
C SER A 2099 -68.25 -14.90 9.76
N ILE A 2100 -67.92 -16.13 10.12
CA ILE A 2100 -67.07 -16.33 11.30
C ILE A 2100 -65.71 -15.76 11.09
N ASN A 2101 -65.19 -15.97 9.90
CA ASN A 2101 -63.86 -15.55 9.53
C ASN A 2101 -63.98 -15.09 8.11
N PRO A 2102 -64.67 -13.99 7.90
CA PRO A 2102 -64.84 -13.45 6.55
C PRO A 2102 -63.50 -13.13 5.96
N ARG A 2103 -62.59 -12.76 6.88
CA ARG A 2103 -61.22 -12.45 6.56
C ARG A 2103 -60.62 -13.50 5.66
N HIS A 2104 -61.00 -14.77 5.84
CA HIS A 2104 -60.29 -15.80 5.14
C HIS A 2104 -61.21 -16.68 4.32
N MET A 2105 -62.48 -16.74 4.64
CA MET A 2105 -63.34 -17.63 3.89
C MET A 2105 -64.15 -16.85 2.88
N GLU A 2106 -64.39 -17.50 1.74
CA GLU A 2106 -65.25 -16.93 0.72
C GLU A 2106 -66.04 -18.05 0.06
N MET A 2107 -67.26 -17.73 -0.37
CA MET A 2107 -68.20 -18.71 -0.86
C MET A 2107 -68.80 -18.43 -2.23
N TYR A 2108 -68.86 -19.49 -3.04
CA TYR A 2108 -69.40 -19.52 -4.39
C TYR A 2108 -70.27 -20.78 -4.52
N ALA A 2109 -71.36 -20.67 -5.27
CA ALA A 2109 -72.24 -21.82 -5.53
C ALA A 2109 -72.61 -22.01 -6.99
N ASP A 2110 -72.59 -23.26 -7.46
CA ASP A 2110 -73.14 -23.54 -8.76
C ASP A 2110 -74.65 -23.42 -8.73
N ARG A 2111 -75.24 -23.09 -9.89
CA ARG A 2111 -76.69 -23.09 -9.99
C ARG A 2111 -77.35 -24.36 -9.52
N GLU A 2112 -76.78 -25.53 -9.82
CA GLU A 2112 -77.51 -26.73 -9.41
C GLU A 2112 -77.11 -27.19 -8.05
N SER A 2113 -76.63 -26.27 -7.23
CA SER A 2113 -76.31 -26.56 -5.86
C SER A 2113 -77.21 -25.70 -4.99
N ARG A 2114 -77.27 -26.00 -3.70
CA ARG A 2114 -78.13 -25.22 -2.81
C ARG A 2114 -77.60 -25.38 -1.39
N GLY A 2115 -77.86 -24.41 -0.51
CA GLY A 2115 -77.40 -24.61 0.85
C GLY A 2115 -78.00 -23.70 1.90
N SER A 2116 -78.35 -24.35 3.02
CA SER A 2116 -79.12 -23.80 4.12
C SER A 2116 -78.90 -24.63 5.36
N VAL A 2117 -79.45 -24.14 6.45
CA VAL A 2117 -79.63 -24.96 7.63
C VAL A 2117 -80.54 -26.17 7.33
N LEU A 2118 -81.55 -26.05 6.44
CA LEU A 2118 -82.51 -27.15 6.26
C LEU A 2118 -82.92 -27.45 4.84
N GLU A 2119 -82.90 -28.76 4.58
CA GLU A 2119 -83.24 -29.40 3.34
C GLU A 2119 -84.71 -29.26 2.93
N PRO A 2120 -84.97 -29.41 1.64
CA PRO A 2120 -86.33 -29.24 1.13
C PRO A 2120 -87.38 -30.11 1.76
N GLU A 2121 -87.12 -31.41 1.95
CA GLU A 2121 -88.15 -32.28 2.49
C GLU A 2121 -88.68 -31.80 3.83
N GLY A 2122 -87.80 -31.32 4.71
CA GLY A 2122 -88.22 -30.95 6.04
C GLY A 2122 -88.79 -29.56 6.04
N THR A 2123 -88.26 -28.73 5.15
CA THR A 2123 -88.84 -27.42 4.92
C THR A 2123 -90.28 -27.56 4.40
N VAL A 2124 -90.45 -28.40 3.38
CA VAL A 2124 -91.76 -28.64 2.80
C VAL A 2124 -92.69 -29.25 3.84
N GLU A 2125 -92.22 -30.33 4.45
CA GLU A 2125 -92.96 -31.05 5.48
C GLU A 2125 -93.52 -30.11 6.54
N ILE A 2126 -92.76 -29.07 6.90
CA ILE A 2126 -93.28 -28.15 7.90
C ILE A 2126 -94.19 -27.15 7.23
N LYS A 2127 -93.77 -26.66 6.07
CA LYS A 2127 -94.37 -25.52 5.38
C LYS A 2127 -94.86 -25.91 4.00
N PHE A 2128 -95.23 -27.17 3.83
CA PHE A 2128 -95.91 -27.68 2.66
C PHE A 2128 -96.76 -28.86 3.06
N ARG A 2129 -97.63 -28.55 3.97
CA ARG A 2129 -98.56 -29.49 4.55
C ARG A 2129 -99.77 -29.48 3.65
N ARG A 2130 -100.81 -30.18 4.08
CA ARG A 2130 -102.03 -30.31 3.29
C ARG A 2130 -102.49 -28.95 2.79
N LYS A 2131 -102.61 -27.99 3.70
CA LYS A 2131 -103.05 -26.63 3.37
C LYS A 2131 -102.36 -26.12 2.11
N ASP A 2132 -101.02 -26.22 2.07
CA ASP A 2132 -100.24 -25.80 0.93
C ASP A 2132 -100.49 -26.67 -0.29
N LEU A 2133 -100.71 -27.96 -0.07
CA LEU A 2133 -100.94 -28.87 -1.19
C LEU A 2133 -102.26 -28.51 -1.89
N VAL A 2134 -103.31 -28.39 -1.10
CA VAL A 2134 -104.64 -28.04 -1.60
C VAL A 2134 -104.61 -26.63 -2.18
N LYS A 2135 -104.13 -25.68 -1.40
CA LYS A 2135 -103.91 -24.31 -1.88
C LYS A 2135 -103.22 -24.26 -3.22
N THR A 2136 -102.20 -25.06 -3.38
CA THR A 2136 -101.49 -24.89 -4.61
C THR A 2136 -102.23 -25.49 -5.78
N MET A 2137 -102.82 -26.68 -5.64
CA MET A 2137 -103.69 -27.16 -6.72
C MET A 2137 -104.86 -26.22 -6.99
N ARG A 2138 -105.60 -25.81 -5.95
CA ARG A 2138 -106.77 -24.94 -6.14
C ARG A 2138 -106.38 -23.67 -6.84
N ARG A 2139 -105.13 -23.29 -6.67
CA ARG A 2139 -104.59 -22.10 -7.26
C ARG A 2139 -104.00 -22.30 -8.65
N VAL A 2140 -103.43 -23.47 -8.92
CA VAL A 2140 -102.52 -23.64 -10.04
C VAL A 2140 -103.00 -24.67 -11.05
N ASP A 2141 -103.49 -25.80 -10.60
CA ASP A 2141 -103.90 -26.86 -11.53
C ASP A 2141 -105.20 -26.48 -12.23
N PRO A 2142 -105.26 -26.45 -13.56
CA PRO A 2142 -106.49 -25.95 -14.17
C PRO A 2142 -107.68 -26.84 -13.91
N VAL A 2143 -107.52 -28.16 -14.03
CA VAL A 2143 -108.64 -29.04 -13.77
C VAL A 2143 -109.07 -28.88 -12.32
N TYR A 2144 -108.11 -28.96 -11.41
CA TYR A 2144 -108.39 -28.82 -9.97
C TYR A 2144 -108.93 -27.45 -9.63
N ILE A 2145 -108.30 -26.38 -10.15
CA ILE A 2145 -108.81 -25.03 -9.88
C ILE A 2145 -110.28 -25.01 -10.25
N HIS A 2146 -110.57 -25.50 -11.47
CA HIS A 2146 -111.94 -25.59 -11.95
C HIS A 2146 -112.80 -26.37 -10.96
N LEU A 2147 -112.34 -27.54 -10.54
CA LEU A 2147 -113.06 -28.33 -9.55
C LEU A 2147 -113.40 -27.49 -8.32
N ALA A 2148 -112.41 -26.74 -7.80
CA ALA A 2148 -112.68 -25.88 -6.65
C ALA A 2148 -113.73 -24.85 -7.02
N GLU A 2149 -113.69 -24.38 -8.27
CA GLU A 2149 -114.65 -23.41 -8.77
C GLU A 2149 -116.05 -24.01 -8.76
N ARG A 2150 -116.15 -25.32 -8.98
CA ARG A 2150 -117.44 -26.00 -9.08
C ARG A 2150 -117.97 -26.24 -7.67
N LEU A 2151 -117.11 -26.72 -6.77
CA LEU A 2151 -117.43 -26.72 -5.35
C LEU A 2151 -117.84 -25.35 -4.82
N GLY A 2152 -117.37 -24.28 -5.47
CA GLY A 2152 -117.77 -22.95 -5.09
C GLY A 2152 -119.06 -22.43 -5.66
N THR A 2153 -119.99 -23.34 -6.15
CA THR A 2153 -121.28 -22.81 -6.58
C THR A 2153 -122.35 -23.06 -5.53
N PRO A 2154 -123.20 -22.09 -5.18
CA PRO A 2154 -124.34 -22.39 -4.32
C PRO A 2154 -125.46 -23.04 -5.11
N GLU A 2155 -126.38 -23.66 -4.38
CA GLU A 2155 -127.56 -24.29 -4.97
C GLU A 2155 -127.19 -25.26 -6.09
N LEU A 2156 -126.51 -26.31 -5.66
CA LEU A 2156 -126.14 -27.44 -6.51
C LEU A 2156 -127.06 -28.58 -6.14
N SER A 2157 -127.39 -29.41 -7.12
CA SER A 2157 -128.17 -30.59 -6.80
C SER A 2157 -127.25 -31.45 -5.95
N THR A 2158 -127.81 -32.08 -4.93
CA THR A 2158 -126.97 -32.89 -4.04
C THR A 2158 -126.20 -33.98 -4.79
N ALA A 2159 -126.71 -34.45 -5.93
CA ALA A 2159 -125.92 -35.32 -6.78
C ALA A 2159 -124.64 -34.64 -7.22
N GLU A 2160 -124.76 -33.56 -8.01
CA GLU A 2160 -123.59 -32.81 -8.47
C GLU A 2160 -122.71 -32.37 -7.31
N ARG A 2161 -123.33 -31.96 -6.22
CA ARG A 2161 -122.63 -31.49 -5.03
C ARG A 2161 -121.71 -32.56 -4.47
N LYS A 2162 -122.29 -33.68 -4.02
CA LYS A 2162 -121.50 -34.79 -3.48
C LYS A 2162 -120.48 -35.27 -4.49
N GLU A 2163 -120.89 -35.35 -5.75
CA GLU A 2163 -120.01 -35.75 -6.83
C GLU A 2163 -118.81 -34.83 -6.92
N LEU A 2164 -119.06 -33.52 -6.87
CA LEU A 2164 -118.02 -32.53 -6.97
C LEU A 2164 -117.02 -32.63 -5.82
N GLU A 2165 -117.50 -32.75 -4.57
CA GLU A 2165 -116.54 -32.89 -3.48
C GLU A 2165 -115.65 -34.10 -3.72
N ASN A 2166 -116.25 -35.19 -4.20
CA ASN A 2166 -115.46 -36.38 -4.50
C ASN A 2166 -114.48 -36.11 -5.61
N LYS A 2167 -114.95 -35.47 -6.69
CA LYS A 2167 -114.10 -35.13 -7.83
C LYS A 2167 -112.90 -34.32 -7.39
N LEU A 2168 -113.10 -33.45 -6.41
CA LEU A 2168 -112.01 -32.61 -5.94
C LEU A 2168 -110.99 -33.40 -5.13
N LYS A 2169 -111.46 -34.13 -4.11
CA LYS A 2169 -110.55 -34.97 -3.33
C LYS A 2169 -109.86 -36.02 -4.18
N GLU A 2170 -110.57 -36.63 -5.10
CA GLU A 2170 -110.00 -37.68 -5.93
C GLU A 2170 -108.92 -37.10 -6.84
N ARG A 2171 -109.20 -35.94 -7.44
CA ARG A 2171 -108.22 -35.29 -8.32
C ARG A 2171 -106.99 -35.00 -7.47
N GLU A 2172 -107.22 -34.40 -6.30
CA GLU A 2172 -106.16 -34.08 -5.35
C GLU A 2172 -105.35 -35.31 -4.98
N GLU A 2173 -106.02 -36.34 -4.50
CA GLU A 2173 -105.34 -37.48 -3.92
C GLU A 2173 -104.49 -38.23 -4.91
N PHE A 2174 -105.04 -38.52 -6.09
CA PHE A 2174 -104.18 -39.15 -7.11
C PHE A 2174 -103.03 -38.23 -7.48
N LEU A 2175 -103.26 -36.91 -7.48
CA LEU A 2175 -102.26 -35.91 -7.85
C LEU A 2175 -101.23 -35.57 -6.78
N ILE A 2176 -101.43 -35.97 -5.53
CA ILE A 2176 -100.64 -35.45 -4.43
C ILE A 2176 -99.14 -35.64 -4.57
N PRO A 2177 -98.62 -36.82 -4.95
CA PRO A 2177 -97.16 -37.02 -4.97
C PRO A 2177 -96.33 -35.98 -5.69
N ILE A 2178 -96.63 -35.70 -6.95
CA ILE A 2178 -95.84 -34.75 -7.70
C ILE A 2178 -95.79 -33.41 -7.00
N TYR A 2179 -96.89 -32.95 -6.43
CA TYR A 2179 -96.83 -31.58 -5.94
C TYR A 2179 -96.00 -31.46 -4.68
N HIS A 2180 -95.93 -32.52 -3.88
CA HIS A 2180 -94.96 -32.55 -2.80
C HIS A 2180 -93.55 -32.49 -3.36
N GLN A 2181 -93.33 -33.28 -4.40
CA GLN A 2181 -92.04 -33.37 -5.08
C GLN A 2181 -91.64 -32.03 -5.66
N VAL A 2182 -92.60 -31.36 -6.26
CA VAL A 2182 -92.39 -30.06 -6.85
C VAL A 2182 -92.08 -29.06 -5.77
N ALA A 2183 -92.80 -29.14 -4.67
CA ALA A 2183 -92.61 -28.23 -3.55
C ALA A 2183 -91.22 -28.34 -3.01
N VAL A 2184 -90.76 -29.57 -2.84
CA VAL A 2184 -89.42 -29.75 -2.32
C VAL A 2184 -88.44 -29.13 -3.31
N GLN A 2185 -88.70 -29.29 -4.60
CA GLN A 2185 -87.84 -28.61 -5.56
C GLN A 2185 -87.87 -27.10 -5.27
N PHE A 2186 -89.07 -26.55 -5.15
CA PHE A 2186 -89.28 -25.15 -4.82
C PHE A 2186 -88.49 -24.72 -3.59
N ALA A 2187 -88.59 -25.54 -2.56
CA ALA A 2187 -87.90 -25.26 -1.34
C ALA A 2187 -86.41 -25.21 -1.62
N ASP A 2188 -85.91 -26.19 -2.38
CA ASP A 2188 -84.50 -26.18 -2.69
C ASP A 2188 -84.13 -24.89 -3.39
N LEU A 2189 -85.03 -24.42 -4.26
CA LEU A 2189 -84.95 -23.20 -5.04
C LEU A 2189 -85.00 -21.93 -4.20
N HIS A 2190 -85.34 -22.05 -2.91
CA HIS A 2190 -85.38 -20.94 -1.99
C HIS A 2190 -84.01 -20.49 -1.51
N ASP A 2191 -83.01 -21.31 -1.73
CA ASP A 2191 -81.74 -21.24 -1.07
C ASP A 2191 -80.69 -20.59 -1.95
N THR A 2192 -81.12 -19.79 -2.91
CA THR A 2192 -80.22 -19.47 -3.98
C THR A 2192 -79.16 -18.38 -3.75
N PRO A 2193 -78.14 -18.42 -4.62
CA PRO A 2193 -77.04 -17.44 -4.55
C PRO A 2193 -77.43 -16.02 -4.77
N GLY A 2194 -78.41 -15.74 -5.62
CA GLY A 2194 -78.80 -14.36 -5.85
C GLY A 2194 -79.05 -13.63 -4.57
N ARG A 2195 -79.89 -14.21 -3.72
CA ARG A 2195 -80.13 -13.58 -2.43
C ARG A 2195 -78.88 -13.56 -1.61
N MET A 2196 -78.16 -14.68 -1.54
CA MET A 2196 -76.92 -14.69 -0.77
C MET A 2196 -76.02 -13.51 -1.15
N GLN A 2197 -75.86 -13.34 -2.45
CA GLN A 2197 -74.97 -12.35 -3.02
C GLN A 2197 -75.51 -10.97 -2.69
N GLU A 2198 -76.81 -10.80 -2.93
CA GLU A 2198 -77.50 -9.55 -2.65
C GLU A 2198 -77.28 -9.16 -1.20
N LYS A 2199 -77.29 -10.14 -0.31
CA LYS A 2199 -77.09 -9.88 1.09
C LYS A 2199 -75.62 -9.70 1.38
N GLY A 2200 -74.77 -9.91 0.38
CA GLY A 2200 -73.38 -9.58 0.49
C GLY A 2200 -72.63 -10.67 1.19
N VAL A 2201 -73.22 -11.86 1.28
CA VAL A 2201 -72.56 -12.94 1.99
C VAL A 2201 -71.76 -13.85 1.09
N ILE A 2202 -71.95 -13.76 -0.23
CA ILE A 2202 -71.18 -14.53 -1.20
C ILE A 2202 -70.71 -13.61 -2.31
N SER A 2203 -69.56 -13.94 -2.89
CA SER A 2203 -68.98 -13.11 -3.93
C SER A 2203 -69.29 -13.50 -5.39
N ASP A 2204 -69.39 -14.79 -5.76
CA ASP A 2204 -69.66 -15.08 -7.18
C ASP A 2204 -70.06 -16.51 -7.51
N ILE A 2205 -70.73 -16.66 -8.66
CA ILE A 2205 -70.92 -17.94 -9.35
C ILE A 2205 -69.96 -18.04 -10.51
N LEU A 2206 -69.24 -19.13 -10.60
CA LEU A 2206 -68.33 -19.42 -11.69
C LEU A 2206 -68.98 -20.47 -12.57
N ASP A 2207 -68.31 -20.77 -13.67
CA ASP A 2207 -68.50 -21.74 -14.74
C ASP A 2207 -67.31 -22.67 -14.67
N TRP A 2208 -67.65 -23.95 -14.52
CA TRP A 2208 -66.72 -24.99 -14.17
C TRP A 2208 -65.51 -24.98 -15.07
N LYS A 2209 -65.76 -24.91 -16.37
CA LYS A 2209 -64.69 -24.95 -17.35
C LYS A 2209 -63.55 -23.98 -17.04
N THR A 2210 -63.87 -22.74 -16.68
CA THR A 2210 -62.89 -21.71 -16.36
C THR A 2210 -62.76 -21.33 -14.90
N SER A 2211 -63.35 -22.12 -14.04
CA SER A 2211 -63.35 -21.78 -12.64
C SER A 2211 -61.93 -21.81 -12.14
N ARG A 2212 -61.11 -22.70 -12.67
CA ARG A 2212 -59.70 -22.91 -12.44
C ARG A 2212 -58.90 -21.64 -12.71
N THR A 2213 -59.00 -21.12 -13.95
CA THR A 2213 -58.28 -19.91 -14.32
C THR A 2213 -58.64 -18.79 -13.37
N PHE A 2214 -59.97 -18.62 -13.18
CA PHE A 2214 -60.48 -17.62 -12.31
C PHE A 2214 -59.86 -17.76 -10.95
N PHE A 2215 -59.92 -18.97 -10.43
CA PHE A 2215 -59.53 -19.22 -9.05
C PHE A 2215 -58.07 -18.98 -8.80
N TYR A 2216 -57.22 -19.24 -9.79
CA TYR A 2216 -55.80 -18.96 -9.62
C TYR A 2216 -55.67 -17.49 -9.33
N TRP A 2217 -56.16 -16.71 -10.28
CA TRP A 2217 -56.04 -15.27 -10.20
C TRP A 2217 -56.78 -14.76 -8.99
N ARG A 2218 -57.93 -15.35 -8.71
CA ARG A 2218 -58.77 -14.95 -7.61
C ARG A 2218 -58.04 -15.11 -6.31
N LEU A 2219 -57.53 -16.30 -6.13
CA LEU A 2219 -56.84 -16.59 -4.93
C LEU A 2219 -55.60 -15.76 -4.84
N ARG A 2220 -54.94 -15.63 -5.96
CA ARG A 2220 -53.69 -14.92 -6.00
C ARG A 2220 -53.87 -13.48 -5.60
N ARG A 2221 -54.98 -12.88 -5.99
CA ARG A 2221 -55.08 -11.49 -5.62
C ARG A 2221 -55.47 -11.33 -4.17
N LEU A 2222 -56.36 -12.20 -3.70
CA LEU A 2222 -56.84 -12.37 -2.33
C LEU A 2222 -55.64 -12.60 -1.43
N LEU A 2223 -54.76 -13.42 -1.93
CA LEU A 2223 -53.54 -13.80 -1.26
C LEU A 2223 -52.56 -12.69 -1.13
N LEU A 2224 -52.39 -11.98 -2.23
CA LEU A 2224 -51.35 -11.00 -2.27
C LEU A 2224 -51.71 -9.82 -1.41
N GLU A 2225 -52.93 -9.35 -1.58
CA GLU A 2225 -53.38 -8.26 -0.73
C GLU A 2225 -53.28 -8.71 0.72
N ASP A 2226 -53.71 -9.94 1.00
CA ASP A 2226 -53.57 -10.42 2.35
C ASP A 2226 -52.12 -10.40 2.80
N LEU A 2227 -51.22 -10.82 1.92
CA LEU A 2227 -49.80 -10.91 2.21
C LEU A 2227 -49.17 -9.59 2.56
N VAL A 2228 -49.51 -8.61 1.78
CA VAL A 2228 -48.94 -7.32 2.02
C VAL A 2228 -49.55 -6.73 3.27
N LYS A 2229 -50.87 -6.86 3.37
CA LYS A 2229 -51.60 -6.35 4.51
C LYS A 2229 -51.07 -6.97 5.76
N LYS A 2230 -50.70 -8.22 5.65
CA LYS A 2230 -50.07 -8.90 6.76
C LYS A 2230 -48.79 -8.18 7.13
N LYS A 2231 -48.08 -7.68 6.13
CA LYS A 2231 -46.86 -6.98 6.46
C LYS A 2231 -47.21 -5.74 7.25
N ILE A 2232 -48.29 -5.10 6.85
CA ILE A 2232 -48.75 -3.91 7.52
C ILE A 2232 -49.19 -4.24 8.92
N HIS A 2233 -49.94 -5.31 9.03
CA HIS A 2233 -50.44 -5.73 10.32
C HIS A 2233 -49.27 -5.96 11.23
N ASN A 2234 -48.17 -6.45 10.67
CA ASN A 2234 -46.96 -6.59 11.46
C ASN A 2234 -46.50 -5.22 11.86
N ALA A 2235 -46.65 -4.27 10.95
CA ALA A 2235 -46.25 -2.92 11.25
C ALA A 2235 -47.06 -2.36 12.42
N ASN A 2236 -48.32 -2.73 12.53
CA ASN A 2236 -49.17 -2.28 13.62
C ASN A 2236 -50.30 -3.25 13.77
N PRO A 2237 -50.10 -4.28 14.55
CA PRO A 2237 -51.16 -5.26 14.76
C PRO A 2237 -52.38 -4.66 15.41
N GLU A 2238 -52.24 -3.58 16.17
CA GLU A 2238 -53.39 -3.11 16.90
C GLU A 2238 -54.45 -2.53 16.02
N LEU A 2239 -54.09 -2.10 14.83
CA LEU A 2239 -55.10 -1.51 13.98
C LEU A 2239 -56.01 -2.63 13.52
N THR A 2240 -57.31 -2.42 13.61
CA THR A 2240 -58.18 -3.44 13.08
C THR A 2240 -58.03 -3.55 11.57
N ASP A 2241 -58.17 -4.78 11.13
CA ASP A 2241 -58.26 -5.22 9.75
C ASP A 2241 -59.07 -4.31 8.85
N GLY A 2242 -60.21 -3.85 9.35
CA GLY A 2242 -61.04 -3.02 8.53
C GLY A 2242 -60.31 -1.74 8.23
N GLN A 2243 -59.73 -1.16 9.26
CA GLN A 2243 -59.06 0.11 9.06
C GLN A 2243 -57.82 -0.06 8.21
N ILE A 2244 -57.16 -1.21 8.31
CA ILE A 2244 -56.02 -1.46 7.45
C ILE A 2244 -56.48 -1.53 6.01
N GLN A 2245 -57.55 -2.28 5.78
CA GLN A 2245 -58.18 -2.30 4.47
C GLN A 2245 -58.33 -0.89 3.96
N ALA A 2246 -58.92 -0.03 4.79
CA ALA A 2246 -59.16 1.33 4.37
C ALA A 2246 -57.88 2.02 3.95
N MET A 2247 -56.79 1.89 4.73
CA MET A 2247 -55.56 2.55 4.30
C MET A 2247 -55.13 2.08 2.94
N LEU A 2248 -55.21 0.78 2.72
CA LEU A 2248 -54.76 0.29 1.42
C LEU A 2248 -55.62 0.81 0.31
N ARG A 2249 -56.93 0.68 0.46
CA ARG A 2249 -57.83 1.18 -0.54
C ARG A 2249 -57.70 2.67 -0.73
N ARG A 2250 -57.69 3.38 0.38
CA ARG A 2250 -57.63 4.81 0.36
C ARG A 2250 -56.32 5.36 -0.13
N TRP A 2251 -55.22 4.81 0.33
CA TRP A 2251 -53.94 5.30 -0.12
C TRP A 2251 -53.74 4.94 -1.57
N PHE A 2252 -54.30 3.82 -1.99
CA PHE A 2252 -54.23 3.42 -3.38
C PHE A 2252 -54.96 4.37 -4.29
N VAL A 2253 -56.23 4.53 -4.01
CA VAL A 2253 -57.11 5.37 -4.81
C VAL A 2253 -56.66 6.83 -4.75
N GLU A 2254 -56.33 7.31 -3.57
CA GLU A 2254 -55.81 8.66 -3.41
C GLU A 2254 -54.49 8.94 -4.10
N VAL A 2255 -53.49 8.10 -3.86
CA VAL A 2255 -52.14 8.38 -4.36
C VAL A 2255 -52.18 8.37 -5.86
N GLU A 2256 -52.84 7.41 -6.42
CA GLU A 2256 -52.79 7.24 -7.86
C GLU A 2256 -53.86 8.11 -8.46
N GLY A 2257 -54.67 8.69 -7.59
CA GLY A 2257 -55.71 9.62 -7.80
C GLY A 2257 -56.88 8.70 -7.68
N THR A 2258 -57.91 9.11 -6.96
CA THR A 2258 -59.17 8.37 -6.88
C THR A 2258 -59.83 7.96 -8.17
N VAL A 2259 -59.22 8.34 -9.27
CA VAL A 2259 -59.41 8.18 -10.70
C VAL A 2259 -59.42 6.73 -11.05
N LYS A 2260 -58.76 5.92 -10.24
CA LYS A 2260 -58.55 4.55 -10.60
C LYS A 2260 -59.54 3.67 -9.83
N ALA A 2261 -60.49 4.28 -9.12
CA ALA A 2261 -61.48 3.50 -8.39
C ALA A 2261 -62.01 2.38 -9.27
N TYR A 2262 -62.52 2.71 -10.46
CA TYR A 2262 -63.06 1.66 -11.29
C TYR A 2262 -61.99 0.63 -11.58
N VAL A 2263 -60.73 1.11 -11.65
CA VAL A 2263 -59.58 0.26 -11.92
C VAL A 2263 -59.47 -0.79 -10.81
N TRP A 2264 -59.85 -0.40 -9.57
CA TRP A 2264 -59.86 -1.32 -8.42
C TRP A 2264 -60.60 -2.60 -8.77
N ASP A 2265 -61.56 -2.51 -9.69
CA ASP A 2265 -62.40 -3.64 -10.00
C ASP A 2265 -61.70 -4.60 -10.95
N ASN A 2266 -60.43 -4.35 -11.27
CA ASN A 2266 -59.66 -5.31 -12.02
C ASN A 2266 -58.89 -5.96 -10.91
N ASN A 2267 -59.27 -7.20 -10.60
CA ASN A 2267 -58.66 -7.90 -9.48
C ASN A 2267 -57.17 -8.05 -9.69
N LYS A 2268 -56.83 -8.63 -10.82
CA LYS A 2268 -55.47 -8.97 -11.16
C LYS A 2268 -54.65 -7.71 -11.16
N ASP A 2269 -55.18 -6.67 -11.82
CA ASP A 2269 -54.43 -5.46 -12.00
C ASP A 2269 -54.23 -4.83 -10.65
N LEU A 2270 -55.27 -4.91 -9.83
CA LEU A 2270 -55.17 -4.40 -8.47
C LEU A 2270 -54.18 -5.26 -7.73
N ALA A 2271 -54.23 -6.57 -8.00
CA ALA A 2271 -53.27 -7.50 -7.43
C ALA A 2271 -51.88 -7.05 -7.81
N GLU A 2272 -51.73 -6.82 -9.09
CA GLU A 2272 -50.54 -6.32 -9.72
C GLU A 2272 -50.14 -5.01 -9.12
N TRP A 2273 -51.10 -4.21 -8.75
CA TRP A 2273 -50.74 -2.91 -8.23
C TRP A 2273 -50.03 -3.04 -6.93
N LEU A 2274 -50.58 -3.85 -6.05
CA LEU A 2274 -49.98 -3.96 -4.74
C LEU A 2274 -48.54 -4.41 -4.84
N GLU A 2275 -48.24 -5.37 -5.72
CA GLU A 2275 -46.86 -5.82 -5.84
C GLU A 2275 -45.96 -4.70 -6.31
N LYS A 2276 -46.39 -3.95 -7.31
CA LYS A 2276 -45.58 -2.85 -7.80
C LYS A 2276 -45.30 -1.85 -6.70
N GLN A 2277 -46.26 -1.64 -5.79
CA GLN A 2277 -45.99 -0.71 -4.71
C GLN A 2277 -44.77 -1.16 -3.96
N LEU A 2278 -44.68 -2.45 -3.70
CA LEU A 2278 -43.48 -2.90 -3.01
C LEU A 2278 -42.36 -2.90 -4.01
N THR A 2279 -42.65 -3.44 -5.19
CA THR A 2279 -41.65 -4.16 -5.96
C THR A 2279 -40.60 -3.23 -6.53
N GLU A 2280 -41.00 -2.06 -6.98
CA GLU A 2280 -40.04 -1.19 -7.66
C GLU A 2280 -39.34 -0.49 -6.50
N GLU A 2281 -38.14 -0.98 -6.19
CA GLU A 2281 -37.26 -0.40 -5.17
C GLU A 2281 -36.74 0.99 -5.51
N ASP A 2282 -36.66 1.83 -4.47
CA ASP A 2282 -36.09 3.18 -4.51
C ASP A 2282 -36.73 3.96 -5.65
N GLY A 2283 -38.05 3.83 -5.72
CA GLY A 2283 -38.91 4.54 -6.65
C GLY A 2283 -39.78 5.61 -6.03
N VAL A 2284 -40.93 5.81 -6.66
CA VAL A 2284 -41.98 6.68 -6.15
C VAL A 2284 -43.12 5.87 -5.50
N HIS A 2285 -42.90 4.58 -5.20
CA HIS A 2285 -43.91 3.73 -4.59
C HIS A 2285 -43.79 3.71 -3.10
N SER A 2286 -42.66 4.17 -2.56
CA SER A 2286 -42.50 4.27 -1.11
C SER A 2286 -43.25 5.53 -0.67
N VAL A 2287 -44.54 5.48 -0.94
CA VAL A 2287 -45.49 6.51 -0.62
C VAL A 2287 -46.03 5.99 0.67
N ILE A 2288 -46.51 4.76 0.57
CA ILE A 2288 -47.05 4.08 1.71
C ILE A 2288 -45.96 3.84 2.72
N GLU A 2289 -44.76 3.54 2.26
CA GLU A 2289 -43.63 3.34 3.17
C GLU A 2289 -43.37 4.56 4.01
N GLU A 2290 -43.38 5.70 3.39
CA GLU A 2290 -43.24 6.91 4.17
C GLU A 2290 -44.45 7.12 5.05
N ASN A 2291 -45.64 6.86 4.51
CA ASN A 2291 -46.88 7.09 5.24
C ASN A 2291 -46.91 6.24 6.47
N ILE A 2292 -46.58 4.99 6.27
CA ILE A 2292 -46.52 4.00 7.32
C ILE A 2292 -45.42 4.38 8.24
N LYS A 2293 -44.35 4.96 7.72
CA LYS A 2293 -43.35 5.38 8.67
C LYS A 2293 -44.01 6.33 9.64
N CYS A 2294 -44.86 7.22 9.11
CA CYS A 2294 -45.61 8.11 9.97
C CYS A 2294 -46.55 7.32 10.87
N ILE A 2295 -47.25 6.33 10.31
CA ILE A 2295 -48.16 5.51 11.08
C ILE A 2295 -47.39 4.76 12.14
N SER A 2296 -46.22 4.26 11.77
CA SER A 2296 -45.39 3.51 12.67
C SER A 2296 -45.03 4.38 13.82
N ARG A 2297 -44.67 5.58 13.45
CA ARG A 2297 -44.30 6.59 14.39
C ARG A 2297 -45.46 6.95 15.27
N ASP A 2298 -46.65 7.08 14.69
CA ASP A 2298 -47.82 7.43 15.47
C ASP A 2298 -48.12 6.36 16.48
N TYR A 2299 -48.10 5.13 16.06
CA TYR A 2299 -48.41 4.05 16.98
C TYR A 2299 -47.33 3.98 18.03
N VAL A 2300 -46.08 4.18 17.63
CA VAL A 2300 -44.99 4.16 18.59
C VAL A 2300 -45.12 5.26 19.60
N LEU A 2301 -45.38 6.47 19.12
CA LEU A 2301 -45.49 7.64 19.97
C LEU A 2301 -46.71 7.53 20.85
N LYS A 2302 -47.80 7.07 20.27
CA LYS A 2302 -49.01 6.92 21.03
C LYS A 2302 -48.76 5.93 22.13
N GLN A 2303 -48.00 4.91 21.80
CA GLN A 2303 -47.64 3.96 22.82
C GLN A 2303 -46.86 4.69 23.89
N ILE A 2304 -45.92 5.54 23.48
CA ILE A 2304 -45.13 6.26 24.46
C ILE A 2304 -46.01 7.15 25.28
N ARG A 2305 -46.95 7.80 24.62
CA ARG A 2305 -47.85 8.71 25.28
C ARG A 2305 -48.66 7.96 26.28
N SER A 2306 -49.17 6.83 25.85
CA SER A 2306 -49.99 6.02 26.70
C SER A 2306 -49.19 5.54 27.89
N LEU A 2307 -47.96 5.15 27.64
CA LEU A 2307 -47.13 4.68 28.73
C LEU A 2307 -46.90 5.75 29.75
N VAL A 2308 -46.61 6.96 29.31
CA VAL A 2308 -46.43 8.03 30.25
C VAL A 2308 -47.76 8.36 30.89
N GLN A 2309 -48.86 8.23 30.16
CA GLN A 2309 -50.16 8.52 30.75
C GLN A 2309 -50.38 7.60 31.94
N ALA A 2310 -50.08 6.33 31.73
CA ALA A 2310 -50.14 5.36 32.79
C ALA A 2310 -49.05 5.58 33.82
N ASN A 2311 -47.95 6.15 33.38
CA ASN A 2311 -46.72 6.25 34.18
C ASN A 2311 -46.11 7.61 34.01
N PRO A 2312 -46.74 8.64 34.55
CA PRO A 2312 -46.27 10.01 34.29
C PRO A 2312 -44.90 10.28 34.88
N GLU A 2313 -44.50 9.49 35.86
CA GLU A 2313 -43.24 9.61 36.58
C GLU A 2313 -42.02 9.50 35.68
N VAL A 2314 -42.21 8.87 34.52
CA VAL A 2314 -41.16 8.55 33.55
C VAL A 2314 -40.60 9.69 32.71
N ALA A 2315 -41.31 10.81 32.57
CA ALA A 2315 -40.91 11.87 31.64
C ALA A 2315 -39.45 12.25 31.70
N MET A 2316 -38.98 12.76 32.85
CA MET A 2316 -37.61 13.26 32.93
C MET A 2316 -36.60 12.22 32.46
N ASP A 2317 -36.71 11.01 32.98
CA ASP A 2317 -35.74 9.97 32.71
C ASP A 2317 -35.95 9.41 31.31
N SER A 2318 -37.19 9.37 30.88
CA SER A 2318 -37.51 8.91 29.53
C SER A 2318 -36.77 9.72 28.49
N ILE A 2319 -36.69 11.01 28.72
CA ILE A 2319 -36.05 11.92 27.81
C ILE A 2319 -34.54 11.71 27.75
N ILE A 2320 -33.87 11.58 28.90
CA ILE A 2320 -32.41 11.46 28.93
C ILE A 2320 -31.89 10.45 27.90
N HIS A 2321 -32.53 9.30 27.82
CA HIS A 2321 -32.12 8.31 26.84
C HIS A 2321 -32.46 8.81 25.44
N MET A 2322 -33.58 9.50 25.31
CA MET A 2322 -34.03 10.02 24.04
C MET A 2322 -33.10 11.09 23.55
N THR A 2323 -32.45 11.78 24.46
CA THR A 2323 -31.65 12.93 24.15
C THR A 2323 -30.23 12.53 23.86
N GLN A 2324 -29.95 11.24 23.86
CA GLN A 2324 -28.58 10.79 24.00
C GLN A 2324 -27.83 11.11 22.73
N HIS A 2325 -28.55 11.16 21.61
CA HIS A 2325 -28.06 11.70 20.36
C HIS A 2325 -29.23 12.49 19.80
N ILE A 2326 -28.98 13.74 19.43
CA ILE A 2326 -29.97 14.64 18.81
C ILE A 2326 -29.20 15.85 18.31
N SER A 2327 -29.83 16.65 17.42
CA SER A 2327 -29.14 17.77 16.80
C SER A 2327 -28.82 18.89 17.80
N PRO A 2328 -27.71 19.60 17.59
CA PRO A 2328 -27.42 20.75 18.44
C PRO A 2328 -28.48 21.82 18.29
N THR A 2329 -29.01 21.94 17.08
CA THR A 2329 -30.08 22.89 16.85
C THR A 2329 -31.23 22.58 17.75
N GLN A 2330 -31.56 21.30 17.83
CA GLN A 2330 -32.63 20.85 18.69
C GLN A 2330 -32.30 21.16 20.14
N ARG A 2331 -31.01 21.09 20.50
CA ARG A 2331 -30.63 21.49 21.85
C ARG A 2331 -31.02 22.95 22.05
N ALA A 2332 -30.81 23.76 21.02
CA ALA A 2332 -31.20 25.16 21.09
C ALA A 2332 -32.71 25.27 21.34
N GLU A 2333 -33.52 24.53 20.57
CA GLU A 2333 -34.97 24.57 20.81
C GLU A 2333 -35.36 24.20 22.25
N VAL A 2334 -34.73 23.19 22.88
CA VAL A 2334 -35.12 22.89 24.26
C VAL A 2334 -34.80 24.02 25.22
N ILE A 2335 -33.61 24.59 25.11
CA ILE A 2335 -33.31 25.69 26.01
C ILE A 2335 -34.21 26.88 25.76
N ARG A 2336 -34.48 27.18 24.49
CA ARG A 2336 -35.34 28.30 24.20
C ARG A 2336 -36.71 28.10 24.83
N ILE A 2337 -37.26 26.90 24.68
CA ILE A 2337 -38.56 26.62 25.26
C ILE A 2337 -38.23 26.12 26.66
N VAL B 102 -100.28 15.91 -54.17
CA VAL B 102 -99.87 14.59 -53.71
C VAL B 102 -100.91 14.02 -52.72
N ALA B 103 -101.05 12.69 -52.73
CA ALA B 103 -102.08 12.04 -51.90
C ALA B 103 -101.73 11.68 -50.47
N SER B 104 -100.47 11.42 -50.09
CA SER B 104 -100.24 10.91 -48.76
C SER B 104 -98.77 11.05 -48.39
N PRO B 105 -98.43 10.93 -47.08
CA PRO B 105 -97.01 10.94 -46.67
C PRO B 105 -96.17 9.92 -47.40
N ALA B 106 -96.77 8.75 -47.67
CA ALA B 106 -96.10 7.68 -48.41
C ALA B 106 -95.71 8.14 -49.81
N GLU B 107 -96.60 8.89 -50.47
CA GLU B 107 -96.30 9.39 -51.81
C GLU B 107 -95.17 10.41 -51.79
N PHE B 108 -95.12 11.26 -50.76
CA PHE B 108 -94.04 12.24 -50.64
C PHE B 108 -92.68 11.56 -50.60
N VAL B 109 -92.55 10.53 -49.77
CA VAL B 109 -91.29 9.79 -49.64
C VAL B 109 -90.86 9.21 -50.98
N THR B 110 -91.81 8.61 -51.72
CA THR B 110 -91.52 8.05 -53.03
C THR B 110 -91.18 9.13 -54.06
N ARG B 111 -92.03 10.15 -54.18
CA ARG B 111 -91.84 11.23 -55.16
C ARG B 111 -90.48 11.91 -55.01
N PHE B 112 -90.03 12.17 -53.79
CA PHE B 112 -88.76 12.84 -53.52
C PHE B 112 -87.61 11.88 -53.24
N GLY B 113 -87.76 10.60 -53.51
CA GLY B 113 -86.64 9.71 -53.36
C GLY B 113 -86.24 9.38 -51.93
N GLY B 114 -87.20 9.34 -51.01
CA GLY B 114 -86.92 8.98 -49.63
C GLY B 114 -87.09 7.49 -49.49
N ASN B 115 -86.86 6.99 -48.26
CA ASN B 115 -86.92 5.54 -48.05
C ASN B 115 -87.65 5.06 -46.80
N LYS B 116 -88.29 5.91 -46.01
CA LYS B 116 -88.94 5.44 -44.78
C LYS B 116 -90.24 6.25 -44.66
N VAL B 117 -91.38 5.56 -44.73
CA VAL B 117 -92.71 6.16 -44.63
C VAL B 117 -93.19 6.43 -43.21
N ILE B 118 -93.46 7.70 -42.89
CA ILE B 118 -94.04 8.10 -41.61
C ILE B 118 -95.41 8.74 -41.88
N GLU B 119 -96.46 8.06 -41.44
CA GLU B 119 -97.85 8.50 -41.53
C GLU B 119 -98.42 8.80 -40.15
N LYS B 120 -97.73 8.35 -39.10
CA LYS B 120 -98.14 8.47 -37.72
C LYS B 120 -96.89 8.73 -36.90
N VAL B 121 -96.94 9.76 -36.06
CA VAL B 121 -95.82 10.17 -35.22
C VAL B 121 -96.30 10.08 -33.79
N LEU B 122 -95.51 9.47 -32.92
CA LEU B 122 -95.81 9.48 -31.49
C LEU B 122 -95.02 10.63 -30.89
N ILE B 123 -95.71 11.53 -30.19
CA ILE B 123 -95.04 12.62 -29.50
C ILE B 123 -94.72 12.18 -28.08
N ALA B 124 -93.42 12.04 -27.79
CA ALA B 124 -92.96 11.72 -26.44
C ALA B 124 -92.58 13.04 -25.78
N ASN B 125 -93.60 13.89 -25.62
CA ASN B 125 -93.41 15.23 -25.10
C ASN B 125 -94.76 15.86 -24.83
N ASN B 126 -94.71 17.12 -24.40
CA ASN B 126 -95.88 17.95 -24.13
C ASN B 126 -95.56 19.41 -24.46
N GLY B 127 -96.38 20.32 -23.96
CA GLY B 127 -96.35 21.77 -24.01
C GLY B 127 -96.27 22.36 -25.41
N ILE B 128 -95.54 23.48 -25.51
CA ILE B 128 -95.41 24.19 -26.79
C ILE B 128 -94.76 23.28 -27.82
N ALA B 129 -93.82 22.45 -27.36
CA ALA B 129 -93.14 21.52 -28.27
C ALA B 129 -94.15 20.63 -28.98
N ALA B 130 -95.01 19.97 -28.21
CA ALA B 130 -96.04 19.13 -28.79
C ALA B 130 -96.92 19.92 -29.77
N VAL B 131 -97.30 21.17 -29.42
CA VAL B 131 -98.13 21.98 -30.31
C VAL B 131 -97.37 22.35 -31.58
N LYS B 132 -96.12 22.84 -31.43
CA LYS B 132 -95.32 23.22 -32.61
C LYS B 132 -95.11 22.04 -33.56
N CYS B 133 -94.82 20.85 -33.01
CA CYS B 133 -94.65 19.66 -33.86
C CYS B 133 -95.92 19.42 -34.67
N MET B 134 -97.07 19.47 -34.00
CA MET B 134 -98.35 19.27 -34.67
C MET B 134 -98.59 20.39 -35.68
N ARG B 135 -98.41 21.64 -35.25
CA ARG B 135 -98.58 22.78 -36.14
C ARG B 135 -97.63 22.69 -37.32
N SER B 136 -96.36 22.42 -37.04
CA SER B 136 -95.36 22.34 -38.09
C SER B 136 -95.67 21.23 -39.08
N ILE B 137 -95.98 20.03 -38.59
CA ILE B 137 -96.29 18.95 -39.51
C ILE B 137 -97.60 19.23 -40.21
N ARG B 138 -98.64 19.62 -39.46
CA ARG B 138 -99.92 19.90 -40.09
C ARG B 138 -99.90 21.06 -41.09
N ARG B 139 -99.09 22.12 -40.88
CA ARG B 139 -99.06 23.16 -41.90
C ARG B 139 -98.44 22.68 -43.18
N TRP B 140 -97.34 21.96 -43.06
CA TRP B 140 -96.70 21.44 -44.25
C TRP B 140 -97.58 20.36 -44.88
N SER B 141 -98.17 19.49 -44.06
CA SER B 141 -99.02 18.42 -44.61
C SER B 141 -100.27 18.95 -45.29
N TYR B 142 -100.96 19.96 -44.73
CA TYR B 142 -102.09 20.51 -45.48
C TYR B 142 -101.57 21.24 -46.70
N GLU B 143 -100.45 21.97 -46.54
CA GLU B 143 -99.85 22.64 -47.67
C GLU B 143 -99.48 21.62 -48.75
N MET B 144 -98.95 20.46 -48.36
CA MET B 144 -98.54 19.44 -49.34
C MET B 144 -99.72 18.59 -49.80
N PHE B 145 -100.59 18.17 -48.87
CA PHE B 145 -101.69 17.23 -49.14
C PHE B 145 -103.08 17.74 -48.82
N ARG B 146 -103.23 18.94 -48.27
CA ARG B 146 -104.55 19.45 -47.90
C ARG B 146 -105.21 18.52 -46.89
N ASN B 147 -104.41 17.87 -46.03
CA ASN B 147 -104.90 16.95 -45.00
C ASN B 147 -104.05 17.03 -43.75
N GLU B 148 -104.64 17.57 -42.68
CA GLU B 148 -103.89 17.74 -41.43
C GLU B 148 -103.64 16.41 -40.74
N ARG B 149 -104.36 15.35 -41.12
CA ARG B 149 -104.20 14.07 -40.46
C ARG B 149 -103.32 13.14 -41.28
N ALA B 150 -102.63 13.66 -42.30
CA ALA B 150 -101.75 12.83 -43.10
C ALA B 150 -100.71 12.18 -42.20
N ILE B 151 -100.19 12.95 -41.25
CA ILE B 151 -99.31 12.46 -40.20
C ILE B 151 -100.16 12.39 -38.95
N ARG B 152 -100.49 11.18 -38.51
CA ARG B 152 -101.34 11.04 -37.34
C ARG B 152 -100.47 11.26 -36.10
N PHE B 153 -101.07 11.74 -35.00
CA PHE B 153 -100.32 11.95 -33.76
C PHE B 153 -100.81 11.19 -32.52
N VAL B 154 -99.90 10.44 -31.89
CA VAL B 154 -100.16 9.81 -30.59
C VAL B 154 -99.38 10.65 -29.58
N VAL B 155 -100.00 11.08 -28.46
CA VAL B 155 -99.28 11.83 -27.43
C VAL B 155 -99.25 11.14 -26.07
N MET B 156 -98.19 11.44 -25.32
CA MET B 156 -98.01 10.99 -23.94
C MET B 156 -98.31 12.18 -23.04
N VAL B 157 -99.18 11.97 -22.04
CA VAL B 157 -99.68 13.04 -21.18
C VAL B 157 -99.39 12.75 -19.70
N THR B 158 -98.61 13.65 -19.04
CA THR B 158 -98.34 13.52 -17.61
C THR B 158 -99.50 14.10 -16.79
N PRO B 159 -99.69 13.63 -15.55
CA PRO B 159 -100.76 14.19 -14.70
C PRO B 159 -100.75 15.70 -14.50
N GLU B 160 -99.58 16.35 -14.38
CA GLU B 160 -99.55 17.81 -14.23
C GLU B 160 -100.20 18.51 -15.42
N ASP B 161 -99.74 18.17 -16.63
CA ASP B 161 -100.32 18.74 -17.84
C ASP B 161 -101.79 18.34 -18.00
N LEU B 162 -102.13 17.10 -17.62
CA LEU B 162 -103.52 16.64 -17.73
C LEU B 162 -104.46 17.39 -16.80
N LYS B 163 -104.07 17.60 -15.54
CA LYS B 163 -104.92 18.37 -14.63
C LYS B 163 -105.10 19.81 -15.15
N ALA B 164 -104.08 20.35 -15.81
CA ALA B 164 -104.08 21.69 -16.37
C ALA B 164 -104.93 21.81 -17.62
N ASN B 165 -105.39 20.69 -18.20
CA ASN B 165 -106.16 20.69 -19.45
C ASN B 165 -105.34 21.24 -20.61
N ALA B 166 -104.09 20.79 -20.67
CA ALA B 166 -103.11 21.11 -21.71
C ALA B 166 -103.63 20.95 -23.14
N GLU B 167 -103.58 22.05 -23.88
CA GLU B 167 -104.12 22.15 -25.24
C GLU B 167 -103.62 21.09 -26.23
N TYR B 168 -102.40 20.59 -26.06
CA TYR B 168 -101.83 19.65 -27.04
C TYR B 168 -102.59 18.33 -27.11
N ILE B 169 -103.24 17.92 -26.03
CA ILE B 169 -103.99 16.66 -26.04
C ILE B 169 -105.07 16.68 -27.12
N LYS B 170 -105.92 17.72 -27.14
CA LYS B 170 -106.99 17.72 -28.14
C LYS B 170 -106.44 17.97 -29.55
N MET B 171 -105.31 18.68 -29.69
CA MET B 171 -104.74 18.78 -31.04
C MET B 171 -104.32 17.41 -31.52
N ALA B 172 -103.77 16.61 -30.62
CA ALA B 172 -103.30 15.28 -30.95
C ALA B 172 -104.45 14.40 -31.41
N ASP B 173 -104.11 13.44 -32.26
CA ASP B 173 -105.09 12.47 -32.72
C ASP B 173 -105.30 11.34 -31.73
N HIS B 174 -104.31 11.08 -30.88
CA HIS B 174 -104.41 9.95 -29.96
C HIS B 174 -103.51 10.10 -28.75
N TYR B 175 -104.01 9.62 -27.61
CA TYR B 175 -103.36 9.59 -26.31
C TYR B 175 -103.37 8.17 -25.74
N VAL B 176 -102.29 7.84 -25.01
CA VAL B 176 -102.07 6.50 -24.48
C VAL B 176 -101.76 6.48 -22.98
N PRO B 177 -102.59 5.85 -22.13
CA PRO B 177 -102.25 5.75 -20.70
C PRO B 177 -101.04 4.85 -20.43
N VAL B 178 -100.11 5.35 -19.63
CA VAL B 178 -98.88 4.67 -19.27
C VAL B 178 -98.83 4.51 -17.76
N PRO B 179 -97.99 3.62 -17.23
CA PRO B 179 -97.90 3.52 -15.77
C PRO B 179 -97.34 4.86 -15.27
N GLY B 180 -97.82 5.30 -14.12
CA GLY B 180 -97.43 6.57 -13.56
C GLY B 180 -96.09 6.68 -12.87
N GLY B 181 -95.88 7.87 -12.31
CA GLY B 181 -94.70 8.25 -11.57
C GLY B 181 -93.60 8.97 -12.34
N PRO B 182 -92.36 8.85 -11.86
CA PRO B 182 -91.23 9.51 -12.53
C PRO B 182 -90.99 9.03 -13.94
N ASN B 183 -90.40 9.92 -14.77
CA ASN B 183 -90.15 9.65 -16.18
C ASN B 183 -89.51 8.31 -16.44
N ASN B 184 -88.89 7.69 -15.43
CA ASN B 184 -88.38 6.35 -15.65
C ASN B 184 -89.55 5.38 -15.82
N ASN B 185 -90.77 5.73 -15.35
CA ASN B 185 -91.97 4.91 -15.54
C ASN B 185 -92.84 5.32 -16.74
N ASN B 186 -92.65 6.53 -17.30
CA ASN B 186 -93.46 7.02 -18.43
C ASN B 186 -92.64 7.55 -19.63
N TYR B 187 -92.51 8.88 -19.79
CA TYR B 187 -91.79 9.50 -20.94
C TYR B 187 -90.42 8.96 -21.29
N ALA B 188 -89.63 8.49 -20.34
CA ALA B 188 -88.27 8.05 -20.67
C ALA B 188 -88.15 6.55 -20.90
N ASN B 189 -89.23 5.79 -20.75
CA ASN B 189 -89.23 4.35 -20.95
C ASN B 189 -89.30 3.94 -22.42
N VAL B 190 -88.17 3.62 -23.04
CA VAL B 190 -88.20 3.25 -24.46
C VAL B 190 -89.04 2.00 -24.66
N GLU B 191 -88.93 1.01 -23.76
CA GLU B 191 -89.74 -0.19 -23.91
C GLU B 191 -91.21 0.16 -23.79
N LEU B 192 -91.54 1.05 -22.86
CA LEU B 192 -92.92 1.48 -22.75
C LEU B 192 -93.29 2.28 -23.98
N ILE B 193 -92.42 3.22 -24.38
CA ILE B 193 -92.66 4.01 -25.59
C ILE B 193 -92.80 3.06 -26.75
N LEU B 194 -91.86 2.12 -26.84
CA LEU B 194 -91.86 1.13 -27.89
C LEU B 194 -93.12 0.29 -27.81
N ASP B 195 -93.43 -0.18 -26.59
CA ASP B 195 -94.64 -0.96 -26.39
C ASP B 195 -95.84 -0.16 -26.86
N ILE B 196 -95.86 1.13 -26.55
CA ILE B 196 -96.92 2.02 -26.98
C ILE B 196 -96.80 2.27 -28.47
N ALA B 197 -95.57 2.50 -28.92
CA ALA B 197 -95.31 2.73 -30.32
C ALA B 197 -95.75 1.55 -31.15
N LYS B 198 -95.44 0.35 -30.67
CA LYS B 198 -95.80 -0.92 -31.31
C LYS B 198 -97.30 -1.23 -31.24
N ARG B 199 -98.00 -0.84 -30.16
CA ARG B 199 -99.39 -1.27 -29.99
C ARG B 199 -100.36 -0.56 -30.93
N ILE B 200 -100.21 0.74 -31.13
CA ILE B 200 -101.13 1.48 -31.99
C ILE B 200 -101.16 0.86 -33.40
N PRO B 201 -100.04 0.73 -34.13
CA PRO B 201 -98.67 1.22 -33.91
C PRO B 201 -98.39 2.62 -34.45
N VAL B 202 -97.28 3.22 -34.03
CA VAL B 202 -96.83 4.49 -34.56
C VAL B 202 -95.54 4.24 -35.33
N GLN B 203 -95.16 5.22 -36.16
CA GLN B 203 -93.93 5.11 -36.93
C GLN B 203 -92.80 5.95 -36.39
N ALA B 204 -93.04 6.90 -35.49
CA ALA B 204 -91.89 7.66 -35.00
C ALA B 204 -92.13 8.18 -33.59
N VAL B 205 -91.02 8.46 -32.91
CA VAL B 205 -91.04 9.03 -31.57
C VAL B 205 -90.24 10.33 -31.58
N TRP B 206 -90.82 11.38 -31.00
CA TRP B 206 -90.17 12.67 -30.77
C TRP B 206 -90.12 12.88 -29.25
N ALA B 207 -88.91 13.07 -28.73
CA ALA B 207 -88.66 13.21 -27.29
C ALA B 207 -88.56 14.64 -26.75
N GLY B 208 -88.28 15.65 -27.57
CA GLY B 208 -88.19 17.00 -27.02
C GLY B 208 -86.98 17.43 -26.19
N TRP B 209 -87.24 17.96 -24.99
CA TRP B 209 -86.23 18.48 -24.07
C TRP B 209 -86.20 17.80 -22.70
N GLY B 210 -84.98 17.82 -22.12
CA GLY B 210 -84.55 17.15 -20.89
C GLY B 210 -84.07 15.71 -20.92
N HIS B 211 -83.98 15.17 -19.71
CA HIS B 211 -83.49 13.85 -19.31
C HIS B 211 -83.19 12.80 -20.38
N ALA B 212 -84.09 12.46 -21.30
CA ALA B 212 -83.69 11.46 -22.29
C ALA B 212 -83.17 12.06 -23.57
N SER B 213 -82.97 13.39 -23.63
CA SER B 213 -82.46 14.02 -24.85
C SER B 213 -81.09 13.51 -25.27
N GLU B 214 -80.34 12.94 -24.33
CA GLU B 214 -78.98 12.43 -24.49
C GLU B 214 -78.88 10.97 -24.07
N ASN B 215 -80.01 10.26 -24.09
CA ASN B 215 -80.02 8.86 -23.74
C ASN B 215 -79.81 8.05 -25.02
N PRO B 216 -78.65 7.39 -25.18
CA PRO B 216 -78.40 6.67 -26.45
C PRO B 216 -79.34 5.51 -26.69
N LYS B 217 -80.05 5.04 -25.67
CA LYS B 217 -81.01 3.96 -25.84
C LYS B 217 -82.23 4.42 -26.63
N LEU B 218 -82.59 5.70 -26.50
CA LEU B 218 -83.77 6.22 -27.18
C LEU B 218 -83.77 6.08 -28.70
N PRO B 219 -82.88 6.70 -29.46
CA PRO B 219 -82.90 6.45 -30.91
C PRO B 219 -82.58 5.03 -31.37
N GLU B 220 -81.71 4.32 -30.64
CA GLU B 220 -81.33 2.95 -31.02
C GLU B 220 -82.45 1.91 -30.99
N LEU B 221 -83.08 1.74 -29.83
CA LEU B 221 -84.12 0.73 -29.66
C LEU B 221 -85.39 0.97 -30.47
N LEU B 222 -85.85 2.20 -30.57
CA LEU B 222 -87.07 2.45 -31.34
C LEU B 222 -86.91 2.16 -32.83
N LEU B 223 -85.80 2.59 -33.46
CA LEU B 223 -85.58 2.32 -34.90
C LEU B 223 -85.45 0.82 -35.17
N LYS B 224 -84.80 0.09 -34.26
CA LYS B 224 -84.64 -1.36 -34.37
C LYS B 224 -85.98 -2.07 -34.51
N ASN B 225 -87.05 -1.46 -34.00
CA ASN B 225 -88.42 -1.97 -34.05
C ASN B 225 -89.22 -1.33 -35.19
N GLY B 226 -88.53 -0.71 -36.15
CA GLY B 226 -89.11 -0.02 -37.28
C GLY B 226 -89.90 1.23 -36.99
N ILE B 227 -89.57 1.91 -35.89
CA ILE B 227 -90.22 3.15 -35.48
C ILE B 227 -89.14 4.20 -35.72
N ALA B 228 -89.45 5.22 -36.50
CA ALA B 228 -88.49 6.26 -36.83
C ALA B 228 -88.18 7.15 -35.64
N PHE B 229 -87.04 7.81 -35.73
CA PHE B 229 -86.61 8.73 -34.69
C PHE B 229 -86.29 10.05 -35.39
N MET B 230 -86.90 11.15 -34.95
CA MET B 230 -86.63 12.44 -35.56
C MET B 230 -85.39 13.09 -34.94
N GLY B 231 -84.24 12.50 -35.23
CA GLY B 231 -82.99 12.99 -34.71
C GLY B 231 -81.81 12.11 -35.10
N PRO B 232 -80.60 12.50 -34.71
CA PRO B 232 -79.44 11.70 -35.07
C PRO B 232 -79.50 10.36 -34.38
N PRO B 233 -78.88 9.32 -34.94
CA PRO B 233 -78.87 8.03 -34.25
C PRO B 233 -78.07 8.11 -32.96
N SER B 234 -78.31 7.10 -32.10
CA SER B 234 -77.70 6.98 -30.79
C SER B 234 -76.22 7.35 -30.76
N GLN B 235 -75.43 6.72 -31.61
CA GLN B 235 -74.01 7.01 -31.61
C GLN B 235 -73.79 8.49 -31.90
N ALA B 236 -74.38 8.98 -32.99
CA ALA B 236 -74.17 10.38 -33.33
C ALA B 236 -74.83 11.34 -32.36
N MET B 237 -75.95 10.99 -31.73
CA MET B 237 -76.53 11.97 -30.80
C MET B 237 -75.73 12.11 -29.53
N TRP B 238 -75.20 11.01 -29.04
CA TRP B 238 -74.43 11.03 -27.82
C TRP B 238 -72.99 11.43 -28.14
N ALA B 239 -72.39 10.78 -29.15
CA ALA B 239 -71.01 11.06 -29.51
C ALA B 239 -70.81 12.50 -30.00
N LEU B 240 -71.89 13.22 -30.36
CA LEU B 240 -71.84 14.61 -30.80
C LEU B 240 -72.59 15.57 -29.90
N GLY B 241 -73.57 15.11 -29.12
CA GLY B 241 -74.26 16.00 -28.21
C GLY B 241 -73.51 16.17 -26.91
N ASP B 242 -72.91 15.10 -26.43
CA ASP B 242 -72.08 15.16 -25.24
C ASP B 242 -70.79 15.90 -25.56
N LYS B 243 -70.46 16.95 -24.77
CA LYS B 243 -69.29 17.77 -25.11
C LYS B 243 -68.00 16.96 -25.15
N ILE B 244 -67.78 16.06 -24.17
CA ILE B 244 -66.58 15.22 -24.21
C ILE B 244 -66.56 14.37 -25.47
N ALA B 245 -67.62 13.60 -25.70
CA ALA B 245 -67.65 12.74 -26.87
C ALA B 245 -67.61 13.59 -28.12
N SER B 246 -68.34 14.71 -28.12
CA SER B 246 -68.36 15.58 -29.29
C SER B 246 -67.02 16.25 -29.46
N SER B 247 -66.35 16.61 -28.37
CA SER B 247 -65.03 17.22 -28.50
C SER B 247 -64.01 16.24 -29.07
N ILE B 248 -64.12 14.96 -28.72
CA ILE B 248 -63.22 13.99 -29.32
C ILE B 248 -63.59 13.82 -30.79
N VAL B 249 -64.89 13.74 -31.08
CA VAL B 249 -65.35 13.70 -32.46
C VAL B 249 -65.03 15.02 -33.16
N ALA B 250 -65.31 16.14 -32.50
CA ALA B 250 -65.01 17.46 -33.06
C ALA B 250 -63.54 17.57 -33.39
N GLN B 251 -62.71 17.08 -32.47
CA GLN B 251 -61.27 17.09 -32.73
C GLN B 251 -60.99 16.21 -33.93
N THR B 252 -61.70 15.08 -34.02
CA THR B 252 -61.55 14.25 -35.21
C THR B 252 -62.01 15.02 -36.44
N ALA B 253 -63.06 15.83 -36.30
CA ALA B 253 -63.57 16.63 -37.40
C ALA B 253 -62.76 17.89 -37.68
N GLY B 254 -61.86 18.27 -36.79
CA GLY B 254 -61.07 19.47 -36.96
C GLY B 254 -61.69 20.78 -36.54
N ILE B 255 -62.66 20.77 -35.63
CA ILE B 255 -63.29 22.00 -35.14
C ILE B 255 -62.54 22.44 -33.89
N PRO B 256 -62.13 23.70 -33.75
CA PRO B 256 -61.42 24.07 -32.52
C PRO B 256 -62.34 23.89 -31.33
N THR B 257 -61.76 23.51 -30.19
CA THR B 257 -62.49 23.31 -28.94
C THR B 257 -61.71 23.91 -27.79
N LEU B 258 -62.44 24.30 -26.75
CA LEU B 258 -61.77 24.83 -25.57
C LEU B 258 -61.03 23.75 -24.80
N PRO B 259 -59.98 24.13 -24.08
CA PRO B 259 -59.26 23.16 -23.24
C PRO B 259 -60.25 22.50 -22.28
N TRP B 260 -60.18 21.19 -22.25
CA TRP B 260 -61.03 20.34 -21.44
C TRP B 260 -60.19 19.14 -21.03
N SER B 261 -60.73 18.33 -20.12
CA SER B 261 -60.05 17.13 -19.62
C SER B 261 -59.55 16.16 -20.71
N GLY B 262 -60.09 16.23 -21.92
CA GLY B 262 -59.73 15.36 -23.03
C GLY B 262 -59.08 16.05 -24.22
N SER B 263 -58.52 17.23 -24.02
CA SER B 263 -57.76 17.87 -25.08
C SER B 263 -56.65 16.92 -25.47
N GLY B 264 -56.33 16.85 -26.76
CA GLY B 264 -55.31 15.94 -27.22
C GLY B 264 -55.81 14.57 -27.62
N LEU B 265 -57.04 14.17 -27.24
CA LEU B 265 -57.50 12.84 -27.60
C LEU B 265 -57.81 12.87 -29.09
N ARG B 266 -57.33 11.86 -29.81
CA ARG B 266 -57.52 11.75 -31.24
C ARG B 266 -57.21 10.31 -31.64
N VAL B 267 -57.18 10.03 -32.93
CA VAL B 267 -56.94 8.69 -33.45
C VAL B 267 -56.24 8.79 -34.80
N ILE B 278 -67.46 7.07 -39.86
CA ILE B 278 -68.43 7.48 -38.85
C ILE B 278 -67.76 7.13 -37.52
N LEU B 279 -67.85 8.03 -36.53
CA LEU B 279 -67.11 7.87 -35.29
C LEU B 279 -67.88 7.38 -34.06
N ASN B 280 -67.08 6.87 -33.11
CA ASN B 280 -67.51 6.39 -31.81
C ASN B 280 -66.32 6.67 -30.90
N VAL B 281 -66.56 7.17 -29.68
CA VAL B 281 -65.49 7.47 -28.72
C VAL B 281 -65.35 6.32 -27.71
N PRO B 282 -64.23 5.57 -27.69
CA PRO B 282 -64.09 4.47 -26.69
C PRO B 282 -63.93 4.97 -25.26
N GLN B 283 -64.52 4.21 -24.30
CA GLN B 283 -64.48 4.61 -22.88
C GLN B 283 -63.10 4.94 -22.35
N GLU B 284 -62.06 4.26 -22.84
CA GLU B 284 -60.72 4.54 -22.34
C GLU B 284 -60.20 5.88 -22.84
N LEU B 285 -60.38 6.18 -24.12
CA LEU B 285 -59.98 7.50 -24.60
C LEU B 285 -60.89 8.50 -23.94
N TYR B 286 -62.17 8.16 -23.97
CA TYR B 286 -63.23 8.90 -23.36
C TYR B 286 -62.93 9.07 -21.88
N GLU B 287 -62.39 8.01 -21.24
CA GLU B 287 -62.04 8.11 -19.83
C GLU B 287 -61.00 9.18 -19.60
N LYS B 288 -60.32 9.64 -20.65
CA LYS B 288 -59.44 10.76 -20.48
C LYS B 288 -60.29 12.00 -20.60
N GLY B 289 -61.31 11.95 -21.48
CA GLY B 289 -62.17 13.10 -21.66
C GLY B 289 -63.11 13.39 -20.50
N TYR B 290 -63.50 12.36 -19.75
CA TYR B 290 -64.39 12.50 -18.60
C TYR B 290 -63.66 12.55 -17.25
N VAL B 291 -64.38 13.07 -16.24
CA VAL B 291 -63.82 13.13 -14.89
C VAL B 291 -64.69 12.26 -13.99
N LYS B 292 -64.27 10.99 -13.86
CA LYS B 292 -64.98 9.98 -13.09
C LYS B 292 -65.29 10.41 -11.66
N ASP B 293 -64.52 11.36 -11.11
CA ASP B 293 -64.68 11.82 -9.74
C ASP B 293 -64.11 13.23 -9.64
N VAL B 294 -64.20 13.80 -8.44
CA VAL B 294 -63.73 15.16 -8.16
C VAL B 294 -62.25 15.27 -8.48
N ASP B 295 -61.47 14.24 -8.14
CA ASP B 295 -60.04 14.27 -8.42
C ASP B 295 -59.81 14.46 -9.90
N ASP B 296 -60.53 13.69 -10.72
CA ASP B 296 -60.40 13.92 -12.13
C ASP B 296 -60.88 15.31 -12.49
N GLY B 297 -61.86 15.83 -11.78
CA GLY B 297 -62.25 17.19 -12.06
C GLY B 297 -61.14 18.13 -11.67
N LEU B 298 -60.63 17.97 -10.45
CA LEU B 298 -59.52 18.76 -9.96
C LEU B 298 -58.27 18.61 -10.84
N GLN B 299 -57.99 17.41 -11.35
CA GLN B 299 -56.85 17.22 -12.24
C GLN B 299 -57.15 17.92 -13.56
N ALA B 300 -58.37 17.71 -14.05
CA ALA B 300 -58.87 18.35 -15.25
C ALA B 300 -58.84 19.85 -15.06
N ALA B 301 -59.24 20.30 -13.87
CA ALA B 301 -59.26 21.72 -13.53
C ALA B 301 -57.92 22.41 -13.78
N GLU B 302 -56.81 21.69 -13.61
CA GLU B 302 -55.51 22.30 -13.90
C GLU B 302 -55.31 22.39 -15.39
N GLU B 303 -55.75 21.36 -16.13
CA GLU B 303 -55.61 21.40 -17.59
C GLU B 303 -56.41 22.58 -18.10
N VAL B 304 -57.69 22.64 -17.73
CA VAL B 304 -58.48 23.80 -18.14
C VAL B 304 -57.90 25.06 -17.48
N GLY B 305 -57.47 24.95 -16.21
CA GLY B 305 -56.89 26.02 -15.40
C GLY B 305 -57.90 26.73 -14.50
N TYR B 306 -57.54 26.99 -13.24
CA TYR B 306 -58.45 27.68 -12.33
C TYR B 306 -58.69 29.13 -12.75
N PRO B 307 -59.90 29.69 -12.50
CA PRO B 307 -61.11 29.20 -11.83
C PRO B 307 -61.75 28.31 -12.86
N VAL B 308 -62.41 27.24 -12.40
CA VAL B 308 -62.96 26.21 -13.28
C VAL B 308 -64.48 26.09 -13.15
N MET B 309 -65.01 25.25 -14.03
CA MET B 309 -66.43 24.91 -14.13
C MET B 309 -66.67 23.41 -14.02
N ILE B 310 -67.54 23.04 -13.09
CA ILE B 310 -68.02 21.67 -12.93
C ILE B 310 -69.25 21.61 -13.83
N LYS B 311 -69.23 20.71 -14.81
CA LYS B 311 -70.28 20.58 -15.81
C LYS B 311 -70.71 19.14 -16.00
N ALA B 312 -72.02 18.93 -15.95
CA ALA B 312 -72.64 17.63 -16.21
C ALA B 312 -72.55 17.27 -17.67
N SER B 313 -72.06 16.06 -17.94
CA SER B 313 -71.86 15.67 -19.32
C SER B 313 -73.18 15.44 -20.03
N GLU B 314 -74.27 15.22 -19.29
CA GLU B 314 -75.57 15.07 -19.91
C GLU B 314 -76.34 16.37 -19.74
N GLY B 315 -75.71 17.39 -19.16
CA GLY B 315 -76.32 18.68 -18.97
C GLY B 315 -76.40 19.50 -20.25
N GLY B 316 -77.57 20.06 -20.51
CA GLY B 316 -77.75 20.94 -21.65
C GLY B 316 -78.33 22.23 -21.11
N GLY B 317 -78.00 23.34 -21.78
CA GLY B 317 -78.55 24.60 -21.32
C GLY B 317 -78.30 24.91 -19.86
N GLY B 318 -77.06 24.78 -19.36
CA GLY B 318 -76.84 25.07 -17.96
C GLY B 318 -77.34 24.06 -16.94
N LYS B 319 -77.61 22.81 -17.32
CA LYS B 319 -78.08 21.80 -16.35
C LYS B 319 -76.90 21.05 -15.79
N GLY B 320 -76.84 20.91 -14.46
CA GLY B 320 -75.75 20.13 -13.89
C GLY B 320 -74.47 20.91 -13.92
N ILE B 321 -74.52 22.21 -13.65
CA ILE B 321 -73.37 23.11 -13.71
C ILE B 321 -73.22 23.91 -12.43
N ARG B 322 -71.99 23.95 -11.90
CA ARG B 322 -71.66 24.67 -10.68
C ARG B 322 -70.40 25.50 -10.97
N LYS B 323 -70.43 26.77 -10.56
CA LYS B 323 -69.31 27.69 -10.72
C LYS B 323 -68.32 27.58 -9.55
N VAL B 324 -67.04 27.44 -9.88
CA VAL B 324 -65.94 27.25 -8.93
C VAL B 324 -64.90 28.34 -9.17
N ASN B 325 -64.57 29.10 -8.12
CA ASN B 325 -63.59 30.18 -8.23
C ASN B 325 -62.18 29.74 -7.84
N ASN B 326 -62.03 28.71 -7.00
CA ASN B 326 -60.71 28.24 -6.62
C ASN B 326 -60.87 26.76 -6.29
N ALA B 327 -59.74 26.07 -6.32
CA ALA B 327 -59.68 24.63 -6.09
C ALA B 327 -60.25 24.19 -4.75
N ASP B 328 -60.28 25.07 -3.75
CA ASP B 328 -60.79 24.70 -2.44
C ASP B 328 -62.32 24.54 -2.40
N ASP B 329 -63.06 25.34 -3.16
CA ASP B 329 -64.52 25.25 -3.20
C ASP B 329 -65.03 24.05 -4.01
N PHE B 330 -64.29 23.66 -5.04
CA PHE B 330 -64.64 22.58 -5.98
C PHE B 330 -65.22 21.30 -5.42
N PRO B 331 -64.61 20.62 -4.45
CA PRO B 331 -65.14 19.29 -4.08
C PRO B 331 -66.58 19.17 -3.63
N ASN B 332 -67.09 20.01 -2.73
CA ASN B 332 -68.49 19.80 -2.40
C ASN B 332 -69.45 20.16 -3.50
N LEU B 333 -69.17 21.24 -4.21
CA LEU B 333 -70.05 21.62 -5.31
C LEU B 333 -70.02 20.55 -6.37
N PHE B 334 -68.86 19.94 -6.54
CA PHE B 334 -68.77 18.79 -7.44
C PHE B 334 -69.60 17.69 -6.82
N ARG B 335 -69.44 17.55 -5.51
CA ARG B 335 -70.15 16.59 -4.68
C ARG B 335 -71.64 16.87 -4.64
N GLN B 336 -72.03 18.15 -4.73
CA GLN B 336 -73.45 18.46 -4.71
C GLN B 336 -74.09 17.90 -5.96
N VAL B 337 -73.45 18.09 -7.11
CA VAL B 337 -74.01 17.54 -8.34
C VAL B 337 -74.11 16.03 -8.20
N GLN B 338 -73.06 15.44 -7.65
CA GLN B 338 -73.04 14.02 -7.36
C GLN B 338 -74.10 13.67 -6.31
N ALA B 339 -74.19 14.46 -5.24
CA ALA B 339 -75.17 14.20 -4.20
C ALA B 339 -76.56 14.36 -4.79
N GLU B 340 -76.72 15.31 -5.71
CA GLU B 340 -78.02 15.51 -6.33
C GLU B 340 -78.38 14.32 -7.20
N VAL B 341 -77.44 13.89 -8.03
CA VAL B 341 -77.57 12.77 -8.96
C VAL B 341 -76.43 11.77 -8.76
N PRO B 342 -76.47 10.89 -7.76
CA PRO B 342 -75.33 9.98 -7.55
C PRO B 342 -75.12 8.97 -8.67
N GLY B 343 -73.84 8.75 -9.01
CA GLY B 343 -73.42 7.86 -10.07
C GLY B 343 -73.18 8.52 -11.41
N SER B 344 -73.67 9.72 -11.61
CA SER B 344 -73.50 10.36 -12.92
C SER B 344 -72.09 10.91 -13.11
N PRO B 345 -71.46 10.68 -14.26
CA PRO B 345 -70.19 11.35 -14.58
C PRO B 345 -70.27 12.86 -14.73
N ILE B 346 -69.12 13.48 -14.56
CA ILE B 346 -68.86 14.92 -14.63
C ILE B 346 -67.71 15.18 -15.61
N PHE B 347 -67.75 16.31 -16.35
CA PHE B 347 -66.63 16.69 -17.23
C PHE B 347 -66.16 18.11 -16.92
N VAL B 348 -64.99 18.50 -17.45
CA VAL B 348 -64.39 19.81 -17.21
C VAL B 348 -63.97 20.55 -18.48
N MET B 349 -64.29 21.86 -18.58
CA MET B 349 -63.88 22.67 -19.75
C MET B 349 -63.45 24.09 -19.32
N ARG B 350 -62.54 24.70 -20.12
CA ARG B 350 -61.99 26.06 -19.94
C ARG B 350 -62.88 27.29 -20.16
N LEU B 351 -62.82 28.22 -19.19
CA LEU B 351 -63.50 29.52 -19.20
C LEU B 351 -62.84 30.57 -20.09
N ALA B 352 -63.47 30.91 -21.20
CA ALA B 352 -62.96 31.88 -22.17
C ALA B 352 -62.98 33.29 -21.58
N LYS B 353 -62.26 34.19 -22.24
CA LYS B 353 -62.28 35.59 -21.83
C LYS B 353 -63.62 36.12 -22.31
N GLN B 354 -64.07 37.24 -21.76
CA GLN B 354 -65.33 37.80 -22.27
C GLN B 354 -65.23 37.93 -23.77
N SER B 355 -66.13 37.23 -24.44
CA SER B 355 -66.12 37.07 -25.89
C SER B 355 -67.55 37.00 -26.40
N ARG B 356 -67.68 36.71 -27.70
CA ARG B 356 -68.96 36.50 -28.36
C ARG B 356 -69.19 34.99 -28.55
N HIS B 357 -70.41 34.56 -28.23
CA HIS B 357 -70.89 33.18 -28.37
C HIS B 357 -71.78 33.07 -29.62
N LEU B 358 -71.38 32.22 -30.57
CA LEU B 358 -72.08 32.05 -31.84
C LEU B 358 -72.55 30.63 -32.05
N GLU B 359 -73.63 30.45 -32.84
CA GLU B 359 -74.15 29.13 -33.12
C GLU B 359 -74.29 28.95 -34.63
N VAL B 360 -74.03 27.73 -35.12
CA VAL B 360 -74.24 27.34 -36.52
C VAL B 360 -75.34 26.29 -36.67
N GLN B 361 -76.30 26.58 -37.55
CA GLN B 361 -77.38 25.65 -37.87
C GLN B 361 -76.90 24.62 -38.90
N ILE B 362 -77.07 23.34 -38.60
CA ILE B 362 -76.65 22.22 -39.46
C ILE B 362 -77.80 21.42 -40.05
N LEU B 363 -77.59 20.90 -41.28
CA LEU B 363 -78.55 20.01 -41.92
C LEU B 363 -77.74 18.98 -42.70
N ALA B 364 -77.85 17.70 -42.32
CA ALA B 364 -77.14 16.60 -42.98
C ALA B 364 -78.02 15.41 -43.36
N ASP B 365 -77.76 14.79 -44.52
CA ASP B 365 -78.47 13.57 -44.92
C ASP B 365 -77.69 12.31 -44.49
N GLN B 366 -78.14 11.12 -44.91
CA GLN B 366 -77.46 9.86 -44.55
C GLN B 366 -76.33 9.42 -45.49
N TYR B 367 -75.95 10.23 -46.46
CA TYR B 367 -74.94 9.87 -47.48
C TYR B 367 -73.69 10.73 -47.50
N GLY B 368 -73.53 11.66 -46.56
CA GLY B 368 -72.38 12.53 -46.52
C GLY B 368 -72.59 13.95 -46.98
N ASN B 369 -73.76 14.31 -47.51
CA ASN B 369 -74.01 15.71 -47.85
C ASN B 369 -74.55 16.39 -46.60
N ALA B 370 -73.85 17.44 -46.14
CA ALA B 370 -74.18 18.22 -44.96
C ALA B 370 -74.01 19.68 -45.34
N ILE B 371 -74.94 20.54 -44.95
CA ILE B 371 -74.82 21.95 -45.29
C ILE B 371 -74.98 22.90 -44.13
N SER B 372 -74.50 24.11 -44.39
CA SER B 372 -74.61 25.33 -43.62
C SER B 372 -75.64 26.26 -44.21
N LEU B 373 -76.28 27.06 -43.35
CA LEU B 373 -77.23 28.07 -43.82
C LEU B 373 -76.59 29.40 -43.46
N PHE B 374 -76.49 29.73 -42.17
CA PHE B 374 -75.95 30.93 -41.48
C PHE B 374 -75.71 30.58 -40.01
N GLY B 375 -75.56 31.61 -39.17
CA GLY B 375 -75.33 31.42 -37.75
C GLY B 375 -76.28 32.21 -36.88
N ARG B 376 -76.07 32.06 -35.56
CA ARG B 376 -76.82 32.77 -34.55
C ARG B 376 -75.82 33.22 -33.49
N ASP B 377 -75.95 34.46 -33.01
CA ASP B 377 -75.14 34.98 -31.91
C ASP B 377 -75.92 34.85 -30.60
N CYS B 378 -75.35 34.10 -29.66
CA CYS B 378 -75.93 33.90 -28.33
C CYS B 378 -74.96 34.31 -27.24
N SER B 379 -74.26 35.42 -27.48
CA SER B 379 -73.27 35.97 -26.55
C SER B 379 -73.91 36.54 -25.29
N VAL B 380 -75.13 37.04 -25.38
CA VAL B 380 -75.82 37.61 -24.23
C VAL B 380 -76.15 36.44 -23.29
N GLN B 381 -75.30 36.23 -22.25
CA GLN B 381 -75.41 35.10 -21.32
C GLN B 381 -75.38 35.41 -19.82
N ARG B 382 -76.14 34.61 -19.06
CA ARG B 382 -76.15 34.69 -17.59
C ARG B 382 -76.11 33.33 -16.91
N ARG B 383 -74.98 32.99 -16.30
CA ARG B 383 -74.74 31.73 -15.60
C ARG B 383 -75.06 30.52 -16.46
N HIS B 384 -74.74 30.60 -17.75
CA HIS B 384 -74.98 29.54 -18.73
C HIS B 384 -76.46 29.35 -19.02
N GLN B 385 -77.34 30.23 -18.56
CA GLN B 385 -78.75 30.06 -18.90
C GLN B 385 -78.93 30.97 -20.08
N LYS B 386 -79.37 30.40 -21.18
CA LYS B 386 -79.55 31.18 -22.39
C LYS B 386 -80.74 32.14 -22.18
N ILE B 387 -80.49 33.44 -22.13
CA ILE B 387 -81.56 34.43 -21.90
C ILE B 387 -82.00 35.11 -23.19
N ILE B 388 -81.03 35.66 -23.92
CA ILE B 388 -81.20 36.35 -25.20
C ILE B 388 -80.35 35.62 -26.24
N GLU B 389 -80.91 35.47 -27.43
CA GLU B 389 -80.21 34.93 -28.58
C GLU B 389 -80.25 36.01 -29.64
N GLU B 390 -79.28 36.00 -30.55
CA GLU B 390 -79.25 36.96 -31.65
C GLU B 390 -78.87 36.20 -32.92
N ALA B 391 -79.49 36.56 -34.05
CA ALA B 391 -79.10 36.02 -35.37
C ALA B 391 -79.08 36.96 -36.58
N PRO B 392 -77.97 37.07 -37.36
CA PRO B 392 -76.58 36.59 -37.47
C PRO B 392 -75.60 37.36 -36.55
N ALA B 393 -74.33 36.94 -36.54
CA ALA B 393 -73.27 37.58 -35.76
C ALA B 393 -72.50 38.69 -36.49
N THR B 394 -73.09 39.90 -36.59
CA THR B 394 -72.42 41.00 -37.32
C THR B 394 -71.12 41.46 -36.65
N ILE B 395 -70.95 41.19 -35.35
CA ILE B 395 -69.78 41.58 -34.58
C ILE B 395 -68.48 41.05 -35.19
N ALA B 396 -68.45 39.81 -35.65
CA ALA B 396 -67.23 39.23 -36.20
C ALA B 396 -66.79 39.88 -37.52
N THR B 397 -65.47 39.85 -37.72
CA THR B 397 -64.83 40.33 -38.93
C THR B 397 -65.20 39.47 -40.15
N PRO B 398 -65.53 40.10 -41.29
CA PRO B 398 -65.92 39.35 -42.51
C PRO B 398 -65.06 38.15 -42.91
N ALA B 399 -63.74 38.26 -42.72
CA ALA B 399 -62.77 37.22 -43.10
C ALA B 399 -62.93 35.89 -42.35
N VAL B 400 -63.25 35.93 -41.07
CA VAL B 400 -63.38 34.74 -40.21
C VAL B 400 -64.53 33.79 -40.61
N PHE B 401 -65.67 34.30 -41.06
CA PHE B 401 -66.84 33.46 -41.39
C PHE B 401 -66.70 32.38 -42.47
N GLU B 402 -65.93 32.55 -43.55
CA GLU B 402 -65.83 31.44 -44.53
C GLU B 402 -65.26 30.14 -43.96
N HIS B 403 -64.24 30.21 -43.11
CA HIS B 403 -63.67 29.01 -42.48
C HIS B 403 -64.65 28.21 -41.63
N MET B 404 -65.46 28.88 -40.80
CA MET B 404 -66.43 28.23 -39.92
C MET B 404 -67.53 27.41 -40.62
N GLU B 405 -68.07 27.85 -41.76
CA GLU B 405 -69.13 27.04 -42.40
C GLU B 405 -68.70 25.63 -42.81
N GLN B 406 -67.54 25.46 -43.42
CA GLN B 406 -67.17 24.11 -43.85
C GLN B 406 -66.86 23.23 -42.66
N CYS B 407 -66.22 23.78 -41.63
CA CYS B 407 -65.95 23.02 -40.42
C CYS B 407 -67.27 22.54 -39.80
N ALA B 408 -68.25 23.45 -39.70
CA ALA B 408 -69.56 23.08 -39.17
C ALA B 408 -70.17 21.97 -40.00
N VAL B 409 -70.04 22.10 -41.31
CA VAL B 409 -70.51 21.14 -42.30
C VAL B 409 -69.74 19.83 -42.20
N LYS B 410 -68.42 19.92 -42.04
CA LYS B 410 -67.56 18.75 -41.95
C LYS B 410 -67.92 17.80 -40.80
N LEU B 411 -68.09 18.32 -39.56
CA LEU B 411 -68.45 17.46 -38.43
C LEU B 411 -69.67 16.62 -38.71
N ALA B 412 -70.67 17.21 -39.34
CA ALA B 412 -71.85 16.43 -39.68
C ALA B 412 -71.49 15.38 -40.71
N LYS B 413 -70.76 15.80 -41.74
CA LYS B 413 -70.39 14.87 -42.78
C LYS B 413 -69.52 13.71 -42.27
N MET B 414 -68.52 14.03 -41.43
CA MET B 414 -67.64 13.01 -40.91
C MET B 414 -68.33 11.90 -40.10
N VAL B 415 -69.32 12.25 -39.27
CA VAL B 415 -69.98 11.25 -38.42
C VAL B 415 -71.27 10.75 -39.03
N GLY B 416 -71.68 11.31 -40.16
CA GLY B 416 -72.92 10.91 -40.76
C GLY B 416 -74.07 11.47 -39.97
N TYR B 417 -73.98 12.72 -39.53
CA TYR B 417 -75.07 13.30 -38.77
C TYR B 417 -76.29 13.41 -39.64
N VAL B 418 -77.46 13.12 -39.08
CA VAL B 418 -78.69 13.38 -39.81
C VAL B 418 -79.66 14.04 -38.84
N SER B 419 -80.43 15.04 -39.34
CA SER B 419 -81.55 15.77 -38.71
C SER B 419 -81.28 17.28 -38.77
N ALA B 420 -81.95 18.02 -37.88
CA ALA B 420 -81.77 19.44 -37.68
C ALA B 420 -80.71 19.51 -36.57
N GLY B 421 -79.84 20.51 -36.60
CA GLY B 421 -78.90 20.62 -35.49
C GLY B 421 -78.35 22.00 -35.27
N THR B 422 -77.79 22.19 -34.07
CA THR B 422 -77.21 23.45 -33.66
C THR B 422 -75.79 23.17 -33.18
N VAL B 423 -74.83 23.83 -33.83
CA VAL B 423 -73.41 23.81 -33.47
C VAL B 423 -73.10 25.12 -32.74
N GLU B 424 -72.68 25.06 -31.48
CA GLU B 424 -72.40 26.29 -30.74
C GLU B 424 -70.90 26.57 -30.82
N TYR B 425 -70.56 27.82 -31.14
CA TYR B 425 -69.20 28.31 -31.30
C TYR B 425 -68.93 29.55 -30.46
N LEU B 426 -67.67 29.65 -30.12
CA LEU B 426 -67.05 30.79 -29.46
C LEU B 426 -66.25 31.59 -30.46
N TYR B 427 -66.51 32.88 -30.60
CA TYR B 427 -65.78 33.69 -31.56
C TYR B 427 -65.01 34.71 -30.75
N SER B 428 -63.73 34.88 -31.07
CA SER B 428 -62.89 35.86 -30.42
C SER B 428 -62.52 36.97 -31.40
N GLN B 429 -62.22 38.14 -30.83
CA GLN B 429 -61.78 39.26 -31.65
C GLN B 429 -60.52 38.89 -32.42
N ASP B 430 -59.71 38.00 -31.84
CA ASP B 430 -58.51 37.51 -32.51
C ASP B 430 -58.80 37.03 -33.92
N GLY B 431 -59.92 36.38 -34.08
CA GLY B 431 -60.35 35.75 -35.30
C GLY B 431 -60.28 34.26 -35.13
N SER B 432 -59.98 33.80 -33.91
CA SER B 432 -59.91 32.43 -33.56
C SER B 432 -61.30 32.10 -33.07
N PHE B 433 -61.77 30.91 -33.35
CA PHE B 433 -63.09 30.49 -32.92
C PHE B 433 -63.02 29.13 -32.26
N TYR B 434 -63.95 28.86 -31.34
CA TYR B 434 -64.01 27.58 -30.63
C TYR B 434 -65.41 27.03 -30.43
N PHE B 435 -65.54 25.74 -30.70
CA PHE B 435 -66.74 24.96 -30.45
C PHE B 435 -67.03 24.82 -28.96
N LEU B 436 -68.31 24.97 -28.58
CA LEU B 436 -68.74 24.84 -27.19
C LEU B 436 -69.54 23.57 -27.02
N GLU B 437 -70.62 23.41 -27.77
CA GLU B 437 -71.44 22.23 -27.66
C GLU B 437 -72.37 22.15 -28.88
N LEU B 438 -72.97 20.98 -29.04
CA LEU B 438 -73.97 20.71 -30.06
C LEU B 438 -75.23 20.17 -29.43
N ASN B 439 -76.39 20.79 -29.68
CA ASN B 439 -77.61 20.18 -29.17
C ASN B 439 -78.06 19.28 -30.32
N PRO B 440 -78.02 17.95 -30.18
CA PRO B 440 -78.27 17.09 -31.34
C PRO B 440 -79.76 16.84 -31.55
N ARG B 441 -80.56 17.88 -31.42
CA ARG B 441 -82.00 17.76 -31.44
C ARG B 441 -82.54 19.17 -31.61
N LEU B 442 -83.86 19.28 -31.70
CA LEU B 442 -84.46 20.60 -31.68
C LEU B 442 -84.30 21.25 -30.33
N GLN B 443 -84.18 22.57 -30.38
CA GLN B 443 -84.10 23.40 -29.19
C GLN B 443 -85.42 24.12 -28.99
N VAL B 444 -85.63 24.58 -27.76
CA VAL B 444 -86.84 25.35 -27.45
C VAL B 444 -86.88 26.67 -28.25
N GLU B 445 -85.70 27.23 -28.57
CA GLU B 445 -85.50 28.51 -29.29
C GLU B 445 -85.40 28.40 -30.82
N HIS B 446 -85.63 27.23 -31.41
CA HIS B 446 -85.60 26.95 -32.86
C HIS B 446 -86.34 27.82 -33.89
N PRO B 447 -87.51 28.44 -33.63
CA PRO B 447 -88.13 29.30 -34.66
C PRO B 447 -87.28 30.41 -35.30
N CYS B 448 -86.20 30.84 -34.65
CA CYS B 448 -85.29 31.84 -35.23
C CYS B 448 -84.83 31.48 -36.63
N THR B 449 -84.34 30.27 -36.83
CA THR B 449 -83.90 29.85 -38.15
C THR B 449 -85.07 29.77 -39.13
N GLU B 450 -86.21 29.23 -38.69
CA GLU B 450 -87.37 29.03 -39.55
C GLU B 450 -87.79 30.28 -40.32
N MET B 451 -87.79 31.43 -39.66
CA MET B 451 -88.22 32.67 -40.31
C MET B 451 -87.23 33.17 -41.37
N VAL B 452 -85.93 32.97 -41.19
CA VAL B 452 -84.95 33.46 -42.18
C VAL B 452 -84.65 32.43 -43.26
N ALA B 453 -84.75 31.16 -42.96
CA ALA B 453 -84.45 30.10 -43.91
C ALA B 453 -85.70 29.61 -44.65
N ASP B 454 -86.90 29.94 -44.16
CA ASP B 454 -88.14 29.43 -44.72
C ASP B 454 -88.01 27.91 -44.65
N VAL B 455 -87.59 27.46 -43.47
CA VAL B 455 -87.39 26.05 -43.19
C VAL B 455 -88.24 25.71 -41.99
N ASN B 456 -89.13 24.74 -42.18
CA ASN B 456 -89.92 24.25 -41.08
C ASN B 456 -89.00 23.24 -40.42
N LEU B 457 -88.43 23.65 -39.30
CA LEU B 457 -87.45 22.81 -38.61
C LEU B 457 -88.06 21.50 -38.13
N PRO B 458 -89.16 21.47 -37.37
CA PRO B 458 -89.73 20.16 -37.01
C PRO B 458 -90.12 19.31 -38.22
N ALA B 459 -90.54 19.96 -39.31
CA ALA B 459 -90.90 19.24 -40.51
C ALA B 459 -89.67 18.65 -41.20
N ALA B 460 -88.56 19.41 -41.20
CA ALA B 460 -87.32 18.90 -41.76
C ALA B 460 -86.82 17.67 -41.01
N GLN B 461 -86.90 17.68 -39.68
CA GLN B 461 -86.49 16.52 -38.91
C GLN B 461 -87.29 15.28 -39.28
N LEU B 462 -88.61 15.43 -39.44
CA LEU B 462 -89.44 14.31 -39.84
C LEU B 462 -89.07 13.84 -41.24
N GLN B 463 -88.97 14.75 -42.22
CA GLN B 463 -88.62 14.35 -43.59
C GLN B 463 -87.24 13.72 -43.60
N ILE B 464 -86.32 14.31 -42.84
CA ILE B 464 -84.97 13.78 -42.69
C ILE B 464 -85.02 12.38 -42.08
N ALA B 465 -85.90 12.16 -41.11
CA ALA B 465 -85.99 10.83 -40.52
C ALA B 465 -86.55 9.86 -41.55
N MET B 466 -87.23 10.39 -42.57
CA MET B 466 -87.75 9.64 -43.71
C MET B 466 -86.71 9.48 -44.82
N GLY B 467 -85.46 9.89 -44.60
CA GLY B 467 -84.47 9.77 -45.67
C GLY B 467 -84.46 10.78 -46.79
N ILE B 468 -84.96 12.00 -46.58
CA ILE B 468 -84.97 12.99 -47.64
C ILE B 468 -83.56 13.56 -47.86
N PRO B 469 -82.98 13.48 -49.07
CA PRO B 469 -81.66 14.09 -49.29
C PRO B 469 -81.74 15.61 -49.19
N LEU B 470 -80.61 16.22 -48.78
CA LEU B 470 -80.53 17.67 -48.62
C LEU B 470 -81.04 18.43 -49.84
N TYR B 471 -80.65 18.00 -51.05
CA TYR B 471 -81.10 18.68 -52.26
C TYR B 471 -82.59 18.51 -52.54
N ARG B 472 -83.29 17.62 -51.84
CA ARG B 472 -84.73 17.39 -51.98
C ARG B 472 -85.60 18.00 -50.90
N ILE B 473 -85.10 18.87 -50.04
CA ILE B 473 -85.97 19.49 -49.04
C ILE B 473 -86.38 20.81 -49.64
N LYS B 474 -87.70 20.91 -49.89
CA LYS B 474 -88.32 22.07 -50.54
C LYS B 474 -87.86 23.38 -49.90
N ASP B 475 -87.98 23.48 -48.58
CA ASP B 475 -87.55 24.66 -47.85
C ASP B 475 -86.12 25.06 -48.22
N ILE B 476 -85.22 24.07 -48.29
CA ILE B 476 -83.83 24.32 -48.70
C ILE B 476 -83.76 24.60 -50.19
N ARG B 477 -84.59 23.89 -50.97
CA ARG B 477 -84.64 24.03 -52.42
C ARG B 477 -84.98 25.47 -52.81
N MET B 478 -86.06 26.03 -52.22
CA MET B 478 -86.42 27.42 -52.52
C MET B 478 -85.29 28.35 -52.14
N MET B 479 -84.72 28.12 -50.96
CA MET B 479 -83.62 28.94 -50.45
C MET B 479 -82.48 28.97 -51.46
N TYR B 480 -82.20 27.82 -52.10
CA TYR B 480 -81.13 27.76 -53.08
C TYR B 480 -81.64 28.13 -54.48
N GLY B 481 -82.83 28.72 -54.56
CA GLY B 481 -83.32 29.18 -55.85
C GLY B 481 -83.46 28.08 -56.88
N VAL B 482 -83.66 26.83 -56.44
CA VAL B 482 -83.85 25.74 -57.40
C VAL B 482 -85.29 25.29 -57.55
N SER B 483 -85.51 24.31 -58.43
CA SER B 483 -86.84 23.77 -58.71
C SER B 483 -87.46 23.13 -57.47
N PRO B 484 -88.72 23.42 -57.12
CA PRO B 484 -89.29 22.74 -55.93
C PRO B 484 -89.40 21.23 -56.07
N TRP B 485 -89.53 20.73 -57.30
CA TRP B 485 -89.70 19.31 -57.61
C TRP B 485 -88.62 18.66 -58.48
N GLY B 486 -87.51 19.33 -58.81
CA GLY B 486 -86.49 18.64 -59.59
C GLY B 486 -85.71 17.68 -58.73
N ASP B 487 -84.99 16.73 -59.36
CA ASP B 487 -84.21 15.75 -58.62
C ASP B 487 -82.71 15.89 -58.84
N SER B 488 -82.23 16.90 -59.56
CA SER B 488 -80.79 17.03 -59.80
C SER B 488 -80.01 17.28 -58.51
N PRO B 489 -79.00 16.47 -58.18
CA PRO B 489 -78.22 16.76 -56.97
C PRO B 489 -77.42 18.06 -57.13
N ILE B 490 -77.33 18.80 -56.03
CA ILE B 490 -76.63 20.08 -55.95
C ILE B 490 -75.33 19.85 -55.20
N ASP B 491 -74.23 20.33 -55.76
CA ASP B 491 -72.92 20.25 -55.11
C ASP B 491 -72.87 21.47 -54.18
N PHE B 492 -73.09 21.16 -52.90
CA PHE B 492 -73.21 22.14 -51.83
C PHE B 492 -71.92 22.89 -51.58
N GLU B 493 -70.79 22.28 -51.89
CA GLU B 493 -69.52 22.97 -51.74
C GLU B 493 -69.42 24.07 -52.79
N ASP B 494 -69.74 23.73 -54.03
CA ASP B 494 -69.70 24.68 -55.14
C ASP B 494 -70.77 25.77 -55.03
N SER B 495 -71.84 25.54 -54.27
CA SER B 495 -72.94 26.51 -54.12
C SER B 495 -73.03 27.11 -52.71
N ALA B 496 -71.89 27.29 -52.04
CA ALA B 496 -71.87 27.87 -50.70
C ALA B 496 -72.39 29.29 -50.69
N HIS B 497 -72.11 30.05 -51.75
CA HIS B 497 -72.52 31.44 -51.91
C HIS B 497 -73.98 31.62 -52.35
N VAL B 498 -74.62 30.57 -52.86
CA VAL B 498 -76.01 30.69 -53.35
C VAL B 498 -76.99 31.19 -52.28
N PRO B 499 -77.06 30.63 -51.09
CA PRO B 499 -78.04 31.09 -50.10
C PRO B 499 -77.72 32.45 -49.49
N CYS B 500 -78.77 33.28 -49.33
CA CYS B 500 -78.69 34.61 -48.74
C CYS B 500 -79.85 34.73 -47.76
N PRO B 501 -79.62 35.30 -46.56
CA PRO B 501 -80.69 35.33 -45.56
C PRO B 501 -81.91 36.17 -45.92
N ARG B 502 -83.09 35.68 -45.49
CA ARG B 502 -84.32 36.44 -45.67
C ARG B 502 -84.56 37.04 -44.29
N GLY B 503 -84.15 38.27 -44.11
CA GLY B 503 -84.27 39.00 -42.85
C GLY B 503 -83.40 38.54 -41.68
N HIS B 504 -83.88 38.89 -40.47
CA HIS B 504 -83.26 38.67 -39.16
C HIS B 504 -84.29 38.24 -38.13
N VAL B 505 -83.87 37.48 -37.09
CA VAL B 505 -84.74 37.07 -35.98
C VAL B 505 -84.04 37.38 -34.66
N ILE B 506 -84.81 37.89 -33.70
CA ILE B 506 -84.38 38.13 -32.33
C ILE B 506 -85.25 37.29 -31.41
N ALA B 507 -84.61 36.51 -30.51
CA ALA B 507 -85.32 35.75 -29.50
C ALA B 507 -85.03 36.32 -28.11
N ALA B 508 -86.06 36.40 -27.29
CA ALA B 508 -86.01 36.95 -25.93
C ALA B 508 -86.71 36.08 -24.90
N ARG B 509 -86.02 35.74 -23.81
CA ARG B 509 -86.66 34.97 -22.74
C ARG B 509 -87.60 35.80 -21.91
N ILE B 510 -88.83 35.30 -21.78
CA ILE B 510 -89.89 35.91 -20.99
C ILE B 510 -90.19 34.90 -19.88
N THR B 511 -90.52 35.39 -18.69
CA THR B 511 -90.80 34.50 -17.57
C THR B 511 -92.18 34.83 -17.06
N GLY B 524 -104.35 25.33 -18.33
CA GLY B 524 -103.74 25.04 -19.62
C GLY B 524 -102.24 24.92 -19.52
N THR B 525 -101.58 24.84 -20.69
CA THR B 525 -100.13 24.76 -20.75
C THR B 525 -99.51 25.70 -21.78
N VAL B 526 -100.26 26.16 -22.77
CA VAL B 526 -99.75 27.03 -23.82
C VAL B 526 -100.79 28.12 -24.03
N GLN B 527 -100.39 29.35 -23.78
CA GLN B 527 -101.23 30.52 -24.00
C GLN B 527 -100.58 31.18 -25.19
N GLU B 528 -101.25 31.13 -26.34
CA GLU B 528 -100.70 31.76 -27.53
C GLU B 528 -100.84 33.27 -27.45
N LEU B 529 -99.71 33.97 -27.37
CA LEU B 529 -99.70 35.42 -27.32
C LEU B 529 -99.35 35.84 -28.74
N ASN B 530 -100.35 36.29 -29.48
CA ASN B 530 -100.16 36.73 -30.85
C ASN B 530 -99.84 38.21 -30.80
N PHE B 531 -98.91 38.65 -31.65
CA PHE B 531 -98.48 40.03 -31.65
C PHE B 531 -98.94 40.78 -32.90
N ARG B 532 -99.51 41.94 -32.62
CA ARG B 532 -100.01 42.96 -33.53
C ARG B 532 -98.87 43.90 -33.93
N SER B 533 -97.79 43.87 -33.15
CA SER B 533 -96.63 44.69 -33.37
C SER B 533 -95.89 44.29 -34.64
N ASN B 534 -95.99 43.03 -35.04
CA ASN B 534 -95.32 42.52 -36.23
C ASN B 534 -96.20 41.40 -36.78
N LYS B 535 -96.37 41.39 -38.12
CA LYS B 535 -97.12 40.34 -38.80
C LYS B 535 -96.34 39.04 -38.89
N ASN B 536 -95.02 39.13 -38.87
CA ASN B 536 -94.15 37.97 -38.92
C ASN B 536 -93.92 37.44 -37.52
N VAL B 537 -94.64 37.98 -36.54
CA VAL B 537 -94.54 37.58 -35.15
C VAL B 537 -95.93 37.19 -34.69
N TRP B 538 -95.93 36.08 -33.99
CA TRP B 538 -96.99 35.37 -33.31
C TRP B 538 -96.26 34.77 -32.13
N GLY B 539 -96.99 34.26 -31.15
CA GLY B 539 -96.22 33.74 -30.04
C GLY B 539 -97.01 32.96 -29.03
N TYR B 540 -96.29 32.62 -27.97
CA TYR B 540 -96.77 31.84 -26.86
C TYR B 540 -96.10 32.17 -25.53
N PHE B 541 -96.87 31.88 -24.49
CA PHE B 541 -96.58 31.92 -23.07
C PHE B 541 -97.16 30.62 -22.54
N SER B 542 -96.42 29.89 -21.72
CA SER B 542 -96.92 28.61 -21.26
C SER B 542 -97.22 28.62 -19.77
N VAL B 543 -98.09 27.69 -19.39
CA VAL B 543 -98.54 27.50 -18.04
C VAL B 543 -98.27 26.07 -17.60
N GLN B 556 -96.05 29.83 -16.09
CA GLN B 556 -94.80 29.08 -16.07
C GLN B 556 -93.72 29.90 -16.75
N PHE B 557 -93.65 29.81 -18.08
CA PHE B 557 -92.63 30.52 -18.85
C PHE B 557 -93.08 30.53 -20.29
N GLY B 558 -92.43 31.37 -21.09
CA GLY B 558 -92.73 31.44 -22.50
C GLY B 558 -91.50 31.95 -23.22
N HIS B 559 -91.64 32.17 -24.52
CA HIS B 559 -90.54 32.66 -25.33
C HIS B 559 -91.10 33.63 -26.36
N CYS B 560 -90.37 34.70 -26.66
CA CYS B 560 -90.74 35.58 -27.76
C CYS B 560 -89.69 35.55 -28.86
N PHE B 561 -90.18 35.54 -30.11
CA PHE B 561 -89.33 35.46 -31.29
C PHE B 561 -89.78 36.59 -32.22
N SER B 562 -88.86 37.48 -32.62
CA SER B 562 -89.22 38.63 -33.46
C SER B 562 -88.38 38.67 -34.73
N TRP B 563 -89.03 38.51 -35.88
CA TRP B 563 -88.32 38.61 -37.16
C TRP B 563 -88.42 40.01 -37.76
N GLY B 564 -87.37 40.36 -38.49
CA GLY B 564 -87.30 41.62 -39.19
C GLY B 564 -86.35 41.50 -40.36
N GLU B 565 -86.46 42.43 -41.31
CA GLU B 565 -85.54 42.37 -42.45
C GLU B 565 -84.10 42.66 -42.04
N ASN B 566 -83.89 43.45 -40.98
CA ASN B 566 -82.56 43.77 -40.50
C ASN B 566 -82.63 44.08 -39.01
N ARG B 567 -81.44 44.20 -38.41
CA ARG B 567 -81.29 44.47 -36.98
C ARG B 567 -82.21 45.56 -36.45
N GLU B 568 -82.17 46.74 -37.06
CA GLU B 568 -83.03 47.82 -36.58
C GLU B 568 -84.49 47.41 -36.63
N GLU B 569 -84.90 46.87 -37.78
CA GLU B 569 -86.25 46.38 -37.95
C GLU B 569 -86.56 45.23 -36.99
N ALA B 570 -85.58 44.35 -36.74
CA ALA B 570 -85.83 43.26 -35.82
C ALA B 570 -85.88 43.75 -34.39
N ILE B 571 -84.97 44.65 -34.02
CA ILE B 571 -85.04 45.26 -32.70
C ILE B 571 -86.33 46.05 -32.56
N SER B 572 -86.65 46.83 -33.59
CA SER B 572 -87.87 47.63 -33.58
C SER B 572 -89.08 46.74 -33.36
N ASN B 573 -89.20 45.65 -34.12
CA ASN B 573 -90.32 44.74 -33.93
C ASN B 573 -90.28 44.13 -32.54
N MET B 574 -89.08 43.82 -32.06
CA MET B 574 -88.95 43.27 -30.73
C MET B 574 -89.41 44.27 -29.67
N VAL B 575 -88.91 45.51 -29.78
CA VAL B 575 -89.26 46.59 -28.84
C VAL B 575 -90.77 46.80 -28.76
N VAL B 576 -91.42 47.03 -29.91
CA VAL B 576 -92.86 47.25 -29.99
C VAL B 576 -93.62 46.04 -29.45
N ALA B 577 -93.13 44.83 -29.73
CA ALA B 577 -93.75 43.61 -29.23
C ALA B 577 -93.75 43.53 -27.70
N LEU B 578 -92.66 43.93 -27.04
CA LEU B 578 -92.62 43.89 -25.58
C LEU B 578 -93.60 44.84 -24.91
N LYS B 579 -93.94 45.97 -25.53
CA LYS B 579 -94.95 46.83 -24.92
C LYS B 579 -96.28 46.09 -24.88
N GLU B 580 -96.55 45.31 -25.93
CA GLU B 580 -97.74 44.46 -25.95
C GLU B 580 -97.59 43.35 -24.91
N LEU B 581 -96.38 42.78 -24.79
CA LEU B 581 -96.07 41.74 -23.81
C LEU B 581 -96.25 42.20 -22.37
N SER B 582 -96.11 43.50 -22.09
CA SER B 582 -96.27 43.96 -20.72
C SER B 582 -97.65 43.65 -20.19
N ILE B 583 -98.65 43.55 -21.08
CA ILE B 583 -100.00 43.20 -20.65
C ILE B 583 -100.03 41.78 -20.07
N ARG B 584 -99.03 40.93 -20.37
CA ARG B 584 -98.96 39.61 -19.76
C ARG B 584 -98.49 39.69 -18.30
N GLY B 585 -98.88 38.68 -17.52
CA GLY B 585 -98.54 38.57 -16.10
C GLY B 585 -97.16 38.18 -15.61
N ASP B 586 -96.72 36.99 -16.04
CA ASP B 586 -95.44 36.39 -15.67
C ASP B 586 -94.22 37.19 -16.12
N PHE B 587 -94.37 38.06 -17.11
CA PHE B 587 -93.26 38.85 -17.65
C PHE B 587 -93.35 40.30 -17.19
N ARG B 588 -93.40 40.37 -15.85
CA ARG B 588 -93.47 41.61 -15.09
C ARG B 588 -92.15 42.06 -14.48
N THR B 589 -91.55 41.27 -13.58
CA THR B 589 -90.29 41.71 -12.99
C THR B 589 -89.20 41.72 -14.04
N THR B 590 -89.08 40.61 -14.75
CA THR B 590 -88.07 40.43 -15.79
C THR B 590 -88.13 41.53 -16.86
N VAL B 591 -89.33 41.87 -17.31
CA VAL B 591 -89.51 42.83 -18.40
C VAL B 591 -89.30 44.31 -18.11
N GLU B 592 -89.27 44.79 -16.87
CA GLU B 592 -89.09 46.24 -16.71
C GLU B 592 -87.67 46.65 -17.10
N TYR B 593 -86.68 46.01 -16.51
CA TYR B 593 -85.27 46.24 -16.82
C TYR B 593 -84.92 45.91 -18.28
N LEU B 594 -85.64 44.96 -18.88
CA LEU B 594 -85.41 44.52 -20.26
C LEU B 594 -85.83 45.53 -21.33
N ILE B 595 -87.02 46.13 -21.24
CA ILE B 595 -87.39 47.15 -22.24
C ILE B 595 -86.35 48.26 -22.21
N LYS B 596 -85.92 48.63 -21.01
CA LYS B 596 -84.86 49.63 -20.82
C LYS B 596 -83.58 49.18 -21.55
N LEU B 597 -83.13 47.95 -21.29
CA LEU B 597 -81.93 47.39 -21.91
C LEU B 597 -81.94 47.44 -23.45
N LEU B 598 -83.08 47.13 -24.10
CA LEU B 598 -83.09 47.17 -25.57
C LEU B 598 -82.82 48.57 -26.10
N GLU B 599 -83.22 49.60 -25.37
CA GLU B 599 -83.02 50.97 -25.81
C GLU B 599 -81.62 51.48 -25.46
N THR B 600 -80.91 50.82 -24.54
CA THR B 600 -79.57 51.25 -24.19
C THR B 600 -78.67 51.31 -25.41
N GLU B 601 -77.84 52.35 -25.42
CA GLU B 601 -76.91 52.61 -26.51
C GLU B 601 -75.97 51.43 -26.75
N SER B 602 -75.49 50.76 -25.69
CA SER B 602 -74.57 49.64 -25.84
C SER B 602 -75.12 48.51 -26.70
N PHE B 603 -76.35 48.06 -26.44
CA PHE B 603 -76.91 47.01 -27.29
C PHE B 603 -77.14 47.54 -28.70
N GLN B 604 -77.71 48.75 -28.79
CA GLN B 604 -77.97 49.41 -30.06
C GLN B 604 -76.72 49.44 -30.92
N MET B 605 -75.57 49.62 -30.29
CA MET B 605 -74.31 49.65 -31.01
C MET B 605 -73.76 48.24 -31.23
N ASN B 606 -74.49 47.19 -30.82
CA ASN B 606 -74.05 45.79 -31.00
C ASN B 606 -72.72 45.55 -30.32
N ARG B 607 -72.63 46.04 -29.09
CA ARG B 607 -71.45 46.02 -28.24
C ARG B 607 -71.65 45.16 -26.98
N ILE B 608 -71.93 43.87 -27.15
CA ILE B 608 -72.19 42.96 -26.04
C ILE B 608 -71.16 41.83 -26.04
N ASP B 609 -71.15 41.03 -24.96
CA ASP B 609 -70.23 39.90 -24.85
C ASP B 609 -70.79 38.86 -23.88
N THR B 610 -70.02 37.78 -23.69
CA THR B 610 -70.38 36.67 -22.80
C THR B 610 -70.59 37.06 -21.34
N GLY B 611 -69.92 38.10 -20.84
CA GLY B 611 -70.09 38.49 -19.44
C GLY B 611 -71.07 39.62 -19.13
N TRP B 612 -71.58 40.25 -20.18
CA TRP B 612 -72.50 41.38 -20.19
C TRP B 612 -73.73 41.30 -19.24
N LEU B 613 -74.63 40.37 -19.53
CA LEU B 613 -75.90 40.15 -18.81
C LEU B 613 -75.83 40.02 -17.28
N ASP B 614 -74.85 39.31 -16.74
CA ASP B 614 -74.83 39.05 -15.29
C ASP B 614 -74.80 40.23 -14.30
N ARG B 615 -74.35 41.47 -14.63
CA ARG B 615 -74.36 42.57 -13.64
C ARG B 615 -75.40 43.70 -13.71
N LEU B 616 -76.18 43.87 -14.77
CA LEU B 616 -77.13 45.01 -14.72
C LEU B 616 -78.28 44.83 -13.74
N ILE B 617 -78.61 43.62 -13.31
CA ILE B 617 -79.74 43.42 -12.41
C ILE B 617 -79.23 43.02 -11.02
N ARG B 625 -68.66 61.31 -21.61
CA ARG B 625 -67.53 60.73 -22.32
C ARG B 625 -66.35 60.32 -21.40
N PRO B 626 -65.24 59.77 -21.98
CA PRO B 626 -64.20 59.17 -21.13
C PRO B 626 -63.50 60.08 -20.14
N ASP B 627 -62.65 59.43 -19.35
CA ASP B 627 -61.74 60.03 -18.39
C ASP B 627 -60.33 59.81 -18.94
N THR B 628 -59.54 60.88 -18.96
CA THR B 628 -58.19 60.87 -19.54
C THR B 628 -57.44 59.59 -19.23
N MET B 629 -57.33 59.24 -17.95
CA MET B 629 -56.50 58.12 -17.53
C MET B 629 -57.10 56.79 -17.95
N LEU B 630 -58.42 56.65 -17.92
CA LEU B 630 -59.02 55.51 -18.62
C LEU B 630 -58.46 55.45 -20.03
N GLY B 631 -58.43 56.60 -20.70
CA GLY B 631 -57.84 56.69 -22.02
C GLY B 631 -56.41 56.16 -22.09
N VAL B 632 -55.53 56.72 -21.26
CA VAL B 632 -54.13 56.28 -21.26
C VAL B 632 -53.99 54.81 -20.91
N VAL B 633 -54.70 54.37 -19.89
CA VAL B 633 -54.63 53.00 -19.41
C VAL B 633 -55.18 51.96 -20.38
N CYS B 634 -56.50 52.02 -20.59
CA CYS B 634 -57.16 51.12 -21.52
C CYS B 634 -56.60 51.24 -22.90
N GLY B 635 -56.10 52.42 -23.25
CA GLY B 635 -55.35 52.63 -24.46
C GLY B 635 -54.20 51.66 -24.46
N ALA B 636 -53.31 51.83 -23.48
CA ALA B 636 -52.10 51.02 -23.40
C ALA B 636 -52.40 49.54 -23.58
N LEU B 637 -53.38 49.01 -22.87
CA LEU B 637 -53.70 47.59 -23.08
C LEU B 637 -54.51 47.29 -24.35
N HIS B 638 -55.13 48.27 -24.98
CA HIS B 638 -55.73 47.99 -26.27
C HIS B 638 -54.63 47.79 -27.32
N VAL B 639 -53.67 48.73 -27.34
CA VAL B 639 -52.50 48.64 -28.20
C VAL B 639 -51.75 47.35 -27.92
N ALA B 640 -51.57 47.08 -26.63
CA ALA B 640 -50.95 45.85 -26.15
C ALA B 640 -51.66 44.70 -26.81
N ASP B 641 -52.97 44.58 -26.56
CA ASP B 641 -53.77 43.47 -27.07
C ASP B 641 -53.50 43.25 -28.54
N VAL B 642 -53.44 44.33 -29.32
CA VAL B 642 -53.18 44.18 -30.75
C VAL B 642 -51.79 43.59 -31.02
N SER B 643 -50.73 44.18 -30.45
CA SER B 643 -49.39 43.61 -30.63
C SER B 643 -49.34 42.15 -30.19
N LEU B 644 -49.98 41.86 -29.09
CA LEU B 644 -50.09 40.53 -28.52
C LEU B 644 -50.83 39.60 -29.46
N ARG B 645 -51.89 40.09 -30.08
CA ARG B 645 -52.63 39.37 -31.10
C ARG B 645 -51.70 38.92 -32.20
N ASN B 646 -50.78 39.79 -32.57
CA ASN B 646 -49.81 39.46 -33.60
C ASN B 646 -48.91 38.35 -33.09
N SER B 647 -48.41 38.51 -31.86
CA SER B 647 -47.50 37.55 -31.28
C SER B 647 -48.10 36.16 -31.23
N VAL B 648 -49.38 36.09 -30.90
CA VAL B 648 -50.09 34.82 -30.88
C VAL B 648 -50.15 34.22 -32.26
N SER B 649 -50.57 35.02 -33.24
CA SER B 649 -50.71 34.45 -34.57
C SER B 649 -49.36 34.06 -35.16
N ASN B 650 -48.28 34.71 -34.71
CA ASN B 650 -46.95 34.40 -35.19
C ASN B 650 -46.46 33.10 -34.58
N PHE B 651 -46.79 32.94 -33.31
CA PHE B 651 -46.63 31.67 -32.64
C PHE B 651 -47.40 30.58 -33.36
N LEU B 652 -48.65 30.85 -33.72
CA LEU B 652 -49.47 29.82 -34.32
C LEU B 652 -48.95 29.38 -35.68
N HIS B 653 -48.44 30.33 -36.47
CA HIS B 653 -47.71 29.91 -37.66
C HIS B 653 -46.49 29.04 -37.41
N SER B 654 -45.51 29.66 -36.75
CA SER B 654 -44.21 29.03 -36.68
C SER B 654 -44.24 27.70 -35.97
N LEU B 655 -45.00 27.61 -34.89
CA LEU B 655 -45.01 26.37 -34.14
C LEU B 655 -45.92 25.33 -34.78
N GLU B 656 -47.05 25.75 -35.38
CA GLU B 656 -47.90 24.79 -36.09
C GLU B 656 -47.11 24.11 -37.19
N ARG B 657 -46.33 24.89 -37.90
CA ARG B 657 -45.51 24.42 -38.98
C ARG B 657 -44.23 23.72 -38.53
N GLY B 658 -43.77 24.01 -37.32
CA GLY B 658 -42.57 23.41 -36.75
C GLY B 658 -41.35 24.31 -36.68
N GLN B 659 -41.48 25.57 -37.05
CA GLN B 659 -40.42 26.56 -36.90
C GLN B 659 -39.94 26.70 -35.47
N VAL B 660 -38.62 26.75 -35.32
CA VAL B 660 -37.99 26.89 -34.01
C VAL B 660 -37.98 28.40 -33.81
N LEU B 661 -39.09 28.88 -33.25
CA LEU B 661 -39.30 30.29 -33.03
C LEU B 661 -38.45 30.85 -31.90
N PRO B 662 -38.03 32.11 -32.03
CA PRO B 662 -37.34 32.76 -30.92
C PRO B 662 -38.38 33.07 -29.85
N ALA B 663 -37.96 32.92 -28.58
CA ALA B 663 -38.86 33.14 -27.44
C ALA B 663 -39.60 34.46 -27.61
N HIS B 664 -38.88 35.45 -28.15
CA HIS B 664 -39.23 36.85 -27.98
C HIS B 664 -40.57 37.08 -28.63
N THR B 665 -40.92 36.24 -29.62
CA THR B 665 -42.04 36.56 -30.46
C THR B 665 -43.34 36.61 -29.69
N LEU B 666 -43.40 36.00 -28.50
CA LEU B 666 -44.69 36.05 -27.82
C LEU B 666 -45.01 37.45 -27.27
N LEU B 667 -44.01 38.34 -27.16
CA LEU B 667 -44.23 39.76 -26.85
C LEU B 667 -45.12 40.05 -25.63
N ASN B 668 -44.56 39.88 -24.44
CA ASN B 668 -45.05 40.62 -23.28
C ASN B 668 -44.66 42.10 -23.33
N THR B 669 -43.36 42.37 -23.43
CA THR B 669 -42.84 43.74 -23.35
C THR B 669 -43.34 44.59 -24.53
N VAL B 670 -44.07 45.67 -24.22
CA VAL B 670 -44.64 46.57 -25.22
C VAL B 670 -44.44 48.03 -24.82
N ASP B 671 -44.23 48.89 -25.82
CA ASP B 671 -43.87 50.29 -25.64
C ASP B 671 -44.81 51.14 -26.49
N VAL B 672 -45.76 51.81 -25.84
CA VAL B 672 -46.79 52.60 -26.50
C VAL B 672 -46.60 54.09 -26.29
N GLU B 673 -46.61 54.85 -27.39
CA GLU B 673 -46.43 56.29 -27.43
C GLU B 673 -47.69 56.82 -28.09
N LEU B 674 -48.53 57.55 -27.35
CA LEU B 674 -49.89 57.84 -27.78
C LEU B 674 -50.20 59.30 -27.61
N ILE B 675 -50.24 60.04 -28.71
CA ILE B 675 -50.34 61.47 -28.63
C ILE B 675 -51.81 61.87 -28.72
N TYR B 676 -52.35 62.31 -27.59
CA TYR B 676 -53.71 62.83 -27.47
C TYR B 676 -53.61 64.31 -27.20
N GLU B 677 -54.25 65.13 -28.04
CA GLU B 677 -54.26 66.57 -27.85
C GLU B 677 -52.85 67.16 -27.94
N GLY B 678 -51.93 66.47 -28.61
CA GLY B 678 -50.57 66.97 -28.74
C GLY B 678 -49.69 66.63 -27.55
N VAL B 679 -50.28 66.67 -26.35
CA VAL B 679 -49.59 66.29 -25.13
C VAL B 679 -49.56 64.77 -25.10
N LYS B 680 -48.35 64.20 -25.03
CA LYS B 680 -48.22 62.76 -25.23
C LYS B 680 -48.65 61.97 -24.01
N TYR B 681 -49.20 60.81 -24.28
CA TYR B 681 -49.42 59.77 -23.29
C TYR B 681 -48.20 58.87 -23.43
N VAL B 682 -47.43 58.72 -22.35
CA VAL B 682 -46.26 57.86 -22.32
C VAL B 682 -46.63 56.54 -21.69
N LEU B 683 -46.42 55.44 -22.41
CA LEU B 683 -46.84 54.15 -21.90
C LEU B 683 -45.87 53.02 -22.25
N LYS B 684 -45.94 52.01 -21.40
CA LYS B 684 -45.45 50.67 -21.63
C LYS B 684 -46.55 49.75 -21.14
N VAL B 685 -46.59 48.54 -21.70
CA VAL B 685 -47.48 47.50 -21.21
C VAL B 685 -46.65 46.24 -21.13
N THR B 686 -46.55 45.67 -19.93
CA THR B 686 -45.87 44.41 -19.74
C THR B 686 -46.91 43.45 -19.21
N ARG B 687 -47.06 42.36 -19.95
CA ARG B 687 -47.93 41.27 -19.55
C ARG B 687 -47.30 40.61 -18.34
N GLN B 688 -48.02 40.56 -17.21
CA GLN B 688 -47.39 40.21 -15.94
C GLN B 688 -47.85 38.85 -15.44
N SER B 689 -48.99 38.41 -15.92
CA SER B 689 -49.70 37.20 -15.54
C SER B 689 -50.83 37.20 -16.58
N PRO B 690 -51.29 36.05 -17.06
CA PRO B 690 -52.37 35.98 -18.06
C PRO B 690 -53.55 36.88 -17.76
N ASN B 691 -53.84 37.10 -16.49
CA ASN B 691 -54.89 37.99 -16.07
C ASN B 691 -54.40 39.40 -15.81
N SER B 692 -53.16 39.54 -15.31
CA SER B 692 -52.70 40.82 -14.78
C SER B 692 -51.80 41.49 -15.81
N TYR B 693 -52.05 42.77 -16.00
CA TYR B 693 -51.36 43.61 -16.97
C TYR B 693 -50.83 44.82 -16.22
N VAL B 694 -49.61 45.26 -16.52
CA VAL B 694 -49.07 46.45 -15.86
C VAL B 694 -48.75 47.50 -16.91
N VAL B 695 -49.41 48.65 -16.77
CA VAL B 695 -49.17 49.82 -17.60
C VAL B 695 -48.16 50.68 -16.85
N ILE B 696 -47.08 51.03 -17.55
CA ILE B 696 -45.96 51.73 -16.96
C ILE B 696 -45.69 53.03 -17.72
N MET B 697 -46.00 54.14 -17.06
CA MET B 697 -45.87 55.46 -17.63
C MET B 697 -44.61 56.03 -17.01
N ASN B 698 -43.57 56.14 -17.82
CA ASN B 698 -42.37 56.94 -17.56
C ASN B 698 -41.80 56.71 -16.16
N GLY B 699 -41.89 55.47 -15.68
CA GLY B 699 -41.41 55.13 -14.35
C GLY B 699 -42.54 55.08 -13.36
N SER B 700 -43.61 54.39 -13.72
CA SER B 700 -44.70 54.13 -12.81
C SER B 700 -45.25 52.73 -13.05
N CYS B 701 -46.09 52.29 -12.12
CA CYS B 701 -46.62 50.93 -12.14
C CYS B 701 -48.10 51.03 -11.78
N VAL B 702 -48.97 50.71 -12.74
CA VAL B 702 -50.39 50.58 -12.47
C VAL B 702 -50.80 49.17 -12.89
N GLU B 703 -51.47 48.48 -11.97
CA GLU B 703 -51.80 47.07 -12.05
C GLU B 703 -53.28 46.86 -12.29
N VAL B 704 -53.61 46.15 -13.37
CA VAL B 704 -54.99 45.85 -13.72
C VAL B 704 -55.10 44.35 -13.92
N ASP B 705 -56.33 43.87 -13.95
CA ASP B 705 -56.63 42.50 -14.30
C ASP B 705 -57.87 42.49 -15.17
N VAL B 706 -58.00 41.45 -16.01
CA VAL B 706 -59.01 41.47 -17.05
C VAL B 706 -59.78 40.15 -17.05
N HIS B 707 -60.68 40.02 -18.01
CA HIS B 707 -61.24 38.73 -18.39
C HIS B 707 -61.42 38.63 -19.90
N LEU B 714 -65.72 41.64 -23.32
CA LEU B 714 -64.50 42.02 -22.62
C LEU B 714 -64.85 42.77 -21.35
N LEU B 715 -64.53 42.22 -20.18
CA LEU B 715 -64.61 42.94 -18.93
C LEU B 715 -63.26 43.16 -18.24
N LEU B 716 -63.07 44.38 -17.72
CA LEU B 716 -61.94 44.72 -16.87
C LEU B 716 -62.45 45.13 -15.51
N SER B 717 -61.73 44.69 -14.49
CA SER B 717 -62.02 44.93 -13.09
C SER B 717 -60.84 45.75 -12.59
N TYR B 718 -61.10 46.84 -11.89
CA TYR B 718 -59.99 47.67 -11.45
C TYR B 718 -60.34 48.06 -10.00
N ASP B 719 -59.68 49.08 -9.44
CA ASP B 719 -60.13 49.67 -8.19
C ASP B 719 -61.61 49.99 -8.23
N GLY B 720 -62.04 50.80 -9.19
CA GLY B 720 -63.35 51.41 -9.06
C GLY B 720 -64.36 50.29 -9.17
N SER B 721 -64.43 49.70 -10.36
CA SER B 721 -65.57 48.87 -10.67
C SER B 721 -65.17 47.99 -11.85
N SER B 722 -66.16 47.40 -12.49
CA SER B 722 -65.99 46.49 -13.61
C SER B 722 -66.41 47.25 -14.85
N TYR B 723 -65.62 47.20 -15.92
CA TYR B 723 -65.86 48.04 -17.09
C TYR B 723 -65.77 47.14 -18.31
N THR B 724 -66.29 47.62 -19.43
CA THR B 724 -66.28 46.85 -20.67
C THR B 724 -65.69 47.68 -21.78
N THR B 725 -64.71 47.10 -22.46
CA THR B 725 -64.01 47.76 -23.55
C THR B 725 -63.93 46.89 -24.79
N TYR B 726 -64.00 47.57 -25.90
CA TYR B 726 -63.86 47.06 -27.24
C TYR B 726 -62.88 47.97 -27.91
N MET B 727 -62.19 47.37 -28.87
CA MET B 727 -61.05 47.96 -29.53
C MET B 727 -61.46 47.97 -30.98
N LYS B 728 -61.53 49.16 -31.54
CA LYS B 728 -61.76 49.33 -32.95
C LYS B 728 -60.47 49.84 -33.52
N GLU B 729 -60.01 49.13 -34.52
CA GLU B 729 -58.81 49.45 -35.25
C GLU B 729 -59.30 49.95 -36.57
N GLU B 730 -58.60 50.92 -37.08
CA GLU B 730 -58.88 51.37 -38.40
C GLU B 730 -57.55 51.18 -39.11
N VAL B 731 -57.62 51.12 -40.41
CA VAL B 731 -56.47 51.26 -41.28
C VAL B 731 -55.50 52.29 -40.71
N ASP B 732 -55.99 53.49 -40.33
CA ASP B 732 -55.13 54.60 -39.92
C ASP B 732 -55.55 55.36 -38.65
N ARG B 733 -56.41 54.79 -37.80
CA ARG B 733 -56.87 55.44 -36.55
C ARG B 733 -56.82 54.50 -35.38
N TYR B 734 -56.88 55.07 -34.17
CA TYR B 734 -56.74 54.27 -32.96
C TYR B 734 -58.05 54.55 -32.26
N ARG B 735 -58.94 53.57 -32.25
CA ARG B 735 -60.36 53.89 -32.07
C ARG B 735 -60.87 53.10 -30.87
N ILE B 736 -61.04 53.74 -29.71
CA ILE B 736 -61.19 53.01 -28.46
C ILE B 736 -62.61 53.23 -27.97
N THR B 737 -63.29 52.14 -27.63
CA THR B 737 -64.63 52.19 -27.05
C THR B 737 -64.69 51.50 -25.70
N ILE B 738 -65.07 52.24 -24.66
CA ILE B 738 -65.11 51.73 -23.30
C ILE B 738 -66.56 51.86 -22.82
N GLY B 739 -67.40 50.95 -23.29
CA GLY B 739 -68.84 50.97 -23.04
C GLY B 739 -69.55 51.76 -24.12
N ASN B 740 -70.26 52.82 -23.73
CA ASN B 740 -70.99 53.65 -24.69
C ASN B 740 -70.17 54.85 -25.11
N LYS B 741 -68.92 54.91 -24.68
CA LYS B 741 -68.11 56.08 -24.87
C LYS B 741 -67.06 55.70 -25.89
N THR B 742 -66.80 56.60 -26.83
CA THR B 742 -65.72 56.45 -27.78
C THR B 742 -64.75 57.61 -27.69
N CYS B 743 -63.48 57.30 -27.86
CA CYS B 743 -62.47 58.31 -28.07
C CYS B 743 -61.49 57.72 -29.05
N VAL B 744 -60.99 58.59 -29.91
CA VAL B 744 -60.19 58.20 -31.05
C VAL B 744 -58.93 59.00 -30.93
N PHE B 745 -57.84 58.35 -31.20
CA PHE B 745 -56.52 58.85 -31.01
C PHE B 745 -55.75 58.72 -32.30
N GLU B 746 -54.80 59.62 -32.43
CA GLU B 746 -53.97 59.72 -33.59
C GLU B 746 -52.76 58.83 -33.43
N LYS B 747 -52.38 58.27 -34.55
CA LYS B 747 -51.15 57.56 -34.74
C LYS B 747 -50.32 58.49 -35.62
N GLU B 748 -49.14 58.84 -35.12
CA GLU B 748 -48.27 59.83 -35.76
C GLU B 748 -46.79 59.59 -35.61
N SER B 752 -47.40 65.52 -35.16
CA SER B 752 -46.26 66.41 -35.02
C SER B 752 -44.96 65.69 -35.33
N VAL B 753 -44.94 64.38 -35.07
CA VAL B 753 -43.78 63.54 -35.38
C VAL B 753 -44.05 62.71 -36.62
N MET B 754 -43.05 62.62 -37.47
CA MET B 754 -43.11 61.83 -38.69
C MET B 754 -42.41 60.50 -38.44
N ARG B 755 -43.16 59.40 -38.34
CA ARG B 755 -42.56 58.13 -38.01
C ARG B 755 -42.53 57.36 -39.31
N SER B 756 -41.34 56.99 -39.75
CA SER B 756 -41.24 56.08 -40.87
C SER B 756 -41.81 54.72 -40.49
N PRO B 757 -42.46 54.01 -41.42
CA PRO B 757 -43.03 52.70 -41.07
C PRO B 757 -42.22 51.51 -41.59
N SER B 758 -41.01 51.74 -42.10
CA SER B 758 -40.23 50.68 -42.74
C SER B 758 -38.75 51.00 -42.66
N ALA B 759 -37.95 49.94 -42.79
CA ALA B 759 -36.50 49.99 -42.71
C ALA B 759 -35.87 50.18 -44.09
N GLY B 760 -34.54 50.06 -44.15
CA GLY B 760 -33.75 50.15 -45.36
C GLY B 760 -32.98 51.45 -45.53
N LYS B 761 -32.35 51.55 -46.70
CA LYS B 761 -31.58 52.74 -47.07
C LYS B 761 -32.48 53.93 -47.39
N LEU B 762 -31.93 55.13 -47.19
CA LEU B 762 -32.52 56.39 -47.62
C LEU B 762 -31.92 56.76 -48.96
N ILE B 763 -32.69 56.60 -50.04
CA ILE B 763 -32.22 56.99 -51.36
C ILE B 763 -32.05 58.50 -51.42
N GLN B 764 -33.15 59.22 -51.24
CA GLN B 764 -33.20 60.66 -51.47
C GLN B 764 -34.40 61.24 -50.73
N TYR B 765 -34.46 62.57 -50.72
CA TYR B 765 -35.54 63.29 -50.06
C TYR B 765 -36.17 64.16 -51.13
N ILE B 766 -37.49 63.98 -51.35
CA ILE B 766 -38.16 64.63 -52.47
C ILE B 766 -38.71 66.01 -52.10
N VAL B 767 -38.50 66.48 -50.86
CA VAL B 767 -38.98 67.79 -50.44
C VAL B 767 -37.73 68.62 -50.13
N GLU B 768 -37.86 69.75 -49.43
CA GLU B 768 -36.75 70.47 -48.82
C GLU B 768 -37.14 70.89 -47.41
N ASP B 769 -36.13 71.38 -46.68
CA ASP B 769 -36.32 71.94 -45.35
C ASP B 769 -37.32 73.08 -45.32
N GLY B 770 -38.00 73.18 -44.19
CA GLY B 770 -39.02 74.19 -43.94
C GLY B 770 -40.18 74.24 -44.91
N GLY B 771 -40.69 73.08 -45.33
CA GLY B 771 -41.75 73.06 -46.33
C GLY B 771 -43.07 72.51 -45.83
N HIS B 772 -44.12 73.31 -46.01
CA HIS B 772 -45.50 72.90 -45.77
C HIS B 772 -45.90 71.79 -46.73
N VAL B 773 -46.69 70.83 -46.25
CA VAL B 773 -47.12 69.69 -47.05
C VAL B 773 -48.64 69.48 -46.92
N PHE B 774 -49.13 68.52 -47.70
CA PHE B 774 -50.53 68.14 -47.84
C PHE B 774 -50.74 66.70 -47.40
N ALA B 775 -52.01 66.31 -47.31
CA ALA B 775 -52.39 64.91 -47.36
C ALA B 775 -51.95 64.26 -48.66
N GLY B 776 -51.49 63.01 -48.55
CA GLY B 776 -51.18 62.17 -49.69
C GLY B 776 -49.94 62.56 -50.45
N GLN B 777 -49.13 63.47 -49.91
CA GLN B 777 -47.95 63.98 -50.62
C GLN B 777 -46.70 63.23 -50.20
N CYS B 778 -45.97 62.73 -51.20
CA CYS B 778 -44.67 62.10 -51.02
C CYS B 778 -43.71 63.09 -50.38
N TYR B 779 -42.89 62.62 -49.43
CA TYR B 779 -41.89 63.48 -48.81
C TYR B 779 -40.49 62.88 -48.84
N ALA B 780 -40.35 61.57 -49.00
CA ALA B 780 -39.04 60.97 -49.22
C ALA B 780 -39.25 59.78 -50.15
N GLU B 781 -38.15 59.15 -50.57
CA GLU B 781 -38.27 57.92 -51.34
C GLU B 781 -37.09 57.04 -50.94
N ILE B 782 -37.37 55.78 -50.65
CA ILE B 782 -36.40 54.84 -50.10
C ILE B 782 -36.44 53.55 -50.91
N GLU B 783 -35.43 52.69 -50.70
CA GLU B 783 -35.34 51.41 -51.40
C GLU B 783 -35.54 50.35 -50.33
N VAL B 784 -36.65 49.62 -50.41
CA VAL B 784 -36.97 48.54 -49.48
C VAL B 784 -37.40 47.33 -50.29
N MET B 785 -36.82 46.18 -49.97
CA MET B 785 -37.17 44.92 -50.62
C MET B 785 -36.91 44.92 -52.13
N LYS B 786 -35.98 45.77 -52.60
CA LYS B 786 -35.65 45.99 -54.02
C LYS B 786 -36.64 46.91 -54.74
N MET B 787 -37.37 47.78 -54.05
CA MET B 787 -38.46 48.52 -54.67
C MET B 787 -38.55 49.94 -54.13
N VAL B 788 -39.22 50.80 -54.93
CA VAL B 788 -39.39 52.21 -54.59
C VAL B 788 -40.45 52.31 -53.51
N MET B 789 -40.47 53.45 -52.82
CA MET B 789 -41.49 53.64 -51.80
C MET B 789 -41.82 55.12 -51.68
N THR B 790 -43.08 55.44 -51.97
CA THR B 790 -43.72 56.71 -51.65
C THR B 790 -43.70 56.96 -50.15
N LEU B 791 -42.84 57.82 -49.61
CA LEU B 791 -43.01 58.22 -48.21
C LEU B 791 -44.10 59.28 -48.23
N THR B 792 -45.35 58.81 -48.22
CA THR B 792 -46.50 59.68 -48.05
C THR B 792 -46.42 60.39 -46.70
N ALA B 793 -46.53 61.73 -46.74
CA ALA B 793 -46.64 62.49 -45.51
C ALA B 793 -48.06 62.36 -44.96
N VAL B 794 -48.19 62.50 -43.64
CA VAL B 794 -49.45 62.27 -42.95
C VAL B 794 -49.98 63.50 -42.23
N GLU B 795 -49.15 64.52 -42.05
CA GLU B 795 -49.58 65.73 -41.37
C GLU B 795 -48.88 66.93 -42.00
N SER B 796 -49.57 68.05 -42.03
CA SER B 796 -49.07 69.25 -42.70
C SER B 796 -48.20 70.04 -41.73
N GLY B 797 -47.08 70.55 -42.23
CA GLY B 797 -46.27 71.43 -41.41
C GLY B 797 -44.90 71.64 -42.00
N CYS B 798 -44.19 72.57 -41.37
CA CYS B 798 -42.92 73.12 -41.87
C CYS B 798 -41.82 72.10 -41.59
N ILE B 799 -41.65 71.17 -42.53
CA ILE B 799 -40.73 70.04 -42.33
C ILE B 799 -39.29 70.55 -42.26
N HIS B 800 -38.48 69.86 -41.45
CA HIS B 800 -37.04 70.13 -41.39
C HIS B 800 -36.28 68.83 -41.35
N TYR B 801 -35.37 68.66 -42.31
CA TYR B 801 -34.76 67.36 -42.62
C TYR B 801 -33.76 66.97 -41.54
N VAL B 802 -33.86 65.73 -41.07
CA VAL B 802 -33.08 65.23 -39.95
C VAL B 802 -32.14 64.12 -40.37
N LYS B 803 -32.61 63.19 -41.20
CA LYS B 803 -31.86 61.98 -41.55
C LYS B 803 -31.15 62.18 -42.87
N ARG B 804 -29.85 62.48 -42.81
CA ARG B 804 -29.09 62.77 -44.03
C ARG B 804 -29.07 61.56 -44.95
N PRO B 805 -28.99 61.78 -46.28
CA PRO B 805 -29.35 60.71 -47.22
C PRO B 805 -28.34 59.58 -47.28
N GLY B 806 -28.67 58.54 -48.05
CA GLY B 806 -27.76 57.42 -48.24
C GLY B 806 -27.43 56.67 -46.98
N ALA B 807 -28.39 56.52 -46.07
CA ALA B 807 -28.16 55.89 -44.78
C ALA B 807 -29.36 55.02 -44.42
N ALA B 808 -29.10 53.91 -43.74
CA ALA B 808 -30.13 52.94 -43.40
C ALA B 808 -31.22 53.60 -42.54
N LEU B 809 -32.39 52.96 -42.53
CA LEU B 809 -33.57 53.50 -41.87
C LEU B 809 -34.25 52.42 -41.03
N ASP B 810 -35.15 52.87 -40.17
CA ASP B 810 -35.92 52.03 -39.26
C ASP B 810 -37.39 52.38 -39.40
N PRO B 811 -38.30 51.47 -38.98
CA PRO B 811 -39.70 51.90 -38.80
C PRO B 811 -39.81 52.82 -37.60
N GLY B 812 -39.98 54.11 -37.87
CA GLY B 812 -40.07 55.12 -36.84
C GLY B 812 -38.90 56.08 -36.78
N CYS B 813 -38.02 56.07 -37.77
CA CYS B 813 -36.88 56.96 -37.77
C CYS B 813 -37.34 58.40 -37.93
N VAL B 814 -36.59 59.32 -37.33
CA VAL B 814 -36.86 60.74 -37.46
C VAL B 814 -36.18 61.22 -38.75
N LEU B 815 -36.87 61.09 -39.88
CA LEU B 815 -36.37 61.69 -41.11
C LEU B 815 -36.47 63.21 -41.04
N ALA B 816 -37.59 63.73 -40.54
CA ALA B 816 -37.82 65.16 -40.50
C ALA B 816 -39.02 65.49 -39.62
N LYS B 817 -38.86 66.48 -38.75
CA LYS B 817 -39.89 66.85 -37.77
C LYS B 817 -40.70 68.05 -38.25
N MET B 818 -41.96 68.09 -37.81
CA MET B 818 -42.78 69.29 -37.89
C MET B 818 -43.50 69.52 -36.55
N GLN B 819 -44.42 70.48 -36.54
CA GLN B 819 -45.41 70.62 -35.50
C GLN B 819 -46.77 70.66 -36.18
N LEU B 820 -47.77 70.09 -35.50
CA LEU B 820 -49.11 70.03 -36.07
C LEU B 820 -49.65 71.43 -36.30
N ASP B 821 -49.83 71.82 -37.56
CA ASP B 821 -50.35 73.13 -37.91
C ASP B 821 -51.73 73.33 -37.29
N HIS B 832 -48.78 65.62 -19.86
CA HIS B 832 -48.13 64.48 -20.49
C HIS B 832 -48.26 63.22 -19.67
N THR B 833 -48.49 63.39 -18.36
CA THR B 833 -48.27 62.33 -17.40
C THR B 833 -49.43 62.31 -16.41
N GLY B 834 -49.55 61.18 -15.72
CA GLY B 834 -50.55 61.04 -14.68
C GLY B 834 -50.46 59.69 -13.97
N SER B 835 -50.70 59.68 -12.67
CA SER B 835 -50.75 58.45 -11.88
C SER B 835 -52.15 58.25 -11.33
N LEU B 836 -52.43 56.99 -10.99
CA LEU B 836 -53.72 56.56 -10.48
C LEU B 836 -53.47 55.70 -9.25
N PRO B 837 -52.87 56.25 -8.19
CA PRO B 837 -52.61 55.45 -7.00
C PRO B 837 -53.92 54.95 -6.41
N ARG B 838 -54.15 53.65 -6.56
CA ARG B 838 -55.46 53.04 -6.44
C ARG B 838 -55.28 51.58 -6.08
N ILE B 839 -56.14 51.08 -5.19
CA ILE B 839 -56.12 49.65 -4.86
C ILE B 839 -56.80 48.85 -5.97
N LYS B 848 -60.56 35.60 4.41
CA LYS B 848 -59.82 36.31 3.37
C LYS B 848 -58.46 35.72 3.08
N LEU B 849 -57.80 35.17 4.10
CA LEU B 849 -56.46 34.65 3.84
C LEU B 849 -56.52 33.46 2.93
N HIS B 850 -57.59 32.68 3.01
CA HIS B 850 -57.77 31.58 2.09
C HIS B 850 -57.72 31.94 0.61
N ARG B 851 -58.56 32.88 0.19
CA ARG B 851 -58.52 33.31 -1.20
C ARG B 851 -57.35 34.20 -1.58
N VAL B 852 -57.02 35.18 -0.75
CA VAL B 852 -55.85 36.02 -0.97
C VAL B 852 -54.57 35.20 -1.12
N PHE B 853 -54.32 34.30 -0.20
CA PHE B 853 -53.24 33.33 -0.28
C PHE B 853 -53.26 32.66 -1.64
N HIS B 854 -54.31 31.87 -1.92
CA HIS B 854 -54.40 31.14 -3.18
C HIS B 854 -54.12 32.08 -4.35
N TYR B 855 -54.71 33.27 -4.31
CA TYR B 855 -54.54 34.32 -5.31
C TYR B 855 -53.07 34.67 -5.52
N VAL B 856 -52.36 35.04 -4.44
CA VAL B 856 -50.94 35.39 -4.56
C VAL B 856 -50.18 34.26 -5.18
N LEU B 857 -50.65 33.06 -4.94
CA LEU B 857 -49.95 31.90 -5.43
C LEU B 857 -50.18 31.77 -6.93
N ASP B 858 -51.41 32.03 -7.39
CA ASP B 858 -51.65 31.90 -8.82
C ASP B 858 -50.81 32.94 -9.56
N ASN B 859 -50.77 34.15 -9.01
CA ASN B 859 -49.88 35.18 -9.53
C ASN B 859 -48.46 34.65 -9.56
N LEU B 860 -48.10 33.92 -8.50
CA LEU B 860 -46.75 33.42 -8.32
C LEU B 860 -46.38 32.34 -9.31
N VAL B 861 -47.28 31.41 -9.58
CA VAL B 861 -46.99 30.45 -10.63
C VAL B 861 -46.88 31.09 -11.99
N ASN B 862 -47.57 32.21 -12.24
CA ASN B 862 -47.26 32.88 -13.50
C ASN B 862 -45.91 33.54 -13.45
N VAL B 863 -45.61 34.10 -12.28
CA VAL B 863 -44.32 34.70 -12.01
C VAL B 863 -43.22 33.70 -12.25
N MET B 864 -43.35 32.50 -11.70
CA MET B 864 -42.20 31.63 -11.61
C MET B 864 -42.30 30.56 -12.67
N ASN B 865 -43.40 30.52 -13.40
CA ASN B 865 -43.38 29.80 -14.65
C ASN B 865 -42.66 30.64 -15.68
N GLY B 866 -42.49 31.95 -15.45
CA GLY B 866 -41.78 32.73 -16.46
C GLY B 866 -42.65 33.66 -17.24
N TYR B 867 -43.58 34.36 -16.60
CA TYR B 867 -44.45 35.23 -17.38
C TYR B 867 -43.69 36.37 -18.06
N CYS B 868 -42.94 37.17 -17.29
CA CYS B 868 -41.99 38.24 -17.64
C CYS B 868 -41.94 39.29 -16.55
N LEU B 869 -40.74 39.86 -16.33
CA LEU B 869 -40.63 40.85 -15.28
C LEU B 869 -40.52 42.20 -15.97
N PRO B 870 -41.35 43.19 -15.66
CA PRO B 870 -41.20 44.47 -16.37
C PRO B 870 -39.95 45.22 -15.99
N ASP B 871 -39.66 45.31 -14.71
CA ASP B 871 -38.62 46.14 -14.16
C ASP B 871 -37.92 45.53 -12.95
N PRO B 872 -36.96 46.25 -12.36
CA PRO B 872 -36.30 45.74 -11.14
C PRO B 872 -37.33 45.59 -10.06
N PHE B 873 -38.27 46.54 -10.04
CA PHE B 873 -39.40 46.72 -9.13
C PHE B 873 -40.07 45.38 -8.78
N PHE B 874 -39.92 44.41 -9.67
CA PHE B 874 -40.39 43.07 -9.42
C PHE B 874 -39.84 42.56 -8.11
N SER B 875 -38.53 42.74 -7.94
CA SER B 875 -37.82 42.19 -6.79
C SER B 875 -38.39 42.76 -5.50
N SER B 876 -39.17 43.84 -5.61
CA SER B 876 -39.94 44.36 -4.51
C SER B 876 -41.23 43.57 -4.45
N LYS B 877 -41.91 43.41 -5.60
CA LYS B 877 -43.28 42.88 -5.53
C LYS B 877 -43.32 41.49 -4.96
N VAL B 878 -42.51 40.60 -5.51
CA VAL B 878 -42.55 39.24 -5.01
C VAL B 878 -41.97 39.14 -3.65
N LYS B 879 -41.03 39.99 -3.31
CA LYS B 879 -40.39 39.80 -2.03
C LYS B 879 -41.39 40.12 -0.94
N ASP B 880 -42.08 41.25 -1.10
CA ASP B 880 -43.17 41.61 -0.20
C ASP B 880 -44.25 40.55 -0.24
N TRP B 881 -44.67 40.18 -1.45
CA TRP B 881 -45.71 39.18 -1.65
C TRP B 881 -45.44 37.94 -0.87
N VAL B 882 -44.18 37.56 -0.83
CA VAL B 882 -43.83 36.17 -0.63
C VAL B 882 -43.41 35.95 0.80
N GLU B 883 -42.77 36.94 1.43
CA GLU B 883 -42.72 36.83 2.88
C GLU B 883 -44.14 36.99 3.44
N ARG B 884 -44.96 37.91 2.89
CA ARG B 884 -46.34 37.97 3.39
C ARG B 884 -47.04 36.63 3.21
N LEU B 885 -46.78 35.98 2.08
CA LEU B 885 -47.32 34.68 1.73
C LEU B 885 -46.83 33.69 2.77
N MET B 886 -45.50 33.56 2.87
CA MET B 886 -44.82 32.60 3.72
C MET B 886 -45.42 32.67 5.12
N LYS B 887 -45.58 33.88 5.61
CA LYS B 887 -46.15 34.10 6.92
C LYS B 887 -47.62 33.68 6.99
N THR B 888 -48.44 34.02 5.97
CA THR B 888 -49.84 33.58 5.99
C THR B 888 -50.00 32.10 5.80
N LEU B 889 -48.94 31.42 5.43
CA LEU B 889 -48.94 30.00 5.28
C LEU B 889 -48.46 29.37 6.55
N ARG B 890 -47.76 30.15 7.38
CA ARG B 890 -47.38 29.63 8.67
C ARG B 890 -48.60 29.66 9.57
N ASP B 891 -49.45 30.71 9.43
CA ASP B 891 -50.63 30.84 10.30
C ASP B 891 -51.44 29.54 10.35
N PRO B 892 -51.40 28.78 11.43
CA PRO B 892 -52.12 27.51 11.47
C PRO B 892 -53.62 27.65 11.69
N SER B 893 -54.21 28.83 11.54
CA SER B 893 -55.65 28.92 11.50
C SER B 893 -56.20 28.72 10.10
N LEU B 894 -55.31 28.45 9.16
CA LEU B 894 -55.75 28.18 7.79
C LEU B 894 -56.55 26.89 7.80
N PRO B 895 -56.02 25.76 8.30
CA PRO B 895 -56.75 24.51 8.22
C PRO B 895 -58.11 24.67 8.82
N LEU B 896 -58.16 25.46 9.89
CA LEU B 896 -59.43 25.82 10.51
C LEU B 896 -60.36 26.42 9.46
N LEU B 897 -59.88 27.34 8.64
CA LEU B 897 -60.84 27.88 7.68
C LEU B 897 -61.19 26.85 6.62
N GLU B 898 -60.27 25.95 6.33
CA GLU B 898 -60.51 24.89 5.35
C GLU B 898 -61.39 23.73 5.79
N LEU B 899 -61.25 23.32 7.04
CA LEU B 899 -62.18 22.39 7.62
C LEU B 899 -63.48 23.01 7.95
N GLN B 900 -63.47 24.31 8.16
CA GLN B 900 -64.73 25.00 8.20
C GLN B 900 -65.38 24.86 6.87
N ASP B 901 -64.65 25.12 5.81
CA ASP B 901 -65.27 25.58 4.58
C ASP B 901 -65.82 24.37 3.90
N ILE B 902 -65.06 23.28 4.01
CA ILE B 902 -65.59 22.01 3.58
C ILE B 902 -66.80 21.69 4.43
N MET B 903 -66.69 21.87 5.75
CA MET B 903 -67.85 21.53 6.56
C MET B 903 -69.00 22.49 6.41
N THR B 904 -68.81 23.58 5.71
CA THR B 904 -69.92 24.47 5.51
C THR B 904 -70.64 24.03 4.28
N SER B 905 -69.88 23.61 3.30
CA SER B 905 -70.53 23.20 2.09
C SER B 905 -70.89 21.73 2.16
N VAL B 906 -70.41 21.02 3.17
CA VAL B 906 -70.81 19.65 3.48
C VAL B 906 -71.21 19.53 4.92
N SER B 907 -72.05 20.44 5.37
CA SER B 907 -72.55 20.28 6.71
C SER B 907 -73.48 19.08 6.70
N GLY B 908 -74.18 18.87 5.59
CA GLY B 908 -74.96 17.68 5.38
C GLY B 908 -74.15 16.48 4.87
N ARG B 909 -74.90 15.45 4.47
CA ARG B 909 -74.42 14.17 3.95
C ARG B 909 -73.56 13.44 4.98
N ILE B 910 -73.73 13.83 6.23
CA ILE B 910 -72.74 13.72 7.29
C ILE B 910 -73.21 12.67 8.30
N PRO B 911 -72.33 11.82 8.81
CA PRO B 911 -72.70 11.08 10.01
C PRO B 911 -72.38 11.96 11.21
N PRO B 912 -73.39 12.40 11.95
CA PRO B 912 -73.17 13.37 13.03
C PRO B 912 -72.19 12.90 14.07
N ASN B 913 -72.02 11.59 14.21
CA ASN B 913 -71.03 11.03 15.12
C ASN B 913 -69.67 11.56 14.75
N VAL B 914 -69.40 11.50 13.47
CA VAL B 914 -68.14 11.83 12.87
C VAL B 914 -68.00 13.32 12.81
N GLU B 915 -69.13 13.95 12.58
CA GLU B 915 -69.21 15.39 12.53
C GLU B 915 -68.88 16.00 13.87
N LYS B 916 -69.48 15.48 14.91
CA LYS B 916 -69.19 15.89 16.26
C LYS B 916 -67.81 15.51 16.72
N SER B 917 -67.26 14.43 16.19
CA SER B 917 -65.90 14.09 16.53
C SER B 917 -64.94 15.13 15.99
N ILE B 918 -65.05 15.37 14.71
CA ILE B 918 -64.22 16.34 14.07
C ILE B 918 -64.52 17.72 14.59
N LYS B 919 -65.76 17.98 14.93
CA LYS B 919 -66.05 19.36 15.28
C LYS B 919 -65.54 19.62 16.68
N LYS B 920 -65.46 18.55 17.46
CA LYS B 920 -64.77 18.65 18.73
C LYS B 920 -63.35 19.03 18.44
N GLU B 921 -62.75 18.34 17.49
CA GLU B 921 -61.32 18.40 17.46
C GLU B 921 -60.83 19.65 16.74
N MET B 922 -61.66 20.26 15.89
CA MET B 922 -61.35 21.62 15.48
C MET B 922 -61.48 22.51 16.70
N ALA B 923 -62.56 22.29 17.45
CA ALA B 923 -62.77 22.99 18.72
C ALA B 923 -61.55 22.92 19.60
N GLN B 924 -60.86 21.79 19.55
CA GLN B 924 -59.63 21.59 20.26
C GLN B 924 -58.38 21.77 19.43
N TYR B 925 -58.54 22.18 18.17
CA TYR B 925 -57.59 23.10 17.59
C TYR B 925 -57.66 24.44 18.30
N ALA B 926 -58.88 24.88 18.57
CA ALA B 926 -59.07 26.13 19.26
C ALA B 926 -58.51 26.05 20.67
N SER B 927 -58.69 24.91 21.33
CA SER B 927 -58.11 24.82 22.65
C SER B 927 -56.59 24.73 22.61
N ASN B 928 -56.02 24.00 21.62
CA ASN B 928 -54.57 23.86 21.69
C ASN B 928 -53.83 24.90 20.88
N ILE B 929 -54.54 25.81 20.23
CA ILE B 929 -53.87 26.87 19.52
C ILE B 929 -53.28 27.84 20.52
N THR B 930 -52.23 28.51 20.09
CA THR B 930 -51.39 29.47 20.76
C THR B 930 -50.39 28.71 21.63
N SER B 931 -50.43 27.39 21.60
CA SER B 931 -49.34 26.59 22.08
C SER B 931 -48.28 26.51 21.02
N VAL B 932 -47.06 26.27 21.48
CA VAL B 932 -45.92 26.07 20.63
C VAL B 932 -46.09 24.73 19.90
N LEU B 933 -46.91 23.86 20.48
CA LEU B 933 -47.17 22.48 20.15
C LEU B 933 -48.59 22.12 19.74
N CYS B 934 -49.07 22.69 18.63
CA CYS B 934 -50.41 22.37 18.14
C CYS B 934 -50.19 21.60 16.85
N GLN B 935 -50.63 20.35 16.88
CA GLN B 935 -50.75 19.38 15.81
C GLN B 935 -52.14 18.82 15.65
N PHE B 936 -52.36 18.31 14.49
CA PHE B 936 -53.58 17.67 14.07
C PHE B 936 -53.50 16.15 14.22
N PRO B 937 -54.58 15.50 14.69
CA PRO B 937 -54.63 14.04 14.76
C PRO B 937 -55.29 13.48 13.49
N SER B 938 -54.65 13.81 12.38
CA SER B 938 -54.93 13.31 11.05
C SER B 938 -55.28 11.83 11.06
N GLN B 939 -54.33 10.99 11.44
CA GLN B 939 -54.59 9.56 11.38
C GLN B 939 -55.82 9.19 12.19
N GLN B 940 -56.05 9.88 13.31
CA GLN B 940 -57.22 9.60 14.14
C GLN B 940 -58.53 9.94 13.44
N ILE B 941 -58.61 11.12 12.85
CA ILE B 941 -59.88 11.48 12.21
C ILE B 941 -60.14 10.58 11.04
N ALA B 942 -59.10 10.30 10.27
CA ALA B 942 -59.28 9.44 9.12
C ALA B 942 -59.71 8.06 9.55
N ASN B 943 -59.06 7.54 10.56
CA ASN B 943 -59.36 6.19 11.01
C ASN B 943 -60.79 6.15 11.52
N ILE B 944 -61.19 7.19 12.22
CA ILE B 944 -62.55 7.26 12.75
C ILE B 944 -63.54 7.21 11.60
N LEU B 945 -63.29 8.05 10.60
CA LEU B 945 -64.11 8.01 9.39
C LEU B 945 -64.15 6.63 8.83
N ASP B 946 -63.05 5.94 8.93
CA ASP B 946 -62.91 4.63 8.42
C ASP B 946 -63.49 3.58 9.36
N SER B 947 -63.78 3.95 10.59
CA SER B 947 -64.76 3.21 11.37
C SER B 947 -66.06 3.22 10.62
N HIS B 948 -66.40 4.38 10.06
CA HIS B 948 -67.67 4.33 9.38
C HIS B 948 -67.51 3.79 7.98
N ALA B 949 -66.27 3.63 7.52
CA ALA B 949 -65.98 2.77 6.39
C ALA B 949 -66.05 1.31 6.81
N ALA B 950 -65.70 1.07 8.07
CA ALA B 950 -65.72 -0.27 8.63
C ALA B 950 -67.11 -0.81 8.59
N THR B 951 -68.08 0.07 8.73
CA THR B 951 -69.46 -0.31 8.78
C THR B 951 -70.12 -0.14 7.42
N LEU B 952 -69.74 0.89 6.68
CA LEU B 952 -70.39 1.14 5.39
C LEU B 952 -69.88 0.28 4.25
N ASN B 953 -68.62 -0.11 4.25
CA ASN B 953 -67.93 -0.42 3.00
C ASN B 953 -68.40 -1.72 2.37
N ARG B 954 -69.28 -2.48 2.99
CA ARG B 954 -69.71 -3.75 2.41
C ARG B 954 -70.82 -3.61 1.39
N LYS B 955 -71.12 -2.40 0.88
CA LYS B 955 -72.45 -2.18 0.32
C LYS B 955 -72.51 -1.40 -0.98
N SER B 956 -71.43 -0.77 -1.43
CA SER B 956 -71.44 0.05 -2.64
C SER B 956 -72.42 1.21 -2.51
N GLU B 957 -72.67 1.60 -1.27
CA GLU B 957 -73.68 2.58 -0.90
C GLU B 957 -73.06 3.95 -0.72
N ARG B 958 -72.07 4.28 -1.54
CA ARG B 958 -70.94 5.02 -1.02
C ARG B 958 -70.46 6.16 -1.88
N GLU B 959 -71.29 6.67 -2.76
CA GLU B 959 -70.84 7.69 -3.67
C GLU B 959 -71.10 9.09 -3.13
N VAL B 960 -72.20 9.28 -2.37
CA VAL B 960 -72.23 10.36 -1.39
C VAL B 960 -71.05 10.19 -0.45
N PHE B 961 -70.82 8.96 -0.01
CA PHE B 961 -69.80 8.78 0.99
C PHE B 961 -68.48 9.07 0.34
N PHE B 962 -68.36 8.64 -0.91
CA PHE B 962 -67.19 8.90 -1.72
C PHE B 962 -66.88 10.38 -1.80
N MET B 963 -67.87 11.18 -2.14
CA MET B 963 -67.53 12.59 -2.19
C MET B 963 -67.35 13.32 -0.88
N ASN B 964 -67.65 12.70 0.25
CA ASN B 964 -67.32 13.37 1.50
C ASN B 964 -66.06 12.84 2.14
N THR B 965 -65.82 11.58 1.93
CA THR B 965 -64.61 10.96 2.40
C THR B 965 -63.52 11.21 1.41
N GLN B 966 -63.87 11.77 0.25
CA GLN B 966 -62.86 12.10 -0.71
C GLN B 966 -62.56 13.57 -0.56
N SER B 967 -63.61 14.38 -0.40
CA SER B 967 -63.34 15.79 -0.36
C SER B 967 -62.48 16.07 0.86
N ILE B 968 -62.73 15.30 1.93
CA ILE B 968 -61.92 15.45 3.12
C ILE B 968 -60.60 14.76 3.03
N VAL B 969 -60.53 13.57 2.47
CA VAL B 969 -59.21 12.95 2.51
C VAL B 969 -58.25 13.68 1.62
N GLN B 970 -58.74 14.31 0.60
CA GLN B 970 -57.85 15.10 -0.22
C GLN B 970 -57.55 16.44 0.41
N LEU B 971 -58.53 16.95 1.15
CA LEU B 971 -58.32 18.16 1.91
C LEU B 971 -57.26 18.01 2.95
N VAL B 972 -57.41 16.98 3.76
CA VAL B 972 -56.49 16.70 4.82
C VAL B 972 -55.19 16.27 4.20
N GLN B 973 -55.27 15.61 3.05
CA GLN B 973 -54.08 15.22 2.33
C GLN B 973 -53.22 16.37 1.88
N ARG B 974 -53.73 17.60 1.80
CA ARG B 974 -52.72 18.59 1.46
C ARG B 974 -51.84 18.86 2.68
N TYR B 975 -52.32 18.53 3.88
CA TYR B 975 -51.88 19.10 5.15
C TYR B 975 -51.99 18.07 6.27
N ARG B 976 -52.33 16.82 5.94
CA ARG B 976 -52.42 15.75 6.92
C ARG B 976 -51.09 15.53 7.62
N SER B 977 -50.02 15.42 6.86
CA SER B 977 -48.69 15.25 7.41
C SER B 977 -48.02 16.57 7.68
N GLY B 978 -48.82 17.57 7.98
CA GLY B 978 -48.40 18.88 8.37
C GLY B 978 -48.00 19.83 7.26
N ILE B 979 -47.74 21.04 7.73
CA ILE B 979 -47.30 22.19 6.97
C ILE B 979 -45.96 22.08 6.24
N ARG B 980 -45.05 21.24 6.69
CA ARG B 980 -43.64 21.52 6.40
C ARG B 980 -43.08 20.81 5.19
N GLY B 981 -43.22 19.51 5.16
CA GLY B 981 -43.11 18.77 3.92
C GLY B 981 -43.91 19.34 2.77
N HIS B 982 -45.17 19.67 3.01
CA HIS B 982 -45.97 20.31 1.97
C HIS B 982 -45.41 21.67 1.47
N MET B 983 -45.17 22.63 2.36
CA MET B 983 -44.62 23.90 1.91
C MET B 983 -43.28 23.75 1.20
N LYS B 984 -42.54 22.71 1.57
CA LYS B 984 -41.35 22.28 0.86
C LYS B 984 -41.71 21.77 -0.51
N ALA B 985 -42.56 20.76 -0.52
CA ALA B 985 -42.86 19.93 -1.68
C ALA B 985 -43.20 20.81 -2.84
N VAL B 986 -44.12 21.72 -2.61
CA VAL B 986 -44.65 22.55 -3.66
C VAL B 986 -43.53 23.31 -4.34
N VAL B 987 -42.72 24.00 -3.55
CA VAL B 987 -41.64 24.76 -4.13
C VAL B 987 -40.68 23.81 -4.84
N MET B 988 -40.50 22.62 -4.27
CA MET B 988 -39.66 21.60 -4.88
C MET B 988 -40.18 21.25 -6.26
N ASP B 989 -41.48 21.14 -6.39
CA ASP B 989 -42.05 20.87 -7.69
C ASP B 989 -41.72 21.97 -8.69
N LEU B 990 -42.07 23.20 -8.35
CA LEU B 990 -41.82 24.31 -9.27
C LEU B 990 -40.37 24.39 -9.72
N LEU B 991 -39.45 24.23 -8.77
CA LEU B 991 -38.05 24.22 -9.15
C LEU B 991 -37.75 23.12 -10.15
N ARG B 992 -38.19 21.89 -9.85
CA ARG B 992 -38.01 20.86 -10.86
C ARG B 992 -38.70 21.21 -12.19
N GLN B 993 -39.70 22.08 -12.18
CA GLN B 993 -40.37 22.52 -13.40
C GLN B 993 -39.48 23.42 -14.25
N TYR B 994 -39.03 24.56 -13.68
CA TYR B 994 -37.84 25.28 -14.13
C TYR B 994 -36.75 24.37 -14.66
N LEU B 995 -36.56 23.25 -14.00
CA LEU B 995 -35.41 22.42 -14.22
C LEU B 995 -35.70 21.63 -15.47
N ARG B 996 -36.88 21.03 -15.47
CA ARG B 996 -37.40 20.20 -16.53
C ARG B 996 -37.37 20.96 -17.85
N VAL B 997 -38.13 22.05 -17.85
CA VAL B 997 -38.19 22.98 -18.96
C VAL B 997 -36.78 23.32 -19.40
N GLU B 998 -35.97 23.88 -18.49
CA GLU B 998 -34.73 24.43 -18.98
C GLU B 998 -33.63 23.40 -19.17
N THR B 999 -33.83 22.15 -18.74
CA THR B 999 -32.83 21.14 -19.01
C THR B 999 -33.09 20.44 -20.33
N GLN B 1000 -34.34 20.09 -20.66
CA GLN B 1000 -34.52 19.59 -22.01
C GLN B 1000 -34.26 20.74 -22.98
N PHE B 1001 -34.64 21.96 -22.55
CA PHE B 1001 -34.42 23.14 -23.36
C PHE B 1001 -32.96 23.37 -23.64
N GLN B 1002 -32.11 23.23 -22.66
CA GLN B 1002 -30.70 23.42 -22.93
C GLN B 1002 -30.11 22.10 -22.49
N ASN B 1003 -29.67 21.37 -23.49
CA ASN B 1003 -28.99 20.11 -23.49
C ASN B 1003 -28.27 20.14 -24.82
N GLY B 1004 -27.21 20.93 -24.89
CA GLY B 1004 -26.47 21.12 -26.10
C GLY B 1004 -26.61 22.55 -26.55
N HIS B 1005 -27.48 22.77 -27.53
CA HIS B 1005 -27.75 24.11 -28.02
C HIS B 1005 -29.21 24.22 -28.46
N TYR B 1006 -29.71 25.45 -28.49
CA TYR B 1006 -31.11 25.79 -28.70
C TYR B 1006 -31.80 25.02 -29.82
N ASP B 1007 -31.17 24.92 -31.00
CA ASP B 1007 -31.81 24.23 -32.13
C ASP B 1007 -32.01 22.74 -31.83
N LYS B 1008 -30.92 22.03 -31.53
CA LYS B 1008 -31.04 20.59 -31.29
C LYS B 1008 -32.02 20.38 -30.15
N CYS B 1009 -31.97 21.28 -29.19
CA CYS B 1009 -32.89 21.25 -28.08
C CYS B 1009 -34.32 21.46 -28.56
N VAL B 1010 -34.56 22.28 -29.61
CA VAL B 1010 -35.94 22.43 -30.04
C VAL B 1010 -36.42 21.12 -30.57
N PHE B 1011 -35.52 20.32 -31.14
CA PHE B 1011 -35.97 19.02 -31.55
C PHE B 1011 -36.21 18.11 -30.37
N ALA B 1012 -35.41 18.22 -29.31
CA ALA B 1012 -35.72 17.45 -28.11
C ALA B 1012 -36.99 17.87 -27.37
N LEU B 1013 -37.34 19.15 -27.35
CA LEU B 1013 -38.59 19.58 -26.72
C LEU B 1013 -39.78 19.16 -27.55
N ARG B 1014 -39.66 19.43 -28.86
CA ARG B 1014 -40.65 19.12 -29.88
C ARG B 1014 -40.99 17.65 -29.79
N GLU B 1015 -39.97 16.84 -29.52
CA GLU B 1015 -40.04 15.42 -29.63
C GLU B 1015 -40.34 14.79 -28.29
N GLU B 1016 -40.02 15.50 -27.20
CA GLU B 1016 -40.42 15.03 -25.89
C GLU B 1016 -41.93 15.08 -25.78
N ASN B 1017 -42.57 16.14 -26.32
CA ASN B 1017 -44.04 16.23 -26.34
C ASN B 1017 -44.51 16.66 -27.73
N LYS B 1018 -44.48 15.70 -28.65
CA LYS B 1018 -44.88 15.91 -30.03
C LYS B 1018 -46.38 16.17 -30.21
N SER B 1019 -47.24 15.46 -29.48
CA SER B 1019 -48.68 15.48 -29.79
C SER B 1019 -49.28 16.88 -29.70
N ASP B 1020 -48.94 17.61 -28.65
CA ASP B 1020 -49.46 18.94 -28.45
C ASP B 1020 -48.24 19.81 -28.22
N MET B 1021 -48.42 21.10 -28.46
CA MET B 1021 -47.35 22.06 -28.30
C MET B 1021 -47.74 23.24 -27.43
N ASN B 1022 -48.90 23.18 -26.79
CA ASN B 1022 -49.21 24.23 -25.84
C ASN B 1022 -48.26 24.05 -24.68
N THR B 1023 -48.00 22.80 -24.31
CA THR B 1023 -46.98 22.54 -23.31
C THR B 1023 -45.67 23.10 -23.78
N VAL B 1024 -45.42 23.00 -25.08
CA VAL B 1024 -44.24 23.63 -25.62
C VAL B 1024 -44.33 25.11 -25.36
N LEU B 1025 -45.52 25.69 -25.48
CA LEU B 1025 -45.60 27.12 -25.30
C LEU B 1025 -45.29 27.48 -23.87
N ASN B 1026 -45.82 26.73 -22.93
CA ASN B 1026 -45.45 26.98 -21.54
C ASN B 1026 -43.97 26.78 -21.33
N TYR B 1027 -43.40 25.80 -22.00
CA TYR B 1027 -41.96 25.57 -21.93
C TYR B 1027 -41.22 26.76 -22.49
N ILE B 1028 -41.57 27.14 -23.70
CA ILE B 1028 -40.86 28.16 -24.44
C ILE B 1028 -41.03 29.50 -23.79
N PHE B 1029 -42.26 29.81 -23.44
CA PHE B 1029 -42.61 30.99 -22.68
C PHE B 1029 -41.86 31.01 -21.38
N SER B 1030 -41.74 29.84 -20.74
CA SER B 1030 -41.06 29.79 -19.46
C SER B 1030 -39.60 30.12 -19.64
N HIS B 1031 -38.90 29.34 -20.44
CA HIS B 1031 -37.48 29.64 -20.63
C HIS B 1031 -37.28 30.89 -21.44
N ALA B 1032 -38.32 31.60 -21.85
CA ALA B 1032 -38.07 32.81 -22.59
C ALA B 1032 -37.38 33.79 -21.71
N GLN B 1033 -37.91 33.97 -20.52
CA GLN B 1033 -37.28 34.77 -19.50
C GLN B 1033 -36.53 33.85 -18.56
N VAL B 1034 -35.47 33.18 -19.06
CA VAL B 1034 -34.69 32.37 -18.13
C VAL B 1034 -34.01 33.28 -17.16
N THR B 1035 -33.42 34.33 -17.71
CA THR B 1035 -32.61 35.22 -16.92
C THR B 1035 -33.44 35.81 -15.80
N LYS B 1036 -34.69 36.08 -16.11
CA LYS B 1036 -35.60 36.51 -15.08
C LYS B 1036 -35.87 35.37 -14.12
N LYS B 1037 -36.36 34.25 -14.67
CA LYS B 1037 -36.46 32.98 -13.97
C LYS B 1037 -35.24 32.65 -13.14
N ASN B 1038 -34.07 32.98 -13.67
CA ASN B 1038 -32.86 32.39 -13.13
C ASN B 1038 -32.55 33.24 -11.92
N LEU B 1039 -32.66 34.56 -12.15
CA LEU B 1039 -32.61 35.56 -11.09
C LEU B 1039 -33.60 35.20 -10.01
N LEU B 1040 -34.83 34.96 -10.43
CA LEU B 1040 -35.90 34.72 -9.48
C LEU B 1040 -35.61 33.51 -8.66
N VAL B 1041 -34.94 32.55 -9.25
CA VAL B 1041 -34.47 31.45 -8.46
C VAL B 1041 -33.52 31.98 -7.42
N THR B 1042 -32.60 32.86 -7.81
CA THR B 1042 -31.71 33.46 -6.81
C THR B 1042 -32.52 34.08 -5.68
N MET B 1043 -33.49 34.93 -6.00
CA MET B 1043 -34.45 35.38 -5.00
C MET B 1043 -34.98 34.23 -4.11
N LEU B 1044 -35.51 33.20 -4.78
CA LEU B 1044 -36.16 32.08 -4.11
C LEU B 1044 -35.23 31.38 -3.16
N ILE B 1045 -34.08 31.03 -3.66
CA ILE B 1045 -33.08 30.34 -2.86
C ILE B 1045 -32.63 31.24 -1.76
N ASP B 1046 -32.54 32.54 -2.01
CA ASP B 1046 -31.96 33.43 -1.01
C ASP B 1046 -32.78 33.38 0.26
N GLN B 1047 -34.12 33.43 0.15
CA GLN B 1047 -34.90 33.39 1.39
C GLN B 1047 -35.27 31.98 1.87
N LEU B 1048 -35.50 31.05 0.95
CA LEU B 1048 -35.40 29.62 1.23
C LEU B 1048 -34.21 29.08 1.99
N CYS B 1049 -33.02 29.12 1.40
CA CYS B 1049 -31.80 28.81 2.14
C CYS B 1049 -31.68 29.75 3.32
N GLY B 1050 -32.22 30.95 3.16
CA GLY B 1050 -32.34 31.87 4.26
C GLY B 1050 -32.94 31.26 5.51
N ARG B 1051 -33.85 30.29 5.35
CA ARG B 1051 -34.23 29.49 6.50
C ARG B 1051 -34.31 28.01 6.16
N ASP B 1052 -33.26 27.48 5.51
CA ASP B 1052 -33.10 26.04 5.34
C ASP B 1052 -32.56 25.29 6.57
N PRO B 1053 -31.70 25.91 7.40
CA PRO B 1053 -30.45 25.19 7.73
C PRO B 1053 -30.39 23.75 8.25
N THR B 1054 -31.46 23.05 8.65
CA THR B 1054 -31.35 21.62 8.98
C THR B 1054 -32.50 20.80 8.40
N LEU B 1055 -32.74 20.91 7.10
CA LEU B 1055 -34.03 20.50 6.59
C LEU B 1055 -34.18 18.99 6.42
N THR B 1056 -33.60 18.40 5.38
CA THR B 1056 -34.04 17.07 4.99
C THR B 1056 -33.28 16.52 3.82
N ASP B 1057 -32.79 15.31 4.00
CA ASP B 1057 -31.86 14.71 3.07
C ASP B 1057 -32.47 14.50 1.70
N GLU B 1058 -33.65 13.85 1.64
CA GLU B 1058 -34.34 13.66 0.35
C GLU B 1058 -34.42 14.94 -0.46
N LEU B 1059 -34.47 16.06 0.22
CA LEU B 1059 -34.56 17.31 -0.48
C LEU B 1059 -33.16 17.65 -0.93
N LEU B 1060 -32.21 17.65 0.03
CA LEU B 1060 -30.80 17.93 -0.29
C LEU B 1060 -30.32 17.07 -1.47
N ASN B 1061 -30.87 15.87 -1.58
CA ASN B 1061 -30.71 14.97 -2.72
C ASN B 1061 -31.23 15.59 -4.00
N ILE B 1062 -32.49 16.04 -4.00
CA ILE B 1062 -33.03 16.72 -5.17
C ILE B 1062 -32.12 17.89 -5.54
N LEU B 1063 -31.67 18.58 -4.53
CA LEU B 1063 -30.74 19.67 -4.71
C LEU B 1063 -29.43 19.15 -5.29
N THR B 1064 -28.97 18.00 -4.79
CA THR B 1064 -27.74 17.42 -5.29
C THR B 1064 -27.90 17.05 -6.77
N GLU B 1065 -29.13 16.78 -7.19
CA GLU B 1065 -29.42 16.66 -8.60
C GLU B 1065 -29.19 17.99 -9.25
N LEU B 1066 -29.53 19.05 -8.53
CA LEU B 1066 -29.50 20.36 -9.11
C LEU B 1066 -28.09 20.84 -9.41
N THR B 1067 -27.08 20.50 -8.60
CA THR B 1067 -25.75 20.99 -9.00
C THR B 1067 -25.33 20.43 -10.33
N GLN B 1068 -25.80 19.22 -10.66
CA GLN B 1068 -25.32 18.61 -11.88
C GLN B 1068 -25.94 19.20 -13.12
N LEU B 1069 -26.93 20.07 -12.98
CA LEU B 1069 -27.64 20.53 -14.16
C LEU B 1069 -26.61 21.29 -14.96
N SER B 1070 -26.47 20.90 -16.20
CA SER B 1070 -25.20 21.14 -16.87
C SER B 1070 -25.21 22.08 -18.04
N LYS B 1071 -25.72 23.29 -17.90
CA LYS B 1071 -25.70 24.21 -19.02
C LYS B 1071 -25.48 25.64 -18.53
N THR B 1072 -24.92 26.41 -19.46
CA THR B 1072 -24.36 27.73 -19.22
C THR B 1072 -25.26 28.75 -18.53
N THR B 1073 -26.52 28.87 -18.95
CA THR B 1073 -27.37 29.86 -18.30
C THR B 1073 -27.71 29.51 -16.86
N ASN B 1074 -28.07 28.26 -16.59
CA ASN B 1074 -28.40 27.88 -15.23
C ASN B 1074 -27.16 27.26 -14.63
N ALA B 1075 -26.21 28.13 -14.35
CA ALA B 1075 -24.92 27.71 -13.85
C ALA B 1075 -24.56 28.36 -12.55
N LYS B 1076 -25.03 29.57 -12.33
CA LYS B 1076 -24.85 30.16 -11.03
C LYS B 1076 -25.75 29.46 -10.05
N VAL B 1077 -26.98 29.25 -10.47
CA VAL B 1077 -28.00 28.71 -9.62
C VAL B 1077 -27.65 27.29 -9.23
N ALA B 1078 -27.18 26.52 -10.21
CA ALA B 1078 -26.75 25.16 -9.99
C ALA B 1078 -25.62 25.13 -9.00
N LEU B 1079 -24.64 25.96 -9.27
CA LEU B 1079 -23.57 26.06 -8.33
C LEU B 1079 -24.04 26.53 -6.97
N ARG B 1080 -25.14 27.28 -6.90
CA ARG B 1080 -25.59 27.62 -5.58
C ARG B 1080 -26.11 26.36 -4.94
N ALA B 1081 -26.68 25.46 -5.74
CA ALA B 1081 -27.07 24.17 -5.19
C ALA B 1081 -25.85 23.63 -4.46
N ARG B 1082 -24.66 23.83 -5.03
CA ARG B 1082 -23.48 23.32 -4.35
C ARG B 1082 -23.31 24.09 -3.05
N GLN B 1083 -23.51 25.41 -3.11
CA GLN B 1083 -23.34 26.25 -1.93
C GLN B 1083 -24.24 25.77 -0.83
N VAL B 1084 -25.42 25.34 -1.22
CA VAL B 1084 -26.37 24.73 -0.33
C VAL B 1084 -25.80 23.45 0.25
N LEU B 1085 -25.14 22.65 -0.59
CA LEU B 1085 -24.76 21.35 -0.08
C LEU B 1085 -23.76 21.50 1.04
N ILE B 1086 -23.00 22.60 1.06
CA ILE B 1086 -22.07 22.79 2.16
C ILE B 1086 -22.70 23.61 3.26
N ALA B 1087 -23.32 24.73 2.91
CA ALA B 1087 -23.97 25.58 3.89
C ALA B 1087 -24.98 24.81 4.73
N SER B 1088 -25.44 23.68 4.21
CA SER B 1088 -25.89 22.57 5.01
C SER B 1088 -25.00 22.42 6.22
N HIS B 1089 -23.70 22.23 6.02
CA HIS B 1089 -22.77 22.31 7.14
C HIS B 1089 -22.88 23.64 7.83
N LEU B 1090 -22.78 24.72 7.06
CA LEU B 1090 -22.44 26.01 7.62
C LEU B 1090 -23.54 27.04 7.34
N PRO B 1091 -24.26 27.54 8.35
CA PRO B 1091 -25.50 28.28 8.08
C PRO B 1091 -25.30 29.79 7.99
N SER B 1092 -26.30 30.53 7.50
CA SER B 1092 -26.02 31.85 6.92
C SER B 1092 -27.10 32.91 7.20
N TYR B 1093 -27.59 33.04 8.42
CA TYR B 1093 -28.71 33.95 8.65
C TYR B 1093 -28.56 34.44 10.09
N GLU B 1094 -29.67 34.73 10.78
CA GLU B 1094 -29.61 35.29 12.11
C GLU B 1094 -29.27 34.21 13.10
N LEU B 1095 -29.35 32.95 12.68
CA LEU B 1095 -29.02 31.85 13.57
C LEU B 1095 -27.52 31.78 13.76
N ARG B 1096 -26.76 31.99 12.68
CA ARG B 1096 -25.33 31.96 12.84
C ARG B 1096 -24.85 33.31 13.27
N HIS B 1097 -25.65 34.35 13.05
CA HIS B 1097 -25.42 35.60 13.76
C HIS B 1097 -25.52 35.37 15.24
N ASN B 1098 -26.45 34.51 15.63
CA ASN B 1098 -26.49 34.07 17.00
C ASN B 1098 -25.33 33.17 17.36
N GLN B 1099 -24.88 32.36 16.43
CA GLN B 1099 -23.80 31.45 16.77
C GLN B 1099 -22.52 32.19 17.00
N VAL B 1100 -22.27 33.16 16.18
CA VAL B 1100 -21.06 33.96 16.31
C VAL B 1100 -21.18 34.86 17.51
N GLU B 1101 -22.37 35.42 17.71
CA GLU B 1101 -22.68 36.08 18.97
C GLU B 1101 -22.21 35.21 20.13
N SER B 1102 -22.56 33.93 20.07
CA SER B 1102 -22.20 32.97 21.11
C SER B 1102 -20.69 32.94 21.24
N ILE B 1103 -20.04 32.60 20.15
CA ILE B 1103 -18.58 32.50 20.08
C ILE B 1103 -17.96 33.74 20.70
N PHE B 1104 -18.45 34.89 20.28
CA PHE B 1104 -17.92 36.17 20.70
C PHE B 1104 -18.10 36.38 22.19
N LEU B 1105 -19.32 36.28 22.69
CA LEU B 1105 -19.54 36.55 24.11
C LEU B 1105 -18.79 35.54 24.95
N SER B 1106 -18.70 34.32 24.46
CA SER B 1106 -17.95 33.32 25.20
C SER B 1106 -16.51 33.78 25.24
N ALA B 1107 -15.99 34.20 24.10
CA ALA B 1107 -14.61 34.64 24.05
C ALA B 1107 -14.34 35.81 25.00
N ILE B 1108 -15.17 36.85 24.94
CA ILE B 1108 -14.84 38.12 25.60
C ILE B 1108 -14.73 38.00 27.11
N ASP B 1109 -13.69 38.62 27.67
CA ASP B 1109 -13.49 38.62 29.12
C ASP B 1109 -14.64 39.32 29.84
N MET B 1110 -14.98 40.52 29.37
CA MET B 1110 -15.89 41.45 30.03
C MET B 1110 -15.43 41.88 31.42
N TYR B 1111 -14.13 41.75 31.74
CA TYR B 1111 -13.47 42.68 32.63
C TYR B 1111 -12.73 43.73 31.80
N GLY B 1112 -11.98 44.60 32.48
CA GLY B 1112 -11.21 45.62 31.81
C GLY B 1112 -10.11 45.04 30.94
N HIS B 1113 -9.70 43.81 31.20
CA HIS B 1113 -8.65 43.18 30.43
C HIS B 1113 -9.12 43.03 28.99
N GLN B 1114 -10.16 42.23 28.79
CA GLN B 1114 -10.79 42.02 27.51
C GLN B 1114 -9.77 41.57 26.46
N PHE B 1115 -8.92 40.63 26.88
CA PHE B 1115 -7.83 40.10 26.06
C PHE B 1115 -8.28 38.86 25.26
N CYS B 1116 -8.96 39.10 24.14
CA CYS B 1116 -9.30 37.99 23.23
C CYS B 1116 -8.48 38.02 21.97
N ILE B 1117 -7.18 38.13 22.15
CA ILE B 1117 -6.24 38.08 21.03
C ILE B 1117 -6.23 36.71 20.38
N GLU B 1118 -6.29 35.62 21.16
CA GLU B 1118 -6.36 34.27 20.56
C GLU B 1118 -7.64 34.02 19.76
N ASN B 1119 -8.78 34.45 20.28
CA ASN B 1119 -10.02 34.25 19.55
C ASN B 1119 -9.98 35.13 18.34
N LEU B 1120 -9.33 36.27 18.52
CA LEU B 1120 -9.03 37.16 17.44
C LEU B 1120 -8.16 36.48 16.41
N GLN B 1121 -7.25 35.60 16.83
CA GLN B 1121 -6.52 34.90 15.80
C GLN B 1121 -7.42 34.01 14.99
N LYS B 1122 -8.52 33.54 15.57
CA LYS B 1122 -9.44 32.81 14.71
C LYS B 1122 -10.20 33.76 13.80
N LEU B 1123 -10.44 34.95 14.31
CA LEU B 1123 -11.07 36.00 13.56
C LEU B 1123 -10.21 36.48 12.39
N ILE B 1124 -8.89 36.59 12.60
CA ILE B 1124 -7.98 37.14 11.61
C ILE B 1124 -7.49 36.04 10.68
N LEU B 1125 -7.80 34.79 10.99
CA LEU B 1125 -7.53 33.74 10.03
C LEU B 1125 -8.85 32.99 10.00
N SER B 1126 -9.82 33.79 9.62
CA SER B 1126 -11.18 33.36 9.48
C SER B 1126 -11.37 33.30 7.98
N GLU B 1127 -11.75 32.14 7.50
CA GLU B 1127 -12.09 32.02 6.11
C GLU B 1127 -13.31 32.88 5.90
N THR B 1128 -14.17 32.85 6.91
CA THR B 1128 -15.38 33.61 7.02
C THR B 1128 -15.10 35.07 7.26
N SER B 1129 -15.91 35.88 6.59
CA SER B 1129 -15.88 37.32 6.72
C SER B 1129 -16.66 37.70 7.96
N ILE B 1130 -16.07 38.56 8.76
CA ILE B 1130 -16.61 38.94 10.05
C ILE B 1130 -16.89 40.43 10.11
N PHE B 1131 -16.93 41.08 8.97
CA PHE B 1131 -17.47 42.40 8.83
C PHE B 1131 -19.00 42.43 8.79
N ASP B 1132 -19.66 41.27 8.76
CA ASP B 1132 -21.12 41.28 8.59
C ASP B 1132 -21.85 41.71 9.86
N VAL B 1133 -21.68 40.96 10.94
CA VAL B 1133 -22.50 41.12 12.12
C VAL B 1133 -21.73 41.93 13.15
N LEU B 1134 -20.41 41.74 13.20
CA LEU B 1134 -19.50 42.53 14.02
C LEU B 1134 -19.85 44.00 14.06
N PRO B 1135 -20.18 44.64 12.93
CA PRO B 1135 -20.69 46.01 13.03
C PRO B 1135 -21.94 46.14 13.81
N ASN B 1136 -22.80 45.13 13.80
CA ASN B 1136 -24.04 45.24 14.54
C ASN B 1136 -23.76 45.35 16.03
N PHE B 1137 -22.78 44.60 16.53
CA PHE B 1137 -22.41 44.73 17.93
C PHE B 1137 -21.33 45.74 18.27
N PHE B 1138 -20.42 46.16 17.35
CA PHE B 1138 -19.45 47.15 17.94
C PHE B 1138 -20.15 48.57 18.30
N TYR B 1139 -21.49 48.66 18.23
CA TYR B 1139 -22.32 49.72 18.80
C TYR B 1139 -23.43 49.06 19.62
N HIS B 1140 -23.07 47.99 20.32
CA HIS B 1140 -23.99 47.33 21.24
C HIS B 1140 -23.92 48.09 22.56
N SER B 1141 -24.78 47.76 23.49
CA SER B 1141 -24.89 48.49 24.74
C SER B 1141 -23.82 48.13 25.74
N ASN B 1142 -22.74 47.47 25.33
CA ASN B 1142 -21.83 46.79 26.22
C ASN B 1142 -20.45 47.35 26.00
N GLN B 1143 -19.96 48.14 26.96
CA GLN B 1143 -18.77 48.96 26.78
C GLN B 1143 -17.63 48.10 26.30
N VAL B 1144 -17.66 46.85 26.74
CA VAL B 1144 -16.67 45.85 26.38
C VAL B 1144 -16.84 45.49 24.92
N VAL B 1145 -18.08 45.24 24.48
CA VAL B 1145 -18.26 44.84 23.09
C VAL B 1145 -17.95 45.97 22.13
N ARG B 1146 -18.30 47.21 22.51
CA ARG B 1146 -17.77 48.40 21.85
C ARG B 1146 -16.28 48.30 21.64
N MET B 1147 -15.54 48.39 22.75
CA MET B 1147 -14.08 48.43 22.73
C MET B 1147 -13.46 47.30 21.90
N ALA B 1148 -13.72 46.06 22.30
CA ALA B 1148 -13.17 44.88 21.62
C ALA B 1148 -13.47 44.87 20.13
N ALA B 1149 -14.75 44.84 19.79
CA ALA B 1149 -15.15 44.71 18.39
C ALA B 1149 -14.59 45.85 17.54
N LEU B 1150 -14.64 47.08 18.07
CA LEU B 1150 -14.15 48.25 17.34
C LEU B 1150 -12.64 48.16 17.07
N GLU B 1151 -11.83 47.83 18.09
CA GLU B 1151 -10.40 47.78 17.80
C GLU B 1151 -10.01 46.59 16.95
N VAL B 1152 -10.71 45.48 17.07
CA VAL B 1152 -10.36 44.39 16.17
C VAL B 1152 -10.66 44.83 14.75
N TYR B 1153 -11.72 45.63 14.56
CA TYR B 1153 -11.95 46.20 13.25
C TYR B 1153 -10.74 47.01 12.81
N VAL B 1154 -10.20 47.85 13.71
CA VAL B 1154 -8.95 48.55 13.40
C VAL B 1154 -7.94 47.56 12.85
N ARG B 1155 -7.72 46.49 13.60
CA ARG B 1155 -6.64 45.58 13.30
C ARG B 1155 -6.89 44.93 11.96
N ARG B 1156 -8.17 44.70 11.64
CA ARG B 1156 -8.66 44.12 10.40
C ARG B 1156 -8.54 45.10 9.25
N ALA B 1157 -8.32 46.38 9.58
CA ALA B 1157 -8.02 47.39 8.60
C ALA B 1157 -6.53 47.41 8.32
N TYR B 1158 -5.74 47.62 9.37
CA TYR B 1158 -4.30 47.82 9.27
C TYR B 1158 -3.51 46.55 9.32
N ILE B 1159 -4.13 45.43 8.94
CA ILE B 1159 -3.36 44.20 8.78
C ILE B 1159 -2.09 44.46 7.96
N ALA B 1160 -2.16 45.43 7.04
CA ALA B 1160 -1.02 45.83 6.23
C ALA B 1160 0.03 46.57 7.02
N TYR B 1161 -0.38 47.62 7.75
CA TYR B 1161 0.57 48.41 8.52
C TYR B 1161 0.95 47.76 9.84
N GLU B 1162 1.91 48.42 10.49
CA GLU B 1162 2.45 48.03 11.78
C GLU B 1162 1.81 48.91 12.83
N LEU B 1163 1.17 48.32 13.81
CA LEU B 1163 0.44 49.06 14.83
C LEU B 1163 1.35 49.05 16.05
N ASN B 1164 1.76 50.25 16.54
CA ASN B 1164 2.71 50.26 17.68
C ASN B 1164 2.07 50.74 18.96
N SER B 1165 0.83 51.19 18.92
CA SER B 1165 0.12 51.63 20.09
C SER B 1165 -1.33 51.91 19.71
N VAL B 1166 -2.23 51.44 20.56
CA VAL B 1166 -3.64 51.68 20.36
C VAL B 1166 -4.22 51.67 21.75
N GLN B 1167 -4.66 52.84 22.18
CA GLN B 1167 -5.28 53.03 23.47
C GLN B 1167 -6.68 53.55 23.20
N HIS B 1168 -7.64 52.92 23.84
CA HIS B 1168 -9.00 53.44 23.92
C HIS B 1168 -9.18 54.56 24.93
N ARG B 1169 -9.85 55.61 24.48
CA ARG B 1169 -10.37 56.68 25.32
C ARG B 1169 -11.88 56.50 25.38
N GLN B 1170 -12.48 57.22 26.32
CA GLN B 1170 -13.84 57.03 26.80
C GLN B 1170 -14.10 58.46 27.25
N LEU B 1171 -14.73 59.20 26.36
CA LEU B 1171 -14.86 60.63 26.50
C LEU B 1171 -16.29 61.01 26.22
N LYS B 1172 -16.53 62.30 26.04
CA LYS B 1172 -17.07 63.13 27.08
C LYS B 1172 -17.83 62.24 28.04
N ASP B 1173 -18.94 61.67 27.59
CA ASP B 1173 -19.42 60.43 28.18
C ASP B 1173 -19.86 59.49 27.07
N ASN B 1174 -20.52 60.07 26.08
CA ASN B 1174 -21.20 59.39 25.00
C ASN B 1174 -20.27 58.94 23.89
N THR B 1175 -18.95 59.07 24.05
CA THR B 1175 -18.02 58.60 23.05
C THR B 1175 -17.10 57.48 23.51
N CYS B 1176 -17.05 56.44 22.68
CA CYS B 1176 -16.24 55.26 22.87
C CYS B 1176 -15.17 55.52 21.84
N VAL B 1177 -13.92 55.61 22.28
CA VAL B 1177 -12.81 55.87 21.38
C VAL B 1177 -11.76 54.78 21.35
N VAL B 1178 -11.31 54.47 20.14
CA VAL B 1178 -10.07 53.75 19.92
C VAL B 1178 -9.13 54.73 19.24
N GLU B 1179 -7.84 54.53 19.51
CA GLU B 1179 -6.75 55.25 18.91
C GLU B 1179 -5.90 54.38 18.01
N PHE B 1180 -5.45 54.96 16.90
CA PHE B 1180 -4.56 54.23 16.01
C PHE B 1180 -3.21 54.88 16.26
N GLN B 1181 -2.14 54.12 16.06
CA GLN B 1181 -0.77 54.65 16.11
C GLN B 1181 0.10 53.80 15.20
N PHE B 1182 0.75 54.36 14.18
CA PHE B 1182 1.52 53.47 13.33
C PHE B 1182 2.64 54.30 12.71
N MET B 1183 3.34 53.69 11.76
CA MET B 1183 4.39 54.35 11.01
C MET B 1183 4.49 53.72 9.65
N LEU B 1184 5.29 54.35 8.80
CA LEU B 1184 5.37 54.00 7.40
C LEU B 1184 6.28 52.79 7.16
N PRO B 1185 5.76 51.65 6.64
CA PRO B 1185 6.66 50.61 6.10
C PRO B 1185 6.81 50.72 4.59
N THR B 1186 7.58 51.69 4.09
CA THR B 1186 7.70 51.95 2.65
C THR B 1186 6.34 52.22 1.99
N SER B 1187 5.32 52.58 2.76
CA SER B 1187 4.01 52.86 2.18
C SER B 1187 4.04 54.10 1.31
N HIS B 1188 4.72 55.14 1.78
CA HIS B 1188 4.85 56.44 1.12
C HIS B 1188 5.48 57.42 2.09
N CYS B 1230 7.22 60.23 10.21
CA CYS B 1230 7.55 58.85 10.52
C CYS B 1230 6.33 58.12 11.06
N GLN B 1231 5.61 58.75 11.98
CA GLN B 1231 4.49 58.14 12.68
C GLN B 1231 3.31 59.08 12.61
N ARG B 1232 2.16 58.55 12.98
CA ARG B 1232 0.92 59.29 12.93
C ARG B 1232 -0.10 58.42 13.64
N MET B 1233 -1.15 59.07 14.11
CA MET B 1233 -2.26 58.41 14.75
C MET B 1233 -3.59 58.49 14.01
N GLY B 1234 -4.59 57.91 14.69
CA GLY B 1234 -5.94 57.78 14.19
C GLY B 1234 -6.95 57.73 15.31
N GLY B 1235 -8.22 57.80 14.89
CA GLY B 1235 -9.33 57.61 15.79
C GLY B 1235 -10.57 56.99 15.16
N MET B 1236 -11.05 55.93 15.82
CA MET B 1236 -12.35 55.36 15.48
C MET B 1236 -13.31 55.40 16.65
N VAL B 1237 -14.56 55.75 16.32
CA VAL B 1237 -15.69 55.74 17.23
C VAL B 1237 -16.90 55.13 16.55
N SER B 1238 -17.58 54.22 17.24
CA SER B 1238 -18.74 53.53 16.70
C SER B 1238 -20.04 54.18 17.17
N PHE B 1239 -20.80 54.68 16.19
CA PHE B 1239 -22.05 55.44 16.32
C PHE B 1239 -23.22 55.04 15.44
N ARG B 1240 -24.33 55.49 15.97
CA ARG B 1240 -25.67 55.17 15.59
C ARG B 1240 -26.16 56.13 14.50
N THR B 1241 -25.93 57.45 14.62
CA THR B 1241 -26.34 58.34 13.52
C THR B 1241 -25.34 59.42 13.18
N PHE B 1242 -25.45 59.88 11.93
CA PHE B 1242 -24.52 60.89 11.43
C PHE B 1242 -24.81 62.17 12.14
N GLU B 1243 -26.05 62.31 12.61
CA GLU B 1243 -26.51 63.52 13.24
C GLU B 1243 -25.70 63.59 14.51
N ASP B 1244 -25.70 62.48 15.23
CA ASP B 1244 -25.01 62.37 16.50
C ASP B 1244 -23.55 62.70 16.30
N PHE B 1245 -22.93 62.18 15.23
CA PHE B 1245 -21.56 62.61 14.94
C PHE B 1245 -21.48 64.12 14.94
N VAL B 1246 -22.17 64.74 14.00
CA VAL B 1246 -21.98 66.15 13.71
C VAL B 1246 -22.34 67.00 14.92
N ARG B 1247 -23.10 66.44 15.85
CA ARG B 1247 -23.26 67.03 17.16
C ARG B 1247 -21.98 66.87 17.97
N ILE B 1248 -21.37 65.70 17.83
CA ILE B 1248 -20.14 65.18 18.42
C ILE B 1248 -18.88 65.70 17.74
N PHE B 1249 -19.05 66.68 16.84
CA PHE B 1249 -17.94 67.40 16.22
C PHE B 1249 -16.80 67.64 17.19
N ASP B 1250 -17.08 68.22 18.35
CA ASP B 1250 -16.11 69.15 18.89
C ASP B 1250 -15.04 68.41 19.69
N GLU B 1251 -15.32 67.17 20.10
CA GLU B 1251 -14.37 66.29 20.76
C GLU B 1251 -13.45 65.52 19.82
N VAL B 1252 -13.87 65.26 18.59
CA VAL B 1252 -12.97 64.61 17.65
C VAL B 1252 -11.78 65.49 17.32
N MET B 1253 -12.09 66.72 16.96
CA MET B 1253 -11.11 67.76 16.81
C MET B 1253 -10.71 68.35 18.14
N GLY B 1254 -11.43 67.97 19.19
CA GLY B 1254 -11.04 68.31 20.54
C GLY B 1254 -9.78 67.55 20.90
N CYS B 1255 -9.80 66.24 20.67
CA CYS B 1255 -8.74 65.32 21.03
C CYS B 1255 -7.73 65.15 19.92
N PHE B 1256 -7.82 65.97 18.87
CA PHE B 1256 -6.92 65.89 17.74
C PHE B 1256 -5.45 65.77 18.19
N PRO B 1261 1.27 74.70 23.92
CA PRO B 1261 1.08 74.96 25.35
C PRO B 1261 1.89 74.00 26.25
N GLN B 1262 3.03 74.50 26.78
CA GLN B 1262 3.82 73.76 27.80
C GLN B 1262 4.67 74.67 28.69
N SEP B 1263 4.87 74.26 29.95
CA SEP B 1263 5.67 75.05 30.89
CB SEP B 1263 5.20 75.00 32.34
OG SEP B 1263 4.30 76.06 32.60
C SEP B 1263 7.08 74.47 30.75
O SEP B 1263 7.29 73.29 31.09
P SEP B 1263 3.43 75.81 33.93
O1P SEP B 1263 4.44 75.88 35.18
O2P SEP B 1263 2.69 74.38 33.89
O3P SEP B 1263 2.35 76.99 34.06
H SEP B 1263 4.54 73.54 30.29
HA SEP B 1263 5.61 75.99 30.65
HB2 SEP B 1263 5.97 75.09 32.93
HB3 SEP B 1263 4.75 74.16 32.51
N PRO B 1264 8.07 75.26 30.29
CA PRO B 1264 9.42 74.69 30.19
C PRO B 1264 10.24 74.43 31.45
N THR B 1265 10.86 73.25 31.47
CA THR B 1265 11.82 72.81 32.48
C THR B 1265 13.23 72.81 31.89
N PHE B 1266 14.22 72.85 32.79
CA PHE B 1266 15.64 72.99 32.46
C PHE B 1266 16.52 71.82 32.89
N PRO B 1267 16.88 70.84 31.98
CA PRO B 1267 17.72 69.72 32.45
C PRO B 1267 19.08 70.25 32.90
N GLU B 1268 20.03 69.40 33.29
CA GLU B 1268 21.06 69.80 34.26
C GLU B 1268 21.84 71.04 33.81
N ALA B 1269 22.53 71.65 34.77
CA ALA B 1269 23.05 73.00 34.63
C ALA B 1269 24.22 73.10 33.64
N GLY B 1270 25.18 73.99 33.91
CA GLY B 1270 26.36 74.11 33.08
C GLY B 1270 26.13 75.02 31.88
N GLU B 1284 1.13 69.02 8.21
CA GLU B 1284 1.24 67.59 8.03
C GLU B 1284 0.08 66.90 8.73
N PRO B 1285 -0.91 66.38 7.99
CA PRO B 1285 -1.97 65.60 8.66
C PRO B 1285 -1.45 64.26 9.15
N ILE B 1286 -1.62 64.02 10.44
CA ILE B 1286 -1.16 62.81 11.10
C ILE B 1286 -2.35 62.21 11.83
N HIS B 1287 -3.57 62.61 11.47
CA HIS B 1287 -4.75 61.96 12.01
C HIS B 1287 -5.61 61.23 10.99
N ILE B 1288 -6.01 60.05 11.38
CA ILE B 1288 -6.89 59.16 10.65
C ILE B 1288 -8.25 59.26 11.30
N LEU B 1289 -9.29 59.25 10.50
CA LEU B 1289 -10.62 59.29 11.05
C LEU B 1289 -11.55 58.35 10.33
N ASN B 1290 -12.06 57.35 11.06
CA ASN B 1290 -13.06 56.46 10.50
C ASN B 1290 -14.21 56.49 11.49
N VAL B 1291 -15.42 56.69 10.99
CA VAL B 1291 -16.59 56.84 11.82
C VAL B 1291 -17.65 55.81 11.49
N ALA B 1292 -18.13 55.09 12.50
CA ALA B 1292 -19.17 54.09 12.32
C ALA B 1292 -20.53 54.72 12.58
N ILE B 1293 -21.45 54.57 11.63
CA ILE B 1293 -22.77 55.18 11.73
C ILE B 1293 -23.84 54.14 11.41
N LYS B 1294 -25.07 54.45 11.80
CA LYS B 1294 -26.26 53.58 11.66
C LYS B 1294 -27.38 54.50 11.14
N THR B 1295 -28.66 54.10 11.29
CA THR B 1295 -29.87 54.73 10.74
C THR B 1295 -30.24 54.21 9.36
N ASP B 1296 -29.59 53.14 8.93
CA ASP B 1296 -30.11 52.18 7.95
C ASP B 1296 -30.97 52.73 6.82
N CYS B 1297 -30.57 53.87 6.28
CA CYS B 1297 -31.30 54.52 5.21
C CYS B 1297 -30.98 53.74 3.93
N ASP B 1298 -31.30 54.28 2.75
CA ASP B 1298 -31.44 53.45 1.55
C ASP B 1298 -30.93 54.25 0.35
N ILE B 1299 -31.34 53.87 -0.86
CA ILE B 1299 -30.53 53.95 -2.08
C ILE B 1299 -29.80 55.27 -2.35
N GLU B 1300 -30.24 56.37 -1.74
CA GLU B 1300 -29.94 57.66 -2.36
C GLU B 1300 -28.50 58.12 -2.24
N ASP B 1301 -27.56 57.26 -2.66
CA ASP B 1301 -26.13 57.50 -2.53
C ASP B 1301 -25.76 58.87 -3.04
N ASP B 1302 -26.43 59.30 -4.09
CA ASP B 1302 -26.23 60.60 -4.67
C ASP B 1302 -26.58 61.67 -3.67
N ARG B 1303 -27.87 61.76 -3.31
CA ARG B 1303 -28.33 62.76 -2.36
C ARG B 1303 -27.61 62.61 -1.04
N LEU B 1304 -27.42 61.37 -0.63
CA LEU B 1304 -26.69 60.95 0.54
C LEU B 1304 -25.34 61.60 0.52
N ALA B 1305 -24.42 60.99 -0.21
CA ALA B 1305 -23.06 61.48 -0.24
C ALA B 1305 -22.99 62.95 -0.60
N ALA B 1306 -23.99 63.47 -1.31
CA ALA B 1306 -23.99 64.87 -1.67
C ALA B 1306 -24.15 65.73 -0.43
N MET B 1307 -25.13 65.38 0.39
CA MET B 1307 -25.28 65.93 1.73
C MET B 1307 -23.99 65.82 2.54
N PHE B 1308 -23.41 64.63 2.51
CA PHE B 1308 -22.23 64.34 3.29
C PHE B 1308 -21.10 65.25 2.82
N ARG B 1309 -20.98 65.33 1.51
CA ARG B 1309 -20.04 66.21 0.87
C ARG B 1309 -20.24 67.61 1.35
N GLU B 1310 -21.47 68.09 1.36
CA GLU B 1310 -21.61 69.47 1.80
C GLU B 1310 -21.42 69.60 3.30
N PHE B 1311 -21.27 68.49 4.02
CA PHE B 1311 -20.72 68.58 5.37
C PHE B 1311 -19.24 68.86 5.25
N THR B 1312 -18.61 68.22 4.29
CA THR B 1312 -17.20 68.47 4.09
C THR B 1312 -16.99 69.88 3.59
N GLN B 1313 -17.74 70.27 2.58
CA GLN B 1313 -17.60 71.58 1.98
C GLN B 1313 -18.08 72.69 2.88
N GLN B 1314 -18.99 72.41 3.80
CA GLN B 1314 -19.31 73.45 4.78
C GLN B 1314 -18.16 73.57 5.76
N ASN B 1315 -17.68 72.45 6.30
CA ASN B 1315 -16.50 72.49 7.16
C ASN B 1315 -15.40 71.64 6.59
N LYS B 1316 -14.59 72.24 5.73
CA LYS B 1316 -13.20 71.86 5.75
C LYS B 1316 -12.49 72.41 6.99
N ALA B 1317 -13.22 73.15 7.84
CA ALA B 1317 -12.79 73.48 9.17
C ALA B 1317 -12.32 72.24 9.90
N THR B 1318 -12.95 71.11 9.62
CA THR B 1318 -12.47 69.81 10.08
C THR B 1318 -11.00 69.65 9.77
N LEU B 1319 -10.64 69.99 8.54
CA LEU B 1319 -9.25 69.96 8.12
C LEU B 1319 -8.45 71.02 8.86
N VAL B 1320 -9.07 72.17 9.10
CA VAL B 1320 -8.41 73.27 9.79
C VAL B 1320 -8.05 72.92 11.24
N ASP B 1321 -8.82 72.07 11.90
CA ASP B 1321 -8.49 71.64 13.26
C ASP B 1321 -7.35 70.62 13.26
N HIS B 1322 -6.18 71.13 12.89
CA HIS B 1322 -4.94 70.38 12.72
C HIS B 1322 -5.09 69.22 11.75
N GLY B 1323 -6.10 69.25 10.89
CA GLY B 1323 -6.07 68.32 9.79
C GLY B 1323 -6.27 66.88 10.16
N ILE B 1324 -6.94 66.17 9.28
CA ILE B 1324 -7.15 64.75 9.39
C ILE B 1324 -6.62 64.26 8.07
N ARG B 1325 -5.84 63.20 8.10
CA ARG B 1325 -5.39 62.62 6.86
C ARG B 1325 -6.55 62.15 6.01
N ARG B 1326 -7.47 61.41 6.60
CA ARG B 1326 -8.54 60.75 5.87
C ARG B 1326 -9.77 60.86 6.73
N LEU B 1327 -10.91 61.07 6.07
CA LEU B 1327 -12.17 61.05 6.81
C LEU B 1327 -13.04 60.04 6.07
N THR B 1328 -13.18 58.86 6.64
CA THR B 1328 -14.03 57.82 6.10
C THR B 1328 -15.32 57.67 6.89
N PHE B 1329 -16.43 57.66 6.17
CA PHE B 1329 -17.73 57.41 6.75
C PHE B 1329 -18.11 55.97 6.46
N LEU B 1330 -18.51 55.28 7.51
CA LEU B 1330 -18.94 53.90 7.53
C LEU B 1330 -20.42 53.84 7.84
N VAL B 1331 -21.23 53.33 6.91
CA VAL B 1331 -22.67 53.26 7.14
C VAL B 1331 -23.10 51.82 7.39
N ALA B 1332 -23.86 51.64 8.45
CA ALA B 1332 -24.42 50.41 9.00
C ALA B 1332 -25.81 50.19 8.40
N GLN B 1333 -26.55 49.19 8.87
CA GLN B 1333 -27.49 48.39 8.07
C GLN B 1333 -28.64 49.23 7.61
N PHE B 1352 -22.07 44.29 4.11
CA PHE B 1352 -21.09 45.02 4.92
C PHE B 1352 -21.27 46.51 4.81
N PRO B 1353 -20.76 47.26 5.81
CA PRO B 1353 -20.94 48.70 5.79
C PRO B 1353 -20.50 49.35 4.50
N LYS B 1354 -21.31 50.26 4.04
CA LYS B 1354 -21.02 50.96 2.81
C LYS B 1354 -20.24 52.20 3.20
N PHE B 1355 -19.04 52.34 2.67
CA PHE B 1355 -18.28 53.54 2.95
C PHE B 1355 -18.56 54.65 1.98
N PHE B 1356 -18.37 55.85 2.50
CA PHE B 1356 -18.55 57.11 1.81
C PHE B 1356 -17.25 57.71 2.31
N THR B 1357 -16.20 57.47 1.56
CA THR B 1357 -14.87 57.86 1.96
C THR B 1357 -14.60 59.23 1.38
N PHE B 1358 -14.34 60.18 2.26
CA PHE B 1358 -13.98 61.55 1.95
C PHE B 1358 -12.60 61.77 2.57
N ARG B 1359 -11.58 61.62 1.76
CA ARG B 1359 -10.23 61.78 2.24
C ARG B 1359 -9.73 63.14 1.82
N ALA B 1360 -9.44 63.96 2.82
CA ALA B 1360 -8.89 65.29 2.70
C ALA B 1360 -7.81 65.32 3.75
N ARG B 1361 -6.63 64.83 3.39
CA ARG B 1361 -5.47 65.07 4.22
C ARG B 1361 -5.07 66.54 4.22
N ASP B 1362 -5.03 67.11 3.03
CA ASP B 1362 -4.92 68.54 2.78
C ASP B 1362 -5.78 68.87 1.56
N LYS B 1363 -6.64 67.94 1.17
CA LYS B 1363 -7.08 67.81 -0.20
C LYS B 1363 -8.53 68.24 -0.34
N PHE B 1364 -9.00 68.14 -1.58
CA PHE B 1364 -10.43 68.11 -1.83
C PHE B 1364 -11.07 67.04 -0.98
N GLU B 1365 -12.38 67.17 -0.74
CA GLU B 1365 -13.04 66.32 0.25
C GLU B 1365 -12.96 64.84 -0.08
N GLU B 1366 -13.13 64.45 -1.34
CA GLU B 1366 -13.54 63.08 -1.59
C GLU B 1366 -13.01 62.39 -2.82
N ASP B 1367 -12.66 61.13 -2.58
CA ASP B 1367 -12.03 60.25 -3.55
C ASP B 1367 -13.05 59.15 -3.79
N ARG B 1368 -13.23 58.81 -5.04
CA ARG B 1368 -14.32 58.01 -5.57
C ARG B 1368 -13.85 56.58 -5.73
N ILE B 1369 -12.57 56.43 -6.01
CA ILE B 1369 -11.91 55.15 -6.14
C ILE B 1369 -11.93 54.37 -4.82
N TYR B 1370 -11.70 55.05 -3.69
CA TYR B 1370 -11.66 54.34 -2.42
C TYR B 1370 -12.99 54.35 -1.70
N ARG B 1371 -14.03 54.88 -2.31
CA ARG B 1371 -15.33 54.79 -1.67
C ARG B 1371 -15.71 53.33 -1.59
N HIS B 1372 -16.36 52.97 -0.49
CA HIS B 1372 -16.85 51.64 -0.21
C HIS B 1372 -15.72 50.70 0.21
N LEU B 1373 -14.51 51.19 0.46
CA LEU B 1373 -13.46 50.27 0.87
C LEU B 1373 -12.46 50.95 1.79
N GLU B 1374 -11.78 50.13 2.60
CA GLU B 1374 -10.81 50.60 3.57
C GLU B 1374 -9.37 50.61 3.01
N PRO B 1375 -8.74 51.79 2.89
CA PRO B 1375 -7.44 51.90 2.22
C PRO B 1375 -6.28 51.10 2.77
N ALA B 1376 -6.30 50.61 4.02
CA ALA B 1376 -5.20 49.74 4.44
C ALA B 1376 -5.19 48.45 3.64
N LEU B 1377 -6.35 47.82 3.47
CA LEU B 1377 -6.31 46.64 2.60
C LEU B 1377 -6.14 47.06 1.18
N ALA B 1378 -6.68 48.22 0.79
CA ALA B 1378 -6.38 48.66 -0.55
C ALA B 1378 -4.88 48.76 -0.81
N PHE B 1379 -4.09 49.06 0.24
CA PHE B 1379 -2.65 49.12 0.03
C PHE B 1379 -2.10 47.79 -0.51
N GLN B 1380 -2.59 46.65 0.03
CA GLN B 1380 -2.14 45.32 -0.40
C GLN B 1380 -2.28 45.07 -1.89
N LEU B 1381 -3.50 45.14 -2.40
CA LEU B 1381 -3.69 45.26 -3.84
C LEU B 1381 -3.16 46.62 -4.22
N GLU B 1382 -1.92 46.61 -4.66
CA GLU B 1382 -1.16 47.77 -5.10
C GLU B 1382 -1.71 48.44 -6.35
N LEU B 1383 -1.54 49.75 -6.35
CA LEU B 1383 -2.16 50.74 -7.19
C LEU B 1383 -1.22 51.18 -8.29
N ASN B 1384 0.01 50.67 -8.28
CA ASN B 1384 0.83 51.16 -9.34
C ASN B 1384 0.57 50.39 -10.61
N ARG B 1385 -0.18 49.29 -10.52
CA ARG B 1385 -0.45 48.52 -11.73
C ARG B 1385 -1.63 49.13 -12.47
N MET B 1386 -2.26 50.16 -11.91
CA MET B 1386 -3.23 50.92 -12.66
C MET B 1386 -2.88 52.40 -12.48
N ARG B 1387 -1.59 52.65 -12.24
CA ARG B 1387 -1.08 53.98 -12.00
C ARG B 1387 -1.01 54.84 -13.23
N ASN B 1388 -0.80 54.21 -14.37
CA ASN B 1388 -0.83 54.90 -15.64
C ASN B 1388 -2.25 55.08 -16.15
N PHE B 1389 -3.09 55.69 -15.33
CA PHE B 1389 -4.49 55.70 -15.69
C PHE B 1389 -5.28 56.74 -14.95
N ASP B 1390 -6.40 57.04 -15.56
CA ASP B 1390 -7.47 57.86 -15.00
C ASP B 1390 -8.66 56.93 -15.08
N LEU B 1391 -9.14 56.47 -13.94
CA LEU B 1391 -10.09 55.38 -13.89
C LEU B 1391 -11.35 55.87 -13.22
N THR B 1392 -12.48 55.42 -13.76
CA THR B 1392 -13.79 55.92 -13.37
C THR B 1392 -14.66 54.87 -12.71
N ALA B 1393 -15.13 55.19 -11.51
CA ALA B 1393 -15.91 54.27 -10.71
C ALA B 1393 -17.30 54.24 -11.28
N ILE B 1394 -17.76 53.05 -11.62
CA ILE B 1394 -19.10 52.85 -12.15
C ILE B 1394 -19.89 52.32 -10.97
N PRO B 1395 -21.01 52.92 -10.61
CA PRO B 1395 -21.75 52.39 -9.48
C PRO B 1395 -22.54 51.16 -9.86
N CYS B 1396 -22.56 50.24 -8.94
CA CYS B 1396 -22.98 48.87 -9.14
C CYS B 1396 -23.30 48.35 -7.76
N ALA B 1397 -24.25 47.43 -7.65
CA ALA B 1397 -24.37 46.89 -6.33
C ALA B 1397 -23.20 45.98 -6.06
N ASN B 1398 -23.11 45.56 -4.81
CA ASN B 1398 -22.04 44.69 -4.35
C ASN B 1398 -20.65 45.27 -4.58
N HIS B 1399 -20.37 46.38 -3.92
CA HIS B 1399 -19.31 47.28 -4.31
C HIS B 1399 -17.96 46.67 -4.01
N LYS B 1400 -18.00 45.62 -3.19
CA LYS B 1400 -17.10 44.50 -2.96
C LYS B 1400 -16.26 44.26 -4.21
N MET B 1401 -16.98 44.25 -5.34
CA MET B 1401 -16.43 44.07 -6.66
C MET B 1401 -16.32 45.50 -7.16
N HIS B 1402 -15.14 46.07 -7.22
CA HIS B 1402 -15.06 47.46 -7.62
C HIS B 1402 -14.60 47.48 -9.06
N LEU B 1403 -15.40 48.03 -9.99
CA LEU B 1403 -14.89 48.11 -11.35
C LEU B 1403 -14.85 49.58 -11.66
N TYR B 1404 -13.71 49.98 -12.13
CA TYR B 1404 -13.38 51.33 -12.47
C TYR B 1404 -13.06 51.23 -13.96
N LEU B 1405 -13.39 52.24 -14.74
CA LEU B 1405 -13.03 52.19 -16.15
C LEU B 1405 -11.91 53.16 -16.29
N GLY B 1406 -10.84 52.65 -16.89
CA GLY B 1406 -9.58 53.34 -16.98
C GLY B 1406 -9.27 53.66 -18.42
N ALA B 1407 -8.90 54.89 -18.63
CA ALA B 1407 -8.42 55.34 -19.91
C ALA B 1407 -6.99 55.74 -19.64
N ALA B 1408 -6.10 55.23 -20.46
CA ALA B 1408 -4.69 55.51 -20.25
C ALA B 1408 -4.42 56.99 -20.34
N LYS B 1409 -3.93 57.52 -19.23
CA LYS B 1409 -3.48 58.89 -19.13
C LYS B 1409 -2.15 59.07 -19.83
N VAL B 1410 -2.10 60.12 -20.64
CA VAL B 1410 -1.10 60.33 -21.65
C VAL B 1410 -0.68 61.78 -21.49
N GLU B 1411 0.33 62.14 -22.24
CA GLU B 1411 0.82 63.51 -22.19
C GLU B 1411 0.15 64.30 -23.29
N VAL B 1412 0.17 65.62 -23.12
CA VAL B 1412 -0.28 66.63 -24.08
C VAL B 1412 0.11 66.29 -25.51
N GLY B 1413 1.25 65.63 -25.67
CA GLY B 1413 1.69 65.25 -26.99
C GLY B 1413 0.71 64.33 -27.67
N THR B 1414 -0.04 63.56 -26.89
CA THR B 1414 -0.88 62.52 -27.45
C THR B 1414 -2.28 62.51 -26.88
N GLU B 1415 -3.13 61.85 -27.64
CA GLU B 1415 -4.56 61.73 -27.40
C GLU B 1415 -4.76 60.28 -27.01
N VAL B 1416 -5.62 60.01 -26.03
CA VAL B 1416 -5.57 58.67 -25.43
C VAL B 1416 -6.10 57.68 -26.44
N THR B 1417 -5.46 56.52 -26.47
CA THR B 1417 -5.87 55.39 -27.28
C THR B 1417 -6.49 54.27 -26.49
N ASP B 1418 -6.15 54.15 -25.20
CA ASP B 1418 -6.60 53.05 -24.39
C ASP B 1418 -7.73 53.40 -23.47
N TYR B 1419 -8.55 52.37 -23.29
CA TYR B 1419 -9.85 52.35 -22.68
C TYR B 1419 -9.96 50.90 -22.21
N ARG B 1420 -9.49 50.67 -21.02
CA ARG B 1420 -9.43 49.38 -20.38
C ARG B 1420 -10.45 49.37 -19.27
N PHE B 1421 -11.16 48.27 -19.13
CA PHE B 1421 -11.99 48.07 -17.96
C PHE B 1421 -11.16 47.36 -16.92
N PHE B 1422 -11.05 47.96 -15.75
CA PHE B 1422 -10.46 47.31 -14.60
C PHE B 1422 -11.53 46.90 -13.62
N VAL B 1423 -11.40 45.68 -13.11
CA VAL B 1423 -12.25 45.26 -12.01
C VAL B 1423 -11.33 44.65 -10.96
N ARG B 1424 -11.36 45.20 -9.77
CA ARG B 1424 -10.53 44.76 -8.66
C ARG B 1424 -11.50 44.50 -7.54
N ALA B 1425 -11.55 43.24 -7.11
CA ALA B 1425 -12.47 42.88 -6.05
C ALA B 1425 -11.68 42.41 -4.85
N ILE B 1426 -12.37 42.05 -3.78
CA ILE B 1426 -11.69 41.39 -2.67
C ILE B 1426 -12.65 40.33 -2.13
N ILE B 1427 -12.12 39.15 -1.76
CA ILE B 1427 -12.98 38.02 -1.39
C ILE B 1427 -12.46 37.17 -0.22
N ARG B 1428 -13.18 37.24 0.90
CA ARG B 1428 -12.99 36.50 2.16
C ARG B 1428 -14.46 36.03 2.24
N HIS B 1429 -14.80 34.88 1.66
CA HIS B 1429 -16.21 34.47 1.56
C HIS B 1429 -16.66 33.27 2.43
N SER B 1430 -15.87 32.82 3.40
CA SER B 1430 -16.26 31.71 4.29
C SER B 1430 -16.21 30.34 3.64
N GLU B 1436 -9.82 22.12 0.82
CA GLU B 1436 -10.71 21.43 -0.07
C GLU B 1436 -12.08 22.07 -0.08
N ALA B 1437 -12.56 22.50 1.08
CA ALA B 1437 -13.84 23.15 1.08
C ALA B 1437 -13.80 24.36 0.20
N SER B 1438 -12.67 25.05 0.21
CA SER B 1438 -12.55 26.28 -0.50
C SER B 1438 -12.74 26.13 -2.01
N PHE B 1439 -12.06 25.17 -2.67
CA PHE B 1439 -12.10 25.16 -4.13
C PHE B 1439 -13.50 24.95 -4.65
N GLU B 1440 -14.23 24.00 -4.12
CA GLU B 1440 -15.58 23.81 -4.63
C GLU B 1440 -16.39 25.06 -4.33
N TYR B 1441 -16.24 25.54 -3.11
CA TYR B 1441 -16.96 26.72 -2.63
C TYR B 1441 -16.53 27.91 -3.47
N LEU B 1442 -15.23 28.04 -3.62
CA LEU B 1442 -14.58 29.13 -4.32
C LEU B 1442 -15.00 29.13 -5.77
N GLN B 1443 -15.02 27.95 -6.37
CA GLN B 1443 -15.36 27.80 -7.78
C GLN B 1443 -16.72 28.41 -7.94
N ASN B 1444 -17.61 28.02 -7.06
CA ASN B 1444 -18.99 28.44 -7.10
C ASN B 1444 -19.09 29.95 -6.94
N GLU B 1445 -18.43 30.51 -5.92
CA GLU B 1445 -18.56 31.94 -5.70
C GLU B 1445 -17.84 32.71 -6.80
N GLY B 1446 -16.69 32.21 -7.23
CA GLY B 1446 -15.90 32.92 -8.22
C GLY B 1446 -16.65 33.07 -9.52
N GLU B 1447 -17.26 31.98 -9.96
CA GLU B 1447 -18.03 32.02 -11.19
C GLU B 1447 -19.16 33.02 -11.02
N ARG B 1448 -19.78 32.98 -9.85
CA ARG B 1448 -20.91 33.83 -9.57
C ARG B 1448 -20.45 35.27 -9.74
N LEU B 1449 -19.24 35.56 -9.24
CA LEU B 1449 -18.67 36.89 -9.39
C LEU B 1449 -18.46 37.22 -10.84
N LEU B 1450 -18.07 36.22 -11.63
CA LEU B 1450 -17.77 36.48 -13.03
C LEU B 1450 -19.00 37.02 -13.73
N LEU B 1451 -20.14 36.40 -13.47
CA LEU B 1451 -21.36 36.93 -14.04
C LEU B 1451 -21.66 38.31 -13.48
N GLU B 1452 -21.38 38.51 -12.20
CA GLU B 1452 -21.65 39.82 -11.62
C GLU B 1452 -20.82 40.88 -12.32
N ALA B 1453 -19.55 40.59 -12.54
CA ALA B 1453 -18.63 41.51 -13.18
C ALA B 1453 -19.06 41.84 -14.59
N MET B 1454 -19.41 40.83 -15.37
CA MET B 1454 -19.82 41.14 -16.73
C MET B 1454 -21.13 41.88 -16.76
N ASP B 1455 -21.99 41.68 -15.78
CA ASP B 1455 -23.13 42.58 -15.66
C ASP B 1455 -22.67 44.01 -15.40
N GLU B 1456 -21.69 44.18 -14.51
CA GLU B 1456 -21.24 45.52 -14.15
C GLU B 1456 -20.68 46.22 -15.38
N LEU B 1457 -19.76 45.55 -16.04
CA LEU B 1457 -19.19 46.06 -17.26
C LEU B 1457 -20.25 46.21 -18.34
N GLU B 1458 -21.33 45.43 -18.28
CA GLU B 1458 -22.42 45.62 -19.22
C GLU B 1458 -23.04 47.00 -19.02
N VAL B 1459 -23.28 47.34 -17.76
CA VAL B 1459 -23.73 48.69 -17.45
C VAL B 1459 -22.74 49.68 -18.01
N ALA B 1460 -21.45 49.36 -17.87
CA ALA B 1460 -20.41 50.24 -18.38
C ALA B 1460 -20.43 50.39 -19.91
N PHE B 1461 -20.61 49.28 -20.65
CA PHE B 1461 -20.67 49.39 -22.11
C PHE B 1461 -21.84 50.23 -22.55
N ASN B 1462 -23.02 49.83 -22.08
CA ASN B 1462 -24.27 50.48 -22.45
C ASN B 1462 -24.19 51.95 -22.14
N ASN B 1463 -23.68 52.24 -20.95
CA ASN B 1463 -23.57 53.59 -20.45
C ASN B 1463 -22.70 54.43 -21.35
N THR B 1464 -21.48 53.97 -21.60
CA THR B 1464 -20.60 54.66 -22.52
C THR B 1464 -19.82 53.67 -23.37
N ASN B 1465 -19.66 54.02 -24.64
CA ASN B 1465 -18.97 53.17 -25.60
C ASN B 1465 -17.82 54.00 -26.16
N VAL B 1466 -16.65 53.38 -26.24
CA VAL B 1466 -15.47 53.99 -26.81
C VAL B 1466 -14.58 53.00 -27.55
N ARG B 1467 -15.00 51.74 -27.65
CA ARG B 1467 -14.12 50.63 -28.02
C ARG B 1467 -12.98 50.50 -27.00
N THR B 1468 -13.38 50.12 -25.79
CA THR B 1468 -12.39 49.69 -24.81
C THR B 1468 -11.62 48.51 -25.34
N ASP B 1469 -10.37 48.37 -24.88
CA ASP B 1469 -9.45 47.48 -25.56
C ASP B 1469 -8.77 46.38 -24.76
N CYS B 1470 -8.27 46.67 -23.55
CA CYS B 1470 -7.35 45.75 -22.85
C CYS B 1470 -7.87 45.40 -21.45
N ASN B 1471 -9.03 44.77 -21.41
CA ASN B 1471 -9.71 44.54 -20.16
C ASN B 1471 -8.92 43.67 -19.18
N HIS B 1472 -8.97 44.14 -17.93
CA HIS B 1472 -8.35 43.57 -16.75
C HIS B 1472 -9.34 43.05 -15.72
N ILE B 1473 -8.93 41.92 -15.17
CA ILE B 1473 -9.54 41.25 -14.05
C ILE B 1473 -8.50 41.18 -12.94
N PHE B 1474 -8.85 41.70 -11.78
CA PHE B 1474 -8.01 41.64 -10.59
C PHE B 1474 -8.70 40.92 -9.45
N LEU B 1475 -8.02 39.85 -9.04
CA LEU B 1475 -8.33 39.05 -7.88
C LEU B 1475 -7.19 38.88 -6.90
N ASN B 1476 -7.40 39.36 -5.68
CA ASN B 1476 -6.49 39.12 -4.58
C ASN B 1476 -7.13 38.07 -3.66
N PHE B 1477 -6.77 36.77 -3.78
CA PHE B 1477 -7.32 35.81 -2.80
C PHE B 1477 -6.56 35.92 -1.48
N VAL B 1478 -7.31 36.38 -0.50
CA VAL B 1478 -6.98 36.43 0.92
C VAL B 1478 -7.30 35.19 1.74
N PRO B 1479 -8.07 34.19 1.28
CA PRO B 1479 -8.11 32.94 2.04
C PRO B 1479 -6.87 32.07 1.85
N THR B 1480 -6.81 30.98 2.63
CA THR B 1480 -5.68 30.03 2.61
C THR B 1480 -6.14 28.56 2.71
N VAL B 1481 -6.43 27.91 1.59
CA VAL B 1481 -6.92 26.53 1.65
C VAL B 1481 -5.73 25.57 1.59
N ILE B 1482 -5.99 24.29 1.81
CA ILE B 1482 -5.00 23.23 1.63
C ILE B 1482 -5.57 22.33 0.53
N MET B 1483 -4.85 22.24 -0.57
CA MET B 1483 -5.17 21.42 -1.73
C MET B 1483 -3.96 21.29 -2.64
N ASP B 1484 -4.11 20.47 -3.70
CA ASP B 1484 -3.08 20.28 -4.71
C ASP B 1484 -3.37 21.18 -5.91
N PRO B 1485 -2.37 21.45 -6.75
CA PRO B 1485 -2.56 22.38 -7.87
C PRO B 1485 -3.19 22.08 -9.24
N SER B 1486 -3.08 20.88 -9.76
CA SER B 1486 -3.41 20.70 -11.17
C SER B 1486 -4.81 20.28 -11.49
N LYS B 1487 -5.47 19.68 -10.55
CA LYS B 1487 -6.87 19.40 -10.69
C LYS B 1487 -7.68 20.63 -10.43
N ILE B 1488 -7.14 21.49 -9.58
CA ILE B 1488 -7.63 22.84 -9.42
C ILE B 1488 -7.43 23.57 -10.73
N GLU B 1489 -6.33 23.29 -11.36
CA GLU B 1489 -5.96 23.95 -12.59
C GLU B 1489 -6.84 23.51 -13.72
N GLU B 1490 -7.15 22.25 -13.77
CA GLU B 1490 -8.15 21.80 -14.71
C GLU B 1490 -9.50 22.37 -14.39
N SER B 1491 -9.83 22.52 -13.13
CA SER B 1491 -11.16 22.99 -12.79
C SER B 1491 -11.38 24.40 -13.31
N VAL B 1492 -10.43 25.27 -13.01
CA VAL B 1492 -10.50 26.64 -13.43
C VAL B 1492 -10.23 26.77 -14.92
N ARG B 1493 -9.44 25.86 -15.46
CA ARG B 1493 -9.20 25.84 -16.89
C ARG B 1493 -10.48 25.57 -17.64
N SER B 1494 -11.12 24.46 -17.29
CA SER B 1494 -12.37 24.12 -17.93
C SER B 1494 -13.37 25.23 -17.73
N MET B 1495 -13.39 25.78 -16.52
CA MET B 1495 -14.31 26.86 -16.21
C MET B 1495 -14.19 28.07 -17.11
N VAL B 1496 -13.06 28.74 -17.03
CA VAL B 1496 -12.86 29.97 -17.78
C VAL B 1496 -12.93 29.72 -19.27
N MET B 1497 -12.43 28.57 -19.71
CA MET B 1497 -12.41 28.28 -21.13
C MET B 1497 -13.82 28.14 -21.63
N ARG B 1498 -14.62 27.43 -20.85
CA ARG B 1498 -16.00 27.11 -21.16
C ARG B 1498 -16.77 28.32 -21.61
N TYR B 1499 -16.49 29.45 -21.00
CA TYR B 1499 -17.09 30.70 -21.42
C TYR B 1499 -16.15 31.30 -22.44
N GLY B 1500 -16.68 31.51 -23.65
CA GLY B 1500 -15.92 31.83 -24.85
C GLY B 1500 -16.09 33.12 -25.62
N SER B 1501 -17.05 33.13 -26.56
CA SER B 1501 -17.26 34.32 -27.37
C SER B 1501 -17.48 35.53 -26.50
N ARG B 1502 -18.29 35.38 -25.46
CA ARG B 1502 -18.55 36.46 -24.53
C ARG B 1502 -17.27 37.07 -24.00
N LEU B 1503 -16.30 36.23 -23.70
CA LEU B 1503 -15.02 36.75 -23.27
C LEU B 1503 -14.49 37.65 -24.37
N TRP B 1504 -14.72 37.24 -25.62
CA TRP B 1504 -14.18 37.91 -26.78
C TRP B 1504 -14.96 39.17 -27.07
N LYS B 1505 -16.24 39.17 -26.69
CA LYS B 1505 -17.11 40.33 -26.76
C LYS B 1505 -16.60 41.39 -25.82
N LEU B 1506 -16.39 40.95 -24.60
CA LEU B 1506 -15.79 41.65 -23.50
C LEU B 1506 -14.33 41.95 -23.66
N ARG B 1507 -13.67 41.31 -24.61
CA ARG B 1507 -12.25 41.48 -24.90
C ARG B 1507 -11.51 41.26 -23.61
N VAL B 1508 -11.79 40.16 -22.95
CA VAL B 1508 -11.07 39.87 -21.71
C VAL B 1508 -9.80 39.13 -22.04
N LEU B 1509 -8.68 39.73 -21.73
CA LEU B 1509 -7.40 39.18 -22.10
C LEU B 1509 -6.47 39.09 -20.92
N GLN B 1510 -6.74 39.79 -19.81
CA GLN B 1510 -5.77 39.75 -18.72
C GLN B 1510 -6.49 39.66 -17.40
N ALA B 1511 -6.02 38.72 -16.61
CA ALA B 1511 -6.53 38.50 -15.28
C ALA B 1511 -5.35 38.19 -14.39
N GLU B 1512 -5.36 38.72 -13.19
CA GLU B 1512 -4.32 38.52 -12.19
C GLU B 1512 -4.96 38.00 -10.94
N LEU B 1513 -4.29 37.01 -10.40
CA LEU B 1513 -4.56 36.41 -9.14
C LEU B 1513 -3.39 36.44 -8.19
N LYS B 1514 -3.73 36.25 -6.92
CA LYS B 1514 -2.74 35.68 -6.02
C LYS B 1514 -3.46 34.59 -5.28
N ILE B 1515 -2.66 33.68 -4.68
CA ILE B 1515 -3.29 32.59 -3.95
C ILE B 1515 -2.42 31.96 -2.87
N ASN B 1516 -2.93 31.92 -1.64
CA ASN B 1516 -2.19 31.28 -0.57
C ASN B 1516 -2.61 29.82 -0.56
N ILE B 1517 -1.68 28.87 -0.64
CA ILE B 1517 -2.04 27.45 -0.48
C ILE B 1517 -0.98 26.77 0.39
N ARG B 1518 -1.16 25.47 0.68
CA ARG B 1518 -0.20 24.68 1.48
C ARG B 1518 -0.72 23.25 1.56
N LEU B 1519 0.04 22.35 2.18
CA LEU B 1519 -0.34 20.94 2.26
C LEU B 1519 -1.31 20.72 3.42
N THR B 1520 -1.71 19.46 3.58
CA THR B 1520 -2.85 19.16 4.42
C THR B 1520 -2.65 19.48 5.90
N PRO B 1521 -1.59 19.04 6.56
CA PRO B 1521 -1.40 19.45 7.96
C PRO B 1521 -0.75 20.80 8.14
N THR B 1522 0.15 21.14 7.22
CA THR B 1522 1.25 22.05 7.53
C THR B 1522 0.77 23.42 7.93
N GLY B 1523 -0.16 23.99 7.17
CA GLY B 1523 -0.62 25.35 7.36
C GLY B 1523 0.29 26.45 6.84
N LYS B 1524 1.50 26.16 6.39
CA LYS B 1524 2.37 27.23 5.93
C LYS B 1524 1.91 27.76 4.58
N ALA B 1525 0.97 28.68 4.60
CA ALA B 1525 0.34 29.15 3.38
C ALA B 1525 1.38 29.95 2.62
N ILE B 1526 1.64 29.54 1.38
CA ILE B 1526 2.64 30.21 0.57
C ILE B 1526 1.83 30.97 -0.47
N PRO B 1527 2.33 32.11 -0.97
CA PRO B 1527 1.59 32.84 -2.01
C PRO B 1527 2.16 32.56 -3.37
N ILE B 1528 1.27 32.54 -4.34
CA ILE B 1528 1.60 32.34 -5.74
C ILE B 1528 0.82 33.28 -6.66
N ARG B 1529 1.41 34.42 -7.06
CA ARG B 1529 0.62 35.36 -7.85
C ARG B 1529 0.56 34.79 -9.26
N LEU B 1530 -0.56 34.21 -9.60
CA LEU B 1530 -0.82 33.69 -10.93
C LEU B 1530 -1.46 34.72 -11.82
N PHE B 1531 -0.96 34.84 -13.02
CA PHE B 1531 -1.55 35.76 -13.97
C PHE B 1531 -1.88 34.83 -15.11
N LEU B 1532 -3.11 34.88 -15.54
CA LEU B 1532 -3.64 33.98 -16.53
C LEU B 1532 -3.63 34.76 -17.83
N THR B 1533 -3.27 34.07 -18.91
CA THR B 1533 -3.09 34.75 -20.19
C THR B 1533 -3.77 34.12 -21.38
N ASN B 1534 -4.82 34.78 -21.90
CA ASN B 1534 -5.40 34.30 -23.14
C ASN B 1534 -5.71 35.52 -23.97
N GLU B 1535 -5.24 35.46 -25.21
CA GLU B 1535 -5.35 36.49 -26.23
C GLU B 1535 -6.22 35.94 -27.35
N SER B 1536 -6.04 36.42 -28.58
CA SER B 1536 -6.80 35.87 -29.68
C SER B 1536 -6.56 34.39 -29.76
N GLY B 1537 -7.64 33.69 -30.00
CA GLY B 1537 -7.62 32.27 -29.94
C GLY B 1537 -7.93 31.96 -28.50
N TYR B 1538 -8.37 30.76 -28.23
CA TYR B 1538 -8.70 30.47 -26.86
C TYR B 1538 -7.56 29.78 -26.16
N TYR B 1539 -6.38 29.75 -26.78
CA TYR B 1539 -5.24 29.13 -26.15
C TYR B 1539 -4.72 30.06 -25.08
N LEU B 1540 -4.52 29.53 -23.89
CA LEU B 1540 -4.07 30.30 -22.76
C LEU B 1540 -2.90 29.68 -22.04
N ASP B 1541 -1.96 30.52 -21.74
CA ASP B 1541 -0.73 30.22 -21.04
C ASP B 1541 -0.88 30.73 -19.64
N ILE B 1542 -0.47 29.91 -18.70
CA ILE B 1542 -0.59 30.20 -17.30
C ILE B 1542 0.75 30.73 -16.88
N SER B 1543 0.74 31.86 -16.23
CA SER B 1543 1.97 32.41 -15.74
C SER B 1543 1.69 32.05 -14.30
N LEU B 1544 2.46 31.09 -13.84
CA LEU B 1544 2.43 30.59 -12.51
C LEU B 1544 3.78 30.75 -11.88
N TYR B 1545 3.78 31.23 -10.64
CA TYR B 1545 5.06 31.43 -9.99
C TYR B 1545 5.06 30.87 -8.59
N LYS B 1546 6.11 31.25 -7.88
CA LYS B 1546 6.27 31.07 -6.47
C LYS B 1546 6.91 32.38 -6.05
N GLU B 1547 6.83 32.71 -4.77
CA GLU B 1547 7.33 33.99 -4.25
C GLU B 1547 8.73 34.39 -4.69
N VAL B 1548 9.61 33.43 -4.91
CA VAL B 1548 10.94 33.47 -4.31
C VAL B 1548 11.54 34.84 -4.09
N THR B 1549 12.09 35.08 -2.92
CA THR B 1549 12.85 36.30 -2.74
C THR B 1549 14.07 36.36 -3.67
N ALA B 1554 16.83 41.40 -1.60
CA ALA B 1554 15.78 40.75 -0.83
C ALA B 1554 14.37 41.12 -1.31
N GLN B 1555 14.30 41.90 -2.36
CA GLN B 1555 13.03 42.41 -2.87
C GLN B 1555 12.50 41.40 -3.89
N ILE B 1556 11.38 40.80 -3.51
CA ILE B 1556 10.77 39.57 -4.03
C ILE B 1556 10.61 39.40 -5.53
N MET B 1557 10.71 38.13 -5.95
CA MET B 1557 10.99 37.71 -7.31
C MET B 1557 10.12 36.49 -7.58
N PHE B 1558 9.20 36.63 -8.49
CA PHE B 1558 8.33 35.52 -8.87
C PHE B 1558 9.09 34.43 -9.61
N GLN B 1559 9.35 33.30 -8.98
CA GLN B 1559 10.05 32.21 -9.66
C GLN B 1559 9.23 30.95 -9.50
N ALA B 1560 8.84 30.36 -10.63
CA ALA B 1560 8.05 29.13 -10.61
C ALA B 1560 8.74 28.03 -9.82
N LYS B 1564 7.89 24.64 -15.05
CA LYS B 1564 7.94 24.94 -16.47
C LYS B 1564 8.83 26.18 -16.58
N GLN B 1565 8.66 26.98 -17.62
CA GLN B 1565 8.93 28.41 -17.55
C GLN B 1565 7.74 29.22 -18.02
N GLY B 1566 7.41 30.26 -17.24
CA GLY B 1566 6.22 31.05 -17.37
C GLY B 1566 6.71 32.44 -17.71
N PRO B 1567 6.03 33.16 -18.61
CA PRO B 1567 6.55 34.45 -19.03
C PRO B 1567 6.69 35.43 -17.89
N LEU B 1568 7.66 36.32 -18.04
CA LEU B 1568 7.97 37.25 -16.97
C LEU B 1568 8.25 36.44 -15.74
N HIS B 1569 9.28 35.63 -15.84
CA HIS B 1569 9.61 34.71 -14.78
C HIS B 1569 9.72 35.54 -13.51
N GLY B 1570 10.71 36.40 -13.37
CA GLY B 1570 10.94 37.05 -12.10
C GLY B 1570 10.80 38.55 -12.16
N MET B 1571 10.08 39.10 -11.18
CA MET B 1571 9.93 40.54 -11.09
C MET B 1571 9.48 40.93 -9.70
N LEU B 1572 9.66 42.21 -9.39
CA LEU B 1572 9.31 42.74 -8.10
C LEU B 1572 7.83 43.06 -7.97
N ILE B 1573 7.48 43.61 -6.82
CA ILE B 1573 6.13 43.50 -6.35
C ILE B 1573 5.27 44.70 -6.70
N ASN B 1574 5.84 45.90 -6.76
CA ASN B 1574 5.04 47.08 -7.03
C ASN B 1574 5.09 47.33 -8.52
N THR B 1575 4.72 46.34 -9.33
CA THR B 1575 4.96 46.40 -10.76
C THR B 1575 3.89 47.15 -11.54
N PRO B 1576 4.17 48.37 -12.01
CA PRO B 1576 3.15 49.08 -12.77
C PRO B 1576 2.88 48.40 -14.08
N TYR B 1577 1.65 48.54 -14.56
CA TYR B 1577 1.29 47.74 -15.70
C TYR B 1577 1.94 48.44 -16.87
N VAL B 1578 2.73 47.70 -17.62
CA VAL B 1578 3.40 48.24 -18.79
C VAL B 1578 2.34 48.80 -19.72
N THR B 1579 2.63 49.95 -20.31
CA THR B 1579 1.70 50.59 -21.23
C THR B 1579 1.91 50.23 -22.70
N LYS B 1580 0.82 49.70 -23.24
CA LYS B 1580 0.49 49.39 -24.63
C LYS B 1580 1.12 50.32 -25.66
N ASP B 1581 1.30 51.59 -25.33
CA ASP B 1581 1.75 52.58 -26.30
C ASP B 1581 3.11 52.26 -26.89
N LEU B 1582 3.89 51.39 -26.22
CA LEU B 1582 4.97 50.72 -26.89
C LEU B 1582 4.45 50.11 -28.17
N LEU B 1583 3.45 49.22 -28.04
CA LEU B 1583 2.84 48.61 -29.21
C LEU B 1583 2.36 49.64 -30.17
N GLN B 1584 1.50 50.53 -29.71
CA GLN B 1584 1.01 51.56 -30.59
C GLN B 1584 2.12 52.23 -31.38
N SER B 1585 3.18 52.62 -30.70
CA SER B 1585 4.26 53.27 -31.42
C SER B 1585 4.90 52.36 -32.43
N LYS B 1586 5.14 51.14 -32.02
CA LYS B 1586 5.86 50.18 -32.84
C LYS B 1586 4.99 49.61 -33.95
N ARG B 1587 3.73 49.44 -33.62
CA ARG B 1587 2.70 49.00 -34.53
C ARG B 1587 2.55 50.06 -35.59
N PHE B 1588 2.67 51.31 -35.15
CA PHE B 1588 2.60 52.43 -36.05
C PHE B 1588 3.79 52.43 -36.97
N GLN B 1589 4.98 52.14 -36.47
CA GLN B 1589 6.09 52.13 -37.40
C GLN B 1589 5.92 51.07 -38.44
N ALA B 1590 5.49 49.89 -38.07
CA ALA B 1590 5.40 48.87 -39.10
C ALA B 1590 4.26 49.11 -40.08
N GLN B 1591 3.05 49.27 -39.55
CA GLN B 1591 1.91 49.56 -40.41
C GLN B 1591 2.14 50.81 -41.24
N SER B 1592 2.70 51.82 -40.60
CA SER B 1592 3.00 53.07 -41.27
C SER B 1592 4.11 52.91 -42.27
N LEU B 1593 4.92 51.88 -42.11
CA LEU B 1593 5.91 51.50 -43.10
C LEU B 1593 5.40 50.46 -44.07
N GLY B 1594 4.11 50.16 -44.07
CA GLY B 1594 3.66 49.18 -45.04
C GLY B 1594 4.18 47.77 -44.92
N THR B 1595 4.34 47.25 -43.70
CA THR B 1595 4.80 45.87 -43.54
C THR B 1595 4.00 45.21 -42.44
N THR B 1596 4.34 43.96 -42.11
CA THR B 1596 3.58 43.20 -41.12
C THR B 1596 4.43 43.15 -39.87
N TYR B 1597 3.80 43.42 -38.73
CA TYR B 1597 4.52 43.33 -37.47
C TYR B 1597 5.00 41.92 -37.17
N ILE B 1598 6.23 41.89 -36.74
CA ILE B 1598 6.95 40.67 -36.50
C ILE B 1598 6.20 39.74 -35.53
N TYR B 1599 5.83 40.22 -34.34
CA TYR B 1599 5.14 39.37 -33.37
C TYR B 1599 3.68 39.16 -33.74
N ASP B 1600 3.22 39.83 -34.79
CA ASP B 1600 1.89 39.61 -35.32
C ASP B 1600 1.88 38.49 -36.32
N ILE B 1601 3.06 38.09 -36.73
CA ILE B 1601 3.18 37.04 -37.71
C ILE B 1601 2.51 35.76 -37.22
N PRO B 1602 2.67 35.34 -35.97
CA PRO B 1602 2.05 34.08 -35.53
C PRO B 1602 0.58 34.02 -35.87
N GLU B 1603 -0.09 35.12 -35.69
CA GLU B 1603 -1.48 35.12 -36.08
C GLU B 1603 -1.59 35.06 -37.59
N MET B 1604 -0.61 35.59 -38.32
CA MET B 1604 -0.62 35.43 -39.76
C MET B 1604 -0.38 33.98 -40.18
N PHE B 1605 0.41 33.27 -39.39
CA PHE B 1605 0.62 31.85 -39.61
C PHE B 1605 -0.67 31.12 -39.39
N ARG B 1606 -1.28 31.47 -38.30
CA ARG B 1606 -2.49 30.83 -37.85
C ARG B 1606 -3.62 31.02 -38.83
N GLN B 1607 -3.78 32.21 -39.35
CA GLN B 1607 -4.87 32.43 -40.29
C GLN B 1607 -4.62 31.65 -41.55
N SER B 1608 -3.36 31.66 -41.96
CA SER B 1608 -2.97 30.93 -43.14
C SER B 1608 -3.24 29.46 -42.94
N LEU B 1609 -2.88 28.99 -41.77
CA LEU B 1609 -3.06 27.61 -41.40
C LEU B 1609 -4.50 27.20 -41.48
N ILE B 1610 -5.35 28.04 -40.96
CA ILE B 1610 -6.78 27.78 -40.96
C ILE B 1610 -7.30 27.72 -42.36
N LYS B 1611 -6.91 28.72 -43.14
CA LYS B 1611 -7.32 28.84 -44.52
C LYS B 1611 -6.92 27.57 -45.24
N LEU B 1612 -5.79 27.02 -44.84
CA LEU B 1612 -5.36 25.77 -45.41
C LEU B 1612 -6.24 24.63 -44.99
N TRP B 1613 -6.52 24.55 -43.70
CA TRP B 1613 -7.32 23.45 -43.21
C TRP B 1613 -8.60 23.34 -43.97
N GLU B 1614 -9.12 24.48 -44.37
CA GLU B 1614 -10.34 24.49 -45.11
C GLU B 1614 -10.08 24.12 -46.56
N SER B 1615 -9.10 24.79 -47.13
CA SER B 1615 -8.80 24.67 -48.55
C SER B 1615 -8.41 23.27 -48.93
N MET B 1616 -7.66 22.61 -48.08
CA MET B 1616 -7.20 21.29 -48.44
C MET B 1616 -8.33 20.29 -48.42
N SER B 1617 -9.43 20.62 -47.76
CA SER B 1617 -10.55 19.71 -47.79
C SER B 1617 -11.11 19.63 -49.19
N THR B 1618 -10.90 20.68 -50.00
CA THR B 1618 -11.11 20.59 -51.43
C THR B 1618 -10.36 19.42 -52.00
N GLN B 1619 -9.08 19.34 -51.66
CA GLN B 1619 -8.23 18.40 -52.36
C GLN B 1619 -8.38 16.99 -51.84
N ALA B 1620 -8.56 16.82 -50.53
CA ALA B 1620 -8.47 15.48 -49.95
C ALA B 1620 -9.54 15.17 -48.91
N PHE B 1621 -9.69 13.86 -48.74
CA PHE B 1621 -10.41 13.27 -47.63
C PHE B 1621 -9.44 13.33 -46.46
N LEU B 1622 -9.83 14.05 -45.42
CA LEU B 1622 -9.01 14.30 -44.26
C LEU B 1622 -9.70 13.87 -42.97
N PRO B 1623 -8.95 13.62 -41.92
CA PRO B 1623 -9.58 13.46 -40.60
C PRO B 1623 -10.24 14.76 -40.16
N SER B 1624 -10.97 14.69 -39.05
CA SER B 1624 -11.59 15.88 -38.52
C SER B 1624 -10.52 16.87 -38.07
N PRO B 1625 -10.69 18.16 -38.35
CA PRO B 1625 -9.66 19.10 -37.96
C PRO B 1625 -9.50 19.18 -36.46
N PRO B 1626 -8.31 19.52 -35.98
CA PRO B 1626 -8.15 19.92 -34.58
C PRO B 1626 -8.62 21.37 -34.45
N LEU B 1627 -8.83 21.78 -33.21
CA LEU B 1627 -9.20 23.15 -32.92
C LEU B 1627 -8.11 24.20 -33.12
N PRO B 1628 -8.50 25.42 -33.51
CA PRO B 1628 -7.48 26.46 -33.75
C PRO B 1628 -6.58 26.68 -32.56
N SER B 1629 -7.15 26.62 -31.35
CA SER B 1629 -6.35 26.78 -30.15
C SER B 1629 -5.36 25.64 -29.95
N ASP B 1630 -5.74 24.41 -30.33
CA ASP B 1630 -4.89 23.26 -30.10
C ASP B 1630 -3.99 22.90 -31.28
N MET B 1631 -4.00 23.69 -32.37
CA MET B 1631 -3.25 23.31 -33.58
C MET B 1631 -1.75 23.42 -33.46
N LEU B 1632 -1.27 24.33 -32.64
CA LEU B 1632 0.12 24.65 -32.66
C LEU B 1632 0.62 25.05 -31.30
N THR B 1633 1.84 24.65 -31.01
CA THR B 1633 2.51 25.17 -29.85
C THR B 1633 3.88 25.63 -30.29
N TYR B 1634 4.22 26.80 -29.79
CA TYR B 1634 5.50 27.42 -30.05
C TYR B 1634 6.16 27.76 -28.75
N THR B 1635 7.47 27.84 -28.82
CA THR B 1635 8.25 28.35 -27.71
C THR B 1635 9.33 29.19 -28.36
N GLU B 1636 9.49 30.43 -27.91
CA GLU B 1636 10.50 31.25 -28.55
C GLU B 1636 11.86 30.68 -28.21
N LEU B 1637 12.73 30.74 -29.19
CA LEU B 1637 14.08 30.28 -29.05
C LEU B 1637 14.94 31.47 -28.75
N VAL B 1638 15.77 31.30 -27.72
CA VAL B 1638 16.46 32.41 -27.12
C VAL B 1638 17.89 32.09 -26.73
N LEU B 1639 18.70 33.09 -26.89
CA LEU B 1639 20.11 33.05 -26.57
C LEU B 1639 20.27 33.20 -25.07
N ASP B 1640 21.02 32.31 -24.48
CA ASP B 1640 21.40 32.50 -23.08
C ASP B 1640 22.54 33.51 -23.08
N ASP B 1641 23.17 33.71 -21.93
CA ASP B 1641 24.30 34.64 -21.89
C ASP B 1641 25.41 34.20 -22.82
N GLN B 1642 25.61 32.89 -22.91
CA GLN B 1642 26.67 32.35 -23.75
C GLN B 1642 26.21 32.16 -25.16
N GLY B 1643 25.07 32.74 -25.53
CA GLY B 1643 24.61 32.52 -26.87
C GLY B 1643 24.27 31.09 -27.14
N GLN B 1644 23.81 30.36 -26.13
CA GLN B 1644 23.42 28.98 -26.30
C GLN B 1644 21.91 28.95 -26.15
N LEU B 1645 21.28 28.02 -26.85
CA LEU B 1645 19.83 28.03 -26.94
C LEU B 1645 19.06 27.65 -25.70
N VAL B 1646 17.94 28.37 -25.55
CA VAL B 1646 17.05 28.29 -24.43
C VAL B 1646 15.61 28.39 -24.91
N HIS B 1647 14.77 27.48 -24.41
CA HIS B 1647 13.37 27.48 -24.73
C HIS B 1647 12.72 28.46 -23.78
N MET B 1648 11.98 29.40 -24.31
CA MET B 1648 11.46 30.49 -23.52
C MET B 1648 10.02 30.77 -23.88
N ASN B 1649 9.18 30.80 -22.85
CA ASN B 1649 7.76 31.10 -22.93
C ASN B 1649 7.57 32.52 -22.36
N ARG B 1650 7.80 33.55 -23.19
CA ARG B 1650 7.75 34.94 -22.73
C ARG B 1650 6.67 35.69 -23.51
N LEU B 1651 6.41 36.88 -23.01
CA LEU B 1651 5.41 37.76 -23.56
C LEU B 1651 5.87 38.29 -24.92
N PRO B 1652 4.98 38.46 -25.90
CA PRO B 1652 5.46 39.06 -27.14
C PRO B 1652 5.89 40.46 -26.80
N GLY B 1653 6.92 40.94 -27.46
CA GLY B 1653 7.43 42.26 -27.18
C GLY B 1653 8.62 42.34 -26.26
N GLY B 1654 9.19 41.21 -25.85
CA GLY B 1654 10.16 41.29 -24.77
C GLY B 1654 11.55 41.58 -25.29
N ASN B 1655 11.67 41.65 -26.60
CA ASN B 1655 12.93 41.80 -27.29
C ASN B 1655 13.67 43.08 -26.93
N GLU B 1656 14.99 42.94 -26.81
CA GLU B 1656 15.92 44.04 -26.65
C GLU B 1656 16.75 44.20 -27.91
N ILE B 1657 16.37 43.46 -28.96
CA ILE B 1657 16.99 43.50 -30.26
C ILE B 1657 15.90 43.36 -31.31
N GLY B 1658 16.29 43.62 -32.54
CA GLY B 1658 15.45 43.67 -33.72
C GLY B 1658 15.15 42.31 -34.32
N MET B 1659 15.17 41.25 -33.52
CA MET B 1659 14.98 39.88 -33.99
C MET B 1659 14.13 39.05 -33.05
N VAL B 1660 13.30 38.18 -33.64
CA VAL B 1660 12.40 37.30 -32.89
C VAL B 1660 12.48 35.90 -33.47
N ALA B 1661 12.41 34.88 -32.60
CA ALA B 1661 12.50 33.50 -33.06
C ALA B 1661 11.67 32.53 -32.23
N TRP B 1662 11.18 31.50 -32.91
CA TRP B 1662 10.48 30.42 -32.24
C TRP B 1662 10.79 29.07 -32.85
N LYS B 1663 10.63 28.09 -31.97
CA LYS B 1663 10.42 26.72 -32.35
C LYS B 1663 8.93 26.64 -32.42
N MET B 1664 8.45 26.00 -33.46
CA MET B 1664 7.03 25.94 -33.69
C MET B 1664 6.68 24.49 -33.86
N THR B 1665 5.60 24.08 -33.20
CA THR B 1665 5.04 22.75 -33.38
C THR B 1665 3.62 22.92 -33.82
N PHE B 1666 3.26 22.25 -34.90
CA PHE B 1666 1.92 22.32 -35.37
C PHE B 1666 1.48 21.08 -36.10
N LYS B 1667 0.18 20.90 -36.09
CA LYS B 1667 -0.54 19.81 -36.71
C LYS B 1667 -1.01 20.22 -38.08
N SER B 1668 -0.74 19.37 -39.05
CA SER B 1668 -1.11 19.63 -40.42
C SER B 1668 -1.92 18.44 -40.87
N PRO B 1669 -2.69 18.57 -41.95
CA PRO B 1669 -3.50 17.44 -42.42
C PRO B 1669 -2.67 16.20 -42.62
N GLU B 1670 -1.47 16.43 -43.12
CA GLU B 1670 -0.47 15.45 -43.45
C GLU B 1670 0.26 14.99 -42.20
N TYR B 1671 0.30 15.83 -41.18
CA TYR B 1671 0.98 15.54 -39.93
C TYR B 1671 -0.01 15.80 -38.85
N PRO B 1672 -0.98 14.91 -38.66
CA PRO B 1672 -2.05 15.26 -37.75
C PRO B 1672 -1.51 15.34 -36.37
N GLU B 1673 -0.45 14.59 -36.09
CA GLU B 1673 0.22 14.77 -34.82
C GLU B 1673 1.21 15.91 -34.89
N GLY B 1674 1.59 16.36 -36.10
CA GLY B 1674 2.41 17.54 -36.16
C GLY B 1674 3.81 17.48 -36.75
N ARG B 1675 4.31 18.64 -37.15
CA ARG B 1675 5.63 18.81 -37.72
C ARG B 1675 5.99 20.17 -37.15
N ASP B 1676 7.27 20.35 -37.02
CA ASP B 1676 7.89 21.49 -36.38
C ASP B 1676 8.63 22.30 -37.42
N ILE B 1677 8.70 23.61 -37.21
CA ILE B 1677 9.58 24.43 -38.02
C ILE B 1677 10.27 25.40 -37.07
N ILE B 1678 11.37 25.97 -37.55
CA ILE B 1678 12.10 27.02 -36.86
C ILE B 1678 11.89 28.30 -37.63
N VAL B 1679 11.45 29.34 -36.92
CA VAL B 1679 11.15 30.63 -37.52
C VAL B 1679 11.99 31.75 -36.90
N ILE B 1680 12.74 32.48 -37.74
CA ILE B 1680 13.54 33.63 -37.32
C ILE B 1680 13.13 34.85 -38.15
N GLY B 1681 13.07 36.03 -37.54
CA GLY B 1681 12.75 37.20 -38.34
C GLY B 1681 13.23 38.52 -37.79
N ASN B 1682 13.79 39.37 -38.65
CA ASN B 1682 14.09 40.76 -38.27
C ASN B 1682 12.90 41.71 -38.29
N ASP B 1683 12.95 42.72 -37.42
CA ASP B 1683 12.10 43.92 -37.47
C ASP B 1683 12.90 45.12 -37.93
N ILE B 1684 12.77 45.49 -39.21
CA ILE B 1684 13.56 46.59 -39.71
C ILE B 1684 13.32 47.89 -39.00
N THR B 1685 12.19 48.02 -38.30
CA THR B 1685 11.92 49.23 -37.56
C THR B 1685 12.74 49.34 -36.30
N TYR B 1686 13.27 48.24 -35.80
CA TYR B 1686 14.05 48.25 -34.58
C TYR B 1686 15.52 48.36 -34.92
N ARG B 1687 16.08 49.54 -34.69
CA ARG B 1687 17.48 49.79 -34.94
C ARG B 1687 17.81 49.42 -36.37
N ILE B 1688 17.10 50.11 -37.28
CA ILE B 1688 17.05 49.91 -38.74
C ILE B 1688 17.49 48.52 -39.21
N GLY B 1689 17.24 47.48 -38.41
CA GLY B 1689 17.65 46.14 -38.75
C GLY B 1689 19.15 45.95 -38.82
N SER B 1690 19.90 46.73 -38.05
CA SER B 1690 21.33 46.58 -38.12
C SER B 1690 21.74 45.20 -37.66
N PHE B 1691 22.95 44.87 -37.97
CA PHE B 1691 23.46 43.52 -37.79
C PHE B 1691 24.51 43.57 -36.72
N GLY B 1692 24.13 43.29 -35.51
CA GLY B 1692 25.13 43.13 -34.53
C GLY B 1692 25.67 41.74 -34.43
N PRO B 1693 26.67 41.59 -33.57
CA PRO B 1693 27.27 40.26 -33.41
C PRO B 1693 26.24 39.33 -32.83
N GLN B 1694 25.44 39.91 -31.97
CA GLN B 1694 24.36 39.23 -31.31
C GLN B 1694 23.29 38.90 -32.31
N GLU B 1695 23.04 39.81 -33.26
CA GLU B 1695 22.03 39.59 -34.27
C GLU B 1695 22.39 38.40 -35.13
N ASP B 1696 23.65 38.41 -35.55
CA ASP B 1696 24.13 37.34 -36.38
C ASP B 1696 24.12 36.03 -35.60
N LEU B 1697 24.42 36.13 -34.31
CA LEU B 1697 24.63 34.97 -33.46
C LEU B 1697 23.34 34.28 -33.06
N LEU B 1698 22.32 35.05 -32.69
CA LEU B 1698 21.05 34.42 -32.35
C LEU B 1698 20.53 33.68 -33.57
N PHE B 1699 20.59 34.35 -34.74
CA PHE B 1699 20.13 33.68 -35.94
C PHE B 1699 20.89 32.38 -36.09
N LEU B 1700 22.21 32.48 -35.93
CA LEU B 1700 23.07 31.33 -36.10
C LEU B 1700 22.65 30.16 -35.25
N ARG B 1701 22.46 30.36 -33.95
CA ARG B 1701 22.21 29.18 -33.15
C ARG B 1701 20.85 28.59 -33.48
N ALA B 1702 19.91 29.43 -33.88
CA ALA B 1702 18.63 28.84 -34.30
C ALA B 1702 18.82 28.02 -35.56
N SER B 1703 19.61 28.57 -36.47
CA SER B 1703 19.89 27.91 -37.72
C SER B 1703 20.65 26.60 -37.49
N GLU B 1704 21.66 26.63 -36.61
CA GLU B 1704 22.43 25.44 -36.26
C GLU B 1704 21.51 24.37 -35.74
N LEU B 1705 20.49 24.79 -35.01
CA LEU B 1705 19.54 23.82 -34.51
C LEU B 1705 18.74 23.26 -35.68
N ALA B 1706 18.37 24.14 -36.60
CA ALA B 1706 17.64 23.72 -37.77
C ALA B 1706 18.36 22.57 -38.47
N ARG B 1707 19.66 22.73 -38.72
CA ARG B 1707 20.39 21.62 -39.35
C ARG B 1707 20.50 20.47 -38.40
N ALA B 1708 20.63 20.75 -37.10
CA ALA B 1708 20.83 19.70 -36.12
C ALA B 1708 19.76 18.65 -36.23
N GLU B 1709 18.54 19.08 -36.46
CA GLU B 1709 17.49 18.12 -36.62
C GLU B 1709 17.24 17.90 -38.10
N GLY B 1710 17.89 18.69 -38.94
CA GLY B 1710 17.74 18.54 -40.36
C GLY B 1710 16.45 19.19 -40.79
N ILE B 1711 15.87 19.97 -39.91
CA ILE B 1711 14.54 20.55 -40.01
C ILE B 1711 14.50 21.97 -40.55
N PRO B 1712 13.35 22.43 -41.07
CA PRO B 1712 13.33 23.70 -41.80
C PRO B 1712 13.54 24.96 -41.00
N ARG B 1713 14.09 25.97 -41.71
CA ARG B 1713 14.37 27.30 -41.18
C ARG B 1713 13.68 28.37 -42.04
N ILE B 1714 12.76 29.12 -41.44
CA ILE B 1714 11.99 30.18 -42.09
C ILE B 1714 12.54 31.54 -41.69
N TYR B 1715 12.90 32.39 -42.67
CA TYR B 1715 13.47 33.69 -42.37
C TYR B 1715 12.67 34.86 -42.94
N VAL B 1716 12.28 35.76 -42.03
CA VAL B 1716 11.61 37.00 -42.37
C VAL B 1716 12.62 38.12 -42.54
N SER B 1717 12.75 38.54 -43.79
CA SER B 1717 13.74 39.51 -44.23
C SER B 1717 13.17 40.89 -44.46
N ALA B 1718 13.66 41.85 -43.69
CA ALA B 1718 13.39 43.25 -43.94
C ALA B 1718 14.49 44.07 -43.29
N ASN B 1719 15.46 44.59 -44.04
CA ASN B 1719 16.63 45.06 -43.32
C ASN B 1719 17.37 46.13 -44.09
N SER B 1720 18.44 46.63 -43.46
CA SER B 1720 19.28 47.72 -43.94
C SER B 1720 20.74 47.29 -43.94
N GLY B 1721 20.98 45.99 -43.97
CA GLY B 1721 22.31 45.54 -43.94
C GLY B 1721 23.06 45.84 -42.65
N ALA B 1722 24.37 45.83 -42.83
CA ALA B 1722 25.34 45.82 -41.75
C ALA B 1722 25.29 47.03 -40.83
N ARG B 1723 25.71 46.79 -39.59
CA ARG B 1723 25.72 47.82 -38.57
C ARG B 1723 26.65 48.97 -38.95
N ILE B 1724 26.22 50.19 -38.62
CA ILE B 1724 26.92 51.45 -38.87
C ILE B 1724 27.04 52.32 -37.61
N GLY B 1725 28.14 53.07 -37.47
CA GLY B 1725 28.24 54.06 -36.38
C GLY B 1725 29.52 54.89 -36.45
N LEU B 1726 29.52 56.01 -35.68
CA LEU B 1726 30.76 56.77 -35.47
C LEU B 1726 31.07 56.98 -33.99
N ALA B 1727 32.34 56.92 -33.59
CA ALA B 1727 32.66 57.18 -32.18
C ALA B 1727 32.47 58.68 -31.86
N GLU B 1728 31.30 59.01 -31.35
CA GLU B 1728 31.00 60.41 -31.05
C GLU B 1728 31.89 61.00 -29.98
N GLU B 1729 32.17 60.21 -28.93
CA GLU B 1729 32.92 60.68 -27.77
C GLU B 1729 34.23 61.30 -28.16
N ILE B 1730 34.82 60.80 -29.23
CA ILE B 1730 36.06 61.35 -29.73
C ILE B 1730 35.74 62.47 -30.70
N ARG B 1731 34.66 62.29 -31.49
CA ARG B 1731 34.28 63.29 -32.47
C ARG B 1731 34.15 64.66 -31.84
N HIS B 1732 33.64 64.69 -30.62
CA HIS B 1732 33.25 65.90 -29.93
C HIS B 1732 34.35 66.53 -29.07
N MET B 1733 35.56 65.97 -29.07
CA MET B 1733 36.63 66.55 -28.29
C MET B 1733 37.92 66.63 -29.08
N PHE B 1734 37.95 66.15 -30.33
CA PHE B 1734 39.19 66.28 -31.09
C PHE B 1734 39.32 67.71 -31.65
N HIS B 1735 40.57 68.11 -31.89
CA HIS B 1735 40.99 69.37 -32.48
C HIS B 1735 41.80 69.08 -33.73
N VAL B 1736 41.86 70.06 -34.63
CA VAL B 1736 42.54 69.90 -35.90
C VAL B 1736 43.89 70.59 -35.91
N ALA B 1737 44.92 69.86 -36.34
CA ALA B 1737 46.30 70.35 -36.54
C ALA B 1737 46.51 70.77 -37.99
N TRP B 1738 46.31 72.04 -38.30
CA TRP B 1738 46.40 72.47 -39.70
C TRP B 1738 47.81 72.50 -40.25
N VAL B 1739 47.89 72.18 -41.55
CA VAL B 1739 49.09 72.45 -42.30
C VAL B 1739 49.37 73.94 -42.21
N ASP B 1740 48.31 74.74 -42.39
CA ASP B 1740 48.40 76.18 -42.23
C ASP B 1740 47.06 76.67 -41.69
N PRO B 1741 47.02 77.25 -40.49
CA PRO B 1741 45.74 77.78 -39.99
C PRO B 1741 45.26 79.00 -40.78
N GLU B 1742 46.20 79.88 -41.16
CA GLU B 1742 45.94 81.09 -41.93
C GLU B 1742 45.37 80.83 -43.32
N ASP B 1743 45.30 79.60 -43.75
CA ASP B 1743 44.54 79.27 -44.94
C ASP B 1743 44.13 77.83 -44.76
N PRO B 1744 42.86 77.54 -44.51
CA PRO B 1744 42.49 76.15 -44.28
C PRO B 1744 42.64 75.36 -45.54
N TYR B 1745 42.48 76.01 -46.69
CA TYR B 1745 42.51 75.35 -47.97
C TYR B 1745 43.91 74.84 -48.29
N LYS B 1746 44.92 75.26 -47.53
CA LYS B 1746 46.25 74.64 -47.51
C LYS B 1746 46.32 73.29 -46.80
N GLY B 1747 45.20 72.64 -46.55
CA GLY B 1747 45.26 71.32 -46.00
C GLY B 1747 45.39 71.33 -44.48
N TYR B 1748 45.09 70.16 -43.94
CA TYR B 1748 45.20 69.79 -42.54
C TYR B 1748 46.14 68.61 -42.40
N ARG B 1749 46.77 68.50 -41.23
CA ARG B 1749 47.74 67.44 -41.04
C ARG B 1749 47.09 66.22 -40.41
N TYR B 1750 46.35 66.45 -39.33
CA TYR B 1750 45.73 65.38 -38.57
C TYR B 1750 44.72 65.93 -37.60
N LEU B 1751 43.94 65.01 -37.06
CA LEU B 1751 42.98 65.25 -36.00
C LEU B 1751 43.71 64.75 -34.75
N TYR B 1752 43.42 65.35 -33.61
CA TYR B 1752 44.17 65.03 -32.41
C TYR B 1752 43.35 65.44 -31.20
N LEU B 1753 43.85 65.08 -30.03
CA LEU B 1753 43.21 65.46 -28.79
C LEU B 1753 44.19 66.37 -28.07
N THR B 1754 43.64 67.37 -27.42
CA THR B 1754 44.43 68.19 -26.55
C THR B 1754 44.85 67.27 -25.42
N PRO B 1755 45.93 67.60 -24.70
CA PRO B 1755 46.34 66.63 -23.69
C PRO B 1755 45.26 66.37 -22.66
N GLN B 1756 44.54 67.43 -22.35
CA GLN B 1756 43.36 67.34 -21.51
C GLN B 1756 42.33 66.40 -22.12
N ASP B 1757 42.09 66.56 -23.42
CA ASP B 1757 41.12 65.73 -24.10
C ASP B 1757 41.54 64.28 -24.16
N TYR B 1758 42.85 63.97 -24.25
CA TYR B 1758 43.21 62.56 -24.29
C TYR B 1758 42.95 61.95 -22.94
N LYS B 1759 43.19 62.73 -21.88
CA LYS B 1759 43.21 62.24 -20.51
C LYS B 1759 41.95 61.57 -19.97
N ARG B 1760 40.94 61.34 -20.81
CA ARG B 1760 39.64 60.86 -20.36
C ARG B 1760 39.29 59.57 -21.07
N VAL B 1761 39.27 59.60 -22.41
CA VAL B 1761 39.26 58.45 -23.31
C VAL B 1761 40.54 57.61 -23.23
N SER B 1762 41.66 58.23 -22.83
CA SER B 1762 43.00 57.63 -22.85
C SER B 1762 43.07 56.31 -22.11
N ALA B 1763 42.41 56.20 -20.97
CA ALA B 1763 42.41 54.96 -20.20
C ALA B 1763 41.82 53.76 -20.94
N LEU B 1764 41.16 53.93 -22.10
CA LEU B 1764 40.20 52.94 -22.55
C LEU B 1764 40.52 52.18 -23.85
N ASN B 1765 41.75 52.25 -24.38
CA ASN B 1765 42.11 51.47 -25.58
C ASN B 1765 41.20 51.79 -26.78
N SER B 1766 41.02 53.07 -27.05
CA SER B 1766 40.06 53.46 -28.07
C SER B 1766 40.55 53.70 -29.48
N VAL B 1767 41.64 54.42 -29.64
CA VAL B 1767 42.20 54.71 -30.94
C VAL B 1767 43.70 54.61 -30.76
N HIS B 1768 44.42 54.67 -31.87
CA HIS B 1768 45.85 54.86 -31.77
C HIS B 1768 46.28 56.22 -32.30
N CYS B 1769 46.96 56.94 -31.41
CA CYS B 1769 47.53 58.25 -31.57
C CYS B 1769 48.99 58.14 -31.17
N GLU B 1770 49.72 59.20 -31.43
CA GLU B 1770 51.06 59.37 -30.92
C GLU B 1770 51.19 60.66 -30.14
N HIS B 1771 51.88 60.60 -29.00
CA HIS B 1771 52.06 61.85 -28.29
C HIS B 1771 52.94 62.61 -29.24
N VAL B 1772 52.70 63.89 -29.41
CA VAL B 1772 53.54 64.68 -30.29
C VAL B 1772 53.59 66.11 -29.82
N GLU B 1773 54.73 66.72 -30.02
CA GLU B 1773 54.81 68.17 -29.97
C GLU B 1773 54.79 68.54 -31.45
N ASP B 1774 53.87 69.41 -31.83
CA ASP B 1774 53.72 69.77 -33.23
C ASP B 1774 53.18 71.18 -33.31
N GLU B 1775 53.64 71.90 -34.33
CA GLU B 1775 53.29 73.30 -34.56
C GLU B 1775 53.35 74.11 -33.25
N GLY B 1776 54.33 73.75 -32.42
CA GLY B 1776 54.61 74.31 -31.12
C GLY B 1776 53.88 73.59 -30.00
N GLU B 1777 52.59 73.33 -30.21
CA GLU B 1777 51.72 72.76 -29.20
C GLU B 1777 51.87 71.24 -29.13
N SER B 1778 51.48 70.66 -27.98
CA SER B 1778 51.51 69.20 -27.79
C SER B 1778 50.12 68.63 -28.01
N ARG B 1779 50.07 67.67 -28.91
CA ARG B 1779 48.87 67.05 -29.45
C ARG B 1779 48.99 65.54 -29.40
N TYR B 1780 47.85 64.84 -29.53
CA TYR B 1780 47.89 63.38 -29.64
C TYR B 1780 47.42 63.13 -31.06
N LYS B 1781 48.42 63.03 -31.92
CA LYS B 1781 48.24 62.87 -33.34
C LYS B 1781 47.56 61.58 -33.68
N ILE B 1782 46.46 61.68 -34.42
CA ILE B 1782 45.68 60.50 -34.74
C ILE B 1782 46.29 59.71 -35.87
N THR B 1783 46.61 58.48 -35.57
CA THR B 1783 47.24 57.65 -36.56
C THR B 1783 46.22 56.68 -37.12
N ASP B 1784 45.39 56.14 -36.24
CA ASP B 1784 44.28 55.28 -36.61
C ASP B 1784 43.10 55.42 -35.65
N ILE B 1785 41.87 55.39 -36.17
CA ILE B 1785 40.70 55.30 -35.30
C ILE B 1785 40.17 53.89 -35.33
N ILE B 1786 40.22 53.29 -34.16
CA ILE B 1786 39.84 51.95 -33.93
C ILE B 1786 38.39 51.87 -33.46
N GLY B 1787 38.07 52.75 -32.53
CA GLY B 1787 36.73 52.98 -32.02
C GLY B 1787 36.48 52.04 -30.87
N LYS B 1788 36.41 52.61 -29.68
CA LYS B 1788 36.26 51.85 -28.45
C LYS B 1788 34.93 51.15 -28.29
N GLU B 1789 33.88 51.61 -28.94
CA GLU B 1789 32.62 50.89 -28.78
C GLU B 1789 32.81 49.60 -29.56
N GLU B 1790 32.77 48.47 -28.86
CA GLU B 1790 32.87 47.19 -29.54
C GLU B 1790 31.56 46.79 -30.20
N GLY B 1791 31.64 46.24 -31.41
CA GLY B 1791 30.47 45.67 -32.04
C GLY B 1791 29.83 46.49 -33.13
N ILE B 1792 30.36 47.66 -33.44
CA ILE B 1792 29.78 48.57 -34.42
C ILE B 1792 30.60 48.70 -35.70
N GLY B 1793 31.49 47.79 -35.96
CA GLY B 1793 32.43 47.93 -37.05
C GLY B 1793 32.31 46.80 -38.04
N PRO B 1794 33.31 46.70 -38.92
CA PRO B 1794 33.29 45.67 -39.96
C PRO B 1794 33.36 44.24 -39.43
N GLU B 1795 33.61 44.01 -38.14
CA GLU B 1795 33.45 42.66 -37.58
C GLU B 1795 32.08 42.12 -37.93
N ASN B 1796 31.07 42.99 -38.02
CA ASN B 1796 29.73 42.55 -38.38
C ASN B 1796 29.77 42.03 -39.80
N LEU B 1797 30.72 42.51 -40.59
CA LEU B 1797 30.91 42.02 -41.94
C LEU B 1797 31.48 40.62 -41.87
N ARG B 1798 32.43 40.40 -40.95
CA ARG B 1798 32.92 39.04 -40.79
C ARG B 1798 31.77 38.14 -40.38
N GLY B 1799 31.02 38.57 -39.36
CA GLY B 1799 29.89 37.83 -38.87
C GLY B 1799 28.87 37.61 -39.96
N SER B 1800 28.75 38.59 -40.83
CA SER B 1800 27.80 38.56 -41.90
C SER B 1800 28.14 37.44 -42.84
N GLY B 1801 29.37 37.45 -43.29
CA GLY B 1801 29.84 36.32 -44.06
C GLY B 1801 29.63 35.01 -43.32
N MET B 1802 29.97 34.99 -42.04
CA MET B 1802 29.85 33.82 -41.19
C MET B 1802 28.46 33.20 -41.24
N ILE B 1803 27.44 34.03 -41.10
CA ILE B 1803 26.10 33.49 -41.07
C ILE B 1803 25.63 33.16 -42.46
N ALA B 1804 26.20 33.80 -43.45
CA ALA B 1804 25.95 33.39 -44.81
C ALA B 1804 26.51 32.01 -45.09
N GLY B 1805 27.78 31.81 -44.79
CA GLY B 1805 28.39 30.52 -45.03
C GLY B 1805 27.65 29.42 -44.33
N GLU B 1806 27.39 29.61 -43.06
CA GLU B 1806 26.66 28.59 -42.33
C GLU B 1806 25.32 28.33 -42.99
N SER B 1807 24.70 29.41 -43.43
CA SER B 1807 23.37 29.34 -44.00
C SER B 1807 23.38 28.62 -45.32
N SER B 1808 24.40 28.90 -46.09
CA SER B 1808 24.68 28.26 -47.36
C SER B 1808 24.89 26.78 -47.24
N LEU B 1809 25.66 26.34 -46.27
CA LEU B 1809 25.90 24.91 -46.17
C LEU B 1809 24.61 24.25 -45.80
N ALA B 1810 23.99 24.86 -44.81
CA ALA B 1810 22.71 24.42 -44.34
C ALA B 1810 21.79 24.35 -45.53
N TYR B 1811 21.85 25.37 -46.35
CA TYR B 1811 21.02 25.46 -47.52
C TYR B 1811 21.33 24.30 -48.45
N ASN B 1812 22.60 23.89 -48.50
CA ASN B 1812 22.97 22.78 -49.35
C ASN B 1812 22.53 21.46 -48.81
N GLU B 1813 22.03 21.39 -47.60
CA GLU B 1813 21.62 20.09 -47.09
C GLU B 1813 20.14 20.01 -46.79
N ILE B 1814 19.52 21.11 -46.37
CA ILE B 1814 18.12 21.14 -45.99
C ILE B 1814 17.52 22.48 -46.40
N ILE B 1815 16.22 22.61 -46.20
CA ILE B 1815 15.47 23.80 -46.55
C ILE B 1815 15.45 24.96 -45.55
N THR B 1816 15.81 26.14 -46.07
CA THR B 1816 15.71 27.46 -45.46
C THR B 1816 14.90 28.26 -46.49
N ILE B 1817 13.97 29.12 -46.08
CA ILE B 1817 13.28 29.98 -47.04
C ILE B 1817 13.08 31.42 -46.56
N SER B 1818 13.06 32.38 -47.50
CA SER B 1818 12.99 33.78 -47.10
C SER B 1818 12.07 34.67 -47.94
N LEU B 1819 11.46 35.59 -47.20
CA LEU B 1819 10.52 36.57 -47.76
C LEU B 1819 10.87 38.00 -47.40
N VAL B 1820 11.00 38.84 -48.43
CA VAL B 1820 11.35 40.25 -48.28
C VAL B 1820 10.16 41.15 -48.46
N THR B 1821 9.91 41.95 -47.43
CA THR B 1821 8.70 42.68 -47.25
C THR B 1821 8.91 44.11 -47.69
N CYS B 1822 10.01 44.71 -47.21
CA CYS B 1822 10.32 46.09 -47.47
C CYS B 1822 11.65 46.22 -48.18
N ARG B 1823 12.70 45.70 -47.57
CA ARG B 1823 13.97 45.68 -48.27
C ARG B 1823 14.96 44.76 -47.59
N ALA B 1824 15.77 44.08 -48.40
CA ALA B 1824 16.90 43.34 -47.88
C ALA B 1824 18.12 44.05 -48.40
N ILE B 1825 18.92 44.51 -47.47
CA ILE B 1825 20.07 45.33 -47.71
C ILE B 1825 21.37 44.73 -47.22
N GLY B 1826 22.41 44.88 -48.04
CA GLY B 1826 23.76 44.46 -47.75
C GLY B 1826 23.71 43.04 -47.32
N ILE B 1827 24.16 42.76 -46.10
CA ILE B 1827 24.15 41.38 -45.65
C ILE B 1827 22.75 40.83 -45.70
N GLY B 1828 21.77 41.69 -45.44
CA GLY B 1828 20.41 41.23 -45.55
C GLY B 1828 20.10 40.76 -46.95
N ALA B 1829 20.47 41.59 -47.92
CA ALA B 1829 20.31 41.30 -49.33
C ALA B 1829 21.06 40.02 -49.73
N TYR B 1830 22.30 39.90 -49.28
CA TYR B 1830 23.15 38.80 -49.72
C TYR B 1830 22.59 37.51 -49.19
N LEU B 1831 22.08 37.58 -47.98
CA LEU B 1831 21.44 36.44 -47.38
C LEU B 1831 20.19 36.10 -48.14
N VAL B 1832 19.54 37.09 -48.76
CA VAL B 1832 18.30 36.76 -49.46
C VAL B 1832 18.65 35.98 -50.68
N ARG B 1833 19.79 36.30 -51.25
CA ARG B 1833 20.14 35.62 -52.47
C ARG B 1833 20.44 34.21 -52.05
N LEU B 1834 21.17 34.14 -50.95
CA LEU B 1834 21.47 32.90 -50.30
C LEU B 1834 20.26 32.14 -49.90
N GLY B 1835 19.20 32.83 -49.52
CA GLY B 1835 18.02 32.07 -49.26
C GLY B 1835 17.43 31.49 -50.49
N GLN B 1836 17.64 32.12 -51.65
CA GLN B 1836 17.29 31.55 -52.96
C GLN B 1836 15.80 31.59 -53.20
N ARG B 1837 15.13 31.06 -52.21
CA ARG B 1837 13.71 30.88 -52.13
C ARG B 1837 13.19 32.21 -51.71
N THR B 1838 12.41 32.80 -52.59
CA THR B 1838 12.23 34.23 -52.54
C THR B 1838 10.82 34.70 -52.75
N ILE B 1839 10.34 35.44 -51.77
CA ILE B 1839 9.08 36.13 -51.91
C ILE B 1839 9.40 37.59 -51.89
N GLN B 1840 8.77 38.36 -52.76
CA GLN B 1840 9.09 39.78 -52.82
C GLN B 1840 7.74 40.41 -52.73
N VAL B 1841 7.56 41.14 -51.68
CA VAL B 1841 6.31 41.83 -51.49
C VAL B 1841 6.33 43.05 -52.38
N GLU B 1842 5.17 43.36 -52.95
CA GLU B 1842 5.06 44.57 -53.72
C GLU B 1842 5.51 45.71 -52.82
N ASN B 1843 6.13 46.71 -53.41
CA ASN B 1843 6.72 47.90 -52.79
C ASN B 1843 7.97 47.58 -51.98
N SER B 1844 8.38 46.31 -51.89
CA SER B 1844 9.71 46.08 -51.33
C SER B 1844 10.77 46.43 -52.36
N HIS B 1845 12.01 46.62 -51.91
CA HIS B 1845 13.10 46.89 -52.85
C HIS B 1845 14.39 46.29 -52.32
N LEU B 1846 15.31 46.01 -53.23
CA LEU B 1846 16.46 45.14 -52.98
C LEU B 1846 17.70 45.81 -53.53
N ILE B 1847 18.51 46.43 -52.66
CA ILE B 1847 19.59 47.32 -53.11
C ILE B 1847 20.74 47.29 -52.13
N LEU B 1848 21.90 47.77 -52.60
CA LEU B 1848 23.10 47.89 -51.78
C LEU B 1848 23.52 49.31 -51.40
N THR B 1849 23.52 50.24 -52.35
CA THR B 1849 23.96 51.63 -52.16
C THR B 1849 22.92 52.54 -52.81
N GLY B 1850 22.70 53.71 -52.22
CA GLY B 1850 21.53 54.50 -52.59
C GLY B 1850 21.71 55.25 -53.90
N ALA B 1851 20.55 55.46 -54.53
CA ALA B 1851 20.42 56.12 -55.83
C ALA B 1851 21.20 57.41 -55.85
N GLY B 1852 21.22 58.10 -54.72
CA GLY B 1852 21.96 59.33 -54.64
C GLY B 1852 23.43 59.08 -54.91
N ALA B 1853 23.99 58.11 -54.19
CA ALA B 1853 25.39 57.77 -54.37
C ALA B 1853 25.70 57.45 -55.81
N LEU B 1854 24.87 56.61 -56.44
CA LEU B 1854 25.21 56.19 -57.80
C LEU B 1854 25.08 57.33 -58.78
N ASN B 1855 24.02 58.08 -58.62
CA ASN B 1855 23.74 59.21 -59.47
C ASN B 1855 24.82 60.26 -59.33
N LYS B 1856 25.25 60.48 -58.09
CA LYS B 1856 26.32 61.42 -57.79
C LYS B 1856 27.62 61.05 -58.46
N VAL B 1857 28.09 59.82 -58.27
CA VAL B 1857 29.32 59.40 -58.91
C VAL B 1857 29.22 59.48 -60.43
N LEU B 1858 28.04 59.19 -61.01
CA LEU B 1858 27.89 59.19 -62.47
C LEU B 1858 27.42 60.53 -63.00
N GLY B 1859 27.28 61.55 -62.17
CA GLY B 1859 26.97 62.86 -62.68
C GLY B 1859 25.56 63.08 -63.15
N ARG B 1860 24.64 62.13 -62.97
CA ARG B 1860 23.26 62.42 -63.31
C ARG B 1860 22.38 61.47 -62.53
N GLU B 1861 21.09 61.77 -62.54
CA GLU B 1861 20.10 60.99 -61.82
C GLU B 1861 19.71 59.75 -62.62
N VAL B 1862 20.60 58.75 -62.66
CA VAL B 1862 20.27 57.57 -63.45
C VAL B 1862 19.01 56.92 -62.92
N TYR B 1863 19.02 56.59 -61.63
CA TYR B 1863 17.90 55.92 -60.99
C TYR B 1863 17.25 56.89 -60.02
N THR B 1864 15.92 56.81 -59.94
CA THR B 1864 15.13 57.71 -59.12
C THR B 1864 14.53 57.02 -57.91
N SER B 1865 14.51 55.69 -57.88
CA SER B 1865 13.79 54.99 -56.84
C SER B 1865 14.39 53.62 -56.57
N ASN B 1866 14.58 53.35 -55.29
CA ASN B 1866 15.05 52.03 -54.92
C ASN B 1866 14.18 50.94 -55.54
N ASN B 1867 12.88 51.20 -55.69
CA ASN B 1867 12.04 50.25 -56.40
C ASN B 1867 12.46 50.13 -57.84
N GLN B 1868 12.99 51.22 -58.42
CA GLN B 1868 13.57 51.12 -59.76
C GLN B 1868 14.70 50.13 -59.73
N LEU B 1869 15.36 50.04 -58.59
CA LEU B 1869 16.55 49.22 -58.52
C LEU B 1869 16.23 47.76 -58.24
N GLY B 1870 15.33 47.48 -57.30
CA GLY B 1870 15.11 46.11 -56.83
C GLY B 1870 13.69 45.64 -56.72
N GLY B 1871 12.71 46.37 -57.25
CA GLY B 1871 11.33 46.00 -57.07
C GLY B 1871 10.97 44.78 -57.89
N ILE B 1872 9.72 44.32 -57.70
CA ILE B 1872 9.27 43.14 -58.42
C ILE B 1872 9.34 43.39 -59.91
N GLN B 1873 9.21 44.65 -60.31
CA GLN B 1873 9.29 45.05 -61.69
C GLN B 1873 10.69 44.84 -62.23
N ILE B 1874 11.65 44.63 -61.33
CA ILE B 1874 12.99 44.25 -61.71
C ILE B 1874 13.22 42.77 -61.51
N MET B 1875 13.03 42.28 -60.29
CA MET B 1875 13.48 40.93 -59.99
C MET B 1875 12.56 39.88 -60.57
N HIS B 1876 11.29 40.22 -60.72
CA HIS B 1876 10.34 39.32 -61.35
C HIS B 1876 10.52 39.34 -62.85
N ASN B 1877 10.79 40.54 -63.37
CA ASN B 1877 11.03 40.72 -64.78
C ASN B 1877 12.38 40.15 -65.23
N ASN B 1878 13.28 39.86 -64.30
CA ASN B 1878 14.56 39.26 -64.63
C ASN B 1878 14.74 37.87 -64.05
N GLY B 1879 13.77 37.37 -63.32
CA GLY B 1879 13.86 36.03 -62.85
C GLY B 1879 14.61 35.88 -61.54
N VAL B 1880 14.97 36.99 -60.91
CA VAL B 1880 15.54 36.96 -59.57
C VAL B 1880 14.53 36.56 -58.51
N THR B 1881 13.29 37.00 -58.63
CA THR B 1881 12.22 36.63 -57.71
C THR B 1881 11.39 35.41 -58.09
N HIS B 1882 11.17 34.55 -57.08
CA HIS B 1882 10.44 33.30 -57.27
C HIS B 1882 8.96 33.59 -57.24
N CYS B 1883 8.54 34.37 -56.26
CA CYS B 1883 7.16 34.79 -56.17
C CYS B 1883 7.12 36.25 -55.77
N THR B 1884 6.08 36.93 -56.25
CA THR B 1884 5.81 38.29 -55.84
C THR B 1884 4.45 38.24 -55.20
N VAL B 1885 4.25 39.08 -54.21
CA VAL B 1885 2.98 39.11 -53.53
C VAL B 1885 2.51 40.51 -53.21
N CYS B 1886 1.21 40.61 -53.04
CA CYS B 1886 0.61 41.89 -52.73
C CYS B 1886 0.77 42.09 -51.23
N ASP B 1887 0.85 40.99 -50.47
CA ASP B 1887 1.03 41.12 -49.03
C ASP B 1887 1.69 39.89 -48.42
N ASP B 1888 2.03 40.11 -47.16
CA ASP B 1888 2.73 39.14 -46.34
C ASP B 1888 1.86 37.93 -46.13
N PHE B 1889 0.60 38.18 -45.83
CA PHE B 1889 -0.35 37.13 -45.53
C PHE B 1889 -0.45 36.12 -46.66
N GLU B 1890 -0.67 36.59 -47.88
CA GLU B 1890 -0.83 35.62 -48.97
C GLU B 1890 0.49 34.94 -49.29
N GLY B 1891 1.61 35.63 -49.04
CA GLY B 1891 2.89 34.97 -49.19
C GLY B 1891 3.01 33.77 -48.28
N VAL B 1892 2.78 33.98 -47.00
CA VAL B 1892 2.88 32.89 -46.04
C VAL B 1892 1.93 31.78 -46.44
N PHE B 1893 0.73 32.14 -46.91
CA PHE B 1893 -0.23 31.12 -47.36
C PHE B 1893 0.40 30.18 -48.37
N THR B 1894 1.09 30.72 -49.37
CA THR B 1894 1.74 29.83 -50.32
C THR B 1894 2.78 28.96 -49.61
N VAL B 1895 3.51 29.54 -48.64
CA VAL B 1895 4.51 28.78 -47.90
C VAL B 1895 3.88 27.53 -47.35
N LEU B 1896 2.80 27.71 -46.62
CA LEU B 1896 2.17 26.55 -46.02
C LEU B 1896 1.72 25.59 -47.09
N HIS B 1897 1.32 26.10 -48.27
CA HIS B 1897 0.87 25.16 -49.27
C HIS B 1897 2.03 24.27 -49.69
N TRP B 1898 3.21 24.86 -49.91
CA TRP B 1898 4.40 24.05 -50.13
C TRP B 1898 4.72 23.13 -48.98
N LEU B 1899 4.75 23.67 -47.77
CA LEU B 1899 5.08 22.87 -46.59
C LEU B 1899 4.21 21.64 -46.49
N SER B 1900 3.02 21.70 -47.07
CA SER B 1900 2.13 20.56 -47.07
C SER B 1900 2.68 19.45 -47.94
N TYR B 1901 3.66 19.78 -48.79
CA TYR B 1901 4.35 18.81 -49.59
C TYR B 1901 5.60 18.26 -48.97
N MET B 1902 6.05 18.79 -47.84
CA MET B 1902 7.42 18.49 -47.55
C MET B 1902 7.63 17.70 -46.26
N PRO B 1903 8.57 16.76 -46.23
CA PRO B 1903 8.77 16.00 -45.00
C PRO B 1903 9.46 16.86 -43.99
N LYS B 1904 9.01 16.73 -42.75
CA LYS B 1904 9.57 17.48 -41.64
C LYS B 1904 11.09 17.35 -41.61
N SER B 1905 11.58 16.14 -41.90
CA SER B 1905 12.97 15.80 -41.90
C SER B 1905 13.22 14.73 -42.93
N VAL B 1906 14.49 14.36 -43.03
CA VAL B 1906 14.98 13.32 -43.92
C VAL B 1906 14.66 11.91 -43.52
N HIS B 1907 14.31 11.67 -42.28
CA HIS B 1907 14.06 10.30 -41.91
C HIS B 1907 12.68 9.83 -42.31
N SER B 1908 11.90 10.69 -42.93
CA SER B 1908 10.51 10.41 -43.14
C SER B 1908 10.08 10.50 -44.58
N SER B 1909 9.08 9.72 -44.87
CA SER B 1909 8.45 9.84 -46.14
C SER B 1909 7.46 10.96 -45.97
N VAL B 1910 7.08 11.58 -47.07
CA VAL B 1910 5.96 12.51 -46.92
C VAL B 1910 4.78 11.73 -46.33
N PRO B 1911 4.08 12.23 -45.31
CA PRO B 1911 2.90 11.47 -44.83
C PRO B 1911 1.71 11.79 -45.72
N LEU B 1912 1.17 10.76 -46.33
CA LEU B 1912 0.14 10.87 -47.33
C LEU B 1912 -1.29 10.66 -46.90
N LEU B 1913 -2.17 11.43 -47.52
CA LEU B 1913 -3.59 11.29 -47.40
C LEU B 1913 -4.08 10.73 -48.73
N ASN B 1914 -5.31 10.24 -48.71
CA ASN B 1914 -6.04 9.82 -49.90
C ASN B 1914 -6.92 10.96 -50.41
N SER B 1915 -6.46 11.62 -51.46
CA SER B 1915 -7.01 12.85 -51.97
C SER B 1915 -8.29 12.61 -52.76
N LYS B 1916 -9.07 13.68 -52.91
CA LYS B 1916 -10.33 13.59 -53.62
C LYS B 1916 -10.19 13.58 -55.10
N ASP B 1917 -9.02 13.98 -55.63
CA ASP B 1917 -8.79 13.81 -57.05
C ASP B 1917 -8.16 12.41 -57.10
N PRO B 1918 -8.84 11.42 -57.66
CA PRO B 1918 -8.32 10.04 -57.56
C PRO B 1918 -7.01 9.83 -58.31
N ILE B 1919 -6.45 8.67 -58.02
CA ILE B 1919 -5.11 8.31 -58.43
C ILE B 1919 -5.17 7.50 -59.71
N ASP B 1920 -6.22 6.70 -59.80
CA ASP B 1920 -6.50 5.84 -60.94
C ASP B 1920 -7.39 6.57 -61.93
N ARG B 1921 -7.18 7.89 -62.07
CA ARG B 1921 -7.86 8.70 -63.05
C ARG B 1921 -6.97 8.95 -64.25
N ILE B 1922 -7.63 9.35 -65.32
CA ILE B 1922 -6.96 9.79 -66.51
C ILE B 1922 -6.79 11.31 -66.57
N ILE B 1923 -5.81 11.73 -67.35
CA ILE B 1923 -5.54 13.14 -67.66
C ILE B 1923 -6.31 13.47 -68.92
N GLU B 1924 -7.06 14.57 -68.90
CA GLU B 1924 -7.91 14.86 -70.06
C GLU B 1924 -7.14 15.57 -71.17
N PHE B 1925 -6.26 16.51 -70.83
CA PHE B 1925 -5.49 17.18 -71.87
C PHE B 1925 -4.47 16.25 -72.49
N VAL B 1926 -4.37 16.31 -73.81
CA VAL B 1926 -3.48 15.47 -74.60
C VAL B 1926 -2.57 16.42 -75.37
N PRO B 1927 -1.25 16.30 -75.24
CA PRO B 1927 -0.33 17.13 -76.02
C PRO B 1927 -0.50 17.02 -77.53
N THR B 1928 -0.17 18.12 -78.18
CA THR B 1928 -0.45 18.33 -79.59
C THR B 1928 0.83 18.73 -80.29
N LYS B 1929 0.85 18.46 -81.59
CA LYS B 1929 1.92 18.99 -82.42
C LYS B 1929 1.88 20.49 -82.39
N THR B 1930 0.67 21.01 -82.47
CA THR B 1930 0.46 22.41 -82.28
C THR B 1930 0.84 22.79 -80.85
N PRO B 1931 1.43 23.95 -80.64
CA PRO B 1931 1.86 24.28 -79.30
C PRO B 1931 0.67 24.57 -78.38
N TYR B 1932 0.94 24.52 -77.07
CA TYR B 1932 -0.08 24.62 -76.04
C TYR B 1932 0.54 25.03 -74.70
N ASP B 1933 -0.30 25.60 -73.82
CA ASP B 1933 0.15 25.91 -72.47
C ASP B 1933 0.33 24.62 -71.67
N PRO B 1934 1.54 24.32 -71.20
CA PRO B 1934 1.75 23.07 -70.49
C PRO B 1934 1.15 23.08 -69.14
N ARG B 1935 0.76 24.24 -68.66
CA ARG B 1935 0.11 24.28 -67.37
C ARG B 1935 -1.24 23.62 -67.46
N TRP B 1936 -1.90 23.76 -68.60
CA TRP B 1936 -3.13 23.02 -68.81
C TRP B 1936 -2.86 21.54 -68.73
N MET B 1937 -1.79 21.12 -69.38
CA MET B 1937 -1.36 19.75 -69.38
C MET B 1937 -0.98 19.25 -68.00
N LEU B 1938 -0.38 20.14 -67.20
CA LEU B 1938 0.21 19.78 -65.92
C LEU B 1938 -0.72 19.81 -64.72
N ALA B 1939 -1.27 20.96 -64.44
CA ALA B 1939 -2.03 21.23 -63.23
C ALA B 1939 -3.52 21.18 -63.52
N GLY B 1940 -3.85 21.16 -64.79
CA GLY B 1940 -5.20 21.23 -65.28
C GLY B 1940 -5.55 22.66 -65.54
N ARG B 1941 -6.73 22.82 -66.08
CA ARG B 1941 -7.23 24.12 -66.42
C ARG B 1941 -8.72 24.10 -66.27
N PRO B 1942 -9.35 25.26 -66.23
CA PRO B 1942 -10.81 25.28 -66.26
C PRO B 1942 -11.20 24.80 -67.63
N HIS B 1943 -12.33 24.18 -67.70
CA HIS B 1943 -12.76 23.67 -68.95
C HIS B 1943 -13.08 24.83 -69.89
N PRO B 1944 -12.51 24.87 -71.09
CA PRO B 1944 -12.88 25.93 -72.04
C PRO B 1944 -14.36 26.05 -72.34
N THR B 1945 -15.06 24.91 -72.46
CA THR B 1945 -16.47 24.95 -72.77
C THR B 1945 -17.35 24.94 -71.53
N GLN B 1946 -17.78 23.75 -71.08
CA GLN B 1946 -18.70 23.63 -69.95
C GLN B 1946 -17.96 24.07 -68.70
N LYS B 1947 -17.93 25.37 -68.50
CA LYS B 1947 -17.45 25.99 -67.27
C LYS B 1947 -18.51 25.94 -66.16
N GLY B 1948 -18.08 25.97 -64.88
CA GLY B 1948 -16.70 26.01 -64.39
C GLY B 1948 -16.24 24.60 -64.04
N GLN B 1949 -16.10 23.78 -65.06
CA GLN B 1949 -15.43 22.52 -65.01
C GLN B 1949 -13.96 22.75 -65.31
N TRP B 1950 -13.19 21.67 -65.31
CA TRP B 1950 -11.75 21.68 -65.35
C TRP B 1950 -11.28 20.57 -66.28
N LEU B 1951 -10.54 20.95 -67.34
CA LEU B 1951 -9.87 19.99 -68.21
C LEU B 1951 -8.62 19.53 -67.49
N SER B 1952 -8.62 18.26 -67.10
CA SER B 1952 -7.57 17.83 -66.20
C SER B 1952 -6.21 17.81 -66.86
N GLY B 1953 -5.26 18.27 -66.06
CA GLY B 1953 -3.86 18.27 -66.35
C GLY B 1953 -3.32 17.05 -65.66
N PHE B 1954 -2.00 17.01 -65.54
CA PHE B 1954 -1.47 15.90 -64.78
C PHE B 1954 -1.95 15.96 -63.34
N PHE B 1955 -1.84 17.10 -62.68
CA PHE B 1955 -2.10 17.15 -61.25
C PHE B 1955 -3.50 17.45 -60.80
N ASP B 1956 -3.63 17.17 -59.51
CA ASP B 1956 -4.79 17.38 -58.70
C ASP B 1956 -5.25 18.81 -58.81
N TYR B 1957 -6.54 18.96 -59.02
CA TYR B 1957 -7.17 20.26 -59.09
C TYR B 1957 -6.68 21.12 -57.95
N GLY B 1958 -6.10 22.25 -58.30
CA GLY B 1958 -5.68 23.20 -57.30
C GLY B 1958 -4.40 22.87 -56.56
N SER B 1959 -3.66 21.84 -56.98
CA SER B 1959 -2.52 21.39 -56.21
C SER B 1959 -1.17 21.92 -56.67
N PHE B 1960 -1.06 22.38 -57.91
CA PHE B 1960 0.22 22.77 -58.49
C PHE B 1960 0.68 24.17 -58.13
N SER B 1961 1.91 24.27 -57.63
CA SER B 1961 2.48 25.57 -57.27
C SER B 1961 3.78 25.90 -58.00
N GLU B 1962 3.65 26.77 -59.00
CA GLU B 1962 4.73 27.21 -59.87
C GLU B 1962 5.59 28.24 -59.13
N ILE B 1963 6.84 28.41 -59.57
CA ILE B 1963 7.62 29.58 -59.18
C ILE B 1963 8.44 30.06 -60.35
N MET B 1964 8.88 31.30 -60.21
CA MET B 1964 9.71 31.93 -61.19
C MET B 1964 9.09 31.91 -62.57
N GLN B 1965 7.79 32.15 -62.64
CA GLN B 1965 7.08 31.93 -63.89
C GLN B 1965 7.63 32.76 -65.04
N PRO B 1966 8.01 34.03 -64.89
CA PRO B 1966 8.29 34.78 -66.09
C PRO B 1966 9.70 34.62 -66.63
N TRP B 1967 10.55 33.84 -65.98
CA TRP B 1967 11.92 33.67 -66.45
C TRP B 1967 12.09 32.28 -67.03
N ALA B 1968 12.61 32.25 -68.26
CA ALA B 1968 12.87 31.02 -69.01
C ALA B 1968 11.59 30.19 -68.97
N GLN B 1969 10.61 30.75 -69.65
CA GLN B 1969 9.22 30.36 -69.59
C GLN B 1969 8.89 29.29 -70.60
N THR B 1970 9.91 28.80 -71.29
CA THR B 1970 9.76 27.65 -72.17
C THR B 1970 9.43 26.41 -71.43
N VAL B 1971 9.70 26.37 -70.15
CA VAL B 1971 9.31 25.30 -69.27
C VAL B 1971 8.61 25.89 -68.07
N VAL B 1972 7.74 25.09 -67.47
CA VAL B 1972 6.90 25.50 -66.35
C VAL B 1972 7.23 24.43 -65.34
N VAL B 1973 7.66 24.86 -64.16
CA VAL B 1973 8.11 23.98 -63.11
C VAL B 1973 7.46 24.37 -61.80
N GLY B 1974 7.34 23.41 -60.90
CA GLY B 1974 6.70 23.69 -59.63
C GLY B 1974 6.55 22.43 -58.82
N ARG B 1975 5.75 22.54 -57.76
CA ARG B 1975 5.48 21.42 -56.90
C ARG B 1975 3.98 21.21 -56.94
N ALA B 1976 3.55 19.97 -56.78
CA ALA B 1976 2.12 19.70 -56.82
C ALA B 1976 1.81 18.45 -56.02
N ARG B 1977 0.55 18.03 -56.10
CA ARG B 1977 0.12 16.80 -55.49
C ARG B 1977 -0.62 16.05 -56.56
N LEU B 1978 -0.32 14.78 -56.65
CA LEU B 1978 -0.99 13.84 -57.54
C LEU B 1978 -1.63 12.78 -56.67
N GLY B 1979 -2.95 12.76 -56.64
CA GLY B 1979 -3.63 11.93 -55.66
C GLY B 1979 -3.24 12.24 -54.24
N GLY B 1980 -2.78 13.47 -53.99
CA GLY B 1980 -2.39 13.91 -52.68
C GLY B 1980 -0.97 13.58 -52.28
N ILE B 1981 -0.17 13.01 -53.17
CA ILE B 1981 1.25 12.79 -52.93
C ILE B 1981 2.05 13.98 -53.45
N PRO B 1982 2.84 14.64 -52.61
CA PRO B 1982 3.65 15.74 -53.12
C PRO B 1982 4.76 15.24 -54.04
N VAL B 1983 4.92 15.93 -55.17
CA VAL B 1983 6.00 15.70 -56.13
C VAL B 1983 6.60 16.98 -56.69
N GLY B 1984 7.83 16.83 -57.24
CA GLY B 1984 8.41 17.87 -58.08
C GLY B 1984 7.99 17.68 -59.52
N VAL B 1985 7.90 18.80 -60.24
CA VAL B 1985 7.15 18.87 -61.50
C VAL B 1985 7.88 19.65 -62.58
N VAL B 1986 8.00 19.05 -63.79
CA VAL B 1986 8.53 19.74 -64.97
C VAL B 1986 7.63 19.50 -66.18
N ALA B 1987 7.25 20.57 -66.88
CA ALA B 1987 6.51 20.46 -68.15
C ALA B 1987 7.05 21.55 -69.05
N VAL B 1988 6.79 21.50 -70.35
CA VAL B 1988 7.47 22.43 -71.25
C VAL B 1988 6.47 23.29 -72.00
N GLU B 1989 6.70 24.60 -71.96
CA GLU B 1989 5.92 25.49 -72.78
C GLU B 1989 6.41 25.25 -74.19
N THR B 1990 5.45 25.19 -75.11
CA THR B 1990 5.75 24.89 -76.50
C THR B 1990 5.71 26.04 -77.51
N ARG B 1991 5.03 27.15 -77.23
CA ARG B 1991 5.04 28.27 -78.17
C ARG B 1991 6.24 29.18 -78.04
N THR B 1992 6.57 29.80 -79.16
CA THR B 1992 7.68 30.73 -79.22
C THR B 1992 7.44 31.84 -78.22
N VAL B 1993 8.46 32.10 -77.42
CA VAL B 1993 8.40 33.19 -76.45
C VAL B 1993 8.77 34.47 -77.13
N GLU B 1994 8.08 35.51 -76.74
CA GLU B 1994 8.41 36.85 -77.15
C GLU B 1994 8.86 37.50 -75.86
N LEU B 1995 10.16 37.63 -75.72
CA LEU B 1995 10.77 38.19 -74.53
C LEU B 1995 11.05 39.67 -74.70
N SER B 1996 10.58 40.46 -73.76
CA SER B 1996 10.86 41.88 -73.70
C SER B 1996 12.02 42.02 -72.75
N ILE B 1997 13.09 42.64 -73.24
CA ILE B 1997 14.29 42.88 -72.45
C ILE B 1997 14.29 44.35 -72.06
N PRO B 1998 14.33 44.70 -70.78
CA PRO B 1998 14.22 46.13 -70.44
C PRO B 1998 15.44 46.95 -70.80
N ALA B 1999 15.20 48.25 -70.93
CA ALA B 1999 16.23 49.21 -71.23
C ALA B 1999 17.01 49.58 -69.97
N ASP B 2000 18.30 49.79 -70.13
CA ASP B 2000 19.17 50.27 -69.07
C ASP B 2000 19.15 51.79 -68.96
N PRO B 2001 18.60 52.40 -67.90
CA PRO B 2001 18.60 53.86 -67.87
C PRO B 2001 19.99 54.44 -67.67
N ALA B 2002 20.88 53.69 -67.01
CA ALA B 2002 22.29 54.09 -66.92
C ALA B 2002 22.88 54.35 -68.28
N ASN B 2003 22.58 53.50 -69.25
CA ASN B 2003 23.17 53.60 -70.56
C ASN B 2003 22.09 54.18 -71.46
N LEU B 2004 22.35 55.35 -72.03
CA LEU B 2004 21.33 56.02 -72.81
C LEU B 2004 21.09 55.33 -74.14
N ASP B 2005 22.00 54.46 -74.55
CA ASP B 2005 21.86 53.69 -75.77
C ASP B 2005 20.80 52.61 -75.66
N SER B 2006 20.83 51.85 -74.56
CA SER B 2006 19.95 50.69 -74.34
C SER B 2006 18.50 51.01 -74.65
N GLU B 2007 17.93 50.31 -75.63
CA GLU B 2007 16.49 50.24 -75.77
C GLU B 2007 15.97 48.83 -75.52
N ALA B 2008 14.74 48.76 -75.00
CA ALA B 2008 14.13 47.48 -74.66
C ALA B 2008 13.72 46.69 -75.91
N LYS B 2009 14.49 45.67 -76.28
CA LYS B 2009 14.12 44.86 -77.43
C LYS B 2009 13.07 43.80 -77.08
N ILE B 2010 12.52 43.18 -78.12
CA ILE B 2010 11.52 42.13 -78.02
C ILE B 2010 11.88 41.05 -79.04
N ILE B 2011 12.15 39.85 -78.55
CA ILE B 2011 12.77 38.78 -79.32
C ILE B 2011 11.83 37.59 -79.39
N GLN B 2012 11.76 36.95 -80.55
CA GLN B 2012 11.03 35.70 -80.68
C GLN B 2012 12.02 34.64 -80.21
N GLN B 2013 11.58 33.79 -79.29
CA GLN B 2013 12.39 32.70 -78.75
C GLN B 2013 11.85 31.28 -78.96
N ALA B 2014 12.54 30.54 -79.85
CA ALA B 2014 12.19 29.18 -80.30
C ALA B 2014 12.06 28.15 -79.16
N GLY B 2015 11.17 27.18 -79.40
CA GLY B 2015 10.95 26.00 -78.54
C GLY B 2015 12.01 24.88 -78.59
N GLN B 2016 11.87 23.95 -77.63
CA GLN B 2016 12.80 22.81 -77.38
C GLN B 2016 14.24 23.20 -77.13
N VAL B 2017 14.50 24.35 -76.51
CA VAL B 2017 15.88 24.73 -76.25
C VAL B 2017 16.09 25.17 -74.82
N TRP B 2018 17.28 24.83 -74.36
CA TRP B 2018 17.92 25.18 -73.12
C TRP B 2018 18.82 26.40 -73.30
N PHE B 2019 18.62 27.41 -72.46
CA PHE B 2019 19.54 28.53 -72.36
C PHE B 2019 20.41 28.42 -71.13
N PRO B 2020 21.38 29.33 -70.99
CA PRO B 2020 22.16 29.38 -69.75
C PRO B 2020 21.28 29.51 -68.54
N ASP B 2021 20.37 30.48 -68.62
CA ASP B 2021 19.43 30.76 -67.55
C ASP B 2021 18.61 29.51 -67.24
N SER B 2022 18.03 28.92 -68.27
CA SER B 2022 17.15 27.79 -68.07
C SER B 2022 17.91 26.66 -67.42
N ALA B 2023 19.11 26.42 -67.89
CA ALA B 2023 19.90 25.32 -67.34
C ALA B 2023 20.25 25.60 -65.90
N PHE B 2024 20.58 26.85 -65.62
CA PHE B 2024 20.91 27.26 -64.27
C PHE B 2024 19.74 27.16 -63.32
N LYS B 2025 18.66 27.81 -63.66
CA LYS B 2025 17.44 27.73 -62.90
C LYS B 2025 16.95 26.31 -62.76
N THR B 2026 17.11 25.52 -63.81
CA THR B 2026 16.64 24.16 -63.78
C THR B 2026 17.47 23.36 -62.79
N TYR B 2027 18.77 23.56 -62.89
CA TYR B 2027 19.74 22.98 -61.97
C TYR B 2027 19.43 23.32 -60.55
N GLN B 2028 19.05 24.55 -60.36
CA GLN B 2028 18.84 25.06 -59.04
C GLN B 2028 17.58 24.45 -58.42
N ALA B 2029 16.48 24.43 -59.17
CA ALA B 2029 15.22 23.87 -58.65
C ALA B 2029 15.32 22.40 -58.31
N ILE B 2030 15.81 21.63 -59.27
CA ILE B 2030 15.96 20.20 -59.06
C ILE B 2030 16.91 19.97 -57.90
N LYS B 2031 18.01 20.74 -57.86
CA LYS B 2031 19.00 20.57 -56.81
C LYS B 2031 18.32 20.76 -55.47
N ASP B 2032 17.47 21.77 -55.37
CA ASP B 2032 16.82 22.07 -54.11
C ASP B 2032 16.07 20.84 -53.66
N PHE B 2033 15.29 20.30 -54.60
CA PHE B 2033 14.52 19.11 -54.33
C PHE B 2033 15.43 18.01 -53.87
N ASN B 2034 16.64 17.98 -54.41
CA ASN B 2034 17.59 16.95 -54.06
C ASN B 2034 18.00 17.10 -52.61
N ARG B 2035 18.09 18.33 -52.12
CA ARG B 2035 18.46 18.40 -50.71
C ARG B 2035 17.29 18.06 -49.84
N GLU B 2036 16.09 18.07 -50.42
CA GLU B 2036 14.96 17.57 -49.66
C GLU B 2036 14.94 16.07 -49.70
N GLY B 2037 15.38 15.53 -50.82
CA GLY B 2037 15.40 14.13 -51.07
C GLY B 2037 14.22 13.69 -51.89
N LEU B 2038 13.57 14.61 -52.57
CA LEU B 2038 12.32 14.36 -53.27
C LEU B 2038 12.51 13.94 -54.71
N PRO B 2039 11.58 13.11 -55.19
CA PRO B 2039 11.44 12.87 -56.62
C PRO B 2039 10.95 13.97 -57.52
N LEU B 2040 11.34 13.75 -58.76
CA LEU B 2040 11.10 14.60 -59.92
C LEU B 2040 10.28 13.81 -60.92
N MET B 2041 9.32 14.46 -61.57
CA MET B 2041 8.73 13.82 -62.74
C MET B 2041 8.93 14.87 -63.82
N VAL B 2042 9.74 14.49 -64.78
CA VAL B 2042 10.09 15.34 -65.90
C VAL B 2042 9.41 14.95 -67.19
N PHE B 2043 8.69 15.90 -67.80
CA PHE B 2043 8.21 15.67 -69.16
C PHE B 2043 9.24 16.28 -70.09
N ALA B 2044 10.26 15.47 -70.37
CA ALA B 2044 11.49 15.93 -71.01
C ALA B 2044 11.35 16.16 -72.51
N ASN B 2045 11.80 17.33 -72.99
CA ASN B 2045 11.66 17.70 -74.40
C ASN B 2045 12.68 18.71 -74.95
N TRP B 2046 13.98 18.43 -75.00
CA TRP B 2046 14.94 19.44 -75.46
C TRP B 2046 15.75 18.90 -76.62
N ARG B 2047 15.79 19.66 -77.71
CA ARG B 2047 16.56 19.21 -78.86
C ARG B 2047 18.04 19.51 -78.71
N GLY B 2048 18.40 20.46 -77.86
CA GLY B 2048 19.79 20.85 -77.75
C GLY B 2048 19.92 22.27 -77.27
N PHE B 2049 21.17 22.68 -77.11
CA PHE B 2049 21.50 24.08 -76.94
C PHE B 2049 21.62 24.75 -78.30
N SER B 2050 21.25 26.02 -78.37
CA SER B 2050 21.43 26.82 -79.58
C SER B 2050 22.93 27.04 -79.70
N GLY B 2051 23.46 26.90 -80.90
CA GLY B 2051 24.89 26.85 -81.02
C GLY B 2051 25.56 28.03 -81.67
N GLY B 2052 24.90 29.17 -81.61
CA GLY B 2052 25.41 30.35 -82.26
C GLY B 2052 26.50 31.04 -81.44
N MET B 2053 27.19 31.96 -82.12
CA MET B 2053 28.39 32.58 -81.56
C MET B 2053 28.19 33.24 -80.22
N LYS B 2054 27.24 34.15 -80.15
CA LYS B 2054 27.14 34.95 -78.95
C LYS B 2054 26.78 34.08 -77.75
N ASP B 2055 25.71 33.29 -77.84
CA ASP B 2055 25.30 32.53 -76.66
C ASP B 2055 26.31 31.45 -76.28
N MET B 2056 26.97 30.86 -77.29
CA MET B 2056 27.99 29.85 -77.02
C MET B 2056 29.15 30.49 -76.30
N TYR B 2057 29.58 31.63 -76.80
CA TYR B 2057 30.54 32.45 -76.09
C TYR B 2057 30.05 32.73 -74.70
N ASP B 2058 28.76 32.97 -74.56
CA ASP B 2058 28.16 33.32 -73.29
C ASP B 2058 27.95 32.12 -72.43
N GLN B 2059 28.58 31.01 -72.79
CA GLN B 2059 28.90 29.99 -71.82
C GLN B 2059 27.73 29.11 -71.40
N VAL B 2060 26.79 28.91 -72.32
CA VAL B 2060 25.64 28.03 -72.05
C VAL B 2060 26.15 26.63 -71.70
N LEU B 2061 27.33 26.28 -72.21
CA LEU B 2061 27.94 24.98 -72.01
C LEU B 2061 28.15 24.75 -70.54
N LYS B 2062 28.45 25.82 -69.84
CA LYS B 2062 28.91 25.73 -68.49
C LYS B 2062 27.76 25.23 -67.66
N PHE B 2063 26.57 25.71 -68.01
CA PHE B 2063 25.39 25.43 -67.24
C PHE B 2063 24.86 24.06 -67.65
N GLY B 2064 25.17 23.65 -68.88
CA GLY B 2064 24.89 22.30 -69.31
C GLY B 2064 25.73 21.31 -68.52
N ALA B 2065 27.01 21.62 -68.41
CA ALA B 2065 27.92 20.84 -67.60
C ALA B 2065 27.37 20.71 -66.19
N TYR B 2066 26.87 21.79 -65.68
CA TYR B 2066 26.42 21.77 -64.32
C TYR B 2066 25.25 20.81 -64.22
N ILE B 2067 24.34 20.85 -65.20
CA ILE B 2067 23.23 19.90 -65.20
C ILE B 2067 23.74 18.48 -65.12
N VAL B 2068 24.77 18.18 -65.90
CA VAL B 2068 25.29 16.81 -65.87
C VAL B 2068 25.81 16.46 -64.48
N ASP B 2069 26.63 17.33 -63.91
CA ASP B 2069 27.13 17.13 -62.56
C ASP B 2069 25.99 16.85 -61.59
N GLY B 2070 24.93 17.65 -61.72
CA GLY B 2070 23.86 17.60 -60.76
C GLY B 2070 23.17 16.26 -60.80
N LEU B 2071 22.86 15.79 -62.00
CA LEU B 2071 22.12 14.56 -62.03
C LEU B 2071 23.05 13.41 -61.67
N ARG B 2072 24.36 13.50 -61.98
CA ARG B 2072 25.18 12.38 -61.55
C ARG B 2072 25.15 12.26 -60.05
N GLU B 2073 25.07 13.39 -59.34
CA GLU B 2073 25.03 13.31 -57.89
C GLU B 2073 23.62 13.13 -57.36
N CYS B 2074 22.62 13.07 -58.23
CA CYS B 2074 21.25 12.89 -57.77
C CYS B 2074 21.04 11.54 -57.11
N CYS B 2075 20.23 11.52 -56.04
CA CYS B 2075 20.10 10.34 -55.18
C CYS B 2075 18.71 9.72 -55.05
N GLN B 2076 17.67 10.28 -55.65
CA GLN B 2076 16.33 9.71 -55.61
C GLN B 2076 15.63 9.67 -56.95
N PRO B 2077 14.51 8.95 -57.03
CA PRO B 2077 13.84 8.75 -58.32
C PRO B 2077 13.41 10.02 -59.07
N VAL B 2078 13.73 10.00 -60.35
CA VAL B 2078 13.20 10.92 -61.33
C VAL B 2078 12.56 10.08 -62.43
N LEU B 2079 11.24 10.20 -62.61
CA LEU B 2079 10.58 9.45 -63.67
C LEU B 2079 10.31 10.45 -64.79
N VAL B 2080 10.95 10.19 -65.92
CA VAL B 2080 10.92 11.04 -67.09
C VAL B 2080 10.12 10.44 -68.23
N TYR B 2081 9.30 11.27 -68.85
CA TYR B 2081 8.44 10.84 -69.93
C TYR B 2081 8.61 11.87 -71.03
N ILE B 2082 9.04 11.46 -72.22
CA ILE B 2082 9.08 12.36 -73.37
C ILE B 2082 7.74 12.31 -74.11
N PRO B 2083 6.95 13.37 -74.11
CA PRO B 2083 5.65 13.36 -74.75
C PRO B 2083 5.72 13.33 -76.26
N PRO B 2084 4.57 13.06 -76.90
CA PRO B 2084 4.45 12.99 -78.37
C PRO B 2084 4.85 14.24 -79.14
N GLN B 2085 5.45 14.01 -80.31
CA GLN B 2085 6.02 15.04 -81.17
C GLN B 2085 7.29 15.64 -80.64
N ALA B 2086 7.80 15.10 -79.56
CA ALA B 2086 9.09 15.56 -79.11
C ALA B 2086 10.24 14.78 -79.72
N GLU B 2087 11.40 15.38 -79.52
CA GLU B 2087 12.66 14.80 -79.91
C GLU B 2087 13.60 15.28 -78.85
N LEU B 2088 14.63 14.50 -78.58
CA LEU B 2088 15.58 14.95 -77.58
C LEU B 2088 16.91 14.48 -78.12
N ARG B 2089 17.81 15.43 -78.31
CA ARG B 2089 18.94 15.21 -79.17
C ARG B 2089 20.25 15.63 -78.56
N GLY B 2090 21.27 14.86 -78.94
CA GLY B 2090 22.66 15.21 -78.70
C GLY B 2090 22.83 15.54 -77.27
N GLY B 2091 23.21 16.77 -76.98
CA GLY B 2091 23.57 17.11 -75.62
C GLY B 2091 22.48 16.74 -74.66
N SER B 2092 21.23 16.95 -75.08
CA SER B 2092 20.16 16.73 -74.14
C SER B 2092 20.00 15.26 -73.81
N TRP B 2093 20.13 14.39 -74.80
CA TRP B 2093 20.08 12.95 -74.58
C TRP B 2093 21.31 12.46 -73.84
N VAL B 2094 22.44 12.86 -74.40
CA VAL B 2094 23.77 12.47 -73.99
C VAL B 2094 23.94 12.70 -72.49
N VAL B 2095 23.51 13.86 -72.02
CA VAL B 2095 23.71 14.20 -70.62
C VAL B 2095 22.69 13.59 -69.68
N ILE B 2096 21.65 12.97 -70.22
CA ILE B 2096 20.66 12.37 -69.35
C ILE B 2096 20.26 10.92 -69.46
N ASP B 2097 21.04 10.09 -70.09
CA ASP B 2097 20.62 8.71 -69.98
C ASP B 2097 20.72 8.25 -68.51
N SER B 2098 19.70 7.52 -68.08
CA SER B 2098 19.56 6.91 -66.74
C SER B 2098 20.67 5.98 -66.35
N SER B 2099 21.45 5.50 -67.31
CA SER B 2099 22.52 4.55 -67.05
C SER B 2099 23.49 4.95 -65.97
N ILE B 2100 23.70 6.24 -65.75
CA ILE B 2100 24.70 6.63 -64.79
C ILE B 2100 24.28 6.19 -63.40
N ASN B 2101 23.00 6.36 -63.15
CA ASN B 2101 22.40 6.07 -61.87
C ASN B 2101 21.02 5.54 -62.18
N PRO B 2102 20.93 4.35 -62.74
CA PRO B 2102 19.62 3.78 -63.08
C PRO B 2102 18.78 3.60 -61.85
N ARG B 2103 19.46 3.36 -60.72
CA ARG B 2103 18.86 3.22 -59.42
C ARG B 2103 17.85 4.32 -59.17
N HIS B 2104 18.14 5.51 -59.69
CA HIS B 2104 17.36 6.66 -59.35
C HIS B 2104 16.84 7.33 -60.58
N MET B 2105 17.40 7.04 -61.75
CA MET B 2105 16.91 7.69 -62.94
C MET B 2105 16.03 6.69 -63.66
N GLU B 2106 14.96 7.20 -64.27
CA GLU B 2106 14.16 6.34 -65.12
C GLU B 2106 13.61 7.17 -66.27
N MET B 2107 13.49 6.49 -67.40
CA MET B 2107 13.13 7.09 -68.67
C MET B 2107 11.95 6.36 -69.27
N TYR B 2108 11.02 7.15 -69.78
CA TYR B 2108 9.81 6.68 -70.42
C TYR B 2108 9.65 7.53 -71.67
N ALA B 2109 9.15 6.92 -72.74
CA ALA B 2109 8.93 7.64 -73.99
C ALA B 2109 7.56 7.47 -74.61
N ASP B 2110 7.03 8.58 -75.12
CA ASP B 2110 5.82 8.47 -75.89
C ASP B 2110 6.09 7.77 -77.20
N ARG B 2111 5.04 7.13 -77.70
CA ARG B 2111 5.07 6.52 -79.00
C ARG B 2111 5.59 7.48 -80.06
N GLU B 2112 5.15 8.76 -80.01
CA GLU B 2112 5.55 9.74 -81.00
C GLU B 2112 6.74 10.57 -80.56
N SER B 2113 7.63 10.04 -79.73
CA SER B 2113 8.80 10.81 -79.36
C SER B 2113 10.04 10.09 -79.86
N ARG B 2114 11.18 10.77 -79.82
CA ARG B 2114 12.40 10.17 -80.37
C ARG B 2114 13.61 10.80 -79.67
N GLY B 2115 14.74 10.09 -79.62
CA GLY B 2115 15.90 10.70 -78.99
C GLY B 2115 17.23 10.02 -79.28
N SER B 2116 18.23 10.86 -79.54
CA SER B 2116 19.53 10.41 -80.05
C SER B 2116 20.61 11.44 -79.79
N VAL B 2117 21.83 11.03 -80.10
CA VAL B 2117 22.90 12.00 -80.24
C VAL B 2117 22.57 13.01 -81.34
N LEU B 2118 21.91 12.60 -82.42
CA LEU B 2118 21.76 13.54 -83.52
C LEU B 2118 20.39 13.51 -84.15
N GLU B 2119 19.89 14.72 -84.36
CA GLU B 2119 18.65 14.97 -84.99
C GLU B 2119 18.68 14.53 -86.45
N PRO B 2120 17.51 14.29 -87.03
CA PRO B 2120 17.45 13.79 -88.40
C PRO B 2120 18.16 14.60 -89.45
N GLU B 2121 18.05 15.93 -89.47
CA GLU B 2121 18.70 16.69 -90.54
C GLU B 2121 20.19 16.43 -90.59
N GLY B 2122 20.85 16.32 -89.45
CA GLY B 2122 22.29 16.17 -89.42
C GLY B 2122 22.66 14.72 -89.63
N THR B 2123 21.78 13.84 -89.17
CA THR B 2123 21.92 12.43 -89.47
C THR B 2123 21.84 12.20 -90.97
N VAL B 2124 20.82 12.78 -91.61
CA VAL B 2124 20.64 12.65 -93.04
C VAL B 2124 21.83 13.25 -93.76
N GLU B 2125 22.13 14.49 -93.41
CA GLU B 2125 23.22 15.24 -93.99
C GLU B 2125 24.54 14.46 -94.01
N ILE B 2126 24.82 13.67 -92.96
CA ILE B 2126 26.05 12.91 -93.00
C ILE B 2126 25.85 11.63 -93.79
N LYS B 2127 24.73 10.97 -93.57
CA LYS B 2127 24.47 9.62 -94.07
C LYS B 2127 23.24 9.58 -94.96
N PHE B 2128 22.95 10.69 -95.61
CA PHE B 2128 21.94 10.79 -96.64
C PHE B 2128 22.34 11.92 -97.59
N ARG B 2129 23.49 11.74 -98.15
CA ARG B 2129 24.09 12.68 -99.05
C ARG B 2129 23.58 12.34 -100.44
N ARG B 2130 24.13 13.04 -101.43
CA ARG B 2130 23.70 12.89 -102.81
C ARG B 2130 23.63 11.42 -103.17
N LYS B 2131 24.71 10.69 -102.92
CA LYS B 2131 24.78 9.27 -103.22
C LYS B 2131 23.51 8.56 -102.78
N ASP B 2132 23.08 8.80 -101.53
CA ASP B 2132 21.89 8.19 -101.00
C ASP B 2132 20.64 8.70 -101.69
N LEU B 2133 20.64 9.98 -102.07
CA LEU B 2133 19.46 10.52 -102.74
C LEU B 2133 19.25 9.90 -104.10
N VAL B 2134 20.30 9.92 -104.93
CA VAL B 2134 20.24 9.36 -106.27
C VAL B 2134 20.04 7.86 -106.25
N LYS B 2135 20.95 7.17 -105.56
CA LYS B 2135 20.83 5.74 -105.32
C LYS B 2135 19.49 5.31 -104.80
N THR B 2136 18.94 6.06 -103.87
CA THR B 2136 17.73 5.59 -103.26
C THR B 2136 16.55 5.77 -104.19
N MET B 2137 16.47 6.90 -104.89
CA MET B 2137 15.49 7.00 -105.96
C MET B 2137 15.72 5.91 -106.97
N ARG B 2138 16.99 5.72 -107.34
CA ARG B 2138 17.37 4.75 -108.34
C ARG B 2138 16.90 3.38 -107.95
N ARG B 2139 16.80 3.15 -106.66
CA ARG B 2139 16.33 1.90 -106.15
C ARG B 2139 14.83 1.83 -105.96
N VAL B 2140 14.19 2.95 -105.61
CA VAL B 2140 12.87 2.95 -104.99
C VAL B 2140 11.81 3.67 -105.81
N ASP B 2141 12.12 4.81 -106.37
CA ASP B 2141 11.09 5.54 -107.09
C ASP B 2141 10.76 4.87 -108.40
N PRO B 2142 9.48 4.52 -108.68
CA PRO B 2142 9.24 3.75 -109.90
C PRO B 2142 9.50 4.52 -111.18
N VAL B 2143 9.07 5.78 -111.26
CA VAL B 2143 9.32 6.56 -112.48
C VAL B 2143 10.82 6.71 -112.64
N TYR B 2144 11.50 7.09 -111.56
CA TYR B 2144 12.94 7.27 -111.60
C TYR B 2144 13.67 5.98 -111.92
N ILE B 2145 13.31 4.89 -111.24
CA ILE B 2145 13.94 3.60 -111.54
C ILE B 2145 13.79 3.34 -113.02
N HIS B 2146 12.57 3.49 -113.54
CA HIS B 2146 12.28 3.31 -114.96
C HIS B 2146 13.17 4.15 -115.85
N LEU B 2147 13.23 5.47 -115.59
CA LEU B 2147 14.09 6.37 -116.36
C LEU B 2147 15.52 5.88 -116.37
N ALA B 2148 16.03 5.52 -115.19
CA ALA B 2148 17.37 5.00 -115.08
C ALA B 2148 17.49 3.71 -115.85
N GLU B 2149 16.40 2.95 -115.87
CA GLU B 2149 16.33 1.68 -116.56
C GLU B 2149 16.53 1.91 -118.06
N ARG B 2150 16.04 3.06 -118.56
CA ARG B 2150 16.10 3.38 -119.98
C ARG B 2150 17.48 3.89 -120.35
N LEU B 2151 18.01 4.82 -119.55
CA LEU B 2151 19.43 5.18 -119.62
C LEU B 2151 20.36 3.98 -119.49
N GLY B 2152 19.92 2.91 -118.84
CA GLY B 2152 20.68 1.70 -118.72
C GLY B 2152 20.63 0.72 -119.86
N THR B 2153 20.25 1.18 -121.06
CA THR B 2153 20.30 0.28 -122.21
C THR B 2153 21.52 0.57 -123.06
N PRO B 2154 22.29 -0.42 -123.53
CA PRO B 2154 23.36 -0.12 -124.48
C PRO B 2154 22.80 0.12 -125.87
N GLU B 2155 23.62 0.74 -126.72
CA GLU B 2155 23.26 0.99 -128.11
C GLU B 2155 21.91 1.71 -128.18
N LEU B 2156 21.96 2.94 -127.68
CA LEU B 2156 20.88 3.90 -127.72
C LEU B 2156 21.22 4.94 -128.76
N SER B 2157 20.20 5.46 -129.44
CA SER B 2157 20.47 6.55 -130.36
C SER B 2157 20.91 7.71 -129.50
N THR B 2158 21.90 8.48 -129.97
CA THR B 2158 22.40 9.58 -129.16
C THR B 2158 21.31 10.57 -128.77
N ALA B 2159 20.26 10.70 -129.57
CA ALA B 2159 19.09 11.48 -129.16
C ALA B 2159 18.50 10.92 -127.86
N GLU B 2160 18.01 9.68 -127.93
CA GLU B 2160 17.42 9.03 -126.75
C GLU B 2160 18.41 9.03 -125.59
N ARG B 2161 19.68 8.82 -125.89
CA ARG B 2161 20.75 8.78 -124.89
C ARG B 2161 20.84 10.08 -124.10
N LYS B 2162 21.17 11.19 -124.78
CA LYS B 2162 21.27 12.49 -124.09
C LYS B 2162 19.95 12.84 -123.42
N GLU B 2163 18.85 12.53 -124.11
CA GLU B 2163 17.52 12.78 -123.60
C GLU B 2163 17.31 12.05 -122.29
N LEU B 2164 17.68 10.79 -122.26
CA LEU B 2164 17.53 9.95 -121.07
C LEU B 2164 18.36 10.46 -119.91
N GLU B 2165 19.64 10.78 -120.14
CA GLU B 2165 20.44 11.30 -119.02
C GLU B 2165 19.76 12.53 -118.44
N ASN B 2166 19.21 13.37 -119.32
CA ASN B 2166 18.50 14.56 -118.87
C ASN B 2166 17.26 14.16 -118.08
N LYS B 2167 16.49 13.20 -118.61
CA LYS B 2167 15.29 12.74 -117.93
C LYS B 2167 15.61 12.27 -116.52
N LEU B 2168 16.77 11.65 -116.36
CA LEU B 2168 17.19 11.16 -115.05
C LEU B 2168 17.57 12.29 -114.11
N LYS B 2169 18.50 13.17 -114.54
CA LYS B 2169 18.90 14.32 -113.72
C LYS B 2169 17.74 15.23 -113.40
N GLU B 2170 16.88 15.48 -114.38
CA GLU B 2170 15.76 16.38 -114.18
C GLU B 2170 14.77 15.78 -113.20
N ARG B 2171 14.47 14.50 -113.36
CA ARG B 2171 13.53 13.83 -112.47
C ARG B 2171 14.10 13.91 -111.06
N GLU B 2172 15.38 13.53 -110.93
CA GLU B 2172 16.07 13.58 -109.65
C GLU B 2172 16.04 14.96 -109.02
N GLU B 2173 16.54 15.95 -109.75
CA GLU B 2173 16.75 17.26 -109.19
C GLU B 2173 15.46 17.97 -108.79
N PHE B 2174 14.47 17.95 -109.67
CA PHE B 2174 13.18 18.51 -109.27
C PHE B 2174 12.61 17.76 -108.07
N LEU B 2175 12.84 16.43 -108.02
CA LEU B 2175 12.31 15.58 -106.95
C LEU B 2175 13.09 15.64 -105.65
N ILE B 2176 14.27 16.23 -105.63
CA ILE B 2176 15.16 16.07 -104.46
C ILE B 2176 14.53 16.50 -103.15
N PRO B 2177 13.84 17.65 -103.05
CA PRO B 2177 13.31 18.09 -101.75
C PRO B 2177 12.51 17.07 -100.98
N ILE B 2178 11.47 16.49 -101.59
CA ILE B 2178 10.66 15.53 -100.85
C ILE B 2178 11.53 14.40 -100.37
N TYR B 2179 12.46 13.92 -101.19
CA TYR B 2179 13.15 12.74 -100.74
C TYR B 2179 14.12 13.08 -99.62
N HIS B 2180 14.64 14.31 -99.62
CA HIS B 2180 15.38 14.77 -98.46
C HIS B 2180 14.47 14.84 -97.24
N GLN B 2181 13.27 15.37 -97.44
CA GLN B 2181 12.27 15.52 -96.39
C GLN B 2181 11.89 14.17 -95.81
N VAL B 2182 11.72 13.22 -96.72
CA VAL B 2182 11.38 11.88 -96.35
C VAL B 2182 12.53 11.28 -95.59
N ALA B 2183 13.73 11.59 -96.05
CA ALA B 2183 14.93 11.07 -95.45
C ALA B 2183 15.04 11.51 -94.01
N VAL B 2184 14.77 12.78 -93.76
CA VAL B 2184 14.88 13.21 -92.38
C VAL B 2184 13.84 12.49 -91.52
N GLN B 2185 12.60 12.33 -92.01
CA GLN B 2185 11.65 11.55 -91.20
C GLN B 2185 12.19 10.14 -91.01
N PHE B 2186 12.61 9.56 -92.12
CA PHE B 2186 13.21 8.24 -92.22
C PHE B 2186 14.32 8.07 -91.20
N ALA B 2187 15.20 9.05 -91.16
CA ALA B 2187 16.30 9.04 -90.22
C ALA B 2187 15.75 9.04 -88.80
N ASP B 2188 14.78 9.91 -88.55
CA ASP B 2188 14.20 10.05 -87.21
C ASP B 2188 13.64 8.74 -86.70
N LEU B 2189 13.11 7.94 -87.60
CA LEU B 2189 12.50 6.64 -87.34
C LEU B 2189 13.50 5.59 -86.83
N HIS B 2190 14.79 5.90 -86.87
CA HIS B 2190 15.89 5.07 -86.39
C HIS B 2190 16.04 5.05 -84.89
N ASP B 2191 15.39 5.97 -84.22
CA ASP B 2191 15.65 6.34 -82.85
C ASP B 2191 14.67 5.70 -81.89
N THR B 2192 14.07 4.60 -82.29
CA THR B 2192 12.89 4.21 -81.56
C THR B 2192 13.05 3.45 -80.22
N PRO B 2193 11.96 3.49 -79.45
CA PRO B 2193 11.93 2.81 -78.14
C PRO B 2193 12.09 1.32 -78.19
N GLY B 2194 11.56 0.66 -79.22
CA GLY B 2194 11.68 -0.78 -79.30
C GLY B 2194 13.09 -1.26 -79.12
N ARG B 2195 14.01 -0.70 -79.90
CA ARG B 2195 15.40 -1.07 -79.72
C ARG B 2195 15.85 -0.65 -78.35
N MET B 2196 15.52 0.57 -77.94
CA MET B 2196 15.94 0.99 -76.61
C MET B 2196 15.59 -0.07 -75.55
N GLN B 2197 14.34 -0.52 -75.60
CA GLN B 2197 13.80 -1.44 -74.60
C GLN B 2197 14.51 -2.76 -74.74
N GLU B 2198 14.60 -3.24 -75.97
CA GLU B 2198 15.27 -4.49 -76.27
C GLU B 2198 16.67 -4.46 -75.69
N LYS B 2199 17.32 -3.32 -75.80
CA LYS B 2199 18.66 -3.16 -75.28
C LYS B 2199 18.67 -2.94 -73.78
N GLY B 2200 17.48 -2.79 -73.19
CA GLY B 2200 17.35 -2.74 -71.75
C GLY B 2200 17.65 -1.37 -71.23
N VAL B 2201 17.65 -0.37 -72.09
CA VAL B 2201 17.98 0.97 -71.71
C VAL B 2201 16.77 1.83 -71.36
N ILE B 2202 15.56 1.34 -71.68
CA ILE B 2202 14.31 2.02 -71.34
C ILE B 2202 13.36 1.04 -70.69
N SER B 2203 12.53 1.57 -69.79
CA SER B 2203 11.62 0.75 -69.05
C SER B 2203 10.18 0.65 -69.60
N ASP B 2204 9.59 1.72 -70.14
CA ASP B 2204 8.21 1.58 -70.64
C ASP B 2204 7.70 2.73 -71.51
N ILE B 2205 6.71 2.40 -72.36
CA ILE B 2205 5.83 3.33 -73.09
C ILE B 2205 4.47 3.43 -72.43
N LEU B 2206 4.02 4.64 -72.16
CA LEU B 2206 2.68 4.84 -71.61
C LEU B 2206 1.71 5.42 -72.62
N ASP B 2207 0.47 5.49 -72.17
CA ASP B 2207 -0.64 6.10 -72.89
C ASP B 2207 -1.04 7.24 -72.00
N TRP B 2208 -1.01 8.43 -72.59
CA TRP B 2208 -1.08 9.69 -71.87
C TRP B 2208 -2.22 9.75 -70.89
N LYS B 2209 -3.43 9.42 -71.35
CA LYS B 2209 -4.61 9.52 -70.51
C LYS B 2209 -4.43 8.85 -69.16
N THR B 2210 -3.90 7.64 -69.16
CA THR B 2210 -3.69 6.88 -67.93
C THR B 2210 -2.25 6.78 -67.52
N SER B 2211 -1.39 7.57 -68.14
CA SER B 2211 0.01 7.45 -67.81
C SER B 2211 0.19 7.90 -66.40
N ARG B 2212 -0.59 8.88 -65.97
CA ARG B 2212 -0.54 9.36 -64.61
C ARG B 2212 -0.78 8.26 -63.59
N THR B 2213 -1.92 7.60 -63.72
CA THR B 2213 -2.27 6.53 -62.79
C THR B 2213 -1.16 5.52 -62.77
N PHE B 2214 -0.72 5.15 -63.97
CA PHE B 2214 0.36 4.21 -64.10
C PHE B 2214 1.55 4.71 -63.31
N PHE B 2215 1.90 5.97 -63.52
CA PHE B 2215 3.14 6.51 -63.00
C PHE B 2215 3.10 6.52 -61.50
N TYR B 2216 1.92 6.71 -60.94
CA TYR B 2216 1.76 6.64 -59.51
C TYR B 2216 2.20 5.29 -59.02
N TRP B 2217 1.54 4.28 -59.54
CA TRP B 2217 1.79 2.93 -59.10
C TRP B 2217 3.21 2.54 -59.42
N ARG B 2218 3.68 3.00 -60.57
CA ARG B 2218 5.00 2.71 -61.07
C ARG B 2218 6.00 3.20 -60.08
N LEU B 2219 5.83 4.44 -59.74
CA LEU B 2219 6.69 5.05 -58.78
C LEU B 2219 6.54 4.40 -57.45
N ARG B 2220 5.32 4.08 -57.12
CA ARG B 2220 5.05 3.60 -55.79
C ARG B 2220 5.81 2.32 -55.51
N ARG B 2221 5.91 1.39 -56.47
CA ARG B 2221 6.69 0.20 -56.12
C ARG B 2221 8.16 0.43 -56.25
N LEU B 2222 8.56 1.18 -57.28
CA LEU B 2222 9.97 1.51 -57.46
C LEU B 2222 10.50 2.15 -56.20
N LEU B 2223 9.67 3.02 -55.70
CA LEU B 2223 9.93 3.78 -54.52
C LEU B 2223 9.95 2.95 -53.30
N LEU B 2224 9.00 2.07 -53.19
CA LEU B 2224 8.85 1.35 -51.96
C LEU B 2224 9.94 0.35 -51.74
N GLU B 2225 10.25 -0.44 -52.75
CA GLU B 2225 11.36 -1.36 -52.56
C GLU B 2225 12.58 -0.54 -52.21
N ASP B 2226 12.76 0.54 -52.95
CA ASP B 2226 13.87 1.43 -52.65
C ASP B 2226 13.77 1.92 -51.21
N LEU B 2227 12.56 2.23 -50.81
CA LEU B 2227 12.31 2.78 -49.51
C LEU B 2227 12.75 1.85 -48.42
N VAL B 2228 12.46 0.58 -48.55
CA VAL B 2228 12.86 -0.44 -47.57
C VAL B 2228 14.35 -0.69 -47.66
N LYS B 2229 14.82 -0.69 -48.90
CA LYS B 2229 16.19 -0.91 -49.28
C LYS B 2229 17.07 0.02 -48.50
N LYS B 2230 16.57 1.20 -48.12
CA LYS B 2230 17.42 2.03 -47.28
C LYS B 2230 17.86 1.28 -46.02
N LYS B 2231 16.96 0.47 -45.42
CA LYS B 2231 17.36 -0.27 -44.26
C LYS B 2231 18.34 -1.31 -44.64
N ILE B 2232 18.10 -1.90 -45.77
CA ILE B 2232 18.98 -2.98 -46.16
C ILE B 2232 20.38 -2.45 -46.36
N HIS B 2233 20.49 -1.35 -47.09
CA HIS B 2233 21.80 -0.77 -47.34
C HIS B 2233 22.43 -0.39 -46.01
N ASN B 2234 21.59 0.05 -45.07
CA ASN B 2234 22.05 0.37 -43.74
C ASN B 2234 22.54 -0.88 -43.06
N ALA B 2235 21.84 -1.96 -43.31
CA ALA B 2235 22.21 -3.23 -42.73
C ALA B 2235 23.58 -3.64 -43.21
N ASN B 2236 23.92 -3.33 -44.43
CA ASN B 2236 25.25 -3.70 -44.87
C ASN B 2236 25.55 -2.80 -46.05
N PRO B 2237 26.10 -1.62 -45.78
CA PRO B 2237 26.39 -0.70 -46.87
C PRO B 2237 27.40 -1.17 -47.89
N GLU B 2238 28.34 -2.06 -47.56
CA GLU B 2238 29.32 -2.34 -48.60
C GLU B 2238 28.73 -3.15 -49.73
N LEU B 2239 27.64 -3.84 -49.46
CA LEU B 2239 27.00 -4.68 -50.43
C LEU B 2239 26.36 -3.87 -51.52
N THR B 2240 26.60 -4.23 -52.77
CA THR B 2240 25.90 -3.58 -53.85
C THR B 2240 24.41 -3.89 -53.87
N ASP B 2241 23.67 -2.88 -54.24
CA ASP B 2241 22.26 -2.92 -54.57
C ASP B 2241 21.77 -4.08 -55.44
N GLY B 2242 22.48 -4.44 -56.52
CA GLY B 2242 21.96 -5.47 -57.40
C GLY B 2242 21.89 -6.83 -56.75
N GLN B 2243 22.98 -7.23 -56.11
CA GLN B 2243 22.98 -8.55 -55.50
C GLN B 2243 22.02 -8.54 -54.33
N ILE B 2244 21.89 -7.37 -53.71
CA ILE B 2244 20.95 -7.18 -52.64
C ILE B 2244 19.54 -7.38 -53.15
N GLN B 2245 19.25 -6.77 -54.30
CA GLN B 2245 17.99 -6.95 -55.01
C GLN B 2245 17.75 -8.42 -54.99
N ALA B 2246 18.77 -9.18 -55.38
CA ALA B 2246 18.62 -10.61 -55.40
C ALA B 2246 18.21 -11.12 -54.03
N MET B 2247 18.82 -10.64 -52.93
CA MET B 2247 18.38 -11.17 -51.63
C MET B 2247 16.90 -10.93 -51.39
N LEU B 2248 16.41 -9.73 -51.66
CA LEU B 2248 14.99 -9.48 -51.44
C LEU B 2248 14.12 -10.32 -52.36
N ARG B 2249 14.47 -10.29 -53.62
CA ARG B 2249 13.77 -11.02 -54.65
C ARG B 2249 13.79 -12.50 -54.35
N ARG B 2250 14.94 -12.95 -53.94
CA ARG B 2250 15.19 -14.33 -53.60
C ARG B 2250 14.43 -14.74 -52.36
N TRP B 2251 14.37 -13.87 -51.37
CA TRP B 2251 13.63 -14.24 -50.17
C TRP B 2251 12.14 -14.33 -50.49
N PHE B 2252 11.70 -13.51 -51.44
CA PHE B 2252 10.32 -13.56 -51.93
C PHE B 2252 10.09 -14.89 -52.58
N VAL B 2253 10.95 -15.21 -53.50
CA VAL B 2253 10.92 -16.47 -54.23
C VAL B 2253 11.13 -17.62 -53.27
N GLU B 2254 11.99 -17.44 -52.30
CA GLU B 2254 12.20 -18.47 -51.32
C GLU B 2254 10.93 -18.85 -50.62
N VAL B 2255 10.26 -17.87 -50.04
CA VAL B 2255 9.10 -18.22 -49.27
C VAL B 2255 7.99 -18.70 -50.19
N GLU B 2256 7.77 -17.93 -51.24
CA GLU B 2256 6.61 -18.16 -52.08
C GLU B 2256 6.84 -19.07 -53.26
N GLY B 2257 8.08 -19.43 -53.54
CA GLY B 2257 8.30 -20.36 -54.60
C GLY B 2257 8.72 -19.48 -55.76
N THR B 2258 9.71 -19.88 -56.58
CA THR B 2258 10.03 -19.13 -57.81
C THR B 2258 8.77 -18.81 -58.62
N VAL B 2259 7.75 -19.64 -58.51
CA VAL B 2259 6.43 -19.51 -59.14
C VAL B 2259 5.91 -18.11 -59.33
N LYS B 2260 6.36 -17.17 -58.52
CA LYS B 2260 5.70 -15.90 -58.49
C LYS B 2260 6.40 -14.86 -59.31
N ALA B 2261 7.42 -15.23 -60.08
CA ALA B 2261 8.03 -14.24 -60.94
C ALA B 2261 6.95 -13.43 -61.65
N TYR B 2262 6.03 -14.14 -62.34
CA TYR B 2262 5.03 -13.39 -63.07
C TYR B 2262 4.30 -12.48 -62.10
N VAL B 2263 4.12 -12.97 -60.85
CA VAL B 2263 3.48 -12.17 -59.82
C VAL B 2263 4.34 -10.95 -59.52
N TRP B 2264 5.68 -11.16 -59.52
CA TRP B 2264 6.71 -10.13 -59.32
C TRP B 2264 6.46 -9.00 -60.29
N ASP B 2265 5.89 -9.32 -61.45
CA ASP B 2265 5.67 -8.33 -62.48
C ASP B 2265 4.43 -7.50 -62.22
N ASN B 2266 3.78 -7.67 -61.06
CA ASN B 2266 2.67 -6.82 -60.67
C ASN B 2266 3.29 -5.79 -59.74
N ASN B 2267 3.36 -4.56 -60.22
CA ASN B 2267 3.99 -3.50 -59.45
C ASN B 2267 3.29 -3.32 -58.11
N LYS B 2268 2.00 -3.12 -58.19
CA LYS B 2268 1.22 -2.80 -57.01
C LYS B 2268 1.35 -3.93 -56.01
N ASP B 2269 1.25 -5.16 -56.50
CA ASP B 2269 1.15 -6.31 -55.62
C ASP B 2269 2.43 -6.54 -54.84
N LEU B 2270 3.61 -6.40 -55.46
CA LEU B 2270 4.80 -6.61 -54.65
C LEU B 2270 4.92 -5.49 -53.64
N ALA B 2271 4.58 -4.29 -54.06
CA ALA B 2271 4.57 -3.17 -53.15
C ALA B 2271 3.69 -3.50 -51.99
N GLU B 2272 2.49 -3.91 -52.34
CA GLU B 2272 1.50 -4.37 -51.40
C GLU B 2272 2.06 -5.52 -50.61
N TRP B 2273 2.82 -6.35 -51.27
CA TRP B 2273 3.35 -7.51 -50.61
C TRP B 2273 4.42 -7.12 -49.62
N LEU B 2274 5.34 -6.30 -50.09
CA LEU B 2274 6.50 -5.87 -49.34
C LEU B 2274 6.14 -5.20 -48.04
N GLU B 2275 5.14 -4.35 -48.09
CA GLU B 2275 4.73 -3.60 -46.92
C GLU B 2275 4.33 -4.53 -45.80
N LYS B 2276 3.62 -5.60 -46.16
CA LYS B 2276 3.15 -6.56 -45.18
C LYS B 2276 4.29 -7.13 -44.37
N GLN B 2277 5.46 -7.32 -45.00
CA GLN B 2277 6.58 -7.84 -44.25
C GLN B 2277 6.88 -6.90 -43.11
N LEU B 2278 6.86 -5.63 -43.43
CA LEU B 2278 7.10 -4.51 -42.57
C LEU B 2278 5.91 -4.21 -41.69
N THR B 2279 4.76 -4.24 -42.30
CA THR B 2279 3.55 -3.84 -41.63
C THR B 2279 3.10 -4.80 -40.56
N GLU B 2280 3.17 -6.11 -40.81
CA GLU B 2280 2.61 -6.98 -39.77
C GLU B 2280 3.74 -7.14 -38.75
N GLU B 2281 3.65 -6.36 -37.68
CA GLU B 2281 4.56 -6.44 -36.55
C GLU B 2281 4.43 -7.72 -35.73
N ASP B 2282 5.58 -8.22 -35.26
CA ASP B 2282 5.67 -9.37 -34.36
C ASP B 2282 4.87 -10.55 -34.89
N GLY B 2283 5.05 -10.79 -36.18
CA GLY B 2283 4.47 -11.91 -36.90
C GLY B 2283 5.43 -12.99 -37.31
N VAL B 2284 5.09 -13.62 -38.42
CA VAL B 2284 5.94 -14.61 -39.09
C VAL B 2284 6.66 -14.01 -40.31
N HIS B 2285 6.69 -12.68 -40.44
CA HIS B 2285 7.33 -12.00 -41.56
C HIS B 2285 8.75 -11.62 -41.23
N SER B 2286 9.15 -11.62 -39.95
CA SER B 2286 10.54 -11.33 -39.62
C SER B 2286 11.39 -12.55 -39.90
N VAL B 2287 11.33 -12.92 -41.17
CA VAL B 2287 12.02 -14.03 -41.79
C VAL B 2287 13.20 -13.29 -42.33
N ILE B 2288 12.89 -12.27 -43.11
CA ILE B 2288 13.91 -11.45 -43.68
C ILE B 2288 14.63 -10.72 -42.58
N GLU B 2289 13.87 -10.24 -41.60
CA GLU B 2289 14.43 -9.57 -40.44
C GLU B 2289 15.35 -10.45 -39.64
N GLU B 2290 14.92 -11.66 -39.39
CA GLU B 2290 15.79 -12.56 -38.65
C GLU B 2290 17.00 -12.95 -39.47
N ASN B 2291 16.80 -13.24 -40.75
CA ASN B 2291 17.89 -13.70 -41.59
C ASN B 2291 18.93 -12.62 -41.66
N ILE B 2292 18.47 -11.42 -41.90
CA ILE B 2292 19.34 -10.26 -41.97
C ILE B 2292 19.94 -10.08 -40.63
N LYS B 2293 19.20 -10.42 -39.58
CA LYS B 2293 19.88 -10.29 -38.31
C LYS B 2293 21.11 -11.17 -38.37
N CYS B 2294 20.99 -12.37 -38.96
CA CYS B 2294 22.15 -13.23 -39.14
C CYS B 2294 23.19 -12.58 -40.04
N ILE B 2295 22.75 -12.02 -41.17
CA ILE B 2295 23.69 -11.32 -42.05
C ILE B 2295 24.30 -10.14 -41.32
N SER B 2296 23.50 -9.47 -40.52
CA SER B 2296 23.97 -8.32 -39.78
C SER B 2296 25.09 -8.81 -38.90
N ARG B 2297 24.83 -9.95 -38.30
CA ARG B 2297 25.78 -10.59 -37.45
C ARG B 2297 27.01 -10.95 -38.24
N ASP B 2298 26.81 -11.48 -39.43
CA ASP B 2298 27.88 -11.89 -40.32
C ASP B 2298 28.76 -10.74 -40.73
N TYR B 2299 28.16 -9.64 -41.15
CA TYR B 2299 28.92 -8.49 -41.61
C TYR B 2299 29.69 -7.95 -40.44
N VAL B 2300 29.04 -7.94 -39.28
CA VAL B 2300 29.70 -7.50 -38.08
C VAL B 2300 30.84 -8.45 -37.76
N LEU B 2301 30.55 -9.72 -37.90
CA LEU B 2301 31.48 -10.78 -37.57
C LEU B 2301 32.67 -10.77 -38.47
N LYS B 2302 32.37 -10.60 -39.73
CA LYS B 2302 33.38 -10.55 -40.75
C LYS B 2302 34.25 -9.35 -40.54
N GLN B 2303 33.61 -8.26 -40.13
CA GLN B 2303 34.37 -7.08 -39.84
C GLN B 2303 35.35 -7.39 -38.72
N ILE B 2304 34.84 -8.05 -37.69
CA ILE B 2304 35.64 -8.43 -36.53
C ILE B 2304 36.73 -9.38 -36.93
N ARG B 2305 36.40 -10.30 -37.80
CA ARG B 2305 37.38 -11.26 -38.27
C ARG B 2305 38.47 -10.50 -38.95
N SER B 2306 38.07 -9.56 -39.76
CA SER B 2306 38.99 -8.74 -40.50
C SER B 2306 39.83 -7.93 -39.53
N LEU B 2307 39.20 -7.42 -38.48
CA LEU B 2307 39.93 -6.61 -37.52
C LEU B 2307 41.04 -7.38 -36.88
N VAL B 2308 40.76 -8.60 -36.48
CA VAL B 2308 41.81 -9.40 -35.87
C VAL B 2308 42.85 -9.74 -36.91
N GLN B 2309 42.43 -9.93 -38.16
CA GLN B 2309 43.41 -10.24 -39.21
C GLN B 2309 44.38 -9.09 -39.28
N ALA B 2310 43.84 -7.90 -39.28
CA ALA B 2310 44.57 -6.65 -39.24
C ALA B 2310 45.27 -6.43 -37.92
N ASN B 2311 44.73 -6.99 -36.86
CA ASN B 2311 45.13 -6.67 -35.49
C ASN B 2311 45.25 -7.95 -34.70
N PRO B 2312 46.27 -8.75 -34.98
CA PRO B 2312 46.35 -10.07 -34.35
C PRO B 2312 46.54 -9.97 -32.85
N GLU B 2313 47.06 -8.82 -32.39
CA GLU B 2313 47.35 -8.52 -31.00
C GLU B 2313 46.11 -8.59 -30.12
N VAL B 2314 44.96 -8.44 -30.76
CA VAL B 2314 43.64 -8.32 -30.15
C VAL B 2314 42.98 -9.57 -29.58
N ALA B 2315 43.37 -10.79 -29.98
CA ALA B 2315 42.62 -11.99 -29.57
C ALA B 2315 42.34 -12.05 -28.08
N MET B 2316 43.38 -12.09 -27.26
CA MET B 2316 43.21 -12.25 -25.82
C MET B 2316 42.27 -11.18 -25.24
N ASP B 2317 42.56 -9.92 -25.53
CA ASP B 2317 41.89 -8.77 -24.93
C ASP B 2317 40.49 -8.55 -25.50
N SER B 2318 40.31 -8.83 -26.77
CA SER B 2318 39.01 -8.69 -27.38
C SER B 2318 37.95 -9.50 -26.69
N ILE B 2319 38.34 -10.68 -26.29
CA ILE B 2319 37.44 -11.60 -25.65
C ILE B 2319 37.06 -11.15 -24.25
N ILE B 2320 38.03 -10.70 -23.45
CA ILE B 2320 37.76 -10.34 -22.05
C ILE B 2320 36.53 -9.43 -21.92
N HIS B 2321 36.43 -8.40 -22.72
CA HIS B 2321 35.22 -7.59 -22.60
C HIS B 2321 34.03 -8.37 -23.16
N MET B 2322 34.27 -9.11 -24.24
CA MET B 2322 33.23 -9.87 -24.92
C MET B 2322 32.74 -11.01 -24.08
N THR B 2323 33.62 -11.54 -23.26
CA THR B 2323 33.31 -12.72 -22.49
C THR B 2323 32.73 -12.32 -21.16
N GLN B 2324 32.54 -11.02 -20.95
CA GLN B 2324 32.36 -10.51 -19.62
C GLN B 2324 30.99 -10.91 -19.13
N HIS B 2325 30.07 -11.10 -20.07
CA HIS B 2325 28.79 -11.74 -19.84
C HIS B 2325 28.61 -12.67 -21.02
N ILE B 2326 28.34 -13.93 -20.73
CA ILE B 2326 28.05 -15.05 -21.63
C ILE B 2326 27.56 -16.14 -20.68
N SER B 2327 26.93 -17.21 -21.19
CA SER B 2327 26.37 -18.22 -20.30
C SER B 2327 27.40 -19.00 -19.49
N PRO B 2328 27.03 -19.43 -18.28
CA PRO B 2328 27.93 -20.28 -17.51
C PRO B 2328 28.15 -21.59 -18.19
N THR B 2329 27.11 -22.07 -18.86
CA THR B 2329 27.23 -23.30 -19.62
C THR B 2329 28.29 -23.13 -20.66
N GLN B 2330 28.26 -21.98 -21.30
CA GLN B 2330 29.25 -21.68 -22.30
C GLN B 2330 30.63 -21.62 -21.68
N ARG B 2331 30.72 -21.17 -20.41
CA ARG B 2331 31.98 -21.23 -19.71
C ARG B 2331 32.41 -22.68 -19.68
N ALA B 2332 31.46 -23.58 -19.47
CA ALA B 2332 31.81 -24.98 -19.49
C ALA B 2332 32.43 -25.35 -20.83
N GLU B 2333 31.82 -24.95 -21.95
CA GLU B 2333 32.45 -25.26 -23.24
C GLU B 2333 33.89 -24.72 -23.36
N VAL B 2334 34.16 -23.51 -22.88
CA VAL B 2334 35.55 -23.06 -22.97
C VAL B 2334 36.47 -23.90 -22.11
N ILE B 2335 36.05 -24.22 -20.89
CA ILE B 2335 36.90 -25.05 -20.03
C ILE B 2335 37.10 -26.44 -20.64
N ARG B 2336 36.06 -27.04 -21.24
CA ARG B 2336 36.28 -28.37 -21.83
C ARG B 2336 37.40 -28.28 -22.85
N ILE B 2337 37.42 -27.22 -23.69
CA ILE B 2337 38.54 -27.18 -24.63
C ILE B 2337 39.65 -26.48 -23.86
N VAL C 102 -110.67 -46.17 134.48
CA VAL C 102 -109.71 -45.29 135.13
C VAL C 102 -110.32 -44.63 136.36
N ALA C 103 -109.47 -44.36 137.36
CA ALA C 103 -109.92 -43.80 138.62
C ALA C 103 -110.04 -42.28 138.64
N SER C 104 -109.32 -41.56 137.78
CA SER C 104 -109.30 -40.10 137.88
C SER C 104 -108.77 -39.53 136.57
N PRO C 105 -108.98 -38.22 136.33
CA PRO C 105 -108.40 -37.60 135.12
C PRO C 105 -106.90 -37.80 134.97
N ALA C 106 -106.14 -37.79 136.07
CA ALA C 106 -104.71 -38.03 135.96
C ALA C 106 -104.42 -39.42 135.42
N GLU C 107 -105.13 -40.42 135.90
CA GLU C 107 -104.97 -41.78 135.40
C GLU C 107 -105.43 -41.88 133.95
N PHE C 108 -106.52 -41.19 133.65
CA PHE C 108 -107.09 -41.14 132.30
C PHE C 108 -106.05 -40.64 131.30
N VAL C 109 -105.37 -39.54 131.63
CA VAL C 109 -104.34 -38.98 130.76
C VAL C 109 -103.27 -40.02 130.48
N THR C 110 -102.87 -40.75 131.52
CA THR C 110 -101.87 -41.81 131.39
C THR C 110 -102.41 -42.94 130.52
N ARG C 111 -103.61 -43.44 130.87
CA ARG C 111 -104.19 -44.56 130.13
C ARG C 111 -104.31 -44.25 128.64
N PHE C 112 -104.73 -43.01 128.29
CA PHE C 112 -104.91 -42.60 126.90
C PHE C 112 -103.72 -41.85 126.31
N GLY C 113 -102.56 -41.86 126.96
CA GLY C 113 -101.37 -41.28 126.35
C GLY C 113 -101.22 -39.78 126.22
N GLY C 114 -101.74 -38.98 127.17
CA GLY C 114 -101.56 -37.55 127.12
C GLY C 114 -100.30 -37.10 127.87
N ASN C 115 -100.10 -35.76 127.84
CA ASN C 115 -98.92 -35.15 128.43
C ASN C 115 -99.19 -33.90 129.26
N LYS C 116 -100.45 -33.53 129.48
CA LYS C 116 -100.77 -32.30 130.20
C LYS C 116 -101.98 -32.67 131.05
N VAL C 117 -101.84 -32.59 132.37
CA VAL C 117 -102.94 -32.92 133.27
C VAL C 117 -103.92 -31.76 133.41
N ILE C 118 -105.17 -31.99 133.00
CA ILE C 118 -106.26 -31.04 133.17
C ILE C 118 -107.31 -31.68 134.06
N GLU C 119 -107.47 -31.14 135.27
CA GLU C 119 -108.44 -31.57 136.26
C GLU C 119 -109.50 -30.51 136.52
N LYS C 120 -109.26 -29.28 136.07
CA LYS C 120 -110.10 -28.13 136.31
C LYS C 120 -110.12 -27.26 135.06
N VAL C 121 -111.32 -26.87 134.64
CA VAL C 121 -111.50 -26.07 133.44
C VAL C 121 -112.17 -24.79 133.91
N LEU C 122 -111.67 -23.65 133.45
CA LEU C 122 -112.30 -22.38 133.70
C LEU C 122 -113.14 -22.06 132.46
N ILE C 123 -114.43 -21.82 132.65
CA ILE C 123 -115.30 -21.42 131.55
C ILE C 123 -115.34 -19.90 131.43
N ALA C 124 -114.78 -19.39 130.34
CA ALA C 124 -114.82 -17.96 130.01
C ALA C 124 -115.97 -17.72 129.02
N ASN C 125 -117.20 -17.97 129.50
CA ASN C 125 -118.38 -17.87 128.64
C ASN C 125 -119.64 -17.99 129.50
N ASN C 126 -120.78 -18.00 128.83
CA ASN C 126 -122.09 -18.17 129.45
C ASN C 126 -123.01 -18.94 128.49
N GLY C 127 -124.31 -18.90 128.77
CA GLY C 127 -125.45 -19.45 128.06
C GLY C 127 -125.35 -20.95 127.81
N ILE C 128 -125.90 -21.38 126.66
CA ILE C 128 -125.92 -22.79 126.29
C ILE C 128 -124.52 -23.37 126.14
N ALA C 129 -123.56 -22.58 125.66
CA ALA C 129 -122.21 -23.11 125.51
C ALA C 129 -121.70 -23.66 126.85
N ALA C 130 -121.73 -22.83 127.89
CA ALA C 130 -121.32 -23.32 129.20
C ALA C 130 -122.17 -24.50 129.65
N VAL C 131 -123.48 -24.44 129.45
CA VAL C 131 -124.34 -25.56 129.84
C VAL C 131 -124.09 -26.79 128.98
N LYS C 132 -124.08 -26.60 127.65
CA LYS C 132 -123.81 -27.70 126.74
C LYS C 132 -122.42 -28.27 126.97
N CYS C 133 -121.42 -27.40 127.15
CA CYS C 133 -120.06 -27.86 127.41
C CYS C 133 -120.01 -28.73 128.64
N MET C 134 -120.65 -28.28 129.72
CA MET C 134 -120.66 -29.05 130.94
C MET C 134 -121.40 -30.36 130.71
N ARG C 135 -122.62 -30.29 130.16
CA ARG C 135 -123.35 -31.52 129.88
C ARG C 135 -122.55 -32.40 128.93
N SER C 136 -122.02 -31.80 127.86
CA SER C 136 -121.25 -32.57 126.90
C SER C 136 -120.02 -33.20 127.55
N ILE C 137 -119.22 -32.42 128.27
CA ILE C 137 -118.05 -33.02 128.90
C ILE C 137 -118.47 -33.96 130.01
N ARG C 138 -119.38 -33.50 130.90
CA ARG C 138 -119.83 -34.33 132.00
C ARG C 138 -120.56 -35.59 131.57
N ARG C 139 -121.31 -35.52 130.45
CA ARG C 139 -121.96 -36.73 129.97
C ARG C 139 -120.93 -37.70 129.45
N TRP C 140 -119.97 -37.19 128.69
CA TRP C 140 -118.90 -38.03 128.20
C TRP C 140 -118.02 -38.50 129.35
N SER C 141 -117.73 -37.58 130.28
CA SER C 141 -116.92 -37.94 131.44
C SER C 141 -117.65 -38.98 132.27
N TYR C 142 -118.97 -38.84 132.36
CA TYR C 142 -119.77 -39.86 133.03
C TYR C 142 -119.69 -41.16 132.22
N GLU C 143 -119.77 -41.03 130.89
CA GLU C 143 -119.63 -42.17 130.00
C GLU C 143 -118.25 -42.80 130.21
N MET C 144 -117.22 -41.96 130.37
CA MET C 144 -115.84 -42.44 130.52
C MET C 144 -115.55 -42.89 131.95
N PHE C 145 -116.03 -42.16 132.97
CA PHE C 145 -115.68 -42.43 134.36
C PHE C 145 -116.85 -42.79 135.27
N ARG C 146 -118.08 -42.74 134.77
CA ARG C 146 -119.27 -42.99 135.59
C ARG C 146 -119.28 -42.01 136.78
N ASN C 147 -118.70 -40.83 136.56
CA ASN C 147 -118.64 -39.74 137.54
C ASN C 147 -118.68 -38.45 136.74
N GLU C 148 -119.79 -37.72 136.86
CA GLU C 148 -119.92 -36.51 136.07
C GLU C 148 -119.01 -35.37 136.53
N ARG C 149 -118.42 -35.44 137.73
CA ARG C 149 -117.58 -34.35 138.23
C ARG C 149 -116.08 -34.65 138.05
N ALA C 150 -115.73 -35.66 137.25
CA ALA C 150 -114.33 -36.00 137.02
C ALA C 150 -113.55 -34.80 136.49
N ILE C 151 -114.17 -34.00 135.63
CA ILE C 151 -113.63 -32.74 135.11
C ILE C 151 -114.29 -31.61 135.89
N ARG C 152 -113.52 -30.90 136.71
CA ARG C 152 -114.12 -29.85 137.52
C ARG C 152 -114.34 -28.67 136.58
N PHE C 153 -115.36 -27.86 136.86
CA PHE C 153 -115.61 -26.66 136.07
C PHE C 153 -115.63 -25.41 136.92
N VAL C 154 -114.82 -24.41 136.55
CA VAL C 154 -114.86 -23.09 137.16
C VAL C 154 -115.55 -22.16 136.18
N VAL C 155 -116.53 -21.39 136.63
CA VAL C 155 -117.17 -20.42 135.75
C VAL C 155 -116.97 -19.01 136.29
N MET C 156 -116.95 -18.05 135.38
CA MET C 156 -116.87 -16.65 135.69
C MET C 156 -118.30 -16.15 135.50
N VAL C 157 -118.83 -15.44 136.49
CA VAL C 157 -120.22 -15.02 136.45
C VAL C 157 -120.26 -13.51 136.52
N THR C 158 -120.80 -12.93 135.49
CA THR C 158 -121.01 -11.51 135.37
C THR C 158 -122.31 -11.16 136.08
N PRO C 159 -122.47 -9.92 136.56
CA PRO C 159 -123.76 -9.53 137.18
C PRO C 159 -124.96 -9.79 136.29
N GLU C 160 -124.84 -9.57 134.98
CA GLU C 160 -125.94 -9.85 134.07
C GLU C 160 -126.36 -11.32 134.11
N ASP C 161 -125.39 -12.23 133.94
CA ASP C 161 -125.72 -13.66 133.98
C ASP C 161 -126.23 -14.08 135.36
N LEU C 162 -125.66 -13.52 136.43
CA LEU C 162 -126.15 -13.86 137.76
C LEU C 162 -127.56 -13.32 137.97
N LYS C 163 -127.80 -12.08 137.58
CA LYS C 163 -129.14 -11.51 137.68
C LYS C 163 -130.11 -12.28 136.80
N ALA C 164 -129.64 -12.78 135.66
CA ALA C 164 -130.46 -13.58 134.76
C ALA C 164 -130.71 -14.98 135.31
N ASN C 165 -129.95 -15.40 136.34
CA ASN C 165 -130.03 -16.74 136.93
C ASN C 165 -129.64 -17.81 135.90
N ALA C 166 -128.60 -17.50 135.14
CA ALA C 166 -128.06 -18.40 134.13
C ALA C 166 -127.77 -19.80 134.66
N GLU C 167 -128.44 -20.80 134.05
CA GLU C 167 -128.33 -22.19 134.50
C GLU C 167 -126.88 -22.68 134.58
N TYR C 168 -125.99 -22.17 133.74
CA TYR C 168 -124.62 -22.67 133.75
C TYR C 168 -123.95 -22.38 135.09
N ILE C 169 -124.36 -21.30 135.76
CA ILE C 169 -123.79 -20.95 137.06
C ILE C 169 -124.01 -22.09 138.04
N LYS C 170 -125.28 -22.51 138.21
CA LYS C 170 -125.57 -23.58 139.15
C LYS C 170 -125.10 -24.93 138.65
N MET C 171 -125.05 -25.12 137.33
CA MET C 171 -124.53 -26.36 136.78
C MET C 171 -123.04 -26.52 137.11
N ALA C 172 -122.31 -25.42 137.06
CA ALA C 172 -120.87 -25.43 137.33
C ALA C 172 -120.53 -25.91 138.74
N ASP C 173 -119.34 -26.49 138.86
CA ASP C 173 -118.82 -26.97 140.13
C ASP C 173 -118.24 -25.83 140.97
N HIS C 174 -117.84 -24.74 140.34
CA HIS C 174 -117.26 -23.62 141.06
C HIS C 174 -117.48 -22.38 140.23
N TYR C 175 -117.78 -21.29 140.90
CA TYR C 175 -117.99 -20.00 140.26
C TYR C 175 -117.14 -18.93 140.92
N VAL C 176 -116.72 -17.97 140.09
CA VAL C 176 -115.86 -16.88 140.51
C VAL C 176 -116.57 -15.61 140.05
N PRO C 177 -117.02 -14.71 140.94
CA PRO C 177 -117.62 -13.47 140.46
C PRO C 177 -116.59 -12.58 139.79
N VAL C 178 -116.93 -12.08 138.61
CA VAL C 178 -116.04 -11.23 137.82
C VAL C 178 -116.71 -9.88 137.60
N PRO C 179 -115.92 -8.85 137.26
CA PRO C 179 -116.51 -7.52 137.03
C PRO C 179 -117.47 -7.42 135.85
N GLY C 180 -118.50 -6.60 136.03
CA GLY C 180 -119.52 -6.34 135.05
C GLY C 180 -119.05 -5.37 133.98
N GLY C 181 -119.99 -5.01 133.11
CA GLY C 181 -119.76 -4.08 132.03
C GLY C 181 -119.39 -4.65 130.67
N PRO C 182 -118.66 -3.89 129.83
CA PRO C 182 -118.32 -4.42 128.51
C PRO C 182 -117.39 -5.63 128.55
N ASN C 183 -117.56 -6.49 127.54
CA ASN C 183 -116.81 -7.74 127.42
C ASN C 183 -115.29 -7.61 127.53
N ASN C 184 -114.74 -6.41 127.31
CA ASN C 184 -113.31 -6.20 127.43
C ASN C 184 -112.78 -6.28 128.86
N ASN C 185 -113.63 -6.11 129.87
CA ASN C 185 -113.24 -6.17 131.29
C ASN C 185 -113.38 -7.53 131.99
N ASN C 186 -114.10 -8.52 131.43
CA ASN C 186 -114.28 -9.79 132.13
C ASN C 186 -113.84 -10.96 131.24
N TYR C 187 -114.79 -11.67 130.61
CA TYR C 187 -114.46 -12.83 129.77
C TYR C 187 -113.35 -12.55 128.76
N ALA C 188 -113.26 -11.33 128.23
CA ALA C 188 -112.22 -11.01 127.25
C ALA C 188 -111.02 -10.29 127.85
N ASN C 189 -111.03 -9.95 129.13
CA ASN C 189 -109.87 -9.28 129.74
C ASN C 189 -108.85 -10.37 130.07
N VAL C 190 -107.85 -10.53 129.20
CA VAL C 190 -106.85 -11.57 129.37
C VAL C 190 -106.05 -11.44 130.66
N GLU C 191 -105.66 -10.22 131.03
CA GLU C 191 -104.90 -10.05 132.27
C GLU C 191 -105.75 -10.43 133.48
N LEU C 192 -107.04 -10.08 133.46
CA LEU C 192 -107.91 -10.46 134.55
C LEU C 192 -108.11 -11.97 134.57
N ILE C 193 -108.34 -12.57 133.41
CA ILE C 193 -108.52 -14.02 133.33
C ILE C 193 -107.29 -14.71 133.92
N LEU C 194 -106.11 -14.24 133.50
CA LEU C 194 -104.87 -14.81 133.99
C LEU C 194 -104.79 -14.64 135.50
N ASP C 195 -105.09 -13.43 135.98
CA ASP C 195 -105.08 -13.17 137.42
C ASP C 195 -106.00 -14.14 138.13
N ILE C 196 -107.20 -14.39 137.59
CA ILE C 196 -108.13 -15.32 138.21
C ILE C 196 -107.63 -16.76 138.05
N ALA C 197 -107.16 -17.11 136.85
CA ALA C 197 -106.63 -18.45 136.59
C ALA C 197 -105.49 -18.80 137.52
N LYS C 198 -104.57 -17.86 137.71
CA LYS C 198 -103.40 -18.03 138.58
C LYS C 198 -103.78 -18.08 140.06
N ARG C 199 -104.84 -17.35 140.45
CA ARG C 199 -105.20 -17.18 141.85
C ARG C 199 -105.81 -18.43 142.48
N ILE C 200 -106.72 -19.12 141.79
CA ILE C 200 -107.34 -20.32 142.39
C ILE C 200 -106.30 -21.36 142.80
N PRO C 201 -105.43 -21.88 141.92
CA PRO C 201 -105.28 -21.80 140.46
C PRO C 201 -106.08 -22.85 139.68
N VAL C 202 -106.20 -22.67 138.36
CA VAL C 202 -106.84 -23.64 137.48
C VAL C 202 -105.78 -24.26 136.57
N GLN C 203 -106.14 -25.40 135.98
CA GLN C 203 -105.27 -26.09 135.03
C GLN C 203 -105.67 -25.91 133.58
N ALA C 204 -106.88 -25.43 133.29
CA ALA C 204 -107.28 -25.20 131.90
C ALA C 204 -108.32 -24.08 131.83
N VAL C 205 -108.42 -23.47 130.65
CA VAL C 205 -109.42 -22.44 130.37
C VAL C 205 -110.22 -22.85 129.14
N TRP C 206 -111.55 -22.75 129.24
CA TRP C 206 -112.48 -22.94 128.11
C TRP C 206 -113.22 -21.63 127.83
N ALA C 207 -113.10 -21.11 126.60
CA ALA C 207 -113.72 -19.83 126.25
C ALA C 207 -115.07 -19.88 125.52
N GLY C 208 -115.44 -20.95 124.82
CA GLY C 208 -116.74 -20.94 124.13
C GLY C 208 -116.77 -20.02 122.92
N TRP C 209 -117.78 -19.14 122.78
CA TRP C 209 -117.86 -18.19 121.67
C TRP C 209 -117.94 -16.76 122.18
N GLY C 210 -117.34 -15.84 121.42
CA GLY C 210 -117.26 -14.48 121.86
C GLY C 210 -116.17 -14.25 122.87
N HIS C 211 -116.24 -13.07 123.48
CA HIS C 211 -115.32 -12.59 124.50
C HIS C 211 -113.87 -12.98 124.22
N ALA C 212 -113.23 -13.85 125.01
CA ALA C 212 -111.86 -14.23 124.72
C ALA C 212 -111.77 -15.49 123.89
N SER C 213 -112.91 -15.99 123.38
CA SER C 213 -112.85 -17.19 122.55
C SER C 213 -111.97 -16.97 121.31
N GLU C 214 -111.80 -15.71 120.91
CA GLU C 214 -111.00 -15.34 119.75
C GLU C 214 -109.92 -14.34 120.16
N ASN C 215 -109.62 -14.22 121.47
CA ASN C 215 -108.55 -13.32 121.89
C ASN C 215 -107.29 -14.16 122.04
N PRO C 216 -106.30 -14.02 121.15
CA PRO C 216 -105.10 -14.87 121.25
C PRO C 216 -104.24 -14.64 122.47
N LYS C 217 -104.44 -13.53 123.19
CA LYS C 217 -103.66 -13.25 124.38
C LYS C 217 -104.00 -14.22 125.52
N LEU C 218 -105.24 -14.70 125.59
CA LEU C 218 -105.61 -15.61 126.67
C LEU C 218 -104.72 -16.85 126.71
N PRO C 219 -104.69 -17.70 125.69
CA PRO C 219 -103.73 -18.83 125.77
C PRO C 219 -102.28 -18.39 125.88
N GLU C 220 -101.93 -17.21 125.34
CA GLU C 220 -100.56 -16.73 125.44
C GLU C 220 -100.13 -16.54 126.89
N LEU C 221 -100.86 -15.71 127.64
CA LEU C 221 -100.52 -15.53 129.04
C LEU C 221 -100.74 -16.80 129.83
N LEU C 222 -101.80 -17.55 129.53
CA LEU C 222 -102.02 -18.79 130.26
C LEU C 222 -100.91 -19.79 129.99
N LEU C 223 -100.51 -19.94 128.73
CA LEU C 223 -99.43 -20.86 128.40
C LEU C 223 -98.11 -20.39 129.03
N LYS C 224 -97.84 -19.09 128.95
CA LYS C 224 -96.64 -18.50 129.56
C LYS C 224 -96.62 -18.75 131.06
N ASN C 225 -97.78 -18.88 131.69
CA ASN C 225 -97.93 -19.14 133.10
C ASN C 225 -98.24 -20.60 133.40
N GLY C 226 -98.05 -21.49 132.41
CA GLY C 226 -98.32 -22.90 132.57
C GLY C 226 -99.75 -23.33 132.77
N ILE C 227 -100.71 -22.56 132.25
CA ILE C 227 -102.13 -22.87 132.37
C ILE C 227 -102.60 -23.29 130.99
N ALA C 228 -103.21 -24.47 130.90
CA ALA C 228 -103.68 -24.98 129.63
C ALA C 228 -104.91 -24.22 129.13
N PHE C 229 -105.12 -24.29 127.82
CA PHE C 229 -106.27 -23.67 127.17
C PHE C 229 -106.95 -24.73 126.32
N MET C 230 -108.25 -24.95 126.51
CA MET C 230 -108.96 -25.96 125.71
C MET C 230 -109.38 -25.34 124.37
N GLY C 231 -108.36 -25.11 123.55
CA GLY C 231 -108.48 -24.52 122.25
C GLY C 231 -107.07 -24.39 121.72
N PRO C 232 -106.91 -23.89 120.49
CA PRO C 232 -105.57 -23.79 119.94
C PRO C 232 -104.73 -22.81 120.72
N PRO C 233 -103.41 -22.96 120.75
CA PRO C 233 -102.57 -21.96 121.41
C PRO C 233 -102.61 -20.62 120.70
N SER C 234 -102.20 -19.59 121.44
CA SER C 234 -102.17 -18.21 120.96
C SER C 234 -101.71 -18.04 119.53
N GLN C 235 -100.52 -18.57 119.22
CA GLN C 235 -99.98 -18.43 117.87
C GLN C 235 -100.92 -19.01 116.84
N ALA C 236 -101.36 -20.25 117.05
CA ALA C 236 -102.25 -20.88 116.09
C ALA C 236 -103.64 -20.22 116.06
N MET C 237 -104.09 -19.65 117.19
CA MET C 237 -105.41 -19.02 117.21
C MET C 237 -105.45 -17.72 116.44
N TRP C 238 -104.36 -16.96 116.43
CA TRP C 238 -104.34 -15.70 115.73
C TRP C 238 -104.10 -15.99 114.25
N ALA C 239 -103.07 -16.78 113.96
CA ALA C 239 -102.76 -17.11 112.58
C ALA C 239 -103.88 -17.91 111.89
N LEU C 240 -104.82 -18.50 112.64
CA LEU C 240 -105.93 -19.28 112.09
C LEU C 240 -107.33 -18.73 112.38
N GLY C 241 -107.51 -17.96 113.44
CA GLY C 241 -108.81 -17.38 113.74
C GLY C 241 -109.04 -16.10 112.97
N ASP C 242 -107.98 -15.32 112.84
CA ASP C 242 -108.03 -14.08 112.07
C ASP C 242 -108.14 -14.41 110.58
N LYS C 243 -109.15 -13.85 109.90
CA LYS C 243 -109.42 -14.21 108.51
C LYS C 243 -108.25 -13.91 107.58
N ILE C 244 -107.61 -12.76 107.75
CA ILE C 244 -106.43 -12.44 106.95
C ILE C 244 -105.35 -13.47 107.22
N ALA C 245 -104.98 -13.65 108.49
CA ALA C 245 -103.93 -14.58 108.84
C ALA C 245 -104.34 -16.01 108.46
N SER C 246 -105.59 -16.38 108.70
CA SER C 246 -106.05 -17.73 108.40
C SER C 246 -106.07 -17.99 106.91
N SER C 247 -106.44 -16.99 106.12
CA SER C 247 -106.41 -17.16 104.67
C SER C 247 -104.97 -17.35 104.22
N ILE C 248 -104.02 -16.68 104.88
CA ILE C 248 -102.62 -16.87 104.55
C ILE C 248 -102.18 -18.27 104.95
N VAL C 249 -102.61 -18.73 106.13
CA VAL C 249 -102.34 -20.10 106.54
C VAL C 249 -103.01 -21.07 105.59
N ALA C 250 -104.28 -20.80 105.26
CA ALA C 250 -104.99 -21.65 104.31
C ALA C 250 -104.20 -21.71 103.01
N GLN C 251 -103.73 -20.54 102.58
CA GLN C 251 -102.89 -20.44 101.39
C GLN C 251 -101.59 -21.19 101.60
N THR C 252 -101.04 -21.10 102.82
CA THR C 252 -99.84 -21.86 103.15
C THR C 252 -100.13 -23.35 102.99
N ALA C 253 -101.34 -23.78 103.36
CA ALA C 253 -101.72 -25.17 103.23
C ALA C 253 -102.10 -25.53 101.80
N GLY C 254 -102.26 -24.54 100.93
CA GLY C 254 -102.64 -24.74 99.54
C GLY C 254 -104.13 -24.88 99.32
N ILE C 255 -104.94 -24.34 100.23
CA ILE C 255 -106.40 -24.38 100.14
C ILE C 255 -106.95 -23.12 99.46
N PRO C 256 -107.85 -23.24 98.47
CA PRO C 256 -108.38 -22.03 97.83
C PRO C 256 -109.16 -21.17 98.81
N THR C 257 -109.11 -19.86 98.57
CA THR C 257 -109.80 -18.83 99.35
C THR C 257 -110.42 -17.88 98.34
N LEU C 258 -111.48 -17.19 98.76
CA LEU C 258 -112.11 -16.26 97.84
C LEU C 258 -111.20 -15.06 97.58
N PRO C 259 -111.33 -14.41 96.41
CA PRO C 259 -110.48 -13.24 96.10
C PRO C 259 -110.54 -12.14 97.15
N TRP C 260 -109.35 -11.75 97.59
CA TRP C 260 -109.14 -10.73 98.60
C TRP C 260 -107.80 -10.06 98.35
N SER C 261 -107.56 -8.95 99.05
CA SER C 261 -106.31 -8.18 98.98
C SER C 261 -105.04 -9.01 99.21
N GLY C 262 -105.16 -10.18 99.83
CA GLY C 262 -104.05 -11.06 100.14
C GLY C 262 -103.98 -12.39 99.44
N SER C 263 -104.62 -12.52 98.28
CA SER C 263 -104.49 -13.75 97.50
C SER C 263 -103.02 -13.97 97.16
N GLY C 264 -102.58 -15.24 97.18
CA GLY C 264 -101.19 -15.57 96.89
C GLY C 264 -100.24 -15.59 98.08
N LEU C 265 -100.62 -14.99 99.21
CA LEU C 265 -99.75 -14.89 100.38
C LEU C 265 -99.59 -16.17 101.20
N ARG C 266 -98.34 -16.46 101.57
CA ARG C 266 -97.99 -17.60 102.41
C ARG C 266 -96.57 -17.34 102.92
N VAL C 267 -95.99 -18.31 103.61
CA VAL C 267 -94.65 -18.14 104.17
C VAL C 267 -93.94 -19.49 104.23
N ILE C 278 -93.80 -24.95 112.74
CA ILE C 278 -94.77 -24.08 113.39
C ILE C 278 -94.81 -22.79 112.58
N LEU C 279 -96.00 -22.27 112.33
CA LEU C 279 -96.16 -21.10 111.47
C LEU C 279 -96.40 -19.82 112.26
N ASN C 280 -96.13 -18.71 111.59
CA ASN C 280 -96.31 -17.37 112.07
C ASN C 280 -96.64 -16.58 110.83
N VAL C 281 -97.58 -15.64 110.89
CA VAL C 281 -97.88 -14.84 109.71
C VAL C 281 -97.10 -13.54 109.89
N PRO C 282 -96.07 -13.28 109.07
CA PRO C 282 -95.30 -12.05 109.25
C PRO C 282 -96.04 -10.78 108.89
N GLN C 283 -95.79 -9.74 109.68
CA GLN C 283 -96.44 -8.45 109.46
C GLN C 283 -96.31 -7.95 108.03
N GLU C 284 -95.20 -8.27 107.36
CA GLU C 284 -95.06 -7.81 105.99
C GLU C 284 -95.99 -8.58 105.06
N LEU C 285 -96.08 -9.90 105.23
CA LEU C 285 -97.02 -10.69 104.46
C LEU C 285 -98.45 -10.35 104.86
N TYR C 286 -98.68 -10.31 106.17
CA TYR C 286 -99.97 -10.00 106.77
C TYR C 286 -100.46 -8.62 106.34
N GLU C 287 -99.57 -7.62 106.30
CA GLU C 287 -99.92 -6.24 105.91
C GLU C 287 -100.47 -6.10 104.51
N LYS C 288 -100.37 -7.11 103.66
CA LYS C 288 -100.96 -6.97 102.34
C LYS C 288 -102.45 -7.31 102.40
N GLY C 289 -102.84 -8.23 103.28
CA GLY C 289 -104.24 -8.59 103.36
C GLY C 289 -105.16 -7.53 103.93
N TYR C 290 -104.65 -6.64 104.80
CA TYR C 290 -105.48 -5.60 105.39
C TYR C 290 -105.38 -4.26 104.69
N VAL C 291 -106.35 -3.43 105.01
CA VAL C 291 -106.49 -2.06 104.53
C VAL C 291 -106.30 -1.15 105.74
N LYS C 292 -105.07 -0.69 105.93
CA LYS C 292 -104.67 0.11 107.09
C LYS C 292 -105.59 1.28 107.40
N ASP C 293 -106.34 1.80 106.42
CA ASP C 293 -107.23 2.93 106.64
C ASP C 293 -108.32 2.92 105.59
N VAL C 294 -109.23 3.91 105.69
CA VAL C 294 -110.34 4.03 104.75
C VAL C 294 -109.76 4.18 103.35
N ASP C 295 -108.66 4.94 103.25
CA ASP C 295 -107.99 5.17 101.98
C ASP C 295 -107.56 3.85 101.33
N ASP C 296 -106.92 2.98 102.11
CA ASP C 296 -106.54 1.66 101.61
C ASP C 296 -107.74 0.79 101.24
N GLY C 297 -108.86 0.96 101.94
CA GLY C 297 -110.06 0.19 101.64
C GLY C 297 -110.74 0.47 100.31
N LEU C 298 -110.94 1.76 99.99
CA LEU C 298 -111.57 2.12 98.72
C LEU C 298 -110.88 1.53 97.50
N GLN C 299 -109.55 1.47 97.53
CA GLN C 299 -108.76 0.90 96.44
C GLN C 299 -108.92 -0.62 96.34
N ALA C 300 -108.90 -1.34 97.48
CA ALA C 300 -109.06 -2.78 97.49
C ALA C 300 -110.40 -3.22 96.88
N ALA C 301 -111.48 -2.54 97.26
CA ALA C 301 -112.82 -2.82 96.75
C ALA C 301 -112.93 -2.76 95.22
N GLU C 302 -112.15 -1.92 94.56
CA GLU C 302 -112.23 -1.77 93.09
C GLU C 302 -111.64 -2.94 92.30
N GLU C 303 -110.54 -3.55 92.74
CA GLU C 303 -109.97 -4.66 91.96
C GLU C 303 -110.91 -5.85 91.85
N VAL C 304 -111.41 -6.35 92.97
CA VAL C 304 -112.35 -7.48 92.93
C VAL C 304 -113.62 -7.07 92.21
N GLY C 305 -114.08 -5.84 92.41
CA GLY C 305 -115.29 -5.36 91.78
C GLY C 305 -116.44 -5.51 92.76
N TYR C 306 -117.27 -4.48 92.82
CA TYR C 306 -118.41 -4.46 93.70
C TYR C 306 -119.44 -5.53 93.29
N PRO C 307 -120.21 -6.08 94.26
CA PRO C 307 -120.22 -5.79 95.71
C PRO C 307 -119.10 -6.45 96.50
N VAL C 308 -118.59 -5.75 97.52
CA VAL C 308 -117.50 -6.22 98.35
C VAL C 308 -118.00 -6.27 99.79
N MET C 309 -117.17 -6.84 100.67
CA MET C 309 -117.45 -6.93 102.08
C MET C 309 -116.31 -6.31 102.89
N ILE C 310 -116.63 -5.35 103.75
CA ILE C 310 -115.66 -4.81 104.69
C ILE C 310 -115.84 -5.71 105.91
N LYS C 311 -114.76 -6.37 106.31
CA LYS C 311 -114.80 -7.34 107.39
C LYS C 311 -113.70 -7.10 108.41
N ALA C 312 -114.09 -7.04 109.68
CA ALA C 312 -113.12 -6.94 110.76
C ALA C 312 -112.44 -8.29 110.88
N SER C 313 -111.11 -8.27 110.87
CA SER C 313 -110.38 -9.53 110.89
C SER C 313 -110.45 -10.23 112.24
N GLU C 314 -110.80 -9.52 113.31
CA GLU C 314 -110.93 -10.11 114.64
C GLU C 314 -112.40 -10.36 114.99
N GLY C 315 -113.28 -10.10 114.03
CA GLY C 315 -114.72 -10.31 114.22
C GLY C 315 -115.10 -11.77 114.21
N GLY C 316 -115.94 -12.16 115.17
CA GLY C 316 -116.44 -13.52 115.27
C GLY C 316 -117.95 -13.50 115.27
N GLY C 317 -118.56 -14.57 114.75
CA GLY C 317 -120.00 -14.64 114.73
C GLY C 317 -120.69 -13.46 114.06
N GLY C 318 -120.24 -13.08 112.86
CA GLY C 318 -120.88 -11.97 112.17
C GLY C 318 -120.60 -10.60 112.75
N LYS C 319 -119.55 -10.45 113.55
CA LYS C 319 -119.20 -9.19 114.17
C LYS C 319 -118.19 -8.43 113.30
N GLY C 320 -118.44 -7.14 113.06
CA GLY C 320 -117.49 -6.33 112.30
C GLY C 320 -117.57 -6.55 110.81
N ILE C 321 -118.77 -6.70 110.23
CA ILE C 321 -118.91 -6.97 108.80
C ILE C 321 -119.89 -6.02 108.13
N ARG C 322 -119.47 -5.40 107.02
CA ARG C 322 -120.32 -4.51 106.23
C ARG C 322 -120.21 -4.77 104.73
N LYS C 323 -121.38 -4.81 104.10
CA LYS C 323 -121.60 -4.99 102.66
C LYS C 323 -121.55 -3.64 101.95
N VAL C 324 -120.78 -3.54 100.87
CA VAL C 324 -120.59 -2.29 100.13
C VAL C 324 -121.01 -2.51 98.68
N ASN C 325 -121.96 -1.70 98.22
CA ASN C 325 -122.47 -1.76 96.86
C ASN C 325 -121.78 -0.79 95.91
N ASN C 326 -121.26 0.32 96.44
CA ASN C 326 -120.59 1.31 95.61
C ASN C 326 -119.58 2.07 96.45
N ALA C 327 -118.61 2.67 95.77
CA ALA C 327 -117.53 3.42 96.41
C ALA C 327 -118.01 4.57 97.29
N ASP C 328 -119.20 5.11 97.02
CA ASP C 328 -119.70 6.23 97.81
C ASP C 328 -120.17 5.80 99.20
N ASP C 329 -120.75 4.60 99.33
CA ASP C 329 -121.19 4.09 100.63
C ASP C 329 -120.02 3.61 101.47
N PHE C 330 -118.96 3.12 100.82
CA PHE C 330 -117.76 2.55 101.45
C PHE C 330 -117.21 3.32 102.65
N PRO C 331 -116.97 4.63 102.60
CA PRO C 331 -116.31 5.28 103.76
C PRO C 331 -117.05 5.07 105.07
N ASN C 332 -118.37 5.23 105.10
CA ASN C 332 -119.11 4.98 106.34
C ASN C 332 -119.10 3.52 106.72
N LEU C 333 -119.20 2.62 105.75
CA LEU C 333 -119.16 1.21 106.06
C LEU C 333 -117.81 0.86 106.68
N PHE C 334 -116.75 1.52 106.22
CA PHE C 334 -115.46 1.33 106.88
C PHE C 334 -115.52 1.92 108.28
N ARG C 335 -116.13 3.11 108.40
CA ARG C 335 -116.27 3.78 109.69
C ARG C 335 -117.17 3.00 110.64
N GLN C 336 -118.16 2.28 110.11
CA GLN C 336 -119.03 1.45 110.95
C GLN C 336 -118.23 0.29 111.52
N VAL C 337 -117.43 -0.36 110.67
CA VAL C 337 -116.58 -1.45 111.13
C VAL C 337 -115.60 -0.95 112.16
N GLN C 338 -115.06 0.27 111.95
CA GLN C 338 -114.17 0.84 112.96
C GLN C 338 -114.91 1.01 114.27
N ALA C 339 -116.10 1.58 114.22
CA ALA C 339 -116.89 1.77 115.44
C ALA C 339 -117.33 0.44 116.01
N GLU C 340 -117.68 -0.52 115.14
CA GLU C 340 -118.12 -1.83 115.63
C GLU C 340 -116.99 -2.59 116.30
N VAL C 341 -115.83 -2.64 115.66
CA VAL C 341 -114.66 -3.34 116.20
C VAL C 341 -113.48 -2.39 116.25
N PRO C 342 -113.42 -1.45 117.20
CA PRO C 342 -112.30 -0.52 117.22
C PRO C 342 -110.98 -1.20 117.57
N GLY C 343 -109.93 -0.82 116.85
CA GLY C 343 -108.60 -1.36 117.02
C GLY C 343 -108.29 -2.55 116.14
N SER C 344 -109.30 -3.22 115.61
CA SER C 344 -109.10 -4.38 114.77
C SER C 344 -108.70 -3.94 113.37
N PRO C 345 -107.70 -4.56 112.74
CA PRO C 345 -107.45 -4.25 111.33
C PRO C 345 -108.64 -4.63 110.47
N ILE C 346 -108.73 -3.99 109.30
CA ILE C 346 -109.83 -4.22 108.37
C ILE C 346 -109.29 -4.63 107.00
N PHE C 347 -109.98 -5.58 106.36
CA PHE C 347 -109.70 -6.04 105.01
C PHE C 347 -110.98 -6.01 104.18
N VAL C 348 -110.81 -6.17 102.87
CA VAL C 348 -111.92 -6.19 101.91
C VAL C 348 -111.77 -7.45 101.06
N MET C 349 -112.89 -8.16 100.84
CA MET C 349 -112.87 -9.38 100.04
C MET C 349 -114.09 -9.44 99.14
N ARG C 350 -113.92 -10.14 98.02
CA ARG C 350 -115.01 -10.33 97.07
C ARG C 350 -116.10 -11.25 97.63
N LEU C 351 -117.34 -10.79 97.56
CA LEU C 351 -118.51 -11.55 97.99
C LEU C 351 -118.84 -12.58 96.92
N ALA C 352 -118.65 -13.85 97.23
CA ALA C 352 -118.87 -14.88 96.22
C ALA C 352 -120.35 -14.92 95.86
N LYS C 353 -120.65 -15.59 94.75
CA LYS C 353 -122.03 -15.71 94.37
C LYS C 353 -122.70 -16.71 95.29
N GLN C 354 -124.04 -16.65 95.35
CA GLN C 354 -124.76 -17.63 96.16
C GLN C 354 -124.35 -19.04 95.74
N SER C 355 -123.86 -19.76 96.74
CA SER C 355 -123.22 -21.05 96.68
C SER C 355 -123.62 -21.80 97.95
N ARG C 356 -123.00 -22.95 98.17
CA ARG C 356 -123.20 -23.69 99.42
C ARG C 356 -122.05 -23.35 100.32
N HIS C 357 -122.35 -23.06 101.58
CA HIS C 357 -121.35 -22.78 102.58
C HIS C 357 -121.28 -24.07 103.38
N LEU C 358 -120.12 -24.73 103.34
CA LEU C 358 -119.93 -26.01 104.02
C LEU C 358 -118.79 -25.90 105.01
N GLU C 359 -118.87 -26.72 106.04
CA GLU C 359 -117.87 -26.75 107.09
C GLU C 359 -117.41 -28.18 107.25
N VAL C 360 -116.13 -28.35 107.57
CA VAL C 360 -115.54 -29.63 107.91
C VAL C 360 -115.16 -29.57 109.38
N GLN C 361 -115.64 -30.52 110.16
CA GLN C 361 -115.24 -30.55 111.57
C GLN C 361 -113.89 -31.27 111.61
N ILE C 362 -112.92 -30.60 112.22
CA ILE C 362 -111.56 -31.11 112.36
C ILE C 362 -111.28 -31.40 113.84
N LEU C 363 -110.43 -32.39 114.05
CA LEU C 363 -109.97 -32.78 115.37
C LEU C 363 -108.50 -33.16 115.23
N ALA C 364 -107.60 -32.43 115.91
CA ALA C 364 -106.16 -32.67 115.86
C ALA C 364 -105.55 -32.79 117.25
N ASP C 365 -104.59 -33.72 117.41
CA ASP C 365 -103.85 -33.89 118.66
C ASP C 365 -102.54 -33.09 118.67
N GLN C 366 -101.71 -33.30 119.69
CA GLN C 366 -100.42 -32.60 119.82
C GLN C 366 -99.26 -33.26 119.08
N TYR C 367 -99.51 -34.31 118.27
CA TYR C 367 -98.47 -35.08 117.59
C TYR C 367 -98.51 -35.05 116.07
N GLY C 368 -99.41 -34.27 115.46
CA GLY C 368 -99.52 -34.20 114.03
C GLY C 368 -100.69 -34.96 113.41
N ASN C 369 -101.44 -35.72 114.19
CA ASN C 369 -102.61 -36.41 113.68
C ASN C 369 -103.81 -35.46 113.72
N ALA C 370 -104.42 -35.22 112.56
CA ALA C 370 -105.59 -34.35 112.41
C ALA C 370 -106.54 -35.13 111.52
N ILE C 371 -107.84 -35.17 111.87
CA ILE C 371 -108.80 -35.90 111.06
C ILE C 371 -110.04 -35.09 110.73
N SER C 372 -110.75 -35.61 109.74
CA SER C 372 -112.06 -35.20 109.27
C SER C 372 -113.08 -36.20 109.80
N LEU C 373 -114.30 -35.74 110.03
CA LEU C 373 -115.37 -36.63 110.48
C LEU C 373 -116.40 -36.65 109.37
N PHE C 374 -117.04 -35.52 109.09
CA PHE C 374 -118.08 -35.23 108.09
C PHE C 374 -118.16 -33.71 108.06
N GLY C 375 -119.23 -33.16 107.49
CA GLY C 375 -119.38 -31.71 107.41
C GLY C 375 -120.70 -31.20 107.97
N ARG C 376 -120.82 -29.88 107.87
CA ARG C 376 -122.01 -29.13 108.25
C ARG C 376 -122.22 -28.10 107.14
N ASP C 377 -123.47 -27.92 106.73
CA ASP C 377 -123.84 -26.90 105.76
C ASP C 377 -124.38 -25.68 106.50
N CYS C 378 -123.75 -24.53 106.32
CA CYS C 378 -124.22 -23.31 106.94
C CYS C 378 -124.48 -22.24 105.89
N SER C 379 -125.01 -22.70 104.75
CA SER C 379 -125.37 -21.80 103.65
C SER C 379 -126.61 -21.01 103.99
N VAL C 380 -127.53 -21.65 104.71
CA VAL C 380 -128.80 -21.13 105.16
C VAL C 380 -128.70 -20.09 106.28
N GLN C 381 -128.75 -18.80 105.92
CA GLN C 381 -128.62 -17.71 106.90
C GLN C 381 -129.76 -16.70 106.72
N ARG C 382 -130.17 -16.09 107.83
CA ARG C 382 -131.20 -15.05 107.86
C ARG C 382 -130.74 -13.90 108.75
N ARG C 383 -130.50 -12.73 108.15
CA ARG C 383 -130.01 -11.55 108.86
C ARG C 383 -128.68 -11.80 109.56
N HIS C 384 -127.79 -12.51 108.85
CA HIS C 384 -126.44 -12.91 109.22
C HIS C 384 -126.39 -14.00 110.29
N GLN C 385 -127.52 -14.61 110.64
CA GLN C 385 -127.60 -15.69 111.61
C GLN C 385 -127.66 -17.06 110.96
N LYS C 386 -126.77 -17.98 111.34
CA LYS C 386 -126.83 -19.33 110.76
C LYS C 386 -128.13 -19.96 111.24
N ILE C 387 -129.03 -20.27 110.30
CA ILE C 387 -130.36 -20.76 110.65
C ILE C 387 -130.50 -22.29 110.57
N ILE C 388 -130.10 -22.92 109.46
CA ILE C 388 -130.22 -24.38 109.30
C ILE C 388 -128.87 -25.02 109.08
N GLU C 389 -128.64 -26.17 109.74
CA GLU C 389 -127.45 -26.96 109.49
C GLU C 389 -127.85 -28.36 109.05
N GLU C 390 -127.00 -29.01 108.24
CA GLU C 390 -127.24 -30.38 107.84
C GLU C 390 -125.96 -31.19 107.87
N ALA C 391 -126.06 -32.46 108.25
CA ALA C 391 -124.98 -33.44 108.19
C ALA C 391 -125.52 -34.76 107.66
N PRO C 392 -124.90 -35.37 106.63
CA PRO C 392 -123.75 -35.12 105.75
C PRO C 392 -124.00 -34.12 104.61
N ALA C 393 -122.95 -33.81 103.84
CA ALA C 393 -123.02 -32.91 102.69
C ALA C 393 -123.32 -33.73 101.43
N THR C 394 -124.59 -34.12 101.26
CA THR C 394 -124.95 -34.96 100.12
C THR C 394 -124.76 -34.26 98.78
N ILE C 395 -124.76 -32.92 98.77
CA ILE C 395 -124.61 -32.12 97.55
C ILE C 395 -123.31 -32.42 96.80
N ALA C 396 -122.18 -32.54 97.50
CA ALA C 396 -120.92 -32.76 96.78
C ALA C 396 -120.79 -34.12 96.12
N THR C 397 -120.05 -34.08 95.00
CA THR C 397 -119.68 -35.25 94.20
C THR C 397 -118.73 -36.17 94.96
N PRO C 398 -118.93 -37.51 94.93
CA PRO C 398 -118.04 -38.44 95.67
C PRO C 398 -116.55 -38.17 95.49
N ALA C 399 -116.13 -37.85 94.25
CA ALA C 399 -114.73 -37.55 93.96
C ALA C 399 -114.28 -36.28 94.68
N VAL C 400 -115.16 -35.28 94.71
CA VAL C 400 -114.90 -34.00 95.36
C VAL C 400 -114.76 -34.19 96.88
N PHE C 401 -115.58 -35.06 97.47
CA PHE C 401 -115.51 -35.33 98.92
C PHE C 401 -114.20 -35.93 99.40
N GLU C 402 -113.55 -36.81 98.64
CA GLU C 402 -112.26 -37.31 99.15
C GLU C 402 -111.23 -36.18 99.27
N HIS C 403 -111.17 -35.30 98.27
CA HIS C 403 -110.28 -34.14 98.31
C HIS C 403 -110.61 -33.16 99.46
N MET C 404 -111.89 -32.84 99.65
CA MET C 404 -112.29 -31.90 100.70
C MET C 404 -111.92 -32.36 102.12
N GLU C 405 -112.08 -33.65 102.42
CA GLU C 405 -111.67 -34.12 103.74
C GLU C 405 -110.17 -33.92 103.98
N GLN C 406 -109.35 -34.23 102.99
CA GLN C 406 -107.91 -34.12 103.19
C GLN C 406 -107.42 -32.67 103.30
N CYS C 407 -107.98 -31.75 102.51
CA CYS C 407 -107.57 -30.34 102.61
C CYS C 407 -107.84 -29.77 104.00
N ALA C 408 -109.03 -30.00 104.55
CA ALA C 408 -109.34 -29.52 105.90
C ALA C 408 -108.35 -30.09 106.91
N VAL C 409 -108.04 -31.37 106.76
CA VAL C 409 -107.08 -32.09 107.60
C VAL C 409 -105.65 -31.54 107.40
N LYS C 410 -105.26 -31.25 106.15
CA LYS C 410 -103.90 -30.73 105.91
C LYS C 410 -103.66 -29.45 106.68
N LEU C 411 -104.58 -28.48 106.57
CA LEU C 411 -104.43 -27.21 107.28
C LEU C 411 -104.22 -27.38 108.78
N ALA C 412 -104.97 -28.28 109.41
CA ALA C 412 -104.76 -28.52 110.83
C ALA C 412 -103.43 -29.19 111.10
N LYS C 413 -103.11 -30.25 110.35
CA LYS C 413 -101.85 -30.95 110.56
C LYS C 413 -100.65 -30.06 110.33
N MET C 414 -100.68 -29.26 109.26
CA MET C 414 -99.56 -28.38 108.93
C MET C 414 -99.23 -27.41 110.07
N VAL C 415 -100.25 -26.88 110.76
CA VAL C 415 -100.01 -25.88 111.80
C VAL C 415 -100.01 -26.47 113.20
N GLY C 416 -100.29 -27.76 113.36
CA GLY C 416 -100.33 -28.27 114.71
C GLY C 416 -101.52 -27.91 115.56
N TYR C 417 -102.74 -27.99 115.03
CA TYR C 417 -103.91 -27.64 115.83
C TYR C 417 -104.06 -28.59 117.00
N VAL C 418 -104.45 -28.05 118.16
CA VAL C 418 -104.72 -28.89 119.33
C VAL C 418 -106.04 -28.57 120.01
N SER C 419 -107.16 -29.04 119.45
CA SER C 419 -108.50 -28.94 120.02
C SER C 419 -109.54 -29.41 119.01
N ALA C 420 -110.78 -28.95 119.19
CA ALA C 420 -111.88 -29.21 118.28
C ALA C 420 -111.80 -28.03 117.31
N GLY C 421 -112.13 -28.25 116.06
CA GLY C 421 -112.14 -27.13 115.15
C GLY C 421 -113.06 -27.32 113.97
N THR C 422 -113.36 -26.19 113.34
CA THR C 422 -114.25 -26.13 112.20
C THR C 422 -113.51 -25.39 111.09
N VAL C 423 -113.39 -26.05 109.94
CA VAL C 423 -112.82 -25.46 108.74
C VAL C 423 -114.03 -25.08 107.90
N GLU C 424 -114.21 -23.78 107.66
CA GLU C 424 -115.37 -23.30 106.91
C GLU C 424 -115.00 -23.08 105.45
N TYR C 425 -115.82 -23.62 104.55
CA TYR C 425 -115.62 -23.51 103.12
C TYR C 425 -116.88 -23.02 102.44
N LEU C 426 -116.69 -22.35 101.31
CA LEU C 426 -117.79 -21.99 100.43
C LEU C 426 -117.66 -22.97 99.27
N TYR C 427 -118.70 -23.75 99.02
CA TYR C 427 -118.74 -24.79 98.00
C TYR C 427 -119.82 -24.37 97.01
N SER C 428 -119.57 -24.50 95.72
CA SER C 428 -120.59 -24.13 94.75
C SER C 428 -121.18 -25.34 94.06
N GLN C 429 -122.41 -25.15 93.58
CA GLN C 429 -123.13 -26.21 92.87
C GLN C 429 -122.33 -26.65 91.66
N ASP C 430 -121.57 -25.72 91.06
CA ASP C 430 -120.66 -26.06 89.98
C ASP C 430 -119.76 -27.21 90.42
N GLY C 431 -119.37 -27.18 91.69
CA GLY C 431 -118.46 -28.08 92.34
C GLY C 431 -117.15 -27.46 92.71
N SER C 432 -116.99 -26.14 92.55
CA SER C 432 -115.77 -25.46 92.93
C SER C 432 -115.97 -24.97 94.36
N PHE C 433 -114.92 -25.04 95.18
CA PHE C 433 -115.00 -24.56 96.56
C PHE C 433 -113.82 -23.69 96.98
N TYR C 434 -114.08 -22.82 97.95
CA TYR C 434 -113.08 -21.92 98.55
C TYR C 434 -113.25 -21.83 100.06
N PHE C 435 -112.10 -21.91 100.74
CA PHE C 435 -112.00 -21.75 102.18
C PHE C 435 -112.31 -20.31 102.59
N LEU C 436 -113.08 -20.17 103.66
CA LEU C 436 -113.48 -18.87 104.21
C LEU C 436 -112.80 -18.57 105.54
N GLU C 437 -112.93 -19.44 106.54
CA GLU C 437 -112.29 -19.14 107.82
C GLU C 437 -112.26 -20.42 108.66
N LEU C 438 -111.52 -20.33 109.75
CA LEU C 438 -111.42 -21.38 110.75
C LEU C 438 -111.87 -20.77 112.07
N ASN C 439 -112.85 -21.39 112.71
CA ASN C 439 -113.29 -20.93 114.02
C ASN C 439 -112.51 -21.68 115.09
N PRO C 440 -111.61 -21.01 115.85
CA PRO C 440 -110.75 -21.76 116.78
C PRO C 440 -111.50 -21.93 118.10
N ARG C 441 -112.78 -22.27 118.03
CA ARG C 441 -113.62 -22.31 119.22
C ARG C 441 -114.89 -23.07 118.89
N LEU C 442 -115.70 -23.26 119.92
CA LEU C 442 -117.01 -23.88 119.74
C LEU C 442 -118.02 -23.00 119.03
N GLN C 443 -118.90 -23.66 118.26
CA GLN C 443 -120.03 -23.01 117.62
C GLN C 443 -121.30 -23.45 118.35
N VAL C 444 -122.37 -22.66 118.20
CA VAL C 444 -123.64 -23.04 118.80
C VAL C 444 -124.22 -24.32 118.20
N GLU C 445 -123.96 -24.58 116.91
CA GLU C 445 -124.48 -25.73 116.15
C GLU C 445 -123.60 -26.99 116.16
N HIS C 446 -122.54 -27.03 116.93
CA HIS C 446 -121.70 -28.22 117.02
C HIS C 446 -122.37 -29.59 117.26
N PRO C 447 -123.50 -29.72 118.02
CA PRO C 447 -124.11 -31.06 118.13
C PRO C 447 -124.47 -31.77 116.82
N CYS C 448 -124.66 -31.04 115.72
CA CYS C 448 -124.92 -31.67 114.42
C CYS C 448 -123.88 -32.74 114.06
N THR C 449 -122.60 -32.40 114.15
CA THR C 449 -121.56 -33.37 113.85
C THR C 449 -121.57 -34.48 114.88
N GLU C 450 -121.71 -34.09 116.14
CA GLU C 450 -121.71 -35.01 117.27
C GLU C 450 -122.67 -36.18 117.05
N MET C 451 -123.86 -35.87 116.53
CA MET C 451 -124.90 -36.87 116.32
C MET C 451 -124.57 -37.85 115.19
N VAL C 452 -123.89 -37.40 114.13
CA VAL C 452 -123.54 -38.29 113.01
C VAL C 452 -122.16 -38.91 113.17
N ALA C 453 -121.26 -38.23 113.85
CA ALA C 453 -119.89 -38.64 114.07
C ALA C 453 -119.69 -39.42 115.36
N ASP C 454 -120.66 -39.39 116.28
CA ASP C 454 -120.50 -40.01 117.61
C ASP C 454 -119.29 -39.37 118.27
N VAL C 455 -119.25 -38.04 118.20
CA VAL C 455 -118.19 -37.26 118.79
C VAL C 455 -118.80 -36.28 119.75
N ASN C 456 -118.41 -36.36 121.01
CA ASN C 456 -118.83 -35.37 121.98
C ASN C 456 -117.75 -34.30 121.74
N LEU C 457 -118.13 -33.23 121.04
CA LEU C 457 -117.14 -32.22 120.67
C LEU C 457 -116.48 -31.51 121.84
N PRO C 458 -117.19 -30.92 122.81
CA PRO C 458 -116.50 -30.31 123.95
C PRO C 458 -115.63 -31.30 124.72
N ALA C 459 -116.04 -32.57 124.77
CA ALA C 459 -115.24 -33.59 125.44
C ALA C 459 -113.96 -33.88 124.68
N ALA C 460 -114.05 -33.88 123.35
CA ALA C 460 -112.87 -34.07 122.51
C ALA C 460 -111.87 -32.93 122.72
N GLN C 461 -112.37 -31.71 122.88
CA GLN C 461 -111.50 -30.55 123.13
C GLN C 461 -110.68 -30.73 124.40
N LEU C 462 -111.30 -31.25 125.45
CA LEU C 462 -110.60 -31.49 126.70
C LEU C 462 -109.47 -32.50 126.57
N GLN C 463 -109.74 -33.68 125.98
CA GLN C 463 -108.67 -34.68 125.87
C GLN C 463 -107.51 -34.18 125.05
N ILE C 464 -107.80 -33.49 123.96
CA ILE C 464 -106.75 -32.93 123.13
C ILE C 464 -105.90 -31.95 123.92
N ALA C 465 -106.52 -31.15 124.79
CA ALA C 465 -105.72 -30.21 125.56
C ALA C 465 -104.83 -30.96 126.54
N MET C 466 -105.19 -32.19 126.87
CA MET C 466 -104.37 -33.06 127.71
C MET C 466 -103.34 -33.83 126.89
N GLY C 467 -103.22 -33.57 125.58
CA GLY C 467 -102.29 -34.28 124.72
C GLY C 467 -102.66 -35.69 124.33
N ILE C 468 -103.95 -36.03 124.36
CA ILE C 468 -104.41 -37.36 124.00
C ILE C 468 -104.39 -37.52 122.47
N PRO C 469 -103.69 -38.50 121.89
CA PRO C 469 -103.72 -38.64 120.44
C PRO C 469 -105.09 -39.04 119.90
N LEU C 470 -105.33 -38.61 118.66
CA LEU C 470 -106.59 -38.87 117.95
C LEU C 470 -106.99 -40.34 117.98
N TYR C 471 -106.03 -41.24 117.79
CA TYR C 471 -106.38 -42.65 117.81
C TYR C 471 -106.82 -43.13 119.19
N ARG C 472 -106.64 -42.31 120.22
CA ARG C 472 -107.08 -42.57 121.59
C ARG C 472 -108.33 -41.81 121.99
N ILE C 473 -109.04 -41.19 121.05
CA ILE C 473 -110.27 -40.48 121.40
C ILE C 473 -111.40 -41.47 121.14
N LYS C 474 -112.08 -41.80 122.25
CA LYS C 474 -113.17 -42.77 122.30
C LYS C 474 -114.17 -42.56 121.18
N ASP C 475 -114.68 -41.34 121.10
CA ASP C 475 -115.64 -40.96 120.08
C ASP C 475 -115.19 -41.35 118.68
N ILE C 476 -113.92 -41.07 118.39
CA ILE C 476 -113.32 -41.40 117.10
C ILE C 476 -113.10 -42.89 116.97
N ARG C 477 -112.75 -43.55 118.07
CA ARG C 477 -112.46 -44.97 118.06
C ARG C 477 -113.68 -45.76 117.56
N MET C 478 -114.86 -45.52 118.14
CA MET C 478 -116.06 -46.21 117.66
C MET C 478 -116.36 -45.86 116.20
N MET C 479 -116.28 -44.57 115.88
CA MET C 479 -116.58 -44.07 114.54
C MET C 479 -115.75 -44.78 113.48
N TYR C 480 -114.47 -44.99 113.76
CA TYR C 480 -113.59 -45.65 112.81
C TYR C 480 -113.59 -47.17 113.00
N GLY C 481 -114.58 -47.69 113.73
CA GLY C 481 -114.75 -49.13 113.89
C GLY C 481 -113.62 -49.86 114.56
N VAL C 482 -112.83 -49.21 115.42
CA VAL C 482 -111.76 -49.91 116.11
C VAL C 482 -112.11 -50.20 117.58
N SER C 483 -111.17 -50.85 118.26
CA SER C 483 -111.33 -51.23 119.67
C SER C 483 -111.50 -50.01 120.57
N PRO C 484 -112.48 -49.99 121.50
CA PRO C 484 -112.60 -48.81 122.38
C PRO C 484 -111.39 -48.56 123.28
N TRP C 485 -110.64 -49.61 123.66
CA TRP C 485 -109.49 -49.50 124.57
C TRP C 485 -108.12 -49.92 124.03
N GLY C 486 -107.96 -50.21 122.73
CA GLY C 486 -106.63 -50.54 122.27
C GLY C 486 -105.77 -49.30 122.15
N ASP C 487 -104.45 -49.49 122.05
CA ASP C 487 -103.51 -48.37 121.93
C ASP C 487 -102.83 -48.32 120.58
N SER C 488 -103.21 -49.18 119.65
CA SER C 488 -102.58 -49.22 118.34
C SER C 488 -102.82 -47.93 117.56
N PRO C 489 -101.78 -47.26 117.05
CA PRO C 489 -102.03 -46.04 116.27
C PRO C 489 -102.76 -46.40 114.97
N ILE C 490 -103.66 -45.51 114.58
CA ILE C 490 -104.50 -45.68 113.39
C ILE C 490 -103.99 -44.75 112.30
N ASP C 491 -103.79 -45.32 111.11
CA ASP C 491 -103.42 -44.54 109.94
C ASP C 491 -104.73 -44.06 109.33
N PHE C 492 -105.04 -42.79 109.60
CA PHE C 492 -106.28 -42.16 109.18
C PHE C 492 -106.37 -42.02 107.67
N GLU C 493 -105.23 -41.98 107.00
CA GLU C 493 -105.20 -41.92 105.55
C GLU C 493 -105.67 -43.27 105.00
N ASP C 494 -105.14 -44.35 105.55
CA ASP C 494 -105.51 -45.69 105.13
C ASP C 494 -106.97 -46.02 105.47
N SER C 495 -107.57 -45.31 106.42
CA SER C 495 -108.96 -45.54 106.82
C SER C 495 -109.90 -44.40 106.41
N ALA C 496 -109.59 -43.75 105.28
CA ALA C 496 -110.41 -42.66 104.77
C ALA C 496 -111.81 -43.14 104.40
N HIS C 497 -111.89 -44.37 103.89
CA HIS C 497 -113.13 -45.02 103.46
C HIS C 497 -113.96 -45.58 104.61
N VAL C 498 -113.36 -45.76 105.79
CA VAL C 498 -114.10 -46.34 106.92
C VAL C 498 -115.35 -45.53 107.27
N PRO C 499 -115.28 -44.22 107.47
CA PRO C 499 -116.51 -43.50 107.84
C PRO C 499 -117.50 -43.36 106.69
N CYS C 500 -118.76 -43.59 107.04
CA CYS C 500 -119.92 -43.51 106.20
C CYS C 500 -120.80 -42.78 107.20
N PRO C 501 -121.58 -41.77 106.80
CA PRO C 501 -122.34 -41.04 107.83
C PRO C 501 -123.36 -41.91 108.54
N ARG C 502 -123.52 -41.65 109.82
CA ARG C 502 -124.48 -42.35 110.66
C ARG C 502 -125.69 -41.42 110.79
N GLY C 503 -126.69 -41.68 109.98
CA GLY C 503 -127.91 -40.92 109.90
C GLY C 503 -127.77 -39.53 109.28
N HIS C 504 -128.71 -38.66 109.66
CA HIS C 504 -128.85 -37.30 109.20
C HIS C 504 -129.20 -36.39 110.37
N VAL C 505 -128.81 -35.10 110.28
CA VAL C 505 -129.15 -34.11 111.31
C VAL C 505 -129.71 -32.87 110.65
N ILE C 506 -130.78 -32.33 111.24
CA ILE C 506 -131.37 -31.05 110.85
C ILE C 506 -131.27 -30.13 112.06
N ALA C 507 -130.73 -28.93 111.86
CA ALA C 507 -130.67 -27.90 112.88
C ALA C 507 -131.55 -26.72 112.53
N ALA C 508 -132.24 -26.15 113.52
CA ALA C 508 -133.10 -25.00 113.28
C ALA C 508 -132.83 -23.95 114.35
N ARG C 509 -132.48 -22.73 113.93
CA ARG C 509 -132.29 -21.67 114.92
C ARG C 509 -133.66 -21.16 115.35
N ILE C 510 -133.89 -21.14 116.65
CA ILE C 510 -135.14 -20.71 117.24
C ILE C 510 -134.90 -19.46 118.07
N THR C 511 -135.89 -18.56 118.07
CA THR C 511 -135.79 -17.29 118.80
C THR C 511 -136.95 -17.14 119.77
N GLY C 524 -133.58 -17.16 133.81
CA GLY C 524 -132.54 -18.07 133.39
C GLY C 524 -131.87 -17.63 132.11
N THR C 525 -131.04 -18.52 131.56
CA THR C 525 -130.35 -18.29 130.29
C THR C 525 -130.41 -19.46 129.34
N VAL C 526 -130.67 -20.67 129.82
CA VAL C 526 -130.71 -21.85 128.97
C VAL C 526 -131.91 -22.69 129.36
N GLN C 527 -132.87 -22.84 128.45
CA GLN C 527 -134.03 -23.69 128.67
C GLN C 527 -133.87 -24.87 127.72
N GLU C 528 -133.58 -26.05 128.27
CA GLU C 528 -133.46 -27.25 127.45
C GLU C 528 -134.85 -27.73 127.06
N LEU C 529 -135.17 -27.71 125.77
CA LEU C 529 -136.49 -28.15 125.30
C LEU C 529 -136.28 -29.57 124.78
N ASN C 530 -136.72 -30.53 125.56
CA ASN C 530 -136.63 -31.94 125.23
C ASN C 530 -137.89 -32.34 124.48
N PHE C 531 -137.74 -33.18 123.46
CA PHE C 531 -138.87 -33.60 122.65
C PHE C 531 -139.20 -35.06 122.92
N ARG C 532 -140.49 -35.31 123.12
CA ARG C 532 -141.10 -36.61 123.35
C ARG C 532 -141.43 -37.34 122.06
N SER C 533 -141.53 -36.59 120.96
CA SER C 533 -141.85 -37.18 119.66
C SER C 533 -140.72 -38.06 119.16
N ASN C 534 -139.48 -37.74 119.54
CA ASN C 534 -138.30 -38.47 119.10
C ASN C 534 -137.22 -38.44 120.17
N LYS C 535 -136.61 -39.60 120.37
CA LYS C 535 -135.47 -39.73 121.27
C LYS C 535 -134.22 -39.19 120.61
N ASN C 536 -134.19 -39.21 119.27
CA ASN C 536 -133.05 -38.73 118.52
C ASN C 536 -133.15 -37.24 118.23
N VAL C 537 -134.14 -36.56 118.79
CA VAL C 537 -134.32 -35.14 118.61
C VAL C 537 -134.39 -34.54 120.00
N TRP C 538 -133.64 -33.47 120.21
CA TRP C 538 -133.61 -32.67 121.41
C TRP C 538 -133.25 -31.24 121.03
N GLY C 539 -133.42 -30.34 121.99
CA GLY C 539 -133.11 -28.95 121.69
C GLY C 539 -133.08 -28.11 122.93
N TYR C 540 -132.88 -26.82 122.68
CA TYR C 540 -132.77 -25.79 123.69
C TYR C 540 -133.20 -24.41 123.17
N PHE C 541 -133.59 -23.57 124.14
CA PHE C 541 -133.95 -22.17 123.98
C PHE C 541 -133.24 -21.39 125.08
N SER C 542 -132.57 -20.30 124.74
CA SER C 542 -131.84 -19.54 125.75
C SER C 542 -132.42 -18.15 125.94
N VAL C 543 -132.15 -17.60 127.13
CA VAL C 543 -132.58 -16.27 127.55
C VAL C 543 -131.36 -15.46 127.97
N GLN C 556 -133.70 -14.93 124.49
CA GLN C 556 -132.58 -14.52 123.66
C GLN C 556 -132.71 -15.26 122.34
N PHE C 557 -132.18 -16.48 122.28
CA PHE C 557 -132.22 -17.28 121.07
C PHE C 557 -131.92 -18.71 121.45
N GLY C 558 -132.19 -19.62 120.53
CA GLY C 558 -131.87 -21.02 120.77
C GLY C 558 -131.71 -21.75 119.46
N HIS C 559 -131.51 -23.06 119.59
CA HIS C 559 -131.33 -23.94 118.46
C HIS C 559 -132.00 -25.27 118.76
N CYS C 560 -132.60 -25.89 117.73
CA CYS C 560 -133.13 -27.24 117.85
C CYS C 560 -132.31 -28.13 116.93
N PHE C 561 -132.04 -29.35 117.40
CA PHE C 561 -131.22 -30.30 116.65
C PHE C 561 -131.97 -31.62 116.55
N SER C 562 -132.20 -32.10 115.32
CA SER C 562 -132.96 -33.33 115.08
C SER C 562 -132.17 -34.34 114.26
N TRP C 563 -131.84 -35.49 114.86
CA TRP C 563 -131.15 -36.57 114.14
C TRP C 563 -132.13 -37.62 113.62
N GLY C 564 -131.74 -38.26 112.51
CA GLY C 564 -132.55 -39.31 111.90
C GLY C 564 -131.66 -40.23 111.10
N GLU C 565 -132.18 -41.43 110.80
CA GLU C 565 -131.40 -42.38 110.00
C GLU C 565 -131.16 -41.90 108.56
N ASN C 566 -132.04 -41.08 108.01
CA ASN C 566 -131.84 -40.57 106.67
C ASN C 566 -132.55 -39.24 106.53
N ARG C 567 -132.24 -38.56 105.41
CA ARG C 567 -132.82 -37.25 105.10
C ARG C 567 -134.31 -37.15 105.32
N GLU C 568 -135.09 -38.05 104.70
CA GLU C 568 -136.55 -37.98 104.83
C GLU C 568 -136.99 -38.08 106.29
N GLU C 569 -136.48 -39.08 107.00
CA GLU C 569 -136.81 -39.24 108.42
C GLU C 569 -136.36 -38.05 109.27
N ALA C 570 -135.19 -37.47 108.96
CA ALA C 570 -134.71 -36.33 109.74
C ALA C 570 -135.46 -35.03 109.43
N ILE C 571 -135.76 -34.76 108.16
CA ILE C 571 -136.57 -33.59 107.85
C ILE C 571 -137.94 -33.71 108.47
N SER C 572 -138.55 -34.89 108.35
CA SER C 572 -139.86 -35.13 108.92
C SER C 572 -139.89 -34.85 110.42
N ASN C 573 -138.92 -35.37 111.16
CA ASN C 573 -138.86 -35.13 112.60
C ASN C 573 -138.66 -33.66 112.94
N MET C 574 -137.86 -32.93 112.16
CA MET C 574 -137.67 -31.51 112.42
C MET C 574 -138.97 -30.73 112.25
N VAL C 575 -139.67 -30.98 111.13
CA VAL C 575 -140.94 -30.30 110.86
C VAL C 575 -141.92 -30.49 112.02
N VAL C 576 -142.17 -31.74 112.40
CA VAL C 576 -143.11 -32.00 113.50
C VAL C 576 -142.61 -31.33 114.78
N ALA C 577 -141.30 -31.39 115.05
CA ALA C 577 -140.79 -30.70 116.22
C ALA C 577 -140.96 -29.20 116.10
N LEU C 578 -140.64 -28.63 114.94
CA LEU C 578 -140.83 -27.20 114.73
C LEU C 578 -142.30 -26.83 114.68
N LYS C 579 -143.15 -27.73 114.16
CA LYS C 579 -144.58 -27.45 114.15
C LYS C 579 -145.09 -27.42 115.57
N GLU C 580 -144.57 -28.29 116.43
CA GLU C 580 -144.93 -28.22 117.83
C GLU C 580 -144.35 -26.95 118.45
N LEU C 581 -143.09 -26.66 118.11
CA LEU C 581 -142.41 -25.45 118.57
C LEU C 581 -143.04 -24.17 118.03
N SER C 582 -143.67 -24.22 116.85
CA SER C 582 -144.27 -23.01 116.28
C SER C 582 -145.37 -22.48 117.18
N ILE C 583 -146.02 -23.38 117.94
CA ILE C 583 -147.06 -23.00 118.89
C ILE C 583 -146.48 -22.11 120.00
N ARG C 584 -145.16 -22.11 120.18
CA ARG C 584 -144.52 -21.26 121.17
C ARG C 584 -144.49 -19.80 120.70
N GLY C 585 -144.38 -18.91 121.68
CA GLY C 585 -144.36 -17.47 121.47
C GLY C 585 -143.10 -16.90 120.84
N ASP C 586 -141.95 -17.12 121.48
CA ASP C 586 -140.70 -16.59 120.96
C ASP C 586 -140.36 -17.13 119.57
N PHE C 587 -140.89 -18.30 119.22
CA PHE C 587 -140.64 -18.92 117.92
C PHE C 587 -141.87 -18.93 117.01
N ARG C 588 -142.53 -17.78 116.82
CA ARG C 588 -143.69 -17.66 115.94
C ARG C 588 -143.39 -17.03 114.58
N THR C 589 -142.92 -15.78 114.54
CA THR C 589 -142.64 -15.18 113.24
C THR C 589 -141.47 -15.90 112.61
N THR C 590 -140.39 -16.06 113.39
CA THR C 590 -139.19 -16.73 112.93
C THR C 590 -139.51 -18.13 112.44
N VAL C 591 -140.32 -18.87 113.21
CA VAL C 591 -140.68 -20.24 112.88
C VAL C 591 -141.67 -20.41 111.74
N GLU C 592 -142.42 -19.38 111.34
CA GLU C 592 -143.36 -19.61 110.26
C GLU C 592 -142.60 -19.86 108.96
N TYR C 593 -141.69 -18.95 108.63
CA TYR C 593 -140.84 -19.08 107.45
C TYR C 593 -139.97 -20.34 107.52
N LEU C 594 -139.60 -20.77 108.74
CA LEU C 594 -138.78 -21.96 108.89
C LEU C 594 -139.52 -23.25 108.59
N ILE C 595 -140.72 -23.40 109.14
CA ILE C 595 -141.52 -24.59 108.83
C ILE C 595 -141.81 -24.61 107.34
N LYS C 596 -142.16 -23.44 106.79
CA LYS C 596 -142.40 -23.30 105.37
C LYS C 596 -141.16 -23.64 104.56
N LEU C 597 -140.04 -22.99 104.85
CA LEU C 597 -138.77 -23.22 104.14
C LEU C 597 -138.34 -24.68 104.20
N LEU C 598 -138.46 -25.32 105.35
CA LEU C 598 -138.06 -26.72 105.45
C LEU C 598 -138.96 -27.60 104.57
N GLU C 599 -140.21 -27.20 104.39
CA GLU C 599 -141.18 -27.94 103.58
C GLU C 599 -141.12 -27.59 102.09
N THR C 600 -140.52 -26.44 101.74
CA THR C 600 -140.40 -26.03 100.34
C THR C 600 -139.72 -27.08 99.47
N GLU C 601 -140.22 -27.20 98.24
CA GLU C 601 -139.70 -28.15 97.27
C GLU C 601 -138.20 -27.94 97.07
N SER C 602 -137.75 -26.68 97.07
CA SER C 602 -136.33 -26.38 96.91
C SER C 602 -135.53 -27.12 97.98
N PHE C 603 -136.00 -27.05 99.23
CA PHE C 603 -135.33 -27.79 100.29
C PHE C 603 -135.47 -29.29 100.06
N GLN C 604 -136.69 -29.76 99.79
CA GLN C 604 -136.91 -31.18 99.51
C GLN C 604 -136.05 -31.66 98.35
N MET C 605 -135.94 -30.83 97.30
CA MET C 605 -135.17 -31.11 96.09
C MET C 605 -133.70 -30.69 96.19
N ASN C 606 -133.24 -30.16 97.33
CA ASN C 606 -131.85 -29.73 97.47
C ASN C 606 -131.45 -28.69 96.43
N ARG C 607 -132.32 -27.70 96.22
CA ARG C 607 -132.12 -26.65 95.23
C ARG C 607 -131.98 -25.28 95.91
N ILE C 608 -131.02 -25.13 96.82
CA ILE C 608 -130.79 -23.91 97.58
C ILE C 608 -129.37 -23.39 97.37
N ASP C 609 -129.11 -22.18 97.90
CA ASP C 609 -127.78 -21.55 97.84
C ASP C 609 -127.66 -20.56 99.01
N THR C 610 -126.49 -19.92 99.09
CA THR C 610 -126.20 -18.96 100.17
C THR C 610 -127.14 -17.76 100.17
N GLY C 611 -127.71 -17.39 99.03
CA GLY C 611 -128.61 -16.24 99.02
C GLY C 611 -130.08 -16.59 99.13
N TRP C 612 -130.39 -17.89 99.10
CA TRP C 612 -131.74 -18.43 99.20
C TRP C 612 -132.57 -17.80 100.32
N LEU C 613 -132.23 -18.08 101.58
CA LEU C 613 -132.97 -17.49 102.70
C LEU C 613 -133.04 -15.97 102.60
N ASP C 614 -131.92 -15.35 102.26
CA ASP C 614 -131.85 -13.88 102.15
C ASP C 614 -132.79 -13.32 101.09
N ARG C 615 -133.23 -14.12 100.12
CA ARG C 615 -134.15 -13.69 99.08
C ARG C 615 -135.58 -14.14 99.35
N LEU C 616 -135.79 -15.05 100.32
CA LEU C 616 -137.12 -15.53 100.65
C LEU C 616 -137.98 -14.46 101.31
N ILE C 617 -137.37 -13.42 101.86
CA ILE C 617 -138.09 -12.34 102.55
C ILE C 617 -138.02 -11.07 101.72
N ARG C 625 -144.56 -25.64 86.38
CA ARG C 625 -143.38 -25.70 85.53
C ARG C 625 -143.11 -24.36 84.82
N PRO C 626 -142.04 -24.28 83.98
CA PRO C 626 -141.61 -22.98 83.45
C PRO C 626 -142.62 -22.28 82.56
N ASP C 627 -142.21 -21.10 82.14
CA ASP C 627 -142.93 -20.29 81.17
C ASP C 627 -142.00 -20.41 79.98
N THR C 628 -142.57 -20.77 78.82
CA THR C 628 -141.78 -21.07 77.63
C THR C 628 -140.59 -20.16 77.38
N MET C 629 -140.80 -18.84 77.25
CA MET C 629 -139.65 -18.04 76.83
C MET C 629 -138.62 -17.89 77.94
N LEU C 630 -139.05 -17.72 79.20
CA LEU C 630 -138.13 -17.92 80.31
C LEU C 630 -137.47 -19.29 80.17
N GLY C 631 -138.29 -20.32 79.90
CA GLY C 631 -137.85 -21.67 79.65
C GLY C 631 -136.78 -21.62 78.58
N VAL C 632 -137.12 -21.06 77.41
CA VAL C 632 -136.16 -20.93 76.34
C VAL C 632 -134.96 -20.12 76.82
N VAL C 633 -135.20 -19.04 77.56
CA VAL C 633 -134.11 -18.20 78.05
C VAL C 633 -133.26 -18.98 79.04
N CYS C 634 -133.85 -19.32 80.18
CA CYS C 634 -133.14 -20.09 81.20
C CYS C 634 -132.66 -21.43 80.65
N GLY C 635 -133.37 -21.97 79.66
CA GLY C 635 -132.93 -23.12 78.90
C GLY C 635 -131.59 -22.70 78.40
N ALA C 636 -131.60 -21.66 77.55
CA ALA C 636 -130.39 -21.15 76.94
C ALA C 636 -129.30 -20.98 77.99
N LEU C 637 -129.65 -20.37 79.13
CA LEU C 637 -128.65 -20.24 80.18
C LEU C 637 -128.40 -21.53 80.95
N HIS C 638 -129.26 -22.54 80.87
CA HIS C 638 -128.89 -23.83 81.42
C HIS C 638 -127.86 -24.51 80.53
N VAL C 639 -128.16 -24.58 79.23
CA VAL C 639 -127.23 -25.13 78.24
C VAL C 639 -125.93 -24.32 78.23
N ALA C 640 -126.06 -23.00 78.24
CA ALA C 640 -124.90 -22.11 78.30
C ALA C 640 -123.99 -22.48 79.45
N ASP C 641 -124.49 -22.39 80.70
CA ASP C 641 -123.69 -22.67 81.89
C ASP C 641 -122.94 -23.99 81.69
N VAL C 642 -123.65 -24.99 81.18
CA VAL C 642 -123.04 -26.30 80.92
C VAL C 642 -121.91 -26.14 79.89
N SER C 643 -122.22 -25.55 78.72
CA SER C 643 -121.16 -25.27 77.74
C SER C 643 -120.06 -24.44 78.38
N LEU C 644 -120.47 -23.47 79.20
CA LEU C 644 -119.57 -22.59 79.94
C LEU C 644 -118.74 -23.37 80.95
N ARG C 645 -119.37 -24.33 81.64
CA ARG C 645 -118.66 -25.22 82.57
C ARG C 645 -117.48 -25.87 81.87
N ASN C 646 -117.66 -26.29 80.63
CA ASN C 646 -116.54 -26.90 79.91
C ASN C 646 -115.47 -25.85 79.67
N SER C 647 -115.88 -24.70 79.11
CA SER C 647 -114.94 -23.64 78.78
C SER C 647 -114.17 -23.18 80.02
N VAL C 648 -114.85 -23.06 81.15
CA VAL C 648 -114.19 -22.68 82.40
C VAL C 648 -113.18 -23.77 82.76
N SER C 649 -113.63 -25.02 82.72
CA SER C 649 -112.78 -26.15 83.10
C SER C 649 -111.63 -26.32 82.12
N ASN C 650 -111.79 -25.83 80.88
CA ASN C 650 -110.73 -25.90 79.87
C ASN C 650 -109.65 -24.87 80.18
N PHE C 651 -110.07 -23.69 80.63
CA PHE C 651 -109.14 -22.72 81.18
C PHE C 651 -108.32 -23.28 82.33
N LEU C 652 -108.96 -23.97 83.26
CA LEU C 652 -108.21 -24.44 84.41
C LEU C 652 -107.18 -25.48 84.03
N HIS C 653 -107.42 -26.31 83.02
CA HIS C 653 -106.31 -27.10 82.54
C HIS C 653 -105.08 -26.32 82.07
N SER C 654 -105.25 -25.58 80.98
CA SER C 654 -104.08 -25.00 80.30
C SER C 654 -103.30 -23.96 81.11
N LEU C 655 -103.99 -23.07 81.84
CA LEU C 655 -103.24 -22.00 82.52
C LEU C 655 -102.60 -22.44 83.83
N GLU C 656 -103.23 -23.33 84.59
CA GLU C 656 -102.59 -23.83 85.79
C GLU C 656 -101.27 -24.49 85.43
N ARG C 657 -101.27 -25.30 84.37
CA ARG C 657 -100.03 -25.93 83.93
C ARG C 657 -99.19 -24.98 83.09
N GLY C 658 -99.82 -23.98 82.47
CA GLY C 658 -99.14 -23.01 81.64
C GLY C 658 -99.31 -23.16 80.14
N GLN C 659 -100.13 -24.11 79.68
CA GLN C 659 -100.43 -24.22 78.25
C GLN C 659 -101.01 -22.90 77.74
N VAL C 660 -100.48 -22.46 76.60
CA VAL C 660 -100.90 -21.22 75.95
C VAL C 660 -102.08 -21.58 75.04
N LEU C 661 -103.28 -21.53 75.63
CA LEU C 661 -104.51 -21.90 74.94
C LEU C 661 -104.96 -20.88 73.89
N PRO C 662 -105.61 -21.34 72.82
CA PRO C 662 -106.16 -20.40 71.84
C PRO C 662 -107.36 -19.73 72.47
N ALA C 663 -107.57 -18.46 72.16
CA ALA C 663 -108.66 -17.68 72.75
C ALA C 663 -110.00 -18.41 72.68
N HIS C 664 -110.25 -19.12 71.57
CA HIS C 664 -111.63 -19.42 71.19
C HIS C 664 -112.33 -20.29 72.23
N THR C 665 -111.57 -21.13 72.94
CA THR C 665 -112.15 -22.20 73.75
C THR C 665 -112.96 -21.69 74.93
N LEU C 666 -112.77 -20.43 75.33
CA LEU C 666 -113.47 -19.89 76.49
C LEU C 666 -114.98 -19.68 76.27
N LEU C 667 -115.47 -19.69 75.03
CA LEU C 667 -116.90 -19.72 74.74
C LEU C 667 -117.76 -18.69 75.45
N ASN C 668 -117.75 -17.43 75.01
CA ASN C 668 -118.93 -16.61 75.24
C ASN C 668 -120.05 -17.11 74.33
N THR C 669 -119.76 -17.13 73.04
CA THR C 669 -120.74 -17.49 72.00
C THR C 669 -121.12 -18.96 72.18
N VAL C 670 -122.39 -19.22 72.40
CA VAL C 670 -122.92 -20.55 72.62
C VAL C 670 -124.16 -20.66 71.76
N ASP C 671 -124.38 -21.88 71.25
CA ASP C 671 -125.41 -22.17 70.26
C ASP C 671 -126.18 -23.33 70.83
N VAL C 672 -127.39 -23.05 71.31
CA VAL C 672 -128.24 -24.03 71.97
C VAL C 672 -129.39 -24.37 71.03
N GLU C 673 -129.57 -25.67 70.77
CA GLU C 673 -130.60 -26.17 69.88
C GLU C 673 -131.43 -27.15 70.69
N LEU C 674 -132.67 -26.79 70.98
CA LEU C 674 -133.47 -27.49 71.98
C LEU C 674 -134.84 -27.74 71.38
N ILE C 675 -135.11 -28.99 71.01
CA ILE C 675 -136.31 -29.32 70.25
C ILE C 675 -137.40 -29.73 71.23
N TYR C 676 -138.39 -28.87 71.38
CA TYR C 676 -139.56 -29.10 72.20
C TYR C 676 -140.76 -29.25 71.27
N GLU C 677 -141.48 -30.37 71.37
CA GLU C 677 -142.67 -30.61 70.58
C GLU C 677 -142.36 -30.63 69.08
N GLY C 678 -141.12 -30.92 68.70
CA GLY C 678 -140.75 -30.97 67.30
C GLY C 678 -140.39 -29.59 66.77
N VAL C 679 -141.11 -28.56 67.21
CA VAL C 679 -140.82 -27.19 66.84
C VAL C 679 -139.63 -26.75 67.69
N LYS C 680 -138.56 -26.34 67.03
CA LYS C 680 -137.30 -26.11 67.70
C LYS C 680 -137.30 -24.80 68.47
N TYR C 681 -136.55 -24.79 69.56
CA TYR C 681 -136.22 -23.56 70.27
C TYR C 681 -134.89 -23.15 69.65
N VAL C 682 -134.86 -21.98 69.04
CA VAL C 682 -133.63 -21.47 68.43
C VAL C 682 -133.00 -20.49 69.39
N LEU C 683 -131.74 -20.76 69.76
CA LEU C 683 -131.04 -19.95 70.74
C LEU C 683 -129.58 -19.78 70.39
N LYS C 684 -129.04 -18.70 70.90
CA LYS C 684 -127.62 -18.50 71.08
C LYS C 684 -127.50 -17.95 72.48
N VAL C 685 -126.35 -18.16 73.10
CA VAL C 685 -126.07 -17.54 74.38
C VAL C 685 -124.66 -17.00 74.31
N THR C 686 -124.54 -15.69 74.49
CA THR C 686 -123.26 -15.03 74.52
C THR C 686 -123.04 -14.40 75.88
N ARG C 687 -121.95 -14.78 76.50
CA ARG C 687 -121.52 -14.19 77.75
C ARG C 687 -121.12 -12.76 77.44
N GLN C 688 -121.73 -11.79 78.10
CA GLN C 688 -121.62 -10.40 77.66
C GLN C 688 -120.78 -9.59 78.64
N SER C 689 -120.64 -10.05 79.89
CA SER C 689 -119.99 -9.38 81.00
C SER C 689 -119.97 -10.44 82.11
N PRO C 690 -118.94 -10.48 82.99
CA PRO C 690 -118.91 -11.52 84.05
C PRO C 690 -120.23 -11.69 84.80
N ASN C 691 -120.98 -10.60 84.94
CA ASN C 691 -122.29 -10.63 85.56
C ASN C 691 -123.42 -10.77 84.54
N SER C 692 -123.29 -10.16 83.36
CA SER C 692 -124.40 -10.03 82.42
C SER C 692 -124.26 -11.04 81.28
N TYR C 693 -125.36 -11.69 80.95
CA TYR C 693 -125.42 -12.73 79.94
C TYR C 693 -126.47 -12.30 78.92
N VAL C 694 -126.20 -12.49 77.63
CA VAL C 694 -127.17 -12.15 76.58
C VAL C 694 -127.51 -13.38 75.76
N VAL C 695 -128.80 -13.73 75.75
CA VAL C 695 -129.33 -14.82 74.93
C VAL C 695 -129.83 -14.20 73.64
N ILE C 696 -129.36 -14.74 72.52
CA ILE C 696 -129.65 -14.21 71.20
C ILE C 696 -130.25 -15.29 70.33
N MET C 697 -131.55 -15.14 70.06
CA MET C 697 -132.32 -16.09 69.29
C MET C 697 -132.45 -15.45 67.91
N ASN C 698 -131.71 -15.99 66.94
CA ASN C 698 -131.88 -15.75 65.50
C ASN C 698 -132.00 -14.27 65.17
N GLY C 699 -131.28 -13.44 65.92
CA GLY C 699 -131.33 -12.00 65.73
C GLY C 699 -132.24 -11.30 66.72
N SER C 700 -132.10 -11.61 68.00
CA SER C 700 -132.81 -10.89 69.05
C SER C 700 -131.89 -10.75 70.25
N CYS C 701 -132.30 -9.89 71.19
CA CYS C 701 -131.48 -9.56 72.35
C CYS C 701 -132.33 -9.53 73.61
N VAL C 702 -132.08 -10.47 74.51
CA VAL C 702 -132.64 -10.45 75.85
C VAL C 702 -131.42 -10.50 76.77
N GLU C 703 -131.36 -9.56 77.69
CA GLU C 703 -130.19 -9.34 78.52
C GLU C 703 -130.50 -9.77 79.95
N VAL C 704 -129.69 -10.68 80.48
CA VAL C 704 -129.90 -11.12 81.86
C VAL C 704 -128.56 -10.96 82.55
N ASP C 705 -128.64 -10.99 83.87
CA ASP C 705 -127.50 -11.02 84.76
C ASP C 705 -127.84 -11.96 85.90
N VAL C 706 -126.81 -12.51 86.55
CA VAL C 706 -127.00 -13.58 87.50
C VAL C 706 -126.22 -13.19 88.76
N HIS C 707 -126.19 -14.07 89.75
CA HIS C 707 -125.21 -13.95 90.81
C HIS C 707 -124.71 -15.33 91.22
N LEU C 714 -126.81 -18.77 93.52
CA LEU C 714 -127.31 -18.18 92.30
C LEU C 714 -128.51 -17.25 92.47
N LEU C 715 -128.30 -15.97 92.14
CA LEU C 715 -129.41 -15.03 92.00
C LEU C 715 -129.53 -14.67 90.54
N LEU C 716 -130.75 -14.65 90.03
CA LEU C 716 -130.98 -14.14 88.70
C LEU C 716 -131.93 -12.97 88.77
N SER C 717 -131.64 -11.96 88.00
CA SER C 717 -132.46 -10.77 87.90
C SER C 717 -132.89 -10.79 86.45
N TYR C 718 -134.18 -10.67 86.20
CA TYR C 718 -134.67 -10.70 84.83
C TYR C 718 -135.75 -9.62 84.76
N ASP C 719 -136.59 -9.62 83.73
CA ASP C 719 -137.80 -8.80 83.79
C ASP C 719 -138.58 -9.03 85.06
N GLY C 720 -139.00 -10.26 85.30
CA GLY C 720 -140.05 -10.53 86.28
C GLY C 720 -139.67 -10.29 87.73
N SER C 721 -138.77 -11.13 88.23
CA SER C 721 -138.55 -11.30 89.67
C SER C 721 -137.17 -11.94 89.86
N SER C 722 -136.92 -12.49 91.05
CA SER C 722 -135.64 -13.09 91.40
C SER C 722 -135.83 -14.60 91.35
N TYR C 723 -134.91 -15.31 90.70
CA TYR C 723 -135.08 -16.72 90.43
C TYR C 723 -133.82 -17.50 90.78
N THR C 724 -133.98 -18.81 90.91
CA THR C 724 -132.89 -19.72 91.22
C THR C 724 -132.95 -20.83 90.17
N THR C 725 -131.85 -21.08 89.50
CA THR C 725 -131.83 -22.11 88.48
C THR C 725 -130.63 -23.00 88.72
N TYR C 726 -130.82 -24.30 88.52
CA TYR C 726 -129.74 -25.28 88.65
C TYR C 726 -129.75 -26.26 87.49
N MET C 727 -128.55 -26.72 87.15
CA MET C 727 -128.35 -27.55 85.98
C MET C 727 -127.63 -28.80 86.47
N LYS C 728 -128.31 -29.92 86.31
CA LYS C 728 -127.76 -31.25 86.58
C LYS C 728 -127.67 -31.92 85.22
N GLU C 729 -126.50 -32.44 84.88
CA GLU C 729 -126.30 -33.11 83.61
C GLU C 729 -126.24 -34.61 83.74
N GLU C 730 -126.82 -35.28 82.74
CA GLU C 730 -126.75 -36.72 82.58
C GLU C 730 -126.18 -37.02 81.20
N VAL C 731 -125.68 -38.23 81.07
CA VAL C 731 -125.34 -38.91 79.83
C VAL C 731 -126.22 -38.66 78.59
N ASP C 732 -127.55 -38.83 78.71
CA ASP C 732 -128.45 -38.80 77.54
C ASP C 732 -129.73 -37.98 77.71
N ARG C 733 -129.80 -37.06 78.67
CA ARG C 733 -131.00 -36.26 78.89
C ARG C 733 -130.61 -34.80 79.04
N TYR C 734 -131.59 -33.92 78.86
CA TYR C 734 -131.35 -32.48 78.88
C TYR C 734 -132.28 -32.04 79.99
N ARG C 735 -131.69 -31.68 81.11
CA ARG C 735 -132.38 -31.75 82.40
C ARG C 735 -132.39 -30.39 83.10
N ILE C 736 -133.51 -29.68 83.08
CA ILE C 736 -133.55 -28.27 83.43
C ILE C 736 -134.32 -28.12 84.72
N THR C 737 -133.73 -27.38 85.67
CA THR C 737 -134.37 -27.02 86.93
C THR C 737 -134.38 -25.50 87.09
N ILE C 738 -135.57 -24.90 87.19
CA ILE C 738 -135.69 -23.46 87.28
C ILE C 738 -136.37 -23.14 88.61
N GLY C 739 -135.62 -23.24 89.71
CA GLY C 739 -136.23 -23.06 91.03
C GLY C 739 -136.74 -24.41 91.54
N ASN C 740 -138.05 -24.47 91.78
CA ASN C 740 -138.72 -25.65 92.28
C ASN C 740 -139.29 -26.47 91.12
N LYS C 741 -138.98 -26.08 89.89
CA LYS C 741 -139.57 -26.61 88.69
C LYS C 741 -138.50 -27.42 87.99
N THR C 742 -138.87 -28.59 87.46
CA THR C 742 -137.98 -29.36 86.62
C THR C 742 -138.62 -29.55 85.25
N CYS C 743 -137.79 -29.50 84.20
CA CYS C 743 -138.25 -29.89 82.87
C CYS C 743 -137.13 -30.57 82.11
N VAL C 744 -137.52 -31.55 81.30
CA VAL C 744 -136.59 -32.44 80.62
C VAL C 744 -136.93 -32.39 79.14
N PHE C 745 -135.90 -32.33 78.33
CA PHE C 745 -135.92 -32.13 76.89
C PHE C 745 -135.10 -33.17 76.18
N GLU C 746 -135.43 -33.33 74.91
CA GLU C 746 -134.82 -34.31 74.05
C GLU C 746 -133.56 -33.69 73.49
N LYS C 747 -132.55 -34.54 73.33
CA LYS C 747 -131.28 -34.24 72.68
C LYS C 747 -131.17 -34.91 71.32
N GLU C 748 -130.89 -34.06 70.33
CA GLU C 748 -130.85 -34.43 68.94
C GLU C 748 -129.81 -33.67 68.14
N SER C 752 -134.95 -34.93 65.01
CA SER C 752 -135.10 -35.08 63.60
C SER C 752 -133.75 -35.06 62.89
N VAL C 753 -132.76 -34.35 63.44
CA VAL C 753 -131.43 -34.32 62.88
C VAL C 753 -130.47 -35.18 63.69
N MET C 754 -129.64 -35.93 62.97
CA MET C 754 -128.62 -36.82 63.53
C MET C 754 -127.28 -36.10 63.42
N ARG C 755 -126.73 -35.67 64.55
CA ARG C 755 -125.51 -34.87 64.53
C ARG C 755 -124.36 -35.80 64.91
N SER C 756 -123.39 -35.93 64.00
CA SER C 756 -122.16 -36.63 64.33
C SER C 756 -121.39 -35.88 65.41
N PRO C 757 -120.68 -36.58 66.31
CA PRO C 757 -119.92 -35.90 67.35
C PRO C 757 -118.41 -35.88 67.10
N SER C 758 -117.98 -36.29 65.91
CA SER C 758 -116.56 -36.43 65.64
C SER C 758 -116.25 -36.28 64.15
N ALA C 759 -114.99 -35.96 63.87
CA ALA C 759 -114.46 -35.71 62.53
C ALA C 759 -113.89 -37.02 61.96
N GLY C 760 -113.21 -36.93 60.82
CA GLY C 760 -112.56 -38.07 60.18
C GLY C 760 -113.28 -38.60 58.95
N LYS C 761 -112.75 -39.71 58.45
CA LYS C 761 -113.34 -40.38 57.30
C LYS C 761 -114.65 -41.05 57.63
N LEU C 762 -115.49 -41.19 56.60
CA LEU C 762 -116.68 -42.02 56.65
C LEU C 762 -116.17 -43.31 56.03
N ILE C 763 -115.96 -44.31 56.87
CA ILE C 763 -115.51 -45.62 56.40
C ILE C 763 -116.60 -46.27 55.56
N GLN C 764 -117.75 -46.52 56.17
CA GLN C 764 -118.79 -47.31 55.55
C GLN C 764 -120.10 -46.98 56.24
N TYR C 765 -121.19 -47.49 55.65
CA TYR C 765 -122.53 -47.29 56.16
C TYR C 765 -123.14 -48.65 56.41
N ILE C 766 -123.55 -48.90 57.66
CA ILE C 766 -124.01 -50.22 58.08
C ILE C 766 -125.50 -50.40 57.83
N VAL C 767 -126.16 -49.40 57.25
CA VAL C 767 -127.58 -49.43 56.94
C VAL C 767 -127.63 -49.39 55.42
N GLU C 768 -128.77 -49.07 54.82
CA GLU C 768 -128.87 -48.72 53.41
C GLU C 768 -129.77 -47.49 53.31
N ASP C 769 -129.82 -46.91 52.11
CA ASP C 769 -130.70 -45.77 51.88
C ASP C 769 -132.15 -46.12 52.21
N GLY C 770 -132.87 -45.11 52.68
CA GLY C 770 -134.26 -45.26 53.07
C GLY C 770 -134.53 -46.34 54.10
N GLY C 771 -133.64 -46.47 55.09
CA GLY C 771 -133.75 -47.52 56.09
C GLY C 771 -133.99 -46.99 57.49
N HIS C 772 -135.04 -47.47 58.14
CA HIS C 772 -135.27 -47.16 59.54
C HIS C 772 -134.20 -47.74 60.46
N VAL C 773 -133.83 -46.95 61.49
CA VAL C 773 -132.84 -47.30 62.47
C VAL C 773 -133.42 -47.00 63.85
N PHE C 774 -132.67 -47.35 64.91
CA PHE C 774 -133.11 -47.17 66.29
C PHE C 774 -132.18 -46.22 67.03
N ALA C 775 -132.61 -45.83 68.23
CA ALA C 775 -131.66 -45.32 69.22
C ALA C 775 -130.64 -46.39 69.56
N GLY C 776 -129.39 -45.96 69.71
CA GLY C 776 -128.31 -46.79 70.18
C GLY C 776 -127.88 -47.83 69.18
N GLN C 777 -128.41 -47.76 67.96
CA GLN C 777 -128.16 -48.71 66.89
C GLN C 777 -127.06 -48.11 66.03
N CYS C 778 -126.02 -48.88 65.75
CA CYS C 778 -125.02 -48.37 64.84
C CYS C 778 -125.70 -48.04 63.51
N TYR C 779 -125.36 -46.88 62.97
CA TYR C 779 -125.84 -46.41 61.68
C TYR C 779 -124.73 -45.96 60.77
N ALA C 780 -123.57 -45.61 61.31
CA ALA C 780 -122.40 -45.35 60.49
C ALA C 780 -121.19 -45.82 61.30
N GLU C 781 -120.04 -45.78 60.65
CA GLU C 781 -118.77 -46.07 61.32
C GLU C 781 -117.73 -45.18 60.66
N ILE C 782 -116.89 -44.51 61.45
CA ILE C 782 -115.97 -43.51 60.93
C ILE C 782 -114.57 -43.86 61.41
N GLU C 783 -113.58 -43.21 60.80
CA GLU C 783 -112.17 -43.42 61.13
C GLU C 783 -111.61 -42.16 61.76
N VAL C 784 -111.26 -42.25 63.04
CA VAL C 784 -110.67 -41.14 63.76
C VAL C 784 -109.45 -41.71 64.46
N MET C 785 -108.30 -41.05 64.29
CA MET C 785 -107.06 -41.47 64.93
C MET C 785 -106.61 -42.88 64.52
N LYS C 786 -107.05 -43.37 63.35
CA LYS C 786 -106.77 -44.73 62.86
C LYS C 786 -107.63 -45.85 63.46
N MET C 787 -108.83 -45.54 63.94
CA MET C 787 -109.62 -46.49 64.71
C MET C 787 -111.10 -46.37 64.39
N VAL C 788 -111.84 -47.44 64.71
CA VAL C 788 -113.26 -47.53 64.44
C VAL C 788 -114.02 -46.66 65.44
N MET C 789 -115.27 -46.34 65.10
CA MET C 789 -116.08 -45.53 66.01
C MET C 789 -117.56 -45.85 65.88
N THR C 790 -118.13 -46.31 66.99
CA THR C 790 -119.56 -46.42 67.22
C THR C 790 -120.22 -45.06 67.06
N LEU C 791 -120.92 -44.82 65.94
CA LEU C 791 -121.75 -43.63 65.83
C LEU C 791 -123.04 -43.96 66.57
N THR C 792 -123.05 -43.77 67.89
CA THR C 792 -124.29 -43.91 68.62
C THR C 792 -125.36 -42.91 68.14
N ALA C 793 -126.49 -43.46 67.73
CA ALA C 793 -127.71 -42.73 67.43
C ALA C 793 -128.46 -42.39 68.72
N VAL C 794 -129.25 -41.31 68.68
CA VAL C 794 -129.94 -40.85 69.88
C VAL C 794 -131.44 -40.89 69.70
N GLU C 795 -131.95 -41.00 68.47
CA GLU C 795 -133.37 -41.05 68.18
C GLU C 795 -133.60 -41.96 66.97
N SER C 796 -134.72 -42.67 66.99
CA SER C 796 -135.08 -43.66 65.98
C SER C 796 -135.79 -43.02 64.79
N GLY C 797 -135.45 -43.45 63.58
CA GLY C 797 -136.19 -43.00 62.41
C GLY C 797 -135.48 -43.29 61.11
N CYS C 798 -136.21 -43.05 60.02
CA CYS C 798 -135.76 -43.41 58.67
C CYS C 798 -134.65 -42.49 58.21
N ILE C 799 -133.46 -43.05 58.05
CA ILE C 799 -132.33 -42.29 57.55
C ILE C 799 -132.59 -41.85 56.11
N HIS C 800 -132.22 -40.61 55.80
CA HIS C 800 -132.15 -40.08 54.44
C HIS C 800 -130.70 -39.80 54.15
N TYR C 801 -130.04 -40.73 53.44
CA TYR C 801 -128.60 -40.67 53.28
C TYR C 801 -128.19 -39.48 52.42
N VAL C 802 -127.27 -38.67 52.94
CA VAL C 802 -126.74 -37.51 52.23
C VAL C 802 -125.21 -37.56 52.20
N LYS C 803 -124.60 -37.92 53.32
CA LYS C 803 -123.15 -37.72 53.51
C LYS C 803 -122.38 -38.65 52.60
N ARG C 804 -121.88 -38.11 51.50
CA ARG C 804 -121.19 -38.91 50.50
C ARG C 804 -119.82 -39.34 51.04
N PRO C 805 -119.52 -40.64 51.09
CA PRO C 805 -118.41 -41.10 51.95
C PRO C 805 -117.05 -40.91 51.30
N GLY C 806 -116.01 -41.42 51.93
CA GLY C 806 -114.65 -41.36 51.42
C GLY C 806 -113.84 -40.19 51.92
N ALA C 807 -114.49 -39.03 52.03
CA ALA C 807 -113.82 -37.80 52.45
C ALA C 807 -113.96 -37.62 53.96
N ALA C 808 -113.46 -36.50 54.47
CA ALA C 808 -113.40 -36.25 55.90
C ALA C 808 -114.76 -35.84 56.45
N LEU C 809 -114.89 -35.96 57.77
CA LEU C 809 -116.07 -35.59 58.53
C LEU C 809 -115.73 -34.41 59.42
N ASP C 810 -116.74 -33.89 60.10
CA ASP C 810 -116.61 -32.84 61.08
C ASP C 810 -117.42 -33.21 62.31
N PRO C 811 -117.11 -32.65 63.48
CA PRO C 811 -118.01 -32.81 64.63
C PRO C 811 -119.23 -31.91 64.50
N GLY C 812 -120.36 -32.43 64.97
CA GLY C 812 -121.60 -31.69 64.96
C GLY C 812 -122.38 -31.74 63.67
N CYS C 813 -121.73 -32.05 62.55
CA CYS C 813 -122.43 -32.12 61.27
C CYS C 813 -123.27 -33.39 61.21
N VAL C 814 -123.91 -33.61 60.06
CA VAL C 814 -124.92 -34.65 59.90
C VAL C 814 -124.43 -35.68 58.91
N LEU C 815 -124.41 -36.94 59.33
CA LEU C 815 -124.14 -38.04 58.41
C LEU C 815 -125.36 -38.35 57.54
N ALA C 816 -126.56 -38.16 58.06
CA ALA C 816 -127.79 -38.34 57.29
C ALA C 816 -128.96 -37.94 58.18
N LYS C 817 -130.15 -37.89 57.57
CA LYS C 817 -131.31 -37.24 58.18
C LYS C 817 -132.45 -38.24 58.42
N MET C 818 -133.10 -38.07 59.56
CA MET C 818 -134.38 -38.70 59.87
C MET C 818 -135.36 -37.61 60.29
N GLN C 819 -136.48 -37.97 60.90
CA GLN C 819 -137.39 -36.98 61.46
C GLN C 819 -137.94 -37.51 62.78
N LEU C 820 -138.34 -36.60 63.66
CA LEU C 820 -138.96 -36.98 64.92
C LEU C 820 -140.28 -37.67 64.62
N ASP C 821 -140.30 -38.99 64.73
CA ASP C 821 -141.47 -39.78 64.33
C ASP C 821 -142.63 -39.56 65.29
N HIS C 832 -140.98 -21.97 66.06
CA HIS C 832 -139.58 -22.18 65.71
C HIS C 832 -138.74 -21.02 66.20
N THR C 833 -139.24 -19.81 65.95
CA THR C 833 -138.52 -18.57 66.22
C THR C 833 -139.09 -17.90 67.47
N GLY C 834 -138.27 -17.04 68.07
CA GLY C 834 -138.66 -16.31 69.25
C GLY C 834 -137.82 -15.08 69.49
N SER C 835 -138.47 -13.98 69.85
CA SER C 835 -137.79 -12.73 70.19
C SER C 835 -138.50 -12.10 71.37
N LEU C 836 -137.72 -11.49 72.26
CA LEU C 836 -138.18 -11.11 73.59
C LEU C 836 -137.88 -9.64 73.85
N PRO C 837 -138.88 -8.73 73.80
CA PRO C 837 -138.70 -7.45 74.48
C PRO C 837 -138.89 -7.61 75.98
N ARG C 838 -137.81 -7.65 76.75
CA ARG C 838 -137.91 -7.86 78.19
C ARG C 838 -136.74 -7.14 78.86
N ILE C 839 -137.05 -6.04 79.54
CA ILE C 839 -136.06 -5.30 80.30
C ILE C 839 -135.61 -6.13 81.51
N LYS C 848 -130.18 8.66 91.76
CA LYS C 848 -129.90 7.65 90.75
C LYS C 848 -128.98 8.24 89.69
N LEU C 849 -129.08 9.55 89.42
CA LEU C 849 -128.24 10.15 88.39
C LEU C 849 -126.80 10.04 88.85
N HIS C 850 -126.62 10.06 90.16
CA HIS C 850 -125.34 9.76 90.78
C HIS C 850 -124.87 8.41 90.27
N ARG C 851 -125.76 7.42 90.33
CA ARG C 851 -125.49 6.09 89.81
C ARG C 851 -125.46 6.05 88.28
N VAL C 852 -126.33 6.80 87.59
CA VAL C 852 -126.26 6.83 86.12
C VAL C 852 -124.84 7.10 85.64
N PHE C 853 -124.19 8.15 86.15
CA PHE C 853 -122.76 8.24 85.85
C PHE C 853 -122.00 6.96 86.18
N HIS C 854 -121.82 6.68 87.48
CA HIS C 854 -121.04 5.53 87.94
C HIS C 854 -121.48 4.17 87.39
N TYR C 855 -122.78 3.88 87.46
CA TYR C 855 -123.32 2.59 87.00
C TYR C 855 -123.01 2.32 85.53
N VAL C 856 -123.40 3.25 84.64
CA VAL C 856 -123.15 3.06 83.20
C VAL C 856 -121.68 2.83 82.95
N LEU C 857 -120.82 3.40 83.79
CA LEU C 857 -119.39 3.29 83.63
C LEU C 857 -118.97 1.89 84.04
N ASP C 858 -119.53 1.39 85.14
CA ASP C 858 -119.14 0.07 85.63
C ASP C 858 -119.50 -0.97 84.58
N ASN C 859 -120.69 -0.84 83.99
CA ASN C 859 -121.07 -1.69 82.87
C ASN C 859 -120.03 -1.57 81.76
N LEU C 860 -119.57 -0.34 81.54
CA LEU C 860 -118.66 0.01 80.46
C LEU C 860 -117.25 -0.53 80.68
N VAL C 861 -116.71 -0.44 81.90
CA VAL C 861 -115.40 -1.04 82.14
C VAL C 861 -115.41 -2.56 81.98
N ASN C 862 -116.51 -3.24 82.27
CA ASN C 862 -116.56 -4.66 81.90
C ASN C 862 -116.69 -4.83 80.39
N VAL C 863 -117.48 -3.96 79.77
CA VAL C 863 -117.59 -3.92 78.30
C VAL C 863 -116.21 -3.67 77.70
N MET C 864 -115.50 -2.70 78.26
CA MET C 864 -114.35 -2.04 77.63
C MET C 864 -113.03 -2.52 78.21
N ASN C 865 -113.07 -3.47 79.16
CA ASN C 865 -111.87 -4.23 79.48
C ASN C 865 -111.56 -5.22 78.37
N GLY C 866 -112.52 -5.51 77.49
CA GLY C 866 -112.29 -6.46 76.42
C GLY C 866 -113.05 -7.75 76.60
N TYR C 867 -114.31 -7.69 77.02
CA TYR C 867 -115.04 -8.92 77.23
C TYR C 867 -115.27 -9.72 75.96
N CYS C 868 -115.86 -9.10 74.95
CA CYS C 868 -116.09 -9.54 73.56
C CYS C 868 -117.38 -8.85 73.15
N LEU C 869 -117.50 -8.49 71.90
CA LEU C 869 -118.72 -7.84 71.45
C LEU C 869 -119.50 -8.87 70.66
N PRO C 870 -120.77 -9.12 70.98
CA PRO C 870 -121.48 -10.17 70.24
C PRO C 870 -121.76 -9.83 68.80
N ASP C 871 -122.21 -8.62 68.50
CA ASP C 871 -122.64 -8.32 67.15
C ASP C 871 -122.34 -6.90 66.69
N PRO C 872 -122.69 -6.53 65.45
CA PRO C 872 -122.49 -5.15 64.98
C PRO C 872 -123.31 -4.18 65.79
N PHE C 873 -124.54 -4.60 66.10
CA PHE C 873 -125.58 -3.90 66.86
C PHE C 873 -125.04 -3.16 68.09
N PHE C 874 -123.88 -3.59 68.60
CA PHE C 874 -123.20 -2.93 69.70
C PHE C 874 -123.04 -1.44 69.39
N SER C 875 -122.59 -1.13 68.16
CA SER C 875 -122.24 0.21 67.68
C SER C 875 -123.40 1.20 67.81
N SER C 876 -124.62 0.68 68.06
CA SER C 876 -125.80 1.46 68.39
C SER C 876 -125.74 1.76 69.88
N LYS C 877 -125.40 0.75 70.68
CA LYS C 877 -125.53 0.76 72.13
C LYS C 877 -124.68 1.87 72.74
N VAL C 878 -123.45 2.01 72.26
CA VAL C 878 -122.50 2.98 72.81
C VAL C 878 -122.89 4.44 72.62
N LYS C 879 -123.67 4.81 71.59
CA LYS C 879 -123.89 6.25 71.41
C LYS C 879 -124.76 6.81 72.53
N ASP C 880 -125.84 6.12 72.86
CA ASP C 880 -126.66 6.53 74.00
C ASP C 880 -125.82 6.56 75.28
N TRP C 881 -125.07 5.48 75.54
CA TRP C 881 -124.24 5.37 76.74
C TRP C 881 -123.34 6.58 76.90
N VAL C 882 -122.77 7.04 75.79
CA VAL C 882 -121.55 7.81 75.80
C VAL C 882 -121.81 9.29 75.58
N GLU C 883 -122.78 9.62 74.73
CA GLU C 883 -123.29 10.97 74.73
C GLU C 883 -123.99 11.26 76.05
N ARG C 884 -124.78 10.31 76.58
CA ARG C 884 -125.35 10.59 77.89
C ARG C 884 -124.26 10.84 78.90
N LEU C 885 -123.21 10.04 78.85
CA LEU C 885 -122.10 10.20 79.75
C LEU C 885 -121.40 11.53 79.55
N MET C 886 -120.79 11.72 78.37
CA MET C 886 -119.99 12.92 78.13
C MET C 886 -120.79 14.17 78.47
N LYS C 887 -122.02 14.23 77.98
CA LYS C 887 -122.87 15.37 78.22
C LYS C 887 -123.28 15.47 79.69
N THR C 888 -123.70 14.35 80.30
CA THR C 888 -124.04 14.30 81.73
C THR C 888 -122.85 14.39 82.66
N LEU C 889 -121.61 14.33 82.17
CA LEU C 889 -120.46 14.46 83.05
C LEU C 889 -120.05 15.91 83.14
N ARG C 890 -120.44 16.70 82.15
CA ARG C 890 -120.21 18.13 82.18
C ARG C 890 -121.26 18.72 83.12
N ASP C 891 -122.48 18.17 83.05
CA ASP C 891 -123.69 18.55 83.77
C ASP C 891 -123.40 18.68 85.27
N PRO C 892 -123.35 19.90 85.82
CA PRO C 892 -123.02 20.05 87.25
C PRO C 892 -124.15 19.70 88.21
N SER C 893 -125.21 18.98 87.81
CA SER C 893 -126.11 18.45 88.84
C SER C 893 -125.65 17.12 89.40
N LEU C 894 -124.52 16.58 88.92
CA LEU C 894 -123.98 15.36 89.50
C LEU C 894 -123.47 15.62 90.91
N PRO C 895 -122.55 16.57 91.12
CA PRO C 895 -121.93 16.78 92.45
C PRO C 895 -122.90 16.95 93.59
N LEU C 896 -124.06 17.58 93.40
CA LEU C 896 -125.05 17.63 94.47
C LEU C 896 -125.34 16.21 94.96
N LEU C 897 -125.58 15.27 94.04
CA LEU C 897 -125.88 13.92 94.49
C LEU C 897 -124.63 13.24 95.01
N GLU C 898 -123.46 13.63 94.49
CA GLU C 898 -122.21 13.08 95.00
C GLU C 898 -121.79 13.65 96.34
N LEU C 899 -122.04 14.93 96.56
CA LEU C 899 -121.92 15.45 97.91
C LEU C 899 -123.07 15.05 98.79
N GLN C 900 -124.21 14.70 98.21
CA GLN C 900 -125.24 14.09 99.03
C GLN C 900 -124.76 12.76 99.59
N ASP C 901 -124.25 11.90 98.73
CA ASP C 901 -124.37 10.48 99.04
C ASP C 901 -123.29 10.04 100.02
N ILE C 902 -122.06 10.51 99.84
CA ILE C 902 -121.05 10.27 100.86
C ILE C 902 -121.44 10.99 102.15
N MET C 903 -121.83 12.27 102.06
CA MET C 903 -122.18 13.04 103.24
C MET C 903 -123.50 12.62 103.86
N THR C 904 -124.26 11.71 103.25
CA THR C 904 -125.47 11.25 103.92
C THR C 904 -125.15 10.08 104.81
N SER C 905 -124.24 9.24 104.37
CA SER C 905 -123.89 8.08 105.15
C SER C 905 -122.78 8.41 106.13
N VAL C 906 -122.20 9.62 106.02
CA VAL C 906 -121.26 10.13 107.03
C VAL C 906 -121.73 11.49 107.47
N SER C 907 -123.02 11.62 107.76
CA SER C 907 -123.51 12.88 108.30
C SER C 907 -123.02 13.05 109.73
N GLY C 908 -122.97 11.96 110.48
CA GLY C 908 -122.38 11.93 111.80
C GLY C 908 -120.87 11.75 111.82
N ARG C 909 -120.37 11.51 113.04
CA ARG C 909 -118.96 11.28 113.40
C ARG C 909 -118.09 12.48 113.04
N ILE C 910 -118.73 13.61 112.86
CA ILE C 910 -118.30 14.74 112.04
C ILE C 910 -117.94 15.82 113.06
N PRO C 911 -116.91 16.64 112.89
CA PRO C 911 -116.79 17.85 113.74
C PRO C 911 -117.64 18.98 113.18
N PRO C 912 -118.71 19.39 113.91
CA PRO C 912 -119.72 20.33 113.38
C PRO C 912 -119.25 21.70 112.90
N ASN C 913 -118.14 22.25 113.39
CA ASN C 913 -117.68 23.53 112.84
C ASN C 913 -117.44 23.40 111.34
N VAL C 914 -116.76 22.33 110.95
CA VAL C 914 -116.36 22.14 109.57
C VAL C 914 -117.54 21.67 108.74
N GLU C 915 -118.38 20.87 109.38
CA GLU C 915 -119.61 20.35 108.80
C GLU C 915 -120.65 21.41 108.50
N LYS C 916 -120.95 22.27 109.46
CA LYS C 916 -121.91 23.31 109.20
C LYS C 916 -121.46 24.28 108.13
N SER C 917 -120.16 24.53 108.01
CA SER C 917 -119.68 25.34 106.90
C SER C 917 -119.84 24.63 105.57
N ILE C 918 -119.33 23.39 105.47
CA ILE C 918 -119.43 22.65 104.21
C ILE C 918 -120.88 22.34 103.88
N LYS C 919 -121.74 22.08 104.89
CA LYS C 919 -123.09 21.66 104.56
C LYS C 919 -123.89 22.86 104.09
N LYS C 920 -123.49 24.05 104.51
CA LYS C 920 -124.06 25.26 103.94
C LYS C 920 -123.78 25.29 102.44
N GLU C 921 -122.54 25.01 102.06
CA GLU C 921 -122.11 25.38 100.73
C GLU C 921 -122.53 24.34 99.71
N MET C 922 -122.85 23.11 100.13
CA MET C 922 -123.58 22.25 99.22
C MET C 922 -124.97 22.82 98.95
N ALA C 923 -125.64 23.26 100.02
CA ALA C 923 -126.92 23.94 99.87
C ALA C 923 -126.82 25.07 98.87
N GLN C 924 -125.70 25.78 98.89
CA GLN C 924 -125.40 26.82 97.93
C GLN C 924 -124.44 26.40 96.84
N TYR C 925 -124.03 25.13 96.79
CA TYR C 925 -123.83 24.52 95.49
C TYR C 925 -125.16 24.38 94.78
N ALA C 926 -126.18 23.95 95.53
CA ALA C 926 -127.54 23.77 95.02
C ALA C 926 -128.20 25.08 94.63
N SER C 927 -128.02 26.15 95.40
CA SER C 927 -128.63 27.42 95.01
C SER C 927 -127.98 28.02 93.77
N ASN C 928 -126.66 27.90 93.63
CA ASN C 928 -125.93 28.54 92.54
C ASN C 928 -125.77 27.59 91.35
N ILE C 929 -126.37 26.40 91.39
CA ILE C 929 -126.28 25.50 90.27
C ILE C 929 -127.08 26.09 89.10
N THR C 930 -126.69 25.71 87.89
CA THR C 930 -127.24 26.19 86.60
C THR C 930 -126.64 27.55 86.28
N SER C 931 -125.69 28.04 87.08
CA SER C 931 -124.88 29.17 86.64
C SER C 931 -123.80 28.71 85.68
N VAL C 932 -123.40 29.64 84.81
CA VAL C 932 -122.33 29.38 83.84
C VAL C 932 -120.98 29.27 84.51
N LEU C 933 -120.80 29.92 85.66
CA LEU C 933 -119.54 30.02 86.35
C LEU C 933 -119.57 29.43 87.75
N CYS C 934 -119.86 28.14 87.83
CA CYS C 934 -119.91 27.39 89.07
C CYS C 934 -118.80 26.36 88.99
N GLN C 935 -117.86 26.45 89.92
CA GLN C 935 -116.84 25.44 90.15
C GLN C 935 -116.91 24.96 91.58
N PHE C 936 -116.40 23.76 91.80
CA PHE C 936 -116.38 23.20 93.14
C PHE C 936 -115.58 24.13 94.04
N PRO C 937 -116.03 24.39 95.27
CA PRO C 937 -115.21 25.20 96.19
C PRO C 937 -114.34 24.30 97.05
N SER C 938 -113.52 23.49 96.38
CA SER C 938 -112.48 22.64 96.96
C SER C 938 -111.68 23.29 98.07
N GLN C 939 -110.85 24.29 97.77
CA GLN C 939 -110.07 24.86 98.85
C GLN C 939 -110.95 25.45 99.93
N GLN C 940 -112.11 26.01 99.57
CA GLN C 940 -112.96 26.58 100.59
C GLN C 940 -113.47 25.49 101.53
N ILE C 941 -113.98 24.38 100.98
CA ILE C 941 -114.44 23.31 101.86
C ILE C 941 -113.22 22.69 102.56
N ALA C 942 -112.13 22.51 101.81
CA ALA C 942 -110.91 21.92 102.36
C ALA C 942 -110.30 22.81 103.44
N ASN C 943 -110.23 24.13 103.19
CA ASN C 943 -109.63 25.07 104.14
C ASN C 943 -110.38 25.08 105.46
N ILE C 944 -111.70 25.04 105.41
CA ILE C 944 -112.49 25.07 106.64
C ILE C 944 -112.09 23.89 107.50
N LEU C 945 -112.07 22.70 106.92
CA LEU C 945 -111.59 21.53 107.64
C LEU C 945 -110.19 21.80 108.18
N ASP C 946 -109.39 22.52 107.42
CA ASP C 946 -108.04 22.80 107.87
C ASP C 946 -108.00 23.92 108.88
N SER C 947 -109.08 24.69 109.03
CA SER C 947 -109.24 25.41 110.28
C SER C 947 -109.27 24.44 111.45
N HIS C 948 -110.04 23.33 111.35
CA HIS C 948 -110.06 22.40 112.48
C HIS C 948 -108.98 21.33 112.40
N ALA C 949 -108.31 21.20 111.25
CA ALA C 949 -107.05 20.47 111.19
C ALA C 949 -105.93 21.30 111.78
N ALA C 950 -106.03 22.63 111.67
CA ALA C 950 -104.99 23.48 112.22
C ALA C 950 -104.88 23.28 113.71
N THR C 951 -106.00 23.02 114.39
CA THR C 951 -105.96 22.85 115.83
C THR C 951 -105.96 21.37 116.23
N LEU C 952 -106.74 20.53 115.54
CA LEU C 952 -106.79 19.12 115.93
C LEU C 952 -105.65 18.28 115.35
N ASN C 953 -105.18 18.60 114.13
CA ASN C 953 -104.54 17.55 113.33
C ASN C 953 -103.14 17.19 113.82
N ARG C 954 -102.61 17.89 114.81
CA ARG C 954 -101.28 17.63 115.33
C ARG C 954 -101.21 16.57 116.44
N LYS C 955 -102.22 15.73 116.64
CA LYS C 955 -102.41 15.07 117.94
C LYS C 955 -102.75 13.59 117.87
N SER C 956 -103.05 13.04 116.71
CA SER C 956 -103.43 11.65 116.53
C SER C 956 -104.69 11.27 117.32
N GLU C 957 -105.53 12.25 117.61
CA GLU C 957 -106.73 12.09 118.44
C GLU C 957 -107.92 11.90 117.53
N ARG C 958 -107.66 11.20 116.43
CA ARG C 958 -108.26 11.60 115.17
C ARG C 958 -108.80 10.49 114.29
N GLU C 959 -109.18 9.33 114.83
CA GLU C 959 -109.59 8.24 113.95
C GLU C 959 -111.07 8.27 113.64
N VAL C 960 -111.92 8.73 114.56
CA VAL C 960 -113.19 9.30 114.10
C VAL C 960 -112.90 10.44 113.14
N PHE C 961 -111.95 11.31 113.48
CA PHE C 961 -111.70 12.52 112.70
C PHE C 961 -111.05 12.18 111.37
N PHE C 962 -110.18 11.17 111.38
CA PHE C 962 -109.49 10.70 110.18
C PHE C 962 -110.50 10.39 109.09
N MET C 963 -111.54 9.64 109.45
CA MET C 963 -112.60 9.35 108.51
C MET C 963 -113.50 10.54 108.23
N ASN C 964 -113.33 11.65 108.93
CA ASN C 964 -113.98 12.91 108.60
C ASN C 964 -113.05 13.86 107.88
N THR C 965 -111.77 13.82 108.18
CA THR C 965 -110.83 14.65 107.45
C THR C 965 -110.39 13.99 106.16
N GLN C 966 -110.73 12.70 105.97
CA GLN C 966 -110.44 12.06 104.70
C GLN C 966 -111.68 12.03 103.83
N SER C 967 -112.84 11.68 104.41
CA SER C 967 -114.04 11.46 103.62
C SER C 967 -114.48 12.71 102.87
N ILE C 968 -114.25 13.89 103.45
CA ILE C 968 -114.60 15.14 102.77
C ILE C 968 -113.56 15.46 101.71
N VAL C 969 -112.27 15.22 102.01
CA VAL C 969 -111.21 15.52 101.05
C VAL C 969 -111.33 14.52 99.90
N GLN C 970 -111.93 13.35 100.16
CA GLN C 970 -112.21 12.35 99.13
C GLN C 970 -113.46 12.70 98.30
N LEU C 971 -114.43 13.43 98.85
CA LEU C 971 -115.54 13.92 98.03
C LEU C 971 -115.00 14.84 96.95
N VAL C 972 -114.17 15.79 97.35
CA VAL C 972 -113.54 16.77 96.46
C VAL C 972 -112.52 16.07 95.57
N GLN C 973 -111.90 14.99 96.07
CA GLN C 973 -110.95 14.21 95.29
C GLN C 973 -111.55 13.58 94.04
N ARG C 974 -112.86 13.40 93.97
CA ARG C 974 -113.38 12.91 92.70
C ARG C 974 -113.45 14.05 91.69
N TYR C 975 -113.46 15.29 92.21
CA TYR C 975 -114.06 16.48 91.60
C TYR C 975 -113.33 17.77 91.95
N ARG C 976 -112.16 17.72 92.62
CA ARG C 976 -111.44 18.94 92.99
C ARG C 976 -111.13 19.77 91.75
N SER C 977 -110.60 19.16 90.69
CA SER C 977 -110.37 19.92 89.47
C SER C 977 -111.62 19.86 88.60
N GLY C 978 -112.78 19.72 89.25
CA GLY C 978 -114.02 19.76 88.54
C GLY C 978 -114.20 18.41 87.93
N ILE C 979 -115.35 18.28 87.28
CA ILE C 979 -115.68 17.09 86.51
C ILE C 979 -114.64 16.85 85.41
N ARG C 980 -113.86 17.89 85.04
CA ARG C 980 -113.23 18.14 83.77
C ARG C 980 -111.79 17.62 83.66
N GLY C 981 -110.89 18.01 84.55
CA GLY C 981 -109.67 17.25 84.76
C GLY C 981 -109.88 15.76 84.98
N HIS C 982 -110.77 15.43 85.91
CA HIS C 982 -111.18 14.05 86.13
C HIS C 982 -111.83 13.36 84.94
N MET C 983 -112.86 13.96 84.30
CA MET C 983 -113.44 13.28 83.13
C MET C 983 -112.38 13.00 82.07
N LYS C 984 -111.33 13.83 82.00
CA LYS C 984 -110.15 13.51 81.20
C LYS C 984 -109.50 12.29 81.83
N ALA C 985 -109.09 12.42 83.09
CA ALA C 985 -108.22 11.45 83.75
C ALA C 985 -108.83 10.07 83.59
N VAL C 986 -110.11 9.94 83.96
CA VAL C 986 -110.77 8.64 83.97
C VAL C 986 -110.74 8.04 82.57
N VAL C 987 -111.19 8.77 81.53
CA VAL C 987 -111.15 8.19 80.20
C VAL C 987 -109.71 7.92 79.83
N MET C 988 -108.81 8.82 80.25
CA MET C 988 -107.38 8.65 80.03
C MET C 988 -106.86 7.39 80.70
N ASP C 989 -107.30 7.11 81.92
CA ASP C 989 -106.88 5.88 82.60
C ASP C 989 -107.35 4.63 81.85
N LEU C 990 -108.66 4.52 81.62
CA LEU C 990 -109.23 3.36 80.93
C LEU C 990 -108.57 3.13 79.57
N LEU C 991 -108.33 4.18 78.79
CA LEU C 991 -107.61 3.97 77.54
C LEU C 991 -106.26 3.32 77.84
N ARG C 992 -105.48 3.87 78.78
CA ARG C 992 -104.25 3.17 79.19
C ARG C 992 -104.52 1.77 79.72
N GLN C 993 -105.74 1.48 80.17
CA GLN C 993 -106.11 0.16 80.67
C GLN C 993 -106.11 -0.88 79.55
N TYR C 994 -106.92 -0.64 78.50
CA TYR C 994 -106.68 -1.21 77.18
C TYR C 994 -105.19 -1.38 76.83
N LEU C 995 -104.34 -0.42 77.20
CA LEU C 995 -102.98 -0.41 76.68
C LEU C 995 -102.09 -1.35 77.47
N ARG C 996 -102.12 -1.21 78.80
CA ARG C 996 -101.29 -2.01 79.71
C ARG C 996 -101.44 -3.48 79.42
N VAL C 997 -102.68 -3.98 79.56
CA VAL C 997 -102.98 -5.37 79.21
C VAL C 997 -102.37 -5.70 77.86
N GLU C 998 -102.75 -4.94 76.83
CA GLU C 998 -102.43 -5.32 75.46
C GLU C 998 -101.01 -4.93 75.01
N THR C 999 -100.23 -4.20 75.82
CA THR C 999 -98.85 -3.90 75.44
C THR C 999 -97.85 -4.97 75.89
N GLN C 1000 -98.00 -5.47 77.12
CA GLN C 1000 -97.18 -6.60 77.57
C GLN C 1000 -97.50 -7.85 76.77
N PHE C 1001 -98.75 -7.97 76.35
CA PHE C 1001 -99.21 -9.12 75.60
C PHE C 1001 -98.47 -9.35 74.30
N GLN C 1002 -98.24 -8.31 73.51
CA GLN C 1002 -97.56 -8.46 72.23
C GLN C 1002 -96.31 -7.59 72.14
N ASN C 1003 -95.16 -8.25 72.11
CA ASN C 1003 -93.83 -7.66 71.96
C ASN C 1003 -92.93 -8.74 71.38
N GLY C 1004 -93.06 -8.98 70.08
CA GLY C 1004 -92.34 -10.04 69.37
C GLY C 1004 -93.41 -10.97 68.84
N HIS C 1005 -93.68 -12.13 69.45
CA HIS C 1005 -94.78 -12.93 68.93
C HIS C 1005 -95.45 -13.65 70.10
N TYR C 1006 -96.73 -13.96 69.87
CA TYR C 1006 -97.63 -14.48 70.91
C TYR C 1006 -97.05 -15.60 71.76
N ASP C 1007 -96.46 -16.59 71.11
CA ASP C 1007 -95.96 -17.75 71.85
C ASP C 1007 -94.82 -17.41 72.80
N LYS C 1008 -93.70 -16.87 72.30
CA LYS C 1008 -92.58 -16.61 73.19
C LYS C 1008 -92.99 -15.60 74.27
N CYS C 1009 -93.81 -14.62 73.88
CA CYS C 1009 -94.34 -13.57 74.74
C CYS C 1009 -95.22 -14.09 75.86
N VAL C 1010 -95.95 -15.19 75.65
CA VAL C 1010 -96.83 -15.68 76.70
C VAL C 1010 -96.00 -16.12 77.92
N PHE C 1011 -94.74 -16.51 77.72
CA PHE C 1011 -93.93 -16.80 78.89
C PHE C 1011 -93.61 -15.52 79.64
N ALA C 1012 -93.47 -14.39 78.94
CA ALA C 1012 -93.36 -13.14 79.67
C ALA C 1012 -94.66 -12.83 80.41
N LEU C 1013 -95.80 -13.26 79.84
CA LEU C 1013 -97.08 -13.14 80.53
C LEU C 1013 -97.12 -14.06 81.72
N ARG C 1014 -96.66 -15.31 81.52
CA ARG C 1014 -96.58 -16.32 82.58
C ARG C 1014 -95.81 -15.76 83.77
N GLU C 1015 -94.80 -14.95 83.49
CA GLU C 1015 -93.76 -14.49 84.39
C GLU C 1015 -94.11 -13.12 84.96
N GLU C 1016 -95.01 -12.40 84.29
CA GLU C 1016 -95.52 -11.15 84.81
C GLU C 1016 -96.28 -11.39 86.12
N ASN C 1017 -97.03 -12.49 86.21
CA ASN C 1017 -97.74 -12.87 87.43
C ASN C 1017 -97.40 -14.35 87.67
N LYS C 1018 -96.19 -14.62 88.15
CA LYS C 1018 -95.81 -16.00 88.38
C LYS C 1018 -96.62 -16.62 89.51
N SER C 1019 -96.80 -15.86 90.60
CA SER C 1019 -97.39 -16.39 91.82
C SER C 1019 -98.83 -16.86 91.63
N ASP C 1020 -99.63 -16.04 90.95
CA ASP C 1020 -101.05 -16.29 90.71
C ASP C 1020 -101.32 -16.16 89.21
N MET C 1021 -102.43 -16.75 88.78
CA MET C 1021 -102.83 -16.73 87.38
C MET C 1021 -104.27 -16.24 87.19
N ASN C 1022 -104.93 -15.78 88.24
CA ASN C 1022 -106.27 -15.22 88.07
C ASN C 1022 -106.15 -13.88 87.35
N THR C 1023 -105.15 -13.08 87.70
CA THR C 1023 -104.88 -11.83 86.99
C THR C 1023 -104.59 -12.14 85.53
N VAL C 1024 -103.89 -13.24 85.29
CA VAL C 1024 -103.60 -13.71 83.95
C VAL C 1024 -104.90 -14.01 83.20
N LEU C 1025 -105.90 -14.54 83.89
CA LEU C 1025 -107.11 -14.94 83.19
C LEU C 1025 -107.86 -13.75 82.61
N ASN C 1026 -108.01 -12.66 83.36
CA ASN C 1026 -108.58 -11.46 82.76
C ASN C 1026 -107.69 -10.94 81.65
N TYR C 1027 -106.37 -11.06 81.81
CA TYR C 1027 -105.43 -10.66 80.78
C TYR C 1027 -105.67 -11.48 79.51
N ILE C 1028 -105.69 -12.82 79.66
CA ILE C 1028 -105.79 -13.69 78.49
C ILE C 1028 -107.13 -13.50 77.81
N PHE C 1029 -108.18 -13.45 78.62
CA PHE C 1029 -109.53 -13.13 78.21
C PHE C 1029 -109.69 -11.78 77.49
N SER C 1030 -108.97 -10.76 77.95
CA SER C 1030 -109.11 -9.41 77.39
C SER C 1030 -108.68 -9.31 75.93
N HIS C 1031 -107.45 -9.71 75.62
CA HIS C 1031 -106.91 -9.61 74.27
C HIS C 1031 -107.54 -10.53 73.24
N ALA C 1032 -108.57 -11.33 73.52
CA ALA C 1032 -109.09 -12.14 72.43
C ALA C 1032 -109.75 -11.32 71.31
N GLN C 1033 -110.66 -10.41 71.63
CA GLN C 1033 -111.23 -9.50 70.64
C GLN C 1033 -110.56 -8.13 70.60
N VAL C 1034 -109.28 -8.07 70.25
CA VAL C 1034 -108.64 -6.76 70.09
C VAL C 1034 -109.18 -6.04 68.86
N THR C 1035 -109.33 -6.77 67.75
CA THR C 1035 -109.72 -6.14 66.49
C THR C 1035 -111.07 -5.45 66.61
N LYS C 1036 -111.97 -6.02 67.41
CA LYS C 1036 -113.26 -5.41 67.69
C LYS C 1036 -113.06 -4.14 68.51
N LYS C 1037 -112.39 -4.29 69.64
CA LYS C 1037 -111.85 -3.25 70.51
C LYS C 1037 -111.24 -2.06 69.78
N ASN C 1038 -110.64 -2.26 68.60
CA ASN C 1038 -109.70 -1.27 68.08
C ASN C 1038 -110.48 -0.09 67.49
N LEU C 1039 -111.48 -0.39 66.65
CA LEU C 1039 -112.41 0.64 66.19
C LEU C 1039 -113.00 1.36 67.40
N LEU C 1040 -113.45 0.56 68.38
CA LEU C 1040 -114.16 1.03 69.57
C LEU C 1040 -113.34 1.99 70.45
N VAL C 1041 -112.02 1.87 70.47
CA VAL C 1041 -111.19 2.87 71.16
C VAL C 1041 -111.44 4.25 70.54
N THR C 1042 -111.54 4.33 69.22
CA THR C 1042 -111.85 5.57 68.50
C THR C 1042 -113.07 6.28 69.08
N MET C 1043 -114.17 5.56 69.29
CA MET C 1043 -115.33 6.09 70.02
C MET C 1043 -114.99 6.95 71.22
N LEU C 1044 -114.12 6.48 72.14
CA LEU C 1044 -113.85 7.27 73.35
C LEU C 1044 -113.32 8.64 72.97
N ILE C 1045 -112.29 8.64 72.13
CA ILE C 1045 -111.67 9.85 71.59
C ILE C 1045 -112.60 10.59 70.64
N ASP C 1046 -113.46 9.88 69.90
CA ASP C 1046 -114.23 10.49 68.82
C ASP C 1046 -115.14 11.63 69.26
N GLN C 1047 -115.88 11.49 70.36
CA GLN C 1047 -116.76 12.58 70.76
C GLN C 1047 -116.06 13.58 71.67
N LEU C 1048 -115.14 13.09 72.48
CA LEU C 1048 -114.05 13.85 73.05
C LEU C 1048 -113.30 14.75 72.07
N CYS C 1049 -112.61 14.15 71.09
CA CYS C 1049 -111.98 14.91 70.01
C CYS C 1049 -112.95 15.81 69.26
N GLY C 1050 -114.23 15.47 69.22
CA GLY C 1050 -115.22 16.39 68.67
C GLY C 1050 -115.11 17.80 69.21
N ARG C 1051 -114.69 17.96 70.46
CA ARG C 1051 -114.28 19.28 70.96
C ARG C 1051 -112.99 19.20 71.78
N ASP C 1052 -111.95 18.52 71.24
CA ASP C 1052 -110.62 18.60 71.83
C ASP C 1052 -109.81 19.87 71.52
N PRO C 1053 -109.97 20.51 70.35
CA PRO C 1053 -108.77 20.86 69.54
C PRO C 1053 -107.58 21.58 70.19
N THR C 1054 -107.69 22.05 71.42
CA THR C 1054 -106.57 22.65 72.15
C THR C 1054 -106.49 22.13 73.58
N LEU C 1055 -106.44 20.80 73.75
CA LEU C 1055 -106.79 20.22 75.03
C LEU C 1055 -105.67 20.35 76.08
N THR C 1056 -104.59 19.57 76.04
CA THR C 1056 -103.76 19.46 77.26
C THR C 1056 -102.52 18.58 77.07
N ASP C 1057 -101.36 19.13 77.45
CA ASP C 1057 -100.07 18.52 77.14
C ASP C 1057 -99.88 17.18 77.84
N GLU C 1058 -100.08 17.13 79.17
CA GLU C 1058 -99.99 15.86 79.91
C GLU C 1058 -100.83 14.78 79.22
N LEU C 1059 -101.90 15.19 78.52
CA LEU C 1059 -102.75 14.26 77.79
C LEU C 1059 -102.09 14.03 76.44
N LEU C 1060 -101.79 15.11 75.70
CA LEU C 1060 -101.12 15.00 74.41
C LEU C 1060 -99.87 14.14 74.53
N ASN C 1061 -99.22 14.15 75.70
CA ASN C 1061 -98.13 13.24 76.00
C ASN C 1061 -98.60 11.80 75.87
N ILE C 1062 -99.65 11.45 76.60
CA ILE C 1062 -100.26 10.12 76.46
C ILE C 1062 -100.68 9.89 75.01
N LEU C 1063 -101.25 10.93 74.39
CA LEU C 1063 -101.66 10.88 72.98
C LEU C 1063 -100.46 10.71 72.07
N THR C 1064 -99.37 11.42 72.37
CA THR C 1064 -98.15 11.37 71.57
C THR C 1064 -97.57 9.97 71.57
N GLU C 1065 -97.86 9.19 72.60
CA GLU C 1065 -97.55 7.76 72.63
C GLU C 1065 -98.33 7.01 71.55
N LEU C 1066 -99.56 7.45 71.27
CA LEU C 1066 -100.50 6.74 70.42
C LEU C 1066 -100.09 6.68 68.96
N THR C 1067 -99.41 7.71 68.44
CA THR C 1067 -98.99 7.68 67.04
C THR C 1067 -98.07 6.50 66.77
N GLN C 1068 -97.36 6.04 67.79
CA GLN C 1068 -96.34 5.01 67.65
C GLN C 1068 -96.91 3.62 67.44
N LEU C 1069 -98.24 3.44 67.50
CA LEU C 1069 -98.77 2.08 67.52
C LEU C 1069 -98.46 1.33 66.22
N SER C 1070 -97.81 0.17 66.37
CA SER C 1070 -97.05 -0.42 65.29
C SER C 1070 -97.56 -1.79 64.88
N LYS C 1071 -98.84 -1.96 64.59
CA LYS C 1071 -99.33 -3.25 64.17
C LYS C 1071 -100.46 -3.17 63.18
N THR C 1072 -100.57 -4.24 62.38
CA THR C 1072 -101.45 -4.24 61.22
C THR C 1072 -102.85 -3.84 61.62
N THR C 1073 -103.35 -4.44 62.71
CA THR C 1073 -104.67 -4.06 63.17
C THR C 1073 -104.67 -2.66 63.75
N ASN C 1074 -103.67 -2.34 64.57
CA ASN C 1074 -103.62 -1.00 65.15
C ASN C 1074 -102.69 -0.13 64.32
N ALA C 1075 -103.15 0.18 63.11
CA ALA C 1075 -102.34 1.00 62.23
C ALA C 1075 -103.17 2.20 61.79
N LYS C 1076 -104.49 2.00 61.68
CA LYS C 1076 -105.39 3.13 61.48
C LYS C 1076 -105.51 3.88 62.78
N VAL C 1077 -105.65 3.13 63.86
CA VAL C 1077 -105.87 3.71 65.15
C VAL C 1077 -104.62 4.49 65.51
N ALA C 1078 -103.47 3.90 65.19
CA ALA C 1078 -102.20 4.58 65.39
C ALA C 1078 -102.19 5.84 64.56
N LEU C 1079 -102.53 5.69 63.29
CA LEU C 1079 -102.72 6.80 62.38
C LEU C 1079 -103.83 7.72 62.81
N ARG C 1080 -104.80 7.21 63.55
CA ARG C 1080 -105.87 8.09 63.98
C ARG C 1080 -105.33 9.12 64.96
N ALA C 1081 -104.31 8.75 65.77
CA ALA C 1081 -103.67 9.76 66.61
C ALA C 1081 -103.31 10.95 65.74
N ARG C 1082 -102.88 10.67 64.52
CA ARG C 1082 -102.52 11.74 63.61
C ARG C 1082 -103.79 12.53 63.32
N GLN C 1083 -104.92 11.82 63.12
CA GLN C 1083 -106.17 12.52 62.84
C GLN C 1083 -106.45 13.46 64.00
N VAL C 1084 -106.17 13.00 65.22
CA VAL C 1084 -106.25 13.88 66.38
C VAL C 1084 -105.20 14.98 66.30
N LEU C 1085 -103.97 14.62 65.94
CA LEU C 1085 -102.86 15.58 65.99
C LEU C 1085 -103.01 16.70 64.98
N ILE C 1086 -103.78 16.47 63.91
CA ILE C 1086 -103.99 17.46 62.86
C ILE C 1086 -105.22 18.30 63.17
N ALA C 1087 -106.35 17.67 63.50
CA ALA C 1087 -107.57 18.40 63.83
C ALA C 1087 -107.38 19.46 64.91
N SER C 1088 -106.32 19.35 65.73
CA SER C 1088 -105.89 20.50 66.54
C SER C 1088 -105.71 21.74 65.69
N HIS C 1089 -105.24 21.57 64.44
CA HIS C 1089 -105.30 22.64 63.46
C HIS C 1089 -106.69 22.74 62.84
N LEU C 1090 -107.15 21.66 62.20
CA LEU C 1090 -108.27 21.71 61.26
C LEU C 1090 -109.41 20.81 61.76
N PRO C 1091 -110.36 21.37 62.51
CA PRO C 1091 -111.23 20.58 63.40
C PRO C 1091 -112.31 19.78 62.65
N SER C 1092 -113.13 19.05 63.43
CA SER C 1092 -113.98 17.98 62.87
C SER C 1092 -115.38 17.86 63.51
N TYR C 1093 -116.09 18.98 63.70
CA TYR C 1093 -117.37 18.95 64.41
C TYR C 1093 -118.22 20.11 63.85
N GLU C 1094 -119.12 20.70 64.64
CA GLU C 1094 -120.04 21.74 64.22
C GLU C 1094 -119.33 23.08 64.15
N LEU C 1095 -118.13 23.16 64.73
CA LEU C 1095 -117.38 24.40 64.71
C LEU C 1095 -116.84 24.57 63.29
N ARG C 1096 -116.46 23.47 62.63
CA ARG C 1096 -116.03 23.64 61.25
C ARG C 1096 -117.25 23.70 60.35
N HIS C 1097 -118.40 23.18 60.79
CA HIS C 1097 -119.66 23.57 60.17
C HIS C 1097 -119.88 25.06 60.37
N ASN C 1098 -119.51 25.56 61.56
CA ASN C 1098 -119.48 26.99 61.82
C ASN C 1098 -118.38 27.67 61.03
N GLN C 1099 -117.25 26.98 60.80
CA GLN C 1099 -116.17 27.66 60.11
C GLN C 1099 -116.52 27.96 58.68
N VAL C 1100 -117.18 27.02 58.01
CA VAL C 1100 -117.52 27.36 56.64
C VAL C 1100 -118.63 28.38 56.66
N GLU C 1101 -119.61 28.18 57.53
CA GLU C 1101 -120.60 29.20 57.84
C GLU C 1101 -119.97 30.57 58.11
N SER C 1102 -118.97 30.61 59.00
CA SER C 1102 -118.33 31.88 59.34
C SER C 1102 -117.66 32.51 58.13
N ILE C 1103 -116.66 31.82 57.59
CA ILE C 1103 -115.91 32.30 56.43
C ILE C 1103 -116.84 32.68 55.28
N PHE C 1104 -117.76 31.78 54.94
CA PHE C 1104 -118.63 31.97 53.80
C PHE C 1104 -119.53 33.18 53.98
N LEU C 1105 -120.33 33.21 55.05
CA LEU C 1105 -121.21 34.34 55.19
C LEU C 1105 -120.41 35.62 55.35
N SER C 1106 -119.27 35.57 56.05
CA SER C 1106 -118.44 36.75 56.13
C SER C 1106 -117.82 37.09 54.77
N ALA C 1107 -117.20 36.10 54.11
CA ALA C 1107 -116.56 36.34 52.82
C ALA C 1107 -117.54 36.83 51.76
N ILE C 1108 -118.68 36.14 51.63
CA ILE C 1108 -119.56 36.37 50.50
C ILE C 1108 -120.09 37.80 50.50
N ASP C 1109 -120.13 38.40 49.31
CA ASP C 1109 -120.63 39.76 49.15
C ASP C 1109 -122.09 39.84 49.61
N MET C 1110 -122.91 38.89 49.17
CA MET C 1110 -124.37 38.87 49.33
C MET C 1110 -125.12 40.03 48.67
N TYR C 1111 -124.53 40.72 47.70
CA TYR C 1111 -125.27 41.32 46.59
C TYR C 1111 -125.21 40.41 45.36
N GLY C 1112 -125.75 40.89 44.24
CA GLY C 1112 -125.73 40.15 42.99
C GLY C 1112 -124.32 39.93 42.49
N HIS C 1113 -123.37 40.74 42.96
CA HIS C 1113 -121.97 40.61 42.56
C HIS C 1113 -121.47 39.26 43.00
N GLN C 1114 -121.46 39.02 44.33
CA GLN C 1114 -121.08 37.71 44.87
C GLN C 1114 -119.70 37.29 44.38
N PHE C 1115 -118.74 38.23 44.48
CA PHE C 1115 -117.39 37.98 43.96
C PHE C 1115 -116.43 37.36 44.98
N CYS C 1116 -116.59 36.05 45.17
CA CYS C 1116 -115.64 35.24 45.92
C CYS C 1116 -115.01 34.28 44.92
N ILE C 1117 -114.54 34.79 43.78
CA ILE C 1117 -113.86 33.94 42.80
C ILE C 1117 -112.55 33.38 43.34
N GLU C 1118 -111.77 34.18 44.06
CA GLU C 1118 -110.56 33.62 44.65
C GLU C 1118 -110.93 32.55 45.66
N ASN C 1119 -111.96 32.78 46.47
CA ASN C 1119 -112.36 31.74 47.39
C ASN C 1119 -113.01 30.58 46.64
N LEU C 1120 -113.70 30.86 45.52
CA LEU C 1120 -114.23 29.78 44.71
C LEU C 1120 -113.12 28.89 44.15
N GLN C 1121 -112.05 29.49 43.65
CA GLN C 1121 -110.91 28.69 43.26
C GLN C 1121 -110.21 28.14 44.48
N LYS C 1122 -110.33 28.83 45.62
CA LYS C 1122 -109.77 28.26 46.85
C LYS C 1122 -110.62 27.10 47.27
N LEU C 1123 -111.92 27.12 46.97
CA LEU C 1123 -112.72 25.93 47.22
C LEU C 1123 -112.27 24.80 46.29
N ILE C 1124 -111.94 25.13 45.04
CA ILE C 1124 -111.55 24.12 44.04
C ILE C 1124 -110.06 23.84 44.06
N LEU C 1125 -109.31 24.65 44.78
CA LEU C 1125 -107.90 24.42 45.05
C LEU C 1125 -107.81 24.67 46.54
N SER C 1126 -108.54 23.83 47.26
CA SER C 1126 -108.63 23.96 48.71
C SER C 1126 -107.76 22.90 49.32
N GLU C 1127 -106.83 23.36 50.15
CA GLU C 1127 -106.07 22.38 50.91
C GLU C 1127 -107.04 21.68 51.82
N THR C 1128 -107.97 22.47 52.40
CA THR C 1128 -109.05 21.99 53.23
C THR C 1128 -110.13 21.34 52.37
N SER C 1129 -110.69 20.21 52.79
CA SER C 1129 -111.78 19.62 52.04
C SER C 1129 -113.03 20.35 52.46
N ILE C 1130 -113.81 20.80 51.48
CA ILE C 1130 -114.95 21.63 51.77
C ILE C 1130 -116.27 21.02 51.25
N PHE C 1131 -116.30 19.72 50.95
CA PHE C 1131 -117.56 18.99 50.76
C PHE C 1131 -118.30 18.60 52.01
N ASP C 1132 -117.83 18.84 53.23
CA ASP C 1132 -118.65 18.32 54.32
C ASP C 1132 -119.91 19.17 54.44
N VAL C 1133 -119.76 20.46 54.74
CA VAL C 1133 -120.89 21.30 55.08
C VAL C 1133 -121.32 22.20 53.93
N LEU C 1134 -120.39 22.73 53.12
CA LEU C 1134 -120.79 23.46 51.91
C LEU C 1134 -121.94 22.83 51.13
N PRO C 1135 -121.95 21.52 50.86
CA PRO C 1135 -123.18 20.95 50.30
C PRO C 1135 -124.36 21.07 51.24
N ASN C 1136 -124.09 21.00 52.54
CA ASN C 1136 -125.11 21.12 53.57
C ASN C 1136 -125.76 22.49 53.50
N PHE C 1137 -124.96 23.53 53.24
CA PHE C 1137 -125.48 24.88 53.09
C PHE C 1137 -125.97 25.31 51.72
N PHE C 1138 -125.56 24.72 50.54
CA PHE C 1138 -126.20 25.40 49.35
C PHE C 1138 -127.81 25.16 49.26
N TYR C 1139 -128.38 24.55 50.31
CA TYR C 1139 -129.78 24.46 50.67
C TYR C 1139 -130.02 24.89 52.11
N HIS C 1140 -129.28 25.90 52.55
CA HIS C 1140 -129.52 26.49 53.86
C HIS C 1140 -130.64 27.51 53.64
N SER C 1141 -131.17 28.11 54.70
CA SER C 1141 -132.31 29.01 54.56
C SER C 1141 -131.96 30.42 54.08
N ASN C 1142 -130.77 30.66 53.52
CA ASN C 1142 -130.22 32.00 53.35
C ASN C 1142 -129.96 32.15 51.85
N GLN C 1143 -130.78 32.98 51.17
CA GLN C 1143 -130.88 32.97 49.71
C GLN C 1143 -129.53 33.11 49.03
N VAL C 1144 -128.61 33.85 49.63
CA VAL C 1144 -127.27 33.99 49.06
C VAL C 1144 -126.52 32.68 49.20
N VAL C 1145 -126.62 32.07 50.38
CA VAL C 1145 -125.90 30.84 50.61
C VAL C 1145 -126.44 29.75 49.72
N ARG C 1146 -127.74 29.77 49.44
CA ARG C 1146 -128.20 29.00 48.29
C ARG C 1146 -127.28 29.29 47.11
N MET C 1147 -127.39 30.51 46.58
CA MET C 1147 -126.72 30.93 45.35
C MET C 1147 -125.21 30.65 45.32
N ALA C 1148 -124.46 31.27 46.25
CA ALA C 1148 -123.01 31.12 46.33
C ALA C 1148 -122.55 29.67 46.45
N ALA C 1149 -123.00 29.00 47.51
CA ALA C 1149 -122.56 27.64 47.78
C ALA C 1149 -122.92 26.75 46.59
N LEU C 1150 -124.10 26.96 46.03
CA LEU C 1150 -124.59 26.15 44.92
C LEU C 1150 -123.70 26.26 43.69
N GLU C 1151 -123.33 27.49 43.29
CA GLU C 1151 -122.51 27.55 42.09
C GLU C 1151 -121.09 27.06 42.32
N VAL C 1152 -120.53 27.24 43.52
CA VAL C 1152 -119.23 26.64 43.76
C VAL C 1152 -119.32 25.12 43.75
N TYR C 1153 -120.42 24.57 44.27
CA TYR C 1153 -120.62 23.12 44.18
C TYR C 1153 -120.61 22.67 42.73
N VAL C 1154 -121.36 23.37 41.87
CA VAL C 1154 -121.30 23.11 40.43
C VAL C 1154 -119.85 23.11 40.03
N ARG C 1155 -119.19 24.21 40.34
CA ARG C 1155 -117.85 24.47 39.84
C ARG C 1155 -116.89 23.44 40.42
N ARG C 1156 -117.14 23.02 41.69
CA ARG C 1156 -116.37 22.02 42.42
C ARG C 1156 -116.63 20.62 41.90
N ALA C 1157 -117.71 20.44 41.12
CA ALA C 1157 -118.01 19.20 40.43
C ALA C 1157 -117.29 19.19 39.09
N TYR C 1158 -117.57 20.20 38.27
CA TYR C 1158 -117.12 20.37 36.90
C TYR C 1158 -115.80 21.11 36.79
N ILE C 1159 -114.99 21.09 37.86
CA ILE C 1159 -113.62 21.64 37.83
C ILE C 1159 -112.88 21.14 36.59
N ALA C 1160 -113.24 19.94 36.11
CA ALA C 1160 -112.70 19.30 34.92
C ALA C 1160 -113.13 20.01 33.63
N TYR C 1161 -114.42 20.26 33.46
CA TYR C 1161 -114.89 20.89 32.23
C TYR C 1161 -114.63 22.40 32.23
N GLU C 1162 -114.92 22.98 31.07
CA GLU C 1162 -114.78 24.41 30.83
C GLU C 1162 -116.16 25.06 30.93
N LEU C 1163 -116.27 26.04 31.82
CA LEU C 1163 -117.54 26.70 32.08
C LEU C 1163 -117.53 28.07 31.42
N ASN C 1164 -118.47 28.32 30.50
CA ASN C 1164 -118.49 29.60 29.78
C ASN C 1164 -119.68 30.44 30.21
N SER C 1165 -120.57 29.92 31.06
CA SER C 1165 -121.70 30.67 31.57
C SER C 1165 -122.40 29.90 32.68
N VAL C 1166 -122.73 30.61 33.75
CA VAL C 1166 -123.43 30.07 34.89
C VAL C 1166 -124.19 31.27 35.44
N GLN C 1167 -125.51 31.28 35.34
CA GLN C 1167 -126.33 32.37 35.86
C GLN C 1167 -127.21 31.74 36.91
N HIS C 1168 -127.27 32.33 38.09
CA HIS C 1168 -128.31 31.90 38.99
C HIS C 1168 -129.65 32.48 38.57
N ARG C 1169 -130.62 31.60 38.50
CA ARG C 1169 -132.02 31.91 38.41
C ARG C 1169 -132.66 31.57 39.73
N GLN C 1170 -133.88 32.06 39.89
CA GLN C 1170 -134.58 32.17 41.16
C GLN C 1170 -135.99 32.11 40.59
N LEU C 1171 -136.55 30.92 40.66
CA LEU C 1171 -137.75 30.53 39.98
C LEU C 1171 -138.60 29.85 41.05
N LYS C 1172 -139.68 29.12 40.75
CA LYS C 1172 -141.04 29.62 40.85
C LYS C 1172 -141.04 30.77 41.86
N ASP C 1173 -140.81 30.49 43.13
CA ASP C 1173 -140.22 31.47 44.03
C ASP C 1173 -139.18 30.72 44.87
N ASN C 1174 -139.58 29.54 45.33
CA ASN C 1174 -138.87 28.66 46.24
C ASN C 1174 -137.85 27.79 45.52
N THR C 1175 -137.63 28.01 44.22
CA THR C 1175 -136.64 27.27 43.46
C THR C 1175 -135.53 28.13 42.91
N CYS C 1176 -134.31 27.67 43.14
CA CYS C 1176 -133.12 28.33 42.68
C CYS C 1176 -132.70 27.47 41.52
N VAL C 1177 -132.61 28.04 40.33
CA VAL C 1177 -132.15 27.30 39.17
C VAL C 1177 -130.87 27.95 38.72
N VAL C 1178 -129.89 27.13 38.41
CA VAL C 1178 -128.70 27.55 37.69
C VAL C 1178 -128.77 26.86 36.34
N GLU C 1179 -128.17 27.49 35.34
CA GLU C 1179 -128.07 26.94 33.99
C GLU C 1179 -126.61 26.58 33.75
N PHE C 1180 -126.37 25.45 33.07
CA PHE C 1180 -125.02 25.06 32.73
C PHE C 1180 -124.82 25.31 31.25
N GLN C 1181 -123.57 25.58 30.89
CA GLN C 1181 -123.15 25.73 29.50
C GLN C 1181 -121.69 25.35 29.37
N PHE C 1182 -121.38 24.35 28.54
CA PHE C 1182 -119.99 23.93 28.43
C PHE C 1182 -119.84 23.29 27.06
N MET C 1183 -118.70 22.66 26.82
CA MET C 1183 -118.48 21.96 25.57
C MET C 1183 -117.48 20.83 25.78
N LEU C 1184 -117.32 20.02 24.76
CA LEU C 1184 -116.52 18.82 24.83
C LEU C 1184 -115.06 19.25 24.72
N PRO C 1185 -114.20 18.97 25.73
CA PRO C 1185 -112.73 19.15 25.53
C PRO C 1185 -111.92 17.93 25.09
N THR C 1186 -112.04 17.60 23.80
CA THR C 1186 -111.42 16.40 23.22
C THR C 1186 -111.85 15.11 23.91
N SER C 1187 -113.01 15.13 24.57
CA SER C 1187 -113.50 13.93 25.24
C SER C 1187 -113.84 12.84 24.22
N HIS C 1188 -114.48 13.24 23.12
CA HIS C 1188 -114.90 12.34 22.03
C HIS C 1188 -115.81 13.12 21.10
N CYS C 1230 -121.86 18.61 20.67
CA CYS C 1230 -120.86 19.56 21.12
C CYS C 1230 -121.23 20.18 22.47
N GLN C 1231 -122.49 20.57 22.61
CA GLN C 1231 -122.97 21.30 23.78
C GLN C 1231 -124.25 20.66 24.28
N ARG C 1232 -124.62 21.06 25.49
CA ARG C 1232 -125.75 20.54 26.24
C ARG C 1232 -125.89 21.50 27.41
N MET C 1233 -127.07 21.54 28.01
CA MET C 1233 -127.30 22.35 29.20
C MET C 1233 -127.58 21.48 30.42
N GLY C 1234 -127.89 22.18 31.51
CA GLY C 1234 -128.13 21.57 32.80
C GLY C 1234 -129.11 22.41 33.59
N GLY C 1235 -129.55 21.84 34.68
CA GLY C 1235 -130.38 22.54 35.63
C GLY C 1235 -130.03 21.95 36.96
N MET C 1236 -129.68 22.80 37.91
CA MET C 1236 -129.49 22.40 39.29
C MET C 1236 -130.51 23.12 40.15
N VAL C 1237 -131.06 22.39 41.11
CA VAL C 1237 -131.97 22.96 42.09
C VAL C 1237 -131.59 22.45 43.46
N SER C 1238 -131.43 23.37 44.41
CA SER C 1238 -131.05 23.03 45.76
C SER C 1238 -132.28 23.01 46.66
N PHE C 1239 -132.59 21.84 47.21
CA PHE C 1239 -133.78 21.55 48.02
C PHE C 1239 -133.51 20.78 49.30
N ARG C 1240 -134.48 20.92 50.19
CA ARG C 1240 -134.38 20.47 51.55
C ARG C 1240 -134.83 19.02 51.58
N THR C 1241 -135.93 18.73 50.89
CA THR C 1241 -136.43 17.38 50.81
C THR C 1241 -136.83 17.09 49.39
N PHE C 1242 -136.83 15.79 49.10
CA PHE C 1242 -137.09 15.32 47.76
C PHE C 1242 -138.54 15.60 47.43
N GLU C 1243 -139.36 15.73 48.48
CA GLU C 1243 -140.79 15.90 48.37
C GLU C 1243 -141.02 17.22 47.68
N ASP C 1244 -140.35 18.26 48.21
CA ASP C 1244 -140.50 19.61 47.71
C ASP C 1244 -140.21 19.67 46.23
N PHE C 1245 -139.15 18.96 45.80
CA PHE C 1245 -138.85 18.84 44.38
C PHE C 1245 -140.09 18.37 43.62
N VAL C 1246 -140.60 17.18 43.91
CA VAL C 1246 -141.58 16.55 43.04
C VAL C 1246 -142.85 17.38 42.90
N ARG C 1247 -143.13 18.28 43.84
CA ARG C 1247 -144.12 19.32 43.56
C ARG C 1247 -143.54 20.36 42.61
N ILE C 1248 -142.28 20.70 42.83
CA ILE C 1248 -141.52 21.69 42.06
C ILE C 1248 -141.05 21.07 40.74
N PHE C 1249 -141.48 19.83 40.46
CA PHE C 1249 -141.30 19.22 39.14
C PHE C 1249 -141.53 20.27 38.09
N ASP C 1250 -142.66 20.95 38.17
CA ASP C 1250 -143.31 21.27 36.93
C ASP C 1250 -142.70 22.55 36.38
N GLU C 1251 -142.01 23.32 37.23
CA GLU C 1251 -141.22 24.47 36.83
C GLU C 1251 -139.80 24.19 36.37
N VAL C 1252 -139.16 23.13 36.83
CA VAL C 1252 -137.84 22.84 36.30
C VAL C 1252 -137.96 22.50 34.82
N MET C 1253 -138.89 21.59 34.49
CA MET C 1253 -139.31 21.35 33.13
C MET C 1253 -140.32 22.39 32.62
N GLY C 1254 -140.80 23.25 33.51
CA GLY C 1254 -141.67 24.36 33.16
C GLY C 1254 -140.99 25.44 32.34
N CYS C 1255 -139.83 25.87 32.79
CA CYS C 1255 -139.11 26.98 32.18
C CYS C 1255 -138.17 26.49 31.07
N PHE C 1256 -138.30 25.22 30.70
CA PHE C 1256 -137.54 24.52 29.69
C PHE C 1256 -137.38 25.30 28.39
N PRO C 1261 -140.95 27.99 23.44
CA PRO C 1261 -141.40 29.03 24.37
C PRO C 1261 -141.08 30.45 23.93
N GLN C 1262 -140.73 30.65 22.66
CA GLN C 1262 -140.57 32.00 22.10
C GLN C 1262 -141.02 32.06 20.64
N SEP C 1263 -140.94 33.24 20.04
CA SEP C 1263 -141.36 33.46 18.67
CB SEP C 1263 -141.98 34.84 18.54
OG SEP C 1263 -143.39 34.79 18.76
C SEP C 1263 -140.23 33.33 17.64
O SEP C 1263 -139.09 33.72 17.93
P SEP C 1263 -143.93 36.27 19.09
O1P SEP C 1263 -143.11 36.92 20.31
O2P SEP C 1263 -143.70 37.15 17.77
O3P SEP C 1263 -145.49 36.27 19.49
H SEP C 1263 -140.63 33.95 20.44
HA SEP C 1263 -142.08 32.82 18.50
HB2 SEP C 1263 -141.82 35.17 17.64
HB3 SEP C 1263 -141.57 35.43 19.18
N PRO C 1264 -140.51 32.78 16.43
CA PRO C 1264 -139.42 32.71 15.43
C PRO C 1264 -139.12 34.01 14.67
N THR C 1265 -137.83 34.32 14.55
CA THR C 1265 -137.28 35.42 13.76
C THR C 1265 -136.59 34.85 12.51
N PHE C 1266 -136.40 35.72 11.52
CA PHE C 1266 -135.91 35.32 10.20
C PHE C 1266 -134.56 35.97 9.89
N PRO C 1267 -133.40 35.29 10.10
CA PRO C 1267 -132.12 35.95 9.78
C PRO C 1267 -132.02 36.24 8.29
N GLU C 1268 -130.88 36.78 7.82
CA GLU C 1268 -130.84 37.60 6.61
C GLU C 1268 -131.39 36.84 5.40
N ALA C 1269 -131.71 37.59 4.34
CA ALA C 1269 -132.53 37.13 3.23
C ALA C 1269 -131.81 36.11 2.33
N GLY C 1270 -132.06 36.14 1.03
CA GLY C 1270 -131.39 35.27 0.08
C GLY C 1270 -132.06 33.91 -0.02
N GLU C 1284 -131.17 13.85 20.76
CA GLU C 1284 -130.10 13.96 21.73
C GLU C 1284 -130.55 14.55 23.07
N PRO C 1285 -130.61 13.76 24.14
CA PRO C 1285 -130.87 14.36 25.45
C PRO C 1285 -129.64 15.14 25.86
N ILE C 1286 -129.86 16.42 26.14
CA ILE C 1286 -128.84 17.43 26.44
C ILE C 1286 -129.07 18.19 27.74
N HIS C 1287 -129.86 17.65 28.68
CA HIS C 1287 -130.00 18.24 30.00
C HIS C 1287 -129.42 17.41 31.14
N ILE C 1288 -128.72 18.11 32.01
CA ILE C 1288 -128.09 17.62 33.24
C ILE C 1288 -129.01 18.05 34.38
N LEU C 1289 -129.21 17.18 35.36
CA LEU C 1289 -130.05 17.53 36.50
C LEU C 1289 -129.46 17.02 37.82
N ASN C 1290 -129.13 17.94 38.75
CA ASN C 1290 -128.62 17.58 40.08
C ASN C 1290 -129.43 18.24 41.21
N VAL C 1291 -129.84 17.44 42.21
CA VAL C 1291 -130.70 17.85 43.33
C VAL C 1291 -130.08 17.64 44.72
N ALA C 1292 -130.14 18.70 45.53
CA ALA C 1292 -129.65 18.80 46.91
C ALA C 1292 -130.75 18.46 47.90
N ILE C 1293 -130.47 17.59 48.89
CA ILE C 1293 -131.50 17.17 49.83
C ILE C 1293 -131.00 17.28 51.29
N LYS C 1294 -131.96 17.25 52.22
CA LYS C 1294 -131.79 17.45 53.68
C LYS C 1294 -132.64 16.37 54.33
N THR C 1295 -132.93 16.52 55.62
CA THR C 1295 -133.63 15.54 56.46
C THR C 1295 -132.63 14.55 57.02
N ASP C 1296 -131.32 14.84 56.85
CA ASP C 1296 -130.18 14.35 57.64
C ASP C 1296 -130.37 12.89 58.06
N CYS C 1297 -130.88 12.11 57.11
CA CYS C 1297 -131.18 10.69 57.28
C CYS C 1297 -129.86 9.93 57.23
N ASP C 1298 -129.93 8.60 57.12
CA ASP C 1298 -128.80 7.75 57.47
C ASP C 1298 -128.81 6.54 56.52
N ILE C 1299 -128.14 5.47 56.93
CA ILE C 1299 -127.42 4.54 56.06
C ILE C 1299 -128.21 4.02 54.86
N GLU C 1300 -129.53 4.07 54.90
CA GLU C 1300 -130.33 3.17 54.08
C GLU C 1300 -130.33 3.54 52.60
N ASP C 1301 -129.14 3.66 51.98
CA ASP C 1301 -129.02 4.15 50.61
C ASP C 1301 -130.00 3.45 49.67
N ASP C 1302 -130.22 2.16 49.87
CA ASP C 1302 -131.15 1.37 49.09
C ASP C 1302 -132.57 1.92 49.26
N ARG C 1303 -133.09 1.80 50.48
CA ARG C 1303 -134.44 2.28 50.80
C ARG C 1303 -134.55 3.76 50.46
N LEU C 1304 -133.50 4.51 50.74
CA LEU C 1304 -133.32 5.90 50.39
C LEU C 1304 -133.60 5.93 48.90
N ALA C 1305 -132.58 5.56 48.12
CA ALA C 1305 -132.69 5.61 46.67
C ALA C 1305 -133.91 4.88 46.12
N ALA C 1306 -134.47 3.91 46.86
CA ALA C 1306 -135.61 3.17 46.36
C ALA C 1306 -136.83 4.09 46.26
N MET C 1307 -137.10 4.85 47.31
CA MET C 1307 -138.07 5.94 47.24
C MET C 1307 -137.79 6.88 46.07
N PHE C 1308 -136.52 7.26 45.96
CA PHE C 1308 -136.05 8.24 44.99
C PHE C 1308 -136.25 7.80 43.53
N ARG C 1309 -135.86 6.56 43.22
CA ARG C 1309 -136.02 5.98 41.88
C ARG C 1309 -137.45 6.02 41.34
N GLU C 1310 -138.46 5.68 42.14
CA GLU C 1310 -139.80 5.68 41.55
C GLU C 1310 -140.31 7.08 41.24
N PHE C 1311 -139.56 8.11 41.59
CA PHE C 1311 -139.80 9.42 41.03
C PHE C 1311 -139.36 9.47 39.57
N THR C 1312 -138.23 8.84 39.27
CA THR C 1312 -137.79 8.80 37.89
C THR C 1312 -138.75 7.95 37.07
N GLN C 1313 -139.10 6.77 37.58
CA GLN C 1313 -139.99 5.84 36.88
C GLN C 1313 -141.44 6.31 36.80
N GLN C 1314 -141.90 7.17 37.70
CA GLN C 1314 -143.24 7.74 37.54
C GLN C 1314 -143.29 8.75 36.40
N ASN C 1315 -142.32 9.66 36.33
CA ASN C 1315 -142.24 10.60 35.20
C ASN C 1315 -140.94 10.39 34.46
N LYS C 1316 -141.00 9.50 33.46
CA LYS C 1316 -140.23 9.66 32.24
C LYS C 1316 -140.71 10.84 31.40
N ALA C 1317 -141.73 11.59 31.83
CA ALA C 1317 -142.04 12.89 31.25
C ALA C 1317 -140.78 13.73 31.13
N THR C 1318 -139.89 13.58 32.11
CA THR C 1318 -138.54 14.14 32.05
C THR C 1318 -137.89 13.78 30.73
N LEU C 1319 -138.03 12.53 30.31
CA LEU C 1319 -137.49 12.10 29.03
C LEU C 1319 -138.21 12.80 27.88
N VAL C 1320 -139.52 12.99 28.03
CA VAL C 1320 -140.32 13.65 27.00
C VAL C 1320 -139.88 15.10 26.80
N ASP C 1321 -139.37 15.77 27.84
CA ASP C 1321 -138.87 17.13 27.62
C ASP C 1321 -137.53 17.16 26.90
N HIS C 1322 -137.52 16.72 25.63
CA HIS C 1322 -136.27 16.63 24.86
C HIS C 1322 -135.21 15.82 25.64
N GLY C 1323 -135.64 14.94 26.55
CA GLY C 1323 -134.73 14.00 27.15
C GLY C 1323 -133.84 14.72 28.15
N ILE C 1324 -133.47 14.05 29.24
CA ILE C 1324 -132.56 14.60 30.22
C ILE C 1324 -131.47 13.58 30.28
N ARG C 1325 -130.22 14.06 30.22
CA ARG C 1325 -129.10 13.15 30.33
C ARG C 1325 -128.98 12.46 31.68
N ARG C 1326 -129.03 13.22 32.77
CA ARG C 1326 -128.71 12.68 34.09
C ARG C 1326 -129.56 13.27 35.20
N LEU C 1327 -129.88 12.43 36.19
CA LEU C 1327 -130.53 12.85 37.43
C LEU C 1327 -129.66 12.34 38.59
N THR C 1328 -128.87 13.21 39.24
CA THR C 1328 -128.10 12.85 40.42
C THR C 1328 -128.80 13.40 41.65
N PHE C 1329 -129.01 12.54 42.63
CA PHE C 1329 -129.58 12.90 43.92
C PHE C 1329 -128.48 13.01 44.97
N LEU C 1330 -128.48 14.10 45.76
CA LEU C 1330 -127.47 14.33 46.80
C LEU C 1330 -128.03 14.25 48.21
N VAL C 1331 -127.55 13.24 48.95
CA VAL C 1331 -127.92 12.99 50.34
C VAL C 1331 -126.70 13.31 51.20
N ALA C 1332 -126.88 14.08 52.27
CA ALA C 1332 -125.78 14.49 53.11
C ALA C 1332 -125.60 13.46 54.25
N GLN C 1333 -124.66 13.70 55.16
CA GLN C 1333 -123.95 12.60 55.84
C GLN C 1333 -124.90 11.85 56.77
N PHE C 1352 -118.87 12.94 54.26
CA PHE C 1352 -119.29 14.02 53.37
C PHE C 1352 -120.49 13.44 52.64
N PRO C 1353 -121.32 14.30 52.04
CA PRO C 1353 -122.54 13.82 51.40
C PRO C 1353 -122.34 12.68 50.43
N LYS C 1354 -123.27 11.76 50.56
CA LYS C 1354 -123.34 10.55 49.79
C LYS C 1354 -124.16 10.96 48.57
N PHE C 1355 -123.59 10.85 47.39
CA PHE C 1355 -124.32 11.17 46.19
C PHE C 1355 -125.04 9.92 45.73
N PHE C 1356 -126.16 10.12 45.04
CA PHE C 1356 -127.05 9.03 44.60
C PHE C 1356 -127.39 9.34 43.16
N THR C 1357 -126.60 8.77 42.26
CA THR C 1357 -126.64 9.06 40.84
C THR C 1357 -127.61 8.14 40.09
N PHE C 1358 -128.58 8.76 39.40
CA PHE C 1358 -129.59 8.13 38.54
C PHE C 1358 -129.41 8.71 37.14
N ARG C 1359 -128.68 8.00 36.28
CA ARG C 1359 -128.44 8.48 34.93
C ARG C 1359 -129.30 7.73 33.92
N ALA C 1360 -130.21 8.47 33.27
CA ALA C 1360 -131.10 7.96 32.21
C ALA C 1360 -131.10 9.05 31.13
N ARG C 1361 -130.11 9.07 30.22
CA ARG C 1361 -130.27 9.93 29.05
C ARG C 1361 -131.38 9.43 28.14
N ASP C 1362 -131.41 8.13 27.88
CA ASP C 1362 -132.52 7.45 27.23
C ASP C 1362 -132.72 6.10 27.88
N LYS C 1363 -132.10 5.87 29.03
CA LYS C 1363 -131.71 4.58 29.54
C LYS C 1363 -132.60 4.24 30.73
N PHE C 1364 -132.36 3.07 31.31
CA PHE C 1364 -132.87 2.82 32.65
C PHE C 1364 -132.38 3.95 33.56
N GLU C 1365 -133.11 4.15 34.66
CA GLU C 1365 -132.90 5.32 35.51
C GLU C 1365 -131.50 5.43 36.12
N GLU C 1366 -130.89 4.33 36.58
CA GLU C 1366 -129.85 4.47 37.60
C GLU C 1366 -128.65 3.52 37.59
N ASP C 1367 -127.50 4.14 37.88
CA ASP C 1367 -126.15 3.55 37.83
C ASP C 1367 -125.63 3.47 39.26
N ARG C 1368 -125.04 2.33 39.58
CA ARG C 1368 -124.73 1.87 40.91
C ARG C 1368 -123.26 2.09 41.21
N ILE C 1369 -122.47 2.01 40.15
CA ILE C 1369 -121.04 2.26 40.14
C ILE C 1369 -120.72 3.68 40.57
N TYR C 1370 -121.52 4.65 40.11
CA TYR C 1370 -121.28 6.05 40.42
C TYR C 1370 -121.99 6.53 41.66
N ARG C 1371 -122.64 5.64 42.39
CA ARG C 1371 -123.22 6.02 43.65
C ARG C 1371 -122.19 6.45 44.67
N HIS C 1372 -122.60 7.45 45.45
CA HIS C 1372 -121.91 8.08 46.54
C HIS C 1372 -120.89 9.06 45.99
N LEU C 1373 -120.89 9.31 44.68
CA LEU C 1373 -120.00 10.25 44.05
C LEU C 1373 -120.65 10.86 42.83
N GLU C 1374 -120.18 12.05 42.49
CA GLU C 1374 -120.65 12.77 41.33
C GLU C 1374 -119.68 12.38 40.20
N PRO C 1375 -120.15 11.70 39.15
CA PRO C 1375 -119.25 11.14 38.13
C PRO C 1375 -118.30 12.08 37.40
N ALA C 1376 -118.47 13.40 37.43
CA ALA C 1376 -117.47 14.26 36.80
C ALA C 1376 -116.11 14.13 37.48
N LEU C 1377 -116.05 14.18 38.81
CA LEU C 1377 -114.75 14.02 39.46
C LEU C 1377 -114.30 12.56 39.39
N ALA C 1378 -115.24 11.61 39.40
CA ALA C 1378 -114.89 10.21 39.20
C ALA C 1378 -114.12 9.97 37.89
N PHE C 1379 -114.31 10.84 36.89
CA PHE C 1379 -113.61 10.69 35.60
C PHE C 1379 -112.09 10.58 35.86
N GLN C 1380 -111.61 11.32 36.88
CA GLN C 1380 -110.21 11.38 37.30
C GLN C 1380 -109.60 9.99 37.44
N LEU C 1381 -110.24 9.08 38.19
CA LEU C 1381 -109.84 7.70 37.98
C LEU C 1381 -110.19 7.45 36.53
N GLU C 1382 -109.13 7.51 35.73
CA GLU C 1382 -109.26 7.30 34.30
C GLU C 1382 -109.76 5.90 34.06
N LEU C 1383 -110.58 5.83 33.03
CA LEU C 1383 -111.46 4.71 32.83
C LEU C 1383 -110.98 3.72 31.80
N ASN C 1384 -109.89 4.02 31.08
CA ASN C 1384 -109.53 2.98 30.15
C ASN C 1384 -108.65 1.98 30.86
N ARG C 1385 -108.17 2.32 32.05
CA ARG C 1385 -107.32 1.40 32.79
C ARG C 1385 -108.18 0.46 33.60
N MET C 1386 -109.50 0.64 33.54
CA MET C 1386 -110.41 -0.34 34.10
C MET C 1386 -111.47 -0.68 33.07
N ARG C 1387 -111.11 -0.49 31.79
CA ARG C 1387 -112.01 -0.76 30.68
C ARG C 1387 -112.21 -2.24 30.44
N ASN C 1388 -111.19 -3.02 30.74
CA ASN C 1388 -111.24 -4.46 30.67
C ASN C 1388 -111.82 -5.16 31.88
N PHE C 1389 -113.04 -4.82 32.32
CA PHE C 1389 -113.47 -5.41 33.58
C PHE C 1389 -114.96 -5.31 33.69
N ASP C 1390 -115.48 -6.18 34.55
CA ASP C 1390 -116.86 -6.16 35.00
C ASP C 1390 -116.78 -6.05 36.49
N LEU C 1391 -117.15 -4.90 37.04
CA LEU C 1391 -116.89 -4.61 38.44
C LEU C 1391 -118.19 -4.30 39.16
N THR C 1392 -118.26 -4.76 40.40
CA THR C 1392 -119.47 -4.71 41.20
C THR C 1392 -119.24 -3.77 42.37
N ALA C 1393 -120.13 -2.80 42.52
CA ALA C 1393 -119.97 -1.78 43.53
C ALA C 1393 -120.30 -2.40 44.88
N ILE C 1394 -119.33 -2.33 45.79
CA ILE C 1394 -119.47 -2.87 47.13
C ILE C 1394 -119.67 -1.71 48.11
N PRO C 1395 -120.70 -1.73 48.96
CA PRO C 1395 -120.88 -0.62 49.89
C PRO C 1395 -119.93 -0.67 51.07
N CYS C 1396 -119.50 0.51 51.50
CA CYS C 1396 -118.38 0.69 52.40
C CYS C 1396 -118.58 2.04 53.04
N ALA C 1397 -118.14 2.20 54.28
CA ALA C 1397 -118.20 3.52 54.83
C ALA C 1397 -117.12 4.39 54.19
N ASN C 1398 -117.18 5.68 54.48
CA ASN C 1398 -116.22 6.62 53.92
C ASN C 1398 -116.27 6.54 52.40
N HIS C 1399 -117.42 6.93 51.87
CA HIS C 1399 -117.87 6.49 50.56
C HIS C 1399 -117.01 7.13 49.46
N LYS C 1400 -116.24 8.17 49.83
CA LYS C 1400 -114.97 8.64 49.25
C LYS C 1400 -114.24 7.47 48.59
N MET C 1401 -114.27 6.36 49.34
CA MET C 1401 -113.67 5.09 48.98
C MET C 1401 -114.73 4.25 48.31
N HIS C 1402 -114.61 4.11 47.01
CA HIS C 1402 -115.59 3.34 46.28
C HIS C 1402 -114.79 2.09 46.07
N LEU C 1403 -115.23 0.94 46.56
CA LEU C 1403 -114.44 -0.25 46.32
C LEU C 1403 -115.36 -1.13 45.51
N TYR C 1404 -114.79 -1.61 44.44
CA TYR C 1404 -115.43 -2.38 43.43
C TYR C 1404 -114.74 -3.73 43.39
N LEU C 1405 -115.49 -4.77 43.11
CA LEU C 1405 -114.85 -6.05 42.98
C LEU C 1405 -114.92 -6.22 41.48
N GLY C 1406 -113.79 -6.54 40.88
CA GLY C 1406 -113.64 -6.55 39.45
C GLY C 1406 -113.45 -7.96 38.94
N ALA C 1407 -114.21 -8.29 37.92
CA ALA C 1407 -114.08 -9.54 37.21
C ALA C 1407 -113.67 -9.19 35.79
N ALA C 1408 -112.61 -9.83 35.33
CA ALA C 1408 -112.10 -9.54 33.99
C ALA C 1408 -113.20 -9.85 32.99
N LYS C 1409 -113.63 -8.85 32.23
CA LYS C 1409 -114.59 -9.11 31.18
C LYS C 1409 -113.90 -9.79 30.00
N VAL C 1410 -114.52 -10.86 29.54
CA VAL C 1410 -113.90 -11.84 28.66
C VAL C 1410 -114.94 -12.12 27.59
N GLU C 1411 -114.54 -12.86 26.56
CA GLU C 1411 -115.45 -13.20 25.47
C GLU C 1411 -116.07 -14.57 25.75
N VAL C 1412 -117.21 -14.80 25.11
CA VAL C 1412 -117.94 -16.06 25.08
C VAL C 1412 -117.08 -17.31 24.97
N GLY C 1413 -115.95 -17.22 24.27
CA GLY C 1413 -115.12 -18.40 24.12
C GLY C 1413 -114.62 -18.92 25.45
N THR C 1414 -114.45 -18.05 26.43
CA THR C 1414 -113.86 -18.42 27.70
C THR C 1414 -114.65 -17.82 28.84
N GLU C 1415 -114.43 -18.39 30.00
CA GLU C 1415 -115.11 -18.07 31.24
C GLU C 1415 -114.09 -17.35 32.07
N VAL C 1416 -114.49 -16.33 32.82
CA VAL C 1416 -113.50 -15.40 33.34
C VAL C 1416 -112.65 -16.12 34.39
N THR C 1417 -111.35 -15.85 34.34
CA THR C 1417 -110.40 -16.39 35.31
C THR C 1417 -109.85 -15.38 36.30
N ASP C 1418 -109.79 -14.09 35.99
CA ASP C 1418 -109.19 -13.15 36.93
C ASP C 1418 -110.36 -12.43 37.56
N TYR C 1419 -110.12 -12.09 38.79
CA TYR C 1419 -111.02 -11.72 39.84
C TYR C 1419 -110.12 -10.83 40.68
N ARG C 1420 -110.17 -9.55 40.40
CA ARG C 1420 -109.27 -8.60 41.02
C ARG C 1420 -110.10 -7.87 42.04
N PHE C 1421 -109.51 -7.59 43.19
CA PHE C 1421 -110.16 -6.75 44.18
C PHE C 1421 -109.78 -5.33 43.83
N PHE C 1422 -110.77 -4.48 43.60
CA PHE C 1422 -110.55 -3.05 43.46
C PHE C 1422 -111.01 -2.24 44.65
N VAL C 1423 -110.17 -1.30 45.04
CA VAL C 1423 -110.56 -0.26 45.97
C VAL C 1423 -110.06 0.98 45.28
N ARG C 1424 -110.98 1.87 44.92
CA ARG C 1424 -110.59 3.07 44.20
C ARG C 1424 -111.22 4.25 44.94
N ALA C 1425 -110.39 5.14 45.45
CA ALA C 1425 -110.88 6.30 46.18
C ALA C 1425 -110.46 7.58 45.48
N ILE C 1426 -110.90 8.67 46.07
CA ILE C 1426 -110.46 10.01 45.69
C ILE C 1426 -110.38 10.71 47.03
N ILE C 1427 -109.37 11.56 47.22
CA ILE C 1427 -109.16 12.11 48.56
C ILE C 1427 -108.78 13.58 48.56
N ARG C 1428 -109.72 14.41 49.03
CA ARG C 1428 -109.58 15.86 49.25
C ARG C 1428 -110.16 15.76 50.67
N HIS C 1429 -109.31 15.47 51.65
CA HIS C 1429 -109.76 15.27 53.03
C HIS C 1429 -109.29 16.36 53.98
N SER C 1430 -108.78 17.48 53.45
CA SER C 1430 -108.22 18.63 54.15
C SER C 1430 -106.82 18.39 54.66
N GLU C 1436 -96.24 18.86 53.39
CA GLU C 1436 -95.92 17.78 54.32
C GLU C 1436 -97.12 17.39 55.15
N ALA C 1437 -97.91 18.39 55.58
CA ALA C 1437 -99.08 18.06 56.39
C ALA C 1437 -99.99 17.16 55.58
N SER C 1438 -100.06 17.44 54.28
CA SER C 1438 -100.95 16.68 53.41
C SER C 1438 -100.51 15.24 53.45
N PHE C 1439 -99.21 15.00 53.29
CA PHE C 1439 -98.67 13.65 53.20
C PHE C 1439 -98.95 12.86 54.46
N GLU C 1440 -98.66 13.43 55.61
CA GLU C 1440 -98.89 12.69 56.85
C GLU C 1440 -100.39 12.46 56.99
N TYR C 1441 -101.15 13.51 56.71
CA TYR C 1441 -102.60 13.47 56.81
C TYR C 1441 -103.13 12.45 55.80
N LEU C 1442 -102.63 12.55 54.56
CA LEU C 1442 -103.04 11.71 53.44
C LEU C 1442 -102.77 10.28 53.81
N GLN C 1443 -101.59 10.06 54.38
CA GLN C 1443 -101.12 8.76 54.81
C GLN C 1443 -102.14 8.19 55.76
N ASN C 1444 -102.55 9.02 56.73
CA ASN C 1444 -103.48 8.56 57.74
C ASN C 1444 -104.77 8.13 57.09
N GLU C 1445 -105.29 8.95 56.19
CA GLU C 1445 -106.55 8.55 55.61
C GLU C 1445 -106.37 7.33 54.75
N GLY C 1446 -105.26 7.26 54.02
CA GLY C 1446 -105.06 6.12 53.14
C GLY C 1446 -104.95 4.85 53.94
N GLU C 1447 -104.17 4.87 55.02
CA GLU C 1447 -104.03 3.68 55.84
C GLU C 1447 -105.35 3.33 56.51
N ARG C 1448 -106.05 4.33 57.07
CA ARG C 1448 -107.29 4.02 57.76
C ARG C 1448 -108.20 3.37 56.75
N LEU C 1449 -108.20 3.95 55.56
CA LEU C 1449 -108.96 3.42 54.45
C LEU C 1449 -108.45 2.04 54.12
N LEU C 1450 -107.15 1.83 54.24
CA LEU C 1450 -106.59 0.53 53.89
C LEU C 1450 -107.12 -0.57 54.80
N LEU C 1451 -107.11 -0.37 56.13
CA LEU C 1451 -107.71 -1.40 56.98
C LEU C 1451 -109.19 -1.51 56.81
N GLU C 1452 -109.89 -0.39 56.69
CA GLU C 1452 -111.32 -0.49 56.53
C GLU C 1452 -111.61 -1.22 55.24
N ALA C 1453 -110.87 -0.87 54.20
CA ALA C 1453 -111.00 -1.47 52.88
C ALA C 1453 -110.69 -2.94 52.98
N MET C 1454 -109.61 -3.25 53.66
CA MET C 1454 -109.18 -4.62 53.83
C MET C 1454 -110.11 -5.41 54.71
N ASP C 1455 -110.80 -4.77 55.65
CA ASP C 1455 -111.89 -5.43 56.33
C ASP C 1455 -113.01 -5.76 55.35
N GLU C 1456 -113.36 -4.81 54.48
CA GLU C 1456 -114.44 -5.03 53.53
C GLU C 1456 -114.04 -6.18 52.63
N LEU C 1457 -112.86 -6.05 52.07
CA LEU C 1457 -112.26 -7.06 51.23
C LEU C 1457 -112.05 -8.36 52.02
N GLU C 1458 -111.91 -8.27 53.33
CA GLU C 1458 -111.87 -9.49 54.14
C GLU C 1458 -113.20 -10.17 54.00
N VAL C 1459 -114.27 -9.39 54.13
CA VAL C 1459 -115.61 -9.87 53.86
C VAL C 1459 -115.67 -10.41 52.45
N ALA C 1460 -114.98 -9.75 51.51
CA ALA C 1460 -114.97 -10.24 50.14
C ALA C 1460 -114.36 -11.62 50.09
N PHE C 1461 -113.28 -11.87 50.84
CA PHE C 1461 -112.75 -13.22 50.87
C PHE C 1461 -113.81 -14.16 51.43
N ASN C 1462 -114.32 -13.80 52.61
CA ASN C 1462 -115.27 -14.61 53.33
C ASN C 1462 -116.49 -14.95 52.49
N ASN C 1463 -117.07 -13.92 51.89
CA ASN C 1463 -118.28 -14.03 51.10
C ASN C 1463 -118.07 -14.93 49.89
N THR C 1464 -117.06 -14.60 49.08
CA THR C 1464 -116.71 -15.44 47.94
C THR C 1464 -115.21 -15.51 47.76
N ASN C 1465 -114.73 -16.69 47.42
CA ASN C 1465 -113.31 -16.96 47.28
C ASN C 1465 -113.12 -17.48 45.87
N VAL C 1466 -112.10 -16.95 45.20
CA VAL C 1466 -111.76 -17.41 43.88
C VAL C 1466 -110.27 -17.43 43.58
N ARG C 1467 -109.44 -17.10 44.58
CA ARG C 1467 -108.03 -16.77 44.36
C ARG C 1467 -107.94 -15.57 43.41
N THR C 1468 -108.38 -14.43 43.94
CA THR C 1468 -108.11 -13.19 43.24
C THR C 1468 -106.64 -12.96 42.99
N ASP C 1469 -106.34 -12.23 41.90
CA ASP C 1469 -104.97 -12.22 41.42
C ASP C 1469 -104.31 -10.86 41.26
N CYS C 1470 -105.01 -9.87 40.69
CA CYS C 1470 -104.33 -8.63 40.29
C CYS C 1470 -105.06 -7.46 40.91
N ASN C 1471 -105.08 -7.54 42.22
CA ASN C 1471 -105.86 -6.62 43.00
C ASN C 1471 -105.32 -5.21 42.80
N HIS C 1472 -106.23 -4.26 42.66
CA HIS C 1472 -105.89 -2.86 42.47
C HIS C 1472 -106.30 -1.95 43.61
N ILE C 1473 -105.41 -1.01 43.90
CA ILE C 1473 -105.67 0.11 44.80
C ILE C 1473 -105.49 1.35 43.96
N PHE C 1474 -106.52 2.20 43.88
CA PHE C 1474 -106.40 3.47 43.15
C PHE C 1474 -106.67 4.54 44.19
N LEU C 1475 -105.74 5.47 44.34
CA LEU C 1475 -105.94 6.63 45.18
C LEU C 1475 -105.72 7.91 44.39
N ASN C 1476 -106.74 8.77 44.33
CA ASN C 1476 -106.56 10.06 43.70
C ASN C 1476 -106.35 11.16 44.72
N PHE C 1477 -105.10 11.51 44.98
CA PHE C 1477 -104.94 12.66 45.84
C PHE C 1477 -105.17 13.75 44.81
N VAL C 1478 -106.29 14.44 44.94
CA VAL C 1478 -106.61 15.65 44.18
C VAL C 1478 -106.12 16.96 44.80
N PRO C 1479 -105.58 17.02 46.06
CA PRO C 1479 -104.93 18.29 46.40
C PRO C 1479 -103.63 18.44 45.66
N THR C 1480 -102.95 19.57 45.85
CA THR C 1480 -101.73 19.88 45.12
C THR C 1480 -100.65 20.45 46.03
N VAL C 1481 -99.85 19.55 46.55
CA VAL C 1481 -98.74 19.72 47.50
C VAL C 1481 -97.47 20.03 46.75
N ILE C 1482 -96.38 20.34 47.46
CA ILE C 1482 -95.05 20.51 46.87
C ILE C 1482 -94.08 19.51 47.46
N MET C 1483 -93.51 18.65 46.61
CA MET C 1483 -92.50 17.70 47.08
C MET C 1483 -91.76 17.13 45.85
N ASP C 1484 -90.70 16.28 46.11
CA ASP C 1484 -89.87 15.59 45.12
C ASP C 1484 -90.38 14.17 44.87
N PRO C 1485 -90.00 13.54 43.74
CA PRO C 1485 -90.52 12.19 43.47
C PRO C 1485 -89.86 10.98 44.14
N SER C 1486 -88.59 11.01 44.47
CA SER C 1486 -87.99 9.72 44.83
C SER C 1486 -88.02 9.37 46.32
N LYS C 1487 -88.11 10.36 47.19
CA LYS C 1487 -88.39 10.04 48.58
C LYS C 1487 -89.88 9.77 48.73
N ILE C 1488 -90.69 10.33 47.83
CA ILE C 1488 -92.07 9.89 47.68
C ILE C 1488 -92.10 8.41 47.31
N GLU C 1489 -91.14 7.98 46.50
CA GLU C 1489 -91.11 6.59 46.08
C GLU C 1489 -90.73 5.72 47.27
N GLU C 1490 -89.80 6.21 48.10
CA GLU C 1490 -89.53 5.54 49.37
C GLU C 1490 -90.75 5.58 50.26
N SER C 1491 -91.53 6.65 50.22
CA SER C 1491 -92.68 6.76 51.08
C SER C 1491 -93.68 5.66 50.76
N VAL C 1492 -93.94 5.46 49.47
CA VAL C 1492 -94.87 4.41 49.07
C VAL C 1492 -94.25 3.05 49.31
N ARG C 1493 -92.92 2.97 49.28
CA ARG C 1493 -92.27 1.72 49.65
C ARG C 1493 -92.57 1.38 51.09
N SER C 1494 -92.32 2.32 52.01
CA SER C 1494 -92.59 2.08 53.42
C SER C 1494 -94.05 1.70 53.62
N MET C 1495 -94.93 2.40 52.90
CA MET C 1495 -96.36 2.13 52.98
C MET C 1495 -96.68 0.69 52.64
N VAL C 1496 -96.43 0.31 51.39
CA VAL C 1496 -96.77 -1.02 50.92
C VAL C 1496 -96.02 -2.11 51.68
N MET C 1497 -94.76 -1.84 52.07
CA MET C 1497 -93.96 -2.88 52.72
C MET C 1497 -94.49 -3.29 54.09
N ARG C 1498 -94.91 -2.33 54.92
CA ARG C 1498 -95.30 -2.65 56.30
C ARG C 1498 -96.23 -3.88 56.32
N TYR C 1499 -97.15 -3.97 55.37
CA TYR C 1499 -97.94 -5.17 55.14
C TYR C 1499 -97.24 -5.98 54.06
N GLY C 1500 -96.91 -7.23 54.41
CA GLY C 1500 -96.04 -8.07 53.59
C GLY C 1500 -96.86 -9.24 53.15
N SER C 1501 -96.91 -10.27 54.01
CA SER C 1501 -97.69 -11.47 53.75
C SER C 1501 -99.11 -11.05 53.45
N ARG C 1502 -99.58 -10.08 54.23
CA ARG C 1502 -100.92 -9.54 54.09
C ARG C 1502 -101.20 -9.19 52.65
N LEU C 1503 -100.24 -8.59 51.97
CA LEU C 1503 -100.43 -8.31 50.55
C LEU C 1503 -100.67 -9.61 49.80
N TRP C 1504 -99.98 -10.68 50.18
CA TRP C 1504 -100.09 -11.89 49.37
C TRP C 1504 -101.40 -12.59 49.67
N LYS C 1505 -101.90 -12.39 50.88
CA LYS C 1505 -103.22 -12.87 51.24
C LYS C 1505 -104.23 -12.13 50.41
N LEU C 1506 -104.09 -10.81 50.42
CA LEU C 1506 -104.84 -9.89 49.60
C LEU C 1506 -104.52 -10.01 48.13
N ARG C 1507 -103.42 -10.69 47.79
CA ARG C 1507 -103.00 -10.92 46.42
C ARG C 1507 -102.92 -9.60 45.69
N VAL C 1508 -102.15 -8.68 46.27
CA VAL C 1508 -101.95 -7.37 45.66
C VAL C 1508 -100.84 -7.36 44.64
N LEU C 1509 -101.22 -7.02 43.41
CA LEU C 1509 -100.38 -7.04 42.23
C LEU C 1509 -100.37 -5.71 41.53
N GLN C 1510 -101.33 -4.84 41.82
CA GLN C 1510 -101.45 -3.58 41.12
C GLN C 1510 -101.85 -2.43 42.03
N ALA C 1511 -101.12 -1.33 41.98
CA ALA C 1511 -101.55 -0.18 42.77
C ALA C 1511 -101.26 1.11 42.02
N GLU C 1512 -102.17 2.07 42.02
CA GLU C 1512 -101.96 3.41 41.45
C GLU C 1512 -102.37 4.47 42.45
N LEU C 1513 -101.52 5.47 42.59
CA LEU C 1513 -101.89 6.69 43.26
C LEU C 1513 -101.62 7.83 42.29
N LYS C 1514 -102.23 8.97 42.57
CA LYS C 1514 -101.71 10.22 42.10
C LYS C 1514 -101.69 11.18 43.27
N ILE C 1515 -100.90 12.20 43.08
CA ILE C 1515 -100.74 13.29 43.99
C ILE C 1515 -100.15 14.38 43.13
N ASN C 1516 -100.77 15.55 43.19
CA ASN C 1516 -100.31 16.67 42.39
C ASN C 1516 -99.21 17.32 43.20
N ILE C 1517 -98.06 17.54 42.59
CA ILE C 1517 -96.97 18.23 43.23
C ILE C 1517 -96.46 19.30 42.30
N ARG C 1518 -95.45 20.03 42.76
CA ARG C 1518 -94.83 21.07 41.96
C ARG C 1518 -93.74 21.57 42.89
N LEU C 1519 -92.93 22.51 42.45
CA LEU C 1519 -91.80 23.00 43.22
C LEU C 1519 -92.27 24.10 44.19
N THR C 1520 -91.32 24.67 44.94
CA THR C 1520 -91.66 25.48 46.11
C THR C 1520 -92.39 26.78 45.77
N PRO C 1521 -91.90 27.61 44.87
CA PRO C 1521 -92.67 28.82 44.51
C PRO C 1521 -93.77 28.58 43.49
N THR C 1522 -93.51 27.63 42.59
CA THR C 1522 -94.09 27.66 41.24
C THR C 1522 -95.61 27.58 41.25
N GLY C 1523 -96.21 26.69 42.03
CA GLY C 1523 -97.65 26.50 41.92
C GLY C 1523 -98.11 25.68 40.75
N LYS C 1524 -97.21 25.28 39.83
CA LYS C 1524 -97.59 24.53 38.63
C LYS C 1524 -97.94 23.10 39.04
N ALA C 1525 -99.18 22.88 39.47
CA ALA C 1525 -99.46 21.56 39.99
C ALA C 1525 -99.49 20.57 38.84
N ILE C 1526 -98.58 19.60 38.90
CA ILE C 1526 -98.41 18.55 37.91
C ILE C 1526 -98.88 17.29 38.61
N PRO C 1527 -99.36 16.29 37.90
CA PRO C 1527 -99.78 15.04 38.56
C PRO C 1527 -98.64 14.06 38.42
N ILE C 1528 -98.48 13.18 39.40
CA ILE C 1528 -97.42 12.18 39.37
C ILE C 1528 -98.02 10.81 39.72
N ARG C 1529 -98.43 10.08 38.68
CA ARG C 1529 -99.14 8.83 38.84
C ARG C 1529 -98.11 7.77 39.18
N LEU C 1530 -98.06 7.39 40.45
CA LEU C 1530 -97.17 6.32 40.88
C LEU C 1530 -97.94 5.02 40.72
N PHE C 1531 -97.35 4.01 40.09
CA PHE C 1531 -97.99 2.72 39.93
C PHE C 1531 -97.05 1.68 40.50
N LEU C 1532 -97.56 0.86 41.41
CA LEU C 1532 -96.80 -0.13 42.13
C LEU C 1532 -97.06 -1.48 41.49
N THR C 1533 -95.98 -2.27 41.35
CA THR C 1533 -96.02 -3.58 40.69
C THR C 1533 -95.29 -4.67 41.47
N ASN C 1534 -95.99 -5.64 42.02
CA ASN C 1534 -95.33 -6.77 42.66
C ASN C 1534 -96.08 -7.99 42.18
N GLU C 1535 -95.31 -8.98 41.73
CA GLU C 1535 -95.75 -10.21 41.13
C GLU C 1535 -95.44 -11.39 42.03
N SER C 1536 -95.31 -12.57 41.44
CA SER C 1536 -94.92 -13.71 42.22
C SER C 1536 -93.56 -13.36 42.78
N GLY C 1537 -93.34 -13.68 44.04
CA GLY C 1537 -92.14 -13.21 44.65
C GLY C 1537 -92.48 -11.87 45.26
N TYR C 1538 -91.65 -11.44 46.19
CA TYR C 1538 -91.94 -10.19 46.86
C TYR C 1538 -91.17 -9.02 46.24
N TYR C 1539 -90.59 -9.25 45.06
CA TYR C 1539 -89.86 -8.24 44.33
C TYR C 1539 -90.85 -7.29 43.72
N LEU C 1540 -90.68 -6.00 43.91
CA LEU C 1540 -91.66 -5.07 43.36
C LEU C 1540 -90.95 -3.97 42.60
N ASP C 1541 -91.44 -3.69 41.40
CA ASP C 1541 -90.85 -2.64 40.60
C ASP C 1541 -91.85 -1.50 40.75
N ILE C 1542 -91.33 -0.34 41.10
CA ILE C 1542 -92.13 0.86 41.34
C ILE C 1542 -91.97 1.81 40.18
N SER C 1543 -93.08 2.25 39.63
CA SER C 1543 -93.10 3.19 38.54
C SER C 1543 -93.64 4.51 39.08
N LEU C 1544 -92.82 5.56 39.11
CA LEU C 1544 -93.31 6.86 39.53
C LEU C 1544 -93.06 7.79 38.37
N TYR C 1545 -94.03 8.65 38.07
CA TYR C 1545 -93.88 9.53 36.93
C TYR C 1545 -94.20 10.99 37.25
N LYS C 1546 -94.33 11.74 36.18
CA LYS C 1546 -94.87 13.09 36.10
C LYS C 1546 -95.68 12.95 34.84
N GLU C 1547 -96.69 13.78 34.61
CA GLU C 1547 -97.49 13.58 33.40
C GLU C 1547 -97.26 14.68 32.37
N VAL C 1548 -96.62 14.30 31.25
CA VAL C 1548 -95.53 15.06 30.67
C VAL C 1548 -95.83 15.10 29.20
N THR C 1549 -95.74 16.25 28.55
CA THR C 1549 -95.81 16.27 27.10
C THR C 1549 -94.68 15.48 26.45
N ALA C 1554 -97.17 15.28 21.24
CA ALA C 1554 -97.59 16.25 22.24
C ALA C 1554 -98.65 15.73 23.20
N GLN C 1555 -98.99 14.45 23.05
CA GLN C 1555 -100.04 13.81 23.83
C GLN C 1555 -99.44 13.23 25.10
N ILE C 1556 -99.85 13.79 26.23
CA ILE C 1556 -99.19 13.62 27.53
C ILE C 1556 -98.91 12.15 27.85
N MET C 1557 -97.79 11.96 28.54
CA MET C 1557 -97.01 10.72 28.60
C MET C 1557 -96.51 10.58 30.02
N PHE C 1558 -96.86 9.51 30.75
CA PHE C 1558 -96.35 9.41 32.10
C PHE C 1558 -94.83 9.25 32.10
N GLN C 1559 -94.11 10.34 32.37
CA GLN C 1559 -92.66 10.37 32.47
C GLN C 1559 -92.20 11.08 33.74
N ALA C 1560 -91.42 10.41 34.58
CA ALA C 1560 -90.94 11.10 35.79
C ALA C 1560 -90.19 12.39 35.46
N LYS C 1564 -83.61 9.09 35.56
CA LYS C 1564 -83.52 7.79 36.22
C LYS C 1564 -83.72 6.65 35.25
N GLN C 1565 -84.11 5.46 35.73
CA GLN C 1565 -84.95 4.57 34.96
C GLN C 1565 -86.16 4.06 35.71
N GLY C 1566 -87.31 4.20 35.08
CA GLY C 1566 -88.57 3.86 35.67
C GLY C 1566 -89.07 2.84 34.69
N PRO C 1567 -89.68 1.72 35.10
CA PRO C 1567 -90.16 0.78 34.08
C PRO C 1567 -91.19 1.57 33.31
N LEU C 1568 -91.40 1.27 32.03
CA LEU C 1568 -92.35 2.11 31.28
C LEU C 1568 -91.84 3.54 31.39
N HIS C 1569 -90.65 3.83 30.86
CA HIS C 1569 -90.10 5.17 31.02
C HIS C 1569 -91.07 6.27 30.58
N GLY C 1570 -92.05 5.95 29.75
CA GLY C 1570 -92.95 6.93 29.20
C GLY C 1570 -94.01 6.23 28.40
N MET C 1571 -95.28 6.59 28.65
CA MET C 1571 -96.43 6.11 27.89
C MET C 1571 -97.57 7.07 28.21
N LEU C 1572 -98.57 7.05 27.35
CA LEU C 1572 -99.71 7.93 27.54
C LEU C 1572 -100.72 7.39 28.55
N ILE C 1573 -101.79 8.15 28.71
CA ILE C 1573 -102.63 8.08 29.89
C ILE C 1573 -103.84 7.18 29.65
N ASN C 1574 -104.30 7.10 28.39
CA ASN C 1574 -105.54 6.40 28.06
C ASN C 1574 -105.26 4.95 27.69
N THR C 1575 -104.61 4.29 28.64
CA THR C 1575 -104.06 2.96 28.48
C THR C 1575 -105.11 1.89 28.76
N PRO C 1576 -105.65 1.18 27.78
CA PRO C 1576 -106.64 0.17 28.15
C PRO C 1576 -105.96 -0.91 28.97
N TYR C 1577 -106.69 -1.49 29.90
CA TYR C 1577 -106.04 -2.34 30.89
C TYR C 1577 -105.73 -3.72 30.33
N VAL C 1578 -104.46 -4.13 30.44
CA VAL C 1578 -104.03 -5.44 29.94
C VAL C 1578 -104.85 -6.57 30.55
N THR C 1579 -105.29 -7.54 29.70
CA THR C 1579 -105.95 -8.72 30.24
C THR C 1579 -104.88 -9.80 30.33
N LYS C 1580 -104.58 -10.20 31.56
CA LYS C 1580 -103.79 -11.34 32.02
C LYS C 1580 -103.89 -12.66 31.24
N ASP C 1581 -105.10 -12.94 30.74
CA ASP C 1581 -105.36 -14.25 30.16
C ASP C 1581 -104.55 -14.60 28.90
N LEU C 1582 -104.02 -13.62 28.19
CA LEU C 1582 -102.93 -13.82 27.23
C LEU C 1582 -101.74 -14.54 27.85
N LEU C 1583 -101.18 -13.97 28.91
CA LEU C 1583 -100.05 -14.60 29.60
C LEU C 1583 -100.42 -16.01 29.91
N GLN C 1584 -101.54 -16.17 30.60
CA GLN C 1584 -102.07 -17.50 30.87
C GLN C 1584 -102.06 -18.35 29.60
N SER C 1585 -102.45 -17.77 28.44
CA SER C 1585 -102.48 -18.58 27.22
C SER C 1585 -101.09 -19.11 26.91
N LYS C 1586 -100.04 -18.28 27.07
CA LYS C 1586 -98.73 -18.85 26.73
C LYS C 1586 -98.34 -19.86 27.79
N ARG C 1587 -98.78 -19.61 29.02
CA ARG C 1587 -98.50 -20.53 30.10
C ARG C 1587 -99.18 -21.87 29.81
N PHE C 1588 -100.35 -21.81 29.20
CA PHE C 1588 -101.09 -23.00 28.82
C PHE C 1588 -100.37 -23.77 27.75
N GLN C 1589 -99.84 -23.07 26.76
CA GLN C 1589 -99.11 -23.77 25.72
C GLN C 1589 -97.87 -24.46 26.27
N ALA C 1590 -97.16 -23.81 27.21
CA ALA C 1590 -95.94 -24.43 27.72
C ALA C 1590 -96.24 -25.64 28.59
N GLN C 1591 -97.12 -25.48 29.58
CA GLN C 1591 -97.49 -26.63 30.39
C GLN C 1591 -98.04 -27.75 29.53
N SER C 1592 -98.84 -27.39 28.52
CA SER C 1592 -99.40 -28.36 27.61
C SER C 1592 -98.34 -28.99 26.74
N LEU C 1593 -97.21 -28.30 26.60
CA LEU C 1593 -96.03 -28.86 25.98
C LEU C 1593 -95.05 -29.50 26.95
N GLY C 1594 -95.43 -29.69 28.21
CA GLY C 1594 -94.50 -30.35 29.11
C GLY C 1594 -93.19 -29.67 29.43
N THR C 1595 -93.22 -28.36 29.60
CA THR C 1595 -92.01 -27.60 29.93
C THR C 1595 -92.36 -26.56 30.97
N THR C 1596 -91.38 -25.72 31.25
CA THR C 1596 -91.49 -24.70 32.26
C THR C 1596 -91.73 -23.42 31.50
N TYR C 1597 -92.67 -22.65 32.02
CA TYR C 1597 -92.99 -21.37 31.42
C TYR C 1597 -91.84 -20.39 31.41
N ILE C 1598 -91.70 -19.78 30.24
CA ILE C 1598 -90.59 -18.91 29.93
C ILE C 1598 -90.46 -17.76 30.94
N TYR C 1599 -91.52 -16.99 31.18
CA TYR C 1599 -91.32 -15.90 32.12
C TYR C 1599 -91.32 -16.35 33.58
N ASP C 1600 -91.62 -17.62 33.83
CA ASP C 1600 -91.53 -18.24 35.15
C ASP C 1600 -90.17 -18.79 35.44
N ILE C 1601 -89.35 -18.88 34.42
CA ILE C 1601 -88.03 -19.45 34.61
C ILE C 1601 -87.30 -18.66 35.68
N PRO C 1602 -87.38 -17.33 35.73
CA PRO C 1602 -86.62 -16.67 36.77
C PRO C 1602 -86.96 -17.29 38.08
N GLU C 1603 -88.26 -17.50 38.25
CA GLU C 1603 -88.70 -18.16 39.45
C GLU C 1603 -88.41 -19.63 39.48
N MET C 1604 -88.41 -20.34 38.34
CA MET C 1604 -88.02 -21.74 38.44
C MET C 1604 -86.58 -21.85 38.84
N PHE C 1605 -85.83 -20.87 38.39
CA PHE C 1605 -84.47 -20.75 38.77
C PHE C 1605 -84.41 -20.48 40.24
N ARG C 1606 -85.24 -19.57 40.69
CA ARG C 1606 -85.20 -19.22 42.08
C ARG C 1606 -85.54 -20.38 42.98
N GLN C 1607 -86.57 -21.14 42.67
CA GLN C 1607 -86.91 -22.23 43.58
C GLN C 1607 -85.82 -23.28 43.58
N SER C 1608 -85.25 -23.57 42.42
CA SER C 1608 -84.15 -24.52 42.42
C SER C 1608 -83.01 -23.94 43.24
N LEU C 1609 -82.75 -22.64 43.07
CA LEU C 1609 -81.68 -21.96 43.81
C LEU C 1609 -81.90 -22.06 45.29
N ILE C 1610 -83.13 -21.90 45.69
CA ILE C 1610 -83.53 -22.05 47.07
C ILE C 1610 -83.26 -23.46 47.48
N LYS C 1611 -83.68 -24.37 46.65
CA LYS C 1611 -83.48 -25.78 46.88
C LYS C 1611 -82.00 -26.05 47.04
N LEU C 1612 -81.17 -25.32 46.34
CA LEU C 1612 -79.74 -25.48 46.49
C LEU C 1612 -79.35 -24.96 47.85
N TRP C 1613 -79.83 -23.77 48.21
CA TRP C 1613 -79.55 -23.24 49.54
C TRP C 1613 -79.94 -24.24 50.59
N GLU C 1614 -80.98 -25.01 50.29
CA GLU C 1614 -81.50 -25.99 51.21
C GLU C 1614 -80.62 -27.20 51.22
N SER C 1615 -80.34 -27.72 50.03
CA SER C 1615 -79.56 -28.93 49.91
C SER C 1615 -78.19 -28.70 50.45
N MET C 1616 -77.66 -27.53 50.13
CA MET C 1616 -76.34 -27.16 50.53
C MET C 1616 -76.30 -26.80 51.99
N SER C 1617 -77.45 -26.50 52.59
CA SER C 1617 -77.40 -26.18 54.00
C SER C 1617 -77.04 -27.42 54.82
N THR C 1618 -77.37 -28.59 54.30
CA THR C 1618 -76.81 -29.84 54.79
C THR C 1618 -75.31 -29.76 54.77
N GLN C 1619 -74.82 -29.34 53.62
CA GLN C 1619 -73.44 -29.41 53.20
C GLN C 1619 -72.53 -28.37 53.82
N ALA C 1620 -73.04 -27.18 54.07
CA ALA C 1620 -72.18 -26.07 54.44
C ALA C 1620 -72.67 -25.26 55.63
N PHE C 1621 -71.68 -24.57 56.12
CA PHE C 1621 -71.78 -23.49 57.06
C PHE C 1621 -72.22 -22.36 56.17
N LEU C 1622 -73.36 -21.76 56.45
CA LEU C 1622 -73.90 -20.77 55.54
C LEU C 1622 -74.12 -19.37 56.07
N PRO C 1623 -74.12 -18.36 55.20
CA PRO C 1623 -74.61 -17.04 55.59
C PRO C 1623 -76.09 -17.17 55.82
N SER C 1624 -76.67 -16.12 56.35
CA SER C 1624 -78.12 -16.25 56.46
C SER C 1624 -78.62 -16.30 55.02
N PRO C 1625 -79.55 -17.17 54.67
CA PRO C 1625 -80.01 -17.15 53.29
C PRO C 1625 -80.66 -15.80 53.01
N PRO C 1626 -80.66 -15.35 51.76
CA PRO C 1626 -81.50 -14.18 51.46
C PRO C 1626 -82.96 -14.54 51.31
N LEU C 1627 -83.71 -13.46 51.41
CA LEU C 1627 -85.13 -13.42 51.17
C LEU C 1627 -85.31 -13.60 49.68
N PRO C 1628 -86.42 -14.14 49.22
CA PRO C 1628 -86.53 -14.32 47.77
C PRO C 1628 -86.31 -13.00 47.10
N SER C 1629 -86.81 -11.94 47.73
CA SER C 1629 -86.63 -10.60 47.27
C SER C 1629 -85.16 -10.16 47.34
N ASP C 1630 -84.42 -10.64 48.32
CA ASP C 1630 -83.04 -10.19 48.49
C ASP C 1630 -82.05 -11.08 47.77
N MET C 1631 -82.53 -12.12 47.15
CA MET C 1631 -81.74 -13.13 46.50
C MET C 1631 -81.13 -12.76 45.16
N LEU C 1632 -81.79 -11.90 44.38
CA LEU C 1632 -81.45 -11.72 42.98
C LEU C 1632 -81.66 -10.34 42.39
N THR C 1633 -80.76 -10.01 41.47
CA THR C 1633 -81.01 -8.89 40.59
C THR C 1633 -80.78 -9.43 39.18
N TYR C 1634 -81.73 -9.12 38.32
CA TYR C 1634 -81.78 -9.45 36.92
C TYR C 1634 -82.02 -8.18 36.14
N THR C 1635 -81.62 -8.19 34.88
CA THR C 1635 -81.95 -7.10 33.99
C THR C 1635 -82.33 -7.64 32.63
N GLU C 1636 -83.48 -7.18 32.11
CA GLU C 1636 -83.92 -7.68 30.81
C GLU C 1636 -82.95 -7.09 29.83
N LEU C 1637 -82.55 -7.90 28.88
CA LEU C 1637 -81.64 -7.44 27.86
C LEU C 1637 -82.47 -7.16 26.62
N VAL C 1638 -82.31 -5.98 26.01
CA VAL C 1638 -83.23 -5.57 24.96
C VAL C 1638 -82.55 -4.85 23.80
N LEU C 1639 -83.04 -5.15 22.60
CA LEU C 1639 -82.56 -4.56 21.38
C LEU C 1639 -83.15 -3.19 21.16
N ASP C 1640 -82.34 -2.18 20.92
CA ASP C 1640 -82.90 -0.92 20.49
C ASP C 1640 -83.19 -1.06 18.99
N ASP C 1641 -83.53 0.05 18.34
CA ASP C 1641 -83.76 0.02 16.91
C ASP C 1641 -82.49 -0.40 16.19
N GLN C 1642 -81.34 0.02 16.70
CA GLN C 1642 -80.05 -0.26 16.09
C GLN C 1642 -79.47 -1.58 16.50
N GLY C 1643 -80.25 -2.47 17.12
CA GLY C 1643 -79.62 -3.70 17.54
C GLY C 1643 -78.56 -3.45 18.57
N GLN C 1644 -78.74 -2.44 19.39
CA GLN C 1644 -77.82 -2.07 20.44
C GLN C 1644 -78.46 -2.39 21.77
N LEU C 1645 -77.59 -2.68 22.72
CA LEU C 1645 -78.00 -3.20 24.00
C LEU C 1645 -78.73 -2.17 24.80
N VAL C 1646 -79.74 -2.65 25.50
CA VAL C 1646 -80.56 -1.78 26.29
C VAL C 1646 -80.87 -2.50 27.58
N HIS C 1647 -80.65 -1.81 28.68
CA HIS C 1647 -80.94 -2.35 29.98
C HIS C 1647 -82.42 -2.06 30.14
N MET C 1648 -83.23 -3.08 30.44
CA MET C 1648 -84.66 -2.82 30.40
C MET C 1648 -85.45 -3.47 31.53
N ASN C 1649 -86.29 -2.64 32.15
CA ASN C 1649 -87.23 -3.01 33.19
C ASN C 1649 -88.58 -3.01 32.49
N ARG C 1650 -88.88 -4.11 31.80
CA ARG C 1650 -90.09 -4.21 31.01
C ARG C 1650 -90.99 -5.34 31.48
N LEU C 1651 -92.21 -5.26 30.98
CA LEU C 1651 -93.22 -6.22 31.31
C LEU C 1651 -92.92 -7.55 30.66
N PRO C 1652 -93.15 -8.67 31.33
CA PRO C 1652 -92.93 -9.93 30.65
C PRO C 1652 -93.90 -10.03 29.50
N GLY C 1653 -93.45 -10.64 28.43
CA GLY C 1653 -94.24 -10.82 27.25
C GLY C 1653 -93.99 -9.83 26.15
N GLY C 1654 -93.05 -8.93 26.31
CA GLY C 1654 -93.07 -7.89 25.30
C GLY C 1654 -92.27 -8.29 24.11
N ASN C 1655 -91.58 -9.42 24.22
CA ASN C 1655 -90.70 -9.89 23.18
C ASN C 1655 -91.56 -10.15 21.96
N GLU C 1656 -91.03 -9.83 20.80
CA GLU C 1656 -91.66 -10.11 19.52
C GLU C 1656 -90.95 -11.26 18.82
N ILE C 1657 -90.07 -11.96 19.54
CA ILE C 1657 -89.33 -13.11 19.05
C ILE C 1657 -89.23 -14.16 20.14
N GLY C 1658 -88.82 -15.37 19.74
CA GLY C 1658 -88.81 -16.56 20.59
C GLY C 1658 -87.69 -16.81 21.56
N MET C 1659 -87.01 -15.75 22.01
CA MET C 1659 -85.88 -15.87 22.93
C MET C 1659 -85.89 -14.76 23.95
N VAL C 1660 -85.50 -15.10 25.18
CA VAL C 1660 -85.45 -14.11 26.24
C VAL C 1660 -84.16 -14.28 26.98
N ALA C 1661 -83.62 -13.14 27.41
CA ALA C 1661 -82.37 -13.15 28.11
C ALA C 1661 -82.31 -12.04 29.14
N TRP C 1662 -81.56 -12.34 30.18
CA TRP C 1662 -81.26 -11.40 31.24
C TRP C 1662 -79.81 -11.57 31.62
N LYS C 1663 -79.28 -10.47 32.11
CA LYS C 1663 -78.08 -10.57 32.90
C LYS C 1663 -78.58 -10.68 34.31
N MET C 1664 -78.03 -11.60 35.05
CA MET C 1664 -78.51 -11.80 36.39
C MET C 1664 -77.37 -11.91 37.39
N THR C 1665 -77.52 -11.23 38.54
CA THR C 1665 -76.60 -11.35 39.67
C THR C 1665 -77.40 -11.76 40.88
N PHE C 1666 -76.94 -12.78 41.60
CA PHE C 1666 -77.66 -13.19 42.80
C PHE C 1666 -76.66 -13.75 43.80
N LYS C 1667 -77.05 -13.73 45.05
CA LYS C 1667 -76.23 -14.21 46.14
C LYS C 1667 -76.56 -15.67 46.42
N SER C 1668 -75.50 -16.48 46.45
CA SER C 1668 -75.52 -17.91 46.66
C SER C 1668 -74.59 -18.23 47.82
N PRO C 1669 -74.72 -19.42 48.42
CA PRO C 1669 -73.88 -19.76 49.58
C PRO C 1669 -72.40 -19.59 49.32
N GLU C 1670 -72.00 -19.98 48.13
CA GLU C 1670 -70.62 -19.94 47.68
C GLU C 1670 -70.23 -18.53 47.28
N TYR C 1671 -71.19 -17.72 46.87
CA TYR C 1671 -70.93 -16.34 46.47
C TYR C 1671 -71.91 -15.45 47.22
N PRO C 1672 -71.67 -15.24 48.51
CA PRO C 1672 -72.67 -14.55 49.34
C PRO C 1672 -72.83 -13.10 48.98
N GLU C 1673 -71.81 -12.48 48.41
CA GLU C 1673 -71.90 -11.12 47.93
C GLU C 1673 -72.54 -11.03 46.56
N GLY C 1674 -72.69 -12.15 45.88
CA GLY C 1674 -73.42 -12.23 44.63
C GLY C 1674 -72.57 -12.70 43.49
N ARG C 1675 -73.22 -13.29 42.49
CA ARG C 1675 -72.51 -13.79 41.33
C ARG C 1675 -73.41 -13.64 40.14
N ASP C 1676 -72.79 -13.41 38.99
CA ASP C 1676 -73.52 -13.15 37.77
C ASP C 1676 -73.27 -14.14 36.64
N ILE C 1677 -74.30 -14.43 35.90
CA ILE C 1677 -74.19 -15.11 34.63
C ILE C 1677 -75.22 -14.50 33.71
N ILE C 1678 -75.14 -14.94 32.47
CA ILE C 1678 -76.08 -14.55 31.46
C ILE C 1678 -76.97 -15.75 31.26
N VAL C 1679 -78.27 -15.46 31.27
CA VAL C 1679 -79.31 -16.46 31.19
C VAL C 1679 -80.12 -16.25 29.95
N ILE C 1680 -80.15 -17.30 29.15
CA ILE C 1680 -80.88 -17.36 27.91
C ILE C 1680 -81.83 -18.55 27.89
N GLY C 1681 -82.99 -18.36 27.27
CA GLY C 1681 -83.93 -19.45 27.15
C GLY C 1681 -84.79 -19.26 25.93
N ASN C 1682 -85.08 -20.34 25.18
CA ASN C 1682 -86.07 -20.15 24.13
C ASN C 1682 -87.49 -20.03 24.65
N ASP C 1683 -88.29 -19.27 23.90
CA ASP C 1683 -89.73 -19.22 24.03
C ASP C 1683 -90.41 -19.94 22.87
N ILE C 1684 -90.81 -21.19 23.11
CA ILE C 1684 -91.44 -22.00 22.08
C ILE C 1684 -92.75 -21.41 21.61
N THR C 1685 -93.34 -20.50 22.38
CA THR C 1685 -94.62 -19.95 21.97
C THR C 1685 -94.54 -18.98 20.84
N TYR C 1686 -93.39 -18.39 20.58
CA TYR C 1686 -93.31 -17.51 19.44
C TYR C 1686 -92.77 -18.36 18.33
N ARG C 1687 -93.67 -18.77 17.44
CA ARG C 1687 -93.25 -19.55 16.31
C ARG C 1687 -92.46 -20.74 16.80
N ILE C 1688 -93.09 -21.65 17.56
CA ILE C 1688 -92.41 -22.74 18.28
C ILE C 1688 -90.93 -22.50 18.63
N GLY C 1689 -90.59 -21.24 18.91
CA GLY C 1689 -89.24 -20.85 19.24
C GLY C 1689 -88.26 -21.03 18.12
N SER C 1690 -88.71 -20.93 16.88
CA SER C 1690 -87.78 -21.05 15.77
C SER C 1690 -86.80 -19.88 15.85
N PHE C 1691 -85.72 -19.96 15.09
CA PHE C 1691 -84.61 -19.02 15.22
C PHE C 1691 -84.47 -18.12 14.00
N GLY C 1692 -85.06 -16.95 14.11
CA GLY C 1692 -84.89 -15.89 13.16
C GLY C 1692 -83.69 -15.04 13.51
N PRO C 1693 -83.40 -14.05 12.67
CA PRO C 1693 -82.24 -13.21 12.90
C PRO C 1693 -82.38 -12.45 14.15
N GLN C 1694 -83.60 -12.06 14.47
CA GLN C 1694 -83.86 -11.32 15.68
C GLN C 1694 -83.64 -12.20 16.90
N GLU C 1695 -84.05 -13.48 16.85
CA GLU C 1695 -83.80 -14.38 17.98
C GLU C 1695 -82.30 -14.55 18.13
N ASP C 1696 -81.69 -14.77 16.98
CA ASP C 1696 -80.26 -14.98 16.88
C ASP C 1696 -79.52 -13.76 17.33
N LEU C 1697 -80.10 -12.61 17.06
CA LEU C 1697 -79.55 -11.28 17.27
C LEU C 1697 -79.63 -10.90 18.73
N LEU C 1698 -80.76 -11.23 19.36
CA LEU C 1698 -80.88 -10.97 20.78
C LEU C 1698 -79.74 -11.71 21.43
N PHE C 1699 -79.63 -12.97 21.01
CA PHE C 1699 -78.55 -13.82 21.45
C PHE C 1699 -77.22 -13.18 21.13
N LEU C 1700 -77.10 -12.74 19.91
CA LEU C 1700 -75.86 -12.21 19.39
C LEU C 1700 -75.27 -11.10 20.21
N ARG C 1701 -76.03 -10.03 20.38
CA ARG C 1701 -75.38 -8.90 21.00
C ARG C 1701 -75.17 -9.15 22.48
N ALA C 1702 -76.11 -9.88 23.06
CA ALA C 1702 -75.94 -10.20 24.45
C ALA C 1702 -74.80 -11.13 24.69
N SER C 1703 -74.71 -12.15 23.87
CA SER C 1703 -73.67 -13.12 24.03
C SER C 1703 -72.31 -12.52 23.81
N GLU C 1704 -72.18 -11.74 22.74
CA GLU C 1704 -70.91 -11.09 22.48
C GLU C 1704 -70.51 -10.24 23.66
N LEU C 1705 -71.49 -9.60 24.26
CA LEU C 1705 -71.16 -8.78 25.39
C LEU C 1705 -70.76 -9.61 26.59
N ALA C 1706 -71.52 -10.66 26.83
CA ALA C 1706 -71.25 -11.58 27.93
C ALA C 1706 -69.83 -12.03 27.83
N ARG C 1707 -69.48 -12.37 26.62
CA ARG C 1707 -68.16 -12.81 26.29
C ARG C 1707 -67.20 -11.68 26.53
N ALA C 1708 -67.66 -10.46 26.25
CA ALA C 1708 -66.81 -9.29 26.40
C ALA C 1708 -66.29 -9.24 27.81
N GLU C 1709 -67.13 -9.63 28.76
CA GLU C 1709 -66.67 -9.59 30.14
C GLU C 1709 -66.16 -10.94 30.62
N GLY C 1710 -66.29 -11.99 29.84
CA GLY C 1710 -65.76 -13.29 30.23
C GLY C 1710 -66.60 -14.17 31.15
N ILE C 1711 -67.88 -13.87 31.37
CA ILE C 1711 -68.68 -14.60 32.36
C ILE C 1711 -69.52 -15.74 31.77
N PRO C 1712 -69.92 -16.74 32.57
CA PRO C 1712 -70.61 -17.91 32.02
C PRO C 1712 -72.02 -17.67 31.53
N ARG C 1713 -72.38 -18.56 30.60
CA ARG C 1713 -73.68 -18.57 29.95
C ARG C 1713 -74.47 -19.85 30.11
N ILE C 1714 -75.64 -19.75 30.74
CA ILE C 1714 -76.52 -20.91 30.84
C ILE C 1714 -77.69 -20.69 29.89
N TYR C 1715 -77.85 -21.65 28.98
CA TYR C 1715 -78.89 -21.61 27.95
C TYR C 1715 -79.82 -22.81 28.01
N VAL C 1716 -81.11 -22.55 28.13
CA VAL C 1716 -82.07 -23.65 28.04
C VAL C 1716 -82.60 -23.78 26.62
N SER C 1717 -82.18 -24.89 26.03
CA SER C 1717 -82.43 -25.24 24.65
C SER C 1717 -83.52 -26.31 24.62
N ALA C 1718 -84.66 -25.98 24.06
CA ALA C 1718 -85.70 -26.97 23.77
C ALA C 1718 -86.49 -26.30 22.65
N ASN C 1719 -86.30 -26.73 21.41
CA ASN C 1719 -86.67 -25.89 20.29
C ASN C 1719 -86.95 -26.72 19.05
N SER C 1720 -87.25 -26.01 17.97
CA SER C 1720 -87.62 -26.56 16.68
C SER C 1720 -86.71 -26.04 15.58
N GLY C 1721 -85.50 -25.63 15.96
CA GLY C 1721 -84.51 -25.07 15.07
C GLY C 1721 -84.73 -23.72 14.40
N ALA C 1722 -84.01 -23.59 13.28
CA ALA C 1722 -83.84 -22.35 12.57
C ALA C 1722 -85.16 -21.78 12.10
N ARG C 1723 -85.23 -20.46 11.96
CA ARG C 1723 -86.47 -19.94 11.45
C ARG C 1723 -86.54 -20.54 10.08
N ILE C 1724 -87.73 -20.89 9.68
CA ILE C 1724 -87.91 -21.50 8.38
C ILE C 1724 -88.95 -20.69 7.65
N GLY C 1725 -88.79 -20.58 6.35
CA GLY C 1725 -89.87 -20.02 5.61
C GLY C 1725 -89.65 -20.00 4.13
N LEU C 1726 -90.76 -19.83 3.44
CA LEU C 1726 -90.86 -19.51 2.04
C LEU C 1726 -91.73 -18.26 2.00
N ALA C 1727 -91.46 -17.41 1.06
CA ALA C 1727 -92.22 -16.18 0.94
C ALA C 1727 -93.68 -16.44 0.57
N GLU C 1728 -94.57 -16.36 1.57
CA GLU C 1728 -95.98 -16.60 1.33
C GLU C 1728 -96.44 -15.64 0.27
N GLU C 1729 -95.93 -14.41 0.38
CA GLU C 1729 -96.23 -13.30 -0.49
C GLU C 1729 -95.99 -13.71 -1.93
N ILE C 1730 -95.04 -14.60 -2.17
CA ILE C 1730 -94.79 -15.08 -3.52
C ILE C 1730 -95.72 -16.25 -3.79
N ARG C 1731 -95.97 -17.09 -2.76
CA ARG C 1731 -96.82 -18.26 -2.95
C ARG C 1731 -98.15 -17.87 -3.56
N HIS C 1732 -98.65 -16.71 -3.17
CA HIS C 1732 -100.01 -16.38 -3.55
C HIS C 1732 -100.13 -15.70 -4.90
N MET C 1733 -99.02 -15.46 -5.60
CA MET C 1733 -99.11 -14.84 -6.91
C MET C 1733 -98.19 -15.48 -7.93
N PHE C 1734 -97.40 -16.48 -7.56
CA PHE C 1734 -96.54 -17.05 -8.58
C PHE C 1734 -97.45 -17.94 -9.42
N HIS C 1735 -97.06 -18.17 -10.66
CA HIS C 1735 -97.83 -19.01 -11.55
C HIS C 1735 -96.92 -20.15 -11.93
N VAL C 1736 -97.50 -21.29 -12.30
CA VAL C 1736 -96.69 -22.44 -12.69
C VAL C 1736 -96.83 -22.51 -14.18
N ALA C 1737 -95.71 -22.60 -14.83
CA ALA C 1737 -95.61 -22.80 -16.24
C ALA C 1737 -95.44 -24.30 -16.40
N TRP C 1738 -96.58 -24.96 -16.55
CA TRP C 1738 -96.63 -26.40 -16.67
C TRP C 1738 -96.13 -26.83 -18.03
N VAL C 1739 -95.54 -28.01 -18.08
CA VAL C 1739 -95.32 -28.61 -19.38
C VAL C 1739 -96.69 -28.68 -20.03
N ASP C 1740 -97.70 -29.11 -19.26
CA ASP C 1740 -99.08 -29.12 -19.70
C ASP C 1740 -99.89 -28.82 -18.45
N PRO C 1741 -100.64 -27.70 -18.36
CA PRO C 1741 -101.45 -27.51 -17.16
C PRO C 1741 -102.61 -28.49 -17.10
N GLU C 1742 -103.27 -28.74 -18.24
CA GLU C 1742 -104.37 -29.72 -18.31
C GLU C 1742 -103.92 -31.14 -18.01
N ASP C 1743 -102.62 -31.36 -17.86
CA ASP C 1743 -102.11 -32.60 -17.29
C ASP C 1743 -100.78 -32.25 -16.66
N PRO C 1744 -100.73 -32.14 -15.33
CA PRO C 1744 -99.49 -31.74 -14.64
C PRO C 1744 -98.40 -32.80 -14.61
N TYR C 1745 -98.74 -34.08 -14.62
CA TYR C 1745 -97.71 -35.13 -14.46
C TYR C 1745 -96.76 -35.16 -15.65
N LYS C 1746 -97.07 -34.45 -16.70
CA LYS C 1746 -96.16 -34.12 -17.77
C LYS C 1746 -95.09 -33.10 -17.34
N GLY C 1747 -94.86 -32.81 -16.06
CA GLY C 1747 -93.80 -31.93 -15.63
C GLY C 1747 -94.22 -30.47 -15.67
N TYR C 1748 -93.45 -29.62 -14.98
CA TYR C 1748 -93.65 -28.18 -15.08
C TYR C 1748 -92.36 -27.58 -15.57
N ARG C 1749 -92.49 -26.44 -16.26
CA ARG C 1749 -91.33 -25.78 -16.83
C ARG C 1749 -90.78 -24.67 -15.94
N TYR C 1750 -91.59 -23.75 -15.41
CA TYR C 1750 -90.99 -22.67 -14.63
C TYR C 1750 -92.06 -21.93 -13.85
N LEU C 1751 -91.63 -21.07 -12.92
CA LEU C 1751 -92.56 -20.21 -12.19
C LEU C 1751 -92.52 -18.78 -12.72
N TYR C 1752 -93.65 -18.06 -12.66
CA TYR C 1752 -93.61 -16.73 -13.23
C TYR C 1752 -94.72 -15.80 -12.72
N LEU C 1753 -94.56 -14.51 -13.04
CA LEU C 1753 -95.50 -13.42 -12.72
C LEU C 1753 -96.00 -12.70 -13.96
N THR C 1754 -97.27 -12.25 -13.96
CA THR C 1754 -97.65 -11.42 -15.08
C THR C 1754 -96.84 -10.11 -15.00
N PRO C 1755 -96.62 -9.40 -16.13
CA PRO C 1755 -95.73 -8.20 -16.06
C PRO C 1755 -96.16 -7.00 -15.22
N GLN C 1756 -97.45 -6.64 -15.25
CA GLN C 1756 -97.97 -5.58 -14.37
C GLN C 1756 -97.76 -5.96 -12.92
N ASP C 1757 -98.08 -7.19 -12.60
CA ASP C 1757 -97.95 -7.71 -11.26
C ASP C 1757 -96.49 -7.74 -10.84
N TYR C 1758 -95.56 -7.96 -11.78
CA TYR C 1758 -94.14 -7.96 -11.43
C TYR C 1758 -93.70 -6.55 -11.08
N LYS C 1759 -94.26 -5.52 -11.75
CA LYS C 1759 -93.82 -4.13 -11.62
C LYS C 1759 -93.91 -3.56 -10.19
N ARG C 1760 -94.24 -4.38 -9.18
CA ARG C 1760 -94.53 -3.96 -7.82
C ARG C 1760 -93.62 -4.66 -6.84
N VAL C 1761 -93.54 -5.99 -6.86
CA VAL C 1761 -92.52 -6.72 -6.12
C VAL C 1761 -91.15 -6.33 -6.57
N SER C 1762 -91.03 -5.94 -7.84
CA SER C 1762 -89.71 -5.62 -8.34
C SER C 1762 -89.15 -4.51 -7.47
N ALA C 1763 -90.02 -3.56 -7.12
CA ALA C 1763 -89.76 -2.43 -6.24
C ALA C 1763 -89.40 -2.81 -4.81
N LEU C 1764 -89.62 -4.05 -4.40
CA LEU C 1764 -89.76 -4.38 -2.98
C LEU C 1764 -88.66 -5.30 -2.48
N ASN C 1765 -87.61 -5.46 -3.27
CA ASN C 1765 -86.45 -6.29 -2.94
C ASN C 1765 -86.89 -7.72 -2.67
N SER C 1766 -87.80 -8.21 -3.50
CA SER C 1766 -88.35 -9.53 -3.26
C SER C 1766 -87.69 -10.61 -4.08
N VAL C 1767 -87.53 -10.35 -5.38
CA VAL C 1767 -86.91 -11.26 -6.33
C VAL C 1767 -86.03 -10.51 -7.32
N HIS C 1768 -85.28 -11.29 -8.07
CA HIS C 1768 -84.64 -10.86 -9.30
C HIS C 1768 -85.37 -11.72 -10.31
N CYS C 1769 -85.99 -11.12 -11.32
CA CYS C 1769 -86.68 -11.89 -12.35
C CYS C 1769 -86.16 -11.50 -13.71
N GLU C 1770 -86.54 -12.30 -14.69
CA GLU C 1770 -86.32 -11.94 -16.08
C GLU C 1770 -87.59 -11.94 -16.91
N HIS C 1771 -87.70 -10.90 -17.74
CA HIS C 1771 -88.83 -10.79 -18.64
C HIS C 1771 -88.67 -11.89 -19.67
N VAL C 1772 -89.76 -12.51 -20.08
CA VAL C 1772 -89.71 -13.52 -21.13
C VAL C 1772 -91.01 -13.45 -21.88
N GLU C 1773 -90.96 -13.70 -23.19
CA GLU C 1773 -92.16 -13.98 -23.96
C GLU C 1773 -92.26 -15.47 -24.20
N ASP C 1774 -93.39 -16.06 -23.81
CA ASP C 1774 -93.57 -17.48 -24.01
C ASP C 1774 -95.06 -17.69 -24.11
N GLU C 1775 -95.47 -18.59 -25.02
CA GLU C 1775 -96.86 -18.92 -25.25
C GLU C 1775 -97.77 -17.68 -25.27
N GLY C 1776 -97.28 -16.58 -25.82
CA GLY C 1776 -98.00 -15.31 -25.89
C GLY C 1776 -97.81 -14.35 -24.73
N GLU C 1777 -97.87 -14.83 -23.50
CA GLU C 1777 -97.81 -13.91 -22.38
C GLU C 1777 -96.37 -13.49 -22.10
N SER C 1778 -96.22 -12.33 -21.46
CA SER C 1778 -94.95 -11.78 -21.04
C SER C 1778 -94.86 -12.10 -19.56
N ARG C 1779 -93.79 -12.74 -19.14
CA ARG C 1779 -93.75 -13.22 -17.78
C ARG C 1779 -92.44 -12.78 -17.14
N TYR C 1780 -92.39 -12.76 -15.81
CA TYR C 1780 -91.14 -12.49 -15.08
C TYR C 1780 -90.70 -13.71 -14.27
N LYS C 1781 -89.88 -14.54 -14.91
CA LYS C 1781 -89.40 -15.79 -14.34
C LYS C 1781 -88.50 -15.49 -13.15
N ILE C 1782 -88.74 -16.14 -12.01
CA ILE C 1782 -87.95 -15.81 -10.83
C ILE C 1782 -86.60 -16.45 -11.01
N THR C 1783 -85.59 -15.61 -11.02
CA THR C 1783 -84.20 -15.94 -11.26
C THR C 1783 -83.44 -15.96 -9.96
N ASP C 1784 -83.79 -15.05 -9.07
CA ASP C 1784 -83.28 -15.00 -7.72
C ASP C 1784 -84.47 -14.60 -6.89
N ILE C 1785 -84.61 -15.22 -5.74
CA ILE C 1785 -85.61 -14.82 -4.77
C ILE C 1785 -84.87 -14.11 -3.66
N ILE C 1786 -85.12 -12.82 -3.47
CA ILE C 1786 -84.35 -12.05 -2.51
C ILE C 1786 -85.06 -11.99 -1.16
N GLY C 1787 -86.33 -11.67 -1.23
CA GLY C 1787 -87.27 -11.75 -0.14
C GLY C 1787 -87.33 -10.55 0.76
N LYS C 1788 -88.40 -9.79 0.64
CA LYS C 1788 -88.55 -8.59 1.44
C LYS C 1788 -88.82 -8.96 2.90
N GLU C 1789 -89.32 -10.16 3.14
CA GLU C 1789 -89.59 -10.63 4.48
C GLU C 1789 -88.29 -10.87 5.20
N GLU C 1790 -88.08 -10.15 6.27
CA GLU C 1790 -86.89 -10.37 7.05
C GLU C 1790 -87.06 -11.62 7.89
N GLY C 1791 -85.99 -12.42 7.93
CA GLY C 1791 -85.81 -13.56 8.79
C GLY C 1791 -85.97 -15.01 8.34
N ILE C 1792 -86.31 -15.32 7.09
CA ILE C 1792 -86.41 -16.73 6.68
C ILE C 1792 -85.33 -17.06 5.66
N GLY C 1793 -84.31 -16.20 5.56
CA GLY C 1793 -83.31 -16.30 4.53
C GLY C 1793 -81.89 -16.44 4.99
N PRO C 1794 -80.97 -16.27 4.04
CA PRO C 1794 -79.55 -16.44 4.37
C PRO C 1794 -79.03 -15.37 5.28
N GLU C 1795 -79.78 -14.29 5.47
CA GLU C 1795 -79.42 -13.36 6.52
C GLU C 1795 -79.31 -14.08 7.85
N ASN C 1796 -80.19 -15.07 8.05
CA ASN C 1796 -80.13 -15.82 9.28
C ASN C 1796 -78.88 -16.63 9.34
N LEU C 1797 -78.43 -17.01 8.17
CA LEU C 1797 -77.22 -17.79 8.07
C LEU C 1797 -75.96 -17.01 8.29
N ARG C 1798 -75.87 -15.81 7.72
CA ARG C 1798 -74.67 -15.04 7.96
C ARG C 1798 -74.60 -14.80 9.45
N GLY C 1799 -75.71 -14.32 9.99
CA GLY C 1799 -75.81 -14.08 11.41
C GLY C 1799 -75.57 -15.34 12.20
N SER C 1800 -76.03 -16.44 11.67
CA SER C 1800 -75.93 -17.70 12.38
C SER C 1800 -74.50 -18.13 12.50
N GLY C 1801 -73.83 -18.20 11.37
CA GLY C 1801 -72.41 -18.50 11.37
C GLY C 1801 -71.67 -17.60 12.29
N MET C 1802 -72.00 -16.31 12.21
CA MET C 1802 -71.40 -15.27 13.00
C MET C 1802 -71.45 -15.70 14.45
N ILE C 1803 -72.61 -16.19 14.82
CA ILE C 1803 -72.82 -16.63 16.16
C ILE C 1803 -72.24 -17.98 16.41
N ALA C 1804 -72.00 -18.75 15.38
CA ALA C 1804 -71.26 -19.97 15.58
C ALA C 1804 -69.87 -19.63 16.06
N GLY C 1805 -69.17 -18.80 15.30
CA GLY C 1805 -67.84 -18.44 15.70
C GLY C 1805 -67.81 -17.78 17.05
N GLU C 1806 -68.64 -16.77 17.22
CA GLU C 1806 -68.66 -16.08 18.49
C GLU C 1806 -69.01 -17.01 19.63
N SER C 1807 -69.96 -17.89 19.39
CA SER C 1807 -70.43 -18.77 20.44
C SER C 1807 -69.39 -19.79 20.79
N SER C 1808 -68.76 -20.28 19.75
CA SER C 1808 -67.65 -21.20 19.85
C SER C 1808 -66.54 -20.57 20.62
N LEU C 1809 -66.29 -19.34 20.28
CA LEU C 1809 -65.24 -18.56 20.87
C LEU C 1809 -65.56 -18.29 22.31
N ALA C 1810 -66.79 -17.88 22.50
CA ALA C 1810 -67.28 -17.64 23.83
C ALA C 1810 -67.05 -18.89 24.62
N TYR C 1811 -67.40 -20.03 24.02
CA TYR C 1811 -67.24 -21.29 24.71
C TYR C 1811 -65.79 -21.49 25.02
N ASN C 1812 -64.93 -21.04 24.13
CA ASN C 1812 -63.50 -21.13 24.27
C ASN C 1812 -63.00 -20.18 25.32
N GLU C 1813 -63.88 -19.37 25.83
CA GLU C 1813 -63.63 -18.36 26.81
C GLU C 1813 -64.35 -18.58 28.13
N ILE C 1814 -65.51 -19.26 28.20
CA ILE C 1814 -66.29 -19.32 29.44
C ILE C 1814 -66.89 -20.69 29.70
N ILE C 1815 -67.54 -20.74 30.86
CA ILE C 1815 -68.25 -21.89 31.37
C ILE C 1815 -69.61 -21.82 30.68
N THR C 1816 -70.00 -22.91 30.06
CA THR C 1816 -71.29 -23.08 29.39
C THR C 1816 -72.11 -24.24 29.93
N ILE C 1817 -73.42 -24.04 30.07
CA ILE C 1817 -74.32 -25.15 30.41
C ILE C 1817 -75.57 -25.01 29.54
N SER C 1818 -76.15 -26.17 29.23
CA SER C 1818 -77.28 -26.30 28.32
C SER C 1818 -78.26 -27.29 28.93
N LEU C 1819 -79.55 -26.98 28.71
CA LEU C 1819 -80.65 -27.79 29.24
C LEU C 1819 -81.63 -28.25 28.19
N VAL C 1820 -81.83 -29.57 28.10
CA VAL C 1820 -82.73 -30.14 27.11
C VAL C 1820 -84.04 -30.52 27.79
N THR C 1821 -85.13 -29.87 27.41
CA THR C 1821 -86.38 -29.98 28.15
C THR C 1821 -87.42 -30.85 27.45
N CYS C 1822 -87.67 -30.57 26.18
CA CYS C 1822 -88.68 -31.25 25.39
C CYS C 1822 -88.10 -31.89 24.15
N ARG C 1823 -87.49 -31.07 23.32
CA ARG C 1823 -86.78 -31.49 22.15
C ARG C 1823 -85.89 -30.35 21.71
N ALA C 1824 -84.69 -30.70 21.27
CA ALA C 1824 -83.76 -29.80 20.62
C ALA C 1824 -83.54 -30.23 19.18
N ILE C 1825 -83.78 -29.32 18.24
CA ILE C 1825 -83.68 -29.62 16.82
C ILE C 1825 -82.58 -28.77 16.19
N GLY C 1826 -81.79 -29.42 15.35
CA GLY C 1826 -80.72 -28.81 14.58
C GLY C 1826 -79.64 -27.96 15.24
N ILE C 1827 -79.61 -26.69 14.81
CA ILE C 1827 -78.58 -25.76 15.26
C ILE C 1827 -78.58 -25.63 16.77
N GLY C 1828 -79.75 -25.76 17.39
CA GLY C 1828 -79.83 -25.76 18.82
C GLY C 1828 -78.98 -26.87 19.38
N ALA C 1829 -79.08 -28.04 18.79
CA ALA C 1829 -78.21 -29.12 19.19
C ALA C 1829 -76.76 -28.72 18.98
N TYR C 1830 -76.44 -28.10 17.85
CA TYR C 1830 -75.02 -27.86 17.57
C TYR C 1830 -74.43 -26.88 18.55
N LEU C 1831 -75.18 -25.85 18.85
CA LEU C 1831 -74.77 -24.87 19.83
C LEU C 1831 -74.73 -25.48 21.19
N VAL C 1832 -75.58 -26.47 21.40
CA VAL C 1832 -75.66 -27.10 22.70
C VAL C 1832 -74.38 -27.86 22.88
N ARG C 1833 -73.85 -28.36 21.78
CA ARG C 1833 -72.61 -29.11 21.86
C ARG C 1833 -71.52 -28.13 22.15
N LEU C 1834 -71.60 -26.97 21.53
CA LEU C 1834 -70.64 -25.95 21.86
C LEU C 1834 -70.68 -25.60 23.32
N GLY C 1835 -71.86 -25.58 23.92
CA GLY C 1835 -71.89 -25.37 25.35
C GLY C 1835 -71.34 -26.56 26.10
N GLN C 1836 -71.41 -27.73 25.48
CA GLN C 1836 -70.78 -28.98 25.85
C GLN C 1836 -71.45 -29.64 27.05
N ARG C 1837 -71.66 -28.87 28.12
CA ARG C 1837 -72.24 -29.34 29.38
C ARG C 1837 -73.75 -29.39 29.36
N THR C 1838 -74.32 -30.59 29.54
CA THR C 1838 -75.70 -30.85 29.15
C THR C 1838 -76.41 -31.64 30.21
N ILE C 1839 -77.52 -31.07 30.66
CA ILE C 1839 -78.42 -31.75 31.54
C ILE C 1839 -79.69 -31.95 30.72
N GLN C 1840 -80.23 -33.15 30.85
CA GLN C 1840 -81.35 -33.57 30.02
C GLN C 1840 -82.46 -34.15 30.86
N VAL C 1841 -83.60 -33.55 30.76
CA VAL C 1841 -84.75 -34.06 31.49
C VAL C 1841 -85.22 -35.30 30.76
N GLU C 1842 -85.69 -36.25 31.55
CA GLU C 1842 -86.25 -37.45 30.96
C GLU C 1842 -87.31 -37.05 29.94
N ASN C 1843 -87.37 -37.83 28.88
CA ASN C 1843 -88.25 -37.67 27.74
C ASN C 1843 -87.89 -36.46 26.89
N SER C 1844 -86.91 -35.64 27.27
CA SER C 1844 -86.40 -34.70 26.31
C SER C 1844 -85.47 -35.43 25.36
N HIS C 1845 -85.21 -34.80 24.22
CA HIS C 1845 -84.29 -35.38 23.28
C HIS C 1845 -83.55 -34.31 22.49
N LEU C 1846 -82.40 -34.73 21.97
CA LEU C 1846 -81.35 -33.86 21.47
C LEU C 1846 -80.96 -34.42 20.11
N ILE C 1847 -81.45 -33.77 19.05
CA ILE C 1847 -81.34 -34.35 17.73
C ILE C 1847 -81.24 -33.24 16.73
N LEU C 1848 -80.82 -33.66 15.59
CA LEU C 1848 -80.65 -32.91 14.40
C LEU C 1848 -81.70 -33.29 13.41
N THR C 1849 -81.96 -34.59 13.33
CA THR C 1849 -82.88 -35.15 12.38
C THR C 1849 -83.80 -36.12 13.08
N GLY C 1850 -85.06 -36.10 12.68
CA GLY C 1850 -86.07 -36.79 13.42
C GLY C 1850 -86.11 -38.25 13.09
N ALA C 1851 -86.51 -39.03 14.11
CA ALA C 1851 -86.65 -40.47 13.97
C ALA C 1851 -87.54 -40.74 12.77
N GLY C 1852 -88.53 -39.88 12.60
CA GLY C 1852 -89.44 -39.96 11.49
C GLY C 1852 -88.71 -39.81 10.17
N ALA C 1853 -87.90 -38.76 10.06
CA ALA C 1853 -87.16 -38.49 8.83
C ALA C 1853 -86.34 -39.69 8.37
N LEU C 1854 -85.60 -40.29 9.29
CA LEU C 1854 -84.75 -41.40 8.88
C LEU C 1854 -85.63 -42.59 8.50
N ASN C 1855 -86.70 -42.79 9.26
CA ASN C 1855 -87.64 -43.87 8.98
C ASN C 1855 -88.25 -43.68 7.60
N LYS C 1856 -88.56 -42.44 7.25
CA LYS C 1856 -89.11 -42.11 5.94
C LYS C 1856 -88.14 -42.48 4.85
N VAL C 1857 -86.87 -42.10 5.02
CA VAL C 1857 -85.87 -42.46 4.02
C VAL C 1857 -85.82 -43.97 3.82
N LEU C 1858 -86.02 -44.74 4.89
CA LEU C 1858 -85.96 -46.19 4.71
C LEU C 1858 -87.32 -46.78 4.45
N GLY C 1859 -88.36 -45.96 4.33
CA GLY C 1859 -89.60 -46.58 3.95
C GLY C 1859 -90.21 -47.36 5.10
N ARG C 1860 -89.63 -47.26 6.30
CA ARG C 1860 -90.20 -47.92 7.44
C ARG C 1860 -89.76 -47.25 8.73
N GLU C 1861 -90.47 -47.62 9.80
CA GLU C 1861 -90.30 -47.12 11.14
C GLU C 1861 -89.14 -47.78 11.89
N VAL C 1862 -87.92 -47.39 11.56
CA VAL C 1862 -86.77 -48.01 12.22
C VAL C 1862 -86.87 -47.73 13.72
N TYR C 1863 -87.02 -46.45 14.05
CA TYR C 1863 -87.07 -45.86 15.38
C TYR C 1863 -88.46 -45.36 15.77
N THR C 1864 -88.73 -45.44 17.08
CA THR C 1864 -90.03 -45.10 17.64
C THR C 1864 -90.03 -43.77 18.34
N SER C 1865 -88.86 -43.22 18.67
CA SER C 1865 -88.84 -42.01 19.47
C SER C 1865 -87.60 -41.18 19.25
N ASN C 1866 -87.80 -39.89 19.05
CA ASN C 1866 -86.66 -39.01 18.99
C ASN C 1866 -85.78 -39.21 20.22
N ASN C 1867 -86.36 -39.58 21.39
CA ASN C 1867 -85.51 -39.91 22.51
C ASN C 1867 -84.64 -41.10 22.17
N GLN C 1868 -85.14 -42.00 21.31
CA GLN C 1868 -84.29 -43.09 20.83
C GLN C 1868 -83.12 -42.48 20.13
N LEU C 1869 -83.32 -41.34 19.51
CA LEU C 1869 -82.23 -40.79 18.75
C LEU C 1869 -81.33 -39.96 19.64
N GLY C 1870 -81.92 -39.14 20.50
CA GLY C 1870 -81.23 -38.15 21.28
C GLY C 1870 -81.59 -38.12 22.74
N GLY C 1871 -82.33 -39.11 23.22
CA GLY C 1871 -82.75 -39.08 24.59
C GLY C 1871 -81.55 -39.37 25.46
N ILE C 1872 -81.73 -39.28 26.79
CA ILE C 1872 -80.61 -39.55 27.70
C ILE C 1872 -80.16 -40.96 27.49
N GLN C 1873 -81.08 -41.80 27.01
CA GLN C 1873 -80.75 -43.16 26.75
C GLN C 1873 -79.74 -43.24 25.64
N ILE C 1874 -79.56 -42.13 24.90
CA ILE C 1874 -78.50 -42.03 23.94
C ILE C 1874 -77.38 -41.18 24.53
N MET C 1875 -77.72 -39.97 24.94
CA MET C 1875 -76.73 -38.95 25.28
C MET C 1875 -76.04 -39.13 26.60
N HIS C 1876 -76.70 -39.73 27.56
CA HIS C 1876 -76.04 -39.96 28.82
C HIS C 1876 -75.15 -41.16 28.64
N ASN C 1877 -75.66 -42.07 27.84
CA ASN C 1877 -75.05 -43.31 27.44
C ASN C 1877 -73.90 -43.17 26.47
N ASN C 1878 -73.76 -42.03 25.81
CA ASN C 1878 -72.61 -41.77 24.94
C ASN C 1878 -71.80 -40.60 25.47
N GLY C 1879 -72.21 -40.03 26.61
CA GLY C 1879 -71.50 -38.98 27.30
C GLY C 1879 -71.82 -37.58 26.84
N VAL C 1880 -72.80 -37.41 25.95
CA VAL C 1880 -73.26 -36.07 25.61
C VAL C 1880 -74.00 -35.44 26.76
N THR C 1881 -74.81 -36.23 27.45
CA THR C 1881 -75.48 -35.71 28.62
C THR C 1881 -74.65 -35.98 29.84
N HIS C 1882 -74.51 -34.94 30.59
CA HIS C 1882 -73.73 -34.93 31.79
C HIS C 1882 -74.61 -35.39 32.95
N CYS C 1883 -75.83 -34.85 33.01
CA CYS C 1883 -76.74 -35.28 34.06
C CYS C 1883 -78.12 -35.47 33.46
N THR C 1884 -78.87 -36.39 34.05
CA THR C 1884 -80.25 -36.59 33.67
C THR C 1884 -81.17 -36.29 34.82
N VAL C 1885 -82.36 -35.80 34.50
CA VAL C 1885 -83.35 -35.45 35.51
C VAL C 1885 -84.76 -35.84 35.12
N CYS C 1886 -85.58 -35.93 36.14
CA CYS C 1886 -86.98 -36.30 36.00
C CYS C 1886 -87.83 -35.11 35.58
N ASP C 1887 -87.37 -33.87 35.87
CA ASP C 1887 -88.15 -32.68 35.50
C ASP C 1887 -87.23 -31.47 35.29
N ASP C 1888 -87.86 -30.40 34.80
CA ASP C 1888 -87.13 -29.18 34.44
C ASP C 1888 -86.47 -28.58 35.66
N PHE C 1889 -87.25 -28.48 36.71
CA PHE C 1889 -86.81 -27.92 37.97
C PHE C 1889 -85.57 -28.65 38.49
N GLU C 1890 -85.63 -29.98 38.53
CA GLU C 1890 -84.48 -30.69 39.07
C GLU C 1890 -83.30 -30.58 38.13
N GLY C 1891 -83.55 -30.43 36.84
CA GLY C 1891 -82.45 -30.20 35.93
C GLY C 1891 -81.71 -28.93 36.26
N VAL C 1892 -82.46 -27.84 36.34
CA VAL C 1892 -81.84 -26.55 36.62
C VAL C 1892 -81.13 -26.65 37.95
N PHE C 1893 -81.75 -27.34 38.89
CA PHE C 1893 -81.07 -27.57 40.15
C PHE C 1893 -79.74 -28.25 39.94
N THR C 1894 -79.72 -29.28 39.13
CA THR C 1894 -78.47 -29.98 38.88
C THR C 1894 -77.45 -29.03 38.27
N VAL C 1895 -77.92 -28.20 37.34
CA VAL C 1895 -77.08 -27.19 36.71
C VAL C 1895 -76.46 -26.37 37.80
N LEU C 1896 -77.34 -25.86 38.61
CA LEU C 1896 -77.01 -24.99 39.71
C LEU C 1896 -76.09 -25.66 40.70
N HIS C 1897 -76.29 -26.95 40.87
CA HIS C 1897 -75.49 -27.74 41.78
C HIS C 1897 -74.06 -27.84 41.30
N TRP C 1898 -73.91 -28.10 39.99
CA TRP C 1898 -72.60 -28.07 39.37
C TRP C 1898 -71.98 -26.72 39.59
N LEU C 1899 -72.76 -25.73 39.25
CA LEU C 1899 -72.44 -24.33 39.34
C LEU C 1899 -71.99 -23.93 40.71
N SER C 1900 -72.41 -24.66 41.73
CA SER C 1900 -71.99 -24.32 43.07
C SER C 1900 -70.48 -24.53 43.23
N TYR C 1901 -69.89 -25.28 42.31
CA TYR C 1901 -68.45 -25.49 42.14
C TYR C 1901 -67.79 -24.54 41.18
N MET C 1902 -68.51 -23.60 40.51
CA MET C 1902 -67.87 -22.99 39.35
C MET C 1902 -67.57 -21.49 39.47
N PRO C 1903 -66.42 -21.03 38.90
CA PRO C 1903 -66.06 -19.61 39.00
C PRO C 1903 -66.88 -18.66 38.14
N LYS C 1904 -67.19 -17.52 38.75
CA LYS C 1904 -67.98 -16.45 38.15
C LYS C 1904 -67.53 -15.94 36.79
N SER C 1905 -66.23 -15.81 36.56
CA SER C 1905 -65.72 -15.30 35.29
C SER C 1905 -64.36 -15.87 34.98
N VAL C 1906 -63.83 -15.48 33.82
CA VAL C 1906 -62.48 -15.93 33.52
C VAL C 1906 -61.49 -15.16 34.36
N HIS C 1907 -61.87 -14.00 34.86
CA HIS C 1907 -61.02 -13.20 35.71
C HIS C 1907 -61.10 -13.64 37.15
N SER C 1908 -61.91 -14.65 37.43
CA SER C 1908 -62.28 -14.97 38.78
C SER C 1908 -61.97 -16.39 39.21
N SER C 1909 -61.70 -16.55 40.50
CA SER C 1909 -61.51 -17.85 41.11
C SER C 1909 -62.85 -18.46 41.52
N VAL C 1910 -62.85 -19.77 41.63
CA VAL C 1910 -63.95 -20.56 42.19
C VAL C 1910 -64.28 -20.09 43.61
N PRO C 1911 -65.54 -20.00 44.01
CA PRO C 1911 -65.83 -19.62 45.39
C PRO C 1911 -65.61 -20.83 46.29
N LEU C 1912 -64.78 -20.66 47.31
CA LEU C 1912 -64.38 -21.79 48.14
C LEU C 1912 -65.32 -21.86 49.34
N LEU C 1913 -65.66 -23.09 49.73
CA LEU C 1913 -66.49 -23.40 50.89
C LEU C 1913 -65.73 -24.01 52.07
N ASN C 1914 -66.39 -23.97 53.23
CA ASN C 1914 -65.94 -24.69 54.45
C ASN C 1914 -66.63 -26.04 54.55
N SER C 1915 -65.93 -27.11 54.15
CA SER C 1915 -66.67 -28.36 54.06
C SER C 1915 -66.81 -28.99 55.44
N LYS C 1916 -67.84 -29.81 55.54
CA LYS C 1916 -68.19 -30.54 56.74
C LYS C 1916 -67.39 -31.82 56.90
N ASP C 1917 -66.73 -32.26 55.84
CA ASP C 1917 -65.85 -33.38 55.96
C ASP C 1917 -64.45 -32.95 56.35
N PRO C 1918 -63.97 -33.24 57.56
CA PRO C 1918 -62.67 -32.74 57.96
C PRO C 1918 -61.61 -33.43 57.15
N ILE C 1919 -60.41 -32.88 57.23
CA ILE C 1919 -59.32 -33.28 56.37
C ILE C 1919 -58.46 -34.26 57.14
N ASP C 1920 -58.34 -34.08 58.46
CA ASP C 1920 -57.50 -34.93 59.29
C ASP C 1920 -58.22 -36.13 59.88
N ARG C 1921 -59.13 -36.69 59.11
CA ARG C 1921 -59.79 -37.93 59.43
C ARG C 1921 -59.08 -38.96 58.58
N ILE C 1922 -59.23 -40.20 58.93
CA ILE C 1922 -58.72 -41.28 58.09
C ILE C 1922 -59.84 -41.73 57.18
N ILE C 1923 -59.46 -42.35 56.09
CA ILE C 1923 -60.42 -42.90 55.15
C ILE C 1923 -60.69 -44.32 55.60
N GLU C 1924 -61.95 -44.66 55.79
CA GLU C 1924 -62.23 -45.98 56.33
C GLU C 1924 -62.32 -47.04 55.25
N PHE C 1925 -62.99 -46.75 54.14
CA PHE C 1925 -63.05 -47.73 53.07
C PHE C 1925 -61.66 -47.75 52.47
N VAL C 1926 -61.11 -48.93 52.19
CA VAL C 1926 -59.76 -49.06 51.70
C VAL C 1926 -59.80 -49.74 50.34
N PRO C 1927 -59.19 -49.15 49.30
CA PRO C 1927 -59.17 -49.82 47.99
C PRO C 1927 -58.56 -51.20 48.00
N THR C 1928 -59.06 -52.03 47.08
CA THR C 1928 -58.80 -53.45 47.03
C THR C 1928 -58.35 -53.82 45.63
N LYS C 1929 -57.60 -54.92 45.55
CA LYS C 1929 -57.28 -55.49 44.25
C LYS C 1929 -58.53 -55.93 43.51
N THR C 1930 -59.45 -56.56 44.22
CA THR C 1930 -60.74 -56.88 43.65
C THR C 1930 -61.49 -55.61 43.28
N PRO C 1931 -62.23 -55.60 42.18
CA PRO C 1931 -62.88 -54.36 41.81
C PRO C 1931 -64.02 -54.10 42.78
N TYR C 1932 -64.40 -52.84 42.82
CA TYR C 1932 -65.36 -52.34 43.78
C TYR C 1932 -65.94 -51.05 43.25
N ASP C 1933 -67.08 -50.68 43.80
CA ASP C 1933 -67.60 -49.40 43.41
C ASP C 1933 -66.62 -48.40 43.99
N PRO C 1934 -65.98 -47.57 43.15
CA PRO C 1934 -64.95 -46.64 43.63
C PRO C 1934 -65.51 -45.53 44.42
N ARG C 1935 -66.80 -45.42 44.42
CA ARG C 1935 -67.40 -44.43 45.24
C ARG C 1935 -67.17 -44.81 46.68
N TRP C 1936 -67.07 -46.11 46.98
CA TRP C 1936 -66.70 -46.48 48.33
C TRP C 1936 -65.31 -45.96 48.73
N MET C 1937 -64.32 -46.13 47.85
CA MET C 1937 -62.97 -45.60 48.13
C MET C 1937 -62.97 -44.09 48.20
N LEU C 1938 -63.82 -43.49 47.40
CA LEU C 1938 -63.82 -42.06 47.21
C LEU C 1938 -64.65 -41.40 48.29
N ALA C 1939 -65.89 -41.77 48.31
CA ALA C 1939 -66.96 -41.22 49.08
C ALA C 1939 -67.29 -42.04 50.31
N GLY C 1940 -66.80 -43.29 50.39
CA GLY C 1940 -67.19 -44.11 51.51
C GLY C 1940 -68.42 -44.91 51.19
N ARG C 1941 -68.83 -45.73 52.15
CA ARG C 1941 -70.02 -46.56 51.99
C ARG C 1941 -70.71 -46.72 53.32
N PRO C 1942 -71.96 -47.19 53.32
CA PRO C 1942 -72.59 -47.51 54.59
C PRO C 1942 -71.88 -48.69 55.17
N HIS C 1943 -71.84 -48.76 56.48
CA HIS C 1943 -71.15 -49.87 57.09
C HIS C 1943 -71.97 -51.14 56.87
N PRO C 1944 -71.37 -52.23 56.34
CA PRO C 1944 -72.12 -53.49 56.22
C PRO C 1944 -72.72 -53.98 57.52
N THR C 1945 -72.03 -53.77 58.63
CA THR C 1945 -72.47 -54.23 59.94
C THR C 1945 -73.34 -53.16 60.60
N GLN C 1946 -72.75 -52.24 61.37
CA GLN C 1946 -73.55 -51.27 62.11
C GLN C 1946 -74.21 -50.36 61.09
N LYS C 1947 -75.31 -50.79 60.51
CA LYS C 1947 -76.05 -49.80 59.75
C LYS C 1947 -76.86 -48.97 60.74
N GLY C 1948 -77.14 -47.70 60.39
CA GLY C 1948 -76.70 -46.96 59.23
C GLY C 1948 -75.45 -46.19 59.67
N GLN C 1949 -74.34 -46.88 59.94
CA GLN C 1949 -73.06 -46.21 60.10
C GLN C 1949 -72.44 -46.12 58.71
N TRP C 1950 -71.28 -45.49 58.59
CA TRP C 1950 -70.72 -45.15 57.29
C TRP C 1950 -69.22 -45.37 57.28
N LEU C 1951 -68.78 -46.22 56.38
CA LEU C 1951 -67.35 -46.36 56.15
C LEU C 1951 -66.91 -45.20 55.30
N SER C 1952 -66.16 -44.28 55.88
CA SER C 1952 -65.80 -43.02 55.23
C SER C 1952 -64.84 -43.23 54.07
N GLY C 1953 -65.05 -42.47 52.99
CA GLY C 1953 -64.16 -42.46 51.85
C GLY C 1953 -63.15 -41.34 51.89
N PHE C 1954 -62.47 -41.17 50.75
CA PHE C 1954 -61.50 -40.11 50.60
C PHE C 1954 -62.13 -38.72 50.65
N PHE C 1955 -63.18 -38.52 49.89
CA PHE C 1955 -63.75 -37.21 49.61
C PHE C 1955 -64.81 -36.65 50.55
N ASP C 1956 -65.01 -35.34 50.36
CA ASP C 1956 -66.01 -34.53 51.04
C ASP C 1956 -67.40 -35.14 50.88
N TYR C 1957 -68.13 -35.24 52.00
CA TYR C 1957 -69.50 -35.75 51.99
C TYR C 1957 -70.33 -35.10 50.91
N GLY C 1958 -70.87 -35.92 50.01
CA GLY C 1958 -71.77 -35.31 49.06
C GLY C 1958 -71.11 -34.51 47.99
N SER C 1959 -69.80 -34.55 47.85
CA SER C 1959 -69.21 -33.59 46.93
C SER C 1959 -69.00 -34.17 45.57
N PHE C 1960 -68.93 -35.47 45.44
CA PHE C 1960 -68.63 -35.98 44.12
C PHE C 1960 -69.92 -36.04 43.36
N SER C 1961 -69.93 -35.45 42.20
CA SER C 1961 -71.11 -35.44 41.35
C SER C 1961 -70.73 -36.03 40.01
N GLU C 1962 -71.15 -37.26 39.78
CA GLU C 1962 -70.74 -37.85 38.53
C GLU C 1962 -71.52 -37.16 37.46
N ILE C 1963 -70.98 -37.20 36.27
CA ILE C 1963 -71.73 -36.87 35.10
C ILE C 1963 -71.35 -37.85 34.01
N MET C 1964 -72.23 -37.96 33.03
CA MET C 1964 -72.03 -38.85 31.91
C MET C 1964 -71.77 -40.29 32.39
N GLN C 1965 -72.47 -40.69 33.44
CA GLN C 1965 -72.15 -41.94 34.10
C GLN C 1965 -72.27 -43.18 33.25
N PRO C 1966 -73.31 -43.34 32.44
CA PRO C 1966 -73.54 -44.63 31.83
C PRO C 1966 -72.77 -44.88 30.57
N TRP C 1967 -71.95 -43.94 30.15
CA TRP C 1967 -71.16 -44.10 28.95
C TRP C 1967 -69.78 -44.38 29.45
N ALA C 1968 -69.17 -45.43 28.92
CA ALA C 1968 -67.84 -45.80 29.33
C ALA C 1968 -67.79 -45.93 30.85
N GLN C 1969 -68.50 -46.95 31.32
CA GLN C 1969 -68.78 -47.05 32.75
C GLN C 1969 -67.66 -47.77 33.46
N THR C 1970 -66.62 -48.12 32.73
CA THR C 1970 -65.39 -48.61 33.29
C THR C 1970 -64.69 -47.51 34.05
N VAL C 1971 -65.02 -46.28 33.73
CA VAL C 1971 -64.51 -45.14 34.44
C VAL C 1971 -65.64 -44.23 34.87
N VAL C 1972 -65.36 -43.50 35.93
CA VAL C 1972 -66.31 -42.64 36.59
C VAL C 1972 -65.66 -41.27 36.61
N VAL C 1973 -66.41 -40.28 36.12
CA VAL C 1973 -65.92 -38.92 35.97
C VAL C 1973 -66.93 -37.98 36.58
N GLY C 1974 -66.45 -36.85 37.02
CA GLY C 1974 -67.35 -35.95 37.68
C GLY C 1974 -66.54 -34.82 38.27
N ARG C 1975 -67.21 -34.09 39.12
CA ARG C 1975 -66.64 -32.98 39.84
C ARG C 1975 -66.77 -33.30 41.31
N ALA C 1976 -65.83 -32.81 42.11
CA ALA C 1976 -65.96 -33.04 43.53
C ALA C 1976 -65.23 -31.93 44.24
N ARG C 1977 -65.23 -32.02 45.55
CA ARG C 1977 -64.50 -31.12 46.41
C ARG C 1977 -63.76 -31.89 47.49
N LEU C 1978 -62.51 -31.51 47.76
CA LEU C 1978 -61.68 -32.11 48.82
C LEU C 1978 -61.30 -31.11 49.91
N GLY C 1979 -61.78 -31.33 51.13
CA GLY C 1979 -61.63 -30.33 52.16
C GLY C 1979 -62.20 -29.01 51.77
N GLY C 1980 -63.17 -29.03 50.88
CA GLY C 1980 -63.83 -27.87 50.41
C GLY C 1980 -63.17 -27.22 49.24
N ILE C 1981 -62.11 -27.79 48.68
CA ILE C 1981 -61.53 -27.30 47.44
C ILE C 1981 -62.15 -28.06 46.28
N PRO C 1982 -62.85 -27.40 45.37
CA PRO C 1982 -63.38 -28.08 44.19
C PRO C 1982 -62.31 -28.38 43.17
N VAL C 1983 -62.34 -29.59 42.64
CA VAL C 1983 -61.51 -30.00 41.52
C VAL C 1983 -62.47 -30.82 40.68
N GLY C 1984 -62.13 -31.02 39.42
CA GLY C 1984 -62.83 -32.05 38.69
C GLY C 1984 -62.06 -33.33 38.94
N VAL C 1985 -62.80 -34.44 38.97
CA VAL C 1985 -62.28 -35.66 39.53
C VAL C 1985 -62.69 -36.87 38.73
N VAL C 1986 -61.73 -37.73 38.42
CA VAL C 1986 -62.02 -39.00 37.79
C VAL C 1986 -61.28 -40.15 38.46
N ALA C 1987 -61.62 -41.34 37.99
CA ALA C 1987 -60.92 -42.55 38.39
C ALA C 1987 -61.59 -43.72 37.70
N VAL C 1988 -60.89 -44.83 37.74
CA VAL C 1988 -61.17 -46.00 36.93
C VAL C 1988 -61.52 -47.28 37.69
N GLU C 1989 -62.57 -47.92 37.23
CA GLU C 1989 -63.07 -49.23 37.65
C GLU C 1989 -62.04 -50.24 37.15
N THR C 1990 -61.78 -51.25 37.97
CA THR C 1990 -60.77 -52.27 37.75
C THR C 1990 -61.41 -53.55 37.27
N ARG C 1991 -62.70 -53.69 37.45
CA ARG C 1991 -63.37 -54.85 36.96
C ARG C 1991 -63.68 -54.67 35.53
N THR C 1992 -63.72 -55.77 34.83
CA THR C 1992 -64.16 -55.65 33.49
C THR C 1992 -65.57 -55.15 33.64
N VAL C 1993 -65.86 -54.15 33.05
CA VAL C 1993 -67.21 -53.63 33.05
C VAL C 1993 -67.84 -54.39 31.93
N GLU C 1994 -69.09 -54.70 32.08
CA GLU C 1994 -69.83 -55.31 31.00
C GLU C 1994 -70.78 -54.24 30.51
N LEU C 1995 -70.39 -53.75 29.36
CA LEU C 1995 -71.04 -52.69 28.64
C LEU C 1995 -72.01 -53.27 27.64
N SER C 1996 -73.21 -52.72 27.64
CA SER C 1996 -74.26 -53.12 26.73
C SER C 1996 -74.25 -52.22 25.52
N ILE C 1997 -74.14 -52.85 24.36
CA ILE C 1997 -74.11 -52.16 23.09
C ILE C 1997 -75.48 -52.28 22.45
N PRO C 1998 -76.16 -51.18 22.13
CA PRO C 1998 -77.49 -51.33 21.59
C PRO C 1998 -77.42 -51.85 20.17
N ALA C 1999 -78.51 -52.45 19.76
CA ALA C 1999 -78.61 -52.94 18.40
C ALA C 1999 -79.01 -51.78 17.52
N ASP C 2000 -78.48 -51.73 16.31
CA ASP C 2000 -79.02 -50.73 15.41
C ASP C 2000 -80.27 -51.37 14.83
N PRO C 2001 -81.46 -50.88 15.14
CA PRO C 2001 -82.65 -51.52 14.57
C PRO C 2001 -82.71 -51.28 13.09
N ALA C 2002 -82.10 -50.18 12.67
CA ALA C 2002 -81.91 -49.89 11.26
C ALA C 2002 -81.23 -51.06 10.58
N ASN C 2003 -80.27 -51.67 11.27
CA ASN C 2003 -79.45 -52.72 10.69
C ASN C 2003 -80.03 -54.03 11.19
N LEU C 2004 -80.48 -54.84 10.24
CA LEU C 2004 -81.17 -56.07 10.60
C LEU C 2004 -80.22 -57.11 11.15
N ASP C 2005 -78.93 -56.95 10.87
CA ASP C 2005 -77.92 -57.81 11.44
C ASP C 2005 -77.73 -57.48 12.90
N SER C 2006 -77.58 -56.19 13.17
CA SER C 2006 -77.29 -55.63 14.48
C SER C 2006 -78.21 -56.23 15.53
N GLU C 2007 -77.59 -56.90 16.48
CA GLU C 2007 -78.20 -57.25 17.76
C GLU C 2007 -77.49 -56.45 18.83
N ALA C 2008 -78.19 -56.20 19.92
CA ALA C 2008 -77.58 -55.38 20.96
C ALA C 2008 -76.45 -56.18 21.57
N LYS C 2009 -75.21 -55.84 21.23
CA LYS C 2009 -74.16 -56.63 21.84
C LYS C 2009 -73.96 -56.21 23.28
N ILE C 2010 -73.21 -57.04 23.99
CA ILE C 2010 -72.90 -56.78 25.38
C ILE C 2010 -71.44 -57.14 25.51
N ILE C 2011 -70.64 -56.16 25.87
CA ILE C 2011 -69.21 -56.33 25.77
C ILE C 2011 -68.64 -56.20 27.15
N GLN C 2012 -67.71 -57.06 27.45
CA GLN C 2012 -66.94 -56.95 28.66
C GLN C 2012 -65.80 -56.02 28.28
N GLN C 2013 -65.62 -54.97 29.07
CA GLN C 2013 -64.54 -54.02 28.91
C GLN C 2013 -63.66 -53.95 30.15
N ALA C 2014 -62.44 -54.49 30.05
CA ALA C 2014 -61.56 -54.59 31.20
C ALA C 2014 -61.30 -53.26 31.89
N GLY C 2015 -61.19 -53.33 33.21
CA GLY C 2015 -60.77 -52.21 34.01
C GLY C 2015 -59.29 -51.95 33.96
N GLN C 2016 -58.89 -50.78 34.44
CA GLN C 2016 -57.48 -50.39 34.43
C GLN C 2016 -56.85 -50.49 33.04
N VAL C 2017 -57.64 -50.26 32.00
CA VAL C 2017 -57.19 -50.30 30.62
C VAL C 2017 -57.70 -49.02 29.99
N TRP C 2018 -56.96 -48.50 29.03
CA TRP C 2018 -57.44 -47.35 28.30
C TRP C 2018 -58.18 -47.89 27.08
N PHE C 2019 -59.44 -47.52 26.93
CA PHE C 2019 -60.24 -47.76 25.75
C PHE C 2019 -60.51 -46.50 24.94
N PRO C 2020 -61.17 -46.63 23.77
CA PRO C 2020 -61.56 -45.44 23.00
C PRO C 2020 -62.38 -44.48 23.79
N ASP C 2021 -63.43 -44.99 24.41
CA ASP C 2021 -64.44 -44.38 25.24
C ASP C 2021 -63.79 -43.70 26.43
N SER C 2022 -62.93 -44.44 27.14
CA SER C 2022 -62.32 -43.91 28.35
C SER C 2022 -61.47 -42.72 28.02
N ALA C 2023 -60.69 -42.89 27.00
CA ALA C 2023 -59.77 -41.85 26.61
C ALA C 2023 -60.50 -40.62 26.08
N PHE C 2024 -61.54 -40.86 25.28
CA PHE C 2024 -62.34 -39.79 24.68
C PHE C 2024 -63.09 -38.97 25.72
N LYS C 2025 -63.85 -39.67 26.56
CA LYS C 2025 -64.58 -39.04 27.65
C LYS C 2025 -63.63 -38.26 28.52
N THR C 2026 -62.44 -38.81 28.72
CA THR C 2026 -61.48 -38.17 29.58
C THR C 2026 -60.94 -36.88 29.00
N TYR C 2027 -60.56 -36.94 27.73
CA TYR C 2027 -60.06 -35.76 27.05
C TYR C 2027 -61.08 -34.66 27.05
N GLN C 2028 -62.33 -35.04 26.84
CA GLN C 2028 -63.39 -34.06 26.71
C GLN C 2028 -63.65 -33.39 28.04
N ALA C 2029 -63.74 -34.18 29.08
CA ALA C 2029 -63.98 -33.64 30.41
C ALA C 2029 -62.87 -32.72 30.82
N ILE C 2030 -61.65 -33.21 30.70
CA ILE C 2030 -60.45 -32.46 31.05
C ILE C 2030 -60.41 -31.17 30.28
N LYS C 2031 -60.73 -31.28 29.00
CA LYS C 2031 -60.69 -30.14 28.12
C LYS C 2031 -61.61 -29.09 28.68
N ASP C 2032 -62.80 -29.54 29.05
CA ASP C 2032 -63.77 -28.61 29.53
C ASP C 2032 -63.20 -27.93 30.77
N PHE C 2033 -62.69 -28.74 31.74
CA PHE C 2033 -62.15 -28.16 32.97
C PHE C 2033 -61.04 -27.15 32.76
N ASN C 2034 -60.14 -27.38 31.80
CA ASN C 2034 -59.11 -26.35 31.68
C ASN C 2034 -59.76 -25.09 31.16
N ARG C 2035 -60.77 -25.28 30.30
CA ARG C 2035 -61.46 -24.16 29.74
C ARG C 2035 -62.40 -23.54 30.72
N GLU C 2036 -62.69 -24.25 31.78
CA GLU C 2036 -63.41 -23.76 32.92
C GLU C 2036 -62.41 -22.98 33.76
N GLY C 2037 -61.16 -23.45 33.71
CA GLY C 2037 -60.08 -22.90 34.46
C GLY C 2037 -59.83 -23.72 35.68
N LEU C 2038 -60.25 -24.92 35.67
CA LEU C 2038 -60.27 -25.83 36.79
C LEU C 2038 -59.05 -26.75 36.94
N PRO C 2039 -58.67 -27.07 38.19
CA PRO C 2039 -57.78 -28.22 38.48
C PRO C 2039 -58.37 -29.63 38.28
N LEU C 2040 -57.45 -30.61 38.11
CA LEU C 2040 -57.79 -32.00 37.81
C LEU C 2040 -57.28 -32.91 38.96
N MET C 2041 -58.09 -33.87 39.45
CA MET C 2041 -57.62 -34.97 40.33
C MET C 2041 -58.03 -36.39 39.90
N VAL C 2042 -57.07 -37.24 39.52
CA VAL C 2042 -57.32 -38.64 39.15
C VAL C 2042 -56.83 -39.65 40.17
N PHE C 2043 -57.73 -40.54 40.60
CA PHE C 2043 -57.30 -41.71 41.39
C PHE C 2043 -57.06 -42.83 40.38
N ALA C 2044 -55.83 -42.79 39.88
CA ALA C 2044 -55.27 -43.47 38.73
C ALA C 2044 -54.97 -44.96 38.92
N ASN C 2045 -55.44 -45.82 37.98
CA ASN C 2045 -55.22 -47.28 38.07
C ASN C 2045 -55.34 -47.97 36.70
N TRP C 2046 -54.20 -48.22 36.03
CA TRP C 2046 -54.12 -48.83 34.68
C TRP C 2046 -53.23 -50.05 34.51
N ARG C 2047 -53.72 -51.12 33.89
CA ARG C 2047 -53.05 -52.37 33.55
C ARG C 2047 -52.25 -52.22 32.28
N GLY C 2048 -52.58 -51.25 31.45
CA GLY C 2048 -51.92 -51.12 30.17
C GLY C 2048 -52.88 -50.46 29.20
N PHE C 2049 -52.38 -50.30 27.99
CA PHE C 2049 -53.29 -49.98 26.91
C PHE C 2049 -53.95 -51.20 26.36
N SER C 2050 -55.18 -51.01 25.92
CA SER C 2050 -55.85 -52.10 25.28
C SER C 2050 -55.16 -52.27 23.95
N GLY C 2051 -54.81 -53.50 23.65
CA GLY C 2051 -54.00 -53.74 22.49
C GLY C 2051 -54.82 -54.56 21.54
N GLY C 2052 -56.14 -54.51 21.68
CA GLY C 2052 -56.92 -55.36 20.82
C GLY C 2052 -57.10 -54.76 19.48
N MET C 2053 -57.51 -55.65 18.58
CA MET C 2053 -57.56 -55.28 17.19
C MET C 2053 -58.47 -54.10 16.99
N LYS C 2054 -59.70 -54.25 17.44
CA LYS C 2054 -60.70 -53.26 17.17
C LYS C 2054 -60.44 -51.93 17.86
N ASP C 2055 -60.21 -51.92 19.17
CA ASP C 2055 -60.08 -50.59 19.75
C ASP C 2055 -58.84 -49.87 19.23
N MET C 2056 -57.79 -50.64 18.95
CA MET C 2056 -56.62 -50.03 18.38
C MET C 2056 -56.96 -49.56 16.97
N TYR C 2057 -57.67 -50.42 16.23
CA TYR C 2057 -58.24 -50.08 14.93
C TYR C 2057 -59.02 -48.81 15.04
N ASP C 2058 -59.76 -48.67 16.13
CA ASP C 2058 -60.56 -47.50 16.39
C ASP C 2058 -59.78 -46.34 16.95
N GLN C 2059 -58.45 -46.42 16.89
CA GLN C 2059 -57.61 -45.24 16.92
C GLN C 2059 -57.54 -44.65 18.32
N VAL C 2060 -57.65 -45.52 19.33
CA VAL C 2060 -57.56 -45.04 20.69
C VAL C 2060 -56.25 -44.32 20.97
N LEU C 2061 -55.20 -44.73 20.27
CA LEU C 2061 -53.91 -44.15 20.46
C LEU C 2061 -53.89 -42.68 20.06
N LYS C 2062 -54.68 -42.31 19.03
CA LYS C 2062 -54.56 -40.97 18.44
C LYS C 2062 -54.98 -39.95 19.47
N PHE C 2063 -56.00 -40.31 20.19
CA PHE C 2063 -56.66 -39.44 21.13
C PHE C 2063 -55.84 -39.48 22.37
N GLY C 2064 -55.05 -40.55 22.52
CA GLY C 2064 -54.08 -40.57 23.56
C GLY C 2064 -53.12 -39.43 23.29
N ALA C 2065 -52.70 -39.29 22.05
CA ALA C 2065 -51.94 -38.09 21.74
C ALA C 2065 -52.71 -36.81 22.13
N TYR C 2066 -54.00 -36.77 21.83
CA TYR C 2066 -54.73 -35.53 22.06
C TYR C 2066 -54.72 -35.14 23.51
N ILE C 2067 -54.82 -36.10 24.40
CA ILE C 2067 -54.74 -35.76 25.82
C ILE C 2067 -53.52 -34.94 26.10
N VAL C 2068 -52.42 -35.30 25.45
CA VAL C 2068 -51.18 -34.59 25.63
C VAL C 2068 -51.46 -33.17 25.27
N ASP C 2069 -52.08 -32.96 24.11
CA ASP C 2069 -52.48 -31.61 23.76
C ASP C 2069 -53.24 -30.98 24.91
N GLY C 2070 -54.16 -31.74 25.50
CA GLY C 2070 -55.03 -31.16 26.50
C GLY C 2070 -54.28 -30.69 27.73
N LEU C 2071 -53.41 -31.54 28.29
CA LEU C 2071 -52.77 -31.07 29.50
C LEU C 2071 -51.75 -30.05 29.15
N ARG C 2072 -51.15 -30.20 27.98
CA ARG C 2072 -50.20 -29.23 27.56
C ARG C 2072 -50.88 -27.88 27.47
N GLU C 2073 -52.18 -27.87 27.13
CA GLU C 2073 -52.94 -26.64 27.08
C GLU C 2073 -53.50 -26.30 28.45
N CYS C 2074 -53.28 -27.16 29.44
CA CYS C 2074 -53.76 -26.90 30.79
C CYS C 2074 -53.11 -25.73 31.47
N CYS C 2075 -53.91 -25.02 32.22
CA CYS C 2075 -53.54 -23.79 32.84
C CYS C 2075 -53.64 -23.90 34.35
N GLN C 2076 -54.05 -25.06 34.87
CA GLN C 2076 -54.20 -25.27 36.29
C GLN C 2076 -53.58 -26.55 36.79
N PRO C 2077 -53.49 -26.71 38.12
CA PRO C 2077 -52.84 -27.89 38.69
C PRO C 2077 -53.52 -29.17 38.17
N VAL C 2078 -52.71 -30.15 37.79
CA VAL C 2078 -53.19 -31.50 37.51
C VAL C 2078 -52.50 -32.48 38.46
N LEU C 2079 -53.30 -33.10 39.35
CA LEU C 2079 -52.84 -34.05 40.37
C LEU C 2079 -53.17 -35.52 40.09
N VAL C 2080 -52.12 -36.33 39.93
CA VAL C 2080 -52.30 -37.75 39.63
C VAL C 2080 -51.95 -38.54 40.87
N TYR C 2081 -52.83 -39.45 41.27
CA TYR C 2081 -52.54 -40.23 42.47
C TYR C 2081 -52.88 -41.66 42.17
N ILE C 2082 -51.91 -42.55 42.32
CA ILE C 2082 -52.15 -43.99 42.23
C ILE C 2082 -52.54 -44.54 43.60
N PRO C 2083 -53.77 -44.98 43.82
CA PRO C 2083 -54.19 -45.46 45.15
C PRO C 2083 -53.57 -46.78 45.54
N PRO C 2084 -53.65 -47.16 46.82
CA PRO C 2084 -53.12 -48.46 47.26
C PRO C 2084 -53.77 -49.63 46.53
N GLN C 2085 -52.95 -50.62 46.17
CA GLN C 2085 -53.35 -51.76 45.35
C GLN C 2085 -53.63 -51.40 43.89
N ALA C 2086 -53.35 -50.17 43.44
CA ALA C 2086 -53.50 -49.83 42.03
C ALA C 2086 -52.24 -50.12 41.24
N GLU C 2087 -52.39 -50.05 39.92
CA GLU C 2087 -51.24 -50.20 39.05
C GLU C 2087 -51.38 -49.36 37.81
N LEU C 2088 -50.23 -48.97 37.27
CA LEU C 2088 -50.18 -48.13 36.07
C LEU C 2088 -49.02 -48.58 35.19
N ARG C 2089 -49.33 -48.91 33.96
CA ARG C 2089 -48.37 -49.66 33.20
C ARG C 2089 -48.11 -49.14 31.80
N GLY C 2090 -46.84 -49.24 31.38
CA GLY C 2090 -46.41 -49.09 30.01
C GLY C 2090 -47.06 -47.85 29.46
N GLY C 2091 -47.87 -48.15 28.45
CA GLY C 2091 -48.50 -47.13 27.66
C GLY C 2091 -49.28 -46.20 28.56
N SER C 2092 -49.91 -46.78 29.59
CA SER C 2092 -50.82 -46.00 30.38
C SER C 2092 -50.11 -44.90 31.15
N TRP C 2093 -48.89 -45.15 31.66
CA TRP C 2093 -47.99 -44.21 32.31
C TRP C 2093 -47.43 -43.20 31.32
N VAL C 2094 -46.89 -43.67 30.21
CA VAL C 2094 -46.25 -42.78 29.25
C VAL C 2094 -47.13 -41.63 28.87
N VAL C 2095 -48.41 -41.89 28.61
CA VAL C 2095 -49.19 -40.75 28.13
C VAL C 2095 -49.55 -39.79 29.25
N ILE C 2096 -49.24 -40.12 30.51
CA ILE C 2096 -49.49 -39.23 31.64
C ILE C 2096 -48.22 -38.98 32.46
N ASP C 2097 -47.05 -39.21 31.88
CA ASP C 2097 -45.88 -38.82 32.63
C ASP C 2097 -45.92 -37.32 32.81
N SER C 2098 -45.51 -36.87 33.98
CA SER C 2098 -45.45 -35.45 34.33
C SER C 2098 -44.67 -34.59 33.35
N SER C 2099 -43.81 -35.21 32.55
CA SER C 2099 -42.99 -34.51 31.56
C SER C 2099 -43.63 -33.61 30.50
N ILE C 2100 -44.89 -33.81 30.09
CA ILE C 2100 -45.41 -33.04 28.95
C ILE C 2100 -45.50 -31.56 29.24
N ASN C 2101 -45.93 -31.22 30.43
CA ASN C 2101 -46.15 -29.84 30.83
C ASN C 2101 -45.76 -29.82 32.31
N PRO C 2102 -44.45 -29.88 32.62
CA PRO C 2102 -44.01 -29.96 34.02
C PRO C 2102 -44.55 -28.83 34.83
N ARG C 2103 -44.75 -27.69 34.19
CA ARG C 2103 -45.38 -26.55 34.79
C ARG C 2103 -46.67 -26.93 35.51
N HIS C 2104 -47.39 -27.92 34.98
CA HIS C 2104 -48.76 -28.21 35.38
C HIS C 2104 -49.05 -29.63 35.88
N MET C 2105 -48.17 -30.61 35.66
CA MET C 2105 -48.42 -31.99 36.05
C MET C 2105 -47.75 -32.36 37.36
N GLU C 2106 -48.40 -33.25 38.13
CA GLU C 2106 -47.78 -33.78 39.34
C GLU C 2106 -48.18 -35.23 39.53
N MET C 2107 -47.23 -36.02 40.04
CA MET C 2107 -47.43 -37.45 40.17
C MET C 2107 -47.12 -37.97 41.56
N TYR C 2108 -48.04 -38.76 42.09
CA TYR C 2108 -47.95 -39.42 43.40
C TYR C 2108 -48.48 -40.83 43.29
N ALA C 2109 -47.87 -41.75 44.01
CA ALA C 2109 -48.28 -43.15 44.06
C ALA C 2109 -48.39 -43.69 45.48
N ASP C 2110 -49.42 -44.49 45.73
CA ASP C 2110 -49.43 -45.16 47.02
C ASP C 2110 -48.34 -46.21 47.10
N ARG C 2111 -47.89 -46.46 48.33
CA ARG C 2111 -46.93 -47.53 48.62
C ARG C 2111 -47.37 -48.84 48.02
N GLU C 2112 -48.66 -49.11 48.10
CA GLU C 2112 -49.22 -50.36 47.62
C GLU C 2112 -49.65 -50.26 46.20
N SER C 2113 -48.98 -49.43 45.42
CA SER C 2113 -49.28 -49.27 44.03
C SER C 2113 -48.10 -49.80 43.25
N ARG C 2114 -48.26 -49.91 41.93
CA ARG C 2114 -47.19 -50.53 41.15
C ARG C 2114 -47.22 -49.96 39.75
N GLY C 2115 -46.09 -49.95 39.08
CA GLY C 2115 -46.12 -49.43 37.76
C GLY C 2115 -44.87 -49.75 36.99
N SER C 2116 -45.00 -50.07 35.71
CA SER C 2116 -43.84 -50.57 34.99
C SER C 2116 -44.08 -50.29 33.53
N VAL C 2117 -43.03 -50.46 32.73
CA VAL C 2117 -43.01 -50.53 31.29
C VAL C 2117 -43.81 -51.72 30.85
N LEU C 2118 -43.64 -52.82 31.55
CA LEU C 2118 -44.28 -54.06 31.20
C LEU C 2118 -44.59 -54.79 32.48
N GLU C 2119 -45.77 -55.32 32.54
CA GLU C 2119 -46.17 -56.13 33.65
C GLU C 2119 -45.32 -57.39 33.76
N PRO C 2120 -45.27 -58.00 34.94
CA PRO C 2120 -44.42 -59.19 35.11
C PRO C 2120 -44.72 -60.26 34.08
N GLU C 2121 -45.98 -60.56 33.77
CA GLU C 2121 -46.24 -61.59 32.76
C GLU C 2121 -45.52 -61.26 31.47
N GLY C 2122 -45.47 -60.00 31.11
CA GLY C 2122 -44.88 -59.67 29.84
C GLY C 2122 -43.37 -59.64 29.96
N THR C 2123 -42.89 -59.26 31.15
CA THR C 2123 -41.47 -59.36 31.45
C THR C 2123 -40.98 -60.80 31.40
N VAL C 2124 -41.68 -61.66 32.11
CA VAL C 2124 -41.30 -63.06 32.16
C VAL C 2124 -41.38 -63.70 30.78
N GLU C 2125 -42.53 -63.54 30.11
CA GLU C 2125 -42.69 -64.14 28.78
C GLU C 2125 -41.52 -63.82 27.85
N ILE C 2126 -40.99 -62.59 27.87
CA ILE C 2126 -39.85 -62.37 26.95
C ILE C 2126 -38.48 -62.76 27.52
N LYS C 2127 -38.17 -62.46 28.80
CA LYS C 2127 -36.81 -62.55 29.38
C LYS C 2127 -36.72 -63.53 30.54
N PHE C 2128 -37.52 -64.59 30.57
CA PHE C 2128 -37.38 -65.59 31.66
C PHE C 2128 -37.75 -67.04 31.28
N ARG C 2129 -36.98 -67.58 30.34
CA ARG C 2129 -37.11 -68.91 29.74
C ARG C 2129 -36.41 -69.98 30.59
N ARG C 2130 -36.37 -71.18 30.02
CA ARG C 2130 -35.87 -72.39 30.66
C ARG C 2130 -34.54 -72.13 31.31
N LYS C 2131 -33.62 -71.61 30.55
CA LYS C 2131 -32.26 -71.29 30.98
C LYS C 2131 -32.34 -70.63 32.34
N ASP C 2132 -33.22 -69.65 32.49
CA ASP C 2132 -33.36 -69.02 33.81
C ASP C 2132 -33.86 -70.05 34.81
N LEU C 2133 -34.71 -70.99 34.37
CA LEU C 2133 -35.19 -72.04 35.28
C LEU C 2133 -34.03 -72.90 35.72
N VAL C 2134 -33.24 -73.27 34.74
CA VAL C 2134 -32.07 -74.10 34.91
C VAL C 2134 -31.07 -73.40 35.83
N LYS C 2135 -30.77 -72.15 35.49
CA LYS C 2135 -29.95 -71.26 36.29
C LYS C 2135 -30.39 -71.27 37.77
N THR C 2136 -31.70 -71.23 38.01
CA THR C 2136 -32.10 -71.11 39.41
C THR C 2136 -31.91 -72.42 40.16
N MET C 2137 -32.26 -73.54 39.54
CA MET C 2137 -31.95 -74.83 40.16
C MET C 2137 -30.46 -75.06 40.39
N ARG C 2138 -29.59 -74.86 39.38
CA ARG C 2138 -28.19 -75.15 39.66
C ARG C 2138 -27.64 -74.32 40.81
N ARG C 2139 -28.17 -73.09 41.07
CA ARG C 2139 -27.55 -72.41 42.22
C ARG C 2139 -28.21 -72.79 43.52
N VAL C 2140 -29.51 -73.04 43.48
CA VAL C 2140 -30.35 -73.01 44.67
C VAL C 2140 -30.98 -74.36 44.97
N ASP C 2141 -31.45 -75.10 43.97
CA ASP C 2141 -32.14 -76.32 44.33
C ASP C 2141 -31.12 -77.35 44.85
N PRO C 2142 -31.29 -77.86 46.07
CA PRO C 2142 -30.23 -78.74 46.62
C PRO C 2142 -30.13 -80.08 45.91
N VAL C 2143 -31.27 -80.70 45.61
CA VAL C 2143 -31.29 -82.00 44.93
C VAL C 2143 -30.65 -81.90 43.57
N TYR C 2144 -31.02 -80.87 42.82
CA TYR C 2144 -30.49 -80.72 41.47
C TYR C 2144 -28.97 -80.61 41.57
N ILE C 2145 -28.51 -79.76 42.49
CA ILE C 2145 -27.09 -79.60 42.77
C ILE C 2145 -26.46 -80.95 43.10
N HIS C 2146 -27.08 -81.66 44.04
CA HIS C 2146 -26.65 -82.98 44.51
C HIS C 2146 -26.46 -83.98 43.38
N LEU C 2147 -27.49 -84.13 42.56
CA LEU C 2147 -27.44 -85.01 41.40
C LEU C 2147 -26.23 -84.68 40.57
N ALA C 2148 -26.09 -83.39 40.31
CA ALA C 2148 -24.96 -82.93 39.54
C ALA C 2148 -23.66 -83.21 40.26
N GLU C 2149 -23.68 -83.14 41.60
CA GLU C 2149 -22.48 -83.36 42.38
C GLU C 2149 -21.99 -84.80 42.22
N ARG C 2150 -22.92 -85.75 42.11
CA ARG C 2150 -22.53 -87.15 42.03
C ARG C 2150 -22.13 -87.50 40.61
N LEU C 2151 -22.97 -87.07 39.69
CA LEU C 2151 -22.70 -87.06 38.27
C LEU C 2151 -21.39 -86.35 37.95
N GLY C 2152 -20.97 -85.44 38.82
CA GLY C 2152 -19.71 -84.74 38.77
C GLY C 2152 -18.56 -85.50 39.39
N THR C 2153 -18.71 -86.81 39.52
CA THR C 2153 -17.66 -87.70 40.00
C THR C 2153 -17.00 -88.40 38.83
N PRO C 2154 -15.68 -88.57 38.76
CA PRO C 2154 -15.11 -89.39 37.69
C PRO C 2154 -15.34 -90.85 37.99
N GLU C 2155 -15.19 -91.68 36.95
CA GLU C 2155 -15.33 -93.13 37.04
C GLU C 2155 -16.65 -93.50 37.71
N LEU C 2156 -17.71 -93.17 37.00
CA LEU C 2156 -19.06 -93.50 37.39
C LEU C 2156 -19.61 -94.61 36.50
N SER C 2157 -20.42 -95.45 37.11
CA SER C 2157 -21.12 -96.48 36.36
C SER C 2157 -22.13 -95.84 35.43
N THR C 2158 -22.27 -96.40 34.21
CA THR C 2158 -23.23 -95.82 33.27
C THR C 2158 -24.63 -95.80 33.86
N ALA C 2159 -24.92 -96.72 34.78
CA ALA C 2159 -26.16 -96.66 35.54
C ALA C 2159 -26.26 -95.34 36.29
N GLU C 2160 -25.35 -95.10 37.25
CA GLU C 2160 -25.41 -93.85 38.01
C GLU C 2160 -25.36 -92.62 37.11
N ARG C 2161 -24.54 -92.64 36.07
CA ARG C 2161 -24.47 -91.49 35.17
C ARG C 2161 -25.81 -91.20 34.50
N LYS C 2162 -26.29 -92.14 33.67
CA LYS C 2162 -27.56 -91.95 32.99
C LYS C 2162 -28.70 -91.71 33.96
N GLU C 2163 -28.71 -92.45 35.06
CA GLU C 2163 -29.74 -92.27 36.07
C GLU C 2163 -29.72 -90.86 36.61
N LEU C 2164 -28.54 -90.36 36.95
CA LEU C 2164 -28.42 -89.02 37.50
C LEU C 2164 -28.90 -87.97 36.51
N GLU C 2165 -28.46 -88.07 35.26
CA GLU C 2165 -28.93 -87.10 34.27
C GLU C 2165 -30.46 -87.13 34.19
N ASN C 2166 -31.04 -88.33 34.25
CA ASN C 2166 -32.49 -88.49 34.22
C ASN C 2166 -33.12 -87.87 35.46
N LYS C 2167 -32.54 -88.18 36.62
CA LYS C 2167 -32.96 -87.67 37.93
C LYS C 2167 -32.96 -86.16 37.92
N LEU C 2168 -32.04 -85.59 37.17
CA LEU C 2168 -31.88 -84.16 37.02
C LEU C 2168 -33.06 -83.62 36.22
N LYS C 2169 -33.33 -84.27 35.07
CA LYS C 2169 -34.47 -83.91 34.23
C LYS C 2169 -35.76 -84.00 35.03
N GLU C 2170 -35.85 -85.02 35.86
CA GLU C 2170 -37.01 -85.28 36.70
C GLU C 2170 -37.13 -84.18 37.73
N ARG C 2171 -36.00 -83.80 38.33
CA ARG C 2171 -36.02 -82.75 39.32
C ARG C 2171 -36.51 -81.45 38.73
N GLU C 2172 -35.94 -81.02 37.61
CA GLU C 2172 -36.39 -79.79 36.98
C GLU C 2172 -37.88 -79.83 36.62
N GLU C 2173 -38.30 -80.84 35.87
CA GLU C 2173 -39.67 -80.84 35.36
C GLU C 2173 -40.66 -80.91 36.51
N PHE C 2174 -40.39 -81.77 37.49
CA PHE C 2174 -41.21 -81.81 38.69
C PHE C 2174 -41.24 -80.46 39.41
N LEU C 2175 -40.12 -79.74 39.39
CA LEU C 2175 -39.91 -78.47 40.08
C LEU C 2175 -40.50 -77.24 39.40
N ILE C 2176 -41.00 -77.36 38.17
CA ILE C 2176 -41.32 -76.17 37.36
C ILE C 2176 -42.28 -75.17 38.01
N PRO C 2177 -43.41 -75.55 38.66
CA PRO C 2177 -44.34 -74.49 39.13
C PRO C 2177 -43.83 -73.29 39.94
N ILE C 2178 -43.14 -73.49 41.08
CA ILE C 2178 -42.67 -72.36 41.91
C ILE C 2178 -41.78 -71.36 41.19
N TYR C 2179 -40.90 -71.84 40.34
CA TYR C 2179 -39.88 -70.94 39.83
C TYR C 2179 -40.42 -69.89 38.86
N HIS C 2180 -41.52 -70.16 38.18
CA HIS C 2180 -42.19 -69.09 37.44
C HIS C 2180 -42.60 -67.97 38.40
N GLN C 2181 -43.15 -68.36 39.56
CA GLN C 2181 -43.56 -67.41 40.58
C GLN C 2181 -42.36 -66.61 41.06
N VAL C 2182 -41.21 -67.27 41.19
CA VAL C 2182 -40.03 -66.55 41.64
C VAL C 2182 -39.66 -65.51 40.61
N ALA C 2183 -39.77 -65.85 39.34
CA ALA C 2183 -39.41 -64.91 38.30
C ALA C 2183 -40.29 -63.66 38.34
N VAL C 2184 -41.61 -63.84 38.44
CA VAL C 2184 -42.50 -62.68 38.48
C VAL C 2184 -42.27 -61.83 39.72
N GLN C 2185 -42.07 -62.47 40.87
CA GLN C 2185 -41.76 -61.71 42.07
C GLN C 2185 -40.51 -60.89 41.88
N PHE C 2186 -39.48 -61.57 41.39
CA PHE C 2186 -38.20 -60.97 41.11
C PHE C 2186 -38.37 -59.72 40.25
N ALA C 2187 -39.15 -59.83 39.16
CA ALA C 2187 -39.39 -58.67 38.30
C ALA C 2187 -40.10 -57.54 39.04
N ASP C 2188 -41.17 -57.89 39.76
CA ASP C 2188 -41.94 -56.87 40.45
C ASP C 2188 -41.06 -56.07 41.39
N LEU C 2189 -40.07 -56.71 42.03
CA LEU C 2189 -39.25 -55.89 42.90
C LEU C 2189 -38.45 -54.86 42.13
N HIS C 2190 -38.28 -55.03 40.81
CA HIS C 2190 -37.68 -53.94 40.07
C HIS C 2190 -38.78 -52.95 39.72
N ASP C 2191 -40.05 -53.37 39.84
CA ASP C 2191 -41.18 -52.63 39.29
C ASP C 2191 -41.87 -51.82 40.37
N THR C 2192 -41.19 -51.61 41.46
CA THR C 2192 -41.77 -51.08 42.67
C THR C 2192 -41.84 -49.55 42.69
N PRO C 2193 -42.64 -48.99 43.60
CA PRO C 2193 -42.67 -47.52 43.69
C PRO C 2193 -41.31 -47.00 44.10
N GLY C 2194 -40.61 -47.77 44.94
CA GLY C 2194 -39.26 -47.39 45.36
C GLY C 2194 -38.36 -47.08 44.19
N ARG C 2195 -38.30 -48.01 43.23
CA ARG C 2195 -37.49 -47.77 42.06
C ARG C 2195 -38.01 -46.54 41.34
N MET C 2196 -39.33 -46.48 41.18
CA MET C 2196 -39.94 -45.32 40.55
C MET C 2196 -39.50 -43.95 41.14
N GLN C 2197 -39.56 -43.82 42.48
CA GLN C 2197 -39.29 -42.55 43.12
C GLN C 2197 -37.83 -42.20 42.95
N GLU C 2198 -36.97 -43.16 43.26
CA GLU C 2198 -35.52 -43.15 43.17
C GLU C 2198 -35.13 -42.76 41.77
N LYS C 2199 -35.88 -43.23 40.78
CA LYS C 2199 -35.55 -42.89 39.43
C LYS C 2199 -36.05 -41.50 39.06
N GLY C 2200 -36.83 -40.87 39.92
CA GLY C 2200 -37.13 -39.46 39.75
C GLY C 2200 -38.20 -39.10 38.76
N VAL C 2201 -39.01 -40.07 38.35
CA VAL C 2201 -40.07 -39.84 37.38
C VAL C 2201 -41.42 -39.55 38.00
N ILE C 2202 -41.53 -39.77 39.30
CA ILE C 2202 -42.68 -39.53 40.15
C ILE C 2202 -42.16 -38.79 41.36
N SER C 2203 -43.03 -38.03 42.00
CA SER C 2203 -42.57 -37.18 43.09
C SER C 2203 -42.58 -37.84 44.46
N ASP C 2204 -43.50 -38.74 44.79
CA ASP C 2204 -43.40 -39.32 46.12
C ASP C 2204 -44.24 -40.58 46.22
N ILE C 2205 -43.88 -41.45 47.19
CA ILE C 2205 -44.73 -42.58 47.57
C ILE C 2205 -45.47 -42.11 48.81
N LEU C 2206 -46.78 -42.19 48.72
CA LEU C 2206 -47.72 -41.80 49.76
C LEU C 2206 -48.41 -42.94 50.47
N ASP C 2207 -49.11 -42.55 51.52
CA ASP C 2207 -49.97 -43.40 52.30
C ASP C 2207 -51.38 -42.86 52.25
N TRP C 2208 -52.29 -43.72 51.81
CA TRP C 2208 -53.66 -43.35 51.48
C TRP C 2208 -54.31 -42.59 52.61
N LYS C 2209 -54.16 -43.14 53.79
CA LYS C 2209 -54.75 -42.66 55.03
C LYS C 2209 -54.52 -41.19 55.30
N THR C 2210 -53.32 -40.66 55.03
CA THR C 2210 -53.06 -39.25 55.29
C THR C 2210 -53.05 -38.45 53.99
N SER C 2211 -53.50 -39.10 52.92
CA SER C 2211 -53.51 -38.48 51.61
C SER C 2211 -54.51 -37.35 51.51
N ARG C 2212 -55.66 -37.50 52.16
CA ARG C 2212 -56.68 -36.45 52.13
C ARG C 2212 -56.13 -35.13 52.64
N THR C 2213 -55.61 -35.13 53.88
CA THR C 2213 -55.07 -33.91 54.47
C THR C 2213 -54.00 -33.34 53.57
N PHE C 2214 -53.10 -34.22 53.15
CA PHE C 2214 -52.02 -33.81 52.27
C PHE C 2214 -52.56 -33.10 51.04
N PHE C 2215 -53.51 -33.74 50.37
CA PHE C 2215 -53.97 -33.23 49.10
C PHE C 2215 -54.66 -31.90 49.29
N TYR C 2216 -55.34 -31.74 50.43
CA TYR C 2216 -55.98 -30.47 50.71
C TYR C 2216 -54.95 -29.35 50.72
N TRP C 2217 -53.99 -29.45 51.64
CA TRP C 2217 -53.06 -28.36 51.79
C TRP C 2217 -52.17 -28.15 50.56
N ARG C 2218 -51.66 -29.24 49.96
CA ARG C 2218 -50.81 -29.08 48.77
C ARG C 2218 -51.56 -28.46 47.64
N LEU C 2219 -52.73 -29.01 47.31
CA LEU C 2219 -53.45 -28.46 46.20
C LEU C 2219 -53.84 -27.03 46.47
N ARG C 2220 -54.22 -26.74 47.70
CA ARG C 2220 -54.66 -25.38 47.95
C ARG C 2220 -53.51 -24.42 47.66
N ARG C 2221 -52.30 -24.82 48.01
CA ARG C 2221 -51.19 -23.92 47.74
C ARG C 2221 -50.80 -23.97 46.29
N LEU C 2222 -50.89 -25.14 45.64
CA LEU C 2222 -50.66 -25.24 44.21
C LEU C 2222 -51.55 -24.29 43.44
N LEU C 2223 -52.81 -24.22 43.88
CA LEU C 2223 -53.79 -23.36 43.26
C LEU C 2223 -53.42 -21.92 43.52
N LEU C 2224 -52.94 -21.65 44.73
CA LEU C 2224 -52.63 -20.29 45.09
C LEU C 2224 -51.45 -19.86 44.25
N GLU C 2225 -50.48 -20.75 44.18
CA GLU C 2225 -49.32 -20.54 43.35
C GLU C 2225 -49.73 -20.32 41.90
N ASP C 2226 -50.65 -21.14 41.41
CA ASP C 2226 -51.12 -20.99 40.04
C ASP C 2226 -51.73 -19.62 39.82
N LEU C 2227 -52.57 -19.21 40.76
CA LEU C 2227 -53.26 -17.94 40.69
C LEU C 2227 -52.29 -16.76 40.73
N VAL C 2228 -51.32 -16.82 41.62
CA VAL C 2228 -50.38 -15.73 41.71
C VAL C 2228 -49.48 -15.68 40.49
N LYS C 2229 -48.96 -16.83 40.08
CA LYS C 2229 -48.10 -16.85 38.91
C LYS C 2229 -48.81 -16.35 37.67
N LYS C 2230 -50.09 -16.69 37.49
CA LYS C 2230 -50.81 -16.13 36.36
C LYS C 2230 -50.91 -14.62 36.47
N LYS C 2231 -51.09 -14.14 37.68
CA LYS C 2231 -51.17 -12.70 37.88
C LYS C 2231 -49.84 -12.05 37.55
N ILE C 2232 -48.75 -12.70 37.90
CA ILE C 2232 -47.44 -12.14 37.65
C ILE C 2232 -47.19 -12.08 36.14
N HIS C 2233 -47.49 -13.16 35.41
CA HIS C 2233 -47.27 -13.10 33.97
C HIS C 2233 -48.14 -12.00 33.42
N ASN C 2234 -49.30 -11.80 34.00
CA ASN C 2234 -50.14 -10.72 33.57
C ASN C 2234 -49.40 -9.43 33.84
N ALA C 2235 -48.69 -9.39 34.95
CA ALA C 2235 -47.92 -8.21 35.31
C ALA C 2235 -46.84 -7.91 34.28
N ASN C 2236 -46.24 -8.93 33.67
CA ASN C 2236 -45.20 -8.73 32.65
C ASN C 2236 -45.24 -10.03 31.86
N PRO C 2237 -46.07 -10.11 30.84
CA PRO C 2237 -46.18 -11.37 30.06
C PRO C 2237 -44.97 -11.89 29.30
N GLU C 2238 -44.02 -11.06 28.86
CA GLU C 2238 -42.97 -11.63 28.02
C GLU C 2238 -41.97 -12.49 28.77
N LEU C 2239 -41.86 -12.32 30.07
CA LEU C 2239 -40.90 -13.06 30.89
C LEU C 2239 -41.32 -14.52 31.00
N THR C 2240 -40.40 -15.45 30.77
CA THR C 2240 -40.70 -16.87 30.93
C THR C 2240 -40.98 -17.37 32.35
N ASP C 2241 -41.93 -18.30 32.37
CA ASP C 2241 -42.33 -19.20 33.43
C ASP C 2241 -41.30 -19.91 34.29
N GLY C 2242 -40.25 -20.45 33.68
CA GLY C 2242 -39.29 -21.21 34.47
C GLY C 2242 -38.61 -20.27 35.42
N GLN C 2243 -38.19 -19.13 34.89
CA GLN C 2243 -37.49 -18.20 35.71
C GLN C 2243 -38.46 -17.68 36.73
N ILE C 2244 -39.72 -17.61 36.32
CA ILE C 2244 -40.78 -17.19 37.21
C ILE C 2244 -40.97 -18.17 38.36
N GLN C 2245 -41.05 -19.47 38.07
CA GLN C 2245 -41.14 -20.46 39.13
C GLN C 2245 -40.09 -20.29 40.20
N ALA C 2246 -38.83 -20.30 39.78
CA ALA C 2246 -37.76 -20.16 40.75
C ALA C 2246 -37.91 -18.84 41.48
N MET C 2247 -38.21 -17.82 40.70
CA MET C 2247 -38.38 -16.45 41.15
C MET C 2247 -39.40 -16.32 42.23
N LEU C 2248 -40.53 -16.98 42.07
CA LEU C 2248 -41.56 -16.89 43.07
C LEU C 2248 -41.02 -17.52 44.33
N ARG C 2249 -40.36 -18.68 44.20
CA ARG C 2249 -39.76 -19.27 45.40
C ARG C 2249 -38.81 -18.27 46.01
N ARG C 2250 -38.07 -17.58 45.16
CA ARG C 2250 -37.08 -16.63 45.58
C ARG C 2250 -37.74 -15.49 46.31
N TRP C 2251 -38.87 -15.06 45.81
CA TRP C 2251 -39.55 -13.98 46.46
C TRP C 2251 -40.01 -14.41 47.83
N PHE C 2252 -40.39 -15.69 47.95
CA PHE C 2252 -40.78 -16.23 49.24
C PHE C 2252 -39.60 -16.30 50.19
N VAL C 2253 -38.55 -16.95 49.77
CA VAL C 2253 -37.38 -17.10 50.60
C VAL C 2253 -36.79 -15.74 50.92
N GLU C 2254 -36.77 -14.85 49.94
CA GLU C 2254 -36.28 -13.51 50.20
C GLU C 2254 -37.06 -12.83 51.30
N VAL C 2255 -38.37 -12.74 51.15
CA VAL C 2255 -39.14 -12.00 52.13
C VAL C 2255 -39.19 -12.74 53.45
N GLU C 2256 -39.55 -14.00 53.36
CA GLU C 2256 -39.90 -14.81 54.51
C GLU C 2256 -38.79 -15.62 55.13
N GLY C 2257 -37.61 -15.70 54.52
CA GLY C 2257 -36.54 -16.40 55.18
C GLY C 2257 -36.27 -17.82 54.71
N THR C 2258 -34.98 -18.11 54.60
CA THR C 2258 -34.46 -19.45 54.31
C THR C 2258 -35.03 -20.55 55.17
N VAL C 2259 -35.42 -20.24 56.40
CA VAL C 2259 -35.93 -21.24 57.32
C VAL C 2259 -37.10 -21.94 56.72
N LYS C 2260 -37.79 -21.31 55.80
CA LYS C 2260 -39.00 -21.87 55.27
C LYS C 2260 -38.76 -22.51 53.91
N ALA C 2261 -37.49 -22.59 53.47
CA ALA C 2261 -37.23 -23.28 52.21
C ALA C 2261 -37.97 -24.62 52.21
N TYR C 2262 -37.68 -25.47 53.23
CA TYR C 2262 -38.31 -26.78 53.28
C TYR C 2262 -39.81 -26.58 53.36
N VAL C 2263 -40.18 -25.47 53.99
CA VAL C 2263 -41.56 -25.11 54.17
C VAL C 2263 -42.19 -25.02 52.82
N TRP C 2264 -41.43 -24.57 51.81
CA TRP C 2264 -42.03 -24.60 50.48
C TRP C 2264 -42.61 -25.98 50.25
N ASP C 2265 -41.92 -27.02 50.77
CA ASP C 2265 -42.35 -28.40 50.64
C ASP C 2265 -43.29 -28.80 51.78
N ASN C 2266 -43.62 -27.87 52.67
CA ASN C 2266 -44.60 -28.03 53.74
C ASN C 2266 -45.88 -27.39 53.28
N ASN C 2267 -46.89 -28.20 53.05
CA ASN C 2267 -48.13 -27.67 52.51
C ASN C 2267 -48.73 -26.59 53.39
N LYS C 2268 -48.93 -26.88 54.67
CA LYS C 2268 -49.65 -25.95 55.53
C LYS C 2268 -48.99 -24.60 55.62
N ASP C 2269 -47.70 -24.59 55.92
CA ASP C 2269 -47.09 -23.31 56.18
C ASP C 2269 -46.99 -22.52 54.88
N LEU C 2270 -46.64 -23.19 53.78
CA LEU C 2270 -46.61 -22.47 52.53
C LEU C 2270 -48.03 -22.09 52.17
N ALA C 2271 -48.96 -23.01 52.45
CA ALA C 2271 -50.37 -22.74 52.25
C ALA C 2271 -50.75 -21.52 53.05
N GLU C 2272 -50.37 -21.53 54.33
CA GLU C 2272 -50.61 -20.39 55.21
C GLU C 2272 -50.00 -19.13 54.64
N TRP C 2273 -48.81 -19.25 54.09
CA TRP C 2273 -48.10 -18.08 53.59
C TRP C 2273 -48.73 -17.50 52.34
N LEU C 2274 -49.06 -18.35 51.37
CA LEU C 2274 -49.63 -17.86 50.13
C LEU C 2274 -50.87 -17.06 50.42
N GLU C 2275 -51.67 -17.54 51.35
CA GLU C 2275 -52.86 -16.80 51.69
C GLU C 2275 -52.47 -15.45 52.24
N LYS C 2276 -51.47 -15.42 53.13
CA LYS C 2276 -51.00 -14.16 53.71
C LYS C 2276 -50.43 -13.17 52.71
N GLN C 2277 -50.93 -13.00 51.46
CA GLN C 2277 -50.27 -11.97 50.69
C GLN C 2277 -51.32 -11.06 50.09
N LEU C 2278 -52.31 -11.67 49.45
CA LEU C 2278 -53.42 -10.95 48.85
C LEU C 2278 -54.44 -10.70 49.95
N THR C 2279 -54.05 -10.63 51.22
CA THR C 2279 -55.12 -10.53 52.20
C THR C 2279 -55.77 -9.17 52.19
N GLU C 2280 -55.00 -8.09 52.10
CA GLU C 2280 -55.64 -6.79 52.15
C GLU C 2280 -55.99 -6.54 50.69
N GLU C 2281 -57.23 -6.79 50.23
CA GLU C 2281 -57.45 -6.36 48.85
C GLU C 2281 -57.42 -4.84 48.91
N ASP C 2282 -56.73 -4.23 47.96
CA ASP C 2282 -56.67 -2.77 47.78
C ASP C 2282 -56.41 -2.10 49.13
N GLY C 2283 -55.53 -2.72 49.91
CA GLY C 2283 -55.03 -2.26 51.20
C GLY C 2283 -53.59 -1.87 51.15
N VAL C 2284 -52.96 -2.07 52.32
CA VAL C 2284 -51.53 -1.97 52.42
C VAL C 2284 -50.99 -2.85 51.32
N HIS C 2285 -50.08 -2.33 50.52
CA HIS C 2285 -49.57 -3.09 49.39
C HIS C 2285 -48.29 -3.82 49.75
N SER C 2286 -48.00 -4.84 48.95
CA SER C 2286 -46.77 -5.58 49.16
C SER C 2286 -45.59 -4.86 48.57
N VAL C 2287 -44.47 -5.44 48.93
CA VAL C 2287 -43.19 -4.96 48.53
C VAL C 2287 -42.79 -5.66 47.26
N ILE C 2288 -42.87 -6.97 47.24
CA ILE C 2288 -42.53 -7.64 46.02
C ILE C 2288 -43.49 -7.20 44.92
N GLU C 2289 -44.76 -6.99 45.25
CA GLU C 2289 -45.68 -6.49 44.24
C GLU C 2289 -45.27 -5.14 43.70
N GLU C 2290 -44.89 -4.22 44.58
CA GLU C 2290 -44.46 -2.93 44.04
C GLU C 2290 -43.18 -3.10 43.24
N ASN C 2291 -42.29 -3.95 43.73
CA ASN C 2291 -41.04 -4.16 43.05
C ASN C 2291 -41.28 -4.73 41.67
N ILE C 2292 -42.17 -5.69 41.57
CA ILE C 2292 -42.47 -6.31 40.28
C ILE C 2292 -43.00 -5.24 39.36
N LYS C 2293 -43.81 -4.36 39.92
CA LYS C 2293 -44.28 -3.21 39.17
C LYS C 2293 -43.10 -2.37 38.71
N CYS C 2294 -42.08 -2.23 39.57
CA CYS C 2294 -40.90 -1.48 39.19
C CYS C 2294 -40.26 -2.14 37.98
N ILE C 2295 -40.16 -3.46 38.00
CA ILE C 2295 -39.64 -4.12 36.83
C ILE C 2295 -40.55 -3.87 35.66
N SER C 2296 -41.85 -3.84 35.89
CA SER C 2296 -42.77 -3.59 34.81
C SER C 2296 -42.44 -2.25 34.20
N ARG C 2297 -42.14 -1.29 35.05
CA ARG C 2297 -41.74 0.05 34.66
C ARG C 2297 -40.47 -0.02 33.82
N ASP C 2298 -39.53 -0.81 34.28
CA ASP C 2298 -38.29 -0.98 33.56
C ASP C 2298 -38.52 -1.63 32.21
N TYR C 2299 -39.35 -2.65 32.23
CA TYR C 2299 -39.62 -3.42 31.03
C TYR C 2299 -40.28 -2.55 29.98
N VAL C 2300 -41.23 -1.71 30.42
CA VAL C 2300 -41.88 -0.80 29.50
C VAL C 2300 -40.90 0.22 28.97
N LEU C 2301 -40.02 0.73 29.83
CA LEU C 2301 -39.11 1.75 29.35
C LEU C 2301 -38.23 1.16 28.28
N LYS C 2302 -37.74 -0.07 28.48
CA LYS C 2302 -36.92 -0.65 27.44
C LYS C 2302 -37.73 -0.76 26.16
N GLN C 2303 -39.02 -1.06 26.26
CA GLN C 2303 -39.82 -1.09 25.03
C GLN C 2303 -39.68 0.25 24.36
N ILE C 2304 -39.76 1.31 25.16
CA ILE C 2304 -39.62 2.66 24.63
C ILE C 2304 -38.25 2.87 24.02
N ARG C 2305 -37.22 2.30 24.65
CA ARG C 2305 -35.85 2.43 24.16
C ARG C 2305 -35.78 1.83 22.77
N SER C 2306 -36.39 0.68 22.62
CA SER C 2306 -36.42 0.02 21.35
C SER C 2306 -37.18 0.86 20.35
N LEU C 2307 -38.28 1.43 20.81
CA LEU C 2307 -39.15 2.23 19.96
C LEU C 2307 -38.39 3.42 19.40
N VAL C 2308 -37.64 4.09 20.27
CA VAL C 2308 -36.83 5.23 19.84
C VAL C 2308 -35.76 4.72 18.94
N GLN C 2309 -35.28 3.53 19.24
CA GLN C 2309 -34.22 2.94 18.44
C GLN C 2309 -34.70 2.79 17.02
N ALA C 2310 -35.93 2.31 16.82
CA ALA C 2310 -36.43 2.23 15.47
C ALA C 2310 -36.61 3.59 14.86
N ASN C 2311 -36.94 4.62 15.64
CA ASN C 2311 -37.27 5.92 15.05
C ASN C 2311 -36.67 7.04 15.89
N PRO C 2312 -35.33 7.16 15.91
CA PRO C 2312 -34.71 8.13 16.83
C PRO C 2312 -34.95 9.58 16.48
N GLU C 2313 -35.19 9.86 15.20
CA GLU C 2313 -35.42 11.19 14.65
C GLU C 2313 -36.62 11.90 15.23
N VAL C 2314 -37.52 11.12 15.79
CA VAL C 2314 -38.82 11.46 16.31
C VAL C 2314 -38.85 12.20 17.63
N ALA C 2315 -37.74 12.22 18.38
CA ALA C 2315 -37.72 12.73 19.74
C ALA C 2315 -38.46 14.06 19.90
N MET C 2316 -38.08 15.11 19.17
CA MET C 2316 -38.63 16.44 19.41
C MET C 2316 -40.15 16.42 19.45
N ASP C 2317 -40.78 15.79 18.48
CA ASP C 2317 -42.23 15.87 18.45
C ASP C 2317 -42.75 14.99 19.57
N SER C 2318 -42.06 13.89 19.82
CA SER C 2318 -42.38 13.05 20.95
C SER C 2318 -42.27 13.87 22.23
N ILE C 2319 -41.28 14.75 22.25
CA ILE C 2319 -40.96 15.59 23.39
C ILE C 2319 -42.03 16.61 23.69
N ILE C 2320 -42.57 17.31 22.69
CA ILE C 2320 -43.59 18.34 22.98
C ILE C 2320 -44.62 17.77 23.96
N HIS C 2321 -45.05 16.54 23.70
CA HIS C 2321 -45.96 15.84 24.58
C HIS C 2321 -45.25 15.50 25.87
N MET C 2322 -43.95 15.18 25.78
CA MET C 2322 -43.20 14.79 26.95
C MET C 2322 -43.12 15.98 27.87
N THR C 2323 -43.17 17.16 27.29
CA THR C 2323 -42.95 18.37 28.03
C THR C 2323 -44.26 18.88 28.59
N GLN C 2324 -45.32 18.13 28.36
CA GLN C 2324 -46.67 18.61 28.53
C GLN C 2324 -46.98 18.67 30.03
N HIS C 2325 -46.28 17.80 30.76
CA HIS C 2325 -46.09 17.61 32.19
C HIS C 2325 -45.12 18.64 32.80
N ILE C 2326 -44.23 18.19 33.70
CA ILE C 2326 -43.12 18.79 34.46
C ILE C 2326 -42.49 20.09 33.94
N SER C 2327 -42.75 20.42 32.71
CA SER C 2327 -42.31 21.49 31.85
C SER C 2327 -41.67 22.78 32.36
N PRO C 2328 -42.21 23.64 33.25
CA PRO C 2328 -41.33 24.77 33.61
C PRO C 2328 -40.08 24.30 34.33
N THR C 2329 -40.28 23.36 35.23
CA THR C 2329 -39.19 22.72 35.93
C THR C 2329 -38.33 21.97 34.94
N GLN C 2330 -38.99 21.28 34.01
CA GLN C 2330 -38.29 20.50 33.01
C GLN C 2330 -37.38 21.40 32.18
N ARG C 2331 -37.82 22.63 31.88
CA ARG C 2331 -36.91 23.55 31.24
C ARG C 2331 -35.76 23.81 32.16
N ALA C 2332 -36.04 23.98 33.45
CA ALA C 2332 -34.94 24.24 34.35
C ALA C 2332 -33.91 23.11 34.37
N GLU C 2333 -34.35 21.87 34.57
CA GLU C 2333 -33.41 20.76 34.59
C GLU C 2333 -32.63 20.60 33.30
N VAL C 2334 -33.31 20.69 32.16
CA VAL C 2334 -32.61 20.56 30.89
C VAL C 2334 -31.62 21.67 30.64
N ILE C 2335 -32.03 22.89 30.91
CA ILE C 2335 -31.14 24.01 30.71
C ILE C 2335 -29.94 23.91 31.64
N ARG C 2336 -30.13 23.49 32.89
CA ARG C 2336 -28.95 23.36 33.73
C ARG C 2336 -28.02 22.39 33.07
N ILE C 2337 -28.61 21.31 32.59
CA ILE C 2337 -27.95 20.23 31.96
C ILE C 2337 -27.77 20.47 30.47
N VAL D 102 148.18 54.69 -86.15
CA VAL D 102 148.74 54.13 -84.92
C VAL D 102 150.18 53.64 -85.15
N ALA D 103 150.98 53.73 -84.10
CA ALA D 103 152.39 53.38 -84.18
C ALA D 103 152.70 51.89 -84.00
N SER D 104 151.84 51.14 -83.31
CA SER D 104 152.18 49.76 -82.98
C SER D 104 150.90 49.02 -82.61
N PRO D 105 150.94 47.68 -82.58
CA PRO D 105 149.76 46.92 -82.12
C PRO D 105 149.23 47.34 -80.76
N ALA D 106 150.11 47.67 -79.82
CA ALA D 106 149.64 48.12 -78.50
C ALA D 106 148.81 49.39 -78.61
N GLU D 107 149.27 50.34 -79.44
CA GLU D 107 148.52 51.58 -79.65
C GLU D 107 147.22 51.29 -80.39
N PHE D 108 147.29 50.36 -81.35
CA PHE D 108 146.14 49.95 -82.15
C PHE D 108 145.02 49.44 -81.26
N VAL D 109 145.34 48.57 -80.29
CA VAL D 109 144.37 48.02 -79.36
C VAL D 109 143.66 49.16 -78.63
N THR D 110 144.43 50.15 -78.19
CA THR D 110 143.89 51.31 -77.49
C THR D 110 143.00 52.14 -78.43
N ARG D 111 143.53 52.50 -79.60
CA ARG D 111 142.79 53.33 -80.55
C ARG D 111 141.46 52.69 -80.92
N PHE D 112 141.42 51.37 -81.13
CA PHE D 112 140.22 50.65 -81.53
C PHE D 112 139.47 49.99 -80.37
N GLY D 113 139.80 50.31 -79.12
CA GLY D 113 139.02 49.81 -78.00
C GLY D 113 139.12 48.36 -77.58
N GLY D 114 140.29 47.73 -77.72
CA GLY D 114 140.44 46.36 -77.26
C GLY D 114 140.92 46.29 -75.82
N ASN D 115 141.08 45.04 -75.34
CA ASN D 115 141.46 44.78 -73.95
C ASN D 115 142.53 43.71 -73.78
N LYS D 116 143.13 43.19 -74.87
CA LYS D 116 144.11 42.12 -74.74
C LYS D 116 145.17 42.46 -75.79
N VAL D 117 146.40 42.70 -75.35
CA VAL D 117 147.48 43.03 -76.27
C VAL D 117 148.08 41.79 -76.93
N ILE D 118 147.98 41.71 -78.26
CA ILE D 118 148.60 40.64 -79.04
C ILE D 118 149.62 41.28 -79.97
N GLU D 119 150.89 40.97 -79.72
CA GLU D 119 152.05 41.42 -80.49
C GLU D 119 152.74 40.27 -81.19
N LYS D 120 152.40 39.04 -80.83
CA LYS D 120 153.02 37.81 -81.29
C LYS D 120 151.95 36.74 -81.45
N VAL D 121 151.95 36.09 -82.60
CA VAL D 121 150.97 35.05 -82.90
C VAL D 121 151.78 33.79 -83.13
N LEU D 122 151.36 32.70 -82.50
CA LEU D 122 151.95 31.40 -82.75
C LEU D 122 151.05 30.69 -83.76
N ILE D 123 151.61 30.27 -84.88
CA ILE D 123 150.86 29.50 -85.86
C ILE D 123 150.99 28.01 -85.58
N ALA D 124 149.89 27.38 -85.18
CA ALA D 124 149.81 25.94 -84.98
C ALA D 124 149.21 25.30 -86.23
N ASN D 125 149.94 25.43 -87.35
CA ASN D 125 149.45 24.96 -88.64
C ASN D 125 150.57 25.04 -89.68
N ASN D 126 150.21 24.71 -90.91
CA ASN D 126 151.09 24.78 -92.07
C ASN D 126 150.29 25.17 -93.30
N GLY D 127 150.89 24.95 -94.47
CA GLY D 127 150.42 25.13 -95.85
C GLY D 127 149.91 26.53 -96.15
N ILE D 128 148.90 26.59 -97.02
CA ILE D 128 148.31 27.87 -97.44
C ILE D 128 147.71 28.63 -96.27
N ALA D 129 147.13 27.95 -95.28
CA ALA D 129 146.56 28.67 -94.16
C ALA D 129 147.61 29.55 -93.51
N ALA D 130 148.74 28.97 -93.13
CA ALA D 130 149.81 29.78 -92.56
C ALA D 130 150.27 30.87 -93.53
N VAL D 131 150.41 30.54 -94.82
CA VAL D 131 150.83 31.55 -95.79
C VAL D 131 149.74 32.59 -95.99
N LYS D 132 148.52 32.14 -96.23
CA LYS D 132 147.38 33.05 -96.41
C LYS D 132 147.16 33.88 -95.15
N CYS D 133 147.21 33.25 -93.98
CA CYS D 133 147.04 33.96 -92.72
C CYS D 133 148.08 35.07 -92.59
N MET D 134 149.33 34.74 -92.86
CA MET D 134 150.37 35.75 -92.77
C MET D 134 150.12 36.85 -93.80
N ARG D 135 149.92 36.46 -95.07
CA ARG D 135 149.62 37.47 -96.09
C ARG D 135 148.37 38.24 -95.70
N SER D 136 147.32 37.52 -95.31
CA SER D 136 146.09 38.19 -94.94
C SER D 136 146.27 39.12 -93.76
N ILE D 137 146.90 38.65 -92.67
CA ILE D 137 147.09 39.56 -91.56
C ILE D 137 148.11 40.63 -91.91
N ARG D 138 149.24 40.23 -92.48
CA ARG D 138 150.28 41.18 -92.85
C ARG D 138 149.82 42.19 -93.90
N ARG D 139 148.96 41.77 -94.85
CA ARG D 139 148.44 42.72 -95.83
C ARG D 139 147.52 43.72 -95.16
N TRP D 140 146.66 43.21 -94.28
CA TRP D 140 145.78 44.08 -93.53
C TRP D 140 146.58 44.94 -92.57
N SER D 141 147.58 44.32 -91.92
CA SER D 141 148.42 45.07 -91.00
C SER D 141 149.19 46.13 -91.77
N TYR D 142 149.60 45.78 -92.99
CA TYR D 142 150.24 46.76 -93.86
C TYR D 142 149.20 47.81 -94.24
N GLU D 143 147.99 47.36 -94.54
CA GLU D 143 146.89 48.27 -94.84
C GLU D 143 146.65 49.19 -93.64
N MET D 144 146.70 48.63 -92.43
CA MET D 144 146.44 49.39 -91.20
C MET D 144 147.65 50.19 -90.74
N PHE D 145 148.87 49.65 -90.83
CA PHE D 145 150.08 50.29 -90.28
C PHE D 145 151.16 50.60 -91.29
N ARG D 146 150.98 50.22 -92.54
CA ARG D 146 151.96 50.39 -93.60
C ARG D 146 153.26 49.70 -93.19
N ASN D 147 153.13 48.62 -92.41
CA ASN D 147 154.24 47.81 -91.91
C ASN D 147 153.71 46.39 -91.83
N GLU D 148 154.20 45.51 -92.71
CA GLU D 148 153.72 44.15 -92.74
C GLU D 148 154.15 43.32 -91.54
N ARG D 149 155.14 43.76 -90.76
CA ARG D 149 155.63 42.99 -89.62
C ARG D 149 155.05 43.46 -88.29
N ALA D 150 154.02 44.31 -88.32
CA ALA D 150 153.41 44.81 -87.09
C ALA D 150 152.92 43.67 -86.20
N ILE D 151 152.35 42.61 -86.80
CA ILE D 151 151.96 41.39 -86.11
C ILE D 151 153.00 40.33 -86.39
N ARG D 152 153.78 39.97 -85.38
CA ARG D 152 154.82 38.97 -85.60
C ARG D 152 154.17 37.59 -85.59
N PHE D 153 154.77 36.65 -86.32
CA PHE D 153 154.30 35.27 -86.38
C PHE D 153 155.35 34.27 -85.93
N VAL D 154 154.99 33.41 -84.98
CA VAL D 154 155.83 32.29 -84.57
C VAL D 154 155.22 31.04 -85.19
N VAL D 155 156.03 30.22 -85.87
CA VAL D 155 155.50 28.98 -86.43
C VAL D 155 156.18 27.77 -85.82
N MET D 156 155.44 26.67 -85.80
CA MET D 156 155.94 25.37 -85.38
C MET D 156 156.12 24.64 -86.71
N VAL D 157 157.28 24.04 -86.92
CA VAL D 157 157.60 23.42 -88.20
C VAL D 157 157.90 21.96 -87.97
N THR D 158 157.10 21.11 -88.60
CA THR D 158 157.27 19.68 -88.56
C THR D 158 158.32 19.28 -89.59
N PRO D 159 159.02 18.15 -89.40
CA PRO D 159 159.99 17.70 -90.40
C PRO D 159 159.44 17.60 -91.82
N GLU D 160 158.18 17.17 -91.98
CA GLU D 160 157.57 17.10 -93.30
C GLU D 160 157.53 18.47 -93.99
N ASP D 161 156.98 19.48 -93.30
CA ASP D 161 156.94 20.82 -93.90
C ASP D 161 158.33 21.39 -94.13
N LEU D 162 159.27 21.16 -93.21
CA LEU D 162 160.62 21.66 -93.42
C LEU D 162 161.30 20.95 -94.59
N LYS D 163 161.19 19.63 -94.64
CA LYS D 163 161.74 18.88 -95.77
C LYS D 163 161.05 19.30 -97.06
N ALA D 164 159.76 19.62 -96.99
CA ALA D 164 159.01 20.08 -98.14
C ALA D 164 159.37 21.51 -98.52
N ASN D 165 160.10 22.24 -97.66
CA ASN D 165 160.46 23.64 -97.86
C ASN D 165 159.21 24.52 -97.93
N ALA D 166 158.26 24.23 -97.03
CA ALA D 166 157.02 24.98 -96.91
C ALA D 166 157.21 26.48 -96.81
N GLU D 167 156.64 27.21 -97.77
CA GLU D 167 156.80 28.66 -97.86
C GLU D 167 156.44 29.38 -96.56
N TYR D 168 155.50 28.85 -95.78
CA TYR D 168 155.09 29.56 -94.57
C TYR D 168 156.24 29.66 -93.59
N ILE D 169 157.16 28.68 -93.61
CA ILE D 169 158.31 28.71 -92.72
C ILE D 169 159.13 29.97 -92.96
N LYS D 170 159.52 30.21 -94.23
CA LYS D 170 160.33 31.38 -94.52
C LYS D 170 159.52 32.67 -94.46
N MET D 171 158.21 32.59 -94.72
CA MET D 171 157.37 33.77 -94.60
C MET D 171 157.29 34.22 -93.15
N ALA D 172 157.22 33.26 -92.22
CA ALA D 172 157.10 33.56 -90.80
C ALA D 172 158.29 34.36 -90.27
N ASP D 173 158.01 35.14 -89.23
CA ASP D 173 159.02 35.94 -88.53
C ASP D 173 159.84 35.13 -87.52
N HIS D 174 159.30 34.00 -87.04
CA HIS D 174 159.98 33.19 -86.04
C HIS D 174 159.47 31.76 -86.14
N TYR D 175 160.39 30.81 -85.94
CA TYR D 175 160.08 29.39 -85.97
C TYR D 175 160.57 28.69 -84.72
N VAL D 176 159.82 27.65 -84.32
CA VAL D 176 160.10 26.88 -83.12
C VAL D 176 160.12 25.40 -83.51
N PRO D 177 161.25 24.69 -83.39
CA PRO D 177 161.23 23.25 -83.71
C PRO D 177 160.43 22.44 -82.70
N VAL D 178 159.56 21.57 -83.20
CA VAL D 178 158.70 20.74 -82.36
C VAL D 178 158.99 19.28 -82.65
N PRO D 179 158.61 18.36 -81.74
CA PRO D 179 158.84 16.92 -81.96
C PRO D 179 158.09 16.34 -83.14
N GLY D 180 158.75 15.38 -83.80
CA GLY D 180 158.22 14.68 -84.94
C GLY D 180 157.23 13.59 -84.56
N GLY D 181 156.79 12.86 -85.59
CA GLY D 181 155.86 11.77 -85.45
C GLY D 181 154.39 12.11 -85.67
N PRO D 182 153.47 11.35 -85.07
CA PRO D 182 152.05 11.64 -85.28
C PRO D 182 151.62 13.00 -84.71
N ASN D 183 150.61 13.58 -85.38
CA ASN D 183 150.08 14.91 -85.05
C ASN D 183 149.72 15.12 -83.59
N ASN D 184 149.54 14.04 -82.81
CA ASN D 184 149.24 14.14 -81.39
C ASN D 184 150.40 14.65 -80.54
N ASN D 185 151.65 14.59 -81.05
CA ASN D 185 152.83 15.06 -80.34
C ASN D 185 153.27 16.50 -80.62
N ASN D 186 152.76 17.17 -81.66
CA ASN D 186 153.23 18.54 -81.98
C ASN D 186 152.03 19.49 -82.03
N TYR D 187 151.54 19.85 -83.23
CA TYR D 187 150.42 20.78 -83.34
C TYR D 187 149.24 20.45 -82.44
N ALA D 188 148.97 19.17 -82.20
CA ALA D 188 147.84 18.79 -81.34
C ALA D 188 148.23 18.44 -79.90
N ASN D 189 149.52 18.42 -79.55
CA ASN D 189 149.87 18.12 -78.16
C ASN D 189 149.67 19.39 -77.36
N VAL D 190 148.52 19.51 -76.70
CA VAL D 190 148.17 20.72 -75.95
C VAL D 190 149.15 21.02 -74.81
N GLU D 191 149.58 20.01 -74.06
CA GLU D 191 150.53 20.27 -72.98
C GLU D 191 151.86 20.77 -73.51
N LEU D 192 152.32 20.20 -74.62
CA LEU D 192 153.56 20.65 -75.24
C LEU D 192 153.42 22.05 -75.78
N ILE D 193 152.30 22.34 -76.46
CA ILE D 193 152.07 23.67 -77.00
C ILE D 193 152.16 24.68 -75.88
N LEU D 194 151.50 24.39 -74.75
CA LEU D 194 151.55 25.28 -73.62
C LEU D 194 153.00 25.45 -73.18
N ASP D 195 153.72 24.33 -73.05
CA ASP D 195 155.12 24.39 -72.69
C ASP D 195 155.88 25.29 -73.65
N ILE D 196 155.60 25.18 -74.95
CA ILE D 196 156.27 26.03 -75.93
C ILE D 196 155.76 27.47 -75.80
N ALA D 197 154.44 27.64 -75.66
CA ALA D 197 153.84 28.96 -75.52
C ALA D 197 154.40 29.70 -74.30
N LYS D 198 154.52 29.00 -73.18
CA LYS D 198 155.05 29.55 -71.94
C LYS D 198 156.55 29.85 -72.02
N ARG D 199 157.29 29.06 -72.78
CA ARG D 199 158.74 29.13 -72.82
C ARG D 199 159.29 30.35 -73.56
N ILE D 200 158.73 30.69 -74.73
CA ILE D 200 159.25 31.85 -75.46
C ILE D 200 159.22 33.13 -74.62
N PRO D 201 158.07 33.60 -74.09
CA PRO D 201 156.65 33.24 -74.22
C PRO D 201 155.94 33.93 -75.39
N VAL D 202 154.73 33.47 -75.75
CA VAL D 202 153.91 34.12 -76.76
C VAL D 202 152.67 34.74 -76.12
N GLN D 203 152.05 35.67 -76.86
CA GLN D 203 150.83 36.32 -76.40
C GLN D 203 149.58 35.80 -77.10
N ALA D 204 149.69 35.08 -78.22
CA ALA D 204 148.52 34.53 -78.88
C ALA D 204 148.89 33.27 -79.65
N VAL D 205 147.88 32.43 -79.90
CA VAL D 205 148.03 31.22 -80.71
C VAL D 205 147.01 31.23 -81.84
N TRP D 206 147.46 30.94 -83.07
CA TRP D 206 146.61 30.74 -84.24
C TRP D 206 146.75 29.30 -84.72
N ALA D 207 145.64 28.55 -84.77
CA ALA D 207 145.68 27.13 -85.16
C ALA D 207 145.33 26.79 -86.61
N GLY D 208 144.57 27.60 -87.36
CA GLY D 208 144.26 27.22 -88.75
C GLY D 208 143.27 26.06 -88.84
N TRP D 209 143.57 25.02 -89.65
CA TRP D 209 142.70 23.85 -89.78
C TRP D 209 143.45 22.56 -89.44
N GLY D 210 142.72 21.61 -88.87
CA GLY D 210 143.33 20.38 -88.39
C GLY D 210 144.03 20.52 -87.07
N HIS D 211 144.81 19.48 -86.76
CA HIS D 211 145.60 19.34 -85.55
C HIS D 211 144.90 19.90 -84.31
N ALA D 212 145.38 21.00 -83.72
CA ALA D 212 144.69 21.54 -82.55
C ALA D 212 143.69 22.63 -82.93
N SER D 213 143.43 22.82 -84.23
CA SER D 213 142.44 23.84 -84.61
C SER D 213 141.07 23.55 -84.02
N GLU D 214 140.82 22.28 -83.67
CA GLU D 214 139.56 21.84 -83.09
C GLU D 214 139.82 21.15 -81.76
N ASN D 215 141.01 21.33 -81.15
CA ASN D 215 141.25 20.74 -79.85
C ASN D 215 140.94 21.80 -78.80
N PRO D 216 139.84 21.68 -78.04
CA PRO D 216 139.50 22.73 -77.07
C PRO D 216 140.48 22.88 -75.93
N LYS D 217 141.35 21.89 -75.72
CA LYS D 217 142.34 21.98 -74.65
C LYS D 217 143.38 23.05 -74.91
N LEU D 218 143.71 23.33 -76.17
CA LEU D 218 144.72 24.35 -76.46
C LEU D 218 144.35 25.70 -75.88
N PRO D 219 143.24 26.33 -76.24
CA PRO D 219 142.90 27.59 -75.56
C PRO D 219 142.70 27.42 -74.06
N GLU D 220 142.29 26.22 -73.60
CA GLU D 220 142.11 25.99 -72.17
C GLU D 220 143.41 26.21 -71.40
N LEU D 221 144.46 25.45 -71.76
CA LEU D 221 145.73 25.65 -71.07
C LEU D 221 146.30 27.02 -71.37
N LEU D 222 146.16 27.50 -72.60
CA LEU D 222 146.69 28.83 -72.91
C LEU D 222 145.95 29.92 -72.12
N LEU D 223 144.62 29.84 -72.06
CA LEU D 223 143.86 30.83 -71.31
C LEU D 223 144.16 30.74 -69.82
N LYS D 224 144.22 29.52 -69.28
CA LYS D 224 144.55 29.31 -67.87
C LYS D 224 145.90 29.90 -67.51
N ASN D 225 146.81 29.97 -68.48
CA ASN D 225 148.14 30.51 -68.32
C ASN D 225 148.27 31.93 -68.86
N GLY D 226 147.13 32.60 -69.11
CA GLY D 226 147.11 33.95 -69.63
C GLY D 226 147.63 34.16 -71.03
N ILE D 227 147.53 33.14 -71.89
CA ILE D 227 147.99 33.22 -73.27
C ILE D 227 146.74 33.24 -74.13
N ALA D 228 146.63 34.25 -74.99
CA ALA D 228 145.47 34.38 -75.85
C ALA D 228 145.47 33.33 -76.96
N PHE D 229 144.27 33.08 -77.48
CA PHE D 229 144.07 32.16 -78.59
C PHE D 229 143.27 32.90 -79.65
N MET D 230 143.77 32.95 -80.88
CA MET D 230 143.06 33.64 -81.96
C MET D 230 142.01 32.70 -82.56
N GLY D 231 140.98 32.47 -81.74
CA GLY D 231 139.87 31.61 -82.04
C GLY D 231 139.02 31.62 -80.80
N PRO D 232 137.88 30.91 -80.82
CA PRO D 232 137.02 30.93 -79.64
C PRO D 232 137.71 30.28 -78.46
N PRO D 233 137.36 30.66 -77.23
CA PRO D 233 137.94 29.98 -76.06
C PRO D 233 137.49 28.53 -75.98
N SER D 234 138.25 27.76 -75.20
CA SER D 234 138.01 26.33 -74.98
C SER D 234 136.55 25.95 -74.81
N GLN D 235 135.87 26.61 -73.87
CA GLN D 235 134.48 26.27 -73.59
C GLN D 235 133.63 26.46 -74.84
N ALA D 236 133.73 27.63 -75.48
CA ALA D 236 132.93 27.87 -76.67
C ALA D 236 133.36 26.99 -77.84
N MET D 237 134.65 26.61 -77.92
CA MET D 237 135.10 25.78 -79.04
C MET D 237 134.59 24.35 -78.95
N TRP D 238 134.44 23.81 -77.75
CA TRP D 238 133.97 22.44 -77.61
C TRP D 238 132.46 22.44 -77.78
N ALA D 239 131.78 23.32 -77.04
CA ALA D 239 130.32 23.40 -77.11
C ALA D 239 129.81 23.82 -78.49
N LEU D 240 130.68 24.40 -79.36
CA LEU D 240 130.31 24.83 -80.71
C LEU D 240 131.03 24.13 -81.84
N GLY D 241 132.22 23.59 -81.63
CA GLY D 241 132.93 22.87 -82.67
C GLY D 241 132.45 21.44 -82.78
N ASP D 242 132.19 20.84 -81.63
CA ASP D 242 131.67 19.47 -81.59
C ASP D 242 130.22 19.47 -82.07
N LYS D 243 129.92 18.61 -83.07
CA LYS D 243 128.60 18.62 -83.71
C LYS D 243 127.47 18.35 -82.72
N ILE D 244 127.65 17.37 -81.83
CA ILE D 244 126.64 17.10 -80.81
C ILE D 244 126.46 18.34 -79.93
N ALA D 245 127.55 18.82 -79.35
CA ALA D 245 127.45 19.99 -78.48
C ALA D 245 126.97 21.21 -79.25
N SER D 246 127.45 21.40 -80.47
CA SER D 246 127.06 22.57 -81.26
C SER D 246 125.60 22.49 -81.67
N SER D 247 125.11 21.29 -81.98
CA SER D 247 123.70 21.14 -82.31
C SER D 247 122.85 21.45 -81.09
N ILE D 248 123.35 21.11 -79.89
CA ILE D 248 122.63 21.46 -78.67
C ILE D 248 122.67 22.97 -78.47
N VAL D 249 123.82 23.59 -78.71
CA VAL D 249 123.90 25.04 -78.64
C VAL D 249 123.02 25.66 -79.71
N ALA D 250 123.08 25.12 -80.93
CA ALA D 250 122.22 25.61 -82.01
C ALA D 250 120.78 25.52 -81.56
N GLN D 251 120.43 24.38 -80.96
CA GLN D 251 119.09 24.17 -80.41
C GLN D 251 118.84 25.15 -79.28
N THR D 252 119.86 25.41 -78.47
CA THR D 252 119.73 26.41 -77.42
C THR D 252 119.42 27.76 -78.05
N ALA D 253 120.02 28.05 -79.20
CA ALA D 253 119.77 29.29 -79.91
C ALA D 253 118.45 29.28 -80.67
N GLY D 254 117.82 28.12 -80.80
CA GLY D 254 116.57 27.96 -81.52
C GLY D 254 116.73 27.79 -83.01
N ILE D 255 117.89 27.33 -83.46
CA ILE D 255 118.19 27.09 -84.87
C ILE D 255 117.88 25.66 -85.28
N PRO D 256 117.16 25.41 -86.38
CA PRO D 256 116.88 24.03 -86.76
C PRO D 256 118.16 23.26 -87.10
N THR D 257 118.13 21.96 -86.82
CA THR D 257 119.22 21.02 -87.06
C THR D 257 118.60 19.79 -87.69
N LEU D 258 119.40 19.04 -88.43
CA LEU D 258 118.87 17.84 -89.05
C LEU D 258 118.59 16.77 -87.98
N PRO D 259 117.63 15.86 -88.24
CA PRO D 259 117.32 14.81 -87.25
C PRO D 259 118.51 13.97 -86.81
N TRP D 260 118.67 13.90 -85.50
CA TRP D 260 119.74 13.17 -84.85
C TRP D 260 119.26 12.69 -83.48
N SER D 261 120.06 11.83 -82.86
CA SER D 261 119.79 11.28 -81.52
C SER D 261 119.53 12.33 -80.44
N GLY D 262 119.95 13.58 -80.67
CA GLY D 262 119.81 14.68 -79.73
C GLY D 262 118.89 15.83 -80.10
N SER D 263 117.94 15.60 -80.99
CA SER D 263 116.95 16.62 -81.30
C SER D 263 116.20 17.02 -80.03
N GLY D 264 115.90 18.32 -79.88
CA GLY D 264 115.21 18.82 -78.70
C GLY D 264 116.09 19.27 -77.54
N LEU D 265 117.36 18.88 -77.52
CA LEU D 265 118.29 19.20 -76.43
C LEU D 265 118.81 20.63 -76.39
N ARG D 266 118.80 21.22 -75.19
CA ARG D 266 119.34 22.56 -74.95
C ARG D 266 119.51 22.68 -73.44
N VAL D 267 119.86 23.87 -72.97
CA VAL D 267 120.10 24.08 -71.54
C VAL D 267 119.75 25.51 -71.16
N ILE D 278 126.77 32.51 -69.97
CA ILE D 278 127.79 31.68 -70.57
C ILE D 278 127.27 30.25 -70.53
N LEU D 279 127.45 29.51 -71.63
CA LEU D 279 126.89 28.18 -71.75
C LEU D 279 127.93 27.09 -71.54
N ASN D 280 127.42 25.92 -71.22
CA ASN D 280 128.16 24.69 -71.01
C ASN D 280 127.19 23.62 -71.46
N VAL D 281 127.65 22.58 -72.15
CA VAL D 281 126.75 21.52 -72.55
C VAL D 281 126.93 20.43 -71.49
N PRO D 282 125.93 20.16 -70.65
CA PRO D 282 126.10 19.14 -69.61
C PRO D 282 126.15 17.72 -70.15
N GLN D 283 127.00 16.92 -69.51
CA GLN D 283 127.18 15.52 -69.91
C GLN D 283 125.86 14.78 -69.99
N GLU D 284 124.89 15.14 -69.14
CA GLU D 284 123.61 14.45 -69.20
C GLU D 284 122.85 14.82 -70.45
N LEU D 285 122.83 16.11 -70.79
CA LEU D 285 122.21 16.55 -72.03
C LEU D 285 123.00 16.04 -73.23
N TYR D 286 124.32 16.23 -73.15
CA TYR D 286 125.27 15.83 -74.17
C TYR D 286 125.21 14.31 -74.44
N GLU D 287 125.07 13.51 -73.37
CA GLU D 287 125.01 12.05 -73.47
C GLU D 287 123.85 11.51 -74.29
N LYS D 288 122.86 12.31 -74.62
CA LYS D 288 121.79 11.79 -75.45
C LYS D 288 122.19 11.84 -76.91
N GLY D 289 123.00 12.85 -77.30
CA GLY D 289 123.40 12.96 -78.68
C GLY D 289 124.37 11.89 -79.19
N TYR D 290 125.20 11.32 -78.32
CA TYR D 290 126.16 10.32 -78.79
C TYR D 290 125.68 8.89 -78.58
N VAL D 291 126.38 8.00 -79.26
CA VAL D 291 126.17 6.56 -79.21
C VAL D 291 127.45 5.98 -78.60
N LYS D 292 127.40 5.78 -77.28
CA LYS D 292 128.54 5.32 -76.49
C LYS D 292 129.27 4.11 -77.06
N ASP D 293 128.62 3.29 -77.89
CA ASP D 293 129.25 2.10 -78.45
C ASP D 293 128.55 1.73 -79.74
N VAL D 294 129.05 0.66 -80.39
CA VAL D 294 128.47 0.18 -81.65
C VAL D 294 127.02 -0.19 -81.41
N ASP D 295 126.76 -0.80 -80.25
CA ASP D 295 125.42 -1.22 -79.87
C ASP D 295 124.46 -0.03 -79.84
N ASP D 296 124.89 1.08 -79.22
CA ASP D 296 124.11 2.31 -79.19
C ASP D 296 123.87 2.91 -80.57
N GLY D 297 124.81 2.70 -81.49
CA GLY D 297 124.66 3.19 -82.86
C GLY D 297 123.56 2.56 -83.70
N LEU D 298 123.46 1.23 -83.68
CA LEU D 298 122.43 0.54 -84.46
C LEU D 298 121.00 1.01 -84.18
N GLN D 299 120.68 1.32 -82.93
CA GLN D 299 119.35 1.81 -82.57
C GLN D 299 119.08 3.22 -83.09
N ALA D 300 120.04 4.13 -82.96
CA ALA D 300 119.89 5.51 -83.44
C ALA D 300 119.59 5.54 -84.93
N ALA D 301 120.34 4.76 -85.71
CA ALA D 301 120.15 4.67 -87.16
C ALA D 301 118.74 4.26 -87.58
N GLU D 302 118.04 3.45 -86.79
CA GLU D 302 116.69 2.98 -87.13
C GLU D 302 115.59 4.04 -87.01
N GLU D 303 115.63 4.92 -86.00
CA GLU D 303 114.55 5.91 -85.88
C GLU D 303 114.50 6.86 -87.07
N VAL D 304 115.63 7.50 -87.40
CA VAL D 304 115.66 8.41 -88.54
C VAL D 304 115.38 7.64 -89.83
N GLY D 305 115.88 6.42 -89.93
CA GLY D 305 115.68 5.61 -91.12
C GLY D 305 116.88 5.74 -92.02
N TYR D 306 117.32 4.61 -92.56
CA TYR D 306 118.46 4.57 -93.45
C TYR D 306 118.17 5.31 -94.75
N PRO D 307 119.20 5.89 -95.39
CA PRO D 307 120.63 5.92 -95.02
C PRO D 307 120.99 6.93 -93.94
N VAL D 308 121.93 6.55 -93.07
CA VAL D 308 122.37 7.38 -91.96
C VAL D 308 123.87 7.64 -92.12
N MET D 309 124.38 8.51 -91.26
CA MET D 309 125.79 8.85 -91.21
C MET D 309 126.36 8.62 -89.81
N ILE D 310 127.41 7.82 -89.71
CA ILE D 310 128.14 7.66 -88.46
C ILE D 310 129.19 8.74 -88.54
N LYS D 311 129.19 9.65 -87.56
CA LYS D 311 130.07 10.81 -87.58
C LYS D 311 130.80 10.96 -86.26
N ALA D 312 132.11 11.11 -86.34
CA ALA D 312 132.92 11.40 -85.16
C ALA D 312 132.64 12.84 -84.78
N SER D 313 132.31 13.06 -83.50
CA SER D 313 131.92 14.39 -83.07
C SER D 313 133.11 15.35 -83.00
N GLU D 314 134.34 14.83 -82.95
CA GLU D 314 135.53 15.68 -82.93
C GLU D 314 136.18 15.75 -84.30
N GLY D 315 135.54 15.14 -85.30
CA GLY D 315 136.03 15.15 -86.67
C GLY D 315 135.86 16.48 -87.36
N GLY D 316 136.91 16.94 -88.03
CA GLY D 316 136.88 18.18 -88.78
C GLY D 316 137.27 17.91 -90.22
N GLY D 317 136.73 18.72 -91.13
CA GLY D 317 137.05 18.55 -92.53
C GLY D 317 136.78 17.15 -93.08
N GLY D 318 135.60 16.58 -92.81
CA GLY D 318 135.31 15.25 -93.32
C GLY D 318 136.04 14.11 -92.65
N LYS D 319 136.59 14.33 -91.45
CA LYS D 319 137.32 13.30 -90.72
C LYS D 319 136.39 12.55 -89.78
N GLY D 320 136.45 11.22 -89.80
CA GLY D 320 135.65 10.43 -88.87
C GLY D 320 134.20 10.29 -89.29
N ILE D 321 133.92 10.12 -90.59
CA ILE D 321 132.54 10.05 -91.08
C ILE D 321 132.31 8.83 -91.97
N ARG D 322 131.25 8.05 -91.68
CA ARG D 322 130.87 6.90 -92.47
C ARG D 322 129.37 6.83 -92.72
N LYS D 323 129.04 6.56 -93.99
CA LYS D 323 127.68 6.39 -94.52
C LYS D 323 127.23 4.95 -94.37
N VAL D 324 126.02 4.75 -93.84
CA VAL D 324 125.48 3.41 -93.57
C VAL D 324 124.16 3.24 -94.30
N ASN D 325 124.09 2.22 -95.16
CA ASN D 325 122.90 1.91 -95.94
C ASN D 325 122.01 0.87 -95.29
N ASN D 326 122.57 -0.02 -94.47
CA ASN D 326 121.80 -1.06 -93.81
C ASN D 326 122.49 -1.46 -92.52
N ALA D 327 121.71 -2.05 -91.62
CA ALA D 327 122.18 -2.47 -90.31
C ALA D 327 123.34 -3.47 -90.37
N ASP D 328 123.46 -4.23 -91.47
CA ASP D 328 124.53 -5.21 -91.58
C ASP D 328 125.90 -4.57 -91.84
N ASP D 329 125.95 -3.47 -92.58
CA ASP D 329 127.22 -2.78 -92.83
C ASP D 329 127.65 -1.97 -91.61
N PHE D 330 126.68 -1.49 -90.83
CA PHE D 330 126.89 -0.63 -89.64
C PHE D 330 128.03 -1.03 -88.71
N PRO D 331 128.16 -2.28 -88.24
CA PRO D 331 129.21 -2.55 -87.22
C PRO D 331 130.61 -2.15 -87.68
N ASN D 332 131.00 -2.49 -88.91
CA ASN D 332 132.31 -2.08 -89.39
C ASN D 332 132.42 -0.58 -89.59
N LEU D 333 131.36 0.05 -90.07
CA LEU D 333 131.40 1.50 -90.25
C LEU D 333 131.59 2.18 -88.90
N PHE D 334 130.99 1.65 -87.84
CA PHE D 334 131.27 2.20 -86.52
C PHE D 334 132.72 1.93 -86.15
N ARG D 335 133.20 0.71 -86.44
CA ARG D 335 134.56 0.31 -86.15
C ARG D 335 135.57 1.13 -86.97
N GLN D 336 135.19 1.53 -88.18
CA GLN D 336 136.06 2.36 -89.00
C GLN D 336 136.21 3.74 -88.36
N VAL D 337 135.08 4.31 -87.93
CA VAL D 337 135.11 5.60 -87.25
C VAL D 337 135.92 5.50 -85.97
N GLN D 338 135.80 4.38 -85.26
CA GLN D 338 136.62 4.18 -84.07
C GLN D 338 138.09 4.19 -84.44
N ALA D 339 138.45 3.43 -85.47
CA ALA D 339 139.84 3.40 -85.91
C ALA D 339 140.27 4.73 -86.50
N GLU D 340 139.37 5.40 -87.22
CA GLU D 340 139.73 6.69 -87.81
C GLU D 340 139.94 7.77 -86.75
N VAL D 341 139.03 7.88 -85.79
CA VAL D 341 139.13 8.86 -84.72
C VAL D 341 139.04 8.15 -83.37
N PRO D 342 140.09 7.48 -82.91
CA PRO D 342 139.97 6.77 -81.63
C PRO D 342 139.86 7.73 -80.45
N GLY D 343 138.97 7.40 -79.53
CA GLY D 343 138.70 8.20 -78.35
C GLY D 343 137.59 9.20 -78.50
N SER D 344 137.23 9.55 -79.73
CA SER D 344 136.19 10.53 -79.97
C SER D 344 134.81 9.88 -79.79
N PRO D 345 133.86 10.52 -79.12
CA PRO D 345 132.50 9.97 -79.11
C PRO D 345 131.93 9.95 -80.52
N ILE D 346 130.94 9.07 -80.73
CA ILE D 346 130.29 8.90 -82.03
C ILE D 346 128.78 9.09 -81.89
N PHE D 347 128.19 9.75 -82.88
CA PHE D 347 126.75 9.95 -83.01
C PHE D 347 126.28 9.53 -84.40
N VAL D 348 124.95 9.43 -84.56
CA VAL D 348 124.32 9.06 -85.82
C VAL D 348 123.27 10.12 -86.13
N MET D 349 123.22 10.57 -87.39
CA MET D 349 122.25 11.59 -87.81
C MET D 349 121.68 11.25 -89.18
N ARG D 350 120.47 11.73 -89.43
CA ARG D 350 119.81 11.54 -90.72
C ARG D 350 120.49 12.33 -91.83
N LEU D 351 120.81 11.64 -92.92
CA LEU D 351 121.39 12.24 -94.11
C LEU D 351 120.30 12.95 -94.87
N ALA D 352 120.33 14.29 -94.90
CA ALA D 352 119.26 15.01 -95.54
C ALA D 352 119.25 14.73 -97.03
N LYS D 353 118.16 15.10 -97.68
CA LYS D 353 118.10 14.90 -99.11
C LYS D 353 118.97 15.95 -99.77
N GLN D 354 119.35 15.68 -101.03
CA GLN D 354 120.13 16.67 -101.76
C GLN D 354 119.42 18.01 -101.74
N SER D 355 120.15 18.98 -101.21
CA SER D 355 119.72 20.33 -100.89
C SER D 355 120.91 21.24 -101.16
N ARG D 356 120.78 22.51 -100.76
CA ARG D 356 121.88 23.46 -100.85
C ARG D 356 122.52 23.52 -99.48
N HIS D 357 123.83 23.47 -99.44
CA HIS D 357 124.58 23.58 -98.21
C HIS D 357 125.11 25.01 -98.24
N LEU D 358 124.68 25.83 -97.29
CA LEU D 358 125.06 27.23 -97.23
C LEU D 358 125.72 27.52 -95.90
N GLU D 359 126.59 28.52 -95.93
CA GLU D 359 127.34 28.94 -94.75
C GLU D 359 127.14 30.44 -94.58
N VAL D 360 127.09 30.87 -93.33
CA VAL D 360 127.06 32.27 -92.96
C VAL D 360 128.36 32.60 -92.26
N GLN D 361 129.08 33.60 -92.75
CA GLN D 361 130.31 34.00 -92.08
C GLN D 361 129.89 34.91 -90.93
N ILE D 362 130.34 34.57 -89.73
CA ILE D 362 130.05 35.31 -88.51
C ILE D 362 131.33 35.96 -88.00
N LEU D 363 131.15 37.10 -87.34
CA LEU D 363 132.22 37.85 -86.71
C LEU D 363 131.63 38.42 -85.43
N ALA D 364 132.17 38.02 -84.27
CA ALA D 364 131.72 38.47 -82.95
C ALA D 364 132.85 39.01 -82.09
N ASP D 365 132.58 40.08 -81.34
CA ASP D 365 133.57 40.65 -80.42
C ASP D 365 133.40 40.07 -79.00
N GLN D 366 134.11 40.63 -78.01
CA GLN D 366 134.03 40.17 -76.63
C GLN D 366 132.91 40.82 -75.81
N TYR D 367 132.03 41.61 -76.44
CA TYR D 367 130.98 42.37 -75.74
C TYR D 367 129.56 42.02 -76.13
N GLY D 368 129.35 41.02 -76.99
CA GLY D 368 128.01 40.65 -77.42
C GLY D 368 127.62 41.08 -78.80
N ASN D 369 128.43 41.87 -79.50
CA ASN D 369 128.11 42.24 -80.87
C ASN D 369 128.62 41.14 -81.81
N ALA D 370 127.71 40.55 -82.59
CA ALA D 370 128.00 39.50 -83.56
C ALA D 370 127.26 39.87 -84.83
N ILE D 371 127.92 39.77 -85.98
CA ILE D 371 127.27 40.12 -87.24
C ILE D 371 127.41 39.05 -88.31
N SER D 372 126.56 39.21 -89.32
CA SER D 372 126.52 38.49 -90.57
C SER D 372 127.12 39.40 -91.65
N LEU D 373 127.73 38.80 -92.66
CA LEU D 373 128.29 39.57 -93.78
C LEU D 373 127.48 39.19 -95.01
N PHE D 374 127.57 37.94 -95.44
CA PHE D 374 126.94 37.27 -96.58
C PHE D 374 127.17 35.79 -96.35
N GLY D 375 127.00 34.95 -97.37
CA GLY D 375 127.21 33.53 -97.23
C GLY D 375 128.16 32.92 -98.25
N ARG D 376 128.32 31.62 -98.11
CA ARG D 376 129.12 30.78 -98.99
C ARG D 376 128.28 29.52 -99.22
N ASP D 377 128.24 29.05 -100.46
CA ASP D 377 127.59 27.80 -100.80
C ASP D 377 128.63 26.69 -100.89
N CYS D 378 128.48 25.65 -100.07
CA CYS D 378 129.41 24.52 -100.12
C CYS D 378 128.64 23.23 -100.36
N SER D 379 127.60 23.33 -101.21
CA SER D 379 126.82 22.17 -101.58
C SER D 379 127.59 21.27 -102.52
N VAL D 380 128.40 21.89 -103.38
CA VAL D 380 129.25 21.26 -104.39
C VAL D 380 130.46 20.53 -103.82
N GLN D 381 130.35 19.20 -103.66
CA GLN D 381 131.44 18.40 -103.08
C GLN D 381 131.72 17.20 -103.99
N ARG D 382 132.99 16.77 -104.02
CA ARG D 382 133.44 15.60 -104.77
C ARG D 382 134.38 14.76 -103.90
N ARG D 383 133.94 13.54 -103.55
CA ARG D 383 134.71 12.65 -102.68
C ARG D 383 135.00 13.28 -101.32
N HIS D 384 133.99 13.96 -100.79
CA HIS D 384 133.93 14.68 -99.51
C HIS D 384 134.77 15.96 -99.51
N GLN D 385 135.27 16.40 -100.66
CA GLN D 385 136.03 17.64 -100.79
C GLN D 385 135.18 18.80 -101.30
N LYS D 386 135.16 19.93 -100.59
CA LYS D 386 134.39 21.08 -101.07
C LYS D 386 135.08 21.56 -102.34
N ILE D 387 134.37 21.51 -103.47
CA ILE D 387 134.96 21.84 -104.76
C ILE D 387 134.65 23.26 -105.22
N ILE D 388 133.38 23.69 -105.23
CA ILE D 388 133.02 25.05 -105.67
C ILE D 388 132.34 25.82 -104.56
N GLU D 389 132.71 27.10 -104.43
CA GLU D 389 132.03 28.00 -103.50
C GLU D 389 131.48 29.19 -104.27
N GLU D 390 130.40 29.78 -103.75
CA GLU D 390 129.84 31.00 -104.35
C GLU D 390 129.41 31.97 -103.26
N ALA D 391 129.60 33.27 -103.55
CA ALA D 391 129.13 34.38 -102.73
C ALA D 391 128.53 35.46 -103.64
N PRO D 392 127.29 35.94 -103.39
CA PRO D 392 126.21 35.71 -102.43
C PRO D 392 125.34 34.47 -102.69
N ALA D 393 124.40 34.19 -101.79
CA ALA D 393 123.46 33.07 -101.92
C ALA D 393 122.19 33.54 -102.64
N THR D 394 122.29 33.67 -103.97
CA THR D 394 121.15 34.16 -104.74
C THR D 394 119.94 33.22 -104.70
N ILE D 395 120.17 31.93 -104.41
CA ILE D 395 119.12 30.93 -104.36
C ILE D 395 118.01 31.26 -103.36
N ALA D 396 118.36 31.72 -102.15
CA ALA D 396 117.32 31.98 -101.17
C ALA D 396 116.39 33.15 -101.49
N THR D 397 115.16 33.00 -101.02
CA THR D 397 114.08 33.99 -101.10
C THR D 397 114.40 35.21 -100.23
N PRO D 398 114.18 36.45 -100.74
CA PRO D 398 114.49 37.66 -99.94
C PRO D 398 113.97 37.63 -98.50
N ALA D 399 112.76 37.12 -98.30
CA ALA D 399 112.18 37.01 -96.96
C ALA D 399 112.96 36.03 -96.10
N VAL D 400 113.40 34.93 -96.70
CA VAL D 400 114.17 33.88 -96.03
C VAL D 400 115.54 34.43 -95.61
N PHE D 401 116.17 35.25 -96.46
CA PHE D 401 117.48 35.83 -96.12
C PHE D 401 117.51 36.73 -94.89
N GLU D 402 116.47 37.53 -94.63
CA GLU D 402 116.53 38.34 -93.41
C GLU D 402 116.58 37.45 -92.16
N HIS D 403 115.77 36.40 -92.14
CA HIS D 403 115.78 35.44 -91.03
C HIS D 403 117.12 34.70 -90.89
N MET D 404 117.69 34.21 -91.99
CA MET D 404 118.95 33.47 -91.95
C MET D 404 120.12 34.27 -91.39
N GLU D 405 120.24 35.55 -91.74
CA GLU D 405 121.30 36.36 -91.17
C GLU D 405 121.19 36.48 -89.65
N GLN D 406 119.98 36.69 -89.14
CA GLN D 406 119.83 36.86 -87.70
C GLN D 406 120.06 35.58 -86.91
N CYS D 407 119.61 34.42 -87.42
CA CYS D 407 119.85 33.15 -86.71
C CYS D 407 121.33 32.86 -86.54
N ALA D 408 122.12 33.01 -87.61
CA ALA D 408 123.57 32.78 -87.52
C ALA D 408 124.18 33.70 -86.47
N VAL D 409 123.74 34.95 -86.47
CA VAL D 409 124.18 35.98 -85.52
C VAL D 409 123.74 35.64 -84.09
N LYS D 410 122.50 35.15 -83.90
CA LYS D 410 122.03 34.82 -82.56
C LYS D 410 122.92 33.78 -81.89
N LEU D 411 123.21 32.68 -82.59
CA LEU D 411 124.06 31.63 -82.03
C LEU D 411 125.40 32.14 -81.53
N ALA D 412 126.05 33.02 -82.28
CA ALA D 412 127.31 33.57 -81.83
C ALA D 412 127.12 34.49 -80.63
N LYS D 413 126.15 35.40 -80.71
CA LYS D 413 125.91 36.33 -79.61
C LYS D 413 125.55 35.62 -78.31
N MET D 414 124.69 34.62 -78.41
CA MET D 414 124.25 33.88 -77.23
C MET D 414 125.41 33.25 -76.46
N VAL D 415 126.42 32.72 -77.17
CA VAL D 415 127.53 32.03 -76.50
C VAL D 415 128.76 32.92 -76.34
N GLY D 416 128.75 34.14 -76.84
CA GLY D 416 129.95 34.93 -76.69
C GLY D 416 131.12 34.56 -77.58
N TYR D 417 130.90 34.33 -78.87
CA TYR D 417 132.01 33.95 -79.74
C TYR D 417 133.01 35.11 -79.82
N VAL D 418 134.30 34.78 -79.84
CA VAL D 418 135.34 35.78 -80.01
C VAL D 418 136.38 35.40 -81.07
N SER D 419 136.03 35.55 -82.35
CA SER D 419 136.93 35.35 -83.49
C SER D 419 136.15 35.41 -84.79
N ALA D 420 136.71 34.81 -85.84
CA ALA D 420 136.06 34.67 -87.13
C ALA D 420 135.33 33.35 -87.02
N GLY D 421 134.17 33.24 -87.65
CA GLY D 421 133.50 31.96 -87.61
C GLY D 421 132.58 31.75 -88.79
N THR D 422 132.25 30.48 -88.98
CA THR D 422 131.39 30.02 -90.05
C THR D 422 130.27 29.21 -89.44
N VAL D 423 129.04 29.61 -89.71
CA VAL D 423 127.85 28.88 -89.31
C VAL D 423 127.42 28.14 -90.56
N GLU D 424 127.45 26.81 -90.51
CA GLU D 424 127.11 26.00 -91.67
C GLU D 424 125.66 25.54 -91.58
N TYR D 425 124.93 25.71 -92.68
CA TYR D 425 123.52 25.34 -92.78
C TYR D 425 123.28 24.51 -94.02
N LEU D 426 122.27 23.66 -93.95
CA LEU D 426 121.77 22.95 -95.11
C LEU D 426 120.46 23.66 -95.44
N TYR D 427 120.36 24.19 -96.66
CA TYR D 427 119.22 24.96 -97.13
C TYR D 427 118.62 24.17 -98.27
N SER D 428 117.30 24.06 -98.34
CA SER D 428 116.70 23.32 -99.44
C SER D 428 115.97 24.25 -100.41
N GLN D 429 115.86 23.76 -101.64
CA GLN D 429 115.18 24.50 -102.69
C GLN D 429 113.75 24.80 -102.28
N ASP D 430 113.15 23.91 -101.49
CA ASP D 430 111.84 24.16 -100.92
C ASP D 430 111.83 25.51 -100.22
N GLY D 431 112.95 25.80 -99.57
CA GLY D 431 113.21 26.97 -98.76
C GLY D 431 113.33 26.67 -97.29
N SER D 432 113.35 25.39 -96.90
CA SER D 432 113.53 25.03 -95.50
C SER D 432 115.02 24.82 -95.29
N PHE D 433 115.53 25.24 -94.13
CA PHE D 433 116.95 25.07 -93.83
C PHE D 433 117.20 24.52 -92.42
N TYR D 434 118.35 23.84 -92.27
CA TYR D 434 118.81 23.26 -91.01
C TYR D 434 120.30 23.48 -90.81
N PHE D 435 120.65 23.90 -89.59
CA PHE D 435 122.03 24.06 -89.14
C PHE D 435 122.73 22.72 -89.04
N LEU D 436 123.98 22.68 -89.51
CA LEU D 436 124.82 21.47 -89.50
C LEU D 436 125.96 21.59 -88.50
N GLU D 437 126.80 22.61 -88.57
CA GLU D 437 127.91 22.72 -87.64
C GLU D 437 128.47 24.12 -87.70
N LEU D 438 129.35 24.41 -86.75
CA LEU D 438 130.10 25.66 -86.67
C LEU D 438 131.57 25.29 -86.68
N ASN D 439 132.33 25.85 -87.62
CA ASN D 439 133.75 25.62 -87.66
C ASN D 439 134.46 26.71 -86.84
N PRO D 440 135.07 26.37 -85.69
CA PRO D 440 135.63 27.43 -84.83
C PRO D 440 137.04 27.76 -85.30
N ARG D 441 137.23 27.86 -86.61
CA ARG D 441 138.56 28.00 -87.16
C ARG D 441 138.45 28.44 -88.62
N LEU D 442 139.60 28.70 -89.21
CA LEU D 442 139.67 29.04 -90.62
C LEU D 442 139.38 27.87 -91.55
N GLN D 443 138.77 28.18 -92.70
CA GLN D 443 138.55 27.22 -93.77
C GLN D 443 139.50 27.58 -94.92
N VAL D 444 139.75 26.61 -95.79
CA VAL D 444 140.59 26.89 -96.96
C VAL D 444 139.95 27.90 -97.93
N GLU D 445 138.61 27.92 -98.01
CA GLU D 445 137.83 28.77 -98.90
C GLU D 445 137.41 30.12 -98.34
N HIS D 446 137.86 30.51 -97.18
CA HIS D 446 137.52 31.82 -96.60
C HIS D 446 137.70 33.07 -97.48
N PRO D 447 138.69 33.17 -98.42
CA PRO D 447 138.72 34.38 -99.26
C PRO D 447 137.45 34.73 -100.05
N CYS D 448 136.56 33.76 -100.29
CA CYS D 448 135.29 34.05 -100.96
C CYS D 448 134.50 35.17 -100.28
N THR D 449 134.32 35.08 -98.97
CA THR D 449 133.61 36.13 -98.24
C THR D 449 134.41 37.41 -98.27
N GLU D 450 135.72 37.28 -98.05
CA GLU D 450 136.63 38.40 -98.00
C GLU D 450 136.47 39.31 -99.21
N MET D 451 136.33 38.71 -100.39
CA MET D 451 136.22 39.45 -101.64
C MET D 451 134.91 40.21 -101.78
N VAL D 452 133.81 39.67 -101.28
CA VAL D 452 132.50 40.34 -101.37
C VAL D 452 132.20 41.21 -100.16
N ALA D 453 132.74 40.85 -99.00
CA ALA D 453 132.53 41.53 -97.74
C ALA D 453 133.59 42.58 -97.44
N ASP D 454 134.71 42.60 -98.16
CA ASP D 454 135.83 43.48 -97.86
C ASP D 454 136.27 43.21 -96.42
N VAL D 455 136.40 41.93 -96.11
CA VAL D 455 136.82 41.49 -94.80
C VAL D 455 138.05 40.64 -94.96
N ASN D 456 139.14 41.05 -94.33
CA ASN D 456 140.33 40.24 -94.30
C ASN D 456 140.00 39.34 -93.10
N LEU D 457 139.61 38.10 -93.38
CA LEU D 457 139.18 37.21 -92.30
C LEU D 457 140.23 36.89 -91.25
N PRO D 458 141.43 36.41 -91.59
CA PRO D 458 142.43 36.17 -90.54
C PRO D 458 142.78 37.43 -89.77
N ALA D 459 142.72 38.60 -90.41
CA ALA D 459 142.99 39.85 -89.73
C ALA D 459 141.89 40.19 -88.73
N ALA D 460 140.66 39.89 -89.11
CA ALA D 460 139.52 40.09 -88.22
C ALA D 460 139.66 39.22 -86.97
N GLN D 461 140.14 37.99 -87.15
CA GLN D 461 140.35 37.08 -86.02
C GLN D 461 141.32 37.66 -85.01
N LEU D 462 142.39 38.29 -85.49
CA LEU D 462 143.36 38.91 -84.60
C LEU D 462 142.77 40.05 -83.77
N GLN D 463 142.07 41.00 -84.42
CA GLN D 463 141.51 42.12 -83.65
C GLN D 463 140.52 41.65 -82.59
N ILE D 464 139.69 40.70 -82.96
CA ILE D 464 138.72 40.15 -82.01
C ILE D 464 139.45 39.54 -80.81
N ALA D 465 140.56 38.86 -81.04
CA ALA D 465 141.25 38.27 -79.91
C ALA D 465 141.83 39.37 -79.03
N MET D 466 142.02 40.57 -79.57
CA MET D 466 142.45 41.72 -78.82
C MET D 466 141.28 42.46 -78.17
N GLY D 467 140.05 41.93 -78.29
CA GLY D 467 138.88 42.59 -77.74
C GLY D 467 138.35 43.80 -78.49
N ILE D 468 138.65 43.91 -79.78
CA ILE D 468 138.19 45.04 -80.59
C ILE D 468 136.72 44.86 -80.94
N PRO D 469 135.82 45.80 -80.61
CA PRO D 469 134.41 45.62 -80.99
C PRO D 469 134.20 45.67 -82.49
N LEU D 470 133.14 44.95 -82.91
CA LEU D 470 132.75 44.84 -84.32
C LEU D 470 132.66 46.18 -85.01
N TYR D 471 132.07 47.17 -84.34
CA TYR D 471 131.94 48.48 -84.98
C TYR D 471 133.29 49.15 -85.19
N ARG D 472 134.37 48.63 -84.62
CA ARG D 472 135.74 49.09 -84.79
C ARG D 472 136.57 48.23 -85.73
N ILE D 473 135.96 47.32 -86.48
CA ILE D 473 136.73 46.50 -87.41
C ILE D 473 136.62 47.19 -88.76
N LYS D 474 137.79 47.64 -89.24
CA LYS D 474 137.96 48.40 -90.47
C LYS D 474 137.18 47.80 -91.62
N ASP D 475 137.42 46.52 -91.86
CA ASP D 475 136.77 45.78 -92.92
C ASP D 475 135.26 45.93 -92.87
N ILE D 476 134.70 45.81 -91.67
CA ILE D 476 133.27 45.95 -91.43
C ILE D 476 132.84 47.41 -91.57
N ARG D 477 133.70 48.32 -91.12
CA ARG D 477 133.39 49.73 -91.16
C ARG D 477 133.09 50.19 -92.60
N MET D 478 133.99 49.88 -93.54
CA MET D 478 133.72 50.25 -94.94
C MET D 478 132.49 49.55 -95.47
N MET D 479 132.37 48.25 -95.18
CA MET D 479 131.25 47.43 -95.67
C MET D 479 129.91 48.02 -95.26
N TYR D 480 129.80 48.50 -94.03
CA TYR D 480 128.57 49.08 -93.54
C TYR D 480 128.50 50.58 -93.82
N GLY D 481 129.36 51.07 -94.71
CA GLY D 481 129.32 52.45 -95.15
C GLY D 481 129.53 53.51 -94.08
N VAL D 482 130.25 53.19 -93.00
CA VAL D 482 130.52 54.19 -91.98
C VAL D 482 131.94 54.73 -92.03
N SER D 483 132.25 55.67 -91.13
CA SER D 483 133.56 56.31 -91.05
C SER D 483 134.68 55.31 -90.74
N PRO D 484 135.81 55.33 -91.45
CA PRO D 484 136.89 54.37 -91.12
C PRO D 484 137.47 54.54 -89.71
N TRP D 485 137.45 55.75 -89.14
CA TRP D 485 138.03 56.04 -87.82
C TRP D 485 137.08 56.55 -86.73
N GLY D 486 135.77 56.58 -86.93
CA GLY D 486 134.92 57.03 -85.84
C GLY D 486 134.78 55.94 -84.79
N ASP D 487 134.32 56.31 -83.60
CA ASP D 487 134.16 55.36 -82.49
C ASP D 487 132.71 55.12 -82.11
N SER D 488 131.77 55.69 -82.87
CA SER D 488 130.35 55.55 -82.56
C SER D 488 129.89 54.10 -82.69
N PRO D 489 129.26 53.51 -81.67
CA PRO D 489 128.79 52.12 -81.82
C PRO D 489 127.70 52.07 -82.88
N ILE D 490 127.69 50.98 -83.64
CA ILE D 490 126.75 50.76 -84.74
C ILE D 490 125.73 49.72 -84.31
N ASP D 491 124.46 50.04 -84.49
CA ASP D 491 123.37 49.10 -84.23
C ASP D 491 123.21 48.30 -85.53
N PHE D 492 123.74 47.08 -85.49
CA PHE D 492 123.78 46.18 -86.63
C PHE D 492 122.38 45.72 -87.02
N GLU D 493 121.45 45.72 -86.06
CA GLU D 493 120.08 45.37 -86.36
C GLU D 493 119.45 46.47 -87.21
N ASP D 494 119.66 47.72 -86.81
CA ASP D 494 119.14 48.86 -87.56
C ASP D 494 119.78 49.00 -88.93
N SER D 495 120.96 48.41 -89.15
CA SER D 495 121.65 48.49 -90.43
C SER D 495 121.69 47.14 -91.16
N ALA D 496 120.65 46.33 -90.97
CA ALA D 496 120.54 45.04 -91.63
C ALA D 496 120.46 45.19 -93.15
N HIS D 497 119.81 46.26 -93.61
CA HIS D 497 119.63 46.57 -95.02
C HIS D 497 120.84 47.22 -95.67
N VAL D 498 121.79 47.74 -94.88
CA VAL D 498 122.96 48.41 -95.46
C VAL D 498 123.75 47.48 -96.39
N PRO D 499 124.15 46.28 -95.99
CA PRO D 499 124.94 45.46 -96.91
C PRO D 499 124.10 44.91 -98.07
N CYS D 500 124.70 44.98 -99.25
CA CYS D 500 124.20 44.54 -100.53
C CYS D 500 125.50 43.89 -100.98
N PRO D 501 125.49 42.70 -101.60
CA PRO D 501 126.78 42.09 -101.94
C PRO D 501 127.56 42.90 -102.95
N ARG D 502 128.88 42.90 -102.76
CA ARG D 502 129.80 43.60 -103.65
C ARG D 502 130.39 42.53 -104.57
N GLY D 503 129.83 42.43 -105.76
CA GLY D 503 130.20 41.47 -106.78
C GLY D 503 129.82 40.02 -106.48
N HIS D 504 130.57 39.11 -107.11
CA HIS D 504 130.38 37.67 -107.05
C HIS D 504 131.74 36.99 -106.93
N VAL D 505 131.78 35.80 -106.31
CA VAL D 505 133.01 35.02 -106.20
C VAL D 505 132.74 33.58 -106.60
N ILE D 506 133.66 33.02 -107.38
CA ILE D 506 133.66 31.61 -107.75
C ILE D 506 134.95 31.01 -107.21
N ALA D 507 134.82 29.90 -106.48
CA ALA D 507 135.96 29.14 -105.98
C ALA D 507 136.05 27.78 -106.64
N ALA D 508 137.26 27.33 -106.96
CA ALA D 508 137.44 26.02 -107.58
C ALA D 508 138.56 25.29 -106.86
N ARG D 509 138.29 24.08 -106.36
CA ARG D 509 139.34 23.29 -105.73
C ARG D 509 140.17 22.65 -106.83
N ILE D 510 141.47 22.86 -106.78
CA ILE D 510 142.40 22.34 -107.77
C ILE D 510 143.34 21.33 -107.12
N THR D 511 143.69 20.30 -107.87
CA THR D 511 144.56 19.24 -107.38
C THR D 511 145.77 19.12 -108.31
N GLY D 524 158.39 22.89 -102.04
CA GLY D 524 157.55 23.82 -101.30
C GLY D 524 156.24 23.19 -100.86
N THR D 525 155.34 24.04 -100.36
CA THR D 525 154.01 23.62 -99.93
C THR D 525 152.91 24.53 -100.42
N VAL D 526 153.22 25.76 -100.81
CA VAL D 526 152.20 26.71 -101.26
C VAL D 526 152.74 27.41 -102.49
N GLN D 527 152.09 27.21 -103.62
CA GLN D 527 152.47 27.90 -104.86
C GLN D 527 151.32 28.86 -105.18
N GLU D 528 151.57 30.16 -105.01
CA GLU D 528 150.57 31.16 -105.34
C GLU D 528 150.48 31.31 -106.84
N LEU D 529 149.32 30.96 -107.43
CA LEU D 529 149.15 31.08 -108.89
C LEU D 529 148.37 32.36 -109.09
N ASN D 530 149.07 33.39 -109.53
CA ASN D 530 148.50 34.70 -109.80
C ASN D 530 148.06 34.71 -111.26
N PHE D 531 146.91 35.33 -111.52
CA PHE D 531 146.36 35.40 -112.87
C PHE D 531 146.46 36.81 -113.42
N ARG D 532 146.96 36.88 -114.65
CA ARG D 532 147.12 38.10 -115.45
C ARG D 532 145.86 38.45 -116.20
N SER D 533 144.96 37.48 -116.40
CA SER D 533 143.71 37.72 -117.12
C SER D 533 142.79 38.63 -116.32
N ASN D 534 142.89 38.60 -115.01
CA ASN D 534 142.04 39.39 -114.13
C ASN D 534 142.76 39.76 -112.85
N LYS D 535 142.60 41.04 -112.47
CA LYS D 535 143.15 41.54 -111.21
C LYS D 535 142.27 41.08 -110.06
N ASN D 536 141.00 40.82 -110.34
CA ASN D 536 140.06 40.37 -109.33
C ASN D 536 140.07 38.86 -109.16
N VAL D 537 140.97 38.16 -109.85
CA VAL D 537 141.08 36.71 -109.74
C VAL D 537 142.52 36.43 -109.39
N TRP D 538 142.71 35.57 -108.40
CA TRP D 538 143.98 35.07 -107.93
C TRP D 538 143.78 33.67 -107.38
N GLY D 539 144.88 32.99 -107.13
CA GLY D 539 144.74 31.64 -106.60
C GLY D 539 146.05 31.08 -106.14
N TYR D 540 145.98 29.83 -105.72
CA TYR D 540 147.07 29.06 -105.19
C TYR D 540 146.92 27.56 -105.43
N PHE D 541 148.07 26.89 -105.42
CA PHE D 541 148.23 25.45 -105.49
C PHE D 541 149.23 25.04 -104.43
N SER D 542 148.91 24.02 -103.63
CA SER D 542 149.82 23.63 -102.57
C SER D 542 150.39 22.23 -102.79
N VAL D 543 151.54 22.00 -102.16
CA VAL D 543 152.27 20.73 -102.20
C VAL D 543 152.50 20.26 -100.77
N GLN D 556 149.89 18.56 -103.62
CA GLN D 556 148.88 18.17 -102.65
C GLN D 556 147.53 18.58 -103.20
N PHE D 557 147.14 19.83 -102.98
CA PHE D 557 145.86 20.33 -103.45
C PHE D 557 145.91 21.85 -103.39
N GLY D 558 144.95 22.48 -104.04
CA GLY D 558 144.88 23.93 -104.00
C GLY D 558 143.48 24.40 -104.26
N HIS D 559 143.34 25.72 -104.32
CA HIS D 559 142.07 26.37 -104.58
C HIS D 559 142.30 27.60 -105.45
N CYS D 560 141.38 27.87 -106.37
CA CYS D 560 141.40 29.11 -107.14
C CYS D 560 140.18 29.91 -106.75
N PHE D 561 140.35 31.24 -106.65
CA PHE D 561 139.27 32.14 -106.23
C PHE D 561 139.14 33.26 -107.25
N SER D 562 137.94 33.43 -107.82
CA SER D 562 137.70 34.43 -108.86
C SER D 562 136.55 35.36 -108.48
N TRP D 563 136.83 36.66 -108.28
CA TRP D 563 135.80 37.66 -108.01
C TRP D 563 135.38 38.40 -109.28
N GLY D 564 134.12 38.83 -109.29
CA GLY D 564 133.57 39.60 -110.41
C GLY D 564 132.43 40.47 -109.94
N GLU D 565 132.08 41.46 -110.75
CA GLU D 565 130.97 42.35 -110.40
C GLU D 565 129.63 41.64 -110.37
N ASN D 566 129.45 40.57 -111.15
CA ASN D 566 128.19 39.83 -111.12
C ASN D 566 128.46 38.40 -111.53
N ARG D 567 127.43 37.57 -111.34
CA ARG D 567 127.49 36.14 -111.64
C ARG D 567 128.10 35.82 -113.00
N GLU D 568 127.56 36.42 -114.07
CA GLU D 568 128.06 36.13 -115.41
C GLU D 568 129.55 36.46 -115.54
N GLU D 569 129.93 37.66 -115.13
CA GLU D 569 131.33 38.06 -115.18
C GLU D 569 132.24 37.17 -114.32
N ALA D 570 131.75 36.75 -113.14
CA ALA D 570 132.56 35.90 -112.27
C ALA D 570 132.67 34.46 -112.78
N ILE D 571 131.58 33.89 -113.28
CA ILE D 571 131.67 32.55 -113.85
C ILE D 571 132.59 32.57 -115.07
N SER D 572 132.42 33.59 -115.92
CA SER D 572 133.25 33.73 -117.11
C SER D 572 134.73 33.76 -116.77
N ASN D 573 135.11 34.59 -115.78
CA ASN D 573 136.51 34.67 -115.37
C ASN D 573 137.03 33.35 -114.81
N MET D 574 136.21 32.62 -114.05
CA MET D 574 136.66 31.34 -113.54
C MET D 574 136.94 30.34 -114.65
N VAL D 575 136.02 30.21 -115.60
CA VAL D 575 136.19 29.30 -116.73
C VAL D 575 137.50 29.59 -117.46
N VAL D 576 137.71 30.83 -117.89
CA VAL D 576 138.94 31.18 -118.59
C VAL D 576 140.15 30.90 -117.71
N ALA D 577 140.07 31.22 -116.41
CA ALA D 577 141.18 30.92 -115.52
C ALA D 577 141.38 29.41 -115.40
N LEU D 578 140.28 28.66 -115.24
CA LEU D 578 140.39 27.21 -115.19
C LEU D 578 140.78 26.63 -116.53
N LYS D 579 140.37 27.26 -117.62
CA LYS D 579 140.78 26.80 -118.94
C LYS D 579 142.28 27.00 -119.10
N GLU D 580 142.80 28.08 -118.55
CA GLU D 580 144.24 28.26 -118.54
C GLU D 580 144.87 27.22 -117.64
N LEU D 581 144.25 27.02 -116.47
CA LEU D 581 144.68 26.01 -115.50
C LEU D 581 144.59 24.57 -116.00
N SER D 582 143.66 24.27 -116.91
CA SER D 582 143.53 22.90 -117.40
C SER D 582 144.79 22.43 -118.11
N ILE D 583 145.53 23.36 -118.70
CA ILE D 583 146.79 23.06 -119.37
C ILE D 583 147.83 22.53 -118.39
N ARG D 584 147.63 22.75 -117.08
CA ARG D 584 148.52 22.21 -116.06
C ARG D 584 148.31 20.71 -115.87
N GLY D 585 149.35 20.06 -115.34
CA GLY D 585 149.38 18.63 -115.08
C GLY D 585 148.50 18.21 -113.92
N ASP D 586 148.75 18.79 -112.74
CA ASP D 586 147.96 18.45 -111.56
C ASP D 586 146.49 18.80 -111.76
N PHE D 587 146.18 19.72 -112.67
CA PHE D 587 144.83 20.15 -112.98
C PHE D 587 144.44 19.64 -114.37
N ARG D 588 144.62 18.33 -114.61
CA ARG D 588 144.26 17.71 -115.88
C ARG D 588 142.94 16.96 -115.85
N THR D 589 142.83 15.89 -115.08
CA THR D 589 141.54 15.19 -115.05
C THR D 589 140.53 16.07 -114.33
N THR D 590 140.93 16.54 -113.14
CA THR D 590 140.09 17.36 -112.28
C THR D 590 139.59 18.61 -112.99
N VAL D 591 140.49 19.31 -113.70
CA VAL D 591 140.05 20.54 -114.34
C VAL D 591 139.20 20.31 -115.58
N GLU D 592 139.21 19.12 -116.18
CA GLU D 592 138.38 18.94 -117.36
C GLU D 592 136.91 18.91 -116.93
N TYR D 593 136.60 18.03 -115.98
CA TYR D 593 135.26 17.91 -115.42
C TYR D 593 134.80 19.19 -114.74
N LEU D 594 135.73 19.95 -114.18
CA LEU D 594 135.40 21.20 -113.51
C LEU D 594 135.00 22.29 -114.50
N ILE D 595 135.78 22.45 -115.56
CA ILE D 595 135.45 23.41 -116.60
C ILE D 595 134.09 23.04 -117.19
N LYS D 596 133.91 21.74 -117.43
CA LYS D 596 132.65 21.22 -117.94
C LYS D 596 131.51 21.51 -116.99
N LEU D 597 131.65 21.10 -115.71
CA LEU D 597 130.63 21.32 -114.69
C LEU D 597 130.27 22.80 -114.54
N LEU D 598 131.26 23.67 -114.52
CA LEU D 598 130.97 25.10 -114.37
C LEU D 598 130.19 25.63 -115.57
N GLU D 599 130.39 25.05 -116.75
CA GLU D 599 129.71 25.47 -117.98
C GLU D 599 128.34 24.83 -118.16
N THR D 600 128.05 23.73 -117.44
CA THR D 600 126.75 23.06 -117.55
C THR D 600 125.59 24.01 -117.27
N GLU D 601 124.51 23.80 -118.03
CA GLU D 601 123.30 24.61 -117.92
C GLU D 601 122.79 24.60 -116.49
N SER D 602 122.88 23.45 -115.81
CA SER D 602 122.42 23.37 -114.42
C SER D 602 123.13 24.42 -113.58
N PHE D 603 124.45 24.54 -113.75
CA PHE D 603 125.17 25.58 -113.04
C PHE D 603 124.75 26.95 -113.52
N GLN D 604 124.72 27.16 -114.84
CA GLN D 604 124.28 28.44 -115.40
C GLN D 604 122.87 28.80 -114.92
N MET D 605 121.98 27.80 -114.87
CA MET D 605 120.60 27.95 -114.44
C MET D 605 120.39 27.79 -112.94
N ASN D 606 121.45 27.59 -112.16
CA ASN D 606 121.31 27.41 -110.71
C ASN D 606 120.38 26.27 -110.34
N ARG D 607 120.54 25.13 -111.02
CA ARG D 607 119.70 23.95 -110.83
C ARG D 607 120.53 22.77 -110.30
N ILE D 608 121.19 22.97 -109.14
CA ILE D 608 122.05 21.97 -108.51
C ILE D 608 121.57 21.67 -107.09
N ASP D 609 122.19 20.65 -106.47
CA ASP D 609 121.90 20.25 -105.10
C ASP D 609 123.13 19.56 -104.51
N THR D 610 123.02 19.15 -103.24
CA THR D 610 124.12 18.49 -102.53
C THR D 610 124.56 17.19 -103.17
N GLY D 611 123.68 16.49 -103.88
CA GLY D 611 124.06 15.23 -104.50
C GLY D 611 124.50 15.34 -105.95
N TRP D 612 124.34 16.53 -106.53
CA TRP D 612 124.70 16.83 -107.91
C TRP D 612 126.08 16.32 -108.32
N LEU D 613 127.14 16.92 -107.79
CA LEU D 613 128.50 16.49 -108.10
C LEU D 613 128.70 15.00 -107.87
N ASP D 614 128.20 14.49 -106.75
CA ASP D 614 128.35 13.08 -106.39
C ASP D 614 127.74 12.13 -107.41
N ARG D 615 126.81 12.57 -108.25
CA ARG D 615 126.21 11.73 -109.28
C ARG D 615 126.83 12.00 -110.66
N LEU D 616 127.60 13.07 -110.80
CA LEU D 616 128.22 13.40 -112.09
C LEU D 616 129.32 12.42 -112.46
N ILE D 617 129.87 11.68 -111.48
CA ILE D 617 130.95 10.73 -111.73
C ILE D 617 130.44 9.31 -111.57
N ARG D 625 114.78 18.95 -124.85
CA ARG D 625 113.69 19.03 -123.89
C ARG D 625 113.15 17.66 -123.42
N PRO D 626 112.11 17.64 -122.53
CA PRO D 626 111.69 16.38 -121.90
C PRO D 626 111.19 15.32 -122.84
N ASP D 627 110.87 14.17 -122.25
CA ASP D 627 110.23 13.06 -122.91
C ASP D 627 108.85 13.07 -122.30
N THR D 628 107.82 13.06 -123.16
CA THR D 628 106.43 13.22 -122.73
C THR D 628 106.06 12.49 -121.45
N MET D 629 106.23 11.17 -121.37
CA MET D 629 105.67 10.50 -120.21
C MET D 629 106.48 10.80 -118.95
N LEU D 630 107.81 10.85 -119.04
CA LEU D 630 108.59 11.44 -117.96
C LEU D 630 108.03 12.83 -117.67
N GLY D 631 107.79 13.60 -118.73
CA GLY D 631 107.20 14.92 -118.67
C GLY D 631 105.90 14.82 -117.88
N VAL D 632 104.99 13.97 -118.36
CA VAL D 632 103.72 13.77 -117.65
C VAL D 632 103.99 13.29 -116.22
N VAL D 633 104.94 12.36 -116.07
CA VAL D 633 105.26 11.82 -114.74
C VAL D 633 105.84 12.93 -113.87
N CYS D 634 107.03 13.42 -114.24
CA CYS D 634 107.68 14.48 -113.50
C CYS D 634 106.80 15.73 -113.45
N GLY D 635 105.96 15.93 -114.47
CA GLY D 635 104.93 16.96 -114.45
C GLY D 635 104.16 16.64 -113.20
N ALA D 636 103.54 15.46 -113.19
CA ALA D 636 102.72 15.03 -112.06
C ALA D 636 103.47 15.27 -110.77
N LEU D 637 104.75 14.86 -110.71
CA LEU D 637 105.52 15.12 -109.50
C LEU D 637 105.97 16.57 -109.35
N HIS D 638 105.95 17.38 -110.42
CA HIS D 638 106.16 18.80 -110.20
C HIS D 638 104.93 19.43 -109.55
N VAL D 639 103.76 19.18 -110.14
CA VAL D 639 102.48 19.64 -109.58
C VAL D 639 102.28 19.08 -108.18
N ALA D 640 102.56 17.77 -108.01
CA ALA D 640 102.47 17.11 -106.72
C ALA D 640 103.28 17.87 -105.68
N ASP D 641 104.60 17.97 -105.87
CA ASP D 641 105.49 18.63 -104.90
C ASP D 641 104.89 19.98 -104.52
N VAL D 642 104.40 20.72 -105.51
CA VAL D 642 103.78 22.02 -105.26
C VAL D 642 102.55 21.83 -104.37
N SER D 643 101.61 20.96 -104.79
CA SER D 643 100.46 20.65 -103.94
C SER D 643 100.93 20.18 -102.58
N LEU D 644 101.97 19.35 -102.58
CA LEU D 644 102.60 18.83 -101.38
C LEU D 644 103.23 19.93 -100.54
N ARG D 645 103.88 20.89 -101.20
CA ARG D 645 104.43 22.06 -100.52
C ARG D 645 103.36 22.75 -99.69
N ASN D 646 102.15 22.86 -100.22
CA ASN D 646 101.08 23.48 -99.44
C ASN D 646 100.74 22.60 -98.25
N SER D 647 100.52 21.32 -98.51
CA SER D 647 100.13 20.38 -97.46
C SER D 647 101.17 20.32 -96.35
N VAL D 648 102.44 20.33 -96.73
CA VAL D 648 103.51 20.34 -95.73
C VAL D 648 103.42 21.63 -94.93
N SER D 649 103.30 22.76 -95.63
CA SER D 649 103.25 24.06 -94.99
C SER D 649 101.99 24.22 -94.15
N ASN D 650 100.93 23.46 -94.47
CA ASN D 650 99.69 23.50 -93.72
C ASN D 650 99.85 22.74 -92.40
N PHE D 651 100.58 21.63 -92.46
CA PHE D 651 101.00 20.96 -91.23
C PHE D 651 101.80 21.88 -90.32
N LEU D 652 102.75 22.63 -90.87
CA LEU D 652 103.57 23.45 -90.01
C LEU D 652 102.78 24.55 -89.33
N HIS D 653 101.74 25.09 -89.95
CA HIS D 653 100.87 25.95 -89.17
C HIS D 653 100.25 25.29 -87.94
N SER D 654 99.36 24.32 -88.16
CA SER D 654 98.54 23.82 -87.06
C SER D 654 99.30 23.13 -85.92
N LEU D 655 100.31 22.30 -86.23
CA LEU D 655 100.97 21.56 -85.16
C LEU D 655 102.00 22.37 -84.37
N GLU D 656 102.71 23.28 -85.03
CA GLU D 656 103.62 24.13 -84.28
C GLU D 656 102.84 24.91 -83.23
N ARG D 657 101.70 25.47 -83.63
CA ARG D 657 100.86 26.18 -82.67
C ARG D 657 100.03 25.24 -81.83
N GLY D 658 99.76 24.02 -82.33
CA GLY D 658 98.98 23.02 -81.64
C GLY D 658 97.57 22.81 -82.13
N GLN D 659 97.16 23.47 -83.21
CA GLN D 659 95.84 23.20 -83.80
C GLN D 659 95.72 21.73 -84.18
N VAL D 660 94.60 21.15 -83.81
CA VAL D 660 94.28 19.75 -84.08
C VAL D 660 93.63 19.69 -85.46
N LEU D 661 94.48 19.58 -86.48
CA LEU D 661 94.08 19.58 -87.88
C LEU D 661 93.36 18.30 -88.32
N PRO D 662 92.41 18.42 -89.26
CA PRO D 662 91.78 17.23 -89.83
C PRO D 662 92.81 16.53 -90.71
N ALA D 663 92.77 15.19 -90.70
CA ALA D 663 93.75 14.41 -91.47
C ALA D 663 93.89 14.88 -92.91
N HIS D 664 92.79 15.29 -93.55
CA HIS D 664 92.74 15.27 -95.01
C HIS D 664 93.75 16.21 -95.64
N THR D 665 94.10 17.30 -94.95
CA THR D 665 94.85 18.39 -95.55
C THR D 665 96.26 18.02 -95.97
N LEU D 666 96.80 16.93 -95.43
CA LEU D 666 98.17 16.55 -95.75
C LEU D 666 98.39 16.04 -97.17
N LEU D 667 97.33 15.70 -97.91
CA LEU D 667 97.41 15.42 -99.35
C LEU D 667 98.49 14.44 -99.80
N ASN D 668 98.28 13.14 -99.61
CA ASN D 668 98.94 12.21 -100.52
C ASN D 668 98.28 12.31 -101.88
N THR D 669 96.97 12.09 -101.90
CA THR D 669 96.19 12.06 -103.13
C THR D 669 96.20 13.44 -103.77
N VAL D 670 96.71 13.53 -104.99
CA VAL D 670 96.82 14.77 -105.74
C VAL D 670 96.29 14.48 -107.12
N ASP D 671 95.67 15.50 -107.71
CA ASP D 671 94.93 15.39 -108.96
C ASP D 671 95.49 16.51 -109.84
N VAL D 672 96.30 16.12 -110.81
CA VAL D 672 96.97 17.07 -111.69
C VAL D 672 96.32 17.01 -113.06
N GLU D 673 95.91 18.16 -113.57
CA GLU D 673 95.23 18.28 -114.85
C GLU D 673 96.06 19.25 -115.67
N LEU D 674 96.72 18.76 -116.71
CA LEU D 674 97.76 19.52 -117.40
C LEU D 674 97.50 19.38 -118.89
N ILE D 675 96.99 20.44 -119.50
CA ILE D 675 96.52 20.36 -120.88
C ILE D 675 97.66 20.80 -121.80
N TYR D 676 98.20 19.82 -122.52
CA TYR D 676 99.23 20.02 -123.52
C TYR D 676 98.64 19.75 -124.89
N GLU D 677 98.73 20.74 -125.79
CA GLU D 677 98.24 20.59 -127.17
C GLU D 677 96.73 20.35 -127.21
N GLY D 678 96.00 20.78 -126.18
CA GLY D 678 94.57 20.59 -126.15
C GLY D 678 94.17 19.22 -125.62
N VAL D 679 94.95 18.20 -125.99
CA VAL D 679 94.74 16.84 -125.48
C VAL D 679 95.31 16.80 -124.06
N LYS D 680 94.48 16.46 -123.10
CA LYS D 680 94.84 16.61 -121.70
C LYS D 680 95.78 15.51 -121.25
N TYR D 681 96.64 15.87 -120.30
CA TYR D 681 97.43 14.89 -119.56
C TYR D 681 96.58 14.61 -118.33
N VAL D 682 96.17 13.36 -118.17
CA VAL D 682 95.37 12.95 -117.03
C VAL D 682 96.30 12.31 -116.01
N LEU D 683 96.31 12.87 -114.80
CA LEU D 683 97.20 12.41 -113.75
C LEU D 683 96.53 12.43 -112.39
N LYS D 684 97.07 11.58 -111.54
CA LYS D 684 96.92 11.68 -110.11
C LYS D 684 98.32 11.45 -109.57
N VAL D 685 98.58 11.97 -108.38
CA VAL D 685 99.83 11.70 -107.70
C VAL D 685 99.48 11.40 -106.26
N THR D 686 99.83 10.20 -105.82
CA THR D 686 99.62 9.79 -104.45
C THR D 686 100.97 9.50 -103.81
N ARG D 687 101.22 10.19 -102.71
CA ARG D 687 102.40 9.94 -101.91
C ARG D 687 102.22 8.58 -101.28
N GLN D 688 103.16 7.66 -101.51
CA GLN D 688 102.92 6.27 -101.18
C GLN D 688 103.76 5.83 -99.99
N SER D 689 104.85 6.55 -99.71
CA SER D 689 105.86 6.26 -98.71
C SER D 689 106.75 7.50 -98.68
N PRO D 690 107.32 7.91 -97.54
CA PRO D 690 108.17 9.12 -97.51
C PRO D 690 109.19 9.20 -98.63
N ASN D 691 109.69 8.04 -99.09
CA ASN D 691 110.61 7.98 -100.21
C ASN D 691 109.89 7.72 -101.53
N SER D 692 108.83 6.91 -101.54
CA SER D 692 108.23 6.41 -102.76
C SER D 692 106.96 7.17 -103.09
N TYR D 693 106.82 7.53 -104.37
CA TYR D 693 105.72 8.32 -104.86
C TYR D 693 105.08 7.53 -106.01
N VAL D 694 103.76 7.49 -106.08
CA VAL D 694 103.05 6.79 -107.16
C VAL D 694 102.15 7.76 -107.92
N VAL D 695 102.41 7.88 -109.22
CA VAL D 695 101.60 8.66 -110.14
C VAL D 695 100.58 7.72 -110.76
N ILE D 696 99.32 8.10 -110.67
CA ILE D 696 98.21 7.26 -111.10
C ILE D 696 97.37 8.02 -112.12
N MET D 697 97.45 7.58 -113.37
CA MET D 697 96.77 8.20 -114.49
C MET D 697 95.59 7.27 -114.77
N ASN D 698 94.38 7.73 -114.40
CA ASN D 698 93.09 7.17 -114.82
C ASN D 698 93.04 5.66 -114.67
N GLY D 699 93.70 5.14 -113.64
CA GLY D 699 93.76 3.70 -113.41
C GLY D 699 95.04 3.07 -113.89
N SER D 700 96.19 3.66 -113.55
CA SER D 700 97.48 3.06 -113.82
C SER D 700 98.41 3.33 -112.65
N CYS D 701 99.55 2.63 -112.64
CA CYS D 701 100.48 2.71 -111.52
C CYS D 701 101.91 2.78 -112.04
N VAL D 702 102.56 3.93 -111.83
CA VAL D 702 103.98 4.08 -112.05
C VAL D 702 104.53 4.54 -110.71
N GLU D 703 105.54 3.84 -110.24
CA GLU D 703 106.08 4.00 -108.90
C GLU D 703 107.45 4.64 -108.99
N VAL D 704 107.64 5.78 -108.32
CA VAL D 704 108.92 6.45 -108.35
C VAL D 704 109.32 6.67 -106.91
N ASP D 705 110.61 6.97 -106.73
CA ASP D 705 111.17 7.37 -105.47
C ASP D 705 112.18 8.48 -105.75
N VAL D 706 112.45 9.30 -104.73
CA VAL D 706 113.22 10.51 -104.89
C VAL D 706 114.27 10.51 -103.79
N HIS D 707 115.05 11.58 -103.70
CA HIS D 707 115.81 11.83 -102.50
C HIS D 707 115.85 13.33 -102.20
N LEU D 714 117.87 17.05 -104.42
CA LEU D 714 116.96 16.10 -105.03
C LEU D 714 117.61 15.06 -105.93
N LEU D 715 117.50 13.78 -105.55
CA LEU D 715 117.84 12.69 -106.45
C LEU D 715 116.55 11.98 -106.82
N LEU D 716 116.38 11.66 -108.09
CA LEU D 716 115.28 10.83 -108.51
C LEU D 716 115.80 9.58 -109.19
N SER D 717 115.18 8.46 -108.85
CA SER D 717 115.52 7.17 -109.42
C SER D 717 114.24 6.77 -110.13
N TYR D 718 114.33 6.38 -111.40
CA TYR D 718 113.14 6.02 -112.14
C TYR D 718 113.53 4.78 -112.94
N ASP D 719 112.74 4.39 -113.95
CA ASP D 719 113.21 3.44 -114.93
C ASP D 719 114.58 3.81 -115.49
N GLY D 720 114.68 4.98 -116.09
CA GLY D 720 115.81 5.28 -116.96
C GLY D 720 117.13 5.43 -116.26
N SER D 721 117.26 6.48 -115.45
CA SER D 721 118.54 6.98 -114.97
C SER D 721 118.28 7.84 -113.74
N SER D 722 119.26 8.65 -113.36
CA SER D 722 119.18 9.49 -112.17
C SER D 722 118.94 10.91 -112.66
N TYR D 723 117.98 11.61 -112.07
CA TYR D 723 117.54 12.90 -112.58
C TYR D 723 117.41 13.91 -111.46
N THR D 724 117.37 15.18 -111.85
CA THR D 724 117.22 16.28 -110.93
C THR D 724 116.09 17.14 -111.47
N THR D 725 115.08 17.41 -110.64
CA THR D 725 113.95 18.21 -111.08
C THR D 725 113.71 19.31 -110.07
N TYR D 726 113.36 20.50 -110.57
CA TYR D 726 113.02 21.64 -109.73
C TYR D 726 111.77 22.32 -110.21
N MET D 727 111.04 22.90 -109.26
CA MET D 727 109.74 23.47 -109.51
C MET D 727 109.79 24.90 -108.99
N LYS D 728 109.62 25.84 -109.90
CA LYS D 728 109.50 27.25 -109.62
C LYS D 728 108.07 27.62 -109.98
N GLU D 729 107.35 28.25 -109.07
CA GLU D 729 105.98 28.65 -109.31
C GLU D 729 105.85 30.14 -109.53
N GLU D 730 104.95 30.48 -110.45
CA GLU D 730 104.55 31.84 -110.74
C GLU D 730 103.04 31.95 -110.58
N VAL D 731 102.60 33.20 -110.40
CA VAL D 731 101.23 33.66 -110.51
C VAL D 731 100.33 33.02 -111.57
N ASP D 732 100.77 32.97 -112.85
CA ASP D 732 99.90 32.55 -113.95
C ASP D 732 100.54 31.57 -114.95
N ARG D 733 101.61 30.88 -114.61
CA ARG D 733 102.27 29.96 -115.52
C ARG D 733 102.54 28.65 -114.81
N TYR D 734 102.77 27.59 -115.60
CA TYR D 734 102.97 26.25 -115.07
C TYR D 734 104.34 25.89 -115.61
N ARG D 735 105.32 25.87 -114.72
CA ARG D 735 106.71 26.08 -115.10
C ARG D 735 107.59 24.92 -114.67
N ILE D 736 107.97 24.05 -115.59
CA ILE D 736 108.54 22.75 -115.24
C ILE D 736 110.00 22.73 -115.66
N THR D 737 110.86 22.32 -114.73
CA THR D 737 112.28 22.11 -114.99
C THR D 737 112.67 20.69 -114.63
N ILE D 738 113.17 19.94 -115.61
CA ILE D 738 113.52 18.53 -115.41
C ILE D 738 115.01 18.41 -115.70
N GLY D 739 115.84 18.86 -114.77
CA GLY D 739 117.29 18.87 -115.00
C GLY D 739 117.69 20.17 -115.65
N ASN D 740 118.27 20.09 -116.85
CA ASN D 740 118.73 21.24 -117.61
C ASN D 740 117.67 21.70 -118.59
N LYS D 741 116.48 21.12 -118.51
CA LYS D 741 115.41 21.30 -119.48
C LYS D 741 114.31 22.11 -118.80
N THR D 742 113.72 23.06 -119.51
CA THR D 742 112.54 23.77 -119.02
C THR D 742 111.40 23.54 -120.00
N CYS D 743 110.19 23.39 -119.46
CA CYS D 743 108.98 23.41 -120.27
C CYS D 743 107.84 24.06 -119.51
N VAL D 744 107.00 24.76 -120.27
CA VAL D 744 105.96 25.62 -119.73
C VAL D 744 104.65 25.18 -120.36
N PHE D 745 103.63 25.11 -119.52
CA PHE D 745 102.30 24.58 -119.80
C PHE D 745 101.24 25.59 -119.39
N GLU D 746 100.09 25.41 -120.01
CA GLU D 746 98.96 26.28 -119.80
C GLU D 746 98.20 25.78 -118.59
N LYS D 747 97.67 26.74 -117.85
CA LYS D 747 96.76 26.54 -116.73
C LYS D 747 95.33 26.93 -117.05
N GLU D 748 94.43 25.98 -116.83
CA GLU D 748 93.03 26.07 -117.16
C GLU D 748 92.14 25.33 -116.18
N SER D 752 90.03 24.91 -121.90
CA SER D 752 88.69 24.75 -122.40
C SER D 752 87.67 24.85 -121.26
N VAL D 753 88.08 24.45 -120.05
CA VAL D 753 87.21 24.58 -118.87
C VAL D 753 87.65 25.73 -117.99
N MET D 754 86.66 26.49 -117.52
CA MET D 754 86.84 27.62 -116.61
C MET D 754 86.51 27.15 -115.21
N ARG D 755 87.51 27.01 -114.34
CA ARG D 755 87.30 26.44 -113.01
C ARG D 755 87.26 27.59 -112.01
N SER D 756 86.13 27.71 -111.31
CA SER D 756 86.05 28.62 -110.20
C SER D 756 87.00 28.20 -109.07
N PRO D 757 87.60 29.16 -108.35
CA PRO D 757 88.53 28.80 -107.27
C PRO D 757 87.94 28.96 -105.87
N SER D 758 86.63 29.19 -105.75
CA SER D 758 86.04 29.48 -104.47
C SER D 758 84.57 29.10 -104.43
N ALA D 759 84.07 28.92 -103.22
CA ALA D 759 82.70 28.50 -102.94
C ALA D 759 81.83 29.74 -102.75
N GLY D 760 80.60 29.54 -102.31
CA GLY D 760 79.63 30.61 -102.04
C GLY D 760 78.56 30.74 -103.11
N LYS D 761 77.74 31.77 -102.95
CA LYS D 761 76.68 32.05 -103.91
C LYS D 761 77.20 32.58 -105.22
N LEU D 762 76.44 32.33 -106.29
CA LEU D 762 76.63 32.95 -107.58
C LEU D 762 75.64 34.12 -107.52
N ILE D 763 76.17 35.33 -107.35
CA ILE D 763 75.32 36.52 -107.32
C ILE D 763 74.70 36.74 -108.70
N GLN D 764 75.53 36.96 -109.70
CA GLN D 764 75.07 37.38 -111.00
C GLN D 764 76.14 37.02 -112.02
N TYR D 765 75.80 37.20 -113.28
CA TYR D 765 76.69 36.91 -114.39
C TYR D 765 76.86 38.20 -115.19
N ILE D 766 78.10 38.63 -115.34
CA ILE D 766 78.40 39.94 -115.94
C ILE D 766 78.53 39.86 -117.45
N VAL D 767 78.30 38.68 -118.03
CA VAL D 767 78.38 38.46 -119.46
C VAL D 767 76.95 38.09 -119.82
N GLU D 768 76.71 37.50 -120.99
CA GLU D 768 75.44 36.86 -121.32
C GLU D 768 75.74 35.52 -121.99
N ASP D 769 74.68 34.73 -122.17
CA ASP D 769 74.81 33.47 -122.87
C ASP D 769 75.38 33.67 -124.26
N GLY D 770 76.16 32.68 -124.70
CA GLY D 770 76.80 32.71 -126.00
C GLY D 770 77.69 33.91 -126.24
N GLY D 771 78.42 34.35 -125.21
CA GLY D 771 79.24 35.55 -125.31
C GLY D 771 80.73 35.24 -125.18
N HIS D 772 81.51 35.69 -126.14
CA HIS D 772 82.97 35.60 -126.04
C HIS D 772 83.53 36.48 -124.93
N VAL D 773 84.55 35.95 -124.23
CA VAL D 773 85.23 36.64 -123.14
C VAL D 773 86.74 36.50 -123.37
N PHE D 774 87.53 37.14 -122.50
CA PHE D 774 88.98 37.16 -122.61
C PHE D 774 89.61 36.51 -121.38
N ALA D 775 90.92 36.29 -121.46
CA ALA D 775 91.72 36.12 -120.25
C ALA D 775 91.65 37.39 -119.41
N GLY D 776 91.58 37.19 -118.10
CA GLY D 776 91.66 38.26 -117.11
C GLY D 776 90.43 39.15 -117.10
N GLN D 777 89.39 38.77 -117.83
CA GLN D 777 88.16 39.53 -117.98
C GLN D 777 87.18 38.97 -116.97
N CYS D 778 86.57 39.84 -116.16
CA CYS D 778 85.54 39.33 -115.28
C CYS D 778 84.46 38.66 -116.13
N TYR D 779 84.03 37.49 -115.67
CA TYR D 779 82.97 36.71 -116.29
C TYR D 779 81.90 36.27 -115.31
N ALA D 780 82.20 36.22 -114.02
CA ALA D 780 81.17 35.98 -113.03
C ALA D 780 81.54 36.78 -111.80
N GLU D 781 80.63 36.78 -110.83
CA GLU D 781 80.89 37.39 -109.53
C GLU D 781 80.15 36.58 -108.49
N ILE D 782 80.80 36.25 -107.37
CA ILE D 782 80.24 35.33 -106.39
C ILE D 782 80.28 36.02 -105.03
N GLU D 783 79.56 35.43 -104.06
CA GLU D 783 79.47 35.96 -102.71
C GLU D 783 80.14 35.03 -101.73
N VAL D 784 81.24 35.48 -101.14
CA VAL D 784 81.96 34.72 -100.13
C VAL D 784 82.18 35.69 -98.98
N MET D 785 81.83 35.28 -97.77
CA MET D 785 82.02 36.08 -96.56
C MET D 785 81.23 37.39 -96.60
N LYS D 786 80.16 37.47 -97.41
CA LYS D 786 79.36 38.69 -97.60
C LYS D 786 79.95 39.74 -98.54
N MET D 787 80.80 39.33 -99.50
CA MET D 787 81.58 40.28 -100.30
C MET D 787 81.70 39.79 -101.73
N VAL D 788 82.02 40.74 -102.61
CA VAL D 788 82.14 40.50 -104.04
C VAL D 788 83.44 39.74 -104.32
N MET D 789 83.52 39.12 -105.49
CA MET D 789 84.73 38.40 -105.86
C MET D 789 84.94 38.42 -107.37
N THR D 790 86.07 38.99 -107.76
CA THR D 790 86.65 38.88 -109.10
C THR D 790 86.90 37.43 -109.49
N LEU D 791 86.05 36.86 -110.34
CA LEU D 791 86.35 35.55 -110.94
C LEU D 791 87.32 35.82 -112.08
N THR D 792 88.61 35.92 -111.74
CA THR D 792 89.61 36.02 -112.79
C THR D 792 89.61 34.80 -113.72
N ALA D 793 89.45 35.07 -115.01
CA ALA D 793 89.62 34.12 -116.09
C ALA D 793 91.09 33.95 -116.42
N VAL D 794 91.45 32.79 -116.97
CA VAL D 794 92.86 32.49 -117.22
C VAL D 794 93.12 32.26 -118.70
N GLU D 795 92.09 32.04 -119.52
CA GLU D 795 92.23 31.82 -120.95
C GLU D 795 91.02 32.40 -121.67
N SER D 796 91.25 32.90 -122.87
CA SER D 796 90.23 33.59 -123.65
C SER D 796 89.39 32.59 -124.45
N GLY D 797 88.09 32.82 -124.49
CA GLY D 797 87.22 32.02 -125.34
C GLY D 797 85.77 32.22 -124.96
N CYS D 798 84.90 31.43 -125.60
CA CYS D 798 83.46 31.63 -125.51
C CYS D 798 82.85 30.81 -124.38
N ILE D 799 82.07 31.47 -123.54
CA ILE D 799 81.46 30.82 -122.40
C ILE D 799 80.25 30.01 -122.86
N HIS D 800 80.25 28.72 -122.53
CA HIS D 800 79.08 27.85 -122.69
C HIS D 800 78.36 27.86 -121.35
N TYR D 801 77.47 28.82 -121.17
CA TYR D 801 76.86 29.07 -119.87
C TYR D 801 76.01 27.90 -119.42
N VAL D 802 76.33 27.34 -118.25
CA VAL D 802 75.57 26.25 -117.66
C VAL D 802 75.16 26.61 -116.23
N LYS D 803 76.11 27.14 -115.44
CA LYS D 803 75.93 27.29 -114.00
C LYS D 803 74.75 28.20 -113.67
N ARG D 804 73.75 27.63 -113.01
CA ARG D 804 72.50 28.34 -112.77
C ARG D 804 72.62 29.15 -111.48
N PRO D 805 72.40 30.48 -111.51
CA PRO D 805 72.77 31.31 -110.35
C PRO D 805 71.74 31.21 -109.24
N GLY D 806 71.89 32.01 -108.20
CA GLY D 806 71.02 31.95 -107.04
C GLY D 806 71.43 30.93 -106.00
N ALA D 807 72.25 29.94 -106.37
CA ALA D 807 72.66 28.84 -105.50
C ALA D 807 74.16 28.94 -105.22
N ALA D 808 74.68 27.94 -104.49
CA ALA D 808 76.03 27.98 -103.99
C ALA D 808 77.05 27.52 -105.04
N LEU D 809 78.32 27.82 -104.75
CA LEU D 809 79.46 27.33 -105.51
C LEU D 809 80.12 26.22 -104.68
N ASP D 810 81.21 25.67 -105.22
CA ASP D 810 81.96 24.61 -104.58
C ASP D 810 83.44 24.84 -104.83
N PRO D 811 84.33 24.34 -103.98
CA PRO D 811 85.78 24.46 -104.26
C PRO D 811 86.16 23.74 -105.54
N GLY D 812 86.67 24.49 -106.51
CA GLY D 812 87.17 23.90 -107.73
C GLY D 812 86.13 23.55 -108.75
N CYS D 813 84.99 24.22 -108.73
CA CYS D 813 83.89 23.91 -109.64
C CYS D 813 84.01 24.72 -110.92
N VAL D 814 83.11 24.45 -111.86
CA VAL D 814 83.13 25.05 -113.20
C VAL D 814 81.90 25.92 -113.35
N LEU D 815 82.13 27.21 -113.62
CA LEU D 815 81.03 28.10 -113.94
C LEU D 815 80.48 27.82 -115.34
N ALA D 816 81.38 27.59 -116.29
CA ALA D 816 80.98 27.29 -117.66
C ALA D 816 82.21 26.95 -118.50
N LYS D 817 82.02 26.65 -119.79
CA LYS D 817 83.06 26.07 -120.61
C LYS D 817 83.38 26.93 -121.82
N MET D 818 84.58 26.72 -122.34
CA MET D 818 85.01 27.25 -123.63
C MET D 818 85.83 26.15 -124.30
N GLN D 819 86.61 26.49 -125.31
CA GLN D 819 87.58 25.57 -125.88
C GLN D 819 88.91 26.28 -126.06
N LEU D 820 89.98 25.50 -125.90
CA LEU D 820 91.33 26.02 -126.03
C LEU D 820 91.56 26.52 -127.44
N ASP D 821 91.58 27.84 -127.60
CA ASP D 821 91.63 28.45 -128.93
C ASP D 821 93.06 28.47 -129.45
N HIS D 832 94.88 11.65 -124.59
CA HIS D 832 94.12 11.99 -123.39
C HIS D 832 94.53 11.10 -122.23
N THR D 833 94.66 9.81 -122.50
CA THR D 833 94.95 8.80 -121.51
C THR D 833 96.40 8.34 -121.62
N GLY D 834 96.88 7.71 -120.55
CA GLY D 834 98.24 7.22 -120.49
C GLY D 834 98.46 6.21 -119.39
N SER D 835 99.24 5.18 -119.67
CA SER D 835 99.61 4.16 -118.69
C SER D 835 101.04 3.72 -118.96
N LEU D 836 101.78 3.45 -117.89
CA LEU D 836 103.23 3.30 -117.97
C LEU D 836 103.66 1.99 -117.30
N PRO D 837 103.95 0.94 -118.06
CA PRO D 837 104.74 -0.16 -117.48
C PRO D 837 106.21 0.25 -117.39
N ARG D 838 106.69 0.61 -116.21
CA ARG D 838 108.06 1.11 -116.05
C ARG D 838 108.53 0.77 -114.65
N ILE D 839 109.44 -0.19 -114.56
CA ILE D 839 110.05 -0.56 -113.29
C ILE D 839 110.94 0.58 -112.81
N LYS D 848 121.66 -10.69 -102.39
CA LYS D 848 120.49 -9.85 -102.59
C LYS D 848 119.32 -10.44 -101.79
N LEU D 849 119.29 -11.78 -101.61
CA LEU D 849 118.19 -12.38 -100.86
C LEU D 849 118.28 -11.89 -99.43
N HIS D 850 119.50 -11.62 -98.99
CA HIS D 850 119.76 -10.94 -97.73
C HIS D 850 118.96 -9.65 -97.71
N ARG D 851 119.07 -8.87 -98.79
CA ARG D 851 118.30 -7.64 -98.93
C ARG D 851 116.82 -7.91 -99.16
N VAL D 852 116.46 -8.94 -99.94
CA VAL D 852 115.04 -9.27 -100.13
C VAL D 852 114.30 -9.37 -98.80
N PHE D 853 114.82 -10.14 -97.85
CA PHE D 853 114.22 -10.04 -96.53
C PHE D 853 114.14 -8.61 -96.00
N HIS D 854 115.28 -8.03 -95.63
CA HIS D 854 115.33 -6.69 -95.05
C HIS D 854 114.67 -5.58 -95.89
N TYR D 855 115.01 -5.52 -97.18
CA TYR D 855 114.48 -4.48 -98.08
C TYR D 855 112.96 -4.49 -98.16
N VAL D 856 112.37 -5.65 -98.50
CA VAL D 856 110.91 -5.76 -98.62
C VAL D 856 110.25 -5.33 -97.32
N LEU D 857 110.93 -5.56 -96.21
CA LEU D 857 110.38 -5.24 -94.90
C LEU D 857 110.42 -3.73 -94.70
N ASP D 858 111.52 -3.10 -95.11
CA ASP D 858 111.66 -1.67 -94.90
C ASP D 858 110.58 -0.95 -95.71
N ASN D 859 110.35 -1.39 -96.93
CA ASN D 859 109.24 -0.87 -97.72
C ASN D 859 107.93 -1.06 -96.96
N LEU D 860 107.82 -2.23 -96.32
CA LEU D 860 106.61 -2.64 -95.62
C LEU D 860 106.36 -1.86 -94.34
N VAL D 861 107.40 -1.62 -93.54
CA VAL D 861 107.20 -0.78 -92.34
C VAL D 861 106.79 0.65 -92.69
N ASN D 862 107.21 1.19 -93.82
CA ASN D 862 106.64 2.47 -94.22
C ASN D 862 105.20 2.29 -94.69
N VAL D 863 104.95 1.20 -95.41
CA VAL D 863 103.58 0.84 -95.80
C VAL D 863 102.72 0.68 -94.55
N MET D 864 103.23 -0.04 -93.56
CA MET D 864 102.47 -0.62 -92.46
C MET D 864 102.61 0.18 -91.17
N ASN D 865 103.37 1.28 -91.20
CA ASN D 865 103.24 2.28 -90.15
C ASN D 865 101.94 3.06 -90.30
N GLY D 866 101.29 3.00 -91.46
CA GLY D 866 100.05 3.72 -91.67
C GLY D 866 100.20 4.88 -92.62
N TYR D 867 100.94 4.71 -93.72
CA TYR D 867 101.11 5.83 -94.64
C TYR D 867 99.83 6.29 -95.30
N CYS D 868 99.12 5.38 -95.97
CA CYS D 868 97.79 5.48 -96.59
C CYS D 868 97.86 4.52 -97.77
N LEU D 869 96.76 3.88 -98.08
CA LEU D 869 96.74 2.95 -99.19
C LEU D 869 96.02 3.67 -100.32
N PRO D 870 96.60 3.75 -101.52
CA PRO D 870 95.89 4.49 -102.57
C PRO D 870 94.64 3.81 -103.07
N ASP D 871 94.67 2.49 -103.31
CA ASP D 871 93.54 1.84 -103.94
C ASP D 871 93.28 0.42 -103.45
N PRO D 872 92.24 -0.24 -103.98
CA PRO D 872 91.98 -1.64 -103.59
C PRO D 872 93.12 -2.53 -103.98
N PHE D 873 93.66 -2.28 -105.18
CA PHE D 873 94.76 -2.95 -105.87
C PHE D 873 95.91 -3.30 -104.93
N PHE D 874 96.02 -2.58 -103.81
CA PHE D 874 97.03 -2.87 -102.79
C PHE D 874 96.95 -4.34 -102.39
N SER D 875 95.74 -4.85 -102.17
CA SER D 875 95.43 -6.19 -101.66
C SER D 875 96.04 -7.30 -102.52
N SER D 876 96.48 -6.96 -103.72
CA SER D 876 97.23 -7.84 -104.61
C SER D 876 98.70 -7.78 -104.17
N LYS D 877 99.19 -6.57 -103.90
CA LYS D 877 100.61 -6.29 -103.73
C LYS D 877 101.19 -7.07 -102.57
N VAL D 878 100.49 -7.09 -101.45
CA VAL D 878 100.96 -7.76 -100.24
C VAL D 878 101.09 -9.27 -100.34
N LYS D 879 100.32 -9.96 -101.18
CA LYS D 879 100.41 -11.43 -101.12
C LYS D 879 101.77 -11.92 -101.61
N ASP D 880 102.24 -11.40 -102.74
CA ASP D 880 103.58 -11.75 -103.20
C ASP D 880 104.62 -11.37 -102.14
N TRP D 881 104.55 -10.12 -101.65
CA TRP D 881 105.49 -9.63 -100.65
C TRP D 881 105.61 -10.57 -99.47
N VAL D 882 104.47 -11.11 -99.04
CA VAL D 882 104.31 -11.60 -97.68
C VAL D 882 104.36 -13.11 -97.63
N GLU D 883 103.83 -13.77 -98.66
CA GLU D 883 104.15 -15.17 -98.83
C GLU D 883 105.63 -15.30 -99.15
N ARG D 884 106.20 -14.43 -100.00
CA ARG D 884 107.64 -14.55 -100.20
C ARG D 884 108.37 -14.40 -98.88
N LEU D 885 107.92 -13.44 -98.08
CA LEU D 885 108.53 -13.22 -96.78
C LEU D 885 108.37 -14.43 -95.87
N MET D 886 107.12 -14.75 -95.51
CA MET D 886 106.89 -15.82 -94.54
C MET D 886 107.62 -17.08 -94.96
N LYS D 887 107.47 -17.44 -96.23
CA LYS D 887 108.12 -18.64 -96.75
C LYS D 887 109.63 -18.49 -96.80
N THR D 888 110.13 -17.34 -97.30
CA THR D 888 111.57 -17.05 -97.34
C THR D 888 112.17 -16.74 -95.98
N LEU D 889 111.38 -16.58 -94.93
CA LEU D 889 111.95 -16.32 -93.62
C LEU D 889 112.18 -17.62 -92.88
N ARG D 890 111.46 -18.66 -93.30
CA ARG D 890 111.69 -19.99 -92.76
C ARG D 890 112.94 -20.53 -93.44
N ASP D 891 113.09 -20.22 -94.75
CA ASP D 891 114.15 -20.64 -95.66
C ASP D 891 115.52 -20.39 -95.05
N PRO D 892 116.23 -21.43 -94.62
CA PRO D 892 117.54 -21.22 -93.99
C PRO D 892 118.68 -20.86 -94.93
N SER D 893 118.43 -20.44 -96.19
CA SER D 893 119.53 -19.88 -96.95
C SER D 893 119.74 -18.39 -96.69
N LEU D 894 118.93 -17.78 -95.82
CA LEU D 894 119.13 -16.39 -95.45
C LEU D 894 120.42 -16.25 -94.64
N PRO D 895 120.57 -16.96 -93.50
CA PRO D 895 121.74 -16.78 -92.62
C PRO D 895 123.08 -16.85 -93.30
N LEU D 896 123.26 -17.71 -94.31
CA LEU D 896 124.52 -17.70 -95.06
C LEU D 896 124.82 -16.29 -95.56
N LEU D 897 123.85 -15.63 -96.16
CA LEU D 897 124.11 -14.29 -96.66
C LEU D 897 124.21 -13.30 -95.50
N GLU D 898 123.53 -13.59 -94.39
CA GLU D 898 123.62 -12.74 -93.21
C GLU D 898 124.92 -12.93 -92.44
N LEU D 899 125.42 -14.16 -92.37
CA LEU D 899 126.78 -14.35 -91.89
C LEU D 899 127.81 -13.96 -92.91
N GLN D 900 127.44 -13.93 -94.19
CA GLN D 900 128.35 -13.33 -95.15
C GLN D 900 128.58 -11.87 -94.82
N ASP D 901 127.50 -11.12 -94.64
CA ASP D 901 127.62 -9.71 -94.95
C ASP D 901 128.23 -8.94 -93.78
N ILE D 902 127.83 -9.25 -92.55
CA ILE D 902 128.51 -8.67 -91.39
C ILE D 902 129.94 -9.18 -91.30
N MET D 903 130.15 -10.50 -91.41
CA MET D 903 131.50 -11.05 -91.27
C MET D 903 132.40 -10.75 -92.46
N THR D 904 131.89 -10.15 -93.53
CA THR D 904 132.78 -9.77 -94.62
C THR D 904 133.33 -8.39 -94.36
N SER D 905 132.50 -7.53 -93.79
CA SER D 905 132.91 -6.18 -93.53
C SER D 905 133.60 -6.09 -92.18
N VAL D 906 133.59 -7.19 -91.38
CA VAL D 906 134.39 -7.28 -90.17
C VAL D 906 135.21 -8.56 -90.24
N SER D 907 135.85 -8.79 -91.38
CA SER D 907 136.74 -9.94 -91.47
C SER D 907 138.00 -9.69 -90.66
N GLY D 908 138.48 -8.45 -90.65
CA GLY D 908 139.56 -8.02 -89.79
C GLY D 908 139.14 -7.65 -88.38
N ARG D 909 140.12 -7.06 -87.67
CA ARG D 909 140.05 -6.57 -86.29
C ARG D 909 139.70 -7.68 -85.30
N ILE D 910 139.91 -8.92 -85.75
CA ILE D 910 139.21 -10.11 -85.29
C ILE D 910 140.26 -10.88 -84.50
N PRO D 911 139.95 -11.54 -83.39
CA PRO D 911 140.91 -12.52 -82.83
C PRO D 911 140.77 -13.86 -83.55
N PRO D 912 141.82 -14.28 -84.30
CA PRO D 912 141.72 -15.46 -85.19
C PRO D 912 141.35 -16.79 -84.56
N ASN D 913 141.60 -17.03 -83.28
CA ASN D 913 141.15 -18.28 -82.68
C ASN D 913 139.64 -18.40 -82.82
N VAL D 914 138.94 -17.33 -82.50
CA VAL D 914 137.49 -17.30 -82.47
C VAL D 914 136.94 -17.20 -83.88
N GLU D 915 137.66 -16.47 -84.72
CA GLU D 915 137.34 -16.30 -86.13
C GLU D 915 137.44 -17.58 -86.94
N LYS D 916 138.55 -18.30 -86.81
CA LYS D 916 138.67 -19.54 -87.54
C LYS D 916 137.65 -20.57 -87.10
N SER D 917 137.26 -20.56 -85.83
CA SER D 917 136.18 -21.45 -85.41
C SER D 917 134.85 -21.04 -86.01
N ILE D 918 134.47 -19.77 -85.85
CA ILE D 918 133.19 -19.30 -86.38
C ILE D 918 133.20 -19.36 -87.90
N LYS D 919 134.34 -19.10 -88.55
CA LYS D 919 134.30 -19.02 -90.00
C LYS D 919 134.24 -20.42 -90.57
N LYS D 920 134.71 -21.41 -89.81
CA LYS D 920 134.48 -22.80 -90.17
C LYS D 920 132.98 -23.07 -90.20
N GLU D 921 132.27 -22.63 -89.16
CA GLU D 921 130.95 -23.18 -88.95
C GLU D 921 129.92 -22.49 -89.82
N MET D 922 130.21 -21.29 -90.32
CA MET D 922 129.40 -20.79 -91.42
C MET D 922 129.60 -21.66 -92.64
N ALA D 923 130.87 -21.98 -92.94
CA ALA D 923 131.21 -22.89 -94.02
C ALA D 923 130.43 -24.18 -93.89
N GLN D 924 130.27 -24.66 -92.65
CA GLN D 924 129.45 -25.82 -92.36
C GLN D 924 128.09 -25.48 -91.79
N TYR D 925 127.72 -24.21 -91.70
CA TYR D 925 126.33 -23.86 -91.93
C TYR D 925 125.99 -24.11 -93.40
N ALA D 926 126.91 -23.70 -94.27
CA ALA D 926 126.77 -23.87 -95.73
C ALA D 926 126.79 -25.33 -96.17
N SER D 927 127.65 -26.16 -95.58
CA SER D 927 127.65 -27.57 -95.98
C SER D 927 126.40 -28.31 -95.51
N ASN D 928 125.89 -28.00 -94.32
CA ASN D 928 124.76 -28.72 -93.75
C ASN D 928 123.43 -28.04 -94.06
N ILE D 929 123.44 -26.99 -94.89
CA ILE D 929 122.20 -26.34 -95.27
C ILE D 929 121.40 -27.30 -96.15
N THR D 930 120.08 -27.13 -96.14
CA THR D 930 119.08 -27.94 -96.85
C THR D 930 118.84 -29.22 -96.05
N SER D 931 119.44 -29.38 -94.87
CA SER D 931 118.99 -30.42 -93.95
C SER D 931 117.72 -30.00 -93.24
N VAL D 932 116.95 -31.02 -92.85
CA VAL D 932 115.71 -30.79 -92.11
C VAL D 932 115.99 -30.33 -90.69
N LEU D 933 117.15 -30.68 -90.14
CA LEU D 933 117.51 -30.43 -88.76
C LEU D 933 118.76 -29.58 -88.59
N CYS D 934 118.69 -28.36 -89.11
CA CYS D 934 119.75 -27.37 -89.01
C CYS D 934 119.21 -26.22 -88.17
N GLN D 935 119.86 -25.96 -87.05
CA GLN D 935 119.63 -24.78 -86.24
C GLN D 935 120.93 -24.03 -86.07
N PHE D 936 120.81 -22.73 -85.80
CA PHE D 936 121.99 -21.93 -85.59
C PHE D 936 122.77 -22.51 -84.40
N PRO D 937 124.09 -22.59 -84.46
CA PRO D 937 124.88 -23.04 -83.29
C PRO D 937 125.35 -21.84 -82.47
N SER D 938 124.38 -21.03 -82.04
CA SER D 938 124.59 -19.92 -81.12
C SER D 938 125.56 -20.14 -79.96
N GLN D 939 125.23 -20.95 -78.95
CA GLN D 939 126.21 -21.08 -77.87
C GLN D 939 127.52 -21.64 -78.39
N GLN D 940 127.49 -22.52 -79.40
CA GLN D 940 128.75 -23.07 -79.90
C GLN D 940 129.61 -21.97 -80.52
N ILE D 941 129.03 -21.15 -81.39
CA ILE D 941 129.82 -20.07 -81.97
C ILE D 941 130.15 -19.05 -80.89
N ALA D 942 129.17 -18.75 -80.03
CA ALA D 942 129.35 -17.81 -78.93
C ALA D 942 130.39 -18.28 -77.91
N ASN D 943 130.33 -19.58 -77.55
CA ASN D 943 131.25 -20.11 -76.53
C ASN D 943 132.70 -20.01 -76.95
N ILE D 944 133.01 -20.30 -78.21
CA ILE D 944 134.40 -20.20 -78.63
C ILE D 944 134.86 -18.78 -78.41
N LEU D 945 134.09 -17.80 -78.87
CA LEU D 945 134.42 -16.42 -78.54
C LEU D 945 134.56 -16.25 -77.04
N ASP D 946 133.74 -16.96 -76.28
CA ASP D 946 133.79 -16.83 -74.85
C ASP D 946 134.91 -17.65 -74.25
N SER D 947 135.48 -18.59 -75.02
CA SER D 947 136.83 -19.02 -74.68
C SER D 947 137.80 -17.85 -74.70
N HIS D 948 137.75 -16.99 -75.74
CA HIS D 948 138.69 -15.88 -75.73
C HIS D 948 138.13 -14.66 -75.00
N ALA D 949 136.83 -14.65 -74.68
CA ALA D 949 136.32 -13.74 -73.67
C ALA D 949 136.69 -14.23 -72.29
N ALA D 950 136.82 -15.55 -72.12
CA ALA D 950 137.18 -16.09 -70.82
C ALA D 950 138.56 -15.59 -70.45
N THR D 951 139.45 -15.41 -71.42
CA THR D 951 140.79 -14.97 -71.11
C THR D 951 140.98 -13.47 -71.35
N LEU D 952 140.39 -12.92 -72.42
CA LEU D 952 140.58 -11.50 -72.69
C LEU D 952 139.61 -10.61 -71.92
N ASN D 953 138.37 -11.06 -71.69
CA ASN D 953 137.28 -10.10 -71.47
C ASN D 953 137.35 -9.41 -70.12
N ARG D 954 138.27 -9.82 -69.25
CA ARG D 954 138.41 -9.23 -67.92
C ARG D 954 139.30 -7.98 -67.83
N LYS D 955 139.61 -7.30 -68.94
CA LYS D 955 140.80 -6.46 -68.98
C LYS D 955 140.62 -5.09 -69.61
N SER D 956 139.50 -4.82 -70.25
CA SER D 956 139.22 -3.57 -70.94
C SER D 956 140.23 -3.26 -72.05
N GLU D 957 140.87 -4.29 -72.58
CA GLU D 957 141.94 -4.19 -73.58
C GLU D 957 141.31 -4.40 -74.95
N ARG D 958 140.09 -3.90 -75.08
CA ARG D 958 139.08 -4.67 -75.80
C ARG D 958 138.20 -3.88 -76.73
N GLU D 959 138.63 -2.74 -77.27
CA GLU D 959 137.70 -1.96 -78.08
C GLU D 959 137.80 -2.36 -79.54
N VAL D 960 138.97 -2.78 -80.01
CA VAL D 960 138.96 -3.69 -81.15
C VAL D 960 138.13 -4.93 -80.82
N PHE D 961 138.34 -5.50 -79.63
CA PHE D 961 137.71 -6.77 -79.27
C PHE D 961 136.21 -6.59 -79.03
N PHE D 962 135.85 -5.44 -78.45
CA PHE D 962 134.47 -5.10 -78.17
C PHE D 962 133.66 -5.22 -79.45
N MET D 963 134.16 -4.62 -80.53
CA MET D 963 133.50 -4.72 -81.82
C MET D 963 133.66 -6.09 -82.49
N ASN D 964 134.45 -6.99 -81.92
CA ASN D 964 134.51 -8.39 -82.33
C ASN D 964 133.72 -9.30 -81.42
N THR D 965 133.66 -8.98 -80.14
CA THR D 965 132.85 -9.76 -79.23
C THR D 965 131.40 -9.31 -79.26
N GLN D 966 131.11 -8.18 -79.91
CA GLN D 966 129.73 -7.77 -80.07
C GLN D 966 129.22 -8.12 -81.45
N SER D 967 130.02 -7.86 -82.49
CA SER D 967 129.56 -7.99 -83.87
C SER D 967 129.15 -9.43 -84.19
N ILE D 968 129.83 -10.42 -83.61
CA ILE D 968 129.44 -11.81 -83.86
C ILE D 968 128.21 -12.14 -83.03
N VAL D 969 128.14 -11.64 -81.79
CA VAL D 969 127.00 -11.92 -80.93
C VAL D 969 125.79 -11.19 -81.53
N GLN D 970 126.03 -10.12 -82.32
CA GLN D 970 124.97 -9.43 -83.04
C GLN D 970 124.53 -10.19 -84.29
N LEU D 971 125.39 -10.97 -84.92
CA LEU D 971 124.95 -11.83 -86.02
C LEU D 971 123.93 -12.84 -85.51
N VAL D 972 124.26 -13.51 -84.41
CA VAL D 972 123.42 -14.50 -83.75
C VAL D 972 122.20 -13.81 -83.11
N GLN D 973 122.37 -12.54 -82.68
CA GLN D 973 121.28 -11.76 -82.12
C GLN D 973 120.11 -11.55 -83.06
N ARG D 974 120.30 -11.66 -84.38
CA ARG D 974 119.14 -11.57 -85.24
C ARG D 974 118.39 -12.89 -85.22
N TYR D 975 119.11 -13.97 -84.84
CA TYR D 975 118.87 -15.34 -85.26
C TYR D 975 119.24 -16.38 -84.21
N ARG D 976 119.57 -16.01 -82.95
CA ARG D 976 119.96 -16.99 -81.94
C ARG D 976 118.85 -18.02 -81.74
N SER D 977 117.60 -17.58 -81.60
CA SER D 977 116.51 -18.54 -81.50
C SER D 977 116.00 -18.87 -82.89
N GLY D 978 116.89 -18.79 -83.89
CA GLY D 978 116.54 -19.17 -85.21
C GLY D 978 115.78 -18.03 -85.79
N ILE D 979 115.41 -18.23 -87.04
CA ILE D 979 114.56 -17.30 -87.78
C ILE D 979 113.22 -17.13 -87.05
N ARG D 980 112.85 -18.07 -86.17
CA ARG D 980 111.51 -18.47 -85.78
C ARG D 980 110.96 -17.75 -84.54
N GLY D 981 111.67 -17.80 -83.41
CA GLY D 981 111.43 -16.83 -82.36
C GLY D 981 111.45 -15.37 -82.82
N HIS D 982 112.50 -15.01 -83.55
CA HIS D 982 112.58 -13.68 -84.17
C HIS D 982 111.49 -13.38 -85.19
N MET D 983 111.24 -14.26 -86.19
CA MET D 983 110.17 -13.95 -87.14
C MET D 983 108.84 -13.74 -86.41
N LYS D 984 108.65 -14.38 -85.27
CA LYS D 984 107.53 -14.05 -84.38
C LYS D 984 107.74 -12.65 -83.86
N ALA D 985 108.87 -12.43 -83.17
CA ALA D 985 109.11 -11.21 -82.41
C ALA D 985 108.88 -10.02 -83.33
N VAL D 986 109.54 -10.03 -84.49
CA VAL D 986 109.48 -8.90 -85.40
C VAL D 986 108.04 -8.62 -85.80
N VAL D 987 107.30 -9.65 -86.30
CA VAL D 987 105.92 -9.38 -86.69
C VAL D 987 105.15 -8.95 -85.44
N MET D 988 105.48 -9.56 -84.30
CA MET D 988 104.87 -9.19 -83.03
C MET D 988 105.15 -7.73 -82.70
N ASP D 989 106.38 -7.26 -82.92
CA ASP D 989 106.69 -5.86 -82.67
C ASP D 989 105.86 -4.92 -83.56
N LEU D 990 105.95 -5.10 -84.88
CA LEU D 990 105.22 -4.26 -85.82
C LEU D 990 103.71 -4.25 -85.52
N LEU D 991 103.11 -5.39 -85.21
CA LEU D 991 101.70 -5.34 -84.81
C LEU D 991 101.54 -4.41 -83.61
N ARG D 992 102.36 -4.59 -82.56
CA ARG D 992 102.32 -3.61 -81.46
C ARG D 992 102.63 -2.19 -81.92
N GLN D 993 103.29 -2.02 -83.08
CA GLN D 993 103.60 -0.71 -83.63
C GLN D 993 102.33 0.01 -84.07
N TYR D 994 101.57 -0.60 -85.00
CA TYR D 994 100.15 -0.32 -85.16
C TYR D 994 99.43 0.03 -83.84
N LEU D 995 99.77 -0.67 -82.75
CA LEU D 995 98.99 -0.58 -81.52
C LEU D 995 99.35 0.66 -80.73
N ARG D 996 100.66 0.84 -80.52
CA ARG D 996 101.20 1.95 -79.73
C ARG D 996 100.66 3.27 -80.24
N VAL D 997 100.94 3.58 -81.51
CA VAL D 997 100.40 4.78 -82.15
C VAL D 997 98.90 4.88 -81.87
N GLU D 998 98.14 3.86 -82.26
CA GLU D 998 96.68 3.92 -82.28
C GLU D 998 96.01 3.67 -80.94
N THR D 999 96.73 3.32 -79.86
CA THR D 999 96.12 3.16 -78.55
C THR D 999 96.07 4.46 -77.75
N GLN D 1000 97.14 5.25 -77.80
CA GLN D 1000 97.16 6.58 -77.20
C GLN D 1000 96.18 7.50 -77.89
N PHE D 1001 95.95 7.29 -79.18
CA PHE D 1001 95.07 8.14 -79.96
C PHE D 1001 93.65 8.21 -79.43
N GLN D 1002 93.03 7.07 -79.05
CA GLN D 1002 91.65 7.12 -78.56
C GLN D 1002 91.53 6.54 -77.16
N ASN D 1003 91.20 7.41 -76.21
CA ASN D 1003 90.96 7.09 -74.80
C ASN D 1003 90.07 8.21 -74.31
N GLY D 1004 88.79 8.14 -74.67
CA GLY D 1004 87.78 9.15 -74.39
C GLY D 1004 87.31 9.69 -75.72
N HIS D 1005 87.75 10.86 -76.16
CA HIS D 1005 87.34 11.33 -77.47
C HIS D 1005 88.49 12.13 -78.08
N TYR D 1006 88.51 12.18 -79.41
CA TYR D 1006 89.60 12.75 -80.20
C TYR D 1006 90.11 14.08 -79.70
N ASP D 1007 89.21 15.01 -79.43
CA ASP D 1007 89.62 16.35 -79.01
C ASP D 1007 90.36 16.35 -77.68
N LYS D 1008 89.71 15.86 -76.61
CA LYS D 1008 90.36 15.90 -75.30
C LYS D 1008 91.65 15.07 -75.36
N CYS D 1009 91.59 13.96 -76.09
CA CYS D 1009 92.71 13.03 -76.30
C CYS D 1009 93.87 13.67 -77.06
N VAL D 1010 93.58 14.60 -77.99
CA VAL D 1010 94.67 15.20 -78.76
C VAL D 1010 95.58 16.00 -77.84
N PHE D 1011 95.06 16.51 -76.72
CA PHE D 1011 95.95 17.17 -75.79
C PHE D 1011 96.85 16.15 -75.11
N ALA D 1012 96.35 14.94 -74.86
CA ALA D 1012 97.25 13.90 -74.38
C ALA D 1012 98.27 13.55 -75.47
N LEU D 1013 97.89 13.67 -76.74
CA LEU D 1013 98.82 13.48 -77.84
C LEU D 1013 99.83 14.63 -77.85
N ARG D 1014 99.31 15.86 -77.70
CA ARG D 1014 100.12 17.07 -77.65
C ARG D 1014 101.20 16.94 -76.58
N GLU D 1015 100.85 16.29 -75.48
CA GLU D 1015 101.54 16.22 -74.20
C GLU D 1015 102.42 14.99 -74.13
N GLU D 1016 102.14 13.99 -74.96
CA GLU D 1016 103.00 12.83 -75.07
C GLU D 1016 104.39 13.23 -75.54
N ASN D 1017 104.47 14.19 -76.47
CA ASN D 1017 105.76 14.72 -76.95
C ASN D 1017 105.63 16.25 -76.90
N LYS D 1018 105.74 16.81 -75.69
CA LYS D 1018 105.61 18.25 -75.56
C LYS D 1018 106.78 18.97 -76.21
N SER D 1019 107.99 18.45 -75.98
CA SER D 1019 109.21 19.14 -76.36
C SER D 1019 109.33 19.32 -77.86
N ASP D 1020 109.04 18.27 -78.62
CA ASP D 1020 109.14 18.23 -80.07
C ASP D 1020 107.82 17.72 -80.64
N MET D 1021 107.59 18.03 -81.92
CA MET D 1021 106.37 17.62 -82.59
C MET D 1021 106.64 16.89 -83.90
N ASN D 1022 107.89 16.57 -84.22
CA ASN D 1022 108.16 15.77 -85.41
C ASN D 1022 107.68 14.34 -85.19
N THR D 1023 107.91 13.81 -83.98
CA THR D 1023 107.38 12.50 -83.61
C THR D 1023 105.87 12.52 -83.70
N VAL D 1024 105.28 13.63 -83.32
CA VAL D 1024 103.84 13.84 -83.40
C VAL D 1024 103.39 13.75 -84.86
N LEU D 1025 104.21 14.26 -85.79
CA LEU D 1025 103.76 14.29 -87.18
C LEU D 1025 103.59 12.90 -87.77
N ASN D 1026 104.55 12.00 -87.54
CA ASN D 1026 104.33 10.62 -87.97
C ASN D 1026 103.15 10.01 -87.23
N TYR D 1027 102.98 10.38 -85.95
CA TYR D 1027 101.84 9.91 -85.18
C TYR D 1027 100.54 10.37 -85.81
N ILE D 1028 100.42 11.68 -86.07
CA ILE D 1028 99.17 12.25 -86.56
C ILE D 1028 98.86 11.70 -87.94
N PHE D 1029 99.89 11.66 -88.79
CA PHE D 1029 99.84 11.04 -90.11
C PHE D 1029 99.46 9.57 -90.11
N SER D 1030 99.95 8.80 -89.13
CA SER D 1030 99.69 7.36 -89.09
C SER D 1030 98.22 7.02 -88.90
N HIS D 1031 97.60 7.50 -87.83
CA HIS D 1031 96.20 7.18 -87.54
C HIS D 1031 95.19 7.77 -88.51
N ALA D 1032 95.56 8.46 -89.57
CA ALA D 1032 94.51 8.96 -90.45
C ALA D 1032 93.76 7.85 -91.20
N GLN D 1033 94.47 6.92 -91.83
CA GLN D 1033 93.82 5.75 -92.46
C GLN D 1033 93.85 4.50 -91.58
N VAL D 1034 93.16 4.53 -90.44
CA VAL D 1034 93.06 3.32 -89.64
C VAL D 1034 92.20 2.29 -90.34
N THR D 1035 91.07 2.73 -90.91
CA THR D 1035 90.10 1.81 -91.51
C THR D 1035 90.75 1.00 -92.63
N LYS D 1036 91.69 1.61 -93.35
CA LYS D 1036 92.45 0.91 -94.38
C LYS D 1036 93.34 -0.15 -93.74
N LYS D 1037 94.18 0.31 -92.82
CA LYS D 1037 95.00 -0.45 -91.88
C LYS D 1037 94.34 -1.66 -91.25
N ASN D 1038 93.03 -1.63 -91.02
CA ASN D 1038 92.44 -2.56 -90.06
C ASN D 1038 92.23 -3.94 -90.70
N LEU D 1039 91.66 -3.98 -91.90
CA LEU D 1039 91.61 -5.23 -92.66
C LEU D 1039 93.04 -5.78 -92.78
N LEU D 1040 93.97 -4.90 -93.15
CA LEU D 1040 95.37 -5.23 -93.43
C LEU D 1040 96.11 -5.87 -92.26
N VAL D 1041 95.75 -5.54 -91.02
CA VAL D 1041 96.31 -6.24 -89.87
C VAL D 1041 96.02 -7.74 -89.98
N THR D 1042 94.78 -8.08 -90.38
CA THR D 1042 94.37 -9.47 -90.59
C THR D 1042 95.37 -10.25 -91.47
N MET D 1043 95.77 -9.67 -92.61
CA MET D 1043 96.86 -10.23 -93.42
C MET D 1043 98.03 -10.77 -92.60
N LEU D 1044 98.59 -10.01 -91.66
CA LEU D 1044 99.76 -10.48 -90.93
C LEU D 1044 99.45 -11.80 -90.23
N ILE D 1045 98.37 -11.80 -89.47
CA ILE D 1045 97.87 -12.96 -88.76
C ILE D 1045 97.35 -14.02 -89.71
N ASP D 1046 96.77 -13.63 -90.86
CA ASP D 1046 96.07 -14.59 -91.71
C ASP D 1046 96.92 -15.74 -92.23
N GLN D 1047 98.14 -15.48 -92.70
CA GLN D 1047 98.94 -16.59 -93.20
C GLN D 1047 99.79 -17.23 -92.12
N LEU D 1048 100.23 -16.43 -91.15
CA LEU D 1048 100.60 -16.85 -89.82
C LEU D 1048 99.62 -17.81 -89.14
N CYS D 1049 98.41 -17.34 -88.85
CA CYS D 1049 97.35 -18.21 -88.33
C CYS D 1049 97.05 -19.40 -89.23
N GLY D 1050 97.29 -19.28 -90.53
CA GLY D 1050 97.20 -20.44 -91.40
C GLY D 1050 97.94 -21.66 -90.88
N ARG D 1051 99.06 -21.45 -90.18
CA ARG D 1051 99.68 -22.52 -89.40
C ARG D 1051 100.11 -22.03 -88.02
N ASP D 1052 99.22 -21.33 -87.29
CA ASP D 1052 99.47 -21.06 -85.86
C ASP D 1052 99.24 -22.21 -84.90
N PRO D 1053 98.28 -23.14 -85.15
CA PRO D 1053 97.31 -23.45 -84.08
C PRO D 1053 97.79 -23.82 -82.67
N THR D 1054 99.09 -24.02 -82.44
CA THR D 1054 99.64 -24.27 -81.12
C THR D 1054 100.91 -23.46 -80.87
N LEU D 1055 100.85 -22.14 -81.03
CA LEU D 1055 102.07 -21.35 -81.23
C LEU D 1055 102.83 -21.12 -79.92
N THR D 1056 102.40 -20.22 -79.02
CA THR D 1056 103.33 -19.73 -77.99
C THR D 1056 102.66 -18.77 -77.01
N ASP D 1057 102.82 -19.05 -75.71
CA ASP D 1057 102.07 -18.36 -74.67
C ASP D 1057 102.41 -16.88 -74.55
N GLU D 1058 103.71 -16.53 -74.43
CA GLU D 1058 104.11 -15.12 -74.41
C GLU D 1058 103.48 -14.37 -75.57
N LEU D 1059 103.24 -15.08 -76.69
CA LEU D 1059 102.60 -14.48 -77.85
C LEU D 1059 101.10 -14.50 -77.60
N LEU D 1060 100.55 -15.70 -77.31
CA LEU D 1060 99.12 -15.81 -77.01
C LEU D 1060 98.68 -14.80 -75.97
N ASN D 1061 99.57 -14.47 -75.04
CA ASN D 1061 99.35 -13.37 -74.10
C ASN D 1061 99.12 -12.08 -74.85
N ILE D 1062 100.07 -11.70 -75.71
CA ILE D 1062 99.90 -10.54 -76.58
C ILE D 1062 98.63 -10.74 -77.41
N LEU D 1063 98.43 -11.96 -77.90
CA LEU D 1063 97.23 -12.28 -78.66
C LEU D 1063 96.01 -12.15 -77.75
N THR D 1064 96.12 -12.61 -76.51
CA THR D 1064 95.02 -12.53 -75.56
C THR D 1064 94.67 -11.08 -75.28
N GLU D 1065 95.65 -10.20 -75.44
CA GLU D 1065 95.44 -8.76 -75.44
C GLU D 1065 94.57 -8.37 -76.63
N LEU D 1066 94.74 -9.07 -77.75
CA LEU D 1066 94.11 -8.68 -79.00
C LEU D 1066 92.60 -8.83 -78.99
N THR D 1067 92.04 -9.84 -78.31
CA THR D 1067 90.59 -9.97 -78.30
C THR D 1067 89.89 -8.78 -77.64
N GLN D 1068 90.55 -8.13 -76.68
CA GLN D 1068 89.90 -7.06 -75.93
C GLN D 1068 89.76 -5.75 -76.68
N LEU D 1069 90.29 -5.63 -77.91
CA LEU D 1069 90.34 -4.30 -78.52
C LEU D 1069 88.92 -3.80 -78.73
N SER D 1070 88.68 -2.60 -78.20
CA SER D 1070 87.33 -2.20 -77.83
C SER D 1070 86.65 -1.02 -78.51
N LYS D 1071 86.58 -0.94 -79.84
CA LYS D 1071 85.87 0.18 -80.46
C LYS D 1071 85.17 -0.29 -81.72
N THR D 1072 84.11 0.45 -82.04
CA THR D 1072 83.14 0.04 -83.06
C THR D 1072 83.77 -0.33 -84.40
N THR D 1073 84.70 0.48 -84.90
CA THR D 1073 85.31 0.09 -86.17
C THR D 1073 86.17 -1.15 -86.01
N ASN D 1074 86.99 -1.18 -84.96
CA ASN D 1074 87.86 -2.35 -84.73
C ASN D 1074 87.17 -3.25 -83.71
N ALA D 1075 86.11 -3.91 -84.17
CA ALA D 1075 85.33 -4.76 -83.30
C ALA D 1075 85.24 -6.17 -83.83
N LYS D 1076 85.27 -6.34 -85.13
CA LYS D 1076 85.44 -7.64 -85.74
C LYS D 1076 86.88 -8.11 -85.59
N VAL D 1077 87.76 -7.16 -85.86
CA VAL D 1077 89.20 -7.42 -85.93
C VAL D 1077 89.72 -7.84 -84.56
N ALA D 1078 89.25 -7.15 -83.53
CA ALA D 1078 89.60 -7.50 -82.16
C ALA D 1078 89.09 -8.90 -81.89
N LEU D 1079 87.83 -9.06 -82.23
CA LEU D 1079 87.10 -10.32 -82.17
C LEU D 1079 87.71 -11.34 -83.07
N ARG D 1080 88.42 -10.91 -84.10
CA ARG D 1080 89.05 -11.89 -84.96
C ARG D 1080 90.12 -12.60 -84.15
N ALA D 1081 90.73 -11.90 -83.18
CA ALA D 1081 91.67 -12.54 -82.26
C ALA D 1081 91.01 -13.80 -81.71
N ARG D 1082 89.71 -13.72 -81.44
CA ARG D 1082 88.99 -14.87 -80.92
C ARG D 1082 89.03 -15.95 -81.99
N GLN D 1083 88.82 -15.54 -83.26
CA GLN D 1083 88.82 -16.51 -84.35
C GLN D 1083 90.16 -17.22 -84.36
N VAL D 1084 91.24 -16.49 -84.06
CA VAL D 1084 92.54 -17.14 -83.89
C VAL D 1084 92.49 -18.07 -82.68
N LEU D 1085 91.88 -17.62 -81.58
CA LEU D 1085 91.89 -18.38 -80.35
C LEU D 1085 91.11 -19.67 -80.51
N ILE D 1086 90.20 -19.71 -81.46
CA ILE D 1086 89.36 -20.88 -81.70
C ILE D 1086 90.03 -21.82 -82.69
N ALA D 1087 90.53 -21.28 -83.81
CA ALA D 1087 91.21 -22.11 -84.80
C ALA D 1087 92.34 -22.95 -84.22
N SER D 1088 92.86 -22.61 -83.03
CA SER D 1088 93.62 -23.56 -82.24
C SER D 1088 92.87 -24.87 -82.10
N HIS D 1089 91.56 -24.81 -81.81
CA HIS D 1089 90.70 -25.98 -81.91
C HIS D 1089 90.50 -26.38 -83.36
N LEU D 1090 90.03 -25.44 -84.17
CA LEU D 1090 89.26 -25.75 -85.38
C LEU D 1090 89.84 -24.91 -86.52
N PRO D 1091 90.96 -25.37 -87.11
CA PRO D 1091 91.85 -24.49 -87.91
C PRO D 1091 91.40 -24.21 -89.34
N SER D 1092 92.23 -23.53 -90.16
CA SER D 1092 91.75 -22.91 -91.41
C SER D 1092 92.71 -23.04 -92.61
N TYR D 1093 93.25 -24.24 -92.84
CA TYR D 1093 94.26 -24.44 -93.88
C TYR D 1093 94.12 -25.89 -94.35
N GLU D 1094 95.18 -26.55 -94.80
CA GLU D 1094 95.13 -27.90 -95.34
C GLU D 1094 95.05 -28.90 -94.20
N LEU D 1095 95.31 -28.45 -92.98
CA LEU D 1095 95.22 -29.33 -91.83
C LEU D 1095 93.73 -29.54 -91.54
N ARG D 1096 92.89 -28.50 -91.72
CA ARG D 1096 91.45 -28.72 -91.55
C ARG D 1096 90.85 -29.31 -92.81
N HIS D 1097 91.55 -29.18 -93.94
CA HIS D 1097 91.27 -30.01 -95.09
C HIS D 1097 91.42 -31.47 -94.71
N ASN D 1098 92.38 -31.74 -93.83
CA ASN D 1098 92.51 -33.06 -93.24
C ASN D 1098 91.36 -33.45 -92.33
N GLN D 1099 90.75 -32.49 -91.64
CA GLN D 1099 89.75 -32.91 -90.68
C GLN D 1099 88.57 -33.55 -91.36
N VAL D 1100 88.14 -33.03 -92.50
CA VAL D 1100 87.05 -33.74 -93.15
C VAL D 1100 87.59 -35.01 -93.79
N GLU D 1101 88.75 -34.89 -94.46
CA GLU D 1101 89.56 -35.99 -94.96
C GLU D 1101 89.85 -37.13 -93.98
N SER D 1102 90.34 -36.82 -92.77
CA SER D 1102 90.70 -37.89 -91.83
C SER D 1102 89.50 -38.75 -91.52
N ILE D 1103 88.49 -38.14 -90.90
CA ILE D 1103 87.27 -38.85 -90.57
C ILE D 1103 86.74 -39.57 -91.79
N PHE D 1104 86.62 -38.85 -92.90
CA PHE D 1104 86.01 -39.39 -94.10
C PHE D 1104 86.80 -40.55 -94.68
N LEU D 1105 88.07 -40.35 -95.03
CA LEU D 1105 88.76 -41.48 -95.62
C LEU D 1105 88.87 -42.64 -94.63
N SER D 1106 89.11 -42.34 -93.35
CA SER D 1106 89.16 -43.42 -92.36
C SER D 1106 87.78 -44.05 -92.13
N ALA D 1107 86.76 -43.23 -91.88
CA ALA D 1107 85.41 -43.75 -91.60
C ALA D 1107 84.84 -44.56 -92.75
N ILE D 1108 84.92 -44.02 -93.98
CA ILE D 1108 84.17 -44.60 -95.08
C ILE D 1108 84.62 -46.03 -95.33
N ASP D 1109 83.64 -46.90 -95.55
CA ASP D 1109 83.90 -48.30 -95.83
C ASP D 1109 84.74 -48.45 -97.09
N MET D 1110 84.35 -47.73 -98.15
CA MET D 1110 84.88 -47.86 -99.51
C MET D 1110 84.66 -49.22 -100.15
N TYR D 1111 83.70 -50.01 -99.66
CA TYR D 1111 82.93 -50.93 -100.49
C TYR D 1111 81.58 -50.28 -100.85
N GLY D 1112 80.71 -51.05 -101.51
CA GLY D 1112 79.39 -50.56 -101.88
C GLY D 1112 78.54 -50.23 -100.67
N HIS D 1113 78.88 -50.78 -99.50
CA HIS D 1113 78.12 -50.51 -98.29
C HIS D 1113 78.22 -49.03 -97.98
N GLN D 1114 79.45 -48.54 -97.71
CA GLN D 1114 79.66 -47.11 -97.48
C GLN D 1114 78.77 -46.56 -96.37
N PHE D 1115 78.76 -47.27 -95.23
CA PHE D 1115 77.88 -46.91 -94.12
C PHE D 1115 78.48 -45.94 -93.11
N CYS D 1116 78.51 -44.66 -93.51
CA CYS D 1116 78.83 -43.56 -92.60
C CYS D 1116 77.56 -42.74 -92.44
N ILE D 1117 76.43 -43.39 -92.15
CA ILE D 1117 75.18 -42.66 -91.91
C ILE D 1117 75.25 -41.80 -90.66
N GLU D 1118 75.85 -42.30 -89.58
CA GLU D 1118 75.99 -41.44 -88.41
C GLU D 1118 76.88 -40.25 -88.73
N ASN D 1119 77.96 -40.48 -89.47
CA ASN D 1119 78.79 -39.35 -89.83
C ASN D 1119 78.07 -38.49 -90.86
N LEU D 1120 77.24 -39.09 -91.72
CA LEU D 1120 76.44 -38.28 -92.63
C LEU D 1120 75.47 -37.39 -91.90
N GLN D 1121 74.80 -37.90 -90.88
CA GLN D 1121 73.99 -37.03 -90.04
C GLN D 1121 74.88 -36.12 -89.22
N LYS D 1122 76.11 -36.56 -88.92
CA LYS D 1122 77.03 -35.69 -88.23
C LYS D 1122 77.46 -34.61 -89.19
N LEU D 1123 77.53 -34.90 -90.50
CA LEU D 1123 77.78 -33.83 -91.45
C LEU D 1123 76.58 -32.86 -91.45
N ILE D 1124 75.36 -33.39 -91.38
CA ILE D 1124 74.14 -32.55 -91.44
C ILE D 1124 73.73 -32.05 -90.08
N LEU D 1125 74.34 -32.55 -89.02
CA LEU D 1125 74.18 -32.06 -87.67
C LEU D 1125 75.60 -31.98 -87.19
N SER D 1126 76.34 -31.13 -87.89
CA SER D 1126 77.75 -30.94 -87.63
C SER D 1126 77.92 -29.67 -86.86
N GLU D 1127 78.55 -29.79 -85.70
CA GLU D 1127 78.90 -28.59 -84.99
C GLU D 1127 79.90 -27.85 -85.85
N THR D 1128 80.82 -28.61 -86.46
CA THR D 1128 81.81 -28.15 -87.41
C THR D 1128 81.17 -27.86 -88.77
N SER D 1129 81.55 -26.77 -89.44
CA SER D 1129 81.04 -26.53 -90.77
C SER D 1129 81.88 -27.36 -91.71
N ILE D 1130 81.23 -28.11 -92.59
CA ILE D 1130 81.92 -29.06 -93.44
C ILE D 1130 81.70 -28.80 -94.93
N PHE D 1131 81.25 -27.60 -95.32
CA PHE D 1131 81.32 -27.16 -96.72
C PHE D 1131 82.68 -26.68 -97.21
N ASP D 1132 83.74 -26.59 -96.41
CA ASP D 1132 84.94 -26.05 -97.02
C ASP D 1132 85.54 -27.07 -97.97
N VAL D 1133 85.95 -28.22 -97.43
CA VAL D 1133 86.73 -29.20 -98.19
C VAL D 1133 85.89 -30.38 -98.68
N LEU D 1134 84.90 -30.83 -97.90
CA LEU D 1134 83.97 -31.84 -98.40
C LEU D 1134 83.55 -31.60 -99.85
N PRO D 1135 83.20 -30.39 -100.28
CA PRO D 1135 83.00 -30.19 -101.72
C PRO D 1135 84.25 -30.46 -102.52
N ASN D 1136 85.41 -30.16 -101.93
CA ASN D 1136 86.68 -30.37 -102.59
C ASN D 1136 86.88 -31.85 -102.88
N PHE D 1137 86.40 -32.71 -101.98
CA PHE D 1137 86.46 -34.14 -102.21
C PHE D 1137 85.34 -34.78 -103.02
N PHE D 1138 84.09 -34.23 -103.14
CA PHE D 1138 83.23 -35.08 -104.03
C PHE D 1138 83.69 -35.08 -105.56
N TYR D 1139 84.82 -34.47 -105.90
CA TYR D 1139 85.58 -34.58 -107.13
C TYR D 1139 87.06 -34.84 -106.87
N HIS D 1140 87.37 -35.64 -105.87
CA HIS D 1140 88.76 -36.03 -105.67
C HIS D 1140 88.96 -37.24 -106.60
N SER D 1141 90.20 -37.72 -106.74
CA SER D 1141 90.48 -38.79 -107.69
C SER D 1141 90.10 -40.19 -107.21
N ASN D 1142 89.27 -40.32 -106.17
CA ASN D 1142 89.11 -41.56 -105.42
C ASN D 1142 87.63 -41.92 -105.51
N GLN D 1143 87.31 -42.97 -106.29
CA GLN D 1143 85.95 -43.22 -106.76
C GLN D 1143 84.92 -43.25 -105.63
N VAL D 1144 85.32 -43.71 -104.45
CA VAL D 1144 84.42 -43.72 -103.30
C VAL D 1144 84.20 -42.30 -102.84
N VAL D 1145 85.28 -41.53 -102.75
CA VAL D 1145 85.19 -40.17 -102.26
C VAL D 1145 84.36 -39.36 -103.23
N ARG D 1146 84.44 -39.63 -104.53
CA ARG D 1146 83.38 -39.15 -105.40
C ARG D 1146 82.03 -39.46 -104.75
N MET D 1147 81.69 -40.76 -104.72
CA MET D 1147 80.39 -41.26 -104.28
C MET D 1147 79.95 -40.71 -102.92
N ALA D 1148 80.72 -41.01 -101.87
CA ALA D 1148 80.42 -40.58 -100.49
C ALA D 1148 80.24 -39.08 -100.35
N ALA D 1149 81.27 -38.30 -100.69
CA ALA D 1149 81.20 -36.85 -100.50
C ALA D 1149 80.00 -36.30 -101.26
N LEU D 1150 79.80 -36.82 -102.47
CA LEU D 1150 78.74 -36.36 -103.35
C LEU D 1150 77.36 -36.60 -102.74
N GLU D 1151 77.09 -37.79 -102.21
CA GLU D 1151 75.75 -37.99 -101.68
C GLU D 1151 75.54 -37.22 -100.38
N VAL D 1152 76.58 -37.06 -99.56
CA VAL D 1152 76.38 -36.23 -98.38
C VAL D 1152 76.16 -34.78 -98.79
N TYR D 1153 76.85 -34.32 -99.84
CA TYR D 1153 76.58 -32.98 -100.34
C TYR D 1153 75.13 -32.84 -100.75
N VAL D 1154 74.62 -33.82 -101.51
CA VAL D 1154 73.19 -33.86 -101.82
C VAL D 1154 72.42 -33.71 -100.51
N ARG D 1155 72.73 -34.61 -99.58
CA ARG D 1155 71.94 -34.74 -98.37
C ARG D 1155 72.08 -33.46 -97.55
N ARG D 1156 73.27 -32.85 -97.57
CA ARG D 1156 73.58 -31.59 -96.87
C ARG D 1156 72.94 -30.40 -97.56
N ALA D 1157 72.48 -30.57 -98.79
CA ALA D 1157 71.69 -29.59 -99.53
C ALA D 1157 70.23 -29.74 -99.17
N TYR D 1158 69.70 -30.95 -99.40
CA TYR D 1158 68.30 -31.32 -99.26
C TYR D 1158 67.95 -31.81 -97.86
N ILE D 1159 68.73 -31.42 -96.85
CA ILE D 1159 68.42 -31.70 -95.44
C ILE D 1159 66.96 -31.35 -95.14
N ALA D 1160 66.42 -30.37 -95.89
CA ALA D 1160 65.04 -29.92 -95.78
C ALA D 1160 64.04 -30.96 -96.29
N TYR D 1161 64.25 -31.49 -97.49
CA TYR D 1161 63.31 -32.46 -98.02
C TYR D 1161 63.50 -33.84 -97.40
N GLU D 1162 62.57 -34.73 -97.75
CA GLU D 1162 62.56 -36.11 -97.31
C GLU D 1162 63.11 -36.99 -98.43
N LEU D 1163 64.15 -37.74 -98.14
CA LEU D 1163 64.83 -38.55 -99.13
C LEU D 1163 64.44 -40.01 -98.93
N ASN D 1164 63.84 -40.63 -99.95
CA ASN D 1164 63.38 -42.02 -99.82
C ASN D 1164 64.21 -42.96 -100.68
N SER D 1165 65.16 -42.44 -101.47
CA SER D 1165 66.03 -43.27 -102.29
C SER D 1165 67.12 -42.40 -102.89
N VAL D 1166 68.34 -42.90 -102.83
CA VAL D 1166 69.51 -42.26 -103.39
C VAL D 1166 70.42 -43.42 -103.75
N GLN D 1167 70.65 -43.66 -105.04
CA GLN D 1167 71.53 -44.73 -105.48
C GLN D 1167 72.65 -44.06 -106.24
N HIS D 1168 73.88 -44.39 -105.92
CA HIS D 1168 74.94 -43.95 -106.81
C HIS D 1168 74.98 -44.79 -108.06
N ARG D 1169 75.02 -44.11 -109.19
CA ARG D 1169 75.34 -44.64 -110.49
C ARG D 1169 76.72 -44.14 -110.89
N GLN D 1170 77.25 -44.77 -111.91
CA GLN D 1170 78.65 -44.74 -112.31
C GLN D 1170 78.45 -45.03 -113.78
N LEU D 1171 78.46 -43.96 -114.55
CA LEU D 1171 78.04 -43.91 -115.94
C LEU D 1171 79.15 -43.19 -116.67
N LYS D 1172 79.01 -42.73 -117.91
CA LYS D 1172 79.52 -43.43 -119.10
C LYS D 1172 80.66 -44.33 -118.61
N ASP D 1173 81.78 -43.76 -118.19
CA ASP D 1173 82.65 -44.40 -117.22
C ASP D 1173 83.06 -43.32 -116.22
N ASN D 1174 83.40 -42.15 -116.77
CA ASN D 1174 83.93 -40.98 -116.10
C ASN D 1174 82.84 -40.12 -115.48
N THR D 1175 81.58 -40.57 -115.50
CA THR D 1175 80.49 -39.84 -114.89
C THR D 1175 79.84 -40.59 -113.74
N CYS D 1176 79.68 -39.88 -112.64
CA CYS D 1176 79.07 -40.43 -111.45
C CYS D 1176 77.69 -39.79 -111.46
N VAL D 1177 76.64 -40.59 -111.47
CA VAL D 1177 75.28 -40.07 -111.42
C VAL D 1177 74.66 -40.60 -110.14
N VAL D 1178 73.98 -39.71 -109.44
CA VAL D 1178 73.09 -40.07 -108.37
C VAL D 1178 71.69 -39.72 -108.86
N GLU D 1179 70.71 -40.44 -108.36
CA GLU D 1179 69.31 -40.20 -108.66
C GLU D 1179 68.63 -39.65 -107.41
N PHE D 1180 67.72 -38.70 -107.59
CA PHE D 1180 66.98 -38.16 -106.46
C PHE D 1180 65.57 -38.72 -106.53
N GLN D 1181 64.97 -38.84 -105.35
CA GLN D 1181 63.57 -39.24 -105.21
C GLN D 1181 62.99 -38.65 -103.94
N PHE D 1182 61.94 -37.85 -104.04
CA PHE D 1182 61.40 -37.21 -102.86
C PHE D 1182 59.93 -36.90 -103.14
N MET D 1183 59.31 -36.13 -102.26
CA MET D 1183 57.94 -35.72 -102.47
C MET D 1183 57.71 -34.41 -101.75
N LEU D 1184 56.55 -33.83 -101.98
CA LEU D 1184 56.23 -32.50 -101.49
C LEU D 1184 55.85 -32.67 -100.03
N PRO D 1185 56.56 -32.02 -99.07
CA PRO D 1185 56.05 -31.96 -97.68
C PRO D 1185 55.23 -30.73 -97.27
N THR D 1186 53.97 -30.71 -97.71
CA THR D 1186 53.07 -29.57 -97.50
C THR D 1186 53.62 -28.26 -98.06
N SER D 1187 54.53 -28.34 -99.04
CA SER D 1187 55.09 -27.12 -99.62
C SER D 1187 54.02 -26.36 -100.38
N HIS D 1188 53.18 -27.07 -101.14
CA HIS D 1188 52.10 -26.49 -101.95
C HIS D 1188 51.54 -27.60 -102.84
N CYS D 1230 53.76 -34.04 -107.54
CA CYS D 1230 54.20 -34.61 -106.27
C CYS D 1230 55.68 -34.91 -106.27
N GLN D 1231 56.17 -35.52 -107.35
CA GLN D 1231 57.54 -36.00 -107.44
C GLN D 1231 58.16 -35.54 -108.76
N ARG D 1232 59.47 -35.69 -108.80
CA ARG D 1232 60.36 -35.27 -109.86
C ARG D 1232 61.68 -35.94 -109.50
N MET D 1233 62.57 -36.09 -110.48
CA MET D 1233 63.88 -36.65 -110.18
C MET D 1233 64.99 -35.62 -110.34
N GLY D 1234 66.22 -36.10 -110.17
CA GLY D 1234 67.39 -35.26 -110.21
C GLY D 1234 68.61 -36.00 -110.69
N GLY D 1235 69.65 -35.22 -110.95
CA GLY D 1235 70.95 -35.78 -111.29
C GLY D 1235 72.05 -34.88 -110.80
N MET D 1236 73.00 -35.46 -110.08
CA MET D 1236 74.23 -34.78 -109.70
C MET D 1236 75.40 -35.51 -110.34
N VAL D 1237 76.33 -34.74 -110.86
CA VAL D 1237 77.57 -35.27 -111.41
C VAL D 1237 78.71 -34.41 -110.88
N SER D 1238 79.74 -35.05 -110.33
CA SER D 1238 80.86 -34.32 -109.78
C SER D 1238 82.02 -34.33 -110.77
N PHE D 1239 82.38 -33.14 -111.24
CA PHE D 1239 83.39 -32.85 -112.26
C PHE D 1239 84.35 -31.73 -111.91
N ARG D 1240 85.47 -31.77 -112.59
CA ARG D 1240 86.65 -30.99 -112.29
C ARG D 1240 86.51 -29.66 -113.02
N THR D 1241 86.09 -29.70 -114.28
CA THR D 1241 85.90 -28.49 -115.05
C THR D 1241 84.59 -28.56 -115.79
N PHE D 1242 84.08 -27.37 -116.09
CA PHE D 1242 82.78 -27.28 -116.73
C PHE D 1242 82.90 -27.83 -118.13
N GLU D 1243 84.13 -27.81 -118.67
CA GLU D 1243 84.39 -28.21 -120.03
C GLU D 1243 84.10 -29.70 -120.10
N ASP D 1244 84.68 -30.44 -119.15
CA ASP D 1244 84.60 -31.89 -119.10
C ASP D 1244 83.14 -32.32 -119.09
N PHE D 1245 82.31 -31.65 -118.29
CA PHE D 1245 80.89 -31.91 -118.31
C PHE D 1245 80.30 -31.88 -119.70
N VAL D 1246 80.33 -30.73 -120.37
CA VAL D 1246 79.53 -30.59 -121.58
C VAL D 1246 79.99 -31.56 -122.67
N ARG D 1247 81.23 -32.04 -122.61
CA ARG D 1247 81.58 -33.19 -123.42
C ARG D 1247 81.00 -34.48 -122.84
N ILE D 1248 81.07 -34.61 -121.51
CA ILE D 1248 80.53 -35.76 -120.80
C ILE D 1248 79.03 -35.62 -120.58
N PHE D 1249 78.44 -34.55 -121.14
CA PHE D 1249 77.00 -34.34 -121.18
C PHE D 1249 76.24 -35.62 -121.42
N ASP D 1250 76.67 -36.42 -122.38
CA ASP D 1250 75.80 -37.11 -123.31
C ASP D 1250 75.15 -38.31 -122.66
N GLU D 1251 75.62 -38.69 -121.48
CA GLU D 1251 74.94 -39.70 -120.69
C GLU D 1251 73.75 -39.08 -119.98
N VAL D 1252 73.77 -37.78 -119.72
CA VAL D 1252 72.57 -37.16 -119.17
C VAL D 1252 71.46 -37.31 -120.19
N MET D 1253 71.75 -36.96 -121.44
CA MET D 1253 70.90 -37.27 -122.59
C MET D 1253 71.06 -38.70 -123.11
N GLY D 1254 72.06 -39.44 -122.65
CA GLY D 1254 72.20 -40.86 -122.98
C GLY D 1254 71.14 -41.74 -122.34
N CYS D 1255 70.98 -41.61 -121.02
CA CYS D 1255 70.09 -42.45 -120.24
C CYS D 1255 68.70 -41.86 -120.09
N PHE D 1256 68.41 -40.79 -120.79
CA PHE D 1256 67.13 -40.08 -120.75
C PHE D 1256 65.92 -41.00 -120.84
N PRO D 1261 63.04 -46.06 -122.80
CA PRO D 1261 64.35 -46.68 -122.95
C PRO D 1261 64.36 -48.20 -122.70
N GLN D 1262 63.18 -48.80 -122.50
CA GLN D 1262 63.07 -50.25 -122.43
C GLN D 1262 61.75 -50.70 -123.08
N SEP D 1263 61.53 -52.01 -123.15
CA SEP D 1263 60.32 -52.53 -123.78
CB SEP D 1263 60.58 -53.95 -124.31
OG SEP D 1263 61.02 -53.85 -125.65
C SEP D 1263 59.07 -52.55 -122.87
O SEP D 1263 59.17 -52.87 -121.69
P SEP D 1263 61.76 -55.16 -126.22
O1P SEP D 1263 62.97 -55.56 -125.23
O2P SEP D 1263 60.69 -56.36 -126.29
O3P SEP D 1263 62.35 -54.89 -127.69
H SEP D 1263 62.05 -52.61 -122.82
HA SEP D 1263 60.20 -51.99 -124.56
HB2 SEP D 1263 59.76 -54.46 -124.27
HB3 SEP D 1263 61.27 -54.37 -123.78
N PRO D 1264 57.87 -52.21 -123.41
CA PRO D 1264 56.66 -52.27 -122.59
C PRO D 1264 56.09 -53.67 -122.27
N THR D 1265 55.72 -53.85 -121.01
CA THR D 1265 55.03 -55.02 -120.48
C THR D 1265 53.57 -54.66 -120.20
N PHE D 1266 52.74 -55.70 -120.10
CA PHE D 1266 51.29 -55.57 -119.97
C PHE D 1266 50.82 -56.13 -118.64
N PRO D 1267 50.60 -55.28 -117.58
CA PRO D 1267 50.16 -55.83 -116.29
C PRO D 1267 48.80 -56.51 -116.38
N GLU D 1268 48.27 -56.99 -115.26
CA GLU D 1268 47.32 -58.09 -115.24
C GLU D 1268 46.09 -57.78 -116.09
N ALA D 1269 45.34 -58.84 -116.41
CA ALA D 1269 44.33 -58.82 -117.48
C ALA D 1269 43.10 -57.99 -117.11
N GLY D 1270 41.91 -58.41 -117.53
CA GLY D 1270 40.67 -57.73 -117.19
C GLY D 1270 40.39 -56.56 -118.11
N GLU D 1284 55.34 -30.97 -117.67
CA GLU D 1284 56.07 -30.72 -116.43
C GLU D 1284 57.53 -31.14 -116.47
N PRO D 1285 58.48 -30.19 -116.51
CA PRO D 1285 59.88 -30.59 -116.38
C PRO D 1285 60.08 -31.06 -114.94
N ILE D 1286 60.57 -32.28 -114.81
CA ILE D 1286 60.73 -32.98 -113.54
C ILE D 1286 62.14 -33.49 -113.28
N HIS D 1287 63.16 -32.94 -113.95
CA HIS D 1287 64.53 -33.26 -113.64
C HIS D 1287 65.33 -32.10 -113.06
N ILE D 1288 66.09 -32.42 -112.02
CA ILE D 1288 67.01 -31.52 -111.34
C ILE D 1288 68.37 -31.91 -111.88
N LEU D 1289 69.22 -30.94 -112.18
CA LEU D 1289 70.55 -31.29 -112.63
C LEU D 1289 71.52 -30.32 -111.98
N ASN D 1290 72.46 -30.82 -111.18
CA ASN D 1290 73.48 -29.99 -110.53
C ASN D 1290 74.88 -30.50 -110.84
N VAL D 1291 75.77 -29.57 -111.23
CA VAL D 1291 77.13 -29.91 -111.64
C VAL D 1291 78.17 -29.22 -110.75
N ALA D 1292 79.08 -30.02 -110.25
CA ALA D 1292 80.21 -29.71 -109.37
C ALA D 1292 81.49 -29.42 -110.15
N ILE D 1293 82.20 -28.31 -109.83
CA ILE D 1293 83.38 -27.90 -110.60
C ILE D 1293 84.62 -27.59 -109.73
N LYS D 1294 85.78 -27.55 -110.40
CA LYS D 1294 87.14 -27.38 -109.85
C LYS D 1294 87.82 -26.35 -110.76
N THR D 1295 89.15 -26.27 -110.71
CA THR D 1295 90.01 -25.29 -111.38
C THR D 1295 90.11 -24.04 -110.52
N ASP D 1296 89.63 -24.12 -109.27
CA ASP D 1296 89.99 -23.29 -108.11
C ASP D 1296 90.24 -21.83 -108.50
N CYS D 1297 89.39 -21.34 -109.41
CA CYS D 1297 89.45 -20.01 -109.95
C CYS D 1297 88.92 -19.03 -108.90
N ASP D 1298 88.67 -17.80 -109.31
CA ASP D 1298 88.56 -16.68 -108.38
C ASP D 1298 87.51 -15.71 -108.93
N ILE D 1299 87.57 -14.46 -108.47
CA ILE D 1299 86.41 -13.59 -108.27
C ILE D 1299 85.43 -13.49 -109.43
N GLU D 1300 85.84 -13.83 -110.65
CA GLU D 1300 85.18 -13.29 -111.84
C GLU D 1300 83.81 -13.90 -112.10
N ASP D 1301 82.90 -13.85 -111.11
CA ASP D 1301 81.61 -14.52 -111.20
C ASP D 1301 80.90 -14.22 -112.52
N ASP D 1302 81.04 -12.98 -112.99
CA ASP D 1302 80.48 -12.56 -114.26
C ASP D 1302 81.09 -13.37 -115.41
N ARG D 1303 82.39 -13.20 -115.67
CA ARG D 1303 83.06 -13.94 -116.73
C ARG D 1303 82.88 -15.44 -116.52
N LEU D 1304 82.99 -15.86 -115.26
CA LEU D 1304 82.74 -17.21 -114.79
C LEU D 1304 81.39 -17.58 -115.34
N ALA D 1305 80.33 -17.14 -114.66
CA ALA D 1305 78.98 -17.50 -115.03
C ALA D 1305 78.67 -17.21 -116.50
N ALA D 1306 79.37 -16.26 -117.13
CA ALA D 1306 79.08 -15.94 -118.52
C ALA D 1306 79.44 -17.11 -119.43
N MET D 1307 80.63 -17.67 -119.25
CA MET D 1307 80.98 -18.94 -119.86
C MET D 1307 79.94 -20.02 -119.56
N PHE D 1308 79.57 -20.12 -118.29
CA PHE D 1308 78.67 -21.14 -117.79
C PHE D 1308 77.27 -21.06 -118.37
N ARG D 1309 76.69 -19.85 -118.38
CA ARG D 1309 75.36 -19.58 -118.94
C ARG D 1309 75.20 -20.02 -120.39
N GLU D 1310 76.19 -19.77 -121.24
CA GLU D 1310 75.98 -20.15 -122.66
C GLU D 1310 75.96 -21.66 -122.86
N PHE D 1311 76.19 -22.45 -121.82
CA PHE D 1311 75.82 -23.85 -121.89
C PHE D 1311 74.31 -24.00 -121.85
N THR D 1312 73.66 -23.20 -121.01
CA THR D 1312 72.22 -23.24 -120.95
C THR D 1312 71.64 -22.70 -122.25
N GLN D 1313 72.15 -21.55 -122.70
CA GLN D 1313 71.68 -20.90 -123.92
C GLN D 1313 72.06 -21.64 -125.22
N GLN D 1314 73.13 -22.43 -125.22
CA GLN D 1314 73.43 -23.26 -126.38
C GLN D 1314 72.43 -24.39 -126.48
N ASN D 1315 72.14 -25.04 -125.36
CA ASN D 1315 71.12 -26.09 -125.36
C ASN D 1315 69.89 -25.86 -124.50
N LYS D 1316 68.89 -25.24 -125.13
CA LYS D 1316 67.53 -25.62 -124.78
C LYS D 1316 67.19 -27.04 -125.22
N ALA D 1317 68.12 -27.77 -125.86
CA ALA D 1317 67.99 -29.20 -126.04
C ALA D 1317 67.63 -29.85 -124.72
N THR D 1318 68.20 -29.32 -123.64
CA THR D 1318 67.79 -29.67 -122.29
C THR D 1318 66.27 -29.60 -122.12
N LEU D 1319 65.64 -28.54 -122.65
CA LEU D 1319 64.20 -28.42 -122.61
C LEU D 1319 63.49 -29.48 -123.44
N VAL D 1320 64.05 -29.81 -124.60
CA VAL D 1320 63.40 -30.79 -125.49
C VAL D 1320 63.31 -32.21 -124.94
N ASP D 1321 64.28 -32.69 -124.17
CA ASP D 1321 64.13 -34.04 -123.58
C ASP D 1321 63.23 -33.99 -122.35
N HIS D 1322 61.95 -33.68 -122.57
CA HIS D 1322 61.00 -33.54 -121.47
C HIS D 1322 61.48 -32.55 -120.38
N GLY D 1323 62.37 -31.61 -120.71
CA GLY D 1323 62.63 -30.52 -119.80
C GLY D 1323 63.42 -30.86 -118.55
N ILE D 1324 64.23 -29.91 -118.08
CA ILE D 1324 65.00 -30.06 -116.85
C ILE D 1324 64.58 -28.88 -116.02
N ARG D 1325 64.26 -29.14 -114.76
CA ARG D 1325 63.90 -28.06 -113.83
C ARG D 1325 65.01 -27.05 -113.52
N ARG D 1326 66.20 -27.52 -113.14
CA ARG D 1326 67.24 -26.64 -112.60
C ARG D 1326 68.66 -27.01 -112.96
N LEU D 1327 69.48 -25.97 -113.15
CA LEU D 1327 70.93 -26.12 -113.31
C LEU D 1327 71.68 -25.23 -112.31
N THR D 1328 72.22 -25.83 -111.24
CA THR D 1328 73.05 -25.12 -110.28
C THR D 1328 74.49 -25.50 -110.58
N PHE D 1329 75.33 -24.50 -110.71
CA PHE D 1329 76.77 -24.66 -110.92
C PHE D 1329 77.51 -24.37 -109.62
N LEU D 1330 78.43 -25.26 -109.23
CA LEU D 1330 79.22 -25.10 -108.00
C LEU D 1330 80.69 -24.83 -108.26
N VAL D 1331 81.12 -23.63 -107.87
CA VAL D 1331 82.49 -23.15 -107.98
C VAL D 1331 83.06 -23.08 -106.56
N ALA D 1332 84.25 -23.63 -106.36
CA ALA D 1332 84.85 -23.66 -105.04
C ALA D 1332 85.71 -22.41 -104.83
N GLN D 1333 86.39 -22.30 -103.68
CA GLN D 1333 86.66 -20.99 -103.07
C GLN D 1333 87.66 -20.21 -103.92
N PHE D 1352 83.97 -20.85 -98.49
CA PHE D 1352 83.39 -22.15 -98.85
C PHE D 1352 82.90 -21.94 -100.28
N PRO D 1353 82.68 -23.03 -101.01
CA PRO D 1353 82.29 -22.89 -102.41
C PRO D 1353 81.14 -21.96 -102.69
N LYS D 1354 81.36 -21.21 -103.75
CA LYS D 1354 80.44 -20.21 -104.24
C LYS D 1354 79.54 -20.98 -105.19
N PHE D 1355 78.25 -20.99 -104.93
CA PHE D 1355 77.33 -21.67 -105.82
C PHE D 1355 76.87 -20.67 -106.88
N PHE D 1356 76.53 -21.19 -108.04
CA PHE D 1356 76.15 -20.41 -109.22
C PHE D 1356 74.90 -21.06 -109.79
N THR D 1357 73.76 -20.55 -109.36
CA THR D 1357 72.46 -21.15 -109.65
C THR D 1357 71.84 -20.61 -110.94
N PHE D 1358 71.56 -21.53 -111.87
CA PHE D 1358 70.89 -21.31 -113.17
C PHE D 1358 69.62 -22.14 -113.23
N ARG D 1359 68.47 -21.56 -112.89
CA ARG D 1359 67.22 -22.32 -112.91
C ARG D 1359 66.36 -21.98 -114.12
N ALA D 1360 66.15 -22.98 -114.99
CA ALA D 1360 65.29 -22.87 -116.17
C ALA D 1360 64.48 -24.18 -116.23
N ARG D 1361 63.38 -24.26 -115.49
CA ARG D 1361 62.45 -25.37 -115.76
C ARG D 1361 61.77 -25.23 -117.12
N ASP D 1362 61.29 -24.03 -117.42
CA ASP D 1362 60.83 -23.65 -118.75
C ASP D 1362 61.27 -22.23 -119.05
N LYS D 1363 62.18 -21.69 -118.26
CA LYS D 1363 62.34 -20.27 -118.01
C LYS D 1363 63.61 -19.82 -118.70
N PHE D 1364 63.90 -18.52 -118.58
CA PHE D 1364 65.26 -18.07 -118.83
C PHE D 1364 66.20 -18.87 -117.94
N GLU D 1365 67.45 -18.95 -118.33
CA GLU D 1365 68.41 -19.85 -117.70
C GLU D 1365 68.62 -19.61 -116.20
N GLU D 1366 68.72 -18.35 -115.75
CA GLU D 1366 69.41 -18.09 -114.50
C GLU D 1366 68.92 -16.99 -113.56
N ASP D 1367 69.00 -17.32 -112.26
CA ASP D 1367 68.50 -16.55 -111.14
C ASP D 1367 69.71 -16.08 -110.33
N ARG D 1368 69.67 -14.81 -109.97
CA ARG D 1368 70.79 -14.03 -109.46
C ARG D 1368 70.75 -13.92 -107.97
N ILE D 1369 69.52 -13.94 -107.45
CA ILE D 1369 69.22 -13.93 -106.04
C ILE D 1369 69.80 -15.14 -105.34
N TYR D 1370 69.75 -16.30 -105.99
CA TYR D 1370 70.23 -17.54 -105.39
C TYR D 1370 71.69 -17.83 -105.68
N ARG D 1371 72.39 -16.91 -106.34
CA ARG D 1371 73.81 -17.09 -106.52
C ARG D 1371 74.60 -17.08 -105.22
N HIS D 1372 75.62 -17.93 -105.20
CA HIS D 1372 76.57 -18.14 -104.14
C HIS D 1372 75.95 -19.00 -103.06
N LEU D 1373 74.76 -19.54 -103.32
CA LEU D 1373 74.09 -20.43 -102.39
C LEU D 1373 73.25 -21.43 -103.17
N GLU D 1374 73.00 -22.57 -102.54
CA GLU D 1374 72.20 -23.61 -103.15
C GLU D 1374 70.77 -23.38 -102.66
N PRO D 1375 69.82 -23.06 -103.55
CA PRO D 1375 68.48 -22.66 -103.10
C PRO D 1375 67.68 -23.63 -102.25
N ALA D 1376 68.00 -24.92 -102.19
CA ALA D 1376 67.25 -25.75 -101.24
C ALA D 1376 67.53 -25.35 -99.80
N LEU D 1377 68.79 -25.19 -99.42
CA LEU D 1377 69.06 -24.75 -98.05
C LEU D 1377 68.74 -23.28 -97.89
N ALA D 1378 68.93 -22.51 -98.95
CA ALA D 1378 68.53 -21.11 -98.95
C ALA D 1378 67.06 -20.93 -98.63
N PHE D 1379 66.22 -21.93 -98.93
CA PHE D 1379 64.80 -21.81 -98.61
C PHE D 1379 64.64 -21.46 -97.12
N GLN D 1380 65.49 -22.05 -96.27
CA GLN D 1380 65.47 -21.84 -94.83
C GLN D 1380 65.49 -20.37 -94.41
N LEU D 1381 65.98 -19.44 -95.25
CA LEU D 1381 65.63 -18.05 -94.98
C LEU D 1381 64.16 -18.03 -95.25
N GLU D 1382 63.36 -18.05 -94.19
CA GLU D 1382 61.93 -18.04 -94.43
C GLU D 1382 61.71 -16.71 -95.14
N LEU D 1383 61.39 -16.92 -96.41
CA LEU D 1383 61.41 -15.97 -97.49
C LEU D 1383 60.04 -15.40 -97.82
N ASN D 1384 58.99 -15.90 -97.18
CA ASN D 1384 57.69 -15.34 -97.44
C ASN D 1384 57.47 -14.15 -96.55
N ARG D 1385 58.37 -13.91 -95.60
CA ARG D 1385 58.25 -12.80 -94.67
C ARG D 1385 58.81 -11.54 -95.30
N MET D 1386 59.35 -11.65 -96.51
CA MET D 1386 59.77 -10.54 -97.32
C MET D 1386 59.16 -10.68 -98.71
N ARG D 1387 58.00 -11.30 -98.77
CA ARG D 1387 57.33 -11.55 -100.04
C ARG D 1387 56.80 -10.26 -100.61
N ASN D 1388 56.51 -9.31 -99.74
CA ASN D 1388 56.13 -7.97 -100.16
C ASN D 1388 57.32 -7.10 -100.50
N PHE D 1389 58.20 -7.54 -101.41
CA PHE D 1389 59.41 -6.76 -101.61
C PHE D 1389 60.00 -7.15 -102.96
N ASP D 1390 60.83 -6.27 -103.49
CA ASP D 1390 61.63 -6.51 -104.68
C ASP D 1390 63.10 -6.28 -104.34
N LEU D 1391 63.91 -7.35 -104.31
CA LEU D 1391 65.25 -7.25 -103.76
C LEU D 1391 66.28 -7.65 -104.81
N THR D 1392 67.39 -6.92 -104.79
CA THR D 1392 68.45 -7.02 -105.78
C THR D 1392 69.69 -7.54 -105.08
N ALA D 1393 70.27 -8.61 -105.62
CA ALA D 1393 71.39 -9.26 -104.98
C ALA D 1393 72.63 -8.40 -105.16
N ILE D 1394 73.24 -8.02 -104.05
CA ILE D 1394 74.45 -7.20 -104.04
C ILE D 1394 75.64 -8.09 -103.70
N PRO D 1395 76.71 -8.07 -104.51
CA PRO D 1395 77.87 -8.92 -104.20
C PRO D 1395 78.77 -8.40 -103.09
N CYS D 1396 79.31 -9.34 -102.33
CA CYS D 1396 79.98 -9.13 -101.06
C CYS D 1396 80.86 -10.36 -100.90
N ALA D 1397 82.01 -10.22 -100.26
CA ALA D 1397 82.74 -11.45 -100.02
C ALA D 1397 82.08 -12.23 -98.90
N ASN D 1398 82.54 -13.47 -98.72
CA ASN D 1398 82.01 -14.35 -97.71
C ASN D 1398 80.50 -14.51 -97.90
N HIS D 1399 80.15 -15.11 -99.03
CA HIS D 1399 78.83 -14.91 -99.61
C HIS D 1399 77.74 -15.57 -98.81
N LYS D 1400 78.10 -16.51 -97.91
CA LYS D 1400 77.36 -16.93 -96.71
C LYS D 1400 76.47 -15.82 -96.16
N MET D 1401 77.08 -14.63 -96.09
CA MET D 1401 76.40 -13.45 -95.61
C MET D 1401 75.94 -12.86 -96.93
N HIS D 1402 74.66 -12.98 -97.24
CA HIS D 1402 74.16 -12.55 -98.53
C HIS D 1402 73.47 -11.25 -98.26
N LEU D 1403 73.89 -10.16 -98.91
CA LEU D 1403 73.19 -8.91 -98.66
C LEU D 1403 72.56 -8.50 -99.97
N TYR D 1404 71.28 -8.22 -99.85
CA TYR D 1404 70.34 -7.88 -100.89
C TYR D 1404 69.79 -6.51 -100.64
N LEU D 1405 69.51 -5.78 -101.71
CA LEU D 1405 68.91 -4.48 -101.52
C LEU D 1405 67.48 -4.69 -101.91
N GLY D 1406 66.58 -4.25 -101.03
CA GLY D 1406 65.17 -4.50 -101.14
C GLY D 1406 64.45 -3.20 -101.40
N ALA D 1407 63.58 -3.23 -102.39
CA ALA D 1407 62.70 -2.12 -102.70
C ALA D 1407 61.28 -2.59 -102.49
N ALA D 1408 60.52 -1.82 -101.72
CA ALA D 1408 59.16 -2.22 -101.44
C ALA D 1408 58.42 -2.32 -102.75
N LYS D 1409 57.93 -3.52 -103.08
CA LYS D 1409 57.10 -3.68 -104.28
C LYS D 1409 55.71 -3.15 -104.02
N VAL D 1410 55.22 -2.34 -104.97
CA VAL D 1410 54.07 -1.48 -104.79
C VAL D 1410 53.25 -1.66 -106.07
N GLU D 1411 52.03 -1.13 -106.08
CA GLU D 1411 51.18 -1.22 -107.25
C GLU D 1411 51.34 0.04 -108.09
N VAL D 1412 50.96 -0.09 -109.36
CA VAL D 1412 50.89 1.00 -110.34
C VAL D 1412 50.33 2.31 -109.81
N GLY D 1413 49.39 2.26 -108.86
CA GLY D 1413 48.83 3.49 -108.35
C GLY D 1413 49.87 4.38 -107.72
N THR D 1414 50.93 3.80 -107.17
CA THR D 1414 51.91 4.55 -106.42
C THR D 1414 53.31 4.10 -106.83
N GLU D 1415 54.26 4.95 -106.51
CA GLU D 1415 55.65 4.79 -106.86
C GLU D 1415 56.36 4.49 -105.55
N VAL D 1416 57.35 3.59 -105.58
CA VAL D 1416 57.78 3.02 -104.31
C VAL D 1416 58.46 4.10 -103.48
N THR D 1417 58.16 4.09 -102.18
CA THR D 1417 58.78 4.99 -101.21
C THR D 1417 59.76 4.35 -100.26
N ASP D 1418 59.61 3.05 -99.95
CA ASP D 1418 60.50 2.45 -98.97
C ASP D 1418 61.46 1.61 -99.80
N TYR D 1419 62.64 1.54 -99.23
CA TYR D 1419 63.91 1.19 -99.82
C TYR D 1419 64.66 0.63 -98.64
N ARG D 1420 64.56 -0.66 -98.44
CA ARG D 1420 65.11 -1.25 -97.25
C ARG D 1420 66.40 -1.95 -97.63
N PHE D 1421 67.39 -1.86 -96.76
CA PHE D 1421 68.59 -2.64 -96.93
C PHE D 1421 68.30 -3.96 -96.26
N PHE D 1422 68.40 -5.04 -97.02
CA PHE D 1422 68.34 -6.39 -96.50
C PHE D 1422 69.70 -7.06 -96.46
N VAL D 1423 69.99 -7.73 -95.36
CA VAL D 1423 71.13 -8.62 -95.33
C VAL D 1423 70.59 -9.89 -94.73
N ARG D 1424 70.65 -10.98 -95.48
CA ARG D 1424 70.13 -12.25 -95.04
C ARG D 1424 71.24 -13.29 -95.19
N ALA D 1425 71.64 -13.89 -94.07
CA ALA D 1425 72.70 -14.89 -94.09
C ALA D 1425 72.22 -16.23 -93.59
N ILE D 1426 73.16 -17.16 -93.65
CA ILE D 1426 73.00 -18.47 -93.02
C ILE D 1426 74.38 -18.75 -92.50
N ILE D 1427 74.50 -19.36 -91.32
CA ILE D 1427 75.83 -19.49 -90.73
C ILE D 1427 75.97 -20.84 -90.05
N ARG D 1428 76.79 -21.70 -90.67
CA ARG D 1428 77.19 -23.02 -90.18
C ARG D 1428 78.67 -22.76 -90.43
N HIS D 1429 79.34 -22.15 -89.45
CA HIS D 1429 80.74 -21.78 -89.58
C HIS D 1429 81.63 -22.58 -88.65
N SER D 1430 81.11 -23.67 -88.09
CA SER D 1430 81.70 -24.57 -87.12
C SER D 1430 81.64 -23.98 -85.73
N GLU D 1436 78.71 -22.74 -75.78
CA GLU D 1436 79.24 -21.39 -75.64
C GLU D 1436 80.09 -20.98 -76.81
N ALA D 1437 80.92 -21.92 -77.28
CA ALA D 1437 81.80 -21.61 -78.40
C ALA D 1437 81.02 -21.20 -79.62
N SER D 1438 79.88 -21.84 -79.84
CA SER D 1438 79.08 -21.59 -81.02
C SER D 1438 78.63 -20.14 -81.04
N PHE D 1439 78.12 -19.67 -79.91
CA PHE D 1439 77.56 -18.34 -79.80
C PHE D 1439 78.62 -17.29 -80.05
N GLU D 1440 79.76 -17.41 -79.38
CA GLU D 1440 80.81 -16.42 -79.56
C GLU D 1440 81.34 -16.46 -80.98
N TYR D 1441 81.57 -17.67 -81.47
CA TYR D 1441 82.13 -17.88 -82.80
C TYR D 1441 81.14 -17.37 -83.84
N LEU D 1442 79.87 -17.77 -83.70
CA LEU D 1442 78.81 -17.40 -84.64
C LEU D 1442 78.72 -15.90 -84.66
N GLN D 1443 78.72 -15.32 -83.46
CA GLN D 1443 78.63 -13.90 -83.24
C GLN D 1443 79.75 -13.18 -83.94
N ASN D 1444 80.96 -13.65 -83.71
CA ASN D 1444 82.17 -13.01 -84.22
C ASN D 1444 82.15 -12.99 -85.73
N GLU D 1445 81.85 -14.12 -86.33
CA GLU D 1445 81.87 -14.16 -87.78
C GLU D 1445 80.71 -13.33 -88.32
N GLY D 1446 79.57 -13.36 -87.65
CA GLY D 1446 78.43 -12.60 -88.13
C GLY D 1446 78.75 -11.12 -88.11
N GLU D 1447 79.33 -10.64 -87.01
CA GLU D 1447 79.70 -9.23 -86.89
C GLU D 1447 80.76 -8.86 -87.91
N ARG D 1448 81.77 -9.72 -88.10
CA ARG D 1448 82.84 -9.36 -89.02
C ARG D 1448 82.21 -9.18 -90.38
N LEU D 1449 81.33 -10.10 -90.71
CA LEU D 1449 80.59 -10.03 -91.96
C LEU D 1449 79.74 -8.79 -91.94
N LEU D 1450 79.20 -8.45 -90.77
CA LEU D 1450 78.32 -7.30 -90.63
C LEU D 1450 79.01 -5.98 -90.91
N LEU D 1451 80.21 -5.75 -90.36
CA LEU D 1451 80.89 -4.50 -90.72
C LEU D 1451 81.29 -4.51 -92.17
N GLU D 1452 81.78 -5.66 -92.66
CA GLU D 1452 82.16 -5.68 -94.06
C GLU D 1452 80.92 -5.44 -94.91
N ALA D 1453 79.83 -6.10 -94.53
CA ALA D 1453 78.54 -6.01 -95.21
C ALA D 1453 78.05 -4.59 -95.14
N MET D 1454 78.16 -4.01 -93.96
CA MET D 1454 77.75 -2.64 -93.71
C MET D 1454 78.63 -1.66 -94.43
N ASP D 1455 79.89 -1.99 -94.65
CA ASP D 1455 80.71 -1.24 -95.57
C ASP D 1455 80.13 -1.32 -96.97
N GLU D 1456 79.71 -2.52 -97.38
CA GLU D 1456 79.17 -2.67 -98.72
C GLU D 1456 77.93 -1.80 -98.85
N LEU D 1457 77.04 -1.95 -97.87
CA LEU D 1457 75.84 -1.15 -97.78
C LEU D 1457 76.17 0.34 -97.59
N GLU D 1458 77.34 0.64 -97.01
CA GLU D 1458 77.79 2.02 -96.92
C GLU D 1458 78.02 2.53 -98.33
N VAL D 1459 78.71 1.70 -99.10
CA VAL D 1459 78.90 1.95 -100.51
C VAL D 1459 77.54 2.05 -101.19
N ALA D 1460 76.58 1.24 -100.75
CA ALA D 1460 75.25 1.32 -101.34
C ALA D 1460 74.65 2.69 -101.10
N PHE D 1461 74.83 3.24 -99.90
CA PHE D 1461 74.35 4.61 -99.67
C PHE D 1461 75.09 5.55 -100.61
N ASN D 1462 76.41 5.46 -100.60
CA ASN D 1462 77.29 6.34 -101.38
C ASN D 1462 76.86 6.29 -102.84
N ASN D 1463 76.68 5.07 -103.32
CA ASN D 1463 76.32 4.76 -104.69
C ASN D 1463 74.99 5.36 -105.05
N THR D 1464 73.97 5.03 -104.26
CA THR D 1464 72.65 5.60 -104.42
C THR D 1464 72.07 5.85 -103.05
N ASN D 1465 71.38 6.97 -102.93
CA ASN D 1465 70.79 7.42 -101.69
C ASN D 1465 69.32 7.57 -101.99
N VAL D 1466 68.49 7.08 -101.08
CA VAL D 1466 67.06 7.22 -101.23
C VAL D 1466 66.28 7.45 -99.95
N ARG D 1467 66.96 7.60 -98.81
CA ARG D 1467 66.34 7.50 -97.48
C ARG D 1467 65.71 6.13 -97.28
N THR D 1468 66.58 5.14 -97.19
CA THR D 1468 66.12 3.84 -96.75
C THR D 1468 65.46 3.92 -95.39
N ASP D 1469 64.52 2.99 -95.14
CA ASP D 1469 63.67 3.20 -93.96
C ASP D 1469 63.65 2.02 -93.00
N CYS D 1470 63.53 0.78 -93.49
CA CYS D 1470 63.26 -0.37 -92.63
C CYS D 1470 64.27 -1.47 -92.87
N ASN D 1471 65.52 -1.14 -92.62
CA ASN D 1471 66.60 -2.03 -92.96
C ASN D 1471 66.43 -3.31 -92.15
N HIS D 1472 66.64 -4.44 -92.80
CA HIS D 1472 66.53 -5.76 -92.21
C HIS D 1472 67.86 -6.49 -92.12
N ILE D 1473 68.05 -7.17 -90.99
CA ILE D 1473 69.15 -8.10 -90.76
C ILE D 1473 68.50 -9.43 -90.47
N PHE D 1474 68.84 -10.45 -91.24
CA PHE D 1474 68.38 -11.80 -91.03
C PHE D 1474 69.63 -12.64 -90.87
N LEU D 1475 69.74 -13.35 -89.76
CA LEU D 1475 70.82 -14.31 -89.55
C LEU D 1475 70.22 -15.67 -89.25
N ASN D 1476 70.54 -16.67 -90.07
CA ASN D 1476 70.10 -18.02 -89.76
C ASN D 1476 71.21 -18.85 -89.15
N PHE D 1477 71.25 -18.95 -87.82
CA PHE D 1477 72.22 -19.87 -87.26
C PHE D 1477 71.45 -21.16 -87.46
N VAL D 1478 71.95 -21.99 -88.35
CA VAL D 1478 71.49 -23.36 -88.58
C VAL D 1478 72.16 -24.44 -87.72
N PRO D 1479 73.22 -24.16 -86.92
CA PRO D 1479 73.59 -25.19 -85.94
C PRO D 1479 72.56 -25.25 -84.82
N THR D 1480 72.75 -26.17 -83.88
CA THR D 1480 71.80 -26.39 -82.80
C THR D 1480 72.53 -26.53 -81.46
N VAL D 1481 72.67 -25.38 -80.83
CA VAL D 1481 73.36 -25.10 -79.58
C VAL D 1481 72.41 -25.31 -78.41
N ILE D 1482 72.92 -25.22 -77.18
CA ILE D 1482 72.09 -25.27 -75.96
C ILE D 1482 72.24 -23.98 -75.13
N MET D 1483 71.12 -23.29 -74.91
CA MET D 1483 71.12 -22.08 -74.09
C MET D 1483 69.68 -21.73 -73.68
N ASP D 1484 69.53 -20.67 -72.82
CA ASP D 1484 68.32 -20.05 -72.27
C ASP D 1484 67.91 -18.81 -73.08
N PRO D 1485 66.66 -18.36 -72.97
CA PRO D 1485 66.25 -17.18 -73.77
C PRO D 1485 66.68 -15.82 -73.25
N SER D 1486 66.86 -15.66 -71.96
CA SER D 1486 67.01 -14.30 -71.45
C SER D 1486 68.44 -13.81 -71.38
N LYS D 1487 69.39 -14.73 -71.29
CA LYS D 1487 70.79 -14.41 -71.47
C LYS D 1487 71.10 -14.29 -72.96
N ILE D 1488 70.32 -14.97 -73.80
CA ILE D 1488 70.29 -14.68 -75.22
C ILE D 1488 69.86 -13.25 -75.43
N GLU D 1489 68.93 -12.80 -74.60
CA GLU D 1489 68.41 -11.45 -74.70
C GLU D 1489 69.47 -10.45 -74.25
N GLU D 1490 70.27 -10.79 -73.22
CA GLU D 1490 71.41 -9.94 -72.92
C GLU D 1490 72.38 -9.91 -74.08
N SER D 1491 72.50 -11.05 -74.75
CA SER D 1491 73.42 -11.14 -75.86
C SER D 1491 73.00 -10.21 -76.99
N VAL D 1492 71.71 -10.24 -77.34
CA VAL D 1492 71.24 -9.38 -78.41
C VAL D 1492 71.19 -7.91 -78.00
N ARG D 1493 70.98 -7.59 -76.70
CA ARG D 1493 71.08 -6.18 -76.34
C ARG D 1493 72.49 -5.69 -76.58
N SER D 1494 73.48 -6.38 -76.01
CA SER D 1494 74.86 -5.97 -76.20
C SER D 1494 75.19 -5.92 -77.68
N MET D 1495 74.71 -6.91 -78.44
CA MET D 1495 74.96 -6.94 -79.87
C MET D 1495 74.49 -5.70 -80.59
N VAL D 1496 73.17 -5.48 -80.60
CA VAL D 1496 72.60 -4.36 -81.34
C VAL D 1496 73.10 -3.05 -80.79
N MET D 1497 73.31 -2.99 -79.48
CA MET D 1497 73.76 -1.79 -78.78
C MET D 1497 75.15 -1.36 -79.14
N ARG D 1498 76.07 -2.33 -79.24
CA ARG D 1498 77.48 -2.04 -79.44
C ARG D 1498 77.69 -1.03 -80.54
N TYR D 1499 76.95 -1.18 -81.61
CA TYR D 1499 76.88 -0.21 -82.69
C TYR D 1499 75.65 0.63 -82.39
N GLY D 1500 75.85 1.93 -82.29
CA GLY D 1500 74.85 2.83 -81.77
C GLY D 1500 74.45 3.75 -82.89
N SER D 1501 75.22 4.83 -83.06
CA SER D 1501 74.95 5.79 -84.12
C SER D 1501 74.87 5.07 -85.44
N ARG D 1502 75.79 4.14 -85.65
CA ARG D 1502 75.87 3.35 -86.87
C ARG D 1502 74.53 2.76 -87.24
N LEU D 1503 73.80 2.26 -86.25
CA LEU D 1503 72.47 1.75 -86.54
C LEU D 1503 71.65 2.86 -87.15
N TRP D 1504 71.81 4.07 -86.65
CA TRP D 1504 70.98 5.18 -87.10
C TRP D 1504 71.49 5.70 -88.44
N LYS D 1505 72.79 5.53 -88.68
CA LYS D 1505 73.38 5.87 -89.95
C LYS D 1505 72.78 4.99 -91.01
N LEU D 1506 72.85 3.70 -90.75
CA LEU D 1506 72.18 2.71 -91.55
C LEU D 1506 70.69 2.78 -91.38
N ARG D 1507 70.23 3.45 -90.33
CA ARG D 1507 68.82 3.63 -90.07
C ARG D 1507 68.14 2.27 -90.09
N VAL D 1508 68.70 1.45 -89.20
CA VAL D 1508 68.27 0.08 -88.94
C VAL D 1508 67.06 0.02 -88.04
N LEU D 1509 66.00 -0.59 -88.58
CA LEU D 1509 64.69 -0.65 -87.99
C LEU D 1509 64.19 -2.06 -87.77
N GLN D 1510 64.78 -3.05 -88.43
CA GLN D 1510 64.28 -4.42 -88.34
C GLN D 1510 65.41 -5.45 -88.29
N ALA D 1511 65.36 -6.37 -87.31
CA ALA D 1511 66.37 -7.41 -87.26
C ALA D 1511 65.78 -8.75 -86.86
N GLU D 1512 66.20 -9.83 -87.50
CA GLU D 1512 65.83 -11.20 -87.19
C GLU D 1512 67.05 -12.08 -87.10
N LEU D 1513 67.11 -12.91 -86.06
CA LEU D 1513 68.07 -14.00 -86.01
C LEU D 1513 67.27 -15.28 -85.75
N LYS D 1514 67.90 -16.41 -86.04
CA LYS D 1514 67.53 -17.66 -85.40
C LYS D 1514 68.79 -18.34 -84.92
N ILE D 1515 68.55 -19.24 -83.99
CA ILE D 1515 69.55 -20.11 -83.43
C ILE D 1515 68.73 -21.23 -82.81
N ASN D 1516 69.09 -22.46 -83.12
CA ASN D 1516 68.37 -23.59 -82.60
C ASN D 1516 68.98 -23.86 -81.24
N ILE D 1517 68.15 -23.96 -80.21
CA ILE D 1517 68.61 -24.31 -78.88
C ILE D 1517 67.74 -25.41 -78.31
N ARG D 1518 68.08 -25.83 -77.10
CA ARG D 1518 67.34 -26.86 -76.38
C ARG D 1518 68.11 -26.93 -75.08
N LEU D 1519 67.67 -27.75 -74.15
CA LEU D 1519 68.30 -27.84 -72.85
C LEU D 1519 69.51 -28.78 -72.90
N THR D 1520 70.16 -28.94 -71.73
CA THR D 1520 71.49 -29.56 -71.70
C THR D 1520 71.52 -31.01 -72.12
N PRO D 1521 70.69 -31.90 -71.59
CA PRO D 1521 70.70 -33.29 -72.06
C PRO D 1521 69.88 -33.49 -73.32
N THR D 1522 68.81 -32.72 -73.45
CA THR D 1522 67.64 -33.16 -74.20
C THR D 1522 67.97 -33.41 -75.67
N GLY D 1523 68.69 -32.51 -76.33
CA GLY D 1523 68.93 -32.61 -77.75
C GLY D 1523 67.77 -32.18 -78.63
N LYS D 1524 66.61 -31.88 -78.05
CA LYS D 1524 65.42 -31.51 -78.80
C LYS D 1524 65.58 -30.09 -79.34
N ALA D 1525 66.26 -29.96 -80.47
CA ALA D 1525 66.60 -28.64 -80.95
C ALA D 1525 65.34 -27.95 -81.47
N ILE D 1526 65.02 -26.83 -80.85
CA ILE D 1526 63.88 -25.98 -81.16
C ILE D 1526 64.50 -24.72 -81.78
N PRO D 1527 63.81 -23.98 -82.62
CA PRO D 1527 64.37 -22.75 -83.19
C PRO D 1527 63.82 -21.61 -82.36
N ILE D 1528 64.60 -20.53 -82.21
CA ILE D 1528 64.15 -19.38 -81.43
C ILE D 1528 64.40 -18.10 -82.22
N ARG D 1529 63.38 -17.68 -82.97
CA ARG D 1529 63.50 -16.57 -83.88
C ARG D 1529 63.41 -15.32 -83.04
N LEU D 1530 64.54 -14.68 -82.80
CA LEU D 1530 64.56 -13.43 -82.07
C LEU D 1530 64.38 -12.35 -83.12
N PHE D 1531 63.44 -11.43 -82.92
CA PHE D 1531 63.24 -10.35 -83.87
C PHE D 1531 63.32 -9.05 -83.07
N LEU D 1532 64.18 -8.16 -83.54
CA LEU D 1532 64.48 -6.90 -82.88
C LEU D 1532 63.71 -5.82 -83.60
N THR D 1533 63.11 -4.91 -82.83
CA THR D 1533 62.29 -3.84 -83.37
C THR D 1533 62.62 -2.49 -82.74
N ASN D 1534 63.20 -1.57 -83.49
CA ASN D 1534 63.43 -0.22 -82.96
C ASN D 1534 63.02 0.71 -84.07
N GLU D 1535 62.21 1.69 -83.69
CA GLU D 1535 61.55 2.69 -84.48
C GLU D 1535 62.12 4.06 -84.19
N SER D 1536 61.32 5.10 -84.43
CA SER D 1536 61.78 6.43 -84.08
C SER D 1536 62.05 6.39 -82.60
N GLY D 1537 63.14 7.00 -82.19
CA GLY D 1537 63.54 6.86 -80.82
C GLY D 1537 64.43 5.65 -80.76
N TYR D 1538 65.22 5.56 -79.72
CA TYR D 1538 66.13 4.44 -79.63
C TYR D 1538 65.56 3.31 -78.78
N TYR D 1539 64.25 3.39 -78.49
CA TYR D 1539 63.54 2.40 -77.72
C TYR D 1539 63.33 1.20 -78.61
N LEU D 1540 63.68 0.01 -78.13
CA LEU D 1540 63.53 -1.15 -78.97
C LEU D 1540 62.80 -2.25 -78.22
N ASP D 1541 61.83 -2.86 -78.86
CA ASP D 1541 61.08 -3.92 -78.23
C ASP D 1541 61.66 -5.16 -78.89
N ILE D 1542 62.06 -6.11 -78.05
CA ILE D 1542 62.69 -7.35 -78.48
C ILE D 1542 61.69 -8.49 -78.34
N SER D 1543 61.50 -9.24 -79.42
CA SER D 1543 60.61 -10.39 -79.39
C SER D 1543 61.46 -11.64 -79.49
N LEU D 1544 61.51 -12.45 -78.43
CA LEU D 1544 62.23 -13.71 -78.49
C LEU D 1544 61.23 -14.80 -78.16
N TYR D 1545 61.27 -15.88 -78.94
CA TYR D 1545 60.33 -16.98 -78.77
C TYR D 1545 61.07 -18.32 -78.76
N LYS D 1546 60.28 -19.36 -78.92
CA LYS D 1546 60.67 -20.73 -79.19
C LYS D 1546 59.59 -21.05 -80.22
N GLU D 1547 59.78 -22.04 -81.09
CA GLU D 1547 58.75 -22.27 -82.11
C GLU D 1547 57.99 -23.57 -81.89
N VAL D 1548 56.67 -23.45 -81.78
CA VAL D 1548 55.87 -24.11 -80.77
C VAL D 1548 54.57 -24.49 -81.46
N THR D 1549 54.10 -25.71 -81.25
CA THR D 1549 52.76 -26.04 -81.71
C THR D 1549 51.70 -25.19 -81.02
N ALA D 1554 47.54 -26.50 -84.76
CA ALA D 1554 48.76 -27.29 -84.63
C ALA D 1554 49.91 -26.78 -85.50
N GLN D 1555 49.67 -25.68 -86.19
CA GLN D 1555 50.60 -25.10 -87.15
C GLN D 1555 51.50 -24.11 -86.41
N ILE D 1556 52.79 -24.44 -86.34
CA ILE D 1556 53.79 -23.88 -85.43
C ILE D 1556 53.75 -22.35 -85.36
N MET D 1557 54.04 -21.88 -84.15
CA MET D 1557 53.67 -20.59 -83.59
C MET D 1557 54.83 -20.06 -82.75
N PHE D 1558 55.38 -18.89 -83.05
CA PHE D 1558 56.51 -18.39 -82.24
C PHE D 1558 56.07 -18.09 -80.80
N GLN D 1559 56.36 -19.00 -79.87
CA GLN D 1559 56.06 -18.86 -78.44
C GLN D 1559 57.28 -19.18 -77.59
N ALA D 1560 57.70 -18.25 -76.74
CA ALA D 1560 58.85 -18.49 -75.88
C ALA D 1560 58.69 -19.73 -75.02
N LYS D 1564 58.01 -13.59 -69.84
CA LYS D 1564 57.08 -12.48 -69.88
C LYS D 1564 55.86 -12.83 -70.74
N GLN D 1565 55.21 -11.82 -71.30
CA GLN D 1565 54.51 -11.93 -72.56
C GLN D 1565 55.03 -10.86 -73.49
N GLY D 1566 55.31 -11.29 -74.71
CA GLY D 1566 56.04 -10.58 -75.74
C GLY D 1566 55.13 -10.36 -76.92
N PRO D 1567 55.25 -9.22 -77.61
CA PRO D 1567 54.32 -8.95 -78.71
C PRO D 1567 54.44 -10.07 -79.72
N LEU D 1568 53.33 -10.34 -80.39
CA LEU D 1568 53.26 -11.46 -81.30
C LEU D 1568 53.67 -12.64 -80.42
N HIS D 1569 52.92 -12.86 -79.33
CA HIS D 1569 53.34 -13.94 -78.42
C HIS D 1569 53.45 -15.28 -79.14
N GLY D 1570 52.82 -15.40 -80.29
CA GLY D 1570 52.70 -16.59 -81.04
C GLY D 1570 51.96 -16.16 -82.27
N MET D 1571 52.50 -16.55 -83.41
CA MET D 1571 51.93 -16.36 -84.74
C MET D 1571 52.70 -17.33 -85.59
N LEU D 1572 52.16 -17.64 -86.76
CA LEU D 1572 52.88 -18.56 -87.60
C LEU D 1572 53.99 -17.83 -88.36
N ILE D 1573 54.69 -18.56 -89.20
CA ILE D 1573 56.01 -18.12 -89.58
C ILE D 1573 56.05 -17.34 -90.90
N ASN D 1574 55.13 -17.65 -91.84
CA ASN D 1574 55.24 -17.04 -93.17
C ASN D 1574 54.47 -15.74 -93.36
N THR D 1575 54.69 -14.80 -92.46
CA THR D 1575 53.92 -13.56 -92.43
C THR D 1575 54.65 -12.57 -93.33
N PRO D 1576 54.16 -12.22 -94.52
CA PRO D 1576 54.96 -11.27 -95.32
C PRO D 1576 55.03 -9.91 -94.64
N TYR D 1577 56.15 -9.23 -94.87
CA TYR D 1577 56.44 -8.07 -94.04
C TYR D 1577 55.55 -6.93 -94.51
N VAL D 1578 54.86 -6.34 -93.54
CA VAL D 1578 53.93 -5.24 -93.76
C VAL D 1578 54.60 -4.13 -94.53
N THR D 1579 53.88 -3.57 -95.50
CA THR D 1579 54.45 -2.44 -96.21
C THR D 1579 53.88 -1.25 -95.45
N LYS D 1580 54.82 -0.53 -94.85
CA LYS D 1580 54.83 0.75 -94.19
C LYS D 1580 53.91 1.82 -94.77
N ASP D 1581 53.77 1.81 -96.10
CA ASP D 1581 53.06 2.90 -96.78
C ASP D 1581 51.60 3.02 -96.41
N LEU D 1582 50.99 1.96 -95.90
CA LEU D 1582 49.73 2.03 -95.14
C LEU D 1582 49.80 3.02 -93.98
N LEU D 1583 50.74 2.80 -93.07
CA LEU D 1583 50.89 3.72 -91.94
C LEU D 1583 51.04 5.12 -92.47
N GLN D 1584 52.02 5.30 -93.35
CA GLN D 1584 52.20 6.58 -94.03
C GLN D 1584 50.86 7.07 -94.58
N SER D 1585 50.04 6.18 -95.15
CA SER D 1585 48.76 6.61 -95.71
C SER D 1585 47.95 7.27 -94.60
N LYS D 1586 47.97 6.69 -93.40
CA LYS D 1586 47.17 7.36 -92.38
C LYS D 1586 47.85 8.67 -92.02
N ARG D 1587 49.19 8.70 -92.10
CA ARG D 1587 49.88 9.94 -91.82
C ARG D 1587 49.47 10.98 -92.84
N PHE D 1588 49.26 10.56 -94.07
CA PHE D 1588 48.85 11.45 -95.13
C PHE D 1588 47.49 12.04 -94.84
N GLN D 1589 46.58 11.20 -94.37
CA GLN D 1589 45.27 11.71 -94.04
C GLN D 1589 45.36 12.72 -92.89
N ALA D 1590 46.22 12.45 -91.90
CA ALA D 1590 46.32 13.37 -90.76
C ALA D 1590 46.97 14.69 -91.13
N GLN D 1591 48.14 14.66 -91.76
CA GLN D 1591 48.77 15.90 -92.20
C GLN D 1591 47.85 16.67 -93.12
N SER D 1592 47.14 15.95 -93.99
CA SER D 1592 46.20 16.56 -94.90
C SER D 1592 45.01 17.11 -94.15
N LEU D 1593 44.76 16.58 -92.95
CA LEU D 1593 43.78 17.13 -92.05
C LEU D 1593 44.37 18.12 -91.05
N GLY D 1594 45.62 18.54 -91.22
CA GLY D 1594 46.18 19.52 -90.31
C GLY D 1594 46.35 19.13 -88.85
N THR D 1595 46.73 17.89 -88.58
CA THR D 1595 46.96 17.45 -87.21
C THR D 1595 48.18 16.59 -87.16
N THR D 1596 48.41 16.04 -85.98
CA THR D 1596 49.57 15.22 -85.72
C THR D 1596 49.06 13.80 -85.72
N TYR D 1597 49.81 12.93 -86.39
CA TYR D 1597 49.49 11.51 -86.42
C TYR D 1597 49.47 10.81 -85.09
N ILE D 1598 48.41 10.02 -84.95
CA ILE D 1598 48.06 9.35 -83.72
C ILE D 1598 49.21 8.49 -83.19
N TYR D 1599 49.77 7.58 -83.99
CA TYR D 1599 50.82 6.75 -83.42
C TYR D 1599 52.15 7.48 -83.29
N ASP D 1600 52.24 8.69 -83.82
CA ASP D 1600 53.37 9.58 -83.65
C ASP D 1600 53.19 10.44 -82.43
N ILE D 1601 51.98 10.43 -81.90
CA ILE D 1601 51.65 11.25 -80.77
C ILE D 1601 52.60 10.89 -79.65
N PRO D 1602 52.88 9.63 -79.37
CA PRO D 1602 53.76 9.34 -78.28
C PRO D 1602 55.05 10.10 -78.40
N GLU D 1603 55.54 10.12 -79.61
CA GLU D 1603 56.73 10.89 -79.79
C GLU D 1603 56.46 12.36 -79.72
N MET D 1604 55.28 12.82 -80.11
CA MET D 1604 55.05 14.25 -79.95
C MET D 1604 55.00 14.69 -78.51
N PHE D 1605 54.50 13.83 -77.63
CA PHE D 1605 54.60 14.21 -76.24
C PHE D 1605 56.06 14.25 -75.89
N ARG D 1606 56.80 13.25 -76.33
CA ARG D 1606 58.19 13.24 -75.94
C ARG D 1606 58.92 14.48 -76.40
N GLN D 1607 58.72 14.93 -77.63
CA GLN D 1607 59.48 16.11 -78.03
C GLN D 1607 59.05 17.33 -77.23
N SER D 1608 57.76 17.48 -76.98
CA SER D 1608 57.35 18.60 -76.14
C SER D 1608 57.99 18.44 -74.76
N LEU D 1609 58.00 17.21 -74.26
CA LEU D 1609 58.59 16.88 -72.95
C LEU D 1609 60.06 17.24 -72.91
N ILE D 1610 60.75 16.95 -73.98
CA ILE D 1610 62.16 17.27 -74.13
C ILE D 1610 62.31 18.76 -74.07
N LYS D 1611 61.46 19.41 -74.83
CA LYS D 1611 61.44 20.85 -74.90
C LYS D 1611 61.24 21.40 -73.50
N LEU D 1612 60.46 20.70 -72.72
CA LEU D 1612 60.28 21.09 -71.36
C LEU D 1612 61.54 20.85 -70.56
N TRP D 1613 62.13 19.66 -70.69
CA TRP D 1613 63.34 19.36 -69.93
C TRP D 1613 64.40 20.41 -70.14
N GLU D 1614 64.48 20.89 -71.36
CA GLU D 1614 65.48 21.89 -71.66
C GLU D 1614 65.04 23.25 -71.19
N SER D 1615 63.81 23.63 -71.53
CA SER D 1615 63.36 24.96 -71.19
C SER D 1615 63.32 25.12 -69.70
N MET D 1616 62.84 24.10 -69.03
CA MET D 1616 62.70 24.16 -67.59
C MET D 1616 64.03 24.02 -66.89
N SER D 1617 65.06 23.49 -67.55
CA SER D 1617 66.34 23.40 -66.87
C SER D 1617 66.91 24.79 -66.63
N THR D 1618 66.50 25.75 -67.46
CA THR D 1618 66.71 27.15 -67.17
C THR D 1618 66.19 27.45 -65.79
N GLN D 1619 64.97 26.99 -65.54
CA GLN D 1619 64.19 27.36 -64.39
C GLN D 1619 64.65 26.63 -63.16
N ALA D 1620 65.08 25.38 -63.30
CA ALA D 1620 65.36 24.54 -62.18
C ALA D 1620 66.68 23.83 -62.36
N PHE D 1621 67.17 23.42 -61.20
CA PHE D 1621 68.29 22.52 -61.05
C PHE D 1621 67.83 21.11 -61.31
N LEU D 1622 68.43 20.48 -62.31
CA LEU D 1622 67.99 19.15 -62.68
C LEU D 1622 69.11 18.12 -62.60
N PRO D 1623 68.77 16.83 -62.41
CA PRO D 1623 69.74 15.75 -62.63
C PRO D 1623 70.05 15.72 -64.10
N SER D 1624 70.95 14.90 -64.56
CA SER D 1624 71.12 14.89 -66.00
C SER D 1624 69.81 14.40 -66.61
N PRO D 1625 69.33 15.02 -67.68
CA PRO D 1625 68.09 14.56 -68.26
C PRO D 1625 68.28 13.14 -68.74
N PRO D 1626 67.23 12.37 -68.83
CA PRO D 1626 67.37 11.09 -69.50
C PRO D 1626 67.42 11.18 -71.00
N LEU D 1627 67.86 10.08 -71.52
CA LEU D 1627 67.94 9.77 -72.91
C LEU D 1627 66.54 9.60 -73.42
N PRO D 1628 66.27 9.88 -74.70
CA PRO D 1628 64.89 9.73 -75.16
C PRO D 1628 64.43 8.34 -74.84
N SER D 1629 65.36 7.39 -74.97
CA SER D 1629 65.15 6.00 -74.63
C SER D 1629 64.93 5.83 -73.14
N ASP D 1630 65.57 6.64 -72.32
CA ASP D 1630 65.47 6.48 -70.88
C ASP D 1630 64.39 7.32 -70.26
N MET D 1631 63.69 8.11 -71.05
CA MET D 1631 62.69 9.02 -70.53
C MET D 1631 61.38 8.38 -70.12
N LEU D 1632 61.01 7.28 -70.76
CA LEU D 1632 59.64 6.77 -70.69
C LEU D 1632 59.40 5.28 -70.74
N THR D 1633 58.38 4.87 -70.00
CA THR D 1633 57.82 3.55 -70.23
C THR D 1633 56.33 3.78 -70.39
N TYR D 1634 55.78 3.19 -71.44
CA TYR D 1634 54.38 3.26 -71.79
C TYR D 1634 53.85 1.86 -72.01
N THR D 1635 52.54 1.70 -71.88
CA THR D 1635 51.91 0.46 -72.26
C THR D 1635 50.60 0.72 -72.98
N GLU D 1636 50.44 0.10 -74.16
CA GLU D 1636 49.21 0.30 -74.91
C GLU D 1636 48.14 -0.41 -74.12
N LEU D 1637 46.98 0.21 -74.05
CA LEU D 1637 45.86 -0.35 -73.33
C LEU D 1637 44.83 -1.02 -74.24
N VAL D 1638 44.41 -2.25 -73.91
CA VAL D 1638 43.59 -3.03 -74.85
C VAL D 1638 42.46 -3.86 -74.24
N LEU D 1639 41.35 -3.90 -74.98
CA LEU D 1639 40.16 -4.66 -74.64
C LEU D 1639 40.38 -6.12 -75.02
N ASP D 1640 40.15 -7.07 -74.12
CA ASP D 1640 40.13 -8.45 -74.57
C ASP D 1640 38.75 -8.69 -75.19
N ASP D 1641 38.47 -9.96 -75.49
CA ASP D 1641 37.15 -10.29 -76.03
C ASP D 1641 36.07 -9.92 -75.03
N GLN D 1642 36.35 -10.09 -73.74
CA GLN D 1642 35.39 -9.85 -72.68
C GLN D 1642 35.35 -8.40 -72.23
N GLY D 1643 35.95 -7.47 -72.97
CA GLY D 1643 35.94 -6.12 -72.46
C GLY D 1643 36.70 -6.01 -71.17
N GLN D 1644 37.74 -6.81 -71.02
CA GLN D 1644 38.58 -6.83 -69.85
C GLN D 1644 39.93 -6.27 -70.23
N LEU D 1645 40.57 -5.68 -69.24
CA LEU D 1645 41.78 -4.93 -69.47
C LEU D 1645 42.92 -5.83 -69.85
N VAL D 1646 43.73 -5.34 -70.77
CA VAL D 1646 44.84 -6.11 -71.26
C VAL D 1646 46.00 -5.14 -71.42
N HIS D 1647 47.13 -5.52 -70.87
CA HIS D 1647 48.32 -4.72 -70.99
C HIS D 1647 48.85 -5.17 -72.32
N MET D 1648 49.10 -4.24 -73.26
CA MET D 1648 49.44 -4.73 -74.60
C MET D 1648 50.55 -3.96 -75.30
N ASN D 1649 51.49 -4.76 -75.79
CA ASN D 1649 52.66 -4.40 -76.57
C ASN D 1649 52.28 -4.85 -77.98
N ARG D 1650 51.55 -4.01 -78.68
CA ARG D 1650 51.07 -4.37 -80.00
C ARG D 1650 51.61 -3.43 -81.05
N LEU D 1651 51.48 -3.86 -82.29
CA LEU D 1651 51.98 -3.07 -83.38
C LEU D 1651 51.11 -1.85 -83.56
N PRO D 1652 51.68 -0.70 -83.88
CA PRO D 1652 50.80 0.44 -84.11
C PRO D 1652 49.96 0.13 -85.33
N GLY D 1653 48.73 0.58 -85.27
CA GLY D 1653 47.77 0.40 -86.32
C GLY D 1653 46.84 -0.75 -86.12
N GLY D 1654 46.94 -1.45 -84.99
CA GLY D 1654 46.17 -2.67 -84.98
C GLY D 1654 44.79 -2.43 -84.47
N ASN D 1655 44.56 -1.19 -84.02
CA ASN D 1655 43.30 -0.81 -83.43
C ASN D 1655 42.23 -0.97 -84.50
N GLU D 1656 41.06 -1.41 -84.07
CA GLU D 1656 39.88 -1.53 -84.90
C GLU D 1656 38.86 -0.46 -84.56
N ILE D 1657 39.25 0.55 -83.78
CA ILE D 1657 38.38 1.67 -83.44
C ILE D 1657 39.16 2.97 -83.47
N GLY D 1658 38.41 4.08 -83.45
CA GLY D 1658 38.92 5.44 -83.62
C GLY D 1658 39.52 6.10 -82.40
N MET D 1659 39.99 5.29 -81.47
CA MET D 1659 40.57 5.75 -80.21
C MET D 1659 41.74 4.88 -79.84
N VAL D 1660 42.75 5.52 -79.27
CA VAL D 1660 43.96 4.84 -78.86
C VAL D 1660 44.30 5.33 -77.49
N ALA D 1661 44.85 4.42 -76.70
CA ALA D 1661 45.22 4.77 -75.38
C ALA D 1661 46.46 4.06 -74.94
N TRP D 1662 47.19 4.78 -74.11
CA TRP D 1662 48.35 4.25 -73.45
C TRP D 1662 48.36 4.81 -72.06
N LYS D 1663 48.94 4.03 -71.21
CA LYS D 1663 49.45 4.52 -69.98
C LYS D 1663 50.89 4.86 -70.23
N MET D 1664 51.31 5.99 -69.72
CA MET D 1664 52.70 6.35 -69.93
C MET D 1664 53.18 6.69 -68.55
N THR D 1665 54.36 6.17 -68.22
CA THR D 1665 55.03 6.56 -67.00
C THR D 1665 56.34 7.05 -67.52
N PHE D 1666 56.72 8.25 -67.10
CA PHE D 1666 57.98 8.77 -67.54
C PHE D 1666 58.55 9.67 -66.48
N LYS D 1667 59.83 9.82 -66.56
CA LYS D 1667 60.59 10.61 -65.63
C LYS D 1667 60.62 11.99 -66.25
N SER D 1668 60.28 12.96 -65.43
CA SER D 1668 60.18 14.36 -65.77
C SER D 1668 61.05 15.10 -64.76
N PRO D 1669 61.43 16.34 -65.05
CA PRO D 1669 62.29 17.06 -64.11
C PRO D 1669 61.75 17.10 -62.70
N GLU D 1670 60.44 17.28 -62.63
CA GLU D 1670 59.71 17.37 -61.39
C GLU D 1670 59.46 16.00 -60.79
N TYR D 1671 59.40 14.96 -61.61
CA TYR D 1671 59.19 13.60 -61.12
C TYR D 1671 60.28 12.74 -61.73
N PRO D 1672 61.52 12.87 -61.20
CA PRO D 1672 62.65 12.23 -61.86
C PRO D 1672 62.60 10.74 -61.77
N GLU D 1673 61.93 10.21 -60.77
CA GLU D 1673 61.71 8.79 -60.64
C GLU D 1673 60.57 8.29 -61.50
N GLY D 1674 59.76 9.19 -62.04
CA GLY D 1674 58.71 8.87 -62.99
C GLY D 1674 57.34 9.25 -62.50
N ARG D 1675 56.44 9.48 -63.44
CA ARG D 1675 55.08 9.87 -63.13
C ARG D 1675 54.21 9.28 -64.21
N ASP D 1676 52.99 8.90 -63.85
CA ASP D 1676 52.10 8.23 -64.77
C ASP D 1676 50.78 8.93 -65.07
N ILE D 1677 50.30 8.86 -66.30
CA ILE D 1677 48.91 9.22 -66.58
C ILE D 1677 48.44 8.28 -67.66
N ILE D 1678 47.14 8.30 -67.86
CA ILE D 1678 46.56 7.61 -69.00
C ILE D 1678 46.03 8.63 -69.98
N VAL D 1679 46.43 8.43 -71.22
CA VAL D 1679 46.11 9.29 -72.33
C VAL D 1679 45.35 8.55 -73.39
N ILE D 1680 44.25 9.15 -73.76
CA ILE D 1680 43.39 8.69 -74.82
C ILE D 1680 43.30 9.83 -75.84
N GLY D 1681 43.23 9.44 -77.10
CA GLY D 1681 43.16 10.42 -78.17
C GLY D 1681 42.41 9.78 -79.30
N ASN D 1682 41.57 10.57 -79.98
CA ASN D 1682 40.98 10.00 -81.19
C ASN D 1682 41.92 9.89 -82.36
N ASP D 1683 41.66 8.88 -83.16
CA ASP D 1683 42.23 8.69 -84.48
C ASP D 1683 41.18 8.98 -85.54
N ILE D 1684 41.24 10.19 -86.09
CA ILE D 1684 40.28 10.63 -87.08
C ILE D 1684 40.32 9.78 -88.32
N THR D 1685 41.41 9.03 -88.54
CA THR D 1685 41.46 8.21 -89.74
C THR D 1685 40.56 7.01 -89.68
N TYR D 1686 40.18 6.57 -88.50
CA TYR D 1686 39.26 5.45 -88.42
C TYR D 1686 37.89 6.04 -88.25
N ARG D 1687 37.12 6.07 -89.34
CA ARG D 1687 35.77 6.59 -89.29
C ARG D 1687 35.80 7.96 -88.64
N ILE D 1688 36.48 8.93 -89.27
CA ILE D 1688 36.77 10.24 -88.68
C ILE D 1688 36.79 10.33 -87.15
N GLY D 1689 37.22 9.23 -86.51
CA GLY D 1689 37.30 9.14 -85.06
C GLY D 1689 35.96 9.20 -84.39
N SER D 1690 34.91 8.76 -85.06
CA SER D 1690 33.60 8.76 -84.43
C SER D 1690 33.64 7.78 -83.25
N PHE D 1691 32.63 7.85 -82.41
CA PHE D 1691 32.60 7.14 -81.13
C PHE D 1691 31.57 6.03 -81.07
N GLY D 1692 32.01 4.82 -81.36
CA GLY D 1692 31.23 3.63 -81.17
C GLY D 1692 31.42 3.07 -79.78
N PRO D 1693 30.71 1.98 -79.47
CA PRO D 1693 30.81 1.42 -78.13
C PRO D 1693 32.16 0.94 -77.83
N GLN D 1694 32.84 0.43 -78.84
CA GLN D 1694 34.18 -0.06 -78.64
C GLN D 1694 35.13 1.10 -78.39
N GLU D 1695 34.96 2.23 -79.08
CA GLU D 1695 35.80 3.40 -78.82
C GLU D 1695 35.52 3.86 -77.40
N ASP D 1696 34.23 3.93 -77.10
CA ASP D 1696 33.75 4.37 -75.82
C ASP D 1696 34.22 3.41 -74.75
N LEU D 1697 34.29 2.15 -75.10
CA LEU D 1697 34.60 1.09 -74.18
C LEU D 1697 36.08 1.09 -73.87
N LEU D 1698 36.91 1.34 -74.90
CA LEU D 1698 38.33 1.42 -74.67
C LEU D 1698 38.52 2.50 -73.64
N PHE D 1699 37.87 3.63 -73.91
CA PHE D 1699 37.89 4.75 -73.00
C PHE D 1699 37.40 4.35 -71.64
N LEU D 1700 36.27 3.70 -71.64
CA LEU D 1700 35.60 3.32 -70.43
C LEU D 1700 36.45 2.53 -69.47
N ARG D 1701 36.95 1.40 -69.94
CA ARG D 1701 37.63 0.53 -68.99
C ARG D 1701 38.97 1.07 -68.60
N ALA D 1702 39.59 1.77 -69.52
CA ALA D 1702 40.85 2.39 -69.18
C ALA D 1702 40.64 3.44 -68.15
N SER D 1703 39.59 4.17 -68.36
CA SER D 1703 39.23 5.22 -67.45
C SER D 1703 38.90 4.63 -66.12
N GLU D 1704 38.17 3.52 -66.14
CA GLU D 1704 37.82 2.86 -64.91
C GLU D 1704 39.02 2.54 -64.09
N LEU D 1705 40.09 2.11 -64.74
CA LEU D 1705 41.28 1.84 -63.97
C LEU D 1705 41.93 3.10 -63.50
N ALA D 1706 42.01 4.05 -64.40
CA ALA D 1706 42.61 5.34 -64.09
C ALA D 1706 42.01 5.89 -62.85
N ARG D 1707 40.71 5.86 -62.85
CA ARG D 1707 39.90 6.32 -61.77
C ARG D 1707 40.15 5.42 -60.57
N ALA D 1708 40.34 4.13 -60.84
CA ALA D 1708 40.57 3.17 -59.79
C ALA D 1708 41.77 3.58 -58.99
N GLU D 1709 42.75 4.13 -59.68
CA GLU D 1709 43.96 4.55 -59.05
C GLU D 1709 44.02 6.02 -58.70
N GLY D 1710 43.06 6.81 -59.13
CA GLY D 1710 43.04 8.21 -58.78
C GLY D 1710 43.92 9.13 -59.61
N ILE D 1711 44.48 8.65 -60.71
CA ILE D 1711 45.46 9.41 -61.49
C ILE D 1711 44.87 10.14 -62.71
N PRO D 1712 45.54 11.16 -63.25
CA PRO D 1712 44.98 11.99 -64.32
C PRO D 1712 44.80 11.35 -65.70
N ARG D 1713 43.84 11.99 -66.40
CA ARG D 1713 43.42 11.64 -67.76
C ARG D 1713 43.60 12.78 -68.75
N ILE D 1714 44.43 12.53 -69.76
CA ILE D 1714 44.66 13.49 -70.84
C ILE D 1714 43.99 13.03 -72.13
N TYR D 1715 43.17 13.90 -72.71
CA TYR D 1715 42.43 13.61 -73.95
C TYR D 1715 42.78 14.55 -75.08
N VAL D 1716 43.24 13.98 -76.18
CA VAL D 1716 43.45 14.77 -77.39
C VAL D 1716 42.23 14.66 -78.29
N SER D 1717 41.58 15.83 -78.36
CA SER D 1717 40.31 16.04 -79.02
C SER D 1717 40.39 16.78 -80.34
N ALA D 1718 40.03 16.08 -81.41
CA ALA D 1718 39.78 16.71 -82.70
C ALA D 1718 38.90 15.69 -83.40
N ASN D 1719 37.60 15.92 -83.47
CA ASN D 1719 36.73 14.79 -83.78
C ASN D 1719 35.42 15.25 -84.37
N SER D 1720 34.57 14.27 -84.64
CA SER D 1720 33.28 14.43 -85.27
C SER D 1720 32.18 13.81 -84.42
N GLY D 1721 32.41 13.69 -83.12
CA GLY D 1721 31.46 13.09 -82.21
C GLY D 1721 31.11 11.62 -82.32
N ALA D 1722 29.91 11.34 -81.82
CA ALA D 1722 29.39 10.01 -81.56
C ALA D 1722 29.34 9.18 -82.82
N ARG D 1723 29.43 7.86 -82.67
CA ARG D 1723 29.33 7.06 -83.86
C ARG D 1723 27.95 7.37 -84.34
N ILE D 1724 27.82 7.43 -85.64
CA ILE D 1724 26.56 7.74 -86.25
C ILE D 1724 26.26 6.60 -87.20
N GLY D 1725 24.99 6.28 -87.31
CA GLY D 1725 24.64 5.37 -88.34
C GLY D 1725 23.17 5.14 -88.46
N LEU D 1726 22.83 4.60 -89.61
CA LEU D 1726 21.57 4.03 -90.00
C LEU D 1726 21.92 2.63 -90.47
N ALA D 1727 21.01 1.71 -90.29
CA ALA D 1727 21.23 0.34 -90.68
C ALA D 1727 21.42 0.27 -92.19
N GLU D 1728 22.69 0.15 -92.60
CA GLU D 1728 23.07 0.16 -94.01
C GLU D 1728 22.33 -0.95 -94.73
N GLU D 1729 22.29 -2.09 -94.05
CA GLU D 1729 21.66 -3.31 -94.50
C GLU D 1729 20.20 -3.02 -94.84
N ILE D 1730 19.62 -2.06 -94.15
CA ILE D 1730 18.26 -1.66 -94.39
C ILE D 1730 18.23 -0.61 -95.47
N ARG D 1731 19.22 0.30 -95.55
CA ARG D 1731 19.18 1.33 -96.58
C ARG D 1731 19.00 0.73 -97.93
N HIS D 1732 19.67 -0.40 -98.14
CA HIS D 1732 19.71 -0.94 -99.47
C HIS D 1732 18.58 -1.92 -99.77
N MET D 1733 17.69 -2.15 -98.80
CA MET D 1733 16.58 -3.08 -99.02
C MET D 1733 15.25 -2.56 -98.50
N PHE D 1734 15.20 -1.37 -97.92
CA PHE D 1734 13.93 -0.90 -97.42
C PHE D 1734 13.13 -0.45 -98.63
N HIS D 1735 11.82 -0.49 -98.48
CA HIS D 1735 10.92 -0.05 -99.52
C HIS D 1735 10.04 1.05 -98.97
N VAL D 1736 9.55 1.90 -99.87
CA VAL D 1736 8.71 3.00 -99.48
C VAL D 1736 7.32 2.58 -99.89
N ALA D 1737 6.41 2.70 -98.97
CA ALA D 1737 5.01 2.48 -99.21
C ALA D 1737 4.50 3.88 -99.49
N TRP D 1738 4.50 4.21 -100.77
CA TRP D 1738 4.10 5.51 -101.23
C TRP D 1738 2.61 5.68 -101.14
N VAL D 1739 2.17 6.91 -100.91
CA VAL D 1739 0.77 7.19 -101.12
C VAL D 1739 0.47 6.79 -102.54
N ASP D 1740 1.38 7.17 -103.46
CA ASP D 1740 1.31 6.77 -104.86
C ASP D 1740 2.76 6.61 -105.30
N PRO D 1741 3.23 5.42 -105.69
CA PRO D 1741 4.61 5.34 -106.18
C PRO D 1741 4.78 6.03 -107.53
N GLU D 1742 3.81 5.85 -108.43
CA GLU D 1742 3.84 6.50 -109.75
C GLU D 1742 3.75 8.02 -109.65
N ASP D 1743 3.54 8.56 -108.46
CA ASP D 1743 3.71 9.99 -108.20
C ASP D 1743 4.04 10.09 -106.72
N PRO D 1744 5.31 10.34 -106.38
CA PRO D 1744 5.72 10.40 -104.97
C PRO D 1744 5.27 11.63 -104.21
N TYR D 1745 5.08 12.77 -104.88
CA TYR D 1745 4.75 14.01 -104.17
C TYR D 1745 3.39 13.96 -103.51
N LYS D 1746 2.61 12.97 -103.81
CA LYS D 1746 1.44 12.59 -103.08
C LYS D 1746 1.75 11.97 -101.70
N GLY D 1747 2.96 12.08 -101.15
CA GLY D 1747 3.26 11.60 -99.82
C GLY D 1747 3.60 10.12 -99.83
N TYR D 1748 4.22 9.66 -98.73
CA TYR D 1748 4.46 8.24 -98.56
C TYR D 1748 3.76 7.81 -97.29
N ARG D 1749 3.38 6.54 -97.26
CA ARG D 1749 2.65 5.99 -96.12
C ARG D 1749 3.56 5.29 -95.11
N TYR D 1750 4.48 4.40 -95.52
CA TYR D 1750 5.27 3.70 -94.50
C TYR D 1750 6.46 3.02 -95.14
N LEU D 1751 7.38 2.54 -94.31
CA LEU D 1751 8.51 1.77 -94.80
C LEU D 1751 8.30 0.29 -94.58
N TYR D 1752 8.83 -0.53 -95.48
CA TYR D 1752 8.58 -1.96 -95.31
C TYR D 1752 9.59 -2.78 -96.10
N LEU D 1753 9.55 -4.09 -95.86
CA LEU D 1753 10.36 -5.08 -96.56
C LEU D 1753 9.38 -6.02 -97.24
N THR D 1754 9.70 -6.48 -98.43
CA THR D 1754 8.87 -7.51 -98.97
C THR D 1754 9.07 -8.75 -98.09
N PRO D 1755 8.13 -9.68 -98.08
CA PRO D 1755 8.24 -10.85 -97.19
C PRO D 1755 9.47 -11.68 -97.45
N GLN D 1756 9.90 -11.74 -98.72
CA GLN D 1756 11.14 -12.42 -99.07
C GLN D 1756 12.29 -11.84 -98.26
N ASP D 1757 12.37 -10.52 -98.28
CA ASP D 1757 13.40 -9.81 -97.57
C ASP D 1757 13.26 -9.96 -96.06
N TYR D 1758 12.02 -10.04 -95.56
CA TYR D 1758 11.81 -10.15 -94.11
C TYR D 1758 12.20 -11.51 -93.53
N LYS D 1759 11.95 -12.63 -94.22
CA LYS D 1759 12.15 -13.96 -93.57
C LYS D 1759 13.58 -14.28 -93.11
N ARG D 1760 14.52 -13.34 -93.22
CA ARG D 1760 15.94 -13.57 -93.01
C ARG D 1760 16.50 -12.64 -91.95
N VAL D 1761 16.33 -11.33 -92.09
CA VAL D 1761 16.61 -10.42 -90.99
C VAL D 1761 15.75 -10.71 -89.79
N SER D 1762 14.54 -11.23 -90.02
CA SER D 1762 13.62 -11.43 -88.92
C SER D 1762 14.28 -12.32 -87.89
N ALA D 1763 14.97 -13.34 -88.38
CA ALA D 1763 15.74 -14.29 -87.59
C ALA D 1763 16.89 -13.69 -86.82
N LEU D 1764 17.28 -12.46 -87.14
CA LEU D 1764 18.61 -11.97 -86.81
C LEU D 1764 18.63 -10.79 -85.85
N ASN D 1765 17.52 -10.52 -85.18
CA ASN D 1765 17.41 -9.43 -84.22
C ASN D 1765 17.73 -8.10 -84.91
N SER D 1766 17.17 -7.93 -86.10
CA SER D 1766 17.47 -6.76 -86.89
C SER D 1766 16.40 -5.70 -86.72
N VAL D 1767 15.15 -6.14 -86.80
CA VAL D 1767 13.97 -5.31 -86.65
C VAL D 1767 12.91 -6.06 -85.87
N HIS D 1768 11.89 -5.32 -85.47
CA HIS D 1768 10.63 -5.88 -85.04
C HIS D 1768 9.70 -5.39 -86.13
N CYS D 1769 8.99 -6.28 -86.80
CA CYS D 1769 8.06 -5.88 -87.85
C CYS D 1769 6.70 -6.45 -87.55
N GLU D 1770 5.73 -5.96 -88.31
CA GLU D 1770 4.41 -6.56 -88.33
C GLU D 1770 3.97 -6.92 -89.73
N HIS D 1771 3.40 -8.11 -89.85
CA HIS D 1771 2.87 -8.56 -91.13
C HIS D 1771 1.69 -7.65 -91.45
N VAL D 1772 1.52 -7.31 -92.72
CA VAL D 1772 0.37 -6.52 -93.12
C VAL D 1772 0.01 -6.92 -94.53
N GLU D 1773 -1.29 -6.92 -94.81
CA GLU D 1773 -1.78 -6.97 -96.17
C GLU D 1773 -2.20 -5.59 -96.62
N ASP D 1774 -1.66 -5.15 -97.75
CA ASP D 1774 -2.00 -3.84 -98.26
C ASP D 1774 -1.82 -3.93 -99.77
N GLU D 1775 -2.72 -3.30 -100.50
CA GLU D 1775 -2.72 -3.27 -101.96
C GLU D 1775 -2.37 -4.63 -102.57
N GLY D 1776 -2.83 -5.71 -101.94
CA GLY D 1776 -2.57 -7.07 -102.39
C GLY D 1776 -1.33 -7.71 -101.80
N GLU D 1777 -0.21 -7.00 -101.76
CA GLU D 1777 1.02 -7.64 -101.32
C GLU D 1777 1.05 -7.67 -99.78
N SER D 1778 1.84 -8.62 -99.27
CA SER D 1778 2.07 -8.80 -97.84
C SER D 1778 3.41 -8.18 -97.51
N ARG D 1779 3.46 -7.31 -96.52
CA ARG D 1779 4.68 -6.56 -96.22
C ARG D 1779 4.93 -6.71 -94.74
N TYR D 1780 6.17 -6.47 -94.33
CA TYR D 1780 6.51 -6.48 -92.90
C TYR D 1780 6.92 -5.07 -92.49
N LYS D 1781 5.94 -4.29 -92.03
CA LYS D 1781 6.17 -2.90 -91.68
C LYS D 1781 7.11 -2.84 -90.48
N ILE D 1782 8.16 -2.03 -90.59
CA ILE D 1782 9.16 -1.98 -89.53
C ILE D 1782 8.60 -1.16 -88.39
N THR D 1783 8.47 -1.81 -87.25
CA THR D 1783 7.87 -1.30 -86.03
C THR D 1783 8.93 -0.89 -85.05
N ASP D 1784 10.01 -1.65 -85.00
CA ASP D 1784 11.19 -1.34 -84.21
C ASP D 1784 12.34 -1.75 -85.07
N ILE D 1785 13.38 -0.93 -85.09
CA ILE D 1785 14.63 -1.27 -85.75
C ILE D 1785 15.65 -1.64 -84.69
N ILE D 1786 16.10 -2.89 -84.70
CA ILE D 1786 16.98 -3.40 -83.66
C ILE D 1786 18.44 -3.26 -84.07
N GLY D 1787 18.74 -3.66 -85.30
CA GLY D 1787 20.03 -3.41 -85.92
C GLY D 1787 21.20 -4.34 -85.75
N LYS D 1788 21.55 -5.00 -86.85
CA LYS D 1788 22.63 -5.98 -86.85
C LYS D 1788 23.99 -5.31 -86.65
N GLU D 1789 24.08 -4.05 -87.03
CA GLU D 1789 25.31 -3.30 -86.88
C GLU D 1789 25.52 -2.99 -85.42
N GLU D 1790 26.59 -3.51 -84.85
CA GLU D 1790 26.85 -3.15 -83.49
C GLU D 1790 27.44 -1.75 -83.53
N GLY D 1791 27.00 -0.90 -82.63
CA GLY D 1791 27.56 0.41 -82.42
C GLY D 1791 26.91 1.68 -82.94
N ILE D 1792 25.77 1.63 -83.63
CA ILE D 1792 25.14 2.87 -84.11
C ILE D 1792 23.81 3.12 -83.40
N GLY D 1793 23.57 2.45 -82.27
CA GLY D 1793 22.28 2.51 -81.64
C GLY D 1793 22.30 3.02 -80.23
N PRO D 1794 21.17 2.89 -79.53
CA PRO D 1794 21.11 3.44 -78.17
C PRO D 1794 21.99 2.72 -77.21
N GLU D 1795 22.46 1.54 -77.57
CA GLU D 1795 23.51 0.90 -76.80
C GLU D 1795 24.71 1.79 -76.63
N ASN D 1796 25.03 2.58 -77.66
CA ASN D 1796 26.16 3.46 -77.53
C ASN D 1796 25.90 4.50 -76.51
N LEU D 1797 24.64 4.86 -76.42
CA LEU D 1797 24.18 5.86 -75.49
C LEU D 1797 24.14 5.37 -74.07
N ARG D 1798 23.68 4.15 -73.85
CA ARG D 1798 23.68 3.65 -72.50
C ARG D 1798 25.12 3.67 -72.04
N GLY D 1799 25.98 3.10 -72.88
CA GLY D 1799 27.39 3.10 -72.58
C GLY D 1799 27.92 4.51 -72.43
N SER D 1800 27.40 5.41 -73.23
CA SER D 1800 27.90 6.78 -73.21
C SER D 1800 27.59 7.45 -71.92
N GLY D 1801 26.31 7.43 -71.56
CA GLY D 1801 25.89 7.96 -70.27
C GLY D 1801 26.69 7.35 -69.17
N MET D 1802 26.86 6.05 -69.23
CA MET D 1802 27.62 5.28 -68.27
C MET D 1802 28.96 5.95 -68.08
N ILE D 1803 29.56 6.28 -69.22
CA ILE D 1803 30.87 6.91 -69.23
C ILE D 1803 30.76 8.37 -68.91
N ALA D 1804 29.60 8.94 -69.06
CA ALA D 1804 29.40 10.28 -68.59
C ALA D 1804 29.56 10.31 -67.09
N GLY D 1805 28.82 9.44 -66.41
CA GLY D 1805 28.94 9.38 -64.98
C GLY D 1805 30.36 9.09 -64.58
N GLU D 1806 30.94 8.06 -65.18
CA GLU D 1806 32.29 7.69 -64.86
C GLU D 1806 33.24 8.83 -65.11
N SER D 1807 33.01 9.53 -66.18
CA SER D 1807 33.89 10.59 -66.56
C SER D 1807 33.75 11.78 -65.65
N SER D 1808 32.51 12.07 -65.29
CA SER D 1808 32.18 13.12 -64.35
C SER D 1808 32.76 12.88 -63.00
N LEU D 1809 32.62 11.68 -62.51
CA LEU D 1809 33.13 11.36 -61.20
C LEU D 1809 34.61 11.40 -61.28
N ALA D 1810 35.11 10.82 -62.35
CA ALA D 1810 36.52 10.85 -62.58
C ALA D 1810 36.98 12.28 -62.49
N TYR D 1811 36.25 13.20 -63.14
CA TYR D 1811 36.67 14.60 -63.08
C TYR D 1811 36.65 15.09 -61.66
N ASN D 1812 35.68 14.61 -60.89
CA ASN D 1812 35.53 14.96 -59.52
C ASN D 1812 36.59 14.32 -58.67
N GLU D 1813 37.38 13.48 -59.27
CA GLU D 1813 38.42 12.72 -58.66
C GLU D 1813 39.82 13.04 -59.17
N ILE D 1814 40.01 13.51 -60.41
CA ILE D 1814 41.35 13.64 -60.97
C ILE D 1814 41.51 14.90 -61.80
N ILE D 1815 42.75 15.05 -62.24
CA ILE D 1815 43.19 16.11 -63.10
C ILE D 1815 42.80 15.65 -64.49
N THR D 1816 42.09 16.50 -65.21
CA THR D 1816 41.69 16.27 -66.59
C THR D 1816 42.24 17.35 -67.51
N ILE D 1817 42.72 16.96 -68.69
CA ILE D 1817 43.16 17.93 -69.70
C ILE D 1817 42.68 17.50 -71.09
N SER D 1818 42.46 18.52 -71.93
CA SER D 1818 41.92 18.39 -73.27
C SER D 1818 42.70 19.30 -74.21
N LEU D 1819 42.91 18.79 -75.42
CA LEU D 1819 43.64 19.48 -76.48
C LEU D 1819 42.79 19.59 -77.73
N VAL D 1820 42.57 20.80 -78.22
CA VAL D 1820 41.73 20.98 -79.41
C VAL D 1820 42.61 21.25 -80.62
N THR D 1821 42.58 20.33 -81.60
CA THR D 1821 43.56 20.40 -82.69
C THR D 1821 42.94 20.92 -83.98
N CYS D 1822 41.82 20.34 -84.38
CA CYS D 1822 41.16 20.67 -85.64
C CYS D 1822 39.73 21.13 -85.45
N ARG D 1823 38.92 20.26 -84.85
CA ARG D 1823 37.56 20.56 -84.50
C ARG D 1823 37.09 19.52 -83.50
N ALA D 1824 36.32 19.98 -82.52
CA ALA D 1824 35.62 19.13 -81.58
C ALA D 1824 34.12 19.27 -81.74
N ILE D 1825 33.43 18.15 -81.99
CA ILE D 1825 31.99 18.16 -82.23
C ILE D 1825 31.27 17.38 -81.15
N GLY D 1826 30.16 17.95 -80.69
CA GLY D 1826 29.24 17.42 -79.70
C GLY D 1826 29.73 16.91 -78.35
N ILE D 1827 29.50 15.62 -78.09
CA ILE D 1827 29.85 15.03 -76.80
C ILE D 1827 31.31 15.20 -76.51
N GLY D 1828 32.15 15.20 -77.53
CA GLY D 1828 33.55 15.43 -77.31
C GLY D 1828 33.73 16.77 -76.63
N ALA D 1829 33.02 17.77 -77.13
CA ALA D 1829 33.04 19.06 -76.48
C ALA D 1829 32.55 18.93 -75.04
N TYR D 1830 31.44 18.20 -74.83
CA TYR D 1830 30.86 18.18 -73.49
C TYR D 1830 31.75 17.51 -72.48
N LEU D 1831 32.34 16.41 -72.90
CA LEU D 1831 33.27 15.70 -72.07
C LEU D 1831 34.50 16.53 -71.86
N VAL D 1832 34.82 17.35 -72.84
CA VAL D 1832 36.01 18.16 -72.75
C VAL D 1832 35.78 19.22 -71.71
N ARG D 1833 34.54 19.67 -71.60
CA ARG D 1833 34.23 20.70 -70.64
C ARG D 1833 34.32 20.05 -69.29
N LEU D 1834 33.80 18.84 -69.23
CA LEU D 1834 33.92 18.03 -68.06
C LEU D 1834 35.39 17.84 -67.74
N GLY D 1835 36.22 17.74 -68.76
CA GLY D 1835 37.63 17.67 -68.51
C GLY D 1835 38.17 18.93 -67.92
N GLN D 1836 37.49 20.03 -68.17
CA GLN D 1836 37.70 21.26 -67.40
C GLN D 1836 38.97 22.05 -67.72
N ARG D 1837 39.84 21.51 -68.58
CA ARG D 1837 41.11 22.16 -68.92
C ARG D 1837 41.47 22.06 -70.38
N THR D 1838 41.61 23.18 -71.07
CA THR D 1838 41.57 23.18 -72.53
C THR D 1838 42.65 24.08 -73.07
N ILE D 1839 43.46 23.46 -73.91
CA ILE D 1839 44.46 24.16 -74.67
C ILE D 1839 43.98 24.00 -76.10
N GLN D 1840 44.04 25.09 -76.84
CA GLN D 1840 43.46 25.14 -78.17
C GLN D 1840 44.44 25.68 -79.20
N VAL D 1841 44.72 24.88 -80.18
CA VAL D 1841 45.62 25.32 -81.24
C VAL D 1841 44.83 26.27 -82.10
N GLU D 1842 45.53 27.26 -82.62
CA GLU D 1842 44.90 28.18 -83.53
C GLU D 1842 44.22 27.40 -84.65
N ASN D 1843 43.08 27.92 -85.07
CA ASN D 1843 42.19 27.38 -86.08
C ASN D 1843 41.48 26.11 -85.63
N SER D 1844 41.78 25.56 -84.46
CA SER D 1844 40.89 24.54 -83.94
C SER D 1844 39.65 25.21 -83.36
N HIS D 1845 38.61 24.42 -83.18
CA HIS D 1845 37.40 24.95 -82.58
C HIS D 1845 36.66 23.88 -81.80
N LEU D 1846 35.85 24.36 -80.85
CA LEU D 1846 35.28 23.57 -79.77
C LEU D 1846 33.82 23.96 -79.79
N ILE D 1847 33.00 23.09 -80.37
CA ILE D 1847 31.62 23.41 -80.69
C ILE D 1847 30.85 22.14 -80.57
N LEU D 1848 29.57 22.32 -80.55
CA LEU D 1848 28.64 21.24 -80.51
C LEU D 1848 27.98 21.09 -81.85
N THR D 1849 27.61 22.22 -82.42
CA THR D 1849 26.89 22.27 -83.66
C THR D 1849 27.51 23.32 -84.58
N GLY D 1850 27.55 23.00 -85.86
CA GLY D 1850 28.34 23.76 -86.77
C GLY D 1850 27.67 25.03 -87.25
N ALA D 1851 28.55 25.99 -87.53
CA ALA D 1851 28.17 27.29 -88.03
C ALA D 1851 27.28 27.12 -89.26
N GLY D 1852 27.60 26.09 -90.04
CA GLY D 1852 26.84 25.78 -91.23
C GLY D 1852 25.41 25.43 -90.88
N ALA D 1853 25.23 24.51 -89.93
CA ALA D 1853 23.90 24.08 -89.51
C ALA D 1853 23.04 25.26 -89.12
N LEU D 1854 23.59 26.16 -88.31
CA LEU D 1854 22.76 27.27 -87.85
C LEU D 1854 22.44 28.19 -89.01
N ASN D 1855 23.42 28.39 -89.90
CA ASN D 1855 23.23 29.22 -91.08
C ASN D 1855 22.12 28.64 -91.94
N LYS D 1856 22.10 27.32 -92.07
CA LYS D 1856 21.06 26.63 -92.82
C LYS D 1856 19.69 26.92 -92.24
N VAL D 1857 19.57 26.76 -90.91
CA VAL D 1857 18.29 27.05 -90.28
C VAL D 1857 17.84 28.48 -90.57
N LEU D 1858 18.76 29.42 -90.65
CA LEU D 1858 18.34 30.80 -90.91
C LEU D 1858 18.36 31.12 -92.38
N GLY D 1859 18.65 30.15 -93.23
CA GLY D 1859 18.53 30.52 -94.63
C GLY D 1859 19.63 31.43 -95.08
N ARG D 1860 20.64 31.66 -94.23
CA ARG D 1860 21.77 32.47 -94.64
C ARG D 1860 23.00 32.14 -93.82
N GLU D 1861 24.12 32.62 -94.33
CA GLU D 1861 25.46 32.44 -93.78
C GLU D 1861 25.73 33.42 -92.64
N VAL D 1862 25.15 33.15 -91.48
CA VAL D 1862 25.34 34.07 -90.37
C VAL D 1862 26.83 34.13 -90.05
N TYR D 1863 27.41 32.94 -89.84
CA TYR D 1863 28.79 32.66 -89.45
C TYR D 1863 29.62 32.05 -90.57
N THR D 1864 30.92 32.38 -90.54
CA THR D 1864 31.85 31.97 -91.59
C THR D 1864 32.78 30.84 -91.17
N SER D 1865 32.91 30.57 -89.89
CA SER D 1865 33.88 29.59 -89.44
C SER D 1865 33.45 29.02 -88.12
N ASN D 1866 33.47 27.70 -87.99
CA ASN D 1866 33.18 27.10 -86.69
C ASN D 1866 34.04 27.71 -85.59
N ASN D 1867 35.24 28.20 -85.91
CA ASN D 1867 36.04 28.89 -84.92
C ASN D 1867 35.28 30.09 -84.39
N GLN D 1868 34.42 30.67 -85.22
CA GLN D 1868 33.56 31.74 -84.74
C GLN D 1868 32.71 31.22 -83.61
N LEU D 1869 32.38 29.95 -83.63
CA LEU D 1869 31.49 29.39 -82.63
C LEU D 1869 32.29 28.96 -81.43
N GLY D 1870 33.41 28.29 -81.68
CA GLY D 1870 34.19 27.62 -80.67
C GLY D 1870 35.67 27.89 -80.74
N GLY D 1871 36.10 28.84 -81.55
CA GLY D 1871 37.52 29.05 -81.68
C GLY D 1871 38.03 29.71 -80.41
N ILE D 1872 39.36 29.91 -80.31
CA ILE D 1872 39.91 30.56 -79.11
C ILE D 1872 39.35 31.94 -79.03
N GLN D 1873 38.97 32.48 -80.18
CA GLN D 1873 38.40 33.79 -80.21
C GLN D 1873 37.07 33.79 -79.49
N ILE D 1874 36.52 32.60 -79.24
CA ILE D 1874 35.35 32.50 -78.40
C ILE D 1874 35.79 32.02 -77.03
N MET D 1875 36.42 30.85 -77.02
CA MET D 1875 36.67 30.10 -75.80
C MET D 1875 37.77 30.63 -74.92
N HIS D 1876 38.75 31.27 -75.48
CA HIS D 1876 39.77 31.84 -74.65
C HIS D 1876 39.23 33.11 -74.07
N ASN D 1877 38.45 33.77 -74.90
CA ASN D 1877 37.74 34.99 -74.61
C ASN D 1877 36.58 34.83 -73.68
N ASN D 1878 36.07 33.63 -73.46
CA ASN D 1878 35.01 33.38 -72.47
C ASN D 1878 35.50 32.48 -71.34
N GLY D 1879 36.77 32.08 -71.38
CA GLY D 1879 37.43 31.31 -70.34
C GLY D 1879 37.26 29.81 -70.47
N VAL D 1880 36.65 29.35 -71.56
CA VAL D 1880 36.61 27.92 -71.82
C VAL D 1880 37.99 27.40 -72.18
N THR D 1881 38.74 28.17 -72.95
CA THR D 1881 40.10 27.80 -73.26
C THR D 1881 41.05 28.45 -72.29
N HIS D 1882 41.92 27.62 -71.79
CA HIS D 1882 42.88 28.00 -70.80
C HIS D 1882 44.11 28.56 -71.47
N CYS D 1883 44.59 27.88 -72.51
CA CYS D 1883 45.74 28.37 -73.26
C CYS D 1883 45.49 28.20 -74.73
N THR D 1884 46.10 29.08 -75.51
CA THR D 1884 46.05 28.97 -76.96
C THR D 1884 47.45 28.78 -77.50
N VAL D 1885 47.54 28.04 -78.60
CA VAL D 1885 48.81 27.75 -79.25
C VAL D 1885 48.75 27.79 -80.76
N CYS D 1886 49.93 27.95 -81.33
CA CYS D 1886 50.10 28.03 -82.76
C CYS D 1886 50.12 26.64 -83.38
N ASP D 1887 50.48 25.61 -82.60
CA ASP D 1887 50.53 24.24 -83.12
C ASP D 1887 50.28 23.21 -82.03
N ASP D 1888 50.16 21.96 -82.48
CA ASP D 1888 49.81 20.85 -81.59
C ASP D 1888 50.90 20.66 -80.56
N PHE D 1889 52.12 20.66 -81.04
CA PHE D 1889 53.29 20.46 -80.23
C PHE D 1889 53.37 21.50 -79.10
N GLU D 1890 53.21 22.78 -79.43
CA GLU D 1890 53.34 23.81 -78.40
C GLU D 1890 52.18 23.74 -77.43
N GLY D 1891 51.03 23.29 -77.91
CA GLY D 1891 49.93 23.06 -77.01
C GLY D 1891 50.32 22.05 -75.97
N VAL D 1892 50.83 20.93 -76.45
CA VAL D 1892 51.22 19.87 -75.56
C VAL D 1892 52.24 20.36 -74.58
N PHE D 1893 53.16 21.18 -75.05
CA PHE D 1893 54.13 21.78 -74.16
C PHE D 1893 53.42 22.50 -73.05
N THR D 1894 52.41 23.27 -73.41
CA THR D 1894 51.67 23.98 -72.38
C THR D 1894 51.03 22.99 -71.42
N VAL D 1895 50.49 21.89 -71.96
CA VAL D 1895 49.86 20.87 -71.12
C VAL D 1895 50.83 20.39 -70.06
N LEU D 1896 51.96 19.90 -70.53
CA LEU D 1896 52.98 19.36 -69.65
C LEU D 1896 53.52 20.43 -68.75
N HIS D 1897 53.55 21.65 -69.25
CA HIS D 1897 54.05 22.78 -68.51
C HIS D 1897 53.17 23.08 -67.32
N TRP D 1898 51.86 23.07 -67.54
CA TRP D 1898 50.91 23.19 -66.45
C TRP D 1898 51.16 22.09 -65.46
N LEU D 1899 51.19 20.90 -66.02
CA LEU D 1899 51.39 19.63 -65.35
C LEU D 1899 52.65 19.59 -64.55
N SER D 1900 53.63 20.39 -64.91
CA SER D 1900 54.87 20.39 -64.18
C SER D 1900 54.68 20.90 -62.76
N TYR D 1901 53.57 21.56 -62.51
CA TYR D 1901 53.07 21.97 -61.22
C TYR D 1901 52.13 20.96 -60.56
N MET D 1902 51.78 19.82 -61.22
CA MET D 1902 50.59 19.05 -60.80
C MET D 1902 50.86 17.64 -60.24
N PRO D 1903 50.05 17.21 -59.24
CA PRO D 1903 50.28 15.90 -58.60
C PRO D 1903 49.91 14.69 -59.45
N LYS D 1904 50.76 13.68 -59.38
CA LYS D 1904 50.58 12.42 -60.09
C LYS D 1904 49.23 11.74 -59.86
N SER D 1905 48.72 11.76 -58.63
CA SER D 1905 47.47 11.11 -58.28
C SER D 1905 46.79 11.83 -57.14
N VAL D 1906 45.62 11.30 -56.75
CA VAL D 1906 44.95 11.92 -55.62
C VAL D 1906 45.63 11.61 -54.30
N HIS D 1907 46.42 10.56 -54.24
CA HIS D 1907 47.17 10.19 -53.06
C HIS D 1907 48.48 10.93 -53.00
N SER D 1908 48.72 11.78 -53.98
CA SER D 1908 50.05 12.33 -54.18
C SER D 1908 50.09 13.85 -54.19
N SER D 1909 51.22 14.36 -53.76
CA SER D 1909 51.55 15.77 -53.77
C SER D 1909 52.13 16.17 -55.13
N VAL D 1910 52.04 17.46 -55.42
CA VAL D 1910 52.72 18.07 -56.57
C VAL D 1910 54.19 17.77 -56.50
N PRO D 1911 54.85 17.50 -57.61
CA PRO D 1911 56.29 17.26 -57.51
C PRO D 1911 56.88 18.64 -57.32
N LEU D 1912 57.64 18.80 -56.24
CA LEU D 1912 58.13 20.12 -55.89
C LEU D 1912 59.53 20.26 -56.48
N LEU D 1913 59.82 21.45 -56.99
CA LEU D 1913 61.12 21.81 -57.53
C LEU D 1913 61.86 22.77 -56.60
N ASN D 1914 63.17 22.90 -56.83
CA ASN D 1914 64.01 23.93 -56.19
C ASN D 1914 64.13 25.18 -57.07
N SER D 1915 63.36 26.22 -56.76
CA SER D 1915 63.35 27.30 -57.74
C SER D 1915 64.60 28.15 -57.57
N LYS D 1916 64.95 28.80 -58.65
CA LYS D 1916 66.10 29.67 -58.76
C LYS D 1916 65.85 31.08 -58.26
N ASP D 1917 64.61 31.48 -58.07
CA ASP D 1917 64.36 32.77 -57.47
C ASP D 1917 64.33 32.72 -55.95
N PRO D 1918 65.30 33.29 -55.25
CA PRO D 1918 65.33 33.16 -53.80
C PRO D 1918 64.17 33.91 -53.21
N ILE D 1919 63.93 33.68 -51.95
CA ILE D 1919 62.74 34.16 -51.27
C ILE D 1919 63.12 35.43 -50.54
N ASP D 1920 64.36 35.51 -50.05
CA ASP D 1920 64.80 36.68 -49.29
C ASP D 1920 65.43 37.76 -50.14
N ARG D 1921 64.91 37.92 -51.35
CA ARG D 1921 65.28 39.02 -52.22
C ARG D 1921 64.14 40.01 -52.06
N ILE D 1922 64.36 41.24 -52.43
CA ILE D 1922 63.29 42.21 -52.48
C ILE D 1922 62.76 42.22 -53.90
N ILE D 1923 61.53 42.66 -54.00
CA ILE D 1923 60.85 42.82 -55.28
C ILE D 1923 61.13 44.22 -55.76
N GLU D 1924 61.59 44.37 -57.00
CA GLU D 1924 61.94 45.74 -57.36
C GLU D 1924 60.71 46.50 -57.83
N PHE D 1925 59.85 45.88 -58.64
CA PHE D 1925 58.64 46.58 -59.06
C PHE D 1925 57.73 46.60 -57.82
N VAL D 1926 57.12 47.75 -57.53
CA VAL D 1926 56.30 47.93 -56.33
C VAL D 1926 54.90 48.33 -56.74
N PRO D 1927 53.85 47.63 -56.28
CA PRO D 1927 52.48 48.05 -56.62
C PRO D 1927 52.13 49.48 -56.24
N THR D 1928 51.25 50.04 -57.05
CA THR D 1928 50.91 51.46 -57.05
C THR D 1928 49.40 51.62 -56.97
N LYS D 1929 48.96 52.78 -56.45
CA LYS D 1929 47.55 53.09 -56.54
C LYS D 1929 47.09 53.21 -57.99
N THR D 1930 47.92 53.84 -58.81
CA THR D 1930 47.62 53.88 -60.22
C THR D 1930 47.64 52.48 -60.81
N PRO D 1931 46.76 52.16 -61.75
CA PRO D 1931 46.74 50.81 -62.26
C PRO D 1931 47.97 50.56 -63.10
N TYR D 1932 48.25 49.28 -63.24
CA TYR D 1932 49.46 48.78 -63.88
C TYR D 1932 49.21 47.36 -64.28
N ASP D 1933 50.02 46.89 -65.20
CA ASP D 1933 49.91 45.50 -65.52
C ASP D 1933 50.38 44.76 -64.27
N PRO D 1934 49.52 43.95 -63.64
CA PRO D 1934 49.88 43.29 -62.38
C PRO D 1934 50.89 42.22 -62.59
N ARG D 1935 51.14 41.91 -63.82
CA ARG D 1935 52.18 40.98 -64.08
C ARG D 1935 53.49 41.64 -63.66
N TRP D 1936 53.58 42.97 -63.74
CA TRP D 1936 54.76 43.64 -63.19
C TRP D 1936 54.92 43.42 -61.67
N MET D 1937 53.84 43.59 -60.91
CA MET D 1937 53.92 43.36 -59.45
C MET D 1937 54.25 41.93 -59.16
N LEU D 1938 53.77 41.05 -60.01
CA LEU D 1938 53.84 39.63 -59.80
C LEU D 1938 55.17 39.10 -60.30
N ALA D 1939 55.37 39.30 -61.58
CA ALA D 1939 56.45 38.77 -62.37
C ALA D 1939 57.55 39.77 -62.60
N GLY D 1940 57.34 41.05 -62.31
CA GLY D 1940 58.36 42.02 -62.60
C GLY D 1940 58.21 42.60 -63.99
N ARG D 1941 59.10 43.54 -64.30
CA ARG D 1941 59.09 44.18 -65.61
C ARG D 1941 60.50 44.53 -66.01
N PRO D 1942 60.73 44.83 -67.29
CA PRO D 1942 62.03 45.33 -67.69
C PRO D 1942 62.22 46.70 -67.08
N HIS D 1943 63.45 47.03 -66.78
CA HIS D 1943 63.68 48.33 -66.18
C HIS D 1943 63.45 49.41 -67.23
N PRO D 1944 62.62 50.43 -66.97
CA PRO D 1944 62.48 51.53 -67.95
C PRO D 1944 63.79 52.19 -68.35
N THR D 1945 64.71 52.32 -67.40
CA THR D 1945 65.99 52.98 -67.64
C THR D 1945 67.02 51.96 -68.13
N GLN D 1946 67.78 51.33 -67.23
CA GLN D 1946 68.85 50.43 -67.66
C GLN D 1946 68.21 49.24 -68.34
N LYS D 1947 67.85 49.39 -69.60
CA LYS D 1947 67.47 48.19 -70.29
C LYS D 1947 68.74 47.47 -70.72
N GLY D 1948 68.71 46.15 -70.85
CA GLY D 1948 67.61 45.24 -70.57
C GLY D 1948 67.85 44.73 -69.14
N GLN D 1949 67.73 45.60 -68.12
CA GLN D 1949 67.68 45.14 -66.75
C GLN D 1949 66.22 44.82 -66.44
N TRP D 1950 65.94 44.34 -65.22
CA TRP D 1950 64.63 43.79 -64.90
C TRP D 1950 64.20 44.18 -63.51
N LEU D 1951 63.08 44.84 -63.43
CA LEU D 1951 62.44 45.13 -62.15
C LEU D 1951 61.71 43.89 -61.71
N SER D 1952 62.20 43.25 -60.66
CA SER D 1952 61.73 41.95 -60.19
C SER D 1952 60.32 42.04 -59.64
N GLY D 1953 59.51 41.00 -59.90
CA GLY D 1953 58.18 40.89 -59.34
C GLY D 1953 58.10 40.05 -58.09
N PHE D 1954 56.86 39.79 -57.68
CA PHE D 1954 56.61 38.96 -56.52
C PHE D 1954 57.04 37.52 -56.71
N PHE D 1955 56.68 36.90 -57.82
CA PHE D 1955 56.87 35.46 -57.98
C PHE D 1955 58.23 35.08 -58.52
N ASP D 1956 58.49 33.79 -58.40
CA ASP D 1956 59.70 33.22 -58.94
C ASP D 1956 59.74 33.60 -60.41
N TYR D 1957 60.87 34.13 -60.85
CA TYR D 1957 61.04 34.50 -62.25
C TYR D 1957 60.61 33.38 -63.19
N GLY D 1958 59.69 33.71 -64.10
CA GLY D 1958 59.27 32.76 -65.09
C GLY D 1958 58.30 31.70 -64.63
N SER D 1959 57.73 31.83 -63.44
CA SER D 1959 56.94 30.73 -62.92
C SER D 1959 55.47 30.91 -63.19
N PHE D 1960 55.03 32.11 -63.48
CA PHE D 1960 53.62 32.33 -63.62
C PHE D 1960 53.19 32.00 -65.03
N SER D 1961 52.18 31.15 -65.15
CA SER D 1961 51.66 30.76 -66.44
C SER D 1961 50.18 31.11 -66.46
N GLU D 1962 49.83 32.16 -67.18
CA GLU D 1962 48.44 32.54 -67.14
C GLU D 1962 47.66 31.56 -67.95
N ILE D 1963 46.38 31.47 -67.65
CA ILE D 1963 45.44 30.82 -68.53
C ILE D 1963 44.17 31.64 -68.56
N MET D 1964 43.40 31.41 -69.62
CA MET D 1964 42.13 32.09 -69.84
C MET D 1964 42.30 33.60 -69.77
N GLN D 1965 43.41 34.10 -70.29
CA GLN D 1965 43.74 35.51 -70.11
C GLN D 1965 42.73 36.47 -70.69
N PRO D 1966 42.19 36.27 -71.89
CA PRO D 1966 41.44 37.33 -72.51
C PRO D 1966 40.00 37.42 -72.12
N TRP D 1967 39.56 36.56 -71.22
CA TRP D 1967 38.18 36.58 -70.77
C TRP D 1967 38.29 37.18 -69.40
N ALA D 1968 37.46 38.17 -69.12
CA ALA D 1968 37.49 38.81 -67.83
C ALA D 1968 38.92 39.26 -67.52
N GLN D 1969 39.36 40.24 -68.31
CA GLN D 1969 40.77 40.61 -68.32
C GLN D 1969 41.05 41.61 -67.23
N THR D 1970 40.02 41.89 -66.45
CA THR D 1970 40.09 42.63 -65.23
C THR D 1970 40.87 41.86 -64.21
N VAL D 1971 40.94 40.56 -64.37
CA VAL D 1971 41.75 39.68 -63.56
C VAL D 1971 42.58 38.80 -64.46
N VAL D 1972 43.70 38.36 -63.91
CA VAL D 1972 44.71 37.59 -64.60
C VAL D 1972 44.84 36.37 -63.69
N VAL D 1973 44.71 35.17 -64.29
CA VAL D 1973 44.72 33.95 -63.51
C VAL D 1973 45.68 32.94 -64.11
N GLY D 1974 46.20 32.09 -63.25
CA GLY D 1974 47.19 31.16 -63.73
C GLY D 1974 47.76 30.43 -62.54
N ARG D 1975 48.85 29.75 -62.81
CA ARG D 1975 49.57 29.01 -61.80
C ARG D 1975 50.97 29.57 -61.73
N ALA D 1976 51.58 29.54 -60.55
CA ALA D 1976 52.95 30.01 -60.45
C ALA D 1976 53.59 29.34 -59.27
N ARG D 1977 54.84 29.74 -59.00
CA ARG D 1977 55.60 29.30 -57.85
C ARG D 1977 56.24 30.48 -57.14
N LEU D 1978 56.15 30.45 -55.81
CA LEU D 1978 56.77 31.45 -54.93
C LEU D 1978 57.80 30.75 -54.07
N GLY D 1979 59.06 31.08 -54.28
CA GLY D 1979 60.12 30.30 -53.68
C GLY D 1979 60.02 28.87 -54.07
N GLY D 1980 59.41 28.60 -55.21
CA GLY D 1980 59.28 27.30 -55.72
C GLY D 1980 58.12 26.45 -55.28
N ILE D 1981 57.18 26.95 -54.50
CA ILE D 1981 55.97 26.19 -54.21
C ILE D 1981 54.90 26.56 -55.22
N PRO D 1982 54.39 25.61 -56.02
CA PRO D 1982 53.30 25.95 -56.91
C PRO D 1982 51.97 26.14 -56.20
N VAL D 1983 51.28 27.21 -56.57
CA VAL D 1983 49.92 27.49 -56.13
C VAL D 1983 49.23 27.99 -57.39
N GLY D 1984 47.91 27.96 -57.40
CA GLY D 1984 47.23 28.72 -58.43
C GLY D 1984 46.98 30.11 -57.91
N VAL D 1985 47.01 31.08 -58.81
CA VAL D 1985 47.11 32.47 -58.41
C VAL D 1985 46.23 33.35 -59.29
N VAL D 1986 45.44 34.21 -58.66
CA VAL D 1986 44.64 35.21 -59.38
C VAL D 1986 44.75 36.59 -58.76
N ALA D 1987 44.94 37.59 -59.61
CA ALA D 1987 44.90 38.94 -59.08
C ALA D 1987 44.19 39.83 -60.08
N VAL D 1988 43.86 41.02 -59.60
CA VAL D 1988 42.95 41.95 -60.26
C VAL D 1988 43.53 43.31 -60.65
N GLU D 1989 43.24 43.69 -61.90
CA GLU D 1989 43.54 44.99 -62.50
C GLU D 1989 42.66 46.05 -61.87
N THR D 1990 43.25 47.23 -61.66
CA THR D 1990 42.58 48.32 -60.98
C THR D 1990 42.10 49.40 -61.94
N ARG D 1991 42.64 49.46 -63.13
CA ARG D 1991 42.13 50.42 -64.09
C ARG D 1991 40.97 49.71 -64.70
N THR D 1992 39.99 50.47 -65.15
CA THR D 1992 38.89 49.80 -65.79
C THR D 1992 39.38 49.03 -66.98
N VAL D 1993 39.03 47.82 -66.99
CA VAL D 1993 39.36 46.98 -68.11
C VAL D 1993 38.24 47.22 -69.09
N GLU D 1994 38.60 47.25 -70.35
CA GLU D 1994 37.62 47.38 -71.40
C GLU D 1994 37.53 46.09 -72.19
N LEU D 1995 36.44 45.40 -71.93
CA LEU D 1995 36.13 44.12 -72.53
C LEU D 1995 35.26 44.38 -73.74
N SER D 1996 35.63 43.73 -74.82
CA SER D 1996 34.95 43.80 -76.09
C SER D 1996 33.92 42.70 -76.21
N ILE D 1997 32.71 43.15 -76.49
CA ILE D 1997 31.57 42.27 -76.65
C ILE D 1997 31.36 42.11 -78.15
N PRO D 1998 31.40 40.89 -78.69
CA PRO D 1998 31.27 40.77 -80.12
C PRO D 1998 29.84 41.05 -80.52
N ALA D 1999 29.69 41.41 -81.77
CA ALA D 1999 28.35 41.65 -82.28
C ALA D 1999 27.81 40.28 -82.59
N ASP D 2000 26.55 40.07 -82.34
CA ASP D 2000 25.98 38.83 -82.80
C ASP D 2000 25.65 39.07 -84.26
N PRO D 2001 26.32 38.44 -85.21
CA PRO D 2001 26.00 38.71 -86.61
C PRO D 2001 24.65 38.15 -86.94
N ALA D 2002 24.27 37.12 -86.20
CA ALA D 2002 22.92 36.58 -86.24
C ALA D 2002 21.92 37.68 -86.04
N ASN D 2003 22.22 38.61 -85.13
CA ASN D 2003 21.29 39.65 -84.73
C ASN D 2003 21.73 40.89 -85.49
N LEU D 2004 20.84 41.38 -86.34
CA LEU D 2004 21.20 42.50 -87.20
C LEU D 2004 21.31 43.79 -86.43
N ASP D 2005 20.71 43.84 -85.25
CA ASP D 2005 20.83 44.98 -84.37
C ASP D 2005 22.20 45.01 -83.74
N SER D 2006 22.62 43.84 -83.23
CA SER D 2006 23.85 43.64 -82.49
C SER D 2006 25.02 44.26 -83.22
N GLU D 2007 25.66 45.20 -82.54
CA GLU D 2007 26.98 45.67 -82.87
C GLU D 2007 27.92 45.22 -81.78
N ALA D 2008 29.17 45.06 -82.11
CA ALA D 2008 30.11 44.54 -81.12
C ALA D 2008 30.29 45.59 -80.05
N LYS D 2009 29.67 45.39 -78.89
CA LYS D 2009 29.90 46.43 -77.90
C LYS D 2009 31.27 46.29 -77.28
N ILE D 2010 31.66 47.33 -76.58
CA ILE D 2010 32.92 47.38 -75.90
C ILE D 2010 32.61 48.01 -74.56
N ILE D 2011 32.86 47.29 -73.50
CA ILE D 2011 32.33 47.71 -72.23
C ILE D 2011 33.51 47.99 -71.33
N GLN D 2012 33.39 49.07 -70.59
CA GLN D 2012 34.35 49.40 -69.58
C GLN D 2012 33.89 48.65 -68.35
N GLN D 2013 34.79 47.89 -67.77
CA GLN D 2013 34.56 47.16 -66.54
C GLN D 2013 35.58 47.60 -65.51
N ALA D 2014 35.13 48.36 -64.50
CA ALA D 2014 36.04 48.93 -63.52
C ALA D 2014 36.91 47.89 -62.85
N GLY D 2015 38.12 48.29 -62.54
CA GLY D 2015 39.01 47.46 -61.76
C GLY D 2015 38.64 47.46 -60.30
N GLN D 2016 39.21 46.52 -59.56
CA GLN D 2016 38.90 46.37 -58.15
C GLN D 2016 37.41 46.22 -57.85
N VAL D 2017 36.66 45.61 -58.76
CA VAL D 2017 35.24 45.38 -58.55
C VAL D 2017 34.97 43.92 -58.89
N TRP D 2018 34.00 43.32 -58.22
CA TRP D 2018 33.61 41.97 -58.61
C TRP D 2018 32.48 42.08 -59.61
N PHE D 2019 32.69 41.50 -60.78
CA PHE D 2019 31.70 41.29 -61.83
C PHE D 2019 31.26 39.85 -62.01
N PRO D 2020 30.28 39.62 -62.90
CA PRO D 2020 29.90 38.23 -63.24
C PRO D 2020 31.07 37.43 -63.71
N ASP D 2021 31.77 38.01 -64.66
CA ASP D 2021 32.95 37.38 -65.25
C ASP D 2021 33.96 37.05 -64.16
N SER D 2022 34.28 38.03 -63.32
CA SER D 2022 35.32 37.84 -62.32
C SER D 2022 34.96 36.74 -61.36
N ALA D 2023 33.74 36.79 -60.91
CA ALA D 2023 33.29 35.84 -59.95
C ALA D 2023 33.23 34.44 -60.52
N PHE D 2024 32.73 34.32 -61.74
CA PHE D 2024 32.62 33.03 -62.41
C PHE D 2024 33.96 32.39 -62.71
N LYS D 2025 34.83 33.14 -63.37
CA LYS D 2025 36.16 32.67 -63.67
C LYS D 2025 36.85 32.26 -62.39
N THR D 2026 36.60 33.01 -61.33
CA THR D 2026 37.24 32.70 -60.07
C THR D 2026 36.76 31.41 -59.45
N TYR D 2027 35.45 31.22 -59.41
CA TYR D 2027 34.88 30.00 -58.88
C TYR D 2027 35.37 28.79 -59.63
N GLN D 2028 35.43 28.92 -60.94
CA GLN D 2028 35.78 27.80 -61.79
C GLN D 2028 37.24 27.44 -61.60
N ALA D 2029 38.10 28.45 -61.59
CA ALA D 2029 39.51 28.19 -61.40
C ALA D 2029 39.73 27.52 -60.07
N ILE D 2030 39.14 28.12 -59.05
CA ILE D 2030 39.23 27.64 -57.68
C ILE D 2030 38.72 26.22 -57.62
N LYS D 2031 37.62 25.97 -58.34
CA LYS D 2031 37.01 24.65 -58.33
C LYS D 2031 38.06 23.67 -58.76
N ASP D 2032 38.73 24.05 -59.83
CA ASP D 2032 39.70 23.16 -60.39
C ASP D 2032 40.78 22.89 -59.36
N PHE D 2033 41.35 23.96 -58.78
CA PHE D 2033 42.44 23.78 -57.82
C PHE D 2033 42.08 22.92 -56.63
N ASN D 2034 40.88 23.05 -56.07
CA ASN D 2034 40.64 22.18 -54.93
C ASN D 2034 40.56 20.75 -55.42
N ARG D 2035 40.00 20.59 -56.62
CA ARG D 2035 39.85 19.27 -57.18
C ARG D 2035 41.16 18.73 -57.71
N GLU D 2036 42.10 19.61 -57.89
CA GLU D 2036 43.46 19.26 -58.18
C GLU D 2036 44.11 18.88 -56.88
N GLY D 2037 43.66 19.52 -55.81
CA GLY D 2037 44.17 19.35 -54.50
C GLY D 2037 45.13 20.46 -54.15
N LEU D 2038 45.04 21.52 -54.81
CA LEU D 2038 45.94 22.66 -54.83
C LEU D 2038 45.60 23.77 -53.83
N PRO D 2039 46.64 24.46 -53.31
CA PRO D 2039 46.45 25.77 -52.67
C PRO D 2039 46.08 26.93 -53.61
N LEU D 2040 45.47 27.96 -52.99
CA LEU D 2040 44.93 29.11 -53.71
C LEU D 2040 45.72 30.34 -53.21
N MET D 2041 46.18 31.26 -54.10
CA MET D 2041 46.70 32.58 -53.73
C MET D 2041 46.13 33.79 -54.49
N VAL D 2042 45.42 34.69 -53.80
CA VAL D 2042 44.84 35.90 -54.40
C VAL D 2042 45.57 37.18 -54.00
N PHE D 2043 46.03 37.96 -55.00
CA PHE D 2043 46.48 39.32 -54.66
C PHE D 2043 45.31 40.27 -54.85
N ALA D 2044 44.54 40.33 -53.77
CA ALA D 2044 43.23 40.93 -53.67
C ALA D 2044 43.21 42.46 -53.61
N ASN D 2045 42.38 43.09 -54.44
CA ASN D 2045 42.28 44.55 -54.47
C ASN D 2045 40.91 44.94 -55.03
N TRP D 2046 39.94 45.15 -54.14
CA TRP D 2046 38.56 45.47 -54.46
C TRP D 2046 38.00 46.73 -53.82
N ARG D 2047 37.37 47.55 -54.65
CA ARG D 2047 36.73 48.76 -54.18
C ARG D 2047 35.40 48.36 -53.59
N GLY D 2048 34.94 47.17 -53.92
CA GLY D 2048 33.64 46.72 -53.51
C GLY D 2048 33.19 45.67 -54.48
N PHE D 2049 32.02 45.20 -54.19
CA PHE D 2049 31.26 44.39 -55.11
C PHE D 2049 30.56 45.32 -56.07
N SER D 2050 30.38 44.88 -57.30
CA SER D 2050 29.64 45.72 -58.22
C SER D 2050 28.18 45.75 -57.86
N GLY D 2051 27.64 46.96 -57.80
CA GLY D 2051 26.30 47.14 -57.34
C GLY D 2051 25.53 47.69 -58.51
N GLY D 2052 26.03 47.49 -59.74
CA GLY D 2052 25.34 48.09 -60.85
C GLY D 2052 24.16 47.29 -61.27
N MET D 2053 23.30 47.96 -62.05
CA MET D 2053 22.02 47.37 -62.38
C MET D 2053 22.21 46.06 -63.08
N LYS D 2054 22.96 46.10 -64.17
CA LYS D 2054 23.11 44.95 -65.03
C LYS D 2054 23.86 43.80 -64.37
N ASP D 2055 25.04 44.06 -63.80
CA ASP D 2055 25.77 42.91 -63.28
C ASP D 2055 24.99 42.29 -62.13
N MET D 2056 24.29 43.14 -61.39
CA MET D 2056 23.45 42.65 -60.33
C MET D 2056 22.30 41.86 -60.93
N TYR D 2057 21.69 42.41 -61.99
CA TYR D 2057 20.69 41.73 -62.81
C TYR D 2057 21.25 40.39 -63.26
N ASP D 2058 22.51 40.39 -63.62
CA ASP D 2058 23.27 39.25 -64.10
C ASP D 2058 23.77 38.41 -62.96
N GLN D 2059 23.27 38.61 -61.74
CA GLN D 2059 23.34 37.54 -60.75
C GLN D 2059 24.76 37.44 -60.21
N VAL D 2060 25.46 38.58 -60.14
CA VAL D 2060 26.83 38.56 -59.65
C VAL D 2060 26.88 38.02 -58.22
N LEU D 2061 25.83 38.29 -57.49
CA LEU D 2061 25.67 37.85 -56.12
C LEU D 2061 25.61 36.34 -56.08
N LYS D 2062 25.01 35.73 -57.12
CA LYS D 2062 24.72 34.30 -57.12
C LYS D 2062 26.05 33.58 -57.14
N PHE D 2063 27.01 34.17 -57.83
CA PHE D 2063 28.26 33.51 -57.99
C PHE D 2063 28.97 33.71 -56.68
N GLY D 2064 28.56 34.76 -55.94
CA GLY D 2064 29.04 34.93 -54.59
C GLY D 2064 28.60 33.77 -53.72
N ALA D 2065 27.36 33.38 -53.83
CA ALA D 2065 26.97 32.16 -53.13
C ALA D 2065 27.85 30.98 -53.55
N TYR D 2066 28.07 30.85 -54.85
CA TYR D 2066 28.79 29.68 -55.34
C TYR D 2066 30.19 29.57 -54.82
N ILE D 2067 30.88 30.70 -54.73
CA ILE D 2067 32.24 30.65 -54.18
C ILE D 2067 32.21 29.94 -52.85
N VAL D 2068 31.18 30.22 -52.07
CA VAL D 2068 31.05 29.60 -50.79
C VAL D 2068 31.00 28.11 -50.99
N ASP D 2069 30.12 27.67 -51.91
CA ASP D 2069 30.12 26.23 -52.18
C ASP D 2069 31.53 25.73 -52.47
N GLY D 2070 32.27 26.46 -53.30
CA GLY D 2070 33.56 25.95 -53.72
C GLY D 2070 34.52 25.86 -52.56
N LEU D 2071 34.59 26.92 -51.77
CA LEU D 2071 35.56 26.93 -50.69
C LEU D 2071 35.08 26.04 -49.58
N ARG D 2072 33.78 25.94 -49.43
CA ARG D 2072 33.27 25.05 -48.43
C ARG D 2072 33.75 23.65 -48.76
N GLU D 2073 33.89 23.36 -50.06
CA GLU D 2073 34.38 22.08 -50.50
C GLU D 2073 35.91 22.06 -50.53
N CYS D 2074 36.56 23.20 -50.24
CA CYS D 2074 38.01 23.24 -50.25
C CYS D 2074 38.75 22.43 -49.19
N CYS D 2075 39.84 21.85 -49.62
CA CYS D 2075 40.61 20.92 -48.86
C CYS D 2075 42.03 21.39 -48.66
N GLN D 2076 42.42 22.54 -49.20
CA GLN D 2076 43.77 23.06 -49.08
C GLN D 2076 43.86 24.52 -48.68
N PRO D 2077 45.07 24.99 -48.34
CA PRO D 2077 45.25 26.36 -47.87
C PRO D 2077 44.70 27.35 -48.91
N VAL D 2078 43.96 28.36 -48.44
CA VAL D 2078 43.60 29.50 -49.30
C VAL D 2078 44.16 30.78 -48.70
N LEU D 2079 45.13 31.41 -49.38
CA LEU D 2079 45.80 32.65 -48.96
C LEU D 2079 45.42 33.92 -49.71
N VAL D 2080 44.81 34.90 -49.04
CA VAL D 2080 44.43 36.16 -49.69
C VAL D 2080 45.37 37.22 -49.19
N TYR D 2081 45.91 38.03 -50.09
CA TYR D 2081 46.84 39.06 -49.65
C TYR D 2081 46.43 40.32 -50.36
N ILE D 2082 46.13 41.35 -49.58
CA ILE D 2082 45.87 42.67 -50.13
C ILE D 2082 47.18 43.43 -50.24
N PRO D 2083 47.68 43.71 -51.45
CA PRO D 2083 48.99 44.38 -51.60
C PRO D 2083 48.96 45.84 -51.19
N PRO D 2084 50.15 46.46 -51.03
CA PRO D 2084 50.19 47.89 -50.69
C PRO D 2084 49.49 48.73 -51.74
N GLN D 2085 48.75 49.75 -51.28
CA GLN D 2085 47.88 50.59 -52.10
C GLN D 2085 46.63 49.89 -52.62
N ALA D 2086 46.35 48.66 -52.18
CA ALA D 2086 45.11 47.98 -52.55
C ALA D 2086 43.99 48.27 -51.58
N GLU D 2087 42.78 47.86 -51.96
CA GLU D 2087 41.66 48.02 -51.06
C GLU D 2087 40.67 46.89 -51.24
N LEU D 2088 39.94 46.62 -50.15
CA LEU D 2088 38.95 45.55 -50.09
C LEU D 2088 37.73 45.99 -49.29
N ARG D 2089 36.58 45.91 -49.91
CA ARG D 2089 35.44 46.62 -49.37
C ARG D 2089 34.23 45.71 -49.35
N GLY D 2090 33.40 45.86 -48.31
CA GLY D 2090 32.07 45.30 -48.31
C GLY D 2090 32.11 43.86 -48.72
N GLY D 2091 31.47 43.72 -49.87
CA GLY D 2091 31.20 42.43 -50.46
C GLY D 2091 32.47 41.65 -50.58
N SER D 2092 33.56 42.35 -50.88
CA SER D 2092 34.77 41.60 -51.14
C SER D 2092 35.28 40.91 -49.88
N TRP D 2093 35.20 41.55 -48.70
CA TRP D 2093 35.56 40.81 -47.49
C TRP D 2093 34.53 39.76 -47.12
N VAL D 2094 33.28 40.19 -47.04
CA VAL D 2094 32.21 39.33 -46.54
C VAL D 2094 32.17 38.00 -47.27
N VAL D 2095 32.30 38.03 -48.59
CA VAL D 2095 32.15 36.79 -49.33
C VAL D 2095 33.42 35.96 -49.28
N ILE D 2096 34.51 36.46 -48.68
CA ILE D 2096 35.73 35.66 -48.57
C ILE D 2096 36.21 35.57 -47.13
N ASP D 2097 35.33 35.83 -46.18
CA ASP D 2097 35.70 35.63 -44.81
C ASP D 2097 36.00 34.16 -44.58
N SER D 2098 36.98 33.96 -43.71
CA SER D 2098 37.49 32.67 -43.27
C SER D 2098 36.42 31.73 -42.75
N SER D 2099 35.26 32.25 -42.39
CA SER D 2099 34.19 31.43 -41.86
C SER D 2099 33.73 30.23 -42.70
N ILE D 2100 33.83 30.24 -44.04
CA ILE D 2100 33.24 29.10 -44.75
C ILE D 2100 33.98 27.83 -44.42
N ASN D 2101 35.30 27.91 -44.38
CA ASN D 2101 36.15 26.76 -44.10
C ASN D 2101 37.32 27.30 -43.31
N PRO D 2102 37.09 27.69 -42.06
CA PRO D 2102 38.16 28.30 -41.24
C PRO D 2102 39.34 27.39 -41.11
N ARG D 2103 39.05 26.10 -41.12
CA ARG D 2103 40.03 25.05 -41.08
C ARG D 2103 41.15 25.29 -42.11
N HIS D 2104 40.83 25.91 -43.25
CA HIS D 2104 41.71 25.98 -44.41
C HIS D 2104 42.05 27.39 -44.93
N MET D 2105 41.33 28.44 -44.53
CA MET D 2105 41.54 29.79 -45.06
C MET D 2105 42.37 30.75 -44.20
N GLU D 2106 43.16 31.61 -44.86
CA GLU D 2106 43.86 32.69 -44.16
C GLU D 2106 44.00 33.93 -45.05
N MET D 2107 43.87 35.09 -44.39
CA MET D 2107 43.88 36.38 -45.05
C MET D 2107 44.81 37.40 -44.39
N TYR D 2108 45.55 38.14 -45.20
CA TYR D 2108 46.48 39.19 -44.78
C TYR D 2108 46.33 40.39 -45.70
N ALA D 2109 46.52 41.57 -45.15
CA ALA D 2109 46.45 42.83 -45.88
C ALA D 2109 47.69 43.67 -45.66
N ASP D 2110 48.18 44.31 -46.71
CA ASP D 2110 49.27 45.24 -46.52
C ASP D 2110 48.87 46.49 -45.75
N ARG D 2111 49.89 47.05 -45.09
CA ARG D 2111 49.78 48.32 -44.36
C ARG D 2111 49.19 49.40 -45.22
N GLU D 2112 49.58 49.43 -46.49
CA GLU D 2112 49.12 50.48 -47.37
C GLU D 2112 47.87 50.06 -48.11
N SER D 2113 47.07 49.22 -47.48
CA SER D 2113 45.83 48.77 -48.06
C SER D 2113 44.70 49.33 -47.19
N ARG D 2114 43.46 49.17 -47.64
CA ARG D 2114 42.37 49.78 -46.90
C ARG D 2114 41.14 48.92 -47.13
N GLY D 2115 40.21 48.94 -46.19
CA GLY D 2115 39.04 48.10 -46.38
C GLY D 2115 37.91 48.41 -45.45
N SER D 2116 36.66 48.35 -45.90
CA SER D 2116 35.60 48.86 -45.03
C SER D 2116 34.27 48.22 -45.38
N VAL D 2117 33.31 48.44 -44.50
CA VAL D 2117 31.94 48.14 -44.87
C VAL D 2117 31.57 49.02 -46.05
N LEU D 2118 31.99 50.27 -45.98
CA LEU D 2118 31.67 51.27 -46.98
C LEU D 2118 32.90 52.13 -47.06
N GLU D 2119 33.28 52.40 -48.25
CA GLU D 2119 34.39 53.27 -48.48
C GLU D 2119 34.06 54.66 -47.95
N PRO D 2120 35.08 55.46 -47.65
CA PRO D 2120 34.82 56.79 -47.10
C PRO D 2120 33.90 57.67 -47.92
N GLU D 2121 34.01 57.77 -49.26
CA GLU D 2121 33.09 58.66 -49.96
C GLU D 2121 31.66 58.28 -49.64
N GLY D 2122 31.38 56.98 -49.50
CA GLY D 2122 30.02 56.57 -49.31
C GLY D 2122 29.63 56.76 -47.85
N THR D 2123 30.62 56.65 -46.96
CA THR D 2123 30.41 57.00 -45.56
C THR D 2123 30.01 58.44 -45.43
N VAL D 2124 30.77 59.33 -46.05
CA VAL D 2124 30.47 60.75 -46.01
C VAL D 2124 29.12 61.00 -46.64
N GLU D 2125 28.91 60.41 -47.83
CA GLU D 2125 27.65 60.58 -48.55
C GLU D 2125 26.43 60.40 -47.66
N ILE D 2126 26.44 59.40 -46.77
CA ILE D 2126 25.28 59.23 -45.88
C ILE D 2126 25.33 60.02 -44.56
N LYS D 2127 26.48 60.09 -43.87
CA LYS D 2127 26.60 60.51 -42.46
C LYS D 2127 27.47 61.73 -42.15
N PHE D 2128 27.62 62.73 -43.01
CA PHE D 2128 28.44 63.91 -42.63
C PHE D 2128 27.99 65.23 -43.26
N ARG D 2129 26.78 65.65 -42.91
CA ARG D 2129 26.10 66.83 -43.44
C ARG D 2129 26.49 68.13 -42.70
N ARG D 2130 25.77 69.16 -43.13
CA ARG D 2130 25.89 70.55 -42.76
C ARG D 2130 25.99 70.74 -41.25
N LYS D 2131 25.06 70.16 -40.49
CA LYS D 2131 25.05 70.24 -39.04
C LYS D 2131 26.44 70.03 -38.50
N ASP D 2132 27.09 68.97 -38.99
CA ASP D 2132 28.45 68.68 -38.56
C ASP D 2132 29.37 69.78 -39.01
N LEU D 2133 29.09 70.39 -40.16
CA LEU D 2133 29.96 71.48 -40.61
C LEU D 2133 29.90 72.64 -39.65
N VAL D 2134 28.68 73.00 -39.26
CA VAL D 2134 28.46 74.10 -38.34
C VAL D 2134 29.13 73.83 -37.00
N LYS D 2135 28.85 72.67 -36.41
CA LYS D 2135 29.53 72.24 -35.19
C LYS D 2135 31.05 72.40 -35.28
N THR D 2136 31.58 72.01 -36.42
CA THR D 2136 33.03 71.95 -36.57
C THR D 2136 33.68 73.31 -36.73
N MET D 2137 33.08 74.19 -37.53
CA MET D 2137 33.58 75.55 -37.57
C MET D 2137 33.52 76.21 -36.21
N ARG D 2138 32.39 76.13 -35.50
CA ARG D 2138 32.38 76.79 -34.20
C ARG D 2138 33.47 76.24 -33.28
N ARG D 2139 33.91 74.97 -33.43
CA ARG D 2139 34.94 74.59 -32.47
C ARG D 2139 36.32 74.98 -32.95
N VAL D 2140 36.53 74.92 -34.27
CA VAL D 2140 37.87 74.88 -34.84
C VAL D 2140 38.15 76.08 -35.74
N ASP D 2141 37.19 76.49 -36.57
CA ASP D 2141 37.49 77.57 -37.51
C ASP D 2141 37.63 78.90 -36.78
N PRO D 2142 38.76 79.62 -36.91
CA PRO D 2142 38.93 80.82 -36.09
C PRO D 2142 38.01 81.97 -36.47
N VAL D 2143 37.84 82.24 -37.77
CA VAL D 2143 36.97 83.32 -38.21
C VAL D 2143 35.54 83.06 -37.80
N TYR D 2144 35.06 81.84 -38.04
CA TYR D 2144 33.69 81.51 -37.71
C TYR D 2144 33.50 81.70 -36.21
N ILE D 2145 34.47 81.19 -35.44
CA ILE D 2145 34.46 81.37 -33.99
C ILE D 2145 34.36 82.85 -33.63
N HIS D 2146 35.23 83.66 -34.23
CA HIS D 2146 35.27 85.10 -34.02
C HIS D 2146 33.93 85.79 -34.26
N LEU D 2147 33.35 85.55 -35.43
CA LEU D 2147 32.07 86.11 -35.78
C LEU D 2147 31.04 85.78 -34.74
N ALA D 2148 30.99 84.51 -34.41
CA ALA D 2148 30.06 84.06 -33.40
C ALA D 2148 30.37 84.65 -32.05
N GLU D 2149 31.65 84.85 -31.76
CA GLU D 2149 32.05 85.39 -30.47
C GLU D 2149 31.51 86.80 -30.29
N ARG D 2150 31.46 87.58 -31.37
CA ARG D 2150 31.02 88.97 -31.25
C ARG D 2150 29.52 89.02 -31.22
N LEU D 2151 28.93 88.27 -32.14
CA LEU D 2151 27.51 87.97 -32.17
C LEU D 2151 27.01 87.42 -30.84
N GLY D 2152 27.90 86.80 -30.08
CA GLY D 2152 27.66 86.30 -28.74
C GLY D 2152 27.81 87.36 -27.67
N THR D 2153 27.74 88.63 -28.04
CA THR D 2153 27.77 89.74 -27.11
C THR D 2153 26.36 90.27 -26.89
N PRO D 2154 25.92 90.62 -25.68
CA PRO D 2154 24.62 91.26 -25.55
C PRO D 2154 24.72 92.71 -25.97
N GLU D 2155 23.56 93.32 -26.23
CA GLU D 2155 23.43 94.73 -26.61
C GLU D 2155 24.37 95.05 -27.78
N LEU D 2156 24.03 94.44 -28.90
CA LEU D 2156 24.70 94.66 -30.16
C LEU D 2156 23.82 95.48 -31.08
N SER D 2157 24.46 96.32 -31.87
CA SER D 2157 23.76 97.07 -32.88
C SER D 2157 23.23 96.13 -33.95
N THR D 2158 22.02 96.40 -34.46
CA THR D 2158 21.46 95.54 -35.50
C THR D 2158 22.37 95.44 -36.71
N ALA D 2159 23.18 96.47 -36.95
CA ALA D 2159 24.21 96.37 -37.97
C ALA D 2159 25.16 95.21 -37.66
N GLU D 2160 25.89 95.30 -36.55
CA GLU D 2160 26.82 94.25 -36.17
C GLU D 2160 26.13 92.88 -36.07
N ARG D 2161 24.92 92.84 -35.51
CA ARG D 2161 24.23 91.56 -35.38
C ARG D 2161 23.96 90.92 -36.74
N LYS D 2162 23.14 91.58 -37.57
CA LYS D 2162 22.79 91.05 -38.89
C LYS D 2162 24.03 90.80 -39.74
N GLU D 2163 24.98 91.73 -39.67
CA GLU D 2163 26.22 91.57 -40.41
C GLU D 2163 26.92 90.31 -39.97
N LEU D 2164 27.03 90.10 -38.66
CA LEU D 2164 27.73 88.93 -38.14
C LEU D 2164 27.07 87.64 -38.58
N GLU D 2165 25.74 87.52 -38.44
CA GLU D 2165 25.12 86.27 -38.90
C GLU D 2165 25.42 86.05 -40.39
N ASN D 2166 25.38 87.13 -41.19
CA ASN D 2166 25.68 87.01 -42.62
C ASN D 2166 27.13 86.60 -42.83
N LYS D 2167 28.04 87.27 -42.12
CA LYS D 2167 29.47 87.00 -42.14
C LYS D 2167 29.75 85.56 -41.81
N LEU D 2168 28.92 85.01 -40.92
CA LEU D 2168 29.04 83.65 -40.46
C LEU D 2168 28.66 82.72 -41.61
N LYS D 2169 27.52 83.02 -42.24
CA LYS D 2169 27.05 82.28 -43.41
C LYS D 2169 28.11 82.30 -44.50
N GLU D 2170 28.76 83.46 -44.65
CA GLU D 2170 29.80 83.65 -45.65
C GLU D 2170 30.98 82.78 -45.30
N ARG D 2171 31.36 82.75 -44.02
CA ARG D 2171 32.48 81.93 -43.61
C ARG D 2171 32.22 80.47 -43.90
N GLU D 2172 31.08 79.95 -43.47
CA GLU D 2172 30.77 78.55 -43.76
C GLU D 2172 30.78 78.22 -45.25
N GLU D 2173 30.00 78.98 -46.04
CA GLU D 2173 29.87 78.63 -47.45
C GLU D 2173 31.20 78.73 -48.16
N PHE D 2174 31.95 79.78 -47.86
CA PHE D 2174 33.30 79.89 -48.37
C PHE D 2174 34.19 78.72 -47.93
N LEU D 2175 33.95 78.21 -46.73
CA LEU D 2175 34.72 77.14 -46.09
C LEU D 2175 34.41 75.72 -46.57
N ILE D 2176 33.36 75.51 -47.37
CA ILE D 2176 32.89 74.13 -47.62
C ILE D 2176 33.95 73.18 -48.17
N PRO D 2177 34.80 73.55 -49.15
CA PRO D 2177 35.73 72.53 -49.71
C PRO D 2177 36.59 71.71 -48.71
N ILE D 2178 37.33 72.36 -47.83
CA ILE D 2178 38.21 71.68 -46.87
C ILE D 2178 37.51 70.67 -45.98
N TYR D 2179 36.33 71.00 -45.50
CA TYR D 2179 35.73 70.18 -44.49
C TYR D 2179 35.19 68.86 -45.02
N HIS D 2180 34.83 68.80 -46.31
CA HIS D 2180 34.53 67.50 -46.87
C HIS D 2180 35.73 66.56 -46.84
N GLN D 2181 36.92 67.06 -47.22
CA GLN D 2181 38.10 66.19 -47.16
C GLN D 2181 38.41 65.77 -45.73
N VAL D 2182 38.27 66.67 -44.76
CA VAL D 2182 38.56 66.24 -43.40
C VAL D 2182 37.59 65.16 -42.98
N ALA D 2183 36.33 65.33 -43.36
CA ALA D 2183 35.31 64.35 -42.98
C ALA D 2183 35.61 62.98 -43.57
N VAL D 2184 35.92 62.94 -44.87
CA VAL D 2184 36.19 61.66 -45.51
C VAL D 2184 37.45 61.03 -44.93
N GLN D 2185 38.47 61.84 -44.66
CA GLN D 2185 39.68 61.34 -44.03
C GLN D 2185 39.34 60.72 -42.69
N PHE D 2186 38.58 61.48 -41.91
CA PHE D 2186 38.09 61.07 -40.61
C PHE D 2186 37.42 59.70 -40.73
N ALA D 2187 36.54 59.54 -41.73
CA ALA D 2187 35.86 58.27 -41.98
C ALA D 2187 36.87 57.17 -42.30
N ASP D 2188 37.80 57.48 -43.19
CA ASP D 2188 38.80 56.52 -43.64
C ASP D 2188 39.58 55.98 -42.46
N LEU D 2189 39.79 56.80 -41.42
CA LEU D 2189 40.53 56.30 -40.28
C LEU D 2189 39.82 55.14 -39.60
N HIS D 2190 38.54 54.92 -39.91
CA HIS D 2190 37.86 53.74 -39.40
C HIS D 2190 38.23 52.54 -40.25
N ASP D 2191 38.76 52.79 -41.45
CA ASP D 2191 38.84 51.76 -42.48
C ASP D 2191 40.24 51.19 -42.58
N THR D 2192 41.03 51.39 -41.59
CA THR D 2192 42.45 51.17 -41.66
C THR D 2192 42.82 49.71 -41.42
N PRO D 2193 44.04 49.30 -41.81
CA PRO D 2193 44.44 47.93 -41.51
C PRO D 2193 44.54 47.70 -40.01
N GLY D 2194 44.99 48.72 -39.28
CA GLY D 2194 45.09 48.64 -37.83
C GLY D 2194 43.80 48.21 -37.20
N ARG D 2195 42.73 48.91 -37.53
CA ARG D 2195 41.44 48.55 -36.98
C ARG D 2195 41.04 47.17 -37.45
N MET D 2196 41.21 46.88 -38.74
CA MET D 2196 40.88 45.56 -39.26
C MET D 2196 41.51 44.44 -38.44
N GLN D 2197 42.82 44.56 -38.17
CA GLN D 2197 43.53 43.50 -37.49
C GLN D 2197 43.04 43.39 -36.06
N GLU D 2198 42.99 44.52 -35.39
CA GLU D 2198 42.52 44.58 -34.02
C GLU D 2198 41.14 43.97 -33.90
N LYS D 2199 40.30 44.21 -34.90
CA LYS D 2199 38.95 43.68 -34.89
C LYS D 2199 38.93 42.22 -35.30
N GLY D 2200 40.09 41.66 -35.67
CA GLY D 2200 40.17 40.22 -35.81
C GLY D 2200 39.74 39.51 -37.06
N VAL D 2201 39.62 40.17 -38.20
CA VAL D 2201 39.18 39.41 -39.36
C VAL D 2201 40.36 38.86 -40.16
N ILE D 2202 41.58 39.33 -39.89
CA ILE D 2202 42.80 38.81 -40.51
C ILE D 2202 43.84 38.57 -39.42
N SER D 2203 44.98 38.03 -39.82
CA SER D 2203 46.04 37.64 -38.90
C SER D 2203 47.11 38.70 -38.65
N ASP D 2204 47.44 39.52 -39.65
CA ASP D 2204 48.46 40.55 -39.49
C ASP D 2204 48.39 41.56 -40.63
N ILE D 2205 48.96 42.74 -40.38
CA ILE D 2205 49.20 43.71 -41.43
C ILE D 2205 50.64 43.47 -41.83
N LEU D 2206 50.84 43.22 -43.10
CA LEU D 2206 52.16 42.95 -43.63
C LEU D 2206 52.75 44.07 -44.46
N ASP D 2207 54.03 43.87 -44.76
CA ASP D 2207 54.82 44.70 -45.64
C ASP D 2207 55.33 43.91 -46.82
N TRP D 2208 55.01 44.42 -48.01
CA TRP D 2208 55.19 43.72 -49.27
C TRP D 2208 56.59 43.15 -49.42
N LYS D 2209 57.58 43.98 -49.14
CA LYS D 2209 58.98 43.63 -49.29
C LYS D 2209 59.37 42.31 -48.64
N THR D 2210 58.87 42.00 -47.45
CA THR D 2210 59.23 40.73 -46.82
C THR D 2210 58.09 39.74 -46.93
N SER D 2211 57.10 40.09 -47.75
CA SER D 2211 55.93 39.26 -47.91
C SER D 2211 56.26 37.98 -48.63
N ARG D 2212 57.17 38.04 -49.59
CA ARG D 2212 57.57 36.87 -50.35
C ARG D 2212 58.11 35.77 -49.45
N THR D 2213 59.14 36.10 -48.67
CA THR D 2213 59.75 35.14 -47.76
C THR D 2213 58.69 34.55 -46.86
N PHE D 2214 57.89 35.45 -46.28
CA PHE D 2214 56.82 35.01 -45.41
C PHE D 2214 55.96 33.99 -46.10
N PHE D 2215 55.49 34.30 -47.30
CA PHE D 2215 54.51 33.45 -47.93
C PHE D 2215 55.10 32.11 -48.28
N TYR D 2216 56.39 32.10 -48.64
CA TYR D 2216 57.04 30.83 -48.92
C TYR D 2216 56.99 29.92 -47.72
N TRP D 2217 57.60 30.37 -46.63
CA TRP D 2217 57.71 29.49 -45.48
C TRP D 2217 56.36 29.14 -44.86
N ARG D 2218 55.47 30.15 -44.71
CA ARG D 2218 54.17 29.87 -44.12
C ARG D 2218 53.39 28.90 -44.94
N LEU D 2219 53.27 29.16 -46.23
CA LEU D 2219 52.49 28.25 -47.04
C LEU D 2219 53.10 26.89 -47.04
N ARG D 2220 54.42 26.80 -47.09
CA ARG D 2220 54.99 25.48 -47.19
C ARG D 2220 54.60 24.69 -45.95
N ARG D 2221 54.57 25.36 -44.79
CA ARG D 2221 54.21 24.62 -43.59
C ARG D 2221 52.70 24.43 -43.51
N LEU D 2222 51.91 25.38 -43.99
CA LEU D 2222 50.47 25.20 -44.07
C LEU D 2222 50.14 23.96 -44.87
N LEU D 2223 50.86 23.77 -45.96
CA LEU D 2223 50.67 22.63 -46.83
C LEU D 2223 51.10 21.38 -46.11
N LEU D 2224 52.18 21.49 -45.35
CA LEU D 2224 52.70 20.32 -44.68
C LEU D 2224 51.69 19.92 -43.63
N GLU D 2225 51.21 20.90 -42.92
CA GLU D 2225 50.17 20.72 -41.93
C GLU D 2225 48.95 20.08 -42.58
N ASP D 2226 48.55 20.60 -43.75
CA ASP D 2226 47.40 20.03 -44.44
C ASP D 2226 47.62 18.56 -44.77
N LEU D 2227 48.80 18.25 -45.29
CA LEU D 2227 49.17 16.89 -45.68
C LEU D 2227 49.22 15.93 -44.48
N VAL D 2228 49.82 16.37 -43.38
CA VAL D 2228 49.91 15.51 -42.21
C VAL D 2228 48.55 15.33 -41.60
N LYS D 2229 47.81 16.42 -41.47
CA LYS D 2229 46.47 16.30 -40.94
C LYS D 2229 45.67 15.37 -41.83
N LYS D 2230 45.92 15.40 -43.13
CA LYS D 2230 45.28 14.44 -44.02
C LYS D 2230 45.63 13.03 -43.61
N LYS D 2231 46.87 12.84 -43.18
CA LYS D 2231 47.28 11.52 -42.73
C LYS D 2231 46.53 11.13 -41.48
N ILE D 2232 46.37 12.09 -40.58
CA ILE D 2232 45.70 11.83 -39.32
C ILE D 2232 44.23 11.49 -39.53
N HIS D 2233 43.52 12.27 -40.33
CA HIS D 2233 42.12 11.95 -40.55
C HIS D 2233 42.02 10.59 -41.18
N ASN D 2234 42.99 10.26 -42.00
CA ASN D 2234 43.00 8.94 -42.58
C ASN D 2234 43.17 7.94 -41.47
N ALA D 2235 43.98 8.31 -40.48
CA ALA D 2235 44.20 7.45 -39.33
C ALA D 2235 42.92 7.22 -38.55
N ASN D 2236 42.04 8.21 -38.50
CA ASN D 2236 40.79 8.08 -37.78
C ASN D 2236 39.89 9.12 -38.40
N PRO D 2237 39.16 8.79 -39.46
CA PRO D 2237 38.30 9.79 -40.10
C PRO D 2237 37.19 10.37 -39.25
N GLU D 2238 36.68 9.64 -38.26
CA GLU D 2238 35.53 10.12 -37.50
C GLU D 2238 35.83 11.29 -36.57
N LEU D 2239 37.09 11.46 -36.16
CA LEU D 2239 37.47 12.51 -35.23
C LEU D 2239 37.41 13.88 -35.89
N THR D 2240 36.80 14.85 -35.21
CA THR D 2240 36.74 16.20 -35.75
C THR D 2240 38.06 16.95 -35.88
N ASP D 2241 38.13 17.72 -36.97
CA ASP D 2241 39.07 18.74 -37.38
C ASP D 2241 39.53 19.78 -36.36
N GLY D 2242 38.60 20.32 -35.58
CA GLY D 2242 38.98 21.36 -34.64
C GLY D 2242 39.89 20.77 -33.59
N GLN D 2243 39.48 19.62 -33.07
CA GLN D 2243 40.24 19.01 -32.04
C GLN D 2243 41.54 18.59 -32.65
N ILE D 2244 41.48 18.24 -33.91
CA ILE D 2244 42.67 17.87 -34.64
C ILE D 2244 43.64 19.03 -34.76
N GLN D 2245 43.17 20.22 -35.15
CA GLN D 2245 44.05 21.37 -35.17
C GLN D 2245 44.84 21.54 -33.88
N ALA D 2246 44.10 21.62 -32.79
CA ALA D 2246 44.76 21.81 -31.51
C ALA D 2246 45.71 20.66 -31.24
N MET D 2247 45.23 19.46 -31.55
CA MET D 2247 45.94 18.20 -31.38
C MET D 2247 47.27 18.20 -32.05
N LEU D 2248 47.30 18.72 -33.26
CA LEU D 2248 48.55 18.77 -33.98
C LEU D 2248 49.48 19.68 -33.21
N ARG D 2249 48.96 20.82 -32.78
CA ARG D 2249 49.79 21.71 -31.97
C ARG D 2249 50.28 20.97 -30.75
N ARG D 2250 49.40 20.18 -30.15
CA ARG D 2250 49.73 19.46 -28.94
C ARG D 2250 50.80 18.46 -29.20
N TRP D 2251 50.72 17.78 -30.31
CA TRP D 2251 51.74 16.81 -30.62
C TRP D 2251 53.07 17.47 -30.89
N PHE D 2252 53.03 18.65 -31.49
CA PHE D 2252 54.25 19.40 -31.74
C PHE D 2252 54.88 19.91 -30.46
N VAL D 2253 54.10 20.64 -29.70
CA VAL D 2253 54.56 21.21 -28.46
C VAL D 2253 54.96 20.11 -27.50
N GLU D 2254 54.20 19.03 -27.45
CA GLU D 2254 54.62 17.92 -26.61
C GLU D 2254 55.98 17.41 -26.99
N VAL D 2255 56.15 17.05 -28.26
CA VAL D 2255 57.40 16.43 -28.64
C VAL D 2255 58.54 17.43 -28.57
N GLU D 2256 58.33 18.58 -29.19
CA GLU D 2256 59.39 19.54 -29.39
C GLU D 2256 59.56 20.59 -28.33
N GLY D 2257 58.64 20.70 -27.38
CA GLY D 2257 58.93 21.66 -26.35
C GLY D 2257 58.24 22.98 -26.54
N THR D 2258 57.75 23.51 -25.43
CA THR D 2258 57.20 24.86 -25.39
C THR D 2258 58.08 25.89 -26.04
N VAL D 2259 59.40 25.69 -26.02
CA VAL D 2259 60.28 26.68 -26.63
C VAL D 2259 59.88 26.92 -28.06
N LYS D 2260 59.26 25.95 -28.72
CA LYS D 2260 58.90 26.19 -30.09
C LYS D 2260 57.42 26.52 -30.20
N ALA D 2261 56.71 26.62 -29.07
CA ALA D 2261 55.31 27.00 -29.13
C ALA D 2261 55.14 28.25 -30.00
N TYR D 2262 55.81 29.35 -29.60
CA TYR D 2262 55.67 30.61 -30.34
C TYR D 2262 56.16 30.38 -31.76
N VAL D 2263 57.13 29.48 -31.86
CA VAL D 2263 57.78 29.10 -33.08
C VAL D 2263 56.73 28.61 -34.02
N TRP D 2264 55.64 28.02 -33.49
CA TRP D 2264 54.57 27.62 -34.38
C TRP D 2264 54.23 28.79 -35.30
N ASP D 2265 54.34 30.02 -34.79
CA ASP D 2265 54.07 31.22 -35.55
C ASP D 2265 55.32 31.66 -36.33
N ASN D 2266 56.40 30.88 -36.26
CA ASN D 2266 57.64 31.08 -37.02
C ASN D 2266 57.60 30.11 -38.18
N ASN D 2267 57.49 30.65 -39.37
CA ASN D 2267 57.36 29.80 -40.52
C ASN D 2267 58.51 28.83 -40.67
N LYS D 2268 59.75 29.34 -40.67
CA LYS D 2268 60.89 28.49 -40.96
C LYS D 2268 61.03 27.35 -39.99
N ASP D 2269 60.99 27.65 -38.70
CA ASP D 2269 61.30 26.61 -37.74
C ASP D 2269 60.18 25.58 -37.73
N LEU D 2270 58.93 26.04 -37.80
CA LEU D 2270 57.86 25.06 -37.86
C LEU D 2270 57.96 24.34 -39.19
N ALA D 2271 58.30 25.10 -40.22
CA ALA D 2271 58.55 24.53 -41.54
C ALA D 2271 59.63 23.48 -41.44
N GLU D 2272 60.74 23.84 -40.79
CA GLU D 2272 61.84 22.94 -40.56
C GLU D 2272 61.38 21.69 -39.82
N TRP D 2273 60.50 21.89 -38.85
CA TRP D 2273 60.06 20.77 -38.05
C TRP D 2273 59.14 19.84 -38.84
N LEU D 2274 58.16 20.41 -39.53
CA LEU D 2274 57.21 19.60 -40.27
C LEU D 2274 57.88 18.72 -41.28
N GLU D 2275 58.87 19.23 -42.00
CA GLU D 2275 59.52 18.38 -42.97
C GLU D 2275 60.18 17.23 -42.24
N LYS D 2276 60.91 17.55 -41.18
CA LYS D 2276 61.58 16.57 -40.37
C LYS D 2276 60.65 15.62 -39.63
N GLN D 2277 59.61 15.05 -40.25
CA GLN D 2277 58.82 14.11 -39.48
C GLN D 2277 58.66 12.85 -40.29
N LEU D 2278 58.32 13.03 -41.56
CA LEU D 2278 58.16 11.95 -42.51
C LEU D 2278 59.49 11.47 -43.04
N THR D 2279 60.60 11.84 -42.38
CA THR D 2279 61.89 11.48 -42.93
C THR D 2279 62.15 10.01 -42.77
N GLU D 2280 61.81 9.44 -41.62
CA GLU D 2280 62.12 8.03 -41.39
C GLU D 2280 61.00 7.19 -41.97
N GLU D 2281 61.19 6.64 -43.16
CA GLU D 2281 60.26 5.67 -43.70
C GLU D 2281 61.08 4.41 -43.59
N ASP D 2282 60.44 3.31 -43.18
CA ASP D 2282 61.10 2.00 -43.09
C ASP D 2282 62.38 2.19 -42.27
N GLY D 2283 62.24 2.95 -41.17
CA GLY D 2283 63.31 3.18 -40.22
C GLY D 2283 62.82 3.35 -38.80
N VAL D 2284 63.55 4.15 -38.05
CA VAL D 2284 63.13 4.52 -36.70
C VAL D 2284 61.92 5.44 -36.80
N HIS D 2285 60.76 4.95 -36.36
CA HIS D 2285 59.52 5.69 -36.43
C HIS D 2285 59.26 6.39 -35.10
N SER D 2286 58.42 7.42 -35.15
CA SER D 2286 58.09 8.10 -33.91
C SER D 2286 57.07 7.35 -33.09
N VAL D 2287 56.95 7.84 -31.87
CA VAL D 2287 56.00 7.25 -30.97
C VAL D 2287 54.73 8.04 -31.12
N ILE D 2288 54.78 9.25 -31.68
CA ILE D 2288 53.53 9.93 -31.91
C ILE D 2288 52.77 9.12 -32.92
N GLU D 2289 53.50 8.57 -33.88
CA GLU D 2289 52.92 7.67 -34.85
C GLU D 2289 52.36 6.48 -34.12
N GLU D 2290 53.13 5.97 -33.17
CA GLU D 2290 52.65 4.81 -32.41
C GLU D 2290 51.40 5.16 -31.64
N ASN D 2291 51.37 6.34 -31.08
CA ASN D 2291 50.23 6.77 -30.32
C ASN D 2291 49.00 6.81 -31.20
N ILE D 2292 49.18 7.36 -32.39
CA ILE D 2292 48.08 7.48 -33.34
C ILE D 2292 47.58 6.09 -33.68
N LYS D 2293 48.50 5.18 -33.82
CA LYS D 2293 48.15 3.80 -34.04
C LYS D 2293 47.35 3.27 -32.86
N CYS D 2294 47.73 3.67 -31.66
CA CYS D 2294 46.99 3.28 -30.45
C CYS D 2294 45.56 3.77 -30.52
N ILE D 2295 45.36 5.00 -30.95
CA ILE D 2295 43.99 5.45 -31.10
C ILE D 2295 43.28 4.62 -32.14
N SER D 2296 43.98 4.28 -33.20
CA SER D 2296 43.36 3.47 -34.22
C SER D 2296 42.91 2.15 -33.60
N ARG D 2297 43.78 1.61 -32.76
CA ARG D 2297 43.55 0.37 -32.02
C ARG D 2297 42.35 0.52 -31.10
N ASP D 2298 42.33 1.64 -30.42
CA ASP D 2298 41.30 1.99 -29.48
C ASP D 2298 39.97 2.11 -30.21
N TYR D 2299 39.98 2.79 -31.34
CA TYR D 2299 38.77 3.03 -32.12
C TYR D 2299 38.19 1.76 -32.67
N VAL D 2300 39.03 0.88 -33.19
CA VAL D 2300 38.52 -0.38 -33.71
C VAL D 2300 37.92 -1.17 -32.57
N LEU D 2301 38.58 -1.11 -31.44
CA LEU D 2301 38.16 -1.87 -30.30
C LEU D 2301 36.78 -1.44 -29.85
N LYS D 2302 36.58 -0.14 -29.79
CA LYS D 2302 35.27 0.37 -29.41
C LYS D 2302 34.22 -0.03 -30.43
N GLN D 2303 34.59 -0.06 -31.71
CA GLN D 2303 33.61 -0.49 -32.70
C GLN D 2303 33.14 -1.87 -32.33
N ILE D 2304 34.07 -2.73 -31.97
CA ILE D 2304 33.70 -4.07 -31.59
C ILE D 2304 32.83 -4.07 -30.35
N ARG D 2305 33.11 -3.17 -29.42
CA ARG D 2305 32.32 -3.10 -28.20
C ARG D 2305 30.88 -2.82 -28.57
N SER D 2306 30.70 -1.90 -29.49
CA SER D 2306 29.38 -1.56 -29.95
C SER D 2306 28.74 -2.74 -30.65
N LEU D 2307 29.55 -3.42 -31.43
CA LEU D 2307 29.10 -4.54 -32.23
C LEU D 2307 28.57 -5.66 -31.36
N VAL D 2308 29.31 -5.96 -30.31
CA VAL D 2308 28.92 -6.98 -29.37
C VAL D 2308 27.70 -6.50 -28.66
N GLN D 2309 27.65 -5.21 -28.43
CA GLN D 2309 26.52 -4.64 -27.74
C GLN D 2309 25.25 -4.91 -28.52
N ALA D 2310 25.28 -4.72 -29.84
CA ALA D 2310 24.09 -5.07 -30.58
C ALA D 2310 23.80 -6.55 -30.59
N ASN D 2311 24.83 -7.39 -30.56
CA ASN D 2311 24.62 -8.84 -30.74
C ASN D 2311 25.51 -9.63 -29.78
N PRO D 2312 25.26 -9.54 -28.47
CA PRO D 2312 26.20 -10.15 -27.52
C PRO D 2312 26.24 -11.67 -27.54
N GLU D 2313 25.17 -12.32 -27.95
CA GLU D 2313 25.04 -13.78 -27.97
C GLU D 2313 26.06 -14.50 -28.84
N VAL D 2314 26.58 -13.80 -29.82
CA VAL D 2314 27.47 -14.29 -30.87
C VAL D 2314 28.91 -14.52 -30.45
N ALA D 2315 29.33 -13.98 -29.32
CA ALA D 2315 30.73 -13.98 -28.89
C ALA D 2315 31.36 -15.34 -29.12
N MET D 2316 30.79 -16.38 -28.53
CA MET D 2316 31.38 -17.71 -28.56
C MET D 2316 31.74 -18.10 -29.97
N ASP D 2317 30.80 -17.93 -30.89
CA ASP D 2317 31.07 -18.39 -32.23
C ASP D 2317 32.08 -17.46 -32.84
N SER D 2318 31.97 -16.18 -32.49
CA SER D 2318 32.97 -15.24 -32.90
C SER D 2318 34.31 -15.68 -32.32
N ILE D 2319 34.26 -16.18 -31.09
CA ILE D 2319 35.43 -16.60 -30.35
C ILE D 2319 36.09 -17.82 -30.97
N ILE D 2320 35.32 -18.85 -31.31
CA ILE D 2320 35.94 -20.06 -31.89
C ILE D 2320 36.94 -19.66 -32.96
N HIS D 2321 36.54 -18.74 -33.83
CA HIS D 2321 37.42 -18.21 -34.85
C HIS D 2321 38.50 -17.36 -34.21
N MET D 2322 38.14 -16.67 -33.12
CA MET D 2322 39.06 -15.80 -32.42
C MET D 2322 40.16 -16.62 -31.82
N THR D 2323 39.87 -17.87 -31.52
CA THR D 2323 40.80 -18.69 -30.79
C THR D 2323 41.76 -19.37 -31.72
N GLN D 2324 41.65 -19.04 -32.99
CA GLN D 2324 42.26 -19.80 -34.05
C GLN D 2324 43.76 -19.53 -34.03
N HIS D 2325 44.11 -18.36 -33.51
CA HIS D 2325 45.36 -17.76 -33.10
C HIS D 2325 45.88 -18.30 -31.75
N ILE D 2326 46.36 -17.42 -30.86
CA ILE D 2326 46.88 -17.49 -29.49
C ILE D 2326 46.44 -18.66 -28.60
N SER D 2327 45.44 -19.36 -29.00
CA SER D 2327 44.72 -20.43 -28.37
C SER D 2327 45.31 -21.26 -27.22
N PRO D 2328 46.51 -21.82 -27.22
CA PRO D 2328 46.87 -22.53 -25.98
C PRO D 2328 47.01 -21.65 -24.75
N THR D 2329 47.64 -20.50 -24.91
CA THR D 2329 47.73 -19.52 -23.84
C THR D 2329 46.35 -18.99 -23.51
N GLN D 2330 45.58 -18.77 -24.56
CA GLN D 2330 44.23 -18.26 -24.42
C GLN D 2330 43.41 -19.26 -23.60
N ARG D 2331 43.65 -20.54 -23.83
CA ARG D 2331 43.05 -21.54 -22.97
C ARG D 2331 43.58 -21.36 -21.58
N ALA D 2332 44.86 -21.05 -21.45
CA ALA D 2332 45.36 -20.92 -20.09
C ALA D 2332 44.61 -19.88 -19.28
N GLU D 2333 44.46 -18.65 -19.77
CA GLU D 2333 43.69 -17.72 -18.93
C GLU D 2333 42.25 -18.13 -18.71
N VAL D 2334 41.56 -18.60 -19.75
CA VAL D 2334 40.18 -18.99 -19.52
C VAL D 2334 40.05 -20.14 -18.55
N ILE D 2335 40.90 -21.12 -18.70
CA ILE D 2335 40.92 -22.25 -17.80
C ILE D 2335 41.26 -21.72 -16.42
N ARG D 2336 42.12 -20.69 -16.33
CA ARG D 2336 42.36 -20.11 -15.00
C ARG D 2336 41.00 -19.70 -14.48
N ILE D 2337 40.19 -19.13 -15.36
CA ILE D 2337 38.89 -18.67 -15.01
C ILE D 2337 37.95 -19.87 -15.11
N VAL E 102 -13.13 -59.12 91.40
CA VAL E 102 -14.07 -59.66 90.44
C VAL E 102 -13.37 -60.43 89.32
N ALA E 103 -14.07 -61.43 88.80
CA ALA E 103 -13.57 -62.35 87.79
C ALA E 103 -13.74 -61.84 86.37
N SER E 104 -14.68 -60.94 86.11
CA SER E 104 -15.02 -60.54 84.76
C SER E 104 -15.78 -59.22 84.83
N PRO E 105 -15.92 -58.52 83.69
CA PRO E 105 -16.73 -57.30 83.67
C PRO E 105 -18.12 -57.46 84.24
N ALA E 106 -18.76 -58.62 84.02
CA ALA E 106 -20.09 -58.88 84.56
C ALA E 106 -20.11 -58.82 86.10
N GLU E 107 -19.09 -59.38 86.76
CA GLU E 107 -19.03 -59.35 88.22
C GLU E 107 -18.84 -57.92 88.75
N PHE E 108 -18.03 -57.11 88.06
CA PHE E 108 -17.81 -55.71 88.44
C PHE E 108 -19.12 -54.94 88.51
N VAL E 109 -19.96 -55.10 87.49
CA VAL E 109 -21.25 -54.42 87.39
C VAL E 109 -22.14 -54.71 88.62
N THR E 110 -22.17 -55.95 89.08
CA THR E 110 -22.99 -56.30 90.25
C THR E 110 -22.50 -55.63 91.53
N ARG E 111 -21.21 -55.77 91.85
CA ARG E 111 -20.67 -55.19 93.09
C ARG E 111 -20.93 -53.69 93.19
N PHE E 112 -20.77 -52.96 92.09
CA PHE E 112 -20.92 -51.52 92.06
C PHE E 112 -22.29 -51.03 91.57
N GLY E 113 -23.29 -51.91 91.47
CA GLY E 113 -24.64 -51.46 91.14
C GLY E 113 -24.96 -51.03 89.72
N GLY E 114 -24.31 -51.61 88.70
CA GLY E 114 -24.63 -51.30 87.33
C GLY E 114 -25.70 -52.22 86.78
N ASN E 115 -26.08 -52.00 85.50
CA ASN E 115 -27.16 -52.78 84.90
C ASN E 115 -26.93 -53.29 83.48
N LYS E 116 -25.74 -53.12 82.89
CA LYS E 116 -25.54 -53.57 81.51
C LYS E 116 -24.12 -54.13 81.45
N VAL E 117 -24.01 -55.44 81.15
CA VAL E 117 -22.71 -56.08 81.03
C VAL E 117 -22.08 -55.84 79.67
N ILE E 118 -20.92 -55.19 79.66
CA ILE E 118 -20.13 -54.99 78.44
C ILE E 118 -18.81 -55.74 78.66
N GLU E 119 -18.61 -56.80 77.89
CA GLU E 119 -17.39 -57.62 77.92
C GLU E 119 -16.61 -57.49 76.62
N LYS E 120 -17.23 -56.94 75.58
CA LYS E 120 -16.68 -56.82 74.25
C LYS E 120 -17.13 -55.48 73.73
N VAL E 121 -16.18 -54.70 73.21
CA VAL E 121 -16.46 -53.37 72.70
C VAL E 121 -16.05 -53.36 71.24
N LEU E 122 -16.93 -52.83 70.38
CA LEU E 122 -16.58 -52.61 68.99
C LEU E 122 -16.14 -51.14 68.98
N ILE E 123 -14.92 -50.88 68.49
CA ILE E 123 -14.40 -49.51 68.39
C ILE E 123 -14.71 -48.86 67.03
N ALA E 124 -15.55 -47.83 67.05
CA ALA E 124 -15.90 -47.02 65.87
C ALA E 124 -15.01 -45.77 65.86
N ASN E 125 -13.70 -46.01 65.68
CA ASN E 125 -12.70 -44.94 65.75
C ASN E 125 -11.33 -45.43 65.28
N ASN E 126 -10.36 -44.52 65.36
CA ASN E 126 -8.96 -44.76 65.03
C ASN E 126 -8.06 -43.92 65.95
N GLY E 127 -6.79 -43.80 65.55
CA GLY E 127 -5.66 -43.04 66.08
C GLY E 127 -5.31 -43.22 67.54
N ILE E 128 -4.87 -42.09 68.11
CA ILE E 128 -4.42 -41.97 69.51
C ILE E 128 -5.51 -42.30 70.51
N ALA E 129 -6.78 -42.00 70.20
CA ALA E 129 -7.85 -42.30 71.15
C ALA E 129 -7.81 -43.76 71.52
N ALA E 130 -7.81 -44.63 70.52
CA ALA E 130 -7.73 -46.06 70.78
C ALA E 130 -6.48 -46.42 71.59
N VAL E 131 -5.32 -45.83 71.29
CA VAL E 131 -4.13 -46.20 72.06
C VAL E 131 -4.24 -45.75 73.51
N LYS E 132 -4.56 -44.47 73.75
CA LYS E 132 -4.70 -44.04 75.14
C LYS E 132 -5.85 -44.78 75.80
N CYS E 133 -6.99 -44.87 75.10
CA CYS E 133 -8.18 -45.57 75.60
C CYS E 133 -7.94 -47.04 75.92
N MET E 134 -7.28 -47.78 75.02
CA MET E 134 -7.06 -49.19 75.32
C MET E 134 -6.18 -49.32 76.54
N ARG E 135 -5.04 -48.63 76.55
CA ARG E 135 -4.19 -48.65 77.73
C ARG E 135 -4.96 -48.08 78.91
N SER E 136 -5.65 -46.95 78.73
CA SER E 136 -6.39 -46.39 79.85
C SER E 136 -7.48 -47.33 80.34
N ILE E 137 -8.30 -47.90 79.46
CA ILE E 137 -9.30 -48.83 80.00
C ILE E 137 -8.57 -50.05 80.53
N ARG E 138 -7.66 -50.60 79.73
CA ARG E 138 -6.93 -51.77 80.19
C ARG E 138 -6.09 -51.49 81.43
N ARG E 139 -5.54 -50.28 81.58
CA ARG E 139 -4.79 -49.97 82.79
C ARG E 139 -5.72 -49.92 83.98
N TRP E 140 -6.90 -49.31 83.81
CA TRP E 140 -7.85 -49.32 84.90
C TRP E 140 -8.32 -50.74 85.11
N SER E 141 -8.59 -51.46 84.01
CA SER E 141 -9.01 -52.85 84.12
C SER E 141 -7.87 -53.66 84.72
N TYR E 142 -6.64 -53.34 84.34
CA TYR E 142 -5.48 -53.99 84.97
C TYR E 142 -5.44 -53.60 86.43
N GLU E 143 -5.69 -52.31 86.69
CA GLU E 143 -5.76 -51.82 88.05
C GLU E 143 -6.88 -52.56 88.79
N MET E 144 -8.01 -52.77 88.11
CA MET E 144 -9.18 -53.44 88.70
C MET E 144 -9.06 -54.96 88.69
N PHE E 145 -8.55 -55.57 87.60
CA PHE E 145 -8.53 -57.03 87.45
C PHE E 145 -7.14 -57.64 87.27
N ARG E 146 -6.08 -56.85 87.18
CA ARG E 146 -4.72 -57.36 86.96
C ARG E 146 -4.66 -58.23 85.70
N ASN E 147 -5.51 -57.93 84.72
CA ASN E 147 -5.57 -58.65 83.44
C ASN E 147 -5.99 -57.66 82.36
N GLU E 148 -5.08 -57.33 81.45
CA GLU E 148 -5.38 -56.32 80.43
C GLU E 148 -6.39 -56.77 79.36
N ARG E 149 -6.69 -58.05 79.19
CA ARG E 149 -7.60 -58.49 78.14
C ARG E 149 -9.03 -58.76 78.61
N ALA E 150 -9.38 -58.32 79.81
CA ALA E 150 -10.73 -58.53 80.32
C ALA E 150 -11.77 -57.97 79.36
N ILE E 151 -11.50 -56.82 78.75
CA ILE E 151 -12.36 -56.26 77.70
C ILE E 151 -11.75 -56.50 76.32
N ARG E 152 -12.34 -57.40 75.54
CA ARG E 152 -11.84 -57.68 74.21
C ARG E 152 -12.34 -56.57 73.29
N PHE E 153 -11.60 -56.30 72.21
CA PHE E 153 -11.97 -55.25 71.24
C PHE E 153 -12.18 -55.74 69.80
N VAL E 154 -13.33 -55.38 69.20
CA VAL E 154 -13.61 -55.65 67.79
C VAL E 154 -13.39 -54.35 67.02
N VAL E 155 -12.60 -54.40 65.93
CA VAL E 155 -12.32 -53.27 65.04
C VAL E 155 -12.75 -53.45 63.59
N MET E 156 -12.98 -52.31 62.95
CA MET E 156 -13.31 -52.17 61.53
C MET E 156 -12.05 -51.70 60.82
N VAL E 157 -11.67 -52.31 59.69
CA VAL E 157 -10.41 -51.94 59.06
C VAL E 157 -10.66 -51.42 57.66
N THR E 158 -10.35 -50.04 57.45
CA THR E 158 -10.39 -49.35 56.18
C THR E 158 -9.03 -49.51 55.48
N PRO E 159 -8.96 -49.49 54.14
CA PRO E 159 -7.65 -49.52 53.46
C PRO E 159 -6.60 -48.44 53.80
N GLU E 160 -7.03 -47.19 54.00
CA GLU E 160 -6.13 -46.06 54.27
C GLU E 160 -5.25 -46.15 55.52
N ASP E 161 -5.84 -46.39 56.70
CA ASP E 161 -5.13 -46.45 57.99
C ASP E 161 -4.09 -47.57 58.16
N LEU E 162 -4.33 -48.76 57.61
CA LEU E 162 -3.43 -49.91 57.78
C LEU E 162 -2.03 -49.81 57.16
N LYS E 163 -1.85 -49.27 55.95
CA LYS E 163 -0.49 -49.20 55.39
C LYS E 163 0.49 -48.43 56.28
N ALA E 164 0.04 -47.42 57.02
CA ALA E 164 0.99 -46.72 57.87
C ALA E 164 1.43 -47.56 59.08
N ASN E 165 0.75 -48.68 59.35
CA ASN E 165 0.99 -49.58 60.51
C ASN E 165 0.76 -48.95 61.88
N ALA E 166 -0.30 -48.17 61.99
CA ALA E 166 -0.73 -47.56 63.25
C ALA E 166 -0.84 -48.62 64.36
N GLU E 167 -0.10 -48.43 65.46
CA GLU E 167 -0.02 -49.43 66.55
C GLU E 167 -1.38 -49.91 67.09
N TYR E 168 -2.41 -49.06 67.09
CA TYR E 168 -3.72 -49.42 67.67
C TYR E 168 -4.44 -50.57 66.95
N ILE E 169 -4.18 -50.76 65.66
CA ILE E 169 -4.81 -51.80 64.86
C ILE E 169 -4.58 -53.21 65.44
N LYS E 170 -3.33 -53.56 65.74
CA LYS E 170 -2.98 -54.91 66.21
C LYS E 170 -3.49 -55.25 67.61
N MET E 171 -3.74 -54.29 68.49
CA MET E 171 -4.30 -54.60 69.80
C MET E 171 -5.70 -55.23 69.78
N ALA E 172 -6.57 -54.83 68.87
CA ALA E 172 -7.93 -55.38 68.87
C ALA E 172 -8.00 -56.89 68.73
N ASP E 173 -9.07 -57.46 69.31
CA ASP E 173 -9.39 -58.89 69.30
C ASP E 173 -10.03 -59.45 68.03
N HIS E 174 -10.72 -58.65 67.23
CA HIS E 174 -11.41 -59.16 66.04
C HIS E 174 -11.60 -58.06 65.03
N TYR E 175 -11.45 -58.41 63.75
CA TYR E 175 -11.62 -57.43 62.68
C TYR E 175 -12.60 -57.81 61.58
N VAL E 176 -13.29 -56.77 61.08
CA VAL E 176 -14.27 -56.87 60.02
C VAL E 176 -13.87 -55.79 59.03
N PRO E 177 -13.48 -56.11 57.80
CA PRO E 177 -13.15 -55.02 56.86
C PRO E 177 -14.36 -54.21 56.41
N VAL E 178 -14.24 -52.89 56.48
CA VAL E 178 -15.32 -52.01 56.08
C VAL E 178 -14.79 -51.15 54.95
N PRO E 179 -15.64 -50.55 54.12
CA PRO E 179 -15.10 -49.70 53.06
C PRO E 179 -14.44 -48.47 53.67
N GLY E 180 -13.33 -48.05 53.08
CA GLY E 180 -12.56 -46.89 53.53
C GLY E 180 -13.11 -45.56 53.10
N GLY E 181 -12.36 -44.51 53.43
CA GLY E 181 -12.73 -43.18 53.03
C GLY E 181 -13.53 -42.34 54.02
N PRO E 182 -14.35 -41.41 53.50
CA PRO E 182 -15.14 -40.56 54.39
C PRO E 182 -16.08 -41.37 55.25
N ASN E 183 -16.37 -40.80 56.42
CA ASN E 183 -17.17 -41.44 57.44
C ASN E 183 -18.46 -42.08 56.97
N ASN E 184 -18.99 -41.68 55.83
CA ASN E 184 -20.17 -42.34 55.35
C ASN E 184 -19.90 -43.79 54.91
N ASN E 185 -18.65 -44.13 54.58
CA ASN E 185 -18.24 -45.49 54.18
C ASN E 185 -17.67 -46.44 55.23
N ASN E 186 -17.24 -46.01 56.42
CA ASN E 186 -16.59 -46.94 57.36
C ASN E 186 -17.21 -47.00 58.77
N TYR E 187 -16.56 -46.31 59.72
CA TYR E 187 -16.92 -46.24 61.14
C TYR E 187 -18.38 -45.94 61.36
N ALA E 188 -18.97 -45.18 60.46
CA ALA E 188 -20.36 -44.77 60.50
C ALA E 188 -21.26 -45.66 59.66
N ASN E 189 -20.72 -46.70 58.98
CA ASN E 189 -21.61 -47.56 58.19
C ASN E 189 -22.30 -48.44 59.21
N VAL E 190 -23.50 -47.98 59.58
CA VAL E 190 -24.31 -48.63 60.60
C VAL E 190 -24.71 -50.05 60.19
N GLU E 191 -25.09 -50.24 58.92
CA GLU E 191 -25.49 -51.58 58.47
C GLU E 191 -24.33 -52.55 58.53
N LEU E 192 -23.16 -52.11 58.11
CA LEU E 192 -22.01 -53.00 58.20
C LEU E 192 -21.71 -53.21 59.67
N ILE E 193 -21.75 -52.12 60.46
CA ILE E 193 -21.57 -52.26 61.90
C ILE E 193 -22.61 -53.24 62.39
N LEU E 194 -23.84 -53.06 61.92
CA LEU E 194 -24.94 -53.94 62.28
C LEU E 194 -24.56 -55.33 61.82
N ASP E 195 -24.05 -55.45 60.60
CA ASP E 195 -23.60 -56.74 60.13
C ASP E 195 -22.58 -57.28 61.11
N ILE E 196 -21.70 -56.43 61.61
CA ILE E 196 -20.73 -56.90 62.59
C ILE E 196 -21.48 -57.16 63.90
N ALA E 197 -22.35 -56.24 64.26
CA ALA E 197 -23.15 -56.36 65.47
C ALA E 197 -24.05 -57.59 65.46
N LYS E 198 -24.76 -57.84 64.37
CA LYS E 198 -25.64 -59.00 64.31
C LYS E 198 -24.87 -60.31 64.20
N ARG E 199 -23.75 -60.32 63.46
CA ARG E 199 -23.07 -61.59 63.20
C ARG E 199 -22.31 -62.15 64.38
N ILE E 200 -21.52 -61.33 65.08
CA ILE E 200 -20.75 -61.83 66.22
C ILE E 200 -21.59 -62.48 67.31
N PRO E 201 -22.57 -61.79 67.93
CA PRO E 201 -22.99 -60.40 67.91
C PRO E 201 -22.19 -59.58 68.90
N VAL E 202 -22.28 -58.25 68.88
CA VAL E 202 -21.55 -57.47 69.88
C VAL E 202 -22.53 -56.85 70.86
N GLN E 203 -21.99 -56.45 72.02
CA GLN E 203 -22.79 -55.83 73.06
C GLN E 203 -22.61 -54.33 73.23
N ALA E 204 -21.54 -53.72 72.69
CA ALA E 204 -21.37 -52.28 72.84
C ALA E 204 -20.54 -51.70 71.70
N VAL E 205 -20.70 -50.38 71.49
CA VAL E 205 -19.92 -49.63 70.53
C VAL E 205 -19.29 -48.44 71.27
N TRP E 206 -18.00 -48.20 71.06
CA TRP E 206 -17.31 -47.01 71.55
C TRP E 206 -16.85 -46.23 70.34
N ALA E 207 -17.32 -44.98 70.19
CA ALA E 207 -16.95 -44.22 68.99
C ALA E 207 -15.83 -43.20 69.14
N GLY E 208 -15.53 -42.64 70.31
CA GLY E 208 -14.43 -41.69 70.35
C GLY E 208 -14.74 -40.35 69.67
N TRP E 209 -13.82 -39.92 68.80
CA TRP E 209 -13.88 -38.68 68.01
C TRP E 209 -13.83 -38.98 66.53
N GLY E 210 -14.44 -38.12 65.70
CA GLY E 210 -14.57 -38.41 64.29
C GLY E 210 -15.76 -39.26 63.89
N HIS E 211 -15.68 -39.74 62.65
CA HIS E 211 -16.69 -40.51 61.91
C HIS E 211 -18.00 -40.95 62.57
N ALA E 212 -18.08 -41.99 63.41
CA ALA E 212 -19.37 -42.32 64.01
C ALA E 212 -19.61 -41.75 65.40
N SER E 213 -18.73 -40.91 65.93
CA SER E 213 -18.96 -40.36 67.28
C SER E 213 -20.23 -39.55 67.41
N GLU E 214 -20.77 -39.03 66.30
CA GLU E 214 -21.95 -38.18 66.29
C GLU E 214 -23.06 -38.69 65.38
N ASN E 215 -23.06 -39.96 64.98
CA ASN E 215 -24.15 -40.46 64.14
C ASN E 215 -25.22 -41.10 65.03
N PRO E 216 -26.39 -40.46 65.22
CA PRO E 216 -27.41 -41.06 66.10
C PRO E 216 -28.00 -42.37 65.58
N LYS E 217 -27.82 -42.67 64.29
CA LYS E 217 -28.32 -43.91 63.67
C LYS E 217 -27.62 -45.17 64.14
N LEU E 218 -26.32 -45.10 64.46
CA LEU E 218 -25.61 -46.30 64.87
C LEU E 218 -26.22 -46.98 66.09
N PRO E 219 -26.28 -46.37 67.27
CA PRO E 219 -26.97 -47.08 68.36
C PRO E 219 -28.43 -47.35 68.11
N GLU E 220 -29.12 -46.50 67.35
CA GLU E 220 -30.53 -46.72 67.05
C GLU E 220 -30.76 -48.02 66.29
N LEU E 221 -30.11 -48.14 65.15
CA LEU E 221 -30.25 -49.34 64.34
C LEU E 221 -29.68 -50.54 65.11
N LEU E 222 -28.58 -50.32 65.83
CA LEU E 222 -28.01 -51.38 66.65
C LEU E 222 -28.99 -51.74 67.76
N LEU E 223 -29.59 -50.73 68.37
CA LEU E 223 -30.57 -50.94 69.44
C LEU E 223 -31.76 -51.70 68.91
N LYS E 224 -32.21 -51.38 67.68
CA LYS E 224 -33.31 -52.13 67.08
C LYS E 224 -32.96 -53.62 67.02
N ASN E 225 -31.68 -53.93 66.93
CA ASN E 225 -31.15 -55.28 66.93
C ASN E 225 -30.60 -55.63 68.31
N GLY E 226 -30.95 -54.82 69.32
CA GLY E 226 -30.54 -54.93 70.71
C GLY E 226 -29.08 -54.73 71.03
N ILE E 227 -28.36 -53.94 70.23
CA ILE E 227 -26.93 -53.72 70.46
C ILE E 227 -26.70 -52.27 70.92
N ALA E 228 -26.03 -52.15 72.08
CA ALA E 228 -25.64 -50.97 72.85
C ALA E 228 -24.47 -50.14 72.29
N PHE E 229 -24.42 -48.88 72.74
CA PHE E 229 -23.40 -47.87 72.46
C PHE E 229 -22.89 -47.33 73.80
N MET E 230 -21.57 -47.34 74.00
CA MET E 230 -20.96 -46.84 75.24
C MET E 230 -20.82 -45.33 75.19
N GLY E 231 -21.98 -44.68 75.31
CA GLY E 231 -22.09 -43.25 75.25
C GLY E 231 -23.54 -42.89 75.38
N PRO E 232 -23.85 -41.59 75.33
CA PRO E 232 -25.23 -41.17 75.54
C PRO E 232 -26.12 -41.73 74.41
N PRO E 233 -27.40 -41.91 74.69
CA PRO E 233 -28.29 -42.38 73.63
C PRO E 233 -28.47 -41.40 72.50
N SER E 234 -28.94 -41.94 71.37
CA SER E 234 -29.19 -41.21 70.14
C SER E 234 -29.82 -39.85 70.40
N GLN E 235 -30.95 -39.87 71.12
CA GLN E 235 -31.66 -38.63 71.39
C GLN E 235 -30.77 -37.66 72.16
N ALA E 236 -30.19 -38.12 73.28
CA ALA E 236 -29.35 -37.25 74.07
C ALA E 236 -28.07 -36.87 73.35
N MET E 237 -27.53 -37.73 72.50
CA MET E 237 -26.30 -37.38 71.79
C MET E 237 -26.59 -36.32 70.75
N TRP E 238 -27.76 -36.42 70.16
CA TRP E 238 -28.23 -35.51 69.13
C TRP E 238 -28.75 -34.24 69.79
N ALA E 239 -29.64 -34.37 70.79
CA ALA E 239 -30.18 -33.17 71.44
C ALA E 239 -29.11 -32.35 72.18
N LEU E 240 -27.92 -32.94 72.47
CA LEU E 240 -26.79 -32.28 73.14
C LEU E 240 -25.51 -32.17 72.32
N GLY E 241 -25.31 -33.04 71.33
CA GLY E 241 -24.14 -32.99 70.47
C GLY E 241 -24.40 -31.98 69.36
N ASP E 242 -25.64 -31.93 68.89
CA ASP E 242 -26.03 -30.95 67.88
C ASP E 242 -26.04 -29.56 68.53
N LYS E 243 -25.33 -28.62 67.88
CA LYS E 243 -25.08 -27.31 68.45
C LYS E 243 -26.34 -26.50 68.79
N ILE E 244 -27.33 -26.47 67.89
CA ILE E 244 -28.58 -25.78 68.19
C ILE E 244 -29.33 -26.43 69.35
N ALA E 245 -29.58 -27.74 69.26
CA ALA E 245 -30.34 -28.41 70.31
C ALA E 245 -29.62 -28.33 71.65
N SER E 246 -28.28 -28.47 71.64
CA SER E 246 -27.54 -28.41 72.89
C SER E 246 -27.62 -27.00 73.47
N SER E 247 -27.59 -26.00 72.60
CA SER E 247 -27.73 -24.62 73.04
C SER E 247 -29.10 -24.37 73.64
N ILE E 248 -30.11 -25.03 73.10
CA ILE E 248 -31.47 -24.93 73.62
C ILE E 248 -31.61 -25.59 74.99
N VAL E 249 -31.01 -26.76 75.20
CA VAL E 249 -31.06 -27.40 76.52
C VAL E 249 -30.35 -26.51 77.56
N ALA E 250 -29.18 -26.00 77.22
CA ALA E 250 -28.45 -25.12 78.14
C ALA E 250 -29.29 -23.92 78.56
N GLN E 251 -30.01 -23.31 77.61
CA GLN E 251 -30.87 -22.18 77.94
C GLN E 251 -31.96 -22.62 78.91
N THR E 252 -32.48 -23.83 78.68
CA THR E 252 -33.45 -24.44 79.56
C THR E 252 -32.83 -24.57 80.95
N ALA E 253 -31.53 -24.82 81.01
CA ALA E 253 -30.85 -24.97 82.29
C ALA E 253 -30.65 -23.61 82.98
N GLY E 254 -30.89 -22.51 82.28
CA GLY E 254 -30.73 -21.17 82.84
C GLY E 254 -29.36 -20.55 82.81
N ILE E 255 -28.50 -20.97 81.89
CA ILE E 255 -27.16 -20.39 81.75
C ILE E 255 -27.24 -19.25 80.75
N PRO E 256 -26.72 -18.05 81.03
CA PRO E 256 -26.80 -16.98 80.02
C PRO E 256 -26.04 -17.45 78.78
N THR E 257 -26.48 -17.01 77.60
CA THR E 257 -25.85 -17.43 76.34
C THR E 257 -25.59 -16.29 75.38
N LEU E 258 -24.59 -16.54 74.52
CA LEU E 258 -24.18 -15.59 73.51
C LEU E 258 -25.23 -15.45 72.39
N PRO E 259 -25.26 -14.29 71.72
CA PRO E 259 -26.21 -14.08 70.62
C PRO E 259 -26.15 -15.09 69.48
N TRP E 260 -27.29 -15.67 69.15
CA TRP E 260 -27.34 -16.61 68.03
C TRP E 260 -28.75 -16.55 67.44
N SER E 261 -28.89 -17.15 66.25
CA SER E 261 -30.18 -17.22 65.54
C SER E 261 -31.32 -17.84 66.35
N GLY E 262 -31.02 -18.62 67.38
CA GLY E 262 -32.03 -19.30 68.19
C GLY E 262 -32.19 -18.89 69.65
N SER E 263 -31.74 -17.70 70.00
CA SER E 263 -31.95 -17.20 71.35
C SER E 263 -33.43 -17.11 71.71
N GLY E 264 -33.75 -17.45 72.99
CA GLY E 264 -35.11 -17.43 73.50
C GLY E 264 -35.92 -18.70 73.34
N LEU E 265 -35.51 -19.60 72.45
CA LEU E 265 -36.24 -20.84 72.18
C LEU E 265 -36.11 -21.94 73.23
N ARG E 266 -37.25 -22.55 73.59
CA ARG E 266 -37.32 -23.67 74.52
C ARG E 266 -38.71 -24.28 74.33
N VAL E 267 -39.07 -25.26 75.17
CA VAL E 267 -40.36 -25.93 75.07
C VAL E 267 -40.83 -26.38 76.44
N ILE E 278 -34.88 -38.18 78.75
CA ILE E 278 -34.44 -38.13 77.37
C ILE E 278 -35.27 -37.11 76.60
N LEU E 279 -34.57 -36.35 75.78
CA LEU E 279 -35.11 -35.23 75.03
C LEU E 279 -35.33 -35.69 73.60
N ASN E 280 -36.15 -34.93 72.89
CA ASN E 280 -36.45 -35.17 71.48
C ASN E 280 -36.62 -33.76 70.99
N VAL E 281 -36.07 -33.45 69.83
CA VAL E 281 -36.17 -32.09 69.32
C VAL E 281 -37.31 -32.00 68.30
N PRO E 282 -38.41 -31.31 68.61
CA PRO E 282 -39.52 -31.14 67.65
C PRO E 282 -39.16 -30.17 66.52
N GLN E 283 -39.67 -30.43 65.31
CA GLN E 283 -39.38 -29.56 64.17
C GLN E 283 -39.63 -28.09 64.46
N GLU E 284 -40.59 -27.77 65.32
CA GLU E 284 -40.86 -26.36 65.61
C GLU E 284 -39.78 -25.67 66.43
N LEU E 285 -39.26 -26.28 67.50
CA LEU E 285 -38.19 -25.60 68.23
C LEU E 285 -36.88 -25.49 67.46
N TYR E 286 -36.38 -26.61 66.93
CA TYR E 286 -35.13 -26.61 66.17
C TYR E 286 -35.20 -25.74 64.91
N GLU E 287 -36.31 -25.81 64.15
CA GLU E 287 -36.38 -24.97 62.96
C GLU E 287 -36.34 -23.50 63.28
N LYS E 288 -36.53 -23.11 64.53
CA LYS E 288 -36.40 -21.70 64.81
C LYS E 288 -34.92 -21.42 65.03
N GLY E 289 -34.18 -22.38 65.61
CA GLY E 289 -32.78 -22.14 65.82
C GLY E 289 -31.94 -22.15 64.55
N TYR E 290 -32.36 -22.94 63.54
CA TYR E 290 -31.63 -23.00 62.28
C TYR E 290 -32.22 -22.14 61.16
N VAL E 291 -31.33 -21.87 60.20
CA VAL E 291 -31.58 -21.13 58.97
C VAL E 291 -31.29 -22.20 57.92
N LYS E 292 -32.33 -22.88 57.42
CA LYS E 292 -32.18 -24.03 56.52
C LYS E 292 -31.20 -23.83 55.38
N ASP E 293 -30.94 -22.60 54.98
CA ASP E 293 -30.02 -22.23 53.92
C ASP E 293 -29.60 -20.78 54.22
N VAL E 294 -28.80 -20.21 53.34
CA VAL E 294 -28.18 -18.88 53.49
C VAL E 294 -29.12 -17.68 53.72
N ASP E 295 -30.31 -17.58 53.12
CA ASP E 295 -31.07 -16.33 53.26
C ASP E 295 -31.37 -15.85 54.69
N ASP E 296 -32.00 -16.65 55.55
CA ASP E 296 -32.14 -16.23 56.95
C ASP E 296 -30.78 -16.19 57.60
N GLY E 297 -29.86 -17.01 57.12
CA GLY E 297 -28.52 -16.99 57.67
C GLY E 297 -27.87 -15.65 57.38
N LEU E 298 -27.99 -15.17 56.14
CA LEU E 298 -27.48 -13.83 55.86
C LEU E 298 -28.18 -12.85 56.80
N GLN E 299 -29.47 -13.09 57.08
CA GLN E 299 -30.27 -12.31 58.01
C GLN E 299 -29.79 -12.58 59.44
N ALA E 300 -29.58 -13.87 59.77
CA ALA E 300 -29.12 -14.28 61.08
C ALA E 300 -27.78 -13.66 61.35
N ALA E 301 -26.89 -13.72 60.36
CA ALA E 301 -25.57 -13.10 60.45
C ALA E 301 -25.73 -11.62 60.75
N GLU E 302 -26.81 -11.01 60.24
CA GLU E 302 -27.10 -9.60 60.48
C GLU E 302 -27.58 -9.40 61.91
N GLU E 303 -28.38 -10.35 62.43
CA GLU E 303 -28.88 -10.26 63.79
C GLU E 303 -27.75 -10.31 64.82
N VAL E 304 -26.91 -11.34 64.76
CA VAL E 304 -25.78 -11.45 65.69
C VAL E 304 -24.79 -10.30 65.54
N GLY E 305 -24.52 -9.88 64.31
CA GLY E 305 -23.59 -8.80 64.05
C GLY E 305 -22.23 -9.37 63.75
N TYR E 306 -21.57 -8.83 62.72
CA TYR E 306 -20.26 -9.32 62.36
C TYR E 306 -19.21 -9.01 63.43
N PRO E 307 -18.17 -9.86 63.58
CA PRO E 307 -17.92 -11.08 62.79
C PRO E 307 -18.81 -12.23 63.24
N VAL E 308 -19.25 -13.07 62.30
CA VAL E 308 -20.14 -14.17 62.61
C VAL E 308 -19.45 -15.47 62.25
N MET E 309 -20.10 -16.56 62.65
CA MET E 309 -19.64 -17.91 62.35
C MET E 309 -20.71 -18.76 61.69
N ILE E 310 -20.38 -19.33 60.53
CA ILE E 310 -21.26 -20.30 59.87
C ILE E 310 -20.84 -21.66 60.43
N LYS E 311 -21.79 -22.37 61.05
CA LYS E 311 -21.51 -23.63 61.76
C LYS E 311 -22.42 -24.82 61.48
N ALA E 312 -21.80 -25.95 61.16
CA ALA E 312 -22.51 -27.22 61.03
C ALA E 312 -22.86 -27.66 62.44
N SER E 313 -24.14 -27.99 62.72
CA SER E 313 -24.46 -28.29 64.12
C SER E 313 -23.92 -29.62 64.62
N GLU E 314 -23.59 -30.57 63.75
CA GLU E 314 -23.03 -31.84 64.18
C GLU E 314 -21.53 -31.86 63.96
N GLY E 315 -20.95 -30.74 63.56
CA GLY E 315 -19.51 -30.70 63.35
C GLY E 315 -18.76 -30.76 64.66
N GLY E 316 -17.78 -31.63 64.72
CA GLY E 316 -16.93 -31.76 65.90
C GLY E 316 -15.51 -31.58 65.43
N GLY E 317 -14.67 -31.09 66.34
CA GLY E 317 -13.29 -30.88 65.98
C GLY E 317 -13.12 -30.00 64.75
N GLY E 318 -13.80 -28.85 64.72
CA GLY E 318 -13.66 -27.96 63.59
C GLY E 318 -14.29 -28.31 62.25
N LYS E 319 -15.29 -29.19 62.19
CA LYS E 319 -15.87 -29.54 60.89
C LYS E 319 -17.06 -28.65 60.51
N GLY E 320 -17.05 -28.14 59.27
CA GLY E 320 -18.13 -27.32 58.70
C GLY E 320 -18.13 -25.88 59.17
N ILE E 321 -16.96 -25.24 59.32
CA ILE E 321 -16.88 -23.86 59.83
C ILE E 321 -16.05 -22.88 58.99
N ARG E 322 -16.62 -21.71 58.67
CA ARG E 322 -15.94 -20.60 57.99
C ARG E 322 -16.31 -19.30 58.71
N LYS E 323 -15.30 -18.47 58.98
CA LYS E 323 -15.44 -17.15 59.62
C LYS E 323 -15.74 -16.04 58.60
N VAL E 324 -16.74 -15.21 58.91
CA VAL E 324 -17.21 -14.13 58.05
C VAL E 324 -17.09 -12.84 58.84
N ASN E 325 -16.37 -11.87 58.26
CA ASN E 325 -16.10 -10.58 58.89
C ASN E 325 -17.11 -9.52 58.48
N ASN E 326 -17.74 -9.65 57.32
CA ASN E 326 -18.72 -8.66 56.89
C ASN E 326 -19.73 -9.35 55.96
N ALA E 327 -20.90 -8.72 55.86
CA ALA E 327 -22.06 -9.21 55.11
C ALA E 327 -21.88 -9.47 53.62
N ASP E 328 -20.95 -8.82 52.93
CA ASP E 328 -20.84 -9.09 51.49
C ASP E 328 -20.20 -10.45 51.15
N ASP E 329 -19.23 -10.91 51.94
CA ASP E 329 -18.54 -12.21 51.73
C ASP E 329 -19.34 -13.46 52.11
N PHE E 330 -20.24 -13.38 53.10
CA PHE E 330 -20.99 -14.53 53.64
C PHE E 330 -21.54 -15.58 52.68
N PRO E 331 -22.33 -15.27 51.63
CA PRO E 331 -22.90 -16.38 50.84
C PRO E 331 -21.85 -17.31 50.25
N ASN E 332 -20.78 -16.78 49.64
CA ASN E 332 -19.76 -17.70 49.14
C ASN E 332 -19.03 -18.38 50.28
N LEU E 333 -18.77 -17.64 51.36
CA LEU E 333 -18.14 -18.26 52.53
C LEU E 333 -19.08 -19.32 53.07
N PHE E 334 -20.38 -19.07 52.95
CA PHE E 334 -21.39 -20.05 53.29
C PHE E 334 -21.23 -21.21 52.31
N ARG E 335 -20.99 -20.84 51.04
CA ARG E 335 -20.77 -21.76 49.93
C ARG E 335 -19.50 -22.60 50.14
N GLN E 336 -18.49 -22.06 50.84
CA GLN E 336 -17.28 -22.82 51.09
C GLN E 336 -17.57 -24.04 51.97
N VAL E 337 -18.34 -23.83 53.05
CA VAL E 337 -18.75 -24.90 53.94
C VAL E 337 -19.60 -25.93 53.18
N GLN E 338 -20.43 -25.46 52.24
CA GLN E 338 -21.27 -26.34 51.43
C GLN E 338 -20.42 -27.34 50.66
N ALA E 339 -19.38 -26.87 49.98
CA ALA E 339 -18.54 -27.81 49.26
C ALA E 339 -17.79 -28.70 50.24
N GLU E 340 -17.35 -28.14 51.38
CA GLU E 340 -16.63 -28.93 52.36
C GLU E 340 -17.56 -29.95 53.03
N VAL E 341 -18.73 -29.50 53.46
CA VAL E 341 -19.73 -30.35 54.12
C VAL E 341 -21.06 -30.27 53.38
N PRO E 342 -21.20 -30.91 52.22
CA PRO E 342 -22.46 -30.82 51.46
C PRO E 342 -23.68 -31.51 52.08
N GLY E 343 -24.84 -30.83 51.99
CA GLY E 343 -26.11 -31.35 52.49
C GLY E 343 -26.52 -31.01 53.90
N SER E 344 -25.61 -30.61 54.75
CA SER E 344 -26.01 -30.33 56.13
C SER E 344 -26.70 -28.96 56.23
N PRO E 345 -27.81 -28.84 56.98
CA PRO E 345 -28.32 -27.50 57.22
C PRO E 345 -27.27 -26.73 58.01
N ILE E 346 -27.32 -25.42 57.89
CA ILE E 346 -26.36 -24.52 58.52
C ILE E 346 -27.03 -23.43 59.37
N PHE E 347 -26.41 -23.06 60.50
CA PHE E 347 -26.89 -21.95 61.33
C PHE E 347 -25.74 -20.96 61.59
N VAL E 348 -26.06 -19.76 62.11
CA VAL E 348 -25.06 -18.71 62.37
C VAL E 348 -25.14 -18.18 63.82
N MET E 349 -23.97 -18.03 64.49
CA MET E 349 -23.89 -17.50 65.87
C MET E 349 -22.67 -16.58 66.03
N ARG E 350 -22.77 -15.63 66.98
CA ARG E 350 -21.68 -14.67 67.30
C ARG E 350 -20.43 -15.23 67.98
N LEU E 351 -19.26 -14.89 67.42
CA LEU E 351 -17.93 -15.21 67.93
C LEU E 351 -17.63 -14.26 69.10
N ALA E 352 -17.57 -14.79 70.31
CA ALA E 352 -17.39 -13.96 71.50
C ALA E 352 -16.01 -13.28 71.50
N LYS E 353 -15.88 -12.29 72.38
CA LYS E 353 -14.65 -11.54 72.56
C LYS E 353 -13.62 -12.38 73.29
N GLN E 354 -12.35 -11.97 73.19
CA GLN E 354 -11.29 -12.67 73.89
C GLN E 354 -11.58 -12.83 75.38
N SER E 355 -11.61 -14.10 75.77
CA SER E 355 -11.99 -14.64 77.06
C SER E 355 -11.12 -15.88 77.26
N ARG E 356 -11.43 -16.63 78.31
CA ARG E 356 -10.79 -17.92 78.54
C ARG E 356 -11.76 -18.96 78.02
N HIS E 357 -11.23 -19.92 77.27
CA HIS E 357 -12.04 -21.03 76.77
C HIS E 357 -11.62 -22.12 77.72
N LEU E 358 -12.56 -22.58 78.51
CA LEU E 358 -12.34 -23.60 79.54
C LEU E 358 -13.29 -24.77 79.34
N GLU E 359 -12.85 -25.93 79.81
CA GLU E 359 -13.64 -27.15 79.71
C GLU E 359 -13.76 -27.72 81.11
N VAL E 360 -14.91 -28.30 81.38
CA VAL E 360 -15.17 -29.06 82.60
C VAL E 360 -15.35 -30.50 82.14
N GLN E 361 -14.58 -31.41 82.70
CA GLN E 361 -14.76 -32.80 82.32
C GLN E 361 -15.93 -33.27 83.16
N ILE E 362 -16.93 -33.84 82.50
CA ILE E 362 -18.16 -34.32 83.13
C ILE E 362 -18.23 -35.84 83.11
N LEU E 363 -18.88 -36.37 84.14
CA LEU E 363 -19.14 -37.79 84.29
C LEU E 363 -20.52 -37.92 84.91
N ALA E 364 -21.47 -38.56 84.20
CA ALA E 364 -22.84 -38.74 84.67
C ALA E 364 -23.29 -40.20 84.59
N ASP E 365 -24.05 -40.64 85.59
CA ASP E 365 -24.60 -41.99 85.60
C ASP E 365 -26.02 -42.01 84.98
N GLN E 366 -26.70 -43.17 85.08
CA GLN E 366 -28.05 -43.34 84.54
C GLN E 366 -29.20 -42.93 85.47
N TYR E 367 -28.91 -42.33 86.63
CA TYR E 367 -29.93 -41.99 87.63
C TYR E 367 -30.05 -40.50 87.95
N GLY E 368 -29.35 -39.64 87.25
CA GLY E 368 -29.40 -38.21 87.49
C GLY E 368 -28.20 -37.64 88.21
N ASN E 369 -27.27 -38.45 88.67
CA ASN E 369 -26.06 -37.92 89.30
C ASN E 369 -25.06 -37.62 88.19
N ALA E 370 -24.63 -36.36 88.11
CA ALA E 370 -23.66 -35.89 87.11
C ALA E 370 -22.66 -35.04 87.88
N ILE E 371 -21.37 -35.24 87.63
CA ILE E 371 -20.33 -34.46 88.31
C ILE E 371 -19.30 -33.90 87.34
N SER E 372 -18.54 -32.95 87.88
CA SER E 372 -17.37 -32.27 87.33
C SER E 372 -16.13 -32.86 87.99
N LEU E 373 -14.99 -32.85 87.28
CA LEU E 373 -13.74 -33.36 87.83
C LEU E 373 -12.77 -32.18 88.01
N PHE E 374 -12.31 -31.58 86.92
CA PHE E 374 -11.37 -30.45 86.86
C PHE E 374 -11.57 -29.86 85.48
N GLY E 375 -10.63 -29.05 85.00
CA GLY E 375 -10.76 -28.45 83.69
C GLY E 375 -9.56 -28.61 82.78
N ARG E 376 -9.75 -28.07 81.57
CA ARG E 376 -8.79 -27.97 80.50
C ARG E 376 -8.99 -26.56 79.91
N ASP E 377 -7.91 -25.84 79.61
CA ASP E 377 -8.00 -24.54 78.93
C ASP E 377 -7.73 -24.75 77.44
N CYS E 378 -8.69 -24.41 76.57
CA CYS E 378 -8.44 -24.57 75.14
C CYS E 378 -8.63 -23.29 74.34
N SER E 379 -8.24 -22.17 74.93
CA SER E 379 -8.32 -20.89 74.23
C SER E 379 -7.24 -20.74 73.16
N VAL E 380 -6.09 -21.33 73.43
CA VAL E 380 -4.88 -21.26 72.62
C VAL E 380 -4.86 -21.99 71.28
N GLN E 381 -5.05 -21.24 70.20
CA GLN E 381 -5.11 -21.81 68.85
C GLN E 381 -4.14 -21.04 67.96
N ARG E 382 -3.58 -21.75 66.98
CA ARG E 382 -2.69 -21.19 65.97
C ARG E 382 -3.16 -21.74 64.63
N ARG E 383 -3.62 -20.83 63.78
CA ARG E 383 -4.22 -21.16 62.48
C ARG E 383 -5.44 -22.06 62.67
N HIS E 384 -6.20 -21.73 63.71
CA HIS E 384 -7.44 -22.30 64.20
C HIS E 384 -7.29 -23.68 64.83
N GLN E 385 -6.08 -24.16 65.04
CA GLN E 385 -5.83 -25.44 65.69
C GLN E 385 -5.49 -25.19 67.15
N LYS E 386 -6.20 -25.82 68.09
CA LYS E 386 -5.93 -25.62 69.51
C LYS E 386 -4.55 -26.18 69.82
N ILE E 387 -3.65 -25.30 70.26
CA ILE E 387 -2.27 -25.67 70.48
C ILE E 387 -1.88 -25.97 71.95
N ILE E 388 -2.20 -25.09 72.90
CA ILE E 388 -1.80 -25.21 74.32
C ILE E 388 -2.97 -25.30 75.29
N GLU E 389 -2.78 -26.17 76.29
CA GLU E 389 -3.69 -26.37 77.41
C GLU E 389 -3.00 -26.10 78.74
N GLU E 390 -3.81 -25.71 79.74
CA GLU E 390 -3.32 -25.51 81.10
C GLU E 390 -4.36 -26.14 82.01
N ALA E 391 -3.92 -26.77 83.11
CA ALA E 391 -4.79 -27.32 84.17
C ALA E 391 -4.41 -27.15 85.64
N PRO E 392 -5.31 -26.64 86.54
CA PRO E 392 -6.69 -26.11 86.56
C PRO E 392 -6.84 -24.64 86.11
N ALA E 393 -8.08 -24.15 86.05
CA ALA E 393 -8.33 -22.74 85.70
C ALA E 393 -8.37 -21.92 86.99
N THR E 394 -7.19 -21.66 87.55
CA THR E 394 -7.05 -20.93 88.81
C THR E 394 -7.52 -19.47 88.76
N ILE E 395 -7.58 -18.89 87.56
CA ILE E 395 -7.96 -17.49 87.35
C ILE E 395 -9.33 -17.10 87.94
N ALA E 396 -10.37 -17.92 87.77
CA ALA E 396 -11.66 -17.48 88.29
C ALA E 396 -11.74 -17.42 89.82
N THR E 397 -12.56 -16.47 90.29
CA THR E 397 -12.85 -16.28 91.71
C THR E 397 -13.68 -17.42 92.32
N PRO E 398 -13.30 -17.97 93.50
CA PRO E 398 -14.09 -19.07 94.11
C PRO E 398 -15.60 -18.87 94.21
N ALA E 399 -16.07 -17.67 94.59
CA ALA E 399 -17.50 -17.43 94.70
C ALA E 399 -18.18 -17.51 93.34
N VAL E 400 -17.54 -16.93 92.33
CA VAL E 400 -18.07 -16.98 90.98
C VAL E 400 -17.98 -18.43 90.50
N PHE E 401 -16.86 -19.08 90.85
CA PHE E 401 -16.63 -20.49 90.52
C PHE E 401 -17.61 -21.44 91.20
N GLU E 402 -18.04 -21.14 92.42
CA GLU E 402 -19.00 -22.01 93.08
C GLU E 402 -20.33 -22.08 92.32
N HIS E 403 -20.82 -20.94 91.82
CA HIS E 403 -22.03 -20.90 91.00
C HIS E 403 -21.88 -21.69 89.69
N MET E 404 -20.74 -21.53 89.02
CA MET E 404 -20.40 -22.18 87.74
C MET E 404 -20.38 -23.72 87.77
N GLU E 405 -19.92 -24.32 88.86
CA GLU E 405 -19.89 -25.79 88.96
C GLU E 405 -21.26 -26.45 88.81
N GLN E 406 -22.29 -25.89 89.41
CA GLN E 406 -23.62 -26.53 89.33
C GLN E 406 -24.20 -26.51 87.93
N CYS E 407 -23.99 -25.43 87.17
CA CYS E 407 -24.49 -25.35 85.79
C CYS E 407 -23.98 -26.47 84.87
N ALA E 408 -22.69 -26.80 84.93
CA ALA E 408 -22.14 -27.88 84.09
C ALA E 408 -22.85 -29.21 84.32
N VAL E 409 -23.13 -29.54 85.57
CA VAL E 409 -23.82 -30.77 85.96
C VAL E 409 -25.27 -30.84 85.46
N LYS E 410 -26.01 -29.75 85.57
CA LYS E 410 -27.41 -29.71 85.16
C LYS E 410 -27.64 -30.06 83.69
N LEU E 411 -26.89 -29.44 82.77
CA LEU E 411 -27.07 -29.76 81.34
C LEU E 411 -26.99 -31.25 81.05
N ALA E 412 -26.07 -31.96 81.69
CA ALA E 412 -26.00 -33.40 81.48
C ALA E 412 -27.24 -34.07 82.06
N LYS E 413 -27.61 -33.69 83.28
CA LYS E 413 -28.77 -34.24 83.97
C LYS E 413 -30.08 -34.01 83.23
N MET E 414 -30.28 -32.82 82.68
CA MET E 414 -31.52 -32.45 82.00
C MET E 414 -31.92 -33.38 80.88
N VAL E 415 -30.97 -33.84 80.08
CA VAL E 415 -31.26 -34.72 78.95
C VAL E 415 -31.02 -36.18 79.29
N GLY E 416 -30.56 -36.47 80.51
CA GLY E 416 -30.27 -37.84 80.85
C GLY E 416 -28.97 -38.34 80.25
N TYR E 417 -27.91 -37.54 80.34
CA TYR E 417 -26.64 -37.96 79.77
C TYR E 417 -26.13 -39.20 80.47
N VAL E 418 -25.55 -40.13 79.70
CA VAL E 418 -24.94 -41.31 80.29
C VAL E 418 -23.55 -41.60 79.72
N SER E 419 -22.53 -40.84 80.15
CA SER E 419 -21.12 -41.07 79.78
C SER E 419 -20.20 -39.99 80.31
N ALA E 420 -19.05 -39.86 79.67
CA ALA E 420 -18.09 -38.81 79.96
C ALA E 420 -18.50 -37.68 79.03
N GLY E 421 -18.35 -36.46 79.48
CA GLY E 421 -18.67 -35.35 78.60
C GLY E 421 -17.90 -34.13 79.00
N THR E 422 -17.86 -33.18 78.08
CA THR E 422 -17.15 -31.95 78.31
C THR E 422 -18.14 -30.82 78.03
N VAL E 423 -18.34 -29.99 79.04
CA VAL E 423 -19.16 -28.78 78.96
C VAL E 423 -18.18 -27.63 78.83
N GLU E 424 -18.23 -26.93 77.70
CA GLU E 424 -17.32 -25.83 77.42
C GLU E 424 -17.95 -24.48 77.74
N TYR E 425 -17.21 -23.62 78.47
CA TYR E 425 -17.69 -22.28 78.82
C TYR E 425 -16.68 -21.20 78.50
N LEU E 426 -17.19 -20.00 78.20
CA LEU E 426 -16.38 -18.78 78.08
C LEU E 426 -16.65 -17.92 79.32
N TYR E 427 -15.61 -17.55 80.03
CA TYR E 427 -15.73 -16.81 81.27
C TYR E 427 -15.13 -15.42 81.07
N SER E 428 -15.83 -14.42 81.59
CA SER E 428 -15.43 -13.01 81.52
C SER E 428 -14.99 -12.48 82.88
N GLN E 429 -14.17 -11.41 82.83
CA GLN E 429 -13.65 -10.76 84.02
C GLN E 429 -14.75 -10.28 84.97
N ASP E 430 -15.92 -9.89 84.42
CA ASP E 430 -17.06 -9.51 85.25
C ASP E 430 -17.38 -10.55 86.30
N GLY E 431 -17.23 -11.81 85.91
CA GLY E 431 -17.61 -12.97 86.64
C GLY E 431 -18.76 -13.64 85.94
N SER E 432 -19.11 -13.19 84.72
CA SER E 432 -20.18 -13.77 83.91
C SER E 432 -19.57 -14.84 83.03
N PHE E 433 -20.32 -15.91 82.82
CA PHE E 433 -19.89 -17.04 82.01
C PHE E 433 -20.95 -17.47 81.00
N TYR E 434 -20.49 -18.08 79.89
CA TYR E 434 -21.38 -18.56 78.84
C TYR E 434 -20.97 -19.93 78.31
N PHE E 435 -21.97 -20.81 78.21
CA PHE E 435 -21.90 -22.14 77.60
C PHE E 435 -21.68 -22.08 76.09
N LEU E 436 -20.79 -22.92 75.56
CA LEU E 436 -20.49 -22.98 74.13
C LEU E 436 -21.03 -24.25 73.49
N GLU E 437 -20.66 -25.42 74.00
CA GLU E 437 -21.14 -26.65 73.40
C GLU E 437 -20.88 -27.79 74.37
N LEU E 438 -21.46 -28.94 74.05
CA LEU E 438 -21.24 -30.16 74.80
C LEU E 438 -20.71 -31.19 73.81
N ASN E 439 -19.54 -31.74 74.12
CA ASN E 439 -18.96 -32.79 73.31
C ASN E 439 -19.40 -34.13 73.86
N PRO E 440 -20.24 -34.91 73.16
CA PRO E 440 -20.77 -36.14 73.76
C PRO E 440 -19.78 -37.27 73.54
N ARG E 441 -18.49 -37.01 73.74
CA ARG E 441 -17.48 -37.98 73.41
C ARG E 441 -16.16 -37.59 74.05
N LEU E 442 -15.20 -38.49 73.91
CA LEU E 442 -13.83 -38.25 74.35
C LEU E 442 -13.09 -37.25 73.47
N GLN E 443 -12.18 -36.50 74.11
CA GLN E 443 -11.29 -35.61 73.39
C GLN E 443 -9.89 -36.22 73.44
N VAL E 444 -9.04 -35.80 72.50
CA VAL E 444 -7.66 -36.28 72.51
C VAL E 444 -6.86 -35.85 73.73
N GLU E 445 -7.14 -34.68 74.29
CA GLU E 445 -6.40 -34.13 75.42
C GLU E 445 -6.94 -34.49 76.82
N HIS E 446 -7.92 -35.37 76.91
CA HIS E 446 -8.46 -35.82 78.20
C HIS E 446 -7.46 -36.29 79.27
N PRO E 447 -6.27 -36.93 78.95
CA PRO E 447 -5.34 -37.28 80.04
C PRO E 447 -4.91 -36.16 80.98
N CYS E 448 -5.01 -34.89 80.55
CA CYS E 448 -4.72 -33.77 81.44
C CYS E 448 -5.52 -33.89 82.72
N THR E 449 -6.83 -34.12 82.58
CA THR E 449 -7.69 -34.28 83.74
C THR E 449 -7.33 -35.56 84.49
N GLU E 450 -7.12 -36.65 83.74
CA GLU E 450 -6.81 -37.96 84.33
C GLU E 450 -5.64 -37.90 85.30
N MET E 451 -4.58 -37.19 84.94
CA MET E 451 -3.39 -37.12 85.77
C MET E 451 -3.59 -36.31 87.06
N VAL E 452 -4.41 -35.27 87.04
CA VAL E 452 -4.62 -34.48 88.24
C VAL E 452 -5.79 -35.02 89.05
N ALA E 453 -6.77 -35.64 88.39
CA ALA E 453 -7.93 -36.18 89.06
C ALA E 453 -7.76 -37.63 89.43
N ASP E 454 -6.78 -38.32 88.85
CA ASP E 454 -6.61 -39.75 89.03
C ASP E 454 -7.93 -40.42 88.64
N VAL E 455 -8.44 -39.98 87.50
CA VAL E 455 -9.67 -40.50 86.95
C VAL E 455 -9.31 -41.01 85.57
N ASN E 456 -9.51 -42.29 85.33
CA ASN E 456 -9.28 -42.85 84.00
C ASN E 456 -10.57 -42.58 83.23
N LEU E 457 -10.52 -41.58 82.35
CA LEU E 457 -11.72 -41.16 81.63
C LEU E 457 -12.31 -42.21 80.70
N PRO E 458 -11.58 -42.83 79.76
CA PRO E 458 -12.21 -43.88 78.94
C PRO E 458 -12.73 -45.01 79.81
N ALA E 459 -12.07 -45.27 80.94
CA ALA E 459 -12.56 -46.30 81.84
C ALA E 459 -13.85 -45.82 82.47
N ALA E 460 -13.91 -44.53 82.79
CA ALA E 460 -15.13 -43.93 83.32
C ALA E 460 -16.24 -44.00 82.27
N GLN E 461 -15.90 -43.76 80.99
CA GLN E 461 -16.89 -43.87 79.91
C GLN E 461 -17.44 -45.28 79.85
N LEU E 462 -16.55 -46.25 80.02
CA LEU E 462 -16.94 -47.65 80.06
C LEU E 462 -17.87 -47.97 81.23
N GLN E 463 -17.51 -47.53 82.45
CA GLN E 463 -18.32 -47.82 83.64
C GLN E 463 -19.72 -47.26 83.53
N ILE E 464 -19.85 -46.04 83.03
CA ILE E 464 -21.15 -45.43 82.83
C ILE E 464 -22.00 -46.25 81.87
N ALA E 465 -21.40 -46.78 80.81
CA ALA E 465 -22.20 -47.56 79.88
C ALA E 465 -22.70 -48.83 80.55
N MET E 466 -22.03 -49.25 81.62
CA MET E 466 -22.47 -50.38 82.42
C MET E 466 -23.48 -49.97 83.50
N GLY E 467 -23.88 -48.70 83.55
CA GLY E 467 -24.82 -48.25 84.57
C GLY E 467 -24.27 -48.06 85.97
N ILE E 468 -22.97 -47.83 86.13
CA ILE E 468 -22.38 -47.66 87.46
C ILE E 468 -22.69 -46.26 88.00
N PRO E 469 -23.31 -46.12 89.19
CA PRO E 469 -23.56 -44.77 89.70
C PRO E 469 -22.27 -44.05 90.05
N LEU E 470 -22.33 -42.72 89.93
CA LEU E 470 -21.19 -41.85 90.21
C LEU E 470 -20.55 -42.15 91.55
N TYR E 471 -21.38 -42.35 92.58
CA TYR E 471 -20.86 -42.65 93.89
C TYR E 471 -20.16 -44.01 93.98
N ARG E 472 -20.31 -44.85 92.94
CA ARG E 472 -19.64 -46.15 92.82
C ARG E 472 -18.49 -46.16 91.83
N ILE E 473 -18.02 -44.99 91.36
CA ILE E 473 -16.91 -44.95 90.41
C ILE E 473 -15.59 -44.70 91.13
N LYS E 474 -14.71 -45.70 90.99
CA LYS E 474 -13.38 -45.76 91.59
C LYS E 474 -12.62 -44.45 91.40
N ASP E 475 -12.55 -43.99 90.16
CA ASP E 475 -11.86 -42.76 89.80
C ASP E 475 -12.27 -41.62 90.72
N ILE E 476 -13.56 -41.51 90.96
CA ILE E 476 -14.22 -40.54 91.82
C ILE E 476 -14.00 -40.79 93.30
N ARG E 477 -13.92 -42.06 93.70
CA ARG E 477 -13.83 -42.44 95.11
C ARG E 477 -12.63 -41.79 95.82
N MET E 478 -11.41 -41.90 95.29
CA MET E 478 -10.29 -41.24 95.95
C MET E 478 -10.48 -39.73 96.02
N MET E 479 -10.90 -39.14 94.91
CA MET E 479 -11.10 -37.70 94.80
C MET E 479 -12.01 -37.14 95.89
N TYR E 480 -13.11 -37.82 96.20
CA TYR E 480 -14.03 -37.34 97.20
C TYR E 480 -13.71 -37.82 98.63
N GLY E 481 -12.51 -38.33 98.85
CA GLY E 481 -12.06 -38.68 100.20
C GLY E 481 -12.87 -39.71 100.95
N VAL E 482 -13.54 -40.64 100.26
CA VAL E 482 -14.30 -41.68 100.95
C VAL E 482 -13.64 -43.05 100.95
N SER E 483 -14.35 -44.01 101.57
CA SER E 483 -13.90 -45.39 101.71
C SER E 483 -13.70 -46.05 100.35
N PRO E 484 -12.60 -46.79 100.11
CA PRO E 484 -12.44 -47.40 98.78
C PRO E 484 -13.51 -48.44 98.39
N TRP E 485 -14.13 -49.15 99.34
CA TRP E 485 -15.13 -50.18 99.06
C TRP E 485 -16.53 -49.97 99.64
N GLY E 486 -16.86 -48.83 100.22
CA GLY E 486 -18.20 -48.68 100.70
C GLY E 486 -19.17 -48.43 99.55
N ASP E 487 -20.46 -48.62 99.83
CA ASP E 487 -21.53 -48.42 98.85
C ASP E 487 -22.43 -47.24 99.21
N SER E 488 -22.07 -46.48 100.24
CA SER E 488 -22.87 -45.36 100.70
C SER E 488 -22.98 -44.27 99.63
N PRO E 489 -24.19 -43.82 99.25
CA PRO E 489 -24.28 -42.76 98.25
C PRO E 489 -23.66 -41.48 98.79
N ILE E 490 -23.01 -40.76 97.88
CA ILE E 490 -22.29 -39.53 98.20
C ILE E 490 -23.10 -38.35 97.69
N ASP E 491 -23.30 -37.39 98.58
CA ASP E 491 -23.94 -36.12 98.27
C ASP E 491 -22.81 -35.27 97.74
N PHE E 492 -22.79 -35.13 96.41
CA PHE E 492 -21.71 -34.44 95.72
C PHE E 492 -21.69 -32.96 96.06
N GLU E 493 -22.84 -32.41 96.45
CA GLU E 493 -22.90 -31.03 96.89
C GLU E 493 -22.23 -30.90 98.26
N ASP E 494 -22.56 -31.82 99.17
CA ASP E 494 -22.02 -31.83 100.52
C ASP E 494 -20.52 -32.12 100.56
N SER E 495 -19.95 -32.75 99.53
CA SER E 495 -18.53 -33.05 99.50
C SER E 495 -17.81 -32.22 98.44
N ALA E 496 -18.32 -31.00 98.20
CA ALA E 496 -17.72 -30.09 97.23
C ALA E 496 -16.32 -29.65 97.63
N HIS E 497 -16.09 -29.48 98.92
CA HIS E 497 -14.82 -29.02 99.45
C HIS E 497 -13.75 -30.12 99.59
N VAL E 498 -14.12 -31.41 99.58
CA VAL E 498 -13.10 -32.45 99.73
C VAL E 498 -12.05 -32.35 98.62
N PRO E 499 -12.40 -32.34 97.33
CA PRO E 499 -11.36 -32.24 96.30
C PRO E 499 -10.73 -30.86 96.21
N CYS E 500 -9.41 -30.87 96.08
CA CYS E 500 -8.61 -29.70 95.91
C CYS E 500 -7.75 -30.32 94.82
N PRO E 501 -7.43 -29.62 93.73
CA PRO E 501 -6.66 -30.30 92.69
C PRO E 501 -5.27 -30.68 93.17
N ARG E 502 -4.79 -31.86 92.73
CA ARG E 502 -3.47 -32.34 93.09
C ARG E 502 -2.55 -32.10 91.87
N GLY E 503 -1.76 -31.03 91.92
CA GLY E 503 -0.82 -30.53 90.91
C GLY E 503 -1.33 -29.88 89.61
N HIS E 504 -0.47 -29.94 88.58
CA HIS E 504 -0.74 -29.31 87.29
C HIS E 504 -0.36 -30.16 86.08
N VAL E 505 -1.09 -29.97 84.96
CA VAL E 505 -0.78 -30.64 83.70
C VAL E 505 -0.81 -29.61 82.58
N ILE E 506 0.17 -29.67 81.67
CA ILE E 506 0.19 -28.85 80.46
C ILE E 506 0.21 -29.74 79.23
N ALA E 507 -0.71 -29.48 78.28
CA ALA E 507 -0.71 -30.17 77.01
C ALA E 507 -0.38 -29.18 75.90
N ALA E 508 0.44 -29.62 74.95
CA ALA E 508 0.90 -28.80 73.83
C ALA E 508 0.78 -29.59 72.54
N ARG E 509 0.07 -29.04 71.55
CA ARG E 509 -0.02 -29.72 70.27
C ARG E 509 1.26 -29.53 69.47
N ILE E 510 1.85 -30.63 69.03
CA ILE E 510 3.09 -30.62 68.24
C ILE E 510 2.78 -31.18 66.87
N THR E 511 3.42 -30.61 65.84
CA THR E 511 3.21 -31.04 64.45
C THR E 511 4.53 -31.43 63.79
N GLY E 524 3.92 -46.24 61.33
CA GLY E 524 2.81 -45.93 62.21
C GLY E 524 2.12 -44.64 61.83
N THR E 525 1.22 -44.22 62.72
CA THR E 525 0.49 -42.97 62.56
C THR E 525 0.48 -42.17 63.84
N VAL E 526 0.73 -42.79 64.99
CA VAL E 526 0.76 -42.12 66.28
C VAL E 526 1.99 -42.72 66.95
N GLN E 527 3.00 -41.89 67.22
CA GLN E 527 4.23 -42.32 67.88
C GLN E 527 4.34 -41.72 69.28
N GLU E 528 4.22 -42.57 70.31
CA GLU E 528 4.36 -42.12 71.69
C GLU E 528 5.82 -41.84 72.01
N LEU E 529 6.14 -40.58 72.31
CA LEU E 529 7.50 -40.16 72.62
C LEU E 529 7.60 -40.10 74.13
N ASN E 530 8.29 -41.07 74.70
CA ASN E 530 8.50 -41.19 76.13
C ASN E 530 9.74 -40.40 76.50
N PHE E 531 9.69 -39.72 77.66
CA PHE E 531 10.78 -38.88 78.12
C PHE E 531 11.49 -39.52 79.31
N ARG E 532 12.82 -39.54 79.22
CA ARG E 532 13.73 -40.03 80.24
C ARG E 532 14.05 -38.95 81.25
N SER E 533 13.84 -37.68 80.89
CA SER E 533 14.10 -36.56 81.77
C SER E 533 13.14 -36.54 82.94
N ASN E 534 11.92 -37.02 82.75
CA ASN E 534 10.92 -37.00 83.80
C ASN E 534 9.95 -38.16 83.69
N LYS E 535 9.67 -38.77 84.84
CA LYS E 535 8.68 -39.84 84.91
C LYS E 535 7.27 -39.26 84.87
N ASN E 536 7.10 -38.01 85.28
CA ASN E 536 5.80 -37.37 85.27
C ASN E 536 5.49 -36.68 83.95
N VAL E 537 6.36 -36.83 82.95
CA VAL E 537 6.13 -36.22 81.64
C VAL E 537 6.24 -37.32 80.60
N TRP E 538 5.27 -37.34 79.69
CA TRP E 538 5.24 -38.23 78.54
C TRP E 538 4.51 -37.52 77.41
N GLY E 539 4.62 -38.05 76.21
CA GLY E 539 3.95 -37.40 75.12
C GLY E 539 3.99 -38.22 73.86
N TYR E 540 3.42 -37.63 72.81
CA TYR E 540 3.33 -38.25 71.50
C TYR E 540 3.28 -37.23 70.37
N PHE E 541 3.70 -37.71 69.20
CA PHE E 541 3.63 -37.02 67.91
C PHE E 541 3.08 -38.02 66.91
N SER E 542 2.06 -37.62 66.13
CA SER E 542 1.46 -38.55 65.18
C SER E 542 1.64 -38.13 63.72
N VAL E 543 1.52 -39.14 62.86
CA VAL E 543 1.60 -39.03 61.40
C VAL E 543 0.33 -39.59 60.79
N GLN E 556 1.94 -35.59 61.03
CA GLN E 556 0.61 -35.01 60.88
C GLN E 556 0.55 -34.12 62.11
N PHE E 557 0.15 -34.65 63.27
CA PHE E 557 0.11 -33.82 64.46
C PHE E 557 0.03 -34.73 65.69
N GLY E 558 0.33 -34.14 66.85
CA GLY E 558 0.28 -34.84 68.11
C GLY E 558 0.13 -33.89 69.28
N HIS E 559 0.20 -34.45 70.48
CA HIS E 559 0.11 -33.70 71.72
C HIS E 559 1.09 -34.32 72.72
N CYS E 560 1.73 -33.48 73.53
CA CYS E 560 2.59 -33.89 74.64
C CYS E 560 1.96 -33.45 75.95
N PHE E 561 2.07 -34.27 77.00
CA PHE E 561 1.45 -34.00 78.30
C PHE E 561 2.48 -34.03 79.41
N SER E 562 2.58 -32.95 80.19
CA SER E 562 3.60 -32.85 81.25
C SER E 562 2.93 -32.58 82.59
N TRP E 563 3.04 -33.54 83.51
CA TRP E 563 2.53 -33.45 84.88
C TRP E 563 3.63 -33.00 85.85
N GLY E 564 3.21 -32.34 86.92
CA GLY E 564 4.09 -31.89 87.97
C GLY E 564 3.33 -31.81 89.27
N GLU E 565 4.07 -31.76 90.38
CA GLU E 565 3.41 -31.68 91.69
C GLU E 565 2.65 -30.36 91.87
N ASN E 566 3.09 -29.29 91.20
CA ASN E 566 2.42 -28.00 91.24
C ASN E 566 2.78 -27.29 89.95
N ARG E 567 2.09 -26.18 89.69
CA ARG E 567 2.30 -25.40 88.47
C ARG E 567 3.77 -25.17 88.16
N GLU E 568 4.52 -24.64 89.13
CA GLU E 568 5.94 -24.36 88.92
C GLU E 568 6.71 -25.62 88.53
N GLU E 569 6.51 -26.69 89.29
CA GLU E 569 7.16 -27.98 89.00
C GLU E 569 6.77 -28.54 87.62
N ALA E 570 5.51 -28.37 87.21
CA ALA E 570 5.08 -28.89 85.91
C ALA E 570 5.64 -28.08 84.75
N ILE E 571 5.67 -26.76 84.88
CA ILE E 571 6.28 -25.93 83.84
C ILE E 571 7.76 -26.27 83.73
N SER E 572 8.45 -26.39 84.87
CA SER E 572 9.85 -26.75 84.89
C SER E 572 10.10 -28.05 84.12
N ASN E 573 9.27 -29.06 84.41
CA ASN E 573 9.38 -30.35 83.73
C ASN E 573 9.12 -30.21 82.23
N MET E 574 8.17 -29.35 81.87
CA MET E 574 7.87 -29.11 80.46
C MET E 574 9.06 -28.49 79.73
N VAL E 575 9.69 -27.47 80.33
CA VAL E 575 10.86 -26.82 79.71
C VAL E 575 11.94 -27.83 79.37
N VAL E 576 12.37 -28.62 80.34
CA VAL E 576 13.40 -29.63 80.08
C VAL E 576 12.92 -30.62 79.03
N ALA E 577 11.66 -31.05 79.12
CA ALA E 577 11.12 -31.96 78.11
C ALA E 577 11.03 -31.33 76.73
N LEU E 578 10.56 -30.07 76.63
CA LEU E 578 10.51 -29.43 75.31
C LEU E 578 11.90 -29.14 74.76
N LYS E 579 12.87 -28.82 75.63
CA LYS E 579 14.23 -28.62 75.14
C LYS E 579 14.76 -29.96 74.66
N GLU E 580 14.37 -31.01 75.37
CA GLU E 580 14.68 -32.37 74.97
C GLU E 580 13.90 -32.71 73.72
N LEU E 581 12.64 -32.26 73.65
CA LEU E 581 11.81 -32.50 72.49
C LEU E 581 12.33 -31.88 71.21
N SER E 582 13.04 -30.75 71.26
CA SER E 582 13.52 -30.23 69.98
C SER E 582 14.52 -31.20 69.35
N ILE E 583 15.26 -31.94 70.18
CA ILE E 583 16.20 -32.93 69.70
C ILE E 583 15.50 -34.13 69.04
N ARG E 584 14.22 -34.34 69.35
CA ARG E 584 13.41 -35.38 68.73
C ARG E 584 12.97 -35.01 67.31
N GLY E 585 12.65 -36.05 66.53
CA GLY E 585 12.23 -35.88 65.16
C GLY E 585 10.87 -35.31 64.80
N ASP E 586 9.78 -35.91 65.24
CA ASP E 586 8.49 -35.35 64.84
C ASP E 586 8.23 -33.93 65.35
N PHE E 587 8.87 -33.52 66.44
CA PHE E 587 8.69 -32.18 67.00
C PHE E 587 9.89 -31.22 66.91
N ARG E 588 10.50 -31.00 65.74
CA ARG E 588 11.64 -30.07 65.64
C ARG E 588 11.23 -28.72 65.08
N THR E 589 10.74 -28.64 63.84
CA THR E 589 10.37 -27.33 63.30
C THR E 589 9.17 -26.78 64.04
N THR E 590 8.13 -27.60 64.15
CA THR E 590 6.88 -27.23 64.80
C THR E 590 7.10 -26.73 66.21
N VAL E 591 7.93 -27.44 66.97
CA VAL E 591 8.19 -27.11 68.37
C VAL E 591 9.06 -25.89 68.62
N GLU E 592 9.81 -25.39 67.64
CA GLU E 592 10.67 -24.24 67.95
C GLU E 592 9.86 -22.98 68.21
N TYR E 593 8.97 -22.61 67.29
CA TYR E 593 8.12 -21.44 67.50
C TYR E 593 7.24 -21.63 68.73
N LEU E 594 6.88 -22.88 68.99
CA LEU E 594 6.07 -23.29 70.13
C LEU E 594 6.83 -23.20 71.44
N ILE E 595 8.08 -23.68 71.45
CA ILE E 595 8.94 -23.62 72.62
C ILE E 595 9.13 -22.17 73.07
N LYS E 596 9.32 -21.28 72.10
CA LYS E 596 9.44 -19.85 72.36
C LYS E 596 8.23 -19.29 73.10
N LEU E 597 7.04 -19.57 72.57
CA LEU E 597 5.77 -19.10 73.14
C LEU E 597 5.54 -19.49 74.60
N LEU E 598 5.88 -20.72 74.99
CA LEU E 598 5.67 -21.17 76.36
C LEU E 598 6.48 -20.40 77.42
N GLU E 599 7.64 -19.83 77.07
CA GLU E 599 8.43 -19.14 78.10
C GLU E 599 7.99 -17.71 78.40
N THR E 600 7.18 -17.11 77.52
CA THR E 600 6.67 -15.76 77.74
C THR E 600 5.92 -15.66 79.07
N GLU E 601 6.06 -14.50 79.74
CA GLU E 601 5.44 -14.25 81.06
C GLU E 601 3.94 -14.50 81.05
N SER E 602 3.26 -14.19 79.95
CA SER E 602 1.81 -14.39 79.88
C SER E 602 1.46 -15.83 80.22
N PHE E 603 2.19 -16.80 79.66
CA PHE E 603 1.94 -18.19 80.03
C PHE E 603 2.29 -18.40 81.50
N GLN E 604 3.47 -17.92 81.94
CA GLN E 604 3.85 -18.05 83.34
C GLN E 604 2.79 -17.47 84.28
N MET E 605 2.21 -16.33 83.92
CA MET E 605 1.17 -15.73 84.74
C MET E 605 -0.24 -16.19 84.41
N ASN E 606 -0.43 -17.11 83.45
CA ASN E 606 -1.77 -17.61 83.08
C ASN E 606 -2.68 -16.46 82.69
N ARG E 607 -2.14 -15.54 81.90
CA ARG E 607 -2.78 -14.32 81.44
C ARG E 607 -2.89 -14.41 79.92
N ILE E 608 -3.59 -15.44 79.43
CA ILE E 608 -3.72 -15.68 77.99
C ILE E 608 -5.20 -15.65 77.60
N ASP E 609 -5.42 -15.71 76.29
CA ASP E 609 -6.76 -15.70 75.70
C ASP E 609 -6.69 -16.39 74.35
N THR E 610 -7.85 -16.44 73.67
CA THR E 610 -7.95 -17.10 72.37
C THR E 610 -7.04 -16.51 71.30
N GLY E 611 -6.67 -15.23 71.40
CA GLY E 611 -5.80 -14.62 70.40
C GLY E 611 -4.31 -14.59 70.70
N TRP E 612 -3.94 -15.02 71.90
CA TRP E 612 -2.56 -15.05 72.41
C TRP E 612 -1.47 -15.60 71.48
N LEU E 613 -1.49 -16.91 71.20
CA LEU E 613 -0.49 -17.54 70.32
C LEU E 613 -0.34 -16.84 68.97
N ASP E 614 -1.45 -16.45 68.34
CA ASP E 614 -1.37 -15.81 67.02
C ASP E 614 -0.53 -14.54 67.01
N ARG E 615 -0.30 -13.89 68.15
CA ARG E 615 0.54 -12.70 68.19
C ARG E 615 1.93 -13.03 68.72
N LEU E 616 2.11 -14.20 69.33
CA LEU E 616 3.39 -14.64 69.86
C LEU E 616 4.40 -15.00 68.78
N ILE E 617 3.94 -15.30 67.57
CA ILE E 617 4.81 -15.70 66.46
C ILE E 617 4.88 -14.61 65.41
N ARG E 625 10.15 -1.66 78.47
CA ARG E 625 8.86 -1.51 79.13
C ARG E 625 7.86 -0.66 78.33
N PRO E 626 6.63 -0.46 78.88
CA PRO E 626 5.57 0.16 78.07
C PRO E 626 5.83 1.58 77.62
N ASP E 627 4.89 2.08 76.84
CA ASP E 627 4.85 3.46 76.40
C ASP E 627 3.65 4.02 77.14
N THR E 628 3.85 5.16 77.82
CA THR E 628 2.85 5.78 78.66
C THR E 628 1.45 5.76 78.07
N MET E 629 1.31 6.30 76.87
CA MET E 629 -0.03 6.47 76.33
C MET E 629 -0.66 5.15 75.92
N LEU E 630 0.11 4.23 75.34
CA LEU E 630 -0.39 2.85 75.21
C LEU E 630 -0.86 2.30 76.56
N GLY E 631 -0.06 2.46 77.61
CA GLY E 631 -0.45 2.02 78.94
C GLY E 631 -1.79 2.55 79.41
N VAL E 632 -1.89 3.88 79.46
CA VAL E 632 -3.15 4.51 79.88
C VAL E 632 -4.30 4.14 78.96
N VAL E 633 -4.06 4.14 77.65
CA VAL E 633 -5.13 3.83 76.70
C VAL E 633 -5.64 2.41 76.80
N CYS E 634 -4.77 1.44 76.45
CA CYS E 634 -5.17 0.04 76.53
C CYS E 634 -5.57 -0.36 77.95
N GLY E 635 -4.96 0.27 78.95
CA GLY E 635 -5.37 0.12 80.34
C GLY E 635 -6.81 0.52 80.51
N ALA E 636 -7.01 1.82 80.26
CA ALA E 636 -8.30 2.48 80.42
C ALA E 636 -9.39 1.64 79.80
N LEU E 637 -9.17 1.18 78.57
CA LEU E 637 -10.17 0.33 77.98
C LEU E 637 -10.17 -1.10 78.52
N HIS E 638 -9.13 -1.58 79.21
CA HIS E 638 -9.30 -2.88 79.86
C HIS E 638 -10.20 -2.78 81.08
N VAL E 639 -9.87 -1.84 82.00
CA VAL E 639 -10.70 -1.61 83.17
C VAL E 639 -12.10 -1.21 82.74
N ALA E 640 -12.15 -0.25 81.81
CA ALA E 640 -13.40 0.20 81.23
C ALA E 640 -14.16 -0.98 80.66
N ASP E 641 -13.57 -1.67 79.66
CA ASP E 641 -14.22 -2.80 78.99
C ASP E 641 -14.78 -3.73 80.05
N VAL E 642 -14.01 -3.98 81.09
CA VAL E 642 -14.47 -4.84 82.16
C VAL E 642 -15.73 -4.21 82.75
N SER E 643 -15.64 -2.93 83.15
CA SER E 643 -16.80 -2.18 83.65
C SER E 643 -17.99 -2.19 82.70
N LEU E 644 -17.75 -2.05 81.38
CA LEU E 644 -18.84 -2.03 80.41
C LEU E 644 -19.57 -3.38 80.43
N ARG E 645 -18.77 -4.44 80.39
CA ARG E 645 -19.25 -5.80 80.56
C ARG E 645 -19.96 -5.97 81.91
N ASN E 646 -19.44 -5.34 82.97
CA ASN E 646 -20.06 -5.43 84.30
C ASN E 646 -21.42 -4.79 84.26
N SER E 647 -21.49 -3.59 83.70
CA SER E 647 -22.74 -2.86 83.63
C SER E 647 -23.77 -3.72 82.90
N VAL E 648 -23.32 -4.40 81.85
CA VAL E 648 -24.19 -5.32 81.15
C VAL E 648 -24.61 -6.40 82.14
N SER E 649 -23.63 -6.93 82.89
CA SER E 649 -23.86 -7.99 83.87
C SER E 649 -24.75 -7.47 85.00
N ASN E 650 -24.78 -6.15 85.20
CA ASN E 650 -25.61 -5.48 86.19
C ASN E 650 -27.01 -5.53 85.63
N PHE E 651 -27.10 -5.37 84.32
CA PHE E 651 -28.35 -5.72 83.69
C PHE E 651 -28.72 -7.17 83.96
N LEU E 652 -27.77 -8.09 83.91
CA LEU E 652 -28.14 -9.48 84.13
C LEU E 652 -28.66 -9.64 85.55
N HIS E 653 -28.13 -8.85 86.49
CA HIS E 653 -28.77 -8.70 87.80
C HIS E 653 -30.22 -8.23 87.60
N SER E 654 -30.40 -7.05 86.98
CA SER E 654 -31.71 -6.41 86.95
C SER E 654 -32.75 -7.32 86.32
N LEU E 655 -32.35 -8.09 85.31
CA LEU E 655 -33.27 -8.99 84.63
C LEU E 655 -33.49 -10.21 85.49
N GLU E 656 -32.46 -10.65 86.22
CA GLU E 656 -32.65 -11.75 87.14
C GLU E 656 -33.71 -11.42 88.19
N ARG E 657 -33.67 -10.23 88.80
CA ARG E 657 -34.68 -9.88 89.78
C ARG E 657 -36.00 -9.35 89.21
N GLY E 658 -36.00 -8.73 88.04
CA GLY E 658 -37.20 -8.16 87.45
C GLY E 658 -37.23 -6.65 87.66
N GLN E 659 -36.15 -6.10 88.21
CA GLN E 659 -35.92 -4.69 88.47
C GLN E 659 -36.03 -3.73 87.28
N VAL E 660 -36.75 -2.64 87.52
CA VAL E 660 -36.94 -1.56 86.55
C VAL E 660 -35.75 -0.64 86.78
N LEU E 661 -34.63 -0.97 86.13
CA LEU E 661 -33.40 -0.22 86.30
C LEU E 661 -33.35 1.14 85.63
N PRO E 662 -32.64 2.11 86.23
CA PRO E 662 -32.41 3.40 85.56
C PRO E 662 -31.41 3.18 84.44
N ALA E 663 -31.60 3.91 83.33
CA ALA E 663 -30.76 3.76 82.14
C ALA E 663 -29.29 3.78 82.52
N HIS E 664 -28.94 4.64 83.48
CA HIS E 664 -27.57 5.09 83.62
C HIS E 664 -26.69 3.91 83.95
N THR E 665 -27.26 2.88 84.62
CA THR E 665 -26.40 1.85 85.17
C THR E 665 -25.70 1.08 84.06
N LEU E 666 -26.18 1.16 82.81
CA LEU E 666 -25.50 0.39 81.78
C LEU E 666 -24.12 0.95 81.47
N LEU E 667 -23.83 2.19 81.89
CA LEU E 667 -22.45 2.67 81.90
C LEU E 667 -21.66 2.46 80.61
N ASN E 668 -21.85 3.24 79.56
CA ASN E 668 -20.73 3.40 78.65
C ASN E 668 -19.66 4.20 79.36
N THR E 669 -20.04 5.37 79.82
CA THR E 669 -19.10 6.29 80.43
C THR E 669 -18.52 5.66 81.69
N VAL E 670 -17.20 5.51 81.70
CA VAL E 670 -16.40 4.91 82.75
C VAL E 670 -15.33 5.97 82.88
N ASP E 671 -14.82 6.20 84.08
CA ASP E 671 -13.95 7.33 84.37
C ASP E 671 -12.65 6.93 85.04
N VAL E 672 -11.57 6.99 84.28
CA VAL E 672 -10.27 6.57 84.77
C VAL E 672 -9.42 7.82 84.99
N GLU E 673 -8.90 7.96 86.21
CA GLU E 673 -8.09 9.10 86.62
C GLU E 673 -6.74 8.64 87.18
N LEU E 674 -5.63 8.89 86.47
CA LEU E 674 -4.34 8.27 86.78
C LEU E 674 -3.16 9.24 86.78
N ILE E 675 -2.66 9.59 87.95
CA ILE E 675 -1.65 10.64 88.01
C ILE E 675 -0.29 9.95 87.98
N TYR E 676 0.39 10.05 86.84
CA TYR E 676 1.75 9.56 86.64
C TYR E 676 2.65 10.75 86.41
N GLU E 677 3.72 10.85 87.20
CA GLU E 677 4.68 11.94 87.02
C GLU E 677 4.04 13.31 87.26
N GLY E 678 2.99 13.36 88.08
CA GLY E 678 2.32 14.60 88.38
C GLY E 678 1.26 15.06 87.42
N VAL E 679 1.43 14.83 86.13
CA VAL E 679 0.38 15.21 85.19
C VAL E 679 -0.75 14.19 85.27
N LYS E 680 -1.95 14.65 85.60
CA LYS E 680 -2.99 13.67 85.87
C LYS E 680 -3.44 13.17 84.52
N TYR E 681 -3.82 11.92 84.44
CA TYR E 681 -4.50 11.42 83.26
C TYR E 681 -5.98 11.51 83.53
N VAL E 682 -6.70 12.33 82.76
CA VAL E 682 -8.14 12.46 82.86
C VAL E 682 -8.75 11.64 81.75
N LEU E 683 -9.62 10.67 82.07
CA LEU E 683 -10.17 9.82 81.02
C LEU E 683 -11.62 9.49 81.29
N LYS E 684 -12.26 9.18 80.16
CA LYS E 684 -13.52 8.51 80.06
C LYS E 684 -13.33 7.42 79.03
N VAL E 685 -14.11 6.35 79.13
CA VAL E 685 -14.15 5.31 78.12
C VAL E 685 -15.62 5.00 77.92
N THR E 686 -16.12 5.19 76.68
CA THR E 686 -17.51 4.88 76.32
C THR E 686 -17.57 3.86 75.18
N ARG E 687 -18.25 2.71 75.37
CA ARG E 687 -18.41 1.82 74.22
C ARG E 687 -19.35 2.52 73.24
N GLN E 688 -18.88 2.69 72.01
CA GLN E 688 -19.45 3.57 71.00
C GLN E 688 -20.11 2.78 69.89
N SER E 689 -19.76 1.48 69.74
CA SER E 689 -20.14 0.55 68.69
C SER E 689 -19.63 -0.80 69.19
N PRO E 690 -20.33 -1.92 68.89
CA PRO E 690 -19.88 -3.25 69.35
C PRO E 690 -18.42 -3.54 69.16
N ASN E 691 -17.82 -2.96 68.13
CA ASN E 691 -16.40 -3.10 67.90
C ASN E 691 -15.65 -1.98 68.56
N SER E 692 -16.24 -0.78 68.57
CA SER E 692 -15.55 0.45 68.91
C SER E 692 -15.83 0.96 70.31
N TYR E 693 -14.76 1.39 70.93
CA TYR E 693 -14.65 1.93 72.28
C TYR E 693 -14.00 3.27 72.02
N VAL E 694 -14.42 4.31 72.73
CA VAL E 694 -13.84 5.63 72.55
C VAL E 694 -13.22 6.06 73.87
N VAL E 695 -11.93 6.31 73.79
CA VAL E 695 -11.11 6.82 74.88
C VAL E 695 -11.18 8.32 74.72
N ILE E 696 -11.56 8.97 75.80
CA ILE E 696 -11.85 10.38 75.88
C ILE E 696 -10.99 11.03 76.92
N MET E 697 -10.07 11.86 76.48
CA MET E 697 -9.13 12.49 77.37
C MET E 697 -9.74 13.87 77.55
N ASN E 698 -10.33 14.07 78.74
CA ASN E 698 -10.72 15.37 79.26
C ASN E 698 -11.52 16.17 78.23
N GLY E 699 -12.34 15.46 77.44
CA GLY E 699 -13.11 16.09 76.40
C GLY E 699 -12.46 15.95 75.03
N SER E 700 -12.07 14.74 74.68
CA SER E 700 -11.57 14.41 73.36
C SER E 700 -12.10 13.04 73.01
N CYS E 701 -11.97 12.65 71.74
CA CYS E 701 -12.53 11.38 71.28
C CYS E 701 -11.52 10.71 70.36
N VAL E 702 -10.97 9.58 70.80
CA VAL E 702 -10.18 8.72 69.93
C VAL E 702 -10.86 7.36 69.98
N GLU E 703 -11.15 6.81 68.82
CA GLU E 703 -11.97 5.62 68.69
C GLU E 703 -11.07 4.46 68.27
N VAL E 704 -11.10 3.41 69.07
CA VAL E 704 -10.33 2.18 68.90
C VAL E 704 -11.36 1.08 68.93
N ASP E 705 -10.96 -0.14 68.55
CA ASP E 705 -11.84 -1.29 68.65
C ASP E 705 -11.10 -2.52 69.18
N VAL E 706 -11.89 -3.45 69.74
CA VAL E 706 -11.35 -4.57 70.51
C VAL E 706 -11.96 -5.87 70.01
N HIS E 707 -11.61 -6.93 70.71
CA HIS E 707 -12.33 -8.18 70.65
C HIS E 707 -12.39 -8.78 72.03
N LEU E 714 -8.17 -10.46 75.61
CA LEU E 714 -8.56 -9.18 75.07
C LEU E 714 -7.55 -8.70 74.05
N LEU E 715 -7.99 -8.56 72.80
CA LEU E 715 -7.23 -7.90 71.75
C LEU E 715 -7.88 -6.60 71.32
N LEU E 716 -6.99 -5.64 71.14
CA LEU E 716 -7.19 -4.31 70.60
C LEU E 716 -6.42 -4.11 69.32
N SER E 717 -7.06 -3.39 68.41
CA SER E 717 -6.50 -3.08 67.11
C SER E 717 -6.35 -1.59 67.34
N TYR E 718 -5.16 -1.07 67.07
CA TYR E 718 -4.89 0.31 67.39
C TYR E 718 -4.12 0.89 66.21
N ASP E 719 -3.45 2.04 66.38
CA ASP E 719 -2.51 2.48 65.33
C ASP E 719 -1.54 1.41 64.87
N GLY E 720 -0.70 0.89 65.76
CA GLY E 720 0.45 0.15 65.23
C GLY E 720 -0.06 -1.13 64.61
N SER E 721 -0.51 -1.97 65.52
CA SER E 721 -0.77 -3.38 65.34
C SER E 721 -1.68 -3.74 66.51
N SER E 722 -1.79 -5.02 66.80
CA SER E 722 -2.65 -5.49 67.87
C SER E 722 -1.66 -5.85 68.98
N TYR E 723 -1.96 -5.41 70.18
CA TYR E 723 -1.02 -5.47 71.30
C TYR E 723 -1.74 -6.03 72.50
N THR E 724 -0.96 -6.44 73.49
CA THR E 724 -1.52 -7.00 74.70
C THR E 724 -0.93 -6.27 75.88
N THR E 725 -1.84 -5.79 76.72
CA THR E 725 -1.62 -5.03 77.92
C THR E 725 -2.47 -5.77 78.92
N TYR E 726 -2.03 -5.82 80.16
CA TYR E 726 -2.78 -6.53 81.19
C TYR E 726 -2.94 -5.59 82.35
N MET E 727 -4.04 -5.79 83.07
CA MET E 727 -4.48 -4.86 84.09
C MET E 727 -4.68 -5.51 85.44
N LYS E 728 -3.92 -5.03 86.39
CA LYS E 728 -4.09 -5.38 87.78
C LYS E 728 -4.61 -4.07 88.31
N GLU E 729 -5.76 -4.10 88.96
CA GLU E 729 -6.34 -2.91 89.53
C GLU E 729 -6.18 -2.98 91.04
N GLU E 730 -5.90 -1.83 91.63
CA GLU E 730 -5.84 -1.66 93.07
C GLU E 730 -6.76 -0.53 93.50
N VAL E 731 -7.09 -0.55 94.77
CA VAL E 731 -7.67 0.58 95.49
C VAL E 731 -7.10 1.92 95.03
N ASP E 732 -5.76 2.05 95.02
CA ASP E 732 -5.16 3.36 94.71
C ASP E 732 -3.98 3.32 93.76
N ARG E 733 -3.74 2.22 93.05
CA ARG E 733 -2.66 2.17 92.08
C ARG E 733 -3.21 1.48 90.84
N TYR E 734 -2.56 1.73 89.71
CA TYR E 734 -3.01 1.21 88.43
C TYR E 734 -1.82 0.48 87.82
N ARG E 735 -1.89 -0.84 87.72
CA ARG E 735 -0.68 -1.67 87.66
C ARG E 735 -0.71 -2.50 86.38
N ILE E 736 0.07 -2.11 85.37
CA ILE E 736 -0.09 -2.59 84.01
C ILE E 736 1.12 -3.46 83.70
N THR E 737 0.87 -4.66 83.14
CA THR E 737 1.94 -5.57 82.70
C THR E 737 1.76 -5.83 81.20
N ILE E 738 2.76 -5.49 80.42
CA ILE E 738 2.72 -5.57 78.97
C ILE E 738 3.79 -6.53 78.45
N GLY E 739 3.50 -7.83 78.56
CA GLY E 739 4.45 -8.89 78.22
C GLY E 739 5.27 -9.33 79.43
N ASN E 740 6.60 -9.21 79.34
CA ASN E 740 7.44 -9.64 80.45
C ASN E 740 7.76 -8.48 81.40
N LYS E 741 7.14 -7.33 81.16
CA LYS E 741 7.40 -6.06 81.81
C LYS E 741 6.23 -5.65 82.69
N THR E 742 6.56 -5.11 83.86
CA THR E 742 5.60 -4.51 84.78
C THR E 742 5.91 -3.03 84.97
N CYS E 743 4.84 -2.25 85.09
CA CYS E 743 4.94 -0.85 85.49
C CYS E 743 3.74 -0.53 86.36
N VAL E 744 3.97 0.31 87.35
CA VAL E 744 3.03 0.59 88.42
C VAL E 744 2.82 2.08 88.49
N PHE E 745 1.57 2.51 88.65
CA PHE E 745 1.27 3.93 88.62
C PHE E 745 0.46 4.28 89.87
N GLU E 746 0.66 5.51 90.36
CA GLU E 746 0.01 6.02 91.56
C GLU E 746 -1.28 6.79 91.27
N LYS E 747 -2.23 6.65 92.20
CA LYS E 747 -3.41 7.49 92.26
C LYS E 747 -3.22 8.37 93.47
N GLU E 748 -3.30 9.68 93.26
CA GLU E 748 -3.02 10.64 94.33
C GLU E 748 -3.87 11.90 94.22
N SER E 752 -3.89 15.60 93.62
CA SER E 752 -3.55 16.96 94.02
C SER E 752 -4.71 17.65 94.74
N VAL E 753 -5.93 17.25 94.37
CA VAL E 753 -7.17 17.72 94.98
C VAL E 753 -7.76 16.69 95.92
N MET E 754 -8.26 17.15 97.07
CA MET E 754 -8.90 16.32 98.07
C MET E 754 -10.41 16.42 97.89
N ARG E 755 -11.02 15.35 97.39
CA ARG E 755 -12.45 15.34 97.04
C ARG E 755 -13.22 14.55 98.09
N SER E 756 -14.20 15.22 98.72
CA SER E 756 -15.12 14.51 99.57
C SER E 756 -15.91 13.52 98.70
N PRO E 757 -16.29 12.35 99.24
CA PRO E 757 -16.99 11.35 98.41
C PRO E 757 -18.50 11.25 98.60
N SER E 758 -19.15 12.17 99.32
CA SER E 758 -20.57 12.01 99.60
C SER E 758 -21.21 13.36 99.83
N ALA E 759 -22.53 13.38 99.65
CA ALA E 759 -23.35 14.58 99.76
C ALA E 759 -23.87 14.70 101.19
N GLY E 760 -24.78 15.64 101.42
CA GLY E 760 -25.39 15.84 102.71
C GLY E 760 -24.81 17.05 103.42
N LYS E 761 -25.24 17.23 104.67
CA LYS E 761 -24.70 18.33 105.44
C LYS E 761 -23.26 18.07 105.83
N LEU E 762 -22.52 19.15 106.00
CA LEU E 762 -21.19 19.16 106.60
C LEU E 762 -21.49 19.57 108.04
N ILE E 763 -21.46 18.62 108.98
CA ILE E 763 -21.67 19.00 110.38
C ILE E 763 -20.50 19.85 110.86
N GLN E 764 -19.30 19.27 110.87
CA GLN E 764 -18.15 19.91 111.49
C GLN E 764 -16.88 19.29 110.92
N TYR E 765 -15.76 19.88 111.30
CA TYR E 765 -14.43 19.47 110.87
C TYR E 765 -13.62 19.15 112.12
N ILE E 766 -13.08 17.93 112.16
CA ILE E 766 -12.45 17.39 113.37
C ILE E 766 -10.98 17.79 113.52
N VAL E 767 -10.44 18.60 112.63
CA VAL E 767 -9.04 19.02 112.74
C VAL E 767 -9.12 20.54 112.99
N GLU E 768 -8.02 21.27 112.86
CA GLU E 768 -8.04 22.73 112.78
C GLU E 768 -7.11 23.20 111.67
N ASP E 769 -7.21 24.50 111.39
CA ASP E 769 -6.37 25.18 110.42
C ASP E 769 -4.87 25.01 110.73
N GLY E 770 -4.10 25.00 109.64
CA GLY E 770 -2.65 24.84 109.61
C GLY E 770 -2.04 23.61 110.24
N GLY E 771 -2.68 22.45 110.07
CA GLY E 771 -2.22 21.21 110.69
C GLY E 771 -1.81 20.17 109.65
N HIS E 772 -0.59 19.65 109.75
CA HIS E 772 -0.17 18.52 108.94
C HIS E 772 -0.97 17.27 109.29
N VAL E 773 -1.30 16.45 108.28
CA VAL E 773 -2.08 15.23 108.48
C VAL E 773 -1.38 14.08 107.76
N PHE E 774 -1.93 12.88 107.95
CA PHE E 774 -1.40 11.63 107.42
C PHE E 774 -2.43 11.00 106.47
N ALA E 775 -1.99 9.96 105.78
CA ALA E 775 -2.91 8.99 105.18
C ALA E 775 -3.78 8.30 106.24
N GLY E 776 -5.05 8.09 105.87
CA GLY E 776 -5.98 7.31 106.66
C GLY E 776 -6.44 8.00 107.92
N GLN E 777 -6.12 9.28 108.08
CA GLN E 777 -6.43 10.07 109.26
C GLN E 777 -7.72 10.83 108.98
N CYS E 778 -8.69 10.72 109.89
CA CYS E 778 -9.90 11.51 109.74
C CYS E 778 -9.57 12.99 109.69
N TYR E 779 -10.21 13.71 108.77
CA TYR E 779 -10.04 15.15 108.64
C TYR E 779 -11.35 15.94 108.61
N ALA E 780 -12.47 15.33 108.25
CA ALA E 780 -13.75 16.01 108.36
C ALA E 780 -14.78 14.95 108.69
N GLU E 781 -16.01 15.41 108.98
CA GLU E 781 -17.14 14.52 109.20
C GLU E 781 -18.41 15.16 108.66
N ILE E 782 -19.22 14.39 107.95
CA ILE E 782 -20.38 14.88 107.23
C ILE E 782 -21.58 14.03 107.64
N GLU E 783 -22.78 14.52 107.29
CA GLU E 783 -24.03 13.85 107.64
C GLU E 783 -24.78 13.29 106.44
N VAL E 784 -24.91 11.96 106.41
CA VAL E 784 -25.63 11.24 105.37
C VAL E 784 -26.55 10.29 106.12
N MET E 785 -27.84 10.31 105.76
CA MET E 785 -28.84 9.43 106.36
C MET E 785 -29.05 9.67 107.87
N LYS E 786 -28.70 10.85 108.41
CA LYS E 786 -28.77 11.18 109.86
C LYS E 786 -27.62 10.62 110.69
N MET E 787 -26.47 10.38 110.08
CA MET E 787 -25.38 9.64 110.74
C MET E 787 -24.04 10.21 110.33
N VAL E 788 -23.03 9.90 111.15
CA VAL E 788 -21.68 10.40 110.94
C VAL E 788 -21.08 9.65 109.74
N MET E 789 -20.01 10.23 109.19
CA MET E 789 -19.35 9.57 108.07
C MET E 789 -17.89 9.96 108.17
N THR E 790 -17.03 8.96 108.33
CA THR E 790 -15.59 9.09 108.19
C THR E 790 -15.13 9.62 106.84
N LEU E 791 -14.76 10.90 106.77
CA LEU E 791 -14.09 11.39 105.57
C LEU E 791 -12.62 11.00 105.77
N THR E 792 -12.31 9.76 105.43
CA THR E 792 -10.93 9.30 105.41
C THR E 792 -10.10 10.09 104.40
N ALA E 793 -8.98 10.64 104.86
CA ALA E 793 -8.01 11.26 103.96
C ALA E 793 -7.19 10.16 103.26
N VAL E 794 -6.69 10.49 102.07
CA VAL E 794 -6.02 9.51 101.21
C VAL E 794 -4.56 9.85 100.95
N GLU E 795 -4.11 11.07 101.25
CA GLU E 795 -2.73 11.50 101.02
C GLU E 795 -2.34 12.44 102.16
N SER E 796 -1.06 12.38 102.54
CA SER E 796 -0.56 13.12 103.69
C SER E 796 -0.13 14.55 103.36
N GLY E 797 -0.47 15.48 104.24
CA GLY E 797 -0.01 16.85 104.11
C GLY E 797 -0.80 17.77 105.02
N CYS E 798 -0.67 19.07 104.76
CA CYS E 798 -1.33 20.11 105.56
C CYS E 798 -2.57 20.61 104.82
N ILE E 799 -3.70 20.65 105.52
CA ILE E 799 -4.98 21.00 104.93
C ILE E 799 -5.18 22.51 105.02
N HIS E 800 -5.68 23.09 103.93
CA HIS E 800 -6.26 24.43 103.93
C HIS E 800 -7.77 24.22 103.89
N TYR E 801 -8.38 24.17 105.07
CA TYR E 801 -9.81 23.94 105.18
C TYR E 801 -10.58 25.14 104.63
N VAL E 802 -11.55 24.87 103.76
CA VAL E 802 -12.28 25.93 103.06
C VAL E 802 -13.78 25.84 103.32
N LYS E 803 -14.40 24.72 102.95
CA LYS E 803 -15.86 24.60 103.03
C LYS E 803 -16.24 24.58 104.50
N ARG E 804 -16.65 25.75 105.01
CA ARG E 804 -16.86 25.94 106.45
C ARG E 804 -17.93 24.98 106.97
N PRO E 805 -17.91 24.67 108.27
CA PRO E 805 -18.83 23.65 108.79
C PRO E 805 -20.27 24.13 108.74
N GLY E 806 -21.12 23.37 108.04
CA GLY E 806 -22.53 23.69 107.88
C GLY E 806 -22.91 24.12 106.47
N ALA E 807 -22.32 23.49 105.44
CA ALA E 807 -22.56 23.85 104.05
C ALA E 807 -22.94 22.62 103.24
N ALA E 808 -23.35 22.87 102.00
CA ALA E 808 -23.79 21.82 101.10
C ALA E 808 -22.61 21.04 100.52
N LEU E 809 -22.87 19.79 100.16
CA LEU E 809 -21.85 18.89 99.64
C LEU E 809 -22.44 17.97 98.59
N ASP E 810 -21.57 17.54 97.65
CA ASP E 810 -21.93 16.67 96.53
C ASP E 810 -20.78 15.72 96.24
N PRO E 811 -20.95 14.72 95.38
CA PRO E 811 -19.81 13.90 94.98
C PRO E 811 -18.75 14.72 94.28
N GLY E 812 -17.49 14.50 94.65
CA GLY E 812 -16.39 15.23 94.06
C GLY E 812 -16.41 16.72 94.33
N CYS E 813 -17.04 17.13 95.43
CA CYS E 813 -17.12 18.54 95.78
C CYS E 813 -15.79 18.98 96.39
N VAL E 814 -15.76 20.18 96.98
CA VAL E 814 -14.54 20.78 97.51
C VAL E 814 -14.78 21.08 98.99
N LEU E 815 -14.19 20.27 99.86
CA LEU E 815 -14.04 20.62 101.27
C LEU E 815 -12.73 21.37 101.50
N ALA E 816 -11.62 20.73 101.14
CA ALA E 816 -10.29 21.31 101.30
C ALA E 816 -9.39 20.66 100.25
N LYS E 817 -8.10 20.98 100.32
CA LYS E 817 -7.09 20.37 99.45
C LYS E 817 -5.80 20.28 100.25
N MET E 818 -4.73 19.85 99.61
CA MET E 818 -3.43 19.86 100.25
C MET E 818 -2.32 19.71 99.21
N GLN E 819 -1.23 20.43 99.42
CA GLN E 819 0.00 20.24 98.66
C GLN E 819 0.82 19.18 99.40
N LEU E 820 1.05 18.05 98.75
CA LEU E 820 1.53 16.86 99.43
C LEU E 820 3.04 16.89 99.63
N ASP E 821 3.52 15.90 100.38
CA ASP E 821 4.95 15.68 100.59
C ASP E 821 5.46 14.66 99.58
N HIS E 832 -5.57 15.24 79.66
CA HIS E 832 -5.54 16.69 79.75
C HIS E 832 -6.21 17.33 78.52
N THR E 833 -5.59 17.16 77.36
CA THR E 833 -6.19 17.55 76.08
C THR E 833 -5.58 16.67 75.00
N GLY E 834 -6.37 15.76 74.43
CA GLY E 834 -5.86 15.06 73.26
C GLY E 834 -6.77 14.07 72.59
N SER E 835 -6.93 14.24 71.28
CA SER E 835 -7.27 13.15 70.37
C SER E 835 -5.95 12.65 69.81
N LEU E 836 -5.70 11.36 69.96
CA LEU E 836 -4.36 10.82 69.76
C LEU E 836 -3.86 11.06 68.35
N PRO E 837 -2.57 10.83 68.07
CA PRO E 837 -2.07 10.88 66.69
C PRO E 837 -2.32 9.55 65.98
N ARG E 838 -3.54 9.03 66.11
CA ARG E 838 -3.87 7.65 65.80
C ARG E 838 -5.17 7.68 64.99
N ILE E 839 -5.00 7.89 63.68
CA ILE E 839 -6.14 8.06 62.77
C ILE E 839 -5.82 7.34 61.47
N LYS E 848 -11.66 1.44 47.42
CA LYS E 848 -11.86 2.06 48.73
C LYS E 848 -13.30 2.29 49.08
N LEU E 849 -14.12 2.59 48.08
CA LEU E 849 -15.51 2.89 48.38
C LEU E 849 -16.29 1.71 48.91
N HIS E 850 -16.02 0.51 48.43
CA HIS E 850 -16.69 -0.66 49.00
C HIS E 850 -16.52 -0.78 50.52
N ARG E 851 -15.27 -0.82 51.00
CA ARG E 851 -15.10 -0.89 52.44
C ARG E 851 -15.35 0.39 53.23
N VAL E 852 -14.86 1.54 52.78
CA VAL E 852 -15.20 2.78 53.48
C VAL E 852 -16.70 2.97 53.58
N PHE E 853 -17.40 2.92 52.46
CA PHE E 853 -18.84 2.93 52.56
C PHE E 853 -19.51 1.93 53.47
N HIS E 854 -19.51 0.66 53.06
CA HIS E 854 -20.19 -0.35 53.86
C HIS E 854 -19.76 -0.39 55.31
N TYR E 855 -18.45 -0.43 55.54
CA TYR E 855 -17.92 -0.51 56.90
C TYR E 855 -18.37 0.69 57.74
N VAL E 856 -18.06 1.91 57.25
CA VAL E 856 -18.44 3.13 57.97
C VAL E 856 -19.94 3.16 58.19
N LEU E 857 -20.68 2.55 57.28
CA LEU E 857 -22.13 2.61 57.36
C LEU E 857 -22.58 1.72 58.49
N ASP E 858 -21.99 0.53 58.59
CA ASP E 858 -22.39 -0.41 59.61
C ASP E 858 -22.05 0.17 60.97
N ASN E 859 -20.87 0.79 61.06
CA ASN E 859 -20.47 1.49 62.28
C ASN E 859 -21.52 2.50 62.66
N LEU E 860 -22.05 3.19 61.67
CA LEU E 860 -23.00 4.26 61.94
C LEU E 860 -24.34 3.71 62.40
N VAL E 861 -24.82 2.63 61.81
CA VAL E 861 -26.03 2.02 62.35
C VAL E 861 -25.78 1.53 63.77
N ASN E 862 -24.54 1.20 64.12
CA ASN E 862 -24.26 0.95 65.55
C ASN E 862 -24.28 2.25 66.35
N VAL E 863 -23.81 3.34 65.76
CA VAL E 863 -23.91 4.65 66.40
C VAL E 863 -25.37 4.91 66.72
N MET E 864 -26.23 4.60 65.77
CA MET E 864 -27.61 5.02 65.64
C MET E 864 -28.55 3.92 66.08
N ASN E 865 -28.00 2.79 66.53
CA ASN E 865 -28.83 1.87 67.28
C ASN E 865 -29.13 2.40 68.67
N GLY E 866 -28.33 3.33 69.19
CA GLY E 866 -28.63 3.89 70.49
C GLY E 866 -27.82 3.55 71.72
N TYR E 867 -26.50 3.42 71.67
CA TYR E 867 -25.83 3.10 72.91
C TYR E 867 -25.90 4.22 73.95
N CYS E 868 -25.46 5.42 73.56
CA CYS E 868 -25.51 6.72 74.25
C CYS E 868 -24.28 7.38 73.69
N LEU E 869 -24.29 8.72 73.49
CA LEU E 869 -23.10 9.34 72.91
C LEU E 869 -22.30 10.09 73.97
N PRO E 870 -21.00 9.78 74.07
CA PRO E 870 -20.17 10.42 75.09
C PRO E 870 -19.87 11.89 74.90
N ASP E 871 -19.58 12.34 73.66
CA ASP E 871 -19.08 13.71 73.53
C ASP E 871 -19.49 14.63 72.37
N PRO E 872 -18.96 15.87 72.35
CA PRO E 872 -19.31 16.83 71.29
C PRO E 872 -18.95 16.49 69.85
N PHE E 873 -17.78 15.92 69.55
CA PHE E 873 -17.38 15.61 68.17
C PHE E 873 -18.44 15.02 67.24
N PHE E 874 -19.47 14.38 67.79
CA PHE E 874 -20.55 13.79 67.00
C PHE E 874 -21.19 14.75 65.98
N SER E 875 -21.60 15.93 66.42
CA SER E 875 -22.35 16.80 65.49
C SER E 875 -21.54 17.22 64.24
N SER E 876 -20.22 17.11 64.29
CA SER E 876 -19.27 17.27 63.21
C SER E 876 -19.06 15.96 62.47
N LYS E 877 -18.84 14.93 63.29
CA LYS E 877 -18.36 13.64 62.86
C LYS E 877 -19.35 13.05 61.91
N VAL E 878 -20.61 13.14 62.29
CA VAL E 878 -21.67 12.59 61.47
C VAL E 878 -21.77 13.35 60.17
N LYS E 879 -21.40 14.63 60.18
CA LYS E 879 -21.58 15.40 58.96
C LYS E 879 -20.59 14.94 57.91
N ASP E 880 -19.32 14.80 58.34
CA ASP E 880 -18.28 14.25 57.47
C ASP E 880 -18.68 12.85 57.02
N TRP E 881 -19.08 12.02 57.99
CA TRP E 881 -19.52 10.65 57.78
C TRP E 881 -20.55 10.56 56.68
N VAL E 882 -21.40 11.57 56.57
CA VAL E 882 -22.70 11.45 55.92
C VAL E 882 -22.59 11.96 54.52
N GLU E 883 -21.75 12.96 54.32
CA GLU E 883 -21.33 13.20 52.95
C GLU E 883 -20.48 12.03 52.45
N ARG E 884 -19.55 11.47 53.26
CA ARG E 884 -18.80 10.33 52.71
C ARG E 884 -19.67 9.16 52.29
N LEU E 885 -20.62 8.78 53.15
CA LEU E 885 -21.51 7.69 52.79
C LEU E 885 -22.39 8.11 51.63
N MET E 886 -23.22 9.12 51.86
CA MET E 886 -24.23 9.54 50.91
C MET E 886 -23.63 9.77 49.54
N LYS E 887 -22.51 10.48 49.51
CA LYS E 887 -21.82 10.78 48.27
C LYS E 887 -21.29 9.51 47.65
N THR E 888 -20.71 8.62 48.47
CA THR E 888 -20.26 7.37 47.89
C THR E 888 -21.44 6.50 47.48
N LEU E 889 -22.64 6.90 47.85
CA LEU E 889 -23.85 6.23 47.47
C LEU E 889 -24.40 6.88 46.22
N ARG E 890 -24.00 8.15 45.95
CA ARG E 890 -24.39 8.80 44.71
C ARG E 890 -23.50 8.24 43.62
N ASP E 891 -22.23 8.04 43.97
CA ASP E 891 -21.12 7.54 43.18
C ASP E 891 -21.48 6.23 42.49
N PRO E 892 -21.68 6.17 41.18
CA PRO E 892 -22.05 4.89 40.57
C PRO E 892 -20.91 3.89 40.44
N SER E 893 -19.80 4.10 41.12
CA SER E 893 -18.77 3.09 41.28
C SER E 893 -19.02 2.16 42.45
N LEU E 894 -20.13 2.32 43.17
CA LEU E 894 -20.37 1.43 44.30
C LEU E 894 -20.58 0.01 43.80
N PRO E 895 -21.54 -0.27 42.90
CA PRO E 895 -21.76 -1.65 42.48
C PRO E 895 -20.49 -2.25 41.96
N LEU E 896 -19.73 -1.41 41.25
CA LEU E 896 -18.41 -1.81 40.78
C LEU E 896 -17.44 -2.27 41.86
N LEU E 897 -17.25 -1.51 42.94
CA LEU E 897 -16.24 -2.01 43.88
C LEU E 897 -16.74 -3.19 44.70
N GLU E 898 -18.04 -3.25 44.96
CA GLU E 898 -18.54 -4.41 45.69
C GLU E 898 -18.66 -5.67 44.83
N LEU E 899 -19.06 -5.53 43.58
CA LEU E 899 -18.99 -6.68 42.71
C LEU E 899 -17.62 -7.04 42.21
N GLN E 900 -16.69 -6.11 42.17
CA GLN E 900 -15.31 -6.52 41.95
C GLN E 900 -14.88 -7.39 43.11
N ASP E 901 -15.08 -6.89 44.32
CA ASP E 901 -14.21 -7.35 45.37
C ASP E 901 -14.79 -8.66 45.88
N ILE E 902 -16.10 -8.67 45.97
CA ILE E 902 -16.83 -9.88 46.26
C ILE E 902 -16.67 -10.92 45.17
N MET E 903 -16.82 -10.55 43.89
CA MET E 903 -16.71 -11.63 42.91
C MET E 903 -15.28 -12.15 42.77
N THR E 904 -14.34 -11.49 43.43
CA THR E 904 -12.97 -11.96 43.48
C THR E 904 -12.94 -12.95 44.61
N SER E 905 -13.77 -12.71 45.63
CA SER E 905 -13.82 -13.62 46.75
C SER E 905 -14.75 -14.77 46.44
N VAL E 906 -15.45 -14.71 45.30
CA VAL E 906 -16.21 -15.83 44.79
C VAL E 906 -15.85 -16.12 43.35
N SER E 907 -14.57 -16.12 43.06
CA SER E 907 -14.15 -16.50 41.73
C SER E 907 -14.31 -18.00 41.51
N GLY E 908 -14.05 -18.81 42.55
CA GLY E 908 -14.29 -20.23 42.52
C GLY E 908 -15.68 -20.75 42.82
N ARG E 909 -15.74 -22.08 42.98
CA ARG E 909 -16.94 -22.88 43.28
C ARG E 909 -18.00 -22.71 42.22
N ILE E 910 -17.53 -22.29 41.07
CA ILE E 910 -18.31 -21.53 40.13
C ILE E 910 -18.60 -22.50 38.99
N PRO E 911 -19.82 -22.50 38.47
CA PRO E 911 -20.08 -23.14 37.20
C PRO E 911 -19.72 -22.17 36.09
N PRO E 912 -18.72 -22.53 35.21
CA PRO E 912 -18.18 -21.54 34.26
C PRO E 912 -19.22 -20.83 33.42
N ASN E 913 -20.39 -21.39 33.18
CA ASN E 913 -21.42 -20.58 32.56
C ASN E 913 -21.62 -19.39 33.49
N VAL E 914 -21.67 -19.67 34.79
CA VAL E 914 -21.97 -18.66 35.78
C VAL E 914 -20.70 -17.79 35.96
N GLU E 915 -19.49 -18.37 35.86
CA GLU E 915 -18.27 -17.57 35.95
C GLU E 915 -18.13 -16.61 34.78
N LYS E 916 -18.31 -17.10 33.56
CA LYS E 916 -18.25 -16.21 32.41
C LYS E 916 -19.38 -15.21 32.43
N SER E 917 -20.52 -15.60 33.00
CA SER E 917 -21.61 -14.64 33.14
C SER E 917 -21.26 -13.53 34.11
N ILE E 918 -20.81 -13.88 35.32
CA ILE E 918 -20.49 -12.83 36.28
C ILE E 918 -19.33 -12.01 35.79
N LYS E 919 -18.36 -12.65 35.14
CA LYS E 919 -17.17 -11.90 34.84
C LYS E 919 -17.37 -10.97 33.66
N LYS E 920 -18.24 -11.39 32.73
CA LYS E 920 -18.65 -10.51 31.66
C LYS E 920 -19.39 -9.32 32.24
N GLU E 921 -20.34 -9.60 33.12
CA GLU E 921 -21.30 -8.55 33.39
C GLU E 921 -20.79 -7.59 34.45
N MET E 922 -19.82 -8.01 35.27
CA MET E 922 -19.11 -7.01 36.04
C MET E 922 -18.31 -6.15 35.10
N ALA E 923 -17.65 -6.81 34.14
CA ALA E 923 -16.88 -6.11 33.12
C ALA E 923 -17.67 -5.01 32.43
N GLN E 924 -18.96 -5.25 32.14
CA GLN E 924 -19.77 -4.19 31.54
C GLN E 924 -20.74 -3.43 32.44
N TYR E 925 -20.80 -3.65 33.75
CA TYR E 925 -21.10 -2.50 34.61
C TYR E 925 -19.94 -1.53 34.51
N ALA E 926 -18.73 -2.08 34.50
CA ALA E 926 -17.50 -1.29 34.40
C ALA E 926 -17.41 -0.59 33.06
N SER E 927 -17.82 -1.27 31.99
CA SER E 927 -17.79 -0.62 30.69
C SER E 927 -18.84 0.46 30.62
N ASN E 928 -20.00 0.24 31.24
CA ASN E 928 -21.07 1.21 31.09
C ASN E 928 -21.06 2.25 32.21
N ILE E 929 -20.06 2.23 33.10
CA ILE E 929 -19.94 3.27 34.11
C ILE E 929 -19.55 4.54 33.38
N THR E 930 -19.89 5.69 33.95
CA THR E 930 -19.64 7.03 33.43
C THR E 930 -20.65 7.41 32.33
N SER E 931 -21.62 6.55 32.05
CA SER E 931 -22.76 6.99 31.28
C SER E 931 -23.69 7.76 32.20
N VAL E 932 -24.48 8.64 31.61
CA VAL E 932 -25.43 9.41 32.41
C VAL E 932 -26.53 8.49 32.92
N LEU E 933 -26.77 7.43 32.19
CA LEU E 933 -27.81 6.45 32.38
C LEU E 933 -27.03 5.15 32.52
N CYS E 934 -26.22 5.07 33.58
CA CYS E 934 -25.41 3.89 33.87
C CYS E 934 -26.11 3.30 35.07
N GLN E 935 -26.58 2.09 34.85
CA GLN E 935 -27.17 1.22 35.85
C GLN E 935 -26.64 -0.18 36.06
N PHE E 936 -26.89 -0.63 37.27
CA PHE E 936 -26.61 -1.98 37.66
C PHE E 936 -27.47 -2.86 36.76
N PRO E 937 -26.98 -3.98 36.26
CA PRO E 937 -27.88 -4.84 35.46
C PRO E 937 -28.56 -5.91 36.32
N SER E 938 -29.26 -5.40 37.32
CA SER E 938 -30.16 -6.10 38.21
C SER E 938 -31.06 -7.16 37.60
N GLN E 939 -32.01 -6.71 36.80
CA GLN E 939 -32.95 -7.64 36.21
C GLN E 939 -32.26 -8.66 35.37
N GLN E 940 -31.19 -8.23 34.73
CA GLN E 940 -30.45 -9.10 33.86
C GLN E 940 -29.81 -10.24 34.63
N ILE E 941 -29.10 -9.94 35.72
CA ILE E 941 -28.45 -11.03 36.44
C ILE E 941 -29.48 -11.94 37.07
N ALA E 942 -30.52 -11.37 37.68
CA ALA E 942 -31.51 -12.19 38.35
C ALA E 942 -32.24 -13.10 37.37
N ASN E 943 -32.66 -12.54 36.24
CA ASN E 943 -33.40 -13.34 35.28
C ASN E 943 -32.56 -14.47 34.70
N ILE E 944 -31.31 -14.18 34.32
CA ILE E 944 -30.47 -15.24 33.75
C ILE E 944 -30.20 -16.36 34.74
N LEU E 945 -29.75 -16.00 35.94
CA LEU E 945 -29.51 -16.98 36.99
C LEU E 945 -30.71 -17.83 37.23
N ASP E 946 -31.87 -17.21 37.13
CA ASP E 946 -33.08 -17.92 37.37
C ASP E 946 -33.54 -18.70 36.14
N SER E 947 -33.02 -18.40 34.94
CA SER E 947 -33.05 -19.36 33.84
C SER E 947 -32.29 -20.66 34.13
N HIS E 948 -31.07 -20.56 34.69
CA HIS E 948 -30.40 -21.86 34.85
C HIS E 948 -30.76 -22.51 36.16
N ALA E 949 -31.43 -21.77 37.02
CA ALA E 949 -32.16 -22.39 38.10
C ALA E 949 -33.41 -23.03 37.54
N ALA E 950 -33.96 -22.45 36.47
CA ALA E 950 -35.16 -22.95 35.82
C ALA E 950 -34.91 -24.34 35.29
N THR E 951 -33.67 -24.60 34.90
CA THR E 951 -33.28 -25.86 34.28
C THR E 951 -32.72 -26.83 35.31
N LEU E 952 -32.04 -26.33 36.31
CA LEU E 952 -31.40 -27.17 37.33
C LEU E 952 -32.39 -27.66 38.41
N ASN E 953 -33.46 -26.91 38.70
CA ASN E 953 -34.26 -26.80 39.94
C ASN E 953 -35.12 -28.02 40.26
N ARG E 954 -35.14 -29.05 39.45
CA ARG E 954 -35.98 -30.23 39.68
C ARG E 954 -35.36 -31.24 40.65
N LYS E 955 -34.36 -30.85 41.44
CA LYS E 955 -33.40 -31.77 42.02
C LYS E 955 -33.16 -31.48 43.50
N SER E 956 -32.84 -30.23 43.76
CA SER E 956 -32.49 -29.60 45.02
C SER E 956 -31.22 -30.16 45.69
N GLU E 957 -30.36 -30.79 44.89
CA GLU E 957 -29.06 -31.34 45.28
C GLU E 957 -28.05 -30.30 44.81
N ARG E 958 -28.52 -29.08 44.99
CA ARG E 958 -28.46 -27.90 44.14
C ARG E 958 -28.10 -26.67 44.93
N GLU E 959 -27.44 -26.83 46.04
CA GLU E 959 -27.25 -25.73 46.96
C GLU E 959 -26.01 -24.87 46.70
N VAL E 960 -24.92 -25.39 46.17
CA VAL E 960 -23.96 -24.49 45.50
C VAL E 960 -24.62 -23.64 44.39
N PHE E 961 -25.42 -24.23 43.48
CA PHE E 961 -25.86 -23.37 42.36
C PHE E 961 -26.86 -22.38 42.89
N PHE E 962 -27.67 -22.87 43.81
CA PHE E 962 -28.65 -22.10 44.53
C PHE E 962 -27.88 -20.96 45.16
N MET E 963 -26.70 -21.28 45.73
CA MET E 963 -25.79 -20.29 46.30
C MET E 963 -25.06 -19.40 45.35
N ASN E 964 -25.16 -19.60 44.06
CA ASN E 964 -24.59 -18.57 43.22
C ASN E 964 -25.67 -17.64 42.71
N THR E 965 -26.87 -18.19 42.51
CA THR E 965 -27.99 -17.35 42.10
C THR E 965 -28.64 -16.62 43.26
N GLN E 966 -28.30 -16.99 44.49
CA GLN E 966 -28.79 -16.28 45.65
C GLN E 966 -27.71 -15.32 46.12
N SER E 967 -26.46 -15.79 46.10
CA SER E 967 -25.41 -14.94 46.64
C SER E 967 -25.36 -13.65 45.81
N ILE E 968 -25.63 -13.79 44.50
CA ILE E 968 -25.71 -12.64 43.60
C ILE E 968 -27.06 -11.94 43.71
N VAL E 969 -28.15 -12.71 43.87
CA VAL E 969 -29.44 -12.05 43.85
C VAL E 969 -29.67 -11.14 45.06
N GLN E 970 -28.98 -11.32 46.19
CA GLN E 970 -29.22 -10.30 47.21
C GLN E 970 -28.50 -9.02 46.83
N LEU E 971 -27.41 -9.11 46.08
CA LEU E 971 -26.77 -7.91 45.55
C LEU E 971 -27.75 -7.17 44.65
N VAL E 972 -28.44 -7.88 43.75
CA VAL E 972 -29.40 -7.15 42.91
C VAL E 972 -30.53 -6.62 43.76
N GLN E 973 -30.90 -7.33 44.81
CA GLN E 973 -31.91 -6.80 45.72
C GLN E 973 -31.45 -5.52 46.40
N ARG E 974 -30.14 -5.28 46.46
CA ARG E 974 -29.61 -4.04 46.99
C ARG E 974 -29.66 -2.84 46.05
N TYR E 975 -29.82 -3.02 44.74
CA TYR E 975 -29.28 -2.00 43.84
C TYR E 975 -30.11 -1.76 42.60
N ARG E 976 -31.25 -2.41 42.44
CA ARG E 976 -32.07 -2.16 41.27
C ARG E 976 -32.61 -0.73 41.19
N SER E 977 -33.15 -0.20 42.29
CA SER E 977 -33.70 1.15 42.20
C SER E 977 -32.69 2.26 42.43
N GLY E 978 -31.40 2.08 42.13
CA GLY E 978 -30.58 3.27 42.20
C GLY E 978 -30.11 3.70 43.55
N ILE E 979 -29.37 4.81 43.47
CA ILE E 979 -28.84 5.53 44.62
C ILE E 979 -30.01 5.93 45.52
N ARG E 980 -31.21 6.01 44.96
CA ARG E 980 -32.40 6.72 45.30
C ARG E 980 -33.25 5.71 46.06
N GLY E 981 -33.39 4.54 45.47
CA GLY E 981 -33.79 3.36 46.21
C GLY E 981 -32.97 3.13 47.46
N HIS E 982 -31.64 3.20 47.36
CA HIS E 982 -30.87 3.15 48.60
C HIS E 982 -31.22 4.26 49.56
N MET E 983 -31.20 5.50 49.10
CA MET E 983 -31.51 6.61 49.98
C MET E 983 -32.86 6.44 50.64
N LYS E 984 -33.82 5.79 50.00
CA LYS E 984 -34.99 5.43 50.76
C LYS E 984 -34.62 4.34 51.74
N ALA E 985 -34.22 3.20 51.19
CA ALA E 985 -34.14 1.96 51.92
C ALA E 985 -33.29 2.00 53.17
N VAL E 986 -32.01 2.34 53.02
CA VAL E 986 -31.09 2.26 54.14
C VAL E 986 -31.52 3.20 55.25
N VAL E 987 -31.72 4.46 54.88
CA VAL E 987 -32.10 5.47 55.84
C VAL E 987 -33.44 5.14 56.45
N MET E 988 -34.33 4.61 55.65
CA MET E 988 -35.63 4.18 56.17
C MET E 988 -35.45 3.13 57.23
N ASP E 989 -34.54 2.18 57.02
CA ASP E 989 -34.31 1.20 58.05
C ASP E 989 -33.85 1.88 59.33
N LEU E 990 -32.78 2.65 59.22
CA LEU E 990 -32.24 3.35 60.38
C LEU E 990 -33.31 4.23 61.00
N LEU E 991 -34.07 4.90 60.14
CA LEU E 991 -35.19 5.72 60.57
C LEU E 991 -36.20 4.95 61.38
N ARG E 992 -36.70 3.88 60.80
CA ARG E 992 -37.60 2.98 61.49
C ARG E 992 -36.97 2.35 62.72
N GLN E 993 -35.65 2.30 62.78
CA GLN E 993 -34.98 1.75 63.94
C GLN E 993 -35.14 2.66 65.15
N TYR E 994 -34.61 3.88 65.03
CA TYR E 994 -35.03 5.05 65.78
C TYR E 994 -36.52 5.14 66.07
N LEU E 995 -37.34 4.78 65.08
CA LEU E 995 -38.75 5.10 65.14
C LEU E 995 -39.42 4.10 66.03
N ARG E 996 -39.14 2.84 65.72
CA ARG E 996 -39.66 1.70 66.42
C ARG E 996 -39.34 1.88 67.88
N VAL E 997 -38.05 1.96 68.16
CA VAL E 997 -37.56 2.18 69.51
C VAL E 997 -38.33 3.32 70.19
N GLU E 998 -38.26 4.54 69.64
CA GLU E 998 -38.79 5.65 70.43
C GLU E 998 -40.29 5.89 70.33
N THR E 999 -40.96 5.24 69.41
CA THR E 999 -42.41 5.35 69.29
C THR E 999 -43.05 4.32 70.17
N GLN E 1000 -42.49 3.13 70.16
CA GLN E 1000 -42.93 2.12 71.10
C GLN E 1000 -42.59 2.56 72.50
N PHE E 1001 -41.46 3.25 72.65
CA PHE E 1001 -41.08 3.72 73.97
C PHE E 1001 -42.09 4.67 74.54
N GLN E 1002 -42.58 5.63 73.76
CA GLN E 1002 -43.52 6.53 74.39
C GLN E 1002 -44.81 5.83 74.79
N ASN E 1003 -45.02 5.65 76.10
CA ASN E 1003 -46.26 5.09 76.60
C ASN E 1003 -46.46 5.50 78.06
N GLY E 1004 -46.79 6.75 78.34
CA GLY E 1004 -46.97 7.21 79.71
C GLY E 1004 -45.91 8.20 80.15
N HIS E 1005 -44.98 7.63 80.93
CA HIS E 1005 -43.78 8.26 81.46
C HIS E 1005 -42.71 7.18 81.54
N TYR E 1006 -41.43 7.57 81.55
CA TYR E 1006 -40.32 6.62 81.44
C TYR E 1006 -40.38 5.34 82.26
N ASP E 1007 -40.66 5.44 83.55
CA ASP E 1007 -40.67 4.25 84.39
C ASP E 1007 -41.80 3.31 83.96
N LYS E 1008 -43.02 3.84 83.95
CA LYS E 1008 -44.20 3.05 83.61
C LYS E 1008 -44.02 2.49 82.20
N CYS E 1009 -43.41 3.30 81.32
CA CYS E 1009 -43.13 2.86 79.96
C CYS E 1009 -42.19 1.68 80.00
N VAL E 1010 -41.27 1.68 80.96
CA VAL E 1010 -40.38 0.53 81.06
C VAL E 1010 -41.19 -0.68 81.47
N PHE E 1011 -42.29 -0.49 82.22
CA PHE E 1011 -43.17 -1.63 82.52
C PHE E 1011 -44.01 -2.07 81.31
N ALA E 1012 -44.45 -1.14 80.46
CA ALA E 1012 -45.10 -1.56 79.23
C ALA E 1012 -44.12 -2.28 78.29
N LEU E 1013 -42.87 -1.86 78.37
CA LEU E 1013 -41.76 -2.47 77.62
C LEU E 1013 -41.50 -3.86 78.19
N ARG E 1014 -41.49 -3.92 79.54
CA ARG E 1014 -41.33 -5.14 80.31
C ARG E 1014 -42.32 -6.17 79.85
N GLU E 1015 -43.53 -5.74 79.54
CA GLU E 1015 -44.61 -6.69 79.36
C GLU E 1015 -44.80 -7.02 77.89
N GLU E 1016 -44.42 -6.12 76.98
CA GLU E 1016 -44.42 -6.49 75.57
C GLU E 1016 -43.39 -7.58 75.32
N ASN E 1017 -42.23 -7.47 75.97
CA ASN E 1017 -41.17 -8.49 75.88
C ASN E 1017 -40.78 -8.74 77.33
N LYS E 1018 -41.64 -9.48 78.01
CA LYS E 1018 -41.39 -9.78 79.41
C LYS E 1018 -40.18 -10.66 79.61
N SER E 1019 -39.97 -11.63 78.73
CA SER E 1019 -38.95 -12.65 78.97
C SER E 1019 -37.56 -12.02 79.12
N ASP E 1020 -37.22 -11.07 78.25
CA ASP E 1020 -35.93 -10.41 78.30
C ASP E 1020 -36.21 -8.92 78.30
N MET E 1021 -35.24 -8.16 78.81
CA MET E 1021 -35.29 -6.71 78.92
C MET E 1021 -34.03 -6.08 78.32
N ASN E 1022 -33.17 -6.87 77.66
CA ASN E 1022 -31.99 -6.33 77.01
C ASN E 1022 -32.32 -5.48 75.80
N THR E 1023 -33.29 -5.89 74.98
CA THR E 1023 -33.71 -5.00 73.90
C THR E 1023 -34.25 -3.72 74.51
N VAL E 1024 -34.98 -3.86 75.62
CA VAL E 1024 -35.46 -2.70 76.35
C VAL E 1024 -34.28 -1.89 76.85
N LEU E 1025 -33.23 -2.56 77.27
CA LEU E 1025 -32.13 -1.85 77.86
C LEU E 1025 -31.47 -1.00 76.80
N ASN E 1026 -31.29 -1.57 75.62
CA ASN E 1026 -30.80 -0.79 74.50
C ASN E 1026 -31.78 0.33 74.17
N TYR E 1027 -33.08 0.07 74.31
CA TYR E 1027 -34.09 1.11 74.08
C TYR E 1027 -33.93 2.28 75.06
N ILE E 1028 -33.89 1.97 76.36
CA ILE E 1028 -33.86 2.98 77.41
C ILE E 1028 -32.58 3.80 77.35
N PHE E 1029 -31.49 3.05 77.22
CA PHE E 1029 -30.15 3.53 77.02
C PHE E 1029 -30.12 4.41 75.77
N SER E 1030 -30.86 3.98 74.73
CA SER E 1030 -30.96 4.71 73.47
C SER E 1030 -31.69 6.04 73.61
N HIS E 1031 -32.95 6.01 74.09
CA HIS E 1031 -33.68 7.28 74.18
C HIS E 1031 -33.14 8.19 75.25
N ALA E 1032 -32.09 7.85 75.98
CA ALA E 1032 -31.59 8.86 76.90
C ALA E 1032 -31.07 10.02 76.06
N GLN E 1033 -30.27 9.70 75.05
CA GLN E 1033 -29.79 10.62 74.03
C GLN E 1033 -30.68 10.55 72.79
N VAL E 1034 -31.95 10.99 72.92
CA VAL E 1034 -32.82 11.00 71.72
C VAL E 1034 -32.32 12.02 70.72
N THR E 1035 -32.00 13.19 71.21
CA THR E 1035 -31.63 14.31 70.38
C THR E 1035 -30.44 14.02 69.51
N LYS E 1036 -29.52 13.19 69.99
CA LYS E 1036 -28.38 12.87 69.14
C LYS E 1036 -28.83 12.11 67.91
N LYS E 1037 -29.43 10.95 68.12
CA LYS E 1037 -30.14 10.24 67.06
C LYS E 1037 -31.04 11.15 66.21
N ASN E 1038 -31.71 12.11 66.87
CA ASN E 1038 -32.85 12.77 66.26
C ASN E 1038 -32.36 13.90 65.42
N LEU E 1039 -31.46 14.68 66.00
CA LEU E 1039 -30.76 15.69 65.26
C LEU E 1039 -30.14 15.03 64.05
N LEU E 1040 -29.44 13.92 64.26
CA LEU E 1040 -28.75 13.32 63.13
C LEU E 1040 -29.74 12.91 62.07
N VAL E 1041 -30.94 12.56 62.51
CA VAL E 1041 -32.00 12.37 61.53
C VAL E 1041 -32.19 13.68 60.81
N THR E 1042 -32.23 14.79 61.54
CA THR E 1042 -32.30 16.08 60.88
C THR E 1042 -31.22 16.24 59.80
N MET E 1043 -29.94 16.00 60.11
CA MET E 1043 -28.93 15.89 59.06
C MET E 1043 -29.39 15.09 57.84
N LEU E 1044 -29.83 13.87 58.13
CA LEU E 1044 -30.21 12.93 57.10
C LEU E 1044 -31.37 13.45 56.26
N ILE E 1045 -32.42 13.91 56.93
CA ILE E 1045 -33.60 14.45 56.29
C ILE E 1045 -33.21 15.71 55.54
N ASP E 1046 -32.24 16.43 56.08
CA ASP E 1046 -31.83 17.69 55.48
C ASP E 1046 -31.28 17.42 54.08
N GLN E 1047 -30.53 16.33 53.93
CA GLN E 1047 -29.92 15.97 52.65
C GLN E 1047 -30.88 15.18 51.77
N LEU E 1048 -31.76 14.42 52.42
CA LEU E 1048 -33.03 14.03 51.85
C LEU E 1048 -33.66 15.19 51.14
N CYS E 1049 -34.00 16.23 51.90
CA CYS E 1049 -34.49 17.47 51.32
C CYS E 1049 -33.54 18.01 50.27
N GLY E 1050 -32.26 17.73 50.40
CA GLY E 1050 -31.35 18.00 49.32
C GLY E 1050 -31.88 17.44 48.02
N ARG E 1051 -32.61 16.32 48.10
CA ARG E 1051 -33.43 15.85 46.98
C ARG E 1051 -34.82 15.39 47.46
N ASP E 1052 -35.55 16.23 48.24
CA ASP E 1052 -36.92 15.79 48.41
C ASP E 1052 -37.77 16.03 47.16
N PRO E 1053 -37.55 17.09 46.38
CA PRO E 1053 -38.78 17.82 46.02
C PRO E 1053 -40.01 17.08 45.42
N THR E 1054 -39.87 15.80 45.04
CA THR E 1054 -41.01 14.98 44.58
C THR E 1054 -41.03 13.57 45.17
N LEU E 1055 -41.00 13.38 46.51
CA LEU E 1055 -40.54 12.04 46.89
C LEU E 1055 -41.43 10.79 46.86
N THR E 1056 -42.30 10.56 47.84
CA THR E 1056 -42.77 9.17 47.95
C THR E 1056 -43.76 8.87 49.06
N ASP E 1057 -44.84 8.20 48.70
CA ASP E 1057 -45.92 8.01 49.64
C ASP E 1057 -45.51 7.13 50.83
N GLU E 1058 -44.94 5.94 50.59
CA GLU E 1058 -44.50 5.08 51.71
C GLU E 1058 -43.63 5.78 52.75
N LEU E 1059 -42.86 6.76 52.34
CA LEU E 1059 -42.01 7.43 53.31
C LEU E 1059 -42.88 8.44 54.00
N LEU E 1060 -43.51 9.29 53.19
CA LEU E 1060 -44.44 10.29 53.67
C LEU E 1060 -45.47 9.67 54.60
N ASN E 1061 -45.82 8.41 54.34
CA ASN E 1061 -46.63 7.57 55.20
C ASN E 1061 -45.99 7.42 56.56
N ILE E 1062 -44.73 6.99 56.59
CA ILE E 1062 -44.04 6.94 57.87
C ILE E 1062 -44.06 8.31 58.53
N LEU E 1063 -43.86 9.37 57.76
CA LEU E 1063 -43.90 10.68 58.36
C LEU E 1063 -45.27 11.04 58.93
N THR E 1064 -46.35 10.76 58.23
CA THR E 1064 -47.66 11.08 58.80
C THR E 1064 -47.91 10.24 60.04
N GLU E 1065 -47.29 9.05 60.13
CA GLU E 1065 -47.32 8.32 61.39
C GLU E 1065 -46.59 9.15 62.44
N LEU E 1066 -45.51 9.78 62.01
CA LEU E 1066 -44.59 10.51 62.86
C LEU E 1066 -45.19 11.82 63.37
N THR E 1067 -46.06 12.48 62.59
CA THR E 1067 -46.63 13.78 62.96
C THR E 1067 -47.41 13.72 64.26
N GLN E 1068 -47.94 12.57 64.63
CA GLN E 1068 -48.76 12.39 65.81
C GLN E 1068 -47.92 12.42 67.08
N LEU E 1069 -46.60 12.53 66.92
CA LEU E 1069 -45.62 12.34 67.97
C LEU E 1069 -45.76 13.27 69.15
N SER E 1070 -45.81 12.65 70.31
CA SER E 1070 -46.36 13.32 71.47
C SER E 1070 -45.21 13.39 72.47
N LYS E 1071 -44.02 13.87 72.07
CA LYS E 1071 -42.97 13.97 73.07
C LYS E 1071 -42.11 15.18 72.73
N THR E 1072 -41.55 15.81 73.77
CA THR E 1072 -40.87 17.08 73.59
C THR E 1072 -39.69 16.99 72.61
N THR E 1073 -38.85 15.96 72.79
CA THR E 1073 -37.68 15.73 71.95
C THR E 1073 -38.01 15.29 70.54
N ASN E 1074 -38.99 14.40 70.38
CA ASN E 1074 -39.32 13.94 69.03
C ASN E 1074 -40.44 14.85 68.56
N ALA E 1075 -40.00 16.07 68.29
CA ALA E 1075 -40.80 17.21 67.88
C ALA E 1075 -40.30 17.79 66.57
N LYS E 1076 -39.02 17.59 66.32
CA LYS E 1076 -38.45 18.01 65.06
C LYS E 1076 -39.01 17.21 63.95
N VAL E 1077 -39.17 15.91 64.12
CA VAL E 1077 -39.55 15.09 62.99
C VAL E 1077 -40.94 15.51 62.50
N ALA E 1078 -41.86 15.79 63.41
CA ALA E 1078 -43.19 16.27 63.03
C ALA E 1078 -43.06 17.59 62.29
N LEU E 1079 -42.30 18.49 62.91
CA LEU E 1079 -42.02 19.76 62.26
C LEU E 1079 -41.34 19.53 60.95
N ARG E 1080 -40.60 18.46 60.84
CA ARG E 1080 -39.96 18.12 59.60
C ARG E 1080 -40.98 17.67 58.61
N ALA E 1081 -41.99 16.96 59.08
CA ALA E 1081 -43.04 16.56 58.17
C ALA E 1081 -43.58 17.79 57.46
N ARG E 1082 -43.82 18.86 58.22
CA ARG E 1082 -44.34 20.05 57.59
C ARG E 1082 -43.31 20.73 56.73
N GLN E 1083 -42.12 20.90 57.30
CA GLN E 1083 -41.05 21.60 56.64
C GLN E 1083 -40.61 20.91 55.37
N VAL E 1084 -40.58 19.59 55.39
CA VAL E 1084 -40.32 18.82 54.20
C VAL E 1084 -41.46 19.04 53.23
N LEU E 1085 -42.69 18.99 53.74
CA LEU E 1085 -43.82 19.02 52.84
C LEU E 1085 -43.94 20.37 52.16
N ILE E 1086 -43.43 21.41 52.81
CA ILE E 1086 -43.52 22.75 52.27
C ILE E 1086 -42.31 23.06 51.44
N ALA E 1087 -41.14 22.82 52.02
CA ALA E 1087 -39.88 23.02 51.31
C ALA E 1087 -39.94 22.26 50.00
N SER E 1088 -40.55 21.07 50.06
CA SER E 1088 -40.95 20.32 48.88
C SER E 1088 -41.91 21.12 48.01
N HIS E 1089 -42.95 21.71 48.61
CA HIS E 1089 -43.87 22.52 47.81
C HIS E 1089 -43.18 23.68 47.08
N LEU E 1090 -42.04 24.19 47.58
CA LEU E 1090 -41.43 25.36 46.93
C LEU E 1090 -39.99 25.53 47.39
N PRO E 1091 -39.03 25.84 46.48
CA PRO E 1091 -37.62 25.97 46.89
C PRO E 1091 -37.38 27.00 47.98
N SER E 1092 -36.25 26.86 48.68
CA SER E 1092 -35.86 27.86 49.69
C SER E 1092 -34.34 27.99 49.93
N TYR E 1093 -33.50 28.07 48.88
CA TYR E 1093 -32.05 28.06 49.13
C TYR E 1093 -31.29 28.86 48.05
N GLU E 1094 -30.03 28.52 47.74
CA GLU E 1094 -29.20 29.26 46.79
C GLU E 1094 -29.59 28.82 45.38
N LEU E 1095 -30.31 27.72 45.30
CA LEU E 1095 -30.84 27.17 44.07
C LEU E 1095 -31.97 28.10 43.71
N ARG E 1096 -32.66 28.56 44.74
CA ARG E 1096 -33.71 29.51 44.56
C ARG E 1096 -33.14 30.90 44.41
N HIS E 1097 -31.91 31.13 44.86
CA HIS E 1097 -31.25 32.32 44.34
C HIS E 1097 -31.10 32.24 42.83
N ASN E 1098 -30.83 31.04 42.30
CA ASN E 1098 -30.85 30.90 40.85
C ASN E 1098 -32.25 31.07 40.26
N GLN E 1099 -33.26 30.62 40.98
CA GLN E 1099 -34.61 30.73 40.42
C GLN E 1099 -35.05 32.19 40.40
N VAL E 1100 -34.72 32.91 41.48
CA VAL E 1100 -35.07 34.31 41.61
C VAL E 1100 -34.21 35.23 40.74
N GLU E 1101 -32.90 35.00 40.68
CA GLU E 1101 -32.09 35.67 39.67
C GLU E 1101 -32.76 35.58 38.33
N SER E 1102 -33.20 34.37 37.95
CA SER E 1102 -33.84 34.23 36.66
C SER E 1102 -35.04 35.16 36.54
N ILE E 1103 -36.05 34.97 37.41
CA ILE E 1103 -37.25 35.83 37.35
C ILE E 1103 -36.88 37.32 37.36
N PHE E 1104 -36.04 37.76 38.30
CA PHE E 1104 -35.72 39.18 38.45
C PHE E 1104 -34.99 39.77 37.27
N LEU E 1105 -33.84 39.18 36.97
CA LEU E 1105 -32.96 39.69 35.93
C LEU E 1105 -33.67 39.61 34.60
N SER E 1106 -34.49 38.58 34.43
CA SER E 1106 -35.29 38.45 33.23
C SER E 1106 -36.24 39.63 33.17
N ALA E 1107 -36.87 39.91 34.32
CA ALA E 1107 -37.84 41.00 34.44
C ALA E 1107 -37.24 42.34 34.06
N ILE E 1108 -36.00 42.63 34.52
CA ILE E 1108 -35.49 44.00 34.43
C ILE E 1108 -35.42 44.43 32.97
N ASP E 1109 -35.83 45.68 32.71
CA ASP E 1109 -35.81 46.19 31.34
C ASP E 1109 -34.41 46.20 30.73
N MET E 1110 -33.43 46.77 31.45
CA MET E 1110 -32.09 47.00 30.89
C MET E 1110 -32.20 47.90 29.65
N TYR E 1111 -32.53 49.18 29.88
CA TYR E 1111 -32.08 50.28 29.03
C TYR E 1111 -32.26 51.57 29.82
N GLY E 1112 -32.05 52.73 29.17
CA GLY E 1112 -32.24 54.04 29.76
C GLY E 1112 -33.68 54.21 30.21
N HIS E 1113 -34.59 53.37 29.69
CA HIS E 1113 -35.98 53.43 30.08
C HIS E 1113 -35.97 53.13 31.57
N GLN E 1114 -35.47 51.94 31.92
CA GLN E 1114 -35.31 51.52 33.30
C GLN E 1114 -36.63 51.58 34.08
N PHE E 1115 -37.69 51.07 33.45
CA PHE E 1115 -39.00 51.11 34.10
C PHE E 1115 -39.21 49.82 34.88
N CYS E 1116 -38.61 49.76 36.06
CA CYS E 1116 -38.91 48.66 36.96
C CYS E 1116 -39.71 49.27 38.10
N ILE E 1117 -40.65 50.13 37.72
CA ILE E 1117 -41.55 50.70 38.71
C ILE E 1117 -42.47 49.63 39.25
N GLU E 1118 -43.00 48.84 38.30
CA GLU E 1118 -43.85 47.70 38.62
C GLU E 1118 -43.09 46.65 39.38
N ASN E 1119 -41.84 46.43 39.01
CA ASN E 1119 -41.06 45.46 39.73
C ASN E 1119 -40.75 45.93 41.14
N LEU E 1120 -40.58 47.23 41.36
CA LEU E 1120 -40.45 47.67 42.74
C LEU E 1120 -41.71 47.31 43.50
N GLN E 1121 -42.85 47.53 42.89
CA GLN E 1121 -44.07 47.07 43.53
C GLN E 1121 -44.22 45.57 43.61
N LYS E 1122 -43.59 44.75 42.75
CA LYS E 1122 -43.68 43.30 43.02
C LYS E 1122 -42.79 42.92 44.17
N LEU E 1123 -41.68 43.63 44.39
CA LEU E 1123 -40.88 43.39 45.57
C LEU E 1123 -41.68 43.71 46.81
N ILE E 1124 -42.45 44.79 46.72
CA ILE E 1124 -43.25 45.29 47.83
C ILE E 1124 -44.62 44.62 47.84
N LEU E 1125 -44.94 43.83 46.79
CA LEU E 1125 -46.13 42.99 46.65
C LEU E 1125 -45.63 41.62 46.20
N SER E 1126 -44.79 41.04 47.04
CA SER E 1126 -44.16 39.75 46.79
C SER E 1126 -44.74 38.66 47.67
N GLU E 1127 -45.21 37.58 47.06
CA GLU E 1127 -45.60 36.45 47.89
C GLU E 1127 -44.34 35.94 48.58
N THR E 1128 -43.25 35.92 47.82
CA THR E 1128 -41.91 35.58 48.27
C THR E 1128 -41.27 36.71 49.08
N SER E 1129 -40.54 36.41 50.15
CA SER E 1129 -39.85 37.49 50.85
C SER E 1129 -38.57 37.75 50.05
N ILE E 1130 -38.29 39.03 49.73
CA ILE E 1130 -37.18 39.34 48.82
C ILE E 1130 -36.07 40.25 49.39
N PHE E 1131 -35.92 40.46 50.70
CA PHE E 1131 -34.63 41.03 51.15
C PHE E 1131 -33.50 40.03 51.21
N ASP E 1132 -33.77 38.76 50.95
CA ASP E 1132 -32.75 37.73 51.06
C ASP E 1132 -31.78 37.80 49.89
N VAL E 1133 -32.31 37.69 48.67
CA VAL E 1133 -31.53 37.48 47.46
C VAL E 1133 -31.29 38.78 46.70
N LEU E 1134 -32.26 39.67 46.70
CA LEU E 1134 -32.15 41.03 46.18
C LEU E 1134 -30.85 41.77 46.48
N PRO E 1135 -30.36 41.68 47.72
CA PRO E 1135 -29.03 42.25 48.00
C PRO E 1135 -27.92 41.63 47.18
N ASN E 1136 -28.06 40.36 46.87
CA ASN E 1136 -27.09 39.64 46.07
C ASN E 1136 -26.99 40.28 44.70
N PHE E 1137 -28.11 40.84 44.20
CA PHE E 1137 -28.12 41.53 42.93
C PHE E 1137 -27.68 42.98 42.97
N PHE E 1138 -27.72 43.72 44.12
CA PHE E 1138 -27.20 45.12 43.87
C PHE E 1138 -25.61 45.24 43.49
N TYR E 1139 -24.90 44.15 43.26
CA TYR E 1139 -23.55 44.01 42.70
C TYR E 1139 -23.39 42.97 41.58
N HIS E 1140 -24.33 42.89 40.66
CA HIS E 1140 -24.14 42.00 39.51
C HIS E 1140 -23.29 42.74 38.48
N SER E 1141 -22.87 42.08 37.38
CA SER E 1141 -21.95 42.77 36.46
C SER E 1141 -22.53 43.76 35.40
N ASN E 1142 -23.79 44.25 35.41
CA ASN E 1142 -24.34 44.88 34.19
C ASN E 1142 -24.83 46.30 34.46
N GLN E 1143 -24.08 47.31 34.01
CA GLN E 1143 -24.26 48.68 34.50
C GLN E 1143 -25.68 49.24 34.37
N VAL E 1144 -26.42 48.86 33.34
CA VAL E 1144 -27.78 49.38 33.21
C VAL E 1144 -28.68 48.76 34.26
N VAL E 1145 -28.61 47.44 34.39
CA VAL E 1145 -29.45 46.74 35.35
C VAL E 1145 -28.98 47.09 36.76
N ARG E 1146 -27.68 47.31 36.92
CA ARG E 1146 -27.10 47.95 38.10
C ARG E 1146 -28.04 49.11 38.32
N MET E 1147 -28.07 50.11 37.43
CA MET E 1147 -28.89 51.29 37.65
C MET E 1147 -30.33 50.93 38.06
N ALA E 1148 -31.06 50.20 37.21
CA ALA E 1148 -32.43 49.80 37.51
C ALA E 1148 -32.59 49.06 38.85
N ALA E 1149 -31.94 47.92 38.96
CA ALA E 1149 -32.07 47.05 40.13
C ALA E 1149 -31.69 47.78 41.39
N LEU E 1150 -30.58 48.51 41.30
CA LEU E 1150 -30.02 49.26 42.41
C LEU E 1150 -31.00 50.34 42.84
N GLU E 1151 -31.58 51.06 41.88
CA GLU E 1151 -32.48 52.11 42.34
C GLU E 1151 -33.72 51.48 42.95
N VAL E 1152 -34.13 50.31 42.48
CA VAL E 1152 -35.26 49.68 43.16
C VAL E 1152 -34.84 49.36 44.61
N TYR E 1153 -33.57 48.96 44.81
CA TYR E 1153 -33.05 48.78 46.18
C TYR E 1153 -33.13 50.06 47.01
N VAL E 1154 -32.69 51.18 46.42
CA VAL E 1154 -32.80 52.49 47.05
C VAL E 1154 -34.23 52.68 47.52
N ARG E 1155 -35.14 52.47 46.57
CA ARG E 1155 -36.53 52.80 46.72
C ARG E 1155 -37.09 51.95 47.85
N ARG E 1156 -36.63 50.70 47.95
CA ARG E 1156 -37.01 49.80 49.03
C ARG E 1156 -36.35 50.11 50.35
N ALA E 1157 -35.29 50.91 50.38
CA ALA E 1157 -34.77 51.31 51.68
C ALA E 1157 -35.54 52.51 52.20
N TYR E 1158 -35.47 53.62 51.48
CA TYR E 1158 -36.09 54.87 51.88
C TYR E 1158 -37.50 55.11 51.36
N ILE E 1159 -38.23 54.05 51.00
CA ILE E 1159 -39.66 54.22 50.68
C ILE E 1159 -40.36 55.01 51.77
N ALA E 1160 -39.84 54.91 53.00
CA ALA E 1160 -40.34 55.62 54.17
C ALA E 1160 -40.04 57.11 54.07
N TYR E 1161 -38.79 57.47 53.77
CA TYR E 1161 -38.49 58.89 53.70
C TYR E 1161 -38.99 59.45 52.38
N GLU E 1162 -38.91 60.77 52.23
CA GLU E 1162 -39.34 61.45 51.01
C GLU E 1162 -38.12 61.78 50.15
N LEU E 1163 -38.10 61.26 48.93
CA LEU E 1163 -36.98 61.41 48.00
C LEU E 1163 -37.31 62.44 46.93
N ASN E 1164 -36.50 63.50 46.84
CA ASN E 1164 -36.79 64.56 45.89
C ASN E 1164 -35.79 64.60 44.73
N SER E 1165 -34.76 63.75 44.72
CA SER E 1165 -33.83 63.73 43.60
C SER E 1165 -32.92 62.52 43.77
N VAL E 1166 -32.67 61.83 42.67
CA VAL E 1166 -31.82 60.65 42.67
C VAL E 1166 -31.15 60.54 41.30
N GLN E 1167 -29.83 60.66 41.26
CA GLN E 1167 -29.09 60.56 40.00
C GLN E 1167 -28.24 59.31 40.12
N HIS E 1168 -28.30 58.51 39.07
CA HIS E 1168 -27.36 57.42 38.94
C HIS E 1168 -26.04 58.06 38.55
N ARG E 1169 -25.01 57.67 39.28
CA ARG E 1169 -23.61 57.95 39.01
C ARG E 1169 -22.85 56.72 38.55
N GLN E 1170 -21.67 56.99 38.00
CA GLN E 1170 -20.91 56.08 37.16
C GLN E 1170 -19.45 56.50 37.32
N LEU E 1171 -18.74 55.77 38.17
CA LEU E 1171 -17.40 56.17 38.59
C LEU E 1171 -16.44 55.00 38.49
N LYS E 1172 -15.24 55.15 39.06
CA LYS E 1172 -14.08 55.47 38.25
C LYS E 1172 -14.34 54.94 36.85
N ASP E 1173 -14.34 53.62 36.76
CA ASP E 1173 -15.04 52.82 35.76
C ASP E 1173 -15.69 51.67 36.54
N ASN E 1174 -14.92 51.11 37.49
CA ASN E 1174 -15.23 49.93 38.26
C ASN E 1174 -16.16 50.22 39.41
N THR E 1175 -16.67 51.44 39.52
CA THR E 1175 -17.62 51.80 40.55
C THR E 1175 -18.99 52.23 40.05
N CYS E 1176 -20.03 51.64 40.64
CA CYS E 1176 -21.40 51.96 40.30
C CYS E 1176 -21.83 52.77 41.50
N VAL E 1177 -22.23 54.03 41.28
CA VAL E 1177 -22.71 54.88 42.37
C VAL E 1177 -24.13 55.36 42.15
N VAL E 1178 -24.96 55.31 43.20
CA VAL E 1178 -26.19 56.10 43.15
C VAL E 1178 -26.09 57.17 44.23
N GLU E 1179 -26.75 58.30 43.96
CA GLU E 1179 -26.88 59.39 44.91
C GLU E 1179 -28.33 59.51 45.38
N PHE E 1180 -28.51 59.81 46.66
CA PHE E 1180 -29.85 60.04 47.21
C PHE E 1180 -29.98 61.52 47.46
N GLN E 1181 -31.21 61.98 47.39
CA GLN E 1181 -31.58 63.34 47.76
C GLN E 1181 -32.99 63.18 48.24
N PHE E 1182 -33.21 63.53 49.50
CA PHE E 1182 -34.46 63.30 50.18
C PHE E 1182 -34.57 64.34 51.27
N MET E 1183 -35.55 64.18 52.15
CA MET E 1183 -35.69 65.06 53.28
C MET E 1183 -36.35 64.30 54.41
N LEU E 1184 -36.37 64.92 55.58
CA LEU E 1184 -36.83 64.27 56.79
C LEU E 1184 -38.35 64.32 56.85
N PRO E 1185 -39.08 63.17 56.84
CA PRO E 1185 -40.51 63.23 57.21
C PRO E 1185 -40.82 62.87 58.67
N THR E 1186 -40.55 63.74 59.65
CA THR E 1186 -40.77 63.41 61.06
C THR E 1186 -40.03 62.15 61.51
N SER E 1187 -38.93 61.76 60.84
CA SER E 1187 -38.22 60.55 61.26
C SER E 1187 -37.63 60.70 62.66
N HIS E 1188 -37.01 61.84 62.94
CA HIS E 1188 -36.38 62.14 64.24
C HIS E 1188 -35.56 63.42 64.10
N CYS E 1230 -33.29 69.93 57.19
CA CYS E 1230 -34.46 69.88 56.31
C CYS E 1230 -34.32 68.81 55.24
N GLN E 1231 -33.13 68.75 54.63
CA GLN E 1231 -32.88 67.89 53.49
C GLN E 1231 -31.59 67.13 53.77
N ARG E 1232 -31.32 66.12 52.95
CA ARG E 1232 -30.18 65.25 53.14
C ARG E 1232 -30.03 64.44 51.88
N MET E 1233 -28.80 63.98 51.65
CA MET E 1233 -28.46 63.08 50.57
C MET E 1233 -28.02 61.72 51.09
N GLY E 1234 -27.61 60.88 50.14
CA GLY E 1234 -27.19 59.53 50.43
C GLY E 1234 -26.18 59.07 49.40
N GLY E 1235 -25.55 57.93 49.70
CA GLY E 1235 -24.64 57.29 48.76
C GLY E 1235 -24.59 55.79 48.83
N MET E 1236 -24.74 55.16 47.66
CA MET E 1236 -24.53 53.73 47.45
C MET E 1236 -23.40 53.52 46.47
N VAL E 1237 -22.55 52.54 46.77
CA VAL E 1237 -21.48 52.12 45.88
C VAL E 1237 -21.50 50.61 45.85
N SER E 1238 -21.55 50.02 44.66
CA SER E 1238 -21.60 48.55 44.56
C SER E 1238 -20.24 47.94 44.22
N PHE E 1239 -19.72 47.13 45.15
CA PHE E 1239 -18.39 46.50 45.10
C PHE E 1239 -18.30 45.01 45.43
N ARG E 1240 -17.22 44.46 44.90
CA ARG E 1240 -16.84 43.07 44.74
C ARG E 1240 -16.09 42.54 45.97
N THR E 1241 -15.13 43.30 46.48
CA THR E 1241 -14.47 42.88 47.72
C THR E 1241 -14.22 44.07 48.64
N PHE E 1242 -14.14 43.77 49.95
CA PHE E 1242 -14.01 44.90 50.86
C PHE E 1242 -12.63 45.51 50.70
N GLU E 1243 -11.66 44.71 50.26
CA GLU E 1243 -10.30 45.22 50.24
C GLU E 1243 -10.27 46.32 49.19
N ASP E 1244 -10.77 45.99 48.00
CA ASP E 1244 -10.80 46.95 46.92
C ASP E 1244 -11.58 48.16 47.35
N PHE E 1245 -12.72 47.96 48.05
CA PHE E 1245 -13.43 49.12 48.60
C PHE E 1245 -12.47 50.00 49.38
N VAL E 1246 -11.91 49.49 50.47
CA VAL E 1246 -11.18 50.32 51.40
C VAL E 1246 -9.93 50.93 50.76
N ARG E 1247 -9.46 50.32 49.66
CA ARG E 1247 -8.46 50.95 48.79
C ARG E 1247 -9.07 52.07 47.96
N ILE E 1248 -10.30 51.86 47.50
CA ILE E 1248 -11.17 52.71 46.70
C ILE E 1248 -11.82 53.76 47.61
N PHE E 1249 -11.36 53.84 48.87
CA PHE E 1249 -11.73 54.91 49.80
C PHE E 1249 -11.84 56.21 49.02
N ASP E 1250 -10.80 56.61 48.30
CA ASP E 1250 -10.60 58.04 48.28
C ASP E 1250 -11.45 58.67 47.19
N GLU E 1251 -11.88 57.88 46.20
CA GLU E 1251 -12.84 58.31 45.19
C GLU E 1251 -14.31 58.20 45.58
N VAL E 1252 -14.66 57.27 46.46
CA VAL E 1252 -16.04 57.21 46.93
C VAL E 1252 -16.42 58.46 47.73
N MET E 1253 -15.56 58.80 48.70
CA MET E 1253 -15.72 60.08 49.37
C MET E 1253 -15.13 61.19 48.52
N GLY E 1254 -14.45 60.85 47.43
CA GLY E 1254 -14.01 61.85 46.48
C GLY E 1254 -15.20 62.47 45.77
N CYS E 1255 -16.07 61.63 45.21
CA CYS E 1255 -17.21 62.09 44.43
C CYS E 1255 -18.47 62.22 45.29
N PHE E 1256 -18.35 62.08 46.62
CA PHE E 1256 -19.51 62.16 47.54
C PHE E 1256 -20.42 63.35 47.26
N PRO E 1261 -16.09 77.60 45.33
CA PRO E 1261 -16.01 76.71 44.17
C PRO E 1261 -16.96 77.07 43.03
N GLN E 1262 -17.76 78.13 43.17
CA GLN E 1262 -18.57 78.66 42.06
C GLN E 1262 -18.80 80.17 42.14
N SEP E 1263 -18.74 80.88 41.01
CA SEP E 1263 -18.94 82.34 41.03
CB SEP E 1263 -18.12 83.02 39.93
OG SEP E 1263 -16.85 83.39 40.44
C SEP E 1263 -20.42 82.77 40.95
O SEP E 1263 -21.18 82.18 40.18
P SEP E 1263 -15.73 83.70 39.33
O1P SEP E 1263 -14.33 83.94 40.09
O2P SEP E 1263 -15.58 82.45 38.33
O3P SEP E 1263 -16.13 85.02 38.51
H SEP E 1263 -18.60 80.55 40.24
HA SEP E 1263 -18.53 82.64 41.83
HB2 SEP E 1263 -18.59 83.82 39.63
HB3 SEP E 1263 -18.00 82.41 39.18
N PRO E 1264 -20.83 83.79 41.74
CA PRO E 1264 -22.22 84.28 41.69
C PRO E 1264 -22.68 85.03 40.44
N THR E 1265 -23.88 84.66 39.99
CA THR E 1265 -24.62 85.35 38.93
C THR E 1265 -25.73 86.12 39.61
N PHE E 1266 -26.26 87.12 38.92
CA PHE E 1266 -27.24 88.05 39.49
C PHE E 1266 -28.57 87.95 38.75
N PRO E 1267 -29.57 87.18 39.29
CA PRO E 1267 -30.85 87.02 38.58
C PRO E 1267 -31.65 88.30 38.37
N GLU E 1268 -32.84 88.14 37.79
CA GLU E 1268 -33.53 89.16 37.01
C GLU E 1268 -33.75 90.44 37.82
N ALA E 1269 -34.08 91.52 37.09
CA ALA E 1269 -34.03 92.89 37.59
C ALA E 1269 -35.15 93.12 38.60
N GLY E 1270 -35.74 94.31 38.65
CA GLY E 1270 -36.86 94.57 39.54
C GLY E 1270 -36.39 94.95 40.93
N GLU E 1284 -22.73 69.39 60.24
CA GLU E 1284 -23.97 68.62 60.30
C GLU E 1284 -23.92 67.51 59.24
N PRO E 1285 -23.75 66.24 59.63
CA PRO E 1285 -23.85 65.20 58.60
C PRO E 1285 -25.28 65.03 58.11
N ILE E 1286 -25.44 65.19 56.82
CA ILE E 1286 -26.67 65.15 56.06
C ILE E 1286 -26.44 64.13 54.95
N HIS E 1287 -25.44 63.26 55.13
CA HIS E 1287 -25.21 62.16 54.22
C HIS E 1287 -25.47 60.80 54.84
N ILE E 1288 -26.15 59.99 54.07
CA ILE E 1288 -26.46 58.60 54.39
C ILE E 1288 -25.46 57.81 53.60
N LEU E 1289 -24.91 56.77 54.20
CA LEU E 1289 -23.98 55.95 53.45
C LEU E 1289 -24.12 54.46 53.69
N ASN E 1290 -24.44 53.75 52.62
CA ASN E 1290 -24.47 52.31 52.65
C ASN E 1290 -23.57 51.91 51.50
N VAL E 1291 -22.66 50.98 51.75
CA VAL E 1291 -21.67 50.56 50.77
C VAL E 1291 -21.88 49.08 50.54
N ALA E 1292 -22.01 48.72 49.28
CA ALA E 1292 -22.25 47.35 48.88
C ALA E 1292 -20.92 46.65 48.62
N ILE E 1293 -20.76 45.50 49.28
CA ILE E 1293 -19.55 44.71 49.23
C ILE E 1293 -19.92 43.23 49.03
N LYS E 1294 -18.92 42.46 48.62
CA LYS E 1294 -19.06 41.04 48.28
C LYS E 1294 -17.87 40.34 48.95
N THR E 1295 -17.57 39.09 48.53
CA THR E 1295 -16.58 38.19 49.09
C THR E 1295 -17.07 37.31 50.23
N ASP E 1296 -18.40 37.27 50.49
CA ASP E 1296 -19.07 36.15 51.18
C ASP E 1296 -18.18 35.57 52.28
N CYS E 1297 -17.55 36.49 53.04
CA CYS E 1297 -16.58 36.16 54.06
C CYS E 1297 -17.28 35.57 55.28
N ASP E 1298 -16.55 35.45 56.39
CA ASP E 1298 -16.94 34.50 57.41
C ASP E 1298 -16.65 34.98 58.83
N ILE E 1299 -16.56 34.02 59.73
CA ILE E 1299 -16.99 34.06 61.13
C ILE E 1299 -16.54 35.28 61.92
N GLU E 1300 -15.47 35.94 61.49
CA GLU E 1300 -14.73 36.71 62.48
C GLU E 1300 -15.41 38.01 62.93
N ASP E 1301 -16.68 37.95 63.37
CA ASP E 1301 -17.44 39.17 63.67
C ASP E 1301 -16.69 40.12 64.59
N ASP E 1302 -16.00 39.56 65.60
CA ASP E 1302 -15.22 40.39 66.52
C ASP E 1302 -14.10 41.09 65.78
N ARG E 1303 -13.13 40.32 65.26
CA ARG E 1303 -12.02 40.90 64.52
C ARG E 1303 -12.52 41.67 63.32
N LEU E 1304 -13.55 41.15 62.66
CA LEU E 1304 -14.18 41.84 61.54
C LEU E 1304 -14.56 43.25 61.93
N ALA E 1305 -15.75 43.43 62.52
CA ALA E 1305 -16.18 44.79 62.81
C ALA E 1305 -15.19 45.56 63.64
N ALA E 1306 -14.37 44.89 64.45
CA ALA E 1306 -13.43 45.64 65.28
C ALA E 1306 -12.37 46.31 64.41
N MET E 1307 -11.74 45.53 63.54
CA MET E 1307 -10.90 46.06 62.48
C MET E 1307 -11.58 47.12 61.63
N PHE E 1308 -12.82 46.86 61.18
CA PHE E 1308 -13.51 47.79 60.28
C PHE E 1308 -13.70 49.15 60.95
N ARG E 1309 -14.25 49.11 62.15
CA ARG E 1309 -14.41 50.31 62.98
C ARG E 1309 -13.06 50.98 63.19
N GLU E 1310 -12.03 50.21 63.55
CA GLU E 1310 -10.74 50.83 63.78
C GLU E 1310 -10.06 51.26 62.49
N PHE E 1311 -10.64 50.93 61.32
CA PHE E 1311 -10.24 51.59 60.10
C PHE E 1311 -10.80 52.99 60.17
N THR E 1312 -12.03 53.09 60.69
CA THR E 1312 -12.63 54.41 60.85
C THR E 1312 -11.88 55.25 61.90
N GLN E 1313 -11.57 54.70 63.09
CA GLN E 1313 -10.85 55.51 64.08
C GLN E 1313 -9.39 55.78 63.71
N GLN E 1314 -8.76 54.93 62.90
CA GLN E 1314 -7.43 55.26 62.39
C GLN E 1314 -7.61 56.39 61.37
N ASN E 1315 -8.62 56.28 60.52
CA ASN E 1315 -8.98 57.34 59.58
C ASN E 1315 -10.36 57.69 60.11
N LYS E 1316 -10.35 58.64 61.03
CA LYS E 1316 -11.46 59.57 61.16
C LYS E 1316 -11.58 60.48 59.96
N ALA E 1317 -10.69 60.37 58.97
CA ALA E 1317 -10.91 61.01 57.67
C ALA E 1317 -12.30 60.73 57.16
N THR E 1318 -12.80 59.52 57.42
CA THR E 1318 -14.20 59.21 57.16
C THR E 1318 -15.10 60.26 57.79
N LEU E 1319 -14.80 60.62 59.04
CA LEU E 1319 -15.55 61.66 59.74
C LEU E 1319 -15.30 63.02 59.10
N VAL E 1320 -14.06 63.27 58.70
CA VAL E 1320 -13.66 64.53 58.10
C VAL E 1320 -14.31 64.81 56.75
N ASP E 1321 -14.59 63.77 55.96
CA ASP E 1321 -15.27 63.99 54.69
C ASP E 1321 -16.77 64.19 54.89
N HIS E 1322 -17.08 65.33 55.52
CA HIS E 1322 -18.29 65.99 56.01
C HIS E 1322 -19.08 65.07 56.94
N GLY E 1323 -18.45 64.06 57.55
CA GLY E 1323 -19.11 63.34 58.63
C GLY E 1323 -20.22 62.48 58.05
N ILE E 1324 -20.49 61.31 58.63
CA ILE E 1324 -21.59 60.49 58.13
C ILE E 1324 -22.56 60.17 59.25
N ARG E 1325 -23.84 60.31 58.92
CA ARG E 1325 -24.87 59.90 59.85
C ARG E 1325 -24.77 58.42 60.08
N ARG E 1326 -24.69 57.65 59.00
CA ARG E 1326 -24.75 56.21 59.04
C ARG E 1326 -23.77 55.67 58.01
N LEU E 1327 -23.07 54.61 58.40
CA LEU E 1327 -22.22 53.83 57.52
C LEU E 1327 -22.54 52.36 57.62
N THR E 1328 -23.21 51.79 56.63
CA THR E 1328 -23.43 50.35 56.63
C THR E 1328 -22.47 49.73 55.63
N PHE E 1329 -21.74 48.70 56.05
CA PHE E 1329 -20.91 47.95 55.12
C PHE E 1329 -21.80 46.75 54.88
N LEU E 1330 -21.99 46.43 53.63
CA LEU E 1330 -22.85 45.34 53.23
C LEU E 1330 -22.02 44.23 52.64
N VAL E 1331 -21.95 43.09 53.29
CA VAL E 1331 -21.21 41.96 52.74
C VAL E 1331 -22.32 41.02 52.33
N ALA E 1332 -22.26 40.53 51.09
CA ALA E 1332 -23.37 39.69 50.67
C ALA E 1332 -23.12 38.23 50.96
N GLN E 1333 -24.12 37.44 50.57
CA GLN E 1333 -24.43 36.21 51.27
C GLN E 1333 -23.39 35.12 51.03
N PHE E 1352 -29.22 36.41 55.41
CA PHE E 1352 -29.44 37.80 55.01
C PHE E 1352 -28.10 38.52 54.87
N PRO E 1353 -28.06 39.62 54.10
CA PRO E 1353 -26.82 40.36 53.95
C PRO E 1353 -26.31 40.75 55.31
N LYS E 1354 -25.01 40.64 55.53
CA LYS E 1354 -24.52 41.00 56.84
C LYS E 1354 -24.20 42.49 56.74
N PHE E 1355 -24.91 43.30 57.52
CA PHE E 1355 -24.68 44.74 57.60
C PHE E 1355 -23.70 44.98 58.72
N PHE E 1356 -22.96 46.08 58.60
CA PHE E 1356 -21.95 46.47 59.57
C PHE E 1356 -22.23 47.94 59.76
N THR E 1357 -23.09 48.29 60.73
CA THR E 1357 -23.53 49.68 60.87
C THR E 1357 -22.58 50.40 61.83
N PHE E 1358 -21.94 51.42 61.32
CA PHE E 1358 -21.03 52.36 61.99
C PHE E 1358 -21.56 53.77 61.85
N ARG E 1359 -22.29 54.24 62.86
CA ARG E 1359 -22.81 55.59 62.78
C ARG E 1359 -21.98 56.50 63.66
N ALA E 1360 -21.31 57.44 63.05
CA ALA E 1360 -20.57 58.44 63.77
C ALA E 1360 -20.96 59.68 63.00
N ARG E 1361 -22.13 60.20 63.34
CA ARG E 1361 -22.49 61.54 62.89
C ARG E 1361 -21.61 62.55 63.60
N ASP E 1362 -21.48 62.37 64.92
CA ASP E 1362 -20.49 63.02 65.76
C ASP E 1362 -20.03 62.02 66.81
N LYS E 1363 -20.34 60.74 66.63
CA LYS E 1363 -20.49 59.81 67.73
C LYS E 1363 -19.35 58.80 67.78
N PHE E 1364 -19.46 57.93 68.77
CA PHE E 1364 -18.76 56.68 68.79
C PHE E 1364 -19.07 55.95 67.49
N GLU E 1365 -18.19 55.04 67.10
CA GLU E 1365 -18.22 54.43 65.77
C GLU E 1365 -19.49 53.65 65.41
N GLU E 1366 -20.06 52.88 66.34
CA GLU E 1366 -20.90 51.74 65.95
C GLU E 1366 -22.10 51.47 66.85
N ASP E 1367 -23.21 51.11 66.18
CA ASP E 1367 -24.53 50.94 66.78
C ASP E 1367 -24.84 49.45 66.70
N ARG E 1368 -25.32 48.91 67.83
CA ARG E 1368 -25.36 47.47 68.08
C ARG E 1368 -26.72 46.86 67.88
N ILE E 1369 -27.78 47.62 68.19
CA ILE E 1369 -29.17 47.19 68.02
C ILE E 1369 -29.50 46.90 66.57
N TYR E 1370 -29.05 47.78 65.69
CA TYR E 1370 -29.30 47.69 64.26
C TYR E 1370 -28.22 47.01 63.47
N ARG E 1371 -27.21 46.41 64.10
CA ARG E 1371 -26.31 45.69 63.21
C ARG E 1371 -27.11 44.60 62.53
N HIS E 1372 -26.79 44.41 61.26
CA HIS E 1372 -27.37 43.46 60.35
C HIS E 1372 -28.67 44.10 59.86
N LEU E 1373 -28.94 45.38 60.19
CA LEU E 1373 -30.15 46.06 59.76
C LEU E 1373 -29.95 47.56 59.56
N GLU E 1374 -30.76 48.15 58.66
CA GLU E 1374 -30.69 49.59 58.44
C GLU E 1374 -31.77 50.23 59.31
N PRO E 1375 -31.42 51.03 60.32
CA PRO E 1375 -32.44 51.52 61.27
C PRO E 1375 -33.63 52.36 60.75
N ALA E 1376 -33.59 52.99 59.57
CA ALA E 1376 -34.81 53.67 59.13
C ALA E 1376 -35.97 52.72 58.81
N LEU E 1377 -35.74 51.69 58.00
CA LEU E 1377 -36.83 50.76 57.74
C LEU E 1377 -37.03 49.87 58.95
N ALA E 1378 -35.94 49.57 59.64
CA ALA E 1378 -35.96 48.88 60.93
C ALA E 1378 -36.84 49.50 61.98
N PHE E 1379 -37.11 50.80 61.90
CA PHE E 1379 -37.90 51.48 62.91
C PHE E 1379 -39.20 50.74 63.24
N GLN E 1380 -39.85 50.12 62.24
CA GLN E 1380 -41.11 49.41 62.50
C GLN E 1380 -41.04 48.41 63.66
N LEU E 1381 -39.87 47.89 64.03
CA LEU E 1381 -39.81 47.30 65.37
C LEU E 1381 -39.93 48.52 66.26
N GLU E 1382 -41.15 48.77 66.75
CA GLU E 1382 -41.36 49.92 67.62
C GLU E 1382 -40.60 49.74 68.92
N LEU E 1383 -39.34 50.11 68.85
CA LEU E 1383 -38.33 49.80 69.83
C LEU E 1383 -38.12 51.00 70.74
N ASN E 1384 -38.80 52.11 70.43
CA ASN E 1384 -38.74 53.32 71.22
C ASN E 1384 -39.80 53.26 72.32
N ARG E 1385 -40.64 52.23 72.27
CA ARG E 1385 -41.73 51.99 73.18
C ARG E 1385 -41.20 51.30 74.43
N MET E 1386 -39.91 51.02 74.45
CA MET E 1386 -39.16 50.51 75.58
C MET E 1386 -37.90 51.33 75.82
N ARG E 1387 -37.92 52.64 75.51
CA ARG E 1387 -36.70 53.39 75.71
C ARG E 1387 -36.43 53.48 77.19
N ASN E 1388 -37.48 53.42 77.99
CA ASN E 1388 -37.34 53.32 79.43
C ASN E 1388 -37.07 51.89 79.84
N PHE E 1389 -36.06 51.27 79.25
CA PHE E 1389 -35.72 49.85 79.39
C PHE E 1389 -34.30 49.85 78.85
N ASP E 1390 -33.51 48.82 79.17
CA ASP E 1390 -32.16 48.69 78.60
C ASP E 1390 -31.88 47.41 77.83
N LEU E 1391 -31.72 47.51 76.50
CA LEU E 1391 -31.65 46.33 75.65
C LEU E 1391 -30.34 46.29 74.89
N THR E 1392 -29.72 45.10 74.80
CA THR E 1392 -28.41 44.94 74.19
C THR E 1392 -28.52 43.96 73.03
N ALA E 1393 -28.11 44.38 71.84
CA ALA E 1393 -28.25 43.50 70.68
C ALA E 1393 -27.17 42.45 70.62
N ILE E 1394 -27.55 41.19 70.61
CA ILE E 1394 -26.63 40.07 70.48
C ILE E 1394 -26.77 39.54 69.06
N PRO E 1395 -25.69 39.37 68.29
CA PRO E 1395 -25.82 38.85 66.94
C PRO E 1395 -26.08 37.35 67.03
N CYS E 1396 -26.87 36.85 66.10
CA CYS E 1396 -27.50 35.55 66.29
C CYS E 1396 -27.87 34.89 64.96
N ALA E 1397 -27.85 33.56 64.95
CA ALA E 1397 -28.33 32.85 63.79
C ALA E 1397 -29.84 32.98 63.75
N ASN E 1398 -30.46 32.51 62.67
CA ASN E 1398 -31.90 32.68 62.48
C ASN E 1398 -32.08 34.19 62.56
N HIS E 1399 -31.45 34.85 61.59
CA HIS E 1399 -31.04 36.21 61.84
C HIS E 1399 -32.18 37.21 61.90
N LYS E 1400 -33.32 36.86 61.33
CA LYS E 1400 -34.63 37.36 61.70
C LYS E 1400 -34.92 37.74 63.15
N MET E 1401 -34.54 36.83 64.04
CA MET E 1401 -34.81 36.96 65.46
C MET E 1401 -33.68 37.53 66.31
N HIS E 1402 -33.85 38.76 66.74
CA HIS E 1402 -32.89 39.50 67.55
C HIS E 1402 -33.50 39.45 68.93
N LEU E 1403 -32.80 38.92 69.92
CA LEU E 1403 -33.37 38.88 71.27
C LEU E 1403 -32.53 39.75 72.16
N TYR E 1404 -33.23 40.59 72.90
CA TYR E 1404 -32.70 41.61 73.77
C TYR E 1404 -33.09 41.29 75.20
N LEU E 1405 -32.22 41.60 76.14
CA LEU E 1405 -32.52 41.42 77.55
C LEU E 1405 -32.74 42.83 78.06
N GLY E 1406 -33.83 43.05 78.77
CA GLY E 1406 -34.24 44.39 79.15
C GLY E 1406 -34.12 44.63 80.65
N ALA E 1407 -33.48 45.75 80.96
CA ALA E 1407 -33.33 46.31 82.29
C ALA E 1407 -34.06 47.63 82.28
N ALA E 1408 -34.94 47.87 83.24
CA ALA E 1408 -35.71 49.10 83.23
C ALA E 1408 -34.78 50.29 83.30
N LYS E 1409 -34.82 51.11 82.26
CA LYS E 1409 -34.05 52.33 82.25
C LYS E 1409 -34.76 53.33 83.14
N VAL E 1410 -33.95 53.89 84.02
CA VAL E 1410 -34.36 54.61 85.21
C VAL E 1410 -33.45 55.84 85.24
N GLU E 1411 -33.70 56.76 86.17
CA GLU E 1411 -32.86 57.93 86.26
C GLU E 1411 -31.74 57.61 87.24
N VAL E 1412 -30.66 58.39 87.14
CA VAL E 1412 -29.51 58.35 88.05
C VAL E 1412 -29.87 58.14 89.51
N GLY E 1413 -31.03 58.67 89.92
CA GLY E 1413 -31.44 58.48 91.29
C GLY E 1413 -31.64 57.02 91.66
N THR E 1414 -32.02 56.20 90.67
CA THR E 1414 -32.41 54.82 90.92
C THR E 1414 -31.77 53.86 89.91
N GLU E 1415 -31.80 52.58 90.30
CA GLU E 1415 -31.21 51.40 89.71
C GLU E 1415 -32.33 50.56 89.10
N VAL E 1416 -32.04 49.85 88.00
CA VAL E 1416 -33.10 49.33 87.13
C VAL E 1416 -33.89 48.30 87.94
N THR E 1417 -35.21 48.30 87.73
CA THR E 1417 -36.14 47.39 88.41
C THR E 1417 -36.70 46.24 87.60
N ASP E 1418 -36.80 46.36 86.30
CA ASP E 1418 -37.39 45.30 85.50
C ASP E 1418 -36.25 44.60 84.81
N TYR E 1419 -36.44 43.31 84.59
CA TYR E 1419 -35.46 42.32 84.13
C TYR E 1419 -36.28 41.26 83.41
N ARG E 1420 -36.53 41.58 82.15
CA ARG E 1420 -37.35 40.78 81.26
C ARG E 1420 -36.46 40.21 80.16
N PHE E 1421 -36.66 38.95 79.74
CA PHE E 1421 -36.01 38.52 78.50
C PHE E 1421 -37.01 38.83 77.40
N PHE E 1422 -36.55 39.61 76.46
CA PHE E 1422 -37.19 39.92 75.20
C PHE E 1422 -36.58 39.14 74.07
N VAL E 1423 -37.46 38.68 73.20
CA VAL E 1423 -37.12 38.07 71.94
C VAL E 1423 -37.98 38.84 70.96
N ARG E 1424 -37.31 39.49 70.01
CA ARG E 1424 -37.89 40.38 69.02
C ARG E 1424 -37.49 39.87 67.66
N ALA E 1425 -38.47 39.54 66.85
CA ALA E 1425 -38.22 38.98 65.55
C ALA E 1425 -38.72 39.92 64.46
N ILE E 1426 -38.52 39.42 63.26
CA ILE E 1426 -39.01 39.99 62.02
C ILE E 1426 -39.41 38.74 61.26
N ILE E 1427 -40.49 38.82 60.49
CA ILE E 1427 -41.03 37.61 59.92
C ILE E 1427 -41.42 37.84 58.49
N ARG E 1428 -40.67 37.20 57.58
CA ARG E 1428 -40.87 37.25 56.15
C ARG E 1428 -40.08 36.09 55.55
N HIS E 1429 -40.70 34.91 55.49
CA HIS E 1429 -40.06 33.69 55.02
C HIS E 1429 -40.63 33.19 53.68
N SER E 1430 -41.42 34.01 52.99
CA SER E 1430 -42.05 33.67 51.71
C SER E 1430 -43.19 32.69 51.92
N GLU E 1436 -53.40 31.01 53.02
CA GLU E 1436 -53.65 30.00 54.04
C GLU E 1436 -52.37 29.29 54.35
N ALA E 1437 -51.58 29.01 53.31
CA ALA E 1437 -50.32 28.32 53.54
C ALA E 1437 -49.45 29.18 54.42
N SER E 1438 -49.49 30.49 54.23
CA SER E 1438 -48.63 31.39 54.99
C SER E 1438 -48.95 31.25 56.46
N PHE E 1439 -50.25 31.28 56.78
CA PHE E 1439 -50.68 31.24 58.16
C PHE E 1439 -50.24 29.95 58.83
N GLU E 1440 -50.46 28.81 58.18
CA GLU E 1440 -50.05 27.54 58.78
C GLU E 1440 -48.54 27.56 58.90
N TYR E 1441 -47.91 28.05 57.84
CA TYR E 1441 -46.46 28.16 57.73
C TYR E 1441 -46.01 29.02 58.88
N LEU E 1442 -46.71 30.13 59.09
CA LEU E 1442 -46.34 31.06 60.15
C LEU E 1442 -46.39 30.33 61.48
N GLN E 1443 -47.46 29.59 61.75
CA GLN E 1443 -47.61 28.90 63.03
C GLN E 1443 -46.47 27.93 63.26
N ASN E 1444 -46.31 27.03 62.30
CA ASN E 1444 -45.38 25.90 62.35
C ASN E 1444 -43.97 26.39 62.47
N GLU E 1445 -43.67 27.37 61.65
CA GLU E 1445 -42.37 27.93 61.61
C GLU E 1445 -42.16 28.57 62.96
N GLY E 1446 -43.24 29.11 63.52
CA GLY E 1446 -43.15 29.75 64.79
C GLY E 1446 -42.71 28.77 65.87
N GLU E 1447 -43.28 27.56 65.93
CA GLU E 1447 -42.80 26.63 66.97
C GLU E 1447 -41.34 26.31 66.76
N ARG E 1448 -40.97 26.05 65.50
CA ARG E 1448 -39.59 25.67 65.24
C ARG E 1448 -38.67 26.79 65.71
N LEU E 1449 -39.06 28.00 65.36
CA LEU E 1449 -38.34 29.20 65.72
C LEU E 1449 -38.34 29.35 67.23
N LEU E 1450 -39.44 28.96 67.86
CA LEU E 1450 -39.58 29.09 69.31
C LEU E 1450 -38.53 28.25 70.02
N LEU E 1451 -38.36 27.00 69.61
CA LEU E 1451 -37.28 26.21 70.22
C LEU E 1451 -35.92 26.75 69.84
N GLU E 1452 -35.75 27.19 68.59
CA GLU E 1452 -34.46 27.74 68.18
C GLU E 1452 -34.20 28.94 69.06
N ALA E 1453 -35.24 29.72 69.23
CA ALA E 1453 -35.26 30.92 70.03
C ALA E 1453 -34.94 30.56 71.45
N MET E 1454 -35.52 29.47 71.95
CA MET E 1454 -35.26 29.05 73.31
C MET E 1454 -33.82 28.60 73.49
N ASP E 1455 -33.17 28.08 72.45
CA ASP E 1455 -31.72 27.92 72.52
C ASP E 1455 -31.04 29.27 72.64
N GLU E 1456 -31.46 30.23 71.81
CA GLU E 1456 -30.83 31.54 71.80
C GLU E 1456 -31.03 32.26 73.12
N LEU E 1457 -32.27 32.32 73.58
CA LEU E 1457 -32.56 32.94 74.86
C LEU E 1457 -31.84 32.18 75.99
N GLU E 1458 -31.54 30.90 75.77
CA GLU E 1458 -30.70 30.19 76.74
C GLU E 1458 -29.31 30.83 76.73
N VAL E 1459 -28.78 31.12 75.55
CA VAL E 1459 -27.54 31.88 75.45
C VAL E 1459 -27.70 33.21 76.19
N ALA E 1460 -28.87 33.84 76.08
CA ALA E 1460 -29.12 35.09 76.76
C ALA E 1460 -29.00 34.93 78.27
N PHE E 1461 -29.55 33.83 78.82
CA PHE E 1461 -29.40 33.55 80.24
C PHE E 1461 -27.91 33.40 80.55
N ASN E 1462 -27.24 32.55 79.78
CA ASN E 1462 -25.83 32.25 79.99
C ASN E 1462 -25.02 33.54 80.06
N ASN E 1463 -25.25 34.42 79.08
CA ASN E 1463 -24.51 35.68 79.01
C ASN E 1463 -24.80 36.49 80.25
N THR E 1464 -26.09 36.74 80.52
CA THR E 1464 -26.48 37.39 81.75
C THR E 1464 -27.75 36.74 82.25
N ASN E 1465 -27.78 36.53 83.56
CA ASN E 1465 -28.88 35.87 84.23
C ASN E 1465 -29.42 36.71 85.37
N VAL E 1466 -30.74 36.79 85.45
CA VAL E 1466 -31.40 37.48 86.55
C VAL E 1466 -32.70 36.77 86.94
N ARG E 1467 -33.01 35.66 86.25
CA ARG E 1467 -34.33 35.02 86.28
C ARG E 1467 -35.44 35.97 85.80
N THR E 1468 -35.40 36.30 84.53
CA THR E 1468 -36.55 36.95 83.95
C THR E 1468 -37.78 36.07 84.08
N ASP E 1469 -38.93 36.69 84.11
CA ASP E 1469 -40.19 36.09 84.53
C ASP E 1469 -41.28 36.19 83.47
N CYS E 1470 -41.36 37.32 82.77
CA CYS E 1470 -42.49 37.66 81.93
C CYS E 1470 -41.93 37.94 80.55
N ASN E 1471 -41.35 36.88 80.01
CA ASN E 1471 -40.60 36.95 78.78
C ASN E 1471 -41.55 37.41 77.67
N HIS E 1472 -41.03 38.25 76.80
CA HIS E 1472 -41.75 38.88 75.70
C HIS E 1472 -41.31 38.42 74.33
N ILE E 1473 -42.33 38.34 73.47
CA ILE E 1473 -42.22 38.08 72.05
C ILE E 1473 -42.75 39.31 71.33
N PHE E 1474 -41.93 39.84 70.44
CA PHE E 1474 -42.31 40.98 69.60
C PHE E 1474 -42.18 40.37 68.21
N LEU E 1475 -43.27 40.41 67.44
CA LEU E 1475 -43.31 39.95 66.05
C LEU E 1475 -43.80 40.93 65.00
N ASN E 1476 -42.97 41.18 63.99
CA ASN E 1476 -43.37 41.99 62.85
C ASN E 1476 -43.67 41.02 61.70
N PHE E 1477 -44.95 40.68 61.52
CA PHE E 1477 -45.38 39.83 60.40
C PHE E 1477 -45.47 40.70 59.14
N VAL E 1478 -44.59 40.39 58.19
CA VAL E 1478 -44.57 40.90 56.82
C VAL E 1478 -45.47 40.15 55.82
N PRO E 1479 -46.07 39.00 56.13
CA PRO E 1479 -47.07 38.52 55.18
C PRO E 1479 -48.35 39.31 55.20
N THR E 1480 -49.27 38.90 54.32
CA THR E 1480 -50.56 39.56 54.13
C THR E 1480 -51.51 38.39 54.09
N VAL E 1481 -51.99 37.97 55.25
CA VAL E 1481 -52.83 36.78 55.24
C VAL E 1481 -54.28 37.20 55.04
N ILE E 1482 -55.11 36.20 54.80
CA ILE E 1482 -56.54 36.34 54.72
C ILE E 1482 -57.05 35.40 55.80
N MET E 1483 -57.75 35.94 56.80
CA MET E 1483 -58.27 35.04 57.84
C MET E 1483 -59.35 35.72 58.67
N ASP E 1484 -59.96 34.91 59.55
CA ASP E 1484 -60.95 35.26 60.54
C ASP E 1484 -60.21 35.42 61.85
N PRO E 1485 -60.75 36.11 62.82
CA PRO E 1485 -59.99 36.25 64.06
C PRO E 1485 -60.02 35.05 64.99
N SER E 1486 -61.08 34.25 65.02
CA SER E 1486 -61.19 33.28 66.11
C SER E 1486 -60.60 31.93 65.80
N LYS E 1487 -60.48 31.57 64.53
CA LYS E 1487 -59.68 30.40 64.18
C LYS E 1487 -58.22 30.77 64.18
N ILE E 1488 -57.90 32.05 63.98
CA ILE E 1488 -56.55 32.44 64.30
C ILE E 1488 -56.30 32.19 65.78
N GLU E 1489 -57.33 32.47 66.61
CA GLU E 1489 -57.19 32.30 68.05
C GLU E 1489 -57.15 30.85 68.47
N GLU E 1490 -57.97 30.01 67.87
CA GLU E 1490 -57.86 28.57 68.08
C GLU E 1490 -56.59 27.98 67.53
N SER E 1491 -56.11 28.45 66.38
CA SER E 1491 -54.91 27.85 65.82
C SER E 1491 -53.72 28.12 66.72
N VAL E 1492 -53.57 29.37 67.11
CA VAL E 1492 -52.48 29.79 67.96
C VAL E 1492 -52.65 29.26 69.36
N ARG E 1493 -53.90 29.08 69.77
CA ARG E 1493 -54.20 28.47 71.05
C ARG E 1493 -53.69 27.04 71.06
N SER E 1494 -54.07 26.27 70.06
CA SER E 1494 -53.61 24.90 69.99
C SER E 1494 -52.09 24.84 69.99
N MET E 1495 -51.44 25.73 69.24
CA MET E 1495 -49.97 25.77 69.21
C MET E 1495 -49.40 25.97 70.61
N VAL E 1496 -49.73 27.12 71.20
CA VAL E 1496 -49.20 27.49 72.49
C VAL E 1496 -49.57 26.42 73.48
N MET E 1497 -50.73 25.81 73.30
CA MET E 1497 -51.15 24.77 74.20
C MET E 1497 -50.19 23.61 74.03
N ARG E 1498 -49.82 23.32 72.77
CA ARG E 1498 -48.93 22.20 72.44
C ARG E 1498 -47.73 22.21 73.33
N TYR E 1499 -47.20 23.40 73.56
CA TYR E 1499 -46.15 23.55 74.55
C TYR E 1499 -46.72 23.96 75.89
N GLY E 1500 -46.44 23.14 76.90
CA GLY E 1500 -47.09 23.26 78.19
C GLY E 1500 -46.08 23.61 79.24
N SER E 1501 -45.44 22.58 79.81
CA SER E 1501 -44.43 22.81 80.84
C SER E 1501 -43.34 23.77 80.39
N ARG E 1502 -42.85 23.61 79.14
CA ARG E 1502 -41.80 24.47 78.59
C ARG E 1502 -42.14 25.95 78.77
N LEU E 1503 -43.41 26.30 78.53
CA LEU E 1503 -43.86 27.67 78.74
C LEU E 1503 -43.63 28.05 80.19
N TRP E 1504 -43.88 27.13 81.12
CA TRP E 1504 -43.82 27.47 82.53
C TRP E 1504 -42.38 27.54 83.02
N LYS E 1505 -41.48 26.75 82.42
CA LYS E 1505 -40.06 26.84 82.75
C LYS E 1505 -39.41 28.13 82.29
N LEU E 1506 -39.51 28.47 81.00
CA LEU E 1506 -39.03 29.79 80.58
C LEU E 1506 -39.93 30.93 81.06
N ARG E 1507 -41.15 30.63 81.49
CA ARG E 1507 -42.11 31.61 81.96
C ARG E 1507 -42.29 32.69 80.92
N VAL E 1508 -42.58 32.27 79.69
CA VAL E 1508 -42.89 33.22 78.65
C VAL E 1508 -44.36 33.48 78.81
N LEU E 1509 -44.65 34.73 79.07
CA LEU E 1509 -45.94 35.19 79.47
C LEU E 1509 -46.50 36.26 78.55
N GLN E 1510 -45.69 36.84 77.69
CA GLN E 1510 -46.16 37.96 76.93
C GLN E 1510 -45.71 37.85 75.49
N ALA E 1511 -46.67 38.09 74.59
CA ALA E 1511 -46.38 38.04 73.18
C ALA E 1511 -47.05 39.19 72.48
N GLU E 1512 -46.36 39.73 71.52
CA GLU E 1512 -46.84 40.79 70.67
C GLU E 1512 -46.57 40.40 69.24
N LEU E 1513 -47.56 40.59 68.41
CA LEU E 1513 -47.41 40.58 66.97
C LEU E 1513 -48.00 41.84 66.37
N LYS E 1514 -47.63 42.07 65.13
CA LYS E 1514 -48.49 42.85 64.27
C LYS E 1514 -48.54 42.01 63.02
N ILE E 1515 -49.55 42.25 62.21
CA ILE E 1515 -49.60 41.49 60.97
C ILE E 1515 -50.45 42.11 59.89
N ASN E 1516 -49.85 42.20 58.72
CA ASN E 1516 -50.52 42.77 57.59
C ASN E 1516 -51.33 41.60 57.08
N ILE E 1517 -52.60 41.85 56.88
CA ILE E 1517 -53.61 40.97 56.36
C ILE E 1517 -54.38 41.73 55.29
N ARG E 1518 -55.39 41.08 54.74
CA ARG E 1518 -56.28 41.65 53.74
C ARG E 1518 -57.21 40.49 53.60
N LEU E 1519 -58.29 40.61 52.83
CA LEU E 1519 -59.17 39.47 52.74
C LEU E 1519 -59.16 39.07 51.27
N THR E 1520 -59.86 37.99 50.96
CA THR E 1520 -59.65 37.37 49.65
C THR E 1520 -60.14 38.21 48.48
N PRO E 1521 -61.38 38.73 48.44
CA PRO E 1521 -61.74 39.59 47.30
C PRO E 1521 -61.25 41.01 47.47
N THR E 1522 -61.26 41.46 48.73
CA THR E 1522 -61.42 42.89 48.98
C THR E 1522 -60.28 43.70 48.39
N GLY E 1523 -59.05 43.29 48.62
CA GLY E 1523 -57.95 44.13 48.18
C GLY E 1523 -57.89 45.27 49.16
N LYS E 1524 -57.95 44.95 50.43
CA LYS E 1524 -57.99 45.93 51.49
C LYS E 1524 -57.09 45.41 52.60
N ALA E 1525 -55.81 45.70 52.46
CA ALA E 1525 -54.82 45.17 53.37
C ALA E 1525 -54.88 45.90 54.70
N ILE E 1526 -55.12 45.17 55.78
CA ILE E 1526 -55.17 45.82 57.08
C ILE E 1526 -53.94 45.43 57.89
N PRO E 1527 -53.45 46.29 58.78
CA PRO E 1527 -52.34 45.89 59.65
C PRO E 1527 -53.07 45.62 60.96
N ILE E 1528 -52.64 44.67 61.77
CA ILE E 1528 -53.35 44.46 63.04
C ILE E 1528 -52.38 44.24 64.18
N ARG E 1529 -52.08 45.30 64.91
CA ARG E 1529 -51.06 45.16 65.94
C ARG E 1529 -51.83 44.43 67.04
N LEU E 1530 -51.63 43.11 67.07
CA LEU E 1530 -52.20 42.22 68.07
C LEU E 1530 -51.25 42.05 69.23
N PHE E 1531 -51.74 42.15 70.46
CA PHE E 1531 -50.86 41.94 71.60
C PHE E 1531 -51.46 40.84 72.44
N LEU E 1532 -50.62 39.87 72.76
CA LEU E 1532 -50.96 38.65 73.46
C LEU E 1532 -50.59 38.80 74.92
N THR E 1533 -51.48 38.28 75.76
CA THR E 1533 -51.46 38.38 77.21
C THR E 1533 -51.64 37.06 77.91
N ASN E 1534 -50.57 36.60 78.56
CA ASN E 1534 -50.59 35.37 79.34
C ASN E 1534 -49.85 35.54 80.66
N GLU E 1535 -50.48 35.09 81.74
CA GLU E 1535 -49.89 35.19 83.06
C GLU E 1535 -49.59 33.77 83.57
N SER E 1536 -49.53 33.62 84.89
CA SER E 1536 -49.36 32.31 85.48
C SER E 1536 -50.57 31.49 85.04
N GLY E 1537 -50.36 30.22 84.73
CA GLY E 1537 -51.47 29.51 84.16
C GLY E 1537 -51.42 29.58 82.65
N TYR E 1538 -52.20 28.70 82.02
CA TYR E 1538 -52.24 28.52 80.59
C TYR E 1538 -53.32 29.37 79.95
N TYR E 1539 -53.79 30.38 80.68
CA TYR E 1539 -54.82 31.27 80.18
C TYR E 1539 -54.15 32.11 79.14
N LEU E 1540 -54.77 32.22 78.00
CA LEU E 1540 -54.16 33.02 76.98
C LEU E 1540 -55.26 33.97 76.60
N ASP E 1541 -55.01 35.23 76.84
CA ASP E 1541 -55.95 36.26 76.54
C ASP E 1541 -55.37 36.91 75.32
N ILE E 1542 -56.17 37.05 74.32
CA ILE E 1542 -55.72 37.63 73.07
C ILE E 1542 -56.30 39.02 73.02
N SER E 1543 -55.46 39.99 72.80
CA SER E 1543 -55.93 41.35 72.69
C SER E 1543 -55.73 41.52 71.21
N LEU E 1544 -56.84 41.61 70.48
CA LEU E 1544 -56.78 41.83 69.06
C LEU E 1544 -57.51 43.11 68.81
N TYR E 1545 -56.89 43.91 67.97
CA TYR E 1545 -57.40 45.22 67.66
C TYR E 1545 -57.35 45.35 66.15
N LYS E 1546 -57.48 46.58 65.69
CA LYS E 1546 -57.21 46.94 64.33
C LYS E 1546 -56.47 48.26 64.43
N GLU E 1547 -55.71 48.56 63.39
CA GLU E 1547 -54.89 49.77 63.36
C GLU E 1547 -55.71 50.86 62.69
N VAL E 1548 -56.28 51.74 63.49
CA VAL E 1548 -57.27 52.70 63.02
C VAL E 1548 -56.75 54.10 63.28
N THR E 1549 -56.85 54.96 62.27
CA THR E 1549 -56.59 56.38 62.48
C THR E 1549 -57.57 56.96 63.49
N ALA E 1554 -54.51 61.45 64.54
CA ALA E 1554 -54.13 60.63 63.39
C ALA E 1554 -53.20 59.46 63.77
N GLN E 1555 -52.93 59.34 65.05
CA GLN E 1555 -52.00 58.37 65.61
C GLN E 1555 -52.69 57.05 65.94
N ILE E 1556 -52.28 56.00 65.23
CA ILE E 1556 -52.97 54.71 65.10
C ILE E 1556 -53.45 54.20 66.43
N MET E 1557 -54.58 53.51 66.39
CA MET E 1557 -55.50 53.28 67.49
C MET E 1557 -56.02 51.86 67.44
N PHE E 1558 -55.73 51.13 68.51
CA PHE E 1558 -56.15 49.76 68.70
C PHE E 1558 -57.66 49.67 68.86
N GLN E 1559 -58.36 49.23 67.80
CA GLN E 1559 -59.81 49.06 67.84
C GLN E 1559 -60.28 47.70 67.34
N ALA E 1560 -60.99 46.96 68.19
CA ALA E 1560 -61.48 45.62 67.83
C ALA E 1560 -62.30 45.62 66.54
N LYS E 1564 -65.76 44.10 71.70
CA LYS E 1564 -65.68 43.65 73.09
C LYS E 1564 -65.38 44.84 74.00
N GLN E 1565 -64.77 44.59 75.17
CA GLN E 1565 -63.86 45.54 75.77
C GLN E 1565 -62.57 44.79 76.05
N GLY E 1566 -61.47 45.41 75.67
CA GLY E 1566 -60.15 44.83 75.60
C GLY E 1566 -59.17 45.50 76.52
N PRO E 1567 -58.25 44.71 77.14
CA PRO E 1567 -57.32 45.32 78.08
C PRO E 1567 -56.53 46.37 77.37
N LEU E 1568 -56.77 47.61 77.80
CA LEU E 1568 -56.16 48.73 77.15
C LEU E 1568 -56.56 48.67 75.68
N HIS E 1569 -57.88 48.72 75.51
CA HIS E 1569 -58.61 48.60 74.25
C HIS E 1569 -58.01 49.62 73.31
N GLY E 1570 -58.17 50.91 73.56
CA GLY E 1570 -57.75 51.89 72.57
C GLY E 1570 -56.66 52.65 73.26
N MET E 1571 -55.57 52.79 72.50
CA MET E 1571 -54.37 53.52 72.85
C MET E 1571 -53.62 53.76 71.57
N LEU E 1572 -52.69 54.70 71.61
CA LEU E 1572 -51.96 54.87 70.37
C LEU E 1572 -50.92 53.75 70.35
N ILE E 1573 -50.10 53.69 69.32
CA ILE E 1573 -49.44 52.41 69.08
C ILE E 1573 -48.07 52.49 69.74
N ASN E 1574 -47.51 53.70 69.79
CA ASN E 1574 -46.17 53.85 70.33
C ASN E 1574 -46.27 54.18 71.81
N THR E 1575 -46.99 53.30 72.49
CA THR E 1575 -47.40 53.46 73.87
C THR E 1575 -46.22 52.92 74.63
N PRO E 1576 -45.39 53.73 75.28
CA PRO E 1576 -44.21 53.13 75.92
C PRO E 1576 -44.58 52.13 77.01
N TYR E 1577 -43.70 51.15 77.14
CA TYR E 1577 -44.00 49.95 77.88
C TYR E 1577 -43.93 50.14 79.39
N VAL E 1578 -45.02 49.75 80.04
CA VAL E 1578 -45.14 49.86 81.49
C VAL E 1578 -43.98 49.16 82.16
N THR E 1579 -43.41 49.81 83.16
CA THR E 1579 -42.35 49.24 83.99
C THR E 1579 -43.02 48.69 85.24
N LYS E 1580 -42.89 47.39 85.46
CA LYS E 1580 -43.27 46.66 86.67
C LYS E 1580 -43.17 47.31 88.06
N ASP E 1581 -42.18 48.15 88.32
CA ASP E 1581 -41.96 48.64 89.69
C ASP E 1581 -43.11 49.43 90.27
N LEU E 1582 -44.02 49.92 89.44
CA LEU E 1582 -45.33 50.36 89.90
C LEU E 1582 -46.03 49.32 90.77
N LEU E 1583 -46.28 48.13 90.22
CA LEU E 1583 -46.92 47.05 90.96
C LEU E 1583 -46.16 46.78 92.25
N GLN E 1584 -44.85 46.50 92.10
CA GLN E 1584 -43.96 46.30 93.23
C GLN E 1584 -44.10 47.37 94.29
N SER E 1585 -44.18 48.63 93.88
CA SER E 1585 -44.24 49.70 94.87
C SER E 1585 -45.48 49.58 95.77
N LYS E 1586 -46.65 49.27 95.22
CA LYS E 1586 -47.85 49.21 96.07
C LYS E 1586 -47.89 47.96 96.94
N ARG E 1587 -47.35 46.84 96.47
CA ARG E 1587 -47.36 45.64 97.30
C ARG E 1587 -46.53 45.85 98.57
N PHE E 1588 -45.45 46.61 98.50
CA PHE E 1588 -44.64 46.84 99.68
C PHE E 1588 -45.44 47.61 100.73
N GLN E 1589 -46.24 48.58 100.30
CA GLN E 1589 -47.07 49.32 101.25
C GLN E 1589 -48.08 48.40 101.92
N ALA E 1590 -48.62 47.44 101.17
CA ALA E 1590 -49.64 46.55 101.73
C ALA E 1590 -49.03 45.61 102.77
N GLN E 1591 -47.93 44.92 102.45
CA GLN E 1591 -47.28 44.08 103.45
C GLN E 1591 -46.94 44.89 104.69
N SER E 1592 -46.52 46.14 104.51
CA SER E 1592 -46.17 46.97 105.65
C SER E 1592 -47.36 47.31 106.54
N LEU E 1593 -48.58 47.27 106.02
CA LEU E 1593 -49.79 47.32 106.84
C LEU E 1593 -50.32 45.93 107.17
N GLY E 1594 -49.52 44.89 106.90
CA GLY E 1594 -49.94 43.53 107.18
C GLY E 1594 -51.12 43.04 106.36
N THR E 1595 -51.21 43.43 105.08
CA THR E 1595 -52.28 42.96 104.21
C THR E 1595 -51.73 42.66 102.81
N THR E 1596 -52.61 42.26 101.89
CA THR E 1596 -52.28 41.88 100.51
C THR E 1596 -52.70 42.92 99.49
N TYR E 1597 -51.82 43.20 98.52
CA TYR E 1597 -52.17 44.09 97.42
C TYR E 1597 -53.33 43.60 96.58
N ILE E 1598 -54.23 44.55 96.27
CA ILE E 1598 -55.50 44.29 95.60
C ILE E 1598 -55.35 43.52 94.28
N TYR E 1599 -54.49 43.97 93.36
CA TYR E 1599 -54.45 43.24 92.11
C TYR E 1599 -53.79 41.88 92.20
N ASP E 1600 -53.22 41.53 93.34
CA ASP E 1600 -52.73 40.19 93.59
C ASP E 1600 -53.85 39.32 94.17
N ILE E 1601 -54.95 39.95 94.58
CA ILE E 1601 -56.05 39.24 95.21
C ILE E 1601 -56.64 38.17 94.30
N PRO E 1602 -56.89 38.42 93.01
CA PRO E 1602 -57.51 37.37 92.17
C PRO E 1602 -56.77 36.05 92.24
N GLU E 1603 -55.44 36.04 92.18
CA GLU E 1603 -54.76 34.77 92.33
C GLU E 1603 -54.84 34.28 93.77
N MET E 1604 -54.93 35.20 94.75
CA MET E 1604 -55.15 34.79 96.15
C MET E 1604 -56.50 34.16 96.33
N PHE E 1605 -57.48 34.60 95.56
CA PHE E 1605 -58.78 33.97 95.58
C PHE E 1605 -58.60 32.55 95.10
N ARG E 1606 -57.89 32.41 93.98
CA ARG E 1606 -57.65 31.11 93.37
C ARG E 1606 -56.88 30.17 94.27
N GLN E 1607 -55.82 30.65 94.92
CA GLN E 1607 -55.04 29.74 95.73
C GLN E 1607 -55.87 29.25 96.89
N SER E 1608 -56.62 30.15 97.51
CA SER E 1608 -57.50 29.74 98.58
C SER E 1608 -58.57 28.82 98.03
N LEU E 1609 -59.16 29.21 96.90
CA LEU E 1609 -60.20 28.42 96.24
C LEU E 1609 -59.74 27.03 95.78
N ILE E 1610 -58.55 26.92 95.20
CA ILE E 1610 -58.05 25.60 94.80
C ILE E 1610 -57.83 24.75 96.04
N LYS E 1611 -57.18 25.34 97.03
CA LYS E 1611 -56.90 24.66 98.30
C LYS E 1611 -58.19 24.21 98.93
N LEU E 1612 -59.25 25.01 98.76
CA LEU E 1612 -60.55 24.69 99.28
C LEU E 1612 -61.14 23.48 98.56
N TRP E 1613 -61.12 23.47 97.21
CA TRP E 1613 -61.65 22.31 96.47
C TRP E 1613 -61.04 20.99 96.89
N GLU E 1614 -59.77 20.98 97.28
CA GLU E 1614 -59.15 19.73 97.66
C GLU E 1614 -59.60 19.33 99.05
N SER E 1615 -59.53 20.28 99.98
CA SER E 1615 -59.87 20.00 101.37
C SER E 1615 -61.31 19.57 101.47
N MET E 1616 -62.19 20.18 100.68
CA MET E 1616 -63.60 19.83 100.79
C MET E 1616 -63.88 18.44 100.24
N SER E 1617 -62.98 17.89 99.42
CA SER E 1617 -63.20 16.55 98.92
C SER E 1617 -63.06 15.52 100.04
N THR E 1618 -62.27 15.84 101.06
CA THR E 1618 -62.30 15.10 102.31
C THR E 1618 -63.71 15.04 102.86
N GLN E 1619 -64.36 16.21 102.95
CA GLN E 1619 -65.61 16.31 103.70
C GLN E 1619 -66.78 15.77 102.91
N ALA E 1620 -66.80 16.05 101.60
CA ALA E 1620 -67.94 15.75 100.77
C ALA E 1620 -67.46 15.17 99.44
N PHE E 1621 -68.36 14.48 98.77
CA PHE E 1621 -68.15 14.14 97.37
C PHE E 1621 -68.53 15.39 96.55
N LEU E 1622 -67.55 15.91 95.83
CA LEU E 1622 -67.61 17.13 95.04
C LEU E 1622 -67.23 16.76 93.62
N PRO E 1623 -67.58 17.57 92.62
CA PRO E 1623 -67.00 17.30 91.30
C PRO E 1623 -65.49 17.49 91.34
N SER E 1624 -64.86 17.10 90.24
CA SER E 1624 -63.41 17.26 90.12
C SER E 1624 -63.01 18.73 90.07
N PRO E 1625 -61.95 19.13 90.76
CA PRO E 1625 -61.57 20.55 90.71
C PRO E 1625 -61.17 20.96 89.31
N PRO E 1626 -61.34 22.24 88.96
CA PRO E 1626 -60.76 22.79 87.74
C PRO E 1626 -59.27 23.09 87.81
N LEU E 1627 -58.73 23.31 86.63
CA LEU E 1627 -57.36 23.73 86.43
C LEU E 1627 -57.16 25.15 86.96
N PRO E 1628 -55.96 25.50 87.45
CA PRO E 1628 -55.75 26.85 88.00
C PRO E 1628 -56.14 27.94 87.02
N SER E 1629 -55.93 27.71 85.73
CA SER E 1629 -56.35 28.71 84.75
C SER E 1629 -57.87 28.86 84.74
N ASP E 1630 -58.59 27.78 84.98
CA ASP E 1630 -60.05 27.78 84.89
C ASP E 1630 -60.79 28.06 86.20
N MET E 1631 -60.10 28.32 87.33
CA MET E 1631 -60.88 28.44 88.56
C MET E 1631 -61.69 29.72 88.65
N LEU E 1632 -61.14 30.82 88.13
CA LEU E 1632 -61.73 32.14 88.35
C LEU E 1632 -61.38 33.06 87.18
N THR E 1633 -62.35 33.90 86.77
CA THR E 1633 -62.16 34.99 85.84
C THR E 1633 -62.77 36.28 86.37
N TYR E 1634 -62.07 37.41 86.21
CA TYR E 1634 -62.56 38.71 86.65
C TYR E 1634 -62.59 39.69 85.48
N THR E 1635 -63.45 40.69 85.62
CA THR E 1635 -63.57 41.83 84.70
C THR E 1635 -63.74 43.07 85.56
N GLU E 1636 -62.94 44.10 85.30
CA GLU E 1636 -63.04 45.29 86.14
C GLU E 1636 -64.34 46.03 85.92
N LEU E 1637 -64.95 46.45 87.02
CA LEU E 1637 -66.15 47.28 87.02
C LEU E 1637 -65.77 48.71 87.38
N VAL E 1638 -66.22 49.68 86.61
CA VAL E 1638 -65.79 51.06 86.82
C VAL E 1638 -66.98 51.97 86.58
N LEU E 1639 -67.10 52.99 87.41
CA LEU E 1639 -68.18 53.96 87.35
C LEU E 1639 -67.96 54.98 86.24
N ASP E 1640 -68.98 55.18 85.42
CA ASP E 1640 -68.97 56.24 84.42
C ASP E 1640 -69.28 57.58 85.10
N ASP E 1641 -69.51 58.63 84.29
CA ASP E 1641 -69.83 59.94 84.85
C ASP E 1641 -71.09 59.91 85.71
N GLN E 1642 -72.08 59.11 85.32
CA GLN E 1642 -73.34 59.03 86.03
C GLN E 1642 -73.30 58.00 87.15
N GLY E 1643 -72.11 57.56 87.56
CA GLY E 1643 -72.04 56.53 88.58
C GLY E 1643 -72.64 55.22 88.15
N GLN E 1644 -72.54 54.90 86.86
CA GLN E 1644 -73.05 53.65 86.32
C GLN E 1644 -71.89 52.75 85.90
N LEU E 1645 -72.15 51.45 86.03
CA LEU E 1645 -71.16 50.38 85.85
C LEU E 1645 -70.74 50.11 84.40
N VAL E 1646 -69.45 49.82 84.23
CA VAL E 1646 -68.88 49.55 82.91
C VAL E 1646 -67.87 48.40 83.08
N HIS E 1647 -67.98 47.39 82.24
CA HIS E 1647 -67.11 46.22 82.23
C HIS E 1647 -65.81 46.39 81.45
N MET E 1648 -64.69 46.10 82.11
CA MET E 1648 -63.37 46.32 81.51
C MET E 1648 -62.50 45.13 81.87
N ASN E 1649 -61.89 44.53 80.86
CA ASN E 1649 -60.99 43.38 81.02
C ASN E 1649 -59.57 43.88 80.81
N ARG E 1650 -58.97 44.45 81.87
CA ARG E 1650 -57.64 45.06 81.81
C ARG E 1650 -56.61 44.44 82.74
N LEU E 1651 -55.36 44.85 82.47
CA LEU E 1651 -54.17 44.40 83.16
C LEU E 1651 -54.11 44.90 84.60
N PRO E 1652 -53.54 44.10 85.52
CA PRO E 1652 -53.44 44.53 86.93
C PRO E 1652 -52.62 45.81 87.09
N GLY E 1653 -53.00 46.60 88.10
CA GLY E 1653 -52.37 47.88 88.39
C GLY E 1653 -53.11 49.12 87.94
N GLY E 1654 -54.33 48.98 87.43
CA GLY E 1654 -55.06 50.04 86.76
C GLY E 1654 -55.93 50.99 87.57
N ASN E 1655 -56.06 50.84 88.90
CA ASN E 1655 -57.00 51.65 89.66
C ASN E 1655 -56.72 53.15 89.55
N GLU E 1656 -57.80 53.93 89.40
CA GLU E 1656 -57.74 55.39 89.43
C GLU E 1656 -58.45 55.97 90.65
N ILE E 1657 -58.90 55.11 91.57
CA ILE E 1657 -59.54 55.53 92.81
C ILE E 1657 -59.12 54.56 93.90
N GLY E 1658 -59.39 54.92 95.16
CA GLY E 1658 -58.90 54.10 96.26
C GLY E 1658 -59.80 52.91 96.59
N MET E 1659 -60.57 52.46 95.60
CA MET E 1659 -61.51 51.36 95.70
C MET E 1659 -61.43 50.65 94.35
N VAL E 1660 -61.52 49.33 94.37
CA VAL E 1660 -61.45 48.54 93.14
C VAL E 1660 -62.56 47.52 93.16
N ALA E 1661 -63.12 47.25 91.99
CA ALA E 1661 -64.22 46.32 91.86
C ALA E 1661 -64.10 45.58 90.54
N TRP E 1662 -64.59 44.35 90.57
CA TRP E 1662 -64.68 43.47 89.42
C TRP E 1662 -65.98 42.72 89.54
N LYS E 1663 -66.53 42.29 88.40
CA LYS E 1663 -67.51 41.22 88.46
C LYS E 1663 -66.68 39.95 88.33
N MET E 1664 -66.98 38.97 89.18
CA MET E 1664 -66.22 37.74 89.27
C MET E 1664 -67.07 36.48 89.16
N THR E 1665 -66.54 35.53 88.41
CA THR E 1665 -67.09 34.19 88.26
C THR E 1665 -65.97 33.28 88.73
N PHE E 1666 -66.30 32.35 89.62
CA PHE E 1666 -65.30 31.41 90.10
C PHE E 1666 -66.00 30.11 90.39
N LYS E 1667 -65.23 29.03 90.41
CA LYS E 1667 -65.81 27.72 90.64
C LYS E 1667 -65.86 27.22 92.07
N SER E 1668 -67.06 26.85 92.46
CA SER E 1668 -67.73 26.31 93.63
C SER E 1668 -66.98 25.15 94.23
N PRO E 1669 -67.27 24.70 95.46
CA PRO E 1669 -67.26 23.25 95.15
C PRO E 1669 -68.65 22.59 95.06
N GLU E 1670 -69.55 22.97 95.97
CA GLU E 1670 -70.91 22.44 96.07
C GLU E 1670 -71.91 23.09 95.09
N TYR E 1671 -71.42 23.82 94.08
CA TYR E 1671 -72.27 24.48 93.07
C TYR E 1671 -71.63 24.11 91.74
N PRO E 1672 -71.82 22.88 91.25
CA PRO E 1672 -71.03 22.40 90.11
C PRO E 1672 -71.27 23.13 88.81
N GLU E 1673 -72.42 23.77 88.63
CA GLU E 1673 -72.61 24.57 87.43
C GLU E 1673 -71.94 25.94 87.53
N GLY E 1674 -71.48 26.36 88.71
CA GLY E 1674 -70.70 27.59 88.84
C GLY E 1674 -71.34 28.59 89.77
N ARG E 1675 -70.56 29.50 90.34
CA ARG E 1675 -71.12 30.48 91.27
C ARG E 1675 -70.42 31.83 91.16
N ASP E 1676 -71.19 32.87 91.51
CA ASP E 1676 -70.85 34.28 91.39
C ASP E 1676 -70.74 34.98 92.74
N ILE E 1677 -69.82 35.95 92.82
CA ILE E 1677 -69.72 36.88 93.95
C ILE E 1677 -69.43 38.27 93.42
N ILE E 1678 -69.62 39.26 94.30
CA ILE E 1678 -69.22 40.64 94.05
C ILE E 1678 -68.05 40.87 94.97
N VAL E 1679 -66.93 41.33 94.42
CA VAL E 1679 -65.76 41.59 95.24
C VAL E 1679 -65.43 43.05 95.08
N ILE E 1680 -65.47 43.77 96.20
CA ILE E 1680 -65.09 45.16 96.25
C ILE E 1680 -64.07 45.28 97.37
N GLY E 1681 -63.05 46.10 97.18
CA GLY E 1681 -62.09 46.28 98.24
C GLY E 1681 -61.42 47.62 98.10
N ASN E 1682 -61.21 48.33 99.19
CA ASN E 1682 -60.34 49.49 99.08
C ASN E 1682 -58.91 48.98 99.00
N ASP E 1683 -58.07 49.74 98.33
CA ASP E 1683 -56.62 49.56 98.35
C ASP E 1683 -55.93 50.65 99.17
N ILE E 1684 -55.61 50.30 100.42
CA ILE E 1684 -55.00 51.28 101.30
C ILE E 1684 -53.65 51.76 100.77
N THR E 1685 -53.01 51.02 99.86
CA THR E 1685 -51.77 51.55 99.34
C THR E 1685 -51.98 52.67 98.32
N TYR E 1686 -53.17 52.72 97.69
CA TYR E 1686 -53.53 53.76 96.73
C TYR E 1686 -54.36 54.84 97.42
N ARG E 1687 -53.78 56.00 97.72
CA ARG E 1687 -54.53 57.08 98.35
C ARG E 1687 -55.21 56.60 99.62
N ILE E 1688 -54.41 56.14 100.58
CA ILE E 1688 -54.78 55.44 101.82
C ILE E 1688 -56.17 54.78 101.85
N GLY E 1689 -56.67 54.34 100.69
CA GLY E 1689 -57.96 53.69 100.61
C GLY E 1689 -59.08 54.59 101.05
N SER E 1690 -58.92 55.91 100.92
CA SER E 1690 -59.94 56.85 101.36
C SER E 1690 -61.23 56.66 100.58
N PHE E 1691 -62.29 57.28 101.11
CA PHE E 1691 -63.63 57.07 100.59
C PHE E 1691 -63.94 58.43 99.96
N GLY E 1692 -63.65 58.52 98.67
CA GLY E 1692 -64.05 59.65 97.86
C GLY E 1692 -65.42 59.39 97.27
N PRO E 1693 -65.96 60.35 96.52
CA PRO E 1693 -67.28 60.13 95.94
C PRO E 1693 -67.27 58.97 94.98
N GLN E 1694 -66.14 58.78 94.29
CA GLN E 1694 -66.02 57.66 93.37
C GLN E 1694 -65.97 56.33 94.12
N GLU E 1695 -65.25 56.28 95.24
CA GLU E 1695 -65.17 55.03 96.01
C GLU E 1695 -66.52 54.64 96.59
N ASP E 1696 -67.23 55.60 97.20
CA ASP E 1696 -68.53 55.30 97.78
C ASP E 1696 -69.53 54.89 96.73
N LEU E 1697 -69.44 55.54 95.57
CA LEU E 1697 -70.47 55.38 94.55
C LEU E 1697 -70.37 54.07 93.79
N LEU E 1698 -69.17 53.64 93.39
CA LEU E 1698 -69.10 52.35 92.70
C LEU E 1698 -69.57 51.24 93.64
N PHE E 1699 -69.09 51.24 94.89
CA PHE E 1699 -69.54 50.19 95.82
C PHE E 1699 -71.05 50.18 95.95
N LEU E 1700 -71.63 51.35 96.23
CA LEU E 1700 -73.07 51.44 96.37
C LEU E 1700 -73.72 50.90 95.12
N ARG E 1701 -73.29 51.41 93.96
CA ARG E 1701 -73.97 51.05 92.73
C ARG E 1701 -73.66 49.59 92.44
N ALA E 1702 -72.47 49.12 92.85
CA ALA E 1702 -72.14 47.70 92.74
C ALA E 1702 -73.02 46.92 93.69
N SER E 1703 -73.22 47.47 94.89
CA SER E 1703 -74.07 46.88 95.91
C SER E 1703 -75.50 46.81 95.40
N GLU E 1704 -75.94 47.90 94.75
CA GLU E 1704 -77.29 47.95 94.19
C GLU E 1704 -77.55 46.77 93.26
N LEU E 1705 -76.54 46.35 92.49
CA LEU E 1705 -76.73 45.18 91.64
C LEU E 1705 -76.76 43.91 92.48
N ALA E 1706 -75.86 43.83 93.48
CA ALA E 1706 -75.80 42.70 94.40
C ALA E 1706 -77.15 42.40 95.03
N ARG E 1707 -77.81 43.44 95.56
CA ARG E 1707 -79.11 43.24 96.18
C ARG E 1707 -80.15 42.80 95.15
N ALA E 1708 -80.06 43.33 93.92
CA ALA E 1708 -81.06 43.00 92.90
C ALA E 1708 -81.16 41.49 92.65
N GLU E 1709 -80.02 40.79 92.68
CA GLU E 1709 -80.01 39.35 92.43
C GLU E 1709 -80.01 38.41 93.63
N GLY E 1710 -79.87 38.91 94.85
CA GLY E 1710 -79.92 38.05 96.03
C GLY E 1710 -78.61 37.34 96.30
N ILE E 1711 -77.55 37.73 95.60
CA ILE E 1711 -76.23 37.07 95.60
C ILE E 1711 -75.21 37.69 96.54
N PRO E 1712 -74.15 36.98 96.96
CA PRO E 1712 -73.26 37.57 97.98
C PRO E 1712 -72.35 38.72 97.54
N ARG E 1713 -72.06 39.58 98.49
CA ARG E 1713 -71.20 40.76 98.33
C ARG E 1713 -70.07 40.79 99.35
N ILE E 1714 -68.81 40.73 98.90
CA ILE E 1714 -67.65 40.79 99.81
C ILE E 1714 -66.97 42.16 99.74
N TYR E 1715 -66.80 42.81 100.90
CA TYR E 1715 -66.19 44.13 101.01
C TYR E 1715 -64.95 44.00 101.87
N VAL E 1716 -63.80 44.37 101.32
CA VAL E 1716 -62.54 44.42 102.07
C VAL E 1716 -62.28 45.82 102.62
N SER E 1717 -62.36 45.94 103.94
CA SER E 1717 -62.26 47.23 104.62
C SER E 1717 -60.85 47.32 105.21
N ALA E 1718 -60.06 48.27 104.74
CA ALA E 1718 -58.78 48.59 105.36
C ALA E 1718 -58.47 50.04 105.01
N ASN E 1719 -58.69 50.96 105.96
CA ASN E 1719 -58.76 52.36 105.57
C ASN E 1719 -58.46 53.28 106.74
N SER E 1720 -58.47 54.58 106.42
CA SER E 1720 -58.23 55.69 107.35
C SER E 1720 -59.39 56.71 107.24
N GLY E 1721 -60.55 56.27 106.75
CA GLY E 1721 -61.81 56.94 106.46
C GLY E 1721 -61.85 58.04 105.38
N ALA E 1722 -62.88 58.88 105.53
CA ALA E 1722 -63.29 59.89 104.56
C ALA E 1722 -62.22 60.95 104.32
N ARG E 1723 -62.24 61.55 103.13
CA ARG E 1723 -61.25 62.57 102.77
C ARG E 1723 -61.35 63.81 103.67
N ILE E 1724 -60.18 64.38 103.96
CA ILE E 1724 -60.02 65.59 104.76
C ILE E 1724 -59.17 66.54 103.93
N GLY E 1725 -59.42 67.84 104.07
CA GLY E 1725 -58.54 68.82 103.46
C GLY E 1725 -58.91 70.24 103.84
N LEU E 1726 -57.97 71.14 103.59
CA LEU E 1726 -58.17 72.58 103.66
C LEU E 1726 -57.80 73.22 102.34
N ALA E 1727 -58.49 74.30 102.00
CA ALA E 1727 -58.25 75.01 100.75
C ALA E 1727 -56.85 75.62 100.76
N GLU E 1728 -55.95 74.91 100.07
CA GLU E 1728 -54.54 75.26 99.98
C GLU E 1728 -54.35 76.64 99.37
N GLU E 1729 -55.16 76.97 98.36
CA GLU E 1729 -55.06 78.22 97.63
C GLU E 1729 -55.05 79.42 98.57
N ILE E 1730 -55.72 79.29 99.71
CA ILE E 1730 -55.77 80.33 100.72
C ILE E 1730 -54.61 80.21 101.69
N ARG E 1731 -54.18 78.98 102.05
CA ARG E 1731 -53.14 78.81 103.06
C ARG E 1731 -51.84 79.59 102.79
N HIS E 1732 -51.38 79.63 101.53
CA HIS E 1732 -50.06 80.20 101.24
C HIS E 1732 -50.08 81.68 100.92
N MET E 1733 -51.25 82.28 100.92
CA MET E 1733 -51.40 83.68 100.58
C MET E 1733 -52.33 84.47 101.48
N PHE E 1734 -52.95 83.85 102.48
CA PHE E 1734 -53.84 84.63 103.31
C PHE E 1734 -53.02 85.48 104.26
N HIS E 1735 -53.62 86.57 104.70
CA HIS E 1735 -53.04 87.47 105.67
C HIS E 1735 -54.00 87.51 106.83
N VAL E 1736 -53.49 87.87 107.99
CA VAL E 1736 -54.28 87.86 109.21
C VAL E 1736 -54.65 89.30 109.48
N ALA E 1737 -55.93 89.52 109.77
CA ALA E 1737 -56.45 90.83 110.15
C ALA E 1737 -56.39 90.91 111.66
N TRP E 1738 -55.28 91.45 112.12
CA TRP E 1738 -54.96 91.54 113.52
C TRP E 1738 -55.84 92.56 114.22
N VAL E 1739 -56.08 92.28 115.50
CA VAL E 1739 -56.67 93.29 116.38
C VAL E 1739 -55.77 94.51 116.28
N ASP E 1740 -54.46 94.28 116.25
CA ASP E 1740 -53.47 95.32 116.06
C ASP E 1740 -52.37 94.65 115.23
N PRO E 1741 -52.08 95.15 114.01
CA PRO E 1741 -50.99 94.52 113.23
C PRO E 1741 -49.62 94.72 113.83
N GLU E 1742 -49.35 95.90 114.39
CA GLU E 1742 -48.09 96.18 115.05
C GLU E 1742 -47.84 95.31 116.29
N ASP E 1743 -48.81 94.48 116.69
CA ASP E 1743 -48.55 93.45 117.69
C ASP E 1743 -49.55 92.31 117.46
N PRO E 1744 -49.11 91.17 116.94
CA PRO E 1744 -50.05 90.09 116.65
C PRO E 1744 -50.63 89.43 117.89
N TYR E 1745 -49.89 89.44 119.00
CA TYR E 1745 -50.26 88.73 120.22
C TYR E 1745 -51.49 89.32 120.89
N LYS E 1746 -51.93 90.49 120.44
CA LYS E 1746 -53.24 91.07 120.72
C LYS E 1746 -54.43 90.39 120.03
N GLY E 1747 -54.25 89.18 119.50
CA GLY E 1747 -55.35 88.46 118.90
C GLY E 1747 -55.56 88.86 117.46
N TYR E 1748 -56.31 88.03 116.74
CA TYR E 1748 -56.72 88.29 115.37
C TYR E 1748 -58.23 88.31 115.21
N ARG E 1749 -58.67 89.09 114.21
CA ARG E 1749 -60.08 89.26 113.89
C ARG E 1749 -60.53 88.34 112.78
N TYR E 1750 -59.76 88.30 111.69
CA TYR E 1750 -60.12 87.52 110.51
C TYR E 1750 -58.91 87.40 109.60
N LEU E 1751 -59.03 86.52 108.64
CA LEU E 1751 -58.07 86.29 107.57
C LEU E 1751 -58.54 86.93 106.27
N TYR E 1752 -57.58 87.30 105.43
CA TYR E 1752 -57.90 88.01 104.21
C TYR E 1752 -56.76 87.82 103.23
N LEU E 1753 -57.01 88.25 102.01
CA LEU E 1753 -56.08 88.20 100.89
C LEU E 1753 -55.72 89.58 100.36
N THR E 1754 -54.46 89.73 99.94
CA THR E 1754 -54.05 90.94 99.23
C THR E 1754 -54.79 91.00 97.89
N PRO E 1755 -54.90 92.19 97.28
CA PRO E 1755 -55.71 92.27 96.04
C PRO E 1755 -55.27 91.40 94.88
N GLN E 1756 -53.98 91.18 94.62
CA GLN E 1756 -53.67 90.18 93.59
C GLN E 1756 -54.22 88.84 94.01
N ASP E 1757 -53.93 88.43 95.24
CA ASP E 1757 -54.39 87.16 95.76
C ASP E 1757 -55.91 87.09 95.95
N TYR E 1758 -56.58 88.19 96.36
CA TYR E 1758 -58.03 88.07 96.50
C TYR E 1758 -58.70 88.00 95.14
N LYS E 1759 -58.21 88.74 94.16
CA LYS E 1759 -58.84 88.85 92.84
C LYS E 1759 -58.93 87.53 92.05
N ARG E 1760 -58.55 86.39 92.64
CA ARG E 1760 -58.42 85.13 91.92
C ARG E 1760 -59.29 84.02 92.50
N VAL E 1761 -59.19 83.70 93.79
CA VAL E 1761 -60.24 82.85 94.34
C VAL E 1761 -61.59 83.55 94.28
N SER E 1762 -61.62 84.88 94.38
CA SER E 1762 -62.89 85.59 94.44
C SER E 1762 -63.75 85.33 93.20
N ALA E 1763 -63.13 85.39 92.02
CA ALA E 1763 -63.80 85.14 90.75
C ALA E 1763 -64.35 83.73 90.54
N LEU E 1764 -63.96 82.75 91.36
CA LEU E 1764 -64.06 81.35 90.93
C LEU E 1764 -64.98 80.50 91.78
N ASN E 1765 -65.80 81.11 92.64
CA ASN E 1765 -66.74 80.37 93.49
C ASN E 1765 -65.95 79.37 94.35
N SER E 1766 -64.85 79.86 94.88
CA SER E 1766 -63.89 79.11 95.67
C SER E 1766 -64.16 79.27 97.14
N VAL E 1767 -64.44 80.52 97.50
CA VAL E 1767 -64.75 80.92 98.85
C VAL E 1767 -65.92 81.89 98.71
N HIS E 1768 -66.53 82.22 99.83
CA HIS E 1768 -67.46 83.33 99.87
C HIS E 1768 -66.81 84.41 100.72
N CYS E 1769 -66.67 85.60 100.14
CA CYS E 1769 -66.10 86.73 100.83
C CYS E 1769 -67.07 87.90 100.73
N GLU E 1770 -66.80 88.91 101.55
CA GLU E 1770 -67.44 90.20 101.43
C GLU E 1770 -66.37 91.27 101.35
N HIS E 1771 -66.56 92.25 100.47
CA HIS E 1771 -65.62 93.34 100.39
C HIS E 1771 -65.73 94.11 101.70
N VAL E 1772 -64.60 94.61 102.20
CA VAL E 1772 -64.64 95.40 103.43
C VAL E 1772 -63.55 96.45 103.39
N GLU E 1773 -63.88 97.60 103.99
CA GLU E 1773 -62.90 98.59 104.34
C GLU E 1773 -62.58 98.45 105.83
N ASP E 1774 -61.31 98.30 106.15
CA ASP E 1774 -60.89 98.13 107.54
C ASP E 1774 -59.48 98.69 107.59
N GLU E 1775 -59.17 99.38 108.70
CA GLU E 1775 -57.88 100.02 108.92
C GLU E 1775 -57.38 100.72 107.66
N GLY E 1776 -58.29 101.33 106.89
CA GLY E 1776 -57.99 102.02 105.65
C GLY E 1776 -58.02 101.20 104.36
N GLU E 1777 -57.44 100.00 104.38
CA GLU E 1777 -57.30 99.19 103.17
C GLU E 1777 -58.59 98.45 102.82
N SER E 1778 -58.70 98.09 101.53
CA SER E 1778 -59.81 97.32 100.98
C SER E 1778 -59.44 95.85 100.83
N ARG E 1779 -60.26 94.99 101.43
CA ARG E 1779 -60.00 93.57 101.55
C ARG E 1779 -61.21 92.78 101.06
N TYR E 1780 -60.98 91.51 100.78
CA TYR E 1780 -62.07 90.60 100.44
C TYR E 1780 -62.02 89.70 101.65
N LYS E 1781 -62.81 90.08 102.64
CA LYS E 1781 -62.87 89.39 103.91
C LYS E 1781 -63.40 87.99 103.74
N ILE E 1782 -62.67 87.01 104.24
CA ILE E 1782 -63.10 85.63 104.05
C ILE E 1782 -64.20 85.36 105.07
N THR E 1783 -65.40 85.07 104.57
CA THR E 1783 -66.57 84.86 105.42
C THR E 1783 -66.94 83.40 105.55
N ASP E 1784 -66.84 82.68 104.45
CA ASP E 1784 -67.03 81.25 104.38
C ASP E 1784 -66.07 80.69 103.35
N ILE E 1785 -65.49 79.54 103.64
CA ILE E 1785 -64.68 78.83 102.64
C ILE E 1785 -65.52 77.69 102.12
N ILE E 1786 -65.81 77.76 100.83
CA ILE E 1786 -66.67 76.80 100.15
C ILE E 1786 -65.78 75.73 99.56
N GLY E 1787 -64.70 76.21 98.97
CA GLY E 1787 -63.59 75.44 98.49
C GLY E 1787 -63.70 74.91 97.09
N LYS E 1788 -62.87 75.47 96.21
CA LYS E 1788 -62.92 75.07 94.81
C LYS E 1788 -62.44 73.64 94.65
N GLU E 1789 -61.62 73.14 95.59
CA GLU E 1789 -61.19 71.74 95.54
C GLU E 1789 -62.39 70.91 95.96
N GLU E 1790 -62.89 70.08 95.07
CA GLU E 1790 -64.00 69.19 95.39
C GLU E 1790 -63.54 67.97 96.18
N GLY E 1791 -64.36 67.57 97.17
CA GLY E 1791 -64.12 66.33 97.89
C GLY E 1791 -63.54 66.42 99.28
N ILE E 1792 -63.29 67.61 99.82
CA ILE E 1792 -62.68 67.74 101.15
C ILE E 1792 -63.68 68.28 102.17
N GLY E 1793 -64.98 68.21 101.88
CA GLY E 1793 -65.98 68.85 102.70
C GLY E 1793 -66.95 67.83 103.27
N PRO E 1794 -68.08 68.29 103.82
CA PRO E 1794 -69.03 67.34 104.46
C PRO E 1794 -69.70 66.38 103.50
N GLU E 1795 -69.59 66.56 102.18
CA GLU E 1795 -70.04 65.54 101.24
C GLU E 1795 -69.46 64.15 101.53
N ASN E 1796 -68.22 64.05 102.02
CA ASN E 1796 -67.68 62.73 102.28
C ASN E 1796 -68.44 62.04 103.41
N LEU E 1797 -68.98 62.84 104.33
CA LEU E 1797 -69.78 62.33 105.43
C LEU E 1797 -71.14 61.89 104.89
N ARG E 1798 -71.70 62.69 103.98
CA ARG E 1798 -72.95 62.35 103.31
C ARG E 1798 -72.81 61.02 102.58
N GLY E 1799 -71.75 60.89 101.80
CA GLY E 1799 -71.50 59.66 101.05
C GLY E 1799 -71.45 58.46 101.96
N SER E 1800 -70.91 58.65 103.16
CA SER E 1800 -70.74 57.58 104.12
C SER E 1800 -72.08 57.02 104.60
N GLY E 1801 -72.96 57.88 105.10
CA GLY E 1801 -74.31 57.43 105.46
C GLY E 1801 -74.98 56.71 104.32
N MET E 1802 -74.92 57.29 103.13
CA MET E 1802 -75.52 56.72 101.92
C MET E 1802 -75.11 55.28 101.66
N ILE E 1803 -73.82 55.00 101.75
CA ILE E 1803 -73.36 53.64 101.47
C ILE E 1803 -73.61 52.72 102.67
N ALA E 1804 -73.75 53.29 103.87
CA ALA E 1804 -74.21 52.53 105.04
C ALA E 1804 -75.67 52.06 104.93
N GLY E 1805 -76.59 52.98 104.67
CA GLY E 1805 -78.00 52.64 104.59
C GLY E 1805 -78.37 51.55 103.58
N GLU E 1806 -77.92 51.68 102.34
CA GLU E 1806 -78.25 50.68 101.33
C GLU E 1806 -77.77 49.29 101.77
N SER E 1807 -76.59 49.23 102.37
CA SER E 1807 -76.00 47.96 102.76
C SER E 1807 -76.79 47.31 103.90
N SER E 1808 -77.29 48.12 104.83
CA SER E 1808 -78.13 47.60 105.90
C SER E 1808 -79.36 46.91 105.36
N LEU E 1809 -80.05 47.51 104.39
CA LEU E 1809 -81.23 46.85 103.86
C LEU E 1809 -80.80 45.62 103.08
N ALA E 1810 -79.80 45.81 102.23
CA ALA E 1810 -79.23 44.72 101.46
C ALA E 1810 -78.81 43.56 102.34
N TYR E 1811 -78.15 43.85 103.48
CA TYR E 1811 -77.69 42.76 104.34
C TYR E 1811 -78.86 41.92 104.83
N ASN E 1812 -79.99 42.58 105.09
CA ASN E 1812 -81.20 41.87 105.48
C ASN E 1812 -81.86 41.20 104.27
N GLU E 1813 -81.32 41.44 103.08
CA GLU E 1813 -81.81 40.97 101.80
C GLU E 1813 -80.81 40.05 101.12
N ILE E 1814 -79.49 40.24 101.32
CA ILE E 1814 -78.48 39.43 100.62
C ILE E 1814 -77.34 39.13 101.58
N ILE E 1815 -76.43 38.31 101.08
CA ILE E 1815 -75.24 37.89 101.81
C ILE E 1815 -74.16 38.94 101.63
N THR E 1816 -73.59 39.43 102.73
CA THR E 1816 -72.44 40.31 102.95
C THR E 1816 -71.47 39.54 103.84
N ILE E 1817 -70.18 39.59 103.52
CA ILE E 1817 -69.15 39.07 104.41
C ILE E 1817 -67.99 40.05 104.32
N SER E 1818 -67.28 40.24 105.44
CA SER E 1818 -66.20 41.22 105.46
C SER E 1818 -64.97 40.82 106.27
N LEU E 1819 -63.79 41.18 105.76
CA LEU E 1819 -62.52 40.92 106.44
C LEU E 1819 -61.75 42.23 106.55
N VAL E 1820 -61.39 42.59 107.78
CA VAL E 1820 -60.66 43.82 108.07
C VAL E 1820 -59.22 43.38 108.29
N THR E 1821 -58.32 43.90 107.45
CA THR E 1821 -56.98 43.35 107.32
C THR E 1821 -55.96 44.17 108.09
N CYS E 1822 -55.99 45.49 107.98
CA CYS E 1822 -55.00 46.33 108.65
C CYS E 1822 -55.70 47.28 109.61
N ARG E 1823 -56.60 48.11 109.12
CA ARG E 1823 -57.41 48.93 110.01
C ARG E 1823 -58.57 49.51 109.23
N ALA E 1824 -59.73 49.56 109.87
CA ALA E 1824 -60.90 50.26 109.35
C ALA E 1824 -61.19 51.43 110.27
N ILE E 1825 -61.19 52.65 109.71
CA ILE E 1825 -61.39 53.87 110.48
C ILE E 1825 -62.66 54.55 109.99
N GLY E 1826 -63.43 55.06 110.95
CA GLY E 1826 -64.66 55.78 110.74
C GLY E 1826 -65.64 55.04 109.86
N ILE E 1827 -66.03 55.64 108.72
CA ILE E 1827 -67.02 54.98 107.87
C ILE E 1827 -66.54 53.62 107.43
N GLY E 1828 -65.22 53.46 107.22
CA GLY E 1828 -64.72 52.14 106.87
C GLY E 1828 -65.03 51.15 107.96
N ALA E 1829 -64.75 51.54 109.21
CA ALA E 1829 -65.10 50.72 110.36
C ALA E 1829 -66.61 50.51 110.41
N TYR E 1830 -67.38 51.59 110.20
CA TYR E 1830 -68.82 51.47 110.36
C TYR E 1830 -69.42 50.54 109.31
N LEU E 1831 -68.94 50.62 108.06
CA LEU E 1831 -69.47 49.74 107.03
C LEU E 1831 -69.08 48.28 107.23
N VAL E 1832 -67.89 48.01 107.75
CA VAL E 1832 -67.51 46.61 107.91
C VAL E 1832 -68.29 46.05 109.08
N ARG E 1833 -68.49 46.92 110.08
CA ARG E 1833 -69.15 46.54 111.31
C ARG E 1833 -70.67 46.37 111.07
N LEU E 1834 -71.25 47.30 110.28
CA LEU E 1834 -72.65 47.29 109.86
C LEU E 1834 -73.07 46.03 109.11
N GLY E 1835 -72.19 45.43 108.31
CA GLY E 1835 -72.20 44.21 107.53
C GLY E 1835 -72.23 42.98 108.40
N GLN E 1836 -71.78 43.14 109.66
CA GLN E 1836 -71.87 42.24 110.81
C GLN E 1836 -70.93 41.05 110.83
N ARG E 1837 -70.85 40.25 109.78
CA ARG E 1837 -69.93 39.12 109.80
C ARG E 1837 -68.58 39.69 109.41
N THR E 1838 -67.64 39.61 110.33
CA THR E 1838 -66.46 40.46 110.33
C THR E 1838 -65.31 39.54 110.72
N ILE E 1839 -64.27 39.53 109.89
CA ILE E 1839 -62.98 38.87 109.98
C ILE E 1839 -61.84 39.83 110.20
N GLN E 1840 -60.93 39.47 111.11
CA GLN E 1840 -59.86 40.36 111.54
C GLN E 1840 -58.46 39.76 111.51
N VAL E 1841 -57.60 40.34 110.70
CA VAL E 1841 -56.20 39.93 110.59
C VAL E 1841 -55.41 40.42 111.79
N GLU E 1842 -54.46 39.60 112.26
CA GLU E 1842 -53.59 39.99 113.36
C GLU E 1842 -52.90 41.32 113.08
N ASN E 1843 -52.70 42.07 114.18
CA ASN E 1843 -52.12 43.41 114.30
C ASN E 1843 -53.00 44.50 113.72
N SER E 1844 -54.15 44.15 113.13
CA SER E 1844 -55.20 45.08 112.76
C SER E 1844 -56.04 45.51 113.96
N HIS E 1845 -56.80 46.58 113.75
CA HIS E 1845 -57.70 47.11 114.76
C HIS E 1845 -58.93 47.68 114.09
N LEU E 1846 -60.00 47.75 114.87
CA LEU E 1846 -61.35 47.97 114.36
C LEU E 1846 -61.86 49.08 115.26
N ILE E 1847 -61.83 50.29 114.72
CA ILE E 1847 -62.06 51.50 115.50
C ILE E 1847 -62.68 52.51 114.59
N LEU E 1848 -63.26 53.52 115.22
CA LEU E 1848 -63.87 54.62 114.51
C LEU E 1848 -63.05 55.90 114.62
N THR E 1849 -62.53 56.22 115.81
CA THR E 1849 -61.77 57.43 116.07
C THR E 1849 -60.50 57.02 116.82
N GLY E 1850 -59.40 57.69 116.50
CA GLY E 1850 -58.09 57.21 116.92
C GLY E 1850 -57.72 57.52 118.36
N ALA E 1851 -56.89 56.62 118.91
CA ALA E 1851 -56.41 56.69 120.29
C ALA E 1851 -55.81 58.05 120.65
N GLY E 1852 -55.14 58.71 119.71
CA GLY E 1852 -54.54 60.00 120.01
C GLY E 1852 -55.54 61.04 120.45
N ALA E 1853 -56.60 61.27 119.66
CA ALA E 1853 -57.60 62.26 120.03
C ALA E 1853 -58.18 61.99 121.41
N LEU E 1854 -58.57 60.74 121.68
CA LEU E 1854 -59.20 60.42 122.96
C LEU E 1854 -58.23 60.51 124.12
N ASN E 1855 -56.98 60.05 123.95
CA ASN E 1855 -56.02 60.14 125.05
C ASN E 1855 -55.83 61.61 125.39
N LYS E 1856 -55.75 62.43 124.36
CA LYS E 1856 -55.67 63.88 124.52
C LYS E 1856 -56.93 64.39 125.20
N VAL E 1857 -58.10 64.00 124.68
CA VAL E 1857 -59.38 64.36 125.28
C VAL E 1857 -59.46 63.85 126.71
N LEU E 1858 -58.85 62.71 126.99
CA LEU E 1858 -58.89 62.08 128.30
C LEU E 1858 -57.72 62.52 129.18
N GLY E 1859 -56.91 63.46 128.70
CA GLY E 1859 -55.84 64.13 129.41
C GLY E 1859 -54.56 63.39 129.71
N ARG E 1860 -54.38 62.17 129.23
CA ARG E 1860 -53.08 61.54 129.43
C ARG E 1860 -52.95 60.44 128.38
N GLU E 1861 -51.74 59.91 128.26
CA GLU E 1861 -51.48 58.86 127.29
C GLU E 1861 -52.01 57.55 127.86
N VAL E 1862 -53.34 57.46 127.91
CA VAL E 1862 -53.98 56.26 128.45
C VAL E 1862 -53.61 55.06 127.58
N TYR E 1863 -53.87 55.18 126.29
CA TYR E 1863 -53.65 54.15 125.30
C TYR E 1863 -52.50 54.54 124.38
N THR E 1864 -51.72 53.53 123.96
CA THR E 1864 -50.53 53.70 123.15
C THR E 1864 -50.67 53.23 121.72
N SER E 1865 -51.72 52.48 121.41
CA SER E 1865 -51.88 51.83 120.11
C SER E 1865 -53.36 51.65 119.82
N ASN E 1866 -53.77 52.00 118.60
CA ASN E 1866 -55.15 51.79 118.18
C ASN E 1866 -55.65 50.37 118.44
N ASN E 1867 -54.75 49.38 118.42
CA ASN E 1867 -55.14 48.02 118.77
C ASN E 1867 -55.67 47.92 120.20
N GLN E 1868 -55.20 48.79 121.10
CA GLN E 1868 -55.76 48.83 122.45
C GLN E 1868 -57.25 49.13 122.45
N LEU E 1869 -57.74 49.92 121.49
CA LEU E 1869 -59.14 50.35 121.47
C LEU E 1869 -60.01 49.35 120.72
N GLY E 1870 -59.54 48.85 119.57
CA GLY E 1870 -60.36 48.05 118.68
C GLY E 1870 -59.74 46.75 118.24
N GLY E 1871 -58.63 46.39 118.87
CA GLY E 1871 -57.92 45.19 118.52
C GLY E 1871 -58.75 44.04 119.05
N ILE E 1872 -58.31 42.82 118.77
CA ILE E 1872 -59.08 41.67 119.26
C ILE E 1872 -59.20 41.66 120.78
N GLN E 1873 -58.23 42.26 121.47
CA GLN E 1873 -58.26 42.30 122.93
C GLN E 1873 -59.39 43.14 123.50
N ILE E 1874 -60.03 43.99 122.69
CA ILE E 1874 -61.26 44.67 123.06
C ILE E 1874 -62.43 43.99 122.38
N MET E 1875 -62.36 43.94 121.05
CA MET E 1875 -63.50 43.55 120.24
C MET E 1875 -63.82 42.07 120.26
N HIS E 1876 -62.82 41.20 120.47
CA HIS E 1876 -63.11 39.78 120.55
C HIS E 1876 -63.66 39.43 121.93
N ASN E 1877 -63.14 40.12 122.95
CA ASN E 1877 -63.58 40.00 124.35
C ASN E 1877 -64.93 40.64 124.65
N ASN E 1878 -65.46 41.49 123.76
CA ASN E 1878 -66.75 42.13 123.94
C ASN E 1878 -67.83 41.75 122.95
N GLY E 1879 -67.53 40.85 122.03
CA GLY E 1879 -68.51 40.33 121.10
C GLY E 1879 -68.74 41.10 119.82
N VAL E 1880 -67.97 42.16 119.56
CA VAL E 1880 -67.84 42.95 118.33
C VAL E 1880 -67.12 42.16 117.24
N THR E 1881 -66.10 41.38 117.58
CA THR E 1881 -65.48 40.53 116.55
C THR E 1881 -66.15 39.17 116.59
N HIS E 1882 -66.54 38.69 115.41
CA HIS E 1882 -67.29 37.44 115.28
C HIS E 1882 -66.38 36.21 115.22
N CYS E 1883 -65.33 36.25 114.39
CA CYS E 1883 -64.21 35.40 114.01
C CYS E 1883 -62.92 36.18 113.87
N THR E 1884 -61.80 35.50 114.12
CA THR E 1884 -60.45 36.05 113.94
C THR E 1884 -59.60 35.29 112.93
N VAL E 1885 -58.69 36.02 112.27
CA VAL E 1885 -57.78 35.40 111.30
C VAL E 1885 -56.34 35.89 111.41
N CYS E 1886 -55.40 35.05 110.96
CA CYS E 1886 -53.98 35.43 111.03
C CYS E 1886 -53.53 36.24 109.82
N ASP E 1887 -54.17 36.05 108.67
CA ASP E 1887 -53.79 36.75 107.44
C ASP E 1887 -54.95 36.86 106.46
N ASP E 1888 -54.70 37.63 105.38
CA ASP E 1888 -55.70 37.88 104.37
C ASP E 1888 -56.09 36.59 103.67
N PHE E 1889 -55.09 35.76 103.32
CA PHE E 1889 -55.35 34.51 102.61
C PHE E 1889 -56.33 33.66 103.38
N GLU E 1890 -56.09 33.45 104.68
CA GLU E 1890 -57.04 32.62 105.40
C GLU E 1890 -58.37 33.34 105.54
N GLY E 1891 -58.34 34.68 105.53
CA GLY E 1891 -59.56 35.44 105.46
C GLY E 1891 -60.29 35.06 104.19
N VAL E 1892 -59.59 35.12 103.06
CA VAL E 1892 -60.20 34.76 101.78
C VAL E 1892 -60.70 33.33 101.88
N PHE E 1893 -59.89 32.45 102.48
CA PHE E 1893 -60.36 31.09 102.70
C PHE E 1893 -61.66 31.07 103.51
N THR E 1894 -61.70 31.83 104.62
CA THR E 1894 -62.92 31.86 105.43
C THR E 1894 -64.10 32.37 104.63
N VAL E 1895 -63.89 33.45 103.86
CA VAL E 1895 -64.97 33.96 103.02
C VAL E 1895 -65.46 32.85 102.10
N LEU E 1896 -64.54 32.26 101.33
CA LEU E 1896 -64.91 31.20 100.39
C LEU E 1896 -65.44 29.99 101.15
N HIS E 1897 -64.88 29.72 102.35
CA HIS E 1897 -65.32 28.58 103.15
C HIS E 1897 -66.75 28.79 103.62
N TRP E 1898 -67.05 30.02 104.08
CA TRP E 1898 -68.41 30.42 104.43
C TRP E 1898 -69.40 30.24 103.28
N LEU E 1899 -69.06 30.75 102.07
CA LEU E 1899 -69.92 30.68 100.90
C LEU E 1899 -70.40 29.28 100.53
N SER E 1900 -69.68 28.24 100.92
CA SER E 1900 -70.08 26.88 100.60
C SER E 1900 -71.35 26.42 101.30
N TYR E 1901 -71.80 27.14 102.33
CA TYR E 1901 -73.08 26.88 102.99
C TYR E 1901 -74.29 27.63 102.44
N MET E 1902 -74.15 28.54 101.48
CA MET E 1902 -75.23 29.47 101.21
C MET E 1902 -75.80 29.31 99.81
N PRO E 1903 -77.12 29.47 99.60
CA PRO E 1903 -77.64 29.29 98.24
C PRO E 1903 -77.23 30.47 97.39
N LYS E 1904 -76.81 30.16 96.15
CA LYS E 1904 -76.38 31.21 95.23
C LYS E 1904 -77.41 32.35 95.06
N SER E 1905 -78.70 32.02 94.98
CA SER E 1905 -79.75 33.02 94.83
C SER E 1905 -81.03 32.50 95.46
N VAL E 1906 -82.05 33.36 95.45
CA VAL E 1906 -83.39 32.98 95.94
C VAL E 1906 -84.12 32.06 94.96
N HIS E 1907 -83.67 32.04 93.70
CA HIS E 1907 -84.16 31.21 92.59
C HIS E 1907 -83.60 29.80 92.62
N SER E 1908 -82.85 29.43 93.66
CA SER E 1908 -82.07 28.21 93.72
C SER E 1908 -82.60 27.39 94.87
N SER E 1909 -82.43 26.08 94.73
CA SER E 1909 -82.85 25.08 95.71
C SER E 1909 -81.94 24.84 96.90
N VAL E 1910 -82.18 23.69 97.55
CA VAL E 1910 -81.38 23.09 98.61
C VAL E 1910 -79.90 22.79 98.49
N PRO E 1911 -79.27 22.89 97.30
CA PRO E 1911 -78.44 21.83 96.71
C PRO E 1911 -77.70 20.95 97.71
N LEU E 1912 -77.94 19.66 97.51
CA LEU E 1912 -77.52 18.61 98.44
C LEU E 1912 -76.18 18.00 98.07
N LEU E 1913 -75.41 17.69 99.10
CA LEU E 1913 -74.16 16.97 98.98
C LEU E 1913 -74.32 15.54 99.48
N ASN E 1914 -73.39 14.69 99.06
CA ASN E 1914 -73.23 13.36 99.61
C ASN E 1914 -72.15 13.46 100.69
N SER E 1915 -72.55 13.54 101.94
CA SER E 1915 -71.55 13.85 102.93
C SER E 1915 -70.79 12.58 103.24
N LYS E 1916 -69.57 12.73 103.75
CA LYS E 1916 -68.82 11.52 104.04
C LYS E 1916 -69.26 10.93 105.38
N ASP E 1917 -69.99 11.71 106.20
CA ASP E 1917 -70.62 11.17 107.39
C ASP E 1917 -72.01 10.71 106.97
N PRO E 1918 -72.32 9.41 106.94
CA PRO E 1918 -73.64 9.03 106.43
C PRO E 1918 -74.73 9.48 107.37
N ILE E 1919 -75.95 9.46 106.86
CA ILE E 1919 -77.08 10.03 107.59
C ILE E 1919 -77.88 8.94 108.29
N ASP E 1920 -77.97 7.77 107.66
CA ASP E 1920 -78.74 6.67 108.21
C ASP E 1920 -77.89 5.77 109.10
N ARG E 1921 -76.96 6.40 109.81
CA ARG E 1921 -76.09 5.84 110.83
C ARG E 1921 -76.64 6.21 112.20
N ILE E 1922 -76.19 5.49 113.24
CA ILE E 1922 -76.52 5.89 114.60
C ILE E 1922 -75.38 6.78 115.10
N ILE E 1923 -75.72 7.62 116.06
CA ILE E 1923 -74.77 8.52 116.72
C ILE E 1923 -74.22 7.82 117.95
N GLU E 1924 -72.88 7.77 118.09
CA GLU E 1924 -72.33 7.01 119.21
C GLU E 1924 -72.29 7.86 120.49
N PHE E 1925 -71.90 9.13 120.38
CA PHE E 1925 -71.86 10.01 121.55
C PHE E 1925 -73.27 10.38 122.01
N VAL E 1926 -73.51 10.30 123.32
CA VAL E 1926 -74.80 10.56 123.93
C VAL E 1926 -74.63 11.68 124.96
N PRO E 1927 -75.37 12.79 124.89
CA PRO E 1927 -75.27 13.80 125.93
C PRO E 1927 -75.59 13.27 127.32
N THR E 1928 -74.95 13.87 128.33
CA THR E 1928 -74.93 13.35 129.69
C THR E 1928 -75.34 14.43 130.69
N LYS E 1929 -75.83 13.97 131.85
CA LYS E 1929 -76.03 14.88 132.97
C LYS E 1929 -74.70 15.50 133.37
N THR E 1930 -73.64 14.70 133.33
CA THR E 1930 -72.30 15.22 133.54
C THR E 1930 -71.98 16.25 132.46
N PRO E 1931 -71.27 17.33 132.77
CA PRO E 1931 -71.06 18.37 131.77
C PRO E 1931 -70.14 17.91 130.65
N TYR E 1932 -70.22 18.62 129.53
CA TYR E 1932 -69.49 18.25 128.34
C TYR E 1932 -69.35 19.45 127.42
N ASP E 1933 -68.34 19.38 126.57
CA ASP E 1933 -68.15 20.38 125.53
C ASP E 1933 -69.27 20.20 124.52
N PRO E 1934 -70.12 21.21 124.26
CA PRO E 1934 -71.25 20.97 123.35
C PRO E 1934 -70.85 20.81 121.90
N ARG E 1935 -69.61 21.12 121.52
CA ARG E 1935 -69.24 20.87 120.13
C ARG E 1935 -69.19 19.39 119.83
N TRP E 1936 -68.79 18.57 120.80
CA TRP E 1936 -68.86 17.11 120.64
C TRP E 1936 -70.27 16.57 120.38
N MET E 1937 -71.29 17.08 121.08
CA MET E 1937 -72.66 16.65 120.80
C MET E 1937 -73.00 16.94 119.35
N LEU E 1938 -72.46 18.03 118.85
CA LEU E 1938 -72.72 18.63 117.55
C LEU E 1938 -71.83 18.00 116.47
N ALA E 1939 -70.51 18.08 116.65
CA ALA E 1939 -69.53 17.72 115.62
C ALA E 1939 -68.95 16.31 115.75
N GLY E 1940 -69.17 15.63 116.86
CA GLY E 1940 -68.57 14.33 117.13
C GLY E 1940 -67.27 14.46 117.86
N ARG E 1941 -66.71 13.32 118.22
CA ARG E 1941 -65.44 13.36 118.95
C ARG E 1941 -64.52 12.19 118.70
N PRO E 1942 -63.24 12.34 119.03
CA PRO E 1942 -62.31 11.20 119.00
C PRO E 1942 -62.64 10.23 120.11
N HIS E 1943 -62.31 8.96 119.89
CA HIS E 1943 -62.61 7.97 120.92
C HIS E 1943 -61.63 8.35 122.03
N PRO E 1944 -62.06 8.57 123.28
CA PRO E 1944 -61.05 8.88 124.33
C PRO E 1944 -59.92 7.87 124.53
N THR E 1945 -60.18 6.57 124.47
CA THR E 1945 -59.13 5.59 124.68
C THR E 1945 -58.43 5.14 123.39
N GLN E 1946 -58.93 4.04 122.81
CA GLN E 1946 -58.33 3.40 121.64
C GLN E 1946 -58.50 4.26 120.39
N LYS E 1947 -57.59 5.22 120.22
CA LYS E 1947 -57.51 5.93 118.95
C LYS E 1947 -56.76 5.07 117.94
N GLY E 1948 -57.02 5.27 116.63
CA GLY E 1948 -57.96 6.22 116.06
C GLY E 1948 -59.35 5.73 115.70
N GLN E 1949 -60.15 5.40 116.72
CA GLN E 1949 -61.57 5.22 116.53
C GLN E 1949 -62.25 6.58 116.73
N TRP E 1950 -63.57 6.64 116.52
CA TRP E 1950 -64.29 7.90 116.47
C TRP E 1950 -65.66 7.76 117.12
N LEU E 1951 -65.92 8.56 118.16
CA LEU E 1951 -67.28 8.65 118.71
C LEU E 1951 -68.08 9.60 117.83
N SER E 1952 -69.04 9.08 117.07
CA SER E 1952 -69.72 9.89 116.09
C SER E 1952 -70.63 10.90 116.78
N GLY E 1953 -70.68 12.14 116.26
CA GLY E 1953 -71.60 13.14 116.76
C GLY E 1953 -72.86 13.19 115.93
N PHE E 1954 -73.69 14.20 116.22
CA PHE E 1954 -74.87 14.39 115.41
C PHE E 1954 -74.54 14.83 113.99
N PHE E 1955 -73.72 15.87 113.87
CA PHE E 1955 -73.48 16.50 112.57
C PHE E 1955 -72.30 15.87 111.85
N ASP E 1956 -72.21 16.18 110.55
CA ASP E 1956 -71.10 15.72 109.73
C ASP E 1956 -69.77 16.12 110.36
N TYR E 1957 -68.88 15.15 110.48
CA TYR E 1957 -67.53 15.37 111.00
C TYR E 1957 -66.86 16.55 110.32
N GLY E 1958 -66.45 17.56 111.09
CA GLY E 1958 -65.71 18.63 110.44
C GLY E 1958 -66.51 19.62 109.63
N SER E 1959 -67.85 19.61 109.73
CA SER E 1959 -68.67 20.41 108.82
C SER E 1959 -69.13 21.76 109.37
N PHE E 1960 -69.10 21.98 110.69
CA PHE E 1960 -69.58 23.09 111.50
C PHE E 1960 -68.57 24.23 111.53
N SER E 1961 -69.04 25.43 111.21
CA SER E 1961 -68.22 26.64 111.19
C SER E 1961 -68.81 27.68 112.14
N GLU E 1962 -68.15 27.82 113.29
CA GLU E 1962 -68.60 28.68 114.37
C GLU E 1962 -68.37 30.16 114.10
N ILE E 1963 -69.14 30.96 114.82
CA ILE E 1963 -68.92 32.39 114.99
C ILE E 1963 -69.20 32.68 116.45
N MET E 1964 -68.66 33.83 116.90
CA MET E 1964 -68.75 34.39 118.26
C MET E 1964 -68.29 33.43 119.36
N GLN E 1965 -67.24 32.67 119.09
CA GLN E 1965 -66.89 31.58 120.01
C GLN E 1965 -66.51 31.99 121.45
N PRO E 1966 -65.70 33.02 121.72
CA PRO E 1966 -65.24 33.20 123.10
C PRO E 1966 -66.12 34.06 124.00
N TRP E 1967 -67.21 34.64 123.53
CA TRP E 1967 -68.03 35.50 124.35
C TRP E 1967 -69.37 34.85 124.69
N ALA E 1968 -69.72 34.86 125.98
CA ALA E 1968 -71.00 34.32 126.44
C ALA E 1968 -71.24 32.89 125.95
N GLN E 1969 -70.47 31.97 126.49
CA GLN E 1969 -70.38 30.63 125.94
C GLN E 1969 -71.46 29.70 126.47
N THR E 1970 -72.43 30.21 127.24
CA THR E 1970 -73.55 29.35 127.61
C THR E 1970 -74.37 28.92 126.41
N VAL E 1971 -74.32 29.67 125.31
CA VAL E 1971 -74.90 29.25 124.05
C VAL E 1971 -73.85 29.43 122.96
N VAL E 1972 -73.95 28.59 121.93
CA VAL E 1972 -72.99 28.50 120.83
C VAL E 1972 -73.73 28.57 119.50
N VAL E 1973 -73.27 29.45 118.59
CA VAL E 1973 -73.96 29.62 117.32
C VAL E 1973 -72.99 29.52 116.15
N GLY E 1974 -73.54 29.07 115.02
CA GLY E 1974 -72.77 28.87 113.81
C GLY E 1974 -73.61 28.16 112.76
N ARG E 1975 -72.94 27.74 111.70
CA ARG E 1975 -73.51 26.96 110.61
C ARG E 1975 -72.77 25.64 110.43
N ALA E 1976 -73.48 24.62 109.95
CA ALA E 1976 -72.90 23.30 109.73
C ALA E 1976 -73.65 22.61 108.61
N ARG E 1977 -73.31 21.35 108.38
CA ARG E 1977 -74.03 20.53 107.43
C ARG E 1977 -74.36 19.20 108.09
N LEU E 1978 -75.59 18.77 107.89
CA LEU E 1978 -76.09 17.48 108.34
C LEU E 1978 -76.47 16.72 107.09
N GLY E 1979 -75.72 15.66 106.78
CA GLY E 1979 -75.85 14.99 105.50
C GLY E 1979 -75.62 15.86 104.28
N GLY E 1980 -74.86 16.94 104.42
CA GLY E 1980 -74.51 17.82 103.33
C GLY E 1980 -75.45 18.96 102.98
N ILE E 1981 -76.53 19.17 103.72
CA ILE E 1981 -77.38 20.35 103.57
C ILE E 1981 -76.85 21.40 104.54
N PRO E 1982 -76.50 22.61 104.09
CA PRO E 1982 -76.03 23.59 105.07
C PRO E 1982 -77.18 24.02 105.97
N VAL E 1983 -76.88 24.05 107.27
CA VAL E 1983 -77.75 24.53 108.33
C VAL E 1983 -77.07 25.39 109.37
N GLY E 1984 -77.87 26.16 110.09
CA GLY E 1984 -77.41 26.78 111.31
C GLY E 1984 -77.68 25.90 112.52
N VAL E 1985 -76.81 26.01 113.51
CA VAL E 1985 -76.71 25.03 114.58
C VAL E 1985 -76.50 25.76 115.90
N VAL E 1986 -77.26 25.36 116.92
CA VAL E 1986 -77.12 25.88 118.27
C VAL E 1986 -77.05 24.78 119.32
N ALA E 1987 -76.07 24.88 120.22
CA ALA E 1987 -75.94 23.98 121.35
C ALA E 1987 -75.55 24.76 122.60
N VAL E 1988 -75.66 24.12 123.76
CA VAL E 1988 -75.54 24.80 125.03
C VAL E 1988 -74.39 24.26 125.87
N GLU E 1989 -73.55 25.16 126.37
CA GLU E 1989 -72.51 24.80 127.31
C GLU E 1989 -73.23 24.50 128.62
N THR E 1990 -72.80 23.46 129.35
CA THR E 1990 -73.51 23.10 130.57
C THR E 1990 -72.81 23.50 131.86
N ARG E 1991 -71.50 23.72 131.88
CA ARG E 1991 -70.85 24.19 133.09
C ARG E 1991 -70.95 25.70 133.12
N THR E 1992 -70.92 26.26 134.32
CA THR E 1992 -70.98 27.70 134.44
C THR E 1992 -69.80 28.28 133.68
N VAL E 1993 -70.11 29.26 132.85
CA VAL E 1993 -69.13 29.98 132.05
C VAL E 1993 -68.52 31.06 132.94
N GLU E 1994 -67.23 31.30 132.76
CA GLU E 1994 -66.51 32.38 133.42
C GLU E 1994 -66.11 33.47 132.44
N LEU E 1995 -66.82 34.60 132.54
CA LEU E 1995 -66.61 35.75 131.67
C LEU E 1995 -65.63 36.70 132.33
N SER E 1996 -64.59 37.06 131.60
CA SER E 1996 -63.59 38.01 132.04
C SER E 1996 -63.94 39.39 131.48
N ILE E 1997 -64.11 40.36 132.36
CA ILE E 1997 -64.39 41.74 131.96
C ILE E 1997 -63.07 42.48 132.13
N PRO E 1998 -62.52 43.10 131.09
CA PRO E 1998 -61.20 43.72 131.26
C PRO E 1998 -61.28 44.97 132.11
N ALA E 1999 -60.15 45.34 132.69
CA ALA E 1999 -60.13 46.55 133.49
C ALA E 1999 -60.02 47.70 132.52
N ASP E 2000 -60.72 48.79 132.78
CA ASP E 2000 -60.56 49.99 131.99
C ASP E 2000 -59.39 50.79 132.56
N PRO E 2001 -58.25 50.90 131.87
CA PRO E 2001 -57.18 51.69 132.50
C PRO E 2001 -57.50 53.17 132.51
N ALA E 2002 -58.34 53.62 131.56
CA ALA E 2002 -58.86 54.99 131.57
C ALA E 2002 -59.56 55.33 132.88
N ASN E 2003 -60.37 54.40 133.40
CA ASN E 2003 -61.18 54.64 134.58
C ASN E 2003 -60.50 53.93 135.74
N LEU E 2004 -60.08 54.70 136.76
CA LEU E 2004 -59.31 54.09 137.85
C LEU E 2004 -60.15 53.20 138.77
N ASP E 2005 -61.49 53.30 138.73
CA ASP E 2005 -62.29 52.39 139.53
C ASP E 2005 -62.25 50.99 138.94
N SER E 2006 -62.46 50.91 137.62
CA SER E 2006 -62.55 49.65 136.89
C SER E 2006 -61.38 48.74 137.22
N GLU E 2007 -61.69 47.57 137.76
CA GLU E 2007 -60.77 46.45 137.81
C GLU E 2007 -61.30 45.35 136.91
N ALA E 2008 -60.40 44.52 136.37
CA ALA E 2008 -60.82 43.50 135.42
C ALA E 2008 -61.64 42.49 136.19
N LYS E 2009 -62.96 42.56 136.05
CA LYS E 2009 -63.81 41.62 136.74
C LYS E 2009 -63.81 40.28 136.02
N ILE E 2010 -64.32 39.28 136.73
CA ILE E 2010 -64.43 37.91 136.22
C ILE E 2010 -65.82 37.45 136.68
N ILE E 2011 -66.68 37.12 135.74
CA ILE E 2011 -68.10 36.95 136.02
C ILE E 2011 -68.44 35.50 135.74
N GLN E 2012 -69.25 34.91 136.62
CA GLN E 2012 -69.78 33.58 136.40
C GLN E 2012 -71.03 33.72 135.55
N GLN E 2013 -71.09 32.96 134.47
CA GLN E 2013 -72.26 32.91 133.60
C GLN E 2013 -72.81 31.49 133.57
N ALA E 2014 -73.95 31.26 134.22
CA ALA E 2014 -74.53 29.93 134.29
C ALA E 2014 -74.76 29.36 132.90
N GLY E 2015 -74.61 28.03 132.76
CA GLY E 2015 -74.99 27.41 131.50
C GLY E 2015 -76.51 27.27 131.41
N GLN E 2016 -76.99 27.00 130.19
CA GLN E 2016 -78.43 26.91 129.94
C GLN E 2016 -79.20 28.16 130.38
N VAL E 2017 -78.60 29.35 130.31
CA VAL E 2017 -79.32 30.56 130.73
C VAL E 2017 -79.18 31.61 129.65
N TRP E 2018 -80.24 32.39 129.48
CA TRP E 2018 -80.21 33.56 128.61
C TRP E 2018 -79.87 34.75 129.50
N PHE E 2019 -78.82 35.46 129.15
CA PHE E 2019 -78.38 36.75 129.69
C PHE E 2019 -78.65 37.89 128.71
N PRO E 2020 -78.36 39.15 129.10
CA PRO E 2020 -78.44 40.22 128.09
C PRO E 2020 -77.57 39.90 126.88
N ASP E 2021 -76.30 39.52 127.13
CA ASP E 2021 -75.36 39.17 126.06
C ASP E 2021 -75.88 38.03 125.20
N SER E 2022 -76.32 36.93 125.84
CA SER E 2022 -76.75 35.75 125.11
C SER E 2022 -77.91 36.06 124.19
N ALA E 2023 -78.88 36.84 124.67
CA ALA E 2023 -80.05 37.14 123.84
C ALA E 2023 -79.67 37.96 122.62
N PHE E 2024 -78.75 38.93 122.77
CA PHE E 2024 -78.31 39.73 121.63
C PHE E 2024 -77.57 38.87 120.61
N LYS E 2025 -76.52 38.19 121.08
CA LYS E 2025 -75.77 37.25 120.25
C LYS E 2025 -76.58 36.06 119.70
N THR E 2026 -77.52 35.49 120.48
CA THR E 2026 -78.28 34.33 120.02
C THR E 2026 -79.22 34.69 118.88
N TYR E 2027 -79.93 35.81 119.04
CA TYR E 2027 -80.82 36.35 118.03
C TYR E 2027 -80.11 36.60 116.70
N GLN E 2028 -78.84 37.04 116.74
CA GLN E 2028 -78.15 37.43 115.51
C GLN E 2028 -77.85 36.27 114.56
N ALA E 2029 -77.32 35.13 115.04
CA ALA E 2029 -77.07 34.03 114.12
C ALA E 2029 -78.32 33.53 113.40
N ILE E 2030 -79.39 33.23 114.16
CA ILE E 2030 -80.71 32.76 113.77
C ILE E 2030 -81.36 33.80 112.86
N LYS E 2031 -81.26 35.09 113.23
CA LYS E 2031 -81.87 36.13 112.41
C LYS E 2031 -81.23 36.12 111.04
N ASP E 2032 -79.90 36.04 111.01
CA ASP E 2032 -79.17 36.12 109.76
C ASP E 2032 -79.65 34.99 108.86
N PHE E 2033 -79.68 33.78 109.42
CA PHE E 2033 -80.12 32.62 108.67
C PHE E 2033 -81.53 32.85 108.13
N ASN E 2034 -82.36 33.54 108.93
CA ASN E 2034 -83.74 33.80 108.57
C ASN E 2034 -83.88 34.77 107.39
N ARG E 2035 -83.00 35.79 107.28
CA ARG E 2035 -83.11 36.70 106.15
C ARG E 2035 -82.52 36.08 104.90
N GLU E 2036 -81.74 35.02 105.09
CA GLU E 2036 -81.21 34.19 104.04
C GLU E 2036 -82.23 33.20 103.53
N GLY E 2037 -83.14 32.76 104.37
CA GLY E 2037 -84.09 31.76 103.96
C GLY E 2037 -83.78 30.36 104.43
N LEU E 2038 -82.97 30.18 105.52
CA LEU E 2038 -82.67 28.78 105.76
C LEU E 2038 -83.71 28.08 106.61
N PRO E 2039 -83.94 26.79 106.38
CA PRO E 2039 -84.60 26.01 107.41
C PRO E 2039 -83.66 25.86 108.59
N LEU E 2040 -84.25 25.67 109.75
CA LEU E 2040 -83.53 25.59 111.01
C LEU E 2040 -83.75 24.24 111.67
N MET E 2041 -82.70 23.69 112.24
CA MET E 2041 -82.86 22.59 113.18
C MET E 2041 -82.11 23.08 114.41
N VAL E 2042 -82.87 23.32 115.47
CA VAL E 2042 -82.42 23.83 116.76
C VAL E 2042 -82.39 22.80 117.89
N PHE E 2043 -81.22 22.64 118.52
CA PHE E 2043 -81.16 21.84 119.74
C PHE E 2043 -81.36 22.78 120.92
N ALA E 2044 -82.64 23.05 121.20
CA ALA E 2044 -83.06 24.10 122.12
C ALA E 2044 -82.87 23.62 123.56
N ASN E 2045 -82.21 24.41 124.40
CA ASN E 2045 -81.93 23.97 125.78
C ASN E 2045 -81.76 25.14 126.76
N TRP E 2046 -82.77 25.99 127.00
CA TRP E 2046 -82.59 27.18 127.84
C TRP E 2046 -83.57 27.19 128.99
N ARG E 2047 -83.07 27.35 130.23
CA ARG E 2047 -83.96 27.40 131.40
C ARG E 2047 -84.66 28.71 131.73
N GLY E 2048 -84.19 29.86 131.26
CA GLY E 2048 -84.81 31.11 131.65
C GLY E 2048 -83.84 32.26 131.54
N PHE E 2049 -84.35 33.46 131.84
CA PHE E 2049 -83.48 34.61 132.07
C PHE E 2049 -82.95 34.68 133.49
N SER E 2050 -81.72 35.19 133.58
CA SER E 2050 -81.06 35.46 134.85
C SER E 2050 -81.73 36.66 135.51
N GLY E 2051 -82.01 36.55 136.81
CA GLY E 2051 -82.83 37.55 137.45
C GLY E 2051 -82.18 38.45 138.49
N GLY E 2052 -80.85 38.61 138.45
CA GLY E 2052 -80.22 39.42 139.48
C GLY E 2052 -80.37 40.89 139.11
N MET E 2053 -80.10 41.76 140.08
CA MET E 2053 -80.39 43.18 139.89
C MET E 2053 -79.66 43.77 138.69
N LYS E 2054 -78.33 43.59 138.63
CA LYS E 2054 -77.54 44.24 137.59
C LYS E 2054 -77.91 43.73 136.20
N ASP E 2055 -77.89 42.40 136.00
CA ASP E 2055 -78.13 41.90 134.65
C ASP E 2055 -79.57 42.20 134.22
N MET E 2056 -80.51 42.19 135.17
CA MET E 2056 -81.89 42.56 134.86
C MET E 2056 -81.94 44.04 134.52
N TYR E 2057 -81.26 44.85 135.34
CA TYR E 2057 -81.05 46.26 135.04
C TYR E 2057 -80.44 46.40 133.66
N ASP E 2058 -79.55 45.47 133.29
CA ASP E 2058 -78.87 45.49 132.00
C ASP E 2058 -79.76 44.96 130.87
N GLN E 2059 -81.08 44.86 131.10
CA GLN E 2059 -82.07 44.86 130.02
C GLN E 2059 -82.24 43.57 129.23
N VAL E 2060 -82.07 42.42 129.87
CA VAL E 2060 -82.26 41.16 129.14
C VAL E 2060 -83.68 41.07 128.59
N LEU E 2061 -84.66 41.72 129.22
CA LEU E 2061 -86.03 41.69 128.73
C LEU E 2061 -86.12 42.29 127.33
N LYS E 2062 -85.31 43.32 127.07
CA LYS E 2062 -85.50 44.09 125.85
C LYS E 2062 -85.17 43.24 124.65
N PHE E 2063 -84.09 42.47 124.76
CA PHE E 2063 -83.57 41.67 123.68
C PHE E 2063 -84.31 40.35 123.63
N GLY E 2064 -84.88 39.95 124.78
CA GLY E 2064 -85.76 38.81 124.83
C GLY E 2064 -87.02 39.08 124.02
N ALA E 2065 -87.60 40.25 124.21
CA ALA E 2065 -88.70 40.65 123.36
C ALA E 2065 -88.30 40.56 121.89
N TYR E 2066 -87.09 41.03 121.57
CA TYR E 2066 -86.63 41.13 120.18
C TYR E 2066 -86.53 39.75 119.50
N ILE E 2067 -85.99 38.74 120.19
CA ILE E 2067 -85.89 37.38 119.65
C ILE E 2067 -87.24 36.87 119.14
N VAL E 2068 -88.33 37.20 119.83
CA VAL E 2068 -89.66 36.76 119.43
C VAL E 2068 -89.94 37.21 117.99
N ASP E 2069 -89.68 38.49 117.69
CA ASP E 2069 -89.84 38.99 116.32
C ASP E 2069 -89.12 38.10 115.30
N GLY E 2070 -87.91 37.65 115.63
CA GLY E 2070 -87.07 36.94 114.66
C GLY E 2070 -87.63 35.63 114.13
N LEU E 2071 -88.15 34.78 115.02
CA LEU E 2071 -88.62 33.45 114.60
C LEU E 2071 -89.91 33.51 113.79
N ARG E 2072 -90.76 34.52 114.02
CA ARG E 2072 -92.01 34.64 113.27
C ARG E 2072 -91.80 34.72 111.77
N GLU E 2073 -90.68 35.29 111.33
CA GLU E 2073 -90.40 35.45 109.91
C GLU E 2073 -89.80 34.22 109.22
N CYS E 2074 -89.57 33.11 109.90
CA CYS E 2074 -89.00 31.96 109.21
C CYS E 2074 -89.98 31.42 108.17
N CYS E 2075 -89.44 31.01 107.01
CA CYS E 2075 -90.24 30.63 105.85
C CYS E 2075 -90.04 29.19 105.39
N GLN E 2076 -89.14 28.44 106.02
CA GLN E 2076 -88.86 27.04 105.73
C GLN E 2076 -88.82 26.23 107.01
N PRO E 2077 -88.78 24.90 106.90
CA PRO E 2077 -88.89 24.04 108.09
C PRO E 2077 -87.89 24.29 109.19
N VAL E 2078 -88.42 24.37 110.40
CA VAL E 2078 -87.60 24.27 111.60
C VAL E 2078 -88.07 23.14 112.53
N LEU E 2079 -87.26 22.11 112.72
CA LEU E 2079 -87.42 20.93 113.56
C LEU E 2079 -86.52 21.13 114.76
N VAL E 2080 -87.15 21.21 115.93
CA VAL E 2080 -86.49 21.49 117.19
C VAL E 2080 -86.44 20.21 117.99
N TYR E 2081 -85.27 19.92 118.55
CA TYR E 2081 -85.06 18.69 119.31
C TYR E 2081 -84.33 19.04 120.61
N ILE E 2082 -84.93 18.70 121.74
CA ILE E 2082 -84.29 18.87 123.04
C ILE E 2082 -83.48 17.60 123.34
N PRO E 2083 -82.14 17.66 123.35
CA PRO E 2083 -81.34 16.44 123.55
C PRO E 2083 -81.43 15.95 124.99
N PRO E 2084 -80.96 14.74 125.25
CA PRO E 2084 -81.02 14.19 126.61
C PRO E 2084 -80.34 14.90 127.80
N GLN E 2085 -81.08 14.95 128.92
CA GLN E 2085 -80.71 15.66 130.15
C GLN E 2085 -80.70 17.17 130.09
N ALA E 2086 -81.10 17.77 128.98
CA ALA E 2086 -81.23 19.21 128.92
C ALA E 2086 -82.64 19.61 129.33
N GLU E 2087 -82.84 20.91 129.54
CA GLU E 2087 -84.17 21.39 129.84
C GLU E 2087 -84.38 22.77 129.27
N LEU E 2088 -85.65 23.05 128.98
CA LEU E 2088 -86.09 24.32 128.42
C LEU E 2088 -87.44 24.69 129.04
N ARG E 2089 -87.51 25.86 129.67
CA ARG E 2089 -88.60 26.17 130.60
C ARG E 2089 -89.19 27.54 130.33
N GLY E 2090 -90.50 27.63 130.57
CA GLY E 2090 -91.22 28.89 130.64
C GLY E 2090 -90.90 29.74 129.44
N GLY E 2091 -90.29 30.90 129.68
CA GLY E 2091 -90.11 31.87 128.61
C GLY E 2091 -89.44 31.28 127.39
N SER E 2092 -88.43 30.42 127.60
CA SER E 2092 -87.69 29.90 126.47
C SER E 2092 -88.57 28.96 125.65
N TRP E 2093 -89.42 28.19 126.34
CA TRP E 2093 -90.39 27.34 125.66
C TRP E 2093 -91.45 28.20 124.98
N VAL E 2094 -92.05 29.14 125.71
CA VAL E 2094 -93.10 30.00 125.18
C VAL E 2094 -92.64 30.67 123.88
N VAL E 2095 -91.41 31.19 123.88
CA VAL E 2095 -90.91 31.96 122.74
C VAL E 2095 -90.45 31.12 121.57
N ILE E 2096 -90.39 29.79 121.70
CA ILE E 2096 -90.02 28.94 120.57
C ILE E 2096 -91.05 27.87 120.26
N ASP E 2097 -92.27 28.03 120.75
CA ASP E 2097 -93.34 27.13 120.37
C ASP E 2097 -93.70 27.25 118.89
N SER E 2098 -93.95 26.10 118.27
CA SER E 2098 -94.35 26.00 116.86
C SER E 2098 -95.61 26.79 116.50
N SER E 2099 -96.44 27.18 117.47
CA SER E 2099 -97.66 27.92 117.18
C SER E 2099 -97.53 29.20 116.36
N ILE E 2100 -96.42 29.93 116.43
CA ILE E 2100 -96.36 31.22 115.72
C ILE E 2100 -96.50 31.00 114.21
N ASN E 2101 -95.89 29.93 113.72
CA ASN E 2101 -95.84 29.61 112.30
C ASN E 2101 -95.96 28.09 112.15
N PRO E 2102 -97.16 27.54 112.38
CA PRO E 2102 -97.30 26.07 112.28
C PRO E 2102 -96.92 25.54 110.91
N ARG E 2103 -97.17 26.33 109.87
CA ARG E 2103 -96.74 25.98 108.52
C ARG E 2103 -95.28 25.56 108.47
N HIS E 2104 -94.42 26.17 109.31
CA HIS E 2104 -92.98 26.02 109.14
C HIS E 2104 -92.18 25.48 110.32
N MET E 2105 -92.69 25.45 111.57
CA MET E 2105 -92.06 25.00 112.81
C MET E 2105 -92.50 23.59 113.15
N GLU E 2106 -91.56 22.82 113.69
CA GLU E 2106 -91.78 21.48 114.23
C GLU E 2106 -90.85 21.27 115.41
N MET E 2107 -91.31 20.49 116.39
CA MET E 2107 -90.63 20.27 117.66
C MET E 2107 -90.48 18.77 117.87
N TYR E 2108 -89.33 18.32 118.36
CA TYR E 2108 -89.07 16.91 118.60
C TYR E 2108 -88.44 16.79 119.97
N ALA E 2109 -88.77 15.72 120.69
CA ALA E 2109 -88.21 15.49 122.02
C ALA E 2109 -87.58 14.14 122.28
N ASP E 2110 -86.44 14.20 122.93
CA ASP E 2110 -85.71 13.05 123.44
C ASP E 2110 -86.41 12.39 124.62
N ARG E 2111 -86.10 11.09 124.77
CA ARG E 2111 -86.54 10.31 125.92
C ARG E 2111 -86.26 11.08 127.21
N GLU E 2112 -85.09 11.73 127.28
CA GLU E 2112 -84.61 12.53 128.40
C GLU E 2112 -84.89 14.04 128.32
N SER E 2113 -85.97 14.50 127.71
CA SER E 2113 -86.18 15.95 127.68
C SER E 2113 -87.39 16.44 128.47
N ARG E 2114 -87.49 17.76 128.63
CA ARG E 2114 -88.54 18.30 129.48
C ARG E 2114 -88.92 19.70 129.02
N GLY E 2115 -90.15 20.11 129.32
CA GLY E 2115 -90.62 21.44 128.97
C GLY E 2115 -91.89 21.84 129.69
N SER E 2116 -91.97 23.08 130.17
CA SER E 2116 -93.07 23.51 131.05
C SER E 2116 -93.22 25.03 131.00
N VAL E 2117 -94.34 25.48 131.58
CA VAL E 2117 -94.57 26.88 131.91
C VAL E 2117 -93.58 27.41 132.93
N LEU E 2118 -93.23 26.61 133.91
CA LEU E 2118 -92.45 27.13 135.02
C LEU E 2118 -91.44 26.12 135.54
N GLU E 2119 -90.25 26.62 135.84
CA GLU E 2119 -89.19 25.81 136.40
C GLU E 2119 -89.70 25.29 137.74
N PRO E 2120 -89.12 24.22 138.27
CA PRO E 2120 -89.67 23.58 139.48
C PRO E 2120 -89.96 24.47 140.68
N GLU E 2121 -89.09 25.41 141.09
CA GLU E 2121 -89.43 26.19 142.28
C GLU E 2121 -90.78 26.89 142.16
N GLY E 2122 -91.12 27.44 140.98
CA GLY E 2122 -92.34 28.22 140.88
C GLY E 2122 -93.60 27.39 140.69
N THR E 2123 -93.50 26.25 140.01
CA THR E 2123 -94.61 25.32 139.99
C THR E 2123 -94.87 24.84 141.42
N VAL E 2124 -93.78 24.45 142.07
CA VAL E 2124 -93.82 23.92 143.43
C VAL E 2124 -94.36 25.01 144.38
N GLU E 2125 -93.81 26.25 144.28
CA GLU E 2125 -94.23 27.38 145.12
C GLU E 2125 -95.76 27.49 145.22
N ILE E 2126 -96.44 27.20 144.13
CA ILE E 2126 -97.90 27.22 144.02
C ILE E 2126 -98.47 25.91 144.58
N LYS E 2127 -97.76 24.81 144.35
CA LYS E 2127 -98.10 23.39 144.52
C LYS E 2127 -97.20 22.76 145.57
N PHE E 2128 -96.87 23.60 146.56
CA PHE E 2128 -96.18 23.29 147.80
C PHE E 2128 -96.68 24.16 148.93
N ARG E 2129 -97.98 24.02 149.05
CA ARG E 2129 -98.83 24.63 150.04
C ARG E 2129 -98.83 23.57 151.13
N ARG E 2130 -99.60 23.80 152.17
CA ARG E 2130 -99.69 22.89 153.31
C ARG E 2130 -99.98 21.44 152.88
N LYS E 2131 -101.06 21.25 152.13
CA LYS E 2131 -101.59 19.97 151.64
C LYS E 2131 -100.63 18.94 151.01
N ASP E 2132 -99.77 19.33 150.06
CA ASP E 2132 -99.01 18.29 149.34
C ASP E 2132 -98.00 17.49 150.16
N LEU E 2133 -97.28 18.07 151.12
CA LEU E 2133 -96.35 17.23 151.88
C LEU E 2133 -97.08 16.25 152.78
N VAL E 2134 -98.02 16.76 153.58
CA VAL E 2134 -98.79 15.92 154.50
C VAL E 2134 -99.66 14.91 153.77
N LYS E 2135 -100.51 15.38 152.85
CA LYS E 2135 -101.30 14.51 152.00
C LYS E 2135 -100.51 13.37 151.35
N THR E 2136 -99.29 13.63 150.86
CA THR E 2136 -98.63 12.56 150.12
C THR E 2136 -98.16 11.46 151.07
N MET E 2137 -97.58 11.85 152.21
CA MET E 2137 -97.31 10.89 153.27
C MET E 2137 -98.57 10.22 153.80
N ARG E 2138 -99.60 11.03 154.09
CA ARG E 2138 -100.83 10.54 154.71
C ARG E 2138 -101.55 9.44 153.94
N ARG E 2139 -101.47 9.41 152.61
CA ARG E 2139 -102.16 8.35 151.88
C ARG E 2139 -101.27 7.13 151.64
N VAL E 2140 -99.97 7.36 151.47
CA VAL E 2140 -99.05 6.42 150.84
C VAL E 2140 -97.97 5.92 151.78
N ASP E 2141 -97.42 6.77 152.63
CA ASP E 2141 -96.32 6.33 153.49
C ASP E 2141 -96.83 5.39 154.56
N PRO E 2142 -96.29 4.17 154.69
CA PRO E 2142 -96.89 3.22 155.65
C PRO E 2142 -96.74 3.62 157.11
N VAL E 2143 -95.56 4.09 157.52
CA VAL E 2143 -95.35 4.49 158.91
C VAL E 2143 -96.28 5.64 159.26
N TYR E 2144 -96.32 6.65 158.39
CA TYR E 2144 -97.15 7.83 158.58
C TYR E 2144 -98.64 7.48 158.67
N ILE E 2145 -99.13 6.62 157.76
CA ILE E 2145 -100.53 6.20 157.79
C ILE E 2145 -100.87 5.65 159.18
N HIS E 2146 -100.02 4.76 159.70
CA HIS E 2146 -100.21 4.20 161.04
C HIS E 2146 -100.37 5.31 162.07
N LEU E 2147 -99.44 6.27 162.07
CA LEU E 2147 -99.48 7.41 162.97
C LEU E 2147 -100.83 8.13 162.92
N ALA E 2148 -101.33 8.39 161.70
CA ALA E 2148 -102.60 9.08 161.54
C ALA E 2148 -103.76 8.31 162.15
N GLU E 2149 -103.69 6.98 162.13
CA GLU E 2149 -104.78 6.16 162.67
C GLU E 2149 -104.99 6.41 164.18
N ARG E 2150 -103.92 6.66 164.93
CA ARG E 2150 -104.07 6.81 166.38
C ARG E 2150 -104.54 8.19 166.82
N LEU E 2151 -103.97 9.27 166.25
CA LEU E 2151 -104.48 10.62 166.48
C LEU E 2151 -105.98 10.80 166.23
N GLY E 2152 -106.62 9.97 165.40
CA GLY E 2152 -108.06 10.05 165.23
C GLY E 2152 -109.02 9.34 166.18
N THR E 2153 -108.62 8.95 167.41
CA THR E 2153 -109.57 8.34 168.35
C THR E 2153 -110.05 9.31 169.45
N PRO E 2154 -111.34 9.36 169.81
CA PRO E 2154 -111.77 10.14 170.98
C PRO E 2154 -111.45 9.43 172.29
N GLU E 2155 -111.49 10.20 173.39
CA GLU E 2155 -111.27 9.68 174.74
C GLU E 2155 -109.96 8.90 174.81
N LEU E 2156 -108.89 9.66 174.64
CA LEU E 2156 -107.51 9.19 174.75
C LEU E 2156 -106.92 9.72 176.05
N SER E 2157 -106.02 8.94 176.64
CA SER E 2157 -105.34 9.37 177.85
C SER E 2157 -104.47 10.58 177.55
N THR E 2158 -104.45 11.53 178.49
CA THR E 2158 -103.69 12.77 178.30
C THR E 2158 -102.22 12.53 178.03
N ALA E 2159 -101.64 11.43 178.51
CA ALA E 2159 -100.29 11.06 178.09
C ALA E 2159 -100.24 10.87 176.58
N GLU E 2160 -100.98 9.88 176.10
CA GLU E 2160 -101.08 9.54 174.69
C GLU E 2160 -101.51 10.74 173.85
N ARG E 2161 -102.41 11.56 174.40
CA ARG E 2161 -102.94 12.73 173.72
C ARG E 2161 -101.86 13.72 173.30
N LYS E 2162 -101.14 14.31 174.25
CA LYS E 2162 -100.08 15.25 173.90
C LYS E 2162 -99.01 14.62 172.99
N GLU E 2163 -98.65 13.36 173.29
CA GLU E 2163 -97.65 12.59 172.53
C GLU E 2163 -97.98 12.42 171.05
N LEU E 2164 -99.22 12.12 170.71
CA LEU E 2164 -99.58 11.88 169.31
C LEU E 2164 -99.30 13.10 168.43
N GLU E 2165 -99.69 14.30 168.86
CA GLU E 2165 -99.38 15.47 168.05
C GLU E 2165 -97.87 15.53 167.82
N ASN E 2166 -97.09 15.19 168.86
CA ASN E 2166 -95.63 15.16 168.76
C ASN E 2166 -95.20 14.08 167.77
N LYS E 2167 -95.82 12.89 167.85
CA LYS E 2167 -95.53 11.79 166.94
C LYS E 2167 -95.65 12.25 165.50
N LEU E 2168 -96.57 13.18 165.24
CA LEU E 2168 -96.73 13.73 163.90
C LEU E 2168 -95.49 14.55 163.55
N LYS E 2169 -95.11 15.46 164.44
CA LYS E 2169 -93.91 16.27 164.26
C LYS E 2169 -92.63 15.48 164.10
N GLU E 2170 -92.41 14.42 164.87
CA GLU E 2170 -91.13 13.75 164.67
C GLU E 2170 -91.06 13.01 163.34
N ARG E 2171 -92.08 12.21 163.01
CA ARG E 2171 -92.04 11.49 161.75
C ARG E 2171 -92.13 12.38 160.51
N GLU E 2172 -93.15 13.26 160.44
CA GLU E 2172 -93.35 14.15 159.29
C GLU E 2172 -92.15 15.05 158.98
N GLU E 2173 -91.72 15.84 159.97
CA GLU E 2173 -90.70 16.84 159.70
C GLU E 2173 -89.38 16.20 159.30
N PHE E 2174 -88.98 15.16 160.03
CA PHE E 2174 -87.80 14.38 159.67
C PHE E 2174 -87.97 13.78 158.27
N LEU E 2175 -89.21 13.38 157.91
CA LEU E 2175 -89.52 12.77 156.62
C LEU E 2175 -89.63 13.74 155.47
N ILE E 2176 -89.67 15.05 155.73
CA ILE E 2176 -90.05 16.01 154.67
C ILE E 2176 -89.18 15.86 153.43
N PRO E 2177 -87.84 15.77 153.53
CA PRO E 2177 -87.04 15.68 152.30
C PRO E 2177 -87.49 14.62 151.29
N ILE E 2178 -87.63 13.33 151.64
CA ILE E 2178 -88.07 12.39 150.61
C ILE E 2178 -89.44 12.81 150.06
N TYR E 2179 -90.37 13.23 150.93
CA TYR E 2179 -91.70 13.54 150.42
C TYR E 2179 -91.67 14.87 149.69
N HIS E 2180 -90.73 15.73 150.08
CA HIS E 2180 -90.44 16.90 149.28
C HIS E 2180 -89.94 16.44 147.92
N GLN E 2181 -89.04 15.45 147.93
CA GLN E 2181 -88.52 14.89 146.69
C GLN E 2181 -89.65 14.26 145.88
N VAL E 2182 -90.54 13.54 146.56
CA VAL E 2182 -91.66 12.91 145.86
C VAL E 2182 -92.62 13.98 145.32
N ALA E 2183 -92.88 15.02 146.12
CA ALA E 2183 -93.81 16.06 145.69
C ALA E 2183 -93.32 16.78 144.44
N VAL E 2184 -92.05 17.20 144.43
CA VAL E 2184 -91.52 17.90 143.26
C VAL E 2184 -91.49 16.97 142.06
N GLN E 2185 -91.08 15.72 142.28
CA GLN E 2185 -91.08 14.72 141.22
C GLN E 2185 -92.50 14.53 140.71
N PHE E 2186 -93.44 14.34 141.62
CA PHE E 2186 -94.85 14.17 141.25
C PHE E 2186 -95.26 15.32 140.34
N ALA E 2187 -94.95 16.56 140.75
CA ALA E 2187 -95.25 17.69 139.90
C ALA E 2187 -94.46 17.57 138.61
N ASP E 2188 -93.16 17.29 138.73
CA ASP E 2188 -92.27 17.19 137.58
C ASP E 2188 -92.73 16.11 136.59
N LEU E 2189 -93.29 15.01 137.10
CA LEU E 2189 -93.77 13.91 136.25
C LEU E 2189 -94.94 14.32 135.35
N HIS E 2190 -95.54 15.47 135.59
CA HIS E 2190 -96.64 15.98 134.76
C HIS E 2190 -96.18 16.61 133.44
N ASP E 2191 -94.88 16.93 133.31
CA ASP E 2191 -94.37 17.81 132.25
C ASP E 2191 -93.72 17.05 131.10
N THR E 2192 -94.02 15.77 130.93
CA THR E 2192 -93.25 14.88 130.06
C THR E 2192 -93.64 15.01 128.59
N PRO E 2193 -92.80 14.48 127.68
CA PRO E 2193 -93.11 14.56 126.25
C PRO E 2193 -94.40 13.87 125.86
N GLY E 2194 -94.77 12.78 126.52
CA GLY E 2194 -96.00 12.08 126.18
C GLY E 2194 -97.20 13.00 126.14
N ARG E 2195 -97.41 13.78 127.20
CA ARG E 2195 -98.53 14.73 127.19
C ARG E 2195 -98.33 15.77 126.10
N MET E 2196 -97.10 16.30 125.99
CA MET E 2196 -96.76 17.29 124.97
C MET E 2196 -97.25 16.83 123.61
N GLN E 2197 -96.96 15.57 123.26
CA GLN E 2197 -97.31 15.07 121.94
C GLN E 2197 -98.81 15.01 121.76
N GLU E 2198 -99.51 14.41 122.73
CA GLU E 2198 -100.96 14.32 122.64
C GLU E 2198 -101.57 15.71 122.48
N LYS E 2199 -101.06 16.69 123.22
CA LYS E 2199 -101.55 18.06 123.18
C LYS E 2199 -100.97 18.89 122.04
N GLY E 2200 -100.04 18.35 121.25
CA GLY E 2200 -99.61 19.00 120.04
C GLY E 2200 -98.52 20.04 120.20
N VAL E 2201 -97.82 20.07 121.34
CA VAL E 2201 -96.76 21.07 121.52
C VAL E 2201 -95.41 20.49 121.11
N ILE E 2202 -95.32 19.19 120.88
CA ILE E 2202 -94.12 18.53 120.42
C ILE E 2202 -94.61 17.68 119.24
N SER E 2203 -93.74 17.43 118.25
CA SER E 2203 -94.20 16.71 117.05
C SER E 2203 -94.00 15.20 117.17
N ASP E 2204 -92.95 14.74 117.84
CA ASP E 2204 -92.73 13.31 118.01
C ASP E 2204 -91.69 13.13 119.11
N ILE E 2205 -91.72 11.96 119.77
CA ILE E 2205 -90.64 11.54 120.67
C ILE E 2205 -89.76 10.54 119.95
N LEU E 2206 -88.47 10.83 119.90
CA LEU E 2206 -87.43 9.99 119.32
C LEU E 2206 -86.53 9.38 120.37
N ASP E 2207 -85.69 8.49 119.87
CA ASP E 2207 -84.62 7.84 120.62
C ASP E 2207 -83.31 8.22 119.96
N TRP E 2208 -82.41 8.78 120.78
CA TRP E 2208 -81.23 9.50 120.32
C TRP E 2208 -80.42 8.70 119.30
N LYS E 2209 -80.14 7.42 119.57
CA LYS E 2209 -79.31 6.62 118.67
C LYS E 2209 -79.72 6.63 117.18
N THR E 2210 -81.02 6.47 116.85
CA THR E 2210 -81.45 6.50 115.46
C THR E 2210 -82.28 7.73 115.12
N SER E 2211 -82.31 8.73 116.00
CA SER E 2211 -83.14 9.90 115.73
C SER E 2211 -82.61 10.71 114.57
N ARG E 2212 -81.28 10.77 114.43
CA ARG E 2212 -80.65 11.48 113.32
C ARG E 2212 -81.16 10.99 111.99
N THR E 2213 -81.07 9.67 111.78
CA THR E 2213 -81.49 9.08 110.52
C THR E 2213 -82.91 9.53 110.22
N PHE E 2214 -83.77 9.40 111.22
CA PHE E 2214 -85.17 9.83 111.11
C PHE E 2214 -85.25 11.32 110.75
N PHE E 2215 -84.52 12.17 111.51
CA PHE E 2215 -84.65 13.63 111.43
C PHE E 2215 -84.22 14.23 110.13
N TYR E 2216 -83.21 13.62 109.52
CA TYR E 2216 -82.70 14.08 108.25
C TYR E 2216 -83.82 14.08 107.22
N TRP E 2217 -84.41 12.91 107.02
CA TRP E 2217 -85.46 12.76 106.04
C TRP E 2217 -86.64 13.62 106.43
N ARG E 2218 -86.90 13.68 107.75
CA ARG E 2218 -88.01 14.44 108.29
C ARG E 2218 -87.86 15.92 107.97
N LEU E 2219 -86.69 16.49 108.27
CA LEU E 2219 -86.50 17.91 108.00
C LEU E 2219 -86.59 18.19 106.53
N ARG E 2220 -85.97 17.33 105.72
CA ARG E 2220 -85.96 17.57 104.29
C ARG E 2220 -87.39 17.51 103.77
N ARG E 2221 -88.21 16.62 104.34
CA ARG E 2221 -89.58 16.47 103.87
C ARG E 2221 -90.48 17.61 104.27
N LEU E 2222 -90.26 18.19 105.45
CA LEU E 2222 -91.02 19.34 105.89
C LEU E 2222 -90.97 20.45 104.84
N LEU E 2223 -89.80 20.64 104.23
CA LEU E 2223 -89.31 21.59 103.22
C LEU E 2223 -89.98 21.35 101.89
N LEU E 2224 -90.16 20.09 101.50
CA LEU E 2224 -90.71 19.84 100.17
C LEU E 2224 -92.15 20.29 100.16
N GLU E 2225 -92.90 19.91 101.20
CA GLU E 2225 -94.27 20.38 101.30
C GLU E 2225 -94.27 21.90 101.31
N ASP E 2226 -93.40 22.49 102.12
CA ASP E 2226 -93.28 23.95 102.16
C ASP E 2226 -92.90 24.49 100.80
N LEU E 2227 -91.95 23.81 100.15
CA LEU E 2227 -91.47 24.22 98.84
C LEU E 2227 -92.56 24.18 97.79
N VAL E 2228 -93.34 23.11 97.78
CA VAL E 2228 -94.41 23.03 96.79
C VAL E 2228 -95.51 24.03 97.11
N LYS E 2229 -95.93 24.13 98.39
CA LYS E 2229 -97.00 25.09 98.68
C LYS E 2229 -96.58 26.51 98.28
N LYS E 2230 -95.31 26.89 98.46
CA LYS E 2230 -94.93 28.20 97.94
C LYS E 2230 -95.15 28.23 96.43
N LYS E 2231 -94.90 27.10 95.74
CA LYS E 2231 -95.11 27.04 94.30
C LYS E 2231 -96.59 27.20 93.98
N ILE E 2232 -97.46 26.53 94.74
CA ILE E 2232 -98.89 26.71 94.51
C ILE E 2232 -99.24 28.14 94.88
N HIS E 2233 -98.74 28.57 96.03
CA HIS E 2233 -98.96 29.94 96.51
C HIS E 2233 -98.41 30.92 95.49
N ASN E 2234 -97.32 30.57 94.82
CA ASN E 2234 -96.79 31.41 93.76
C ASN E 2234 -97.81 31.42 92.63
N ALA E 2235 -98.41 30.25 92.39
CA ALA E 2235 -99.45 30.07 91.39
C ALA E 2235 -100.67 30.93 91.73
N ASN E 2236 -100.91 31.17 93.03
CA ASN E 2236 -102.07 31.91 93.51
C ASN E 2236 -101.71 32.49 94.88
N PRO E 2237 -101.20 33.73 94.95
CA PRO E 2237 -100.79 34.32 96.25
C PRO E 2237 -101.89 34.46 97.31
N GLU E 2238 -103.17 34.52 96.96
CA GLU E 2238 -104.20 34.75 97.99
C GLU E 2238 -104.34 33.55 98.91
N LEU E 2239 -103.80 32.39 98.50
CA LEU E 2239 -103.99 31.15 99.23
C LEU E 2239 -103.34 31.13 100.61
N THR E 2240 -104.14 30.71 101.60
CA THR E 2240 -103.72 30.49 102.97
C THR E 2240 -102.78 29.30 103.10
N ASP E 2241 -101.85 29.43 104.04
CA ASP E 2241 -100.99 28.33 104.50
C ASP E 2241 -101.70 26.98 104.72
N GLY E 2242 -102.84 27.03 105.40
CA GLY E 2242 -103.56 25.81 105.77
C GLY E 2242 -104.19 25.01 104.63
N GLN E 2243 -104.91 25.69 103.76
CA GLN E 2243 -105.66 25.02 102.70
C GLN E 2243 -104.77 24.39 101.66
N ILE E 2244 -103.60 24.96 101.44
CA ILE E 2244 -102.69 24.40 100.47
C ILE E 2244 -102.30 23.00 100.91
N GLN E 2245 -101.96 22.83 102.19
CA GLN E 2245 -101.71 21.51 102.76
C GLN E 2245 -102.77 20.48 102.40
N ALA E 2246 -104.07 20.78 102.63
CA ALA E 2246 -105.10 19.79 102.31
C ALA E 2246 -105.01 19.42 100.84
N MET E 2247 -104.88 20.44 100.00
CA MET E 2247 -104.73 20.23 98.56
C MET E 2247 -103.53 19.33 98.32
N LEU E 2248 -102.44 19.61 99.03
CA LEU E 2248 -101.24 18.82 98.89
C LEU E 2248 -101.46 17.40 99.35
N ARG E 2249 -102.06 17.24 100.53
CA ARG E 2249 -102.34 15.89 101.00
C ARG E 2249 -103.23 15.20 100.00
N ARG E 2250 -104.24 15.92 99.52
CA ARG E 2250 -105.14 15.33 98.56
C ARG E 2250 -104.42 15.05 97.25
N TRP E 2251 -103.57 15.99 96.81
CA TRP E 2251 -102.82 15.72 95.60
C TRP E 2251 -101.82 14.60 95.81
N PHE E 2252 -101.30 14.52 97.02
CA PHE E 2252 -100.40 13.43 97.36
C PHE E 2252 -101.13 12.10 97.36
N VAL E 2253 -102.21 12.06 98.12
CA VAL E 2253 -103.01 10.85 98.27
C VAL E 2253 -103.65 10.44 96.93
N GLU E 2254 -104.19 11.39 96.17
CA GLU E 2254 -104.79 11.13 94.85
C GLU E 2254 -103.85 10.52 93.80
N VAL E 2255 -102.64 11.10 93.60
CA VAL E 2255 -101.78 10.69 92.49
C VAL E 2255 -101.39 9.23 92.64
N GLU E 2256 -101.02 8.84 93.83
CA GLU E 2256 -100.47 7.53 94.10
C GLU E 2256 -101.58 6.55 94.40
N GLY E 2257 -102.82 7.04 94.47
CA GLY E 2257 -103.96 6.22 94.68
C GLY E 2257 -104.17 6.53 96.14
N THR E 2258 -105.44 6.72 96.52
CA THR E 2258 -105.80 6.92 97.92
C THR E 2258 -105.12 5.87 98.82
N VAL E 2259 -104.85 4.67 98.29
CA VAL E 2259 -104.18 3.60 99.01
C VAL E 2259 -102.79 3.99 99.51
N LYS E 2260 -102.12 4.99 98.93
CA LYS E 2260 -100.73 5.25 99.30
C LYS E 2260 -100.65 6.40 100.30
N ALA E 2261 -101.81 6.92 100.75
CA ALA E 2261 -101.91 7.97 101.77
C ALA E 2261 -100.99 7.73 102.96
N TYR E 2262 -101.10 6.52 103.55
CA TYR E 2262 -100.40 6.14 104.77
C TYR E 2262 -98.91 6.38 104.69
N VAL E 2263 -98.37 6.31 103.48
CA VAL E 2263 -96.96 6.48 103.22
C VAL E 2263 -96.53 7.86 103.71
N TRP E 2264 -97.45 8.84 103.67
CA TRP E 2264 -97.13 10.20 104.13
C TRP E 2264 -96.42 10.27 105.48
N ASP E 2265 -96.67 9.35 106.40
CA ASP E 2265 -96.01 9.49 107.68
C ASP E 2265 -94.60 8.91 107.67
N ASN E 2266 -94.12 8.43 106.51
CA ASN E 2266 -92.73 7.99 106.35
C ASN E 2266 -91.95 9.10 105.66
N ASN E 2267 -91.06 9.71 106.41
CA ASN E 2267 -90.28 10.85 105.91
C ASN E 2267 -89.48 10.49 104.67
N LYS E 2268 -88.69 9.43 104.78
CA LYS E 2268 -87.75 9.04 103.73
C LYS E 2268 -88.43 8.78 102.40
N ASP E 2269 -89.53 8.02 102.41
CA ASP E 2269 -90.09 7.54 101.15
C ASP E 2269 -90.62 8.64 100.24
N LEU E 2270 -91.27 9.67 100.81
CA LEU E 2270 -91.83 10.87 100.20
C LEU E 2270 -90.72 11.75 99.66
N ALA E 2271 -89.59 11.82 100.36
CA ALA E 2271 -88.48 12.59 99.83
C ALA E 2271 -88.17 12.06 98.43
N GLU E 2272 -87.98 10.74 98.35
CA GLU E 2272 -87.78 10.07 97.08
C GLU E 2272 -88.97 10.26 96.13
N TRP E 2273 -90.19 10.19 96.68
CA TRP E 2273 -91.37 10.26 95.82
C TRP E 2273 -91.70 11.64 95.25
N LEU E 2274 -91.71 12.67 96.09
CA LEU E 2274 -92.08 14.01 95.61
C LEU E 2274 -91.17 14.49 94.51
N GLU E 2275 -89.87 14.22 94.63
CA GLU E 2275 -88.94 14.68 93.61
C GLU E 2275 -89.29 14.06 92.26
N LYS E 2276 -89.61 12.76 92.23
CA LYS E 2276 -89.94 12.15 90.94
C LYS E 2276 -91.13 12.83 90.26
N GLN E 2277 -92.17 13.20 91.02
CA GLN E 2277 -93.29 13.90 90.39
C GLN E 2277 -92.87 15.24 89.81
N LEU E 2278 -92.10 15.98 90.59
CA LEU E 2278 -91.63 17.31 90.22
C LEU E 2278 -90.49 17.24 89.22
N THR E 2279 -89.54 16.34 89.48
CA THR E 2279 -88.33 16.21 88.65
C THR E 2279 -88.57 15.55 87.28
N GLU E 2280 -89.43 14.54 87.16
CA GLU E 2280 -89.52 13.85 85.88
C GLU E 2280 -90.43 14.68 84.98
N GLU E 2281 -89.79 15.45 84.12
CA GLU E 2281 -90.43 16.25 83.10
C GLU E 2281 -91.09 15.43 81.99
N ASP E 2282 -92.26 15.92 81.56
CA ASP E 2282 -93.00 15.42 80.41
C ASP E 2282 -93.19 13.90 80.43
N GLY E 2283 -93.57 13.38 81.59
CA GLY E 2283 -93.91 11.97 81.76
C GLY E 2283 -95.40 11.93 81.99
N VAL E 2284 -95.86 10.93 82.75
CA VAL E 2284 -97.24 10.90 83.20
C VAL E 2284 -97.29 11.33 84.67
N HIS E 2285 -96.18 11.91 85.15
CA HIS E 2285 -95.96 12.40 86.49
C HIS E 2285 -96.23 13.89 86.59
N SER E 2286 -96.27 14.59 85.45
CA SER E 2286 -96.56 16.02 85.43
C SER E 2286 -98.07 16.24 85.59
N VAL E 2287 -98.54 15.78 86.73
CA VAL E 2287 -99.92 15.88 87.15
C VAL E 2287 -100.08 17.10 88.04
N ILE E 2288 -99.25 17.17 89.08
CA ILE E 2288 -99.31 18.32 89.98
C ILE E 2288 -98.95 19.56 89.20
N GLU E 2289 -98.00 19.43 88.26
CA GLU E 2289 -97.63 20.53 87.40
C GLU E 2289 -98.84 21.02 86.62
N GLU E 2290 -99.64 20.09 86.09
CA GLU E 2290 -100.86 20.50 85.40
C GLU E 2290 -101.82 21.11 86.40
N ASN E 2291 -101.92 20.48 87.57
CA ASN E 2291 -102.84 20.90 88.62
C ASN E 2291 -102.56 22.31 89.16
N ILE E 2292 -101.29 22.63 89.44
CA ILE E 2292 -100.98 23.95 89.99
C ILE E 2292 -101.37 25.03 88.99
N LYS E 2293 -101.16 24.76 87.71
CA LYS E 2293 -101.55 25.70 86.66
C LYS E 2293 -103.04 25.99 86.71
N CYS E 2294 -103.85 24.96 86.98
CA CYS E 2294 -105.30 25.16 87.07
C CYS E 2294 -105.65 26.18 88.15
N ILE E 2295 -105.04 26.07 89.33
CA ILE E 2295 -105.31 27.09 90.34
C ILE E 2295 -104.83 28.43 89.84
N SER E 2296 -103.67 28.45 89.17
CA SER E 2296 -103.19 29.72 88.65
C SER E 2296 -104.20 30.23 87.64
N ARG E 2297 -104.68 29.34 86.77
CA ARG E 2297 -105.70 29.72 85.80
C ARG E 2297 -106.97 30.15 86.52
N ASP E 2298 -107.36 29.40 87.55
CA ASP E 2298 -108.57 29.70 88.31
C ASP E 2298 -108.44 31.06 88.99
N TYR E 2299 -107.31 31.31 89.65
CA TYR E 2299 -107.17 32.59 90.32
C TYR E 2299 -107.15 33.69 89.27
N VAL E 2300 -106.46 33.45 88.15
CA VAL E 2300 -106.43 34.39 87.04
C VAL E 2300 -107.83 34.55 86.47
N LEU E 2301 -108.55 33.42 86.37
CA LEU E 2301 -109.89 33.41 85.82
C LEU E 2301 -110.79 34.25 86.69
N LYS E 2302 -110.62 34.13 88.00
CA LYS E 2302 -111.42 34.90 88.94
C LYS E 2302 -111.21 36.39 88.74
N GLN E 2303 -109.96 36.81 88.52
CA GLN E 2303 -109.69 38.22 88.28
C GLN E 2303 -110.34 38.76 87.01
N ILE E 2304 -110.23 38.05 85.89
CA ILE E 2304 -110.84 38.56 84.66
C ILE E 2304 -112.34 38.68 84.81
N ARG E 2305 -112.95 37.67 85.42
CA ARG E 2305 -114.37 37.69 85.66
C ARG E 2305 -114.73 38.81 86.63
N SER E 2306 -113.97 38.90 87.72
CA SER E 2306 -114.19 39.88 88.78
C SER E 2306 -114.02 41.33 88.35
N LEU E 2307 -112.99 41.63 87.55
CA LEU E 2307 -112.78 43.02 87.15
C LEU E 2307 -113.96 43.60 86.38
N VAL E 2308 -114.53 42.87 85.43
CA VAL E 2308 -115.69 43.44 84.75
C VAL E 2308 -116.85 43.56 85.71
N GLN E 2309 -116.99 42.61 86.63
CA GLN E 2309 -118.08 42.71 87.58
C GLN E 2309 -117.88 43.99 88.37
N ALA E 2310 -116.66 44.20 88.87
CA ALA E 2310 -116.32 45.44 89.55
C ALA E 2310 -116.26 46.62 88.58
N ASN E 2311 -115.90 46.36 87.31
CA ASN E 2311 -115.62 47.43 86.34
C ASN E 2311 -116.22 47.08 84.98
N PRO E 2312 -117.55 47.10 84.84
CA PRO E 2312 -118.13 46.61 83.59
C PRO E 2312 -117.79 47.48 82.40
N GLU E 2313 -117.48 48.76 82.61
CA GLU E 2313 -117.14 49.65 81.50
C GLU E 2313 -115.90 49.19 80.75
N VAL E 2314 -115.01 48.43 81.40
CA VAL E 2314 -113.77 48.03 80.74
C VAL E 2314 -114.03 46.93 79.73
N ALA E 2315 -115.14 46.22 79.90
CA ALA E 2315 -115.47 45.06 79.10
C ALA E 2315 -115.35 45.30 77.60
N MET E 2316 -116.15 46.25 77.06
CA MET E 2316 -116.21 46.44 75.61
C MET E 2316 -114.84 46.62 74.99
N ASP E 2317 -114.03 47.53 75.53
CA ASP E 2317 -112.77 47.80 74.86
C ASP E 2317 -111.81 46.65 75.13
N SER E 2318 -111.88 46.08 76.33
CA SER E 2318 -111.07 44.93 76.69
C SER E 2318 -111.31 43.72 75.79
N ILE E 2319 -112.56 43.45 75.43
CA ILE E 2319 -112.86 42.29 74.60
C ILE E 2319 -112.32 42.42 73.19
N ILE E 2320 -112.59 43.55 72.51
CA ILE E 2320 -112.12 43.72 71.13
C ILE E 2320 -110.64 43.37 71.03
N HIS E 2321 -109.82 43.91 71.94
CA HIS E 2321 -108.40 43.56 71.91
C HIS E 2321 -108.16 42.12 72.38
N MET E 2322 -108.92 41.69 73.40
CA MET E 2322 -108.75 40.34 73.95
C MET E 2322 -109.19 39.27 72.97
N THR E 2323 -110.16 39.59 72.14
CA THR E 2323 -110.77 38.62 71.24
C THR E 2323 -110.04 38.61 69.91
N GLN E 2324 -108.96 39.40 69.81
CA GLN E 2324 -108.40 39.81 68.53
C GLN E 2324 -107.72 38.65 67.83
N HIS E 2325 -107.25 37.67 68.60
CA HIS E 2325 -106.82 36.42 68.00
C HIS E 2325 -107.34 35.28 68.85
N ILE E 2326 -108.02 34.37 68.15
CA ILE E 2326 -108.61 33.11 68.58
C ILE E 2326 -109.01 32.59 67.20
N SER E 2327 -109.36 31.30 67.08
CA SER E 2327 -109.70 30.73 65.78
C SER E 2327 -110.98 31.34 65.21
N PRO E 2328 -111.13 31.39 63.87
CA PRO E 2328 -112.38 31.93 63.30
C PRO E 2328 -113.59 31.12 63.73
N THR E 2329 -113.47 29.81 63.91
CA THR E 2329 -114.61 29.08 64.44
C THR E 2329 -114.99 29.64 65.79
N GLN E 2330 -113.98 29.92 66.62
CA GLN E 2330 -114.24 30.51 67.94
C GLN E 2330 -114.90 31.87 67.78
N ARG E 2331 -114.54 32.61 66.72
CA ARG E 2331 -115.26 33.85 66.43
C ARG E 2331 -116.72 33.49 66.21
N ALA E 2332 -116.96 32.38 65.50
CA ALA E 2332 -118.32 31.89 65.28
C ALA E 2332 -119.02 31.62 66.62
N GLU E 2333 -118.32 30.94 67.57
CA GLU E 2333 -118.92 30.67 68.88
C GLU E 2333 -119.44 31.92 69.59
N VAL E 2334 -118.76 33.06 69.50
CA VAL E 2334 -119.31 34.25 70.14
C VAL E 2334 -120.67 34.60 69.53
N ILE E 2335 -120.80 34.47 68.20
CA ILE E 2335 -122.09 34.77 67.56
C ILE E 2335 -123.19 33.82 68.04
N ARG E 2336 -122.90 32.51 68.17
CA ARG E 2336 -123.96 31.59 68.65
C ARG E 2336 -124.43 31.99 70.05
N ILE E 2337 -123.50 32.34 70.95
CA ILE E 2337 -123.87 32.72 72.32
C ILE E 2337 -124.20 34.21 72.25
N VAL F 102 80.78 74.52 -5.31
CA VAL F 102 80.10 74.66 -6.60
C VAL F 102 78.69 75.22 -6.40
N ALA F 103 78.25 75.96 -7.42
CA ALA F 103 76.98 76.66 -7.43
C ALA F 103 75.78 75.83 -7.86
N SER F 104 75.97 74.75 -8.61
CA SER F 104 74.85 74.03 -9.18
C SER F 104 75.31 72.64 -9.59
N PRO F 105 74.38 71.71 -9.85
CA PRO F 105 74.79 70.38 -10.34
C PRO F 105 75.70 70.43 -11.57
N ALA F 106 75.49 71.38 -12.47
CA ALA F 106 76.36 71.50 -13.64
C ALA F 106 77.81 71.79 -13.25
N GLU F 107 78.03 72.67 -12.27
CA GLU F 107 79.38 72.99 -11.81
C GLU F 107 80.04 71.80 -11.11
N PHE F 108 79.26 71.07 -10.30
CA PHE F 108 79.75 69.88 -9.60
C PHE F 108 80.31 68.86 -10.58
N VAL F 109 79.55 68.60 -11.64
CA VAL F 109 79.89 67.64 -12.70
C VAL F 109 81.24 67.95 -13.34
N THR F 110 81.55 69.22 -13.59
CA THR F 110 82.82 69.59 -14.20
C THR F 110 84.01 69.27 -13.29
N ARG F 111 83.98 69.70 -12.03
CA ARG F 111 85.10 69.46 -11.12
C ARG F 111 85.45 67.97 -11.01
N PHE F 112 84.45 67.10 -10.94
CA PHE F 112 84.66 65.66 -10.80
C PHE F 112 84.59 64.88 -12.11
N GLY F 113 84.62 65.55 -13.26
CA GLY F 113 84.70 64.83 -14.53
C GLY F 113 83.50 64.07 -15.07
N GLY F 114 82.27 64.55 -14.80
CA GLY F 114 81.09 63.90 -15.36
C GLY F 114 80.69 64.51 -16.69
N ASN F 115 79.60 63.98 -17.28
CA ASN F 115 79.16 64.42 -18.61
C ASN F 115 77.67 64.67 -18.82
N LYS F 116 76.81 64.59 -17.80
CA LYS F 116 75.38 64.78 -18.02
C LYS F 116 74.85 65.52 -16.81
N VAL F 117 74.34 66.73 -17.03
CA VAL F 117 73.78 67.54 -15.94
C VAL F 117 72.35 67.14 -15.61
N ILE F 118 72.13 66.69 -14.37
CA ILE F 118 70.82 66.38 -13.84
C ILE F 118 70.61 67.35 -12.68
N GLU F 119 69.64 68.25 -12.86
CA GLU F 119 69.25 69.26 -11.87
C GLU F 119 67.85 69.00 -11.31
N LYS F 120 67.09 68.12 -11.94
CA LYS F 120 65.71 67.81 -11.61
C LYS F 120 65.59 66.31 -11.79
N VAL F 121 65.05 65.66 -10.77
CA VAL F 121 64.90 64.22 -10.78
C VAL F 121 63.41 63.93 -10.63
N LEU F 122 62.90 63.05 -11.48
CA LEU F 122 61.54 62.54 -11.38
C LEU F 122 61.73 61.21 -10.64
N ILE F 123 61.03 61.01 -9.52
CA ILE F 123 61.11 59.76 -8.76
C ILE F 123 60.08 58.74 -9.25
N ALA F 124 60.59 57.65 -9.84
CA ALA F 124 59.79 56.50 -10.29
C ALA F 124 59.77 55.41 -9.23
N ASN F 125 59.18 55.71 -8.08
CA ASN F 125 59.15 54.81 -6.92
C ASN F 125 58.22 55.39 -5.87
N ASN F 126 58.14 54.71 -4.73
CA ASN F 126 57.34 55.16 -3.60
C ASN F 126 58.03 54.74 -2.30
N GLY F 127 57.28 54.80 -1.19
CA GLY F 127 57.61 54.40 0.17
C GLY F 127 58.85 55.04 0.75
N ILE F 128 59.54 54.23 1.56
CA ILE F 128 60.76 54.61 2.28
C ILE F 128 61.88 55.01 1.33
N ALA F 129 61.96 54.42 0.14
CA ALA F 129 63.02 54.76 -0.80
C ALA F 129 63.05 56.25 -1.05
N ALA F 130 61.91 56.83 -1.43
CA ALA F 130 61.85 58.26 -1.64
C ALA F 130 62.26 59.03 -0.39
N VAL F 131 61.81 58.61 0.80
CA VAL F 131 62.20 59.34 2.00
C VAL F 131 63.69 59.20 2.28
N LYS F 132 64.21 57.96 2.30
CA LYS F 132 65.65 57.80 2.54
C LYS F 132 66.46 58.45 1.44
N CYS F 133 66.06 58.24 0.18
CA CYS F 133 66.73 58.84 -0.98
C CYS F 133 66.77 60.35 -0.92
N MET F 134 65.63 60.99 -0.63
CA MET F 134 65.64 62.44 -0.59
C MET F 134 66.54 62.91 0.53
N ARG F 135 66.35 62.40 1.75
CA ARG F 135 67.23 62.77 2.84
C ARG F 135 68.65 62.37 2.51
N SER F 136 68.86 61.14 2.03
CA SER F 136 70.22 60.75 1.72
C SER F 136 70.81 61.63 0.64
N ILE F 137 70.10 61.84 -0.48
CA ILE F 137 70.70 62.70 -1.49
C ILE F 137 70.77 64.13 -0.97
N ARG F 138 69.66 64.63 -0.40
CA ARG F 138 69.71 65.98 0.12
C ARG F 138 70.71 66.14 1.27
N ARG F 139 70.92 65.10 2.10
CA ARG F 139 71.93 65.20 3.15
C ARG F 139 73.32 65.21 2.53
N TRP F 140 73.54 64.37 1.52
CA TRP F 140 74.83 64.39 0.85
C TRP F 140 74.94 65.72 0.12
N SER F 141 73.85 66.14 -0.53
CA SER F 141 73.86 67.43 -1.21
C SER F 141 74.05 68.52 -0.17
N TYR F 142 73.44 68.35 1.01
CA TYR F 142 73.66 69.30 2.09
C TYR F 142 75.11 69.20 2.53
N GLU F 143 75.61 67.98 2.63
CA GLU F 143 77.01 67.75 2.96
C GLU F 143 77.88 68.42 1.89
N MET F 144 77.47 68.30 0.61
CA MET F 144 78.21 68.84 -0.52
C MET F 144 77.94 70.33 -0.73
N PHE F 145 76.68 70.79 -0.57
CA PHE F 145 76.30 72.18 -0.90
C PHE F 145 75.76 72.98 0.28
N ARG F 146 75.57 72.38 1.46
CA ARG F 146 75.01 73.07 2.64
C ARG F 146 73.63 73.67 2.32
N ASN F 147 72.90 73.04 1.40
CA ASN F 147 71.56 73.46 0.99
C ASN F 147 70.81 72.19 0.63
N GLU F 148 69.81 71.81 1.42
CA GLU F 148 69.14 70.55 1.15
C GLU F 148 68.28 70.53 -0.11
N ARG F 149 67.90 71.65 -0.70
CA ARG F 149 67.06 71.64 -1.90
C ARG F 149 67.83 71.88 -3.19
N ALA F 150 69.15 71.78 -3.16
CA ALA F 150 69.94 71.98 -4.38
C ALA F 150 69.50 71.02 -5.48
N ILE F 151 69.20 69.78 -5.12
CA ILE F 151 68.62 68.81 -6.05
C ILE F 151 67.14 68.66 -5.78
N ARG F 152 66.30 69.18 -6.70
CA ARG F 152 64.87 69.07 -6.51
C ARG F 152 64.39 67.68 -6.91
N PHE F 153 63.29 67.24 -6.31
CA PHE F 153 62.67 65.96 -6.64
C PHE F 153 61.23 66.20 -7.08
N VAL F 154 60.87 65.68 -8.26
CA VAL F 154 59.49 65.72 -8.76
C VAL F 154 58.85 64.35 -8.59
N VAL F 155 57.65 64.31 -7.99
CA VAL F 155 56.88 63.07 -7.82
C VAL F 155 55.50 63.14 -8.50
N MET F 156 54.97 61.96 -8.89
CA MET F 156 53.64 61.79 -9.48
C MET F 156 52.72 61.24 -8.39
N VAL F 157 51.53 61.81 -8.22
CA VAL F 157 50.66 61.39 -7.13
C VAL F 157 49.33 60.88 -7.70
N THR F 158 49.05 59.43 -7.49
CA THR F 158 47.91 58.58 -7.78
C THR F 158 46.89 58.61 -6.64
N PRO F 159 45.60 58.38 -6.90
CA PRO F 159 44.62 58.33 -5.79
C PRO F 159 44.84 57.34 -4.63
N GLU F 160 45.35 56.12 -4.89
CA GLU F 160 45.57 55.13 -3.83
C GLU F 160 46.56 55.54 -2.73
N ASP F 161 47.78 55.95 -3.12
CA ASP F 161 48.84 56.35 -2.18
C ASP F 161 48.54 57.59 -1.33
N LEU F 162 47.83 58.59 -1.89
CA LEU F 162 47.52 59.83 -1.18
C LEU F 162 46.62 59.72 0.05
N LYS F 163 45.55 58.93 0.03
CA LYS F 163 44.70 58.86 1.23
C LYS F 163 45.50 58.38 2.45
N ALA F 164 46.49 57.50 2.26
CA ALA F 164 47.25 57.08 3.44
C ALA F 164 48.19 58.17 3.94
N ASN F 165 48.40 59.26 3.17
CA ASN F 165 49.31 60.38 3.48
C ASN F 165 50.80 60.03 3.62
N ALA F 166 51.31 59.19 2.72
CA ALA F 166 52.73 58.83 2.69
C ALA F 166 53.63 60.08 2.70
N GLU F 167 54.50 60.19 3.71
CA GLU F 167 55.34 61.37 3.91
C GLU F 167 56.18 61.84 2.69
N TYR F 168 56.62 60.93 1.82
CA TYR F 168 57.51 61.29 0.70
C TYR F 168 56.93 62.25 -0.34
N ILE F 169 55.62 62.25 -0.56
CA ILE F 169 55.00 63.16 -1.54
C ILE F 169 55.27 64.64 -1.24
N LYS F 170 55.03 65.09 -0.01
CA LYS F 170 55.17 66.52 0.28
C LYS F 170 56.62 67.01 0.22
N MET F 171 57.61 66.15 0.45
CA MET F 171 58.98 66.59 0.31
C MET F 171 59.31 66.99 -1.13
N ALA F 172 58.75 66.29 -2.13
CA ALA F 172 59.05 66.59 -3.53
C ALA F 172 58.64 68.02 -3.91
N ASP F 173 59.36 68.57 -4.90
CA ASP F 173 59.12 69.91 -5.45
C ASP F 173 58.01 70.07 -6.50
N HIS F 174 57.61 69.04 -7.26
CA HIS F 174 56.59 69.25 -8.28
C HIS F 174 55.88 67.96 -8.65
N TYR F 175 54.55 68.07 -8.87
CA TYR F 175 53.72 66.93 -9.26
C TYR F 175 52.82 67.10 -10.49
N VAL F 176 52.64 65.99 -11.20
CA VAL F 176 51.81 65.92 -12.40
C VAL F 176 50.93 64.71 -12.08
N PRO F 177 49.60 64.85 -11.95
CA PRO F 177 48.75 63.67 -11.69
C PRO F 177 48.59 62.66 -12.83
N VAL F 178 48.77 61.39 -12.49
CA VAL F 178 48.65 60.29 -13.46
C VAL F 178 47.54 59.38 -12.96
N PRO F 179 46.94 58.54 -13.81
CA PRO F 179 45.91 57.63 -13.31
C PRO F 179 46.55 56.62 -12.37
N GLY F 180 45.84 56.29 -11.30
CA GLY F 180 46.29 55.35 -10.28
C GLY F 180 46.15 53.88 -10.64
N GLY F 181 46.44 53.04 -9.66
CA GLY F 181 46.33 51.61 -9.82
C GLY F 181 47.56 50.81 -10.21
N PRO F 182 47.37 49.69 -10.91
CA PRO F 182 48.51 48.86 -11.29
C PRO F 182 49.47 49.63 -12.15
N ASN F 183 50.73 49.22 -12.07
CA ASN F 183 51.85 49.89 -12.72
C ASN F 183 51.65 50.25 -14.17
N ASN F 184 50.71 49.61 -14.86
CA ASN F 184 50.47 50.03 -16.23
C ASN F 184 49.83 51.42 -16.33
N ASN F 185 49.15 51.91 -15.28
CA ASN F 185 48.52 53.24 -15.29
C ASN F 185 49.25 54.45 -14.69
N ASN F 186 50.30 54.34 -13.85
CA ASN F 186 50.85 55.57 -13.25
C ASN F 186 52.37 55.85 -13.38
N TYR F 187 53.12 55.61 -12.29
CA TYR F 187 54.56 55.82 -12.19
C TYR F 187 55.31 55.20 -13.35
N ALA F 188 54.79 54.09 -13.85
CA ALA F 188 55.31 53.30 -14.95
C ALA F 188 54.63 53.59 -16.27
N ASN F 189 53.64 54.50 -16.31
CA ASN F 189 52.98 54.78 -17.59
C ASN F 189 53.95 55.66 -18.35
N VAL F 190 54.71 54.99 -19.22
CA VAL F 190 55.76 55.64 -19.99
C VAL F 190 55.23 56.73 -20.91
N GLU F 191 54.09 56.49 -21.58
CA GLU F 191 53.56 57.53 -22.45
C GLU F 191 53.11 58.74 -21.64
N LEU F 192 52.46 58.51 -20.50
CA LEU F 192 52.06 59.61 -19.66
C LEU F 192 53.32 60.24 -19.09
N ILE F 193 54.26 59.40 -18.62
CA ILE F 193 55.52 59.91 -18.13
C ILE F 193 56.14 60.72 -19.24
N LEU F 194 56.12 60.15 -20.45
CA LEU F 194 56.65 60.85 -21.62
C LEU F 194 55.88 62.13 -21.80
N ASP F 195 54.55 62.05 -21.71
CA ASP F 195 53.75 63.25 -21.81
C ASP F 195 54.24 64.24 -20.77
N ILE F 196 54.53 63.74 -19.56
CA ILE F 196 55.06 64.63 -18.54
C ILE F 196 56.47 65.03 -18.92
N ALA F 197 57.25 64.05 -19.37
CA ALA F 197 58.61 64.28 -19.81
C ALA F 197 58.68 65.25 -20.97
N LYS F 198 57.81 65.09 -21.97
CA LYS F 198 57.84 66.00 -23.10
C LYS F 198 57.31 67.39 -22.72
N ARG F 199 56.30 67.46 -21.84
CA ARG F 199 55.68 68.76 -21.59
C ARG F 199 56.51 69.70 -20.73
N ILE F 200 57.08 69.21 -19.63
CA ILE F 200 57.87 70.10 -18.77
C ILE F 200 59.04 70.77 -19.47
N PRO F 201 60.01 70.05 -20.06
CA PRO F 201 60.31 68.63 -20.12
C PRO F 201 61.16 68.21 -18.93
N VAL F 202 61.39 66.92 -18.66
CA VAL F 202 62.25 66.55 -17.55
C VAL F 202 63.56 65.97 -18.04
N GLN F 203 64.56 65.99 -17.13
CA GLN F 203 65.89 65.46 -17.42
C GLN F 203 66.29 64.14 -16.80
N ALA F 204 65.59 63.61 -15.79
CA ALA F 204 66.02 62.31 -15.25
C ALA F 204 64.90 61.52 -14.58
N VAL F 205 65.11 60.20 -14.52
CA VAL F 205 64.23 59.26 -13.83
C VAL F 205 65.07 58.47 -12.82
N TRP F 206 64.57 58.34 -11.58
CA TRP F 206 65.14 57.48 -10.54
C TRP F 206 64.10 56.41 -10.26
N ALA F 207 64.46 55.14 -10.44
CA ALA F 207 63.48 54.07 -10.27
C ALA F 207 63.42 53.35 -8.92
N GLY F 208 64.48 53.31 -8.14
CA GLY F 208 64.40 52.64 -6.84
C GLY F 208 64.27 51.12 -6.84
N TRP F 209 63.31 50.60 -6.07
CA TRP F 209 62.98 49.17 -5.93
C TRP F 209 61.52 48.88 -6.26
N GLY F 210 61.28 47.66 -6.75
CA GLY F 210 59.96 47.28 -7.21
C GLY F 210 59.49 47.64 -8.60
N HIS F 211 58.16 47.46 -8.73
CA HIS F 211 57.32 47.62 -9.91
C HIS F 211 57.89 48.31 -11.15
N ALA F 212 58.18 49.61 -11.19
CA ALA F 212 58.74 50.14 -12.43
C ALA F 212 60.27 50.22 -12.41
N SER F 213 60.92 49.69 -11.37
CA SER F 213 62.38 49.69 -11.29
C SER F 213 63.05 48.90 -12.42
N GLU F 214 62.32 48.00 -13.06
CA GLU F 214 62.81 47.08 -14.11
C GLU F 214 62.06 47.18 -15.44
N ASN F 215 61.36 48.28 -15.75
CA ASN F 215 60.67 48.38 -17.04
C ASN F 215 61.59 49.06 -18.07
N PRO F 216 62.13 48.31 -19.06
CA PRO F 216 63.04 48.94 -20.03
C PRO F 216 62.39 49.96 -20.95
N LYS F 217 61.05 50.00 -21.04
CA LYS F 217 60.34 50.95 -21.89
C LYS F 217 60.41 52.40 -21.43
N LEU F 218 60.47 52.64 -20.12
CA LEU F 218 60.53 54.02 -19.62
C LEU F 218 61.69 54.82 -20.17
N PRO F 219 62.96 54.47 -19.93
CA PRO F 219 64.04 55.25 -20.55
C PRO F 219 64.08 55.27 -22.07
N GLU F 220 63.61 54.23 -22.76
CA GLU F 220 63.63 54.24 -24.23
C GLU F 220 62.81 55.36 -24.82
N LEU F 221 61.53 55.41 -24.48
CA LEU F 221 60.67 56.46 -25.01
C LEU F 221 61.14 57.82 -24.52
N LEU F 222 61.59 57.89 -23.27
CA LEU F 222 62.13 59.14 -22.75
C LEU F 222 63.37 59.51 -23.54
N LEU F 223 64.23 58.52 -23.79
CA LEU F 223 65.45 58.73 -24.57
C LEU F 223 65.13 59.17 -25.98
N LYS F 224 64.10 58.55 -26.59
CA LYS F 224 63.67 58.95 -27.93
C LYS F 224 63.32 60.43 -27.98
N ASN F 225 62.89 60.97 -26.84
CA ASN F 225 62.55 62.37 -26.66
C ASN F 225 63.69 63.11 -25.97
N GLY F 226 64.87 62.49 -25.91
CA GLY F 226 66.04 63.06 -25.28
C GLY F 226 65.96 63.22 -23.78
N ILE F 227 65.19 62.37 -23.10
CA ILE F 227 65.04 62.46 -21.65
C ILE F 227 65.76 61.27 -21.02
N ALA F 228 66.67 61.60 -20.09
CA ALA F 228 67.56 60.72 -19.33
C ALA F 228 66.91 59.90 -18.21
N PHE F 229 67.61 58.83 -17.83
CA PHE F 229 67.30 57.88 -16.77
C PHE F 229 68.49 57.74 -15.83
N MET F 230 68.29 57.95 -14.53
CA MET F 230 69.37 57.82 -13.55
C MET F 230 69.56 56.36 -13.13
N GLY F 231 70.08 55.60 -14.08
CA GLY F 231 70.29 54.19 -13.88
C GLY F 231 70.83 53.62 -15.17
N PRO F 232 71.08 52.32 -15.20
CA PRO F 232 71.66 51.73 -16.41
C PRO F 232 70.68 51.86 -17.55
N PRO F 233 71.16 51.90 -18.79
CA PRO F 233 70.22 51.97 -19.92
C PRO F 233 69.37 50.72 -20.05
N SER F 234 68.27 50.90 -20.79
CA SER F 234 67.28 49.86 -21.06
C SER F 234 67.93 48.53 -21.36
N GLN F 235 68.83 48.52 -22.35
CA GLN F 235 69.49 47.28 -22.76
C GLN F 235 70.27 46.68 -21.61
N ALA F 236 71.15 47.47 -20.97
CA ALA F 236 71.94 46.92 -19.88
C ALA F 236 71.10 46.57 -18.66
N MET F 237 70.00 47.30 -18.41
CA MET F 237 69.17 46.96 -17.26
C MET F 237 68.41 45.69 -17.55
N TRP F 238 68.06 45.48 -18.80
CA TRP F 238 67.33 44.33 -19.28
C TRP F 238 68.30 43.17 -19.44
N ALA F 239 69.43 43.38 -20.13
CA ALA F 239 70.38 42.29 -20.32
C ALA F 239 70.98 41.79 -18.99
N LEU F 240 70.88 42.59 -17.90
CA LEU F 240 71.37 42.23 -16.56
C LEU F 240 70.31 42.16 -15.47
N GLY F 241 69.18 42.84 -15.61
CA GLY F 241 68.09 42.78 -14.63
C GLY F 241 67.21 41.58 -14.91
N ASP F 242 67.01 41.28 -16.19
CA ASP F 242 66.23 40.12 -16.59
C ASP F 242 67.04 38.86 -16.25
N LYS F 243 66.38 37.93 -15.54
CA LYS F 243 67.06 36.78 -14.95
C LYS F 243 67.78 35.90 -15.97
N ILE F 244 67.13 35.57 -17.08
CA ILE F 244 67.79 34.79 -18.14
C ILE F 244 68.97 35.55 -18.74
N ALA F 245 68.74 36.78 -19.21
CA ALA F 245 69.82 37.53 -19.85
C ALA F 245 70.98 37.76 -18.89
N SER F 246 70.67 38.06 -17.63
CA SER F 246 71.72 38.29 -16.66
C SER F 246 72.48 37.00 -16.40
N SER F 247 71.75 35.88 -16.40
CA SER F 247 72.37 34.58 -16.22
C SER F 247 73.28 34.25 -17.40
N ILE F 248 72.90 34.68 -18.60
CA ILE F 248 73.74 34.47 -19.78
C ILE F 248 75.01 35.32 -19.74
N VAL F 249 74.91 36.59 -19.32
CA VAL F 249 76.11 37.44 -19.18
C VAL F 249 77.05 36.90 -18.10
N ALA F 250 76.50 36.50 -16.95
CA ALA F 250 77.32 35.98 -15.84
C ALA F 250 78.20 34.80 -16.24
N GLN F 251 77.68 33.86 -17.01
CA GLN F 251 78.48 32.72 -17.44
C GLN F 251 79.66 33.18 -18.28
N THR F 252 79.43 34.18 -19.11
CA THR F 252 80.48 34.79 -19.92
C THR F 252 81.56 35.34 -18.99
N ALA F 253 81.19 35.82 -17.80
CA ALA F 253 82.19 36.37 -16.90
C ALA F 253 83.03 35.26 -16.25
N GLY F 254 82.61 34.00 -16.38
CA GLY F 254 83.31 32.86 -15.82
C GLY F 254 83.04 32.49 -14.38
N ILE F 255 81.91 32.87 -13.82
CA ILE F 255 81.58 32.49 -12.45
C ILE F 255 80.79 31.20 -12.57
N PRO F 256 81.10 30.13 -11.83
CA PRO F 256 80.28 28.91 -11.98
C PRO F 256 78.87 29.27 -11.54
N THR F 257 77.87 28.61 -12.13
CA THR F 257 76.47 28.88 -11.83
C THR F 257 75.65 27.62 -11.62
N LEU F 258 74.58 27.83 -10.86
CA LEU F 258 73.64 26.78 -10.53
C LEU F 258 72.80 26.33 -11.72
N PRO F 259 72.32 25.07 -11.69
CA PRO F 259 71.50 24.53 -12.78
C PRO F 259 70.24 25.30 -13.13
N TRP F 260 70.08 25.60 -14.43
CA TRP F 260 68.89 26.29 -14.90
C TRP F 260 68.66 25.82 -16.34
N SER F 261 67.47 26.13 -16.86
CA SER F 261 67.04 25.79 -18.23
C SER F 261 67.99 26.29 -19.32
N GLY F 262 68.83 27.28 -19.05
CA GLY F 262 69.72 27.88 -20.02
C GLY F 262 71.23 27.73 -19.89
N SER F 263 71.68 26.72 -19.16
CA SER F 263 73.11 26.46 -19.08
C SER F 263 73.72 26.23 -20.46
N GLY F 264 74.95 26.75 -20.65
CA GLY F 264 75.68 26.64 -21.90
C GLY F 264 75.44 27.75 -22.90
N LEU F 265 74.35 28.50 -22.76
CA LEU F 265 73.99 29.56 -23.69
C LEU F 265 74.80 30.85 -23.55
N ARG F 266 75.22 31.39 -24.69
CA ARG F 266 75.95 32.66 -24.77
C ARG F 266 75.89 33.09 -26.23
N VAL F 267 76.61 34.15 -26.58
CA VAL F 267 76.59 34.67 -27.95
C VAL F 267 77.93 35.31 -28.28
N ILE F 278 77.32 47.40 -24.67
CA ILE F 278 75.95 47.08 -24.28
C ILE F 278 75.53 45.78 -24.94
N LEU F 279 74.87 44.95 -24.16
CA LEU F 279 74.49 43.60 -24.57
C LEU F 279 73.03 43.54 -24.97
N ASN F 280 72.70 42.52 -25.74
CA ASN F 280 71.32 42.28 -26.12
C ASN F 280 71.19 40.78 -26.27
N VAL F 281 70.11 40.23 -25.74
CA VAL F 281 69.85 38.79 -25.84
C VAL F 281 68.83 38.62 -26.98
N PRO F 282 69.18 38.00 -28.10
CA PRO F 282 68.20 37.85 -29.18
C PRO F 282 67.08 36.88 -28.79
N GLN F 283 65.86 37.18 -29.28
CA GLN F 283 64.69 36.36 -28.93
C GLN F 283 64.96 34.89 -29.14
N GLU F 284 65.75 34.52 -30.13
CA GLU F 284 66.02 33.10 -30.31
C GLU F 284 66.95 32.58 -29.21
N LEU F 285 68.01 33.32 -28.89
CA LEU F 285 68.86 32.92 -27.77
C LEU F 285 68.11 33.02 -26.47
N TYR F 286 67.44 34.16 -26.29
CA TYR F 286 66.67 34.38 -25.08
C TYR F 286 65.64 33.28 -24.95
N GLU F 287 64.99 32.93 -26.07
CA GLU F 287 64.03 31.84 -26.06
C GLU F 287 64.67 30.52 -25.72
N LYS F 288 66.00 30.44 -25.77
CA LYS F 288 66.61 29.18 -25.35
C LYS F 288 66.76 29.21 -23.86
N GLY F 289 67.03 30.39 -23.27
CA GLY F 289 67.13 30.40 -21.82
C GLY F 289 65.78 30.20 -21.19
N TYR F 290 64.70 30.66 -21.86
CA TYR F 290 63.34 30.51 -21.34
C TYR F 290 62.59 29.34 -21.97
N VAL F 291 61.52 28.94 -21.30
CA VAL F 291 60.59 27.88 -21.71
C VAL F 291 59.25 28.59 -21.89
N LYS F 292 58.93 28.97 -23.13
CA LYS F 292 57.75 29.76 -23.50
C LYS F 292 56.45 29.32 -22.85
N ASP F 293 56.35 28.09 -22.42
CA ASP F 293 55.17 27.51 -21.83
C ASP F 293 55.64 26.37 -20.91
N VAL F 294 54.66 25.73 -20.30
CA VAL F 294 54.82 24.65 -19.33
C VAL F 294 55.61 23.46 -19.87
N ASP F 295 55.44 23.09 -21.14
CA ASP F 295 56.08 21.87 -21.65
C ASP F 295 57.62 21.80 -21.56
N ASP F 296 58.37 22.75 -22.09
CA ASP F 296 59.81 22.70 -21.86
C ASP F 296 60.10 22.97 -20.40
N GLY F 297 59.25 23.76 -19.75
CA GLY F 297 59.44 24.02 -18.34
C GLY F 297 59.27 22.76 -17.52
N LEU F 298 58.20 22.00 -17.78
CA LEU F 298 58.04 20.73 -17.09
C LEU F 298 59.30 19.89 -17.38
N GLN F 299 59.81 19.99 -18.61
CA GLN F 299 61.03 19.33 -19.04
C GLN F 299 62.24 19.97 -18.36
N ALA F 300 62.27 21.31 -18.35
CA ALA F 300 63.33 22.08 -17.72
C ALA F 300 63.39 21.75 -16.24
N ALA F 301 62.22 21.73 -15.61
CA ALA F 301 62.08 21.36 -14.20
C ALA F 301 62.70 19.98 -13.96
N GLU F 302 62.62 19.11 -14.97
CA GLU F 302 63.18 17.76 -14.87
C GLU F 302 64.71 17.81 -14.93
N GLU F 303 65.26 18.69 -15.78
CA GLU F 303 66.71 18.82 -15.90
C GLU F 303 67.35 19.31 -14.60
N VAL F 304 66.86 20.43 -14.06
CA VAL F 304 67.42 20.97 -12.81
C VAL F 304 67.22 20.01 -11.65
N GLY F 305 66.07 19.33 -11.58
CA GLY F 305 65.80 18.40 -10.49
C GLY F 305 65.00 19.08 -9.41
N TYR F 306 63.99 18.37 -8.91
CA TYR F 306 63.16 18.92 -7.86
C TYR F 306 63.95 19.08 -6.56
N PRO F 307 63.60 20.09 -5.72
CA PRO F 307 62.54 21.09 -5.89
C PRO F 307 63.01 22.16 -6.87
N VAL F 308 62.10 22.70 -7.69
CA VAL F 308 62.47 23.69 -8.68
C VAL F 308 61.72 24.99 -8.37
N MET F 309 62.09 26.04 -9.10
CA MET F 309 61.48 27.35 -8.99
C MET F 309 61.01 27.88 -10.34
N ILE F 310 59.72 28.23 -10.41
CA ILE F 310 59.16 28.89 -11.58
C ILE F 310 59.35 30.39 -11.33
N LYS F 311 60.06 31.06 -12.25
CA LYS F 311 60.43 32.48 -12.08
C LYS F 311 60.19 33.43 -13.25
N ALA F 312 59.53 34.55 -12.96
CA ALA F 312 59.34 35.63 -13.92
C ALA F 312 60.70 36.32 -14.05
N SER F 313 61.21 36.51 -15.28
CA SER F 313 62.55 37.07 -15.38
C SER F 313 62.65 38.55 -15.06
N GLU F 314 61.57 39.31 -15.10
CA GLU F 314 61.61 40.73 -14.76
C GLU F 314 61.06 40.97 -13.37
N GLY F 315 60.77 39.90 -12.63
CA GLY F 315 60.25 40.05 -11.29
C GLY F 315 61.33 40.54 -10.35
N GLY F 316 60.98 41.55 -9.56
CA GLY F 316 61.89 42.12 -8.57
C GLY F 316 61.20 42.08 -7.24
N GLY F 317 62.02 41.99 -6.19
CA GLY F 317 61.46 41.95 -4.86
C GLY F 317 60.45 40.83 -4.65
N GLY F 318 60.81 39.61 -5.04
CA GLY F 318 59.90 38.50 -4.84
C GLY F 318 58.68 38.43 -5.75
N LYS F 319 58.70 39.10 -6.90
CA LYS F 319 57.55 39.08 -7.80
C LYS F 319 57.65 37.97 -8.86
N GLY F 320 56.56 37.21 -9.03
CA GLY F 320 56.48 36.16 -10.05
C GLY F 320 57.18 34.86 -9.67
N ILE F 321 57.09 34.42 -8.41
CA ILE F 321 57.79 33.21 -7.95
C ILE F 321 56.92 32.19 -7.19
N ARG F 322 56.97 30.91 -7.61
CA ARG F 322 56.29 29.80 -6.94
C ARG F 322 57.23 28.59 -6.85
N LYS F 323 57.31 27.97 -5.67
CA LYS F 323 58.10 26.77 -5.40
C LYS F 323 57.33 25.47 -5.68
N VAL F 324 57.97 24.54 -6.39
CA VAL F 324 57.39 23.25 -6.79
C VAL F 324 58.32 22.17 -6.23
N ASN F 325 57.75 21.26 -5.45
CA ASN F 325 58.50 20.19 -4.80
C ASN F 325 58.52 18.91 -5.63
N ASN F 326 57.54 18.68 -6.48
CA ASN F 326 57.54 17.47 -7.29
C ASN F 326 56.76 17.75 -8.58
N ALA F 327 57.05 16.93 -9.59
CA ALA F 327 56.50 17.06 -10.95
C ALA F 327 54.99 17.02 -11.12
N ASP F 328 54.24 16.39 -10.22
CA ASP F 328 52.79 16.36 -10.44
C ASP F 328 52.08 17.71 -10.16
N ASP F 329 52.55 18.49 -9.18
CA ASP F 329 51.98 19.80 -8.81
C ASP F 329 52.31 20.97 -9.76
N PHE F 330 53.46 20.96 -10.44
CA PHE F 330 53.96 22.06 -11.29
C PHE F 330 53.00 22.81 -12.20
N PRO F 331 52.19 22.20 -13.09
CA PRO F 331 51.41 23.05 -14.01
C PRO F 331 50.48 24.04 -13.31
N ASN F 332 49.74 23.65 -12.28
CA ASN F 332 48.92 24.64 -11.58
C ASN F 332 49.82 25.62 -10.81
N LEU F 333 50.92 25.12 -10.24
CA LEU F 333 51.86 26.01 -9.57
C LEU F 333 52.47 26.95 -10.61
N PHE F 334 52.63 26.45 -11.83
CA PHE F 334 53.07 27.24 -12.97
C PHE F 334 52.01 28.30 -13.24
N ARG F 335 50.78 27.88 -13.11
CA ARG F 335 49.55 28.64 -13.27
C ARG F 335 49.36 29.78 -12.28
N GLN F 336 49.87 29.65 -11.06
CA GLN F 336 49.69 30.74 -10.11
C GLN F 336 50.42 31.97 -10.60
N VAL F 337 51.66 31.80 -11.06
CA VAL F 337 52.41 32.90 -11.64
C VAL F 337 51.67 33.42 -12.88
N GLN F 338 51.07 32.51 -13.65
CA GLN F 338 50.29 32.93 -14.82
C GLN F 338 49.16 33.83 -14.39
N ALA F 339 48.39 33.42 -13.38
CA ALA F 339 47.31 34.29 -12.91
C ALA F 339 47.87 35.53 -12.24
N GLU F 340 48.96 35.38 -11.49
CA GLU F 340 49.57 36.51 -10.80
C GLU F 340 50.20 37.49 -11.79
N VAL F 341 50.95 36.96 -12.74
CA VAL F 341 51.63 37.73 -13.78
C VAL F 341 51.22 37.24 -15.16
N PRO F 342 50.02 37.57 -15.64
CA PRO F 342 49.58 37.06 -16.95
C PRO F 342 50.32 37.64 -18.16
N GLY F 343 50.62 36.75 -19.12
CA GLY F 343 51.30 37.12 -20.35
C GLY F 343 52.81 37.00 -20.36
N SER F 344 53.44 36.95 -19.23
CA SER F 344 54.89 36.88 -19.21
C SER F 344 55.37 35.46 -19.53
N PRO F 345 56.40 35.29 -20.37
CA PRO F 345 56.97 33.96 -20.51
C PRO F 345 57.56 33.55 -19.17
N ILE F 346 57.68 32.25 -18.98
CA ILE F 346 58.17 31.67 -17.73
C ILE F 346 59.34 30.73 -17.94
N PHE F 347 60.31 30.73 -17.02
CA PHE F 347 61.44 29.78 -17.06
C PHE F 347 61.54 29.08 -15.71
N VAL F 348 62.34 28.00 -15.63
CA VAL F 348 62.51 27.22 -14.38
C VAL F 348 63.99 27.03 -14.04
N MET F 349 64.38 27.26 -12.76
CA MET F 349 65.76 27.07 -12.30
C MET F 349 65.79 26.46 -10.88
N ARG F 350 66.89 25.77 -10.54
CA ARG F 350 67.10 25.16 -9.22
C ARG F 350 67.33 26.04 -7.99
N LEU F 351 66.57 25.75 -6.92
CA LEU F 351 66.69 26.38 -5.60
C LEU F 351 67.87 25.74 -4.87
N ALA F 352 68.95 26.50 -4.66
CA ALA F 352 70.18 26.00 -4.06
C ALA F 352 70.03 25.62 -2.57
N LYS F 353 71.04 24.88 -2.09
CA LYS F 353 71.18 24.39 -0.71
C LYS F 353 71.58 25.53 0.24
N GLN F 354 71.38 25.28 1.55
CA GLN F 354 71.77 26.25 2.57
C GLN F 354 73.20 26.74 2.48
N SER F 355 73.28 28.05 2.34
CA SER F 355 74.44 28.88 2.09
C SER F 355 74.17 30.20 2.81
N ARG F 356 75.03 31.16 2.55
CA ARG F 356 74.84 32.53 2.99
C ARG F 356 74.30 33.21 1.76
N HIS F 357 73.27 34.03 1.92
CA HIS F 357 72.75 34.76 0.79
C HIS F 357 73.38 36.11 1.10
N LEU F 358 74.30 36.50 0.24
CA LEU F 358 75.08 37.72 0.38
C LEU F 358 74.95 38.61 -0.83
N GLU F 359 75.14 39.90 -0.59
CA GLU F 359 75.07 40.90 -1.63
C GLU F 359 76.34 41.72 -1.57
N VAL F 360 76.79 42.14 -2.75
CA VAL F 360 77.89 43.08 -2.89
C VAL F 360 77.23 44.31 -3.45
N GLN F 361 77.40 45.43 -2.77
CA GLN F 361 76.82 46.64 -3.31
C GLN F 361 77.85 47.09 -4.33
N ILE F 362 77.40 47.33 -5.56
CA ILE F 362 78.23 47.73 -6.68
C ILE F 362 78.00 49.17 -7.09
N LEU F 363 79.07 49.78 -7.59
CA LEU F 363 79.06 51.13 -8.11
C LEU F 363 79.99 51.15 -9.31
N ALA F 364 79.45 51.44 -10.50
CA ALA F 364 80.21 51.49 -11.76
C ALA F 364 80.01 52.80 -12.51
N ASP F 365 81.08 53.31 -13.13
CA ASP F 365 81.01 54.51 -13.94
C ASP F 365 80.76 54.17 -15.41
N GLN F 366 80.83 55.17 -16.31
CA GLN F 366 80.60 54.98 -17.73
C GLN F 366 81.81 54.55 -18.57
N TYR F 367 82.95 54.24 -17.94
CA TYR F 367 84.21 53.92 -18.63
C TYR F 367 84.78 52.54 -18.37
N GLY F 368 84.08 51.68 -17.64
CA GLY F 368 84.56 50.35 -17.32
C GLY F 368 85.05 50.16 -15.91
N ASN F 369 85.14 51.20 -15.10
CA ASN F 369 85.52 51.04 -13.70
C ASN F 369 84.26 50.70 -12.91
N ALA F 370 84.28 49.55 -12.25
CA ALA F 370 83.17 49.06 -11.42
C ALA F 370 83.78 48.58 -10.12
N ILE F 371 83.18 48.96 -8.98
CA ILE F 371 83.70 48.56 -7.67
C ILE F 371 82.60 47.99 -6.78
N SER F 372 83.07 47.34 -5.72
CA SER F 372 82.35 46.79 -4.57
C SER F 372 82.52 47.73 -3.38
N LEU F 373 81.53 47.74 -2.48
CA LEU F 373 81.60 48.56 -1.27
C LEU F 373 81.69 47.65 -0.06
N PHE F 374 80.64 46.90 0.25
CA PHE F 374 80.55 45.98 1.40
C PHE F 374 79.40 45.06 1.04
N GLY F 375 78.86 44.33 2.02
CA GLY F 375 77.73 43.44 1.75
C GLY F 375 76.53 43.61 2.66
N ARG F 376 75.53 42.78 2.35
CA ARG F 376 74.29 42.62 3.08
C ARG F 376 74.01 41.11 3.08
N ASP F 377 73.59 40.56 4.22
CA ASP F 377 73.17 39.16 4.29
C ASP F 377 71.65 39.10 4.23
N CYS F 378 71.06 38.42 3.23
CA CYS F 378 69.60 38.33 3.17
C CYS F 378 69.12 36.88 3.13
N SER F 379 69.80 36.02 3.88
CA SER F 379 69.44 34.61 3.96
C SER F 379 68.17 34.33 4.75
N VAL F 380 67.92 35.12 5.79
CA VAL F 380 66.81 35.05 6.75
C VAL F 380 65.37 35.40 6.36
N GLN F 381 64.51 34.39 6.09
CA GLN F 381 63.12 34.65 5.69
C GLN F 381 62.15 33.88 6.57
N ARG F 382 60.97 34.48 6.77
CA ARG F 382 59.87 33.87 7.52
C ARG F 382 58.61 34.13 6.68
N ARG F 383 58.02 33.05 6.17
CA ARG F 383 56.87 33.11 5.28
C ARG F 383 57.14 33.92 4.01
N HIS F 384 58.35 33.71 3.47
CA HIS F 384 58.93 34.29 2.26
C HIS F 384 59.26 35.77 2.34
N GLN F 385 59.22 36.37 3.51
CA GLN F 385 59.57 37.77 3.70
C GLN F 385 61.00 37.84 4.22
N LYS F 386 61.87 38.62 3.58
CA LYS F 386 63.25 38.72 4.08
C LYS F 386 63.14 39.38 5.43
N ILE F 387 63.50 38.68 6.50
CA ILE F 387 63.29 39.19 7.85
C ILE F 387 64.50 39.86 8.50
N ILE F 388 65.66 39.20 8.52
CA ILE F 388 66.86 39.74 9.16
C ILE F 388 67.96 39.89 8.13
N GLU F 389 68.67 41.01 8.24
CA GLU F 389 69.84 41.28 7.42
C GLU F 389 71.06 41.48 8.33
N GLU F 390 72.26 41.20 7.80
CA GLU F 390 73.51 41.42 8.53
C GLU F 390 74.55 42.02 7.60
N ALA F 391 75.36 42.95 8.13
CA ALA F 391 76.52 43.55 7.44
C ALA F 391 77.83 43.77 8.19
N PRO F 392 79.02 43.33 7.69
CA PRO F 392 79.60 42.57 6.56
C PRO F 392 79.54 41.04 6.62
N ALA F 393 79.99 40.36 5.55
CA ALA F 393 80.05 38.88 5.51
C ALA F 393 81.43 38.41 5.99
N THR F 394 81.66 38.46 7.30
CA THR F 394 82.95 38.08 7.91
C THR F 394 83.32 36.60 7.73
N ILE F 395 82.32 35.75 7.49
CA ILE F 395 82.48 34.30 7.36
C ILE F 395 83.49 33.85 6.29
N ALA F 396 83.51 34.44 5.10
CA ALA F 396 84.43 33.91 4.10
C ALA F 396 85.92 34.13 4.42
N THR F 397 86.72 33.15 3.94
CA THR F 397 88.18 33.15 4.04
C THR F 397 88.88 34.23 3.21
N PRO F 398 89.85 34.98 3.78
CA PRO F 398 90.53 36.04 2.98
C PRO F 398 91.05 35.67 1.60
N ALA F 399 91.68 34.48 1.43
CA ALA F 399 92.18 34.10 0.11
C ALA F 399 91.04 33.86 -0.87
N VAL F 400 90.00 33.18 -0.39
CA VAL F 400 88.83 32.91 -1.21
C VAL F 400 88.10 34.22 -1.46
N PHE F 401 88.02 35.05 -0.43
CA PHE F 401 87.39 36.37 -0.51
C PHE F 401 88.09 37.31 -1.47
N GLU F 402 89.42 37.25 -1.57
CA GLU F 402 90.13 38.10 -2.52
C GLU F 402 89.74 37.79 -3.98
N HIS F 403 89.62 36.51 -4.32
CA HIS F 403 89.17 36.08 -5.65
C HIS F 403 87.75 36.54 -5.96
N MET F 404 86.85 36.41 -4.99
CA MET F 404 85.43 36.78 -5.07
C MET F 404 85.15 38.25 -5.40
N GLU F 405 85.94 39.18 -4.87
CA GLU F 405 85.71 40.60 -5.15
C GLU F 405 85.80 40.95 -6.64
N GLN F 406 86.75 40.39 -7.38
CA GLN F 406 86.88 40.74 -8.80
C GLN F 406 85.71 40.23 -9.64
N CYS F 407 85.20 39.03 -9.34
CA CYS F 407 84.06 38.47 -10.06
C CYS F 407 82.81 39.36 -10.00
N ALA F 408 82.48 39.87 -8.81
CA ALA F 408 81.31 40.74 -8.67
C ALA F 408 81.39 41.97 -9.58
N VAL F 409 82.58 42.56 -9.66
CA VAL F 409 82.89 43.72 -10.49
C VAL F 409 82.79 43.45 -11.99
N LYS F 410 83.26 42.30 -12.45
CA LYS F 410 83.25 41.98 -13.89
C LYS F 410 81.86 42.00 -14.53
N LEU F 411 80.86 41.33 -13.94
CA LEU F 411 79.51 41.33 -14.54
C LEU F 411 79.00 42.74 -14.81
N ALA F 412 79.25 43.68 -13.92
CA ALA F 412 78.83 45.06 -14.18
C ALA F 412 79.61 45.63 -15.35
N LYS F 413 80.92 45.42 -15.33
CA LYS F 413 81.80 45.91 -16.39
C LYS F 413 81.46 45.36 -17.77
N MET F 414 81.17 44.06 -17.84
CA MET F 414 80.90 43.37 -19.10
C MET F 414 79.78 44.00 -19.93
N VAL F 415 78.71 44.45 -19.30
CA VAL F 415 77.57 45.02 -20.02
C VAL F 415 77.63 46.53 -20.03
N GLY F 416 78.63 47.13 -19.39
CA GLY F 416 78.68 48.58 -19.33
C GLY F 416 77.69 49.14 -18.34
N TYR F 417 77.64 48.55 -17.14
CA TYR F 417 76.70 49.04 -16.14
C TYR F 417 77.04 50.46 -15.74
N VAL F 418 76.01 51.30 -15.57
CA VAL F 418 76.22 52.65 -15.10
C VAL F 418 75.28 53.08 -13.97
N SER F 419 75.55 52.65 -12.72
CA SER F 419 74.81 53.09 -11.53
C SER F 419 75.25 52.33 -10.28
N ALA F 420 74.36 52.31 -9.27
CA ALA F 420 74.57 51.56 -8.06
C ALA F 420 73.93 50.23 -8.41
N GLY F 421 74.47 49.15 -7.92
CA GLY F 421 73.84 47.87 -8.21
C GLY F 421 74.18 46.86 -7.15
N THR F 422 73.41 45.79 -7.12
CA THR F 422 73.62 44.74 -6.15
C THR F 422 73.77 43.46 -6.96
N VAL F 423 74.92 42.82 -6.78
CA VAL F 423 75.26 41.54 -7.35
C VAL F 423 75.09 40.47 -6.27
N GLU F 424 74.17 39.53 -6.48
CA GLU F 424 73.91 38.48 -5.49
C GLU F 424 74.65 37.20 -5.86
N TYR F 425 75.36 36.63 -4.88
CA TYR F 425 76.12 35.40 -5.05
C TYR F 425 75.82 34.41 -3.93
N LEU F 426 75.96 33.12 -4.25
CA LEU F 426 75.91 32.02 -3.29
C LEU F 426 77.32 31.50 -3.02
N TYR F 427 77.72 31.46 -1.75
CA TYR F 427 79.05 31.05 -1.33
C TYR F 427 78.95 29.77 -0.50
N SER F 428 79.85 28.83 -0.76
CA SER F 428 79.92 27.56 -0.05
C SER F 428 81.15 27.46 0.86
N GLN F 429 81.01 26.60 1.88
CA GLN F 429 82.08 26.34 2.87
C GLN F 429 83.37 25.83 2.24
N ASP F 430 83.28 25.12 1.13
CA ASP F 430 84.45 24.65 0.40
C ASP F 430 85.45 25.74 0.12
N GLY F 431 84.95 26.92 -0.17
CA GLY F 431 85.68 28.07 -0.61
C GLY F 431 85.31 28.35 -2.06
N SER F 432 84.29 27.64 -2.57
CA SER F 432 83.76 27.80 -3.92
C SER F 432 82.63 28.81 -3.78
N PHE F 433 82.47 29.67 -4.79
CA PHE F 433 81.43 30.68 -4.78
C PHE F 433 80.65 30.63 -6.07
N TYR F 434 79.39 31.06 -6.00
CA TYR F 434 78.53 31.07 -7.18
C TYR F 434 77.68 32.32 -7.26
N PHE F 435 77.66 32.94 -8.43
CA PHE F 435 76.80 34.08 -8.75
C PHE F 435 75.31 33.67 -8.81
N LEU F 436 74.42 34.50 -8.23
CA LEU F 436 72.97 34.22 -8.24
C LEU F 436 72.22 35.19 -9.14
N GLU F 437 72.33 36.50 -8.95
CA GLU F 437 71.60 37.43 -9.80
C GLU F 437 72.18 38.82 -9.59
N LEU F 438 71.78 39.74 -10.45
CA LEU F 438 72.16 41.14 -10.33
C LEU F 438 70.91 41.98 -10.25
N ASN F 439 70.80 42.76 -9.18
CA ASN F 439 69.72 43.70 -9.04
C ASN F 439 70.19 45.02 -9.61
N PRO F 440 69.68 45.50 -10.75
CA PRO F 440 70.27 46.71 -11.34
C PRO F 440 69.63 47.92 -10.68
N ARG F 441 69.43 47.90 -9.37
CA ARG F 441 68.66 48.94 -8.72
C ARG F 441 68.85 48.89 -7.21
N LEU F 442 68.27 49.87 -6.53
CA LEU F 442 68.25 49.92 -5.07
C LEU F 442 67.35 48.87 -4.42
N GLN F 443 67.79 48.43 -3.23
CA GLN F 443 67.01 47.55 -2.37
C GLN F 443 66.54 48.34 -1.14
N VAL F 444 65.49 47.85 -0.47
CA VAL F 444 65.03 48.53 0.75
C VAL F 444 66.03 48.52 1.92
N GLU F 445 66.84 47.47 2.06
CA GLU F 445 67.79 47.33 3.18
C GLU F 445 69.20 47.90 2.92
N HIS F 446 69.42 48.58 1.81
CA HIS F 446 70.69 49.24 1.44
C HIS F 446 71.40 50.15 2.45
N PRO F 447 70.74 50.92 3.37
CA PRO F 447 71.52 51.72 4.33
C PRO F 447 72.57 51.00 5.18
N CYS F 448 72.48 49.68 5.35
CA CYS F 448 73.52 48.94 6.03
C CYS F 448 74.89 49.26 5.45
N THR F 449 74.99 49.19 4.12
CA THR F 449 76.26 49.51 3.47
C THR F 449 76.58 50.98 3.67
N GLU F 450 75.56 51.85 3.49
CA GLU F 450 75.75 53.29 3.62
C GLU F 450 76.39 53.68 4.94
N MET F 451 75.93 53.07 6.04
CA MET F 451 76.43 53.37 7.38
C MET F 451 77.85 52.89 7.63
N VAL F 452 78.25 51.75 7.06
CA VAL F 452 79.61 51.25 7.26
C VAL F 452 80.55 51.80 6.20
N ALA F 453 80.03 52.08 5.02
CA ALA F 453 80.86 52.58 3.93
C ALA F 453 80.87 54.09 3.87
N ASP F 454 79.92 54.75 4.54
CA ASP F 454 79.76 56.20 4.44
C ASP F 454 79.60 56.52 2.96
N VAL F 455 78.72 55.74 2.32
CA VAL F 455 78.43 55.85 0.90
C VAL F 455 76.94 56.10 0.78
N ASN F 456 76.57 57.21 0.16
CA ASN F 456 75.17 57.51 -0.13
C ASN F 456 74.82 56.79 -1.40
N LEU F 457 74.09 55.68 -1.29
CA LEU F 457 73.78 54.91 -2.49
C LEU F 457 72.95 55.67 -3.51
N PRO F 458 71.79 56.25 -3.18
CA PRO F 458 71.07 57.04 -4.20
C PRO F 458 71.87 58.20 -4.76
N ALA F 459 72.74 58.83 -3.95
CA ALA F 459 73.56 59.91 -4.51
C ALA F 459 74.58 59.31 -5.46
N ALA F 460 75.11 58.15 -5.09
CA ALA F 460 76.02 57.45 -5.98
C ALA F 460 75.28 57.08 -7.27
N GLN F 461 74.02 56.64 -7.15
CA GLN F 461 73.23 56.38 -8.34
C GLN F 461 73.09 57.65 -9.14
N LEU F 462 72.86 58.75 -8.43
CA LEU F 462 72.80 60.07 -9.02
C LEU F 462 74.12 60.52 -9.67
N GLN F 463 75.25 60.39 -8.95
CA GLN F 463 76.55 60.81 -9.47
C GLN F 463 76.90 60.04 -10.73
N ILE F 464 76.66 58.73 -10.72
CA ILE F 464 76.91 57.90 -11.89
C ILE F 464 76.08 58.37 -13.06
N ALA F 465 74.83 58.76 -12.82
CA ALA F 465 74.01 59.21 -13.94
C ALA F 465 74.58 60.49 -14.51
N MET F 466 75.38 61.21 -13.73
CA MET F 466 76.08 62.39 -14.21
C MET F 466 77.41 62.04 -14.85
N GLY F 467 77.76 60.75 -14.98
CA GLY F 467 79.04 60.36 -15.57
C GLY F 467 80.28 60.53 -14.73
N ILE F 468 80.17 60.55 -13.40
CA ILE F 468 81.34 60.72 -12.52
C ILE F 468 82.16 59.44 -12.42
N PRO F 469 83.46 59.45 -12.74
CA PRO F 469 84.24 58.21 -12.61
C PRO F 469 84.37 57.79 -11.15
N LEU F 470 84.49 56.48 -10.97
CA LEU F 470 84.62 55.89 -9.63
C LEU F 470 85.70 56.54 -8.80
N TYR F 471 86.86 56.82 -9.40
CA TYR F 471 87.94 57.45 -8.66
C TYR F 471 87.62 58.89 -8.24
N ARG F 472 86.53 59.47 -8.76
CA ARG F 472 86.02 60.80 -8.41
C ARG F 472 84.79 60.77 -7.52
N ILE F 473 84.39 59.62 -6.95
CA ILE F 473 83.22 59.57 -6.10
C ILE F 473 83.59 59.68 -4.62
N LYS F 474 83.07 60.75 -4.02
CA LYS F 474 83.26 61.14 -2.63
C LYS F 474 83.09 59.98 -1.66
N ASP F 475 81.96 59.31 -1.80
CA ASP F 475 81.61 58.16 -0.96
C ASP F 475 82.77 57.17 -0.89
N ILE F 476 83.37 56.90 -2.04
CA ILE F 476 84.52 56.02 -2.21
C ILE F 476 85.81 56.63 -1.66
N ARG F 477 85.95 57.95 -1.78
CA ARG F 477 87.19 58.65 -1.42
C ARG F 477 87.60 58.40 0.03
N MET F 478 86.71 58.58 1.01
CA MET F 478 87.11 58.29 2.39
C MET F 478 87.50 56.83 2.56
N MET F 479 86.70 55.95 1.97
CA MET F 479 86.92 54.51 2.07
C MET F 479 88.32 54.09 1.64
N TYR F 480 88.84 54.68 0.55
CA TYR F 480 90.17 54.30 0.09
C TYR F 480 91.28 55.14 0.70
N GLY F 481 91.02 55.88 1.78
CA GLY F 481 92.07 56.59 2.49
C GLY F 481 92.83 57.62 1.68
N VAL F 482 92.21 58.21 0.65
CA VAL F 482 92.89 59.23 -0.15
C VAL F 482 92.45 60.67 0.12
N SER F 483 93.07 61.59 -0.62
CA SER F 483 92.83 63.03 -0.51
C SER F 483 91.36 63.38 -0.81
N PRO F 484 90.71 64.22 0.00
CA PRO F 484 89.30 64.53 -0.32
C PRO F 484 89.07 65.24 -1.66
N TRP F 485 90.04 66.02 -2.16
CA TRP F 485 89.91 66.76 -3.42
C TRP F 485 90.89 66.44 -4.53
N GLY F 486 91.70 65.40 -4.42
CA GLY F 486 92.58 65.12 -5.53
C GLY F 486 91.83 64.46 -6.67
N ASP F 487 92.45 64.46 -7.85
CA ASP F 487 91.88 63.89 -9.07
C ASP F 487 92.65 62.67 -9.55
N SER F 488 93.61 62.20 -8.77
CA SER F 488 94.44 61.07 -9.17
C SER F 488 93.63 59.79 -9.34
N PRO F 489 93.71 59.11 -10.49
CA PRO F 489 92.96 57.86 -10.64
C PRO F 489 93.47 56.82 -9.68
N ILE F 490 92.55 56.01 -9.17
CA ILE F 490 92.85 54.98 -8.20
C ILE F 490 92.79 53.64 -8.92
N ASP F 491 93.86 52.87 -8.75
CA ASP F 491 93.98 51.49 -9.24
C ASP F 491 93.38 50.62 -8.16
N PHE F 492 92.16 50.16 -8.43
CA PHE F 492 91.34 49.40 -7.50
C PHE F 492 91.93 48.03 -7.19
N GLU F 493 92.70 47.46 -8.11
CA GLU F 493 93.35 46.17 -7.86
C GLU F 493 94.48 46.32 -6.85
N ASP F 494 95.35 47.33 -7.04
CA ASP F 494 96.47 47.56 -6.14
C ASP F 494 96.03 48.01 -4.74
N SER F 495 94.81 48.53 -4.60
CA SER F 495 94.31 49.01 -3.32
C SER F 495 93.19 48.11 -2.78
N ALA F 496 93.27 46.82 -3.09
CA ALA F 496 92.27 45.86 -2.61
C ALA F 496 92.29 45.79 -1.09
N HIS F 497 93.49 45.89 -0.51
CA HIS F 497 93.71 45.84 0.92
C HIS F 497 93.41 47.15 1.64
N VAL F 498 93.37 48.29 0.92
CA VAL F 498 93.13 49.57 1.59
C VAL F 498 91.81 49.57 2.36
N PRO F 499 90.67 49.23 1.77
CA PRO F 499 89.45 49.25 2.58
C PRO F 499 89.44 48.08 3.55
N CYS F 500 89.05 48.38 4.77
CA CYS F 500 88.89 47.43 5.88
C CYS F 500 87.57 47.99 6.38
N PRO F 501 86.59 47.16 6.71
CA PRO F 501 85.32 47.75 7.13
C PRO F 501 85.47 48.54 8.42
N ARG F 502 84.75 49.65 8.50
CA ARG F 502 84.72 50.50 9.68
C ARG F 502 83.43 50.18 10.44
N GLY F 503 83.54 49.36 11.48
CA GLY F 503 82.49 48.85 12.36
C GLY F 503 81.50 47.82 11.79
N HIS F 504 80.32 47.76 12.41
CA HIS F 504 79.30 46.78 12.06
C HIS F 504 77.89 47.37 12.02
N VAL F 505 77.02 46.79 11.18
CA VAL F 505 75.60 47.16 11.09
C VAL F 505 74.75 45.90 11.10
N ILE F 506 73.65 45.94 11.86
CA ILE F 506 72.65 44.87 11.87
C ILE F 506 71.32 45.47 11.43
N ALA F 507 70.69 44.85 10.43
CA ALA F 507 69.36 45.24 9.99
C ALA F 507 68.31 44.18 10.29
N ALA F 508 67.14 44.63 10.74
CA ALA F 508 66.02 43.75 11.09
C ALA F 508 64.71 44.27 10.50
N ARG F 509 64.00 43.40 9.76
CA ARG F 509 62.70 43.75 9.19
C ARG F 509 61.63 43.70 10.27
N ILE F 510 60.85 44.77 10.40
CA ILE F 510 59.79 44.86 11.40
C ILE F 510 58.46 44.94 10.66
N THR F 511 57.43 44.31 11.23
CA THR F 511 56.11 44.28 10.63
C THR F 511 55.07 44.80 11.62
N GLY F 524 49.90 58.12 7.45
CA GLY F 524 51.06 57.88 6.61
C GLY F 524 51.12 56.47 6.09
N THR F 525 52.26 56.14 5.48
CA THR F 525 52.52 54.81 4.97
C THR F 525 53.89 54.32 5.37
N VAL F 526 54.82 55.22 5.70
CA VAL F 526 56.17 54.87 6.10
C VAL F 526 56.42 55.78 7.30
N GLN F 527 56.61 55.19 8.47
CA GLN F 527 56.88 55.95 9.69
C GLN F 527 58.32 55.71 10.16
N GLU F 528 59.16 56.74 10.05
CA GLU F 528 60.53 56.63 10.52
C GLU F 528 60.54 56.68 12.03
N LEU F 529 60.97 55.59 12.66
CA LEU F 529 61.02 55.47 14.12
C LEU F 529 62.45 55.75 14.55
N ASN F 530 62.65 56.90 15.13
CA ASN F 530 63.95 57.31 15.61
C ASN F 530 64.09 56.78 17.03
N PHE F 531 65.28 56.32 17.39
CA PHE F 531 65.53 55.73 18.69
C PHE F 531 66.38 56.65 19.56
N ARG F 532 65.92 56.82 20.79
CA ARG F 532 66.54 57.58 21.86
C ARG F 532 67.56 56.73 22.60
N SER F 533 67.45 55.41 22.47
CA SER F 533 68.37 54.49 23.12
C SER F 533 69.77 54.60 22.54
N ASN F 534 69.86 54.94 21.25
CA ASN F 534 71.14 55.04 20.58
C ASN F 534 71.10 56.06 19.46
N LYS F 535 72.15 56.87 19.39
CA LYS F 535 72.27 57.83 18.29
C LYS F 535 72.71 57.11 17.03
N ASN F 536 73.41 55.98 17.17
CA ASN F 536 73.88 55.19 16.04
C ASN F 536 72.84 54.18 15.56
N VAL F 537 71.63 54.19 16.12
CA VAL F 537 70.58 53.27 15.70
C VAL F 537 69.36 54.09 15.36
N TRP F 538 68.75 53.77 14.23
CA TRP F 538 67.51 54.34 13.73
C TRP F 538 66.78 53.29 12.91
N GLY F 539 65.52 53.56 12.62
CA GLY F 539 64.74 52.60 11.85
C GLY F 539 63.42 53.19 11.42
N TYR F 540 62.63 52.33 10.76
CA TYR F 540 61.32 52.68 10.25
C TYR F 540 60.37 51.49 10.16
N PHE F 541 59.07 51.83 10.18
CA PHE F 541 57.94 50.93 10.00
C PHE F 541 56.93 51.53 9.03
N SER F 542 56.48 50.75 8.05
CA SER F 542 55.54 51.27 7.07
C SER F 542 54.18 50.58 7.12
N VAL F 543 53.19 51.32 6.61
CA VAL F 543 51.79 50.90 6.51
C VAL F 543 51.35 51.03 5.06
N GLN F 556 52.21 47.68 7.67
CA GLN F 556 52.55 46.82 6.54
C GLN F 556 53.91 46.25 6.95
N PHE F 557 55.01 46.95 6.68
CA PHE F 557 56.30 46.43 7.08
C PHE F 557 57.36 47.53 7.06
N GLY F 558 58.47 47.26 7.73
CA GLY F 558 59.60 48.16 7.79
C GLY F 558 60.89 47.45 8.10
N HIS F 559 61.93 48.26 8.29
CA HIS F 559 63.27 47.77 8.62
C HIS F 559 63.91 48.71 9.63
N CYS F 560 64.67 48.14 10.57
CA CYS F 560 65.48 48.90 11.52
C CYS F 560 66.94 48.65 11.24
N PHE F 561 67.76 49.68 11.40
CA PHE F 561 69.19 49.61 11.09
C PHE F 561 69.99 50.06 12.31
N SER F 562 70.89 49.21 12.79
CA SER F 562 71.69 49.47 14.00
C SER F 562 73.18 49.38 13.74
N TRP F 563 73.90 50.50 13.86
CA TRP F 563 75.35 50.55 13.74
C TRP F 563 76.05 50.49 15.09
N GLY F 564 77.26 49.94 15.10
CA GLY F 564 78.08 49.85 16.29
C GLY F 564 79.55 49.80 15.91
N GLU F 565 80.42 50.07 16.89
CA GLU F 565 81.86 50.03 16.59
C GLU F 565 82.35 48.62 16.26
N ASN F 566 81.73 47.58 16.81
CA ASN F 566 82.09 46.19 16.50
C ASN F 566 80.85 45.33 16.73
N ARG F 567 80.95 44.06 16.31
CA ARG F 567 79.85 43.10 16.43
C ARG F 567 79.18 43.13 17.81
N GLU F 568 79.98 42.97 18.87
CA GLU F 568 79.42 42.96 20.22
C GLU F 568 78.66 44.26 20.52
N GLU F 569 79.30 45.38 20.24
CA GLU F 569 78.70 46.70 20.42
C GLU F 569 77.45 46.88 19.57
N ALA F 570 77.42 46.34 18.35
CA ALA F 570 76.27 46.49 17.47
C ALA F 570 75.08 45.65 17.92
N ILE F 571 75.30 44.42 18.39
CA ILE F 571 74.20 43.64 18.93
C ILE F 571 73.62 44.34 20.15
N SER F 572 74.48 44.83 21.02
CA SER F 572 74.07 45.55 22.22
C SER F 572 73.15 46.73 21.87
N ASN F 573 73.58 47.53 20.88
CA ASN F 573 72.78 48.67 20.45
C ASN F 573 71.42 48.24 19.90
N MET F 574 71.38 47.13 19.18
CA MET F 574 70.12 46.62 18.65
C MET F 574 69.16 46.21 19.77
N VAL F 575 69.65 45.47 20.77
CA VAL F 575 68.83 45.02 21.89
C VAL F 575 68.10 46.18 22.57
N VAL F 576 68.85 47.19 23.00
CA VAL F 576 68.22 48.34 23.66
C VAL F 576 67.24 49.02 22.72
N ALA F 577 67.60 49.15 21.44
CA ALA F 577 66.68 49.74 20.48
C ALA F 577 65.44 48.86 20.31
N LEU F 578 65.64 47.54 20.22
CA LEU F 578 64.50 46.64 20.10
C LEU F 578 63.67 46.63 21.39
N LYS F 579 64.32 46.81 22.54
CA LYS F 579 63.55 46.90 23.79
C LYS F 579 62.73 48.18 23.75
N GLU F 580 63.29 49.23 23.19
CA GLU F 580 62.54 50.46 22.98
C GLU F 580 61.48 50.20 21.93
N LEU F 581 61.87 49.45 20.89
CA LEU F 581 60.94 49.06 19.83
C LEU F 581 59.80 48.22 20.35
N SER F 582 59.98 47.47 21.43
CA SER F 582 58.84 46.69 21.89
C SER F 582 57.67 47.61 22.29
N ILE F 583 57.97 48.83 22.73
CA ILE F 583 56.94 49.81 23.10
C ILE F 583 56.05 50.30 21.94
N ARG F 584 56.47 50.20 20.68
CA ARG F 584 55.60 50.58 19.57
C ARG F 584 54.51 49.55 19.26
N GLY F 585 53.45 50.05 18.60
CA GLY F 585 52.29 49.28 18.19
C GLY F 585 52.26 48.27 17.06
N ASP F 586 52.59 48.65 15.82
CA ASP F 586 52.50 47.70 14.70
C ASP F 586 53.40 46.47 14.80
N PHE F 587 54.50 46.55 15.54
CA PHE F 587 55.46 45.46 15.73
C PHE F 587 55.49 44.86 17.13
N ARG F 588 54.35 44.44 17.68
CA ARG F 588 54.35 43.85 19.02
C ARG F 588 54.30 42.32 18.93
N THR F 589 53.26 41.73 18.33
CA THR F 589 53.24 40.28 18.26
C THR F 589 54.32 39.78 17.31
N THR F 590 54.35 40.33 16.10
CA THR F 590 55.31 39.93 15.08
C THR F 590 56.75 40.05 15.56
N VAL F 591 57.07 41.19 16.18
CA VAL F 591 58.43 41.44 16.64
C VAL F 591 58.85 40.71 17.91
N GLU F 592 57.92 40.16 18.69
CA GLU F 592 58.37 39.50 19.92
C GLU F 592 59.12 38.21 19.63
N TYR F 593 58.52 37.31 18.84
CA TYR F 593 59.21 36.08 18.46
C TYR F 593 60.49 36.38 17.70
N LEU F 594 60.48 37.48 16.96
CA LEU F 594 61.63 37.94 16.18
C LEU F 594 62.73 38.49 17.07
N ILE F 595 62.35 39.34 18.03
CA ILE F 595 63.28 39.90 19.01
C ILE F 595 63.94 38.78 19.79
N LYS F 596 63.16 37.76 20.16
CA LYS F 596 63.65 36.59 20.87
C LYS F 596 64.77 35.88 20.09
N LEU F 597 64.52 35.56 18.82
CA LEU F 597 65.50 34.88 17.98
C LEU F 597 66.83 35.63 17.90
N LEU F 598 66.80 36.96 17.78
CA LEU F 598 68.05 37.73 17.71
C LEU F 598 68.89 37.60 18.97
N GLU F 599 68.28 37.39 20.13
CA GLU F 599 69.04 37.28 21.38
C GLU F 599 69.60 35.88 21.61
N THR F 600 69.09 34.89 20.89
CA THR F 600 69.54 33.51 20.99
C THR F 600 71.05 33.38 20.75
N GLU F 601 71.67 32.47 21.51
CA GLU F 601 73.11 32.21 21.47
C GLU F 601 73.56 31.86 20.05
N SER F 602 72.72 31.16 19.31
CA SER F 602 73.00 30.75 17.94
C SER F 602 73.36 31.97 17.07
N PHE F 603 72.63 33.08 17.23
CA PHE F 603 72.94 34.30 16.48
C PHE F 603 74.32 34.83 16.88
N GLN F 604 74.60 34.85 18.18
CA GLN F 604 75.90 35.28 18.69
C GLN F 604 77.03 34.51 18.02
N MET F 605 76.82 33.23 17.74
CA MET F 605 77.79 32.31 17.12
C MET F 605 77.85 32.33 15.59
N ASN F 606 77.14 33.19 14.86
CA ASN F 606 77.23 33.19 13.38
C ASN F 606 76.86 31.84 12.75
N ARG F 607 75.75 31.30 13.23
CA ARG F 607 75.23 30.00 12.83
C ARG F 607 73.93 30.13 12.04
N ILE F 608 73.96 30.81 10.88
CA ILE F 608 72.76 31.03 10.09
C ILE F 608 72.94 30.43 8.70
N ASP F 609 71.81 30.37 7.98
CA ASP F 609 71.69 29.89 6.60
C ASP F 609 70.42 30.48 6.01
N THR F 610 70.14 30.13 4.75
CA THR F 610 68.93 30.61 4.07
C THR F 610 67.66 30.17 4.81
N GLY F 611 67.74 29.05 5.53
CA GLY F 611 66.70 28.41 6.30
C GLY F 611 66.63 28.71 7.79
N TRP F 612 67.58 29.49 8.33
CA TRP F 612 67.68 29.80 9.76
C TRP F 612 66.43 30.16 10.57
N LEU F 613 65.79 31.31 10.35
CA LEU F 613 64.58 31.64 11.13
C LEU F 613 63.55 30.50 11.05
N ASP F 614 63.31 29.98 9.85
CA ASP F 614 62.35 28.89 9.66
C ASP F 614 62.77 27.61 10.38
N ARG F 615 64.06 27.45 10.71
CA ARG F 615 64.61 26.31 11.42
C ARG F 615 64.86 26.57 12.89
N LEU F 616 64.77 27.82 13.35
CA LEU F 616 64.99 28.14 14.76
C LEU F 616 63.92 27.59 15.68
N ILE F 617 62.74 27.26 15.16
CA ILE F 617 61.64 26.76 15.97
C ILE F 617 61.42 25.28 15.68
N ARG F 625 72.16 19.98 26.31
CA ARG F 625 73.04 19.76 25.17
C ARG F 625 72.58 18.67 24.20
N PRO F 626 73.36 18.42 23.12
CA PRO F 626 72.89 17.53 22.06
C PRO F 626 72.62 16.11 22.51
N ASP F 627 72.13 15.33 21.55
CA ASP F 627 71.93 13.91 21.72
C ASP F 627 72.99 13.28 20.83
N THR F 628 73.73 12.34 21.42
CA THR F 628 74.87 11.68 20.79
C THR F 628 74.65 11.35 19.34
N MET F 629 73.58 10.63 19.04
CA MET F 629 73.42 10.11 17.69
C MET F 629 73.11 11.23 16.69
N LEU F 630 72.30 12.23 17.07
CA LEU F 630 72.25 13.46 16.28
C LEU F 630 73.65 14.02 16.05
N GLY F 631 74.47 14.08 17.11
CA GLY F 631 75.84 14.54 17.02
C GLY F 631 76.64 13.81 15.95
N VAL F 632 76.72 12.49 16.08
CA VAL F 632 77.44 11.67 15.10
C VAL F 632 76.85 11.84 13.71
N VAL F 633 75.52 11.84 13.60
CA VAL F 633 74.87 11.96 12.30
C VAL F 633 75.16 13.28 11.62
N CYS F 634 74.66 14.36 12.20
CA CYS F 634 74.89 15.68 11.63
C CYS F 634 76.36 16.01 11.51
N GLY F 635 77.20 15.49 12.40
CA GLY F 635 78.63 15.57 12.25
C GLY F 635 79.08 14.96 10.94
N ALA F 636 78.86 13.64 10.87
CA ALA F 636 79.27 12.83 9.74
C ALA F 636 78.88 13.49 8.44
N LEU F 637 77.63 13.94 8.36
CA LEU F 637 77.21 14.65 7.16
C LEU F 637 77.71 16.09 7.11
N HIS F 638 78.20 16.68 8.18
CA HIS F 638 78.84 17.97 7.99
C HIS F 638 80.19 17.83 7.30
N VAL F 639 81.06 16.97 7.84
CA VAL F 639 82.34 16.74 7.19
C VAL F 639 82.13 16.18 5.80
N ALA F 640 81.27 15.16 5.72
CA ALA F 640 80.90 14.56 4.45
C ALA F 640 80.34 15.58 3.49
N ASP F 641 79.19 16.19 3.83
CA ASP F 641 78.52 17.14 2.93
C ASP F 641 79.50 18.17 2.42
N VAL F 642 80.32 18.70 3.31
CA VAL F 642 81.30 19.70 2.92
C VAL F 642 82.24 19.08 1.92
N SER F 643 82.82 17.94 2.28
CA SER F 643 83.69 17.17 1.41
C SER F 643 83.05 16.85 0.06
N LEU F 644 81.76 16.52 0.03
CA LEU F 644 81.10 16.20 -1.23
C LEU F 644 81.15 17.41 -2.15
N ARG F 645 80.77 18.56 -1.59
CA ARG F 645 80.89 19.85 -2.28
C ARG F 645 82.35 20.14 -2.70
N ASN F 646 83.31 19.82 -1.84
CA ASN F 646 84.73 20.06 -2.15
C ASN F 646 85.13 19.21 -3.32
N SER F 647 84.80 17.93 -3.25
CA SER F 647 85.15 16.97 -4.26
C SER F 647 84.60 17.42 -5.60
N VAL F 648 83.38 17.96 -5.59
CA VAL F 648 82.79 18.51 -6.80
C VAL F 648 83.66 19.66 -7.28
N SER F 649 84.03 20.56 -6.37
CA SER F 649 84.83 21.73 -6.75
C SER F 649 86.23 21.31 -7.20
N ASN F 650 86.68 20.13 -6.77
CA ASN F 650 87.97 19.55 -7.13
C ASN F 650 87.82 19.06 -8.56
N PHE F 651 86.64 18.53 -8.85
CA PHE F 651 86.26 18.33 -10.23
C PHE F 651 86.33 19.60 -11.03
N LEU F 652 85.86 20.71 -10.49
CA LEU F 652 85.87 21.91 -11.31
C LEU F 652 87.32 22.31 -11.62
N HIS F 653 88.26 22.07 -10.70
CA HIS F 653 89.69 22.13 -11.02
C HIS F 653 90.01 21.21 -12.20
N SER F 654 89.74 19.90 -12.01
CA SER F 654 90.18 18.86 -12.94
C SER F 654 89.62 19.17 -14.33
N LEU F 655 88.42 19.75 -14.35
CA LEU F 655 87.73 20.08 -15.59
C LEU F 655 88.40 21.29 -16.20
N GLU F 656 88.91 22.21 -15.37
CA GLU F 656 89.67 23.32 -15.94
C GLU F 656 90.85 22.80 -16.76
N ARG F 657 91.63 21.84 -16.22
CA ARG F 657 92.72 21.35 -17.07
C ARG F 657 92.34 20.30 -18.12
N GLY F 658 91.29 19.52 -17.93
CA GLY F 658 90.88 18.52 -18.91
C GLY F 658 91.29 17.11 -18.52
N GLN F 659 91.88 16.95 -17.33
CA GLN F 659 92.27 15.68 -16.74
C GLN F 659 91.15 14.65 -16.60
N VAL F 660 91.48 13.42 -16.99
CA VAL F 660 90.57 12.29 -16.87
C VAL F 660 90.86 11.79 -15.46
N LEU F 661 90.16 12.41 -14.53
CA LEU F 661 90.30 12.15 -13.12
C LEU F 661 89.69 10.79 -12.75
N PRO F 662 90.25 10.11 -11.74
CA PRO F 662 89.61 8.87 -11.29
C PRO F 662 88.32 9.21 -10.56
N ALA F 663 87.31 8.35 -10.75
CA ALA F 663 85.98 8.57 -10.17
C ALA F 663 86.09 8.94 -8.71
N HIS F 664 87.04 8.31 -8.01
CA HIS F 664 86.97 8.23 -6.56
C HIS F 664 87.04 9.63 -5.99
N THR F 665 87.70 10.56 -6.71
CA THR F 665 87.98 11.84 -6.08
C THR F 665 86.69 12.60 -5.81
N LEU F 666 85.58 12.23 -6.48
CA LEU F 666 84.32 12.92 -6.25
C LEU F 666 83.77 12.64 -4.87
N LEU F 667 84.28 11.61 -4.20
CA LEU F 667 84.06 11.39 -2.79
C LEU F 667 82.59 11.47 -2.37
N ASN F 668 81.79 10.44 -2.64
CA ASN F 668 80.66 10.24 -1.76
C ASN F 668 81.19 9.75 -0.45
N THR F 669 81.91 8.64 -0.49
CA THR F 669 82.41 7.97 0.67
C THR F 669 83.41 8.86 1.39
N VAL F 670 83.10 9.20 2.64
CA VAL F 670 83.91 10.06 3.50
C VAL F 670 83.92 9.24 4.78
N ASP F 671 85.03 9.30 5.52
CA ASP F 671 85.25 8.37 6.63
C ASP F 671 85.58 9.08 7.92
N VAL F 672 84.61 9.08 8.83
CA VAL F 672 84.72 9.76 10.10
C VAL F 672 84.85 8.74 11.22
N GLU F 673 85.91 8.88 12.02
CA GLU F 673 86.20 7.98 13.14
C GLU F 673 86.29 8.85 14.38
N LEU F 674 85.31 8.76 15.28
CA LEU F 674 85.18 9.75 16.35
C LEU F 674 84.93 9.14 17.72
N ILE F 675 85.95 9.14 18.58
CA ILE F 675 85.81 8.42 19.84
C ILE F 675 85.35 9.42 20.88
N TYR F 676 84.09 9.30 21.29
CA TYR F 676 83.48 10.09 22.34
C TYR F 676 83.18 9.13 23.48
N GLU F 677 83.68 9.44 24.67
CA GLU F 677 83.39 8.59 25.82
C GLU F 677 83.97 7.18 25.65
N GLY F 678 85.03 7.05 24.84
CA GLY F 678 85.65 5.77 24.62
C GLY F 678 85.06 4.91 23.52
N VAL F 679 83.75 4.94 23.31
CA VAL F 679 83.18 4.16 22.21
C VAL F 679 83.45 4.85 20.89
N LYS F 680 84.15 4.15 19.98
CA LYS F 680 84.58 4.84 18.78
C LYS F 680 83.34 4.91 17.91
N TYR F 681 83.21 5.99 17.16
CA TYR F 681 82.19 6.04 16.12
C TYR F 681 82.91 5.66 14.83
N VAL F 682 82.56 4.54 14.19
CA VAL F 682 83.16 4.19 12.89
C VAL F 682 82.15 4.56 11.82
N LEU F 683 82.52 5.41 10.86
CA LEU F 683 81.55 5.85 9.86
C LEU F 683 82.13 6.01 8.47
N LYS F 684 81.19 5.94 7.53
CA LYS F 684 81.27 6.34 6.14
C LYS F 684 80.03 7.20 5.91
N VAL F 685 80.11 8.12 4.94
CA VAL F 685 78.95 8.91 4.51
C VAL F 685 78.98 8.97 2.99
N THR F 686 77.91 8.50 2.32
CA THR F 686 77.77 8.55 0.86
C THR F 686 76.53 9.35 0.40
N ARG F 687 76.71 10.38 -0.46
CA ARG F 687 75.51 11.03 -0.98
C ARG F 687 74.81 10.05 -1.92
N GLN F 688 73.53 9.79 -1.65
CA GLN F 688 72.77 8.67 -2.19
C GLN F 688 71.72 9.11 -3.20
N SER F 689 71.30 10.38 -3.18
CA SER F 689 70.21 10.93 -3.98
C SER F 689 70.33 12.43 -3.74
N PRO F 690 70.00 13.30 -4.74
CA PRO F 690 70.12 14.76 -4.57
C PRO F 690 69.61 15.34 -3.28
N ASN F 691 68.60 14.70 -2.73
CA ASN F 691 68.06 15.07 -1.44
C ASN F 691 68.71 14.28 -0.34
N SER F 692 69.06 13.03 -0.63
CA SER F 692 69.44 12.05 0.37
C SER F 692 70.93 11.79 0.48
N TYR F 693 71.35 11.72 1.73
CA TYR F 693 72.70 11.51 2.20
C TYR F 693 72.53 10.29 3.08
N VAL F 694 73.48 9.35 3.02
CA VAL F 694 73.41 8.15 3.84
C VAL F 694 74.59 8.13 4.78
N VAL F 695 74.25 8.08 6.06
CA VAL F 695 75.19 7.95 7.15
C VAL F 695 75.29 6.46 7.37
N ILE F 696 76.51 5.98 7.33
CA ILE F 696 76.88 4.59 7.34
C ILE F 696 77.78 4.34 8.50
N MET F 697 77.31 3.62 9.49
CA MET F 697 78.11 3.39 10.66
C MET F 697 78.60 1.98 10.40
N ASN F 698 79.89 1.90 10.06
CA ASN F 698 80.68 0.68 10.02
C ASN F 698 79.97 -0.42 9.22
N GLY F 699 79.26 0.00 8.18
CA GLY F 699 78.51 -0.95 7.37
C GLY F 699 77.04 -0.96 7.73
N SER F 700 76.45 0.22 7.81
CA SER F 700 75.02 0.37 7.98
C SER F 700 74.54 1.53 7.14
N CYS F 701 73.22 1.67 7.01
CA CYS F 701 72.65 2.68 6.14
C CYS F 701 71.47 3.34 6.83
N VAL F 702 71.60 4.62 7.18
CA VAL F 702 70.47 5.43 7.60
C VAL F 702 70.46 6.60 6.64
N GLU F 703 69.32 6.84 6.02
CA GLU F 703 69.20 7.80 4.94
C GLU F 703 68.40 8.99 5.45
N VAL F 704 69.00 10.17 5.34
CA VAL F 704 68.44 11.44 5.76
C VAL F 704 68.53 12.31 4.52
N ASP F 705 67.85 13.45 4.55
CA ASP F 705 67.98 14.40 3.45
C ASP F 705 68.10 15.82 3.97
N VAL F 706 68.71 16.66 3.15
CA VAL F 706 69.13 17.99 3.59
C VAL F 706 68.69 19.02 2.58
N HIS F 707 69.11 20.26 2.81
CA HIS F 707 69.09 21.27 1.79
C HIS F 707 70.34 22.12 1.88
N LEU F 714 73.20 24.58 6.44
CA LEU F 714 72.86 23.18 6.68
C LEU F 714 71.46 23.07 7.24
N LEU F 715 70.57 22.43 6.49
CA LEU F 715 69.26 22.04 6.98
C LEU F 715 69.19 20.53 7.07
N LEU F 716 68.62 20.08 8.18
CA LEU F 716 68.36 18.68 8.41
C LEU F 716 66.92 18.25 8.58
N SER F 717 66.63 17.11 7.98
CA SER F 717 65.35 16.45 8.05
C SER F 717 65.83 15.19 8.76
N TYR F 718 65.17 14.80 9.85
CA TYR F 718 65.66 13.66 10.60
C TYR F 718 64.46 12.81 11.04
N ASP F 719 64.63 11.87 11.99
CA ASP F 719 63.46 11.26 12.61
C ASP F 719 62.46 12.27 13.16
N GLY F 720 62.89 13.07 14.12
CA GLY F 720 61.91 13.80 14.92
C GLY F 720 61.31 14.86 14.05
N SER F 721 62.22 15.79 13.77
CA SER F 721 61.94 17.10 13.25
C SER F 721 63.25 17.60 12.67
N SER F 722 63.34 18.90 12.47
CA SER F 722 64.48 19.56 11.86
C SER F 722 65.24 20.29 12.96
N TYR F 723 66.56 20.16 12.92
CA TYR F 723 67.49 20.60 13.96
C TYR F 723 68.59 21.37 13.27
N THR F 724 69.37 22.10 14.07
CA THR F 724 70.43 22.95 13.55
C THR F 724 71.75 22.61 14.21
N THR F 725 72.74 22.39 13.34
CA THR F 725 74.09 21.98 13.67
C THR F 725 75.10 22.91 13.00
N TYR F 726 76.20 23.11 13.71
CA TYR F 726 77.33 23.95 13.35
C TYR F 726 78.63 23.17 13.53
N MET F 727 79.61 23.58 12.72
CA MET F 727 80.85 22.85 12.56
C MET F 727 82.06 23.69 12.86
N LYS F 728 82.81 23.28 13.86
CA LYS F 728 84.11 23.85 14.12
C LYS F 728 84.93 22.62 13.78
N GLU F 729 85.85 22.77 12.84
CA GLU F 729 86.72 21.67 12.44
C GLU F 729 88.10 21.99 12.98
N GLU F 730 88.79 20.96 13.46
CA GLU F 730 90.17 21.07 13.86
C GLU F 730 91.00 20.02 13.14
N VAL F 731 92.30 20.29 13.10
CA VAL F 731 93.31 19.30 12.78
C VAL F 731 92.97 17.91 13.32
N ASP F 732 92.68 17.78 14.63
CA ASP F 732 92.50 16.46 15.22
C ASP F 732 91.30 16.34 16.16
N ARG F 733 90.37 17.28 16.14
CA ARG F 733 89.17 17.17 16.97
C ARG F 733 87.99 17.59 16.10
N TYR F 734 86.79 17.14 16.49
CA TYR F 734 85.57 17.39 15.71
C TYR F 734 84.53 18.03 16.61
N ARG F 735 84.23 19.30 16.38
CA ARG F 735 83.65 20.15 17.43
C ARG F 735 82.32 20.75 16.98
N ILE F 736 81.19 20.21 17.48
CA ILE F 736 79.87 20.46 16.91
C ILE F 736 79.09 21.29 17.94
N THR F 737 78.43 22.35 17.47
CA THR F 737 77.55 23.19 18.29
C THR F 737 76.19 23.13 17.62
N ILE F 738 75.19 22.68 18.38
CA ILE F 738 73.85 22.40 17.89
C ILE F 738 72.84 23.33 18.53
N GLY F 739 72.81 24.56 18.02
CA GLY F 739 71.99 25.66 18.54
C GLY F 739 72.76 26.46 19.58
N ASN F 740 72.25 26.53 20.80
CA ASN F 740 72.90 27.28 21.86
C ASN F 740 73.81 26.37 22.67
N LYS F 741 73.96 25.13 22.22
CA LYS F 741 74.59 24.05 22.94
C LYS F 741 75.90 23.74 22.25
N THR F 742 76.95 23.48 23.03
CA THR F 742 78.23 23.01 22.49
C THR F 742 78.62 21.63 23.01
N CYS F 743 79.23 20.86 22.10
CA CYS F 743 79.89 19.63 22.47
C CYS F 743 81.10 19.47 21.58
N VAL F 744 82.15 18.94 22.16
CA VAL F 744 83.46 18.88 21.55
C VAL F 744 83.91 17.44 21.60
N PHE F 745 84.48 16.93 20.51
CA PHE F 745 84.82 15.53 20.49
C PHE F 745 86.28 15.39 20.07
N GLU F 746 86.93 14.38 20.64
CA GLU F 746 88.32 14.07 20.38
C GLU F 746 88.42 12.99 19.30
N LYS F 747 89.45 13.09 18.48
CA LYS F 747 89.83 12.05 17.54
C LYS F 747 91.10 11.37 18.03
N GLU F 748 91.05 10.05 18.15
CA GLU F 748 92.13 9.24 18.70
C GLU F 748 92.16 7.91 17.96
N SER F 752 93.25 4.27 19.65
CA SER F 752 93.80 3.12 20.35
C SER F 752 94.87 2.39 19.52
N VAL F 753 94.72 2.48 18.19
CA VAL F 753 95.66 1.93 17.23
C VAL F 753 96.50 3.03 16.60
N MET F 754 97.78 2.75 16.42
CA MET F 754 98.75 3.66 15.82
C MET F 754 98.93 3.29 14.35
N ARG F 755 98.39 4.12 13.46
CA ARG F 755 98.38 3.86 12.02
C ARG F 755 99.42 4.71 11.32
N SER F 756 100.36 4.06 10.63
CA SER F 756 101.27 4.78 9.76
C SER F 756 100.47 5.45 8.64
N PRO F 757 100.89 6.63 8.15
CA PRO F 757 100.11 7.33 7.12
C PRO F 757 100.67 7.23 5.70
N SER F 758 101.66 6.38 5.43
CA SER F 758 102.28 6.36 4.12
C SER F 758 102.89 4.99 3.85
N ALA F 759 103.08 4.72 2.55
CA ALA F 759 103.59 3.45 2.07
C ALA F 759 105.12 3.53 1.95
N GLY F 760 105.72 2.51 1.35
CA GLY F 760 107.15 2.47 1.13
C GLY F 760 107.85 1.56 2.13
N LYS F 761 109.18 1.58 2.05
CA LYS F 761 109.95 0.77 2.99
C LYS F 761 109.86 1.34 4.39
N LEU F 762 110.02 0.46 5.37
CA LEU F 762 110.20 0.81 6.77
C LEU F 762 111.72 0.77 6.90
N ILE F 763 112.35 1.93 6.97
CA ILE F 763 113.80 1.97 7.15
C ILE F 763 114.17 1.44 8.53
N GLN F 764 113.73 2.13 9.57
CA GLN F 764 114.18 1.82 10.92
C GLN F 764 113.19 2.38 11.93
N TYR F 765 113.42 2.02 13.19
CA TYR F 765 112.60 2.45 14.31
C TYR F 765 113.53 3.14 15.28
N ILE F 766 113.22 4.40 15.61
CA ILE F 766 114.12 5.25 16.38
C ILE F 766 113.95 5.09 17.89
N VAL F 767 113.09 4.18 18.36
CA VAL F 767 112.90 4.00 19.79
C VAL F 767 113.42 2.57 20.07
N GLU F 768 113.11 1.99 21.22
CA GLU F 768 113.28 0.57 21.48
C GLU F 768 112.03 0.05 22.17
N ASP F 769 111.94 -1.28 22.30
CA ASP F 769 110.85 -1.94 23.01
C ASP F 769 110.74 -1.50 24.47
N GLY F 770 109.50 -1.52 24.96
CA GLY F 770 109.12 -1.13 26.31
C GLY F 770 109.45 0.28 26.75
N GLY F 771 109.31 1.26 25.86
CA GLY F 771 109.66 2.64 26.16
C GLY F 771 108.42 3.53 26.10
N HIS F 772 108.15 4.28 27.17
CA HIS F 772 107.09 5.29 27.14
C HIS F 772 107.44 6.40 26.15
N VAL F 773 106.42 6.91 25.45
CA VAL F 773 106.60 7.97 24.45
C VAL F 773 105.56 9.07 24.71
N PHE F 774 105.67 10.14 23.94
CA PHE F 774 104.83 11.33 24.06
C PHE F 774 104.07 11.52 22.75
N ALA F 775 103.12 12.46 22.77
CA ALA F 775 102.61 13.07 21.55
C ALA F 775 103.71 13.78 20.77
N GLY F 776 103.64 13.67 19.44
CA GLY F 776 104.50 14.40 18.55
C GLY F 776 105.94 13.92 18.52
N GLN F 777 106.21 12.78 19.15
CA GLN F 777 107.56 12.23 19.28
C GLN F 777 107.75 11.21 18.16
N CYS F 778 108.85 11.33 17.42
CA CYS F 778 109.15 10.34 16.39
C CYS F 778 109.26 8.95 17.00
N TYR F 779 108.65 7.98 16.30
CA TYR F 779 108.68 6.57 16.69
C TYR F 779 109.10 5.59 15.60
N ALA F 780 108.98 5.95 14.32
CA ALA F 780 109.50 5.10 13.26
C ALA F 780 110.02 5.99 12.13
N GLU F 781 110.62 5.35 11.13
CA GLU F 781 111.07 6.03 9.92
C GLU F 781 110.91 5.15 8.69
N ILE F 782 110.37 5.72 7.62
CA ILE F 782 110.01 4.98 6.42
C ILE F 782 110.65 5.69 5.23
N GLU F 783 110.67 5.00 4.07
CA GLU F 783 111.28 5.55 2.86
C GLU F 783 110.24 5.80 1.76
N VAL F 784 110.04 7.08 1.42
CA VAL F 784 109.12 7.48 0.35
C VAL F 784 109.88 8.47 -0.52
N MET F 785 109.88 8.23 -1.84
CA MET F 785 110.53 9.11 -2.81
C MET F 785 112.05 9.24 -2.64
N LYS F 786 112.74 8.27 -2.01
CA LYS F 786 114.19 8.30 -1.70
C LYS F 786 114.55 9.15 -0.48
N MET F 787 113.61 9.37 0.45
CA MET F 787 113.82 10.35 1.51
C MET F 787 113.18 9.87 2.81
N VAL F 788 113.64 10.49 3.90
CA VAL F 788 113.18 10.14 5.23
C VAL F 788 111.77 10.70 5.40
N MET F 789 111.05 10.17 6.40
CA MET F 789 109.69 10.67 6.64
C MET F 789 109.44 10.53 8.12
N THR F 790 109.20 11.67 8.77
CA THR F 790 108.69 11.74 10.13
C THR F 790 107.37 11.04 10.38
N LEU F 791 107.41 9.86 10.99
CA LEU F 791 106.19 9.22 11.48
C LEU F 791 105.94 9.89 12.83
N THR F 792 105.31 11.06 12.78
CA THR F 792 104.85 11.73 13.99
C THR F 792 103.85 10.89 14.77
N ALA F 793 104.15 10.68 16.05
CA ALA F 793 103.21 10.03 16.97
C ALA F 793 102.11 11.02 17.38
N VAL F 794 100.94 10.47 17.72
CA VAL F 794 99.76 11.27 18.01
C VAL F 794 99.25 11.09 19.44
N GLU F 795 99.71 10.07 20.16
CA GLU F 795 99.26 9.81 21.53
C GLU F 795 100.43 9.27 22.35
N SER F 796 100.44 9.61 23.64
CA SER F 796 101.54 9.28 24.54
C SER F 796 101.34 7.90 25.15
N GLY F 797 102.41 7.12 25.22
CA GLY F 797 102.35 5.85 25.91
C GLY F 797 103.55 4.98 25.58
N CYS F 798 103.43 3.70 25.94
CA CYS F 798 104.48 2.71 25.69
C CYS F 798 104.15 1.93 24.43
N ILE F 799 105.06 1.96 23.46
CA ILE F 799 104.85 1.30 22.17
C ILE F 799 105.23 -0.17 22.29
N HIS F 800 104.47 -1.02 21.60
CA HIS F 800 104.85 -2.42 21.35
C HIS F 800 105.19 -2.50 19.86
N TYR F 801 106.48 -2.44 19.55
CA TYR F 801 106.92 -2.42 18.16
C TYR F 801 106.68 -3.77 17.51
N VAL F 802 106.11 -3.77 16.30
CA VAL F 802 105.71 -4.99 15.63
C VAL F 802 106.36 -5.13 14.24
N LYS F 803 106.04 -4.22 13.33
CA LYS F 803 106.47 -4.36 11.93
C LYS F 803 107.97 -4.15 11.86
N ARG F 804 108.71 -5.23 11.56
CA ARG F 804 110.17 -5.20 11.63
C ARG F 804 110.75 -4.18 10.65
N PRO F 805 111.93 -3.61 10.95
CA PRO F 805 112.48 -2.59 10.05
C PRO F 805 112.95 -3.17 8.72
N GLY F 806 112.27 -2.78 7.63
CA GLY F 806 112.56 -3.26 6.31
C GLY F 806 111.42 -4.03 5.66
N ALA F 807 110.17 -3.65 5.96
CA ALA F 807 108.99 -4.36 5.52
C ALA F 807 108.08 -3.46 4.69
N ALA F 808 107.02 -4.06 4.16
CA ALA F 808 106.06 -3.36 3.32
C ALA F 808 105.09 -2.55 4.18
N LEU F 809 104.60 -1.43 3.62
CA LEU F 809 103.70 -0.53 4.33
C LEU F 809 102.67 0.03 3.36
N ASP F 810 101.50 0.36 3.91
CA ASP F 810 100.38 0.90 3.16
C ASP F 810 99.66 1.91 4.03
N PRO F 811 98.71 2.67 3.47
CA PRO F 811 97.91 3.56 4.32
C PRO F 811 97.14 2.77 5.36
N GLY F 812 97.13 3.29 6.59
CA GLY F 812 96.41 2.65 7.67
C GLY F 812 96.93 1.28 8.05
N CYS F 813 98.22 1.02 7.79
CA CYS F 813 98.80 -0.28 8.11
C CYS F 813 99.16 -0.32 9.59
N VAL F 814 99.94 -1.31 9.99
CA VAL F 814 100.27 -1.56 11.39
C VAL F 814 101.79 -1.60 11.52
N LEU F 815 102.37 -0.53 12.05
CA LEU F 815 103.76 -0.54 12.50
C LEU F 815 103.85 -1.02 13.94
N ALA F 816 103.20 -0.28 14.83
CA ALA F 816 103.12 -0.62 16.24
C ALA F 816 101.77 -0.13 16.74
N LYS F 817 101.56 -0.19 18.05
CA LYS F 817 100.33 0.31 18.67
C LYS F 817 100.67 0.78 20.08
N MET F 818 99.66 1.28 20.78
CA MET F 818 99.84 1.62 22.18
C MET F 818 98.49 1.64 22.88
N GLN F 819 98.40 0.93 24.00
CA GLN F 819 97.32 1.12 24.95
C GLN F 819 97.72 2.26 25.88
N LEU F 820 96.91 3.32 25.88
CA LEU F 820 97.35 4.61 26.39
C LEU F 820 97.25 4.70 27.91
N ASP F 821 97.79 5.78 28.45
CA ASP F 821 97.71 6.11 29.87
C ASP F 821 96.51 7.02 30.12
N HIS F 832 78.59 3.10 18.16
CA HIS F 832 79.53 2.42 17.28
C HIS F 832 78.97 2.22 15.86
N THR F 833 77.96 1.36 15.75
CA THR F 833 77.49 0.87 14.46
C THR F 833 75.96 0.81 14.46
N GLY F 834 75.40 0.56 13.27
CA GLY F 834 74.04 0.07 13.14
C GLY F 834 73.05 1.01 12.49
N SER F 835 72.14 0.44 11.71
CA SER F 835 71.01 1.20 11.20
C SER F 835 70.11 1.57 12.36
N LEU F 836 69.57 2.77 12.30
CA LEU F 836 69.00 3.42 13.46
C LEU F 836 67.51 3.10 13.57
N PRO F 837 66.88 3.48 14.68
CA PRO F 837 65.42 3.42 14.76
C PRO F 837 64.77 4.62 14.07
N ARG F 838 65.07 4.77 12.78
CA ARG F 838 64.67 5.93 11.99
C ARG F 838 64.10 5.41 10.67
N ILE F 839 62.81 5.07 10.70
CA ILE F 839 62.13 4.50 9.55
C ILE F 839 60.65 4.84 9.63
N LYS F 848 48.80 7.43 -0.53
CA LYS F 848 50.13 6.86 -0.36
C LYS F 848 50.72 6.33 -1.65
N LEU F 849 49.87 5.80 -2.53
CA LEU F 849 50.40 5.22 -3.76
C LEU F 849 51.00 6.23 -4.70
N HIS F 850 50.41 7.42 -4.78
CA HIS F 850 50.98 8.49 -5.58
C HIS F 850 52.41 8.85 -5.19
N ARG F 851 52.65 9.17 -3.90
CA ARG F 851 54.01 9.46 -3.48
C ARG F 851 54.94 8.28 -3.31
N VAL F 852 54.52 7.19 -2.69
CA VAL F 852 55.40 6.03 -2.64
C VAL F 852 55.85 5.62 -4.03
N PHE F 853 54.91 5.41 -4.94
CA PHE F 853 55.32 5.20 -6.30
C PHE F 853 56.26 6.22 -6.91
N HIS F 854 55.72 7.41 -7.21
CA HIS F 854 56.50 8.43 -7.88
C HIS F 854 57.80 8.79 -7.15
N TYR F 855 57.70 9.07 -5.86
CA TYR F 855 58.87 9.46 -5.07
C TYR F 855 59.93 8.36 -5.08
N VAL F 856 59.55 7.14 -4.65
CA VAL F 856 60.51 6.03 -4.62
C VAL F 856 61.10 5.81 -6.00
N LEU F 857 60.32 6.11 -7.02
CA LEU F 857 60.75 5.86 -8.38
C LEU F 857 61.82 6.86 -8.74
N ASP F 858 61.58 8.10 -8.35
CA ASP F 858 62.52 9.15 -8.67
C ASP F 858 63.82 8.87 -7.95
N ASN F 859 63.72 8.43 -6.69
CA ASN F 859 64.90 8.03 -5.92
C ASN F 859 65.71 6.98 -6.66
N LEU F 860 65.05 5.99 -7.25
CA LEU F 860 65.80 4.92 -7.90
C LEU F 860 66.47 5.42 -9.17
N VAL F 861 65.77 6.22 -9.95
CA VAL F 861 66.44 6.83 -11.10
C VAL F 861 67.60 7.72 -10.64
N ASN F 862 67.54 8.26 -9.40
CA ASN F 862 68.74 8.92 -8.83
C ASN F 862 69.81 7.92 -8.48
N VAL F 863 69.41 6.74 -8.01
CA VAL F 863 70.37 5.65 -7.79
C VAL F 863 71.12 5.44 -9.08
N MET F 864 70.38 5.43 -10.18
CA MET F 864 70.77 4.93 -11.47
C MET F 864 71.15 6.10 -12.38
N ASN F 865 71.12 7.32 -11.84
CA ASN F 865 71.79 8.44 -12.47
C ASN F 865 73.30 8.33 -12.33
N GLY F 866 73.78 7.53 -11.37
CA GLY F 866 75.18 7.29 -11.13
C GLY F 866 75.90 7.88 -9.95
N TYR F 867 75.29 7.98 -8.78
CA TYR F 867 76.08 8.58 -7.70
C TYR F 867 77.22 7.69 -7.19
N CYS F 868 76.90 6.48 -6.72
CA CYS F 868 77.76 5.38 -6.29
C CYS F 868 76.93 4.71 -5.23
N LEU F 869 77.01 3.36 -5.05
CA LEU F 869 76.17 2.78 -4.00
C LEU F 869 77.05 2.46 -2.81
N PRO F 870 76.66 2.94 -1.62
CA PRO F 870 77.50 2.73 -0.45
C PRO F 870 77.63 1.34 0.12
N ASP F 871 76.54 0.59 0.24
CA ASP F 871 76.63 -0.64 1.01
C ASP F 871 75.87 -1.88 0.56
N PRO F 872 76.00 -2.98 1.33
CA PRO F 872 75.27 -4.22 0.99
C PRO F 872 73.76 -4.11 0.99
N PHE F 873 73.14 -3.41 1.96
CA PHE F 873 71.69 -3.24 2.07
C PHE F 873 70.94 -2.99 0.76
N PHE F 874 71.63 -2.48 -0.25
CA PHE F 874 71.02 -2.24 -1.55
C PHE F 874 70.31 -3.47 -2.12
N SER F 875 70.96 -4.65 -2.14
CA SER F 875 70.37 -5.81 -2.80
C SER F 875 69.03 -6.23 -2.19
N SER F 876 68.73 -5.76 -0.99
CA SER F 876 67.47 -5.84 -0.25
C SER F 876 66.59 -4.67 -0.68
N LYS F 877 67.24 -3.51 -0.70
CA LYS F 877 66.59 -2.22 -0.80
C LYS F 877 65.83 -2.18 -2.10
N VAL F 878 66.50 -2.65 -3.16
CA VAL F 878 65.89 -2.68 -4.46
C VAL F 878 64.75 -3.66 -4.46
N LYS F 879 64.79 -4.70 -3.63
CA LYS F 879 63.71 -5.66 -3.72
C LYS F 879 62.43 -5.07 -3.21
N ASP F 880 62.49 -4.44 -2.03
CA ASP F 880 61.32 -3.73 -1.54
C ASP F 880 60.88 -2.65 -2.51
N TRP F 881 61.84 -1.83 -2.92
CA TRP F 881 61.62 -0.72 -3.85
C TRP F 881 60.90 -1.17 -5.11
N VAL F 882 61.20 -2.38 -5.61
CA VAL F 882 60.99 -2.74 -7.00
C VAL F 882 59.72 -3.57 -7.15
N GLU F 883 59.43 -4.42 -6.17
CA GLU F 883 58.06 -4.89 -6.11
C GLU F 883 57.14 -3.73 -5.79
N ARG F 884 57.54 -2.82 -4.88
CA ARG F 884 56.63 -1.71 -4.64
C ARG F 884 56.34 -0.92 -5.90
N LEU F 885 57.34 -0.65 -6.71
CA LEU F 885 57.06 0.08 -7.95
C LEU F 885 56.20 -0.76 -8.88
N MET F 886 56.73 -1.90 -9.36
CA MET F 886 56.02 -2.69 -10.37
C MET F 886 54.60 -2.99 -9.95
N LYS F 887 54.44 -3.42 -8.70
CA LYS F 887 53.14 -3.77 -8.15
C LYS F 887 52.26 -2.54 -8.09
N THR F 888 52.83 -1.42 -7.66
CA THR F 888 52.03 -0.20 -7.67
C THR F 888 51.75 0.27 -9.09
N LEU F 889 52.37 -0.35 -10.10
CA LEU F 889 52.11 -0.03 -11.47
C LEU F 889 51.04 -0.98 -12.00
N ARG F 890 50.88 -2.12 -11.33
CA ARG F 890 49.81 -3.03 -11.69
C ARG F 890 48.54 -2.44 -11.11
N ASP F 891 48.68 -1.90 -9.90
CA ASP F 891 47.70 -1.25 -9.04
C ASP F 891 46.90 -0.18 -9.77
N PRO F 892 45.62 -0.38 -10.13
CA PRO F 892 44.89 0.66 -10.86
C PRO F 892 44.46 1.84 -10.00
N SER F 893 44.99 1.99 -8.80
CA SER F 893 44.81 3.21 -8.04
C SER F 893 45.85 4.27 -8.36
N LEU F 894 46.75 4.02 -9.32
CA LEU F 894 47.74 5.04 -9.64
C LEU F 894 47.02 6.25 -10.22
N PRO F 895 46.27 6.12 -11.32
CA PRO F 895 45.61 7.30 -11.89
C PRO F 895 44.76 8.00 -10.86
N LEU F 896 44.11 7.18 -10.03
CA LEU F 896 43.32 7.70 -8.93
C LEU F 896 44.08 8.57 -7.93
N LEU F 897 45.22 8.13 -7.40
CA LEU F 897 45.83 9.02 -6.41
C LEU F 897 46.53 10.22 -7.02
N GLU F 898 47.05 10.09 -8.24
CA GLU F 898 47.66 11.27 -8.83
C GLU F 898 46.65 12.27 -9.39
N LEU F 899 45.54 11.80 -9.96
CA LEU F 899 44.46 12.73 -10.30
C LEU F 899 43.62 13.18 -9.14
N GLN F 900 43.57 12.42 -8.06
CA GLN F 900 42.99 12.97 -6.85
C GLN F 900 43.83 14.15 -6.42
N ASP F 901 45.13 13.94 -6.33
CA ASP F 901 45.87 14.78 -5.42
C ASP F 901 46.17 16.06 -6.15
N ILE F 902 46.51 15.92 -7.42
CA ILE F 902 46.65 17.08 -8.28
C ILE F 902 45.33 17.79 -8.51
N MET F 903 44.26 17.07 -8.82
CA MET F 903 43.06 17.86 -9.08
C MET F 903 42.48 18.49 -7.82
N THR F 904 43.05 18.17 -6.67
CA THR F 904 42.69 18.79 -5.42
C THR F 904 43.53 20.04 -5.34
N SER F 905 44.75 19.97 -5.90
CA SER F 905 45.62 21.12 -5.83
C SER F 905 45.32 22.06 -7.00
N VAL F 906 44.46 21.64 -7.93
CA VAL F 906 43.94 22.54 -8.94
C VAL F 906 42.43 22.45 -8.98
N SER F 907 41.80 22.43 -7.81
CA SER F 907 40.35 22.46 -7.81
C SER F 907 39.83 23.83 -8.21
N GLY F 908 40.51 24.89 -7.76
CA GLY F 908 40.24 26.25 -8.16
C GLY F 908 40.86 26.74 -9.47
N ARG F 909 40.73 28.05 -9.67
CA ARG F 909 41.24 28.80 -10.83
C ARG F 909 40.63 28.29 -12.11
N ILE F 910 39.48 27.65 -11.95
CA ILE F 910 39.00 26.63 -12.85
C ILE F 910 37.86 27.26 -13.63
N PRO F 911 37.77 27.02 -14.93
CA PRO F 911 36.56 27.33 -15.68
C PRO F 911 35.56 26.21 -15.50
N PRO F 912 34.35 26.51 -14.89
CA PRO F 912 33.43 25.43 -14.47
C PRO F 912 33.08 24.44 -15.55
N ASN F 913 33.16 24.77 -16.83
CA ASN F 913 33.01 23.70 -17.80
C ASN F 913 34.12 22.71 -17.49
N VAL F 914 35.32 23.24 -17.23
CA VAL F 914 36.50 22.43 -17.04
C VAL F 914 36.42 21.83 -15.63
N GLU F 915 35.85 22.55 -14.65
CA GLU F 915 35.68 21.98 -13.31
C GLU F 915 34.67 20.84 -13.30
N LYS F 916 33.50 21.03 -13.91
CA LYS F 916 32.55 19.93 -13.96
C LYS F 916 33.06 18.77 -14.79
N SER F 917 33.86 19.06 -15.81
CA SER F 917 34.47 17.99 -16.59
C SER F 917 35.48 17.22 -15.76
N ILE F 918 36.43 17.93 -15.14
CA ILE F 918 37.42 17.22 -14.35
C ILE F 918 36.77 16.53 -13.17
N LYS F 919 35.78 17.17 -12.57
CA LYS F 919 35.31 16.60 -11.33
C LYS F 919 34.40 15.41 -11.56
N LYS F 920 33.66 15.43 -12.68
CA LYS F 920 32.92 14.25 -13.08
C LYS F 920 33.90 13.14 -13.39
N GLU F 921 34.92 13.44 -14.19
CA GLU F 921 35.62 12.34 -14.81
C GLU F 921 36.67 11.76 -13.88
N MET F 922 37.12 12.53 -12.89
CA MET F 922 37.86 11.90 -11.81
C MET F 922 36.91 10.99 -11.07
N ALA F 923 35.71 11.53 -10.82
CA ALA F 923 34.66 10.76 -10.18
C ALA F 923 34.43 9.41 -10.82
N GLN F 924 34.50 9.32 -12.17
CA GLN F 924 34.36 8.02 -12.79
C GLN F 924 35.61 7.31 -13.33
N TYR F 925 36.85 7.81 -13.14
CA TYR F 925 37.94 6.86 -12.93
C TYR F 925 37.71 6.16 -11.61
N ALA F 926 37.30 6.94 -10.62
CA ALA F 926 37.00 6.47 -9.29
C ALA F 926 35.83 5.51 -9.31
N SER F 927 34.84 5.79 -10.16
CA SER F 927 33.73 4.87 -10.27
C SER F 927 34.23 3.60 -10.90
N ASN F 928 35.18 3.70 -11.83
CA ASN F 928 35.57 2.49 -12.50
C ASN F 928 36.73 1.82 -11.78
N ILE F 929 37.22 2.36 -10.67
CA ILE F 929 38.28 1.66 -9.94
C ILE F 929 37.64 0.45 -9.26
N THR F 930 38.44 -0.58 -9.04
CA THR F 930 38.06 -1.84 -8.41
C THR F 930 37.30 -2.73 -9.36
N SER F 931 37.11 -2.33 -10.61
CA SER F 931 36.68 -3.25 -11.63
C SER F 931 37.90 -4.04 -12.08
N VAL F 932 37.63 -5.23 -12.57
CA VAL F 932 38.71 -6.06 -13.08
C VAL F 932 39.25 -5.46 -14.38
N LEU F 933 38.41 -4.70 -15.07
CA LEU F 933 38.64 -4.09 -16.37
C LEU F 933 38.48 -2.60 -16.16
N CYS F 934 39.38 -2.01 -15.36
CA CYS F 934 39.35 -0.58 -15.07
C CYS F 934 40.58 0.02 -15.71
N GLN F 935 40.31 0.94 -16.65
CA GLN F 935 41.30 1.79 -17.30
C GLN F 935 41.13 3.30 -17.30
N PHE F 936 42.29 3.95 -17.38
CA PHE F 936 42.39 5.38 -17.51
C PHE F 936 41.77 5.82 -18.84
N PRO F 937 40.99 6.90 -18.88
CA PRO F 937 40.49 7.38 -20.19
C PRO F 937 41.32 8.49 -20.83
N SER F 938 42.60 8.22 -21.04
CA SER F 938 43.54 9.07 -21.79
C SER F 938 43.01 9.74 -23.06
N GLN F 939 42.75 8.92 -24.08
CA GLN F 939 42.33 9.49 -25.35
C GLN F 939 41.05 10.31 -25.19
N GLN F 940 40.19 9.86 -24.31
CA GLN F 940 38.92 10.55 -24.08
C GLN F 940 39.10 11.93 -23.48
N ILE F 941 39.91 12.03 -22.42
CA ILE F 941 40.10 13.33 -21.77
C ILE F 941 40.82 14.28 -22.71
N ALA F 942 41.83 13.78 -23.41
CA ALA F 942 42.56 14.66 -24.31
C ALA F 942 41.67 15.18 -25.42
N ASN F 943 40.87 14.30 -26.02
CA ASN F 943 40.02 14.74 -27.13
C ASN F 943 39.00 15.78 -26.68
N ILE F 944 38.36 15.57 -25.52
CA ILE F 944 37.36 16.54 -25.05
C ILE F 944 37.99 17.91 -24.81
N LEU F 945 39.10 17.93 -24.06
CA LEU F 945 39.83 19.17 -23.84
C LEU F 945 40.17 19.83 -25.13
N ASP F 946 40.47 19.02 -26.13
CA ASP F 946 40.84 19.56 -27.40
C ASP F 946 39.62 19.99 -28.21
N SER F 947 38.42 19.52 -27.84
CA SER F 947 37.19 20.21 -28.20
C SER F 947 37.09 21.64 -27.65
N HIS F 948 37.47 21.85 -26.38
CA HIS F 948 37.29 23.23 -25.94
C HIS F 948 38.50 24.07 -26.29
N ALA F 949 39.56 23.42 -26.73
CA ALA F 949 40.59 24.14 -27.43
C ALA F 949 40.07 24.48 -28.81
N ALA F 950 39.21 23.62 -29.35
CA ALA F 950 38.62 23.82 -30.68
C ALA F 950 37.83 25.10 -30.68
N THR F 951 37.26 25.46 -29.54
CA THR F 951 36.40 26.62 -29.42
C THR F 951 37.16 27.86 -28.91
N LEU F 952 38.12 27.69 -28.02
CA LEU F 952 38.86 28.81 -27.44
C LEU F 952 39.99 29.34 -28.34
N ASN F 953 40.58 28.48 -29.16
CA ASN F 953 41.95 28.55 -29.70
C ASN F 953 42.23 29.63 -30.72
N ARG F 954 41.31 30.47 -31.16
CA ARG F 954 41.73 31.40 -32.19
C ARG F 954 42.45 32.67 -31.72
N LYS F 955 42.89 32.76 -30.46
CA LYS F 955 43.18 34.07 -29.89
C LYS F 955 44.44 34.11 -29.02
N SER F 956 45.00 32.97 -28.65
CA SER F 956 46.17 32.80 -27.80
C SER F 956 45.98 33.41 -26.40
N GLU F 957 44.72 33.61 -26.02
CA GLU F 957 44.21 34.25 -24.82
C GLU F 957 43.76 33.20 -23.80
N ARG F 958 44.51 32.13 -23.65
CA ARG F 958 44.06 30.77 -23.52
C ARG F 958 44.81 30.15 -22.36
N GLU F 959 45.25 30.98 -21.43
CA GLU F 959 46.18 30.57 -20.39
C GLU F 959 45.61 30.00 -19.10
N VAL F 960 44.45 30.40 -18.58
CA VAL F 960 43.73 29.46 -17.71
C VAL F 960 43.46 28.15 -18.46
N PHE F 961 42.98 28.22 -19.70
CA PHE F 961 42.59 26.98 -20.34
C PHE F 961 43.85 26.19 -20.63
N PHE F 962 44.89 26.92 -21.00
CA PHE F 962 46.21 26.36 -21.22
C PHE F 962 46.62 25.62 -19.97
N MET F 963 46.40 26.26 -18.82
CA MET F 963 46.72 25.64 -17.55
C MET F 963 45.86 24.49 -17.11
N ASN F 964 44.76 24.23 -17.79
CA ASN F 964 44.00 23.03 -17.50
C ASN F 964 44.32 21.96 -18.51
N THR F 965 44.64 22.38 -19.73
CA THR F 965 45.05 21.50 -20.79
C THR F 965 46.53 21.14 -20.66
N GLN F 966 47.24 21.79 -19.75
CA GLN F 966 48.62 21.42 -19.49
C GLN F 966 48.63 20.52 -18.29
N SER F 967 47.85 20.90 -17.26
CA SER F 967 47.92 20.12 -16.04
C SER F 967 47.42 18.72 -16.36
N ILE F 968 46.43 18.65 -17.25
CA ILE F 968 45.89 17.37 -17.71
C ILE F 968 46.76 16.70 -18.77
N VAL F 969 47.33 17.46 -19.71
CA VAL F 969 48.05 16.76 -20.76
C VAL F 969 49.32 16.10 -20.26
N GLN F 970 49.93 16.60 -19.18
CA GLN F 970 51.08 15.82 -18.73
C GLN F 970 50.65 14.59 -17.94
N LEU F 971 49.50 14.69 -17.27
CA LEU F 971 48.91 13.55 -16.59
C LEU F 971 48.56 12.45 -17.58
N VAL F 972 47.85 12.80 -18.65
CA VAL F 972 47.49 11.79 -19.63
C VAL F 972 48.71 11.31 -20.36
N GLN F 973 49.68 12.20 -20.57
CA GLN F 973 50.92 11.82 -21.23
C GLN F 973 51.66 10.76 -20.44
N ARG F 974 51.35 10.63 -19.16
CA ARG F 974 51.89 9.55 -18.35
C ARG F 974 51.21 8.21 -18.59
N TYR F 975 50.04 8.17 -19.26
CA TYR F 975 49.06 7.13 -18.98
C TYR F 975 48.31 6.65 -20.23
N ARG F 976 48.69 7.08 -21.43
CA ARG F 976 47.98 6.65 -22.65
C ARG F 976 47.96 5.15 -22.86
N SER F 977 49.10 4.48 -22.77
CA SER F 977 49.12 3.04 -22.97
C SER F 977 48.90 2.21 -21.72
N GLY F 978 48.19 2.64 -20.67
CA GLY F 978 48.00 1.63 -19.66
C GLY F 978 49.19 1.48 -18.77
N ILE F 979 49.04 0.50 -17.87
CA ILE F 979 50.08 0.09 -16.94
C ILE F 979 51.35 -0.29 -17.67
N ARG F 980 51.24 -0.63 -18.95
CA ARG F 980 51.98 -1.45 -19.86
C ARG F 980 52.96 -0.56 -20.59
N GLY F 981 52.41 0.51 -21.12
CA GLY F 981 53.20 1.66 -21.48
C GLY F 981 54.17 2.11 -20.41
N HIS F 982 53.72 2.26 -19.17
CA HIS F 982 54.67 2.55 -18.11
C HIS F 982 55.72 1.46 -17.97
N MET F 983 55.28 0.19 -17.86
CA MET F 983 56.26 -0.87 -17.71
C MET F 983 57.30 -0.84 -18.81
N LYS F 984 56.93 -0.42 -20.02
CA LYS F 984 57.96 -0.15 -21.01
C LYS F 984 58.74 1.10 -20.64
N ALA F 985 57.99 2.20 -20.62
CA ALA F 985 58.50 3.55 -20.65
C ALA F 985 59.50 3.93 -19.58
N VAL F 986 59.13 3.77 -18.31
CA VAL F 986 59.99 4.29 -17.26
C VAL F 986 61.35 3.59 -17.31
N VAL F 987 61.30 2.27 -17.27
CA VAL F 987 62.51 1.47 -17.29
C VAL F 987 63.26 1.71 -18.58
N MET F 988 62.54 1.89 -19.67
CA MET F 988 63.18 2.21 -20.94
C MET F 988 63.99 3.49 -20.86
N ASP F 989 63.44 4.50 -20.20
CA ASP F 989 64.22 5.72 -20.03
C ASP F 989 65.48 5.37 -19.26
N LEU F 990 65.28 4.79 -18.09
CA LEU F 990 66.38 4.38 -17.24
C LEU F 990 67.35 3.48 -18.00
N LEU F 991 66.80 2.58 -18.82
CA LEU F 991 67.63 1.71 -19.65
C LEU F 991 68.54 2.51 -20.52
N ARG F 992 67.98 3.40 -21.32
CA ARG F 992 68.81 4.27 -22.12
C ARG F 992 69.71 5.15 -21.28
N GLN F 993 69.38 5.36 -20.02
CA GLN F 993 70.24 6.18 -19.19
C GLN F 993 71.55 5.48 -18.83
N TYR F 994 71.46 4.37 -18.08
CA TYR F 994 72.42 3.28 -17.96
C TYR F 994 73.13 2.94 -19.27
N LEU F 995 72.39 2.93 -20.37
CA LEU F 995 72.85 2.37 -21.63
C LEU F 995 73.71 3.38 -22.29
N ARG F 996 73.16 4.58 -22.41
CA ARG F 996 73.81 5.71 -23.03
C ARG F 996 75.14 5.86 -22.35
N VAL F 997 75.04 6.08 -21.04
CA VAL F 997 76.22 6.20 -20.19
C VAL F 997 77.20 5.09 -20.50
N GLU F 998 76.79 3.82 -20.36
CA GLU F 998 77.84 2.82 -20.41
C GLU F 998 78.24 2.36 -21.82
N THR F 999 77.52 2.75 -22.85
CA THR F 999 77.87 2.43 -24.23
C THR F 999 78.79 3.49 -24.79
N GLN F 1000 78.46 4.74 -24.48
CA GLN F 1000 79.32 5.85 -24.81
C GLN F 1000 80.58 5.70 -23.98
N PHE F 1001 80.42 5.15 -22.78
CA PHE F 1001 81.53 4.94 -21.87
C PHE F 1001 82.59 4.04 -22.43
N GLN F 1002 82.24 2.95 -23.11
CA GLN F 1002 83.32 2.08 -23.58
C GLN F 1002 83.34 1.91 -25.09
N ASN F 1003 84.38 2.47 -25.67
CA ASN F 1003 84.69 2.36 -27.08
C ASN F 1003 86.19 2.62 -27.15
N GLY F 1004 86.98 1.63 -26.76
CA GLY F 1004 88.43 1.70 -26.68
C GLY F 1004 88.93 1.55 -25.26
N HIS F 1005 89.32 2.62 -24.57
CA HIS F 1005 89.73 2.47 -23.16
C HIS F 1005 89.37 3.72 -22.36
N TYR F 1006 89.19 3.52 -21.04
CA TYR F 1006 88.68 4.55 -20.15
C TYR F 1006 89.29 5.93 -20.31
N ASP F 1007 90.61 6.03 -20.32
CA ASP F 1007 91.22 7.35 -20.38
C ASP F 1007 90.96 8.07 -21.70
N LYS F 1008 91.37 7.45 -22.81
CA LYS F 1008 91.22 8.09 -24.11
C LYS F 1008 89.74 8.35 -24.39
N CYS F 1009 88.89 7.41 -23.97
CA CYS F 1009 87.45 7.56 -24.14
C CYS F 1009 86.97 8.75 -23.33
N VAL F 1010 87.59 8.98 -22.17
CA VAL F 1010 87.18 10.15 -21.38
C VAL F 1010 87.59 11.40 -22.13
N PHE F 1011 88.65 11.33 -22.95
CA PHE F 1011 88.98 12.49 -23.78
C PHE F 1011 87.98 12.62 -24.93
N ALA F 1012 87.47 11.50 -25.44
CA ALA F 1012 86.38 11.58 -26.41
C ALA F 1012 85.12 12.15 -25.77
N LEU F 1013 84.95 11.90 -24.47
CA LEU F 1013 83.85 12.44 -23.68
C LEU F 1013 84.06 13.95 -23.53
N ARG F 1014 85.32 14.30 -23.23
CA ARG F 1014 85.77 15.68 -23.09
C ARG F 1014 85.38 16.44 -24.32
N GLU F 1015 85.47 15.82 -25.49
CA GLU F 1015 85.37 16.56 -26.72
C GLU F 1015 83.97 16.53 -27.28
N GLU F 1016 83.17 15.50 -26.95
CA GLU F 1016 81.77 15.54 -27.32
C GLU F 1016 81.06 16.66 -26.57
N ASN F 1017 81.43 16.85 -25.30
CA ASN F 1017 80.91 17.94 -24.46
C ASN F 1017 82.14 18.53 -23.83
N LYS F 1018 82.85 19.32 -24.62
CA LYS F 1018 84.09 19.94 -24.15
C LYS F 1018 83.83 20.97 -23.07
N SER F 1019 82.76 21.75 -23.20
CA SER F 1019 82.58 22.90 -22.33
C SER F 1019 82.51 22.47 -20.86
N ASP F 1020 81.77 21.41 -20.57
CA ASP F 1020 81.63 20.93 -19.21
C ASP F 1020 81.94 19.43 -19.21
N MET F 1021 82.32 18.93 -18.03
CA MET F 1021 82.66 17.53 -17.81
C MET F 1021 81.90 16.99 -16.60
N ASN F 1022 80.95 17.76 -16.06
CA ASN F 1022 80.14 17.29 -14.94
C ASN F 1022 79.18 16.18 -15.34
N THR F 1023 78.56 16.26 -16.52
CA THR F 1023 77.75 15.11 -16.94
C THR F 1023 78.65 13.90 -17.05
N VAL F 1024 79.86 14.13 -17.55
CA VAL F 1024 80.87 13.10 -17.63
C VAL F 1024 81.19 12.62 -16.23
N LEU F 1025 81.22 13.55 -15.28
CA LEU F 1025 81.61 13.15 -13.95
C LEU F 1025 80.61 12.21 -13.35
N ASN F 1026 79.33 12.52 -13.53
CA ASN F 1026 78.29 11.59 -13.10
C ASN F 1026 78.45 10.24 -13.83
N TYR F 1027 78.85 10.31 -15.10
CA TYR F 1027 79.10 9.15 -15.92
C TYR F 1027 80.25 8.31 -15.33
N ILE F 1028 81.38 8.94 -15.05
CA ILE F 1028 82.60 8.25 -14.61
C ILE F 1028 82.36 7.63 -13.24
N PHE F 1029 81.78 8.47 -12.39
CA PHE F 1029 81.29 8.19 -11.06
C PHE F 1029 80.30 7.03 -11.15
N SER F 1030 79.47 7.03 -12.21
CA SER F 1030 78.46 6.00 -12.46
C SER F 1030 79.11 4.66 -12.78
N HIS F 1031 79.96 4.58 -13.83
CA HIS F 1031 80.52 3.25 -14.13
C HIS F 1031 81.51 2.81 -13.09
N ALA F 1032 81.77 3.58 -12.04
CA ALA F 1032 82.65 3.01 -11.04
C ALA F 1032 81.90 1.85 -10.44
N GLN F 1033 80.66 2.08 -10.09
CA GLN F 1033 79.71 1.08 -9.62
C GLN F 1033 78.80 0.55 -10.74
N VAL F 1034 79.34 -0.12 -11.77
CA VAL F 1034 78.44 -0.74 -12.77
C VAL F 1034 77.71 -1.91 -12.14
N THR F 1035 78.47 -2.73 -11.41
CA THR F 1035 77.97 -3.96 -10.83
C THR F 1035 76.80 -3.69 -9.92
N LYS F 1036 76.86 -2.56 -9.24
CA LYS F 1036 75.76 -2.12 -8.40
C LYS F 1036 74.55 -1.81 -9.25
N LYS F 1037 74.72 -0.87 -10.18
CA LYS F 1037 73.83 -0.54 -11.26
C LYS F 1037 73.32 -1.82 -11.92
N ASN F 1038 74.19 -2.82 -12.02
CA ASN F 1038 73.99 -3.99 -12.86
C ASN F 1038 73.14 -4.95 -12.06
N LEU F 1039 73.47 -5.07 -10.78
CA LEU F 1039 72.60 -5.81 -9.89
C LEU F 1039 71.20 -5.25 -10.07
N LEU F 1040 71.07 -3.92 -9.99
CA LEU F 1040 69.74 -3.34 -10.08
C LEU F 1040 69.16 -3.65 -11.46
N VAL F 1041 70.03 -3.75 -12.46
CA VAL F 1041 69.59 -4.23 -13.76
C VAL F 1041 69.01 -5.63 -13.62
N THR F 1042 69.69 -6.49 -12.87
CA THR F 1042 69.14 -7.81 -12.60
C THR F 1042 67.71 -7.69 -12.08
N MET F 1043 67.51 -6.90 -11.03
CA MET F 1043 66.14 -6.54 -10.63
C MET F 1043 65.24 -6.15 -11.80
N LEU F 1044 65.73 -5.21 -12.60
CA LEU F 1044 64.92 -4.67 -13.68
C LEU F 1044 64.50 -5.77 -14.63
N ILE F 1045 65.46 -6.56 -15.05
CA ILE F 1045 65.19 -7.65 -15.96
C ILE F 1045 64.31 -8.65 -15.24
N ASP F 1046 64.48 -8.82 -13.93
CA ASP F 1046 63.73 -9.86 -13.23
C ASP F 1046 62.23 -9.58 -13.29
N GLN F 1047 61.82 -8.32 -13.13
CA GLN F 1047 60.39 -7.97 -13.14
C GLN F 1047 59.89 -7.77 -14.55
N LEU F 1048 60.79 -7.27 -15.41
CA LEU F 1048 60.71 -7.45 -16.85
C LEU F 1048 60.34 -8.84 -17.28
N CYS F 1049 61.22 -9.80 -17.03
CA CYS F 1049 60.93 -11.19 -17.26
C CYS F 1049 59.68 -11.63 -16.55
N GLY F 1050 59.36 -10.98 -15.42
CA GLY F 1050 58.07 -11.20 -14.82
C GLY F 1050 56.95 -11.05 -15.83
N ARG F 1051 57.12 -10.13 -16.78
CA ARG F 1051 56.28 -10.09 -17.99
C ARG F 1051 57.11 -9.83 -19.25
N ASP F 1052 58.18 -10.62 -19.51
CA ASP F 1052 58.71 -10.39 -20.85
C ASP F 1052 57.84 -11.03 -21.92
N PRO F 1053 57.20 -12.19 -21.70
CA PRO F 1053 57.31 -13.18 -22.79
C PRO F 1053 56.94 -12.77 -24.26
N THR F 1054 56.34 -11.60 -24.45
CA THR F 1054 56.02 -11.04 -25.78
C THR F 1054 56.32 -9.55 -26.00
N LEU F 1055 57.54 -9.03 -25.80
CA LEU F 1055 57.52 -7.59 -25.56
C LEU F 1055 57.33 -6.53 -26.66
N THR F 1056 58.34 -6.15 -27.45
CA THR F 1056 58.19 -4.85 -28.12
C THR F 1056 59.37 -4.44 -29.00
N ASP F 1057 59.09 -3.96 -30.21
CA ASP F 1057 60.16 -3.73 -31.16
C ASP F 1057 61.14 -2.68 -30.63
N GLU F 1058 60.64 -1.51 -30.21
CA GLU F 1058 61.48 -0.47 -29.60
C GLU F 1058 62.40 -0.97 -28.50
N LEU F 1059 61.98 -2.01 -27.80
CA LEU F 1059 62.79 -2.50 -26.71
C LEU F 1059 63.85 -3.38 -27.33
N LEU F 1060 63.44 -4.36 -28.14
CA LEU F 1060 64.40 -5.21 -28.84
C LEU F 1060 65.45 -4.35 -29.55
N ASN F 1061 65.07 -3.13 -29.95
CA ASN F 1061 66.04 -2.15 -30.43
C ASN F 1061 67.09 -1.98 -29.36
N ILE F 1062 66.65 -1.68 -28.13
CA ILE F 1062 67.64 -1.66 -27.05
C ILE F 1062 68.41 -2.97 -26.98
N LEU F 1063 67.74 -4.10 -27.20
CA LEU F 1063 68.47 -5.37 -27.16
C LEU F 1063 69.53 -5.47 -28.25
N THR F 1064 69.22 -5.08 -29.48
CA THR F 1064 70.25 -5.16 -30.51
C THR F 1064 71.39 -4.22 -30.18
N GLU F 1065 71.11 -3.13 -29.44
CA GLU F 1065 72.20 -2.34 -28.90
C GLU F 1065 72.97 -3.19 -27.90
N LEU F 1066 72.22 -4.00 -27.16
CA LEU F 1066 72.71 -4.79 -26.05
C LEU F 1066 73.59 -5.95 -26.49
N THR F 1067 73.32 -6.57 -27.63
CA THR F 1067 74.15 -7.69 -28.06
C THR F 1067 75.59 -7.27 -28.30
N GLN F 1068 75.79 -6.02 -28.67
CA GLN F 1068 77.08 -5.46 -29.04
C GLN F 1068 77.96 -5.17 -27.84
N LEU F 1069 77.43 -5.39 -26.63
CA LEU F 1069 78.06 -4.94 -25.41
C LEU F 1069 79.42 -5.55 -25.15
N SER F 1070 80.39 -4.68 -24.90
CA SER F 1070 81.80 -5.00 -25.02
C SER F 1070 82.20 -4.80 -23.56
N LYS F 1071 81.45 -5.44 -22.66
CA LYS F 1071 81.71 -5.33 -21.22
C LYS F 1071 81.38 -6.61 -20.49
N THR F 1072 82.05 -6.73 -19.36
CA THR F 1072 82.17 -7.87 -18.48
C THR F 1072 81.07 -7.82 -17.44
N THR F 1073 80.81 -6.64 -16.87
CA THR F 1073 79.74 -6.55 -15.90
C THR F 1073 78.42 -6.77 -16.60
N ASN F 1074 78.23 -6.13 -17.75
CA ASN F 1074 77.00 -6.34 -18.49
C ASN F 1074 77.33 -7.38 -19.55
N ALA F 1075 77.54 -8.60 -19.10
CA ALA F 1075 77.90 -9.72 -19.97
C ALA F 1075 76.86 -10.81 -19.72
N LYS F 1076 76.36 -10.79 -18.48
CA LYS F 1076 75.22 -11.59 -18.10
C LYS F 1076 74.07 -10.95 -18.80
N VAL F 1077 74.10 -9.63 -18.85
CA VAL F 1077 73.01 -8.87 -19.42
C VAL F 1077 72.88 -9.25 -20.90
N ALA F 1078 74.01 -9.40 -21.59
CA ALA F 1078 73.99 -9.86 -22.99
C ALA F 1078 73.42 -11.26 -23.08
N LEU F 1079 73.94 -12.13 -22.23
CA LEU F 1079 73.43 -13.48 -22.16
C LEU F 1079 71.97 -13.47 -21.76
N ARG F 1080 71.57 -12.46 -21.03
CA ARG F 1080 70.19 -12.30 -20.67
C ARG F 1080 69.42 -11.90 -21.90
N ALA F 1081 70.05 -11.10 -22.77
CA ALA F 1081 69.39 -10.76 -24.01
C ALA F 1081 68.96 -12.05 -24.70
N ARG F 1082 69.86 -13.02 -24.73
CA ARG F 1082 69.55 -14.29 -25.37
C ARG F 1082 68.53 -15.08 -24.57
N GLN F 1083 68.79 -15.18 -23.27
CA GLN F 1083 67.96 -15.98 -22.40
C GLN F 1083 66.54 -15.49 -22.35
N VAL F 1084 66.37 -14.19 -22.30
CA VAL F 1084 65.05 -13.61 -22.36
C VAL F 1084 64.44 -13.85 -23.72
N LEU F 1085 65.23 -13.64 -24.76
CA LEU F 1085 64.64 -13.64 -26.08
C LEU F 1085 64.12 -15.01 -26.44
N ILE F 1086 64.74 -16.05 -25.89
CA ILE F 1086 64.34 -17.41 -26.16
C ILE F 1086 63.39 -17.96 -25.12
N ALA F 1087 63.76 -17.79 -23.84
CA ALA F 1087 62.90 -18.24 -22.75
C ALA F 1087 61.51 -17.66 -22.91
N SER F 1088 61.44 -16.46 -23.48
CA SER F 1088 60.25 -15.98 -24.16
C SER F 1088 59.60 -17.06 -25.02
N HIS F 1089 60.35 -17.64 -25.98
CA HIS F 1089 59.77 -18.67 -26.85
C HIS F 1089 59.24 -19.85 -26.05
N LEU F 1090 60.04 -20.40 -25.11
CA LEU F 1090 59.46 -21.44 -24.26
C LEU F 1090 60.21 -21.59 -22.92
N PRO F 1091 59.65 -21.08 -21.78
CA PRO F 1091 60.33 -21.23 -20.49
C PRO F 1091 59.83 -22.44 -19.69
N SER F 1092 60.34 -22.64 -18.48
CA SER F 1092 59.89 -23.74 -17.62
C SER F 1092 59.86 -23.33 -16.13
N TYR F 1093 59.29 -22.16 -15.80
CA TYR F 1093 59.36 -21.67 -14.41
C TYR F 1093 58.35 -22.45 -13.55
N GLU F 1094 57.80 -21.89 -12.46
CA GLU F 1094 56.92 -22.67 -11.62
C GLU F 1094 55.51 -22.71 -12.20
N LEU F 1095 55.19 -21.80 -13.11
CA LEU F 1095 53.87 -21.76 -13.72
C LEU F 1095 53.80 -22.87 -14.74
N ARG F 1096 54.88 -23.04 -15.49
CA ARG F 1096 54.95 -24.11 -16.45
C ARG F 1096 55.37 -25.39 -15.77
N HIS F 1097 55.96 -25.30 -14.58
CA HIS F 1097 56.03 -26.49 -13.76
C HIS F 1097 54.63 -26.99 -13.47
N ASN F 1098 53.69 -26.09 -13.24
CA ASN F 1098 52.31 -26.54 -13.14
C ASN F 1098 51.77 -27.01 -14.48
N GLN F 1099 52.17 -26.37 -15.58
CA GLN F 1099 51.62 -26.76 -16.88
C GLN F 1099 52.13 -28.12 -17.33
N VAL F 1100 53.41 -28.39 -17.09
CA VAL F 1100 54.00 -29.66 -17.48
C VAL F 1100 53.53 -30.76 -16.53
N GLU F 1101 53.51 -30.47 -15.24
CA GLU F 1101 52.84 -31.33 -14.28
C GLU F 1101 51.46 -31.73 -14.75
N SER F 1102 50.68 -30.74 -15.18
CA SER F 1102 49.33 -31.01 -15.64
C SER F 1102 49.36 -32.01 -16.78
N ILE F 1103 50.01 -31.66 -17.90
CA ILE F 1103 50.09 -32.58 -19.03
C ILE F 1103 50.54 -33.97 -18.60
N PHE F 1104 51.63 -34.06 -17.82
CA PHE F 1104 52.19 -35.36 -17.45
C PHE F 1104 51.26 -36.16 -16.57
N LEU F 1105 50.86 -35.58 -15.45
CA LEU F 1105 50.02 -36.27 -14.47
C LEU F 1105 48.69 -36.62 -15.11
N SER F 1106 48.21 -35.74 -15.99
CA SER F 1106 46.99 -35.98 -16.75
C SER F 1106 47.24 -37.19 -17.62
N ALA F 1107 48.41 -37.23 -18.25
CA ALA F 1107 48.80 -38.31 -19.15
C ALA F 1107 48.71 -39.62 -18.40
N ILE F 1108 49.14 -39.64 -17.13
CA ILE F 1108 49.32 -40.88 -16.40
C ILE F 1108 47.95 -41.53 -16.40
N ASP F 1109 47.91 -42.84 -16.59
CA ASP F 1109 46.62 -43.54 -16.66
C ASP F 1109 45.78 -43.38 -15.40
N MET F 1110 46.35 -43.60 -14.20
CA MET F 1110 45.53 -43.63 -12.99
C MET F 1110 44.47 -44.75 -13.14
N TYR F 1111 44.95 -45.99 -13.23
CA TYR F 1111 44.23 -47.19 -12.77
C TYR F 1111 45.25 -48.31 -12.59
N GLY F 1112 44.76 -49.53 -12.31
CA GLY F 1112 45.59 -50.70 -12.15
C GLY F 1112 46.37 -51.02 -13.41
N HIS F 1113 45.92 -50.49 -14.56
CA HIS F 1113 46.64 -50.73 -15.80
C HIS F 1113 48.02 -50.13 -15.61
N GLN F 1114 48.06 -48.81 -15.37
CA GLN F 1114 49.29 -48.09 -15.06
C GLN F 1114 50.39 -48.28 -16.11
N PHE F 1115 50.02 -48.16 -17.38
CA PHE F 1115 50.96 -48.32 -18.49
C PHE F 1115 51.57 -46.99 -18.87
N CYS F 1116 52.56 -46.54 -18.10
CA CYS F 1116 53.30 -45.37 -18.53
C CYS F 1116 54.67 -45.85 -18.95
N ILE F 1117 54.70 -46.94 -19.73
CA ILE F 1117 55.96 -47.39 -20.26
C ILE F 1117 56.49 -46.39 -21.27
N GLU F 1118 55.58 -45.98 -22.16
CA GLU F 1118 55.83 -44.97 -23.17
C GLU F 1118 56.12 -43.63 -22.55
N ASN F 1119 55.39 -43.31 -21.48
CA ASN F 1119 55.65 -42.04 -20.84
C ASN F 1119 57.01 -42.06 -20.18
N LEU F 1120 57.48 -43.21 -19.67
CA LEU F 1120 58.85 -43.21 -19.21
C LEU F 1120 59.79 -42.90 -20.35
N GLN F 1121 59.54 -43.45 -21.53
CA GLN F 1121 60.38 -43.03 -22.64
C GLN F 1121 60.20 -41.57 -23.02
N LYS F 1122 59.06 -40.92 -22.77
CA LYS F 1122 59.04 -39.47 -23.00
C LYS F 1122 59.81 -38.75 -21.91
N LEU F 1123 59.86 -39.32 -20.69
CA LEU F 1123 60.68 -38.74 -19.63
C LEU F 1123 62.14 -38.80 -20.03
N ILE F 1124 62.53 -39.91 -20.64
CA ILE F 1124 63.91 -40.15 -21.04
C ILE F 1124 64.12 -39.60 -22.46
N LEU F 1125 63.05 -39.14 -23.12
CA LEU F 1125 63.05 -38.45 -24.41
C LEU F 1125 62.18 -37.22 -24.20
N SER F 1126 62.63 -36.41 -23.25
CA SER F 1126 61.97 -35.19 -22.86
C SER F 1126 62.80 -34.03 -23.36
N GLU F 1127 62.19 -33.13 -24.14
CA GLU F 1127 62.96 -31.94 -24.47
C GLU F 1127 63.24 -31.21 -23.16
N THR F 1128 62.21 -31.16 -22.31
CA THR F 1128 62.25 -30.63 -20.96
C THR F 1128 62.94 -31.58 -19.98
N SER F 1129 63.74 -31.06 -19.05
CA SER F 1129 64.33 -31.95 -18.05
C SER F 1129 63.24 -32.18 -17.00
N ILE F 1130 63.00 -33.45 -16.62
CA ILE F 1130 61.87 -33.74 -15.74
C ILE F 1130 62.24 -34.36 -14.40
N PHE F 1131 63.50 -34.32 -13.97
CA PHE F 1131 63.72 -34.56 -12.54
C PHE F 1131 63.38 -33.33 -11.73
N ASP F 1132 63.07 -32.22 -12.40
CA ASP F 1132 62.81 -30.95 -11.76
C ASP F 1132 61.44 -30.87 -11.10
N VAL F 1133 60.39 -31.03 -11.90
CA VAL F 1133 59.05 -30.69 -11.45
C VAL F 1133 58.24 -31.90 -10.98
N LEU F 1134 58.38 -33.03 -11.65
CA LEU F 1134 57.84 -34.33 -11.27
C LEU F 1134 57.91 -34.70 -9.79
N PRO F 1135 59.07 -34.47 -9.14
CA PRO F 1135 59.12 -34.68 -7.70
C PRO F 1135 58.20 -33.86 -6.84
N ASN F 1136 57.87 -32.65 -7.24
CA ASN F 1136 56.99 -31.83 -6.41
C ASN F 1136 55.60 -32.46 -6.28
N PHE F 1137 55.08 -33.05 -7.35
CA PHE F 1137 53.81 -33.76 -7.24
C PHE F 1137 53.83 -35.26 -6.93
N PHE F 1138 54.92 -36.06 -7.14
CA PHE F 1138 54.66 -37.53 -6.79
C PHE F 1138 54.40 -37.80 -5.15
N TYR F 1139 54.20 -36.75 -4.37
CA TYR F 1139 53.72 -36.76 -3.00
C TYR F 1139 52.48 -35.89 -2.81
N HIS F 1140 51.63 -35.99 -3.81
CA HIS F 1140 50.29 -35.44 -3.90
C HIS F 1140 49.33 -36.45 -3.24
N SER F 1141 48.07 -36.09 -3.09
CA SER F 1141 47.16 -36.97 -2.35
C SER F 1141 46.56 -38.19 -3.09
N ASN F 1142 47.00 -38.68 -4.28
CA ASN F 1142 46.14 -39.59 -5.06
C ASN F 1142 46.84 -40.94 -5.34
N GLN F 1143 46.43 -41.97 -4.61
CA GLN F 1143 47.23 -43.20 -4.49
C GLN F 1143 47.57 -43.95 -5.78
N VAL F 1144 46.67 -44.02 -6.77
CA VAL F 1144 47.03 -44.75 -7.99
C VAL F 1144 48.03 -44.00 -8.85
N VAL F 1145 47.77 -42.72 -9.08
CA VAL F 1145 48.66 -41.93 -9.93
C VAL F 1145 49.98 -41.76 -9.15
N ARG F 1146 49.89 -41.67 -7.83
CA ARG F 1146 51.03 -41.92 -6.96
C ARG F 1146 51.69 -43.18 -7.51
N MET F 1147 51.05 -44.36 -7.43
CA MET F 1147 51.70 -45.61 -7.85
C MET F 1147 52.36 -45.49 -9.22
N ALA F 1148 51.59 -45.15 -10.26
CA ALA F 1148 52.12 -45.00 -11.61
C ALA F 1148 53.31 -44.04 -11.68
N ALA F 1149 53.08 -42.80 -11.29
CA ALA F 1149 54.10 -41.75 -11.40
C ALA F 1149 55.35 -42.14 -10.62
N LEU F 1150 55.12 -42.65 -9.42
CA LEU F 1150 56.18 -43.05 -8.51
C LEU F 1150 56.99 -44.19 -9.11
N GLU F 1151 56.32 -45.19 -9.66
CA GLU F 1151 57.12 -46.28 -10.20
C GLU F 1151 57.86 -45.81 -11.42
N VAL F 1152 57.31 -44.87 -12.17
CA VAL F 1152 58.09 -44.36 -13.29
C VAL F 1152 59.33 -43.67 -12.73
N TYR F 1153 59.21 -43.00 -11.57
CA TYR F 1153 60.40 -42.44 -10.90
C TYR F 1153 61.40 -43.54 -10.58
N VAL F 1154 60.92 -44.65 -10.00
CA VAL F 1154 61.74 -45.82 -9.75
C VAL F 1154 62.51 -46.14 -11.02
N ARG F 1155 61.75 -46.24 -12.11
CA ARG F 1155 62.26 -46.72 -13.38
C ARG F 1155 63.34 -45.76 -13.83
N ARG F 1156 63.14 -44.46 -13.56
CA ARG F 1156 64.13 -43.44 -13.89
C ARG F 1156 65.33 -43.44 -12.97
N ALA F 1157 65.26 -44.10 -11.80
CA ALA F 1157 66.48 -44.20 -11.03
C ALA F 1157 67.30 -45.41 -11.48
N TYR F 1158 66.74 -46.61 -11.32
CA TYR F 1158 67.47 -47.85 -11.62
C TYR F 1158 67.28 -48.40 -13.02
N ILE F 1159 66.89 -47.57 -14.01
CA ILE F 1159 66.88 -48.04 -15.40
C ILE F 1159 68.21 -48.70 -15.75
N ALA F 1160 69.29 -48.27 -15.08
CA ALA F 1160 70.62 -48.81 -15.26
C ALA F 1160 70.72 -50.22 -14.70
N TYR F 1161 70.28 -50.42 -13.45
CA TYR F 1161 70.38 -51.74 -12.87
C TYR F 1161 69.26 -52.62 -13.42
N GLU F 1162 69.30 -53.90 -13.06
CA GLU F 1162 68.29 -54.85 -13.51
C GLU F 1162 67.28 -55.10 -12.40
N LEU F 1163 66.01 -54.82 -12.69
CA LEU F 1163 64.92 -54.93 -11.72
C LEU F 1163 64.14 -56.20 -12.05
N ASN F 1164 64.05 -57.11 -11.08
CA ASN F 1164 63.39 -58.38 -11.32
C ASN F 1164 62.07 -58.49 -10.57
N SER F 1165 61.71 -57.50 -9.74
CA SER F 1165 60.43 -57.55 -9.05
C SER F 1165 60.20 -56.20 -8.39
N VAL F 1166 58.98 -55.72 -8.49
CA VAL F 1166 58.59 -54.43 -7.93
C VAL F 1166 57.12 -54.51 -7.57
N GLN F 1167 56.79 -54.41 -6.28
CA GLN F 1167 55.40 -54.46 -5.85
C GLN F 1167 55.11 -53.10 -5.28
N HIS F 1168 53.98 -52.54 -5.71
CA HIS F 1168 53.45 -51.36 -5.07
C HIS F 1168 52.87 -51.84 -3.76
N ARG F 1169 53.26 -51.13 -2.71
CA ARG F 1169 52.73 -51.21 -1.38
C ARG F 1169 51.88 -49.99 -1.02
N GLN F 1170 51.12 -50.17 0.06
CA GLN F 1170 49.98 -49.33 0.41
C GLN F 1170 49.83 -49.45 1.92
N LEU F 1171 50.38 -48.45 2.61
CA LEU F 1171 50.53 -48.50 4.05
C LEU F 1171 50.07 -47.21 4.70
N LYS F 1172 50.38 -47.03 5.98
CA LYS F 1172 49.40 -47.27 7.04
C LYS F 1172 48.03 -47.06 6.41
N ASP F 1173 47.76 -45.80 6.08
CA ASP F 1173 46.86 -45.34 5.04
C ASP F 1173 47.59 -44.22 4.32
N ASN F 1174 48.25 -43.36 5.12
CA ASN F 1174 48.91 -42.14 4.71
C ASN F 1174 50.28 -42.39 4.13
N THR F 1175 50.68 -43.65 3.95
CA THR F 1175 51.96 -43.96 3.33
C THR F 1175 51.84 -44.74 2.03
N CYS F 1176 52.55 -44.25 1.02
CA CYS F 1176 52.58 -44.87 -0.30
C CYS F 1176 53.97 -45.51 -0.29
N VAL F 1177 54.05 -46.82 -0.43
CA VAL F 1177 55.34 -47.48 -0.47
C VAL F 1177 55.54 -48.23 -1.78
N VAL F 1178 56.73 -48.11 -2.36
CA VAL F 1178 57.11 -49.04 -3.41
C VAL F 1178 58.28 -49.86 -2.90
N GLU F 1179 58.36 -51.10 -3.38
CA GLU F 1179 59.47 -52.01 -3.10
C GLU F 1179 60.26 -52.23 -4.38
N PHE F 1180 61.58 -52.29 -4.25
CA PHE F 1180 62.47 -52.61 -5.36
C PHE F 1180 62.98 -54.01 -5.14
N GLN F 1181 63.27 -54.66 -6.25
CA GLN F 1181 63.92 -55.96 -6.25
C GLN F 1181 64.66 -55.91 -7.56
N PHE F 1182 65.98 -56.01 -7.45
CA PHE F 1182 66.87 -55.85 -8.55
C PHE F 1182 68.13 -56.64 -8.22
N MET F 1183 69.18 -56.42 -9.00
CA MET F 1183 70.44 -57.07 -8.69
C MET F 1183 71.58 -56.22 -9.20
N LEU F 1184 72.77 -56.62 -8.78
CA LEU F 1184 73.98 -55.85 -9.03
C LEU F 1184 74.46 -56.16 -10.44
N PRO F 1185 74.54 -55.18 -11.37
CA PRO F 1185 75.30 -55.44 -12.60
C PRO F 1185 76.73 -54.92 -12.59
N THR F 1186 77.66 -55.56 -11.86
CA THR F 1186 79.03 -55.07 -11.77
C THR F 1186 79.16 -53.62 -11.28
N SER F 1187 78.20 -53.05 -10.56
CA SER F 1187 78.37 -51.65 -10.16
C SER F 1187 79.53 -51.48 -9.18
N HIS F 1188 79.66 -52.35 -8.19
CA HIS F 1188 80.71 -52.33 -7.17
C HIS F 1188 80.36 -53.30 -6.06
N CYS F 1230 74.63 -60.59 -4.73
CA CYS F 1230 74.06 -60.97 -6.03
C CYS F 1230 72.83 -60.14 -6.34
N GLN F 1231 71.95 -60.00 -5.35
CA GLN F 1231 70.65 -59.37 -5.51
C GLN F 1231 70.48 -58.37 -4.39
N ARG F 1232 69.45 -57.53 -4.52
CA ARG F 1232 69.23 -56.46 -3.57
C ARG F 1232 67.84 -55.91 -3.82
N MET F 1233 67.29 -55.32 -2.78
CA MET F 1233 66.03 -54.61 -2.76
C MET F 1233 66.10 -53.11 -2.47
N GLY F 1234 64.91 -52.50 -2.42
CA GLY F 1234 64.79 -51.07 -2.19
C GLY F 1234 63.48 -50.72 -1.54
N GLY F 1235 63.40 -49.47 -1.09
CA GLY F 1235 62.17 -48.90 -0.57
C GLY F 1235 62.09 -47.42 -0.83
N MET F 1236 60.95 -47.03 -1.43
CA MET F 1236 60.59 -45.62 -1.58
C MET F 1236 59.29 -45.29 -0.87
N VAL F 1237 59.26 -44.13 -0.21
CA VAL F 1237 58.04 -43.60 0.38
C VAL F 1237 57.98 -42.13 0.04
N SER F 1238 56.85 -41.69 -0.52
CA SER F 1238 56.67 -40.31 -0.95
C SER F 1238 55.84 -39.48 0.04
N PHE F 1239 56.45 -38.42 0.62
CA PHE F 1239 55.82 -37.59 1.67
C PHE F 1239 55.88 -36.06 1.53
N ARG F 1240 54.86 -35.55 2.22
CA ARG F 1240 54.22 -34.25 2.29
C ARG F 1240 54.95 -33.37 3.29
N THR F 1241 55.31 -33.87 4.47
CA THR F 1241 56.14 -33.06 5.35
C THR F 1241 57.21 -33.94 6.01
N PHE F 1242 58.36 -33.32 6.33
CA PHE F 1242 59.42 -34.14 6.90
C PHE F 1242 59.03 -34.55 8.30
N GLU F 1243 58.20 -33.73 8.95
CA GLU F 1243 57.90 -33.98 10.36
C GLU F 1243 57.13 -35.27 10.40
N ASP F 1244 56.06 -35.32 9.59
CA ASP F 1244 55.21 -36.48 9.55
C ASP F 1244 56.05 -37.68 9.20
N PHE F 1245 56.96 -37.51 8.22
CA PHE F 1245 57.91 -38.57 7.89
C PHE F 1245 58.62 -39.06 9.14
N VAL F 1246 59.41 -38.20 9.78
CA VAL F 1246 60.34 -38.62 10.82
C VAL F 1246 59.61 -39.20 12.02
N ARG F 1247 58.32 -38.88 12.19
CA ARG F 1247 57.50 -39.67 13.11
C ARG F 1247 57.15 -41.02 12.50
N ILE F 1248 56.94 -41.04 11.19
CA ILE F 1248 56.61 -42.21 10.38
C ILE F 1248 57.88 -43.06 10.18
N PHE F 1249 58.97 -42.70 10.90
CA PHE F 1249 60.17 -43.53 11.00
C PHE F 1249 59.73 -44.98 11.08
N ASP F 1250 58.88 -45.29 12.04
CA ASP F 1250 59.04 -46.60 12.60
C ASP F 1250 58.26 -47.58 11.75
N GLU F 1251 57.29 -47.06 10.96
CA GLU F 1251 56.54 -47.79 9.96
C GLU F 1251 57.15 -47.91 8.57
N VAL F 1252 57.96 -46.96 8.10
CA VAL F 1252 58.58 -47.18 6.82
C VAL F 1252 59.57 -48.34 6.89
N MET F 1253 60.46 -48.28 7.88
CA MET F 1253 61.31 -49.40 8.22
C MET F 1253 60.59 -50.44 9.05
N GLY F 1254 59.38 -50.12 9.53
CA GLY F 1254 58.56 -51.13 10.18
C GLY F 1254 58.04 -52.15 9.19
N CYS F 1255 57.41 -51.65 8.13
CA CYS F 1255 56.75 -52.45 7.10
C CYS F 1255 57.66 -52.73 5.91
N PHE F 1256 58.95 -52.39 6.01
CA PHE F 1256 59.92 -52.58 4.92
C PHE F 1256 59.85 -53.96 4.27
N PRO F 1261 60.95 -66.88 11.48
CA PRO F 1261 59.51 -67.15 11.63
C PRO F 1261 58.89 -67.84 10.41
N GLN F 1262 59.56 -68.84 9.86
CA GLN F 1262 58.96 -69.66 8.81
C GLN F 1262 59.36 -71.13 8.90
N SEP F 1263 58.40 -72.03 8.74
CA SEP F 1263 58.72 -73.45 8.83
CB SEP F 1263 57.49 -74.34 9.07
OG SEP F 1263 57.26 -74.53 10.46
C SEP F 1263 59.43 -73.94 7.55
O SEP F 1263 59.27 -73.34 6.49
P SEP F 1263 55.77 -75.06 10.72
O1P SEP F 1263 55.51 -75.12 12.31
O2P SEP F 1263 54.68 -74.08 10.04
O3P SEP F 1263 55.62 -76.55 10.11
H SEP F 1263 57.57 -71.86 8.56
HA SEP F 1263 59.28 -73.51 9.62
HB2 SEP F 1263 57.64 -75.20 8.65
HB3 SEP F 1263 56.73 -73.91 8.67
N PRO F 1264 60.19 -75.05 7.65
CA PRO F 1264 60.85 -75.62 6.48
C PRO F 1264 59.98 -76.46 5.55
N THR F 1265 60.13 -76.25 4.24
CA THR F 1265 59.49 -77.07 3.23
C THR F 1265 60.54 -77.99 2.62
N PHE F 1266 60.07 -79.07 2.02
CA PHE F 1266 60.92 -80.14 1.49
C PHE F 1266 60.71 -80.26 -0.01
N PRO F 1267 61.57 -79.65 -0.87
CA PRO F 1267 61.32 -79.72 -2.32
C PRO F 1267 61.38 -81.13 -2.91
N GLU F 1268 61.22 -81.19 -4.24
CA GLU F 1268 60.72 -82.36 -4.94
C GLU F 1268 61.60 -83.59 -4.67
N ALA F 1269 61.05 -84.76 -5.01
CA ALA F 1269 61.58 -86.05 -4.56
C ALA F 1269 62.91 -86.37 -5.24
N GLY F 1270 63.19 -87.63 -5.54
CA GLY F 1270 64.41 -87.98 -6.25
C GLY F 1270 65.59 -88.12 -5.32
N GLU F 1284 73.54 -58.16 6.63
CA GLU F 1284 73.90 -57.63 5.32
C GLU F 1284 72.76 -56.72 4.82
N PRO F 1285 72.96 -55.40 4.79
CA PRO F 1285 71.92 -54.55 4.18
C PRO F 1285 71.84 -54.71 2.68
N ILE F 1286 70.65 -55.05 2.22
CA ILE F 1286 70.29 -55.33 0.84
C ILE F 1286 69.12 -54.38 0.57
N HIS F 1287 68.98 -53.32 1.35
CA HIS F 1287 68.00 -52.29 1.07
C HIS F 1287 68.58 -50.94 0.69
N ILE F 1288 68.00 -50.40 -0.36
CA ILE F 1288 68.28 -49.08 -0.89
C ILE F 1288 67.12 -48.27 -0.35
N LEU F 1289 67.36 -47.05 0.10
CA LEU F 1289 66.25 -46.26 0.61
C LEU F 1289 66.30 -44.84 0.14
N ASN F 1290 65.29 -44.43 -0.60
CA ASN F 1290 65.18 -43.05 -0.99
C ASN F 1290 63.79 -42.63 -0.52
N VAL F 1291 63.73 -41.51 0.17
CA VAL F 1291 62.50 -41.03 0.78
C VAL F 1291 62.18 -39.66 0.23
N ALA F 1292 60.95 -39.49 -0.24
CA ALA F 1292 60.51 -38.23 -0.79
C ALA F 1292 59.93 -37.45 0.38
N ILE F 1293 60.42 -36.24 0.51
CA ILE F 1293 60.14 -35.33 1.59
C ILE F 1293 59.79 -33.96 1.04
N LYS F 1294 59.21 -33.16 1.92
CA LYS F 1294 58.69 -31.83 1.62
C LYS F 1294 59.21 -30.96 2.77
N THR F 1295 58.61 -29.77 2.97
CA THR F 1295 59.09 -28.75 3.92
C THR F 1295 60.10 -27.85 3.24
N ASP F 1296 60.23 -27.94 1.89
CA ASP F 1296 60.74 -26.88 1.02
C ASP F 1296 61.90 -26.14 1.69
N CYS F 1297 62.77 -26.97 2.29
CA CYS F 1297 63.94 -26.63 3.10
C CYS F 1297 64.55 -25.27 2.80
N ASP F 1298 65.04 -24.66 3.87
CA ASP F 1298 65.25 -23.23 3.94
C ASP F 1298 66.50 -22.95 4.76
N ILE F 1299 66.57 -21.74 5.31
CA ILE F 1299 67.79 -20.95 5.49
C ILE F 1299 68.96 -21.70 6.12
N GLU F 1300 68.71 -22.81 6.82
CA GLU F 1300 69.66 -23.26 7.83
C GLU F 1300 70.28 -24.61 7.48
N ASP F 1301 70.84 -24.72 6.26
CA ASP F 1301 71.35 -25.99 5.76
C ASP F 1301 72.27 -26.66 6.77
N ASP F 1302 73.09 -25.87 7.48
CA ASP F 1302 73.98 -26.41 8.50
C ASP F 1302 73.17 -27.06 9.62
N ARG F 1303 72.39 -26.28 10.39
CA ARG F 1303 71.59 -26.85 11.46
C ARG F 1303 70.63 -27.89 10.92
N LEU F 1304 70.07 -27.63 9.74
CA LEU F 1304 69.20 -28.58 9.04
C LEU F 1304 69.88 -29.94 8.95
N ALA F 1305 70.71 -30.15 7.93
CA ALA F 1305 71.32 -31.46 7.76
C ALA F 1305 72.06 -31.93 9.00
N ALA F 1306 72.53 -31.01 9.84
CA ALA F 1306 73.26 -31.42 11.03
C ALA F 1306 72.31 -32.11 12.02
N MET F 1307 71.19 -31.46 12.28
CA MET F 1307 70.07 -32.06 12.99
C MET F 1307 69.65 -33.39 12.37
N PHE F 1308 69.51 -33.43 11.04
CA PHE F 1308 69.03 -34.63 10.36
C PHE F 1308 69.99 -35.81 10.57
N ARG F 1309 71.26 -35.57 10.33
CA ARG F 1309 72.31 -36.55 10.58
C ARG F 1309 72.30 -36.99 12.05
N GLU F 1310 72.22 -36.03 12.98
CA GLU F 1310 72.22 -36.43 14.38
C GLU F 1310 70.88 -37.04 14.81
N PHE F 1311 69.88 -37.03 13.92
CA PHE F 1311 68.71 -37.88 14.12
C PHE F 1311 69.14 -39.30 13.84
N THR F 1312 69.97 -39.48 12.81
CA THR F 1312 70.46 -40.82 12.53
C THR F 1312 71.36 -41.34 13.65
N GLN F 1313 72.35 -40.54 14.11
CA GLN F 1313 73.22 -41.05 15.19
C GLN F 1313 72.53 -41.17 16.54
N GLN F 1314 71.46 -40.40 16.80
CA GLN F 1314 70.69 -40.63 18.01
C GLN F 1314 69.91 -41.94 17.84
N ASN F 1315 69.30 -42.13 16.66
CA ASN F 1315 68.64 -43.40 16.31
C ASN F 1315 69.48 -43.91 15.18
N LYS F 1316 70.49 -44.69 15.57
CA LYS F 1316 71.01 -45.81 14.84
C LYS F 1316 70.00 -46.95 14.74
N ALA F 1317 68.80 -46.78 15.30
CA ALA F 1317 67.68 -47.69 15.04
C ALA F 1317 67.51 -47.92 13.55
N THR F 1318 67.76 -46.89 12.75
CA THR F 1318 67.84 -47.05 11.30
C THR F 1318 68.79 -48.18 10.94
N LEU F 1319 69.95 -48.19 11.60
CA LEU F 1319 70.93 -49.24 11.38
C LEU F 1319 70.39 -50.57 11.88
N VAL F 1320 69.69 -50.53 13.01
CA VAL F 1320 69.10 -51.71 13.63
C VAL F 1320 68.01 -52.36 12.78
N ASP F 1321 67.28 -51.59 11.99
CA ASP F 1321 66.27 -52.17 11.10
C ASP F 1321 66.90 -52.82 9.88
N HIS F 1322 67.64 -53.90 10.14
CA HIS F 1322 68.40 -54.61 9.12
C HIS F 1322 69.34 -53.71 8.35
N GLY F 1323 69.72 -52.54 8.90
CA GLY F 1323 70.81 -51.84 8.25
C GLY F 1323 70.34 -51.25 6.94
N ILE F 1324 70.86 -50.10 6.53
CA ILE F 1324 70.48 -49.55 5.24
C ILE F 1324 71.74 -49.35 4.44
N ARG F 1325 71.70 -49.78 3.19
CA ARG F 1325 72.81 -49.50 2.31
C ARG F 1325 72.91 -48.02 2.11
N ARG F 1326 71.78 -47.39 1.79
CA ARG F 1326 71.78 -46.01 1.40
C ARG F 1326 70.51 -45.44 2.00
N LEU F 1327 70.57 -44.23 2.54
CA LEU F 1327 69.35 -43.51 2.90
C LEU F 1327 69.50 -42.14 2.29
N THR F 1328 68.78 -41.90 1.22
CA THR F 1328 68.74 -40.59 0.59
C THR F 1328 67.45 -39.91 0.97
N PHE F 1329 67.55 -38.67 1.43
CA PHE F 1329 66.39 -37.86 1.69
C PHE F 1329 66.30 -37.00 0.46
N LEU F 1330 65.14 -36.95 -0.11
CA LEU F 1330 64.87 -36.18 -1.29
C LEU F 1330 63.92 -35.11 -0.78
N VAL F 1331 64.32 -33.85 -0.75
CA VAL F 1331 63.43 -32.78 -0.28
C VAL F 1331 63.05 -32.01 -1.53
N ALA F 1332 61.76 -31.77 -1.72
CA ALA F 1332 61.37 -31.11 -2.95
C ALA F 1332 61.34 -29.61 -2.81
N GLN F 1333 60.98 -28.99 -3.92
CA GLN F 1333 61.47 -27.69 -4.30
C GLN F 1333 60.87 -26.58 -3.44
N PHE F 1352 66.29 -28.92 -9.63
CA PHE F 1352 65.87 -30.20 -9.07
C PHE F 1352 65.82 -30.25 -7.54
N PRO F 1353 65.04 -31.20 -7.00
CA PRO F 1353 64.90 -31.36 -5.55
C PRO F 1353 66.25 -31.47 -4.88
N LYS F 1354 66.39 -30.84 -3.73
CA LYS F 1354 67.65 -30.85 -3.01
C LYS F 1354 67.64 -32.12 -2.17
N PHE F 1355 68.60 -32.99 -2.43
CA PHE F 1355 68.77 -34.22 -1.68
C PHE F 1355 69.69 -34.03 -0.49
N PHE F 1356 69.49 -34.87 0.54
CA PHE F 1356 70.23 -34.86 1.80
C PHE F 1356 70.53 -36.34 2.00
N THR F 1357 71.68 -36.80 1.47
CA THR F 1357 72.03 -38.22 1.45
C THR F 1357 72.85 -38.64 2.68
N PHE F 1358 72.32 -39.61 3.42
CA PHE F 1358 72.91 -40.29 4.59
C PHE F 1358 73.01 -41.78 4.32
N ARG F 1359 74.18 -42.23 3.87
CA ARG F 1359 74.41 -43.65 3.61
C ARG F 1359 75.27 -44.27 4.69
N ALA F 1360 74.71 -45.22 5.42
CA ALA F 1360 75.48 -45.96 6.43
C ALA F 1360 75.07 -47.41 6.21
N ARG F 1361 75.72 -48.04 5.24
CA ARG F 1361 75.67 -49.49 5.10
C ARG F 1361 76.41 -50.13 6.26
N ASP F 1362 77.59 -49.62 6.56
CA ASP F 1362 78.32 -49.90 7.78
C ASP F 1362 79.01 -48.63 8.24
N LYS F 1363 78.66 -47.48 7.67
CA LYS F 1363 79.57 -46.36 7.59
C LYS F 1363 79.14 -45.26 8.52
N PHE F 1364 79.93 -44.21 8.53
CA PHE F 1364 79.48 -42.91 9.01
C PHE F 1364 78.23 -42.59 8.21
N GLU F 1365 77.39 -41.70 8.75
CA GLU F 1365 76.06 -41.47 8.21
C GLU F 1365 76.02 -40.99 6.76
N GLU F 1366 76.93 -40.10 6.35
CA GLU F 1366 76.68 -39.20 5.24
C GLU F 1366 77.86 -38.88 4.33
N ASP F 1367 77.55 -38.81 3.03
CA ASP F 1367 78.51 -38.65 1.94
C ASP F 1367 78.30 -37.28 1.33
N ARG F 1368 79.39 -36.55 1.10
CA ARG F 1368 79.40 -35.12 0.85
C ARG F 1368 79.51 -34.71 -0.59
N ILE F 1369 80.21 -35.49 -1.40
CA ILE F 1369 80.34 -35.19 -2.83
C ILE F 1369 78.99 -35.20 -3.51
N TYR F 1370 78.17 -36.17 -3.16
CA TYR F 1370 76.86 -36.37 -3.73
C TYR F 1370 75.71 -35.76 -2.95
N ARG F 1371 75.94 -34.96 -1.89
CA ARG F 1371 74.76 -34.34 -1.31
C ARG F 1371 74.14 -33.46 -2.37
N HIS F 1372 72.81 -33.44 -2.35
CA HIS F 1372 71.94 -32.73 -3.25
C HIS F 1372 71.85 -33.57 -4.52
N LEU F 1373 72.38 -34.80 -4.51
CA LEU F 1373 72.34 -35.69 -5.64
C LEU F 1373 72.28 -37.14 -5.20
N GLU F 1374 71.73 -38.01 -6.04
CA GLU F 1374 71.67 -39.43 -5.68
C GLU F 1374 72.92 -40.05 -6.29
N PRO F 1375 73.88 -40.53 -5.50
CA PRO F 1375 75.16 -41.00 -6.07
C PRO F 1375 75.15 -42.16 -7.07
N ALA F 1376 74.12 -43.00 -7.16
CA ALA F 1376 74.13 -44.02 -8.22
C ALA F 1376 74.04 -43.42 -9.61
N LEU F 1377 73.08 -42.53 -9.84
CA LEU F 1377 72.98 -41.92 -11.16
C LEU F 1377 74.09 -40.90 -11.32
N ALA F 1378 74.44 -40.23 -10.23
CA ALA F 1378 75.57 -39.33 -10.13
C ALA F 1378 76.92 -39.91 -10.51
N PHE F 1379 77.10 -41.23 -10.40
CA PHE F 1379 78.39 -41.85 -10.69
C PHE F 1379 78.94 -41.41 -12.04
N GLN F 1380 78.07 -41.23 -13.03
CA GLN F 1380 78.51 -40.84 -14.37
C GLN F 1380 79.46 -39.64 -14.44
N LEU F 1381 79.66 -38.86 -13.37
CA LEU F 1381 80.87 -38.05 -13.39
C LEU F 1381 81.95 -39.10 -13.28
N GLU F 1382 82.54 -39.48 -14.41
CA GLU F 1382 83.58 -40.49 -14.35
C GLU F 1382 84.80 -40.04 -13.58
N LEU F 1383 84.93 -40.61 -12.39
CA LEU F 1383 85.84 -40.12 -11.38
C LEU F 1383 87.09 -40.96 -11.38
N ASN F 1384 87.11 -42.06 -12.15
CA ASN F 1384 88.33 -42.81 -12.17
C ASN F 1384 89.22 -42.25 -13.26
N ARG F 1385 88.67 -41.35 -14.09
CA ARG F 1385 89.47 -40.69 -15.08
C ARG F 1385 90.10 -39.47 -14.41
N MET F 1386 89.73 -39.25 -13.13
CA MET F 1386 90.24 -38.30 -12.17
C MET F 1386 90.57 -38.99 -10.86
N ARG F 1387 90.99 -40.24 -10.93
CA ARG F 1387 91.29 -41.01 -9.73
C ARG F 1387 92.50 -40.39 -9.07
N ASN F 1388 93.33 -39.69 -9.83
CA ASN F 1388 94.41 -38.96 -9.19
C ASN F 1388 93.96 -37.63 -8.60
N PHE F 1389 92.92 -37.62 -7.75
CA PHE F 1389 92.39 -36.38 -7.22
C PHE F 1389 91.56 -36.68 -5.99
N ASP F 1390 91.45 -35.67 -5.15
CA ASP F 1390 90.60 -35.65 -3.96
C ASP F 1390 89.68 -34.45 -4.02
N LEU F 1391 88.39 -34.66 -4.19
CA LEU F 1391 87.49 -33.55 -4.47
C LEU F 1391 86.48 -33.46 -3.35
N THR F 1392 86.19 -32.22 -2.95
CA THR F 1392 85.35 -31.87 -1.80
C THR F 1392 84.14 -31.08 -2.28
N ALA F 1393 82.96 -31.53 -1.91
CA ALA F 1393 81.72 -30.91 -2.39
C ALA F 1393 81.39 -29.60 -1.68
N ILE F 1394 81.25 -28.55 -2.48
CA ILE F 1394 80.86 -27.24 -1.98
C ILE F 1394 79.39 -27.10 -2.37
N PRO F 1395 78.48 -26.77 -1.43
CA PRO F 1395 77.07 -26.63 -1.80
C PRO F 1395 76.81 -25.32 -2.52
N CYS F 1396 75.87 -25.36 -3.48
CA CYS F 1396 75.75 -24.29 -4.47
C CYS F 1396 74.35 -24.27 -5.06
N ALA F 1397 73.88 -23.06 -5.41
CA ALA F 1397 72.63 -22.92 -6.13
C ALA F 1397 72.83 -23.33 -7.58
N ASN F 1398 71.74 -23.42 -8.34
CA ASN F 1398 71.85 -23.86 -9.73
C ASN F 1398 72.52 -25.23 -9.68
N HIS F 1399 71.77 -26.16 -9.10
CA HIS F 1399 72.40 -27.31 -8.47
C HIS F 1399 73.02 -28.25 -9.48
N LYS F 1400 72.63 -28.13 -10.74
CA LYS F 1400 73.46 -28.51 -11.86
C LYS F 1400 74.97 -28.40 -11.72
N MET F 1401 75.43 -27.26 -11.18
CA MET F 1401 76.87 -26.97 -11.06
C MET F 1401 77.47 -27.31 -9.71
N HIS F 1402 78.22 -28.38 -9.66
CA HIS F 1402 78.85 -28.87 -8.46
C HIS F 1402 80.31 -28.49 -8.67
N LEU F 1403 80.90 -27.66 -7.80
CA LEU F 1403 82.32 -27.36 -8.02
C LEU F 1403 83.08 -27.84 -6.81
N TYR F 1404 84.15 -28.54 -7.13
CA TYR F 1404 85.02 -29.25 -6.22
C TYR F 1404 86.44 -28.70 -6.29
N LEU F 1405 87.15 -28.71 -5.18
CA LEU F 1405 88.55 -28.30 -5.17
C LEU F 1405 89.26 -29.64 -5.02
N GLY F 1406 90.23 -29.87 -5.89
CA GLY F 1406 90.88 -31.16 -6.02
C GLY F 1406 92.33 -31.17 -5.58
N ALA F 1407 92.63 -32.16 -4.75
CA ALA F 1407 93.97 -32.50 -4.28
C ALA F 1407 94.29 -33.88 -4.81
N ALA F 1408 95.46 -34.07 -5.44
CA ALA F 1408 95.75 -35.39 -5.99
C ALA F 1408 95.70 -36.38 -4.85
N LYS F 1409 94.76 -37.31 -4.92
CA LYS F 1409 94.71 -38.34 -3.90
C LYS F 1409 95.82 -39.33 -4.17
N VAL F 1410 96.57 -39.58 -3.12
CA VAL F 1410 97.89 -40.18 -3.10
C VAL F 1410 97.88 -41.17 -1.94
N GLU F 1411 98.94 -41.97 -1.82
CA GLU F 1411 99.02 -42.93 -0.73
C GLU F 1411 99.75 -42.28 0.45
N VAL F 1412 99.53 -42.84 1.65
CA VAL F 1412 100.22 -42.46 2.89
C VAL F 1412 101.70 -42.19 2.76
N GLY F 1413 102.37 -42.88 1.84
CA GLY F 1413 103.79 -42.65 1.66
C GLY F 1413 104.09 -41.23 1.24
N THR F 1414 103.15 -40.59 0.56
CA THR F 1414 103.32 -39.30 -0.06
C THR F 1414 102.14 -38.37 0.21
N GLU F 1415 102.42 -37.10 0.00
CA GLU F 1415 101.60 -35.93 0.25
C GLU F 1415 101.12 -35.38 -1.08
N VAL F 1416 99.89 -34.83 -1.13
CA VAL F 1416 99.23 -34.61 -2.41
C VAL F 1416 100.05 -33.58 -3.16
N THR F 1417 100.16 -33.76 -4.48
CA THR F 1417 100.90 -32.86 -5.36
C THR F 1417 100.06 -31.96 -6.24
N ASP F 1418 98.85 -32.34 -6.58
CA ASP F 1418 98.05 -31.56 -7.49
C ASP F 1418 97.00 -30.84 -6.66
N TYR F 1419 96.62 -29.65 -7.12
CA TYR F 1419 95.79 -28.66 -6.44
C TYR F 1419 95.14 -27.86 -7.56
N ARG F 1420 94.04 -28.42 -8.04
CA ARG F 1420 93.26 -27.91 -9.14
C ARG F 1420 91.89 -27.45 -8.64
N PHE F 1421 91.38 -26.33 -9.16
CA PHE F 1421 89.97 -25.97 -8.93
C PHE F 1421 89.22 -26.65 -10.06
N PHE F 1422 88.28 -27.47 -9.65
CA PHE F 1422 87.29 -28.14 -10.47
C PHE F 1422 85.95 -27.47 -10.34
N VAL F 1423 85.32 -27.35 -11.49
CA VAL F 1423 83.94 -26.95 -11.59
C VAL F 1423 83.40 -28.03 -12.52
N ARG F 1424 82.41 -28.75 -11.99
CA ARG F 1424 81.82 -29.91 -12.61
C ARG F 1424 80.33 -29.70 -12.70
N ALA F 1425 79.80 -29.73 -13.90
CA ALA F 1425 78.40 -29.47 -14.10
C ALA F 1425 77.72 -30.73 -14.63
N ILE F 1426 76.43 -30.56 -14.83
CA ILE F 1426 75.53 -31.51 -15.46
C ILE F 1426 74.66 -30.58 -16.26
N ILE F 1427 74.21 -31.02 -17.43
CA ILE F 1427 73.56 -30.08 -18.33
C ILE F 1427 72.30 -30.68 -18.92
N ARG F 1428 71.17 -30.11 -18.51
CA ARG F 1428 69.79 -30.42 -18.88
C ARG F 1428 68.90 -29.25 -18.44
N HIS F 1429 68.75 -28.27 -19.33
CA HIS F 1429 68.01 -27.02 -19.08
C HIS F 1429 66.70 -26.92 -19.85
N SER F 1430 66.23 -28.01 -20.46
CA SER F 1430 64.98 -28.03 -21.22
C SER F 1430 65.19 -27.32 -22.55
N GLU F 1436 69.13 -26.58 -32.68
CA GLU F 1436 69.42 -25.17 -32.75
C GLU F 1436 69.66 -24.63 -31.36
N ALA F 1437 68.84 -25.12 -30.45
CA ALA F 1437 68.99 -24.70 -29.07
C ALA F 1437 70.35 -25.10 -28.55
N SER F 1438 70.86 -26.24 -29.00
CA SER F 1438 72.09 -26.79 -28.44
C SER F 1438 73.26 -25.84 -28.58
N PHE F 1439 73.53 -25.36 -29.80
CA PHE F 1439 74.69 -24.48 -29.97
C PHE F 1439 74.41 -23.25 -29.14
N GLU F 1440 73.17 -22.77 -29.23
CA GLU F 1440 72.75 -21.61 -28.48
C GLU F 1440 72.89 -21.93 -27.02
N TYR F 1441 72.49 -23.14 -26.64
CA TYR F 1441 72.55 -23.56 -25.27
C TYR F 1441 73.99 -23.50 -24.85
N LEU F 1442 74.88 -24.00 -25.70
CA LEU F 1442 76.27 -24.03 -25.32
C LEU F 1442 76.74 -22.61 -25.05
N GLN F 1443 76.48 -21.70 -25.98
CA GLN F 1443 76.95 -20.33 -25.81
C GLN F 1443 76.37 -19.65 -24.58
N ASN F 1444 75.05 -19.59 -24.51
CA ASN F 1444 74.41 -18.86 -23.43
C ASN F 1444 74.64 -19.50 -22.08
N GLU F 1445 74.37 -20.80 -21.98
CA GLU F 1445 74.50 -21.44 -20.70
C GLU F 1445 75.94 -21.56 -20.34
N GLY F 1446 76.79 -21.88 -21.31
CA GLY F 1446 78.18 -22.06 -21.01
C GLY F 1446 78.82 -20.79 -20.52
N GLU F 1447 78.57 -19.70 -21.23
CA GLU F 1447 79.12 -18.42 -20.83
C GLU F 1447 78.57 -17.99 -19.48
N ARG F 1448 77.25 -18.15 -19.32
CA ARG F 1448 76.59 -17.71 -18.10
C ARG F 1448 77.16 -18.45 -16.93
N LEU F 1449 77.29 -19.74 -17.12
CA LEU F 1449 77.83 -20.63 -16.13
C LEU F 1449 79.28 -20.28 -15.90
N LEU F 1450 80.00 -19.83 -16.91
CA LEU F 1450 81.41 -19.52 -16.69
C LEU F 1450 81.51 -18.41 -15.65
N LEU F 1451 80.70 -17.36 -15.79
CA LEU F 1451 80.68 -16.32 -14.76
C LEU F 1451 80.12 -16.83 -13.45
N GLU F 1452 79.06 -17.64 -13.54
CA GLU F 1452 78.44 -18.18 -12.35
C GLU F 1452 79.48 -19.01 -11.62
N ALA F 1453 80.20 -19.77 -12.41
CA ALA F 1453 81.27 -20.62 -11.96
C ALA F 1453 82.33 -19.79 -11.32
N MET F 1454 82.66 -18.65 -11.92
CA MET F 1454 83.68 -17.81 -11.32
C MET F 1454 83.23 -17.21 -10.00
N ASP F 1455 81.94 -16.96 -9.81
CA ASP F 1455 81.48 -16.65 -8.46
C ASP F 1455 81.66 -17.84 -7.51
N GLU F 1456 81.24 -19.02 -7.96
CA GLU F 1456 81.30 -20.22 -7.13
C GLU F 1456 82.75 -20.61 -6.81
N LEU F 1457 83.59 -20.69 -7.84
CA LEU F 1457 84.99 -20.99 -7.67
C LEU F 1457 85.63 -19.90 -6.82
N GLU F 1458 85.05 -18.70 -6.85
CA GLU F 1458 85.52 -17.68 -5.90
C GLU F 1458 85.22 -18.12 -4.48
N VAL F 1459 84.01 -18.66 -4.21
CA VAL F 1459 83.73 -19.25 -2.91
C VAL F 1459 84.75 -20.36 -2.61
N ALA F 1460 85.11 -21.13 -3.63
CA ALA F 1460 86.10 -22.20 -3.47
C ALA F 1460 87.44 -21.64 -3.03
N PHE F 1461 87.85 -20.50 -3.63
CA PHE F 1461 89.07 -19.84 -3.22
C PHE F 1461 88.96 -19.44 -1.77
N ASN F 1462 87.86 -18.75 -1.44
CA ASN F 1462 87.63 -18.21 -0.11
C ASN F 1462 87.74 -19.32 0.92
N ASN F 1463 87.07 -20.45 0.68
CA ASN F 1463 87.09 -21.54 1.63
C ASN F 1463 88.51 -22.06 1.77
N THR F 1464 89.12 -22.43 0.64
CA THR F 1464 90.53 -22.80 0.67
C THR F 1464 91.21 -22.32 -0.58
N ASN F 1465 92.41 -21.78 -0.39
CA ASN F 1465 93.21 -21.21 -1.45
C ASN F 1465 94.60 -21.83 -1.46
N VAL F 1466 95.08 -22.17 -2.65
CA VAL F 1466 96.44 -22.66 -2.81
C VAL F 1466 97.02 -22.14 -4.13
N ARG F 1467 96.24 -21.32 -4.85
CA ARG F 1467 96.48 -20.98 -6.25
C ARG F 1467 96.50 -22.21 -7.16
N THR F 1468 95.32 -22.79 -7.31
CA THR F 1468 95.18 -23.79 -8.35
C THR F 1468 95.51 -23.17 -9.70
N ASP F 1469 95.93 -24.00 -10.64
CA ASP F 1469 96.58 -23.54 -11.85
C ASP F 1469 95.89 -23.96 -13.12
N CYS F 1470 95.41 -25.19 -13.18
CA CYS F 1470 94.95 -25.81 -14.40
C CYS F 1470 93.53 -26.27 -14.15
N ASN F 1471 92.74 -25.24 -13.91
CA ASN F 1471 91.37 -25.38 -13.46
C ASN F 1471 90.62 -26.15 -14.53
N HIS F 1472 89.74 -27.01 -14.06
CA HIS F 1472 88.94 -27.93 -14.85
C HIS F 1472 87.46 -27.64 -14.91
N ILE F 1473 86.96 -27.92 -16.11
CA ILE F 1473 85.56 -27.90 -16.50
C ILE F 1473 85.17 -29.31 -16.83
N PHE F 1474 84.14 -29.81 -16.17
CA PHE F 1474 83.62 -31.14 -16.44
C PHE F 1474 82.19 -30.88 -16.88
N LEU F 1475 81.84 -31.33 -18.08
CA LEU F 1475 80.47 -31.25 -18.60
C LEU F 1475 79.84 -32.55 -19.06
N ASN F 1476 78.73 -32.92 -18.44
CA ASN F 1476 77.93 -34.07 -18.90
C ASN F 1476 76.72 -33.51 -19.62
N PHE F 1477 76.76 -33.40 -20.96
CA PHE F 1477 75.56 -33.00 -21.66
C PHE F 1477 74.73 -34.28 -21.78
N VAL F 1478 73.60 -34.33 -21.09
CA VAL F 1478 72.60 -35.41 -21.23
C VAL F 1478 71.52 -35.23 -22.30
N PRO F 1479 71.36 -34.07 -22.98
CA PRO F 1479 70.45 -34.10 -24.14
C PRO F 1479 71.03 -34.84 -25.32
N THR F 1480 70.25 -34.92 -26.39
CA THR F 1480 70.62 -35.66 -27.59
C THR F 1480 70.26 -34.67 -28.69
N VAL F 1481 71.25 -33.86 -28.98
CA VAL F 1481 71.16 -32.76 -29.91
C VAL F 1481 71.50 -33.24 -31.30
N ILE F 1482 71.29 -32.40 -32.27
CA ILE F 1482 71.74 -32.65 -33.63
C ILE F 1482 72.71 -31.54 -34.00
N MET F 1483 73.95 -31.92 -34.30
CA MET F 1483 74.92 -30.93 -34.72
C MET F 1483 76.10 -31.66 -35.36
N ASP F 1484 77.00 -30.88 -35.94
CA ASP F 1484 78.25 -31.30 -36.57
C ASP F 1484 79.44 -31.13 -35.65
N PRO F 1485 80.53 -31.80 -35.94
CA PRO F 1485 81.69 -31.68 -35.04
C PRO F 1485 82.44 -30.39 -35.28
N SER F 1486 82.39 -29.86 -36.51
CA SER F 1486 83.30 -28.76 -36.80
C SER F 1486 82.67 -27.42 -36.53
N LYS F 1487 81.35 -27.35 -36.56
CA LYS F 1487 80.62 -26.21 -36.04
C LYS F 1487 80.49 -26.32 -34.55
N ILE F 1488 80.55 -27.52 -33.99
CA ILE F 1488 80.80 -27.56 -32.55
C ILE F 1488 82.14 -26.90 -32.27
N GLU F 1489 83.11 -27.14 -33.15
CA GLU F 1489 84.43 -26.58 -32.96
C GLU F 1489 84.44 -25.08 -33.20
N GLU F 1490 83.73 -24.59 -34.21
CA GLU F 1490 83.56 -23.14 -34.34
C GLU F 1490 82.75 -22.53 -33.21
N SER F 1491 81.72 -23.22 -32.72
CA SER F 1491 80.92 -22.64 -31.65
C SER F 1491 81.77 -22.45 -30.42
N VAL F 1492 82.52 -23.49 -30.09
CA VAL F 1492 83.40 -23.48 -28.93
C VAL F 1492 84.61 -22.60 -29.16
N ARG F 1493 85.03 -22.49 -30.41
CA ARG F 1493 86.11 -21.58 -30.78
C ARG F 1493 85.67 -20.16 -30.52
N SER F 1494 84.52 -19.79 -31.07
CA SER F 1494 83.98 -18.46 -30.86
C SER F 1494 83.80 -18.22 -29.37
N MET F 1495 83.32 -19.24 -28.67
CA MET F 1495 83.13 -19.16 -27.22
C MET F 1495 84.43 -18.79 -26.53
N VAL F 1496 85.42 -19.66 -26.65
CA VAL F 1496 86.69 -19.48 -25.97
C VAL F 1496 87.30 -18.19 -26.43
N MET F 1497 87.08 -17.84 -27.68
CA MET F 1497 87.66 -16.62 -28.18
C MET F 1497 87.06 -15.43 -27.46
N ARG F 1498 85.73 -15.47 -27.25
CA ARG F 1498 85.03 -14.34 -26.66
C ARG F 1498 85.70 -13.82 -25.40
N TYR F 1499 86.05 -14.72 -24.53
CA TYR F 1499 86.87 -14.45 -23.37
C TYR F 1499 88.31 -14.85 -23.61
N GLY F 1500 89.22 -13.91 -23.45
CA GLY F 1500 90.59 -14.11 -23.86
C GLY F 1500 91.32 -14.01 -22.56
N SER F 1501 91.66 -12.79 -22.17
CA SER F 1501 92.36 -12.56 -20.92
C SER F 1501 91.61 -13.18 -19.74
N ARG F 1502 90.29 -13.03 -19.72
CA ARG F 1502 89.45 -13.58 -18.64
C ARG F 1502 89.71 -15.05 -18.35
N LEU F 1503 89.84 -15.88 -19.41
CA LEU F 1503 90.15 -17.29 -19.17
C LEU F 1503 91.44 -17.40 -18.41
N TRP F 1504 92.41 -16.55 -18.73
CA TRP F 1504 93.73 -16.67 -18.13
C TRP F 1504 93.75 -16.09 -16.72
N LYS F 1505 92.90 -15.11 -16.44
CA LYS F 1505 92.79 -14.61 -15.08
C LYS F 1505 92.20 -15.67 -14.15
N LEU F 1506 91.05 -16.24 -14.52
CA LEU F 1506 90.58 -17.38 -13.73
C LEU F 1506 91.46 -18.62 -13.95
N ARG F 1507 92.23 -18.59 -15.03
CA ARG F 1507 93.19 -19.60 -15.50
C ARG F 1507 92.60 -21.00 -15.54
N VAL F 1508 91.46 -21.10 -16.22
CA VAL F 1508 90.82 -22.37 -16.51
C VAL F 1508 91.46 -22.90 -17.76
N LEU F 1509 92.04 -24.07 -17.65
CA LEU F 1509 92.88 -24.60 -18.69
C LEU F 1509 92.44 -25.93 -19.24
N GLN F 1510 91.52 -26.62 -18.59
CA GLN F 1510 91.19 -27.95 -19.04
C GLN F 1510 89.68 -28.08 -19.00
N ALA F 1511 89.14 -28.59 -20.10
CA ALA F 1511 87.70 -28.77 -20.16
C ALA F 1511 87.36 -30.08 -20.82
N GLU F 1512 86.36 -30.75 -20.32
CA GLU F 1512 85.87 -31.97 -20.92
C GLU F 1512 84.37 -31.80 -21.05
N LEU F 1513 83.83 -32.17 -22.19
CA LEU F 1513 82.40 -32.36 -22.29
C LEU F 1513 82.17 -33.75 -22.84
N LYS F 1514 80.94 -34.23 -22.68
CA LYS F 1514 80.44 -35.23 -23.61
C LYS F 1514 79.07 -34.72 -23.98
N ILE F 1515 78.58 -35.22 -25.10
CA ILE F 1515 77.26 -34.84 -25.57
C ILE F 1515 76.70 -35.83 -26.57
N ASN F 1516 75.45 -36.24 -26.38
CA ASN F 1516 74.91 -37.15 -27.35
C ASN F 1516 74.45 -36.22 -28.46
N ILE F 1517 74.91 -36.48 -29.68
CA ILE F 1517 74.49 -35.75 -30.86
C ILE F 1517 74.19 -36.73 -31.97
N ARG F 1518 73.77 -36.21 -33.12
CA ARG F 1518 73.52 -37.09 -34.26
C ARG F 1518 73.10 -36.17 -35.38
N LEU F 1519 72.91 -36.72 -36.55
CA LEU F 1519 72.55 -35.92 -37.71
C LEU F 1519 71.02 -35.72 -37.73
N THR F 1520 70.56 -35.00 -38.74
CA THR F 1520 69.20 -34.48 -38.74
C THR F 1520 68.11 -35.54 -38.82
N PRO F 1521 68.14 -36.50 -39.75
CA PRO F 1521 67.10 -37.53 -39.75
C PRO F 1521 67.39 -38.62 -38.75
N THR F 1522 68.67 -38.91 -38.57
CA THR F 1522 69.08 -40.24 -38.15
C THR F 1522 68.50 -40.58 -36.78
N GLY F 1523 68.60 -39.67 -35.83
CA GLY F 1523 68.20 -39.95 -34.47
C GLY F 1523 69.18 -40.80 -33.70
N LYS F 1524 70.22 -41.31 -34.37
CA LYS F 1524 71.22 -42.18 -33.80
C LYS F 1524 72.15 -41.34 -32.92
N ALA F 1525 71.70 -41.14 -31.69
CA ALA F 1525 72.41 -40.23 -30.79
C ALA F 1525 73.68 -40.92 -30.32
N ILE F 1526 74.83 -40.31 -30.60
CA ILE F 1526 76.12 -40.84 -30.22
C ILE F 1526 76.65 -39.94 -29.13
N PRO F 1527 77.45 -40.43 -28.20
CA PRO F 1527 78.04 -39.55 -27.20
C PRO F 1527 79.42 -39.28 -27.71
N ILE F 1528 79.89 -38.08 -27.44
CA ILE F 1528 81.22 -37.72 -27.89
C ILE F 1528 82.02 -37.03 -26.82
N ARG F 1529 82.80 -37.80 -26.07
CA ARG F 1529 83.46 -37.18 -24.96
C ARG F 1529 84.58 -36.41 -25.63
N LEU F 1530 84.35 -35.13 -25.77
CA LEU F 1530 85.29 -34.17 -26.30
C LEU F 1530 86.07 -33.70 -25.10
N PHE F 1531 87.38 -33.65 -25.21
CA PHE F 1531 88.19 -33.18 -24.12
C PHE F 1531 89.00 -32.03 -24.69
N LEU F 1532 88.94 -30.94 -23.98
CA LEU F 1532 89.52 -29.67 -24.34
C LEU F 1532 90.83 -29.54 -23.59
N THR F 1533 91.80 -29.01 -24.30
CA THR F 1533 93.18 -28.90 -23.88
C THR F 1533 93.71 -27.50 -24.07
N ASN F 1534 93.95 -26.82 -22.98
CA ASN F 1534 94.54 -25.50 -22.99
C ASN F 1534 95.56 -25.50 -21.86
N GLU F 1535 96.76 -25.01 -22.14
CA GLU F 1535 97.82 -25.00 -21.16
C GLU F 1535 98.17 -23.57 -20.73
N SER F 1536 99.40 -23.38 -20.26
CA SER F 1536 99.84 -22.03 -19.91
C SER F 1536 99.77 -21.22 -21.18
N GLY F 1537 99.33 -19.96 -21.10
CA GLY F 1537 99.15 -19.33 -22.37
C GLY F 1537 97.75 -19.56 -22.89
N TYR F 1538 97.41 -18.80 -23.91
CA TYR F 1538 96.10 -18.82 -24.53
C TYR F 1538 96.08 -19.81 -25.68
N TYR F 1539 97.09 -20.68 -25.76
CA TYR F 1539 97.24 -21.67 -26.81
C TYR F 1539 96.23 -22.77 -26.53
N LEU F 1540 95.41 -23.12 -27.52
CA LEU F 1540 94.41 -24.15 -27.24
C LEU F 1540 94.33 -25.23 -28.29
N ASP F 1541 94.36 -26.47 -27.82
CA ASP F 1541 94.25 -27.66 -28.63
C ASP F 1541 92.89 -28.27 -28.33
N ILE F 1542 92.13 -28.62 -29.35
CA ILE F 1542 90.81 -29.22 -29.15
C ILE F 1542 90.96 -30.70 -29.44
N SER F 1543 90.55 -31.54 -28.50
CA SER F 1543 90.59 -32.98 -28.70
C SER F 1543 89.13 -33.39 -28.84
N LEU F 1544 88.73 -33.83 -30.02
CA LEU F 1544 87.38 -34.32 -30.22
C LEU F 1544 87.48 -35.76 -30.66
N TYR F 1545 86.62 -36.55 -30.06
CA TYR F 1545 86.59 -37.99 -30.29
C TYR F 1545 85.15 -38.39 -30.53
N LYS F 1546 84.93 -39.70 -30.46
CA LYS F 1546 83.60 -40.26 -30.41
C LYS F 1546 83.69 -41.37 -29.38
N GLU F 1547 82.54 -41.72 -28.81
CA GLU F 1547 82.53 -42.75 -27.76
C GLU F 1547 82.22 -44.07 -28.44
N VAL F 1548 83.27 -44.77 -28.83
CA VAL F 1548 83.17 -45.90 -29.75
C VAL F 1548 83.51 -47.17 -28.98
N THR F 1549 82.70 -48.20 -29.16
CA THR F 1549 83.06 -49.51 -28.64
C THR F 1549 84.35 -49.99 -29.29
N ALA F 1554 85.11 -53.94 -25.22
CA ALA F 1554 83.82 -53.27 -25.27
C ALA F 1554 83.78 -51.95 -24.48
N GLN F 1555 84.94 -51.60 -23.92
CA GLN F 1555 85.12 -50.45 -23.05
C GLN F 1555 85.47 -49.21 -23.85
N ILE F 1556 84.58 -48.22 -23.82
CA ILE F 1556 84.50 -47.09 -24.74
C ILE F 1556 85.84 -46.44 -25.01
N MET F 1557 85.97 -45.94 -26.24
CA MET F 1557 87.23 -45.68 -26.92
C MET F 1557 87.05 -44.38 -27.67
N PHE F 1558 87.87 -43.42 -27.29
CA PHE F 1558 87.90 -42.11 -27.89
C PHE F 1558 88.40 -42.24 -29.33
N GLN F 1559 87.50 -42.17 -30.30
CA GLN F 1559 87.89 -42.26 -31.71
C GLN F 1559 87.32 -41.13 -32.55
N ALA F 1560 88.18 -40.36 -33.21
CA ALA F 1560 87.75 -39.24 -34.05
C ALA F 1560 86.74 -39.66 -35.12
N LYS F 1564 91.79 -38.07 -37.73
CA LYS F 1564 93.00 -37.30 -37.45
C LYS F 1564 94.03 -38.17 -36.76
N GLN F 1565 94.95 -37.56 -36.03
CA GLN F 1565 95.51 -38.16 -34.83
C GLN F 1565 95.37 -37.17 -33.69
N GLY F 1566 94.90 -37.69 -32.56
CA GLY F 1566 94.46 -36.95 -31.41
C GLY F 1566 95.27 -37.22 -30.17
N PRO F 1567 95.51 -36.17 -29.32
CA PRO F 1567 96.33 -36.41 -28.12
C PRO F 1567 95.63 -37.46 -27.32
N LEU F 1568 96.31 -38.59 -27.20
CA LEU F 1568 95.71 -39.72 -26.52
C LEU F 1568 94.41 -40.01 -27.26
N HIS F 1569 94.61 -40.32 -28.54
CA HIS F 1569 93.56 -40.58 -29.52
C HIS F 1569 92.67 -41.64 -28.92
N GLY F 1570 93.15 -42.85 -28.72
CA GLY F 1570 92.26 -43.92 -28.32
C GLY F 1570 92.76 -44.29 -26.94
N MET F 1571 91.79 -44.39 -26.04
CA MET F 1571 91.98 -44.78 -24.65
C MET F 1571 90.65 -45.22 -24.09
N LEU F 1572 90.72 -45.93 -22.98
CA LEU F 1572 89.46 -46.29 -22.37
C LEU F 1572 89.05 -45.06 -21.60
N ILE F 1573 87.92 -45.11 -20.91
CA ILE F 1573 87.29 -43.84 -20.54
C ILE F 1573 87.76 -43.54 -19.12
N ASN F 1574 88.02 -44.59 -18.34
CA ASN F 1574 88.37 -44.36 -16.95
C ASN F 1574 89.88 -44.24 -16.77
N THR F 1575 90.45 -43.35 -17.57
CA THR F 1575 91.90 -43.19 -17.70
C THR F 1575 92.26 -42.23 -16.59
N PRO F 1576 92.90 -42.64 -15.49
CA PRO F 1576 93.13 -41.63 -14.45
C PRO F 1576 94.04 -40.50 -14.89
N TYR F 1577 93.77 -39.37 -14.30
CA TYR F 1577 94.31 -38.11 -14.77
C TYR F 1577 95.76 -37.99 -14.35
N VAL F 1578 96.61 -37.70 -15.33
CA VAL F 1578 98.04 -37.56 -15.07
C VAL F 1578 98.24 -36.56 -13.96
N THR F 1579 99.11 -36.90 -13.01
CA THR F 1579 99.46 -36.05 -11.89
C THR F 1579 100.74 -35.28 -12.23
N LYS F 1580 100.63 -33.96 -12.20
CA LYS F 1580 101.73 -33.00 -12.30
C LYS F 1580 103.09 -33.37 -11.71
N ASP F 1581 103.15 -34.09 -10.59
CA ASP F 1581 104.46 -34.32 -9.95
C ASP F 1581 105.41 -35.12 -10.83
N LEU F 1582 104.89 -35.84 -11.82
CA LEU F 1582 105.68 -36.33 -12.93
C LEU F 1582 106.49 -35.21 -13.57
N LEU F 1583 105.78 -34.18 -14.04
CA LEU F 1583 106.42 -33.02 -14.66
C LEU F 1583 107.46 -32.44 -13.71
N GLN F 1584 107.02 -32.09 -12.49
CA GLN F 1584 107.94 -31.63 -11.45
C GLN F 1584 109.14 -32.54 -11.30
N SER F 1585 108.90 -33.85 -11.25
CA SER F 1585 110.01 -34.76 -11.03
C SER F 1585 111.06 -34.69 -12.14
N LYS F 1586 110.64 -34.68 -13.41
CA LYS F 1586 111.67 -34.67 -14.45
C LYS F 1586 112.34 -33.32 -14.60
N ARG F 1587 111.60 -32.23 -14.40
CA ARG F 1587 112.23 -30.90 -14.50
C ARG F 1587 113.28 -30.72 -13.42
N PHE F 1588 113.05 -31.30 -12.23
CA PHE F 1588 114.03 -31.18 -11.16
C PHE F 1588 115.32 -31.85 -11.58
N GLN F 1589 115.22 -33.00 -12.25
CA GLN F 1589 116.42 -33.68 -12.72
C GLN F 1589 117.15 -32.81 -13.74
N ALA F 1590 116.40 -32.11 -14.59
CA ALA F 1590 117.03 -31.30 -15.62
C ALA F 1590 117.74 -30.09 -15.02
N GLN F 1591 117.06 -29.32 -14.15
CA GLN F 1591 117.75 -28.20 -13.49
C GLN F 1591 118.97 -28.71 -12.75
N SER F 1592 118.86 -29.89 -12.12
CA SER F 1592 119.98 -30.45 -11.38
C SER F 1592 121.15 -30.82 -12.27
N LEU F 1593 120.93 -31.07 -13.56
CA LEU F 1593 121.99 -31.19 -14.54
C LEU F 1593 122.25 -29.87 -15.25
N GLY F 1594 121.67 -28.77 -14.76
CA GLY F 1594 121.84 -27.48 -15.38
C GLY F 1594 121.27 -27.37 -16.79
N THR F 1595 120.12 -28.02 -17.04
CA THR F 1595 119.47 -27.91 -18.34
C THR F 1595 117.95 -27.80 -18.15
N THR F 1596 117.23 -27.74 -19.27
CA THR F 1596 115.77 -27.57 -19.33
C THR F 1596 115.04 -28.85 -19.73
N TYR F 1597 113.93 -29.15 -19.05
CA TYR F 1597 113.10 -30.29 -19.41
C TYR F 1597 112.52 -30.20 -20.82
N ILE F 1598 112.60 -31.34 -21.52
CA ILE F 1598 112.24 -31.44 -22.94
C ILE F 1598 110.83 -30.94 -23.26
N TYR F 1599 109.81 -31.40 -22.56
CA TYR F 1599 108.48 -30.94 -22.96
C TYR F 1599 108.19 -29.49 -22.61
N ASP F 1600 109.09 -28.83 -21.89
CA ASP F 1600 108.99 -27.40 -21.68
C ASP F 1600 109.69 -26.66 -22.81
N ILE F 1601 110.47 -27.38 -23.62
CA ILE F 1601 111.24 -26.77 -24.70
C ILE F 1601 110.34 -26.05 -25.70
N PRO F 1602 109.21 -26.64 -26.15
CA PRO F 1602 108.40 -25.94 -27.16
C PRO F 1602 108.04 -24.52 -26.75
N GLU F 1603 107.63 -24.28 -25.51
CA GLU F 1603 107.39 -22.89 -25.16
C GLU F 1603 108.71 -22.15 -25.04
N MET F 1604 109.80 -22.83 -24.68
CA MET F 1604 111.10 -22.19 -24.69
C MET F 1604 111.52 -21.84 -26.10
N PHE F 1605 111.11 -22.67 -27.06
CA PHE F 1605 111.34 -22.32 -28.44
C PHE F 1605 110.55 -21.07 -28.78
N ARG F 1606 109.27 -21.08 -28.41
CA ARG F 1606 108.39 -19.96 -28.69
C ARG F 1606 108.84 -18.69 -27.99
N GLN F 1607 109.20 -18.77 -26.72
CA GLN F 1607 109.57 -17.55 -26.02
C GLN F 1607 110.84 -16.97 -26.58
N SER F 1608 111.82 -17.83 -26.88
CA SER F 1608 113.04 -17.34 -27.50
C SER F 1608 112.72 -16.77 -28.86
N LEU F 1609 111.89 -17.49 -29.62
CA LEU F 1609 111.49 -17.06 -30.96
C LEU F 1609 110.72 -15.75 -30.95
N ILE F 1610 109.80 -15.56 -30.00
CA ILE F 1610 109.09 -14.29 -29.87
C ILE F 1610 110.06 -13.19 -29.52
N LYS F 1611 110.92 -13.47 -28.53
CA LYS F 1611 111.92 -12.50 -28.07
C LYS F 1611 112.80 -12.09 -29.23
N LEU F 1612 113.04 -13.01 -30.15
CA LEU F 1612 113.84 -12.72 -31.33
C LEU F 1612 113.11 -11.75 -32.25
N TRP F 1613 111.81 -12.00 -32.53
CA TRP F 1613 111.03 -11.09 -33.37
C TRP F 1613 111.05 -9.63 -32.94
N GLU F 1614 111.11 -9.38 -31.64
CA GLU F 1614 111.11 -8.00 -31.15
C GLU F 1614 112.49 -7.38 -31.32
N SER F 1615 113.51 -8.11 -30.90
CA SER F 1615 114.89 -7.61 -30.91
C SER F 1615 115.31 -7.29 -32.33
N MET F 1616 114.86 -8.10 -33.29
CA MET F 1616 115.27 -7.88 -34.67
C MET F 1616 114.66 -6.61 -35.23
N SER F 1617 113.60 -6.09 -34.62
CA SER F 1617 113.02 -4.85 -35.12
C SER F 1617 113.95 -3.68 -34.92
N THR F 1618 114.81 -3.75 -33.90
CA THR F 1618 115.95 -2.85 -33.82
C THR F 1618 116.76 -2.91 -35.11
N GLN F 1619 117.12 -4.14 -35.52
CA GLN F 1619 118.10 -4.32 -36.57
C GLN F 1619 117.52 -4.13 -37.97
N ALA F 1620 116.30 -4.63 -38.19
CA ALA F 1620 115.73 -4.67 -39.53
C ALA F 1620 114.27 -4.26 -39.49
N PHE F 1621 113.76 -3.85 -40.64
CA PHE F 1621 112.33 -3.71 -40.85
C PHE F 1621 111.76 -5.09 -41.16
N LEU F 1622 110.85 -5.55 -40.30
CA LEU F 1622 110.21 -6.86 -40.35
C LEU F 1622 108.70 -6.62 -40.39
N PRO F 1623 107.91 -7.57 -40.87
CA PRO F 1623 106.46 -7.43 -40.66
C PRO F 1623 106.16 -7.49 -39.16
N SER F 1624 104.92 -7.20 -38.81
CA SER F 1624 104.55 -7.27 -37.40
C SER F 1624 104.62 -8.71 -36.88
N PRO F 1625 105.16 -8.93 -35.69
CA PRO F 1625 105.25 -10.30 -35.19
C PRO F 1625 103.86 -10.89 -35.00
N PRO F 1626 103.74 -12.22 -35.08
CA PRO F 1626 102.50 -12.85 -34.66
C PRO F 1626 102.35 -12.96 -33.15
N LEU F 1627 101.12 -13.22 -32.76
CA LEU F 1627 100.75 -13.50 -31.39
C LEU F 1627 101.35 -14.86 -30.99
N PRO F 1628 101.64 -15.05 -29.70
CA PRO F 1628 102.28 -16.32 -29.27
C PRO F 1628 101.57 -17.59 -29.70
N SER F 1629 100.24 -17.61 -29.81
CA SER F 1629 99.58 -18.84 -30.24
C SER F 1629 99.95 -19.30 -31.64
N ASP F 1630 100.21 -18.40 -32.56
CA ASP F 1630 100.51 -18.79 -33.93
C ASP F 1630 102.00 -18.96 -34.22
N MET F 1631 102.89 -18.79 -33.24
CA MET F 1631 104.31 -18.82 -33.60
C MET F 1631 104.82 -20.21 -33.94
N LEU F 1632 104.32 -21.26 -33.28
CA LEU F 1632 104.90 -22.59 -33.43
C LEU F 1632 103.82 -23.64 -33.18
N THR F 1633 103.85 -24.72 -33.97
CA THR F 1633 103.05 -25.92 -33.73
C THR F 1633 103.93 -27.15 -33.86
N TYR F 1634 103.78 -28.10 -32.93
CA TYR F 1634 104.54 -29.34 -32.99
C TYR F 1634 103.60 -30.54 -32.98
N THR F 1635 104.11 -31.64 -33.52
CA THR F 1635 103.47 -32.95 -33.51
C THR F 1635 104.56 -33.96 -33.19
N GLU F 1636 104.33 -34.83 -32.20
CA GLU F 1636 105.39 -35.75 -31.87
C GLU F 1636 105.57 -36.75 -33.00
N LEU F 1637 106.82 -36.98 -33.37
CA LEU F 1637 107.19 -37.99 -34.35
C LEU F 1637 107.80 -39.17 -33.61
N VAL F 1638 107.35 -40.39 -33.91
CA VAL F 1638 107.76 -41.56 -33.14
C VAL F 1638 107.94 -42.71 -34.11
N LEU F 1639 108.96 -43.52 -33.84
CA LEU F 1639 109.31 -44.67 -34.67
C LEU F 1639 108.37 -45.85 -34.43
N ASP F 1640 107.86 -46.41 -35.52
CA ASP F 1640 107.06 -47.63 -35.53
C ASP F 1640 107.94 -48.89 -35.40
N ASP F 1641 107.32 -50.06 -35.60
CA ASP F 1641 108.03 -51.33 -35.50
C ASP F 1641 109.19 -51.40 -36.49
N GLN F 1642 109.01 -50.85 -37.69
CA GLN F 1642 110.03 -50.89 -38.72
C GLN F 1642 111.01 -49.74 -38.58
N GLY F 1643 111.03 -49.08 -37.43
CA GLY F 1643 111.87 -47.93 -37.22
C GLY F 1643 111.55 -46.75 -38.10
N GLN F 1644 110.28 -46.59 -38.46
CA GLN F 1644 109.87 -45.45 -39.26
C GLN F 1644 109.02 -44.53 -38.39
N LEU F 1645 109.15 -43.24 -38.67
CA LEU F 1645 108.55 -42.18 -37.87
C LEU F 1645 107.05 -42.05 -38.09
N VAL F 1646 106.32 -41.74 -37.02
CA VAL F 1646 104.86 -41.64 -37.03
C VAL F 1646 104.47 -40.43 -36.18
N HIS F 1647 103.60 -39.59 -36.76
CA HIS F 1647 103.11 -38.36 -36.14
C HIS F 1647 101.95 -38.48 -35.16
N MET F 1648 102.14 -37.90 -33.98
CA MET F 1648 101.24 -37.98 -32.84
C MET F 1648 101.16 -36.58 -32.24
N ASN F 1649 99.95 -36.08 -32.05
CA ASN F 1649 99.69 -34.77 -31.47
C ASN F 1649 99.22 -34.97 -30.03
N ARG F 1650 100.18 -35.15 -29.12
CA ARG F 1650 99.90 -35.48 -27.72
C ARG F 1650 100.42 -34.47 -26.70
N LEU F 1651 99.91 -34.69 -25.48
CA LEU F 1651 100.16 -33.88 -24.29
C LEU F 1651 101.59 -33.99 -23.78
N PRO F 1652 102.14 -32.91 -23.22
CA PRO F 1652 103.50 -32.95 -22.69
C PRO F 1652 103.63 -34.01 -21.59
N GLY F 1653 104.84 -34.60 -21.51
CA GLY F 1653 105.13 -35.66 -20.57
C GLY F 1653 105.11 -37.07 -21.17
N GLY F 1654 104.95 -37.20 -22.47
CA GLY F 1654 104.66 -38.41 -23.20
C GLY F 1654 105.81 -39.30 -23.70
N ASN F 1655 107.08 -38.94 -23.52
CA ASN F 1655 108.16 -39.73 -24.14
C ASN F 1655 108.16 -41.20 -23.69
N GLU F 1656 108.36 -42.10 -24.66
CA GLU F 1656 108.55 -43.52 -24.39
C GLU F 1656 109.95 -44.02 -24.70
N ILE F 1657 110.88 -43.14 -25.09
CA ILE F 1657 112.27 -43.48 -25.35
C ILE F 1657 113.12 -42.31 -24.88
N GLY F 1658 114.44 -42.53 -24.78
CA GLY F 1658 115.28 -41.49 -24.23
C GLY F 1658 115.69 -40.41 -25.22
N MET F 1659 114.88 -40.24 -26.27
CA MET F 1659 115.10 -39.28 -27.34
C MET F 1659 113.70 -38.81 -27.71
N VAL F 1660 113.55 -37.53 -28.04
CA VAL F 1660 112.25 -36.99 -28.40
C VAL F 1660 112.44 -36.12 -29.64
N ALA F 1661 111.45 -36.17 -30.54
CA ALA F 1661 111.52 -35.42 -31.77
C ALA F 1661 110.15 -34.94 -32.17
N TRP F 1662 110.13 -33.79 -32.84
CA TRP F 1662 108.94 -33.20 -33.42
C TRP F 1662 109.37 -32.59 -34.74
N LYS F 1663 108.45 -32.48 -35.69
CA LYS F 1663 108.64 -31.55 -36.79
C LYS F 1663 107.98 -30.25 -36.38
N MET F 1664 108.68 -29.13 -36.60
CA MET F 1664 108.24 -27.82 -36.18
C MET F 1664 108.29 -26.84 -37.35
N THR F 1665 107.23 -26.04 -37.48
CA THR F 1665 107.13 -24.95 -38.44
C THR F 1665 106.88 -23.67 -37.66
N PHE F 1666 107.64 -22.62 -37.96
CA PHE F 1666 107.42 -21.35 -37.28
C PHE F 1666 107.75 -20.15 -38.15
N LYS F 1667 107.13 -19.04 -37.77
CA LYS F 1667 107.22 -17.75 -38.43
C LYS F 1667 108.32 -16.90 -37.79
N SER F 1668 109.23 -16.39 -38.60
CA SER F 1668 110.31 -15.54 -38.11
C SER F 1668 110.33 -14.25 -38.91
N PRO F 1669 110.96 -13.18 -38.37
CA PRO F 1669 111.01 -11.90 -39.09
C PRO F 1669 111.58 -12.02 -40.47
N GLU F 1670 112.58 -12.87 -40.53
CA GLU F 1670 113.38 -13.19 -41.68
C GLU F 1670 112.65 -14.16 -42.60
N TYR F 1671 111.71 -14.97 -42.08
CA TYR F 1671 110.90 -15.88 -42.90
C TYR F 1671 109.43 -15.67 -42.55
N PRO F 1672 108.84 -14.55 -43.02
CA PRO F 1672 107.47 -14.20 -42.58
C PRO F 1672 106.43 -15.16 -43.07
N GLU F 1673 106.68 -15.85 -44.18
CA GLU F 1673 105.78 -16.88 -44.67
C GLU F 1673 105.97 -18.20 -43.92
N GLY F 1674 107.05 -18.33 -43.14
CA GLY F 1674 107.27 -19.47 -42.27
C GLY F 1674 108.52 -20.23 -42.58
N ARG F 1675 109.04 -20.95 -41.58
CA ARG F 1675 110.27 -21.70 -41.76
C ARG F 1675 110.21 -22.97 -40.93
N ASP F 1676 110.95 -23.99 -41.39
CA ASP F 1676 110.96 -25.33 -40.83
C ASP F 1676 112.31 -25.67 -40.21
N ILE F 1677 112.26 -26.44 -39.13
CA ILE F 1677 113.43 -27.06 -38.53
C ILE F 1677 113.06 -28.48 -38.11
N ILE F 1678 114.09 -29.28 -37.86
CA ILE F 1678 113.95 -30.61 -37.29
C ILE F 1678 114.51 -30.47 -35.89
N VAL F 1679 113.75 -30.87 -34.89
CA VAL F 1679 114.23 -30.77 -33.52
C VAL F 1679 114.24 -32.18 -32.96
N ILE F 1680 115.43 -32.63 -32.60
CA ILE F 1680 115.62 -33.91 -31.95
C ILE F 1680 116.41 -33.60 -30.68
N GLY F 1681 116.09 -34.28 -29.61
CA GLY F 1681 116.84 -34.06 -28.39
C GLY F 1681 116.77 -35.26 -27.50
N ASN F 1682 117.87 -35.62 -26.86
CA ASN F 1682 117.73 -36.61 -25.82
C ASN F 1682 117.08 -35.91 -24.63
N ASP F 1683 116.32 -36.67 -23.85
CA ASP F 1683 115.84 -36.20 -22.56
C ASP F 1683 116.63 -36.87 -21.45
N ILE F 1684 117.63 -36.14 -20.95
CA ILE F 1684 118.50 -36.69 -19.93
C ILE F 1684 117.72 -37.02 -18.66
N THR F 1685 116.54 -36.45 -18.47
CA THR F 1685 115.81 -36.84 -17.27
C THR F 1685 115.19 -38.22 -17.43
N TYR F 1686 114.96 -38.68 -18.66
CA TYR F 1686 114.41 -40.01 -18.94
C TYR F 1686 115.57 -40.93 -19.29
N ARG F 1687 115.99 -41.81 -18.38
CA ARG F 1687 117.06 -42.77 -18.67
C ARG F 1687 118.31 -42.07 -19.22
N ILE F 1688 118.90 -41.19 -18.41
CA ILE F 1688 120.00 -40.26 -18.75
C ILE F 1688 120.18 -39.96 -20.26
N GLY F 1689 119.09 -39.99 -21.04
CA GLY F 1689 119.18 -39.70 -22.45
C GLY F 1689 120.06 -40.68 -23.18
N SER F 1690 120.16 -41.92 -22.69
CA SER F 1690 121.02 -42.91 -23.31
C SER F 1690 120.57 -43.21 -24.73
N PHE F 1691 121.45 -43.90 -25.45
CA PHE F 1691 121.25 -44.11 -26.88
C PHE F 1691 120.97 -45.59 -26.98
N GLY F 1692 119.69 -45.92 -26.97
CA GLY F 1692 119.19 -47.24 -27.24
C GLY F 1692 118.94 -47.39 -28.72
N PRO F 1693 118.51 -48.57 -29.15
CA PRO F 1693 118.27 -48.75 -30.59
C PRO F 1693 117.18 -47.82 -31.08
N GLN F 1694 116.20 -47.55 -30.22
CA GLN F 1694 115.13 -46.66 -30.60
C GLN F 1694 115.63 -45.22 -30.73
N GLU F 1695 116.52 -44.80 -29.82
CA GLU F 1695 117.05 -43.44 -29.86
C GLU F 1695 117.90 -43.20 -31.10
N ASP F 1696 118.81 -44.12 -31.40
CA ASP F 1696 119.67 -43.96 -32.58
C ASP F 1696 118.86 -43.97 -33.85
N LEU F 1697 117.84 -44.81 -33.89
CA LEU F 1697 117.12 -45.07 -35.12
C LEU F 1697 116.15 -43.95 -35.50
N LEU F 1698 115.38 -43.40 -34.56
CA LEU F 1698 114.50 -42.31 -34.94
C LEU F 1698 115.31 -41.13 -35.45
N PHE F 1699 116.38 -40.74 -34.74
CA PHE F 1699 117.19 -39.62 -35.21
C PHE F 1699 117.69 -39.83 -36.61
N LEU F 1700 118.34 -40.98 -36.85
CA LEU F 1700 118.87 -41.26 -38.18
C LEU F 1700 117.74 -41.14 -39.19
N ARG F 1701 116.63 -41.82 -38.91
CA ARG F 1701 115.56 -41.86 -39.89
C ARG F 1701 114.93 -40.47 -39.97
N ALA F 1702 114.94 -39.74 -38.84
CA ALA F 1702 114.51 -38.35 -38.83
C ALA F 1702 115.48 -37.51 -39.63
N SER F 1703 116.77 -37.80 -39.47
CA SER F 1703 117.83 -37.11 -40.18
C SER F 1703 117.70 -37.35 -41.67
N GLU F 1704 117.37 -38.59 -42.05
CA GLU F 1704 117.19 -38.94 -43.45
C GLU F 1704 116.16 -38.03 -44.12
N LEU F 1705 115.09 -37.68 -43.41
CA LEU F 1705 114.12 -36.76 -43.99
C LEU F 1705 114.68 -35.34 -44.09
N ALA F 1706 115.37 -34.91 -43.02
CA ALA F 1706 116.00 -33.58 -42.99
C ALA F 1706 116.90 -33.35 -44.20
N ARG F 1707 117.77 -34.31 -44.49
CA ARG F 1707 118.65 -34.17 -45.65
C ARG F 1707 117.86 -34.19 -46.95
N ALA F 1708 116.79 -34.98 -47.01
CA ALA F 1708 116.00 -35.12 -48.24
C ALA F 1708 115.47 -33.78 -48.73
N GLU F 1709 115.09 -32.89 -47.82
CA GLU F 1709 114.54 -31.59 -48.19
C GLU F 1709 115.56 -30.45 -48.16
N GLY F 1710 116.78 -30.67 -47.66
CA GLY F 1710 117.78 -29.63 -47.66
C GLY F 1710 117.63 -28.63 -46.53
N ILE F 1711 116.77 -28.94 -45.57
CA ILE F 1711 116.36 -28.03 -44.49
C ILE F 1711 117.14 -28.25 -43.18
N PRO F 1712 117.18 -27.26 -42.28
CA PRO F 1712 118.07 -27.43 -41.12
C PRO F 1712 117.56 -28.47 -40.13
N ARG F 1713 118.53 -29.08 -39.46
CA ARG F 1713 118.35 -30.11 -38.44
C ARG F 1713 119.04 -29.75 -37.12
N ILE F 1714 118.27 -29.59 -36.04
CA ILE F 1714 118.83 -29.27 -34.72
C ILE F 1714 118.81 -30.50 -33.80
N TYR F 1715 119.97 -30.87 -33.26
CA TYR F 1715 120.13 -32.03 -32.37
C TYR F 1715 120.64 -31.51 -31.04
N VAL F 1716 119.90 -31.78 -29.96
CA VAL F 1716 120.36 -31.44 -28.62
C VAL F 1716 121.06 -32.63 -27.96
N SER F 1717 122.38 -32.52 -27.80
CA SER F 1717 123.20 -33.60 -27.29
C SER F 1717 123.50 -33.26 -25.82
N ALA F 1718 123.02 -34.09 -24.90
CA ALA F 1718 123.43 -33.98 -23.50
C ALA F 1718 123.23 -35.36 -22.90
N ASN F 1719 124.30 -36.13 -22.73
CA ASN F 1719 124.11 -37.56 -22.54
C ASN F 1719 125.31 -38.18 -21.83
N SER F 1720 125.18 -39.49 -21.59
CA SER F 1720 126.18 -40.33 -20.94
C SER F 1720 126.48 -41.56 -21.80
N GLY F 1721 126.21 -41.49 -23.10
CA GLY F 1721 126.32 -42.45 -24.19
C GLY F 1721 125.47 -43.73 -24.20
N ALA F 1722 126.02 -44.69 -24.94
CA ALA F 1722 125.38 -45.95 -25.32
C ALA F 1722 125.04 -46.83 -24.12
N ARG F 1723 124.01 -47.68 -24.28
CA ARG F 1723 123.58 -48.57 -23.21
C ARG F 1723 124.65 -49.57 -22.82
N ILE F 1724 124.71 -49.85 -21.52
CA ILE F 1724 125.61 -50.81 -20.90
C ILE F 1724 124.77 -51.77 -20.06
N GLY F 1725 125.21 -53.03 -19.98
CA GLY F 1725 124.57 -53.96 -19.06
C GLY F 1725 125.27 -55.30 -19.00
N LEU F 1726 124.94 -56.05 -17.95
CA LEU F 1726 125.31 -57.45 -17.78
C LEU F 1726 124.06 -58.29 -17.54
N ALA F 1727 124.11 -59.53 -18.01
CA ALA F 1727 122.97 -60.45 -17.87
C ALA F 1727 122.74 -60.79 -16.40
N GLU F 1728 121.74 -60.10 -15.83
CA GLU F 1728 121.37 -60.22 -14.42
C GLU F 1728 120.97 -61.64 -14.08
N GLU F 1729 120.26 -62.30 -15.00
CA GLU F 1729 119.72 -63.65 -14.80
C GLU F 1729 120.81 -64.60 -14.34
N ILE F 1730 122.05 -64.34 -14.75
CA ILE F 1730 123.20 -65.15 -14.36
C ILE F 1730 123.78 -64.67 -13.03
N ARG F 1731 123.80 -63.35 -12.75
CA ARG F 1731 124.44 -62.86 -11.53
C ARG F 1731 123.97 -63.52 -10.23
N HIS F 1732 122.67 -63.78 -10.07
CA HIS F 1732 122.17 -64.24 -8.78
C HIS F 1732 122.15 -65.74 -8.63
N MET F 1733 122.58 -66.44 -9.65
CA MET F 1733 122.58 -67.88 -9.66
C MET F 1733 123.84 -68.53 -10.22
N PHE F 1734 124.82 -67.76 -10.68
CA PHE F 1734 125.99 -68.43 -11.19
C PHE F 1734 126.82 -68.90 -10.02
N HIS F 1735 127.61 -69.93 -10.26
CA HIS F 1735 128.55 -70.46 -9.30
C HIS F 1735 129.91 -70.38 -9.95
N VAL F 1736 130.94 -70.36 -9.12
CA VAL F 1736 132.29 -70.19 -9.61
C VAL F 1736 132.91 -71.57 -9.59
N ALA F 1737 133.55 -71.93 -10.69
CA ALA F 1737 134.27 -73.20 -10.80
C ALA F 1737 135.71 -72.97 -10.40
N TRP F 1738 135.93 -73.16 -9.12
CA TRP F 1738 137.21 -72.92 -8.50
C TRP F 1738 138.22 -73.98 -8.92
N VAL F 1739 139.48 -73.55 -8.94
CA VAL F 1739 140.59 -74.49 -9.04
C VAL F 1739 140.41 -75.49 -7.92
N ASP F 1740 140.02 -74.99 -6.74
CA ASP F 1740 139.72 -75.79 -5.58
C ASP F 1740 138.56 -75.06 -4.90
N PRO F 1741 137.38 -75.70 -4.76
CA PRO F 1741 136.26 -75.01 -4.08
C PRO F 1741 136.50 -74.78 -2.60
N GLU F 1742 137.12 -75.76 -1.92
CA GLU F 1742 137.47 -75.65 -0.51
C GLU F 1742 138.46 -74.53 -0.22
N ASP F 1743 138.98 -73.85 -1.24
CA ASP F 1743 139.74 -72.62 -1.05
C ASP F 1743 139.62 -71.76 -2.29
N PRO F 1744 138.90 -70.63 -2.24
CA PRO F 1744 138.73 -69.82 -3.45
C PRO F 1744 140.00 -69.17 -3.91
N TYR F 1745 140.92 -68.88 -2.99
CA TYR F 1745 142.16 -68.17 -3.27
C TYR F 1745 143.10 -68.95 -4.17
N LYS F 1746 142.81 -70.21 -4.43
CA LYS F 1746 143.42 -71.01 -5.46
C LYS F 1746 142.99 -70.61 -6.89
N GLY F 1747 142.37 -69.46 -7.16
CA GLY F 1747 142.04 -69.06 -8.51
C GLY F 1747 140.72 -69.69 -8.92
N TYR F 1748 140.12 -69.14 -9.98
CA TYR F 1748 138.92 -69.72 -10.56
C TYR F 1748 139.11 -70.07 -12.02
N ARG F 1749 138.37 -71.08 -12.47
CA ARG F 1749 138.44 -71.57 -13.83
C ARG F 1749 137.34 -70.97 -14.69
N TYR F 1750 136.11 -71.03 -14.21
CA TYR F 1750 134.96 -70.57 -14.96
C TYR F 1750 133.76 -70.46 -14.02
N LEU F 1751 132.72 -69.83 -14.54
CA LEU F 1751 131.43 -69.68 -13.91
C LEU F 1751 130.43 -70.65 -14.52
N TYR F 1752 129.45 -71.05 -13.72
CA TYR F 1752 128.51 -72.06 -14.16
C TYR F 1752 127.24 -71.92 -13.34
N LEU F 1753 126.22 -72.65 -13.78
CA LEU F 1753 124.90 -72.70 -13.18
C LEU F 1753 124.54 -74.09 -12.65
N THR F 1754 123.82 -74.12 -11.54
CA THR F 1754 123.24 -75.37 -11.03
C THR F 1754 122.19 -75.87 -12.02
N PRO F 1755 121.85 -77.17 -12.00
CA PRO F 1755 120.91 -77.68 -13.01
C PRO F 1755 119.53 -77.05 -13.05
N GLN F 1756 118.91 -76.69 -11.93
CA GLN F 1756 117.68 -75.92 -12.07
C GLN F 1756 117.95 -74.63 -12.80
N ASP F 1757 118.97 -73.91 -12.33
CA ASP F 1757 119.35 -72.64 -12.92
C ASP F 1757 119.93 -72.76 -14.34
N TYR F 1758 120.69 -73.83 -14.65
CA TYR F 1758 121.20 -73.92 -16.02
C TYR F 1758 120.09 -74.26 -17.00
N LYS F 1759 119.16 -75.12 -16.59
CA LYS F 1759 118.11 -75.63 -17.47
C LYS F 1759 117.14 -74.56 -18.02
N ARG F 1760 117.39 -73.26 -17.78
CA ARG F 1760 116.44 -72.20 -18.09
C ARG F 1760 117.01 -71.16 -19.03
N VAL F 1761 118.15 -70.52 -18.73
CA VAL F 1761 118.78 -69.76 -19.80
C VAL F 1761 119.19 -70.65 -20.95
N SER F 1762 119.52 -71.91 -20.68
CA SER F 1762 120.03 -72.78 -21.73
C SER F 1762 119.02 -72.95 -22.86
N ALA F 1763 117.75 -73.15 -22.52
CA ALA F 1763 116.65 -73.29 -23.47
C ALA F 1763 116.36 -72.07 -24.33
N LEU F 1764 116.87 -70.87 -23.99
CA LEU F 1764 116.25 -69.64 -24.47
C LEU F 1764 117.15 -68.79 -25.35
N ASN F 1765 118.26 -69.32 -25.84
CA ASN F 1765 119.18 -68.58 -26.71
C ASN F 1765 119.63 -67.31 -26.01
N SER F 1766 119.97 -67.46 -24.73
CA SER F 1766 120.35 -66.37 -23.84
C SER F 1766 121.84 -66.23 -23.75
N VAL F 1767 122.49 -67.39 -23.64
CA VAL F 1767 123.91 -67.52 -23.55
C VAL F 1767 124.24 -68.70 -24.46
N HIS F 1768 125.52 -68.90 -24.71
CA HIS F 1768 125.99 -70.13 -25.32
C HIS F 1768 126.81 -70.85 -24.27
N CYS F 1769 126.42 -72.08 -23.99
CA CYS F 1769 127.12 -72.91 -23.03
C CYS F 1769 127.46 -74.23 -23.69
N GLU F 1770 128.34 -74.98 -23.03
CA GLU F 1770 128.61 -76.36 -23.36
C GLU F 1770 128.45 -77.22 -22.12
N HIS F 1771 127.81 -78.38 -22.28
CA HIS F 1771 127.68 -79.28 -21.14
C HIS F 1771 129.08 -79.76 -20.79
N VAL F 1772 129.36 -79.94 -19.50
CA VAL F 1772 130.65 -80.46 -19.09
C VAL F 1772 130.48 -81.27 -17.82
N GLU F 1773 131.29 -82.32 -17.73
CA GLU F 1773 131.51 -83.03 -16.49
C GLU F 1773 132.84 -82.57 -15.93
N ASP F 1774 132.83 -82.10 -14.68
CA ASP F 1774 134.03 -81.62 -14.04
C ASP F 1774 133.84 -81.87 -12.56
N GLU F 1775 134.91 -82.26 -11.88
CA GLU F 1775 134.92 -82.59 -10.45
C GLU F 1775 133.69 -83.41 -10.07
N GLY F 1776 133.26 -84.32 -10.96
CA GLY F 1776 132.10 -85.17 -10.76
C GLY F 1776 130.76 -84.64 -11.27
N GLU F 1777 130.45 -83.37 -11.01
CA GLU F 1777 129.14 -82.81 -11.33
C GLU F 1777 129.01 -82.43 -12.81
N SER F 1778 127.76 -82.37 -13.26
CA SER F 1778 127.41 -81.97 -14.63
C SER F 1778 126.94 -80.52 -14.64
N ARG F 1779 127.59 -79.73 -15.50
CA ARG F 1779 127.41 -78.29 -15.55
C ARG F 1779 127.13 -77.87 -16.99
N TYR F 1780 126.59 -76.67 -17.13
CA TYR F 1780 126.40 -76.06 -18.44
C TYR F 1780 127.39 -74.91 -18.34
N LYS F 1781 128.61 -75.20 -18.78
CA LYS F 1781 129.70 -74.25 -18.69
C LYS F 1781 129.42 -73.05 -19.56
N ILE F 1782 129.53 -71.86 -18.97
CA ILE F 1782 129.20 -70.66 -19.72
C ILE F 1782 130.41 -70.35 -20.61
N THR F 1783 130.18 -70.38 -21.93
CA THR F 1783 131.25 -70.19 -22.90
C THR F 1783 131.23 -68.82 -23.55
N ASP F 1784 130.02 -68.35 -23.86
CA ASP F 1784 129.78 -67.02 -24.38
C ASP F 1784 128.46 -66.53 -23.82
N ILE F 1785 128.38 -65.26 -23.46
CA ILE F 1785 127.11 -64.65 -23.07
C ILE F 1785 126.65 -63.80 -24.23
N ILE F 1786 125.52 -64.19 -24.79
CA ILE F 1786 124.95 -63.55 -25.97
C ILE F 1786 123.97 -62.49 -25.50
N GLY F 1787 123.19 -62.90 -24.52
CA GLY F 1787 122.31 -62.07 -23.74
C GLY F 1787 120.92 -61.89 -24.32
N LYS F 1788 119.96 -62.50 -23.62
CA LYS F 1788 118.58 -62.46 -24.09
C LYS F 1788 118.02 -61.04 -24.02
N GLU F 1789 118.57 -60.20 -23.13
CA GLU F 1789 118.14 -58.82 -23.08
C GLU F 1789 118.74 -58.13 -24.30
N GLU F 1790 117.90 -57.63 -25.20
CA GLU F 1790 118.39 -56.91 -26.35
C GLU F 1790 118.80 -55.49 -26.00
N GLY F 1791 119.90 -55.03 -26.61
CA GLY F 1791 120.31 -53.65 -26.48
C GLY F 1791 121.48 -53.35 -25.56
N ILE F 1792 122.09 -54.36 -24.95
CA ILE F 1792 123.21 -54.14 -24.02
C ILE F 1792 124.54 -54.64 -24.58
N GLY F 1793 124.62 -54.83 -25.91
CA GLY F 1793 125.77 -55.46 -26.53
C GLY F 1793 126.44 -54.52 -27.52
N PRO F 1794 127.36 -55.04 -28.35
CA PRO F 1794 128.09 -54.16 -29.27
C PRO F 1794 127.23 -53.49 -30.35
N GLU F 1795 125.97 -53.90 -30.51
CA GLU F 1795 125.05 -53.15 -31.34
C GLU F 1795 124.94 -51.67 -30.96
N ASN F 1796 125.07 -51.33 -29.67
CA ASN F 1796 124.95 -49.91 -29.33
C ASN F 1796 126.10 -49.11 -29.91
N LEU F 1797 127.26 -49.75 -30.07
CA LEU F 1797 128.42 -49.10 -30.68
C LEU F 1797 128.17 -48.98 -32.17
N ARG F 1798 127.61 -50.04 -32.76
CA ARG F 1798 127.23 -50.04 -34.17
C ARG F 1798 126.26 -48.91 -34.43
N GLY F 1799 125.22 -48.81 -33.60
CA GLY F 1799 124.22 -47.77 -33.76
C GLY F 1799 124.86 -46.39 -33.75
N SER F 1800 125.90 -46.23 -32.92
CA SER F 1800 126.57 -44.95 -32.78
C SER F 1800 127.27 -44.56 -34.07
N GLY F 1801 128.13 -45.43 -34.60
CA GLY F 1801 128.73 -45.17 -35.89
C GLY F 1801 127.69 -44.88 -36.95
N MET F 1802 126.63 -45.69 -36.98
CA MET F 1802 125.54 -45.55 -37.95
C MET F 1802 124.96 -44.15 -37.96
N ILE F 1803 124.66 -43.60 -36.78
CA ILE F 1803 124.06 -42.27 -36.71
C ILE F 1803 125.11 -41.18 -36.92
N ALA F 1804 126.40 -41.49 -36.67
CA ALA F 1804 127.51 -40.61 -37.03
C ALA F 1804 127.68 -40.43 -38.54
N GLY F 1805 127.80 -41.53 -39.29
CA GLY F 1805 128.02 -41.45 -40.73
C GLY F 1805 127.00 -40.66 -41.53
N GLU F 1806 125.71 -40.94 -41.34
CA GLU F 1806 124.69 -40.22 -42.09
C GLU F 1806 124.77 -38.72 -41.85
N SER F 1807 125.05 -38.33 -40.62
CA SER F 1807 125.08 -36.92 -40.24
C SER F 1807 126.24 -36.18 -40.90
N SER F 1808 127.39 -36.85 -41.02
CA SER F 1808 128.53 -36.25 -41.71
C SER F 1808 128.19 -35.87 -43.14
N LEU F 1809 127.52 -36.75 -43.88
CA LEU F 1809 127.19 -36.40 -45.26
C LEU F 1809 126.16 -35.30 -45.25
N ALA F 1810 125.12 -35.50 -44.43
CA ALA F 1810 124.05 -34.53 -44.26
C ALA F 1810 124.57 -33.16 -43.90
N TYR F 1811 125.54 -33.07 -42.98
CA TYR F 1811 126.04 -31.76 -42.57
C TYR F 1811 126.64 -31.01 -43.74
N ASN F 1812 127.30 -31.73 -44.64
CA ASN F 1812 127.84 -31.15 -45.86
C ASN F 1812 126.74 -30.89 -46.87
N GLU F 1813 125.51 -31.32 -46.58
CA GLU F 1813 124.33 -31.25 -47.41
C GLU F 1813 123.26 -30.36 -46.81
N ILE F 1814 123.18 -30.24 -45.47
CA ILE F 1814 122.13 -29.46 -44.84
C ILE F 1814 122.71 -28.74 -43.63
N ILE F 1815 121.88 -27.91 -43.04
CA ILE F 1815 122.24 -27.10 -41.89
C ILE F 1815 122.06 -27.90 -40.61
N THR F 1816 123.11 -27.98 -39.79
CA THR F 1816 123.04 -28.57 -38.46
C THR F 1816 123.48 -27.55 -37.42
N ILE F 1817 122.78 -27.47 -36.30
CA ILE F 1817 123.25 -26.67 -35.17
C ILE F 1817 122.96 -27.50 -33.92
N SER F 1818 123.84 -27.41 -32.92
CA SER F 1818 123.72 -28.21 -31.70
C SER F 1818 124.14 -27.47 -30.45
N LEU F 1819 123.44 -27.72 -29.34
CA LEU F 1819 123.75 -27.12 -28.04
C LEU F 1819 123.92 -28.21 -27.00
N VAL F 1820 125.07 -28.23 -26.34
CA VAL F 1820 125.40 -29.20 -25.30
C VAL F 1820 125.21 -28.49 -23.98
N THR F 1821 124.30 -29.02 -23.16
CA THR F 1821 123.77 -28.31 -22.01
C THR F 1821 124.42 -28.75 -20.71
N CYS F 1822 124.54 -30.05 -20.49
CA CYS F 1822 125.07 -30.58 -19.23
C CYS F 1822 126.31 -31.42 -19.50
N ARG F 1823 126.20 -32.46 -20.31
CA ARG F 1823 127.38 -33.20 -20.73
C ARG F 1823 127.04 -34.09 -21.91
N ALA F 1824 127.98 -34.18 -22.85
CA ALA F 1824 127.92 -35.12 -23.95
C ALA F 1824 129.06 -36.12 -23.81
N ILE F 1825 128.72 -37.41 -23.73
CA ILE F 1825 129.71 -38.47 -23.52
C ILE F 1825 129.66 -39.41 -24.72
N GLY F 1826 130.84 -39.80 -25.18
CA GLY F 1826 131.05 -40.72 -26.28
C GLY F 1826 130.31 -40.33 -27.54
N ILE F 1827 129.40 -41.21 -28.01
CA ILE F 1827 128.71 -40.93 -29.27
C ILE F 1827 127.94 -39.62 -29.20
N GLY F 1828 127.42 -39.27 -28.02
CA GLY F 1828 126.75 -37.99 -27.89
C GLY F 1828 127.71 -36.87 -28.20
N ALA F 1829 128.90 -36.94 -27.60
CA ALA F 1829 129.97 -35.99 -27.91
C ALA F 1829 130.34 -36.05 -29.38
N TYR F 1830 130.48 -37.26 -29.93
CA TYR F 1830 130.97 -37.38 -31.30
C TYR F 1830 129.97 -36.79 -32.29
N LEU F 1831 128.66 -37.03 -32.06
CA LEU F 1831 127.67 -36.47 -32.97
C LEU F 1831 127.55 -34.97 -32.87
N VAL F 1832 127.73 -34.40 -31.68
CA VAL F 1832 127.60 -32.95 -31.54
C VAL F 1832 128.82 -32.31 -32.16
N ARG F 1833 129.96 -33.00 -32.02
CA ARG F 1833 131.21 -32.44 -32.47
C ARG F 1833 131.23 -32.46 -34.00
N LEU F 1834 130.74 -33.57 -34.57
CA LEU F 1834 130.59 -33.72 -36.02
C LEU F 1834 129.72 -32.63 -36.62
N GLY F 1835 128.69 -32.18 -35.89
CA GLY F 1835 127.92 -31.05 -36.37
C GLY F 1835 128.72 -29.77 -36.40
N GLN F 1836 129.80 -29.73 -35.62
CA GLN F 1836 130.87 -28.74 -35.60
C GLN F 1836 130.42 -27.48 -34.88
N ARG F 1837 129.29 -26.93 -35.27
CA ARG F 1837 128.80 -25.72 -34.63
C ARG F 1837 128.06 -26.18 -33.37
N THR F 1838 128.60 -25.76 -32.24
CA THR F 1838 128.36 -26.37 -30.95
C THR F 1838 128.20 -25.24 -29.95
N ILE F 1839 127.11 -25.28 -29.20
CA ILE F 1839 126.87 -24.33 -28.13
C ILE F 1839 127.01 -25.07 -26.81
N GLN F 1840 127.68 -24.45 -25.85
CA GLN F 1840 128.02 -25.10 -24.60
C GLN F 1840 127.61 -24.23 -23.41
N VAL F 1841 126.72 -24.78 -22.60
CA VAL F 1841 126.21 -24.17 -21.37
C VAL F 1841 127.26 -24.27 -20.28
N GLU F 1842 127.36 -23.24 -19.43
CA GLU F 1842 128.28 -23.28 -18.30
C GLU F 1842 128.07 -24.52 -17.46
N ASN F 1843 129.18 -25.02 -16.93
CA ASN F 1843 129.39 -26.23 -16.12
C ASN F 1843 129.20 -27.51 -16.92
N SER F 1844 128.83 -27.41 -18.20
CA SER F 1844 128.88 -28.54 -19.11
C SER F 1844 130.30 -28.84 -19.60
N HIS F 1845 130.44 -30.04 -20.17
CA HIS F 1845 131.71 -30.47 -20.72
C HIS F 1845 131.46 -31.37 -21.92
N LEU F 1846 132.48 -31.44 -22.77
CA LEU F 1846 132.36 -31.97 -24.12
C LEU F 1846 133.53 -32.92 -24.19
N ILE F 1847 133.22 -34.19 -24.00
CA ILE F 1847 134.24 -35.22 -23.79
C ILE F 1847 133.71 -36.51 -24.35
N LEU F 1848 134.61 -37.44 -24.56
CA LEU F 1848 134.27 -38.74 -25.05
C LEU F 1848 134.39 -39.81 -23.97
N THR F 1849 135.45 -39.75 -23.15
CA THR F 1849 135.72 -40.72 -22.09
C THR F 1849 136.05 -39.91 -20.84
N GLY F 1850 135.60 -40.43 -19.69
CA GLY F 1850 135.59 -39.64 -18.47
C GLY F 1850 136.92 -39.56 -17.76
N ALA F 1851 137.10 -38.44 -17.05
CA ALA F 1851 138.30 -38.15 -16.27
C ALA F 1851 138.68 -39.29 -15.34
N GLY F 1852 137.68 -39.99 -14.80
CA GLY F 1852 137.96 -41.09 -13.89
C GLY F 1852 138.77 -42.19 -14.53
N ALA F 1853 138.33 -42.69 -15.70
CA ALA F 1853 139.07 -43.75 -16.37
C ALA F 1853 140.52 -43.35 -16.61
N LEU F 1854 140.75 -42.15 -17.13
CA LEU F 1854 142.12 -41.74 -17.43
C LEU F 1854 142.93 -41.50 -16.16
N ASN F 1855 142.32 -40.89 -15.14
CA ASN F 1855 143.05 -40.69 -13.90
C ASN F 1855 143.42 -42.05 -13.35
N LYS F 1856 142.48 -42.98 -13.44
CA LYS F 1856 142.72 -44.36 -13.05
C LYS F 1856 143.82 -44.97 -13.93
N VAL F 1857 143.68 -44.83 -15.25
CA VAL F 1857 144.72 -45.29 -16.19
C VAL F 1857 146.04 -44.60 -15.93
N LEU F 1858 146.00 -43.34 -15.52
CA LEU F 1858 147.21 -42.54 -15.31
C LEU F 1858 147.71 -42.63 -13.86
N GLY F 1859 147.06 -43.44 -13.03
CA GLY F 1859 147.49 -43.77 -11.68
C GLY F 1859 147.34 -42.72 -10.60
N ARG F 1860 146.73 -41.57 -10.88
CA ARG F 1860 146.47 -40.64 -9.78
C ARG F 1860 145.35 -39.73 -10.22
N GLU F 1861 144.84 -38.97 -9.26
CA GLU F 1861 143.75 -38.05 -9.54
C GLU F 1861 144.32 -36.80 -10.21
N VAL F 1862 144.72 -36.99 -11.46
CA VAL F 1862 145.31 -35.87 -12.21
C VAL F 1862 144.25 -34.79 -12.36
N TYR F 1863 143.09 -35.19 -12.88
CA TYR F 1863 141.95 -34.32 -13.13
C TYR F 1863 140.84 -34.67 -12.15
N THR F 1864 140.11 -33.65 -11.71
CA THR F 1864 139.08 -33.77 -10.69
C THR F 1864 137.66 -33.66 -11.23
N SER F 1865 137.49 -33.18 -12.46
CA SER F 1865 136.17 -32.88 -13.01
C SER F 1865 136.24 -33.02 -14.53
N ASN F 1866 135.24 -33.69 -15.09
CA ASN F 1866 135.12 -33.84 -16.53
C ASN F 1866 135.26 -32.50 -17.27
N ASN F 1867 134.86 -31.40 -16.63
CA ASN F 1867 135.05 -30.07 -17.23
C ASN F 1867 136.52 -29.76 -17.46
N GLN F 1868 137.42 -30.33 -16.65
CA GLN F 1868 138.86 -30.15 -16.89
C GLN F 1868 139.30 -30.67 -18.24
N LEU F 1869 138.66 -31.72 -18.77
CA LEU F 1869 139.10 -32.34 -20.03
C LEU F 1869 138.46 -31.70 -21.25
N GLY F 1870 137.16 -31.39 -21.20
CA GLY F 1870 136.42 -30.97 -22.38
C GLY F 1870 135.61 -29.71 -22.19
N GLY F 1871 135.82 -29.05 -21.05
CA GLY F 1871 135.08 -27.85 -20.73
C GLY F 1871 135.64 -26.77 -21.62
N ILE F 1872 135.06 -25.57 -21.51
CA ILE F 1872 135.53 -24.47 -22.35
C ILE F 1872 137.00 -24.17 -22.06
N GLN F 1873 137.45 -24.46 -20.85
CA GLN F 1873 138.84 -24.19 -20.53
C GLN F 1873 139.84 -25.05 -21.31
N ILE F 1874 139.40 -26.15 -21.94
CA ILE F 1874 140.27 -26.88 -22.87
C ILE F 1874 139.87 -26.57 -24.31
N MET F 1875 138.61 -26.88 -24.63
CA MET F 1875 138.12 -26.87 -26.00
C MET F 1875 137.83 -25.49 -26.56
N HIS F 1876 137.48 -24.53 -25.70
CA HIS F 1876 137.24 -23.17 -26.18
C HIS F 1876 138.57 -22.46 -26.41
N ASN F 1877 139.58 -22.75 -25.58
CA ASN F 1877 140.92 -22.18 -25.72
C ASN F 1877 141.68 -22.71 -26.93
N ASN F 1878 141.24 -23.82 -27.53
CA ASN F 1878 141.84 -24.38 -28.73
C ASN F 1878 140.91 -24.34 -29.93
N GLY F 1879 139.71 -23.81 -29.77
CA GLY F 1879 138.82 -23.66 -30.89
C GLY F 1879 138.01 -24.91 -31.16
N VAL F 1880 138.13 -25.92 -30.30
CA VAL F 1880 137.25 -27.07 -30.41
C VAL F 1880 135.83 -26.67 -30.08
N THR F 1881 135.64 -25.79 -29.08
CA THR F 1881 134.30 -25.29 -28.82
C THR F 1881 134.16 -24.03 -29.66
N HIS F 1882 133.06 -23.96 -30.38
CA HIS F 1882 132.78 -22.89 -31.33
C HIS F 1882 132.12 -21.66 -30.71
N CYS F 1883 131.09 -21.87 -29.90
CA CYS F 1883 130.41 -20.79 -29.20
C CYS F 1883 130.09 -21.27 -27.79
N THR F 1884 130.04 -20.34 -26.84
CA THR F 1884 129.61 -20.62 -25.48
C THR F 1884 128.38 -19.83 -25.08
N VAL F 1885 127.56 -20.42 -24.21
CA VAL F 1885 126.36 -19.77 -23.70
C VAL F 1885 126.22 -20.06 -22.22
N CYS F 1886 125.51 -19.17 -21.53
CA CYS F 1886 125.31 -19.34 -20.09
C CYS F 1886 124.14 -20.28 -19.80
N ASP F 1887 123.17 -20.38 -20.72
CA ASP F 1887 122.00 -21.24 -20.52
C ASP F 1887 121.37 -21.67 -21.85
N ASP F 1888 120.41 -22.58 -21.73
CA ASP F 1888 119.72 -23.17 -22.86
C ASP F 1888 118.90 -22.15 -23.65
N PHE F 1889 118.13 -21.30 -22.95
CA PHE F 1889 117.25 -20.33 -23.61
C PHE F 1889 118.04 -19.45 -24.57
N GLU F 1890 119.14 -18.85 -24.10
CA GLU F 1890 119.89 -17.98 -25.00
C GLU F 1890 120.54 -18.84 -26.06
N GLY F 1891 120.80 -20.12 -25.71
CA GLY F 1891 121.25 -21.08 -26.69
C GLY F 1891 120.23 -21.20 -27.81
N VAL F 1892 118.96 -21.41 -27.43
CA VAL F 1892 117.90 -21.53 -28.44
C VAL F 1892 117.88 -20.29 -29.29
N PHE F 1893 118.03 -19.12 -28.65
CA PHE F 1893 118.13 -17.88 -29.41
C PHE F 1893 119.28 -17.95 -30.40
N THR F 1894 120.44 -18.42 -29.93
CA THR F 1894 121.59 -18.54 -30.81
C THR F 1894 121.30 -19.48 -31.96
N VAL F 1895 120.67 -20.62 -31.68
CA VAL F 1895 120.31 -21.55 -32.75
C VAL F 1895 119.47 -20.81 -33.79
N LEU F 1896 118.36 -20.22 -33.32
CA LEU F 1896 117.46 -19.49 -34.22
C LEU F 1896 118.13 -18.27 -34.83
N HIS F 1897 119.02 -17.61 -34.08
CA HIS F 1897 119.70 -16.41 -34.58
C HIS F 1897 120.63 -16.74 -35.74
N TRP F 1898 121.40 -17.83 -35.61
CA TRP F 1898 122.22 -18.33 -36.71
C TRP F 1898 121.37 -18.61 -37.94
N LEU F 1899 120.29 -19.37 -37.74
CA LEU F 1899 119.37 -19.76 -38.81
C LEU F 1899 118.82 -18.57 -39.61
N SER F 1900 118.77 -17.37 -39.03
CA SER F 1900 118.27 -16.19 -39.71
C SER F 1900 119.15 -15.73 -40.89
N TYR F 1901 120.38 -16.21 -40.97
CA TYR F 1901 121.24 -15.95 -42.11
C TYR F 1901 121.15 -16.98 -43.21
N MET F 1902 120.37 -18.04 -43.02
CA MET F 1902 120.50 -19.23 -43.83
C MET F 1902 119.25 -19.52 -44.67
N PRO F 1903 119.39 -20.04 -45.89
CA PRO F 1903 118.18 -20.29 -46.68
C PRO F 1903 117.43 -21.48 -46.09
N LYS F 1904 116.10 -21.35 -46.03
CA LYS F 1904 115.25 -22.41 -45.49
C LYS F 1904 115.51 -23.76 -46.16
N SER F 1905 115.76 -23.76 -47.47
CA SER F 1905 116.02 -24.97 -48.21
C SER F 1905 116.96 -24.67 -49.37
N VAL F 1906 117.32 -25.72 -50.10
CA VAL F 1906 118.19 -25.57 -51.28
C VAL F 1906 117.47 -24.96 -52.49
N HIS F 1907 116.15 -24.99 -52.53
CA HIS F 1907 115.38 -24.38 -53.62
C HIS F 1907 115.21 -22.88 -53.42
N SER F 1908 115.82 -22.30 -52.38
CA SER F 1908 115.56 -20.94 -51.95
C SER F 1908 116.84 -20.13 -51.98
N SER F 1909 116.63 -18.84 -52.18
CA SER F 1909 117.65 -17.80 -52.18
C SER F 1909 117.96 -17.40 -50.75
N VAL F 1910 119.12 -16.79 -50.58
CA VAL F 1910 119.47 -16.21 -49.29
C VAL F 1910 118.30 -15.29 -48.93
N PRO F 1911 117.81 -15.32 -47.68
CA PRO F 1911 116.67 -14.47 -47.28
C PRO F 1911 117.10 -13.04 -46.98
N LEU F 1912 116.49 -12.07 -47.68
CA LEU F 1912 116.91 -10.69 -47.57
C LEU F 1912 116.06 -9.94 -46.55
N LEU F 1913 116.70 -9.08 -45.77
CA LEU F 1913 116.02 -8.17 -44.85
C LEU F 1913 116.14 -6.75 -45.39
N ASN F 1914 115.27 -5.86 -44.91
CA ASN F 1914 115.45 -4.42 -45.13
C ASN F 1914 116.11 -3.86 -43.88
N SER F 1915 117.43 -3.67 -43.91
CA SER F 1915 118.13 -3.33 -42.69
C SER F 1915 118.00 -1.85 -42.43
N LYS F 1916 118.20 -1.47 -41.17
CA LYS F 1916 118.11 -0.05 -40.87
C LYS F 1916 119.40 0.67 -41.25
N ASP F 1917 120.50 -0.07 -41.51
CA ASP F 1917 121.71 0.51 -42.04
C ASP F 1917 121.64 0.50 -43.57
N PRO F 1918 121.53 1.65 -44.24
CA PRO F 1918 121.33 1.60 -45.70
C PRO F 1918 122.57 1.09 -46.41
N ILE F 1919 122.38 0.75 -47.69
CA ILE F 1919 123.41 0.06 -48.47
C ILE F 1919 124.15 1.05 -49.35
N ASP F 1920 123.44 2.05 -49.86
CA ASP F 1920 124.01 3.07 -50.72
C ASP F 1920 124.49 4.27 -49.93
N ARG F 1921 125.03 3.98 -48.75
CA ARG F 1921 125.71 4.90 -47.84
C ARG F 1921 127.20 4.73 -47.98
N ILE F 1922 127.95 5.73 -47.48
CA ILE F 1922 129.40 5.60 -47.42
C ILE F 1922 129.78 5.05 -46.06
N ILE F 1923 130.95 4.41 -46.01
CA ILE F 1923 131.52 3.87 -44.77
C ILE F 1923 132.43 4.92 -44.15
N GLU F 1924 132.23 5.23 -42.85
CA GLU F 1924 133.03 6.30 -42.24
C GLU F 1924 134.38 5.80 -41.71
N PHE F 1925 134.40 4.63 -41.07
CA PHE F 1925 135.64 4.06 -40.54
C PHE F 1925 136.53 3.57 -41.68
N VAL F 1926 137.82 3.89 -41.62
CA VAL F 1926 138.79 3.56 -42.65
C VAL F 1926 139.91 2.73 -42.02
N PRO F 1927 140.21 1.51 -42.50
CA PRO F 1927 141.35 0.76 -41.95
C PRO F 1927 142.69 1.45 -42.09
N THR F 1928 143.56 1.18 -41.12
CA THR F 1928 144.82 1.88 -40.93
C THR F 1928 145.96 0.86 -40.81
N LYS F 1929 147.17 1.31 -41.12
CA LYS F 1929 148.34 0.50 -40.78
C LYS F 1929 148.39 0.32 -39.27
N THR F 1930 148.04 1.38 -38.54
CA THR F 1930 147.91 1.26 -37.10
C THR F 1930 146.82 0.24 -36.79
N PRO F 1931 146.97 -0.57 -35.75
CA PRO F 1931 145.99 -1.64 -35.53
C PRO F 1931 144.61 -1.19 -35.09
N TYR F 1932 143.67 -2.10 -35.30
CA TYR F 1932 142.26 -1.88 -35.06
C TYR F 1932 141.58 -3.23 -34.90
N ASP F 1933 140.43 -3.20 -34.23
CA ASP F 1933 139.59 -4.39 -34.12
C ASP F 1933 139.00 -4.64 -35.49
N PRO F 1934 139.24 -5.80 -36.14
CA PRO F 1934 138.71 -5.94 -37.50
C PRO F 1934 137.21 -6.09 -37.56
N ARG F 1935 136.54 -6.33 -36.43
CA ARG F 1935 135.09 -6.35 -36.51
C ARG F 1935 134.56 -4.97 -36.81
N TRP F 1936 135.23 -3.95 -36.30
CA TRP F 1936 134.93 -2.56 -36.64
C TRP F 1936 135.07 -2.28 -38.13
N MET F 1937 136.11 -2.81 -38.76
CA MET F 1937 136.26 -2.62 -40.21
C MET F 1937 135.05 -3.21 -40.91
N LEU F 1938 134.54 -4.29 -40.36
CA LEU F 1938 133.48 -5.12 -40.89
C LEU F 1938 132.11 -4.56 -40.50
N ALA F 1939 131.87 -4.44 -39.19
CA ALA F 1939 130.59 -4.09 -38.58
C ALA F 1939 130.46 -2.63 -38.18
N GLY F 1940 131.56 -1.87 -38.17
CA GLY F 1940 131.57 -0.49 -37.72
C GLY F 1940 131.91 -0.36 -36.25
N ARG F 1941 132.03 0.90 -35.79
CA ARG F 1941 132.36 1.14 -34.40
C ARG F 1941 131.72 2.44 -33.90
N PRO F 1942 131.66 2.62 -32.57
CA PRO F 1942 131.22 3.90 -32.02
C PRO F 1942 132.24 4.99 -32.28
N HIS F 1943 131.75 6.23 -32.34
CA HIS F 1943 132.66 7.33 -32.55
C HIS F 1943 133.46 7.39 -31.25
N PRO F 1944 134.81 7.38 -31.31
CA PRO F 1944 135.56 7.49 -30.03
C PRO F 1944 135.24 8.67 -29.14
N THR F 1945 135.01 9.87 -29.69
CA THR F 1945 134.71 11.01 -28.83
C THR F 1945 133.21 11.22 -28.59
N GLN F 1946 132.59 12.06 -29.42
CA GLN F 1946 131.19 12.47 -29.29
C GLN F 1946 130.21 11.33 -29.57
N LYS F 1947 129.97 10.51 -28.55
CA LYS F 1947 128.87 9.56 -28.63
C LYS F 1947 127.55 10.29 -28.37
N GLY F 1948 126.42 9.77 -28.88
CA GLY F 1948 126.33 8.55 -29.69
C GLY F 1948 126.33 8.61 -31.21
N GLN F 1949 127.45 9.02 -31.80
CA GLN F 1949 127.65 8.81 -33.21
C GLN F 1949 128.31 7.44 -33.40
N TRP F 1950 128.49 7.05 -34.65
CA TRP F 1950 128.93 5.70 -35.00
C TRP F 1950 129.85 5.83 -36.19
N LEU F 1951 131.09 5.36 -36.09
CA LEU F 1951 131.91 5.30 -37.30
C LEU F 1951 131.44 4.07 -38.05
N SER F 1952 130.75 4.28 -39.16
CA SER F 1952 130.09 3.17 -39.84
C SER F 1952 131.11 2.24 -40.46
N GLY F 1953 130.83 0.94 -40.36
CA GLY F 1953 131.60 -0.09 -41.00
C GLY F 1953 130.98 -0.50 -42.31
N PHE F 1954 131.51 -1.60 -42.86
CA PHE F 1954 130.90 -2.15 -44.06
C PHE F 1954 129.51 -2.66 -43.77
N PHE F 1955 129.35 -3.48 -42.74
CA PHE F 1955 128.10 -4.15 -42.46
C PHE F 1955 127.13 -3.38 -41.56
N ASP F 1956 125.91 -3.90 -41.58
CA ASP F 1956 124.81 -3.43 -40.77
C ASP F 1956 125.19 -3.44 -39.30
N TYR F 1957 124.92 -2.33 -38.62
CA TYR F 1957 125.18 -2.20 -37.19
C TYR F 1957 124.61 -3.41 -36.45
N GLY F 1958 125.46 -4.12 -35.71
CA GLY F 1958 124.93 -5.22 -34.91
C GLY F 1958 124.61 -6.51 -35.63
N SER F 1959 125.03 -6.67 -36.90
CA SER F 1959 124.62 -7.80 -37.72
C SER F 1959 125.61 -8.96 -37.77
N PHE F 1960 126.87 -8.75 -37.41
CA PHE F 1960 127.89 -9.80 -37.58
C PHE F 1960 127.84 -10.77 -36.41
N SER F 1961 127.71 -12.06 -36.74
CA SER F 1961 127.67 -13.15 -35.77
C SER F 1961 128.81 -14.11 -36.07
N GLU F 1962 129.84 -14.05 -35.23
CA GLU F 1962 131.07 -14.79 -35.37
C GLU F 1962 130.90 -16.26 -35.00
N ILE F 1963 131.82 -17.08 -35.49
CA ILE F 1963 132.02 -18.45 -35.04
C ILE F 1963 133.52 -18.70 -34.91
N MET F 1964 133.85 -19.72 -34.11
CA MET F 1964 135.23 -20.10 -33.88
C MET F 1964 136.04 -18.91 -33.36
N GLN F 1965 135.40 -18.07 -32.53
CA GLN F 1965 136.00 -16.78 -32.20
C GLN F 1965 137.33 -16.78 -31.43
N PRO F 1966 137.56 -17.57 -30.38
CA PRO F 1966 138.78 -17.37 -29.57
C PRO F 1966 140.07 -18.08 -29.97
N TRP F 1967 140.10 -18.90 -31.00
CA TRP F 1967 141.30 -19.65 -31.37
C TRP F 1967 141.92 -19.08 -32.64
N ALA F 1968 143.23 -18.85 -32.60
CA ALA F 1968 143.98 -18.34 -33.74
C ALA F 1968 143.36 -17.04 -34.27
N GLN F 1969 143.49 -16.02 -33.45
CA GLN F 1969 142.74 -14.79 -33.61
C GLN F 1969 143.41 -13.81 -34.57
N THR F 1970 144.49 -14.21 -35.25
CA THR F 1970 145.05 -13.35 -36.28
C THR F 1970 144.08 -13.12 -37.44
N VAL F 1971 143.13 -14.03 -37.64
CA VAL F 1971 142.06 -13.81 -38.62
C VAL F 1971 140.74 -14.11 -37.93
N VAL F 1972 139.67 -13.45 -38.40
CA VAL F 1972 138.34 -13.52 -37.80
C VAL F 1972 137.33 -13.84 -38.89
N VAL F 1973 136.49 -14.86 -38.67
CA VAL F 1973 135.52 -15.29 -39.67
C VAL F 1973 134.14 -15.41 -39.05
N GLY F 1974 133.13 -15.23 -39.90
CA GLY F 1974 131.75 -15.26 -39.45
C GLY F 1974 130.82 -14.86 -40.57
N ARG F 1975 129.56 -14.63 -40.19
CA ARG F 1975 128.49 -14.18 -41.08
C ARG F 1975 127.90 -12.88 -40.57
N ALA F 1976 127.40 -12.06 -41.49
CA ALA F 1976 126.78 -10.77 -41.17
C ALA F 1976 125.75 -10.45 -42.23
N ARG F 1977 125.19 -9.25 -42.15
CA ARG F 1977 124.27 -8.75 -43.15
C ARG F 1977 124.66 -7.35 -43.58
N LEU F 1978 124.61 -7.12 -44.90
CA LEU F 1978 124.86 -5.82 -45.51
C LEU F 1978 123.54 -5.41 -46.15
N GLY F 1979 122.93 -4.37 -45.62
CA GLY F 1979 121.58 -4.04 -46.00
C GLY F 1979 120.56 -5.12 -45.81
N GLY F 1980 120.81 -6.04 -44.89
CA GLY F 1980 119.89 -7.11 -44.59
C GLY F 1980 120.00 -8.35 -45.44
N ILE F 1981 120.96 -8.43 -46.35
CA ILE F 1981 121.25 -9.65 -47.09
C ILE F 1981 122.31 -10.44 -46.32
N PRO F 1982 122.05 -11.70 -45.93
CA PRO F 1982 123.09 -12.45 -45.23
C PRO F 1982 124.23 -12.82 -46.17
N VAL F 1983 125.45 -12.64 -45.66
CA VAL F 1983 126.67 -13.05 -46.32
C VAL F 1983 127.58 -13.70 -45.30
N GLY F 1984 128.54 -14.48 -45.80
CA GLY F 1984 129.65 -14.92 -44.98
C GLY F 1984 130.76 -13.90 -45.05
N VAL F 1985 131.52 -13.83 -43.96
CA VAL F 1985 132.39 -12.70 -43.69
C VAL F 1985 133.72 -13.16 -43.13
N VAL F 1986 134.82 -12.63 -43.67
CA VAL F 1986 136.16 -12.87 -43.18
C VAL F 1986 136.89 -11.54 -43.03
N ALA F 1987 137.54 -11.32 -41.87
CA ALA F 1987 138.38 -10.14 -41.64
C ALA F 1987 139.61 -10.55 -40.86
N VAL F 1988 140.63 -9.68 -40.81
CA VAL F 1988 141.95 -10.03 -40.27
C VAL F 1988 142.34 -9.16 -39.07
N GLU F 1989 142.74 -9.80 -37.98
CA GLU F 1989 143.32 -9.10 -36.83
C GLU F 1989 144.71 -8.62 -37.24
N THR F 1990 145.09 -7.39 -36.85
CA THR F 1990 146.38 -6.88 -37.30
C THR F 1990 147.51 -6.88 -36.26
N ARG F 1991 147.26 -6.89 -34.95
CA ARG F 1991 148.36 -6.97 -33.99
C ARG F 1991 148.71 -8.42 -33.76
N THR F 1992 149.97 -8.64 -33.38
CA THR F 1992 150.38 -9.99 -33.08
C THR F 1992 149.49 -10.49 -31.96
N VAL F 1993 148.94 -11.66 -32.18
CA VAL F 1993 148.08 -12.34 -31.23
C VAL F 1993 148.97 -13.09 -30.25
N GLU F 1994 148.54 -13.13 -29.01
CA GLU F 1994 149.19 -13.90 -27.96
C GLU F 1994 148.33 -15.09 -27.56
N LEU F 1995 148.77 -16.27 -27.99
CA LEU F 1995 148.08 -17.53 -27.75
C LEU F 1995 148.61 -18.16 -26.49
N SER F 1996 147.71 -18.50 -25.58
CA SER F 1996 148.06 -19.18 -24.35
C SER F 1996 147.83 -20.67 -24.50
N ILE F 1997 148.87 -21.46 -24.28
CA ILE F 1997 148.78 -22.92 -24.32
C ILE F 1997 148.77 -23.36 -22.86
N PRO F 1998 147.76 -24.08 -22.40
CA PRO F 1998 147.73 -24.40 -20.96
C PRO F 1998 148.78 -25.44 -20.61
N ALA F 1999 149.14 -25.47 -19.32
CA ALA F 1999 150.11 -26.46 -18.91
C ALA F 1999 149.34 -27.77 -18.75
N ASP F 2000 149.96 -28.86 -19.15
CA ASP F 2000 149.36 -30.16 -18.91
C ASP F 2000 149.73 -30.64 -17.51
N PRO F 2001 148.81 -30.72 -16.54
CA PRO F 2001 149.25 -31.19 -15.23
C PRO F 2001 149.59 -32.67 -15.27
N ALA F 2002 148.96 -33.43 -16.18
CA ALA F 2002 149.32 -34.82 -16.41
C ALA F 2002 150.80 -35.00 -16.72
N ASN F 2003 151.35 -34.11 -17.56
CA ASN F 2003 152.73 -34.22 -18.04
C ASN F 2003 153.52 -33.18 -17.25
N LEU F 2004 154.50 -33.65 -16.47
CA LEU F 2004 155.22 -32.71 -15.61
C LEU F 2004 156.16 -31.79 -16.37
N ASP F 2005 156.51 -32.09 -17.62
CA ASP F 2005 157.34 -31.16 -18.38
C ASP F 2005 156.53 -29.94 -18.77
N SER F 2006 155.34 -30.16 -19.31
CA SER F 2006 154.45 -29.13 -19.82
C SER F 2006 154.30 -27.98 -18.83
N GLU F 2007 154.71 -26.79 -19.26
CA GLU F 2007 154.33 -25.55 -18.62
C GLU F 2007 153.43 -24.77 -19.55
N ALA F 2008 152.56 -23.94 -18.98
CA ALA F 2008 151.58 -23.22 -19.79
C ALA F 2008 152.35 -22.23 -20.64
N LYS F 2009 152.53 -22.54 -21.91
CA LYS F 2009 153.23 -21.64 -22.79
C LYS F 2009 152.32 -20.50 -23.22
N ILE F 2010 152.94 -19.47 -23.80
CA ILE F 2010 152.26 -18.29 -24.30
C ILE F 2010 152.94 -18.00 -25.63
N ILE F 2011 152.19 -18.04 -26.71
CA ILE F 2011 152.76 -18.06 -28.05
C ILE F 2011 152.33 -16.79 -28.75
N GLN F 2012 153.26 -16.18 -29.48
CA GLN F 2012 152.96 -15.04 -30.33
C GLN F 2012 152.47 -15.53 -31.68
N GLN F 2013 151.34 -14.99 -32.12
CA GLN F 2013 150.79 -15.28 -33.43
C GLN F 2013 150.73 -13.97 -34.19
N ALA F 2014 151.63 -13.80 -35.15
CA ALA F 2014 151.72 -12.55 -35.90
C ALA F 2014 150.38 -12.25 -36.57
N GLY F 2015 150.04 -10.96 -36.71
CA GLY F 2015 148.86 -10.64 -37.47
C GLY F 2015 149.15 -10.77 -38.95
N GLN F 2016 148.08 -10.82 -39.76
CA GLN F 2016 148.23 -11.02 -41.20
C GLN F 2016 149.04 -12.29 -41.52
N VAL F 2017 148.96 -13.34 -40.71
CA VAL F 2017 149.71 -14.58 -40.99
C VAL F 2017 148.81 -15.79 -40.88
N TRP F 2018 149.06 -16.76 -41.74
CA TRP F 2018 148.43 -18.07 -41.67
C TRP F 2018 149.38 -19.00 -40.91
N PHE F 2019 148.89 -19.61 -39.83
CA PHE F 2019 149.54 -20.70 -39.09
C PHE F 2019 148.81 -22.01 -39.38
N PRO F 2020 149.28 -23.16 -38.85
CA PRO F 2020 148.47 -24.38 -38.98
C PRO F 2020 147.06 -24.16 -38.45
N ASP F 2021 146.98 -23.61 -37.22
CA ASP F 2021 145.69 -23.35 -36.57
C ASP F 2021 144.79 -22.44 -37.41
N SER F 2022 145.33 -21.31 -37.87
CA SER F 2022 144.53 -20.33 -38.59
C SER F 2022 143.97 -20.91 -39.87
N ALA F 2023 144.79 -21.65 -40.62
CA ALA F 2023 144.32 -22.18 -41.89
C ALA F 2023 143.21 -23.19 -41.65
N PHE F 2024 143.35 -24.01 -40.61
CA PHE F 2024 142.32 -24.98 -40.28
C PHE F 2024 141.02 -24.33 -39.82
N LYS F 2025 141.09 -23.49 -38.80
CA LYS F 2025 139.90 -22.76 -38.34
C LYS F 2025 139.30 -21.84 -39.41
N THR F 2026 140.13 -21.17 -40.21
CA THR F 2026 139.64 -20.23 -41.21
C THR F 2026 138.90 -20.91 -42.34
N TYR F 2027 139.47 -22.01 -42.83
CA TYR F 2027 138.86 -22.81 -43.88
C TYR F 2027 137.46 -23.28 -43.55
N GLN F 2028 137.19 -23.62 -42.29
CA GLN F 2028 135.90 -24.18 -41.93
C GLN F 2028 134.78 -23.17 -42.10
N ALA F 2029 134.95 -21.94 -41.62
CA ALA F 2029 133.91 -20.94 -41.78
C ALA F 2029 133.66 -20.69 -43.26
N ILE F 2030 134.72 -20.42 -44.02
CA ILE F 2030 134.55 -20.21 -45.46
C ILE F 2030 133.92 -21.44 -46.09
N LYS F 2031 134.41 -22.64 -45.73
CA LYS F 2031 133.88 -23.88 -46.31
C LYS F 2031 132.41 -23.98 -45.97
N ASP F 2032 132.07 -23.70 -44.71
CA ASP F 2032 130.69 -23.86 -44.25
C ASP F 2032 129.80 -23.00 -45.13
N PHE F 2033 130.21 -21.74 -45.33
CA PHE F 2033 129.43 -20.83 -46.14
C PHE F 2033 129.22 -21.42 -47.53
N ASN F 2034 130.22 -22.13 -48.04
CA ASN F 2034 130.11 -22.73 -49.37
C ASN F 2034 129.06 -23.83 -49.34
N ARG F 2035 129.01 -24.59 -48.25
CA ARG F 2035 128.02 -25.65 -48.12
C ARG F 2035 126.67 -25.08 -47.72
N GLU F 2036 126.67 -23.82 -47.29
CA GLU F 2036 125.46 -23.11 -46.97
C GLU F 2036 124.74 -22.59 -48.21
N GLY F 2037 125.46 -22.21 -49.25
CA GLY F 2037 124.83 -21.67 -50.43
C GLY F 2037 124.86 -20.15 -50.49
N LEU F 2038 125.74 -19.52 -49.75
CA LEU F 2038 125.80 -18.08 -49.58
C LEU F 2038 126.67 -17.41 -50.62
N PRO F 2039 126.37 -16.18 -51.05
CA PRO F 2039 127.41 -15.40 -51.70
C PRO F 2039 128.43 -15.05 -50.63
N LEU F 2040 129.64 -14.78 -51.06
CA LEU F 2040 130.78 -14.55 -50.18
C LEU F 2040 131.33 -13.14 -50.36
N MET F 2041 131.71 -12.53 -49.26
CA MET F 2041 132.53 -11.33 -49.30
C MET F 2041 133.73 -11.65 -48.42
N VAL F 2042 134.90 -11.73 -49.04
CA VAL F 2042 136.15 -12.01 -48.35
C VAL F 2042 136.98 -10.74 -48.28
N PHE F 2043 137.34 -10.31 -47.07
CA PHE F 2043 138.33 -9.23 -46.95
C PHE F 2043 139.68 -9.90 -46.78
N ALA F 2044 140.26 -10.29 -47.92
CA ALA F 2044 141.43 -11.16 -47.93
C ALA F 2044 142.67 -10.34 -47.60
N ASN F 2045 143.46 -10.80 -46.64
CA ASN F 2045 144.65 -10.05 -46.23
C ASN F 2045 145.73 -10.94 -45.62
N TRP F 2046 146.33 -11.90 -46.36
CA TRP F 2046 147.28 -12.82 -45.73
C TRP F 2046 148.61 -12.76 -46.46
N ARG F 2047 149.70 -12.55 -45.71
CA ARG F 2047 151.02 -12.48 -46.31
C ARG F 2047 151.67 -13.83 -46.61
N GLY F 2048 151.27 -14.91 -45.97
CA GLY F 2048 151.96 -16.17 -46.19
C GLY F 2048 151.79 -17.09 -45.00
N PHE F 2049 152.38 -18.29 -45.15
CA PHE F 2049 152.57 -19.18 -44.02
C PHE F 2049 153.81 -18.85 -43.22
N SER F 2050 153.70 -19.09 -41.92
CA SER F 2050 154.79 -18.94 -40.97
C SER F 2050 155.81 -20.05 -41.20
N GLY F 2051 157.09 -19.71 -41.22
CA GLY F 2051 158.10 -20.66 -41.64
C GLY F 2051 159.08 -21.17 -40.61
N GLY F 2052 158.74 -21.12 -39.32
CA GLY F 2052 159.70 -21.56 -38.32
C GLY F 2052 159.66 -23.07 -38.22
N MET F 2053 160.66 -23.66 -37.57
CA MET F 2053 160.80 -25.12 -37.59
C MET F 2053 159.56 -25.81 -37.02
N LYS F 2054 159.14 -25.44 -35.81
CA LYS F 2054 158.07 -26.14 -35.13
C LYS F 2054 156.75 -26.01 -35.88
N ASP F 2055 156.33 -24.79 -36.19
CA ASP F 2055 155.02 -24.63 -36.81
C ASP F 2055 155.01 -25.26 -38.20
N MET F 2056 156.15 -25.20 -38.91
CA MET F 2056 156.26 -25.86 -40.22
C MET F 2056 156.17 -27.37 -40.02
N TYR F 2057 156.91 -27.87 -39.02
CA TYR F 2057 156.79 -29.25 -38.59
C TYR F 2057 155.33 -29.57 -38.28
N ASP F 2058 154.61 -28.59 -37.71
CA ASP F 2058 153.21 -28.75 -37.34
C ASP F 2058 152.25 -28.62 -38.55
N GLN F 2059 152.80 -28.72 -39.77
CA GLN F 2059 152.03 -29.11 -40.96
C GLN F 2059 151.11 -28.06 -41.58
N VAL F 2060 151.48 -26.78 -41.53
CA VAL F 2060 150.64 -25.77 -42.17
C VAL F 2060 150.45 -26.05 -43.65
N LEU F 2061 151.42 -26.72 -44.29
CA LEU F 2061 151.31 -27.03 -45.72
C LEU F 2061 150.11 -27.91 -45.99
N LYS F 2062 149.79 -28.81 -45.07
CA LYS F 2062 148.82 -29.84 -45.35
C LYS F 2062 147.45 -29.22 -45.52
N PHE F 2063 147.15 -28.26 -44.65
CA PHE F 2063 145.84 -27.63 -44.58
C PHE F 2063 145.76 -26.51 -45.59
N GLY F 2064 146.93 -25.99 -46.00
CA GLY F 2064 147.00 -25.03 -47.09
C GLY F 2064 146.54 -25.68 -48.38
N ALA F 2065 147.06 -26.88 -48.66
CA ALA F 2065 146.54 -27.62 -49.79
C ALA F 2065 145.02 -27.78 -49.70
N TYR F 2066 144.52 -28.13 -48.51
CA TYR F 2066 143.10 -28.44 -48.32
C TYR F 2066 142.17 -27.26 -48.60
N ILE F 2067 142.55 -26.05 -48.13
CA ILE F 2067 141.77 -24.83 -48.38
C ILE F 2067 141.47 -24.66 -49.87
N VAL F 2068 142.42 -24.99 -50.75
CA VAL F 2068 142.25 -24.84 -52.19
C VAL F 2068 141.00 -25.59 -52.66
N ASP F 2069 140.84 -26.85 -52.24
CA ASP F 2069 139.64 -27.62 -52.60
C ASP F 2069 138.33 -26.86 -52.33
N GLY F 2070 138.24 -26.17 -51.20
CA GLY F 2070 136.98 -25.56 -50.77
C GLY F 2070 136.42 -24.50 -51.70
N LEU F 2071 137.26 -23.58 -52.16
CA LEU F 2071 136.75 -22.47 -52.96
C LEU F 2071 136.32 -22.92 -54.35
N ARG F 2072 136.92 -23.99 -54.89
CA ARG F 2072 136.51 -24.47 -56.22
C ARG F 2072 135.04 -24.86 -56.24
N GLU F 2073 134.51 -25.31 -55.10
CA GLU F 2073 133.13 -25.73 -55.01
C GLU F 2073 132.15 -24.59 -54.78
N CYS F 2074 132.61 -23.34 -54.69
CA CYS F 2074 131.67 -22.26 -54.47
C CYS F 2074 130.76 -22.12 -55.70
N CYS F 2075 129.48 -21.86 -55.45
CA CYS F 2075 128.46 -21.88 -56.47
C CYS F 2075 127.75 -20.53 -56.62
N GLN F 2076 128.10 -19.55 -55.80
CA GLN F 2076 127.57 -18.21 -55.83
C GLN F 2076 128.67 -17.18 -55.75
N PRO F 2077 128.36 -15.91 -55.98
CA PRO F 2077 129.38 -14.87 -56.04
C PRO F 2077 130.24 -14.79 -54.80
N VAL F 2078 131.54 -14.70 -55.00
CA VAL F 2078 132.44 -14.30 -53.95
C VAL F 2078 133.16 -13.06 -54.44
N LEU F 2079 132.91 -11.92 -53.81
CA LEU F 2079 133.58 -10.68 -54.17
C LEU F 2079 134.60 -10.46 -53.08
N VAL F 2080 135.86 -10.45 -53.46
CA VAL F 2080 136.96 -10.34 -52.53
C VAL F 2080 137.49 -8.93 -52.62
N TYR F 2081 137.70 -8.31 -51.47
CA TYR F 2081 138.14 -6.92 -51.42
C TYR F 2081 139.27 -6.86 -50.42
N ILE F 2082 140.43 -6.40 -50.90
CA ILE F 2082 141.57 -6.15 -50.03
C ILE F 2082 141.46 -4.72 -49.49
N PRO F 2083 141.20 -4.53 -48.18
CA PRO F 2083 140.99 -3.18 -47.64
C PRO F 2083 142.25 -2.34 -47.60
N PRO F 2084 142.11 -1.04 -47.38
CA PRO F 2084 143.28 -0.14 -47.33
C PRO F 2084 144.33 -0.44 -46.28
N GLN F 2085 145.60 -0.33 -46.71
CA GLN F 2085 146.82 -0.66 -45.96
C GLN F 2085 147.06 -2.13 -45.67
N ALA F 2086 146.23 -3.02 -46.16
CA ALA F 2086 146.50 -4.45 -46.03
C ALA F 2086 147.29 -4.94 -47.24
N GLU F 2087 147.81 -6.15 -47.13
CA GLU F 2087 148.48 -6.77 -48.25
C GLU F 2087 148.24 -8.27 -48.20
N LEU F 2088 148.27 -8.88 -49.37
CA LEU F 2088 148.05 -10.30 -49.53
C LEU F 2088 149.00 -10.73 -50.64
N ARG F 2089 149.88 -11.69 -50.36
CA ARG F 2089 151.06 -11.95 -51.18
C ARG F 2089 151.18 -13.42 -51.51
N GLY F 2090 151.71 -13.69 -52.72
CA GLY F 2090 152.17 -15.00 -53.11
C GLY F 2090 151.15 -16.06 -52.84
N GLY F 2091 151.50 -17.01 -51.97
CA GLY F 2091 150.66 -18.18 -51.79
C GLY F 2091 149.22 -17.84 -51.48
N SER F 2092 149.00 -16.81 -50.66
CA SER F 2092 147.65 -16.49 -50.25
C SER F 2092 146.87 -15.93 -51.44
N TRP F 2093 147.54 -15.17 -52.31
CA TRP F 2093 146.94 -14.68 -53.54
C TRP F 2093 146.67 -15.82 -54.48
N VAL F 2094 147.68 -16.64 -54.73
CA VAL F 2094 147.58 -17.77 -55.67
C VAL F 2094 146.35 -18.61 -55.34
N VAL F 2095 146.17 -18.94 -54.06
CA VAL F 2095 145.11 -19.86 -53.65
C VAL F 2095 143.73 -19.23 -53.61
N ILE F 2096 143.62 -17.91 -53.81
CA ILE F 2096 142.31 -17.25 -53.84
C ILE F 2096 142.07 -16.44 -55.10
N ASP F 2097 142.86 -16.68 -56.15
CA ASP F 2097 142.59 -16.07 -57.44
C ASP F 2097 141.26 -16.55 -58.04
N SER F 2098 140.55 -15.60 -58.65
CA SER F 2098 139.27 -15.85 -59.34
C SER F 2098 139.32 -16.89 -60.46
N SER F 2099 140.50 -17.22 -60.99
CA SER F 2099 140.60 -18.19 -62.09
C SER F 2099 139.96 -19.57 -61.89
N ILE F 2100 139.88 -20.10 -60.66
CA ILE F 2100 139.37 -21.47 -60.50
C ILE F 2100 137.91 -21.56 -60.95
N ASN F 2101 137.14 -20.52 -60.69
CA ASN F 2101 135.70 -20.48 -60.95
C ASN F 2101 135.35 -19.08 -61.43
N PRO F 2102 135.72 -18.72 -62.66
CA PRO F 2102 135.43 -17.36 -63.13
C PRO F 2102 133.95 -17.05 -63.10
N ARG F 2103 133.11 -18.06 -63.34
CA ARG F 2103 131.67 -17.89 -63.22
C ARG F 2103 131.29 -17.22 -61.91
N HIS F 2104 132.02 -17.50 -60.82
CA HIS F 2104 131.57 -17.10 -59.48
C HIS F 2104 132.53 -16.24 -58.68
N MET F 2105 133.82 -16.16 -59.02
CA MET F 2105 134.73 -15.36 -58.20
C MET F 2105 134.95 -14.00 -58.83
N GLU F 2106 135.07 -13.00 -57.95
CA GLU F 2106 135.44 -11.64 -58.32
C GLU F 2106 136.24 -11.04 -57.17
N MET F 2107 137.17 -10.18 -57.55
CA MET F 2107 138.16 -9.56 -56.68
C MET F 2107 138.09 -8.05 -56.87
N TYR F 2108 138.19 -7.31 -55.78
CA TYR F 2108 138.11 -5.85 -55.80
C TYR F 2108 139.25 -5.33 -54.94
N ALA F 2109 139.81 -4.18 -55.32
CA ALA F 2109 140.91 -3.59 -54.55
C ALA F 2109 140.75 -2.14 -54.14
N ASP F 2110 141.12 -1.88 -52.90
CA ASP F 2110 141.21 -0.53 -52.38
C ASP F 2110 142.38 0.23 -52.99
N ARG F 2111 142.23 1.56 -53.00
CA ARG F 2111 143.30 2.45 -53.42
C ARG F 2111 144.61 2.10 -52.70
N GLU F 2112 144.54 1.78 -51.41
CA GLU F 2112 145.66 1.44 -50.55
C GLU F 2112 145.92 -0.07 -50.40
N SER F 2113 145.65 -0.89 -51.42
CA SER F 2113 145.90 -2.34 -51.29
C SER F 2113 147.01 -2.81 -52.22
N ARG F 2114 147.44 -4.06 -52.03
CA ARG F 2114 148.58 -4.56 -52.78
C ARG F 2114 148.50 -6.08 -52.93
N GLY F 2115 149.12 -6.62 -53.99
CA GLY F 2115 149.13 -8.07 -54.24
C GLY F 2115 150.16 -8.50 -55.26
N SER F 2116 150.85 -9.61 -55.01
CA SER F 2116 151.99 -10.02 -55.83
C SER F 2116 152.24 -11.53 -55.70
N VAL F 2117 153.13 -12.00 -56.59
CA VAL F 2117 153.74 -13.32 -56.47
C VAL F 2117 154.55 -13.50 -55.21
N LEU F 2118 155.27 -12.47 -54.79
CA LEU F 2118 156.20 -12.67 -53.69
C LEU F 2118 156.26 -11.44 -52.79
N GLU F 2119 156.29 -11.71 -51.49
CA GLU F 2119 156.40 -10.65 -50.51
C GLU F 2119 157.71 -9.93 -50.79
N PRO F 2120 157.88 -8.70 -50.31
CA PRO F 2120 159.06 -7.90 -50.68
C PRO F 2120 160.43 -8.53 -50.53
N GLU F 2121 160.77 -9.23 -49.44
CA GLU F 2121 162.13 -9.77 -49.35
C GLU F 2121 162.49 -10.67 -50.54
N GLY F 2122 161.55 -11.49 -51.02
CA GLY F 2122 161.91 -12.45 -52.07
C GLY F 2122 161.92 -11.92 -53.48
N THR F 2123 161.05 -10.95 -53.79
CA THR F 2123 161.18 -10.25 -55.07
C THR F 2123 162.52 -9.52 -55.09
N VAL F 2124 162.79 -8.82 -53.99
CA VAL F 2124 164.00 -8.03 -53.83
C VAL F 2124 165.23 -8.95 -53.89
N GLU F 2125 165.20 -10.06 -53.14
CA GLU F 2125 166.30 -11.06 -53.05
C GLU F 2125 166.90 -11.43 -54.40
N ILE F 2126 166.06 -11.50 -55.42
CA ILE F 2126 166.44 -11.82 -56.80
C ILE F 2126 166.95 -10.55 -57.49
N LYS F 2127 166.33 -9.43 -57.19
CA LYS F 2127 166.38 -8.11 -57.82
C LYS F 2127 166.93 -7.08 -56.86
N PHE F 2128 167.88 -7.52 -56.04
CA PHE F 2128 168.63 -6.64 -55.16
C PHE F 2128 170.06 -7.17 -55.04
N ARG F 2129 170.64 -7.25 -56.22
CA ARG F 2129 172.00 -7.67 -56.43
C ARG F 2129 172.73 -6.33 -56.29
N ARG F 2130 174.04 -6.32 -56.50
CA ARG F 2130 174.82 -5.09 -56.34
C ARG F 2130 174.23 -3.91 -57.14
N LYS F 2131 174.00 -4.13 -58.44
CA LYS F 2131 173.51 -3.16 -59.40
C LYS F 2131 172.33 -2.22 -59.06
N ASP F 2132 171.21 -2.73 -58.50
CA ASP F 2132 170.08 -1.84 -58.27
C ASP F 2132 170.34 -0.71 -57.30
N LEU F 2133 171.14 -0.93 -56.25
CA LEU F 2133 171.41 0.20 -55.36
C LEU F 2133 172.26 1.23 -56.09
N VAL F 2134 173.37 0.76 -56.67
CA VAL F 2134 174.31 1.59 -57.41
C VAL F 2134 173.69 2.18 -58.69
N LYS F 2135 173.15 1.32 -59.56
CA LYS F 2135 172.44 1.78 -60.76
C LYS F 2135 171.43 2.88 -60.49
N THR F 2136 170.67 2.80 -59.39
CA THR F 2136 169.64 3.80 -59.22
C THR F 2136 170.29 5.12 -58.87
N MET F 2137 171.28 5.07 -57.98
CA MET F 2137 172.13 6.22 -57.71
C MET F 2137 172.87 6.72 -58.95
N ARG F 2138 173.50 5.79 -59.68
CA ARG F 2138 174.34 6.13 -60.82
C ARG F 2138 173.64 6.93 -61.92
N ARG F 2139 172.36 6.73 -62.14
CA ARG F 2139 171.67 7.49 -63.18
C ARG F 2139 171.06 8.80 -62.67
N VAL F 2140 170.61 8.78 -61.41
CA VAL F 2140 169.65 9.74 -60.86
C VAL F 2140 170.24 10.58 -59.74
N ASP F 2141 171.03 9.99 -58.86
CA ASP F 2141 171.53 10.74 -57.71
C ASP F 2141 172.56 11.77 -58.15
N PRO F 2142 172.39 13.06 -57.85
CA PRO F 2142 173.32 14.05 -58.40
C PRO F 2142 174.74 13.94 -57.86
N VAL F 2143 174.91 13.74 -56.55
CA VAL F 2143 176.25 13.64 -55.98
C VAL F 2143 176.99 12.44 -56.56
N TYR F 2144 176.31 11.29 -56.61
CA TYR F 2144 176.91 10.07 -57.14
C TYR F 2144 177.30 10.23 -58.61
N ILE F 2145 176.41 10.80 -59.43
CA ILE F 2145 176.72 11.03 -60.84
C ILE F 2145 178.04 11.78 -60.97
N HIS F 2146 178.18 12.87 -60.21
CA HIS F 2146 179.41 13.65 -60.20
C HIS F 2146 180.61 12.75 -59.93
N LEU F 2147 180.52 11.96 -58.85
CA LEU F 2147 181.57 11.00 -58.48
C LEU F 2147 181.95 10.10 -59.65
N ALA F 2148 180.96 9.55 -60.35
CA ALA F 2148 181.21 8.65 -61.47
C ALA F 2148 182.00 9.34 -62.57
N GLU F 2149 181.80 10.64 -62.75
CA GLU F 2149 182.52 11.38 -63.79
C GLU F 2149 184.04 11.38 -63.61
N ARG F 2150 184.53 11.41 -62.37
CA ARG F 2150 185.97 11.50 -62.16
C ARG F 2150 186.69 10.15 -62.25
N LEU F 2151 186.14 9.10 -61.64
CA LEU F 2151 186.65 7.74 -61.83
C LEU F 2151 186.81 7.29 -63.28
N GLY F 2152 186.07 7.85 -64.23
CA GLY F 2152 186.28 7.50 -65.63
C GLY F 2152 187.34 8.19 -66.49
N THR F 2153 188.38 8.85 -65.94
CA THR F 2153 189.44 9.43 -66.78
C THR F 2153 190.74 8.60 -66.80
N PRO F 2154 191.39 8.38 -67.95
CA PRO F 2154 192.73 7.76 -67.95
C PRO F 2154 193.81 8.74 -67.56
N GLU F 2155 194.98 8.19 -67.20
CA GLU F 2155 196.16 8.99 -66.84
C GLU F 2155 195.80 10.00 -65.75
N LEU F 2156 195.50 9.43 -64.59
CA LEU F 2156 195.21 10.15 -63.36
C LEU F 2156 196.40 10.01 -62.42
N SER F 2157 196.64 11.04 -61.61
CA SER F 2157 197.70 10.97 -60.63
C SER F 2157 197.38 9.90 -59.59
N THR F 2158 198.43 9.18 -59.18
CA THR F 2158 198.26 8.08 -58.23
C THR F 2158 197.61 8.50 -56.93
N ALA F 2159 197.74 9.76 -56.51
CA ALA F 2159 196.96 10.25 -55.38
C ALA F 2159 195.46 10.12 -55.69
N GLU F 2160 195.01 10.86 -56.70
CA GLU F 2160 193.62 10.87 -57.14
C GLU F 2160 193.13 9.45 -57.47
N ARG F 2161 194.01 8.64 -58.06
CA ARG F 2161 193.68 7.28 -58.47
C ARG F 2161 193.18 6.42 -57.31
N LYS F 2162 194.03 6.15 -56.31
CA LYS F 2162 193.61 5.36 -55.16
C LYS F 2162 192.40 6.00 -54.44
N GLU F 2163 192.42 7.33 -54.32
CA GLU F 2163 191.37 8.13 -53.68
C GLU F 2163 189.98 7.96 -54.29
N LEU F 2164 189.87 7.97 -55.62
CA LEU F 2164 188.55 7.87 -56.26
C LEU F 2164 187.83 6.59 -55.89
N GLU F 2165 188.49 5.43 -55.92
CA GLU F 2165 187.79 4.21 -55.53
C GLU F 2165 187.23 4.38 -54.12
N ASN F 2166 188.00 5.04 -53.23
CA ASN F 2166 187.55 5.31 -51.87
C ASN F 2166 186.33 6.23 -51.90
N LYS F 2167 186.39 7.28 -52.73
CA LYS F 2167 185.27 8.22 -52.88
C LYS F 2167 183.99 7.47 -53.22
N LEU F 2168 184.12 6.36 -53.95
CA LEU F 2168 182.96 5.55 -54.28
C LEU F 2168 182.43 4.91 -53.01
N LYS F 2169 183.31 4.27 -52.24
CA LYS F 2169 182.94 3.65 -50.98
C LYS F 2169 182.31 4.60 -49.97
N GLU F 2170 182.82 5.82 -49.82
CA GLU F 2170 182.17 6.63 -48.81
C GLU F 2170 180.77 7.07 -49.21
N ARG F 2171 180.60 7.60 -50.42
CA ARG F 2171 179.27 8.03 -50.82
C ARG F 2171 178.27 6.88 -51.01
N GLU F 2172 178.63 5.88 -51.84
CA GLU F 2172 177.74 4.74 -52.11
C GLU F 2172 177.28 3.98 -50.88
N GLU F 2173 178.24 3.48 -50.09
CA GLU F 2173 177.87 2.60 -48.98
C GLU F 2173 177.06 3.34 -47.93
N PHE F 2174 177.49 4.55 -47.59
CA PHE F 2174 176.73 5.41 -46.68
C PHE F 2174 175.31 5.68 -47.23
N LEU F 2175 175.16 5.78 -48.56
CA LEU F 2175 173.88 6.09 -49.20
C LEU F 2175 172.92 4.91 -49.31
N ILE F 2176 173.36 3.67 -49.07
CA ILE F 2176 172.53 2.50 -49.43
C ILE F 2176 171.14 2.57 -48.80
N PRO F 2177 170.96 2.92 -47.50
CA PRO F 2177 169.58 2.88 -46.95
C PRO F 2177 168.52 3.58 -47.81
N ILE F 2178 168.68 4.87 -48.16
CA ILE F 2178 167.63 5.48 -48.98
C ILE F 2178 167.48 4.71 -50.30
N TYR F 2179 168.61 4.32 -50.91
CA TYR F 2179 168.49 3.68 -52.22
C TYR F 2179 167.99 2.26 -52.05
N HIS F 2180 168.28 1.67 -50.89
CA HIS F 2180 167.62 0.44 -50.51
C HIS F 2180 166.13 0.69 -50.40
N GLN F 2181 165.77 1.81 -49.77
CA GLN F 2181 164.38 2.19 -49.65
C GLN F 2181 163.79 2.43 -51.03
N VAL F 2182 164.55 3.09 -51.92
CA VAL F 2182 164.08 3.34 -53.27
C VAL F 2182 163.95 2.02 -54.04
N ALA F 2183 164.94 1.13 -53.88
CA ALA F 2183 164.92 -0.13 -54.62
C ALA F 2183 163.71 -0.98 -54.27
N VAL F 2184 163.45 -1.18 -52.97
CA VAL F 2184 162.30 -2.00 -52.58
C VAL F 2184 161.00 -1.33 -53.01
N GLN F 2185 160.90 -0.01 -52.80
CA GLN F 2185 159.73 0.73 -53.26
C GLN F 2185 159.59 0.60 -54.77
N PHE F 2186 160.69 0.84 -55.50
CA PHE F 2186 160.69 0.70 -56.95
C PHE F 2186 160.12 -0.65 -57.32
N ALA F 2187 160.62 -1.72 -56.69
CA ALA F 2187 160.07 -3.03 -56.97
C ALA F 2187 158.60 -3.06 -56.55
N ASP F 2188 158.33 -2.56 -55.34
CA ASP F 2188 156.98 -2.55 -54.79
C ASP F 2188 156.01 -1.77 -55.69
N LEU F 2189 156.49 -0.69 -56.32
CA LEU F 2189 155.64 0.12 -57.20
C LEU F 2189 155.17 -0.64 -58.44
N HIS F 2190 155.75 -1.80 -58.72
CA HIS F 2190 155.33 -2.63 -59.85
C HIS F 2190 154.06 -3.44 -59.56
N ASP F 2191 153.67 -3.57 -58.29
CA ASP F 2191 152.69 -4.55 -57.83
C ASP F 2191 151.31 -3.97 -57.58
N THR F 2192 150.98 -2.83 -58.19
CA THR F 2192 149.82 -2.04 -57.80
C THR F 2192 148.52 -2.56 -58.41
N PRO F 2193 147.36 -2.12 -57.89
CA PRO F 2193 146.08 -2.58 -58.44
C PRO F 2193 145.87 -2.21 -59.90
N GLY F 2194 146.40 -1.07 -60.34
CA GLY F 2194 146.24 -0.68 -61.73
C GLY F 2194 146.65 -1.79 -62.69
N ARG F 2195 147.86 -2.33 -62.51
CA ARG F 2195 148.28 -3.44 -63.37
C ARG F 2195 147.38 -4.64 -63.18
N MET F 2196 147.06 -4.97 -61.92
CA MET F 2196 146.17 -6.09 -61.61
C MET F 2196 144.92 -6.02 -62.46
N GLN F 2197 144.31 -4.83 -62.53
CA GLN F 2197 143.04 -4.70 -63.23
C GLN F 2197 143.25 -4.92 -64.72
N GLU F 2198 144.24 -4.24 -65.28
CA GLU F 2198 144.53 -4.42 -66.69
C GLU F 2198 144.77 -5.89 -67.01
N LYS F 2199 145.51 -6.59 -66.14
CA LYS F 2199 145.83 -8.00 -66.30
C LYS F 2199 144.74 -8.95 -65.82
N GLY F 2200 143.67 -8.45 -65.23
CA GLY F 2200 142.51 -9.29 -64.94
C GLY F 2200 142.53 -10.08 -63.66
N VAL F 2201 143.42 -9.77 -62.72
CA VAL F 2201 143.48 -10.50 -61.46
C VAL F 2201 142.64 -9.79 -60.42
N ILE F 2202 142.20 -8.57 -60.70
CA ILE F 2202 141.34 -7.83 -59.80
C ILE F 2202 140.21 -7.35 -60.72
N SER F 2203 139.01 -7.17 -60.17
CA SER F 2203 137.84 -6.81 -61.00
C SER F 2203 137.65 -5.31 -61.13
N ASP F 2204 137.97 -4.56 -60.08
CA ASP F 2204 137.84 -3.11 -60.12
C ASP F 2204 138.63 -2.56 -58.94
N ILE F 2205 139.09 -1.31 -59.06
CA ILE F 2205 139.64 -0.58 -57.91
C ILE F 2205 138.58 0.37 -57.39
N LEU F 2206 138.27 0.26 -56.10
CA LEU F 2206 137.34 1.12 -55.41
C LEU F 2206 138.04 2.06 -54.45
N ASP F 2207 137.24 2.97 -53.92
CA ASP F 2207 137.62 3.90 -52.88
C ASP F 2207 136.69 3.56 -51.73
N TRP F 2208 137.30 3.28 -50.58
CA TRP F 2208 136.63 2.65 -49.45
C TRP F 2208 135.33 3.35 -49.08
N LYS F 2209 135.36 4.68 -48.95
CA LYS F 2209 134.18 5.43 -48.53
C LYS F 2209 132.91 5.11 -49.32
N THR F 2210 132.97 5.04 -50.66
CA THR F 2210 131.77 4.74 -51.45
C THR F 2210 131.78 3.35 -52.06
N SER F 2211 132.71 2.50 -51.64
CA SER F 2211 132.81 1.17 -52.22
C SER F 2211 131.62 0.31 -51.85
N ARG F 2212 131.07 0.53 -50.64
CA ARG F 2212 129.90 -0.20 -50.16
C ARG F 2212 128.73 -0.09 -51.11
N THR F 2213 128.35 1.14 -51.45
CA THR F 2213 127.20 1.36 -52.33
C THR F 2213 127.40 0.54 -53.59
N PHE F 2214 128.58 0.69 -54.17
CA PHE F 2214 128.98 -0.05 -55.36
C PHE F 2214 128.87 -1.56 -55.15
N PHE F 2215 129.47 -2.07 -54.04
CA PHE F 2215 129.65 -3.51 -53.86
C PHE F 2215 128.39 -4.32 -53.71
N TYR F 2216 127.36 -3.78 -53.06
CA TYR F 2216 126.14 -4.55 -52.93
C TYR F 2216 125.56 -4.85 -54.30
N TRP F 2217 125.28 -3.80 -55.06
CA TRP F 2217 124.64 -3.97 -56.35
C TRP F 2217 125.55 -4.82 -57.21
N ARG F 2218 126.86 -4.57 -57.10
CA ARG F 2218 127.84 -5.33 -57.86
C ARG F 2218 127.76 -6.79 -57.46
N LEU F 2219 127.83 -7.05 -56.14
CA LEU F 2219 127.78 -8.42 -55.66
C LEU F 2219 126.45 -9.08 -55.95
N ARG F 2220 125.37 -8.34 -55.73
CA ARG F 2220 124.04 -8.90 -55.92
C ARG F 2220 123.84 -9.29 -57.36
N ARG F 2221 124.41 -8.53 -58.29
CA ARG F 2221 124.18 -8.86 -59.67
C ARG F 2221 124.93 -10.11 -60.04
N LEU F 2222 126.11 -10.27 -59.47
CA LEU F 2222 126.83 -11.51 -59.69
C LEU F 2222 125.94 -12.69 -59.32
N LEU F 2223 125.22 -12.57 -58.20
CA LEU F 2223 124.36 -13.65 -57.74
C LEU F 2223 123.20 -13.82 -58.70
N LEU F 2224 122.65 -12.70 -59.15
CA LEU F 2224 121.46 -12.79 -59.97
C LEU F 2224 121.86 -13.40 -61.29
N GLU F 2225 122.94 -12.88 -61.89
CA GLU F 2225 123.44 -13.47 -63.12
C GLU F 2225 123.79 -14.94 -62.89
N ASP F 2226 124.51 -15.22 -61.79
CA ASP F 2226 124.86 -16.59 -61.47
C ASP F 2226 123.60 -17.42 -61.28
N LEU F 2227 122.63 -16.86 -60.55
CA LEU F 2227 121.38 -17.54 -60.27
C LEU F 2227 120.62 -17.83 -61.55
N VAL F 2228 120.56 -16.85 -62.44
CA VAL F 2228 119.84 -17.08 -63.67
C VAL F 2228 120.60 -18.05 -64.56
N LYS F 2229 121.93 -17.89 -64.72
CA LYS F 2229 122.62 -18.86 -65.57
C LYS F 2229 122.43 -20.27 -65.03
N LYS F 2230 122.40 -20.48 -63.71
CA LYS F 2230 122.05 -21.83 -63.27
C LYS F 2230 120.65 -22.15 -63.78
N LYS F 2231 119.75 -21.13 -63.80
CA LYS F 2231 118.40 -21.33 -64.33
C LYS F 2231 118.47 -21.63 -65.82
N ILE F 2232 119.34 -20.92 -66.55
CA ILE F 2232 119.47 -21.23 -67.97
C ILE F 2232 120.05 -22.63 -68.08
N HIS F 2233 121.10 -22.87 -67.28
CA HIS F 2233 121.79 -24.15 -67.20
C HIS F 2233 120.82 -25.25 -66.77
N ASN F 2234 119.86 -24.90 -65.93
CA ASN F 2234 118.83 -25.85 -65.53
C ASN F 2234 118.00 -26.25 -66.73
N ALA F 2235 117.75 -25.29 -67.62
CA ALA F 2235 117.00 -25.54 -68.85
C ALA F 2235 117.74 -26.55 -69.72
N ASN F 2236 119.08 -26.56 -69.66
CA ASN F 2236 119.92 -27.43 -70.47
C ASN F 2236 121.25 -27.59 -69.73
N PRO F 2237 121.37 -28.63 -68.89
CA PRO F 2237 122.61 -28.83 -68.10
C PRO F 2237 123.90 -29.04 -68.88
N GLU F 2238 123.89 -29.52 -70.13
CA GLU F 2238 125.19 -29.80 -70.73
C GLU F 2238 125.96 -28.53 -71.04
N LEU F 2239 125.29 -27.38 -71.12
CA LEU F 2239 125.97 -26.14 -71.48
C LEU F 2239 126.91 -25.67 -70.35
N THR F 2240 128.13 -25.33 -70.74
CA THR F 2240 129.15 -24.76 -69.86
C THR F 2240 128.80 -23.38 -69.31
N ASP F 2241 129.28 -23.15 -68.10
CA ASP F 2241 129.26 -21.85 -67.41
C ASP F 2241 129.61 -20.61 -68.24
N GLY F 2242 130.68 -20.68 -69.05
CA GLY F 2242 131.11 -19.50 -69.79
C GLY F 2242 130.16 -19.03 -70.86
N GLN F 2243 129.71 -19.95 -71.71
CA GLN F 2243 128.85 -19.59 -72.84
C GLN F 2243 127.48 -19.14 -72.43
N ILE F 2244 126.99 -19.64 -71.31
CA ILE F 2244 125.68 -19.24 -70.81
C ILE F 2244 125.69 -17.75 -70.51
N GLN F 2245 126.74 -17.26 -69.83
CA GLN F 2245 126.91 -15.83 -69.62
C GLN F 2245 126.71 -15.01 -70.89
N ALA F 2246 127.39 -15.35 -71.99
CA ALA F 2246 127.26 -14.58 -73.22
C ALA F 2246 125.81 -14.52 -73.66
N MET F 2247 125.14 -15.67 -73.61
CA MET F 2247 123.73 -15.75 -73.97
C MET F 2247 122.94 -14.76 -73.14
N LEU F 2248 123.24 -14.70 -71.85
CA LEU F 2248 122.54 -13.77 -70.96
C LEU F 2248 122.83 -12.34 -71.37
N ARG F 2249 124.11 -12.01 -71.59
CA ARG F 2249 124.43 -10.66 -72.01
C ARG F 2249 123.69 -10.36 -73.29
N ARG F 2250 123.70 -11.32 -74.21
CA ARG F 2250 123.03 -11.16 -75.48
C ARG F 2250 121.53 -11.08 -75.26
N TRP F 2251 120.98 -11.90 -74.37
CA TRP F 2251 119.55 -11.78 -74.11
C TRP F 2251 119.27 -10.45 -73.44
N PHE F 2252 120.19 -9.98 -72.61
CA PHE F 2252 119.99 -8.67 -72.02
C PHE F 2252 120.08 -7.57 -73.06
N VAL F 2253 121.18 -7.54 -73.78
CA VAL F 2253 121.38 -6.49 -74.75
C VAL F 2253 120.33 -6.55 -75.87
N GLU F 2254 120.04 -7.73 -76.40
CA GLU F 2254 118.98 -7.84 -77.42
C GLU F 2254 117.60 -7.42 -76.92
N VAL F 2255 117.17 -7.93 -75.76
CA VAL F 2255 115.79 -7.71 -75.29
C VAL F 2255 115.57 -6.22 -75.05
N GLU F 2256 116.52 -5.56 -74.43
CA GLU F 2256 116.37 -4.19 -74.01
C GLU F 2256 116.79 -3.26 -75.12
N GLY F 2257 117.28 -3.81 -76.22
CA GLY F 2257 117.66 -3.08 -77.39
C GLY F 2257 119.14 -3.06 -77.28
N THR F 2258 119.81 -3.28 -78.42
CA THR F 2258 121.26 -3.17 -78.49
C THR F 2258 121.75 -1.87 -77.85
N VAL F 2259 120.92 -0.83 -77.89
CA VAL F 2259 121.23 0.46 -77.27
C VAL F 2259 121.48 0.32 -75.77
N LYS F 2260 121.01 -0.72 -75.11
CA LYS F 2260 121.09 -0.75 -73.66
C LYS F 2260 122.29 -1.56 -73.20
N ALA F 2261 123.15 -2.00 -74.14
CA ALA F 2261 124.37 -2.73 -73.81
C ALA F 2261 125.09 -2.10 -72.64
N TYR F 2262 125.35 -0.78 -72.74
CA TYR F 2262 126.13 -0.06 -71.73
C TYR F 2262 125.55 -0.26 -70.35
N VAL F 2263 124.23 -0.46 -70.28
CA VAL F 2263 123.56 -0.67 -69.00
C VAL F 2263 124.17 -1.87 -68.34
N TRP F 2264 124.57 -2.88 -69.14
CA TRP F 2264 125.17 -4.06 -68.56
C TRP F 2264 126.30 -3.73 -67.59
N ASP F 2265 127.05 -2.66 -67.84
CA ASP F 2265 128.16 -2.37 -66.95
C ASP F 2265 127.71 -1.59 -65.73
N ASN F 2266 126.40 -1.35 -65.58
CA ASN F 2266 125.84 -0.73 -64.38
C ASN F 2266 125.24 -1.81 -63.48
N ASN F 2267 125.89 -2.02 -62.35
CA ASN F 2267 125.47 -3.06 -61.41
C ASN F 2267 124.04 -2.87 -60.94
N LYS F 2268 123.76 -1.68 -60.39
CA LYS F 2268 122.47 -1.40 -59.77
C LYS F 2268 121.33 -1.57 -60.74
N ASP F 2269 121.44 -0.98 -61.93
CA ASP F 2269 120.30 -0.93 -62.82
C ASP F 2269 119.98 -2.33 -63.29
N LEU F 2270 121.00 -3.15 -63.55
CA LEU F 2270 120.73 -4.52 -63.94
C LEU F 2270 120.09 -5.28 -62.81
N ALA F 2271 120.51 -5.00 -61.57
CA ALA F 2271 119.88 -5.63 -60.42
C ALA F 2271 118.40 -5.38 -60.51
N GLU F 2272 118.05 -4.10 -60.68
CA GLU F 2272 116.67 -3.71 -60.90
C GLU F 2272 116.11 -4.42 -62.13
N TRP F 2273 116.92 -4.57 -63.18
CA TRP F 2273 116.46 -5.16 -64.43
C TRP F 2273 116.22 -6.66 -64.37
N LEU F 2274 117.17 -7.43 -63.83
CA LEU F 2274 117.01 -8.88 -63.81
C LEU F 2274 115.73 -9.29 -63.08
N GLU F 2275 115.46 -8.64 -61.95
CA GLU F 2275 114.26 -9.01 -61.20
C GLU F 2275 112.99 -8.74 -62.00
N LYS F 2276 112.88 -7.58 -62.66
CA LYS F 2276 111.66 -7.28 -63.42
C LYS F 2276 111.36 -8.29 -64.52
N GLN F 2277 112.37 -8.77 -65.24
CA GLN F 2277 112.08 -9.77 -66.27
C GLN F 2277 111.53 -11.04 -65.67
N LEU F 2278 112.17 -11.47 -64.59
CA LEU F 2278 111.85 -12.69 -63.88
C LEU F 2278 110.59 -12.54 -63.04
N THR F 2279 110.48 -11.42 -62.31
CA THR F 2279 109.35 -11.21 -61.41
C THR F 2279 108.04 -10.93 -62.16
N GLU F 2280 108.07 -10.16 -63.24
CA GLU F 2280 106.81 -9.79 -63.87
C GLU F 2280 106.39 -10.95 -64.76
N GLU F 2281 105.49 -11.77 -64.24
CA GLU F 2281 104.89 -12.87 -64.99
C GLU F 2281 103.95 -12.41 -66.10
N ASP F 2282 104.02 -13.12 -67.23
CA ASP F 2282 103.09 -12.96 -68.35
C ASP F 2282 102.91 -11.51 -68.81
N GLY F 2283 104.01 -10.79 -68.93
CA GLY F 2283 104.00 -9.45 -69.47
C GLY F 2283 104.64 -9.65 -70.82
N VAL F 2284 105.34 -8.65 -71.34
CA VAL F 2284 106.15 -8.85 -72.53
C VAL F 2284 107.61 -9.00 -72.12
N HIS F 2285 107.84 -9.19 -70.82
CA HIS F 2285 109.13 -9.35 -70.18
C HIS F 2285 109.47 -10.81 -70.01
N SER F 2286 108.47 -11.70 -70.09
CA SER F 2286 108.69 -13.14 -69.99
C SER F 2286 109.23 -13.67 -71.32
N VAL F 2287 110.39 -13.13 -71.66
CA VAL F 2287 111.13 -13.47 -72.84
C VAL F 2287 112.18 -14.50 -72.49
N ILE F 2288 112.97 -14.19 -71.46
CA ILE F 2288 113.99 -15.10 -70.99
C ILE F 2288 113.34 -16.38 -70.50
N GLU F 2289 112.18 -16.25 -69.85
CA GLU F 2289 111.45 -17.44 -69.42
C GLU F 2289 111.12 -18.30 -70.63
N GLU F 2290 110.63 -17.66 -71.70
CA GLU F 2290 110.32 -18.38 -72.92
C GLU F 2290 111.58 -18.92 -73.59
N ASN F 2291 112.63 -18.10 -73.61
CA ASN F 2291 113.87 -18.46 -74.26
C ASN F 2291 114.56 -19.67 -73.68
N ILE F 2292 114.66 -19.76 -72.35
CA ILE F 2292 115.34 -20.91 -71.75
C ILE F 2292 114.61 -22.19 -72.10
N LYS F 2293 113.28 -22.13 -72.14
CA LYS F 2293 112.49 -23.27 -72.54
C LYS F 2293 112.88 -23.73 -73.94
N CYS F 2294 113.12 -22.78 -74.85
CA CYS F 2294 113.52 -23.14 -76.20
C CYS F 2294 114.81 -23.94 -76.18
N ILE F 2295 115.80 -23.48 -75.41
CA ILE F 2295 117.03 -24.27 -75.29
C ILE F 2295 116.68 -25.60 -74.64
N SER F 2296 115.82 -25.57 -73.63
CA SER F 2296 115.44 -26.82 -72.99
C SER F 2296 114.78 -27.71 -74.02
N ARG F 2297 113.91 -27.12 -74.84
CA ARG F 2297 113.26 -27.87 -75.91
C ARG F 2297 114.31 -28.36 -76.88
N ASP F 2298 115.27 -27.48 -77.22
CA ASP F 2298 116.33 -27.83 -78.15
C ASP F 2298 117.14 -28.99 -77.58
N TYR F 2299 117.50 -28.90 -76.28
CA TYR F 2299 118.29 -29.97 -75.70
C TYR F 2299 117.44 -31.24 -75.70
N VAL F 2300 116.16 -31.09 -75.38
CA VAL F 2300 115.22 -32.22 -75.42
C VAL F 2300 115.09 -32.70 -76.86
N LEU F 2301 115.05 -31.75 -77.79
CA LEU F 2301 114.90 -32.07 -79.21
C LEU F 2301 116.11 -32.85 -79.66
N LYS F 2302 117.28 -32.42 -79.20
CA LYS F 2302 118.52 -33.09 -79.53
C LYS F 2302 118.51 -34.53 -79.05
N GLN F 2303 118.01 -34.75 -77.83
CA GLN F 2303 117.94 -36.12 -77.33
C GLN F 2303 117.04 -37.03 -78.14
N ILE F 2304 115.81 -36.59 -78.48
CA ILE F 2304 114.94 -37.49 -79.24
C ILE F 2304 115.53 -37.79 -80.60
N ARG F 2305 116.07 -36.76 -81.24
CA ARG F 2305 116.69 -36.96 -82.53
C ARG F 2305 117.92 -37.85 -82.41
N SER F 2306 118.77 -37.57 -81.42
CA SER F 2306 120.00 -38.34 -81.24
C SER F 2306 119.73 -39.78 -80.85
N LEU F 2307 118.76 -40.01 -79.94
CA LEU F 2307 118.46 -41.36 -79.49
C LEU F 2307 117.96 -42.26 -80.61
N VAL F 2308 117.05 -41.78 -81.46
CA VAL F 2308 116.61 -42.67 -82.55
C VAL F 2308 117.74 -42.92 -83.52
N GLN F 2309 118.58 -41.91 -83.75
CA GLN F 2309 119.69 -42.11 -84.66
C GLN F 2309 120.60 -43.17 -84.06
N ALA F 2310 120.88 -43.03 -82.76
CA ALA F 2310 121.66 -44.03 -82.04
C ALA F 2310 120.88 -45.34 -81.86
N ASN F 2311 119.54 -45.28 -81.80
CA ASN F 2311 118.73 -46.45 -81.46
C ASN F 2311 117.50 -46.53 -82.35
N PRO F 2312 117.67 -46.81 -83.66
CA PRO F 2312 116.50 -46.75 -84.55
C PRO F 2312 115.46 -47.82 -84.26
N GLU F 2313 115.85 -48.94 -83.66
CA GLU F 2313 114.89 -50.01 -83.37
C GLU F 2313 113.79 -49.56 -82.43
N VAL F 2314 114.03 -48.53 -81.62
CA VAL F 2314 113.02 -48.10 -80.68
C VAL F 2314 111.93 -47.35 -81.41
N ALA F 2315 112.25 -46.83 -82.60
CA ALA F 2315 111.37 -45.97 -83.37
C ALA F 2315 109.96 -46.52 -83.53
N MET F 2316 109.82 -47.70 -84.16
CA MET F 2316 108.48 -48.20 -84.48
C MET F 2316 107.58 -48.23 -83.26
N ASP F 2317 108.05 -48.82 -82.16
CA ASP F 2317 107.13 -48.95 -81.04
C ASP F 2317 106.97 -47.59 -80.36
N SER F 2318 108.06 -46.83 -80.31
CA SER F 2318 108.05 -45.48 -79.75
C SER F 2318 107.10 -44.53 -80.49
N ILE F 2319 107.06 -44.59 -81.82
CA ILE F 2319 106.20 -43.66 -82.55
C ILE F 2319 104.74 -43.96 -82.31
N ILE F 2320 104.32 -45.22 -82.48
CA ILE F 2320 102.91 -45.57 -82.29
C ILE F 2320 102.42 -45.01 -80.95
N HIS F 2321 103.20 -45.20 -79.89
CA HIS F 2321 102.82 -44.64 -78.59
C HIS F 2321 102.98 -43.12 -78.59
N MET F 2322 104.06 -42.61 -79.22
CA MET F 2322 104.32 -41.18 -79.21
C MET F 2322 103.29 -40.44 -80.05
N THR F 2323 102.77 -41.10 -81.08
CA THR F 2323 101.87 -40.48 -82.04
C THR F 2323 100.43 -40.67 -81.58
N GLN F 2324 100.24 -41.26 -80.40
CA GLN F 2324 98.98 -41.88 -80.01
C GLN F 2324 97.93 -40.83 -79.72
N HIS F 2325 98.38 -39.62 -79.37
CA HIS F 2325 97.48 -38.48 -79.31
C HIS F 2325 98.19 -37.31 -79.95
N ILE F 2326 97.50 -36.72 -80.92
CA ILE F 2326 97.82 -35.51 -81.68
C ILE F 2326 96.51 -35.26 -82.45
N SER F 2327 96.35 -34.08 -83.02
CA SER F 2327 95.11 -33.71 -83.71
C SER F 2327 94.85 -34.49 -85.00
N PRO F 2328 93.58 -34.68 -85.37
CA PRO F 2328 93.25 -35.32 -86.66
C PRO F 2328 93.80 -34.54 -87.83
N THR F 2329 93.83 -33.21 -87.69
CA THR F 2329 94.38 -32.33 -88.72
C THR F 2329 95.84 -32.68 -89.02
N GLN F 2330 96.59 -32.99 -87.97
CA GLN F 2330 97.99 -33.39 -88.03
C GLN F 2330 98.17 -34.67 -88.85
N ARG F 2331 97.16 -35.54 -88.91
CA ARG F 2331 97.22 -36.75 -89.73
C ARG F 2331 97.55 -36.39 -91.19
N ALA F 2332 97.04 -35.28 -91.70
CA ALA F 2332 97.36 -34.88 -93.07
C ALA F 2332 98.87 -34.77 -93.25
N GLU F 2333 99.55 -34.16 -92.29
CA GLU F 2333 101.00 -34.02 -92.39
C GLU F 2333 101.69 -35.38 -92.62
N VAL F 2334 101.22 -36.46 -91.98
CA VAL F 2334 101.85 -37.76 -92.28
C VAL F 2334 101.66 -38.12 -93.75
N ILE F 2335 100.46 -37.87 -94.31
CA ILE F 2335 100.22 -38.17 -95.72
C ILE F 2335 101.11 -37.34 -96.64
N ARG F 2336 101.30 -36.04 -96.38
CA ARG F 2336 102.16 -35.25 -97.27
C ARG F 2336 103.59 -35.79 -97.27
N ILE F 2337 104.14 -36.14 -96.11
CA ILE F 2337 105.52 -36.66 -96.05
C ILE F 2337 105.40 -38.15 -96.31
N ASP G 1581 -122.11 42.40 145.39
CA ASP G 1581 -121.11 42.12 146.42
C ASP G 1581 -119.96 41.29 145.86
N LEU G 1582 -120.20 40.61 144.74
CA LEU G 1582 -119.10 40.10 143.92
C LEU G 1582 -118.08 41.19 143.62
N LEU G 1583 -118.52 42.26 142.94
CA LEU G 1583 -117.63 43.38 142.62
C LEU G 1583 -116.98 43.93 143.87
N GLN G 1584 -117.80 44.35 144.84
CA GLN G 1584 -117.28 44.85 146.12
C GLN G 1584 -116.24 43.89 146.70
N SER G 1585 -116.55 42.59 146.72
CA SER G 1585 -115.62 41.63 147.30
C SER G 1585 -114.30 41.58 146.53
N LYS G 1586 -114.36 41.58 145.21
CA LYS G 1586 -113.12 41.47 144.46
C LYS G 1586 -112.34 42.79 144.50
N ARG G 1587 -113.05 43.93 144.52
CA ARG G 1587 -112.36 45.21 144.66
C ARG G 1587 -111.71 45.23 146.03
N PHE G 1588 -112.39 44.65 147.03
CA PHE G 1588 -111.83 44.58 148.36
C PHE G 1588 -110.58 43.71 148.32
N GLN G 1589 -110.66 42.61 147.59
CA GLN G 1589 -109.50 41.74 147.40
C GLN G 1589 -108.42 42.50 146.64
N ALA G 1590 -108.83 43.30 145.65
CA ALA G 1590 -107.89 44.03 144.81
C ALA G 1590 -107.21 45.15 145.58
N GLN G 1591 -107.99 46.01 146.27
CA GLN G 1591 -107.36 47.05 147.09
C GLN G 1591 -106.41 46.41 148.10
N SER G 1592 -106.81 45.26 148.65
CA SER G 1592 -105.97 44.56 149.60
C SER G 1592 -104.72 44.02 148.94
N LEU G 1593 -104.76 43.82 147.61
CA LEU G 1593 -103.58 43.54 146.81
C LEU G 1593 -102.97 44.79 146.20
N GLY G 1594 -103.42 45.97 146.61
CA GLY G 1594 -102.89 47.22 146.09
C GLY G 1594 -103.12 47.44 144.60
N THR G 1595 -104.27 47.02 144.08
CA THR G 1595 -104.59 47.23 142.68
C THR G 1595 -106.07 47.60 142.52
N THR G 1596 -106.49 47.77 141.27
CA THR G 1596 -107.84 48.18 140.91
C THR G 1596 -108.60 46.99 140.33
N TYR G 1597 -109.86 46.86 140.75
CA TYR G 1597 -110.73 45.84 140.20
C TYR G 1597 -110.93 46.01 138.70
N ILE G 1598 -110.88 44.86 138.02
CA ILE G 1598 -110.88 44.81 136.55
C ILE G 1598 -112.07 45.58 135.98
N TYR G 1599 -113.28 45.30 136.47
CA TYR G 1599 -114.45 45.98 135.91
C TYR G 1599 -114.54 47.43 136.32
N ASP G 1600 -113.65 47.93 137.19
CA ASP G 1600 -113.66 49.36 137.46
C ASP G 1600 -112.79 50.14 136.49
N ILE G 1601 -111.90 49.47 135.72
CA ILE G 1601 -111.04 50.23 134.80
C ILE G 1601 -111.89 50.99 133.79
N PRO G 1602 -112.91 50.39 133.14
CA PRO G 1602 -113.68 51.17 132.16
C PRO G 1602 -114.25 52.44 132.76
N GLU G 1603 -114.80 52.35 133.98
CA GLU G 1603 -115.26 53.56 134.63
C GLU G 1603 -114.08 54.41 135.08
N MET G 1604 -112.96 53.76 135.38
CA MET G 1604 -111.71 54.47 135.70
C MET G 1604 -111.20 55.21 134.49
N PHE G 1605 -111.48 54.69 133.30
CA PHE G 1605 -111.13 55.43 132.09
C PHE G 1605 -111.91 56.72 132.05
N ARG G 1606 -113.22 56.67 132.33
CA ARG G 1606 -113.99 57.90 132.26
C ARG G 1606 -113.49 58.94 133.26
N GLN G 1607 -113.23 58.54 134.51
CA GLN G 1607 -112.77 59.54 135.47
C GLN G 1607 -111.42 60.07 135.05
N SER G 1608 -110.53 59.18 134.59
CA SER G 1608 -109.24 59.64 134.09
C SER G 1608 -109.47 60.52 132.88
N LEU G 1609 -110.38 60.10 131.99
CA LEU G 1609 -110.71 60.87 130.79
C LEU G 1609 -111.25 62.24 131.17
N ILE G 1610 -112.10 62.32 132.22
CA ILE G 1610 -112.60 63.60 132.66
C ILE G 1610 -111.43 64.45 133.13
N LYS G 1611 -110.55 63.87 133.95
CA LYS G 1611 -109.38 64.59 134.41
C LYS G 1611 -108.55 65.03 133.20
N LEU G 1612 -108.54 64.20 132.15
CA LEU G 1612 -107.84 64.51 130.90
C LEU G 1612 -108.50 65.68 130.17
N TRP G 1613 -109.84 65.66 130.06
CA TRP G 1613 -110.54 66.74 129.36
C TRP G 1613 -110.14 68.11 129.89
N GLU G 1614 -109.83 68.19 131.17
CA GLU G 1614 -109.43 69.46 131.76
C GLU G 1614 -107.99 69.76 131.38
N SER G 1615 -107.12 68.77 131.58
CA SER G 1615 -105.69 68.97 131.34
C SER G 1615 -105.43 69.31 129.88
N MET G 1616 -106.15 68.68 128.95
CA MET G 1616 -105.88 68.95 127.54
C MET G 1616 -106.35 70.34 127.13
N SER G 1617 -107.24 70.96 127.91
CA SER G 1617 -107.69 72.31 127.60
C SER G 1617 -106.55 73.31 127.75
N THR G 1618 -105.56 72.98 128.59
CA THR G 1618 -104.28 73.68 128.62
C THR G 1618 -103.65 73.77 127.23
N GLN G 1619 -103.57 72.63 126.54
CA GLN G 1619 -102.76 72.54 125.32
C GLN G 1619 -103.46 73.13 124.09
N ALA G 1620 -104.78 72.95 123.96
CA ALA G 1620 -105.47 73.28 122.72
C ALA G 1620 -106.78 74.01 122.98
N PHE G 1621 -107.23 74.70 121.92
CA PHE G 1621 -108.59 75.24 121.85
C PHE G 1621 -109.50 74.08 121.50
N LEU G 1622 -110.44 73.77 122.38
CA LEU G 1622 -111.30 72.63 122.21
C LEU G 1622 -112.79 72.96 122.21
N PRO G 1623 -113.64 72.16 121.57
CA PRO G 1623 -115.09 72.30 121.80
C PRO G 1623 -115.44 71.91 123.23
N SER G 1624 -116.69 72.12 123.58
CA SER G 1624 -117.15 71.72 124.90
C SER G 1624 -117.11 70.20 125.05
N PRO G 1625 -116.68 69.66 126.19
CA PRO G 1625 -116.64 68.21 126.32
C PRO G 1625 -118.06 67.65 126.21
N PRO G 1626 -118.20 66.39 125.79
CA PRO G 1626 -119.52 65.75 125.90
C PRO G 1626 -119.85 65.31 127.31
N LEU G 1627 -121.15 65.03 127.48
CA LEU G 1627 -121.72 64.51 128.72
C LEU G 1627 -121.23 63.08 129.00
N PRO G 1628 -121.11 62.69 130.28
CA PRO G 1628 -120.61 61.34 130.59
C PRO G 1628 -121.39 60.22 129.94
N SER G 1629 -122.71 60.36 129.80
CA SER G 1629 -123.47 59.31 129.13
C SER G 1629 -123.06 59.15 127.67
N ASP G 1630 -122.70 60.24 126.99
CA ASP G 1630 -122.37 60.12 125.58
C ASP G 1630 -120.86 59.96 125.37
N MET G 1631 -120.06 59.97 126.43
CA MET G 1631 -118.62 59.92 126.23
C MET G 1631 -118.15 58.52 125.82
N LEU G 1632 -118.84 57.47 126.28
CA LEU G 1632 -118.33 56.11 126.12
C LEU G 1632 -119.47 55.11 125.97
N THR G 1633 -119.30 54.14 125.07
CA THR G 1633 -120.18 52.97 124.95
C THR G 1633 -119.31 51.71 124.84
N TYR G 1634 -119.68 50.64 125.56
CA TYR G 1634 -118.93 49.39 125.46
C TYR G 1634 -119.83 48.23 125.10
N THR G 1635 -119.25 47.19 124.48
CA THR G 1635 -119.97 45.94 124.28
C THR G 1635 -118.95 44.83 124.54
N GLU G 1636 -119.32 43.90 125.43
CA GLU G 1636 -118.43 42.81 125.78
C GLU G 1636 -118.25 41.76 124.69
N LEU G 1637 -117.01 41.30 124.53
CA LEU G 1637 -116.65 40.22 123.62
C LEU G 1637 -116.47 38.96 124.47
N VAL G 1638 -117.06 37.85 124.04
CA VAL G 1638 -117.13 36.63 124.84
C VAL G 1638 -116.92 35.46 123.90
N LEU G 1639 -116.23 34.44 124.40
CA LEU G 1639 -115.88 33.25 123.63
C LEU G 1639 -117.03 32.26 123.44
N ASP G 1640 -117.25 31.89 122.17
CA ASP G 1640 -118.14 30.82 121.80
C ASP G 1640 -117.40 29.50 122.01
N ASP G 1641 -117.96 28.38 121.54
CA ASP G 1641 -117.28 27.09 121.70
C ASP G 1641 -115.93 27.08 121.00
N GLN G 1642 -115.81 27.72 119.83
CA GLN G 1642 -114.56 27.71 119.07
C GLN G 1642 -113.59 28.81 119.47
N GLY G 1643 -113.77 29.49 120.60
CA GLY G 1643 -112.85 30.57 120.89
C GLY G 1643 -112.93 31.68 119.87
N GLN G 1644 -114.11 31.92 119.30
CA GLN G 1644 -114.35 32.97 118.33
C GLN G 1644 -115.20 34.05 118.98
N LEU G 1645 -114.98 35.29 118.55
CA LEU G 1645 -115.61 36.42 119.20
C LEU G 1645 -117.10 36.48 118.87
N VAL G 1646 -117.88 36.82 119.89
CA VAL G 1646 -119.33 36.89 119.84
C VAL G 1646 -119.72 38.11 120.66
N HIS G 1647 -120.60 38.94 120.12
CA HIS G 1647 -121.03 40.15 120.82
C HIS G 1647 -122.13 39.86 121.83
N MET G 1648 -121.89 40.30 123.07
CA MET G 1648 -122.72 40.02 124.22
C MET G 1648 -122.87 41.31 125.03
N ASN G 1649 -124.11 41.67 125.34
CA ASN G 1649 -124.43 42.86 126.12
C ASN G 1649 -124.85 42.41 127.52
N ARG G 1650 -123.86 42.16 128.38
CA ARG G 1650 -124.13 41.65 129.73
C ARG G 1650 -123.59 42.58 130.81
N LEU G 1651 -124.07 42.33 132.02
CA LEU G 1651 -123.71 43.12 133.20
C LEU G 1651 -122.27 42.82 133.60
N PRO G 1652 -121.51 43.82 134.07
CA PRO G 1652 -120.14 43.52 134.50
C PRO G 1652 -120.15 42.53 135.66
N GLY G 1653 -119.12 41.70 135.69
CA GLY G 1653 -118.94 40.64 136.66
C GLY G 1653 -119.35 39.28 136.17
N GLY G 1654 -119.78 39.15 134.91
CA GLY G 1654 -120.39 37.95 134.40
C GLY G 1654 -119.40 36.96 133.82
N ASN G 1655 -118.12 37.33 133.77
CA ASN G 1655 -117.09 36.53 133.12
C ASN G 1655 -116.95 35.16 133.76
N GLU G 1656 -116.74 34.17 132.89
CA GLU G 1656 -116.45 32.78 133.26
C GLU G 1656 -115.01 32.39 132.98
N ILE G 1657 -114.15 33.37 132.65
CA ILE G 1657 -112.73 33.16 132.45
C ILE G 1657 -112.01 34.36 133.04
N GLY G 1658 -110.68 34.25 133.20
CA GLY G 1658 -109.97 35.31 133.89
C GLY G 1658 -109.56 36.54 133.10
N MET G 1659 -110.24 36.83 132.01
CA MET G 1659 -109.89 37.98 131.17
C MET G 1659 -111.18 38.59 130.65
N VAL G 1660 -111.21 39.92 130.55
CA VAL G 1660 -112.38 40.63 130.05
C VAL G 1660 -111.89 41.69 129.07
N ALA G 1661 -112.68 41.93 128.02
CA ALA G 1661 -112.31 42.90 127.00
C ALA G 1661 -113.58 43.56 126.46
N TRP G 1662 -113.42 44.81 126.05
CA TRP G 1662 -114.48 45.60 125.42
C TRP G 1662 -113.90 46.45 124.30
N LYS G 1663 -114.77 46.77 123.34
CA LYS G 1663 -114.56 47.87 122.42
C LYS G 1663 -115.18 49.14 122.98
N MET G 1664 -114.43 50.24 122.88
CA MET G 1664 -114.83 51.54 123.43
C MET G 1664 -114.73 52.59 122.33
N THR G 1665 -115.75 53.44 122.24
CA THR G 1665 -115.72 54.58 121.34
C THR G 1665 -115.93 55.83 122.17
N PHE G 1666 -115.04 56.81 121.99
CA PHE G 1666 -115.18 58.07 122.69
C PHE G 1666 -114.62 59.21 121.85
N LYS G 1667 -115.12 60.41 122.13
CA LYS G 1667 -114.71 61.63 121.48
C LYS G 1667 -113.63 62.22 122.38
N SER G 1668 -112.47 62.52 121.80
CA SER G 1668 -111.34 63.06 122.53
C SER G 1668 -110.81 64.34 121.90
N PRO G 1669 -110.02 65.15 122.65
CA PRO G 1669 -109.49 66.40 122.08
C PRO G 1669 -108.74 66.20 120.78
N GLU G 1670 -108.00 65.10 120.72
CA GLU G 1670 -107.18 64.76 119.56
C GLU G 1670 -108.02 64.17 118.46
N TYR G 1671 -109.16 63.54 118.81
CA TYR G 1671 -110.08 62.94 117.87
C TYR G 1671 -111.50 63.42 118.18
N PRO G 1672 -111.81 64.68 117.84
CA PRO G 1672 -113.09 65.24 118.31
C PRO G 1672 -114.28 64.54 117.67
N GLU G 1673 -114.10 63.96 116.49
CA GLU G 1673 -115.13 63.13 115.87
C GLU G 1673 -115.13 61.70 116.43
N GLY G 1674 -114.09 61.32 117.18
CA GLY G 1674 -114.01 60.05 117.89
C GLY G 1674 -112.88 59.10 117.55
N ARG G 1675 -112.56 58.26 118.53
CA ARG G 1675 -111.48 57.27 118.43
C ARG G 1675 -111.82 56.02 119.23
N ASP G 1676 -111.24 54.90 118.81
CA ASP G 1676 -111.51 53.59 119.39
C ASP G 1676 -110.23 53.07 120.05
N ILE G 1677 -110.38 52.35 121.17
CA ILE G 1677 -109.28 51.60 121.75
C ILE G 1677 -109.82 50.27 122.29
N ILE G 1678 -108.90 49.34 122.50
CA ILE G 1678 -109.17 48.03 123.13
C ILE G 1678 -108.50 47.97 124.49
N VAL G 1679 -109.27 47.59 125.52
CA VAL G 1679 -108.75 47.47 126.86
C VAL G 1679 -108.94 46.01 127.30
N ILE G 1680 -107.82 45.39 127.66
CA ILE G 1680 -107.79 44.02 128.18
C ILE G 1680 -107.12 44.11 129.53
N GLY G 1681 -107.59 43.30 130.47
CA GLY G 1681 -107.02 43.30 131.80
C GLY G 1681 -107.17 42.00 132.54
N ASN G 1682 -106.14 41.62 133.29
CA ASN G 1682 -106.29 40.49 134.20
C ASN G 1682 -107.13 40.89 135.39
N ASP G 1683 -107.83 39.90 135.92
CA ASP G 1683 -108.52 39.97 137.22
C ASP G 1683 -107.70 39.18 138.22
N ILE G 1684 -106.92 39.89 139.03
CA ILE G 1684 -106.02 39.25 139.98
C ILE G 1684 -106.76 38.37 140.98
N THR G 1685 -108.06 38.58 141.16
CA THR G 1685 -108.82 37.71 142.05
C THR G 1685 -109.11 36.35 141.43
N TYR G 1686 -109.07 36.24 140.10
CA TYR G 1686 -109.31 34.97 139.42
C TYR G 1686 -107.98 34.31 139.13
N ARG G 1687 -107.62 33.29 139.91
CA ARG G 1687 -106.38 32.55 139.70
C ARG G 1687 -105.18 33.48 139.64
N ILE G 1688 -104.90 34.21 140.74
CA ILE G 1688 -103.88 35.28 140.78
C ILE G 1688 -103.49 35.94 139.45
N GLY G 1689 -104.46 36.05 138.54
CA GLY G 1689 -104.34 36.59 137.19
C GLY G 1689 -103.47 35.77 136.27
N SER G 1690 -103.41 34.47 136.52
CA SER G 1690 -102.64 33.54 135.70
C SER G 1690 -103.24 33.48 134.29
N PHE G 1691 -102.50 32.87 133.37
CA PHE G 1691 -102.84 32.86 131.96
C PHE G 1691 -103.23 31.41 131.63
N GLY G 1692 -104.52 31.15 131.70
CA GLY G 1692 -105.07 29.89 131.26
C GLY G 1692 -105.39 29.97 129.79
N PRO G 1693 -105.87 28.88 129.21
CA PRO G 1693 -106.15 28.91 127.77
C PRO G 1693 -107.23 29.90 127.45
N GLN G 1694 -108.19 30.07 128.36
CA GLN G 1694 -109.24 31.04 128.14
C GLN G 1694 -108.68 32.46 128.23
N GLU G 1695 -107.78 32.71 129.19
CA GLU G 1695 -107.19 34.04 129.29
C GLU G 1695 -106.37 34.32 128.05
N ASP G 1696 -105.55 33.35 127.63
CA ASP G 1696 -104.75 33.52 126.44
C ASP G 1696 -105.63 33.68 125.22
N LEU G 1697 -106.74 32.95 125.20
CA LEU G 1697 -107.55 32.90 123.99
C LEU G 1697 -108.36 34.19 123.83
N LEU G 1698 -108.98 34.70 124.91
CA LEU G 1698 -109.70 35.96 124.78
C LEU G 1698 -108.74 37.08 124.41
N PHE G 1699 -107.61 37.18 125.12
CA PHE G 1699 -106.63 38.22 124.80
C PHE G 1699 -106.16 38.15 123.36
N LEU G 1700 -105.69 36.98 122.95
CA LEU G 1700 -105.22 36.83 121.59
C LEU G 1700 -106.30 37.19 120.59
N ARG G 1701 -107.48 36.57 120.75
CA ARG G 1701 -108.54 36.69 119.77
C ARG G 1701 -109.15 38.08 119.79
N ALA G 1702 -109.14 38.74 120.96
CA ALA G 1702 -109.60 40.12 121.02
C ALA G 1702 -108.68 41.01 120.22
N SER G 1703 -107.38 40.76 120.34
CA SER G 1703 -106.38 41.51 119.60
C SER G 1703 -106.55 41.29 118.11
N GLU G 1704 -106.85 40.04 117.70
CA GLU G 1704 -107.04 39.74 116.29
C GLU G 1704 -108.08 40.65 115.64
N LEU G 1705 -109.16 40.96 116.34
CA LEU G 1705 -110.14 41.87 115.75
C LEU G 1705 -109.57 43.29 115.69
N ALA G 1706 -108.94 43.70 116.79
CA ALA G 1706 -108.28 45.01 116.93
C ALA G 1706 -107.28 45.28 115.81
N ARG G 1707 -106.44 44.30 115.55
CA ARG G 1707 -105.40 44.39 114.52
C ARG G 1707 -105.96 44.55 113.12
N ALA G 1708 -107.10 43.95 112.83
CA ALA G 1708 -107.68 44.00 111.49
C ALA G 1708 -107.84 45.44 111.00
N GLU G 1709 -108.18 46.37 111.91
CA GLU G 1709 -108.37 47.78 111.55
C GLU G 1709 -107.12 48.62 111.79
N GLY G 1710 -106.06 48.06 112.39
CA GLY G 1710 -104.86 48.83 112.59
C GLY G 1710 -104.88 49.71 113.82
N ILE G 1711 -105.86 49.51 114.69
CA ILE G 1711 -106.13 50.37 115.84
C ILE G 1711 -105.46 49.88 117.12
N PRO G 1712 -105.27 50.74 118.13
CA PRO G 1712 -104.46 50.35 119.30
C PRO G 1712 -105.07 49.32 120.24
N ARG G 1713 -104.16 48.60 120.93
CA ARG G 1713 -104.48 47.56 121.91
C ARG G 1713 -103.89 47.93 123.27
N ILE G 1714 -104.74 48.14 124.27
CA ILE G 1714 -104.31 48.44 125.63
C ILE G 1714 -104.51 47.22 126.54
N TYR G 1715 -103.43 46.78 127.20
CA TYR G 1715 -103.44 45.62 128.07
C TYR G 1715 -103.05 46.02 129.49
N VAL G 1716 -103.92 45.74 130.46
CA VAL G 1716 -103.62 45.95 131.88
C VAL G 1716 -103.08 44.63 132.43
N SER G 1717 -101.80 44.64 132.79
CA SER G 1717 -101.08 43.44 133.19
C SER G 1717 -100.92 43.40 134.71
N ALA G 1718 -101.53 42.39 135.33
CA ALA G 1718 -101.31 42.07 136.74
C ALA G 1718 -101.62 40.58 136.84
N ASN G 1719 -100.57 39.75 136.89
CA ASN G 1719 -100.77 38.34 136.61
C ASN G 1719 -99.67 37.47 137.23
N SER G 1720 -99.81 36.15 137.02
CA SER G 1720 -98.88 35.14 137.53
C SER G 1720 -98.43 34.20 136.42
N GLY G 1721 -98.51 34.63 135.16
CA GLY G 1721 -98.18 33.86 133.97
C GLY G 1721 -99.12 32.66 133.75
N ALA G 1722 -98.62 31.70 132.98
CA ALA G 1722 -99.44 30.60 132.48
C ALA G 1722 -100.02 29.73 133.60
N ARG G 1723 -101.18 29.12 133.32
CA ARG G 1723 -101.87 28.27 134.30
C ARG G 1723 -101.01 27.06 134.61
N ILE G 1724 -101.06 26.62 135.87
CA ILE G 1724 -100.32 25.45 136.35
C ILE G 1724 -101.33 24.52 137.01
N GLY G 1725 -101.09 23.21 136.92
CA GLY G 1725 -101.91 22.28 137.67
C GLY G 1725 -101.44 20.84 137.56
N LEU G 1726 -101.98 20.03 138.47
CA LEU G 1726 -101.92 18.56 138.53
C LEU G 1726 -103.29 17.91 138.58
N ALA G 1727 -103.31 16.70 138.00
CA ALA G 1727 -104.44 15.80 137.86
C ALA G 1727 -105.01 15.30 139.19
N GLU G 1728 -106.13 15.90 139.59
CA GLU G 1728 -106.77 15.61 140.88
C GLU G 1728 -107.10 14.14 141.04
N GLU G 1729 -107.61 13.49 139.98
CA GLU G 1729 -108.02 12.09 140.03
C GLU G 1729 -106.90 11.19 140.53
N ILE G 1730 -105.65 11.59 140.25
CA ILE G 1730 -104.45 10.85 140.64
C ILE G 1730 -103.95 11.23 142.02
N ARG G 1731 -104.06 12.50 142.46
CA ARG G 1731 -103.51 12.87 143.77
C ARG G 1731 -104.00 11.94 144.87
N HIS G 1732 -105.26 11.55 144.80
CA HIS G 1732 -105.87 10.80 145.88
C HIS G 1732 -105.72 9.31 145.66
N MET G 1733 -105.05 8.91 144.57
CA MET G 1733 -104.89 7.50 144.31
C MET G 1733 -103.49 7.10 143.86
N PHE G 1734 -102.53 8.02 143.70
CA PHE G 1734 -101.26 7.47 143.29
C PHE G 1734 -100.63 6.86 144.52
N HIS G 1735 -99.82 5.86 144.29
CA HIS G 1735 -99.08 5.21 145.34
C HIS G 1735 -97.63 5.33 144.93
N VAL G 1736 -96.72 5.25 145.88
CA VAL G 1736 -95.32 5.40 145.58
C VAL G 1736 -94.79 3.98 145.63
N ALA G 1737 -94.06 3.57 144.61
CA ALA G 1737 -93.43 2.25 144.64
C ALA G 1737 -92.05 2.43 145.22
N TRP G 1738 -92.00 2.29 146.54
CA TRP G 1738 -90.79 2.48 147.29
C TRP G 1738 -89.84 1.33 147.04
N VAL G 1739 -88.54 1.63 147.09
CA VAL G 1739 -87.56 0.56 147.15
C VAL G 1739 -87.93 -0.30 148.34
N ASP G 1740 -88.30 0.35 149.44
CA ASP G 1740 -88.78 -0.30 150.65
C ASP G 1740 -89.82 0.68 151.20
N PRO G 1741 -91.10 0.29 151.30
CA PRO G 1741 -92.09 1.22 151.87
C PRO G 1741 -91.85 1.48 153.34
N GLU G 1742 -91.45 0.45 154.08
CA GLU G 1742 -91.12 0.55 155.50
C GLU G 1742 -89.94 1.47 155.78
N ASP G 1743 -89.27 1.97 154.76
CA ASP G 1743 -88.30 3.04 154.91
C ASP G 1743 -88.28 3.80 153.59
N PRO G 1744 -88.85 5.01 153.53
CA PRO G 1744 -88.90 5.73 152.26
C PRO G 1744 -87.55 6.22 151.79
N TYR G 1745 -86.65 6.51 152.73
CA TYR G 1745 -85.36 7.10 152.40
C TYR G 1745 -84.46 6.17 151.60
N LYS G 1746 -84.79 4.88 151.50
CA LYS G 1746 -84.17 3.99 150.53
C LYS G 1746 -84.64 4.23 149.04
N GLY G 1747 -85.29 5.34 148.74
CA GLY G 1747 -85.66 5.73 147.40
C GLY G 1747 -86.95 5.05 146.92
N TYR G 1748 -87.54 5.65 145.89
CA TYR G 1748 -88.68 5.11 145.17
C TYR G 1748 -88.37 4.98 143.68
N ARG G 1749 -89.03 4.03 143.03
CA ARG G 1749 -88.86 3.72 141.61
C ARG G 1749 -89.91 4.44 140.77
N TYR G 1750 -91.17 4.40 141.18
CA TYR G 1750 -92.26 4.99 140.41
C TYR G 1750 -93.48 5.11 141.29
N LEU G 1751 -94.46 5.85 140.76
CA LEU G 1751 -95.77 6.04 141.36
C LEU G 1751 -96.78 5.14 140.65
N TYR G 1752 -97.84 4.72 141.37
CA TYR G 1752 -98.76 3.77 140.76
C TYR G 1752 -100.14 3.79 141.40
N LEU G 1753 -101.05 3.07 140.71
CA LEU G 1753 -102.44 2.87 141.06
C LEU G 1753 -102.72 1.38 141.28
N THR G 1754 -103.55 1.03 142.26
CA THR G 1754 -103.97 -0.38 142.35
C THR G 1754 -104.84 -0.75 141.14
N PRO G 1755 -104.94 -2.03 140.76
CA PRO G 1755 -105.71 -2.35 139.54
C PRO G 1755 -107.20 -2.04 139.53
N GLN G 1756 -107.94 -2.23 140.63
CA GLN G 1756 -109.33 -1.78 140.66
C GLN G 1756 -109.41 -0.28 140.48
N ASP G 1757 -108.60 0.44 141.24
CA ASP G 1757 -108.55 1.88 141.19
C ASP G 1757 -108.03 2.33 139.83
N TYR G 1758 -107.14 1.55 139.21
CA TYR G 1758 -106.64 1.96 137.90
C TYR G 1758 -107.76 1.83 136.88
N LYS G 1759 -108.58 0.78 137.02
CA LYS G 1759 -109.66 0.36 136.13
C LYS G 1759 -110.80 1.38 136.01
N ARG G 1760 -110.63 2.58 136.59
CA ARG G 1760 -111.63 3.62 136.75
C ARG G 1760 -111.15 4.89 136.08
N VAL G 1761 -109.98 5.38 136.47
CA VAL G 1761 -109.29 6.41 135.70
C VAL G 1761 -108.94 5.89 134.31
N SER G 1762 -108.71 4.56 134.19
CA SER G 1762 -108.24 4.00 132.91
C SER G 1762 -109.18 4.32 131.78
N ALA G 1763 -110.50 4.23 132.02
CA ALA G 1763 -111.47 4.57 131.00
C ALA G 1763 -111.43 6.04 130.56
N LEU G 1764 -110.75 6.91 131.32
CA LEU G 1764 -111.03 8.35 131.25
C LEU G 1764 -109.83 9.16 130.77
N ASN G 1765 -108.79 8.52 130.22
CA ASN G 1765 -107.62 9.22 129.69
C ASN G 1765 -106.93 10.09 130.74
N SER G 1766 -106.74 9.54 131.94
CA SER G 1766 -106.19 10.31 133.06
C SER G 1766 -104.68 10.09 133.17
N VAL G 1767 -104.25 8.83 133.08
CA VAL G 1767 -102.85 8.46 133.12
C VAL G 1767 -102.65 7.39 132.05
N HIS G 1768 -101.39 7.07 131.75
CA HIS G 1768 -101.04 5.89 130.98
C HIS G 1768 -100.25 4.94 131.89
N CYS G 1769 -100.73 3.72 132.06
CA CYS G 1769 -100.01 2.73 132.87
C CYS G 1769 -99.83 1.43 132.09
N GLU G 1770 -98.96 0.59 132.63
CA GLU G 1770 -98.81 -0.79 132.25
C GLU G 1770 -98.91 -1.63 133.52
N HIS G 1771 -99.61 -2.75 133.47
CA HIS G 1771 -99.69 -3.59 134.64
C HIS G 1771 -98.30 -4.14 134.93
N VAL G 1772 -97.97 -4.25 136.22
CA VAL G 1772 -96.69 -4.83 136.63
C VAL G 1772 -96.89 -5.52 137.97
N GLU G 1773 -96.15 -6.61 138.15
CA GLU G 1773 -95.96 -7.24 139.45
C GLU G 1773 -94.61 -6.82 140.00
N ASP G 1774 -94.59 -6.26 141.21
CA ASP G 1774 -93.35 -5.81 141.82
C ASP G 1774 -93.50 -5.87 143.33
N GLU G 1775 -92.41 -6.25 144.01
CA GLU G 1775 -92.36 -6.39 145.47
C GLU G 1775 -93.59 -7.08 146.04
N GLY G 1776 -94.11 -8.07 145.33
CA GLY G 1776 -95.30 -8.80 145.74
C GLY G 1776 -96.58 -8.19 145.21
N GLU G 1777 -96.71 -6.88 145.31
CA GLU G 1777 -97.95 -6.21 144.94
C GLU G 1777 -97.99 -6.05 143.42
N SER G 1778 -99.21 -5.91 142.90
CA SER G 1778 -99.47 -5.68 141.49
C SER G 1778 -99.71 -4.20 141.35
N ARG G 1779 -98.96 -3.55 140.46
CA ARG G 1779 -99.01 -2.10 140.37
C ARG G 1779 -99.23 -1.68 138.94
N TYR G 1780 -99.71 -0.45 138.81
CA TYR G 1780 -99.91 0.24 137.53
C TYR G 1780 -98.98 1.44 137.49
N LYS G 1781 -97.80 1.27 136.91
CA LYS G 1781 -96.81 2.33 136.87
C LYS G 1781 -97.29 3.53 136.07
N ILE G 1782 -97.27 4.70 136.70
CA ILE G 1782 -97.75 5.89 136.04
C ILE G 1782 -96.62 6.35 135.13
N THR G 1783 -96.88 6.38 133.83
CA THR G 1783 -95.89 6.72 132.81
C THR G 1783 -96.09 8.13 132.32
N ASP G 1784 -97.36 8.51 132.19
CA ASP G 1784 -97.77 9.86 131.85
C ASP G 1784 -99.01 10.12 132.68
N ILE G 1785 -99.10 11.31 133.24
CA ILE G 1785 -100.28 11.80 133.92
C ILE G 1785 -100.92 12.82 132.99
N ILE G 1786 -102.13 12.54 132.54
CA ILE G 1786 -102.78 13.36 131.53
C ILE G 1786 -103.67 14.42 132.16
N GLY G 1787 -104.48 14.06 133.14
CA GLY G 1787 -105.18 15.09 133.88
C GLY G 1787 -106.51 15.54 133.33
N LYS G 1788 -107.59 15.23 134.05
CA LYS G 1788 -108.92 15.56 133.57
C LYS G 1788 -109.13 17.07 133.51
N GLU G 1789 -108.39 17.83 134.30
CA GLU G 1789 -108.51 19.28 134.28
C GLU G 1789 -107.88 19.82 133.00
N GLU G 1790 -108.70 20.44 132.15
CA GLU G 1790 -108.21 21.07 130.94
C GLU G 1790 -107.57 22.39 131.32
N GLY G 1791 -106.45 22.74 130.68
CA GLY G 1791 -105.87 24.04 130.89
C GLY G 1791 -104.66 24.09 131.78
N ILE G 1792 -104.17 22.96 132.28
CA ILE G 1792 -103.04 22.95 133.19
C ILE G 1792 -101.78 22.40 132.53
N GLY G 1793 -101.76 22.33 131.19
CA GLY G 1793 -100.69 21.69 130.48
C GLY G 1793 -99.99 22.63 129.52
N PRO G 1794 -99.14 22.07 128.65
CA PRO G 1794 -98.39 22.90 127.69
C PRO G 1794 -99.25 23.59 126.66
N GLU G 1795 -100.55 23.27 126.54
CA GLU G 1795 -101.40 24.09 125.68
C GLU G 1795 -101.31 25.56 126.04
N ASN G 1796 -101.14 25.90 127.32
CA ASN G 1796 -100.99 27.31 127.65
C ASN G 1796 -99.69 27.84 127.10
N LEU G 1797 -98.68 26.98 126.99
CA LEU G 1797 -97.40 27.39 126.44
C LEU G 1797 -97.48 27.59 124.94
N ARG G 1798 -98.13 26.66 124.24
CA ARG G 1798 -98.32 26.83 122.80
C ARG G 1798 -99.12 28.11 122.60
N GLY G 1799 -100.23 28.23 123.34
CA GLY G 1799 -101.06 29.43 123.27
C GLY G 1799 -100.24 30.66 123.63
N SER G 1800 -99.34 30.51 124.60
CA SER G 1800 -98.51 31.62 125.07
C SER G 1800 -97.58 32.07 123.96
N GLY G 1801 -96.83 31.12 123.40
CA GLY G 1801 -95.98 31.42 122.25
C GLY G 1801 -96.76 32.14 121.18
N MET G 1802 -97.98 31.64 120.90
CA MET G 1802 -98.85 32.27 119.92
C MET G 1802 -98.96 33.75 120.29
N ILE G 1803 -99.17 34.04 121.58
CA ILE G 1803 -99.31 35.41 122.08
C ILE G 1803 -97.96 36.09 122.18
N ALA G 1804 -96.86 35.35 122.25
CA ALA G 1804 -95.57 36.02 122.09
C ALA G 1804 -95.54 36.62 120.69
N GLY G 1805 -95.78 35.78 119.69
CA GLY G 1805 -95.85 36.25 118.32
C GLY G 1805 -96.93 37.30 118.16
N GLU G 1806 -98.14 37.02 118.64
CA GLU G 1806 -99.24 37.97 118.51
C GLU G 1806 -98.89 39.31 119.13
N SER G 1807 -98.24 39.29 120.29
CA SER G 1807 -97.93 40.57 120.93
C SER G 1807 -96.84 41.28 120.13
N SER G 1808 -95.85 40.53 119.63
CA SER G 1808 -94.82 41.10 118.78
C SER G 1808 -95.43 41.72 117.53
N LEU G 1809 -96.32 40.98 116.88
CA LEU G 1809 -96.97 41.49 115.68
C LEU G 1809 -97.93 42.60 116.05
N ALA G 1810 -98.73 42.41 117.10
CA ALA G 1810 -99.64 43.48 117.50
C ALA G 1810 -98.89 44.79 117.69
N TYR G 1811 -97.77 44.77 118.40
CA TYR G 1811 -97.05 46.04 118.55
C TYR G 1811 -96.55 46.49 117.18
N ASN G 1812 -96.11 45.51 116.37
CA ASN G 1812 -95.63 45.72 115.01
C ASN G 1812 -96.73 45.95 113.97
N GLU G 1813 -98.00 45.80 114.35
CA GLU G 1813 -99.15 45.95 113.45
C GLU G 1813 -100.05 47.09 113.88
N ILE G 1814 -100.12 47.34 115.18
CA ILE G 1814 -100.98 48.36 115.77
C ILE G 1814 -100.21 48.96 116.93
N ILE G 1815 -100.81 49.96 117.53
CA ILE G 1815 -100.18 50.62 118.66
C ILE G 1815 -100.53 49.76 119.87
N THR G 1816 -99.51 49.37 120.63
CA THR G 1816 -99.74 48.63 121.88
C THR G 1816 -99.15 49.45 123.01
N ILE G 1817 -99.90 49.51 124.11
CA ILE G 1817 -99.44 50.11 125.34
C ILE G 1817 -99.90 49.19 126.45
N SER G 1818 -99.11 49.14 127.52
CA SER G 1818 -99.35 48.24 128.62
C SER G 1818 -99.06 48.98 129.92
N LEU G 1819 -99.88 48.67 130.91
CA LEU G 1819 -99.81 49.24 132.25
C LEU G 1819 -99.70 48.09 133.22
N VAL G 1820 -98.65 48.11 134.05
CA VAL G 1820 -98.39 47.05 135.01
C VAL G 1820 -98.88 47.60 136.34
N THR G 1821 -99.87 46.92 136.91
CA THR G 1821 -100.64 47.45 138.02
C THR G 1821 -100.17 46.88 139.33
N CYS G 1822 -100.00 45.56 139.40
CA CYS G 1822 -99.61 44.88 140.63
C CYS G 1822 -98.29 44.15 140.41
N ARG G 1823 -98.26 43.22 139.46
CA ARG G 1823 -97.04 42.55 139.07
C ARG G 1823 -97.28 41.83 137.75
N ALA G 1824 -96.26 41.83 136.89
CA ALA G 1824 -96.29 41.01 135.68
C ALA G 1824 -95.23 39.94 135.86
N ILE G 1825 -95.66 38.68 135.78
CA ILE G 1825 -94.82 37.51 136.01
C ILE G 1825 -94.76 36.68 134.73
N GLY G 1826 -93.56 36.20 134.43
CA GLY G 1826 -93.29 35.34 133.29
C GLY G 1826 -93.79 35.87 131.97
N ILE G 1827 -94.70 35.13 131.32
CA ILE G 1827 -95.16 35.53 129.99
C ILE G 1827 -95.79 36.92 130.03
N GLY G 1828 -96.45 37.26 131.14
CA GLY G 1828 -97.01 38.60 131.27
C GLY G 1828 -95.91 39.65 131.22
N ALA G 1829 -94.84 39.42 131.99
CA ALA G 1829 -93.68 40.29 131.92
C ALA G 1829 -93.12 40.31 130.51
N TYR G 1830 -92.97 39.13 129.91
CA TYR G 1830 -92.34 39.04 128.60
C TYR G 1830 -93.17 39.74 127.55
N LEU G 1831 -94.49 39.57 127.62
CA LEU G 1831 -95.40 40.21 126.68
C LEU G 1831 -95.47 41.72 126.89
N VAL G 1832 -95.34 42.19 128.13
CA VAL G 1832 -95.49 43.63 128.36
C VAL G 1832 -94.29 44.40 127.83
N ARG G 1833 -93.08 43.85 127.96
CA ARG G 1833 -91.93 44.59 127.48
C ARG G 1833 -91.91 44.54 125.96
N LEU G 1834 -92.21 43.35 125.45
CA LEU G 1834 -92.36 43.04 124.03
C LEU G 1834 -93.41 43.93 123.38
N GLY G 1835 -94.44 44.32 124.12
CA GLY G 1835 -95.40 45.27 123.60
C GLY G 1835 -94.77 46.63 123.36
N GLN G 1836 -93.63 46.89 123.99
CA GLN G 1836 -92.68 48.00 123.79
C GLN G 1836 -93.09 49.31 124.41
N ARG G 1837 -94.14 49.35 125.25
CA ARG G 1837 -94.58 50.57 125.88
C ARG G 1837 -95.18 50.24 127.22
N THR G 1838 -94.56 50.72 128.29
CA THR G 1838 -94.79 50.16 129.61
C THR G 1838 -94.86 51.32 130.58
N ILE G 1839 -95.98 51.42 131.30
CA ILE G 1839 -96.17 52.35 132.39
C ILE G 1839 -96.27 51.49 133.64
N GLN G 1840 -95.62 51.92 134.70
CA GLN G 1840 -95.53 51.11 135.91
C GLN G 1840 -95.93 51.93 137.12
N VAL G 1841 -96.97 51.49 137.79
CA VAL G 1841 -97.47 52.13 138.99
C VAL G 1841 -96.54 51.77 140.13
N GLU G 1842 -96.33 52.73 141.03
CA GLU G 1842 -95.50 52.46 142.19
C GLU G 1842 -96.00 51.22 142.92
N ASN G 1843 -95.04 50.50 143.47
CA ASN G 1843 -95.17 49.23 144.17
C ASN G 1843 -95.54 48.09 143.22
N SER G 1844 -95.77 48.34 141.93
CA SER G 1844 -95.82 47.27 140.95
C SER G 1844 -94.40 46.86 140.58
N HIS G 1845 -94.26 45.67 139.99
CA HIS G 1845 -92.97 45.21 139.53
C HIS G 1845 -93.11 44.36 138.28
N LEU G 1846 -92.01 44.27 137.53
CA LEU G 1846 -91.98 43.79 136.15
C LEU G 1846 -90.82 42.80 136.20
N ILE G 1847 -91.17 41.52 136.32
CA ILE G 1847 -90.21 40.47 136.63
C ILE G 1847 -90.66 39.17 135.99
N LEU G 1848 -89.72 38.24 135.93
CA LEU G 1848 -89.96 36.92 135.41
C LEU G 1848 -90.02 35.90 136.53
N THR G 1849 -89.11 36.01 137.49
CA THR G 1849 -88.98 35.09 138.62
C THR G 1849 -88.88 35.92 139.88
N GLY G 1850 -89.50 35.43 140.95
CA GLY G 1850 -89.71 36.25 142.13
C GLY G 1850 -88.46 36.33 142.97
N ALA G 1851 -88.34 37.46 143.69
CA ALA G 1851 -87.19 37.71 144.55
C ALA G 1851 -86.94 36.54 145.49
N GLY G 1852 -88.01 35.88 145.95
CA GLY G 1852 -87.84 34.74 146.83
C GLY G 1852 -87.07 33.62 146.15
N ALA G 1853 -87.53 33.21 144.97
CA ALA G 1853 -86.88 32.14 144.22
C ALA G 1853 -85.40 32.47 144.00
N LEU G 1854 -85.12 33.69 143.57
CA LEU G 1854 -83.77 34.12 143.24
C LEU G 1854 -82.89 34.22 144.48
N ASN G 1855 -83.46 34.72 145.58
CA ASN G 1855 -82.70 34.83 146.83
C ASN G 1855 -82.27 33.45 147.32
N LYS G 1856 -83.16 32.46 147.18
CA LYS G 1856 -82.85 31.08 147.55
C LYS G 1856 -81.66 30.58 146.72
N VAL G 1857 -81.72 30.79 145.40
CA VAL G 1857 -80.66 30.44 144.47
C VAL G 1857 -79.33 31.09 144.85
N LEU G 1858 -79.35 32.29 145.42
CA LEU G 1858 -78.15 33.04 145.74
C LEU G 1858 -77.64 32.76 147.16
N GLY G 1859 -78.29 31.85 147.88
CA GLY G 1859 -77.85 31.39 149.19
C GLY G 1859 -78.04 32.34 150.33
N ARG G 1860 -78.67 33.49 150.11
CA ARG G 1860 -79.02 34.37 151.21
C ARG G 1860 -80.14 35.26 150.71
N GLU G 1861 -80.76 35.98 151.65
CA GLU G 1861 -81.86 36.87 151.29
C GLU G 1861 -81.23 38.15 150.72
N VAL G 1862 -80.72 38.01 149.50
CA VAL G 1862 -80.04 39.11 148.82
C VAL G 1862 -81.00 40.26 148.61
N TYR G 1863 -82.15 39.97 148.01
CA TYR G 1863 -83.16 40.95 147.66
C TYR G 1863 -84.35 40.80 148.58
N THR G 1864 -84.96 41.94 148.87
CA THR G 1864 -86.05 42.05 149.82
C THR G 1864 -87.40 42.28 149.17
N SER G 1865 -87.43 42.68 147.92
CA SER G 1865 -88.67 43.06 147.27
C SER G 1865 -88.53 42.84 145.77
N ASN G 1866 -89.54 42.23 145.17
CA ASN G 1866 -89.56 42.07 143.72
C ASN G 1866 -89.32 43.38 143.00
N ASN G 1867 -89.72 44.50 143.61
CA ASN G 1867 -89.44 45.81 143.02
C ASN G 1867 -87.95 46.05 142.87
N GLN G 1868 -87.11 45.46 143.74
CA GLN G 1868 -85.67 45.58 143.54
C GLN G 1868 -85.28 45.02 142.19
N LEU G 1869 -85.99 43.99 141.71
CA LEU G 1869 -85.66 43.32 140.48
C LEU G 1869 -86.34 43.98 139.29
N GLY G 1870 -87.63 44.31 139.44
CA GLY G 1870 -88.47 44.77 138.37
C GLY G 1870 -89.27 46.02 138.67
N GLY G 1871 -88.99 46.65 139.80
CA GLY G 1871 -89.75 47.80 140.22
C GLY G 1871 -89.38 48.98 139.35
N ILE G 1872 -90.07 50.10 139.58
CA ILE G 1872 -89.78 51.29 138.78
C ILE G 1872 -88.34 51.72 138.99
N GLN G 1873 -87.77 51.41 140.15
CA GLN G 1873 -86.38 51.75 140.45
C GLN G 1873 -85.37 50.99 139.60
N ILE G 1874 -85.76 49.90 138.94
CA ILE G 1874 -84.91 49.22 137.97
C ILE G 1874 -85.37 49.63 136.57
N MET G 1875 -86.66 49.42 136.26
CA MET G 1875 -87.08 49.56 134.87
C MET G 1875 -87.14 51.01 134.43
N HIS G 1876 -87.40 51.95 135.34
CA HIS G 1876 -87.37 53.36 134.96
C HIS G 1876 -85.92 53.86 134.91
N ASN G 1877 -85.09 53.35 135.82
CA ASN G 1877 -83.67 53.68 135.88
C ASN G 1877 -82.87 53.06 134.75
N ASN G 1878 -83.41 52.08 134.02
CA ASN G 1878 -82.75 51.48 132.87
C ASN G 1878 -83.51 51.73 131.57
N GLY G 1879 -84.64 52.43 131.61
CA GLY G 1879 -85.38 52.81 130.42
C GLY G 1879 -86.36 51.75 129.95
N VAL G 1880 -86.54 50.67 130.71
CA VAL G 1880 -87.58 49.70 130.42
C VAL G 1880 -88.97 50.28 130.68
N THR G 1881 -89.11 51.07 131.73
CA THR G 1881 -90.34 51.77 131.98
C THR G 1881 -90.29 53.14 131.35
N HIS G 1882 -91.35 53.49 130.63
CA HIS G 1882 -91.44 54.74 129.92
C HIS G 1882 -91.90 55.84 130.86
N CYS G 1883 -92.94 55.56 131.64
CA CYS G 1883 -93.46 56.48 132.63
C CYS G 1883 -93.75 55.68 133.88
N THR G 1884 -93.65 56.34 135.02
CA THR G 1884 -94.03 55.78 136.30
C THR G 1884 -95.17 56.60 136.85
N VAL G 1885 -96.03 55.96 137.63
CA VAL G 1885 -97.19 56.62 138.21
C VAL G 1885 -97.37 56.20 139.66
N CYS G 1886 -98.07 57.07 140.40
CA CYS G 1886 -98.27 56.88 141.83
C CYS G 1886 -99.44 55.96 142.16
N ASP G 1887 -100.43 55.84 141.28
CA ASP G 1887 -101.57 54.98 141.54
C ASP G 1887 -102.19 54.52 140.24
N ASP G 1888 -103.15 53.60 140.37
CA ASP G 1888 -103.79 52.99 139.21
C ASP G 1888 -104.54 54.04 138.39
N PHE G 1889 -105.31 54.89 139.07
CA PHE G 1889 -106.07 55.92 138.39
C PHE G 1889 -105.15 56.79 137.56
N GLU G 1890 -104.08 57.27 138.17
CA GLU G 1890 -103.16 58.16 137.46
C GLU G 1890 -102.42 57.38 136.37
N GLY G 1891 -102.25 56.07 136.57
CA GLY G 1891 -101.69 55.23 135.52
C GLY G 1891 -102.51 55.25 134.24
N VAL G 1892 -103.81 54.96 134.37
CA VAL G 1892 -104.68 54.93 133.20
C VAL G 1892 -104.65 56.28 132.51
N PHE G 1893 -104.63 57.36 133.31
CA PHE G 1893 -104.52 58.71 132.78
C PHE G 1893 -103.29 58.86 131.89
N THR G 1894 -102.14 58.36 132.36
CA THR G 1894 -100.91 58.45 131.57
C THR G 1894 -101.05 57.70 130.25
N VAL G 1895 -101.67 56.51 130.29
CA VAL G 1895 -101.88 55.71 129.08
C VAL G 1895 -102.61 56.51 128.02
N LEU G 1896 -103.77 57.04 128.39
CA LEU G 1896 -104.59 57.82 127.47
C LEU G 1896 -103.88 59.11 127.03
N HIS G 1897 -103.07 59.69 127.90
CA HIS G 1897 -102.36 60.93 127.58
C HIS G 1897 -101.37 60.74 126.43
N TRP G 1898 -100.60 59.65 126.44
CA TRP G 1898 -99.72 59.32 125.31
C TRP G 1898 -100.51 59.24 124.01
N LEU G 1899 -101.60 58.47 124.04
CA LEU G 1899 -102.46 58.27 122.89
C LEU G 1899 -102.95 59.55 122.23
N SER G 1900 -103.00 60.67 122.95
CA SER G 1900 -103.46 61.92 122.35
C SER G 1900 -102.54 62.42 121.24
N TYR G 1901 -101.34 61.88 121.17
CA TYR G 1901 -100.34 62.07 120.14
C TYR G 1901 -100.42 61.06 118.99
N MET G 1902 -101.31 60.04 119.02
CA MET G 1902 -101.13 58.88 118.14
C MET G 1902 -102.23 58.71 117.08
N PRO G 1903 -101.88 58.23 115.88
CA PRO G 1903 -102.89 58.08 114.83
C PRO G 1903 -103.82 56.92 115.13
N LYS G 1904 -105.12 57.13 114.84
CA LYS G 1904 -106.15 56.12 115.10
C LYS G 1904 -105.78 54.76 114.54
N SER G 1905 -105.19 54.73 113.35
CA SER G 1905 -104.75 53.53 112.67
C SER G 1905 -103.56 53.92 111.82
N VAL G 1906 -102.96 52.95 111.14
CA VAL G 1906 -101.85 53.32 110.25
C VAL G 1906 -102.36 54.01 108.99
N HIS G 1907 -103.65 53.85 108.67
CA HIS G 1907 -104.32 54.48 107.54
C HIS G 1907 -104.75 55.91 107.84
N SER G 1908 -104.44 56.42 109.03
CA SER G 1908 -104.97 57.66 109.58
C SER G 1908 -103.81 58.59 109.90
N SER G 1909 -104.10 59.88 109.88
CA SER G 1909 -103.11 60.87 110.23
C SER G 1909 -102.97 61.02 111.73
N VAL G 1910 -101.81 61.53 112.11
CA VAL G 1910 -101.51 61.95 113.48
C VAL G 1910 -102.62 62.94 113.81
N PRO G 1911 -103.21 62.90 115.00
CA PRO G 1911 -104.27 63.88 115.28
C PRO G 1911 -103.68 65.23 115.63
N LEU G 1912 -104.08 66.26 114.87
CA LEU G 1912 -103.51 67.58 115.00
C LEU G 1912 -104.41 68.39 115.91
N LEU G 1913 -103.80 69.20 116.77
CA LEU G 1913 -104.53 70.13 117.61
C LEU G 1913 -104.30 71.54 117.12
N ASN G 1914 -105.18 72.45 117.53
CA ASN G 1914 -104.93 73.88 117.38
C ASN G 1914 -104.35 74.27 118.73
N SER G 1915 -103.04 74.37 118.81
CA SER G 1915 -102.45 74.50 120.14
C SER G 1915 -102.54 75.93 120.63
N LYS G 1916 -102.48 76.08 121.95
CA LYS G 1916 -102.53 77.41 122.55
C LYS G 1916 -101.18 78.09 122.49
N ASP G 1917 -100.12 77.33 122.18
CA ASP G 1917 -98.83 77.93 121.93
C ASP G 1917 -98.91 78.24 120.44
N PRO G 1918 -98.94 79.50 120.02
CA PRO G 1918 -99.18 79.78 118.61
C PRO G 1918 -98.04 79.29 117.74
N ILE G 1919 -98.33 79.30 116.45
CA ILE G 1919 -97.50 78.68 115.43
C ILE G 1919 -96.65 79.80 114.84
N ASP G 1920 -97.22 81.01 114.74
CA ASP G 1920 -96.53 82.16 114.18
C ASP G 1920 -95.83 82.97 115.26
N ARG G 1921 -95.29 82.29 116.27
CA ARG G 1921 -94.46 82.87 117.31
C ARG G 1921 -92.99 82.59 117.05
N ILE G 1922 -92.18 83.36 117.73
CA ILE G 1922 -90.74 83.14 117.77
C ILE G 1922 -90.45 82.27 118.98
N ILE G 1923 -89.31 81.54 118.95
CA ILE G 1923 -88.90 80.74 120.11
C ILE G 1923 -88.05 81.64 120.98
N GLU G 1924 -88.40 81.75 122.26
CA GLU G 1924 -87.64 82.69 123.08
C GLU G 1924 -86.37 82.07 123.65
N PHE G 1925 -86.46 80.82 124.13
CA PHE G 1925 -85.28 80.16 124.67
C PHE G 1925 -84.34 79.78 123.54
N VAL G 1926 -83.05 80.02 123.76
CA VAL G 1926 -82.00 79.77 122.78
C VAL G 1926 -81.04 78.79 123.45
N PRO G 1927 -80.74 77.63 122.85
CA PRO G 1927 -79.75 76.75 123.47
C PRO G 1927 -78.44 77.49 123.66
N THR G 1928 -77.71 77.10 124.70
CA THR G 1928 -76.59 77.87 125.20
C THR G 1928 -75.31 77.07 125.33
N LYS G 1929 -74.21 77.81 125.27
CA LYS G 1929 -72.91 77.24 125.59
C LYS G 1929 -72.92 76.76 127.03
N THR G 1930 -73.54 77.55 127.92
CA THR G 1930 -73.77 77.13 129.29
C THR G 1930 -74.68 75.89 129.28
N PRO G 1931 -74.48 74.92 130.16
CA PRO G 1931 -75.29 73.72 130.06
C PRO G 1931 -76.74 73.97 130.45
N TYR G 1932 -77.61 73.08 130.00
CA TYR G 1932 -79.05 73.27 130.21
C TYR G 1932 -79.80 71.96 130.07
N ASP G 1933 -80.96 71.94 130.69
CA ASP G 1933 -81.93 70.85 130.57
C ASP G 1933 -82.52 70.94 129.17
N PRO G 1934 -82.43 69.91 128.32
CA PRO G 1934 -82.91 70.06 126.93
C PRO G 1934 -84.40 70.17 126.79
N ARG G 1935 -85.20 69.94 127.83
CA ARG G 1935 -86.61 70.22 127.63
C ARG G 1935 -86.84 71.70 127.43
N TRP G 1936 -86.02 72.54 128.06
CA TRP G 1936 -86.14 73.97 127.82
C TRP G 1936 -85.94 74.35 126.35
N MET G 1937 -84.94 73.79 125.68
CA MET G 1937 -84.80 74.09 124.26
C MET G 1937 -86.00 73.57 123.49
N LEU G 1938 -86.54 72.45 123.94
CA LEU G 1938 -87.60 71.71 123.26
C LEU G 1938 -88.97 72.24 123.65
N ALA G 1939 -89.27 72.19 124.95
CA ALA G 1939 -90.57 72.47 125.55
C ALA G 1939 -90.69 73.88 126.13
N GLY G 1940 -89.58 74.60 126.26
CA GLY G 1940 -89.52 75.91 126.88
C GLY G 1940 -89.19 75.89 128.36
N ARG G 1941 -89.04 77.08 128.91
CA ARG G 1941 -88.70 77.27 130.32
C ARG G 1941 -89.32 78.55 130.83
N PRO G 1942 -89.38 78.74 132.15
CA PRO G 1942 -89.83 80.02 132.69
C PRO G 1942 -88.84 81.12 132.38
N HIS G 1943 -89.36 82.33 132.26
CA HIS G 1943 -88.53 83.48 131.93
C HIS G 1943 -87.66 83.79 133.16
N PRO G 1944 -86.32 83.92 133.02
CA PRO G 1944 -85.50 84.31 134.18
C PRO G 1944 -85.90 85.59 134.90
N THR G 1945 -86.33 86.64 134.19
CA THR G 1945 -86.69 87.90 134.88
C THR G 1945 -88.17 87.93 135.26
N GLN G 1946 -89.04 88.48 134.41
CA GLN G 1946 -90.45 88.66 134.70
C GLN G 1946 -91.15 87.30 134.79
N LYS G 1947 -91.06 86.66 135.96
CA LYS G 1947 -91.87 85.48 136.20
C LYS G 1947 -93.29 85.94 136.54
N GLY G 1948 -94.30 85.09 136.29
CA GLY G 1948 -94.27 83.77 135.68
C GLY G 1948 -94.53 83.78 134.18
N GLN G 1949 -93.59 84.34 133.43
CA GLN G 1949 -93.54 84.21 131.99
C GLN G 1949 -92.75 82.94 131.63
N TRP G 1950 -92.64 82.66 130.34
CA TRP G 1950 -92.14 81.40 129.80
C TRP G 1950 -91.27 81.65 128.60
N LEU G 1951 -90.01 81.23 128.66
CA LEU G 1951 -89.17 81.25 127.49
C LEU G 1951 -89.58 80.06 126.65
N SER G 1952 -90.22 80.35 125.53
CA SER G 1952 -90.83 79.30 124.75
C SER G 1952 -89.72 78.47 124.13
N GLY G 1953 -89.96 77.17 124.06
CA GLY G 1953 -89.06 76.26 123.41
C GLY G 1953 -89.53 76.08 121.98
N PHE G 1954 -88.95 75.09 121.32
CA PHE G 1954 -89.39 74.81 119.96
C PHE G 1954 -90.83 74.33 119.98
N PHE G 1955 -91.14 73.37 120.83
CA PHE G 1955 -92.42 72.71 120.83
C PHE G 1955 -93.41 73.47 121.70
N ASP G 1956 -94.67 73.11 121.56
CA ASP G 1956 -95.75 73.70 122.34
C ASP G 1956 -95.46 73.63 123.84
N TYR G 1957 -95.62 74.78 124.53
CA TYR G 1957 -95.44 74.86 125.99
C TYR G 1957 -96.20 73.75 126.70
N GLY G 1958 -95.50 72.96 127.51
CA GLY G 1958 -96.20 71.95 128.28
C GLY G 1958 -96.60 70.72 127.51
N SER G 1959 -96.11 70.57 126.27
CA SER G 1959 -96.55 69.53 125.36
C SER G 1959 -95.64 68.31 125.37
N PHE G 1960 -94.42 68.46 125.85
CA PHE G 1960 -93.43 67.39 125.75
C PHE G 1960 -93.66 66.44 126.90
N SER G 1961 -93.79 65.16 126.58
CA SER G 1961 -94.01 64.10 127.56
C SER G 1961 -92.85 63.14 127.41
N GLU G 1962 -91.93 63.22 128.37
CA GLU G 1962 -90.71 62.44 128.33
C GLU G 1962 -91.03 61.00 128.68
N ILE G 1963 -90.14 60.11 128.27
CA ILE G 1963 -90.12 58.75 128.78
C ILE G 1963 -88.67 58.35 129.01
N MET G 1964 -88.49 57.34 129.85
CA MET G 1964 -87.18 56.82 130.22
C MET G 1964 -86.28 57.94 130.77
N GLN G 1965 -86.88 58.85 131.52
CA GLN G 1965 -86.16 60.06 131.92
C GLN G 1965 -84.91 59.82 132.74
N PRO G 1966 -84.89 58.95 133.75
CA PRO G 1966 -83.73 58.91 134.63
C PRO G 1966 -82.62 58.00 134.15
N TRP G 1967 -82.78 57.36 133.00
CA TRP G 1967 -81.77 56.46 132.47
C TRP G 1967 -81.12 57.12 131.27
N ALA G 1968 -79.79 57.13 131.25
CA ALA G 1968 -79.04 57.68 130.12
C ALA G 1968 -79.45 59.11 129.77
N GLN G 1969 -79.12 60.03 130.67
CA GLN G 1969 -79.65 61.38 130.58
C GLN G 1969 -78.78 62.26 129.71
N THR G 1970 -77.75 61.70 129.05
CA THR G 1970 -76.99 62.48 128.09
C THR G 1970 -77.84 62.87 126.89
N VAL G 1971 -78.90 62.10 126.62
CA VAL G 1971 -79.90 62.44 125.61
C VAL G 1971 -81.25 62.31 126.29
N VAL G 1972 -82.21 63.08 125.78
CA VAL G 1972 -83.54 63.16 126.37
C VAL G 1972 -84.50 62.91 125.22
N VAL G 1973 -85.40 61.95 125.42
CA VAL G 1973 -86.33 61.54 124.38
C VAL G 1973 -87.74 61.53 124.93
N GLY G 1974 -88.71 61.71 124.04
CA GLY G 1974 -90.09 61.80 124.45
C GLY G 1974 -90.95 62.17 123.26
N ARG G 1975 -92.18 62.51 123.58
CA ARG G 1975 -93.16 62.91 122.59
C ARG G 1975 -93.58 64.33 122.94
N ALA G 1976 -93.94 65.12 121.94
CA ALA G 1976 -94.36 66.50 122.15
C ALA G 1976 -95.29 66.91 121.02
N ARG G 1977 -95.68 68.18 121.01
CA ARG G 1977 -96.48 68.76 119.94
C ARG G 1977 -95.85 70.07 119.48
N LEU G 1978 -95.81 70.27 118.17
CA LEU G 1978 -95.33 71.50 117.54
C LEU G 1978 -96.50 72.15 116.83
N GLY G 1979 -96.95 73.28 117.37
CA GLY G 1979 -98.19 73.85 116.88
C GLY G 1979 -99.36 72.88 116.93
N GLY G 1980 -99.31 71.92 117.85
CA GLY G 1980 -100.37 70.95 117.99
C GLY G 1980 -100.22 69.72 117.12
N ILE G 1981 -99.11 69.56 116.41
CA ILE G 1981 -98.80 68.34 115.68
C ILE G 1981 -98.01 67.45 116.63
N PRO G 1982 -98.47 66.24 116.95
CA PRO G 1982 -97.63 65.39 117.80
C PRO G 1982 -96.41 64.91 117.01
N VAL G 1983 -95.24 64.98 117.63
CA VAL G 1983 -94.03 64.42 117.04
C VAL G 1983 -93.27 63.69 118.13
N GLY G 1984 -92.40 62.77 117.72
CA GLY G 1984 -91.41 62.25 118.63
C GLY G 1984 -90.13 63.07 118.55
N VAL G 1985 -89.44 63.15 119.67
CA VAL G 1985 -88.39 64.15 119.86
C VAL G 1985 -87.22 63.53 120.63
N VAL G 1986 -86.02 63.76 120.14
CA VAL G 1986 -84.80 63.38 120.84
C VAL G 1986 -83.93 64.63 120.84
N ALA G 1987 -83.39 64.98 122.00
CA ALA G 1987 -82.49 66.11 122.17
C ALA G 1987 -81.39 65.69 123.14
N VAL G 1988 -80.35 66.50 123.23
CA VAL G 1988 -79.13 66.10 123.92
C VAL G 1988 -78.88 66.99 125.12
N GLU G 1989 -78.62 66.35 126.25
CA GLU G 1989 -78.25 67.05 127.48
C GLU G 1989 -76.85 67.60 127.29
N THR G 1990 -76.64 68.82 127.77
CA THR G 1990 -75.39 69.54 127.64
C THR G 1990 -74.55 69.60 128.91
N ARG G 1991 -75.13 69.37 130.09
CA ARG G 1991 -74.36 69.36 131.31
C ARG G 1991 -73.79 67.97 131.45
N THR G 1992 -72.62 67.86 132.11
CA THR G 1992 -72.06 66.52 132.28
C THR G 1992 -73.09 65.72 133.06
N VAL G 1993 -73.42 64.57 132.54
CA VAL G 1993 -74.35 63.68 133.20
C VAL G 1993 -73.56 62.83 134.16
N GLU G 1994 -74.14 62.58 135.32
CA GLU G 1994 -73.58 61.62 136.25
C GLU G 1994 -74.60 60.49 136.27
N LEU G 1995 -74.30 59.39 135.58
CA LEU G 1995 -75.23 58.28 135.52
C LEU G 1995 -74.82 57.35 136.65
N SER G 1996 -75.77 57.00 137.50
CA SER G 1996 -75.53 56.08 138.59
C SER G 1996 -75.94 54.66 138.23
N ILE G 1997 -75.00 53.73 138.34
CA ILE G 1997 -75.27 52.32 138.10
C ILE G 1997 -75.35 51.68 139.49
N PRO G 1998 -76.46 51.05 139.87
CA PRO G 1998 -76.55 50.56 141.25
C PRO G 1998 -75.63 49.37 141.51
N ALA G 1999 -75.34 49.18 142.79
CA ALA G 1999 -74.49 48.08 143.22
C ALA G 1999 -75.32 46.80 143.28
N ASP G 2000 -74.71 45.70 142.89
CA ASP G 2000 -75.37 44.40 143.02
C ASP G 2000 -75.18 43.86 144.44
N PRO G 2001 -76.23 43.78 145.27
CA PRO G 2001 -76.01 43.26 146.63
C PRO G 2001 -75.69 41.78 146.63
N ALA G 2002 -76.15 41.03 145.61
CA ALA G 2002 -75.77 39.64 145.45
C ALA G 2002 -74.25 39.45 145.45
N ASN G 2003 -73.53 40.32 144.75
CA ASN G 2003 -72.09 40.18 144.60
C ASN G 2003 -71.43 41.20 145.51
N LEU G 2004 -70.64 40.72 146.48
CA LEU G 2004 -70.06 41.65 147.46
C LEU G 2004 -68.93 42.48 146.86
N ASP G 2005 -68.38 42.10 145.71
CA ASP G 2005 -67.36 42.94 145.09
C ASP G 2005 -67.98 44.19 144.52
N SER G 2006 -69.06 44.03 143.74
CA SER G 2006 -69.71 45.13 143.04
C SER G 2006 -69.97 46.27 143.99
N GLU G 2007 -69.36 47.42 143.75
CA GLU G 2007 -69.84 48.66 144.34
C GLU G 2007 -70.35 49.56 143.25
N ALA G 2008 -71.33 50.39 143.61
CA ALA G 2008 -71.95 51.27 142.63
C ALA G 2008 -70.96 52.34 142.27
N LYS G 2009 -70.35 52.24 141.09
CA LYS G 2009 -69.47 53.34 140.77
C LYS G 2009 -70.39 54.48 140.35
N ILE G 2010 -69.81 55.66 140.22
CA ILE G 2010 -70.57 56.83 139.84
C ILE G 2010 -69.68 57.48 138.78
N ILE G 2011 -70.21 57.58 137.58
CA ILE G 2011 -69.44 57.86 136.40
C ILE G 2011 -69.88 59.18 135.82
N GLN G 2012 -68.92 59.95 135.35
CA GLN G 2012 -69.23 61.18 134.63
C GLN G 2012 -69.50 60.72 133.22
N GLN G 2013 -70.64 61.15 132.68
CA GLN G 2013 -71.03 60.86 131.32
C GLN G 2013 -71.16 62.19 130.58
N ALA G 2014 -70.19 62.46 129.70
CA ALA G 2014 -70.12 63.72 128.98
C ALA G 2014 -71.37 64.02 128.15
N GLY G 2015 -71.70 65.32 128.06
CA GLY G 2015 -72.74 65.79 127.18
C GLY G 2015 -72.27 65.85 125.73
N GLN G 2016 -73.24 66.00 124.81
CA GLN G 2016 -72.99 66.02 123.37
C GLN G 2016 -72.24 64.79 122.88
N VAL G 2017 -72.43 63.64 123.51
CA VAL G 2017 -71.77 62.41 123.07
C VAL G 2017 -72.80 61.29 123.03
N TRP G 2018 -72.63 60.36 122.09
CA TRP G 2018 -73.45 59.16 122.10
C TRP G 2018 -72.66 58.14 122.91
N PHE G 2019 -73.30 57.63 123.94
CA PHE G 2019 -72.85 56.51 124.74
C PHE G 2019 -73.66 55.26 124.39
N PRO G 2020 -73.29 54.11 124.95
CA PRO G 2020 -74.14 52.93 124.76
C PRO G 2020 -75.56 53.17 125.24
N ASP G 2021 -75.66 53.65 126.48
CA ASP G 2021 -76.94 53.93 127.11
C ASP G 2021 -77.74 54.94 126.29
N SER G 2022 -77.10 56.06 125.96
CA SER G 2022 -77.78 57.14 125.24
C SER G 2022 -78.25 56.68 123.87
N ALA G 2023 -77.41 55.93 123.17
CA ALA G 2023 -77.77 55.49 121.82
C ALA G 2023 -78.97 54.56 121.88
N PHE G 2024 -78.99 53.66 122.86
CA PHE G 2024 -80.15 52.77 122.99
C PHE G 2024 -81.42 53.52 123.34
N LYS G 2025 -81.39 54.35 124.39
CA LYS G 2025 -82.57 55.14 124.71
C LYS G 2025 -82.99 55.97 123.51
N THR G 2026 -82.02 56.51 122.76
CA THR G 2026 -82.37 57.29 121.59
C THR G 2026 -82.95 56.38 120.52
N TYR G 2027 -82.26 55.25 120.29
CA TYR G 2027 -82.72 54.21 119.37
C TYR G 2027 -84.08 53.66 119.78
N GLN G 2028 -84.28 53.48 121.08
CA GLN G 2028 -85.53 52.88 121.53
C GLN G 2028 -86.67 53.84 121.32
N ALA G 2029 -86.48 55.09 121.74
CA ALA G 2029 -87.53 56.10 121.56
C ALA G 2029 -87.81 56.28 120.09
N ILE G 2030 -86.76 56.49 119.29
CA ILE G 2030 -86.94 56.67 117.85
C ILE G 2030 -87.60 55.43 117.25
N LYS G 2031 -87.14 54.24 117.64
CA LYS G 2031 -87.75 53.02 117.08
C LYS G 2031 -89.20 53.00 117.46
N ASP G 2032 -89.44 53.28 118.74
CA ASP G 2032 -90.76 53.22 119.31
C ASP G 2032 -91.67 54.22 118.60
N PHE G 2033 -91.21 55.46 118.52
CA PHE G 2033 -91.94 56.55 117.86
C PHE G 2033 -92.23 56.27 116.39
N ASN G 2034 -91.31 55.58 115.70
CA ASN G 2034 -91.48 55.35 114.27
C ASN G 2034 -92.69 54.47 113.97
N ARG G 2035 -92.99 53.51 114.83
CA ARG G 2035 -94.14 52.63 114.65
C ARG G 2035 -95.45 53.31 115.04
N GLU G 2036 -95.37 54.46 115.69
CA GLU G 2036 -96.55 55.24 115.99
C GLU G 2036 -97.05 55.98 114.78
N GLY G 2037 -96.16 56.38 113.88
CA GLY G 2037 -96.55 57.13 112.72
C GLY G 2037 -96.30 58.61 112.88
N LEU G 2038 -95.46 58.98 113.78
CA LEU G 2038 -95.24 60.37 114.10
C LEU G 2038 -94.11 60.90 113.24
N PRO G 2039 -94.11 62.17 112.87
CA PRO G 2039 -92.87 62.75 112.41
C PRO G 2039 -91.93 62.86 113.59
N LEU G 2040 -90.64 62.91 113.28
CA LEU G 2040 -89.60 62.94 114.29
C LEU G 2040 -88.89 64.26 114.09
N MET G 2041 -88.57 64.93 115.20
CA MET G 2041 -87.67 66.06 115.15
C MET G 2041 -86.53 65.85 116.13
N VAL G 2042 -85.33 65.70 115.60
CA VAL G 2042 -84.13 65.54 116.41
C VAL G 2042 -83.43 66.87 116.38
N PHE G 2043 -83.27 67.43 117.56
CA PHE G 2043 -82.45 68.62 117.75
C PHE G 2043 -81.08 68.14 118.18
N ALA G 2044 -80.29 67.83 117.16
CA ALA G 2044 -79.04 67.11 117.31
C ALA G 2044 -78.00 68.06 117.86
N ASN G 2045 -77.30 67.60 118.90
CA ASN G 2045 -76.30 68.38 119.55
C ASN G 2045 -75.35 67.36 120.18
N TRP G 2046 -74.67 66.66 119.28
CA TRP G 2046 -73.74 65.58 119.56
C TRP G 2046 -72.40 65.88 118.93
N ARG G 2047 -71.32 65.82 119.71
CA ARG G 2047 -70.01 66.06 119.13
C ARG G 2047 -69.52 64.82 118.41
N GLY G 2048 -70.08 63.67 118.73
CA GLY G 2048 -69.62 62.41 118.19
C GLY G 2048 -70.05 61.30 119.14
N PHE G 2049 -69.70 60.10 118.73
CA PHE G 2049 -69.78 58.94 119.60
C PHE G 2049 -68.55 58.85 120.50
N SER G 2050 -68.75 58.35 121.71
CA SER G 2050 -67.62 58.12 122.60
C SER G 2050 -66.83 56.91 122.11
N GLY G 2051 -65.51 57.05 122.04
CA GLY G 2051 -64.71 56.00 121.45
C GLY G 2051 -63.80 55.38 122.49
N GLY G 2052 -64.15 55.54 123.77
CA GLY G 2052 -63.30 55.04 124.83
C GLY G 2052 -63.51 53.57 125.02
N MET G 2053 -62.59 52.95 125.76
CA MET G 2053 -62.61 51.48 125.86
C MET G 2053 -63.94 51.00 126.38
N LYS G 2054 -64.37 51.54 127.53
CA LYS G 2054 -65.57 51.04 128.20
C LYS G 2054 -66.80 51.24 127.32
N ASP G 2055 -67.03 52.47 126.86
CA ASP G 2055 -68.26 52.69 126.11
C ASP G 2055 -68.21 51.93 124.79
N MET G 2056 -67.02 51.83 124.17
CA MET G 2056 -66.89 51.03 122.97
C MET G 2056 -67.06 49.56 123.30
N TYR G 2057 -66.38 49.12 124.37
CA TYR G 2057 -66.59 47.79 124.93
C TYR G 2057 -68.06 47.54 125.22
N ASP G 2058 -68.73 48.55 125.76
CA ASP G 2058 -70.14 48.42 126.08
C ASP G 2058 -71.01 48.65 124.84
N GLN G 2059 -70.41 48.61 123.66
CA GLN G 2059 -71.05 48.35 122.37
C GLN G 2059 -71.84 49.52 121.80
N VAL G 2060 -71.42 50.76 122.07
CA VAL G 2060 -72.12 51.92 121.51
C VAL G 2060 -72.12 51.87 119.99
N LEU G 2061 -71.09 51.27 119.40
CA LEU G 2061 -70.98 51.17 117.95
C LEU G 2061 -72.13 50.37 117.37
N LYS G 2062 -72.60 49.37 118.11
CA LYS G 2062 -73.53 48.37 117.59
C LYS G 2062 -74.88 49.00 117.30
N PHE G 2063 -75.31 49.90 118.17
CA PHE G 2063 -76.64 50.49 118.11
C PHE G 2063 -76.70 51.63 117.12
N GLY G 2064 -75.56 52.23 116.80
CA GLY G 2064 -75.54 53.20 115.71
C GLY G 2064 -75.89 52.57 114.38
N ALA G 2065 -75.27 51.42 114.06
CA ALA G 2065 -75.71 50.70 112.88
C ALA G 2065 -77.20 50.39 112.93
N TYR G 2066 -77.70 49.94 114.09
CA TYR G 2066 -79.08 49.49 114.23
C TYR G 2066 -80.09 50.59 113.98
N ILE G 2067 -79.85 51.80 114.51
CA ILE G 2067 -80.73 52.94 114.27
C ILE G 2067 -81.00 53.14 112.79
N VAL G 2068 -79.98 52.92 111.94
CA VAL G 2068 -80.20 53.07 110.51
C VAL G 2068 -81.35 52.17 110.08
N ASP G 2069 -81.28 50.88 110.45
CA ASP G 2069 -82.40 49.99 110.17
C ASP G 2069 -83.68 50.63 110.71
N GLY G 2070 -83.58 51.16 111.94
CA GLY G 2070 -84.75 51.71 112.61
C GLY G 2070 -85.26 52.91 111.85
N LEU G 2071 -84.33 53.77 111.45
CA LEU G 2071 -84.64 55.02 110.78
C LEU G 2071 -85.07 54.75 109.34
N ARG G 2072 -84.56 53.68 108.75
CA ARG G 2072 -84.93 53.29 107.38
C ARG G 2072 -86.41 53.02 107.24
N GLU G 2073 -87.07 52.56 108.29
CA GLU G 2073 -88.48 52.23 108.22
C GLU G 2073 -89.39 53.43 108.41
N CYS G 2074 -88.85 54.63 108.61
CA CYS G 2074 -89.74 55.77 108.75
C CYS G 2074 -90.55 56.08 107.50
N CYS G 2075 -91.82 56.43 107.71
CA CYS G 2075 -92.78 56.60 106.64
C CYS G 2075 -93.35 58.01 106.58
N GLN G 2076 -92.97 58.89 107.49
CA GLN G 2076 -93.42 60.27 107.54
C GLN G 2076 -92.25 61.23 107.73
N PRO G 2077 -92.49 62.53 107.57
CA PRO G 2077 -91.41 63.52 107.63
C PRO G 2077 -90.60 63.48 108.92
N VAL G 2078 -89.28 63.54 108.78
CA VAL G 2078 -88.38 63.80 109.90
C VAL G 2078 -87.59 65.05 109.57
N LEU G 2079 -87.81 66.12 110.33
CA LEU G 2079 -87.10 67.39 110.14
C LEU G 2079 -86.07 67.55 111.26
N VAL G 2080 -84.79 67.58 110.88
CA VAL G 2080 -83.69 67.67 111.82
C VAL G 2080 -83.11 69.06 111.74
N TYR G 2081 -82.89 69.69 112.89
CA TYR G 2081 -82.39 71.05 112.98
C TYR G 2081 -81.31 70.95 114.05
N ILE G 2082 -80.09 71.35 113.73
CA ILE G 2082 -79.01 71.42 114.71
C ILE G 2082 -79.09 72.78 115.40
N PRO G 2083 -79.44 72.85 116.68
CA PRO G 2083 -79.64 74.15 117.34
C PRO G 2083 -78.35 74.91 117.58
N PRO G 2084 -78.45 76.20 117.93
CA PRO G 2084 -77.25 77.02 118.21
C PRO G 2084 -76.39 76.46 119.33
N GLN G 2085 -75.08 76.57 119.12
CA GLN G 2085 -74.02 76.00 119.94
C GLN G 2085 -73.91 74.49 119.82
N ALA G 2086 -74.68 73.87 118.95
CA ALA G 2086 -74.46 72.46 118.71
C ALA G 2086 -73.47 72.31 117.58
N GLU G 2087 -72.98 71.09 117.44
CA GLU G 2087 -72.09 70.72 116.37
C GLU G 2087 -72.39 69.26 116.10
N LEU G 2088 -72.18 68.80 114.88
CA LEU G 2088 -72.45 67.40 114.57
C LEU G 2088 -71.39 66.90 113.61
N ARG G 2089 -70.70 65.86 114.04
CA ARG G 2089 -69.45 65.43 113.44
C ARG G 2089 -69.54 63.94 113.24
N GLY G 2090 -68.93 63.46 112.15
CA GLY G 2090 -68.68 62.05 111.97
C GLY G 2090 -69.91 61.20 112.22
N GLY G 2091 -69.80 60.36 113.25
CA GLY G 2091 -70.80 59.34 113.51
C GLY G 2091 -72.23 59.85 113.61
N SER G 2092 -72.43 61.02 114.23
CA SER G 2092 -73.80 61.43 114.45
C SER G 2092 -74.56 61.82 113.17
N TRP G 2093 -73.91 62.53 112.24
CA TRP G 2093 -74.56 62.86 110.97
C TRP G 2093 -74.72 61.63 110.06
N VAL G 2094 -73.60 60.90 109.87
CA VAL G 2094 -73.52 59.76 108.95
C VAL G 2094 -74.65 58.76 109.18
N VAL G 2095 -74.95 58.45 110.44
CA VAL G 2095 -75.94 57.42 110.77
C VAL G 2095 -77.38 57.93 110.64
N ILE G 2096 -77.56 59.22 110.40
CA ILE G 2096 -78.87 59.84 110.18
C ILE G 2096 -78.92 60.64 108.89
N ASP G 2097 -78.02 60.35 107.95
CA ASP G 2097 -78.08 60.98 106.64
C ASP G 2097 -79.38 60.61 105.93
N SER G 2098 -79.96 61.57 105.24
CA SER G 2098 -81.19 61.38 104.48
C SER G 2098 -81.09 60.26 103.47
N SER G 2099 -79.88 59.88 103.07
CA SER G 2099 -79.68 58.80 102.12
C SER G 2099 -80.34 57.50 102.58
N ILE G 2100 -80.50 57.30 103.89
CA ILE G 2100 -81.04 56.03 104.35
C ILE G 2100 -82.46 55.90 103.83
N ASN G 2101 -83.18 57.01 103.83
CA ASN G 2101 -84.57 57.07 103.36
C ASN G 2101 -84.69 58.42 102.66
N PRO G 2102 -84.04 58.57 101.50
CA PRO G 2102 -84.11 59.86 100.79
C PRO G 2102 -85.51 60.22 100.39
N ARG G 2103 -86.29 59.19 100.07
CA ARG G 2103 -87.69 59.30 99.72
C ARG G 2103 -88.50 60.15 100.70
N HIS G 2104 -88.15 60.11 101.99
CA HIS G 2104 -88.96 60.66 103.06
C HIS G 2104 -88.24 61.67 103.93
N MET G 2105 -86.92 61.76 103.86
CA MET G 2105 -86.12 62.62 104.73
C MET G 2105 -85.79 63.95 104.06
N GLU G 2106 -85.74 65.00 104.89
CA GLU G 2106 -85.35 66.34 104.51
C GLU G 2106 -84.57 66.98 105.67
N MET G 2107 -83.60 67.84 105.33
CA MET G 2107 -82.63 68.40 106.28
C MET G 2107 -82.45 69.92 106.34
N TYR G 2108 -82.36 70.44 107.58
CA TYR G 2108 -82.13 71.86 107.81
C TYR G 2108 -81.06 71.97 108.89
N ALA G 2109 -80.21 72.98 108.77
CA ALA G 2109 -79.13 73.25 109.73
C ALA G 2109 -79.12 74.70 110.19
N ASP G 2110 -78.91 74.92 111.49
CA ASP G 2110 -78.72 76.28 111.96
C ASP G 2110 -77.40 76.86 111.47
N ARG G 2111 -77.38 78.19 111.38
CA ARG G 2111 -76.17 78.94 111.05
C ARG G 2111 -75.02 78.52 111.95
N GLU G 2112 -75.35 78.28 113.22
CA GLU G 2112 -74.43 77.95 114.29
C GLU G 2112 -74.25 76.44 114.47
N SER G 2113 -74.32 75.66 113.39
CA SER G 2113 -74.12 74.22 113.46
C SER G 2113 -72.84 73.90 112.72
N ARG G 2114 -72.37 72.65 112.82
CA ARG G 2114 -71.08 72.36 112.23
C ARG G 2114 -70.99 70.90 111.82
N GLY G 2115 -70.14 70.62 110.82
CA GLY G 2115 -69.99 69.22 110.46
C GLY G 2115 -68.82 68.81 109.58
N SER G 2116 -68.21 67.71 110.02
CA SER G 2116 -66.98 67.14 109.49
C SER G 2116 -66.91 65.69 109.95
N VAL G 2117 -65.97 64.94 109.39
CA VAL G 2117 -65.60 63.67 110.00
C VAL G 2117 -65.04 63.92 111.38
N LEU G 2118 -64.30 65.01 111.55
CA LEU G 2118 -63.57 65.31 112.78
C LEU G 2118 -63.65 66.80 113.08
N GLU G 2119 -63.90 67.09 114.34
CA GLU G 2119 -63.97 68.46 114.83
C GLU G 2119 -62.61 69.16 114.68
N PRO G 2120 -62.60 70.50 114.68
CA PRO G 2120 -61.37 71.28 114.39
C PRO G 2120 -60.09 70.99 115.16
N GLU G 2121 -60.11 70.82 116.49
CA GLU G 2121 -58.85 70.60 117.22
C GLU G 2121 -58.08 69.41 116.64
N GLY G 2122 -58.78 68.36 116.23
CA GLY G 2122 -58.10 67.18 115.75
C GLY G 2122 -57.68 67.36 114.30
N THR G 2123 -58.45 68.15 113.55
CA THR G 2123 -58.10 68.58 112.19
C THR G 2123 -56.82 69.43 112.16
N VAL G 2124 -56.71 70.40 113.06
CA VAL G 2124 -55.55 71.31 113.08
C VAL G 2124 -54.23 70.55 113.27
N GLU G 2125 -54.19 69.63 114.23
CA GLU G 2125 -53.03 68.81 114.56
C GLU G 2125 -52.34 68.25 113.32
N ILE G 2126 -53.11 67.92 112.29
CA ILE G 2126 -52.55 67.37 111.05
C ILE G 2126 -51.99 68.47 110.13
N LYS G 2127 -52.68 69.61 110.01
CA LYS G 2127 -52.43 70.64 109.00
C LYS G 2127 -52.06 72.00 109.58
N PHE G 2128 -51.41 72.04 110.74
CA PHE G 2128 -50.89 73.31 111.27
C PHE G 2128 -49.66 73.05 112.12
N ARG G 2129 -48.65 72.52 111.43
CA ARG G 2129 -47.38 72.13 112.00
C ARG G 2129 -46.50 73.38 112.00
N ARG G 2130 -45.26 73.23 112.44
CA ARG G 2130 -44.34 74.38 112.53
C ARG G 2130 -44.31 75.12 111.19
N LYS G 2131 -44.02 74.37 110.11
CA LYS G 2131 -43.94 74.92 108.76
C LYS G 2131 -45.11 75.85 108.44
N ASP G 2132 -46.34 75.41 108.69
CA ASP G 2132 -47.46 76.28 108.41
C ASP G 2132 -47.43 77.50 109.32
N LEU G 2133 -47.00 77.32 110.57
CA LEU G 2133 -46.90 78.44 111.49
C LEU G 2133 -45.82 79.40 111.03
N VAL G 2134 -44.64 78.86 110.73
CA VAL G 2134 -43.53 79.68 110.25
C VAL G 2134 -43.89 80.35 108.93
N LYS G 2135 -44.31 79.53 107.95
CA LYS G 2135 -44.84 80.07 106.70
C LYS G 2135 -45.86 81.17 106.93
N THR G 2136 -46.77 80.99 107.90
CA THR G 2136 -47.82 81.98 108.06
C THR G 2136 -47.25 83.23 108.70
N MET G 2137 -46.39 83.05 109.71
CA MET G 2137 -45.62 84.15 110.26
C MET G 2137 -44.79 84.84 109.19
N ARG G 2138 -44.05 84.04 108.41
CA ARG G 2138 -43.17 84.59 107.39
C ARG G 2138 -43.93 85.46 106.40
N ARG G 2139 -45.22 85.20 106.22
CA ARG G 2139 -46.02 85.98 105.30
C ARG G 2139 -46.59 87.19 106.00
N VAL G 2140 -46.88 87.04 107.29
CA VAL G 2140 -47.75 87.92 108.04
C VAL G 2140 -47.02 88.60 109.19
N ASP G 2141 -46.18 87.87 109.90
CA ASP G 2141 -45.53 88.41 111.08
C ASP G 2141 -44.46 89.43 110.69
N PRO G 2142 -44.51 90.67 111.20
CA PRO G 2142 -43.55 91.67 110.73
C PRO G 2142 -42.13 91.37 111.16
N VAL G 2143 -41.97 90.92 112.41
CA VAL G 2143 -40.65 90.61 112.97
C VAL G 2143 -40.00 89.49 112.16
N TYR G 2144 -40.74 88.43 111.86
CA TYR G 2144 -40.16 87.33 111.10
C TYR G 2144 -39.66 87.85 109.76
N ILE G 2145 -40.48 88.65 109.08
CA ILE G 2145 -40.05 89.25 107.82
C ILE G 2145 -38.74 89.97 108.06
N HIS G 2146 -38.73 90.84 109.09
CA HIS G 2146 -37.51 91.54 109.46
C HIS G 2146 -36.37 90.57 109.72
N LEU G 2147 -36.59 89.59 110.61
CA LEU G 2147 -35.60 88.55 110.88
C LEU G 2147 -35.18 87.86 109.60
N ALA G 2148 -36.16 87.48 108.80
CA ALA G 2148 -35.87 86.80 107.55
C ALA G 2148 -35.09 87.71 106.63
N GLU G 2149 -35.35 89.03 106.68
CA GLU G 2149 -34.59 89.92 105.83
C GLU G 2149 -33.11 89.88 106.21
N ARG G 2150 -32.81 89.78 107.51
CA ARG G 2150 -31.41 89.77 107.89
C ARG G 2150 -30.84 88.37 107.78
N LEU G 2151 -31.58 87.39 108.34
CA LEU G 2151 -31.27 85.99 108.09
C LEU G 2151 -31.21 85.67 106.60
N GLY G 2152 -31.97 86.40 105.79
CA GLY G 2152 -31.89 86.28 104.35
C GLY G 2152 -30.79 87.13 103.76
N THR G 2153 -29.82 87.56 104.58
CA THR G 2153 -28.71 88.31 104.01
C THR G 2153 -27.45 87.45 103.87
N PRO G 2154 -26.73 87.53 102.75
CA PRO G 2154 -25.43 86.86 102.65
C PRO G 2154 -24.37 87.67 103.38
N GLU G 2155 -23.21 87.04 103.64
CA GLU G 2155 -22.07 87.69 104.29
C GLU G 2155 -22.51 88.33 105.62
N LEU G 2156 -22.84 87.44 106.54
CA LEU G 2156 -23.21 87.79 107.90
C LEU G 2156 -22.06 87.45 108.83
N SER G 2157 -21.91 88.26 109.86
CA SER G 2157 -20.92 88.06 110.91
C SER G 2157 -21.24 86.83 111.74
N THR G 2158 -20.19 86.09 112.14
CA THR G 2158 -20.39 84.89 112.94
C THR G 2158 -21.17 85.20 114.21
N ALA G 2159 -21.01 86.42 114.73
CA ALA G 2159 -21.87 86.89 115.81
C ALA G 2159 -23.33 86.90 115.35
N GLU G 2160 -23.62 87.73 114.35
CA GLU G 2160 -24.97 87.88 113.81
C GLU G 2160 -25.59 86.56 113.36
N ARG G 2161 -24.81 85.68 112.74
CA ARG G 2161 -25.37 84.41 112.28
C ARG G 2161 -25.97 83.57 113.40
N LYS G 2162 -25.14 83.13 114.36
CA LYS G 2162 -25.66 82.30 115.45
C LYS G 2162 -26.80 82.99 116.21
N GLU G 2163 -26.67 84.29 116.49
CA GLU G 2163 -27.76 85.00 117.14
C GLU G 2163 -29.02 84.93 116.28
N LEU G 2164 -28.86 85.14 114.96
CA LEU G 2164 -30.00 85.09 114.06
C LEU G 2164 -30.64 83.72 114.11
N GLU G 2165 -29.84 82.65 114.02
CA GLU G 2165 -30.42 81.32 114.12
C GLU G 2165 -31.17 81.23 115.44
N ASN G 2166 -30.58 81.79 116.51
CA ASN G 2166 -31.23 81.82 117.81
C ASN G 2166 -32.48 82.68 117.72
N LYS G 2167 -32.35 83.87 117.11
CA LYS G 2167 -33.48 84.78 116.92
C LYS G 2167 -34.60 84.06 116.20
N LEU G 2168 -34.23 83.16 115.29
CA LEU G 2168 -35.23 82.40 114.55
C LEU G 2168 -35.92 81.41 115.46
N LYS G 2169 -35.14 80.58 116.16
CA LYS G 2169 -35.71 79.64 117.10
C LYS G 2169 -36.49 80.35 118.19
N GLU G 2170 -35.95 81.44 118.71
CA GLU G 2170 -36.65 82.14 119.78
C GLU G 2170 -37.90 82.83 119.28
N ARG G 2171 -37.80 83.56 118.17
CA ARG G 2171 -38.97 84.27 117.65
C ARG G 2171 -40.07 83.31 117.21
N GLU G 2172 -39.72 82.32 116.38
CA GLU G 2172 -40.69 81.35 115.89
C GLU G 2172 -41.43 80.66 117.03
N GLU G 2173 -40.68 80.03 117.92
CA GLU G 2173 -41.31 79.23 118.96
C GLU G 2173 -42.12 80.11 119.89
N PHE G 2174 -41.56 81.25 120.30
CA PHE G 2174 -42.29 82.23 121.09
C PHE G 2174 -43.55 82.70 120.35
N LEU G 2175 -43.50 82.80 119.01
CA LEU G 2175 -44.64 83.28 118.24
C LEU G 2175 -45.72 82.23 118.03
N ILE G 2176 -45.45 80.96 118.33
CA ILE G 2176 -46.38 79.90 117.91
C ILE G 2176 -47.79 80.12 118.47
N PRO G 2177 -47.99 80.46 119.76
CA PRO G 2177 -49.37 80.56 120.27
C PRO G 2177 -50.34 81.41 119.44
N ILE G 2178 -50.02 82.69 119.15
CA ILE G 2178 -50.96 83.49 118.37
C ILE G 2178 -51.26 82.85 117.03
N TYR G 2179 -50.25 82.33 116.35
CA TYR G 2179 -50.49 81.83 115.00
C TYR G 2179 -51.22 80.50 115.06
N HIS G 2180 -51.06 79.76 116.16
CA HIS G 2180 -51.89 78.58 116.38
C HIS G 2180 -53.36 78.95 116.47
N GLN G 2181 -53.70 80.01 117.23
CA GLN G 2181 -55.10 80.43 117.28
C GLN G 2181 -55.57 80.84 115.89
N VAL G 2182 -54.70 81.54 115.15
CA VAL G 2182 -55.02 81.97 113.80
C VAL G 2182 -55.23 80.74 112.92
N ALA G 2183 -54.38 79.74 113.11
CA ALA G 2183 -54.42 78.51 112.33
C ALA G 2183 -55.73 77.75 112.48
N VAL G 2184 -56.20 77.57 113.71
CA VAL G 2184 -57.43 76.81 113.98
C VAL G 2184 -58.67 77.46 113.41
N GLN G 2185 -58.78 78.78 113.49
CA GLN G 2185 -59.94 79.48 112.92
C GLN G 2185 -60.08 79.19 111.43
N PHE G 2186 -58.98 79.29 110.68
CA PHE G 2186 -59.01 79.00 109.24
C PHE G 2186 -59.64 77.64 108.94
N ALA G 2187 -59.20 76.60 109.64
CA ALA G 2187 -59.74 75.26 109.38
C ALA G 2187 -61.25 75.17 109.65
N ASP G 2188 -61.70 75.71 110.79
CA ASP G 2188 -63.11 75.61 111.14
C ASP G 2188 -64.04 76.20 110.07
N LEU G 2189 -63.63 77.29 109.41
CA LEU G 2189 -64.48 77.88 108.39
C LEU G 2189 -64.73 77.00 107.18
N HIS G 2190 -64.01 75.91 106.99
CA HIS G 2190 -64.33 75.07 105.85
C HIS G 2190 -65.55 74.20 106.06
N ASP G 2191 -65.96 73.98 107.31
CA ASP G 2191 -66.94 72.96 107.65
C ASP G 2191 -68.31 73.59 107.95
N THR G 2192 -68.52 74.81 107.48
CA THR G 2192 -69.63 75.64 107.93
C THR G 2192 -70.93 75.34 107.19
N PRO G 2193 -72.08 75.78 107.73
CA PRO G 2193 -73.35 75.54 107.04
C PRO G 2193 -73.44 76.19 105.66
N GLY G 2194 -72.84 77.36 105.48
CA GLY G 2194 -72.85 78.01 104.16
C GLY G 2194 -72.39 77.05 103.10
N ARG G 2195 -71.23 76.43 103.33
CA ARG G 2195 -70.70 75.43 102.42
C ARG G 2195 -71.62 74.22 102.31
N MET G 2196 -72.12 73.75 103.45
CA MET G 2196 -73.02 72.59 103.50
C MET G 2196 -74.15 72.70 102.48
N GLN G 2197 -74.83 73.85 102.41
CA GLN G 2197 -75.96 73.93 101.49
C GLN G 2197 -75.46 73.84 100.06
N GLU G 2198 -74.45 74.64 99.72
CA GLU G 2198 -73.88 74.61 98.37
C GLU G 2198 -73.43 73.20 98.00
N LYS G 2199 -72.78 72.51 98.94
CA LYS G 2199 -72.28 71.15 98.74
C LYS G 2199 -73.34 70.08 98.93
N GLY G 2200 -74.57 70.46 99.32
CA GLY G 2200 -75.68 69.54 99.35
C GLY G 2200 -75.88 68.65 100.57
N VAL G 2201 -75.28 68.96 101.73
CA VAL G 2201 -75.52 68.09 102.88
C VAL G 2201 -76.66 68.59 103.76
N ILE G 2202 -77.11 69.84 103.59
CA ILE G 2202 -78.27 70.41 104.28
C ILE G 2202 -79.11 71.12 103.22
N SER G 2203 -80.44 71.23 103.44
CA SER G 2203 -81.32 71.82 102.42
C SER G 2203 -81.48 73.32 102.58
N ASP G 2204 -81.47 73.85 103.80
CA ASP G 2204 -81.60 75.29 104.01
C ASP G 2204 -81.16 75.58 105.44
N ILE G 2205 -80.71 76.81 105.67
CA ILE G 2205 -80.43 77.35 107.02
C ILE G 2205 -81.51 78.27 107.58
N LEU G 2206 -81.98 77.94 108.78
CA LEU G 2206 -82.93 78.72 109.56
C LEU G 2206 -82.23 79.36 110.76
N ASP G 2207 -83.00 80.21 111.43
CA ASP G 2207 -82.62 80.88 112.67
C ASP G 2207 -83.59 80.46 113.76
N TRP G 2208 -83.02 79.95 114.87
CA TRP G 2208 -83.77 79.25 115.92
C TRP G 2208 -84.99 80.07 116.33
N LYS G 2209 -84.81 81.37 116.59
CA LYS G 2209 -85.92 82.22 117.06
C LYS G 2209 -87.16 82.08 116.19
N THR G 2210 -87.00 82.04 114.87
CA THR G 2210 -88.14 81.89 113.97
C THR G 2210 -88.19 80.50 113.33
N SER G 2211 -87.39 79.56 113.82
CA SER G 2211 -87.35 78.23 113.23
C SER G 2211 -88.65 77.48 113.45
N ARG G 2212 -89.29 77.68 114.60
CA ARG G 2212 -90.56 77.03 114.89
C ARG G 2212 -91.62 77.33 113.85
N THR G 2213 -91.91 78.61 113.60
CA THR G 2213 -92.94 78.95 112.63
C THR G 2213 -92.63 78.32 111.28
N PHE G 2214 -91.39 78.50 110.79
CA PHE G 2214 -91.01 77.90 109.51
C PHE G 2214 -91.25 76.40 109.58
N PHE G 2215 -90.69 75.74 110.62
CA PHE G 2215 -90.72 74.28 110.70
C PHE G 2215 -92.13 73.76 110.92
N TYR G 2216 -92.96 74.51 111.65
CA TYR G 2216 -94.35 74.10 111.82
C TYR G 2216 -95.00 74.00 110.46
N TRP G 2217 -95.00 75.12 109.72
CA TRP G 2217 -95.68 75.15 108.44
C TRP G 2217 -95.00 74.16 107.51
N ARG G 2218 -93.67 74.09 107.56
CA ARG G 2218 -92.93 73.17 106.71
C ARG G 2218 -93.33 71.74 107.01
N LEU G 2219 -93.28 71.38 108.29
CA LEU G 2219 -93.60 70.04 108.74
C LEU G 2219 -95.05 69.65 108.49
N ARG G 2220 -96.01 70.56 108.73
CA ARG G 2220 -97.41 70.17 108.60
C ARG G 2220 -97.75 69.75 107.19
N ARG G 2221 -97.19 70.45 106.19
CA ARG G 2221 -97.49 70.09 104.81
C ARG G 2221 -96.70 68.86 104.37
N LEU G 2222 -95.46 68.71 104.85
CA LEU G 2222 -94.72 67.50 104.58
C LEU G 2222 -95.53 66.28 105.02
N LEU G 2223 -96.17 66.38 106.20
CA LEU G 2223 -97.00 65.31 106.75
C LEU G 2223 -98.23 65.08 105.90
N LEU G 2224 -98.82 66.18 105.47
CA LEU G 2224 -100.07 66.15 104.73
C LEU G 2224 -99.79 65.56 103.37
N GLU G 2225 -98.70 66.02 102.74
CA GLU G 2225 -98.28 65.51 101.44
C GLU G 2225 -98.04 64.00 101.48
N ASP G 2226 -97.34 63.50 102.50
CA ASP G 2226 -97.06 62.07 102.59
C ASP G 2226 -98.34 61.23 102.58
N LEU G 2227 -99.37 61.67 103.31
CA LEU G 2227 -100.61 60.90 103.34
C LEU G 2227 -101.19 60.81 101.94
N VAL G 2228 -101.18 61.92 101.20
CA VAL G 2228 -101.69 61.90 99.84
C VAL G 2228 -100.72 61.11 98.97
N LYS G 2229 -99.40 61.32 99.16
CA LYS G 2229 -98.44 60.54 98.36
C LYS G 2229 -98.68 59.07 98.59
N LYS G 2230 -98.94 58.68 99.84
CA LYS G 2230 -99.31 57.30 100.13
C LYS G 2230 -100.63 56.94 99.44
N LYS G 2231 -101.57 57.90 99.42
CA LYS G 2231 -102.85 57.68 98.75
C LYS G 2231 -102.64 57.53 97.26
N ILE G 2232 -101.78 58.37 96.70
CA ILE G 2232 -101.50 58.29 95.28
C ILE G 2232 -100.81 56.96 95.02
N HIS G 2233 -99.82 56.65 95.86
CA HIS G 2233 -99.10 55.40 95.74
C HIS G 2233 -100.09 54.25 95.92
N ASN G 2234 -101.08 54.44 96.79
CA ASN G 2234 -102.13 53.44 96.96
C ASN G 2234 -102.93 53.35 95.66
N ALA G 2235 -103.16 54.50 95.03
CA ALA G 2235 -103.88 54.57 93.77
C ALA G 2235 -103.12 53.83 92.68
N ASN G 2236 -101.78 53.80 92.77
CA ASN G 2236 -100.96 53.13 91.78
C ASN G 2236 -99.63 52.77 92.44
N PRO G 2237 -99.55 51.59 93.07
CA PRO G 2237 -98.30 51.17 93.73
C PRO G 2237 -97.13 51.04 92.81
N GLU G 2238 -97.36 50.80 91.52
CA GLU G 2238 -96.26 50.54 90.61
C GLU G 2238 -95.38 51.76 90.36
N LEU G 2239 -95.89 52.96 90.61
CA LEU G 2239 -95.07 54.15 90.37
C LEU G 2239 -93.98 54.12 91.43
N THR G 2240 -92.74 54.33 91.02
CA THR G 2240 -91.65 54.37 92.00
C THR G 2240 -91.78 55.57 92.95
N ASP G 2241 -91.35 55.30 94.20
CA ASP G 2241 -91.13 56.24 95.30
C ASP G 2241 -90.44 57.55 94.91
N GLY G 2242 -89.41 57.46 94.09
CA GLY G 2242 -88.64 58.65 93.71
C GLY G 2242 -89.49 59.60 92.93
N GLN G 2243 -90.23 59.06 91.97
CA GLN G 2243 -91.07 59.83 91.07
C GLN G 2243 -92.20 60.50 91.81
N ILE G 2244 -92.64 59.90 92.92
CA ILE G 2244 -93.73 60.45 93.72
C ILE G 2244 -93.39 61.84 94.28
N GLN G 2245 -92.20 62.01 94.88
CA GLN G 2245 -91.79 63.35 95.29
C GLN G 2245 -92.03 64.36 94.17
N ALA G 2246 -91.45 64.04 93.02
CA ALA G 2246 -91.59 64.89 91.84
C ALA G 2246 -93.05 65.03 91.45
N MET G 2247 -93.76 63.90 91.49
CA MET G 2247 -95.17 63.83 91.12
C MET G 2247 -96.00 64.82 91.92
N LEU G 2248 -95.79 64.89 93.23
CA LEU G 2248 -96.55 65.84 94.04
C LEU G 2248 -96.16 67.25 93.63
N ARG G 2249 -94.85 67.49 93.50
CA ARG G 2249 -94.38 68.80 93.10
C ARG G 2249 -94.96 69.16 91.74
N ARG G 2250 -94.90 68.20 90.81
CA ARG G 2250 -95.41 68.39 89.46
C ARG G 2250 -96.94 68.49 89.43
N TRP G 2251 -97.62 67.62 90.20
CA TRP G 2251 -99.08 67.63 90.25
C TRP G 2251 -99.62 68.89 90.91
N PHE G 2252 -98.87 69.48 91.83
CA PHE G 2252 -99.28 70.74 92.44
C PHE G 2252 -99.31 71.79 91.37
N VAL G 2253 -98.22 71.92 90.63
CA VAL G 2253 -98.13 72.90 89.57
C VAL G 2253 -99.22 72.63 88.53
N GLU G 2254 -99.44 71.36 88.20
CA GLU G 2254 -100.51 71.00 87.27
C GLU G 2254 -101.89 71.44 87.76
N VAL G 2255 -102.25 71.08 88.99
CA VAL G 2255 -103.60 71.33 89.50
C VAL G 2255 -103.87 72.83 89.65
N GLU G 2256 -102.93 73.54 90.25
CA GLU G 2256 -103.05 74.92 90.67
C GLU G 2256 -102.63 75.90 89.59
N GLY G 2257 -102.13 75.40 88.47
CA GLY G 2257 -101.76 76.29 87.40
C GLY G 2257 -100.25 76.37 87.49
N THR G 2258 -99.66 76.36 86.30
CA THR G 2258 -98.23 76.53 86.10
C THR G 2258 -97.64 77.70 86.90
N VAL G 2259 -98.44 78.74 87.17
CA VAL G 2259 -97.99 79.90 87.96
C VAL G 2259 -97.48 79.63 89.37
N LYS G 2260 -97.86 78.54 90.05
CA LYS G 2260 -97.53 78.40 91.46
C LYS G 2260 -96.33 77.50 91.77
N ALA G 2261 -95.57 77.02 90.76
CA ALA G 2261 -94.39 76.21 91.08
C ALA G 2261 -93.57 76.77 92.23
N TYR G 2262 -93.14 78.03 92.11
CA TYR G 2262 -92.30 78.63 93.14
C TYR G 2262 -92.99 78.57 94.50
N VAL G 2263 -94.33 78.62 94.49
CA VAL G 2263 -95.14 78.60 95.71
C VAL G 2263 -94.85 77.34 96.51
N TRP G 2264 -94.59 76.23 95.80
CA TRP G 2264 -94.29 74.97 96.49
C TRP G 2264 -93.22 75.16 97.55
N ASP G 2265 -92.29 76.09 97.34
CA ASP G 2265 -91.22 76.29 98.31
C ASP G 2265 -91.69 77.23 99.42
N ASN G 2266 -92.97 77.64 99.38
CA ASN G 2266 -93.65 78.42 100.40
C ASN G 2266 -94.48 77.46 101.26
N ASN G 2267 -94.09 77.31 102.52
CA ASN G 2267 -94.75 76.37 103.43
C ASN G 2267 -96.24 76.62 103.54
N LYS G 2268 -96.64 77.87 103.82
CA LYS G 2268 -98.03 78.19 104.11
C LYS G 2268 -98.97 77.80 102.98
N ASP G 2269 -98.63 78.17 101.75
CA ASP G 2269 -99.59 78.02 100.65
C ASP G 2269 -99.90 76.55 100.35
N LEU G 2270 -98.88 75.69 100.41
CA LEU G 2270 -99.11 74.28 100.16
C LEU G 2270 -99.97 73.62 101.25
N ALA G 2271 -99.84 74.03 102.52
CA ALA G 2271 -100.68 73.48 103.57
C ALA G 2271 -102.16 73.62 103.21
N GLU G 2272 -102.58 74.84 102.86
CA GLU G 2272 -103.96 75.04 102.40
C GLU G 2272 -104.26 74.17 101.19
N TRP G 2273 -103.30 74.03 100.27
CA TRP G 2273 -103.59 73.25 99.07
C TRP G 2273 -103.71 71.79 99.42
N LEU G 2274 -102.73 71.29 100.17
CA LEU G 2274 -102.73 69.89 100.58
C LEU G 2274 -104.00 69.60 101.35
N GLU G 2275 -104.39 70.56 102.18
CA GLU G 2275 -105.57 70.42 103.00
C GLU G 2275 -106.80 70.24 102.11
N LYS G 2276 -106.94 71.02 101.04
CA LYS G 2276 -108.09 70.83 100.17
C LYS G 2276 -108.13 69.43 99.57
N GLN G 2277 -106.99 68.89 99.16
CA GLN G 2277 -107.00 67.52 98.65
C GLN G 2277 -107.37 66.51 99.72
N LEU G 2278 -106.76 66.64 100.90
CA LEU G 2278 -106.95 65.74 102.03
C LEU G 2278 -108.22 65.94 102.84
N THR G 2279 -108.55 67.19 103.19
CA THR G 2279 -109.67 67.38 104.10
C THR G 2279 -111.03 67.12 103.49
N GLU G 2280 -111.31 67.54 102.26
CA GLU G 2280 -112.71 67.34 101.87
C GLU G 2280 -112.85 65.92 101.34
N GLU G 2281 -113.28 65.02 102.23
CA GLU G 2281 -113.63 63.67 101.82
C GLU G 2281 -114.92 63.78 101.03
N ASP G 2282 -115.04 62.99 99.95
CA ASP G 2282 -116.31 62.93 99.19
C ASP G 2282 -116.81 64.33 98.84
N GLY G 2283 -115.87 65.15 98.36
CA GLY G 2283 -116.07 66.50 97.90
C GLY G 2283 -115.99 66.60 96.40
N VAL G 2284 -115.49 67.70 95.87
CA VAL G 2284 -115.24 67.84 94.44
C VAL G 2284 -113.76 67.59 94.25
N HIS G 2285 -113.46 66.85 93.20
CA HIS G 2285 -112.11 66.44 92.90
C HIS G 2285 -111.43 67.38 91.92
N SER G 2286 -110.12 67.45 92.05
CA SER G 2286 -109.31 68.25 91.17
C SER G 2286 -109.08 67.53 89.84
N VAL G 2287 -108.35 68.22 88.95
CA VAL G 2287 -108.03 67.68 87.63
C VAL G 2287 -107.23 66.39 87.76
N ILE G 2288 -106.14 66.44 88.51
CA ILE G 2288 -105.27 65.28 88.72
C ILE G 2288 -105.99 64.15 89.43
N GLU G 2289 -106.91 64.47 90.34
CA GLU G 2289 -107.68 63.44 91.02
C GLU G 2289 -108.38 62.59 89.97
N GLU G 2290 -108.93 63.21 88.92
CA GLU G 2290 -109.53 62.41 87.86
C GLU G 2290 -108.44 61.57 87.23
N ASN G 2291 -107.28 62.17 87.03
CA ASN G 2291 -106.17 61.44 86.43
C ASN G 2291 -105.74 60.28 87.31
N ILE G 2292 -105.61 60.50 88.63
CA ILE G 2292 -105.15 59.41 89.50
C ILE G 2292 -106.12 58.24 89.46
N LYS G 2293 -107.42 58.52 89.48
CA LYS G 2293 -108.37 57.43 89.30
C LYS G 2293 -108.16 56.81 87.93
N CYS G 2294 -107.92 57.66 86.92
CA CYS G 2294 -107.70 57.19 85.56
C CYS G 2294 -106.50 56.25 85.48
N ILE G 2295 -105.35 56.59 86.10
CA ILE G 2295 -104.25 55.61 86.04
C ILE G 2295 -104.69 54.34 86.75
N SER G 2296 -105.39 54.48 87.89
CA SER G 2296 -105.83 53.28 88.60
C SER G 2296 -106.79 52.48 87.73
N ARG G 2297 -107.73 53.18 87.08
CA ARG G 2297 -108.68 52.54 86.17
C ARG G 2297 -107.95 51.98 84.95
N ASP G 2298 -107.02 52.77 84.42
CA ASP G 2298 -106.23 52.37 83.26
C ASP G 2298 -105.41 51.14 83.60
N TYR G 2299 -104.79 51.14 84.80
CA TYR G 2299 -103.93 50.04 85.21
C TYR G 2299 -104.69 48.73 85.34
N VAL G 2300 -105.92 48.75 85.85
CA VAL G 2300 -106.69 47.51 85.93
C VAL G 2300 -106.96 46.97 84.53
N LEU G 2301 -107.23 47.89 83.58
CA LEU G 2301 -107.56 47.50 82.22
C LEU G 2301 -106.39 46.80 81.54
N LYS G 2302 -105.17 47.30 81.72
CA LYS G 2302 -103.99 46.66 81.12
C LYS G 2302 -103.82 45.24 81.65
N GLN G 2303 -104.12 45.02 82.92
CA GLN G 2303 -103.98 43.70 83.50
C GLN G 2303 -104.80 42.65 82.76
N ILE G 2304 -106.07 42.95 82.44
CA ILE G 2304 -106.83 41.95 81.70
C ILE G 2304 -106.19 41.70 80.35
N ARG G 2305 -105.71 42.77 79.73
CA ARG G 2305 -105.02 42.66 78.44
C ARG G 2305 -103.76 41.83 78.66
N SER G 2306 -103.04 42.16 79.73
CA SER G 2306 -101.81 41.46 80.11
C SER G 2306 -102.10 40.02 80.50
N LEU G 2307 -103.20 39.82 81.22
CA LEU G 2307 -103.59 38.49 81.71
C LEU G 2307 -103.82 37.53 80.55
N VAL G 2308 -104.47 38.00 79.48
CA VAL G 2308 -104.71 37.15 78.31
C VAL G 2308 -103.39 36.82 77.65
N GLN G 2309 -102.40 37.70 77.70
CA GLN G 2309 -101.12 37.41 77.04
C GLN G 2309 -100.51 36.14 77.61
N ALA G 2310 -100.48 35.99 78.94
CA ALA G 2310 -99.98 34.73 79.47
C ALA G 2310 -100.90 33.56 79.16
N ASN G 2311 -102.21 33.81 79.05
CA ASN G 2311 -103.22 32.75 78.94
C ASN G 2311 -104.28 33.14 77.91
N PRO G 2312 -103.93 33.18 76.62
CA PRO G 2312 -104.89 33.72 75.64
C PRO G 2312 -106.12 32.85 75.48
N GLU G 2313 -106.02 31.56 75.81
CA GLU G 2313 -107.19 30.68 75.68
C GLU G 2313 -108.35 31.15 76.53
N VAL G 2314 -108.06 31.91 77.60
CA VAL G 2314 -109.12 32.34 78.48
C VAL G 2314 -109.91 33.45 77.81
N ALA G 2315 -109.31 34.13 76.83
CA ALA G 2315 -109.93 35.28 76.18
C ALA G 2315 -111.34 34.97 75.74
N MET G 2316 -111.48 33.97 74.84
CA MET G 2316 -112.75 33.63 74.22
C MET G 2316 -113.84 33.37 75.26
N ASP G 2317 -113.53 32.54 76.27
CA ASP G 2317 -114.54 32.11 77.24
C ASP G 2317 -114.89 33.28 78.14
N SER G 2318 -113.88 34.11 78.40
CA SER G 2318 -114.02 35.35 79.14
C SER G 2318 -115.08 36.25 78.53
N ILE G 2319 -115.23 36.23 77.20
CA ILE G 2319 -116.14 37.16 76.54
C ILE G 2319 -117.58 36.95 77.00
N ILE G 2320 -118.11 35.72 77.00
CA ILE G 2320 -119.49 35.54 77.46
C ILE G 2320 -119.67 36.19 78.84
N HIS G 2321 -118.73 35.95 79.76
CA HIS G 2321 -118.72 36.51 81.10
C HIS G 2321 -118.40 38.01 81.10
N MET G 2322 -117.50 38.41 80.21
CA MET G 2322 -117.01 39.78 80.08
C MET G 2322 -118.09 40.74 79.57
N THR G 2323 -119.11 40.23 78.86
CA THR G 2323 -120.08 41.04 78.12
C THR G 2323 -121.27 41.54 78.93
N GLN G 2324 -121.29 41.32 80.24
CA GLN G 2324 -122.51 41.40 81.04
C GLN G 2324 -122.99 42.85 81.14
N HIS G 2325 -122.09 43.81 80.95
CA HIS G 2325 -122.38 45.23 80.79
C HIS G 2325 -123.33 45.49 79.60
N ILE G 2326 -123.16 46.56 78.81
CA ILE G 2326 -123.92 46.97 77.62
C ILE G 2326 -123.96 45.92 76.48
N SER G 2327 -123.92 44.63 76.82
CA SER G 2327 -123.86 43.44 75.98
C SER G 2327 -124.35 43.43 74.53
N PRO G 2328 -125.59 43.78 74.16
CA PRO G 2328 -125.86 43.74 72.71
C PRO G 2328 -125.05 44.70 71.87
N THR G 2329 -124.80 45.93 72.31
CA THR G 2329 -123.93 46.81 71.53
C THR G 2329 -122.51 46.26 71.47
N GLN G 2330 -122.02 45.81 72.63
CA GLN G 2330 -120.68 45.28 72.73
C GLN G 2330 -120.41 44.04 71.88
N ARG G 2331 -121.37 43.12 71.79
CA ARG G 2331 -121.19 42.01 70.86
C ARG G 2331 -121.15 42.52 69.42
N ALA G 2332 -121.99 43.49 69.11
CA ALA G 2332 -122.02 44.09 67.78
C ALA G 2332 -120.68 44.69 67.37
N GLU G 2333 -120.05 45.47 68.28
CA GLU G 2333 -118.76 46.08 67.97
C GLU G 2333 -117.70 45.08 67.52
N VAL G 2334 -117.63 43.89 68.15
CA VAL G 2334 -116.66 42.90 67.68
C VAL G 2334 -116.98 42.45 66.25
N ILE G 2335 -118.26 42.24 65.93
CA ILE G 2335 -118.65 41.82 64.58
C ILE G 2335 -118.28 42.86 63.54
N ARG G 2336 -118.47 44.14 63.85
CA ARG G 2336 -118.10 45.17 62.88
C ARG G 2336 -116.61 45.06 62.54
N ILE G 2337 -115.80 44.84 63.56
CA ILE G 2337 -114.35 44.73 63.43
C ILE G 2337 -114.03 43.29 63.07
N ASP H 1581 176.27 -29.40 -76.89
CA ASP H 1581 176.92 -28.86 -75.69
C ASP H 1581 175.97 -28.00 -74.86
N LEU H 1582 174.87 -27.55 -75.48
CA LEU H 1582 173.72 -27.07 -74.74
C LEU H 1582 173.26 -28.08 -73.69
N LEU H 1583 172.89 -29.28 -74.13
CA LEU H 1583 172.46 -30.34 -73.22
C LEU H 1583 173.53 -30.62 -72.18
N GLN H 1584 174.74 -30.95 -72.63
CA GLN H 1584 175.88 -31.19 -71.75
C GLN H 1584 176.03 -30.07 -70.72
N SER H 1585 175.94 -28.82 -71.16
CA SER H 1585 176.10 -27.68 -70.28
C SER H 1585 175.04 -27.66 -69.19
N LYS H 1586 173.78 -27.95 -69.54
CA LYS H 1586 172.75 -27.86 -68.52
C LYS H 1586 172.84 -29.00 -67.53
N ARG H 1587 173.25 -30.21 -67.96
CA ARG H 1587 173.43 -31.30 -67.00
C ARG H 1587 174.58 -30.93 -66.08
N PHE H 1588 175.59 -30.24 -66.62
CA PHE H 1588 176.71 -29.80 -65.81
C PHE H 1588 176.22 -28.80 -64.79
N GLN H 1589 175.34 -27.90 -65.21
CA GLN H 1589 174.74 -26.92 -64.32
C GLN H 1589 173.89 -27.64 -63.28
N ALA H 1590 173.17 -28.68 -63.71
CA ALA H 1590 172.27 -29.42 -62.82
C ALA H 1590 173.05 -30.22 -61.78
N GLN H 1591 174.02 -31.03 -62.21
CA GLN H 1591 174.85 -31.76 -61.26
C GLN H 1591 175.49 -30.79 -60.28
N SER H 1592 175.92 -29.62 -60.77
CA SER H 1592 176.52 -28.62 -59.91
C SER H 1592 175.51 -28.06 -58.92
N LEU H 1593 174.22 -28.14 -59.25
CA LEU H 1593 173.14 -27.85 -58.32
C LEU H 1593 172.65 -29.12 -57.61
N GLY H 1594 173.35 -30.23 -57.75
CA GLY H 1594 172.98 -31.48 -57.12
C GLY H 1594 171.66 -32.07 -57.58
N THR H 1595 171.33 -31.94 -58.87
CA THR H 1595 170.11 -32.52 -59.42
C THR H 1595 170.38 -33.10 -60.80
N THR H 1596 169.32 -33.61 -61.42
CA THR H 1596 169.36 -34.27 -62.71
C THR H 1596 168.75 -33.38 -63.80
N TYR H 1597 169.41 -33.34 -64.94
CA TYR H 1597 168.90 -32.63 -66.10
C TYR H 1597 167.54 -33.15 -66.53
N ILE H 1598 166.66 -32.20 -66.85
CA ILE H 1598 165.25 -32.47 -67.14
C ILE H 1598 165.10 -33.54 -68.22
N TYR H 1599 165.81 -33.38 -69.34
CA TYR H 1599 165.65 -34.34 -70.42
C TYR H 1599 166.28 -35.69 -70.11
N ASP H 1600 167.00 -35.84 -68.99
CA ASP H 1600 167.48 -37.17 -68.62
C ASP H 1600 166.47 -37.96 -67.80
N ILE H 1601 165.42 -37.32 -67.25
CA ILE H 1601 164.46 -38.07 -66.43
C ILE H 1601 163.80 -39.16 -67.27
N PRO H 1602 163.31 -38.88 -68.51
CA PRO H 1602 162.66 -39.95 -69.29
C PRO H 1602 163.59 -41.15 -69.44
N GLU H 1603 164.86 -40.89 -69.74
CA GLU H 1603 165.81 -41.98 -69.82
C GLU H 1603 166.12 -42.52 -68.43
N MET H 1604 165.99 -41.68 -67.40
CA MET H 1604 166.13 -42.11 -66.02
C MET H 1604 165.01 -43.06 -65.64
N PHE H 1605 163.85 -42.91 -66.26
CA PHE H 1605 162.78 -43.87 -66.02
C PHE H 1605 163.22 -45.24 -66.52
N ARG H 1606 163.80 -45.31 -67.73
CA ARG H 1606 164.17 -46.63 -68.23
C ARG H 1606 165.19 -47.31 -67.33
N GLN H 1607 166.23 -46.58 -66.88
CA GLN H 1607 167.23 -47.25 -66.04
C GLN H 1607 166.59 -47.65 -64.72
N SER H 1608 165.77 -46.77 -64.16
CA SER H 1608 165.05 -47.10 -62.94
C SER H 1608 164.13 -48.28 -63.21
N LEU H 1609 163.42 -48.22 -64.35
CA LEU H 1609 162.52 -49.30 -64.75
C LEU H 1609 163.29 -50.62 -64.90
N ILE H 1610 164.51 -50.57 -65.46
CA ILE H 1610 165.29 -51.80 -65.55
C ILE H 1610 165.59 -52.29 -64.14
N LYS H 1611 166.03 -51.38 -63.26
CA LYS H 1611 166.28 -51.76 -61.88
C LYS H 1611 165.00 -52.32 -61.26
N LEU H 1612 163.85 -51.78 -61.69
CA LEU H 1612 162.55 -52.25 -61.23
C LEU H 1612 162.21 -53.65 -61.73
N TRP H 1613 162.42 -53.92 -63.03
CA TRP H 1613 162.07 -55.22 -63.60
C TRP H 1613 162.64 -56.40 -62.82
N GLU H 1614 163.81 -56.25 -62.22
CA GLU H 1614 164.39 -57.35 -61.47
C GLU H 1614 163.70 -57.47 -60.12
N SER H 1615 163.56 -56.33 -59.42
CA SER H 1615 163.01 -56.34 -58.08
C SER H 1615 161.58 -56.86 -58.07
N MET H 1616 160.77 -56.52 -59.07
CA MET H 1616 159.39 -56.99 -59.04
C MET H 1616 159.31 -58.50 -59.28
N SER H 1617 160.34 -59.11 -59.87
CA SER H 1617 160.32 -60.56 -60.08
C SER H 1617 160.39 -61.30 -58.76
N THR H 1618 160.96 -60.67 -57.73
CA THR H 1618 160.83 -61.15 -56.36
C THR H 1618 159.37 -61.34 -56.01
N GLN H 1619 158.56 -60.34 -56.30
CA GLN H 1619 157.20 -60.27 -55.79
C GLN H 1619 156.24 -61.16 -56.57
N ALA H 1620 156.40 -61.26 -57.88
CA ALA H 1620 155.41 -61.93 -58.72
C ALA H 1620 156.09 -62.82 -59.75
N PHE H 1621 155.32 -63.78 -60.27
CA PHE H 1621 155.72 -64.53 -61.45
C PHE H 1621 155.45 -63.65 -62.66
N LEU H 1622 156.50 -63.30 -63.41
CA LEU H 1622 156.39 -62.40 -64.52
C LEU H 1622 156.88 -62.99 -65.84
N PRO H 1623 156.39 -62.51 -66.99
CA PRO H 1623 157.06 -62.85 -68.26
C PRO H 1623 158.44 -62.22 -68.34
N SER H 1624 159.17 -62.58 -69.39
CA SER H 1624 160.47 -62.00 -69.60
C SER H 1624 160.36 -60.50 -69.89
N PRO H 1625 161.24 -59.66 -69.35
CA PRO H 1625 161.12 -58.23 -69.62
C PRO H 1625 161.29 -57.96 -71.13
N PRO H 1626 160.71 -56.88 -71.64
CA PRO H 1626 161.04 -56.47 -73.01
C PRO H 1626 162.39 -55.78 -73.14
N LEU H 1627 162.82 -55.71 -74.40
CA LEU H 1627 164.04 -55.02 -74.81
C LEU H 1627 163.91 -53.49 -74.66
N PRO H 1628 165.01 -52.79 -74.37
CA PRO H 1628 164.93 -51.33 -74.16
C PRO H 1628 164.28 -50.56 -75.30
N SER H 1629 164.48 -50.97 -76.55
CA SER H 1629 163.83 -50.24 -77.64
C SER H 1629 162.31 -50.34 -77.58
N ASP H 1630 161.75 -51.47 -77.14
CA ASP H 1630 160.30 -51.60 -77.13
C ASP H 1630 159.70 -51.21 -75.78
N MET H 1631 160.52 -50.83 -74.80
CA MET H 1631 159.95 -50.56 -73.48
C MET H 1631 159.21 -49.23 -73.44
N LEU H 1632 159.63 -48.24 -74.23
CA LEU H 1632 159.11 -46.88 -74.08
C LEU H 1632 159.08 -46.16 -75.43
N THR H 1633 158.01 -45.40 -75.68
CA THR H 1633 157.91 -44.44 -76.78
C THR H 1633 157.38 -43.11 -76.25
N TYR H 1634 157.96 -41.97 -76.67
CA TYR H 1634 157.46 -40.68 -76.23
C TYR H 1634 157.13 -39.79 -77.42
N THR H 1635 156.21 -38.85 -77.22
CA THR H 1635 155.96 -37.80 -78.19
C THR H 1635 155.77 -36.51 -77.42
N GLU H 1636 156.54 -35.48 -77.78
CA GLU H 1636 156.48 -34.21 -77.07
C GLU H 1636 155.21 -33.41 -77.33
N LEU H 1637 154.68 -32.81 -76.27
CA LEU H 1637 153.54 -31.89 -76.32
C LEU H 1637 154.09 -30.48 -76.24
N VAL H 1638 153.63 -29.60 -77.12
CA VAL H 1638 154.22 -28.27 -77.29
C VAL H 1638 153.08 -27.28 -77.51
N LEU H 1639 153.25 -26.09 -76.95
CA LEU H 1639 152.25 -25.03 -77.01
C LEU H 1639 152.18 -24.31 -78.34
N ASP H 1640 150.96 -24.22 -78.88
CA ASP H 1640 150.64 -23.40 -80.04
C ASP H 1640 150.47 -21.96 -79.53
N ASP H 1641 149.97 -21.05 -80.38
CA ASP H 1641 149.77 -19.68 -79.95
C ASP H 1641 148.80 -19.61 -78.76
N GLN H 1642 147.76 -20.44 -78.75
CA GLN H 1642 146.77 -20.41 -77.68
C GLN H 1642 147.13 -21.27 -76.48
N GLY H 1643 148.37 -21.73 -76.34
CA GLY H 1643 148.64 -22.59 -75.21
C GLY H 1643 147.87 -23.88 -75.27
N GLN H 1644 147.61 -24.40 -76.48
CA GLN H 1644 146.90 -25.65 -76.69
C GLN H 1644 147.90 -26.68 -77.20
N LEU H 1645 147.66 -27.93 -76.83
CA LEU H 1645 148.63 -28.97 -77.14
C LEU H 1645 148.62 -29.31 -78.63
N VAL H 1646 149.83 -29.52 -79.15
CA VAL H 1646 150.10 -29.83 -80.54
C VAL H 1646 151.21 -30.86 -80.53
N HIS H 1647 151.05 -31.92 -81.32
CA HIS H 1647 152.05 -32.98 -81.35
C HIS H 1647 153.21 -32.65 -82.26
N MET H 1648 154.42 -32.77 -81.69
CA MET H 1648 155.67 -32.37 -82.30
C MET H 1648 156.71 -33.45 -82.00
N ASN H 1649 157.37 -33.93 -83.05
CA ASN H 1649 158.40 -34.96 -82.94
C ASN H 1649 159.76 -34.26 -83.14
N ARG H 1650 160.27 -33.66 -82.05
CA ARG H 1650 161.49 -32.89 -82.09
C ARG H 1650 162.56 -33.47 -81.15
N LEU H 1651 163.78 -32.99 -81.38
CA LEU H 1651 164.96 -33.41 -80.63
C LEU H 1651 164.90 -32.86 -79.20
N PRO H 1652 165.35 -33.62 -78.19
CA PRO H 1652 165.36 -33.05 -76.85
C PRO H 1652 166.27 -31.84 -76.79
N GLY H 1653 165.87 -30.87 -75.97
CA GLY H 1653 166.56 -29.62 -75.81
C GLY H 1653 165.93 -28.49 -76.60
N GLY H 1654 164.81 -28.74 -77.28
CA GLY H 1654 164.23 -27.83 -78.23
C GLY H 1654 163.23 -26.87 -77.61
N ASN H 1655 162.98 -27.02 -76.31
CA ASN H 1655 161.95 -26.26 -75.61
C ASN H 1655 162.24 -24.76 -75.67
N GLU H 1656 161.16 -23.99 -75.84
CA GLU H 1656 161.18 -22.54 -75.81
C GLU H 1656 160.53 -22.00 -74.54
N ILE H 1657 160.22 -22.87 -73.57
CA ILE H 1657 159.67 -22.48 -72.28
C ILE H 1657 160.31 -23.38 -71.23
N GLY H 1658 160.16 -23.02 -69.96
CA GLY H 1658 160.87 -23.76 -68.92
C GLY H 1658 160.25 -25.04 -68.41
N MET H 1659 159.42 -25.69 -69.21
CA MET H 1659 158.75 -26.91 -68.80
C MET H 1659 158.66 -27.84 -70.01
N VAL H 1660 158.82 -29.13 -69.79
CA VAL H 1660 158.75 -30.13 -70.85
C VAL H 1660 157.88 -31.28 -70.38
N ALA H 1661 157.11 -31.86 -71.30
CA ALA H 1661 156.21 -32.96 -70.97
C ALA H 1661 156.13 -33.93 -72.14
N TRP H 1662 155.90 -35.20 -71.81
CA TRP H 1662 155.69 -36.26 -72.79
C TRP H 1662 154.63 -37.23 -72.29
N LYS H 1663 153.99 -37.89 -73.24
CA LYS H 1663 153.23 -39.11 -73.00
C LYS H 1663 154.15 -40.32 -73.20
N MET H 1664 154.05 -41.27 -72.27
CA MET H 1664 154.90 -42.47 -72.26
C MET H 1664 154.01 -43.69 -72.17
N THR H 1665 154.31 -44.71 -72.97
CA THR H 1665 153.63 -45.99 -72.88
C THR H 1665 154.67 -47.06 -72.63
N PHE H 1666 154.44 -47.87 -71.60
CA PHE H 1666 155.34 -48.97 -71.32
C PHE H 1666 154.62 -50.13 -70.64
N LYS H 1667 155.19 -51.32 -70.81
CA LYS H 1667 154.71 -52.55 -70.21
C LYS H 1667 155.50 -52.73 -68.92
N SER H 1668 154.78 -52.92 -67.84
CA SER H 1668 155.30 -53.09 -66.49
C SER H 1668 154.75 -54.35 -65.85
N PRO H 1669 155.38 -54.84 -64.77
CA PRO H 1669 154.90 -56.07 -64.12
C PRO H 1669 153.44 -56.01 -63.73
N GLU H 1670 153.00 -54.86 -63.28
CA GLU H 1670 151.63 -54.65 -62.83
C GLU H 1670 150.69 -54.48 -64.01
N TYR H 1671 151.20 -53.98 -65.13
CA TYR H 1671 150.42 -53.76 -66.34
C TYR H 1671 151.17 -54.38 -67.52
N PRO H 1672 151.18 -55.71 -67.64
CA PRO H 1672 152.06 -56.34 -68.64
C PRO H 1672 151.63 -56.02 -70.06
N GLU H 1673 150.34 -55.73 -70.26
CA GLU H 1673 149.84 -55.26 -71.54
C GLU H 1673 150.11 -53.77 -71.75
N GLY H 1674 150.49 -53.06 -70.68
CA GLY H 1674 150.91 -51.66 -70.73
C GLY H 1674 150.13 -50.65 -69.93
N ARG H 1675 150.82 -49.57 -69.58
CA ARG H 1675 150.28 -48.47 -68.80
C ARG H 1675 150.92 -47.15 -69.23
N ASP H 1676 150.19 -46.06 -69.03
CA ASP H 1676 150.58 -44.72 -69.45
C ASP H 1676 150.81 -43.86 -68.21
N ILE H 1677 151.80 -42.95 -68.28
CA ILE H 1677 151.96 -41.90 -67.27
C ILE H 1677 152.36 -40.61 -67.98
N ILE H 1678 152.17 -39.51 -67.27
CA ILE H 1678 152.61 -38.17 -67.69
C ILE H 1678 153.73 -37.70 -66.78
N VAL H 1679 154.82 -37.23 -67.37
CA VAL H 1679 155.97 -36.74 -66.62
C VAL H 1679 156.17 -35.27 -66.98
N ILE H 1680 156.14 -34.42 -65.97
CA ILE H 1680 156.38 -32.99 -66.09
C ILE H 1680 157.53 -32.69 -65.15
N GLY H 1681 158.41 -31.79 -65.56
CA GLY H 1681 159.54 -31.43 -64.72
C GLY H 1681 160.07 -30.04 -64.95
N ASN H 1682 160.47 -29.38 -63.88
CA ASN H 1682 161.18 -28.13 -64.05
C ASN H 1682 162.60 -28.41 -64.53
N ASP H 1683 163.12 -27.45 -65.28
CA ASP H 1683 164.53 -27.36 -65.67
C ASP H 1683 165.17 -26.25 -64.83
N ILE H 1684 165.87 -26.65 -63.78
CA ILE H 1684 166.47 -25.69 -62.86
C ILE H 1684 167.46 -24.77 -63.57
N THR H 1685 167.96 -25.16 -64.74
CA THR H 1685 168.84 -24.29 -65.49
C THR H 1685 168.12 -23.16 -66.18
N TYR H 1686 166.81 -23.30 -66.43
CA TYR H 1686 166.02 -22.26 -67.07
C TYR H 1686 165.31 -21.44 -66.00
N ARG H 1687 165.82 -20.23 -65.73
CA ARG H 1687 165.20 -19.35 -64.76
C ARG H 1687 165.00 -20.06 -63.43
N ILE H 1688 166.10 -20.49 -62.77
CA ILE H 1688 166.06 -21.34 -61.56
C ILE H 1688 164.80 -22.18 -61.33
N GLY H 1689 164.18 -22.65 -62.44
CA GLY H 1689 162.96 -23.42 -62.48
C GLY H 1689 161.73 -22.68 -62.03
N SER H 1690 161.73 -21.36 -62.17
CA SER H 1690 160.61 -20.51 -61.81
C SER H 1690 159.40 -20.84 -62.68
N PHE H 1691 158.25 -20.32 -62.29
CA PHE H 1691 156.96 -20.65 -62.91
C PHE H 1691 156.51 -19.38 -63.64
N GLY H 1692 156.83 -19.32 -64.93
CA GLY H 1692 156.33 -18.30 -65.80
C GLY H 1692 155.01 -18.73 -66.36
N PRO H 1693 154.38 -17.88 -67.17
CA PRO H 1693 153.07 -18.26 -67.71
C PRO H 1693 153.17 -19.46 -68.59
N GLN H 1694 154.29 -19.59 -69.31
CA GLN H 1694 154.47 -20.75 -70.16
C GLN H 1694 154.68 -22.00 -69.32
N GLU H 1695 155.43 -21.89 -68.22
CA GLU H 1695 155.63 -23.04 -67.35
C GLU H 1695 154.30 -23.44 -66.75
N ASP H 1696 153.54 -22.43 -66.27
CA ASP H 1696 152.24 -22.71 -65.70
C ASP H 1696 151.33 -23.27 -66.77
N LEU H 1697 151.46 -22.76 -68.00
CA LEU H 1697 150.51 -23.13 -69.03
C LEU H 1697 150.77 -24.54 -69.55
N LEU H 1698 152.03 -24.90 -69.81
CA LEU H 1698 152.29 -26.29 -70.23
C LEU H 1698 151.88 -27.27 -69.15
N PHE H 1699 152.29 -27.00 -67.90
CA PHE H 1699 151.91 -27.90 -66.80
C PHE H 1699 150.42 -28.04 -66.67
N LEU H 1700 149.71 -26.92 -66.59
CA LEU H 1700 148.28 -26.98 -66.45
C LEU H 1700 147.67 -27.74 -67.61
N ARG H 1701 148.02 -27.33 -68.83
CA ARG H 1701 147.38 -27.85 -70.04
C ARG H 1701 147.80 -29.30 -70.27
N ALA H 1702 149.01 -29.67 -69.86
CA ALA H 1702 149.44 -31.05 -69.97
C ALA H 1702 148.59 -31.92 -69.05
N SER H 1703 148.33 -31.42 -67.85
CA SER H 1703 147.49 -32.13 -66.90
C SER H 1703 146.08 -32.28 -67.45
N GLU H 1704 145.56 -31.22 -68.09
CA GLU H 1704 144.23 -31.27 -68.66
C GLU H 1704 144.05 -32.45 -69.61
N LEU H 1705 145.07 -32.77 -70.41
CA LEU H 1705 144.93 -33.92 -71.29
C LEU H 1705 144.97 -35.22 -70.48
N ALA H 1706 145.90 -35.28 -69.53
CA ALA H 1706 146.07 -36.41 -68.61
C ALA H 1706 144.78 -36.76 -67.88
N ARG H 1707 144.12 -35.74 -67.34
CA ARG H 1707 142.89 -35.89 -66.58
C ARG H 1707 141.73 -36.42 -67.43
N ALA H 1708 141.68 -36.07 -68.72
CA ALA H 1708 140.57 -36.49 -69.57
C ALA H 1708 140.39 -38.00 -69.54
N GLU H 1709 141.49 -38.77 -69.47
CA GLU H 1709 141.43 -40.22 -69.45
C GLU H 1709 141.48 -40.78 -68.03
N GLY H 1710 141.68 -39.95 -67.01
CA GLY H 1710 141.69 -40.44 -65.66
C GLY H 1710 143.02 -41.03 -65.23
N ILE H 1711 144.07 -40.82 -66.02
CA ILE H 1711 145.36 -41.46 -65.86
C ILE H 1711 146.34 -40.59 -65.06
N PRO H 1712 147.38 -41.17 -64.47
CA PRO H 1712 148.23 -40.40 -63.54
C PRO H 1712 149.11 -39.30 -64.14
N ARG H 1713 149.42 -38.31 -63.30
CA ARG H 1713 150.26 -37.16 -63.63
C ARG H 1713 151.46 -37.11 -62.68
N ILE H 1714 152.67 -37.25 -63.23
CA ILE H 1714 153.91 -37.20 -62.44
C ILE H 1714 154.61 -35.87 -62.69
N TYR H 1715 154.90 -35.13 -61.61
CA TYR H 1715 155.54 -33.81 -61.68
C TYR H 1715 156.85 -33.84 -60.90
N VAL H 1716 157.95 -33.51 -61.58
CA VAL H 1716 159.26 -33.36 -60.95
C VAL H 1716 159.44 -31.89 -60.58
N SER H 1717 159.45 -31.61 -59.28
CA SER H 1717 159.45 -30.26 -58.76
C SER H 1717 160.86 -29.89 -58.30
N ALA H 1718 161.45 -28.89 -58.95
CA ALA H 1718 162.69 -28.26 -58.51
C ALA H 1718 162.63 -26.85 -59.09
N ASN H 1719 162.29 -25.87 -58.25
CA ASN H 1719 161.84 -24.60 -58.79
C ASN H 1719 162.02 -23.45 -57.79
N SER H 1720 161.64 -22.25 -58.23
CA SER H 1720 161.73 -21.01 -57.46
C SER H 1720 160.40 -20.26 -57.47
N GLY H 1721 159.29 -20.97 -57.71
CA GLY H 1721 157.95 -20.42 -57.82
C GLY H 1721 157.75 -19.48 -59.01
N ALA H 1722 156.74 -18.62 -58.88
CA ALA H 1722 156.28 -17.81 -60.00
C ALA H 1722 157.35 -16.84 -60.51
N ARG H 1723 157.27 -16.52 -61.81
CA ARG H 1723 158.24 -15.60 -62.44
C ARG H 1723 158.14 -14.23 -61.82
N ILE H 1724 159.30 -13.56 -61.69
CA ILE H 1724 159.39 -12.21 -61.14
C ILE H 1724 160.13 -11.33 -62.15
N GLY H 1725 159.77 -10.06 -62.19
CA GLY H 1725 160.52 -9.11 -62.99
C GLY H 1725 160.04 -7.68 -62.84
N LEU H 1726 160.89 -6.76 -63.31
CA LEU H 1726 160.63 -5.35 -63.49
C LEU H 1726 160.90 -4.89 -64.92
N ALA H 1727 160.12 -3.90 -65.34
CA ALA H 1727 160.16 -3.29 -66.66
C ALA H 1727 161.47 -2.56 -66.96
N GLU H 1728 162.32 -3.24 -67.75
CA GLU H 1728 163.66 -2.75 -68.08
C GLU H 1728 163.61 -1.39 -68.77
N GLU H 1729 162.66 -1.18 -69.68
CA GLU H 1729 162.55 0.06 -70.45
C GLU H 1729 162.51 1.28 -69.53
N ILE H 1730 161.98 1.09 -68.33
CA ILE H 1730 161.85 2.11 -67.29
C ILE H 1730 163.11 2.21 -66.44
N ARG H 1731 163.80 1.09 -66.16
CA ARG H 1731 164.98 1.15 -65.29
C ARG H 1731 165.96 2.20 -65.73
N HIS H 1732 166.14 2.35 -67.04
CA HIS H 1732 167.18 3.22 -67.55
C HIS H 1732 166.66 4.61 -67.76
N MET H 1733 165.37 4.86 -67.46
CA MET H 1733 164.83 6.19 -67.67
C MET H 1733 163.97 6.69 -66.53
N PHE H 1734 163.72 5.92 -65.46
CA PHE H 1734 162.90 6.53 -64.44
C PHE H 1734 163.82 7.49 -63.71
N HIS H 1735 163.25 8.54 -63.17
CA HIS H 1735 164.01 9.49 -62.40
C HIS H 1735 163.32 9.52 -61.07
N VAL H 1736 164.02 9.91 -60.03
CA VAL H 1736 163.42 9.91 -58.70
C VAL H 1736 163.13 11.38 -58.46
N ALA H 1737 161.90 11.68 -58.03
CA ALA H 1737 161.56 13.05 -57.69
C ALA H 1737 161.81 13.20 -56.21
N TRP H 1738 163.04 13.60 -55.90
CA TRP H 1738 163.48 13.75 -54.53
C TRP H 1738 162.82 14.97 -53.92
N VAL H 1739 162.59 14.90 -52.62
CA VAL H 1739 162.23 16.11 -51.88
C VAL H 1739 163.31 17.14 -52.18
N ASP H 1740 164.56 16.68 -52.18
CA ASP H 1740 165.71 17.49 -52.54
C ASP H 1740 166.64 16.50 -53.24
N PRO H 1741 166.97 16.69 -54.52
CA PRO H 1741 167.90 15.74 -55.17
C PRO H 1741 169.29 15.86 -54.59
N GLU H 1742 169.72 17.08 -54.28
CA GLU H 1742 171.01 17.36 -53.66
C GLU H 1742 171.14 16.74 -52.27
N ASP H 1743 170.08 16.14 -51.73
CA ASP H 1743 170.18 15.30 -50.55
C ASP H 1743 169.04 14.30 -50.63
N PRO H 1744 169.34 13.02 -50.95
CA PRO H 1744 168.27 12.03 -51.10
C PRO H 1744 167.61 11.66 -49.80
N TYR H 1745 168.34 11.73 -48.68
CA TYR H 1745 167.84 11.26 -47.41
C TYR H 1745 166.68 12.09 -46.89
N LYS H 1746 166.41 13.26 -47.46
CA LYS H 1746 165.15 13.98 -47.26
C LYS H 1746 163.91 13.34 -47.97
N GLY H 1747 163.98 12.11 -48.47
CA GLY H 1747 162.84 11.40 -49.05
C GLY H 1747 162.59 11.81 -50.49
N TYR H 1748 161.85 10.94 -51.20
CA TYR H 1748 161.34 11.22 -52.53
C TYR H 1748 159.83 11.08 -52.58
N ARG H 1749 159.22 11.81 -53.52
CA ARG H 1749 157.78 11.87 -53.71
C ARG H 1749 157.34 10.84 -54.76
N TYR H 1750 158.04 10.77 -55.89
CA TYR H 1750 157.63 9.89 -56.97
C TYR H 1750 158.79 9.72 -57.95
N LEU H 1751 158.62 8.75 -58.84
CA LEU H 1751 159.53 8.46 -59.92
C LEU H 1751 158.99 9.03 -61.23
N TYR H 1752 159.87 9.39 -62.16
CA TYR H 1752 159.38 10.04 -63.37
C TYR H 1752 160.33 9.92 -64.57
N LEU H 1753 159.78 10.34 -65.71
CA LEU H 1753 160.43 10.36 -67.02
C LEU H 1753 160.47 11.80 -67.55
N THR H 1754 161.56 12.20 -68.22
CA THR H 1754 161.52 13.51 -68.90
C THR H 1754 160.54 13.46 -70.08
N PRO H 1755 159.99 14.61 -70.53
CA PRO H 1755 158.98 14.54 -71.61
C PRO H 1755 159.43 13.99 -72.97
N GLN H 1756 160.62 14.30 -73.46
CA GLN H 1756 161.12 13.66 -74.68
C GLN H 1756 161.23 12.16 -74.49
N ASP H 1757 161.86 11.78 -73.39
CA ASP H 1757 162.05 10.38 -73.05
C ASP H 1757 160.71 9.73 -72.76
N TYR H 1758 159.74 10.50 -72.24
CA TYR H 1758 158.44 9.92 -71.97
C TYR H 1758 157.76 9.61 -73.29
N LYS H 1759 157.95 10.46 -74.29
CA LYS H 1759 157.32 10.43 -75.62
C LYS H 1759 157.67 9.19 -76.45
N ARG H 1760 158.35 8.21 -75.85
CA ARG H 1760 158.94 7.06 -76.51
C ARG H 1760 158.38 5.78 -75.90
N VAL H 1761 158.52 5.61 -74.58
CA VAL H 1761 157.74 4.59 -73.88
C VAL H 1761 156.25 4.88 -73.97
N SER H 1762 155.87 6.16 -74.09
CA SER H 1762 154.45 6.53 -74.05
C SER H 1762 153.66 5.82 -75.14
N ALA H 1763 154.22 5.74 -76.35
CA ALA H 1763 153.56 5.03 -77.44
C ALA H 1763 153.36 3.53 -77.18
N LEU H 1764 154.03 2.96 -76.18
CA LEU H 1764 154.25 1.52 -76.14
C LEU H 1764 153.61 0.83 -74.95
N ASN H 1765 152.72 1.52 -74.22
CA ASN H 1765 152.01 0.94 -73.07
C ASN H 1765 152.97 0.42 -71.99
N SER H 1766 153.99 1.22 -71.66
CA SER H 1766 155.02 0.80 -70.73
C SER H 1766 154.71 1.28 -69.31
N VAL H 1767 154.30 2.54 -69.19
CA VAL H 1767 153.92 3.14 -67.91
C VAL H 1767 152.68 3.98 -68.18
N HIS H 1768 152.03 4.42 -67.10
CA HIS H 1768 151.00 5.46 -67.17
C HIS H 1768 151.52 6.69 -66.44
N CYS H 1769 151.57 7.83 -67.12
CA CYS H 1769 151.99 9.06 -66.47
C CYS H 1769 150.99 10.18 -66.70
N GLU H 1770 151.16 11.24 -65.92
CA GLU H 1770 150.53 12.54 -66.12
C GLU H 1770 151.63 13.58 -66.14
N HIS H 1771 151.53 14.55 -67.04
CA HIS H 1771 152.53 15.61 -67.06
C HIS H 1771 152.40 16.41 -65.77
N VAL H 1772 153.54 16.84 -65.23
CA VAL H 1772 153.53 17.69 -64.04
C VAL H 1772 154.73 18.62 -64.09
N GLU H 1773 154.53 19.83 -63.56
CA GLU H 1773 155.61 20.74 -63.25
C GLU H 1773 155.90 20.67 -61.75
N ASP H 1774 157.15 20.41 -61.40
CA ASP H 1774 157.53 20.29 -60.00
C ASP H 1774 158.99 20.68 -59.86
N GLU H 1775 159.33 21.36 -58.75
CA GLU H 1775 160.68 21.83 -58.45
C GLU H 1775 161.38 22.45 -59.66
N GLY H 1776 160.63 23.16 -60.49
CA GLY H 1776 161.15 23.79 -61.69
C GLY H 1776 161.06 22.89 -62.90
N GLU H 1777 161.44 21.63 -62.75
CA GLU H 1777 161.51 20.71 -63.87
C GLU H 1777 160.10 20.19 -64.19
N SER H 1778 159.93 19.73 -65.43
CA SER H 1778 158.69 19.15 -65.90
C SER H 1778 158.87 17.65 -65.87
N ARG H 1779 157.97 16.95 -65.19
CA ARG H 1779 158.15 15.54 -64.95
C ARG H 1779 156.90 14.78 -65.37
N TYR H 1780 157.10 13.48 -65.60
CA TYR H 1780 156.05 12.52 -65.91
C TYR H 1780 155.97 11.50 -64.78
N LYS H 1781 155.11 11.75 -63.80
CA LYS H 1781 155.00 10.86 -62.65
C LYS H 1781 154.54 9.47 -63.04
N ILE H 1782 155.32 8.46 -62.65
CA ILE H 1782 154.99 7.10 -63.02
C ILE H 1782 153.91 6.65 -62.03
N THR H 1783 152.74 6.32 -62.57
CA THR H 1783 151.57 5.96 -61.77
C THR H 1783 151.36 4.45 -61.77
N ASP H 1784 151.60 3.84 -62.91
CA ASP H 1784 151.58 2.40 -63.08
C ASP H 1784 152.72 2.10 -64.04
N ILE H 1785 153.46 1.04 -63.73
CA ILE H 1785 154.49 0.49 -64.61
C ILE H 1785 153.93 -0.79 -65.20
N ILE H 1786 153.77 -0.82 -66.52
CA ILE H 1786 153.12 -1.96 -67.16
C ILE H 1786 154.14 -3.00 -67.60
N GLY H 1787 155.23 -2.59 -68.23
CA GLY H 1787 156.30 -3.51 -68.49
C GLY H 1787 156.21 -4.32 -69.77
N LYS H 1788 157.13 -4.04 -70.69
CA LYS H 1788 157.09 -4.70 -71.99
C LYS H 1788 157.37 -6.19 -71.87
N GLU H 1789 158.07 -6.62 -70.82
CA GLU H 1789 158.34 -8.03 -70.61
C GLU H 1789 157.05 -8.74 -70.18
N GLU H 1790 156.59 -9.68 -71.01
CA GLU H 1790 155.45 -10.48 -70.68
C GLU H 1790 155.89 -11.55 -69.69
N GLY H 1791 155.05 -11.83 -68.70
CA GLY H 1791 155.33 -12.93 -67.81
C GLY H 1791 155.86 -12.55 -66.45
N ILE H 1792 155.99 -11.26 -66.14
CA ILE H 1792 156.54 -10.85 -64.86
C ILE H 1792 155.46 -10.24 -63.96
N GLY H 1793 154.19 -10.47 -64.29
CA GLY H 1793 153.11 -9.82 -63.61
C GLY H 1793 152.16 -10.79 -62.96
N PRO H 1794 151.01 -10.28 -62.51
CA PRO H 1794 150.02 -11.14 -61.83
C PRO H 1794 149.39 -12.19 -62.73
N GLU H 1795 149.58 -12.15 -64.05
CA GLU H 1795 149.14 -13.28 -64.87
C GLU H 1795 149.69 -14.61 -64.35
N ASN H 1796 150.91 -14.62 -63.82
CA ASN H 1796 151.41 -15.87 -63.28
C ASN H 1796 150.63 -16.28 -62.06
N LEU H 1797 150.11 -15.30 -61.34
CA LEU H 1797 149.32 -15.58 -60.15
C LEU H 1797 147.94 -16.12 -60.49
N ARG H 1798 147.27 -15.51 -61.47
CA ARG H 1798 145.96 -16.01 -61.89
C ARG H 1798 146.18 -17.43 -62.41
N GLY H 1799 147.17 -17.58 -63.30
CA GLY H 1799 147.51 -18.89 -63.83
C GLY H 1799 147.87 -19.86 -62.71
N SER H 1800 148.55 -19.34 -61.68
CA SER H 1800 148.99 -20.16 -60.56
C SER H 1800 147.79 -20.67 -59.78
N GLY H 1801 146.90 -19.75 -59.39
CA GLY H 1801 145.66 -20.15 -58.75
C GLY H 1801 144.94 -21.20 -59.57
N MET H 1802 144.88 -20.98 -60.88
CA MET H 1802 144.25 -21.94 -61.79
C MET H 1802 144.88 -23.30 -61.50
N ILE H 1803 146.22 -23.32 -61.39
CA ILE H 1803 146.99 -24.55 -61.14
C ILE H 1803 146.91 -24.98 -59.69
N ALA H 1804 146.58 -24.07 -58.76
CA ALA H 1804 146.27 -24.55 -57.43
C ALA H 1804 145.05 -25.44 -57.53
N GLY H 1805 143.99 -24.90 -58.10
CA GLY H 1805 142.78 -25.67 -58.32
C GLY H 1805 143.03 -26.89 -59.18
N GLU H 1806 143.70 -26.70 -60.34
CA GLU H 1806 143.97 -27.83 -61.24
C GLU H 1806 144.75 -28.92 -60.52
N SER H 1807 145.73 -28.55 -59.72
CA SER H 1807 146.52 -29.56 -59.05
C SER H 1807 145.68 -30.24 -57.97
N SER H 1808 144.86 -29.45 -57.27
CA SER H 1808 143.94 -29.98 -56.27
C SER H 1808 142.98 -30.98 -56.91
N LEU H 1809 142.40 -30.60 -58.03
CA LEU H 1809 141.47 -31.48 -58.71
C LEU H 1809 142.22 -32.66 -59.31
N ALA H 1810 143.35 -32.39 -59.97
CA ALA H 1810 144.13 -33.46 -60.58
C ALA H 1810 144.44 -34.56 -59.58
N TYR H 1811 144.90 -34.22 -58.37
CA TYR H 1811 145.14 -35.31 -57.44
C TYR H 1811 143.82 -35.99 -57.13
N ASN H 1812 142.76 -35.18 -57.03
CA ASN H 1812 141.40 -35.62 -56.78
C ASN H 1812 140.71 -36.22 -58.00
N GLU H 1813 141.33 -36.15 -59.18
CA GLU H 1813 140.74 -36.64 -60.42
C GLU H 1813 141.55 -37.79 -61.00
N ILE H 1814 142.85 -37.78 -60.78
CA ILE H 1814 143.77 -38.78 -61.30
C ILE H 1814 144.80 -38.99 -60.21
N ILE H 1815 145.68 -39.93 -60.43
CA ILE H 1815 146.71 -40.18 -59.45
C ILE H 1815 147.81 -39.17 -59.74
N THR H 1816 148.22 -38.42 -58.72
CA THR H 1816 149.33 -37.49 -58.87
C THR H 1816 150.40 -37.91 -57.88
N ILE H 1817 151.64 -37.88 -58.34
CA ILE H 1817 152.80 -38.10 -57.49
C ILE H 1817 153.83 -37.08 -57.91
N SER H 1818 154.63 -36.66 -56.94
CA SER H 1818 155.60 -35.62 -57.12
C SER H 1818 156.86 -36.01 -56.38
N LEU H 1819 157.98 -35.65 -57.00
CA LEU H 1819 159.32 -35.91 -56.52
C LEU H 1819 160.02 -34.57 -56.45
N VAL H 1820 160.54 -34.23 -55.27
CA VAL H 1820 161.20 -32.97 -55.04
C VAL H 1820 162.68 -33.30 -55.09
N THR H 1821 163.37 -32.69 -56.04
CA THR H 1821 164.71 -33.08 -56.43
C THR H 1821 165.74 -32.17 -55.80
N CYS H 1822 165.53 -30.87 -55.92
CA CYS H 1822 166.48 -29.88 -55.42
C CYS H 1822 165.81 -28.99 -54.38
N ARG H 1823 164.74 -28.31 -54.77
CA ARG H 1823 163.93 -27.54 -53.85
C ARG H 1823 162.62 -27.17 -54.51
N ALA H 1824 161.54 -27.18 -53.74
CA ALA H 1824 160.26 -26.67 -54.20
C ALA H 1824 159.96 -25.42 -53.39
N ILE H 1825 159.80 -24.30 -54.08
CA ILE H 1825 159.60 -22.98 -53.48
C ILE H 1825 158.24 -22.44 -53.89
N GLY H 1826 157.55 -21.84 -52.92
CA GLY H 1826 156.26 -21.22 -53.10
C GLY H 1826 155.21 -22.09 -53.76
N ILE H 1827 154.70 -21.66 -54.92
CA ILE H 1827 153.63 -22.42 -55.57
C ILE H 1827 154.08 -23.84 -55.86
N GLY H 1828 155.35 -24.04 -56.18
CA GLY H 1828 155.85 -25.39 -56.38
C GLY H 1828 155.71 -26.23 -55.12
N ALA H 1829 156.13 -25.66 -53.99
CA ALA H 1829 155.94 -26.32 -52.70
C ALA H 1829 154.46 -26.53 -52.45
N TYR H 1830 153.63 -25.50 -52.71
CA TYR H 1830 152.22 -25.60 -52.38
C TYR H 1830 151.55 -26.65 -53.24
N LEU H 1831 151.91 -26.68 -54.53
CA LEU H 1831 151.35 -27.67 -55.44
C LEU H 1831 151.83 -29.08 -55.14
N VAL H 1832 153.06 -29.24 -54.63
CA VAL H 1832 153.56 -30.59 -54.42
C VAL H 1832 152.89 -31.23 -53.22
N ARG H 1833 152.62 -30.46 -52.16
CA ARG H 1833 152.00 -31.07 -51.00
C ARG H 1833 150.54 -31.35 -51.34
N LEU H 1834 149.94 -30.37 -52.00
CA LEU H 1834 148.58 -30.40 -52.53
C LEU H 1834 148.40 -31.57 -53.49
N GLY H 1835 149.44 -31.95 -54.22
CA GLY H 1835 149.37 -33.14 -55.05
C GLY H 1835 149.20 -34.39 -54.20
N GLN H 1836 149.55 -34.31 -52.92
CA GLN H 1836 149.29 -35.26 -51.82
C GLN H 1836 150.20 -36.47 -51.79
N ARG H 1837 151.17 -36.59 -52.69
CA ARG H 1837 152.08 -37.73 -52.70
C ARG H 1837 153.46 -37.22 -53.04
N THR H 1838 154.38 -37.36 -52.09
CA THR H 1838 155.60 -36.58 -52.13
C THR H 1838 156.75 -37.49 -51.72
N ILE H 1839 157.74 -37.62 -52.60
CA ILE H 1839 158.99 -38.31 -52.32
C ILE H 1839 160.05 -37.23 -52.34
N GLN H 1840 160.96 -37.28 -51.38
CA GLN H 1840 161.93 -36.22 -51.21
C GLN H 1840 163.34 -36.80 -51.13
N VAL H 1841 164.17 -36.40 -52.08
CA VAL H 1841 165.56 -36.84 -52.15
C VAL H 1841 166.33 -36.08 -51.08
N GLU H 1842 167.29 -36.77 -50.46
CA GLU H 1842 168.14 -36.12 -49.49
C GLU H 1842 168.75 -34.86 -50.07
N ASN H 1843 168.90 -33.86 -49.20
CA ASN H 1843 169.39 -32.52 -49.47
C ASN H 1843 168.38 -31.69 -50.27
N SER H 1844 167.27 -32.26 -50.72
CA SER H 1844 166.17 -31.45 -51.22
C SER H 1844 165.37 -30.88 -50.04
N HIS H 1845 164.58 -29.86 -50.32
CA HIS H 1845 163.72 -29.27 -49.28
C HIS H 1845 162.43 -28.74 -49.89
N LEU H 1846 161.42 -28.63 -49.02
CA LEU H 1846 160.02 -28.44 -49.40
C LEU H 1846 159.62 -27.30 -48.50
N ILE H 1847 159.61 -26.10 -49.08
CA ILE H 1847 159.49 -24.86 -48.32
C ILE H 1847 158.77 -23.83 -49.16
N LEU H 1848 158.32 -22.79 -48.49
CA LEU H 1848 157.66 -21.68 -49.13
C LEU H 1848 158.56 -20.46 -49.18
N THR H 1849 159.27 -20.20 -48.09
CA THR H 1849 160.13 -19.04 -47.95
C THR H 1849 161.47 -19.53 -47.40
N GLY H 1850 162.55 -18.93 -47.90
CA GLY H 1850 163.86 -19.49 -47.68
C GLY H 1850 164.39 -19.17 -46.30
N ALA H 1851 165.24 -20.07 -45.81
CA ALA H 1851 165.84 -19.93 -44.49
C ALA H 1851 166.47 -18.56 -44.30
N GLY H 1852 167.05 -18.00 -45.38
CA GLY H 1852 167.65 -16.69 -45.27
C GLY H 1852 166.62 -15.64 -44.90
N ALA H 1853 165.53 -15.57 -45.66
CA ALA H 1853 164.46 -14.61 -45.39
C ALA H 1853 163.95 -14.76 -43.96
N LEU H 1854 163.70 -16.00 -43.55
CA LEU H 1854 163.13 -16.30 -42.23
C LEU H 1854 164.11 -15.98 -41.10
N ASN H 1855 165.39 -16.30 -41.30
CA ASN H 1855 166.41 -16.01 -40.29
C ASN H 1855 166.51 -14.51 -40.04
N LYS H 1856 166.40 -13.71 -41.10
CA LYS H 1856 166.42 -12.26 -40.97
C LYS H 1856 165.27 -11.78 -40.10
N VAL H 1857 164.06 -12.28 -40.37
CA VAL H 1857 162.86 -11.98 -39.58
C VAL H 1857 163.04 -12.31 -38.11
N LEU H 1858 163.81 -13.33 -37.76
CA LEU H 1858 163.96 -13.77 -36.38
C LEU H 1858 165.14 -13.09 -35.67
N GLY H 1859 165.82 -12.14 -36.33
CA GLY H 1859 166.86 -11.32 -35.74
C GLY H 1859 168.18 -11.99 -35.49
N ARG H 1860 168.34 -13.24 -35.90
CA ARG H 1860 169.64 -13.88 -35.83
C ARG H 1860 169.59 -15.02 -36.83
N GLU H 1861 170.76 -15.60 -37.11
CA GLU H 1861 170.84 -16.71 -38.06
C GLU H 1861 170.40 -17.97 -37.31
N VAL H 1862 169.08 -18.04 -37.06
CA VAL H 1862 168.50 -19.15 -36.32
C VAL H 1862 168.73 -20.46 -37.06
N TYR H 1863 168.36 -20.49 -38.33
CA TYR H 1863 168.43 -21.68 -39.17
C TYR H 1863 169.56 -21.50 -40.19
N THR H 1864 170.19 -22.63 -40.49
CA THR H 1864 171.36 -22.67 -41.34
C THR H 1864 171.10 -23.26 -42.71
N SER H 1865 169.99 -23.95 -42.89
CA SER H 1865 169.75 -24.66 -44.14
C SER H 1865 168.25 -24.80 -44.35
N ASN H 1866 167.82 -24.49 -45.57
CA ASN H 1866 166.42 -24.69 -45.94
C ASN H 1866 165.91 -26.08 -45.59
N ASN H 1867 166.80 -27.08 -45.61
CA ASN H 1867 166.42 -28.43 -45.20
C ASN H 1867 165.96 -28.47 -43.75
N GLN H 1868 166.46 -27.57 -42.89
CA GLN H 1868 165.94 -27.49 -41.54
C GLN H 1868 164.45 -27.19 -41.54
N LEU H 1869 163.99 -26.44 -42.54
CA LEU H 1869 162.60 -26.01 -42.62
C LEU H 1869 161.75 -27.03 -43.36
N GLY H 1870 162.26 -27.53 -44.48
CA GLY H 1870 161.52 -28.36 -45.41
C GLY H 1870 162.23 -29.62 -45.84
N GLY H 1871 163.35 -29.93 -45.20
CA GLY H 1871 164.12 -31.08 -45.60
C GLY H 1871 163.40 -32.33 -45.16
N ILE H 1872 163.96 -33.48 -45.52
CA ILE H 1872 163.32 -34.74 -45.14
C ILE H 1872 163.23 -34.85 -43.63
N GLN H 1873 164.15 -34.21 -42.91
CA GLN H 1873 164.15 -34.23 -41.45
C GLN H 1873 162.97 -33.50 -40.82
N ILE H 1874 162.25 -32.66 -41.58
CA ILE H 1874 161.00 -32.08 -41.11
C ILE H 1874 159.85 -32.85 -41.75
N MET H 1875 159.85 -32.93 -43.09
CA MET H 1875 158.64 -33.44 -43.76
C MET H 1875 158.48 -34.94 -43.61
N HIS H 1876 159.57 -35.70 -43.47
CA HIS H 1876 159.42 -37.13 -43.24
C HIS H 1876 159.09 -37.39 -41.78
N ASN H 1877 159.68 -36.58 -40.88
CA ASN H 1877 159.43 -36.67 -39.45
C ASN H 1877 158.05 -36.18 -39.04
N ASN H 1878 157.34 -35.46 -39.91
CA ASN H 1878 155.97 -35.02 -39.64
C ASN H 1878 154.96 -35.65 -40.60
N GLY H 1879 155.39 -36.51 -41.51
CA GLY H 1879 154.50 -37.23 -42.40
C GLY H 1879 154.13 -36.47 -43.65
N VAL H 1880 154.73 -35.30 -43.89
CA VAL H 1880 154.55 -34.60 -45.16
C VAL H 1880 155.24 -35.35 -46.30
N THR H 1881 156.40 -35.92 -46.02
CA THR H 1881 157.07 -36.76 -47.00
C THR H 1881 156.68 -38.20 -46.78
N HIS H 1882 156.33 -38.87 -47.87
CA HIS H 1882 155.87 -40.24 -47.85
C HIS H 1882 157.06 -41.19 -47.84
N CYS H 1883 158.02 -40.93 -48.72
CA CYS H 1883 159.25 -41.70 -48.81
C CYS H 1883 160.38 -40.71 -48.99
N THR H 1884 161.55 -41.10 -48.51
CA THR H 1884 162.76 -40.34 -48.71
C THR H 1884 163.73 -41.21 -49.51
N VAL H 1885 164.57 -40.56 -50.31
CA VAL H 1885 165.54 -41.26 -51.15
C VAL H 1885 166.89 -40.58 -51.11
N CYS H 1886 167.91 -41.38 -51.42
CA CYS H 1886 169.30 -40.93 -51.37
C CYS H 1886 169.75 -40.17 -52.61
N ASP H 1887 169.13 -40.42 -53.78
CA ASP H 1887 169.52 -39.73 -54.99
C ASP H 1887 168.35 -39.68 -55.97
N ASP H 1888 168.56 -38.93 -57.05
CA ASP H 1888 167.50 -38.71 -58.03
C ASP H 1888 167.08 -39.99 -58.69
N PHE H 1889 168.05 -40.81 -59.11
CA PHE H 1889 167.75 -42.08 -59.77
C PHE H 1889 166.88 -42.94 -58.87
N GLU H 1890 167.29 -43.10 -57.61
CA GLU H 1890 166.55 -43.95 -56.70
C GLU H 1890 165.20 -43.33 -56.36
N GLY H 1891 165.11 -41.99 -56.44
CA GLY H 1891 163.82 -41.33 -56.28
C GLY H 1891 162.80 -41.78 -57.31
N VAL H 1892 163.17 -41.69 -58.59
CA VAL H 1892 162.24 -42.08 -59.65
C VAL H 1892 161.80 -43.52 -59.45
N PHE H 1893 162.74 -44.38 -59.05
CA PHE H 1893 162.45 -45.77 -58.75
C PHE H 1893 161.34 -45.89 -57.70
N THR H 1894 161.43 -45.11 -56.62
CA THR H 1894 160.40 -45.14 -55.59
C THR H 1894 159.05 -44.72 -56.15
N VAL H 1895 159.03 -43.66 -56.99
CA VAL H 1895 157.80 -43.17 -57.60
C VAL H 1895 157.08 -44.30 -58.32
N LEU H 1896 157.79 -44.93 -59.26
CA LEU H 1896 157.22 -46.01 -60.06
C LEU H 1896 156.82 -47.21 -59.21
N HIS H 1897 157.54 -47.47 -58.12
CA HIS H 1897 157.24 -48.62 -57.27
C HIS H 1897 155.86 -48.51 -56.62
N TRP H 1898 155.51 -47.32 -56.12
CA TRP H 1898 154.15 -47.09 -55.61
C TRP H 1898 153.11 -47.40 -56.66
N LEU H 1899 153.30 -46.86 -57.87
CA LEU H 1899 152.38 -47.04 -58.98
C LEU H 1899 152.09 -48.51 -59.29
N SER H 1900 152.97 -49.45 -58.93
CA SER H 1900 152.70 -50.85 -59.22
C SER H 1900 151.49 -51.39 -58.45
N TYR H 1901 151.05 -50.67 -57.44
CA TYR H 1901 149.85 -50.89 -56.65
C TYR H 1901 148.62 -50.16 -57.16
N MET H 1902 148.71 -49.33 -58.21
CA MET H 1902 147.66 -48.34 -58.49
C MET H 1902 146.90 -48.59 -59.80
N PRO H 1903 145.59 -48.30 -59.84
CA PRO H 1903 144.82 -48.54 -61.07
C PRO H 1903 145.18 -47.53 -62.15
N LYS H 1904 145.27 -48.02 -63.38
CA LYS H 1904 145.62 -47.18 -64.54
C LYS H 1904 144.78 -45.91 -64.61
N SER H 1905 143.49 -46.03 -64.31
CA SER H 1905 142.55 -44.92 -64.31
C SER H 1905 141.50 -45.26 -63.27
N VAL H 1906 140.54 -44.35 -63.06
CA VAL H 1906 139.48 -44.69 -62.12
C VAL H 1906 138.51 -45.70 -62.73
N HIS H 1907 138.51 -45.83 -64.06
CA HIS H 1907 137.69 -46.79 -64.79
C HIS H 1907 138.31 -48.19 -64.83
N SER H 1908 139.45 -48.37 -64.18
CA SER H 1908 140.29 -49.56 -64.30
C SER H 1908 140.47 -50.18 -62.93
N SER H 1909 140.71 -51.48 -62.94
CA SER H 1909 140.97 -52.20 -61.71
C SER H 1909 142.41 -52.03 -61.25
N VAL H 1910 142.59 -52.25 -59.95
CA VAL H 1910 143.89 -52.34 -59.31
C VAL H 1910 144.64 -53.40 -60.10
N PRO H 1911 145.92 -53.22 -60.43
CA PRO H 1911 146.60 -54.29 -61.18
C PRO H 1911 147.02 -55.41 -60.25
N LEU H 1912 146.56 -56.61 -60.57
CA LEU H 1912 146.76 -57.77 -59.71
C LEU H 1912 147.98 -58.51 -60.21
N LEU H 1913 148.79 -59.01 -59.28
CA LEU H 1913 149.91 -59.86 -59.60
C LEU H 1913 149.61 -61.28 -59.18
N ASN H 1914 150.37 -62.22 -59.72
CA ASN H 1914 150.39 -63.59 -59.22
C ASN H 1914 151.59 -63.61 -58.30
N SER H 1915 151.36 -63.46 -57.00
CA SER H 1915 152.50 -63.23 -56.14
C SER H 1915 153.22 -64.53 -55.83
N LYS H 1916 154.49 -64.40 -55.47
CA LYS H 1916 155.29 -65.56 -55.11
C LYS H 1916 155.03 -66.00 -53.68
N ASP H 1917 154.38 -65.15 -52.89
CA ASP H 1917 153.94 -65.56 -51.57
C ASP H 1917 152.58 -66.18 -51.87
N PRO H 1918 152.39 -67.49 -51.73
CA PRO H 1918 151.13 -68.09 -52.18
C PRO H 1918 149.95 -67.62 -51.35
N ILE H 1919 148.78 -67.94 -51.89
CA ILE H 1919 147.50 -67.42 -51.40
C ILE H 1919 146.93 -68.50 -50.49
N ASP H 1920 147.19 -69.77 -50.82
CA ASP H 1920 146.70 -70.89 -50.02
C ASP H 1920 147.72 -71.31 -48.96
N ARG H 1921 148.43 -70.34 -48.40
CA ARG H 1921 149.34 -70.53 -47.28
C ARG H 1921 148.69 -70.07 -45.98
N ILE H 1922 149.29 -70.52 -44.90
CA ILE H 1922 148.93 -70.05 -43.57
C ILE H 1922 149.85 -68.88 -43.23
N ILE H 1923 149.43 -68.00 -42.32
CA ILE H 1923 150.28 -66.91 -41.86
C ILE H 1923 151.04 -67.43 -40.67
N GLU H 1924 152.38 -67.31 -40.69
CA GLU H 1924 153.10 -67.91 -39.58
C GLU H 1924 153.21 -66.96 -38.39
N PHE H 1925 153.48 -65.68 -38.63
CA PHE H 1925 153.57 -64.73 -37.53
C PHE H 1925 152.18 -64.44 -36.99
N VAL H 1926 152.08 -64.42 -35.66
CA VAL H 1926 150.83 -64.20 -34.95
C VAL H 1926 151.05 -62.96 -34.11
N PRO H 1927 150.22 -61.92 -34.22
CA PRO H 1927 150.41 -60.77 -33.33
C PRO H 1927 150.36 -61.21 -31.88
N THR H 1928 151.11 -60.50 -31.05
CA THR H 1928 151.39 -60.93 -29.69
C THR H 1928 151.08 -59.86 -28.66
N LYS H 1929 150.82 -60.35 -27.45
CA LYS H 1929 150.73 -59.46 -26.30
C LYS H 1929 152.06 -58.75 -26.10
N THR H 1930 153.15 -59.48 -26.28
CA THR H 1930 154.48 -58.89 -26.30
C THR H 1930 154.58 -57.91 -27.47
N PRO H 1931 155.27 -56.78 -27.32
CA PRO H 1931 155.25 -55.82 -28.42
C PRO H 1931 156.04 -56.29 -29.63
N TYR H 1932 155.73 -55.68 -30.78
CA TYR H 1932 156.32 -56.08 -32.04
C TYR H 1932 156.18 -54.95 -33.05
N ASP H 1933 157.05 -54.98 -34.05
CA ASP H 1933 156.99 -54.07 -35.19
C ASP H 1933 155.80 -54.51 -36.03
N PRO H 1934 154.79 -53.65 -36.28
CA PRO H 1934 153.59 -54.13 -37.00
C PRO H 1934 153.80 -54.46 -38.45
N ARG H 1935 154.93 -54.13 -39.08
CA ARG H 1935 155.08 -54.63 -40.44
C ARG H 1935 155.18 -56.13 -40.42
N TRP H 1936 155.77 -56.69 -39.35
CA TRP H 1936 155.83 -58.13 -39.20
C TRP H 1936 154.47 -58.80 -39.19
N MET H 1937 153.49 -58.25 -38.46
CA MET H 1937 152.16 -58.87 -38.51
C MET H 1937 151.61 -58.81 -39.92
N LEU H 1938 151.93 -57.74 -40.63
CA LEU H 1938 151.39 -57.40 -41.93
C LEU H 1938 152.19 -58.06 -43.04
N ALA H 1939 153.48 -57.76 -43.09
CA ALA H 1939 154.42 -58.12 -44.16
C ALA H 1939 155.27 -59.35 -43.84
N GLY H 1940 155.26 -59.80 -42.59
CA GLY H 1940 156.07 -60.89 -42.10
C GLY H 1940 157.40 -60.47 -41.51
N ARG H 1941 158.11 -61.45 -40.97
CA ARG H 1941 159.39 -61.23 -40.32
C ARG H 1941 160.26 -62.47 -40.49
N PRO H 1942 161.57 -62.35 -40.24
CA PRO H 1942 162.41 -63.55 -40.25
C PRO H 1942 162.07 -64.47 -39.09
N HIS H 1943 162.27 -65.75 -39.32
CA HIS H 1943 161.96 -66.75 -38.30
C HIS H 1943 162.95 -66.60 -37.15
N PRO H 1944 162.50 -66.49 -35.89
CA PRO H 1944 163.47 -66.44 -34.77
C PRO H 1944 164.46 -67.60 -34.69
N THR H 1945 164.08 -68.84 -34.99
CA THR H 1945 165.01 -69.96 -34.88
C THR H 1945 165.77 -70.20 -36.19
N GLN H 1946 165.25 -71.08 -37.05
CA GLN H 1946 165.91 -71.48 -38.30
C GLN H 1946 165.94 -70.30 -39.28
N LYS H 1947 166.93 -69.43 -39.12
CA LYS H 1947 167.16 -68.42 -40.14
C LYS H 1947 167.90 -69.07 -41.31
N GLY H 1948 167.77 -68.51 -42.52
CA GLY H 1948 166.96 -67.37 -42.94
C GLY H 1948 165.60 -67.76 -43.48
N GLN H 1949 164.74 -68.27 -42.60
CA GLN H 1949 163.32 -68.44 -42.87
C GLN H 1949 162.58 -67.15 -42.51
N TRP H 1950 161.27 -67.14 -42.74
CA TRP H 1950 160.44 -65.94 -42.69
C TRP H 1950 159.11 -66.30 -42.04
N LEU H 1951 158.78 -65.63 -40.94
CA LEU H 1951 157.44 -65.77 -40.38
C LEU H 1951 156.55 -64.89 -41.22
N SER H 1952 155.69 -65.54 -42.00
CA SER H 1952 154.91 -64.82 -42.98
C SER H 1952 153.90 -63.96 -42.25
N GLY H 1953 153.67 -62.77 -42.80
CA GLY H 1953 152.66 -61.88 -42.28
C GLY H 1953 151.39 -62.10 -43.07
N PHE H 1954 150.44 -61.19 -42.88
CA PHE H 1954 149.21 -61.31 -43.66
C PHE H 1954 149.51 -61.12 -45.13
N PHE H 1955 150.25 -60.09 -45.46
CA PHE H 1955 150.46 -59.71 -46.84
C PHE H 1955 151.67 -60.45 -47.40
N ASP H 1956 151.78 -60.38 -48.72
CA ASP H 1956 152.88 -60.99 -49.45
C ASP H 1956 154.24 -60.53 -48.90
N TYR H 1957 155.14 -61.50 -48.65
CA TYR H 1957 156.49 -61.22 -48.19
C TYR H 1957 157.15 -60.13 -49.02
N GLY H 1958 157.61 -59.07 -48.37
CA GLY H 1958 158.33 -58.04 -49.10
C GLY H 1958 157.45 -57.10 -49.89
N SER H 1959 156.14 -57.14 -49.70
CA SER H 1959 155.19 -56.40 -50.51
C SER H 1959 154.77 -55.09 -49.90
N PHE H 1960 154.96 -54.91 -48.60
CA PHE H 1960 154.44 -53.74 -47.93
C PHE H 1960 155.41 -52.60 -48.15
N SER H 1961 154.89 -51.48 -48.62
CA SER H 1961 155.68 -50.28 -48.89
C SER H 1961 155.07 -49.17 -48.04
N GLU H 1962 155.77 -48.86 -46.96
CA GLU H 1962 155.31 -47.88 -45.99
C GLU H 1962 155.48 -46.48 -46.54
N ILE H 1963 154.72 -45.55 -45.97
CA ILE H 1963 154.96 -44.14 -46.16
C ILE H 1963 154.77 -43.43 -44.82
N MET H 1964 155.37 -42.24 -44.72
CA MET H 1964 155.31 -41.42 -43.51
C MET H 1964 155.77 -42.21 -42.29
N GLN H 1965 156.80 -43.04 -42.49
CA GLN H 1965 157.19 -44.01 -41.47
C GLN H 1965 157.63 -43.42 -40.14
N PRO H 1966 158.46 -42.37 -40.06
CA PRO H 1966 159.01 -41.97 -38.77
C PRO H 1966 158.14 -41.02 -37.97
N TRP H 1967 156.98 -40.64 -38.47
CA TRP H 1967 156.11 -39.70 -37.78
C TRP H 1967 154.91 -40.46 -37.23
N ALA H 1968 154.60 -40.24 -35.95
CA ALA H 1968 153.44 -40.85 -35.31
C ALA H 1968 153.41 -42.37 -35.47
N GLN H 1969 154.36 -43.00 -34.80
CA GLN H 1969 154.65 -44.41 -35.01
C GLN H 1969 153.77 -45.30 -34.15
N THR H 1970 152.81 -44.74 -33.42
CA THR H 1970 151.84 -45.56 -32.71
C THR H 1970 150.97 -46.35 -33.67
N VAL H 1971 150.83 -45.86 -34.90
CA VAL H 1971 150.16 -46.59 -35.96
C VAL H 1971 151.09 -46.56 -37.16
N VAL H 1972 150.97 -47.58 -37.99
CA VAL H 1972 151.85 -47.77 -39.14
C VAL H 1972 150.90 -47.96 -40.32
N VAL H 1973 151.11 -47.17 -41.35
CA VAL H 1973 150.24 -47.17 -42.52
C VAL H 1973 151.12 -47.28 -43.76
N GLY H 1974 150.55 -47.83 -44.82
CA GLY H 1974 151.31 -48.05 -46.02
C GLY H 1974 150.47 -48.81 -47.02
N ARG H 1975 151.16 -49.30 -48.05
CA ARG H 1975 150.54 -50.06 -49.12
C ARG H 1975 151.21 -51.42 -49.13
N ALA H 1976 150.48 -52.45 -49.53
CA ALA H 1976 151.02 -53.82 -49.59
C ALA H 1976 150.25 -54.59 -50.65
N ARG H 1977 150.55 -55.90 -50.75
CA ARG H 1977 149.83 -56.81 -51.63
C ARG H 1977 149.45 -58.07 -50.86
N LEU H 1978 148.22 -58.54 -51.09
CA LEU H 1978 147.70 -59.78 -50.52
C LEU H 1978 147.45 -60.72 -51.67
N GLY H 1979 148.26 -61.78 -51.76
CA GLY H 1979 148.22 -62.62 -52.94
C GLY H 1979 148.43 -61.83 -54.22
N GLY H 1980 149.13 -60.71 -54.14
CA GLY H 1980 149.38 -59.90 -55.31
C GLY H 1980 148.31 -58.87 -55.61
N ILE H 1981 147.31 -58.71 -54.75
CA ILE H 1981 146.33 -57.63 -54.88
C ILE H 1981 146.85 -56.44 -54.09
N PRO H 1982 147.07 -55.27 -54.71
CA PRO H 1982 147.49 -54.13 -53.90
C PRO H 1982 146.33 -53.65 -53.04
N VAL H 1983 146.60 -53.37 -51.76
CA VAL H 1983 145.62 -52.78 -50.88
C VAL H 1983 146.34 -51.68 -50.12
N GLY H 1984 145.57 -50.74 -49.57
CA GLY H 1984 146.12 -49.85 -48.57
C GLY H 1984 145.91 -50.44 -47.20
N VAL H 1985 146.85 -50.14 -46.31
CA VAL H 1985 146.99 -50.88 -45.07
C VAL H 1985 147.32 -49.94 -43.93
N VAL H 1986 146.63 -50.11 -42.82
CA VAL H 1986 146.93 -49.40 -41.58
C VAL H 1986 146.96 -50.48 -40.50
N ALA H 1987 148.01 -50.46 -39.68
CA ALA H 1987 148.18 -51.36 -38.55
C ALA H 1987 148.76 -50.56 -37.40
N VAL H 1988 148.75 -51.16 -36.22
CA VAL H 1988 149.03 -50.45 -34.98
C VAL H 1988 150.28 -50.98 -34.31
N GLU H 1989 151.17 -50.06 -33.94
CA GLU H 1989 152.37 -50.39 -33.18
C GLU H 1989 151.94 -50.77 -31.77
N THR H 1990 152.58 -51.80 -31.24
CA THR H 1990 152.28 -52.35 -29.93
C THR H 1990 153.28 -52.00 -28.84
N ARG H 1991 154.50 -51.60 -29.17
CA ARG H 1991 155.46 -51.19 -28.15
C ARG H 1991 155.18 -49.73 -27.84
N THR H 1992 155.47 -49.31 -26.61
CA THR H 1992 155.24 -47.90 -26.32
C THR H 1992 156.08 -47.07 -27.26
N VAL H 1993 155.44 -46.14 -27.93
CA VAL H 1993 156.13 -45.24 -28.83
C VAL H 1993 156.62 -44.06 -28.02
N GLU H 1994 157.81 -43.60 -28.33
CA GLU H 1994 158.31 -42.35 -27.78
C GLU H 1994 158.40 -41.44 -28.98
N LEU H 1995 157.45 -40.50 -29.11
CA LEU H 1995 157.47 -39.62 -30.27
C LEU H 1995 158.24 -38.39 -29.81
N SER H 1996 159.26 -38.03 -30.57
CA SER H 1996 160.07 -36.85 -30.30
C SER H 1996 159.64 -35.65 -31.13
N ILE H 1997 159.31 -34.55 -30.46
CA ILE H 1997 158.97 -33.31 -31.12
C ILE H 1997 160.21 -32.43 -30.98
N PRO H 1998 160.82 -31.96 -32.07
CA PRO H 1998 162.08 -31.22 -31.92
C PRO H 1998 161.90 -29.85 -31.31
N ALA H 1999 163.00 -29.35 -30.74
CA ALA H 1999 163.02 -28.04 -30.12
C ALA H 1999 163.15 -26.97 -31.18
N ASP H 2000 162.47 -25.86 -30.99
CA ASP H 2000 162.61 -24.72 -31.88
C ASP H 2000 163.83 -23.88 -31.48
N PRO H 2001 164.90 -23.84 -32.29
CA PRO H 2001 166.06 -23.04 -31.88
C PRO H 2001 165.78 -21.55 -31.92
N ALA H 2002 164.83 -21.11 -32.76
CA ALA H 2002 164.39 -19.72 -32.75
C ALA H 2002 163.96 -19.26 -31.37
N ASN H 2003 163.23 -20.10 -30.64
CA ASN H 2003 162.68 -19.72 -29.35
C ASN H 2003 163.52 -20.40 -28.28
N LEU H 2004 164.18 -19.61 -27.42
CA LEU H 2004 165.08 -20.21 -26.43
C LEU H 2004 164.34 -20.90 -25.30
N ASP H 2005 163.04 -20.65 -25.12
CA ASP H 2005 162.31 -21.37 -24.09
C ASP H 2005 162.08 -22.82 -24.50
N SER H 2006 161.59 -23.01 -25.72
CA SER H 2006 161.23 -24.34 -26.23
C SER H 2006 162.38 -25.31 -26.01
N GLU H 2007 162.15 -26.34 -25.20
CA GLU H 2007 163.02 -27.50 -25.25
C GLU H 2007 162.22 -28.68 -25.76
N ALA H 2008 162.92 -29.59 -26.42
CA ALA H 2008 162.25 -30.74 -27.02
C ALA H 2008 161.80 -31.67 -25.90
N LYS H 2009 160.52 -31.69 -25.57
CA LYS H 2009 160.18 -32.66 -24.56
C LYS H 2009 160.17 -34.00 -25.26
N ILE H 2010 160.09 -35.07 -24.48
CA ILE H 2010 160.09 -36.41 -25.02
C ILE H 2010 159.00 -37.12 -24.27
N ILE H 2011 158.00 -37.57 -25.01
CA ILE H 2011 156.72 -38.00 -24.49
C ILE H 2011 156.56 -39.48 -24.78
N GLN H 2012 156.01 -40.19 -23.81
CA GLN H 2012 155.68 -41.58 -24.04
C GLN H 2012 154.33 -41.54 -24.72
N GLN H 2013 154.24 -42.24 -25.85
CA GLN H 2013 153.01 -42.37 -26.61
C GLN H 2013 152.63 -43.84 -26.66
N ALA H 2014 151.59 -44.17 -25.89
CA ALA H 2014 151.12 -45.55 -25.74
C ALA H 2014 150.74 -46.20 -27.06
N GLY H 2015 150.98 -47.51 -27.14
CA GLY H 2015 150.50 -48.31 -28.25
C GLY H 2015 149.02 -48.65 -28.13
N GLN H 2016 148.45 -49.12 -29.24
CA GLN H 2016 147.02 -49.43 -29.34
C GLN H 2016 146.12 -48.26 -28.97
N VAL H 2017 146.55 -47.03 -29.21
CA VAL H 2017 145.74 -45.85 -28.93
C VAL H 2017 145.78 -44.91 -30.13
N TRP H 2018 144.67 -44.19 -30.35
CA TRP H 2018 144.68 -43.14 -31.36
C TRP H 2018 145.07 -41.88 -30.61
N PHE H 2019 146.12 -41.23 -31.08
CA PHE H 2019 146.57 -39.92 -30.70
C PHE H 2019 146.26 -38.90 -31.77
N PRO H 2020 146.52 -37.60 -31.50
CA PRO H 2020 146.37 -36.61 -32.58
C PRO H 2020 147.22 -36.96 -33.79
N ASP H 2021 148.51 -37.19 -33.52
CA ASP H 2021 149.48 -37.52 -34.56
C ASP H 2021 149.07 -38.78 -35.32
N SER H 2022 148.76 -39.85 -34.58
CA SER H 2022 148.45 -41.14 -35.17
C SER H 2022 147.20 -41.08 -36.04
N ALA H 2023 146.17 -40.36 -35.58
CA ALA H 2023 144.92 -40.31 -36.33
C ALA H 2023 145.13 -39.62 -37.67
N PHE H 2024 145.93 -38.55 -37.70
CA PHE H 2024 146.17 -37.87 -38.97
C PHE H 2024 146.94 -38.75 -39.96
N LYS H 2025 148.09 -39.31 -39.54
CA LYS H 2025 148.80 -40.21 -40.44
C LYS H 2025 147.90 -41.34 -40.91
N THR H 2026 147.06 -41.86 -40.01
CA THR H 2026 146.18 -42.93 -40.42
C THR H 2026 145.12 -42.38 -41.38
N TYR H 2027 144.55 -41.23 -41.02
CA TYR H 2027 143.60 -40.50 -41.86
C TYR H 2027 144.24 -40.13 -43.20
N GLN H 2028 145.50 -39.72 -43.18
CA GLN H 2028 146.15 -39.26 -44.40
C GLN H 2028 146.38 -40.42 -45.34
N ALA H 2029 146.94 -41.51 -44.83
CA ALA H 2029 147.17 -42.68 -45.66
C ALA H 2029 145.86 -43.20 -46.19
N ILE H 2030 144.88 -43.39 -45.30
CA ILE H 2030 143.57 -43.86 -45.71
C ILE H 2030 142.95 -42.88 -46.69
N LYS H 2031 143.03 -41.57 -46.41
CA LYS H 2031 142.42 -40.61 -47.32
C LYS H 2031 143.08 -40.72 -48.67
N ASP H 2032 144.41 -40.74 -48.63
CA ASP H 2032 145.21 -40.75 -49.83
C ASP H 2032 144.88 -42.00 -50.65
N PHE H 2033 144.94 -43.16 -50.00
CA PHE H 2033 144.64 -44.44 -50.64
C PHE H 2033 143.23 -44.51 -51.21
N ASN H 2034 142.26 -43.87 -50.55
CA ASN H 2034 140.86 -43.95 -50.97
C ASN H 2034 140.60 -43.30 -52.33
N ARG H 2035 141.28 -42.22 -52.66
CA ARG H 2035 141.07 -41.55 -53.95
C ARG H 2035 141.75 -42.28 -55.10
N GLU H 2036 142.62 -43.23 -54.79
CA GLU H 2036 143.26 -44.07 -55.80
C GLU H 2036 142.32 -45.13 -56.33
N GLY H 2037 141.40 -45.62 -55.51
CA GLY H 2037 140.50 -46.67 -55.93
C GLY H 2037 140.91 -48.04 -55.43
N LEU H 2038 141.72 -48.11 -54.36
CA LEU H 2038 142.31 -49.32 -53.81
C LEU H 2038 141.38 -49.92 -52.77
N PRO H 2039 141.36 -51.23 -52.60
CA PRO H 2039 140.80 -51.77 -51.37
C PRO H 2039 141.70 -51.43 -50.19
N LEU H 2040 141.09 -51.41 -49.01
CA LEU H 2040 141.76 -51.04 -47.78
C LEU H 2040 141.69 -52.27 -46.90
N MET H 2041 142.78 -52.59 -46.21
CA MET H 2041 142.72 -53.57 -45.15
C MET H 2041 143.30 -52.99 -43.86
N VAL H 2042 142.44 -52.82 -42.86
CA VAL H 2042 142.85 -52.31 -41.57
C VAL H 2042 142.91 -53.49 -40.62
N PHE H 2043 144.10 -53.71 -40.08
CA PHE H 2043 144.31 -54.66 -39.00
C PHE H 2043 144.27 -53.90 -37.68
N ALA H 2044 143.05 -53.72 -37.22
CA ALA H 2044 142.75 -52.81 -36.13
C ALA H 2044 143.18 -53.40 -34.81
N ASN H 2045 143.92 -52.61 -34.03
CA ASN H 2045 144.43 -53.04 -32.76
C ASN H 2045 144.61 -51.78 -31.92
N TRP H 2046 143.46 -51.20 -31.61
CA TRP H 2046 143.33 -49.95 -30.88
C TRP H 2046 142.46 -50.15 -29.65
N ARG H 2047 142.95 -49.75 -28.49
CA ARG H 2047 142.15 -49.88 -27.29
C ARG H 2047 141.14 -48.74 -27.19
N GLY H 2048 141.38 -47.67 -27.93
CA GLY H 2048 140.56 -46.49 -27.87
C GLY H 2048 141.37 -45.30 -28.33
N PHE H 2049 140.69 -44.17 -28.35
CA PHE H 2049 141.35 -42.88 -28.51
C PHE H 2049 141.87 -42.39 -27.16
N SER H 2050 142.99 -41.68 -27.18
CA SER H 2050 143.47 -41.07 -25.95
C SER H 2050 142.58 -39.89 -25.60
N GLY H 2051 142.15 -39.81 -24.35
CA GLY H 2051 141.17 -38.80 -23.98
C GLY H 2051 141.78 -37.83 -23.00
N GLY H 2052 143.11 -37.74 -22.99
CA GLY H 2052 143.79 -36.90 -22.02
C GLY H 2052 143.78 -35.47 -22.46
N MET H 2053 144.13 -34.57 -21.53
CA MET H 2053 143.98 -33.15 -21.79
C MET H 2053 144.75 -32.75 -23.04
N LYS H 2054 146.04 -33.09 -23.09
CA LYS H 2054 146.87 -32.63 -24.20
C LYS H 2054 146.36 -33.19 -25.52
N ASP H 2055 146.21 -34.51 -25.61
CA ASP H 2055 145.82 -35.06 -26.89
C ASP H 2055 144.41 -34.62 -27.27
N MET H 2056 143.51 -34.50 -26.28
CA MET H 2056 142.18 -33.99 -26.58
C MET H 2056 142.26 -32.51 -26.94
N TYR H 2057 143.00 -31.74 -26.14
CA TYR H 2057 143.30 -30.35 -26.48
C TYR H 2057 143.94 -30.26 -27.85
N ASP H 2058 144.82 -31.21 -28.17
CA ASP H 2058 145.49 -31.24 -29.45
C ASP H 2058 144.60 -31.85 -30.54
N GLN H 2059 143.29 -31.97 -30.26
CA GLN H 2059 142.25 -32.08 -31.27
C GLN H 2059 142.17 -33.45 -31.93
N VAL H 2060 142.51 -34.52 -31.18
CA VAL H 2060 142.41 -35.87 -31.72
C VAL H 2060 140.97 -36.17 -32.13
N LEU H 2061 140.01 -35.54 -31.47
CA LEU H 2061 138.59 -35.74 -31.76
C LEU H 2061 138.27 -35.32 -33.18
N LYS H 2062 138.95 -34.29 -33.68
CA LYS H 2062 138.58 -33.64 -34.93
C LYS H 2062 138.79 -34.58 -36.11
N PHE H 2063 139.88 -35.33 -36.10
CA PHE H 2063 140.26 -36.15 -37.23
C PHE H 2063 139.50 -37.46 -37.23
N GLY H 2064 139.00 -37.89 -36.07
CA GLY H 2064 138.12 -39.05 -36.05
C GLY H 2064 136.83 -38.76 -36.80
N ALA H 2065 136.20 -37.63 -36.52
CA ALA H 2065 135.05 -37.25 -37.34
C ALA H 2065 135.40 -37.19 -38.83
N TYR H 2066 136.56 -36.59 -39.16
CA TYR H 2066 136.94 -36.36 -40.55
C TYR H 2066 137.14 -37.66 -41.33
N ILE H 2067 137.78 -38.66 -40.73
CA ILE H 2067 137.97 -39.97 -41.36
C ILE H 2067 136.66 -40.53 -41.86
N VAL H 2068 135.57 -40.33 -41.12
CA VAL H 2068 134.28 -40.84 -41.57
C VAL H 2068 133.99 -40.30 -42.95
N ASP H 2069 134.10 -38.98 -43.13
CA ASP H 2069 133.96 -38.41 -44.47
C ASP H 2069 134.89 -39.17 -45.41
N GLY H 2070 136.13 -39.39 -44.94
CA GLY H 2070 137.15 -39.99 -45.77
C GLY H 2070 136.74 -41.41 -46.14
N LEU H 2071 136.27 -42.15 -45.14
CA LEU H 2071 135.90 -43.55 -45.31
C LEU H 2071 134.61 -43.65 -46.10
N ARG H 2072 133.75 -42.65 -45.98
CA ARG H 2072 132.49 -42.60 -46.71
C ARG H 2072 132.70 -42.61 -48.22
N GLU H 2073 133.81 -42.06 -48.70
CA GLU H 2073 134.09 -41.98 -50.12
C GLU H 2073 134.68 -43.24 -50.69
N CYS H 2074 134.90 -44.30 -49.90
CA CYS H 2074 135.46 -45.49 -50.49
C CYS H 2074 134.54 -46.16 -51.51
N CYS H 2075 135.14 -46.64 -52.60
CA CYS H 2075 134.41 -47.17 -53.75
C CYS H 2075 134.74 -48.62 -54.04
N GLN H 2076 135.64 -49.23 -53.28
CA GLN H 2076 136.03 -50.63 -53.43
C GLN H 2076 136.05 -51.33 -52.09
N PRO H 2077 136.17 -52.67 -52.10
CA PRO H 2077 136.08 -53.46 -50.86
C PRO H 2077 137.08 -53.02 -49.80
N VAL H 2078 136.60 -52.90 -48.56
CA VAL H 2078 137.47 -52.77 -47.40
C VAL H 2078 137.16 -53.92 -46.44
N LEU H 2079 138.11 -54.84 -46.26
CA LEU H 2079 137.96 -55.97 -45.35
C LEU H 2079 138.79 -55.70 -44.10
N VAL H 2080 138.12 -55.58 -42.96
CA VAL H 2080 138.75 -55.26 -41.68
C VAL H 2080 138.77 -56.53 -40.84
N TYR H 2081 139.92 -56.84 -40.26
CA TYR H 2081 140.09 -58.03 -39.45
C TYR H 2081 140.83 -57.54 -38.22
N ILE H 2082 140.28 -57.77 -37.04
CA ILE H 2082 140.95 -57.45 -35.79
C ILE H 2082 141.83 -58.65 -35.42
N PRO H 2083 143.16 -58.53 -35.47
CA PRO H 2083 144.05 -59.69 -35.24
C PRO H 2083 144.07 -60.16 -33.79
N PRO H 2084 144.64 -61.36 -33.55
CA PRO H 2084 144.74 -61.87 -32.17
C PRO H 2084 145.53 -60.96 -31.25
N GLN H 2085 145.04 -60.85 -30.02
CA GLN H 2085 145.49 -59.94 -28.97
C GLN H 2085 145.11 -58.51 -29.24
N ALA H 2086 144.35 -58.22 -30.29
CA ALA H 2086 143.86 -56.87 -30.43
C ALA H 2086 142.52 -56.79 -29.71
N GLU H 2087 142.08 -55.57 -29.51
CA GLU H 2087 140.77 -55.30 -28.94
C GLU H 2087 140.35 -53.99 -29.56
N LEU H 2088 139.04 -53.76 -29.67
CA LEU H 2088 138.57 -52.52 -30.25
C LEU H 2088 137.34 -52.07 -29.52
N ARG H 2089 137.42 -50.86 -28.97
CA ARG H 2089 136.50 -50.37 -27.96
C ARG H 2089 136.10 -48.97 -28.39
N GLY H 2090 134.85 -48.61 -28.12
CA GLY H 2090 134.42 -47.24 -28.21
C GLY H 2090 134.79 -46.56 -29.52
N GLY H 2091 135.63 -45.53 -29.39
CA GLY H 2091 135.93 -44.66 -30.51
C GLY H 2091 136.42 -45.35 -31.77
N SER H 2092 137.25 -46.38 -31.64
CA SER H 2092 137.81 -46.94 -32.86
C SER H 2092 136.81 -47.68 -33.75
N TRP H 2093 135.88 -48.43 -33.18
CA TRP H 2093 134.85 -49.10 -33.99
C TRP H 2093 133.84 -48.11 -34.57
N VAL H 2094 133.28 -47.25 -33.70
CA VAL H 2094 132.21 -46.30 -34.04
C VAL H 2094 132.54 -45.50 -35.30
N VAL H 2095 133.78 -45.01 -35.42
CA VAL H 2095 134.17 -44.15 -36.53
C VAL H 2095 134.44 -44.93 -37.81
N ILE H 2096 134.45 -46.26 -37.75
CA ILE H 2096 134.64 -47.15 -38.89
C ILE H 2096 133.53 -48.20 -39.03
N ASP H 2097 132.37 -47.95 -38.43
CA ASP H 2097 131.24 -48.86 -38.62
C ASP H 2097 130.85 -48.93 -40.09
N SER H 2098 130.50 -50.14 -40.54
CA SER H 2098 130.08 -50.36 -41.93
C SER H 2098 128.92 -49.47 -42.36
N SER H 2099 128.15 -48.96 -41.41
CA SER H 2099 127.03 -48.09 -41.72
C SER H 2099 127.44 -46.86 -42.54
N ILE H 2100 128.70 -46.42 -42.43
CA ILE H 2100 129.09 -45.20 -43.14
C ILE H 2100 128.96 -45.46 -44.62
N ASN H 2101 129.33 -46.66 -45.05
CA ASN H 2101 129.28 -47.06 -46.45
C ASN H 2101 128.86 -48.52 -46.43
N PRO H 2102 127.61 -48.81 -46.05
CA PRO H 2102 127.15 -50.20 -46.00
C PRO H 2102 127.20 -50.87 -47.35
N ARG H 2103 126.95 -50.07 -48.38
CA ARG H 2103 127.01 -50.47 -49.77
C ARG H 2103 128.28 -51.23 -50.14
N HIS H 2104 129.41 -50.88 -49.55
CA HIS H 2104 130.73 -51.32 -49.96
C HIS H 2104 131.53 -52.00 -48.87
N MET H 2105 131.13 -51.88 -47.61
CA MET H 2105 131.89 -52.40 -46.50
C MET H 2105 131.38 -53.76 -46.05
N GLU H 2106 132.31 -54.60 -45.59
CA GLU H 2106 132.04 -55.90 -45.02
C GLU H 2106 133.06 -56.14 -43.90
N MET H 2107 132.62 -56.85 -42.84
CA MET H 2107 133.39 -57.02 -41.61
C MET H 2107 133.63 -58.43 -41.05
N TYR H 2108 134.86 -58.68 -40.60
CA TYR H 2108 135.28 -59.94 -40.01
C TYR H 2108 136.10 -59.62 -38.76
N ALA H 2109 135.96 -60.45 -37.72
CA ALA H 2109 136.68 -60.34 -36.46
C ALA H 2109 137.35 -61.64 -36.03
N ASP H 2110 138.58 -61.55 -35.52
CA ASP H 2110 139.20 -62.74 -34.94
C ASP H 2110 138.51 -63.14 -33.65
N ARG H 2111 138.61 -64.43 -33.35
CA ARG H 2111 138.11 -65.00 -32.09
C ARG H 2111 138.63 -64.21 -30.90
N GLU H 2112 139.88 -63.79 -30.99
CA GLU H 2112 140.62 -63.09 -29.95
C GLU H 2112 140.52 -61.57 -30.06
N SER H 2113 139.39 -61.05 -30.54
CA SER H 2113 139.18 -59.61 -30.65
C SER H 2113 138.10 -59.25 -29.64
N ARG H 2114 137.86 -57.95 -29.43
CA ARG H 2114 136.92 -57.60 -28.39
C ARG H 2114 136.27 -56.26 -28.67
N GLY H 2115 135.05 -56.05 -28.16
CA GLY H 2115 134.45 -54.76 -28.38
C GLY H 2115 133.22 -54.34 -27.57
N SER H 2116 133.29 -53.08 -27.13
CA SER H 2116 132.35 -52.46 -26.22
C SER H 2116 132.48 -50.95 -26.34
N VAL H 2117 131.53 -50.24 -25.74
CA VAL H 2117 131.71 -48.81 -25.50
C VAL H 2117 132.90 -48.60 -24.57
N LEU H 2118 133.09 -49.50 -23.62
CA LEU H 2118 134.09 -49.36 -22.56
C LEU H 2118 134.73 -50.71 -22.29
N GLU H 2119 136.05 -50.67 -22.18
CA GLU H 2119 136.85 -51.84 -21.90
C GLU H 2119 136.51 -52.45 -20.53
N PRO H 2120 136.82 -53.74 -20.32
CA PRO H 2120 136.43 -54.43 -19.08
C PRO H 2120 136.83 -53.85 -17.73
N GLU H 2121 138.10 -53.43 -17.51
CA GLU H 2121 138.46 -52.91 -16.18
C GLU H 2121 137.55 -51.75 -15.77
N GLY H 2122 137.18 -50.89 -16.71
CA GLY H 2122 136.40 -49.72 -16.36
C GLY H 2122 134.93 -50.08 -16.23
N THR H 2123 134.50 -51.08 -17.00
CA THR H 2123 133.16 -51.68 -16.86
C THR H 2123 132.93 -52.33 -15.49
N VAL H 2124 133.89 -53.12 -15.03
CA VAL H 2124 133.74 -53.84 -13.75
C VAL H 2124 133.54 -52.88 -12.58
N GLU H 2125 134.35 -51.82 -12.49
CA GLU H 2125 134.31 -50.80 -11.46
C GLU H 2125 132.87 -50.34 -11.19
N ILE H 2126 132.04 -50.29 -12.23
CA ILE H 2126 130.66 -49.87 -12.09
C ILE H 2126 129.75 -51.00 -11.59
N LYS H 2127 129.95 -52.24 -12.07
CA LYS H 2127 129.04 -53.38 -11.89
C LYS H 2127 129.66 -54.56 -11.15
N PHE H 2128 130.60 -54.33 -10.25
CA PHE H 2128 131.14 -55.38 -9.38
C PHE H 2128 131.58 -54.76 -8.07
N ARG H 2129 130.58 -54.20 -7.41
CA ARG H 2129 130.71 -53.49 -6.16
C ARG H 2129 130.68 -54.49 -5.02
N ARG H 2130 130.74 -53.97 -3.79
CA ARG H 2130 130.78 -54.82 -2.59
C ARG H 2130 129.65 -55.84 -2.64
N LYS H 2131 128.42 -55.35 -2.81
CA LYS H 2131 127.23 -56.19 -2.89
C LYS H 2131 127.43 -57.40 -3.79
N ASP H 2132 127.93 -57.18 -5.00
CA ASP H 2132 128.15 -58.31 -5.88
C ASP H 2132 129.24 -59.21 -5.32
N LEU H 2133 130.26 -58.64 -4.69
CA LEU H 2133 131.31 -59.46 -4.12
C LEU H 2133 130.79 -60.28 -2.94
N VAL H 2134 130.09 -59.62 -2.01
CA VAL H 2134 129.52 -60.31 -0.86
C VAL H 2134 128.47 -61.33 -1.27
N LYS H 2135 127.45 -60.88 -2.02
CA LYS H 2135 126.47 -61.79 -2.61
C LYS H 2135 127.12 -62.96 -3.33
N THR H 2136 128.21 -62.72 -4.08
CA THR H 2136 128.77 -63.81 -4.86
C THR H 2136 129.46 -64.78 -3.92
N MET H 2137 130.18 -64.24 -2.95
CA MET H 2137 130.68 -65.09 -1.87
C MET H 2137 129.53 -65.79 -1.17
N ARG H 2138 128.50 -65.02 -0.82
CA ARG H 2138 127.36 -65.55 -0.08
C ARG H 2138 126.70 -66.71 -0.83
N ARG H 2139 126.80 -66.74 -2.16
CA ARG H 2139 126.20 -67.81 -2.92
C ARG H 2139 127.15 -68.98 -3.03
N VAL H 2140 128.45 -68.66 -3.11
CA VAL H 2140 129.47 -69.57 -3.58
C VAL H 2140 130.51 -69.86 -2.51
N ASP H 2141 130.92 -68.84 -1.77
CA ASP H 2141 132.00 -69.00 -0.80
C ASP H 2141 131.54 -69.80 0.42
N PRO H 2142 132.24 -70.90 0.77
CA PRO H 2142 131.73 -71.74 1.86
C PRO H 2142 131.78 -71.04 3.20
N VAL H 2143 132.87 -70.32 3.47
CA VAL H 2143 133.03 -69.64 4.74
C VAL H 2143 131.92 -68.61 4.93
N TYR H 2144 131.65 -67.80 3.90
CA TYR H 2144 130.59 -66.80 4.06
C TYR H 2144 129.28 -67.51 4.35
N ILE H 2145 128.98 -68.56 3.59
CA ILE H 2145 127.78 -69.34 3.87
C ILE H 2145 127.81 -69.76 5.32
N HIS H 2146 128.95 -70.34 5.73
CA HIS H 2146 129.14 -70.74 7.12
C HIS H 2146 128.93 -69.54 8.05
N LEU H 2147 129.64 -68.44 7.79
CA LEU H 2147 129.47 -67.21 8.56
C LEU H 2147 128.02 -66.79 8.57
N ALA H 2148 127.41 -66.79 7.38
CA ALA H 2148 126.01 -66.42 7.25
C ALA H 2148 125.15 -67.38 8.04
N GLU H 2149 125.52 -68.66 8.09
CA GLU H 2149 124.71 -69.59 8.86
C GLU H 2149 124.70 -69.20 10.32
N ARG H 2150 125.84 -68.73 10.84
CA ARG H 2150 125.86 -68.37 12.25
C ARG H 2150 125.35 -66.96 12.44
N LEU H 2151 125.84 -66.02 11.61
CA LEU H 2151 125.25 -64.69 11.53
C LEU H 2151 123.76 -64.75 11.24
N GLY H 2152 123.31 -65.79 10.56
CA GLY H 2152 121.89 -65.99 10.35
C GLY H 2152 121.25 -66.75 11.48
N THR H 2153 121.90 -66.79 12.66
CA THR H 2153 121.26 -67.44 13.80
C THR H 2153 120.69 -66.43 14.80
N PRO H 2154 119.47 -66.63 15.32
CA PRO H 2154 118.98 -65.79 16.42
C PRO H 2154 119.60 -66.21 17.73
N GLU H 2155 119.49 -65.34 18.75
CA GLU H 2155 120.01 -65.64 20.10
C GLU H 2155 121.48 -66.03 20.02
N LEU H 2156 122.28 -65.02 19.67
CA LEU H 2156 123.72 -65.12 19.61
C LEU H 2156 124.35 -64.40 20.80
N SER H 2157 125.48 -64.94 21.25
CA SER H 2157 126.26 -64.37 22.34
C SER H 2157 126.89 -63.04 21.96
N THR H 2158 126.91 -62.11 22.94
CA THR H 2158 127.47 -60.79 22.70
C THR H 2158 128.91 -60.87 22.22
N ALA H 2159 129.64 -61.91 22.63
CA ALA H 2159 130.95 -62.18 22.05
C ALA H 2159 130.85 -62.40 20.56
N GLU H 2160 130.14 -63.48 20.19
CA GLU H 2160 129.95 -63.85 18.79
C GLU H 2160 129.36 -62.73 17.94
N ARG H 2161 128.41 -61.96 18.48
CA ARG H 2161 127.80 -60.88 17.69
C ARG H 2161 128.86 -59.88 17.23
N LYS H 2162 129.52 -59.20 18.18
CA LYS H 2162 130.57 -58.26 17.79
C LYS H 2162 131.61 -58.98 16.95
N GLU H 2163 131.92 -60.22 17.35
CA GLU H 2163 132.85 -61.07 16.61
C GLU H 2163 132.37 -61.27 15.19
N LEU H 2164 131.06 -61.53 15.01
CA LEU H 2164 130.51 -61.75 13.68
C LEU H 2164 130.72 -60.54 12.80
N GLU H 2165 130.41 -59.33 13.31
CA GLU H 2165 130.66 -58.16 12.49
C GLU H 2165 132.13 -58.14 12.12
N ASN H 2166 132.99 -58.50 13.08
CA ASN H 2166 134.43 -58.57 12.83
C ASN H 2166 134.70 -59.68 11.82
N LYS H 2167 134.07 -60.85 12.01
CA LYS H 2167 134.21 -61.98 11.09
C LYS H 2167 133.85 -61.54 9.68
N LEU H 2168 132.87 -60.63 9.58
CA LEU H 2168 132.47 -60.11 8.29
C LEU H 2168 133.56 -59.23 7.75
N LYS H 2169 134.03 -58.28 8.57
CA LYS H 2169 135.12 -57.41 8.16
C LYS H 2169 136.37 -58.19 7.80
N GLU H 2170 136.74 -59.18 8.62
CA GLU H 2170 137.96 -59.91 8.29
C GLU H 2170 137.81 -60.79 7.07
N ARG H 2171 136.75 -61.59 7.01
CA ARG H 2171 136.59 -62.49 5.88
C ARG H 2171 136.35 -61.76 4.55
N GLU H 2172 135.35 -60.88 4.49
CA GLU H 2172 135.03 -60.15 3.25
C GLU H 2172 136.20 -59.34 2.69
N GLU H 2173 136.73 -58.42 3.50
CA GLU H 2173 137.72 -57.48 2.96
C GLU H 2173 139.01 -58.18 2.53
N PHE H 2174 139.52 -59.09 3.35
CA PHE H 2174 140.67 -59.88 2.96
C PHE H 2174 140.35 -60.69 1.69
N LEU H 2175 139.11 -61.15 1.53
CA LEU H 2175 138.70 -61.98 0.38
C LEU H 2175 138.47 -61.22 -0.91
N ILE H 2176 138.42 -59.88 -0.89
CA ILE H 2176 137.95 -59.15 -2.06
C ILE H 2176 138.76 -59.46 -3.32
N PRO H 2177 140.11 -59.52 -3.31
CA PRO H 2177 140.84 -59.76 -4.58
C PRO H 2177 140.38 -60.94 -5.43
N ILE H 2178 140.30 -62.16 -4.87
CA ILE H 2178 139.89 -63.31 -5.69
C ILE H 2178 138.52 -63.09 -6.34
N TYR H 2179 137.56 -62.55 -5.60
CA TYR H 2179 136.22 -62.48 -6.16
C TYR H 2179 136.14 -61.36 -7.19
N HIS H 2180 137.00 -60.34 -7.06
CA HIS H 2180 137.14 -59.36 -8.11
C HIS H 2180 137.63 -59.98 -9.42
N GLN H 2181 138.64 -60.85 -9.37
CA GLN H 2181 139.07 -61.50 -10.60
C GLN H 2181 137.93 -62.32 -11.18
N VAL H 2182 137.17 -62.99 -10.31
CA VAL H 2182 136.03 -63.78 -10.76
C VAL H 2182 135.01 -62.86 -11.40
N ALA H 2183 134.80 -61.70 -10.78
CA ALA H 2183 133.82 -60.72 -11.24
C ALA H 2183 134.11 -60.20 -12.65
N VAL H 2184 135.36 -59.83 -12.90
CA VAL H 2184 135.77 -59.27 -14.20
C VAL H 2184 135.60 -60.25 -15.35
N GLN H 2185 135.92 -61.52 -15.14
CA GLN H 2185 135.77 -62.52 -16.20
C GLN H 2185 134.31 -62.56 -16.68
N PHE H 2186 133.36 -62.61 -15.76
CA PHE H 2186 131.94 -62.61 -16.13
C PHE H 2186 131.59 -61.47 -17.08
N ALA H 2187 132.01 -60.25 -16.74
CA ALA H 2187 131.72 -59.10 -17.57
C ALA H 2187 132.34 -59.21 -18.95
N ASP H 2188 133.62 -59.59 -19.02
CA ASP H 2188 134.31 -59.66 -20.30
C ASP H 2188 133.62 -60.60 -21.30
N LEU H 2189 133.02 -61.70 -20.83
CA LEU H 2189 132.36 -62.61 -21.75
C LEU H 2189 131.13 -62.03 -22.44
N HIS H 2190 130.60 -60.87 -22.00
CA HIS H 2190 129.46 -60.34 -22.74
C HIS H 2190 129.86 -59.65 -24.03
N ASP H 2191 131.14 -59.25 -24.17
CA ASP H 2191 131.56 -58.35 -25.23
C ASP H 2191 132.30 -59.10 -26.33
N THR H 2192 132.12 -60.41 -26.41
CA THR H 2192 132.98 -61.29 -27.19
C THR H 2192 132.60 -61.36 -28.66
N PRO H 2193 133.51 -61.85 -29.53
CA PRO H 2193 133.17 -61.96 -30.96
C PRO H 2193 132.02 -62.91 -31.22
N GLY H 2194 131.89 -63.98 -30.43
CA GLY H 2194 130.77 -64.91 -30.59
C GLY H 2194 129.47 -64.14 -30.61
N ARG H 2195 129.27 -63.29 -29.61
CA ARG H 2195 128.08 -62.46 -29.56
C ARG H 2195 128.03 -61.51 -30.74
N MET H 2196 129.16 -60.86 -31.06
CA MET H 2196 129.25 -59.93 -32.18
C MET H 2196 128.65 -60.52 -33.46
N GLN H 2197 129.02 -61.76 -33.81
CA GLN H 2197 128.51 -62.29 -35.07
C GLN H 2197 127.00 -62.48 -34.96
N GLU H 2198 126.54 -63.13 -33.88
CA GLU H 2198 125.11 -63.32 -33.69
C GLU H 2198 124.39 -61.97 -33.70
N LYS H 2199 124.97 -60.98 -33.02
CA LYS H 2199 124.40 -59.64 -32.94
C LYS H 2199 124.74 -58.77 -34.15
N GLY H 2200 125.56 -59.27 -35.08
CA GLY H 2200 125.77 -58.61 -36.35
C GLY H 2200 126.77 -57.49 -36.54
N VAL H 2201 127.75 -57.29 -35.66
CA VAL H 2201 128.67 -56.18 -35.92
C VAL H 2201 129.88 -56.67 -36.71
N ILE H 2202 130.07 -57.97 -36.83
CA ILE H 2202 131.10 -58.62 -37.65
C ILE H 2202 130.34 -59.71 -38.42
N SER H 2203 130.84 -60.08 -39.60
CA SER H 2203 130.14 -61.04 -40.46
C SER H 2203 130.54 -62.48 -40.19
N ASP H 2204 131.78 -62.74 -39.83
CA ASP H 2204 132.21 -64.10 -39.54
C ASP H 2204 133.52 -63.96 -38.76
N ILE H 2205 133.83 -64.98 -37.98
CA ILE H 2205 135.14 -65.13 -37.34
C ILE H 2205 136.07 -66.11 -38.03
N LEU H 2206 137.28 -65.63 -38.33
CA LEU H 2206 138.39 -66.35 -38.92
C LEU H 2206 139.46 -66.58 -37.86
N ASP H 2207 140.45 -67.37 -38.26
CA ASP H 2207 141.64 -67.65 -37.48
C ASP H 2207 142.83 -67.16 -38.28
N TRP H 2208 143.64 -66.32 -37.63
CA TRP H 2208 144.69 -65.53 -38.28
C TRP H 2208 145.54 -66.42 -39.17
N LYS H 2209 145.98 -67.57 -38.65
CA LYS H 2209 146.83 -68.47 -39.41
C LYS H 2209 146.29 -68.74 -40.81
N THR H 2210 144.97 -68.98 -40.93
CA THR H 2210 144.36 -69.24 -42.22
C THR H 2210 143.51 -68.06 -42.70
N SER H 2211 143.60 -66.90 -42.05
CA SER H 2211 142.78 -65.77 -42.41
C SER H 2211 143.17 -65.22 -43.78
N ARG H 2212 144.47 -65.28 -44.10
CA ARG H 2212 144.96 -64.81 -45.39
C ARG H 2212 144.29 -65.51 -46.55
N THR H 2213 144.34 -66.84 -46.59
CA THR H 2213 143.73 -67.56 -47.70
C THR H 2213 142.26 -67.20 -47.85
N PHE H 2214 141.51 -67.25 -46.74
CA PHE H 2214 140.11 -66.88 -46.79
C PHE H 2214 139.97 -65.46 -47.35
N PHE H 2215 140.72 -64.50 -46.76
CA PHE H 2215 140.56 -63.09 -47.09
C PHE H 2215 141.03 -62.78 -48.49
N TYR H 2216 142.07 -63.49 -48.97
CA TYR H 2216 142.51 -63.29 -50.34
C TYR H 2216 141.35 -63.56 -51.28
N TRP H 2217 140.83 -64.79 -51.22
CA TRP H 2217 139.77 -65.18 -52.13
C TRP H 2217 138.56 -64.31 -51.89
N ARG H 2218 138.26 -64.01 -50.62
CA ARG H 2218 137.12 -63.19 -50.27
C ARG H 2218 137.29 -61.80 -50.88
N LEU H 2219 138.44 -61.19 -50.63
CA LEU H 2219 138.72 -59.86 -51.14
C LEU H 2219 138.78 -59.81 -52.67
N ARG H 2220 139.37 -60.83 -53.31
CA ARG H 2220 139.52 -60.76 -54.76
C ARG H 2220 138.17 -60.72 -55.46
N ARG H 2221 137.20 -61.47 -54.94
CA ARG H 2221 135.88 -61.46 -55.58
C ARG H 2221 135.10 -60.22 -55.22
N LEU H 2222 135.25 -59.73 -53.99
CA LEU H 2222 134.63 -58.46 -53.62
C LEU H 2222 135.07 -57.37 -54.61
N LEU H 2223 136.36 -57.37 -54.97
CA LEU H 2223 136.93 -56.40 -55.90
C LEU H 2223 136.39 -56.60 -57.30
N LEU H 2224 136.30 -57.85 -57.70
CA LEU H 2224 135.89 -58.19 -59.05
C LEU H 2224 134.42 -57.85 -59.20
N GLU H 2225 133.63 -58.22 -58.19
CA GLU H 2225 132.21 -57.89 -58.15
C GLU H 2225 131.95 -56.39 -58.26
N ASP H 2226 132.71 -55.58 -57.52
CA ASP H 2226 132.51 -54.12 -57.57
C ASP H 2226 132.64 -53.58 -58.99
N LEU H 2227 133.62 -54.05 -59.76
CA LEU H 2227 133.77 -53.54 -61.12
C LEU H 2227 132.50 -53.81 -61.93
N VAL H 2228 131.96 -55.02 -61.80
CA VAL H 2228 130.73 -55.35 -62.52
C VAL H 2228 129.58 -54.57 -61.89
N LYS H 2229 129.51 -54.52 -60.55
CA LYS H 2229 128.44 -53.75 -59.92
C LYS H 2229 128.51 -52.31 -60.39
N LYS H 2230 129.72 -51.76 -60.48
CA LYS H 2230 129.88 -50.43 -61.03
C LYS H 2230 129.47 -50.40 -62.50
N LYS H 2231 129.78 -51.48 -63.23
CA LYS H 2231 129.40 -51.57 -64.63
C LYS H 2231 127.89 -51.65 -64.76
N ILE H 2232 127.27 -52.42 -63.87
CA ILE H 2232 125.83 -52.55 -63.90
C ILE H 2232 125.23 -51.19 -63.57
N HIS H 2233 125.76 -50.58 -62.51
CA HIS H 2233 125.29 -49.26 -62.10
C HIS H 2233 125.54 -48.28 -63.24
N ASN H 2234 126.66 -48.46 -63.95
CA ASN H 2234 126.95 -47.64 -65.12
C ASN H 2234 125.93 -47.90 -66.21
N ALA H 2235 125.55 -49.17 -66.34
CA ALA H 2235 124.53 -49.59 -67.30
C ALA H 2235 123.20 -48.94 -66.98
N ASN H 2236 122.94 -48.70 -65.70
CA ASN H 2236 121.69 -48.12 -65.25
C ASN H 2236 121.93 -47.43 -63.90
N PRO H 2237 122.28 -46.15 -63.92
CA PRO H 2237 122.54 -45.41 -62.68
C PRO H 2237 121.35 -45.35 -61.75
N GLU H 2238 120.15 -45.50 -62.31
CA GLU H 2238 118.92 -45.36 -61.53
C GLU H 2238 118.74 -46.45 -60.51
N LEU H 2239 119.42 -47.58 -60.66
CA LEU H 2239 119.26 -48.67 -59.70
C LEU H 2239 119.89 -48.18 -58.41
N THR H 2240 119.19 -48.33 -57.29
CA THR H 2240 119.79 -47.95 -56.02
C THR H 2240 120.97 -48.86 -55.66
N ASP H 2241 121.97 -48.25 -55.02
CA ASP H 2241 123.12 -48.88 -54.38
C ASP H 2241 122.80 -50.14 -53.55
N GLY H 2242 121.73 -50.08 -52.75
CA GLY H 2242 121.38 -51.16 -51.85
C GLY H 2242 121.01 -52.41 -52.62
N GLN H 2243 120.20 -52.23 -53.65
CA GLN H 2243 119.68 -53.32 -54.46
C GLN H 2243 120.79 -54.00 -55.23
N ILE H 2244 121.86 -53.27 -55.56
CA ILE H 2244 122.98 -53.83 -56.31
C ILE H 2244 123.66 -54.97 -55.56
N GLN H 2245 123.97 -54.80 -54.26
CA GLN H 2245 124.51 -55.92 -53.49
C GLN H 2245 123.66 -57.17 -53.71
N ALA H 2246 122.37 -57.03 -53.44
CA ALA H 2246 121.43 -58.13 -53.60
C ALA H 2246 121.41 -58.62 -55.03
N MET H 2247 121.38 -57.65 -55.96
CA MET H 2247 121.31 -57.90 -57.40
C MET H 2247 122.44 -58.81 -57.87
N LEU H 2248 123.67 -58.54 -57.46
CA LEU H 2248 124.77 -59.39 -57.89
C LEU H 2248 124.57 -60.77 -57.28
N ARG H 2249 124.26 -60.80 -55.99
CA ARG H 2249 124.02 -62.06 -55.30
C ARG H 2249 122.88 -62.81 -55.97
N ARG H 2250 121.80 -62.09 -56.28
CA ARG H 2250 120.63 -62.68 -56.92
C ARG H 2250 120.93 -63.06 -58.37
N TRP H 2251 121.67 -62.19 -59.08
CA TRP H 2251 122.05 -62.44 -60.47
C TRP H 2251 123.01 -63.62 -60.58
N PHE H 2252 123.82 -63.86 -59.56
CA PHE H 2252 124.71 -65.01 -59.56
C PHE H 2252 123.88 -66.28 -59.61
N VAL H 2253 122.93 -66.39 -58.69
CA VAL H 2253 122.07 -67.56 -58.64
C VAL H 2253 121.27 -67.69 -59.93
N GLU H 2254 120.78 -66.57 -60.45
CA GLU H 2254 120.06 -66.57 -61.72
C GLU H 2254 120.90 -67.10 -62.89
N VAL H 2255 122.10 -66.55 -63.08
CA VAL H 2255 122.92 -66.91 -64.24
C VAL H 2255 123.38 -68.36 -64.15
N GLU H 2256 123.86 -68.74 -62.98
CA GLU H 2256 124.52 -70.02 -62.71
C GLU H 2256 123.56 -71.10 -62.31
N GLY H 2257 122.29 -70.78 -62.15
CA GLY H 2257 121.35 -71.82 -61.82
C GLY H 2257 121.08 -71.69 -60.35
N THR H 2258 119.81 -71.88 -60.04
CA THR H 2258 119.28 -71.91 -58.68
C THR H 2258 120.13 -72.75 -57.72
N VAL H 2259 120.82 -73.78 -58.23
CA VAL H 2259 121.67 -74.65 -57.42
C VAL H 2259 122.84 -73.97 -56.67
N LYS H 2260 123.34 -72.81 -57.10
CA LYS H 2260 124.57 -72.28 -56.50
C LYS H 2260 124.39 -71.16 -55.47
N ALA H 2261 123.16 -70.84 -55.02
CA ALA H 2261 123.02 -69.79 -54.01
C ALA H 2261 124.03 -69.92 -52.87
N TYR H 2262 124.07 -71.10 -52.22
CA TYR H 2262 124.97 -71.29 -51.09
C TYR H 2262 126.43 -71.02 -51.48
N VAL H 2263 126.75 -71.27 -52.76
CA VAL H 2263 128.09 -71.10 -53.30
C VAL H 2263 128.55 -69.68 -53.13
N TRP H 2264 127.62 -68.71 -53.24
CA TRP H 2264 127.98 -67.31 -53.09
C TRP H 2264 128.80 -67.08 -51.83
N ASP H 2265 128.56 -67.87 -50.78
CA ASP H 2265 129.30 -67.70 -49.54
C ASP H 2265 130.64 -68.43 -49.60
N ASN H 2266 130.95 -69.02 -50.77
CA ASN H 2266 132.23 -69.66 -51.08
C ASN H 2266 133.06 -68.69 -51.89
N ASN H 2267 134.17 -68.24 -51.31
CA ASN H 2267 135.02 -67.23 -51.95
C ASN H 2267 135.50 -67.67 -53.33
N LYS H 2268 136.06 -68.87 -53.43
CA LYS H 2268 136.71 -69.32 -54.66
C LYS H 2268 135.76 -69.29 -55.86
N ASP H 2269 134.56 -69.83 -55.70
CA ASP H 2269 133.67 -70.05 -56.84
C ASP H 2269 133.21 -68.73 -57.44
N LEU H 2270 132.93 -67.72 -56.62
CA LEU H 2270 132.53 -66.43 -57.18
C LEU H 2270 133.65 -65.76 -57.97
N ALA H 2271 134.92 -65.89 -57.54
CA ALA H 2271 136.02 -65.32 -58.30
C ALA H 2271 135.98 -65.82 -59.75
N GLU H 2272 135.92 -67.16 -59.94
CA GLU H 2272 135.78 -67.69 -61.29
C GLU H 2272 134.54 -67.15 -61.98
N TRP H 2273 133.43 -67.02 -61.24
CA TRP H 2273 132.20 -66.56 -61.87
C TRP H 2273 132.33 -65.10 -62.23
N LEU H 2274 132.80 -64.31 -61.28
CA LEU H 2274 132.97 -62.89 -61.48
C LEU H 2274 133.90 -62.70 -62.65
N GLU H 2275 134.93 -63.54 -62.71
CA GLU H 2275 135.89 -63.47 -63.79
C GLU H 2275 135.17 -63.73 -65.09
N LYS H 2276 134.28 -64.73 -65.12
CA LYS H 2276 133.54 -64.95 -66.37
C LYS H 2276 132.73 -63.70 -66.74
N GLN H 2277 132.13 -63.04 -65.74
CA GLN H 2277 131.42 -61.80 -66.05
C GLN H 2277 132.36 -60.72 -66.56
N LEU H 2278 133.51 -60.58 -65.90
CA LEU H 2278 134.51 -59.56 -66.22
C LEU H 2278 135.30 -59.90 -67.48
N THR H 2279 135.76 -61.15 -67.58
CA THR H 2279 136.59 -61.52 -68.72
C THR H 2279 135.74 -61.58 -69.97
N GLU H 2280 134.51 -62.11 -69.87
CA GLU H 2280 133.66 -62.24 -71.05
C GLU H 2280 132.94 -60.91 -71.24
N GLU H 2281 133.45 -60.10 -72.17
CA GLU H 2281 132.84 -58.86 -72.62
C GLU H 2281 132.94 -58.96 -74.13
N ASP H 2282 131.88 -58.49 -74.83
CA ASP H 2282 131.87 -58.46 -76.29
C ASP H 2282 132.25 -59.85 -76.81
N GLY H 2283 131.65 -60.85 -76.19
CA GLY H 2283 131.81 -62.23 -76.56
C GLY H 2283 130.56 -62.93 -76.08
N VAL H 2284 130.70 -64.22 -75.74
CA VAL H 2284 129.58 -64.90 -75.10
C VAL H 2284 129.28 -64.19 -73.80
N HIS H 2285 128.17 -63.48 -73.77
CA HIS H 2285 127.76 -62.72 -72.61
C HIS H 2285 126.80 -63.59 -71.82
N SER H 2286 126.62 -63.24 -70.56
CA SER H 2286 125.70 -63.99 -69.74
C SER H 2286 124.25 -63.58 -70.03
N VAL H 2287 123.33 -64.41 -69.56
CA VAL H 2287 121.90 -64.14 -69.73
C VAL H 2287 121.56 -62.75 -69.24
N ILE H 2288 121.95 -62.46 -68.00
CA ILE H 2288 121.73 -61.16 -67.38
C ILE H 2288 122.46 -60.05 -68.12
N GLU H 2289 123.64 -60.33 -68.67
CA GLU H 2289 124.36 -59.30 -69.43
C GLU H 2289 123.49 -58.76 -70.54
N GLU H 2290 122.75 -59.62 -71.27
CA GLU H 2290 121.85 -59.05 -72.27
C GLU H 2290 120.80 -58.23 -71.52
N ASN H 2291 120.33 -58.75 -70.39
CA ASN H 2291 119.32 -58.03 -69.64
C ASN H 2291 119.86 -56.68 -69.18
N ILE H 2292 121.10 -56.63 -68.67
CA ILE H 2292 121.61 -55.34 -68.19
C ILE H 2292 121.67 -54.34 -69.34
N LYS H 2293 122.12 -54.77 -70.52
CA LYS H 2293 122.04 -53.89 -71.67
C LYS H 2293 120.57 -53.60 -71.96
N CYS H 2294 119.72 -54.63 -71.82
CA CYS H 2294 118.28 -54.48 -72.05
C CYS H 2294 117.68 -53.43 -71.13
N ILE H 2295 118.00 -53.43 -69.83
CA ILE H 2295 117.45 -52.35 -69.01
C ILE H 2295 117.98 -51.03 -69.54
N SER H 2296 119.26 -50.98 -69.93
CA SER H 2296 119.80 -49.75 -70.48
C SER H 2296 119.05 -49.38 -71.76
N ARG H 2297 118.83 -50.39 -72.62
CA ARG H 2297 118.08 -50.20 -73.86
C ARG H 2297 116.63 -49.83 -73.54
N ASP H 2298 116.06 -50.53 -72.57
CA ASP H 2298 114.70 -50.27 -72.12
C ASP H 2298 114.61 -48.85 -71.60
N TYR H 2299 115.61 -48.44 -70.82
CA TYR H 2299 115.64 -47.12 -70.19
C TYR H 2299 115.67 -46.00 -71.22
N VAL H 2300 116.41 -46.16 -72.33
CA VAL H 2300 116.40 -45.11 -73.36
C VAL H 2300 114.98 -44.98 -73.93
N LEU H 2301 114.29 -46.11 -74.10
CA LEU H 2301 112.95 -46.09 -74.68
C LEU H 2301 111.99 -45.30 -73.80
N LYS H 2302 112.06 -45.49 -72.48
CA LYS H 2302 111.20 -44.75 -71.57
C LYS H 2302 111.48 -43.26 -71.65
N GLN H 2303 112.76 -42.90 -71.84
CA GLN H 2303 113.13 -41.51 -71.96
C GLN H 2303 112.41 -40.81 -73.10
N ILE H 2304 112.31 -41.43 -74.28
CA ILE H 2304 111.59 -40.76 -75.36
C ILE H 2304 110.14 -40.57 -74.94
N ARG H 2305 109.57 -41.59 -74.29
CA ARG H 2305 108.20 -41.52 -73.79
C ARG H 2305 108.14 -40.40 -72.76
N SER H 2306 109.13 -40.39 -71.87
CA SER H 2306 109.24 -39.38 -70.83
C SER H 2306 109.48 -38.00 -71.44
N LEU H 2307 110.31 -37.97 -72.47
CA LEU H 2307 110.64 -36.71 -73.12
C LEU H 2307 109.40 -36.05 -73.73
N VAL H 2308 108.55 -36.85 -74.40
CA VAL H 2308 107.32 -36.33 -75.01
C VAL H 2308 106.28 -35.86 -74.00
N GLN H 2309 106.17 -36.48 -72.82
CA GLN H 2309 105.16 -36.05 -71.86
C GLN H 2309 105.34 -34.58 -71.45
N ALA H 2310 106.57 -34.16 -71.14
CA ALA H 2310 106.73 -32.74 -70.83
C ALA H 2310 106.47 -31.86 -72.04
N ASN H 2311 106.73 -32.36 -73.24
CA ASN H 2311 106.67 -31.55 -74.47
C ASN H 2311 106.02 -32.34 -75.59
N PRO H 2312 104.71 -32.62 -75.50
CA PRO H 2312 104.12 -33.51 -76.51
C PRO H 2312 104.12 -32.90 -77.89
N GLU H 2313 104.16 -31.56 -77.98
CA GLU H 2313 104.19 -30.91 -79.28
C GLU H 2313 105.42 -31.32 -80.06
N VAL H 2314 106.47 -31.76 -79.37
CA VAL H 2314 107.70 -32.12 -80.01
C VAL H 2314 107.50 -33.45 -80.71
N ALA H 2315 106.47 -34.23 -80.27
CA ALA H 2315 106.22 -35.56 -80.78
C ALA H 2315 106.21 -35.52 -82.30
N MET H 2316 105.28 -34.73 -82.88
CA MET H 2316 105.05 -34.71 -84.31
C MET H 2316 106.34 -34.48 -85.10
N ASP H 2317 107.13 -33.46 -84.71
CA ASP H 2317 108.31 -33.12 -85.51
C ASP H 2317 109.36 -34.20 -85.31
N SER H 2318 109.41 -34.73 -84.10
CA SER H 2318 110.28 -35.84 -83.72
C SER H 2318 110.03 -37.08 -84.60
N ILE H 2319 108.78 -37.31 -85.01
CA ILE H 2319 108.46 -38.52 -85.78
C ILE H 2319 109.17 -38.55 -87.13
N ILE H 2320 109.14 -37.46 -87.91
CA ILE H 2320 109.84 -37.49 -89.20
C ILE H 2320 111.28 -37.99 -88.99
N HIS H 2321 111.93 -37.48 -87.96
CA HIS H 2321 113.28 -37.87 -87.55
C HIS H 2321 113.31 -39.29 -87.00
N MET H 2322 112.25 -39.68 -86.30
CA MET H 2322 112.08 -40.97 -85.63
C MET H 2322 112.03 -42.14 -86.61
N THR H 2323 111.63 -41.90 -87.87
CA THR H 2323 111.31 -42.95 -88.84
C THR H 2323 112.46 -43.54 -89.64
N GLN H 2324 113.72 -43.19 -89.39
CA GLN H 2324 114.79 -43.40 -90.37
C GLN H 2324 115.10 -44.89 -90.51
N HIS H 2325 114.76 -45.69 -89.49
CA HIS H 2325 114.77 -47.16 -89.52
C HIS H 2325 113.96 -47.75 -90.69
N ILE H 2326 113.41 -48.97 -90.55
CA ILE H 2326 112.57 -49.76 -91.47
C ILE H 2326 111.26 -49.06 -91.92
N SER H 2327 111.24 -47.73 -91.95
CA SER H 2327 110.13 -46.85 -92.25
C SER H 2327 108.94 -47.27 -93.09
N PRO H 2328 109.06 -47.91 -94.26
CA PRO H 2328 107.79 -48.28 -94.91
C PRO H 2328 106.95 -49.26 -94.12
N THR H 2329 107.56 -50.26 -93.47
CA THR H 2329 106.76 -51.12 -92.61
C THR H 2329 106.21 -50.34 -91.43
N GLN H 2330 107.08 -49.53 -90.81
CA GLN H 2330 106.70 -48.73 -89.65
C GLN H 2330 105.64 -47.68 -89.92
N ARG H 2331 105.69 -46.98 -91.06
CA ARG H 2331 104.60 -46.07 -91.38
C ARG H 2331 103.29 -46.82 -91.59
N ALA H 2332 103.36 -47.97 -92.27
CA ALA H 2332 102.15 -48.76 -92.49
C ALA H 2332 101.48 -49.17 -91.19
N GLU H 2333 102.26 -49.68 -90.23
CA GLU H 2333 101.69 -50.09 -88.94
C GLU H 2333 100.90 -49.00 -88.23
N VAL H 2334 101.39 -47.75 -88.27
CA VAL H 2334 100.63 -46.68 -87.63
C VAL H 2334 99.28 -46.45 -88.32
N ILE H 2335 99.24 -46.47 -89.66
CA ILE H 2335 97.99 -46.27 -90.39
C ILE H 2335 96.98 -47.37 -90.10
N ARG H 2336 97.42 -48.62 -90.00
CA ARG H 2336 96.46 -49.70 -89.72
C ARG H 2336 95.75 -49.44 -88.39
N ILE H 2337 96.50 -49.02 -87.39
CA ILE H 2337 95.95 -48.77 -86.06
C ILE H 2337 95.41 -47.34 -86.04
N VAL I 102 -66.54 134.14 83.79
CA VAL I 102 -65.98 133.34 84.88
C VAL I 102 -64.56 132.89 84.52
N ALA I 103 -63.72 132.75 85.54
CA ALA I 103 -62.32 132.41 85.37
C ALA I 103 -62.06 130.91 85.23
N SER I 104 -62.92 130.05 85.74
CA SER I 104 -62.63 128.62 85.79
C SER I 104 -63.93 127.86 86.00
N PRO I 105 -63.94 126.54 85.74
CA PRO I 105 -65.15 125.74 86.03
C PRO I 105 -65.63 125.89 87.46
N ALA I 106 -64.72 126.01 88.43
CA ALA I 106 -65.13 126.21 89.81
C ALA I 106 -65.90 127.52 89.95
N GLU I 107 -65.42 128.57 89.29
CA GLU I 107 -66.10 129.86 89.30
C GLU I 107 -67.44 129.77 88.58
N PHE I 108 -67.47 128.99 87.49
CA PHE I 108 -68.72 128.81 86.74
C PHE I 108 -69.80 128.27 87.66
N VAL I 109 -69.48 127.26 88.46
CA VAL I 109 -70.43 126.66 89.39
C VAL I 109 -70.97 127.73 90.35
N THR I 110 -70.08 128.58 90.86
CA THR I 110 -70.47 129.65 91.79
C THR I 110 -71.32 130.71 91.09
N ARG I 111 -70.83 131.26 89.98
CA ARG I 111 -71.54 132.32 89.25
C ARG I 111 -72.95 131.92 88.83
N PHE I 112 -73.13 130.69 88.37
CA PHE I 112 -74.42 130.19 87.90
C PHE I 112 -75.21 129.39 88.94
N GLY I 113 -74.82 129.47 90.20
CA GLY I 113 -75.58 128.84 91.28
C GLY I 113 -75.50 127.34 91.42
N GLY I 114 -74.37 126.73 91.07
CA GLY I 114 -74.18 125.31 91.24
C GLY I 114 -73.56 125.02 92.60
N ASN I 115 -73.33 123.73 92.89
CA ASN I 115 -72.81 123.33 94.19
C ASN I 115 -71.71 122.28 94.17
N LYS I 116 -71.20 121.84 93.01
CA LYS I 116 -70.20 120.78 92.97
C LYS I 116 -69.24 121.15 91.85
N VAL I 117 -67.96 121.36 92.18
CA VAL I 117 -66.95 121.70 91.19
C VAL I 117 -66.49 120.46 90.43
N ILE I 118 -66.72 120.47 89.12
CA ILE I 118 -66.27 119.41 88.22
C ILE I 118 -65.27 120.04 87.24
N GLU I 119 -64.02 119.62 87.37
CA GLU I 119 -62.90 120.01 86.53
C GLU I 119 -62.40 118.84 85.70
N LYS I 120 -62.83 117.63 86.04
CA LYS I 120 -62.40 116.38 85.44
C LYS I 120 -63.59 115.45 85.33
N VAL I 121 -63.76 114.90 84.14
CA VAL I 121 -64.85 113.99 83.82
C VAL I 121 -64.15 112.72 83.37
N LEU I 122 -64.57 111.58 83.89
CA LEU I 122 -64.07 110.30 83.42
C LEU I 122 -65.08 109.79 82.39
N ILE I 123 -64.61 109.51 81.18
CA ILE I 123 -65.44 108.93 80.13
C ILE I 123 -65.41 107.41 80.16
N ALA I 124 -66.54 106.79 80.50
CA ALA I 124 -66.71 105.34 80.48
C ALA I 124 -67.37 104.94 79.16
N ASN I 125 -66.67 105.17 78.05
CA ASN I 125 -67.23 104.94 76.72
C ASN I 125 -66.12 105.08 75.68
N ASN I 126 -66.53 104.97 74.41
CA ASN I 126 -65.63 105.12 73.27
C ASN I 126 -66.40 105.75 72.10
N GLY I 127 -65.81 105.66 70.91
CA GLY I 127 -66.29 106.09 69.60
C GLY I 127 -66.68 107.55 69.54
N ILE I 128 -67.72 107.83 68.75
CA ILE I 128 -68.19 109.20 68.57
C ILE I 128 -68.67 109.79 69.88
N ALA I 129 -69.27 109.00 70.77
CA ALA I 129 -69.74 109.52 72.04
C ALA I 129 -68.61 110.20 72.80
N ALA I 130 -67.51 109.49 73.01
CA ALA I 130 -66.35 110.11 73.68
C ALA I 130 -65.90 111.35 72.92
N VAL I 131 -65.84 111.28 71.60
CA VAL I 131 -65.43 112.44 70.80
C VAL I 131 -66.48 113.53 70.91
N LYS I 132 -67.74 113.17 70.72
CA LYS I 132 -68.84 114.12 70.82
C LYS I 132 -68.88 114.74 72.21
N CYS I 133 -68.72 113.92 73.25
CA CYS I 133 -68.69 114.44 74.62
C CYS I 133 -67.59 115.47 74.73
N MET I 134 -66.40 115.10 74.23
CA MET I 134 -65.28 116.02 74.26
C MET I 134 -65.57 117.24 73.40
N ARG I 135 -66.00 117.03 72.14
CA ARG I 135 -66.33 118.17 71.29
C ARG I 135 -67.42 119.02 71.89
N SER I 136 -68.50 118.40 72.34
CA SER I 136 -69.61 119.17 72.90
C SER I 136 -69.20 119.94 74.15
N ILE I 137 -68.56 119.27 75.10
CA ILE I 137 -68.17 120.01 76.30
C ILE I 137 -67.05 120.99 75.98
N ARG I 138 -66.02 120.54 75.25
CA ARG I 138 -64.91 121.43 74.91
C ARG I 138 -65.38 122.61 74.05
N ARG I 139 -66.38 122.40 73.19
CA ARG I 139 -66.91 123.50 72.41
C ARG I 139 -67.63 124.46 73.33
N TRP I 140 -68.38 123.93 74.28
CA TRP I 140 -69.04 124.78 75.25
C TRP I 140 -68.01 125.46 76.13
N SER I 141 -66.97 124.72 76.55
CA SER I 141 -65.92 125.34 77.36
C SER I 141 -65.22 126.41 76.55
N TYR I 142 -65.03 126.14 75.25
CA TYR I 142 -64.47 127.13 74.35
C TYR I 142 -65.45 128.29 74.21
N GLU I 143 -66.73 127.95 74.08
CA GLU I 143 -67.79 128.95 74.02
C GLU I 143 -67.81 129.80 75.30
N MET I 144 -67.63 129.16 76.47
CA MET I 144 -67.69 129.82 77.77
C MET I 144 -66.39 130.53 78.14
N PHE I 145 -65.24 129.91 77.86
CA PHE I 145 -63.93 130.39 78.27
C PHE I 145 -62.95 130.70 77.14
N ARG I 146 -63.33 130.46 75.89
CA ARG I 146 -62.43 130.67 74.76
C ARG I 146 -61.16 129.83 74.91
N ASN I 147 -61.30 128.69 75.60
CA ASN I 147 -60.25 127.72 75.83
C ASN I 147 -60.99 126.40 75.86
N GLU I 148 -60.78 125.57 74.84
CA GLU I 148 -61.50 124.31 74.72
C GLU I 148 -61.10 123.22 75.72
N ARG I 149 -59.97 123.35 76.43
CA ARG I 149 -59.50 122.33 77.34
C ARG I 149 -59.80 122.62 78.81
N ALA I 150 -60.69 123.58 79.09
CA ALA I 150 -61.02 123.93 80.47
C ALA I 150 -61.50 122.73 81.30
N ILE I 151 -62.31 121.84 80.72
CA ILE I 151 -62.70 120.60 81.38
C ILE I 151 -61.89 119.45 80.80
N ARG I 152 -60.97 118.89 81.57
CA ARG I 152 -60.17 117.79 81.06
C ARG I 152 -60.98 116.52 81.14
N PHE I 153 -60.67 115.58 80.26
CA PHE I 153 -61.33 114.27 80.17
C PHE I 153 -60.39 113.10 80.39
N VAL I 154 -60.77 112.20 81.29
CA VAL I 154 -60.05 110.96 81.50
C VAL I 154 -60.84 109.88 80.78
N VAL I 155 -60.16 109.08 79.97
CA VAL I 155 -60.79 108.00 79.23
C VAL I 155 -60.23 106.65 79.65
N MET I 156 -61.07 105.62 79.50
CA MET I 156 -60.72 104.24 79.75
C MET I 156 -60.48 103.58 78.40
N VAL I 157 -59.35 102.88 78.27
CA VAL I 157 -58.93 102.30 77.00
C VAL I 157 -58.77 100.80 77.16
N THR I 158 -59.56 100.06 76.38
CA THR I 158 -59.55 98.61 76.31
C THR I 158 -58.48 98.16 75.32
N PRO I 159 -57.93 96.93 75.46
CA PRO I 159 -56.95 96.45 74.47
C PRO I 159 -57.43 96.52 73.02
N GLU I 160 -58.70 96.23 72.78
CA GLU I 160 -59.27 96.31 71.44
C GLU I 160 -59.18 97.72 70.89
N ASP I 161 -59.68 98.70 71.67
CA ASP I 161 -59.63 100.11 71.28
C ASP I 161 -58.19 100.60 71.16
N LEU I 162 -57.31 100.12 72.04
CA LEU I 162 -55.90 100.51 71.97
C LEU I 162 -55.26 99.98 70.69
N LYS I 163 -55.52 98.72 70.36
CA LYS I 163 -55.01 98.16 69.13
C LYS I 163 -55.57 98.88 67.91
N ALA I 164 -56.82 99.36 67.97
CA ALA I 164 -57.41 100.07 66.84
C ALA I 164 -56.90 101.51 66.69
N ASN I 165 -56.22 102.05 67.70
CA ASN I 165 -55.72 103.44 67.70
C ASN I 165 -56.87 104.46 67.58
N ALA I 166 -57.95 104.20 68.31
CA ALA I 166 -59.12 105.08 68.37
C ALA I 166 -58.79 106.54 68.68
N GLU I 167 -59.18 107.44 67.76
CA GLU I 167 -58.83 108.87 67.88
C GLU I 167 -59.23 109.48 69.22
N TYR I 168 -60.29 108.99 69.86
CA TYR I 168 -60.77 109.62 71.10
C TYR I 168 -59.74 109.51 72.22
N ILE I 169 -58.90 108.47 72.23
CA ILE I 169 -57.88 108.34 73.26
C ILE I 169 -56.97 109.57 73.22
N LYS I 170 -56.42 109.87 72.05
CA LYS I 170 -55.52 111.00 71.91
C LYS I 170 -56.26 112.32 72.00
N MET I 171 -57.56 112.35 71.65
CA MET I 171 -58.32 113.57 71.81
C MET I 171 -58.41 113.92 73.29
N ALA I 172 -58.57 112.91 74.14
CA ALA I 172 -58.68 113.09 75.58
C ALA I 172 -57.40 113.71 76.14
N ASP I 173 -57.55 114.41 77.27
CA ASP I 173 -56.42 115.00 77.96
C ASP I 173 -55.67 113.98 78.79
N HIS I 174 -56.31 112.86 79.15
CA HIS I 174 -55.72 111.81 79.96
C HIS I 174 -56.46 110.53 79.66
N TYR I 175 -55.72 109.42 79.60
CA TYR I 175 -56.26 108.10 79.33
C TYR I 175 -55.80 107.11 80.40
N VAL I 176 -56.67 106.13 80.69
CA VAL I 176 -56.41 105.13 81.72
C VAL I 176 -56.61 103.74 81.11
N PRO I 177 -55.57 102.89 81.03
CA PRO I 177 -55.80 101.54 80.51
C PRO I 177 -56.61 100.69 81.49
N VAL I 178 -57.62 99.99 80.97
CA VAL I 178 -58.50 99.16 81.78
C VAL I 178 -58.38 97.72 81.30
N PRO I 179 -58.80 96.74 82.11
CA PRO I 179 -58.69 95.33 81.71
C PRO I 179 -59.54 94.94 80.51
N GLY I 180 -58.98 94.03 79.72
CA GLY I 180 -59.63 93.50 78.54
C GLY I 180 -60.64 92.45 78.97
N GLY I 181 -61.24 91.79 77.98
CA GLY I 181 -62.20 90.75 78.23
C GLY I 181 -63.65 91.20 78.23
N PRO I 182 -64.54 90.49 78.95
CA PRO I 182 -65.95 90.89 78.96
C PRO I 182 -66.22 92.26 79.57
N ASN I 183 -67.25 92.90 79.03
CA ASN I 183 -67.67 94.26 79.41
C ASN I 183 -67.85 94.50 80.91
N ASN I 184 -68.01 93.45 81.70
CA ASN I 184 -68.14 93.59 83.15
C ASN I 184 -66.84 94.01 83.83
N ASN I 185 -65.69 93.85 83.18
CA ASN I 185 -64.37 94.22 83.70
C ASN I 185 -63.82 95.61 83.38
N ASN I 186 -64.38 96.41 82.44
CA ASN I 186 -63.77 97.70 82.13
C ASN I 186 -64.77 98.81 82.29
N TYR I 187 -65.36 99.36 81.21
CA TYR I 187 -66.32 100.48 81.34
C TYR I 187 -67.41 100.23 82.36
N ALA I 188 -67.87 99.00 82.53
CA ALA I 188 -68.94 98.69 83.47
C ALA I 188 -68.48 98.15 84.80
N ASN I 189 -67.18 97.94 85.03
CA ASN I 189 -66.76 97.45 86.34
C ASN I 189 -66.74 98.64 87.30
N VAL I 190 -67.82 98.77 88.07
CA VAL I 190 -67.97 99.89 89.00
C VAL I 190 -66.85 99.88 90.03
N GLU I 191 -66.47 98.69 90.52
CA GLU I 191 -65.37 98.62 91.49
C GLU I 191 -64.09 99.12 90.85
N LEU I 192 -63.85 98.79 89.60
CA LEU I 192 -62.67 99.32 88.94
C LEU I 192 -62.81 100.82 88.78
N ILE I 193 -63.99 101.27 88.33
CA ILE I 193 -64.25 102.70 88.16
C ILE I 193 -64.03 103.41 89.49
N LEU I 194 -64.60 102.85 90.56
CA LEU I 194 -64.46 103.43 91.89
C LEU I 194 -62.99 103.48 92.28
N ASP I 195 -62.29 102.36 92.09
CA ASP I 195 -60.86 102.31 92.40
C ASP I 195 -60.14 103.42 91.65
N ILE I 196 -60.48 103.62 90.38
CA ILE I 196 -59.86 104.67 89.59
C ILE I 196 -60.35 106.03 90.08
N ALA I 197 -61.66 106.15 90.35
CA ALA I 197 -62.23 107.40 90.83
C ALA I 197 -61.57 107.84 92.13
N LYS I 198 -61.37 106.91 93.06
CA LYS I 198 -60.71 107.25 94.32
C LYS I 198 -59.23 107.57 94.13
N ARG I 199 -58.59 106.87 93.20
CA ARG I 199 -57.14 106.94 93.03
C ARG I 199 -56.65 108.23 92.36
N ILE I 200 -57.30 108.68 91.28
CA ILE I 200 -56.82 109.91 90.63
C ILE I 200 -56.77 111.10 91.60
N PRO I 201 -57.88 111.52 92.25
CA PRO I 201 -59.30 111.18 92.12
C PRO I 201 -59.98 112.05 91.06
N VAL I 202 -61.20 111.69 90.63
CA VAL I 202 -61.95 112.53 89.70
C VAL I 202 -63.16 113.11 90.42
N GLN I 203 -63.74 114.15 89.81
CA GLN I 203 -64.93 114.79 90.35
C GLN I 203 -66.20 114.42 89.60
N ALA I 204 -66.09 113.84 88.41
CA ALA I 204 -67.29 113.43 87.69
C ALA I 204 -67.01 112.26 86.77
N VAL I 205 -68.07 111.53 86.44
CA VAL I 205 -68.02 110.42 85.49
C VAL I 205 -69.06 110.66 84.41
N TRP I 206 -68.67 110.47 83.14
CA TRP I 206 -69.59 110.49 82.00
C TRP I 206 -69.60 109.09 81.39
N ALA I 207 -70.79 108.47 81.34
CA ALA I 207 -70.90 107.12 80.82
C ALA I 207 -71.34 107.00 79.36
N GLY I 208 -72.02 108.00 78.80
CA GLY I 208 -72.42 107.88 77.40
C GLY I 208 -73.52 106.86 77.17
N TRP I 209 -73.28 105.99 76.19
CA TRP I 209 -74.15 104.90 75.78
C TRP I 209 -73.39 103.59 75.91
N GLY I 210 -74.13 102.51 76.17
CA GLY I 210 -73.51 101.25 76.47
C GLY I 210 -73.06 101.02 77.90
N HIS I 211 -72.24 99.97 78.01
CA HIS I 211 -71.66 99.36 79.20
C HIS I 211 -71.91 100.03 80.55
N ALA I 212 -71.31 101.16 80.93
CA ALA I 212 -71.70 101.69 82.24
C ALA I 212 -72.78 102.76 82.16
N SER I 213 -73.33 103.03 80.98
CA SER I 213 -74.40 104.02 80.88
C SER I 213 -75.64 103.64 81.65
N GLU I 214 -75.83 102.33 81.92
CA GLU I 214 -77.01 101.80 82.60
C GLU I 214 -76.66 100.98 83.83
N ASN I 215 -75.45 101.10 84.39
CA ASN I 215 -75.12 100.35 85.60
C ASN I 215 -75.41 101.22 86.83
N PRO I 216 -76.44 100.91 87.64
CA PRO I 216 -76.75 101.78 88.78
C PRO I 216 -75.67 101.81 89.85
N LYS I 217 -74.73 100.87 89.83
CA LYS I 217 -73.66 100.86 90.82
C LYS I 217 -72.72 102.04 90.64
N LEU I 218 -72.52 102.52 89.40
CA LEU I 218 -71.60 103.63 89.18
C LEU I 218 -71.97 104.87 89.99
N PRO I 219 -73.14 105.51 89.80
CA PRO I 219 -73.47 106.64 90.69
C PRO I 219 -73.58 106.24 92.15
N GLU I 220 -73.99 104.99 92.43
CA GLU I 220 -74.13 104.51 93.80
C GLU I 220 -72.82 104.54 94.59
N LEU I 221 -71.81 103.82 94.11
CA LEU I 221 -70.51 103.78 94.77
C LEU I 221 -69.79 105.12 94.75
N LEU I 222 -69.90 105.89 93.66
CA LEU I 222 -69.24 107.19 93.59
C LEU I 222 -69.76 108.17 94.63
N LEU I 223 -71.08 108.23 94.83
CA LEU I 223 -71.64 109.16 95.82
C LEU I 223 -71.14 108.86 97.23
N LYS I 224 -71.08 107.58 97.61
CA LYS I 224 -70.57 107.21 98.93
C LYS I 224 -69.15 107.72 99.16
N ASN I 225 -68.37 107.88 98.09
CA ASN I 225 -67.00 108.37 98.14
C ASN I 225 -66.88 109.84 97.76
N GLY I 226 -68.00 110.56 97.70
CA GLY I 226 -68.02 111.97 97.34
C GLY I 226 -67.63 112.35 95.93
N ILE I 227 -67.84 111.45 94.95
CA ILE I 227 -67.49 111.71 93.55
C ILE I 227 -68.80 111.87 92.78
N ALA I 228 -68.92 112.98 92.06
CA ALA I 228 -70.12 113.27 91.30
C ALA I 228 -70.24 112.38 90.06
N PHE I 229 -71.47 112.26 89.59
CA PHE I 229 -71.81 111.50 88.39
C PHE I 229 -72.63 112.39 87.47
N MET I 230 -72.20 112.53 86.21
CA MET I 230 -72.94 113.37 85.26
C MET I 230 -74.10 112.59 84.65
N GLY I 231 -75.08 112.31 85.50
CA GLY I 231 -76.24 111.56 85.12
C GLY I 231 -77.12 111.36 86.34
N PRO I 232 -78.26 110.69 86.18
CA PRO I 232 -79.15 110.50 87.31
C PRO I 232 -78.50 109.61 88.35
N PRO I 233 -78.87 109.74 89.62
CA PRO I 233 -78.34 108.82 90.63
C PRO I 233 -78.83 107.40 90.38
N SER I 234 -78.12 106.45 91.00
CA SER I 234 -78.40 105.01 90.88
C SER I 234 -79.89 104.68 90.89
N GLN I 235 -80.61 105.13 91.91
CA GLN I 235 -82.03 104.83 92.01
C GLN I 235 -82.77 105.34 90.78
N ALA I 236 -82.56 106.62 90.45
CA ALA I 236 -83.26 107.20 89.31
C ALA I 236 -82.81 106.60 87.98
N MET I 237 -81.55 106.14 87.87
CA MET I 237 -81.14 105.56 86.59
C MET I 237 -81.78 104.22 86.35
N TRP I 238 -81.99 103.45 87.42
CA TRP I 238 -82.59 102.13 87.26
C TRP I 238 -84.10 102.29 87.18
N ALA I 239 -84.68 103.04 88.12
CA ALA I 239 -86.12 103.21 88.15
C ALA I 239 -86.67 103.90 86.90
N LEU I 240 -85.82 104.56 86.10
CA LEU I 240 -86.21 105.21 84.86
C LEU I 240 -85.53 104.62 83.63
N GLY I 241 -84.36 104.02 83.79
CA GLY I 241 -83.65 103.37 82.69
C GLY I 241 -84.15 101.95 82.50
N ASP I 242 -84.42 101.27 83.61
CA ASP I 242 -84.96 99.92 83.54
C ASP I 242 -86.40 99.96 83.05
N LYS I 243 -86.68 99.20 82.00
CA LYS I 243 -87.97 99.22 81.31
C LYS I 243 -89.14 98.85 82.23
N ILE I 244 -88.97 97.83 83.06
CA ILE I 244 -90.03 97.45 84.01
C ILE I 244 -90.35 98.60 84.95
N ALA I 245 -89.33 99.11 85.66
CA ALA I 245 -89.54 100.18 86.61
C ALA I 245 -90.05 101.45 85.93
N SER I 246 -89.52 101.79 84.76
CA SER I 246 -89.92 103.02 84.07
C SER I 246 -91.37 102.97 83.60
N SER I 247 -91.86 101.81 83.16
CA SER I 247 -93.25 101.72 82.76
C SER I 247 -94.17 101.95 83.94
N ILE I 248 -93.76 101.54 85.14
CA ILE I 248 -94.53 101.80 86.34
C ILE I 248 -94.49 103.29 86.63
N VAL I 249 -93.32 103.91 86.45
CA VAL I 249 -93.17 105.35 86.62
C VAL I 249 -94.04 106.11 85.62
N ALA I 250 -94.04 105.68 84.35
CA ALA I 250 -94.87 106.37 83.36
C ALA I 250 -96.32 106.40 83.80
N GLN I 251 -96.83 105.28 84.29
CA GLN I 251 -98.20 105.25 84.80
C GLN I 251 -98.36 106.15 86.02
N THR I 252 -97.33 106.18 86.88
CA THR I 252 -97.35 107.08 88.04
C THR I 252 -97.50 108.53 87.61
N ALA I 253 -96.88 108.90 86.50
CA ALA I 253 -97.00 110.27 86.01
C ALA I 253 -98.34 110.51 85.32
N GLY I 254 -99.09 109.44 85.05
CA GLY I 254 -100.37 109.50 84.37
C GLY I 254 -100.27 109.50 82.87
N ILE I 255 -99.18 108.99 82.32
CA ILE I 255 -98.93 108.88 80.88
C ILE I 255 -99.40 107.51 80.40
N PRO I 256 -100.20 107.41 79.32
CA PRO I 256 -100.62 106.08 78.88
C PRO I 256 -99.42 105.22 78.46
N THR I 257 -99.57 103.91 78.65
CA THR I 257 -98.57 102.92 78.33
C THR I 257 -99.30 101.78 77.62
N LEU I 258 -98.56 101.05 76.80
CA LEU I 258 -99.16 99.94 76.09
C LEU I 258 -99.51 98.78 77.03
N PRO I 259 -100.52 97.97 76.65
CA PRO I 259 -100.91 96.81 77.49
C PRO I 259 -99.73 95.91 77.80
N TRP I 260 -99.57 95.65 79.09
CA TRP I 260 -98.48 94.83 79.61
C TRP I 260 -98.96 94.12 80.86
N SER I 261 -98.16 93.14 81.32
CA SER I 261 -98.48 92.36 82.52
C SER I 261 -98.73 93.20 83.77
N GLY I 262 -98.27 94.45 83.79
CA GLY I 262 -98.41 95.36 84.91
C GLY I 262 -99.26 96.59 84.67
N SER I 263 -100.14 96.54 83.68
CA SER I 263 -101.04 97.67 83.44
C SER I 263 -101.89 98.00 84.66
N GLY I 264 -102.07 99.31 84.86
CA GLY I 264 -102.82 99.87 85.97
C GLY I 264 -101.97 100.14 87.19
N LEU I 265 -100.81 99.51 87.27
CA LEU I 265 -99.88 99.64 88.39
C LEU I 265 -99.09 100.93 88.36
N ARG I 266 -98.98 101.58 89.52
CA ARG I 266 -98.21 102.81 89.64
C ARG I 266 -97.94 103.05 91.12
N VAL I 267 -97.36 104.20 91.45
CA VAL I 267 -97.01 104.53 92.82
C VAL I 267 -97.07 106.03 93.03
N ILE I 278 -88.09 111.66 94.61
CA ILE I 278 -87.38 110.52 94.04
C ILE I 278 -88.19 109.27 94.37
N LEU I 279 -88.29 108.40 93.37
CA LEU I 279 -89.12 107.21 93.40
C LEU I 279 -88.34 105.92 93.65
N ASN I 280 -89.10 104.91 94.09
CA ASN I 280 -88.66 103.55 94.33
C ASN I 280 -89.91 102.73 94.01
N VAL I 281 -89.72 101.62 93.30
CA VAL I 281 -90.84 100.77 92.94
C VAL I 281 -90.88 99.62 93.96
N PRO I 282 -91.92 99.51 94.80
CA PRO I 282 -91.96 98.43 95.78
C PRO I 282 -92.12 97.05 95.15
N GLN I 283 -91.46 96.07 95.78
CA GLN I 283 -91.44 94.69 95.30
C GLN I 283 -92.82 94.12 94.99
N GLU I 284 -93.86 94.52 95.71
CA GLU I 284 -95.17 93.98 95.38
C GLU I 284 -95.68 94.56 94.07
N LEU I 285 -95.52 95.87 93.89
CA LEU I 285 -95.91 96.51 92.64
C LEU I 285 -95.02 96.06 91.48
N TYR I 286 -93.71 96.10 91.70
CA TYR I 286 -92.70 95.70 90.71
C TYR I 286 -92.86 94.25 90.24
N GLU I 287 -93.10 93.32 91.18
CA GLU I 287 -93.24 91.91 90.83
C GLU I 287 -94.42 91.59 89.92
N LYS I 288 -95.38 92.49 89.73
CA LYS I 288 -96.47 92.18 88.81
C LYS I 288 -96.16 92.50 87.35
N GLY I 289 -95.39 93.56 87.08
CA GLY I 289 -95.11 93.90 85.70
C GLY I 289 -94.17 92.95 84.97
N TYR I 290 -93.30 92.28 85.70
CA TYR I 290 -92.32 91.37 85.15
C TYR I 290 -92.75 89.91 85.22
N VAL I 291 -92.05 89.07 84.45
CA VAL I 291 -92.28 87.63 84.38
C VAL I 291 -91.10 86.83 84.95
N LYS I 292 -91.20 86.49 86.23
CA LYS I 292 -90.14 85.79 86.96
C LYS I 292 -89.58 84.57 86.24
N ASP I 293 -90.35 83.94 85.36
CA ASP I 293 -89.91 82.75 84.65
C ASP I 293 -90.70 82.61 83.36
N VAL I 294 -90.36 81.58 82.59
CA VAL I 294 -91.04 81.31 81.31
C VAL I 294 -92.52 81.09 81.56
N ASP I 295 -92.85 80.36 82.64
CA ASP I 295 -94.25 80.08 82.95
C ASP I 295 -95.05 81.36 83.17
N ASP I 296 -94.54 82.28 83.98
CA ASP I 296 -95.24 83.54 84.13
C ASP I 296 -95.27 84.33 82.83
N GLY I 297 -94.22 84.19 82.02
CA GLY I 297 -94.23 84.86 80.72
C GLY I 297 -95.25 84.30 79.76
N LEU I 298 -95.28 82.97 79.62
CA LEU I 298 -96.27 82.33 78.76
C LEU I 298 -97.69 82.69 79.18
N GLN I 299 -97.91 82.77 80.49
CA GLN I 299 -99.21 83.17 81.04
C GLN I 299 -99.49 84.64 80.78
N ALA I 300 -98.50 85.49 81.04
CA ALA I 300 -98.61 86.93 80.82
C ALA I 300 -98.91 87.26 79.36
N ALA I 301 -98.16 86.65 78.44
CA ALA I 301 -98.35 86.88 77.01
C ALA I 301 -99.78 86.59 76.55
N GLU I 302 -100.46 85.62 77.17
CA GLU I 302 -101.83 85.30 76.76
C GLU I 302 -102.82 86.38 77.22
N GLU I 303 -102.63 86.91 78.42
CA GLU I 303 -103.54 87.94 78.95
C GLU I 303 -103.49 89.22 78.12
N VAL I 304 -102.30 89.77 77.91
CA VAL I 304 -102.19 91.00 77.11
C VAL I 304 -102.65 90.75 75.68
N GLY I 305 -102.33 89.59 75.13
CA GLY I 305 -102.71 89.22 73.78
C GLY I 305 -101.61 89.53 72.79
N TYR I 306 -101.38 88.56 71.91
CA TYR I 306 -100.38 88.66 70.86
C TYR I 306 -100.75 89.73 69.83
N PRO I 307 -99.74 90.36 69.19
CA PRO I 307 -98.29 90.17 69.34
C PRO I 307 -97.67 90.87 70.54
N VAL I 308 -96.68 90.22 71.17
CA VAL I 308 -96.02 90.75 72.35
C VAL I 308 -94.53 90.90 72.07
N MET I 309 -93.83 91.53 73.01
CA MET I 309 -92.39 91.72 72.96
C MET I 309 -91.73 91.20 74.23
N ILE I 310 -90.76 90.30 74.10
CA ILE I 310 -89.96 89.89 75.24
C ILE I 310 -88.81 90.87 75.25
N LYS I 311 -88.68 91.59 76.35
CA LYS I 311 -87.67 92.65 76.47
C LYS I 311 -86.91 92.52 77.77
N ALA I 312 -85.59 92.52 77.65
CA ALA I 312 -84.74 92.54 78.83
C ALA I 312 -84.85 93.95 79.40
N SER I 313 -85.13 94.04 80.69
CA SER I 313 -85.35 95.36 81.27
C SER I 313 -84.06 96.15 81.38
N GLU I 314 -82.91 95.50 81.33
CA GLU I 314 -81.62 96.18 81.40
C GLU I 314 -81.00 96.32 80.01
N GLY I 315 -81.72 95.91 78.97
CA GLY I 315 -81.23 96.01 77.61
C GLY I 315 -81.20 97.45 77.11
N GLY I 316 -80.08 97.83 76.51
CA GLY I 316 -79.95 99.16 75.93
C GLY I 316 -79.54 99.07 74.47
N GLY I 317 -79.94 100.07 73.70
CA GLY I 317 -79.59 100.09 72.29
C GLY I 317 -80.00 98.85 71.52
N GLY I 318 -81.24 98.41 71.67
CA GLY I 318 -81.70 97.24 70.95
C GLY I 318 -81.16 95.93 71.47
N LYS I 319 -80.64 95.91 72.69
CA LYS I 319 -80.10 94.70 73.29
C LYS I 319 -81.20 94.04 74.10
N GLY I 320 -81.39 92.73 73.92
CA GLY I 320 -82.38 92.05 74.73
C GLY I 320 -83.82 92.21 74.28
N ILE I 321 -84.08 92.20 72.98
CA ILE I 321 -85.45 92.38 72.47
C ILE I 321 -85.81 91.26 71.51
N ARG I 322 -86.96 90.62 71.75
CA ARG I 322 -87.45 89.58 70.86
C ARG I 322 -88.95 89.77 70.64
N LYS I 323 -89.35 89.68 69.36
CA LYS I 323 -90.74 89.77 68.92
C LYS I 323 -91.35 88.37 68.98
N VAL I 324 -92.53 88.23 69.59
CA VAL I 324 -93.17 86.92 69.74
C VAL I 324 -94.55 86.97 69.12
N ASN I 325 -94.77 86.08 68.15
CA ASN I 325 -96.03 85.94 67.43
C ASN I 325 -96.91 84.84 68.02
N ASN I 326 -96.30 83.84 68.66
CA ASN I 326 -97.06 82.73 69.23
C ASN I 326 -96.31 82.12 70.40
N ALA I 327 -97.08 81.41 71.24
CA ALA I 327 -96.61 80.76 72.46
C ALA I 327 -95.51 79.73 72.24
N ASP I 328 -95.39 79.14 71.05
CA ASP I 328 -94.36 78.14 70.81
C ASP I 328 -92.97 78.75 70.71
N ASP I 329 -92.84 79.96 70.18
CA ASP I 329 -91.55 80.62 70.06
C ASP I 329 -91.06 81.16 71.41
N PHE I 330 -91.98 81.58 72.28
CA PHE I 330 -91.67 82.18 73.59
C PHE I 330 -90.57 81.53 74.42
N PRO I 331 -90.58 80.21 74.70
CA PRO I 331 -89.55 79.69 75.62
C PRO I 331 -88.13 79.95 75.16
N ASN I 332 -87.81 79.70 73.89
CA ASN I 332 -86.46 80.00 73.44
C ASN I 332 -86.20 81.49 73.38
N LEU I 333 -87.20 82.27 72.95
CA LEU I 333 -87.02 83.72 72.93
C LEU I 333 -86.83 84.24 74.34
N PHE I 334 -87.51 83.64 75.30
CA PHE I 334 -87.28 84.00 76.69
C PHE I 334 -85.87 83.59 77.07
N ARG I 335 -85.47 82.39 76.66
CA ARG I 335 -84.13 81.87 76.91
C ARG I 335 -83.06 82.68 76.18
N GLN I 336 -83.40 83.23 75.00
CA GLN I 336 -82.45 84.05 74.26
C GLN I 336 -82.18 85.36 74.99
N VAL I 337 -83.24 86.02 75.47
CA VAL I 337 -83.04 87.26 76.22
C VAL I 337 -82.21 86.96 77.46
N GLN I 338 -82.49 85.83 78.11
CA GLN I 338 -81.69 85.41 79.25
C GLN I 338 -80.25 85.17 78.79
N ALA I 339 -80.09 84.45 77.69
CA ALA I 339 -78.76 84.17 77.17
C ALA I 339 -78.07 85.44 76.69
N GLU I 340 -78.83 86.36 76.08
CA GLU I 340 -78.21 87.61 75.60
C GLU I 340 -77.73 88.48 76.76
N VAL I 341 -78.59 88.68 77.76
CA VAL I 341 -78.29 89.47 78.97
C VAL I 341 -78.56 88.62 80.20
N PRO I 342 -77.70 87.69 80.59
CA PRO I 342 -78.00 86.85 81.76
C PRO I 342 -78.02 87.65 83.05
N GLY I 343 -79.00 87.33 83.89
CA GLY I 343 -79.22 88.00 85.15
C GLY I 343 -80.20 89.15 85.08
N SER I 344 -80.47 89.67 83.87
CA SER I 344 -81.40 90.78 83.74
C SER I 344 -82.85 90.27 83.84
N PRO I 345 -83.73 90.94 84.57
CA PRO I 345 -85.14 90.54 84.54
C PRO I 345 -85.73 90.69 83.14
N ILE I 346 -86.80 89.94 82.90
CA ILE I 346 -87.49 89.95 81.61
C ILE I 346 -88.96 90.26 81.86
N PHE I 347 -89.55 91.08 80.99
CA PHE I 347 -90.98 91.40 81.01
C PHE I 347 -91.54 91.18 79.62
N VAL I 348 -92.87 91.18 79.52
CA VAL I 348 -93.57 90.99 78.25
C VAL I 348 -94.58 92.11 78.06
N MET I 349 -94.63 92.69 76.85
CA MET I 349 -95.57 93.77 76.56
C MET I 349 -96.14 93.58 75.15
N ARG I 350 -97.37 94.06 74.95
CA ARG I 350 -98.00 94.02 73.63
C ARG I 350 -97.34 95.00 72.64
N LEU I 351 -96.97 94.51 71.47
CA LEU I 351 -96.39 95.33 70.41
C LEU I 351 -97.50 96.11 69.72
N ALA I 352 -97.53 97.42 69.89
CA ALA I 352 -98.59 98.23 69.31
C ALA I 352 -98.45 98.19 67.79
N LYS I 353 -99.48 98.63 67.09
CA LYS I 353 -99.39 98.64 65.65
C LYS I 353 -98.48 99.78 65.21
N GLN I 354 -97.98 99.67 63.97
CA GLN I 354 -97.13 100.74 63.42
C GLN I 354 -97.83 102.08 63.56
N SER I 355 -97.11 102.97 64.25
CA SER I 355 -97.49 104.28 64.73
C SER I 355 -96.23 105.13 64.59
N ARG I 356 -96.25 106.34 65.14
CA ARG I 356 -95.05 107.17 65.13
C ARG I 356 -94.33 107.03 66.46
N HIS I 357 -93.02 106.84 66.39
CA HIS I 357 -92.19 106.75 67.57
C HIS I 357 -91.52 108.11 67.65
N LEU I 358 -91.83 108.84 68.71
CA LEU I 358 -91.32 110.18 68.93
C LEU I 358 -90.59 110.21 70.26
N GLU I 359 -89.64 111.12 70.35
CA GLU I 359 -88.85 111.28 71.55
C GLU I 359 -88.92 112.75 71.95
N VAL I 360 -88.92 112.97 73.26
CA VAL I 360 -88.85 114.29 73.85
C VAL I 360 -87.51 114.38 74.54
N GLN I 361 -86.72 115.39 74.20
CA GLN I 361 -85.45 115.56 74.88
C GLN I 361 -85.75 116.30 76.18
N ILE I 362 -85.29 115.73 77.28
CA ILE I 362 -85.50 116.27 78.62
C ILE I 362 -84.19 116.77 79.19
N LEU I 363 -84.30 117.81 80.02
CA LEU I 363 -83.18 118.38 80.75
C LEU I 363 -83.71 118.80 82.12
N ALA I 364 -83.18 118.20 83.19
CA ALA I 364 -83.60 118.51 84.56
C ALA I 364 -82.42 118.85 85.47
N ASP I 365 -82.63 119.84 86.37
CA ASP I 365 -81.62 120.22 87.35
C ASP I 365 -81.81 119.45 88.68
N GLN I 366 -81.06 119.83 89.72
CA GLN I 366 -81.13 119.17 91.03
C GLN I 366 -82.23 119.70 91.97
N TYR I 367 -83.11 120.59 91.51
CA TYR I 367 -84.14 121.24 92.33
C TYR I 367 -85.58 120.99 91.91
N GLY I 368 -85.82 120.14 90.92
CA GLY I 368 -87.17 119.88 90.46
C GLY I 368 -87.56 120.52 89.14
N ASN I 369 -86.73 121.36 88.57
CA ASN I 369 -87.01 121.94 87.25
C ASN I 369 -86.54 120.97 86.18
N ALA I 370 -87.47 120.55 85.32
CA ALA I 370 -87.25 119.62 84.19
C ALA I 370 -87.96 120.25 83.00
N ILE I 371 -87.32 120.28 81.82
CA ILE I 371 -88.00 120.87 80.67
C ILE I 371 -87.99 120.04 79.40
N SER I 372 -88.89 120.45 78.52
CA SER I 372 -89.06 120.03 77.14
C SER I 372 -88.51 121.11 76.23
N LEU I 373 -88.02 120.70 75.07
CA LEU I 373 -87.53 121.65 74.07
C LEU I 373 -88.43 121.52 72.86
N PHE I 374 -88.47 120.33 72.27
CA PHE I 374 -89.22 119.93 71.10
C PHE I 374 -89.03 118.42 71.11
N GLY I 375 -89.29 117.73 70.00
CA GLY I 375 -89.13 116.30 69.94
C GLY I 375 -88.25 115.85 68.79
N ARG I 376 -88.12 114.52 68.72
CA ARG I 376 -87.38 113.83 67.68
C ARG I 376 -88.28 112.66 67.28
N ASP I 377 -88.38 112.41 65.98
CA ASP I 377 -89.11 111.25 65.46
C ASP I 377 -88.14 110.11 65.17
N CYS I 378 -88.35 108.98 65.82
CA CYS I 378 -87.52 107.80 65.60
C CYS I 378 -88.41 106.63 65.20
N SER I 379 -89.44 106.94 64.41
CA SER I 379 -90.35 105.93 63.89
C SER I 379 -89.66 105.08 62.83
N VAL I 380 -88.78 105.72 62.08
CA VAL I 380 -88.01 105.10 61.01
C VAL I 380 -86.93 104.17 61.54
N GLN I 381 -87.21 102.85 61.57
CA GLN I 381 -86.28 101.87 62.09
C GLN I 381 -86.10 100.72 61.11
N ARG I 382 -84.90 100.16 61.08
CA ARG I 382 -84.57 99.00 60.24
C ARG I 382 -83.81 97.99 61.09
N ARG I 383 -84.43 96.84 61.35
CA ARG I 383 -83.87 95.80 62.20
C ARG I 383 -83.56 96.34 63.60
N HIS I 384 -84.48 97.17 64.10
CA HIS I 384 -84.47 97.85 65.39
C HIS I 384 -83.43 98.96 65.47
N GLN I 385 -82.80 99.32 64.35
CA GLN I 385 -81.82 100.40 64.29
C GLN I 385 -82.45 101.69 63.78
N LYS I 386 -82.28 102.79 64.53
CA LYS I 386 -82.84 104.07 64.11
C LYS I 386 -82.11 104.52 62.85
N ILE I 387 -82.82 104.63 61.74
CA ILE I 387 -82.22 104.98 60.46
C ILE I 387 -82.36 106.46 60.13
N ILE I 388 -83.57 107.01 60.18
CA ILE I 388 -83.82 108.42 59.90
C ILE I 388 -84.44 109.03 61.13
N GLU I 389 -84.00 110.24 61.48
CA GLU I 389 -84.59 110.99 62.57
C GLU I 389 -85.08 112.33 62.03
N GLU I 390 -86.10 112.91 62.68
CA GLU I 390 -86.53 114.25 62.26
C GLU I 390 -86.83 115.06 63.50
N ALA I 391 -86.50 116.34 63.44
CA ALA I 391 -86.80 117.37 64.46
C ALA I 391 -87.28 118.64 63.76
N PRO I 392 -88.43 119.24 64.15
CA PRO I 392 -89.45 118.94 65.16
C PRO I 392 -90.43 117.84 64.77
N ALA I 393 -91.33 117.47 65.69
CA ALA I 393 -92.35 116.48 65.40
C ALA I 393 -93.58 117.22 64.87
N THR I 394 -93.50 117.62 63.60
CA THR I 394 -94.59 118.39 62.99
C THR I 394 -95.88 117.59 62.90
N ILE I 395 -95.78 116.26 62.91
CA ILE I 395 -96.92 115.37 62.82
C ILE I 395 -97.96 115.63 63.92
N ALA I 396 -97.54 115.81 65.17
CA ALA I 396 -98.52 116.02 66.23
C ALA I 396 -99.26 117.35 66.13
N THR I 397 -100.51 117.31 66.60
CA THR I 397 -101.41 118.45 66.71
C THR I 397 -100.91 119.45 67.77
N PRO I 398 -100.94 120.78 67.49
CA PRO I 398 -100.45 121.77 68.49
C PRO I 398 -100.98 121.57 69.91
N ALA I 399 -102.26 121.22 70.06
CA ALA I 399 -102.83 120.98 71.39
C ALA I 399 -102.18 119.76 72.03
N VAL I 400 -101.96 118.72 71.25
CA VAL I 400 -101.33 117.49 71.73
C VAL I 400 -99.88 117.76 72.12
N PHE I 401 -99.18 118.56 71.31
CA PHE I 401 -97.79 118.89 71.62
C PHE I 401 -97.68 119.68 72.92
N GLU I 402 -98.63 120.58 73.21
CA GLU I 402 -98.58 121.28 74.49
C GLU I 402 -98.76 120.29 75.63
N HIS I 403 -99.69 119.35 75.48
CA HIS I 403 -99.90 118.29 76.45
C HIS I 403 -98.66 117.39 76.60
N MET I 404 -98.06 117.00 75.48
CA MET I 404 -96.87 116.15 75.50
C MET I 404 -95.69 116.80 76.22
N GLU I 405 -95.48 118.10 76.03
CA GLU I 405 -94.40 118.76 76.76
C GLU I 405 -94.60 118.70 78.27
N GLN I 406 -95.81 118.97 78.74
CA GLN I 406 -95.99 118.96 80.19
C GLN I 406 -95.92 117.54 80.76
N CYS I 407 -96.51 116.56 80.08
CA CYS I 407 -96.41 115.17 80.54
C CYS I 407 -94.95 114.69 80.57
N ALA I 408 -94.21 114.91 79.49
CA ALA I 408 -92.80 114.52 79.44
C ALA I 408 -92.00 115.19 80.53
N VAL I 409 -92.25 116.48 80.73
CA VAL I 409 -91.60 117.26 81.77
C VAL I 409 -92.04 116.80 83.15
N LYS I 410 -93.33 116.55 83.32
CA LYS I 410 -93.87 116.10 84.60
C LYS I 410 -93.20 114.79 85.02
N LEU I 411 -93.17 113.79 84.12
CA LEU I 411 -92.54 112.51 84.42
C LEU I 411 -91.11 112.69 84.91
N ALA I 412 -90.35 113.57 84.28
CA ALA I 412 -89.00 113.86 84.72
C ALA I 412 -88.98 114.57 86.05
N LYS I 413 -89.82 115.61 86.18
CA LYS I 413 -89.88 116.38 87.42
C LYS I 413 -90.30 115.53 88.62
N MET I 414 -91.27 114.66 88.42
CA MET I 414 -91.77 113.81 89.49
C MET I 414 -90.68 112.96 90.15
N VAL I 415 -89.72 112.44 89.37
CA VAL I 415 -88.69 111.55 89.92
C VAL I 415 -87.38 112.26 90.25
N GLY I 416 -87.24 113.55 89.96
CA GLY I 416 -85.97 114.19 90.25
C GLY I 416 -84.79 113.93 89.33
N TYR I 417 -84.99 113.95 88.02
CA TYR I 417 -83.89 113.69 87.10
C TYR I 417 -82.82 114.78 87.19
N VAL I 418 -81.54 114.39 87.08
CA VAL I 418 -80.45 115.37 87.08
C VAL I 418 -79.44 115.18 85.94
N SER I 419 -79.80 115.57 84.71
CA SER I 419 -78.93 115.57 83.53
C SER I 419 -79.74 115.81 82.25
N ALA I 420 -79.18 115.39 81.11
CA ALA I 420 -79.80 115.43 79.80
C ALA I 420 -80.53 114.11 79.65
N GLY I 421 -81.67 114.10 78.98
CA GLY I 421 -82.32 112.82 78.77
C GLY I 421 -83.24 112.78 77.57
N THR I 422 -83.57 111.56 77.17
CA THR I 422 -84.43 111.30 76.03
C THR I 422 -85.54 110.39 76.53
N VAL I 423 -86.78 110.85 76.37
CA VAL I 423 -88.00 110.11 76.70
C VAL I 423 -88.59 109.56 75.41
N GLU I 424 -88.69 108.22 75.27
CA GLU I 424 -89.22 107.65 74.04
C GLU I 424 -90.71 107.32 74.24
N TYR I 425 -91.53 107.75 73.26
CA TYR I 425 -92.97 107.55 73.29
C TYR I 425 -93.44 106.93 71.99
N LEU I 426 -94.54 106.18 72.05
CA LEU I 426 -95.18 105.73 70.82
C LEU I 426 -96.41 106.61 70.63
N TYR I 427 -96.47 107.31 69.50
CA TYR I 427 -97.53 108.24 69.17
C TYR I 427 -98.15 107.67 67.91
N SER I 428 -99.47 107.65 67.80
CA SER I 428 -100.08 107.13 66.58
C SER I 428 -100.71 108.23 65.75
N GLN I 429 -100.81 107.98 64.45
CA GLN I 429 -101.43 108.94 63.53
C GLN I 429 -102.85 109.23 63.96
N ASP I 430 -103.50 108.25 64.58
CA ASP I 430 -104.84 108.43 65.14
C ASP I 430 -104.85 109.64 66.06
N GLY I 431 -103.75 109.79 66.79
CA GLY I 431 -103.52 110.79 67.81
C GLY I 431 -103.48 110.21 69.21
N SER I 432 -103.51 108.89 69.35
CA SER I 432 -103.40 108.25 70.65
C SER I 432 -101.92 107.95 70.86
N PHE I 433 -101.44 108.11 72.09
CA PHE I 433 -100.04 107.81 72.37
C PHE I 433 -99.86 106.96 73.61
N TYR I 434 -98.76 106.20 73.61
CA TYR I 434 -98.35 105.35 74.72
C TYR I 434 -96.83 105.45 74.88
N PHE I 435 -96.42 105.60 76.13
CA PHE I 435 -95.01 105.61 76.52
C PHE I 435 -94.36 104.24 76.29
N LEU I 436 -93.14 104.26 75.74
CA LEU I 436 -92.36 103.05 75.46
C LEU I 436 -91.17 102.96 76.40
N GLU I 437 -90.30 103.97 76.44
CA GLU I 437 -89.15 103.90 77.32
C GLU I 437 -88.54 105.29 77.46
N LEU I 438 -87.63 105.40 78.42
CA LEU I 438 -86.85 106.62 78.64
C LEU I 438 -85.39 106.21 78.57
N ASN I 439 -84.62 106.85 77.69
CA ASN I 439 -83.18 106.57 77.65
C ASN I 439 -82.46 107.57 78.56
N PRO I 440 -81.88 107.14 79.71
CA PRO I 440 -81.31 108.12 80.62
C PRO I 440 -79.87 108.40 80.19
N ARG I 441 -79.65 108.56 78.89
CA ARG I 441 -78.30 108.66 78.38
C ARG I 441 -78.35 109.18 76.95
N LEU I 442 -77.16 109.45 76.40
CA LEU I 442 -77.06 109.86 75.01
C LEU I 442 -77.38 108.75 74.00
N GLN I 443 -77.95 109.18 72.88
CA GLN I 443 -78.21 108.33 71.73
C GLN I 443 -77.24 108.78 70.63
N VAL I 444 -76.99 107.93 69.63
CA VAL I 444 -76.11 108.35 68.56
C VAL I 444 -76.69 109.54 67.76
N GLU I 445 -78.02 109.64 67.65
CA GLU I 445 -78.74 110.68 66.89
C GLU I 445 -79.12 111.96 67.64
N HIS I 446 -78.70 112.14 68.88
CA HIS I 446 -78.99 113.36 69.65
C HIS I 446 -78.72 114.74 69.01
N PRO I 447 -77.69 114.95 68.13
CA PRO I 447 -77.54 116.28 67.51
C PRO I 447 -78.75 116.85 66.76
N CYS I 448 -79.71 116.01 66.35
CA CYS I 448 -80.94 116.50 65.73
C CYS I 448 -81.63 117.57 66.57
N THR I 449 -81.83 117.32 67.86
CA THR I 449 -82.45 118.33 68.72
C THR I 449 -81.53 119.53 68.86
N GLU I 450 -80.25 119.27 69.07
CA GLU I 450 -79.23 120.30 69.27
C GLU I 450 -79.27 121.37 68.17
N MET I 451 -79.43 120.94 66.91
CA MET I 451 -79.42 121.85 65.77
C MET I 451 -80.63 122.77 65.69
N VAL I 452 -81.82 122.31 66.10
CA VAL I 452 -83.02 123.14 66.06
C VAL I 452 -83.23 123.89 67.37
N ALA I 453 -82.76 123.33 68.47
CA ALA I 453 -82.89 123.88 69.81
C ALA I 453 -81.72 124.77 70.23
N ASP I 454 -80.60 124.73 69.51
CA ASP I 454 -79.37 125.45 69.89
C ASP I 454 -78.98 125.02 71.29
N VAL I 455 -78.98 123.71 71.50
CA VAL I 455 -78.63 123.13 72.78
C VAL I 455 -77.48 122.14 72.60
N ASN I 456 -76.38 122.38 73.30
CA ASN I 456 -75.25 121.47 73.37
C ASN I 456 -75.63 120.49 74.49
N LEU I 457 -76.06 119.28 74.13
CA LEU I 457 -76.52 118.33 75.14
C LEU I 457 -75.46 117.88 76.15
N PRO I 458 -74.29 117.35 75.75
CA PRO I 458 -73.28 116.98 76.77
C PRO I 458 -72.83 118.13 77.64
N ALA I 459 -72.82 119.36 77.14
CA ALA I 459 -72.44 120.49 77.97
C ALA I 459 -73.48 120.75 79.05
N ALA I 460 -74.75 120.60 78.69
CA ALA I 460 -75.83 120.73 79.65
C ALA I 460 -75.73 119.67 80.75
N GLN I 461 -75.35 118.45 80.36
CA GLN I 461 -75.18 117.36 81.33
C GLN I 461 -74.13 117.69 82.38
N LEU I 462 -73.01 118.29 81.97
CA LEU I 462 -71.96 118.70 82.91
C LEU I 462 -72.47 119.77 83.87
N GLN I 463 -73.12 120.80 83.34
CA GLN I 463 -73.60 121.89 84.18
C GLN I 463 -74.58 121.40 85.22
N ILE I 464 -75.48 120.50 84.81
CA ILE I 464 -76.42 119.90 85.74
C ILE I 464 -75.69 119.13 86.84
N ALA I 465 -74.62 118.42 86.47
CA ALA I 465 -73.90 117.67 87.49
C ALA I 465 -73.21 118.61 88.46
N MET I 466 -72.97 119.85 88.05
CA MET I 466 -72.42 120.88 88.90
C MET I 466 -73.52 121.61 89.68
N GLY I 467 -74.78 121.17 89.57
CA GLY I 467 -75.90 121.80 90.23
C GLY I 467 -76.39 123.09 89.63
N ILE I 468 -76.14 123.33 88.35
CA ILE I 468 -76.60 124.55 87.67
C ILE I 468 -78.09 124.42 87.36
N PRO I 469 -78.95 125.35 87.82
CA PRO I 469 -80.38 125.23 87.47
C PRO I 469 -80.63 125.44 85.98
N LEU I 470 -81.68 124.79 85.51
CA LEU I 470 -82.10 124.83 84.11
C LEU I 470 -82.19 126.24 83.55
N TYR I 471 -82.77 127.17 84.31
CA TYR I 471 -82.90 128.54 83.85
C TYR I 471 -81.54 129.25 83.71
N ARG I 472 -80.47 128.66 84.24
CA ARG I 472 -79.11 129.15 84.12
C ARG I 472 -78.30 128.37 83.10
N ILE I 473 -78.94 127.53 82.29
CA ILE I 473 -78.24 126.78 81.26
C ILE I 473 -78.40 127.54 79.95
N LYS I 474 -77.25 127.95 79.42
CA LYS I 474 -77.13 128.74 78.20
C LYS I 474 -77.99 128.19 77.08
N ASP I 475 -77.82 126.90 76.81
CA ASP I 475 -78.54 126.19 75.77
C ASP I 475 -80.04 126.45 75.86
N ILE I 476 -80.57 126.36 77.08
CA ILE I 476 -81.99 126.61 77.33
C ILE I 476 -82.31 128.10 77.25
N ARG I 477 -81.39 128.94 77.74
CA ARG I 477 -81.59 130.38 77.76
C ARG I 477 -81.82 131.00 76.38
N MET I 478 -80.96 130.72 75.39
CA MET I 478 -81.21 131.30 74.06
C MET I 478 -82.52 130.84 73.47
N MET I 479 -82.77 129.53 73.55
CA MET I 479 -83.97 128.93 72.98
C MET I 479 -85.27 129.55 73.49
N TYR I 480 -85.35 129.81 74.79
CA TYR I 480 -86.57 130.36 75.38
C TYR I 480 -86.60 131.88 75.39
N GLY I 481 -85.74 132.53 74.60
CA GLY I 481 -85.82 133.97 74.46
C GLY I 481 -85.63 134.82 75.70
N VAL I 482 -84.88 134.34 76.70
CA VAL I 482 -84.65 135.16 77.88
C VAL I 482 -83.23 135.75 77.88
N SER I 483 -82.95 136.51 78.91
CA SER I 483 -81.66 137.18 79.10
C SER I 483 -80.49 136.20 79.20
N PRO I 484 -79.36 136.44 78.50
CA PRO I 484 -78.24 135.49 78.61
C PRO I 484 -77.68 135.38 80.03
N TRP I 485 -77.79 136.43 80.85
CA TRP I 485 -77.27 136.43 82.23
C TRP I 485 -78.32 136.62 83.30
N GLY I 486 -79.61 136.62 82.98
CA GLY I 486 -80.58 136.74 84.04
C GLY I 486 -80.74 135.46 84.81
N ASP I 487 -81.35 135.58 85.99
CA ASP I 487 -81.59 134.45 86.88
C ASP I 487 -83.08 134.15 87.03
N SER I 488 -83.94 134.82 86.28
CA SER I 488 -85.37 134.62 86.42
C SER I 488 -85.85 133.22 86.06
N PRO I 489 -86.55 132.52 86.97
CA PRO I 489 -87.07 131.20 86.60
C PRO I 489 -88.16 131.36 85.53
N ILE I 490 -88.21 130.41 84.61
CA ILE I 490 -89.16 130.42 83.51
C ILE I 490 -90.22 129.38 83.84
N ASP I 491 -91.48 129.78 83.76
CA ASP I 491 -92.57 128.82 83.94
C ASP I 491 -92.78 128.23 82.56
N PHE I 492 -92.22 127.04 82.39
CA PHE I 492 -92.21 126.35 81.11
C PHE I 492 -93.61 125.90 80.71
N GLU I 493 -94.49 125.66 81.68
CA GLU I 493 -95.87 125.28 81.37
C GLU I 493 -96.64 126.47 80.82
N ASP I 494 -96.54 127.62 81.51
CA ASP I 494 -97.23 128.83 81.06
C ASP I 494 -96.65 129.37 79.76
N SER I 495 -95.40 129.03 79.44
CA SER I 495 -94.73 129.49 78.22
C SER I 495 -94.50 128.35 77.24
N ALA I 496 -95.40 127.38 77.22
CA ALA I 496 -95.27 126.24 76.29
C ALA I 496 -95.33 126.69 74.83
N HIS I 497 -96.15 127.69 74.53
CA HIS I 497 -96.29 128.19 73.16
C HIS I 497 -95.19 129.15 72.72
N VAL I 498 -94.44 129.74 73.65
CA VAL I 498 -93.38 130.69 73.27
C VAL I 498 -92.35 130.06 72.35
N PRO I 499 -91.74 128.90 72.68
CA PRO I 499 -90.74 128.32 71.78
C PRO I 499 -91.35 127.76 70.51
N CYS I 500 -90.66 128.00 69.39
CA CYS I 500 -91.07 127.55 68.08
C CYS I 500 -89.80 126.98 67.43
N PRO I 501 -89.88 125.84 66.74
CA PRO I 501 -88.64 125.23 66.21
C PRO I 501 -87.92 126.08 65.18
N ARG I 502 -86.60 125.99 65.24
CA ARG I 502 -85.71 126.68 64.32
C ARG I 502 -85.27 125.63 63.29
N GLY I 503 -85.94 125.63 62.14
CA GLY I 503 -85.71 124.71 61.04
C GLY I 503 -86.10 123.24 61.21
N HIS I 504 -85.41 122.41 60.41
CA HIS I 504 -85.63 120.97 60.31
C HIS I 504 -84.29 120.24 60.26
N VAL I 505 -84.27 118.99 60.75
CA VAL I 505 -83.07 118.15 60.70
C VAL I 505 -83.41 116.77 60.15
N ILE I 506 -82.54 116.26 59.27
CA ILE I 506 -82.61 114.89 58.75
C ILE I 506 -81.33 114.19 59.17
N ALA I 507 -81.47 113.00 59.75
CA ALA I 507 -80.32 112.15 60.10
C ALA I 507 -80.29 110.90 59.23
N ALA I 508 -79.10 110.49 58.79
CA ALA I 508 -78.94 109.32 57.92
C ALA I 508 -77.81 108.43 58.42
N ARG I 509 -78.13 107.15 58.64
CA ARG I 509 -77.11 106.17 59.04
C ARG I 509 -76.28 105.75 57.83
N ILE I 510 -74.96 105.86 57.96
CA ILE I 510 -74.02 105.50 56.89
C ILE I 510 -73.18 104.31 57.35
N THR I 511 -72.82 103.44 56.41
CA THR I 511 -72.03 102.26 56.73
C THR I 511 -70.79 102.22 55.85
N GLY I 524 -57.67 104.38 62.69
CA GLY I 524 -58.52 105.15 63.59
C GLY I 524 -59.86 104.48 63.83
N THR I 525 -60.77 105.20 64.49
CA THR I 525 -62.11 104.71 64.77
C THR I 525 -63.23 105.71 64.49
N VAL I 526 -62.97 107.01 64.42
CA VAL I 526 -64.02 108.00 64.17
C VAL I 526 -63.51 109.02 63.18
N GLN I 527 -64.15 109.08 62.00
CA GLN I 527 -63.80 110.08 60.97
C GLN I 527 -64.94 111.08 60.83
N GLU I 528 -64.71 112.32 61.26
CA GLU I 528 -65.70 113.38 61.12
C GLU I 528 -65.75 113.83 59.66
N LEU I 529 -66.90 113.64 59.00
CA LEU I 529 -67.06 114.03 57.59
C LEU I 529 -67.77 115.36 57.50
N ASN I 530 -67.02 116.40 57.17
CA ASN I 530 -67.51 117.76 57.02
C ASN I 530 -67.95 117.96 55.57
N PHE I 531 -69.06 118.67 55.36
CA PHE I 531 -69.60 118.89 54.02
C PHE I 531 -69.44 120.33 53.56
N ARG I 532 -68.94 120.48 52.33
CA ARG I 532 -68.73 121.74 51.62
C ARG I 532 -69.97 122.19 50.87
N SER I 533 -70.89 121.26 50.58
CA SER I 533 -72.12 121.57 49.87
C SER I 533 -73.04 122.42 50.72
N ASN I 534 -72.97 122.27 52.04
CA ASN I 534 -73.84 123.00 52.94
C ASN I 534 -73.10 123.23 54.24
N LYS I 535 -73.21 124.47 54.75
CA LYS I 535 -72.64 124.82 56.04
C LYS I 535 -73.51 124.28 57.17
N ASN I 536 -74.79 124.07 56.90
CA ASN I 536 -75.74 123.56 57.87
C ASN I 536 -75.81 122.04 57.91
N VAL I 537 -74.93 121.34 57.18
CA VAL I 537 -74.91 119.88 57.20
C VAL I 537 -73.51 119.45 57.54
N TRP I 538 -73.43 118.50 58.46
CA TRP I 538 -72.20 117.85 58.91
C TRP I 538 -72.52 116.41 59.31
N GLY I 539 -71.47 115.62 59.48
CA GLY I 539 -71.69 114.25 59.85
C GLY I 539 -70.40 113.57 60.23
N TYR I 540 -70.52 112.28 60.51
CA TYR I 540 -69.41 111.43 60.92
C TYR I 540 -69.62 109.97 60.54
N PHE I 541 -68.50 109.26 60.42
CA PHE I 541 -68.45 107.83 60.22
C PHE I 541 -67.42 107.22 61.16
N SER I 542 -67.80 106.15 61.86
CA SER I 542 -66.93 105.50 62.83
C SER I 542 -66.59 104.08 62.41
N VAL I 543 -65.48 103.58 62.96
CA VAL I 543 -64.98 102.22 62.72
C VAL I 543 -64.85 101.53 64.07
N GLN I 556 -67.65 100.24 59.82
CA GLN I 556 -68.53 99.67 60.83
C GLN I 556 -69.87 100.35 60.49
N PHE I 557 -70.08 101.56 61.02
CA PHE I 557 -71.31 102.29 60.74
C PHE I 557 -71.06 103.74 61.13
N GLY I 558 -71.94 104.61 60.67
CA GLY I 558 -71.85 106.02 60.99
C GLY I 558 -73.19 106.70 60.86
N HIS I 559 -73.16 108.03 61.03
CA HIS I 559 -74.38 108.82 60.92
C HIS I 559 -74.08 110.16 60.25
N CYS I 560 -75.00 110.63 59.40
CA CYS I 560 -74.95 111.97 58.83
C CYS I 560 -76.15 112.76 59.34
N PHE I 561 -75.94 114.04 59.63
CA PHE I 561 -76.99 114.91 60.18
C PHE I 561 -77.09 116.17 59.33
N SER I 562 -78.28 116.46 58.80
CA SER I 562 -78.48 117.62 57.92
C SER I 562 -79.58 118.54 58.42
N TRP I 563 -79.21 119.78 58.80
CA TRP I 563 -80.16 120.81 59.22
C TRP I 563 -80.52 121.73 58.06
N GLY I 564 -81.74 122.27 58.13
CA GLY I 564 -82.25 123.19 57.12
C GLY I 564 -83.30 124.10 57.73
N GLU I 565 -83.59 125.20 57.03
CA GLU I 565 -84.59 126.14 57.52
C GLU I 565 -85.99 125.54 57.54
N ASN I 566 -86.28 124.56 56.70
CA ASN I 566 -87.58 123.90 56.71
C ASN I 566 -87.40 122.51 56.14
N ARG I 567 -88.45 121.69 56.28
CA ARG I 567 -88.43 120.30 55.81
C ARG I 567 -87.82 120.15 54.42
N GLU I 568 -88.34 120.90 53.45
CA GLU I 568 -87.82 120.79 52.09
C GLU I 568 -86.34 121.11 52.02
N GLU I 569 -85.92 122.22 52.64
CA GLU I 569 -84.51 122.59 52.66
C GLU I 569 -83.63 121.55 53.37
N ALA I 570 -84.12 120.95 54.46
CA ALA I 570 -83.31 119.94 55.15
C ALA I 570 -83.26 118.63 54.39
N ILE I 571 -84.39 118.18 53.84
CA ILE I 571 -84.39 116.97 53.02
C ILE I 571 -83.54 117.19 51.77
N SER I 572 -83.71 118.34 51.13
CA SER I 572 -82.94 118.67 49.93
C SER I 572 -81.44 118.57 50.20
N ASN I 573 -80.95 119.18 51.28
CA ASN I 573 -79.54 119.09 51.61
C ASN I 573 -79.10 117.66 51.90
N MET I 574 -79.96 116.87 52.56
CA MET I 574 -79.62 115.49 52.84
C MET I 574 -79.49 114.66 51.57
N VAL I 575 -80.46 114.80 50.65
CA VAL I 575 -80.43 114.06 49.38
C VAL I 575 -79.12 114.32 48.63
N VAL I 576 -78.79 115.60 48.40
CA VAL I 576 -77.55 115.91 47.69
C VAL I 576 -76.34 115.36 48.45
N ALA I 577 -76.34 115.48 49.77
CA ALA I 577 -75.24 114.91 50.55
C ALA I 577 -75.22 113.40 50.42
N LEU I 578 -76.38 112.75 50.51
CA LEU I 578 -76.42 111.31 50.32
C LEU I 578 -76.12 110.94 48.88
N LYS I 579 -76.51 111.79 47.93
CA LYS I 579 -76.15 111.55 46.54
C LYS I 579 -74.65 111.70 46.39
N GLU I 580 -74.07 112.63 47.12
CA GLU I 580 -72.62 112.78 47.16
C GLU I 580 -72.02 111.57 47.85
N LEU I 581 -72.67 111.15 48.94
CA LEU I 581 -72.27 109.98 49.71
C LEU I 581 -72.34 108.69 48.91
N SER I 582 -73.22 108.58 47.91
CA SER I 582 -73.28 107.33 47.15
C SER I 582 -71.97 107.04 46.43
N ILE I 583 -71.23 108.08 46.06
CA ILE I 583 -69.93 107.90 45.40
C ILE I 583 -68.92 107.24 46.34
N ARG I 584 -69.15 107.24 47.65
CA ARG I 584 -68.25 106.54 48.56
C ARG I 584 -68.43 105.03 48.48
N GLY I 585 -67.38 104.31 48.87
CA GLY I 585 -67.37 102.86 48.85
C GLY I 585 -68.20 102.21 49.95
N ASP I 586 -67.86 102.54 51.20
CA ASP I 586 -68.53 102.01 52.37
C ASP I 586 -70.02 102.37 52.43
N PHE I 587 -70.41 103.44 51.75
CA PHE I 587 -71.81 103.90 51.75
C PHE I 587 -72.46 103.66 50.39
N ARG I 588 -72.37 102.41 49.91
CA ARG I 588 -72.96 101.99 48.64
C ARG I 588 -74.27 101.24 48.80
N THR I 589 -74.26 100.08 49.45
CA THR I 589 -75.52 99.36 49.60
C THR I 589 -76.46 100.13 50.52
N THR I 590 -75.96 100.50 51.71
CA THR I 590 -76.77 101.21 52.69
C THR I 590 -77.35 102.50 52.12
N VAL I 591 -76.52 103.29 51.43
CA VAL I 591 -77.00 104.55 50.90
C VAL I 591 -77.88 104.44 49.66
N GLU I 592 -77.88 103.31 48.94
CA GLU I 592 -78.73 103.26 47.76
C GLU I 592 -80.19 103.19 48.17
N TYR I 593 -80.52 102.21 49.02
CA TYR I 593 -81.87 102.06 49.54
C TYR I 593 -82.31 103.29 50.33
N LEU I 594 -81.36 103.98 50.97
CA LEU I 594 -81.66 105.18 51.74
C LEU I 594 -82.00 106.36 50.84
N ILE I 595 -81.19 106.59 49.79
CA ILE I 595 -81.49 107.65 48.84
C ILE I 595 -82.85 107.39 48.21
N LYS I 596 -83.09 106.14 47.83
CA LYS I 596 -84.37 105.71 47.28
C LYS I 596 -85.52 105.95 48.26
N LEU I 597 -85.40 105.41 49.48
CA LEU I 597 -86.42 105.56 50.51
C LEU I 597 -86.75 107.01 50.83
N LEU I 598 -85.74 107.87 50.91
CA LEU I 598 -86.00 109.28 51.22
C LEU I 598 -86.82 109.94 50.12
N GLU I 599 -86.69 109.49 48.87
CA GLU I 599 -87.44 110.08 47.77
C GLU I 599 -88.84 109.48 47.64
N THR I 600 -89.08 108.31 48.26
CA THR I 600 -90.39 107.68 48.23
C THR I 600 -91.46 108.63 48.73
N GLU I 601 -92.63 108.57 48.09
CA GLU I 601 -93.75 109.42 48.44
C GLU I 601 -94.12 109.32 49.91
N SER I 602 -94.05 108.12 50.49
CA SER I 602 -94.39 107.98 51.90
C SER I 602 -93.53 108.89 52.77
N PHE I 603 -92.22 108.90 52.55
CA PHE I 603 -91.36 109.82 53.29
C PHE I 603 -91.64 111.27 52.91
N GLN I 604 -91.68 111.54 51.59
CA GLN I 604 -91.98 112.88 51.10
C GLN I 604 -93.31 113.42 51.65
N MET I 605 -94.32 112.56 51.72
CA MET I 605 -95.63 112.92 52.23
C MET I 605 -95.78 112.78 53.73
N ASN I 606 -94.72 112.40 54.45
CA ASN I 606 -94.80 112.23 55.90
C ASN I 606 -95.90 111.22 56.24
N ARG I 607 -95.90 110.14 55.48
CA ARG I 607 -96.86 109.04 55.54
C ARG I 607 -96.09 107.80 56.00
N ILE I 608 -95.47 107.90 57.17
CA ILE I 608 -94.65 106.82 57.72
C ILE I 608 -95.20 106.39 59.09
N ASP I 609 -94.63 105.30 59.60
CA ASP I 609 -94.98 104.76 60.91
C ASP I 609 -93.80 103.93 61.42
N THR I 610 -93.96 103.38 62.62
CA THR I 610 -92.93 102.58 63.28
C THR I 610 -92.55 101.31 62.50
N GLY I 611 -93.45 100.77 61.70
CA GLY I 611 -93.19 99.57 60.91
C GLY I 611 -92.75 99.79 59.48
N TRP I 612 -92.77 101.06 59.04
CA TRP I 612 -92.45 101.53 57.70
C TRP I 612 -91.22 100.99 56.97
N LEU I 613 -90.02 101.33 57.43
CA LEU I 613 -88.79 100.87 56.77
C LEU I 613 -88.70 99.35 56.57
N ASP I 614 -89.04 98.54 57.59
CA ASP I 614 -88.92 97.09 57.45
C ASP I 614 -89.77 96.48 56.33
N ARG I 615 -90.85 97.13 55.88
CA ARG I 615 -91.68 96.63 54.79
C ARG I 615 -91.41 97.33 53.46
N LEU I 616 -90.65 98.43 53.47
CA LEU I 616 -90.34 99.15 52.22
C LEU I 616 -89.41 98.38 51.30
N ILE I 617 -88.67 97.40 51.82
CA ILE I 617 -87.72 96.63 51.02
C ILE I 617 -88.22 95.20 50.82
N ARG I 625 -102.02 104.59 39.50
CA ARG I 625 -103.04 104.84 40.52
C ARG I 625 -103.86 103.58 40.90
N PRO I 626 -104.85 103.70 41.83
CA PRO I 626 -105.49 102.49 42.38
C PRO I 626 -106.23 101.58 41.42
N ASP I 627 -106.70 100.48 42.01
CA ASP I 627 -107.56 99.49 41.37
C ASP I 627 -108.89 99.64 42.09
N THR I 628 -109.97 99.77 41.30
CA THR I 628 -111.31 100.06 41.81
C THR I 628 -111.69 99.32 43.09
N MET I 629 -111.61 97.99 43.09
CA MET I 629 -112.14 97.23 44.23
C MET I 629 -111.30 97.38 45.47
N LEU I 630 -109.96 97.42 45.34
CA LEU I 630 -109.15 97.89 46.47
C LEU I 630 -109.70 99.22 46.95
N GLY I 631 -109.98 100.11 46.01
CA GLY I 631 -110.60 101.40 46.27
C GLY I 631 -111.86 101.16 47.07
N VAL I 632 -112.78 100.35 46.53
CA VAL I 632 -114.01 100.05 47.27
C VAL I 632 -113.71 99.40 48.60
N VAL I 633 -112.75 98.48 48.65
CA VAL I 633 -112.42 97.81 49.90
C VAL I 633 -111.87 98.82 50.88
N CYS I 634 -110.69 99.36 50.56
CA CYS I 634 -110.07 100.38 51.41
C CYS I 634 -110.96 101.59 51.59
N GLY I 635 -111.80 101.89 50.60
CA GLY I 635 -112.84 102.90 50.72
C GLY I 635 -113.66 102.51 51.92
N ALA I 636 -114.31 101.35 51.83
CA ALA I 636 -115.18 100.85 52.89
C ALA I 636 -114.49 100.97 54.24
N LEU I 637 -113.24 100.52 54.31
CA LEU I 637 -112.47 100.63 55.54
C LEU I 637 -111.93 102.02 55.83
N HIS I 638 -111.90 102.95 54.88
CA HIS I 638 -111.56 104.32 55.27
C HIS I 638 -112.72 104.96 56.04
N VAL I 639 -113.92 104.88 55.47
CA VAL I 639 -115.14 105.38 56.14
C VAL I 639 -115.36 104.66 57.47
N ALA I 640 -115.24 103.34 57.46
CA ALA I 640 -115.39 102.51 58.66
C ALA I 640 -114.47 102.97 59.78
N ASP I 641 -113.15 102.87 59.57
CA ASP I 641 -112.16 103.20 60.61
C ASP I 641 -112.48 104.53 61.26
N VAL I 642 -112.82 105.54 60.45
CA VAL I 642 -113.13 106.86 60.98
C VAL I 642 -114.36 106.80 61.89
N SER I 643 -115.48 106.26 61.39
CA SER I 643 -116.64 106.09 62.27
C SER I 643 -116.25 105.28 63.52
N LEU I 644 -115.44 104.24 63.32
CA LEU I 644 -114.94 103.39 64.39
C LEU I 644 -114.04 104.19 65.35
N ARG I 645 -113.19 105.05 64.78
CA ARG I 645 -112.33 105.96 65.54
C ARG I 645 -113.18 106.78 66.51
N ASN I 646 -114.35 107.21 66.07
CA ASN I 646 -115.24 107.98 66.93
C ASN I 646 -115.70 107.10 68.08
N SER I 647 -116.16 105.88 67.75
CA SER I 647 -116.65 104.95 68.76
C SER I 647 -115.58 104.70 69.81
N VAL I 648 -114.32 104.58 69.36
CA VAL I 648 -113.20 104.43 70.28
C VAL I 648 -113.12 105.69 71.14
N SER I 649 -113.18 106.86 70.49
CA SER I 649 -113.06 108.14 71.17
C SER I 649 -114.26 108.37 72.10
N ASN I 650 -115.39 107.71 71.82
CA ASN I 650 -116.62 107.75 72.60
C ASN I 650 -116.44 106.93 73.87
N PHE I 651 -115.71 105.83 73.75
CA PHE I 651 -115.26 105.06 74.91
C PHE I 651 -114.51 105.88 75.94
N LEU I 652 -113.56 106.72 75.52
CA LEU I 652 -112.82 107.43 76.56
C LEU I 652 -113.70 108.39 77.33
N HIS I 653 -114.70 109.00 76.68
CA HIS I 653 -115.72 109.70 77.44
C HIS I 653 -116.46 108.84 78.46
N SER I 654 -117.22 107.88 77.92
CA SER I 654 -118.20 107.14 78.73
C SER I 654 -117.62 106.30 79.87
N LEU I 655 -116.49 105.61 79.64
CA LEU I 655 -115.99 104.72 80.69
C LEU I 655 -115.23 105.37 81.83
N GLU I 656 -114.46 106.43 81.57
CA GLU I 656 -113.76 107.10 82.66
C GLU I 656 -114.71 107.60 83.72
N ARG I 657 -115.82 108.19 83.30
CA ARG I 657 -116.82 108.67 84.23
C ARG I 657 -117.73 107.58 84.78
N GLY I 658 -117.88 106.44 84.08
CA GLY I 658 -118.74 105.39 84.59
C GLY I 658 -120.07 105.21 83.86
N GLN I 659 -120.28 105.91 82.75
CA GLN I 659 -121.49 105.74 81.95
C GLN I 659 -121.73 104.30 81.54
N VAL I 660 -122.97 103.87 81.74
CA VAL I 660 -123.45 102.54 81.39
C VAL I 660 -123.93 102.67 79.95
N LEU I 661 -122.99 102.49 79.03
CA LEU I 661 -123.31 102.67 77.63
C LEU I 661 -124.17 101.52 77.10
N PRO I 662 -125.07 101.81 76.15
CA PRO I 662 -125.82 100.73 75.50
C PRO I 662 -124.83 100.00 74.61
N ALA I 663 -124.97 98.68 74.52
CA ALA I 663 -124.03 97.90 73.73
C ALA I 663 -123.81 98.47 72.33
N HIS I 664 -124.89 98.97 71.70
CA HIS I 664 -124.90 99.08 70.24
C HIS I 664 -123.85 100.07 69.73
N THR I 665 -123.50 101.07 70.54
CA THR I 665 -122.74 102.21 70.07
C THR I 665 -121.33 101.90 69.57
N LEU I 666 -120.74 100.77 69.95
CA LEU I 666 -119.38 100.54 69.47
C LEU I 666 -119.36 100.26 67.97
N LEU I 667 -120.52 99.96 67.37
CA LEU I 667 -120.71 99.90 65.93
C LEU I 667 -119.70 99.03 65.18
N ASN I 668 -119.88 97.71 65.25
CA ASN I 668 -119.38 96.86 64.18
C ASN I 668 -120.20 97.09 62.92
N THR I 669 -121.53 96.91 63.02
CA THR I 669 -122.36 97.02 61.82
C THR I 669 -122.28 98.46 61.33
N VAL I 670 -121.76 98.64 60.12
CA VAL I 670 -121.58 99.95 59.52
C VAL I 670 -122.04 99.90 58.06
N ASP I 671 -122.58 101.01 57.58
CA ASP I 671 -123.21 101.10 56.27
C ASP I 671 -122.59 102.30 55.59
N VAL I 672 -121.70 102.04 54.63
CA VAL I 672 -120.95 103.06 53.90
C VAL I 672 -121.48 103.13 52.48
N GLU I 673 -121.83 104.34 52.04
CA GLU I 673 -122.38 104.58 50.71
C GLU I 673 -121.47 105.60 50.04
N LEU I 674 -120.74 105.16 49.01
CA LEU I 674 -119.62 105.93 48.46
C LEU I 674 -119.75 105.92 46.93
N ILE I 675 -120.16 107.06 46.39
CA ILE I 675 -120.53 107.16 44.97
C ILE I 675 -119.36 107.64 44.11
N TYR I 676 -118.85 106.73 43.28
CA TYR I 676 -117.80 107.00 42.31
C TYR I 676 -118.39 106.91 40.92
N GLU I 677 -118.26 107.99 40.14
CA GLU I 677 -118.74 108.02 38.76
C GLU I 677 -120.26 107.85 38.69
N GLY I 678 -120.98 108.18 39.76
CA GLY I 678 -122.42 108.03 39.76
C GLY I 678 -122.84 106.62 40.14
N VAL I 679 -122.10 105.61 39.72
CA VAL I 679 -122.38 104.24 40.10
C VAL I 679 -121.88 104.06 41.53
N LYS I 680 -122.78 103.69 42.43
CA LYS I 680 -122.46 103.70 43.84
C LYS I 680 -121.60 102.50 44.18
N TYR I 681 -120.75 102.68 45.17
CA TYR I 681 -120.03 101.57 45.77
C TYR I 681 -120.94 101.18 46.94
N VAL I 682 -121.42 99.94 46.92
CA VAL I 682 -122.30 99.44 47.98
C VAL I 682 -121.43 98.66 48.95
N LEU I 683 -121.46 99.09 50.21
CA LEU I 683 -120.60 98.51 51.22
C LEU I 683 -121.29 98.40 52.57
N LYS I 684 -120.77 97.47 53.33
CA LYS I 684 -120.91 97.37 54.77
C LYS I 684 -119.51 97.07 55.22
N VAL I 685 -119.19 97.43 56.45
CA VAL I 685 -117.92 97.04 57.02
C VAL I 685 -118.26 96.58 58.41
N THR I 686 -117.98 95.33 58.70
CA THR I 686 -118.21 94.78 60.01
C THR I 686 -116.87 94.34 60.57
N ARG I 687 -116.54 94.89 61.72
CA ARG I 687 -115.37 94.50 62.47
C ARG I 687 -115.64 93.10 62.97
N GLN I 688 -114.77 92.14 62.64
CA GLN I 688 -115.12 90.74 62.83
C GLN I 688 -114.29 90.10 63.93
N SER I 689 -113.13 90.67 64.26
CA SER I 689 -112.15 90.15 65.21
C SER I 689 -111.11 91.25 65.36
N PRO I 690 -110.51 91.46 66.54
CA PRO I 690 -109.50 92.54 66.68
C PRO I 690 -108.44 92.60 65.60
N ASN I 691 -108.03 91.45 65.05
CA ASN I 691 -107.09 91.43 63.94
C ASN I 691 -107.77 91.35 62.58
N SER I 692 -108.88 90.63 62.49
CA SER I 692 -109.50 90.27 61.22
C SER I 692 -110.74 91.12 60.94
N TYR I 693 -110.85 91.58 59.70
CA TYR I 693 -111.94 92.46 59.27
C TYR I 693 -112.62 91.81 58.08
N VAL I 694 -113.96 91.85 58.05
CA VAL I 694 -114.74 91.30 56.94
C VAL I 694 -115.60 92.41 56.33
N VAL I 695 -115.39 92.66 55.04
CA VAL I 695 -116.19 93.60 54.25
C VAL I 695 -117.27 92.79 53.57
N ILE I 696 -118.53 93.19 53.75
CA ILE I 696 -119.67 92.44 53.24
C ILE I 696 -120.52 93.33 52.36
N MET I 697 -120.46 93.08 51.05
CA MET I 697 -121.16 93.84 50.02
C MET I 697 -122.32 92.96 49.57
N ASN I 698 -123.54 93.34 49.97
CA ASN I 698 -124.81 92.86 49.42
C ASN I 698 -124.87 91.33 49.32
N GLY I 699 -124.24 90.65 50.28
CA GLY I 699 -124.18 89.20 50.31
C GLY I 699 -122.88 88.61 49.78
N SER I 700 -121.75 89.12 50.23
CA SER I 700 -120.45 88.53 49.94
C SER I 700 -119.56 88.66 51.16
N CYS I 701 -118.44 87.93 51.14
CA CYS I 701 -117.53 87.88 52.28
C CYS I 701 -116.09 87.95 51.81
N VAL I 702 -115.39 89.04 52.13
CA VAL I 702 -113.96 89.12 51.94
C VAL I 702 -113.36 89.44 53.31
N GLU I 703 -112.41 88.63 53.73
CA GLU I 703 -111.84 88.66 55.06
C GLU I 703 -110.40 89.14 54.96
N VAL I 704 -110.08 90.22 55.69
CA VAL I 704 -108.75 90.78 55.70
C VAL I 704 -108.33 90.86 57.16
N ASP I 705 -107.04 91.07 57.36
CA ASP I 705 -106.51 91.32 58.68
C ASP I 705 -105.46 92.41 58.56
N VAL I 706 -105.22 93.12 59.66
CA VAL I 706 -104.42 94.32 59.65
C VAL I 706 -103.41 94.20 60.78
N HIS I 707 -102.62 95.25 60.99
CA HIS I 707 -101.89 95.41 62.24
C HIS I 707 -101.85 96.88 62.65
N LEU I 714 -99.45 100.57 60.80
CA LEU I 714 -100.53 99.82 60.20
C LEU I 714 -100.01 98.95 59.05
N LEU I 715 -100.11 97.63 59.19
CA LEU I 715 -99.90 96.70 58.09
C LEU I 715 -101.23 96.07 57.75
N LEU I 716 -101.55 96.00 56.46
CA LEU I 716 -102.69 95.27 55.95
C LEU I 716 -102.22 94.21 54.98
N SER I 717 -102.83 93.03 55.07
CA SER I 717 -102.50 91.90 54.21
C SER I 717 -103.79 91.71 53.43
N TYR I 718 -103.72 91.63 52.11
CA TYR I 718 -104.93 91.50 51.31
C TYR I 718 -104.63 90.45 50.24
N ASP I 719 -105.47 90.38 49.20
CA ASP I 719 -105.13 89.62 47.99
C ASP I 719 -103.75 89.95 47.43
N GLY I 720 -103.53 91.21 47.06
CA GLY I 720 -102.40 91.48 46.19
C GLY I 720 -101.04 91.31 46.83
N SER I 721 -100.75 92.20 47.78
CA SER I 721 -99.40 92.46 48.32
C SER I 721 -99.61 93.17 49.65
N SER I 722 -98.56 93.82 50.16
CA SER I 722 -98.62 94.49 51.45
C SER I 722 -98.69 95.98 51.15
N TYR I 723 -99.63 96.68 51.80
CA TYR I 723 -99.97 98.07 51.49
C TYR I 723 -100.07 98.89 52.76
N THR I 724 -100.03 100.21 52.58
CA THR I 724 -100.14 101.14 53.70
C THR I 724 -101.22 102.14 53.35
N THR I 725 -102.19 102.30 54.25
CA THR I 725 -103.30 103.21 54.02
C THR I 725 -103.47 104.11 55.23
N TYR I 726 -103.81 105.37 54.96
CA TYR I 726 -104.10 106.38 55.97
C TYR I 726 -105.38 107.09 55.57
N MET I 727 -106.13 107.55 56.56
CA MET I 727 -107.46 108.10 56.36
C MET I 727 -107.45 109.50 56.96
N LYS I 728 -107.68 110.49 56.11
CA LYS I 728 -107.81 111.87 56.49
C LYS I 728 -109.25 112.30 56.27
N GLU I 729 -109.87 112.86 57.31
CA GLU I 729 -111.24 113.35 57.26
C GLU I 729 -111.26 114.87 57.24
N GLU I 730 -112.20 115.42 56.46
CA GLU I 730 -112.48 116.83 56.44
C GLU I 730 -113.94 117.04 56.76
N VAL I 731 -114.28 118.25 57.18
CA VAL I 731 -115.64 118.76 57.23
C VAL I 731 -116.51 118.27 56.06
N ASP I 732 -116.04 118.46 54.81
CA ASP I 732 -116.82 118.19 53.61
C ASP I 732 -116.05 117.45 52.51
N ARG I 733 -114.93 116.79 52.81
CA ARG I 733 -114.15 116.10 51.80
C ARG I 733 -113.78 114.71 52.33
N TYR I 734 -113.47 113.80 51.40
CA TYR I 734 -113.14 112.40 51.71
C TYR I 734 -111.80 112.12 51.09
N ARG I 735 -110.77 111.96 51.92
CA ARG I 735 -109.38 112.17 51.49
C ARG I 735 -108.59 110.89 51.71
N ILE I 736 -108.36 110.13 50.63
CA ILE I 736 -107.91 108.75 50.73
C ILE I 736 -106.49 108.63 50.18
N THR I 737 -105.62 107.97 50.95
CA THR I 737 -104.26 107.64 50.55
C THR I 737 -104.08 106.13 50.67
N ILE I 738 -103.79 105.45 49.56
CA ILE I 738 -103.67 104.00 49.57
C ILE I 738 -102.24 103.70 49.16
N GLY I 739 -101.32 103.90 50.08
CA GLY I 739 -99.90 103.75 49.76
C GLY I 739 -99.38 105.06 49.22
N ASN I 740 -98.87 105.01 47.98
CA ASN I 740 -98.34 106.16 47.28
C ASN I 740 -99.42 106.76 46.37
N LYS I 741 -100.65 106.25 46.48
CA LYS I 741 -101.75 106.54 45.58
C LYS I 741 -102.79 107.39 46.29
N THR I 742 -103.34 108.37 45.57
CA THR I 742 -104.47 109.16 46.05
C THR I 742 -105.66 108.99 45.12
N CYS I 743 -106.85 108.95 45.72
CA CYS I 743 -108.12 109.01 45.01
C CYS I 743 -109.11 109.77 45.88
N VAL I 744 -110.00 110.53 45.25
CA VAL I 744 -110.87 111.46 45.95
C VAL I 744 -112.30 111.14 45.56
N PHE I 745 -113.16 111.11 46.58
CA PHE I 745 -114.55 110.71 46.48
C PHE I 745 -115.46 111.73 47.17
N GLU I 746 -116.70 111.77 46.69
CA GLU I 746 -117.69 112.69 47.21
C GLU I 746 -118.41 111.99 48.36
N LYS I 747 -118.77 112.78 49.35
CA LYS I 747 -119.65 112.36 50.45
C LYS I 747 -121.00 113.03 50.27
N GLU I 748 -122.04 112.21 50.24
CA GLU I 748 -123.40 112.63 49.95
C GLU I 748 -124.44 111.83 50.71
N SER I 752 -126.39 112.98 44.85
CA SER I 752 -127.70 112.98 44.20
C SER I 752 -128.83 112.86 45.24
N VAL I 753 -128.54 112.21 46.37
CA VAL I 753 -129.50 112.09 47.48
C VAL I 753 -129.09 113.06 48.58
N MET I 754 -130.07 113.73 49.15
CA MET I 754 -129.88 114.67 50.25
C MET I 754 -130.23 114.02 51.58
N ARG I 755 -129.20 113.74 52.39
CA ARG I 755 -129.41 113.04 53.65
C ARG I 755 -129.30 114.09 54.73
N SER I 756 -130.36 114.24 55.52
CA SER I 756 -130.24 115.09 56.69
C SER I 756 -129.22 114.48 57.65
N PRO I 757 -128.45 115.30 58.38
CA PRO I 757 -127.44 114.75 59.30
C PRO I 757 -127.86 114.80 60.76
N SER I 758 -129.12 115.08 61.05
CA SER I 758 -129.60 115.29 62.40
C SER I 758 -131.08 114.95 62.44
N ALA I 759 -131.56 114.67 63.65
CA ALA I 759 -132.93 114.26 63.89
C ALA I 759 -133.81 115.48 64.16
N GLY I 760 -135.05 115.24 64.58
CA GLY I 760 -135.99 116.28 64.92
C GLY I 760 -137.06 116.53 63.87
N LYS I 761 -137.84 117.57 64.15
CA LYS I 761 -138.94 118.02 63.30
C LYS I 761 -138.43 118.67 62.02
N LEU I 762 -139.27 118.62 60.99
CA LEU I 762 -139.08 119.36 59.75
C LEU I 762 -139.92 120.62 59.96
N ILE I 763 -139.22 121.74 60.23
CA ILE I 763 -139.90 123.03 60.41
C ILE I 763 -140.53 123.49 59.10
N GLN I 764 -139.72 123.72 58.07
CA GLN I 764 -140.20 124.35 56.85
C GLN I 764 -139.24 124.04 55.71
N TYR I 765 -139.66 124.42 54.50
CA TYR I 765 -138.89 124.21 53.28
C TYR I 765 -138.67 125.57 52.65
N ILE I 766 -137.39 125.95 52.45
CA ILE I 766 -137.04 127.29 52.00
C ILE I 766 -137.00 127.41 50.48
N VAL I 767 -137.34 126.35 49.76
CA VAL I 767 -137.34 126.34 48.30
C VAL I 767 -138.81 126.15 47.91
N GLU I 768 -139.10 125.77 46.67
CA GLU I 768 -140.41 125.28 46.27
C GLU I 768 -140.23 124.03 45.42
N ASP I 769 -141.35 123.36 45.15
CA ASP I 769 -141.34 122.20 44.29
C ASP I 769 -140.78 122.54 42.91
N GLY I 770 -140.11 121.55 42.32
CA GLY I 770 -139.49 121.67 41.01
C GLY I 770 -138.49 122.81 40.87
N GLY I 771 -137.67 123.05 41.90
CA GLY I 771 -136.75 124.17 41.87
C GLY I 771 -135.28 123.77 41.89
N HIS I 772 -134.53 124.28 40.91
CA HIS I 772 -133.08 124.13 40.90
C HIS I 772 -132.45 124.86 42.08
N VAL I 773 -131.40 124.26 42.66
CA VAL I 773 -130.70 124.82 43.81
C VAL I 773 -129.20 124.77 43.54
N PHE I 774 -128.44 125.33 44.47
CA PHE I 774 -126.98 125.45 44.37
C PHE I 774 -126.31 124.68 45.50
N ALA I 775 -124.99 124.57 45.39
CA ALA I 775 -124.16 124.28 46.55
C ALA I 775 -124.30 125.38 47.59
N GLY I 776 -124.31 124.97 48.85
CA GLY I 776 -124.28 125.87 49.98
C GLY I 776 -125.56 126.63 50.20
N GLN I 777 -126.62 126.29 49.48
CA GLN I 777 -127.90 126.98 49.54
C GLN I 777 -128.79 126.23 50.54
N CYS I 778 -129.37 126.95 51.48
CA CYS I 778 -130.32 126.33 52.40
C CYS I 778 -131.45 125.71 51.59
N TYR I 779 -131.84 124.50 51.99
CA TYR I 779 -132.95 123.77 51.37
C TYR I 779 -133.97 123.27 52.36
N ALA I 780 -133.63 123.09 53.62
CA ALA I 780 -134.62 122.76 54.63
C ALA I 780 -134.22 123.43 55.94
N GLU I 781 -135.09 123.32 56.93
CA GLU I 781 -134.78 123.80 58.27
C GLU I 781 -135.48 122.85 59.24
N ILE I 782 -134.77 122.40 60.28
CA ILE I 782 -135.28 121.37 61.18
C ILE I 782 -135.14 121.89 62.62
N GLU I 783 -135.80 121.19 63.54
CA GLU I 783 -135.82 121.57 64.96
C GLU I 783 -135.09 120.56 65.84
N VAL I 784 -133.99 121.01 66.45
CA VAL I 784 -133.19 120.21 67.36
C VAL I 784 -132.99 121.07 68.60
N MET I 785 -133.27 120.51 69.77
CA MET I 785 -133.10 121.20 71.05
C MET I 785 -134.00 122.43 71.20
N LYS I 786 -135.11 122.49 70.43
CA LYS I 786 -136.03 123.65 70.42
C LYS I 786 -135.50 124.82 69.58
N MET I 787 -134.63 124.55 68.60
CA MET I 787 -133.91 125.59 67.89
C MET I 787 -133.76 125.21 66.42
N VAL I 788 -133.50 126.25 65.61
CA VAL I 788 -133.37 126.13 64.15
C VAL I 788 -132.04 125.49 63.76
N MET I 789 -131.98 125.01 62.52
CA MET I 789 -130.76 124.40 61.99
C MET I 789 -130.71 124.66 60.48
N THR I 790 -129.67 125.37 60.04
CA THR I 790 -129.29 125.49 58.64
C THR I 790 -128.99 124.12 58.05
N LEU I 791 -129.92 123.57 57.28
CA LEU I 791 -129.65 122.37 56.52
C LEU I 791 -128.94 122.86 55.25
N THR I 792 -127.61 123.05 55.34
CA THR I 792 -126.82 123.36 54.16
C THR I 792 -126.89 122.28 53.07
N ALA I 793 -127.24 122.71 51.85
CA ALA I 793 -127.19 121.83 50.69
C ALA I 793 -125.76 121.68 50.19
N VAL I 794 -125.49 120.55 49.55
CA VAL I 794 -124.15 120.18 49.11
C VAL I 794 -124.05 119.99 47.60
N GLU I 795 -125.18 119.87 46.89
CA GLU I 795 -125.17 119.66 45.45
C GLU I 795 -126.34 120.38 44.78
N SER I 796 -126.10 120.86 43.57
CA SER I 796 -127.05 121.66 42.82
C SER I 796 -127.98 120.76 42.03
N GLY I 797 -129.27 121.10 42.01
CA GLY I 797 -130.21 120.39 41.16
C GLY I 797 -131.67 120.61 41.48
N CYS I 798 -132.53 120.30 40.50
CA CYS I 798 -133.97 120.45 40.68
C CYS I 798 -134.47 119.47 41.71
N ILE I 799 -134.81 119.96 42.90
CA ILE I 799 -135.26 119.09 43.97
C ILE I 799 -136.64 118.53 43.64
N HIS I 800 -136.80 117.22 43.82
CA HIS I 800 -138.09 116.55 43.68
C HIS I 800 -138.61 116.30 45.10
N TYR I 801 -139.52 117.17 45.54
CA TYR I 801 -139.99 117.15 46.92
C TYR I 801 -140.80 115.87 47.20
N VAL I 802 -140.41 115.16 48.25
CA VAL I 802 -141.10 113.96 48.70
C VAL I 802 -141.52 114.05 50.15
N LYS I 803 -140.64 114.57 51.01
CA LYS I 803 -140.85 114.57 52.47
C LYS I 803 -141.87 115.65 52.83
N ARG I 804 -143.15 115.28 52.72
CA ARG I 804 -144.29 116.16 53.01
C ARG I 804 -144.19 116.78 54.40
N PRO I 805 -144.86 117.91 54.66
CA PRO I 805 -144.64 118.61 55.92
C PRO I 805 -145.30 117.93 57.10
N GLY I 806 -144.82 118.29 58.29
CA GLY I 806 -145.39 117.80 59.53
C GLY I 806 -144.89 116.43 59.94
N ALA I 807 -143.59 116.30 60.17
CA ALA I 807 -143.01 115.00 60.53
C ALA I 807 -141.65 115.21 61.18
N ALA I 808 -141.16 114.15 61.81
CA ALA I 808 -139.85 114.15 62.46
C ALA I 808 -138.79 113.59 61.53
N LEU I 809 -137.55 113.50 62.03
CA LEU I 809 -136.41 113.08 61.23
C LEU I 809 -135.43 112.33 62.12
N ASP I 810 -134.46 111.69 61.47
CA ASP I 810 -133.36 110.99 62.13
C ASP I 810 -132.09 111.18 61.31
N PRO I 811 -130.91 110.85 61.84
CA PRO I 811 -129.69 110.97 61.03
C PRO I 811 -129.68 109.96 59.89
N GLY I 812 -129.03 110.36 58.80
CA GLY I 812 -128.93 109.49 57.64
C GLY I 812 -130.24 109.18 56.96
N CYS I 813 -131.29 109.95 57.23
CA CYS I 813 -132.57 109.77 56.56
C CYS I 813 -132.51 110.45 55.20
N VAL I 814 -133.65 110.66 54.56
CA VAL I 814 -133.74 111.31 53.26
C VAL I 814 -134.85 112.35 53.31
N LEU I 815 -134.62 113.47 52.61
CA LEU I 815 -135.56 114.58 52.56
C LEU I 815 -136.15 114.80 51.17
N ALA I 816 -135.31 114.89 50.14
CA ALA I 816 -135.82 115.09 48.78
C ALA I 816 -134.71 114.80 47.79
N LYS I 817 -135.06 114.10 46.71
CA LYS I 817 -134.12 113.82 45.63
C LYS I 817 -133.79 115.09 44.86
N MET I 818 -132.87 114.96 43.91
CA MET I 818 -132.72 115.94 42.85
C MET I 818 -132.07 115.23 41.65
N GLN I 819 -132.09 115.91 40.52
CA GLN I 819 -131.46 115.43 39.29
C GLN I 819 -130.26 116.33 39.03
N LEU I 820 -129.07 115.83 39.38
CA LEU I 820 -127.85 116.62 39.28
C LEU I 820 -127.51 116.88 37.81
N ASP I 821 -126.93 118.06 37.56
CA ASP I 821 -126.51 118.43 36.21
C ASP I 821 -125.23 117.70 35.84
N HIS I 832 -122.46 98.81 40.25
CA HIS I 832 -122.97 99.10 41.59
C HIS I 832 -122.49 98.07 42.60
N THR I 833 -122.40 96.82 42.18
CA THR I 833 -122.20 95.68 43.07
C THR I 833 -120.81 95.09 42.88
N GLY I 834 -120.36 94.40 43.93
CA GLY I 834 -119.17 93.58 43.83
C GLY I 834 -119.15 92.51 44.90
N SER I 835 -119.01 91.25 44.46
CA SER I 835 -118.81 90.12 45.37
C SER I 835 -117.33 89.75 45.30
N LEU I 836 -116.65 89.78 46.44
CA LEU I 836 -115.20 89.67 46.51
C LEU I 836 -114.78 88.35 47.14
N PRO I 837 -114.77 87.25 46.41
CA PRO I 837 -114.13 86.04 46.93
C PRO I 837 -112.62 86.19 46.87
N ARG I 838 -111.99 86.47 48.01
CA ARG I 838 -110.60 86.90 48.04
C ARG I 838 -109.94 86.45 49.33
N ILE I 839 -108.65 86.13 49.24
CA ILE I 839 -107.86 85.78 50.42
C ILE I 839 -107.43 87.04 51.14
N LYS I 848 -96.64 71.26 60.89
CA LYS I 848 -97.32 72.41 60.33
C LYS I 848 -98.75 72.49 60.90
N LEU I 849 -99.35 71.32 61.17
CA LEU I 849 -100.71 71.28 61.69
C LEU I 849 -100.74 71.86 63.10
N HIS I 850 -99.63 71.75 63.83
CA HIS I 850 -99.48 72.37 65.13
C HIS I 850 -99.84 73.85 65.10
N ARG I 851 -99.29 74.62 64.18
CA ARG I 851 -99.73 76.00 64.11
C ARG I 851 -101.15 76.11 63.56
N VAL I 852 -101.52 75.28 62.58
CA VAL I 852 -102.92 75.24 62.14
C VAL I 852 -103.85 75.03 63.34
N PHE I 853 -103.56 74.00 64.16
CA PHE I 853 -104.25 73.82 65.43
C PHE I 853 -104.29 75.05 66.33
N HIS I 854 -103.14 75.44 66.88
CA HIS I 854 -103.06 76.57 67.81
C HIS I 854 -103.70 77.84 67.26
N TYR I 855 -103.36 78.18 66.00
CA TYR I 855 -103.89 79.38 65.34
C TYR I 855 -105.42 79.39 65.33
N VAL I 856 -106.02 78.32 64.81
CA VAL I 856 -107.49 78.18 64.69
C VAL I 856 -108.17 78.36 66.04
N LEU I 857 -107.48 78.05 67.14
CA LEU I 857 -108.10 78.12 68.46
C LEU I 857 -108.28 79.58 68.86
N ASP I 858 -107.28 80.41 68.60
CA ASP I 858 -107.34 81.80 69.00
C ASP I 858 -108.46 82.55 68.28
N ASN I 859 -108.63 82.30 66.99
CA ASN I 859 -109.75 82.88 66.23
C ASN I 859 -111.10 82.59 66.88
N LEU I 860 -111.27 81.35 67.35
CA LEU I 860 -112.54 80.91 67.90
C LEU I 860 -112.86 81.55 69.25
N VAL I 861 -111.87 81.61 70.14
CA VAL I 861 -112.08 82.30 71.42
C VAL I 861 -112.34 83.79 71.28
N ASN I 862 -111.81 84.48 70.26
CA ASN I 862 -112.23 85.87 70.04
C ASN I 862 -113.65 85.96 69.48
N VAL I 863 -114.02 85.03 68.60
CA VAL I 863 -115.39 84.94 68.12
C VAL I 863 -116.32 84.75 69.31
N MET I 864 -115.92 83.86 70.22
CA MET I 864 -116.75 83.24 71.23
C MET I 864 -116.53 83.90 72.58
N ASN I 865 -115.65 84.92 72.63
CA ASN I 865 -115.63 85.87 73.73
C ASN I 865 -116.83 86.81 73.64
N GLY I 866 -117.50 86.89 72.49
CA GLY I 866 -118.64 87.78 72.32
C GLY I 866 -118.35 88.94 71.41
N TYR I 867 -117.66 88.71 70.29
CA TYR I 867 -117.33 89.83 69.42
C TYR I 867 -118.53 90.51 68.76
N CYS I 868 -119.36 89.77 68.03
CA CYS I 868 -120.65 90.12 67.40
C CYS I 868 -120.71 89.25 66.16
N LEU I 869 -121.91 88.83 65.73
CA LEU I 869 -121.97 87.99 64.53
C LEU I 869 -122.44 88.90 63.41
N PRO I 870 -121.73 88.97 62.27
CA PRO I 870 -122.18 89.90 61.22
C PRO I 870 -123.45 89.51 60.51
N ASP I 871 -123.59 88.24 60.13
CA ASP I 871 -124.72 87.85 59.29
C ASP I 871 -125.24 86.45 59.60
N PRO I 872 -126.28 86.00 58.87
CA PRO I 872 -126.78 84.64 59.07
C PRO I 872 -125.70 83.64 58.71
N PHE I 873 -124.94 83.94 57.64
CA PHE I 873 -123.84 83.16 57.07
C PHE I 873 -122.94 82.51 58.12
N PHE I 874 -122.89 83.09 59.32
CA PHE I 874 -122.14 82.53 60.43
C PHE I 874 -122.50 81.07 60.67
N SER I 875 -123.81 80.77 60.72
CA SER I 875 -124.34 79.46 61.12
C SER I 875 -123.82 78.33 60.22
N SER I 876 -123.20 78.68 59.09
CA SER I 876 -122.50 77.75 58.21
C SER I 876 -121.09 77.55 58.77
N LYS I 877 -120.45 78.67 59.13
CA LYS I 877 -119.03 78.74 59.44
C LYS I 877 -118.64 77.88 60.63
N VAL I 878 -119.44 77.90 61.71
CA VAL I 878 -119.07 77.15 62.92
C VAL I 878 -119.04 75.65 62.73
N LYS I 879 -119.82 75.09 61.81
CA LYS I 879 -119.84 73.63 61.71
C LYS I 879 -118.50 73.15 61.16
N ASP I 880 -118.02 73.80 60.09
CA ASP I 880 -116.70 73.52 59.53
C ASP I 880 -115.59 73.73 60.58
N TRP I 881 -115.62 74.87 61.27
CA TRP I 881 -114.61 75.22 62.27
C TRP I 881 -114.36 74.12 63.29
N VAL I 882 -115.41 73.44 63.70
CA VAL I 882 -115.42 72.76 64.99
C VAL I 882 -115.21 71.26 64.82
N GLU I 883 -115.75 70.71 63.74
CA GLU I 883 -115.32 69.39 63.30
C GLU I 883 -113.87 69.41 62.82
N ARG I 884 -113.44 70.42 62.06
CA ARG I 884 -112.04 70.43 61.65
C ARG I 884 -111.09 70.39 62.84
N LEU I 885 -111.38 71.18 63.86
CA LEU I 885 -110.57 71.15 65.06
C LEU I 885 -110.69 69.80 65.77
N MET I 886 -111.92 69.56 66.26
CA MET I 886 -112.22 68.41 67.10
C MET I 886 -111.74 67.10 66.49
N LYS I 887 -112.04 66.89 65.20
CA LYS I 887 -111.63 65.65 64.54
C LYS I 887 -110.10 65.57 64.41
N THR I 888 -109.45 66.67 64.01
CA THR I 888 -107.99 66.73 63.91
C THR I 888 -107.27 66.74 65.25
N LEU I 889 -107.99 66.84 66.37
CA LEU I 889 -107.36 66.81 67.69
C LEU I 889 -107.36 65.40 68.24
N ARG I 890 -108.24 64.54 67.73
CA ARG I 890 -108.27 63.14 68.09
C ARG I 890 -107.09 62.50 67.36
N ASP I 891 -106.86 62.97 66.13
CA ASP I 891 -105.86 62.59 65.16
C ASP I 891 -104.54 62.57 65.92
N PRO I 892 -103.93 61.40 66.17
CA PRO I 892 -102.71 61.36 66.99
C PRO I 892 -101.45 61.88 66.31
N SER I 893 -101.56 62.61 65.21
CA SER I 893 -100.41 63.36 64.71
C SER I 893 -100.29 64.72 65.39
N LEU I 894 -101.21 65.02 66.35
CA LEU I 894 -101.12 66.28 67.08
C LEU I 894 -99.88 66.31 67.98
N PRO I 895 -99.70 65.37 68.93
CA PRO I 895 -98.55 65.48 69.86
C PRO I 895 -97.19 65.60 69.21
N LEU I 896 -96.95 64.86 68.11
CA LEU I 896 -95.70 64.98 67.37
C LEU I 896 -95.41 66.40 66.90
N LEU I 897 -96.39 67.07 66.33
CA LEU I 897 -96.10 68.40 65.80
C LEU I 897 -95.91 69.39 66.95
N GLU I 898 -96.56 69.14 68.09
CA GLU I 898 -96.33 69.96 69.28
C GLU I 898 -95.04 69.63 70.04
N LEU I 899 -94.66 68.35 70.13
CA LEU I 899 -93.34 67.99 70.65
C LEU I 899 -92.17 68.18 69.71
N GLN I 900 -92.35 68.23 68.40
CA GLN I 900 -91.26 68.69 67.56
C GLN I 900 -90.94 70.13 67.90
N ASP I 901 -91.96 70.97 67.96
CA ASP I 901 -91.75 72.38 67.66
C ASP I 901 -91.18 73.07 68.89
N ILE I 902 -91.67 72.72 70.08
CA ILE I 902 -91.03 73.19 71.30
C ILE I 902 -89.62 72.63 71.41
N MET I 903 -89.46 71.31 71.20
CA MET I 903 -88.16 70.67 71.35
C MET I 903 -87.17 70.99 70.23
N THR I 904 -87.57 71.70 69.18
CA THR I 904 -86.63 72.11 68.14
C THR I 904 -86.01 73.45 68.50
N SER I 905 -86.80 74.31 69.12
CA SER I 905 -86.39 75.65 69.48
C SER I 905 -85.70 75.69 70.85
N VAL I 906 -85.67 74.58 71.59
CA VAL I 906 -84.88 74.44 72.81
C VAL I 906 -84.00 73.21 72.65
N SER I 907 -83.35 73.11 71.50
CA SER I 907 -82.43 72.00 71.28
C SER I 907 -81.16 72.15 72.10
N GLY I 908 -80.66 73.37 72.27
CA GLY I 908 -79.54 73.61 73.18
C GLY I 908 -79.91 73.74 74.65
N ARG I 909 -78.90 74.15 75.42
CA ARG I 909 -78.98 74.38 76.87
C ARG I 909 -79.40 73.12 77.63
N ILE I 910 -79.22 71.96 77.01
CA ILE I 910 -80.03 70.77 77.28
C ILE I 910 -79.11 69.79 78.03
N PRO I 911 -79.56 69.12 79.09
CA PRO I 911 -78.80 67.95 79.61
C PRO I 911 -79.16 66.67 78.86
N PRO I 912 -78.20 66.10 78.11
CA PRO I 912 -78.50 64.95 77.23
C PRO I 912 -79.08 63.70 77.88
N ASN I 913 -78.88 63.46 79.18
CA ASN I 913 -79.50 62.29 79.81
C ASN I 913 -81.02 62.33 79.67
N VAL I 914 -81.62 63.47 79.98
CA VAL I 914 -83.08 63.57 79.99
C VAL I 914 -83.59 63.72 78.56
N GLU I 915 -82.80 64.40 77.73
CA GLU I 915 -83.10 64.59 76.32
C GLU I 915 -83.09 63.29 75.53
N LYS I 916 -82.08 62.45 75.70
CA LYS I 916 -82.12 61.19 74.97
C LYS I 916 -83.30 60.33 75.40
N SER I 917 -83.73 60.44 76.65
CA SER I 917 -84.93 59.73 77.07
C SER I 917 -86.20 60.29 76.41
N ILE I 918 -86.44 61.60 76.53
CA ILE I 918 -87.66 62.16 75.95
C ILE I 918 -87.64 62.07 74.42
N LYS I 919 -86.46 62.22 73.81
CA LYS I 919 -86.40 62.27 72.35
C LYS I 919 -86.51 60.87 71.77
N LYS I 920 -86.17 59.85 72.56
CA LYS I 920 -86.41 58.47 72.18
C LYS I 920 -87.90 58.24 71.94
N GLU I 921 -88.73 58.65 72.87
CA GLU I 921 -90.09 58.14 72.89
C GLU I 921 -91.00 58.91 71.96
N MET I 922 -90.63 60.15 71.59
CA MET I 922 -91.31 60.77 70.46
C MET I 922 -91.00 60.00 69.19
N ALA I 923 -89.73 59.65 69.00
CA ALA I 923 -89.32 58.83 67.87
C ALA I 923 -90.17 57.57 67.79
N GLN I 924 -90.49 56.99 68.95
CA GLN I 924 -91.38 55.85 69.04
C GLN I 924 -92.79 56.22 69.51
N TYR I 925 -93.10 57.49 69.70
CA TYR I 925 -94.43 57.96 69.38
C TYR I 925 -94.66 57.90 67.87
N ALA I 926 -93.65 58.32 67.12
CA ALA I 926 -93.67 58.32 65.66
C ALA I 926 -93.71 56.91 65.06
N SER I 927 -92.96 55.96 65.63
CA SER I 927 -92.99 54.59 65.10
C SER I 927 -94.31 53.89 65.38
N ASN I 928 -94.93 54.15 66.53
CA ASN I 928 -96.14 53.45 66.94
C ASN I 928 -97.40 54.21 66.50
N ILE I 929 -97.23 55.27 65.70
CA ILE I 929 -98.35 56.01 65.16
C ILE I 929 -99.08 55.11 64.18
N THR I 930 -100.37 55.38 63.97
CA THR I 930 -101.31 54.60 63.14
C THR I 930 -101.82 53.43 63.96
N SER I 931 -101.45 53.33 65.24
CA SER I 931 -102.17 52.43 66.13
C SER I 931 -103.47 53.08 66.56
N VAL I 932 -104.45 52.24 66.87
CA VAL I 932 -105.73 52.73 67.34
C VAL I 932 -105.61 53.31 68.75
N LEU I 933 -104.64 52.82 69.52
CA LEU I 933 -104.45 53.16 70.93
C LEU I 933 -103.12 53.80 71.32
N CYS I 934 -102.80 54.97 70.77
CA CYS I 934 -101.55 55.68 71.11
C CYS I 934 -101.89 56.98 71.83
N GLN I 935 -101.41 57.09 73.07
CA GLN I 935 -101.41 58.31 73.87
C GLN I 935 -100.01 58.66 74.34
N PHE I 936 -99.85 59.94 74.66
CA PHE I 936 -98.60 60.49 75.15
C PHE I 936 -98.13 59.77 76.42
N PRO I 937 -96.81 59.50 76.57
CA PRO I 937 -96.27 58.89 77.80
C PRO I 937 -95.81 59.98 78.76
N SER I 938 -96.79 60.81 79.14
CA SER I 938 -96.70 61.86 80.15
C SER I 938 -95.88 61.59 81.41
N GLN I 939 -96.33 60.70 82.29
CA GLN I 939 -95.59 60.48 83.53
C GLN I 939 -94.16 60.03 83.27
N GLN I 940 -93.94 59.29 82.19
CA GLN I 940 -92.61 58.78 81.89
C GLN I 940 -91.58 59.87 81.59
N ILE I 941 -91.91 60.84 80.72
CA ILE I 941 -90.91 61.87 80.42
C ILE I 941 -90.64 62.74 81.65
N ALA I 942 -91.68 63.14 82.37
CA ALA I 942 -91.50 63.98 83.54
C ALA I 942 -90.71 63.26 84.64
N ASN I 943 -91.08 62.01 84.90
CA ASN I 943 -90.44 61.22 85.96
C ASN I 943 -88.96 60.97 85.69
N ILE I 944 -88.60 60.70 84.43
CA ILE I 944 -87.20 60.43 84.09
C ILE I 944 -86.32 61.61 84.49
N LEU I 945 -86.72 62.82 84.09
CA LEU I 945 -86.01 64.02 84.53
C LEU I 945 -85.85 64.10 86.03
N ASP I 946 -86.85 63.64 86.77
CA ASP I 946 -86.89 63.70 88.21
C ASP I 946 -86.06 62.62 88.91
N SER I 947 -85.61 61.59 88.19
CA SER I 947 -84.45 60.85 88.67
C SER I 947 -83.26 61.78 88.85
N HIS I 948 -83.06 62.71 87.91
CA HIS I 948 -81.94 63.65 87.96
C HIS I 948 -82.27 64.90 88.78
N ALA I 949 -83.52 65.05 89.21
CA ALA I 949 -83.85 65.98 90.28
C ALA I 949 -83.39 65.46 91.64
N ALA I 950 -83.34 64.15 91.82
CA ALA I 950 -82.93 63.59 93.11
C ALA I 950 -81.52 64.00 93.50
N THR I 951 -80.61 64.16 92.53
CA THR I 951 -79.21 64.47 92.84
C THR I 951 -78.86 65.95 92.70
N LEU I 952 -79.42 66.66 91.72
CA LEU I 952 -79.08 68.06 91.50
C LEU I 952 -79.82 69.02 92.43
N ASN I 953 -81.06 68.70 92.83
CA ASN I 953 -82.03 69.72 93.26
C ASN I 953 -81.72 70.35 94.60
N ARG I 954 -80.72 69.88 95.32
CA ARG I 954 -80.40 70.46 96.62
C ARG I 954 -79.48 71.66 96.56
N LYS I 955 -79.29 72.25 95.38
CA LYS I 955 -78.11 73.06 95.12
C LYS I 955 -78.42 74.36 94.38
N SER I 956 -79.63 74.55 93.87
CA SER I 956 -79.97 75.77 93.13
C SER I 956 -79.10 75.92 91.89
N GLU I 957 -78.60 74.81 91.36
CA GLU I 957 -77.63 74.83 90.27
C GLU I 957 -78.30 74.68 88.91
N ARG I 958 -79.50 75.26 88.76
CA ARG I 958 -80.55 74.63 87.96
C ARG I 958 -81.26 75.62 87.06
N GLU I 959 -80.64 76.75 86.71
CA GLU I 959 -81.35 77.78 85.95
C GLU I 959 -81.19 77.60 84.45
N VAL I 960 -80.06 77.10 83.97
CA VAL I 960 -80.08 76.39 82.68
C VAL I 960 -81.08 75.26 82.75
N PHE I 961 -81.04 74.50 83.86
CA PHE I 961 -81.82 73.27 84.00
C PHE I 961 -83.29 73.63 84.13
N PHE I 962 -83.56 74.76 84.79
CA PHE I 962 -84.90 75.28 85.01
C PHE I 962 -85.67 75.42 83.70
N MET I 963 -85.08 76.05 82.70
CA MET I 963 -85.76 76.16 81.42
C MET I 963 -85.83 74.88 80.62
N ASN I 964 -85.14 73.82 81.07
CA ASN I 964 -85.31 72.51 80.47
C ASN I 964 -86.16 71.59 81.34
N THR I 965 -86.12 71.75 82.68
CA THR I 965 -86.96 70.97 83.58
C THR I 965 -88.35 71.56 83.72
N GLN I 966 -88.55 72.75 83.18
CA GLN I 966 -89.87 73.33 83.13
C GLN I 966 -90.45 73.10 81.75
N SER I 967 -89.62 73.32 80.72
CA SER I 967 -90.08 73.27 79.34
C SER I 967 -90.60 71.87 79.01
N ILE I 968 -90.01 70.85 79.64
CA ILE I 968 -90.44 69.48 79.44
C ILE I 968 -91.73 69.21 80.23
N VAL I 969 -91.84 69.76 81.45
CA VAL I 969 -93.05 69.53 82.23
C VAL I 969 -94.18 70.30 81.55
N GLN I 970 -93.85 71.35 80.76
CA GLN I 970 -94.82 72.07 79.96
C GLN I 970 -95.19 71.32 78.69
N LEU I 971 -94.29 70.49 78.15
CA LEU I 971 -94.68 69.62 77.04
C LEU I 971 -95.78 68.67 77.50
N VAL I 972 -95.57 68.03 78.64
CA VAL I 972 -96.54 67.11 79.23
C VAL I 972 -97.75 67.88 79.71
N GLN I 973 -97.57 69.14 80.12
CA GLN I 973 -98.72 69.95 80.51
C GLN I 973 -99.68 70.18 79.34
N ARG I 974 -99.24 70.04 78.09
CA ARG I 974 -100.20 70.11 76.99
C ARG I 974 -100.95 68.81 76.90
N TYR I 975 -100.39 67.73 77.49
CA TYR I 975 -100.59 66.35 77.06
C TYR I 975 -100.55 65.37 78.24
N ARG I 976 -100.45 65.85 79.49
CA ARG I 976 -100.42 64.97 80.65
C ARG I 976 -101.66 64.10 80.73
N SER I 977 -102.85 64.70 80.63
CA SER I 977 -104.05 63.87 80.62
C SER I 977 -104.39 63.46 79.21
N GLY I 978 -103.39 63.37 78.32
CA GLY I 978 -103.61 62.89 76.99
C GLY I 978 -104.21 64.02 76.20
N ILE I 979 -104.44 63.73 74.91
CA ILE I 979 -105.12 64.68 74.04
C ILE I 979 -106.52 64.96 74.59
N ARG I 980 -107.07 64.07 75.44
CA ARG I 980 -108.49 63.83 75.65
C ARG I 980 -109.04 64.62 76.84
N GLY I 981 -108.46 64.48 78.02
CA GLY I 981 -108.66 65.47 79.07
C GLY I 981 -108.43 66.92 78.64
N HIS I 982 -107.29 67.18 78.01
CA HIS I 982 -107.07 68.52 77.44
C HIS I 982 -108.05 68.94 76.35
N MET I 983 -108.28 68.13 75.31
CA MET I 983 -109.27 68.59 74.32
C MET I 983 -110.62 68.87 74.98
N LYS I 984 -110.92 68.15 76.06
CA LYS I 984 -112.02 68.47 76.95
C LYS I 984 -111.71 69.79 77.64
N ALA I 985 -110.58 69.81 78.39
CA ALA I 985 -110.26 70.88 79.32
C ALA I 985 -110.34 72.23 78.61
N VAL I 986 -109.64 72.34 77.48
CA VAL I 986 -109.54 73.63 76.80
C VAL I 986 -110.93 74.13 76.43
N VAL I 987 -111.73 73.31 75.74
CA VAL I 987 -113.07 73.76 75.39
C VAL I 987 -113.85 74.01 76.67
N MET I 988 -113.61 73.16 77.68
CA MET I 988 -114.24 73.33 78.99
C MET I 988 -113.86 74.67 79.62
N ASP I 989 -112.59 75.07 79.51
CA ASP I 989 -112.17 76.36 80.04
C ASP I 989 -112.90 77.53 79.38
N LEU I 990 -112.82 77.62 78.04
CA LEU I 990 -113.47 78.71 77.32
C LEU I 990 -114.96 78.78 77.62
N LEU I 991 -115.65 77.64 77.69
CA LEU I 991 -117.06 77.71 78.11
C LEU I 991 -117.15 78.37 79.49
N ARG I 992 -116.35 77.91 80.48
CA ARG I 992 -116.34 78.61 81.76
C ARG I 992 -115.93 80.08 81.62
N GLN I 993 -115.25 80.44 80.53
CA GLN I 993 -114.85 81.83 80.30
C GLN I 993 -116.06 82.72 79.98
N TYR I 994 -116.78 82.38 78.91
CA TYR I 994 -118.18 82.75 78.71
C TYR I 994 -119.02 82.79 79.99
N LEU I 995 -118.80 81.85 80.91
CA LEU I 995 -119.74 81.67 82.00
C LEU I 995 -119.49 82.69 83.10
N ARG I 996 -118.23 82.78 83.53
CA ARG I 996 -117.80 83.67 84.60
C ARG I 996 -118.23 85.09 84.23
N VAL I 997 -117.74 85.57 83.08
CA VAL I 997 -118.15 86.86 82.53
C VAL I 997 -119.67 87.00 82.62
N GLU I 998 -120.40 86.06 82.01
CA GLU I 998 -121.84 86.26 81.87
C GLU I 998 -122.64 85.92 83.12
N THR I 999 -122.02 85.39 84.18
CA THR I 999 -122.80 85.17 85.40
C THR I 999 -122.78 86.46 86.21
N GLN I 1000 -121.63 87.12 86.29
CA GLN I 1000 -121.56 88.45 86.89
C GLN I 1000 -122.36 89.44 86.04
N PHE I 1001 -122.37 89.23 84.72
CA PHE I 1001 -123.09 90.14 83.82
C PHE I 1001 -124.56 90.22 84.14
N GLN I 1002 -125.20 89.08 84.37
CA GLN I 1002 -126.62 89.06 84.68
C GLN I 1002 -126.79 88.35 86.00
N ASN I 1003 -127.18 89.12 87.01
CA ASN I 1003 -127.48 88.67 88.36
C ASN I 1003 -128.38 89.78 88.89
N GLY I 1004 -129.64 89.79 88.45
CA GLY I 1004 -130.60 90.82 88.79
C GLY I 1004 -130.94 91.53 87.50
N HIS I 1005 -130.38 92.72 87.24
CA HIS I 1005 -130.64 93.38 85.97
C HIS I 1005 -129.40 94.16 85.52
N TYR I 1006 -129.28 94.33 84.20
CA TYR I 1006 -128.11 94.89 83.53
C TYR I 1006 -127.53 96.16 84.17
N ASP I 1007 -128.39 97.15 84.44
CA ASP I 1007 -127.91 98.43 84.94
C ASP I 1007 -127.24 98.37 86.31
N LYS I 1008 -127.94 97.90 87.34
CA LYS I 1008 -127.33 97.89 88.67
C LYS I 1008 -126.06 97.03 88.67
N CYS I 1009 -126.11 95.92 87.93
CA CYS I 1009 -125.00 94.97 87.78
C CYS I 1009 -123.77 95.56 87.11
N VAL I 1010 -123.94 96.48 86.15
CA VAL I 1010 -122.76 97.05 85.46
C VAL I 1010 -121.90 97.85 86.44
N PHE I 1011 -122.49 98.41 87.48
CA PHE I 1011 -121.67 99.07 88.49
C PHE I 1011 -120.89 98.03 89.30
N ALA I 1012 -121.47 96.86 89.51
CA ALA I 1012 -120.70 95.77 90.12
C ALA I 1012 -119.59 95.33 89.17
N LEU I 1013 -119.83 95.44 87.86
CA LEU I 1013 -118.82 95.16 86.84
C LEU I 1013 -117.73 96.23 86.89
N ARG I 1014 -118.17 97.49 87.01
CA ARG I 1014 -117.30 98.67 87.11
C ARG I 1014 -116.26 98.54 88.21
N GLU I 1015 -116.62 97.92 89.32
CA GLU I 1015 -115.90 97.95 90.59
C GLU I 1015 -114.94 96.79 90.82
N GLU I 1016 -115.10 95.66 90.15
CA GLU I 1016 -114.12 94.58 90.29
C GLU I 1016 -112.72 95.00 89.79
N ASN I 1017 -112.62 95.76 88.69
CA ASN I 1017 -111.31 96.23 88.22
C ASN I 1017 -111.36 97.74 87.94
N LYS I 1018 -111.34 98.48 89.05
CA LYS I 1018 -111.38 99.93 89.07
C LYS I 1018 -110.10 100.56 88.50
N SER I 1019 -108.95 99.96 88.83
CA SER I 1019 -107.64 100.56 88.59
C SER I 1019 -107.36 100.84 87.11
N ASP I 1020 -107.67 99.89 86.22
CA ASP I 1020 -107.40 100.08 84.79
C ASP I 1020 -108.70 99.81 84.03
N MET I 1021 -108.77 100.37 82.81
CA MET I 1021 -109.97 100.23 81.99
C MET I 1021 -109.71 99.76 80.55
N ASN I 1022 -108.48 99.40 80.18
CA ASN I 1022 -108.28 98.87 78.83
C ASN I 1022 -108.92 97.48 78.70
N THR I 1023 -108.75 96.66 79.74
CA THR I 1023 -109.40 95.35 79.83
C THR I 1023 -110.92 95.48 79.82
N VAL I 1024 -111.42 96.55 80.43
CA VAL I 1024 -112.85 96.84 80.49
C VAL I 1024 -113.45 96.99 79.10
N LEU I 1025 -112.71 97.55 78.14
CA LEU I 1025 -113.35 97.79 76.84
C LEU I 1025 -113.71 96.45 76.20
N ASN I 1026 -112.82 95.47 76.28
CA ASN I 1026 -113.17 94.12 75.82
C ASN I 1026 -114.32 93.54 76.64
N TYR I 1027 -114.39 93.85 77.94
CA TYR I 1027 -115.49 93.38 78.77
C TYR I 1027 -116.82 93.90 78.25
N ILE I 1028 -116.91 95.22 78.06
CA ILE I 1028 -118.17 95.87 77.69
C ILE I 1028 -118.60 95.42 76.30
N PHE I 1029 -117.63 95.37 75.39
CA PHE I 1029 -117.77 94.84 74.03
C PHE I 1029 -118.26 93.40 73.94
N SER I 1030 -117.80 92.51 74.83
CA SER I 1030 -118.17 91.08 74.75
C SER I 1030 -119.66 90.83 74.94
N HIS I 1031 -120.23 91.27 76.05
CA HIS I 1031 -121.63 91.05 76.38
C HIS I 1031 -122.64 91.80 75.51
N ALA I 1032 -122.24 92.52 74.47
CA ALA I 1032 -123.25 93.19 73.65
C ALA I 1032 -124.16 92.24 72.89
N GLN I 1033 -123.59 91.27 72.18
CA GLN I 1033 -124.35 90.22 71.49
C GLN I 1033 -124.49 88.94 72.33
N VAL I 1034 -125.22 89.02 73.45
CA VAL I 1034 -125.44 87.81 74.23
C VAL I 1034 -126.32 86.83 73.47
N THR I 1035 -127.40 87.31 72.86
CA THR I 1035 -128.34 86.40 72.20
C THR I 1035 -127.65 85.62 71.10
N LYS I 1036 -126.71 86.27 70.41
CA LYS I 1036 -125.90 85.63 69.39
C LYS I 1036 -124.96 84.60 70.01
N LYS I 1037 -124.14 85.04 70.96
CA LYS I 1037 -123.30 84.23 71.85
C LYS I 1037 -123.97 82.95 72.37
N ASN I 1038 -125.28 83.00 72.61
CA ASN I 1038 -125.93 82.00 73.45
C ASN I 1038 -126.21 80.75 72.62
N LEU I 1039 -126.74 80.93 71.42
CA LEU I 1039 -126.89 79.83 70.46
C LEU I 1039 -125.55 79.11 70.25
N LEU I 1040 -124.49 79.90 70.01
CA LEU I 1040 -123.16 79.38 69.67
C LEU I 1040 -122.54 78.47 70.73
N VAL I 1041 -122.82 78.69 72.00
CA VAL I 1041 -122.36 77.77 73.05
C VAL I 1041 -122.92 76.36 72.84
N THR I 1042 -124.22 76.25 72.53
CA THR I 1042 -124.85 74.94 72.25
C THR I 1042 -124.07 74.11 71.23
N MET I 1043 -123.75 74.69 70.08
CA MET I 1043 -122.83 74.05 69.12
C MET I 1043 -121.63 73.34 69.73
N LEU I 1044 -120.86 74.02 70.59
CA LEU I 1044 -119.64 73.43 71.14
C LEU I 1044 -119.96 72.15 71.90
N ILE I 1045 -120.91 72.23 72.82
CA ILE I 1045 -121.37 71.08 73.61
C ILE I 1045 -122.07 70.07 72.68
N ASP I 1046 -122.72 70.56 71.63
CA ASP I 1046 -123.55 69.73 70.74
C ASP I 1046 -122.74 68.62 70.09
N GLN I 1047 -121.52 68.91 69.66
CA GLN I 1047 -120.70 67.92 68.98
C GLN I 1047 -119.93 67.02 69.95
N LEU I 1048 -119.56 67.53 71.12
CA LEU I 1048 -119.29 66.70 72.30
C LEU I 1048 -120.30 65.57 72.58
N CYS I 1049 -121.56 65.90 72.90
CA CYS I 1049 -122.59 64.86 73.05
C CYS I 1049 -122.73 63.94 71.85
N GLY I 1050 -122.44 64.41 70.65
CA GLY I 1050 -122.38 63.53 69.50
C GLY I 1050 -121.54 62.28 69.71
N ARG I 1051 -120.47 62.36 70.50
CA ARG I 1051 -119.76 61.17 71.00
C ARG I 1051 -119.43 61.27 72.48
N ASP I 1052 -120.42 61.62 73.33
CA ASP I 1052 -120.21 61.50 74.77
C ASP I 1052 -120.29 60.09 75.38
N PRO I 1053 -121.14 59.18 74.85
CA PRO I 1053 -122.03 58.50 75.83
C PRO I 1053 -121.46 57.86 77.11
N THR I 1054 -120.13 57.70 77.24
CA THR I 1054 -119.50 57.25 78.48
C THR I 1054 -118.26 58.08 78.80
N LEU I 1055 -118.38 59.42 78.84
CA LEU I 1055 -117.16 60.21 78.71
C LEU I 1055 -116.36 60.27 80.01
N THR I 1056 -116.75 61.06 81.02
CA THR I 1056 -115.80 61.39 82.08
C THR I 1056 -116.40 62.29 83.17
N ASP I 1057 -116.22 61.86 84.43
CA ASP I 1057 -116.91 62.46 85.57
C ASP I 1057 -116.48 63.91 85.81
N GLU I 1058 -115.16 64.17 85.88
CA GLU I 1058 -114.63 65.53 86.04
C GLU I 1058 -115.27 66.52 85.07
N LEU I 1059 -115.69 66.05 83.90
CA LEU I 1059 -116.32 66.93 82.92
C LEU I 1059 -117.78 67.08 83.28
N LEU I 1060 -118.49 65.95 83.41
CA LEU I 1060 -119.91 65.98 83.78
C LEU I 1060 -120.15 66.84 85.01
N ASN I 1061 -119.19 66.86 85.95
CA ASN I 1061 -119.22 67.77 87.09
C ASN I 1061 -119.22 69.25 86.67
N ILE I 1062 -118.21 69.66 85.91
CA ILE I 1062 -118.19 71.03 85.38
C ILE I 1062 -119.43 71.26 84.54
N LEU I 1063 -119.79 70.27 83.74
CA LEU I 1063 -120.99 70.34 82.91
C LEU I 1063 -122.23 70.40 83.78
N THR I 1064 -122.26 69.62 84.88
CA THR I 1064 -123.40 69.61 85.78
C THR I 1064 -123.61 70.98 86.41
N GLU I 1065 -122.54 71.75 86.53
CA GLU I 1065 -122.66 73.15 86.91
C GLU I 1065 -123.42 73.90 85.82
N LEU I 1066 -123.19 73.55 84.56
CA LEU I 1066 -123.71 74.29 83.41
C LEU I 1066 -125.22 74.17 83.31
N THR I 1067 -125.81 73.01 83.67
CA THR I 1067 -127.26 72.88 83.60
C THR I 1067 -127.94 73.86 84.55
N GLN I 1068 -127.25 74.21 85.61
CA GLN I 1068 -127.80 75.05 86.65
C GLN I 1068 -127.91 76.51 86.24
N LEU I 1069 -127.43 76.91 85.05
CA LEU I 1069 -127.35 78.34 84.76
C LEU I 1069 -128.75 78.90 84.77
N SER I 1070 -128.94 79.91 85.61
CA SER I 1070 -130.26 80.24 86.10
C SER I 1070 -130.62 81.66 85.68
N LYS I 1071 -130.53 82.02 84.40
CA LYS I 1071 -130.90 83.38 84.04
C LYS I 1071 -131.56 83.37 82.67
N THR I 1072 -132.41 84.38 82.47
CA THR I 1072 -133.34 84.40 81.34
C THR I 1072 -132.71 84.23 79.96
N THR I 1073 -131.63 84.96 79.67
CA THR I 1073 -131.00 84.81 78.36
C THR I 1073 -130.30 83.46 78.20
N ASN I 1074 -129.57 83.03 79.21
CA ASN I 1074 -128.82 81.77 79.14
C ASN I 1074 -129.64 80.65 79.79
N ALA I 1075 -130.68 80.23 79.06
CA ALA I 1075 -131.60 79.21 79.53
C ALA I 1075 -131.70 78.01 78.61
N LYS I 1076 -131.50 78.20 77.30
CA LYS I 1076 -131.37 77.04 76.40
C LYS I 1076 -130.04 76.35 76.62
N VAL I 1077 -128.97 77.15 76.78
CA VAL I 1077 -127.62 76.58 76.87
C VAL I 1077 -127.53 75.71 78.11
N ALA I 1078 -128.11 76.20 79.20
CA ALA I 1078 -128.15 75.44 80.44
C ALA I 1078 -128.91 74.15 80.23
N LEU I 1079 -130.09 74.25 79.65
CA LEU I 1079 -130.86 73.05 79.35
C LEU I 1079 -130.16 72.11 78.38
N ARG I 1080 -129.29 72.59 77.48
CA ARG I 1080 -128.61 71.61 76.61
C ARG I 1080 -127.62 70.80 77.42
N ALA I 1081 -126.99 71.43 78.43
CA ALA I 1081 -126.10 70.70 79.34
C ALA I 1081 -126.86 69.47 79.84
N ARG I 1082 -128.17 69.62 80.08
CA ARG I 1082 -128.96 68.51 80.55
C ARG I 1082 -128.97 67.47 79.45
N GLN I 1083 -129.12 67.93 78.20
CA GLN I 1083 -129.12 66.99 77.09
C GLN I 1083 -127.81 66.22 77.11
N VAL I 1084 -126.70 66.89 77.45
CA VAL I 1084 -125.43 66.19 77.65
C VAL I 1084 -125.56 65.22 78.82
N LEU I 1085 -126.15 65.67 79.94
CA LEU I 1085 -126.17 64.80 81.12
C LEU I 1085 -127.05 63.59 80.87
N ILE I 1086 -127.98 63.73 79.93
CA ILE I 1086 -128.91 62.68 79.56
C ILE I 1086 -128.34 61.86 78.42
N ALA I 1087 -127.84 62.54 77.38
CA ALA I 1087 -127.25 61.87 76.21
C ALA I 1087 -126.16 60.87 76.56
N SER I 1088 -125.59 60.93 77.77
CA SER I 1088 -124.87 59.77 78.31
C SER I 1088 -125.70 58.50 78.19
N HIS I 1089 -127.01 58.61 78.44
CA HIS I 1089 -127.98 57.54 78.21
C HIS I 1089 -128.67 57.65 76.86
N LEU I 1090 -128.79 58.86 76.30
CA LEU I 1090 -129.66 59.16 75.17
C LEU I 1090 -128.82 59.70 74.00
N PRO I 1091 -127.99 58.86 73.40
CA PRO I 1091 -127.11 59.33 72.32
C PRO I 1091 -127.88 59.85 71.11
N SER I 1092 -127.20 60.65 70.30
CA SER I 1092 -127.81 61.36 69.17
C SER I 1092 -126.88 61.36 67.97
N TYR I 1093 -126.31 60.20 67.64
CA TYR I 1093 -125.30 60.13 66.59
C TYR I 1093 -125.37 58.75 65.93
N GLU I 1094 -124.27 58.21 65.39
CA GLU I 1094 -124.28 56.95 64.67
C GLU I 1094 -124.28 55.73 65.59
N LEU I 1095 -123.96 55.91 66.87
CA LEU I 1095 -123.95 54.77 67.78
C LEU I 1095 -125.39 54.39 68.12
N ARG I 1096 -126.26 55.37 68.31
CA ARG I 1096 -127.65 55.04 68.57
C ARG I 1096 -128.41 54.81 67.28
N HIS I 1097 -127.88 55.33 66.17
CA HIS I 1097 -128.32 54.87 64.87
C HIS I 1097 -128.01 53.38 64.74
N ASN I 1098 -126.86 52.97 65.28
CA ASN I 1098 -126.53 51.56 65.40
C ASN I 1098 -127.43 50.86 66.42
N GLN I 1099 -127.81 51.56 67.50
CA GLN I 1099 -128.64 50.92 68.52
C GLN I 1099 -130.03 50.64 67.97
N VAL I 1100 -130.58 51.56 67.19
CA VAL I 1100 -131.90 51.29 66.63
C VAL I 1100 -131.74 50.23 65.55
N GLU I 1101 -130.69 50.36 64.74
CA GLU I 1101 -130.26 49.28 63.87
C GLU I 1101 -130.20 47.96 64.64
N SER I 1102 -129.54 47.96 65.80
CA SER I 1102 -129.42 46.73 66.59
C SER I 1102 -130.78 46.17 66.97
N ILE I 1103 -131.55 46.92 67.75
CA ILE I 1103 -132.88 46.48 68.19
C ILE I 1103 -133.72 46.02 66.99
N PHE I 1104 -133.78 46.85 65.94
CA PHE I 1104 -134.62 46.54 64.78
C PHE I 1104 -134.11 45.30 64.06
N LEU I 1105 -132.85 45.31 63.61
CA LEU I 1105 -132.35 44.16 62.85
C LEU I 1105 -132.34 42.91 63.72
N SER I 1106 -132.04 43.06 65.01
CA SER I 1106 -132.10 41.90 65.89
C SER I 1106 -133.54 41.43 66.00
N ALA I 1107 -134.46 42.37 66.25
CA ALA I 1107 -135.86 42.01 66.41
C ALA I 1107 -136.42 41.30 65.18
N ILE I 1108 -136.20 41.86 63.98
CA ILE I 1108 -136.92 41.38 62.80
C ILE I 1108 -136.57 39.93 62.52
N ASP I 1109 -137.59 39.13 62.20
CA ASP I 1109 -137.38 37.72 61.89
C ASP I 1109 -136.48 37.58 60.67
N MET I 1110 -136.78 38.33 59.60
CA MET I 1110 -136.18 38.20 58.27
C MET I 1110 -136.42 36.83 57.64
N TYR I 1111 -137.45 36.11 58.08
CA TYR I 1111 -138.21 35.19 57.25
C TYR I 1111 -139.47 35.88 56.73
N GLY I 1112 -140.32 35.13 56.05
CA GLY I 1112 -141.57 35.67 55.54
C GLY I 1112 -142.49 36.13 56.65
N HIS I 1113 -142.26 35.61 57.87
CA HIS I 1113 -143.08 35.97 59.02
C HIS I 1113 -142.88 37.45 59.30
N GLN I 1114 -141.65 37.85 59.63
CA GLN I 1114 -141.31 39.25 59.89
C GLN I 1114 -142.24 39.76 60.99
N PHE I 1115 -142.32 38.94 62.04
CA PHE I 1115 -143.22 39.17 63.18
C PHE I 1115 -142.63 39.99 64.32
N CYS I 1116 -142.60 41.31 64.09
CA CYS I 1116 -142.29 42.30 65.11
C CYS I 1116 -143.54 43.14 65.40
N ILE I 1117 -144.69 42.52 65.65
CA ILE I 1117 -145.89 43.31 65.97
C ILE I 1117 -145.73 44.09 67.27
N GLU I 1118 -145.16 43.48 68.33
CA GLU I 1118 -144.97 44.29 69.54
C GLU I 1118 -143.98 45.42 69.29
N ASN I 1119 -142.90 45.15 68.58
CA ASN I 1119 -141.95 46.20 68.25
C ASN I 1119 -142.53 47.13 67.21
N LEU I 1120 -143.37 46.62 66.30
CA LEU I 1120 -144.04 47.52 65.37
C LEU I 1120 -144.91 48.51 66.10
N GLN I 1121 -145.65 48.04 67.11
CA GLN I 1121 -146.37 48.95 67.97
C GLN I 1121 -145.44 49.75 68.85
N LYS I 1122 -144.24 49.22 69.15
CA LYS I 1122 -143.28 50.00 69.91
C LYS I 1122 -142.71 51.11 69.05
N LEU I 1123 -142.59 50.90 67.75
CA LEU I 1123 -142.20 52.01 66.90
C LEU I 1123 -143.32 53.03 66.94
N ILE I 1124 -144.56 52.55 66.95
CA ILE I 1124 -145.74 53.40 66.91
C ILE I 1124 -146.16 53.79 68.33
N LEU I 1125 -145.55 53.18 69.36
CA LEU I 1125 -145.73 53.58 70.76
C LEU I 1125 -144.31 53.63 71.35
N SER I 1126 -143.51 54.52 70.77
CA SER I 1126 -142.13 54.71 71.17
C SER I 1126 -142.00 55.98 71.98
N GLU I 1127 -141.48 55.87 73.21
CA GLU I 1127 -141.18 57.08 73.95
C GLU I 1127 -140.09 57.83 73.20
N THR I 1128 -139.12 57.06 72.70
CA THR I 1128 -138.05 57.60 71.87
C THR I 1128 -138.65 57.91 70.50
N SER I 1129 -138.27 59.02 69.90
CA SER I 1129 -138.78 59.32 68.57
C SER I 1129 -137.94 58.53 67.58
N ILE I 1130 -138.62 57.85 66.66
CA ILE I 1130 -137.94 56.96 65.73
C ILE I 1130 -138.16 57.36 64.27
N PHE I 1131 -138.60 58.59 64.01
CA PHE I 1131 -138.49 59.15 62.66
C PHE I 1131 -137.07 59.60 62.35
N ASP I 1132 -136.15 59.54 63.31
CA ASP I 1132 -134.82 60.06 63.03
C ASP I 1132 -134.06 59.11 62.13
N VAL I 1133 -133.84 57.88 62.57
CA VAL I 1133 -132.92 56.97 61.87
C VAL I 1133 -133.66 55.96 61.01
N LEU I 1134 -134.83 55.47 61.47
CA LEU I 1134 -135.74 54.61 60.71
C LEU I 1134 -135.94 55.01 59.24
N PRO I 1135 -136.12 56.29 58.91
CA PRO I 1135 -136.14 56.65 57.48
C PRO I 1135 -134.90 56.28 56.74
N ASN I 1136 -133.76 56.32 57.41
CA ASN I 1136 -132.52 55.97 56.75
C ASN I 1136 -132.57 54.52 56.27
N PHE I 1137 -133.15 53.64 57.08
CA PHE I 1137 -133.33 52.25 56.65
C PHE I 1137 -134.59 51.89 55.86
N PHE I 1138 -135.76 52.65 55.95
CA PHE I 1138 -136.84 52.04 55.09
C PHE I 1138 -136.51 52.17 53.48
N TYR I 1139 -135.31 52.62 53.11
CA TYR I 1139 -134.73 52.51 51.77
C TYR I 1139 -133.33 51.92 51.83
N HIS I 1140 -133.10 50.96 52.74
CA HIS I 1140 -131.83 50.27 52.77
C HIS I 1140 -131.91 49.14 51.74
N SER I 1141 -130.81 48.43 51.48
CA SER I 1141 -130.79 47.42 50.43
C SER I 1141 -131.42 46.08 50.83
N ASN I 1142 -132.22 45.99 51.89
CA ASN I 1142 -132.57 44.73 52.53
C ASN I 1142 -134.08 44.58 52.53
N GLN I 1143 -134.62 43.68 51.67
CA GLN I 1143 -136.05 43.68 51.34
C GLN I 1143 -136.93 43.64 52.58
N VAL I 1144 -136.47 42.95 53.62
CA VAL I 1144 -137.26 42.88 54.85
C VAL I 1144 -137.24 44.23 55.55
N VAL I 1145 -136.06 44.83 55.68
CA VAL I 1145 -135.98 46.11 56.37
C VAL I 1145 -136.65 47.18 55.55
N ARG I 1146 -136.54 47.12 54.21
CA ARG I 1146 -137.47 47.91 53.42
C ARG I 1146 -138.88 47.71 53.95
N MET I 1147 -139.42 46.52 53.71
CA MET I 1147 -140.80 46.19 54.03
C MET I 1147 -141.16 46.53 55.47
N ALA I 1148 -140.46 45.93 56.45
CA ALA I 1148 -140.74 46.20 57.86
C ALA I 1148 -140.69 47.69 58.15
N ALA I 1149 -139.53 48.32 57.92
CA ALA I 1149 -139.36 49.73 58.23
C ALA I 1149 -140.37 50.55 57.44
N LEU I 1150 -140.57 50.22 56.17
CA LEU I 1150 -141.49 50.94 55.30
C LEU I 1150 -142.94 50.80 55.79
N GLU I 1151 -143.39 49.58 56.11
CA GLU I 1151 -144.79 49.47 56.53
C GLU I 1151 -145.01 50.03 57.93
N VAL I 1152 -144.02 49.95 58.82
CA VAL I 1152 -144.20 50.59 60.11
C VAL I 1152 -144.29 52.09 59.92
N TYR I 1153 -143.51 52.60 58.96
CA TYR I 1153 -143.60 54.01 58.61
C TYR I 1153 -145.02 54.36 58.17
N VAL I 1154 -145.59 53.54 57.27
CA VAL I 1154 -147.00 53.71 56.89
C VAL I 1154 -147.80 53.81 58.16
N ARG I 1155 -147.64 52.80 59.01
CA ARG I 1155 -148.48 52.64 60.19
C ARG I 1155 -148.25 53.83 61.12
N ARG I 1156 -147.00 54.32 61.14
CA ARG I 1156 -146.56 55.49 61.91
C ARG I 1156 -147.09 56.78 61.30
N ALA I 1157 -147.58 56.71 60.05
CA ALA I 1157 -148.26 57.78 59.34
C ALA I 1157 -149.74 57.74 59.71
N TYR I 1158 -150.38 56.60 59.45
CA TYR I 1158 -151.81 56.36 59.60
C TYR I 1158 -152.21 55.89 60.98
N ILE I 1159 -151.41 56.18 62.01
CA ILE I 1159 -151.82 55.86 63.39
C ILE I 1159 -153.24 56.36 63.66
N ALA I 1160 -153.65 57.43 62.97
CA ALA I 1160 -155.01 57.96 63.09
C ALA I 1160 -156.05 57.04 62.46
N TYR I 1161 -155.83 56.63 61.20
CA TYR I 1161 -156.79 55.78 60.51
C TYR I 1161 -156.66 54.31 60.92
N GLU I 1162 -157.61 53.51 60.42
CA GLU I 1162 -157.70 52.06 60.64
C GLU I 1162 -157.22 51.25 59.45
N LEU I 1163 -156.23 50.37 59.65
CA LEU I 1163 -155.65 49.57 58.57
C LEU I 1163 -156.20 48.16 58.69
N ASN I 1164 -156.88 47.68 57.63
CA ASN I 1164 -157.50 46.35 57.68
C ASN I 1164 -156.81 45.32 56.79
N SER I 1165 -155.80 45.70 56.01
CA SER I 1165 -155.06 44.78 55.16
C SER I 1165 -153.85 45.50 54.60
N VAL I 1166 -152.71 44.81 54.63
CA VAL I 1166 -151.45 45.33 54.13
C VAL I 1166 -150.64 44.12 53.67
N GLN I 1167 -150.35 44.00 52.36
CA GLN I 1167 -149.57 42.88 51.85
C GLN I 1167 -148.31 43.53 51.30
N HIS I 1168 -147.15 43.02 51.70
CA HIS I 1168 -145.94 43.47 51.01
C HIS I 1168 -145.74 42.80 49.67
N ARG I 1169 -145.57 43.62 48.64
CA ARG I 1169 -145.05 43.23 47.34
C ARG I 1169 -143.71 43.88 47.04
N GLN I 1170 -143.10 43.34 46.01
CA GLN I 1170 -141.70 43.56 45.66
C GLN I 1170 -141.82 43.26 44.16
N LEU I 1171 -141.97 44.32 43.37
CA LEU I 1171 -142.34 44.24 41.96
C LEU I 1171 -141.48 45.11 41.05
N LYS I 1172 -141.90 45.32 39.80
CA LYS I 1172 -141.40 44.61 38.62
C LYS I 1172 -140.00 44.12 38.94
N ASP I 1173 -139.03 45.03 39.09
CA ASP I 1173 -137.89 44.65 39.92
C ASP I 1173 -137.53 45.83 40.82
N ASN I 1174 -137.52 47.02 40.25
CA ASN I 1174 -137.05 48.22 40.91
C ASN I 1174 -138.09 48.87 41.80
N THR I 1175 -139.27 48.29 41.98
CA THR I 1175 -140.29 48.85 42.88
C THR I 1175 -140.65 47.96 44.05
N CYS I 1176 -140.65 48.56 45.24
CA CYS I 1176 -140.96 47.91 46.50
C CYS I 1176 -142.35 48.44 46.80
N VAL I 1177 -143.35 47.57 46.95
CA VAL I 1177 -144.71 48.01 47.26
C VAL I 1177 -145.25 47.52 48.58
N VAL I 1178 -145.89 48.47 49.27
CA VAL I 1178 -146.79 48.23 50.38
C VAL I 1178 -148.16 48.64 49.83
N GLU I 1179 -149.21 48.01 50.34
CA GLU I 1179 -150.58 48.35 49.99
C GLU I 1179 -151.26 48.97 51.20
N PHE I 1180 -152.10 49.99 50.96
CA PHE I 1180 -152.83 50.58 52.06
C PHE I 1180 -154.27 50.11 51.90
N GLN I 1181 -154.97 50.00 53.02
CA GLN I 1181 -156.40 49.71 53.02
C GLN I 1181 -157.02 50.29 54.28
N PHE I 1182 -157.96 51.22 54.14
CA PHE I 1182 -158.51 51.83 55.34
C PHE I 1182 -159.91 52.33 54.99
N MET I 1183 -160.52 53.09 55.88
CA MET I 1183 -161.81 53.69 55.63
C MET I 1183 -161.92 54.95 56.46
N LEU I 1184 -162.97 55.71 56.19
CA LEU I 1184 -163.15 57.02 56.79
C LEU I 1184 -163.70 56.86 58.19
N PRO I 1185 -163.00 57.32 59.26
CA PRO I 1185 -163.68 57.43 60.56
C PRO I 1185 -164.19 58.85 60.78
N THR I 1186 -165.28 59.20 60.10
CA THR I 1186 -165.84 60.56 60.15
C THR I 1186 -164.82 61.62 59.76
N SER I 1187 -163.77 61.25 59.03
CA SER I 1187 -162.76 62.22 58.61
C SER I 1187 -163.33 63.23 57.63
N HIS I 1188 -164.14 62.77 56.68
CA HIS I 1188 -164.76 63.61 55.63
C HIS I 1188 -165.43 62.75 54.56
N CYS I 1230 -166.44 55.45 50.93
CA CYS I 1230 -166.15 54.73 52.16
C CYS I 1230 -164.72 54.19 52.18
N GLN I 1231 -164.28 53.61 51.08
CA GLN I 1231 -162.99 52.94 51.02
C GLN I 1231 -162.20 53.41 49.79
N ARG I 1232 -160.92 53.07 49.81
CA ARG I 1232 -159.91 53.46 48.83
C ARG I 1232 -158.69 52.63 49.17
N MET I 1233 -157.79 52.49 48.19
CA MET I 1233 -156.53 51.82 48.48
C MET I 1233 -155.39 52.84 48.39
N GLY I 1234 -154.16 52.36 48.59
CA GLY I 1234 -152.99 53.21 48.60
C GLY I 1234 -151.75 52.46 48.18
N GLY I 1235 -150.69 53.23 47.97
CA GLY I 1235 -149.39 52.64 47.70
C GLY I 1235 -148.28 53.53 48.22
N MET I 1236 -147.37 52.96 49.01
CA MET I 1236 -146.13 53.64 49.40
C MET I 1236 -145.00 52.84 48.81
N VAL I 1237 -144.02 53.55 48.26
CA VAL I 1237 -142.81 52.95 47.73
C VAL I 1237 -141.62 53.80 48.21
N SER I 1238 -140.58 53.14 48.74
CA SER I 1238 -139.41 53.83 49.27
C SER I 1238 -138.26 53.86 48.25
N PHE I 1239 -137.85 55.06 47.86
CA PHE I 1239 -136.86 55.39 46.83
C PHE I 1239 -135.80 56.41 47.23
N ARG I 1240 -134.73 56.36 46.45
CA ARG I 1240 -133.44 56.99 46.65
C ARG I 1240 -133.43 58.40 46.09
N THR I 1241 -133.94 58.56 44.86
CA THR I 1241 -134.05 59.87 44.23
C THR I 1241 -135.40 59.94 43.54
N PHE I 1242 -135.87 61.17 43.37
CA PHE I 1242 -137.19 61.35 42.79
C PHE I 1242 -137.14 60.93 41.33
N GLU I 1243 -135.96 61.00 40.73
CA GLU I 1243 -135.78 60.75 39.31
C GLU I 1243 -136.08 59.28 39.08
N ASP I 1244 -135.48 58.44 39.91
CA ASP I 1244 -135.60 56.99 39.80
C ASP I 1244 -137.05 56.57 39.82
N PHE I 1245 -137.85 57.21 40.69
CA PHE I 1245 -139.29 56.98 40.69
C PHE I 1245 -139.87 57.08 39.29
N VAL I 1246 -139.78 58.26 38.66
CA VAL I 1246 -140.56 58.47 37.44
C VAL I 1246 -140.13 57.52 36.32
N ARG I 1247 -138.91 56.96 36.37
CA ARG I 1247 -138.62 55.79 35.53
C ARG I 1247 -139.26 54.52 36.10
N ILE I 1248 -139.20 54.36 37.43
CA ILE I 1248 -139.77 53.24 38.19
C ILE I 1248 -141.28 53.46 38.38
N PHE I 1249 -141.80 54.51 37.74
CA PHE I 1249 -143.23 54.84 37.63
C PHE I 1249 -144.07 53.58 37.48
N ASP I 1250 -143.71 52.67 36.57
CA ASP I 1250 -144.72 51.99 35.79
C ASP I 1250 -145.34 50.81 36.56
N GLU I 1251 -144.70 50.35 37.65
CA GLU I 1251 -145.33 49.34 38.50
C GLU I 1251 -146.32 49.90 39.52
N VAL I 1252 -146.15 51.16 39.94
CA VAL I 1252 -147.11 51.79 40.85
C VAL I 1252 -148.48 51.85 40.17
N MET I 1253 -148.48 52.24 38.91
CA MET I 1253 -149.63 52.20 38.01
C MET I 1253 -149.93 50.80 37.47
N GLY I 1254 -149.08 49.81 37.75
CA GLY I 1254 -149.37 48.43 37.37
C GLY I 1254 -150.53 47.82 38.13
N CYS I 1255 -150.49 47.88 39.46
CA CYS I 1255 -151.51 47.22 40.28
C CYS I 1255 -152.69 48.10 40.66
N PHE I 1256 -152.78 49.31 40.11
CA PHE I 1256 -153.85 50.28 40.42
C PHE I 1256 -155.27 49.69 40.39
N PRO I 1261 -156.37 43.75 37.09
CA PRO I 1261 -155.71 43.10 38.23
C PRO I 1261 -156.23 41.68 38.44
N GLN I 1262 -157.55 41.57 38.66
CA GLN I 1262 -158.24 40.29 38.70
C GLN I 1262 -159.57 40.57 38.01
N SEP I 1263 -160.00 39.65 37.14
CA SEP I 1263 -161.24 39.83 36.39
CB SEP I 1263 -161.58 38.58 35.58
OG SEP I 1263 -161.03 38.66 34.27
C SEP I 1263 -162.44 40.19 37.25
O SEP I 1263 -162.47 39.88 38.44
P SEP I 1263 -160.95 37.22 33.56
O1P SEP I 1263 -160.16 36.17 34.49
O2P SEP I 1263 -162.45 36.69 33.29
O3P SEP I 1263 -160.18 37.37 32.15
H SEP I 1263 -159.59 38.91 36.98
HA SEP I 1263 -161.06 40.56 35.76
HB2 SEP I 1263 -162.54 38.51 35.51
HB3 SEP I 1263 -161.22 37.80 36.04
N PRO I 1264 -163.45 40.86 36.64
CA PRO I 1264 -164.65 41.18 37.42
C PRO I 1264 -165.33 39.91 37.94
N THR I 1265 -165.72 39.94 39.21
CA THR I 1265 -166.51 38.88 39.82
C THR I 1265 -167.94 39.36 40.01
N PHE I 1266 -168.85 38.40 40.14
CA PHE I 1266 -170.28 38.64 40.19
C PHE I 1266 -170.74 38.15 41.55
N PRO I 1267 -170.88 39.01 42.58
CA PRO I 1267 -171.29 38.47 43.88
C PRO I 1267 -172.67 37.83 43.89
N GLU I 1268 -173.07 37.34 45.06
CA GLU I 1268 -174.05 36.25 45.18
C GLU I 1268 -175.38 36.61 44.52
N ALA I 1269 -176.21 35.58 44.30
CA ALA I 1269 -177.36 35.66 43.41
C ALA I 1269 -178.46 36.54 44.02
N GLY I 1270 -179.73 36.21 43.80
CA GLY I 1270 -180.80 36.97 44.43
C GLY I 1270 -181.17 38.21 43.65
N GLU I 1284 -164.19 58.93 41.17
CA GLU I 1284 -163.78 58.82 42.56
C GLU I 1284 -162.27 58.52 42.66
N PRO I 1285 -161.45 59.48 43.08
CA PRO I 1285 -160.03 59.13 43.31
C PRO I 1285 -159.92 58.26 44.55
N ILE I 1286 -159.34 57.07 44.38
CA ILE I 1286 -159.24 56.09 45.45
C ILE I 1286 -157.81 55.58 45.67
N HIS I 1287 -156.79 56.30 45.19
CA HIS I 1287 -155.41 55.98 45.53
C HIS I 1287 -154.65 57.03 46.32
N ILE I 1288 -153.93 56.56 47.35
CA ILE I 1288 -153.05 57.35 48.21
C ILE I 1288 -151.66 57.02 47.68
N LEU I 1289 -150.78 58.02 47.55
CA LEU I 1289 -149.43 57.74 47.09
C LEU I 1289 -148.41 58.54 47.88
N ASN I 1290 -147.51 57.82 48.56
CA ASN I 1290 -146.41 58.43 49.30
C ASN I 1290 -145.11 57.82 48.81
N VAL I 1291 -144.12 58.66 48.48
CA VAL I 1291 -142.84 58.22 47.93
C VAL I 1291 -141.70 58.70 48.82
N ALA I 1292 -140.85 57.77 49.21
CA ALA I 1292 -139.68 58.05 50.06
C ALA I 1292 -138.52 58.33 49.13
N ILE I 1293 -137.83 59.45 49.39
CA ILE I 1293 -136.73 59.92 48.54
C ILE I 1293 -135.55 60.25 49.45
N LYS I 1294 -134.37 60.36 48.84
CA LYS I 1294 -133.08 60.56 49.53
C LYS I 1294 -132.35 61.64 48.74
N THR I 1295 -131.03 61.75 48.93
CA THR I 1295 -130.14 62.80 48.40
C THR I 1295 -130.13 64.00 49.34
N ASP I 1296 -130.69 63.84 50.55
CA ASP I 1296 -130.38 64.60 51.76
C ASP I 1296 -130.05 66.07 51.53
N CYS I 1297 -130.82 66.72 50.64
CA CYS I 1297 -130.59 68.10 50.27
C CYS I 1297 -131.07 69.03 51.38
N ASP I 1298 -131.14 70.32 51.08
CA ASP I 1298 -131.15 71.37 52.10
C ASP I 1298 -132.03 72.52 51.58
N ILE I 1299 -131.83 73.71 52.13
CA ILE I 1299 -132.83 74.75 52.37
C ILE I 1299 -133.73 75.07 51.18
N GLU I 1300 -133.31 74.72 49.94
CA GLU I 1300 -133.79 75.39 48.74
C GLU I 1300 -135.23 75.02 48.37
N ASP I 1301 -136.17 75.20 49.32
CA ASP I 1301 -137.55 74.76 49.15
C ASP I 1301 -138.15 75.17 47.81
N ASP I 1302 -137.81 76.37 47.33
CA ASP I 1302 -138.32 76.82 46.03
C ASP I 1302 -137.84 75.90 44.91
N ARG I 1303 -136.54 75.89 44.61
CA ARG I 1303 -136.03 75.01 43.54
C ARG I 1303 -136.35 73.56 43.85
N LEU I 1304 -136.25 73.17 45.11
CA LEU I 1304 -136.61 71.84 45.58
C LEU I 1304 -138.01 71.48 45.11
N ALA I 1305 -139.02 71.89 45.90
CA ALA I 1305 -140.40 71.52 45.60
C ALA I 1305 -140.85 71.90 44.19
N ALA I 1306 -140.25 72.91 43.57
CA ALA I 1306 -140.72 73.31 42.25
C ALA I 1306 -140.43 72.22 41.22
N MET I 1307 -139.19 71.72 41.18
CA MET I 1307 -138.85 70.53 40.42
C MET I 1307 -139.79 69.37 40.74
N PHE I 1308 -140.01 69.14 42.03
CA PHE I 1308 -140.83 68.04 42.48
C PHE I 1308 -142.26 68.22 41.99
N ARG I 1309 -142.76 69.45 42.17
CA ARG I 1309 -144.07 69.90 41.70
C ARG I 1309 -144.28 69.70 40.21
N GLU I 1310 -143.29 70.03 39.37
CA GLU I 1310 -143.52 69.87 37.92
C GLU I 1310 -143.57 68.42 37.49
N PHE I 1311 -143.36 67.45 38.40
CA PHE I 1311 -143.74 66.08 38.10
C PHE I 1311 -145.25 65.93 38.12
N THR I 1312 -145.91 66.58 39.08
CA THR I 1312 -147.37 66.52 39.12
C THR I 1312 -147.95 67.25 37.90
N GLN I 1313 -147.44 68.46 37.62
CA GLN I 1313 -147.92 69.24 36.48
C GLN I 1313 -147.51 68.70 35.11
N GLN I 1314 -146.41 67.94 35.00
CA GLN I 1314 -146.10 67.30 33.71
C GLN I 1314 -147.07 66.17 33.43
N ASN I 1315 -147.30 65.29 34.40
CA ASN I 1315 -148.30 64.23 34.27
C ASN I 1315 -149.29 64.53 35.39
N LYS I 1316 -150.29 65.36 35.04
CA LYS I 1316 -151.65 65.30 35.54
C LYS I 1316 -152.39 64.06 35.06
N ALA I 1317 -151.72 63.24 34.27
CA ALA I 1317 -152.12 61.89 33.92
C ALA I 1317 -152.48 61.05 35.14
N THR I 1318 -151.81 61.28 36.28
CA THR I 1318 -152.20 60.66 37.53
C THR I 1318 -153.69 60.84 37.77
N LEU I 1319 -154.19 62.04 37.51
CA LEU I 1319 -155.61 62.26 37.65
C LEU I 1319 -156.38 61.45 36.60
N VAL I 1320 -155.82 61.37 35.39
CA VAL I 1320 -156.42 60.63 34.28
C VAL I 1320 -156.50 59.12 34.51
N ASP I 1321 -155.55 58.53 35.25
CA ASP I 1321 -155.61 57.10 35.56
C ASP I 1321 -156.61 56.80 36.68
N HIS I 1322 -157.90 57.01 36.38
CA HIS I 1322 -158.95 56.85 37.39
C HIS I 1322 -158.66 57.65 38.66
N GLY I 1323 -157.84 58.70 38.56
CA GLY I 1323 -157.67 59.65 39.63
C GLY I 1323 -156.87 59.04 40.75
N ILE I 1324 -156.05 59.87 41.39
CA ILE I 1324 -155.27 59.45 42.55
C ILE I 1324 -155.66 60.47 43.61
N ARG I 1325 -155.94 60.00 44.83
CA ARG I 1325 -156.24 60.93 45.91
C ARG I 1325 -155.08 61.83 46.27
N ARG I 1326 -153.90 61.25 46.49
CA ARG I 1326 -152.78 62.01 47.04
C ARG I 1326 -151.46 61.56 46.46
N LEU I 1327 -150.55 62.52 46.25
CA LEU I 1327 -149.17 62.23 45.89
C LEU I 1327 -148.33 63.01 46.91
N THR I 1328 -147.80 62.37 47.92
CA THR I 1328 -146.91 63.03 48.88
C THR I 1328 -145.49 62.61 48.54
N PHE I 1329 -144.58 63.58 48.41
CA PHE I 1329 -143.19 63.24 48.18
C PHE I 1329 -142.47 63.39 49.51
N LEU I 1330 -141.75 62.35 49.89
CA LEU I 1330 -140.97 62.28 51.12
C LEU I 1330 -139.48 62.20 50.82
N VAL I 1331 -138.73 63.23 51.23
CA VAL I 1331 -137.29 63.26 51.03
C VAL I 1331 -136.69 63.05 52.41
N ALA I 1332 -135.75 62.10 52.52
CA ALA I 1332 -135.15 61.74 53.79
C ALA I 1332 -133.86 62.55 54.05
N GLN I 1333 -133.22 62.24 55.17
CA GLN I 1333 -132.44 63.22 55.92
C GLN I 1333 -131.18 63.60 55.17
N PHE I 1352 -135.88 64.22 61.01
CA PHE I 1352 -137.03 63.45 60.56
C PHE I 1352 -137.28 63.70 59.07
N PRO I 1353 -137.99 62.79 58.40
CA PRO I 1353 -138.22 62.95 56.95
C PRO I 1353 -138.82 64.29 56.61
N LYS I 1354 -138.30 64.89 55.54
CA LYS I 1354 -138.80 66.18 55.09
C LYS I 1354 -139.90 65.80 54.11
N PHE I 1355 -141.13 66.20 54.38
CA PHE I 1355 -142.19 65.91 53.42
C PHE I 1355 -142.36 67.03 52.43
N PHE I 1356 -142.82 66.64 51.24
CA PHE I 1356 -143.06 67.55 50.13
C PHE I 1356 -144.41 66.98 49.71
N THR I 1357 -145.49 67.49 50.29
CA THR I 1357 -146.81 66.92 50.06
C THR I 1357 -147.49 67.64 48.90
N PHE I 1358 -147.84 66.88 47.88
CA PHE I 1358 -148.57 67.34 46.68
C PHE I 1358 -149.85 66.52 46.60
N ARG I 1359 -150.95 67.02 47.17
CA ARG I 1359 -152.20 66.28 47.13
C ARG I 1359 -153.17 66.85 46.12
N ALA I 1360 -153.52 66.04 45.11
CA ALA I 1360 -154.50 66.41 44.10
C ALA I 1360 -155.39 65.17 43.95
N ARG I 1361 -156.37 65.05 44.85
CA ARG I 1361 -157.44 64.09 44.63
C ARG I 1361 -158.31 64.49 43.46
N ASP I 1362 -158.69 65.76 43.42
CA ASP I 1362 -159.32 66.39 42.27
C ASP I 1362 -158.79 67.82 42.15
N LYS I 1363 -157.72 68.15 42.87
CA LYS I 1363 -157.40 69.48 43.33
C LYS I 1363 -156.20 70.00 42.55
N PHE I 1364 -155.81 71.22 42.86
CA PHE I 1364 -154.48 71.71 42.54
C PHE I 1364 -153.48 70.70 43.09
N GLU I 1365 -152.27 70.67 42.53
CA GLU I 1365 -151.32 69.60 42.86
C GLU I 1365 -151.02 69.54 44.35
N GLU I 1366 -150.85 70.69 45.01
CA GLU I 1366 -150.11 70.73 46.26
C GLU I 1366 -150.68 71.72 47.26
N ASP I 1367 -150.68 71.27 48.51
CA ASP I 1367 -151.29 71.93 49.65
C ASP I 1367 -150.13 72.34 50.55
N ARG I 1368 -150.22 73.57 51.05
CA ARG I 1368 -149.13 74.33 51.64
C ARG I 1368 -149.18 74.26 53.15
N ILE I 1369 -150.40 74.13 53.70
CA ILE I 1369 -150.63 73.96 55.13
C ILE I 1369 -150.01 72.65 55.63
N TYR I 1370 -150.14 71.57 54.83
CA TYR I 1370 -149.65 70.25 55.20
C TYR I 1370 -148.26 69.92 54.73
N ARG I 1371 -147.52 70.85 54.13
CA ARG I 1371 -146.14 70.49 53.84
C ARG I 1371 -145.40 70.25 55.14
N HIS I 1372 -144.51 69.27 55.10
CA HIS I 1372 -143.65 68.82 56.20
C HIS I 1372 -144.48 67.93 57.14
N LEU I 1373 -145.70 67.56 56.76
CA LEU I 1373 -146.49 66.68 57.61
C LEU I 1373 -147.41 65.81 56.75
N GLU I 1374 -147.73 64.63 57.30
CA GLU I 1374 -148.61 63.65 56.66
C GLU I 1374 -150.02 63.86 57.19
N PRO I 1375 -151.01 64.22 56.35
CA PRO I 1375 -152.33 64.62 56.90
C PRO I 1375 -153.07 63.61 57.77
N ALA I 1376 -152.76 62.31 57.74
CA ALA I 1376 -153.40 61.43 58.72
C ALA I 1376 -152.95 61.79 60.13
N LEU I 1377 -151.64 61.94 60.31
CA LEU I 1377 -151.09 62.33 61.61
C LEU I 1377 -151.36 63.79 61.93
N ALA I 1378 -151.41 64.64 60.91
CA ALA I 1378 -151.80 66.04 61.09
C ALA I 1378 -153.16 66.19 61.75
N PHE I 1379 -154.05 65.21 61.60
CA PHE I 1379 -155.37 65.28 62.22
C PHE I 1379 -155.24 65.56 63.72
N GLN I 1380 -154.22 64.97 64.36
CA GLN I 1380 -153.96 65.13 65.80
C GLN I 1380 -153.92 66.60 66.24
N LEU I 1381 -153.04 67.42 65.65
CA LEU I 1381 -153.28 68.86 65.79
C LEU I 1381 -154.57 68.99 65.00
N GLU I 1382 -155.67 69.01 65.76
CA GLU I 1382 -156.99 69.07 65.15
C GLU I 1382 -157.22 70.34 64.36
N LEU I 1383 -157.92 70.15 63.25
CA LEU I 1383 -158.04 71.12 62.19
C LEU I 1383 -159.37 71.81 62.27
N ASN I 1384 -160.26 71.34 63.15
CA ASN I 1384 -161.54 71.99 63.29
C ASN I 1384 -161.48 73.07 64.34
N ARG I 1385 -160.38 73.18 65.08
CA ARG I 1385 -160.33 74.20 66.12
C ARG I 1385 -159.89 75.54 65.56
N MET I 1386 -159.55 75.57 64.28
CA MET I 1386 -159.32 76.77 63.50
C MET I 1386 -160.08 76.69 62.18
N ARG I 1387 -161.21 76.00 62.21
CA ARG I 1387 -161.98 75.80 60.98
C ARG I 1387 -162.58 77.11 60.51
N ASN I 1388 -162.88 78.00 61.44
CA ASN I 1388 -163.28 79.35 61.11
C ASN I 1388 -162.09 80.27 60.90
N PHE I 1389 -161.11 79.95 60.05
CA PHE I 1389 -159.91 80.80 60.04
C PHE I 1389 -159.14 80.56 58.75
N ASP I 1390 -158.29 81.54 58.42
CA ASP I 1390 -157.33 81.46 57.32
C ASP I 1390 -155.92 81.67 57.84
N LEU I 1391 -155.10 80.62 57.79
CA LEU I 1391 -153.80 80.60 58.44
C LEU I 1391 -152.75 80.38 57.37
N THR I 1392 -151.63 81.08 57.50
CA THR I 1392 -150.59 81.10 56.47
C THR I 1392 -149.29 80.49 57.00
N ALA I 1393 -148.78 79.50 56.28
CA ALA I 1393 -147.60 78.74 56.68
C ALA I 1393 -146.32 79.53 56.44
N ILE I 1394 -145.54 79.74 57.48
CA ILE I 1394 -144.27 80.46 57.41
C ILE I 1394 -143.14 79.42 57.46
N PRO I 1395 -142.19 79.42 56.52
CA PRO I 1395 -141.12 78.42 56.59
C PRO I 1395 -140.08 78.80 57.63
N CYS I 1396 -139.54 77.79 58.31
CA CYS I 1396 -138.80 77.98 59.54
C CYS I 1396 -137.89 76.77 59.75
N ALA I 1397 -136.76 77.02 60.40
CA ALA I 1397 -135.88 75.91 60.78
C ALA I 1397 -136.48 75.16 61.95
N ASN I 1398 -135.86 74.03 62.29
CA ASN I 1398 -136.37 73.18 63.37
C ASN I 1398 -137.80 72.74 63.06
N HIS I 1399 -137.92 71.97 61.98
CA HIS I 1399 -139.18 71.88 61.23
C HIS I 1399 -140.23 71.12 62.03
N LYS I 1400 -139.81 70.38 63.05
CA LYS I 1400 -140.63 70.01 64.20
C LYS I 1400 -141.70 71.04 64.53
N MET I 1401 -141.29 72.31 64.57
CA MET I 1401 -142.14 73.44 64.93
C MET I 1401 -142.72 74.15 63.71
N HIS I 1402 -144.00 73.97 63.44
CA HIS I 1402 -144.64 74.53 62.25
C HIS I 1402 -145.41 75.75 62.76
N LEU I 1403 -145.13 76.96 62.26
CA LEU I 1403 -145.87 78.14 62.72
C LEU I 1403 -146.62 78.79 61.57
N TYR I 1404 -147.88 79.09 61.86
CA TYR I 1404 -148.85 79.63 60.93
C TYR I 1404 -149.30 81.01 61.42
N LEU I 1405 -149.57 81.94 60.52
CA LEU I 1405 -150.07 83.26 60.92
C LEU I 1405 -151.54 83.28 60.52
N GLY I 1406 -152.41 83.65 61.46
CA GLY I 1406 -153.85 83.54 61.26
C GLY I 1406 -154.58 84.87 61.20
N ALA I 1407 -155.40 85.00 60.15
CA ALA I 1407 -156.32 86.09 59.94
C ALA I 1407 -157.74 85.52 59.90
N ALA I 1408 -158.65 86.10 60.67
CA ALA I 1408 -160.01 85.56 60.69
C ALA I 1408 -160.63 85.65 59.31
N LYS I 1409 -160.96 84.49 58.72
CA LYS I 1409 -161.66 84.47 57.45
C LYS I 1409 -163.14 84.78 57.63
N VAL I 1410 -163.62 85.70 56.80
CA VAL I 1410 -164.89 86.39 56.98
C VAL I 1410 -165.57 86.44 55.62
N GLU I 1411 -166.81 86.90 55.62
CA GLU I 1411 -167.57 87.03 54.40
C GLU I 1411 -167.41 88.46 53.90
N VAL I 1412 -167.68 88.66 52.60
CA VAL I 1412 -167.73 89.97 51.95
C VAL I 1412 -168.40 91.04 52.81
N GLY I 1413 -169.40 90.65 53.60
CA GLY I 1413 -170.09 91.60 54.45
C GLY I 1413 -169.20 92.27 55.48
N THR I 1414 -168.13 91.60 55.92
CA THR I 1414 -167.31 92.09 57.03
C THR I 1414 -165.82 92.00 56.73
N GLU I 1415 -165.09 92.78 57.51
CA GLU I 1415 -163.65 92.99 57.42
C GLU I 1415 -163.01 92.32 58.64
N VAL I 1416 -161.82 91.73 58.45
CA VAL I 1416 -161.31 90.79 59.45
C VAL I 1416 -160.99 91.57 60.73
N THR I 1417 -161.27 90.95 61.87
CA THR I 1417 -160.97 91.48 63.20
C THR I 1417 -159.82 90.81 63.93
N ASP I 1418 -159.50 89.57 63.63
CA ASP I 1418 -158.46 88.82 64.32
C ASP I 1418 -157.19 88.68 63.53
N TYR I 1419 -156.08 88.63 64.29
CA TYR I 1419 -154.69 88.71 63.83
C TYR I 1419 -153.95 87.96 64.94
N ARG I 1420 -153.87 86.65 64.80
CA ARG I 1420 -153.27 85.75 65.78
C ARG I 1420 -151.96 85.17 65.24
N PHE I 1421 -150.95 85.01 66.09
CA PHE I 1421 -149.78 84.22 65.68
C PHE I 1421 -150.16 82.81 66.10
N PHE I 1422 -150.17 81.88 65.15
CA PHE I 1422 -150.31 80.45 65.43
C PHE I 1422 -149.01 79.67 65.29
N VAL I 1423 -148.75 78.83 66.26
CA VAL I 1423 -147.70 77.84 66.10
C VAL I 1423 -148.29 76.53 66.55
N ARG I 1424 -148.34 75.57 65.63
CA ARG I 1424 -148.88 74.25 65.89
C ARG I 1424 -147.75 73.36 65.46
N ALA I 1425 -147.22 72.63 66.41
CA ALA I 1425 -146.10 71.76 66.23
C ALA I 1425 -146.51 70.35 66.51
N ILE I 1426 -145.52 69.50 66.40
CA ILE I 1426 -145.59 68.12 66.82
C ILE I 1426 -144.21 67.94 67.40
N ILE I 1427 -144.12 67.26 68.53
CA ILE I 1427 -142.83 67.17 69.17
C ILE I 1427 -142.76 65.76 69.71
N ARG I 1428 -141.96 64.96 69.05
CA ARG I 1428 -141.63 63.60 69.36
C ARG I 1428 -140.13 63.79 69.16
N HIS I 1429 -139.45 64.24 70.21
CA HIS I 1429 -138.04 64.58 70.15
C HIS I 1429 -137.17 63.59 70.91
N SER I 1430 -137.73 62.45 71.30
CA SER I 1430 -137.03 61.37 72.01
C SER I 1430 -136.75 61.76 73.45
N GLU I 1436 -141.40 62.28 86.50
CA GLU I 1436 -140.02 62.75 86.55
C GLU I 1436 -139.50 63.10 85.16
N ALA I 1437 -139.83 62.27 84.18
CA ALA I 1437 -139.39 62.53 82.83
C ALA I 1437 -139.93 63.87 82.32
N SER I 1438 -141.16 64.22 82.70
CA SER I 1438 -141.82 65.40 82.17
C SER I 1438 -141.07 66.70 82.45
N PHE I 1439 -140.68 66.97 83.71
CA PHE I 1439 -140.07 68.28 83.96
C PHE I 1439 -138.76 68.42 83.18
N GLU I 1440 -137.91 67.41 83.24
CA GLU I 1440 -136.65 67.53 82.52
C GLU I 1440 -136.92 67.60 81.02
N TYR I 1441 -137.80 66.72 80.52
CA TYR I 1441 -138.08 66.72 79.09
C TYR I 1441 -138.75 68.03 78.67
N LEU I 1442 -139.82 68.42 79.38
CA LEU I 1442 -140.58 69.61 79.02
C LEU I 1442 -139.71 70.85 79.14
N GLN I 1443 -139.00 70.99 80.27
CA GLN I 1443 -138.18 72.17 80.50
C GLN I 1443 -137.14 72.29 79.41
N ASN I 1444 -136.42 71.21 79.15
CA ASN I 1444 -135.33 71.28 78.19
C ASN I 1444 -135.89 71.58 76.81
N GLU I 1445 -136.92 70.84 76.38
CA GLU I 1445 -137.46 71.12 75.06
C GLU I 1445 -138.22 72.45 75.10
N GLY I 1446 -138.94 72.69 76.21
CA GLY I 1446 -139.75 73.89 76.34
C GLY I 1446 -138.94 75.17 76.32
N GLU I 1447 -137.85 75.20 77.09
CA GLU I 1447 -137.05 76.41 77.09
C GLU I 1447 -136.51 76.62 75.70
N ARG I 1448 -136.03 75.55 75.07
CA ARG I 1448 -135.47 75.65 73.73
C ARG I 1448 -136.55 76.12 72.77
N LEU I 1449 -137.76 75.55 72.88
CA LEU I 1449 -138.82 75.99 71.99
C LEU I 1449 -139.17 77.45 72.22
N LEU I 1450 -139.17 77.92 73.47
CA LEU I 1450 -139.57 79.31 73.65
C LEU I 1450 -138.60 80.27 72.97
N LEU I 1451 -137.28 80.09 73.18
CA LEU I 1451 -136.34 80.96 72.44
C LEU I 1451 -136.39 80.64 70.96
N GLU I 1452 -136.45 79.35 70.61
CA GLU I 1452 -136.50 78.97 69.20
C GLU I 1452 -137.78 79.47 68.56
N ALA I 1453 -138.91 79.33 69.27
CA ALA I 1453 -140.19 79.79 68.71
C ALA I 1453 -140.12 81.28 68.48
N MET I 1454 -139.64 82.04 69.47
CA MET I 1454 -139.54 83.45 69.23
C MET I 1454 -138.45 83.76 68.21
N ASP I 1455 -137.41 82.92 68.09
CA ASP I 1455 -136.53 83.08 66.94
C ASP I 1455 -137.32 82.87 65.66
N GLU I 1456 -138.14 81.81 65.62
CA GLU I 1456 -138.94 81.58 64.43
C GLU I 1456 -139.91 82.73 64.26
N LEU I 1457 -140.62 83.04 65.34
CA LEU I 1457 -141.55 84.17 65.36
C LEU I 1457 -140.82 85.50 65.12
N GLU I 1458 -139.53 85.59 65.48
CA GLU I 1458 -138.78 86.81 65.10
C GLU I 1458 -138.68 86.87 63.59
N VAL I 1459 -138.33 85.74 62.97
CA VAL I 1459 -138.35 85.64 61.52
C VAL I 1459 -139.77 85.95 61.04
N ALA I 1460 -140.78 85.47 61.79
CA ALA I 1460 -142.17 85.74 61.43
C ALA I 1460 -142.46 87.24 61.48
N PHE I 1461 -141.95 87.95 62.49
CA PHE I 1461 -142.14 89.39 62.52
C PHE I 1461 -141.50 90.00 61.29
N ASN I 1462 -140.23 89.68 61.08
CA ASN I 1462 -139.45 90.24 59.98
C ASN I 1462 -140.17 90.00 58.66
N ASN I 1463 -140.59 88.76 58.43
CA ASN I 1463 -141.25 88.41 57.18
C ASN I 1463 -142.54 89.19 57.00
N THR I 1464 -143.46 89.07 57.96
CA THR I 1464 -144.68 89.87 57.95
C THR I 1464 -145.07 90.29 59.36
N ASN I 1465 -145.51 91.53 59.48
CA ASN I 1465 -145.88 92.15 60.74
C ASN I 1465 -147.29 92.68 60.60
N VAL I 1466 -148.14 92.47 61.62
CA VAL I 1466 -149.47 93.06 61.58
C VAL I 1466 -149.91 93.52 62.98
N ARG I 1467 -149.06 93.33 63.98
CA ARG I 1467 -149.46 93.44 65.38
C ARG I 1467 -150.59 92.46 65.69
N THR I 1468 -150.24 91.18 65.63
CA THR I 1468 -151.11 90.15 66.15
C THR I 1468 -151.37 90.39 67.62
N ASP I 1469 -152.50 89.87 68.09
CA ASP I 1469 -153.08 90.26 69.37
C ASP I 1469 -153.26 89.09 70.31
N CYS I 1470 -153.72 87.94 69.81
CA CYS I 1470 -154.14 86.83 70.66
C CYS I 1470 -153.37 85.58 70.24
N ASN I 1471 -152.05 85.71 70.36
CA ASN I 1471 -151.14 84.70 69.85
C ASN I 1471 -151.33 83.36 70.55
N HIS I 1472 -151.32 82.31 69.75
CA HIS I 1472 -151.50 80.94 70.23
C HIS I 1472 -150.23 80.13 70.02
N ILE I 1473 -149.92 79.29 71.01
CA ILE I 1473 -148.87 78.29 70.89
C ILE I 1473 -149.52 76.94 71.13
N PHE I 1474 -149.40 76.02 70.15
CA PHE I 1474 -149.89 74.65 70.29
C PHE I 1474 -148.76 73.65 70.06
N LEU I 1475 -148.50 72.79 71.04
CA LEU I 1475 -147.61 71.63 70.91
C LEU I 1475 -148.40 70.41 71.37
N ASN I 1476 -148.56 69.42 70.48
CA ASN I 1476 -149.21 68.15 70.83
C ASN I 1476 -148.26 66.98 71.09
N PHE I 1477 -147.98 66.71 72.37
CA PHE I 1477 -147.18 65.54 72.73
C PHE I 1477 -148.04 64.28 72.63
N VAL I 1478 -147.66 63.42 71.70
CA VAL I 1478 -148.17 62.06 71.52
C VAL I 1478 -147.43 61.04 72.39
N PRO I 1479 -146.27 61.35 73.09
CA PRO I 1479 -145.83 60.36 74.09
C PRO I 1479 -146.71 60.38 75.33
N THR I 1480 -146.42 59.49 76.29
CA THR I 1480 -147.22 59.31 77.50
C THR I 1480 -146.31 59.19 78.72
N VAL I 1481 -146.00 60.33 79.36
CA VAL I 1481 -145.08 60.37 80.48
C VAL I 1481 -145.85 60.11 81.78
N ILE I 1482 -145.14 59.93 82.89
CA ILE I 1482 -145.68 59.78 84.24
C ILE I 1482 -145.14 60.94 85.08
N MET I 1483 -146.05 61.76 85.63
CA MET I 1483 -145.66 62.86 86.49
C MET I 1483 -146.92 63.29 87.22
N ASP I 1484 -146.79 64.28 88.15
CA ASP I 1484 -147.94 64.79 88.89
C ASP I 1484 -148.51 66.03 88.20
N PRO I 1485 -149.78 66.39 88.50
CA PRO I 1485 -150.39 67.54 87.82
C PRO I 1485 -150.02 68.93 88.32
N SER I 1486 -149.67 69.10 89.59
CA SER I 1486 -149.54 70.45 90.13
C SER I 1486 -148.14 71.03 90.03
N LYS I 1487 -147.10 70.20 89.93
CA LYS I 1487 -145.79 70.74 89.59
C LYS I 1487 -145.69 70.99 88.09
N ILE I 1488 -146.45 70.24 87.29
CA ILE I 1488 -146.64 70.61 85.88
C ILE I 1488 -147.28 71.98 85.79
N GLU I 1489 -148.21 72.26 86.71
CA GLU I 1489 -148.90 73.54 86.69
C GLU I 1489 -147.98 74.66 87.11
N GLU I 1490 -147.15 74.41 88.12
CA GLU I 1490 -146.08 75.36 88.44
C GLU I 1490 -145.04 75.42 87.33
N SER I 1491 -144.75 74.30 86.67
CA SER I 1491 -143.71 74.32 85.64
C SER I 1491 -144.13 75.21 84.48
N VAL I 1492 -145.37 75.05 83.98
CA VAL I 1492 -145.82 75.89 82.89
C VAL I 1492 -146.10 77.31 83.39
N ARG I 1493 -146.50 77.45 84.66
CA ARG I 1493 -146.66 78.76 85.27
C ARG I 1493 -145.32 79.48 85.39
N SER I 1494 -144.35 78.83 86.03
CA SER I 1494 -143.02 79.42 86.19
C SER I 1494 -142.38 79.73 84.85
N MET I 1495 -142.54 78.82 83.88
CA MET I 1495 -141.98 79.04 82.55
C MET I 1495 -142.50 80.34 81.94
N VAL I 1496 -143.81 80.41 81.69
CA VAL I 1496 -144.39 81.58 81.04
C VAL I 1496 -144.16 82.83 81.88
N MET I 1497 -144.22 82.70 83.21
CA MET I 1497 -144.05 83.88 84.06
C MET I 1497 -142.63 84.43 83.99
N ARG I 1498 -141.63 83.54 84.05
CA ARG I 1498 -140.22 83.93 84.11
C ARG I 1498 -139.84 84.95 83.04
N TYR I 1499 -140.34 84.74 81.83
CA TYR I 1499 -140.20 85.68 80.72
C TYR I 1499 -141.42 86.59 80.63
N GLY I 1500 -141.16 87.89 80.66
CA GLY I 1500 -142.15 88.93 80.80
C GLY I 1500 -142.13 89.74 79.52
N SER I 1501 -141.24 90.74 79.41
CA SER I 1501 -141.18 91.57 78.21
C SER I 1501 -141.06 90.73 76.95
N ARG I 1502 -140.20 89.68 76.98
CA ARG I 1502 -140.03 88.80 75.84
C ARG I 1502 -141.38 88.29 75.33
N LEU I 1503 -142.26 87.89 76.24
CA LEU I 1503 -143.62 87.46 75.86
C LEU I 1503 -144.40 88.56 75.17
N TRP I 1504 -144.28 89.80 75.65
CA TRP I 1504 -145.14 90.87 75.17
C TRP I 1504 -144.72 91.37 73.82
N LYS I 1505 -143.45 91.22 73.44
CA LYS I 1505 -143.10 91.59 72.09
C LYS I 1505 -143.88 90.68 71.15
N LEU I 1506 -143.77 89.38 71.36
CA LEU I 1506 -144.59 88.37 70.68
C LEU I 1506 -146.04 88.34 71.17
N ARG I 1507 -146.32 88.92 72.33
CA ARG I 1507 -147.67 88.98 72.91
C ARG I 1507 -148.27 87.58 73.01
N VAL I 1508 -147.54 86.66 73.64
CA VAL I 1508 -148.09 85.32 73.85
C VAL I 1508 -148.92 85.34 75.13
N LEU I 1509 -150.21 85.05 74.99
CA LEU I 1509 -151.15 85.16 76.10
C LEU I 1509 -151.87 83.84 76.34
N GLN I 1510 -151.87 82.95 75.34
CA GLN I 1510 -152.56 81.68 75.38
C GLN I 1510 -151.60 80.72 74.72
N ALA I 1511 -151.40 79.60 75.37
CA ALA I 1511 -150.55 78.51 74.96
C ALA I 1511 -151.26 77.21 75.27
N GLU I 1512 -151.14 76.24 74.38
CA GLU I 1512 -151.73 74.93 74.61
C GLU I 1512 -150.66 73.89 74.43
N LEU I 1513 -150.67 72.97 75.37
CA LEU I 1513 -149.93 71.74 75.30
C LEU I 1513 -150.97 70.64 75.48
N LYS I 1514 -150.59 69.45 75.09
CA LYS I 1514 -151.19 68.27 75.66
C LYS I 1514 -150.00 67.42 76.01
N ILE I 1515 -150.24 66.46 76.86
CA ILE I 1515 -149.22 65.53 77.30
C ILE I 1515 -150.06 64.37 77.78
N ASN I 1516 -149.77 63.16 77.33
CA ASN I 1516 -150.59 62.07 77.79
C ASN I 1516 -149.91 61.75 79.11
N ILE I 1517 -150.72 61.69 80.15
CA ILE I 1517 -150.26 61.37 81.48
C ILE I 1517 -151.20 60.31 82.06
N ARG I 1518 -150.90 59.90 83.27
CA ARG I 1518 -151.65 58.91 84.02
C ARG I 1518 -150.97 58.81 85.37
N LEU I 1519 -151.52 58.03 86.27
CA LEU I 1519 -150.97 57.96 87.61
C LEU I 1519 -149.81 56.96 87.62
N THR I 1520 -149.19 56.79 88.80
CA THR I 1520 -147.89 56.12 88.85
C THR I 1520 -147.96 54.64 88.45
N PRO I 1521 -148.85 53.80 88.99
CA PRO I 1521 -148.92 52.42 88.52
C PRO I 1521 -149.74 52.24 87.24
N THR I 1522 -150.79 53.05 87.06
CA THR I 1522 -151.93 52.62 86.25
C THR I 1522 -151.54 52.35 84.79
N GLY I 1523 -150.78 53.27 84.18
CA GLY I 1523 -150.46 53.18 82.76
C GLY I 1523 -151.54 53.60 81.81
N LYS I 1524 -152.76 53.88 82.28
CA LYS I 1524 -153.87 54.26 81.43
C LYS I 1524 -153.68 55.70 80.94
N ALA I 1525 -152.93 55.87 79.85
CA ALA I 1525 -152.56 57.21 79.41
C ALA I 1525 -153.79 57.93 78.87
N ILE I 1526 -154.08 59.07 79.50
CA ILE I 1526 -155.20 59.95 79.18
C ILE I 1526 -154.66 61.23 78.55
N PRO I 1527 -155.44 61.95 77.70
CA PRO I 1527 -154.93 63.22 77.14
C PRO I 1527 -155.50 64.36 77.96
N ILE I 1528 -154.71 65.43 78.11
CA ILE I 1528 -155.14 66.60 78.85
C ILE I 1528 -154.79 67.93 78.16
N ARG I 1529 -155.73 68.46 77.40
CA ARG I 1529 -155.46 69.66 76.60
C ARG I 1529 -155.48 70.85 77.53
N LEU I 1530 -154.30 71.37 77.85
CA LEU I 1530 -154.21 72.56 78.68
C LEU I 1530 -154.33 73.75 77.74
N PHE I 1531 -155.20 74.69 78.09
CA PHE I 1531 -155.34 75.90 77.29
C PHE I 1531 -155.12 77.00 78.31
N LEU I 1532 -154.22 77.92 77.99
CA LEU I 1532 -153.80 78.97 78.90
C LEU I 1532 -154.57 80.23 78.53
N THR I 1533 -154.97 80.97 79.56
CA THR I 1533 -155.80 82.16 79.47
C THR I 1533 -155.09 83.24 80.26
N ASN I 1534 -154.59 84.23 79.53
CA ASN I 1534 -153.90 85.39 80.06
C ASN I 1534 -154.39 86.62 79.32
N GLU I 1535 -154.70 87.66 80.08
CA GLU I 1535 -155.23 88.93 79.64
C GLU I 1535 -154.12 89.96 79.90
N SER I 1536 -154.47 91.23 80.10
CA SER I 1536 -153.43 92.20 80.40
C SER I 1536 -152.71 91.73 81.65
N GLY I 1537 -151.38 91.86 81.65
CA GLY I 1537 -150.60 91.31 82.73
C GLY I 1537 -150.22 89.89 82.36
N TYR I 1538 -149.19 89.34 83.01
CA TYR I 1538 -148.78 87.99 82.65
C TYR I 1538 -149.37 86.94 83.55
N TYR I 1539 -150.33 87.30 84.41
CA TYR I 1539 -150.91 86.29 85.27
C TYR I 1539 -151.84 85.52 84.34
N LEU I 1540 -151.70 84.20 84.33
CA LEU I 1540 -152.48 83.37 83.43
C LEU I 1540 -153.09 82.22 84.21
N ASP I 1541 -154.36 81.95 83.94
CA ASP I 1541 -155.07 80.90 84.63
C ASP I 1541 -155.08 79.74 83.65
N ILE I 1542 -154.72 78.58 84.15
CA ILE I 1542 -154.58 77.36 83.36
C ILE I 1542 -155.80 76.49 83.52
N SER I 1543 -156.32 76.06 82.40
CA SER I 1543 -157.48 75.21 82.30
C SER I 1543 -156.89 73.88 81.90
N LEU I 1544 -157.00 72.92 82.82
CA LEU I 1544 -156.54 71.55 82.63
C LEU I 1544 -157.77 70.67 82.74
N TYR I 1545 -157.85 69.69 81.84
CA TYR I 1545 -159.02 68.84 81.82
C TYR I 1545 -158.60 67.38 81.78
N LYS I 1546 -159.58 66.53 81.49
CA LYS I 1546 -159.41 65.13 81.12
C LYS I 1546 -160.41 64.88 80.01
N GLU I 1547 -160.18 63.83 79.22
CA GLU I 1547 -161.05 63.53 78.09
C GLU I 1547 -162.51 63.42 78.52
N VAL I 1548 -162.78 63.00 79.75
CA VAL I 1548 -163.79 61.98 80.12
C VAL I 1548 -165.03 62.02 79.24
N THR I 1549 -165.48 60.85 78.79
CA THR I 1549 -166.78 60.76 78.13
C THR I 1549 -167.89 61.17 79.08
N ALA I 1554 -171.94 60.87 72.07
CA ALA I 1554 -170.81 59.97 72.31
C ALA I 1554 -169.47 60.62 71.94
N GLN I 1555 -169.49 61.89 71.55
CA GLN I 1555 -168.29 62.59 71.08
C GLN I 1555 -167.62 63.25 72.29
N ILE I 1556 -166.44 62.75 72.61
CA ILE I 1556 -165.72 62.97 73.88
C ILE I 1556 -165.67 64.44 74.28
N MET I 1557 -165.70 64.69 75.59
CA MET I 1557 -166.10 65.97 76.17
C MET I 1557 -165.15 66.25 77.32
N PHE I 1558 -164.37 67.31 77.20
CA PHE I 1558 -163.41 67.70 78.22
C PHE I 1558 -164.05 68.17 79.52
N GLN I 1559 -164.01 67.29 80.52
CA GLN I 1559 -164.51 67.56 81.86
C GLN I 1559 -163.39 67.22 82.82
N ALA I 1560 -162.97 68.20 83.63
CA ALA I 1560 -161.89 67.99 84.59
C ALA I 1560 -162.17 66.82 85.53
N LYS I 1564 -157.94 72.61 87.82
CA LYS I 1564 -158.35 73.98 88.10
C LYS I 1564 -159.87 74.04 87.92
N GLN I 1565 -160.41 75.22 87.62
CA GLN I 1565 -161.61 75.36 86.82
C GLN I 1565 -161.31 76.29 85.66
N GLY I 1566 -161.67 75.86 84.45
CA GLY I 1566 -161.27 76.51 83.23
C GLY I 1566 -162.40 77.03 82.35
N PRO I 1567 -162.24 78.21 81.75
CA PRO I 1567 -163.32 78.74 80.90
C PRO I 1567 -163.53 77.78 79.73
N LEU I 1568 -164.75 77.77 79.18
CA LEU I 1568 -165.09 76.85 78.09
C LEU I 1568 -164.84 75.41 78.55
N HIS I 1569 -165.53 75.04 79.63
CA HIS I 1569 -165.41 73.75 80.29
C HIS I 1569 -165.64 72.54 79.38
N GLY I 1570 -166.86 72.31 78.92
CA GLY I 1570 -167.19 71.08 78.22
C GLY I 1570 -167.63 71.35 76.80
N MET I 1571 -167.05 70.59 75.87
CA MET I 1571 -167.42 70.68 74.48
C MET I 1571 -166.96 69.43 73.73
N LEU I 1572 -167.53 69.23 72.55
CA LEU I 1572 -167.17 68.14 71.67
C LEU I 1572 -165.90 68.57 70.96
N ILE I 1573 -165.40 67.77 70.02
CA ILE I 1573 -163.99 67.91 69.70
C ILE I 1573 -163.78 68.85 68.52
N ASN I 1574 -164.74 68.98 67.60
CA ASN I 1574 -164.46 69.81 66.43
C ASN I 1574 -164.92 71.24 66.68
N THR I 1575 -164.48 71.79 67.81
CA THR I 1575 -164.93 73.08 68.32
C THR I 1575 -164.06 74.19 67.74
N PRO I 1576 -164.52 75.00 66.79
CA PRO I 1576 -163.64 76.04 66.27
C PRO I 1576 -163.30 77.08 67.33
N TYR I 1577 -162.12 77.66 67.22
CA TYR I 1577 -161.60 78.49 68.29
C TYR I 1577 -162.38 79.78 68.19
N VAL I 1578 -162.94 80.20 69.33
CA VAL I 1578 -163.76 81.41 69.37
C VAL I 1578 -162.98 82.55 68.75
N THR I 1579 -163.66 83.31 67.91
CA THR I 1579 -163.08 84.48 67.26
C THR I 1579 -163.43 85.71 68.08
N LYS I 1580 -162.38 86.35 68.58
CA LYS I 1580 -162.37 87.65 69.20
C LYS I 1580 -163.38 88.65 68.63
N VAL J 102 119.14 -122.17 -15.74
CA VAL J 102 119.85 -121.03 -15.19
C VAL J 102 119.04 -120.36 -14.08
N ALA J 103 119.77 -119.79 -13.10
CA ALA J 103 119.15 -119.17 -11.93
C ALA J 103 118.72 -117.73 -12.13
N SER J 104 119.30 -116.99 -13.06
CA SER J 104 119.05 -115.57 -13.18
C SER J 104 119.48 -115.09 -14.55
N PRO J 105 119.04 -113.90 -15.00
CA PRO J 105 119.53 -113.36 -16.27
C PRO J 105 121.04 -113.30 -16.36
N ALA J 106 121.73 -112.99 -15.25
CA ALA J 106 123.18 -112.98 -15.26
C ALA J 106 123.71 -114.37 -15.60
N GLU J 107 123.11 -115.40 -15.01
CA GLU J 107 123.51 -116.77 -15.31
C GLU J 107 123.17 -117.12 -16.75
N PHE J 108 122.02 -116.63 -17.23
CA PHE J 108 121.61 -116.87 -18.61
C PHE J 108 122.69 -116.38 -19.57
N VAL J 109 123.18 -115.16 -19.35
CA VAL J 109 124.22 -114.60 -20.20
C VAL J 109 125.46 -115.50 -20.21
N THR J 110 125.88 -115.98 -19.05
CA THR J 110 127.04 -116.87 -18.97
C THR J 110 126.80 -118.24 -19.62
N ARG J 111 125.73 -118.92 -19.22
CA ARG J 111 125.42 -120.26 -19.73
C ARG J 111 125.25 -120.27 -21.26
N PHE J 112 124.60 -119.25 -21.81
CA PHE J 112 124.31 -119.17 -23.24
C PHE J 112 125.33 -118.33 -24.01
N GLY J 113 126.48 -118.03 -23.41
CA GLY J 113 127.54 -117.36 -24.15
C GLY J 113 127.35 -115.90 -24.46
N GLY J 114 126.66 -115.15 -23.60
CA GLY J 114 126.49 -113.73 -23.78
C GLY J 114 127.61 -113.01 -23.04
N ASN J 115 127.61 -111.68 -23.11
CA ASN J 115 128.67 -110.89 -22.49
C ASN J 115 128.24 -109.66 -21.70
N LYS J 116 126.93 -109.40 -21.52
CA LYS J 116 126.50 -108.19 -20.82
C LYS J 116 125.28 -108.58 -20.01
N VAL J 117 125.36 -108.44 -18.69
CA VAL J 117 124.24 -108.76 -17.82
C VAL J 117 123.21 -107.65 -17.81
N ILE J 118 122.01 -107.96 -18.26
CA ILE J 118 120.86 -107.05 -18.24
C ILE J 118 119.82 -107.68 -17.33
N GLU J 119 119.57 -107.04 -16.20
CA GLU J 119 118.56 -107.44 -15.22
C GLU J 119 117.43 -106.43 -15.13
N LYS J 120 117.62 -105.24 -15.69
CA LYS J 120 116.69 -104.14 -15.61
C LYS J 120 116.74 -103.42 -16.95
N VAL J 121 115.56 -103.19 -17.53
CA VAL J 121 115.43 -102.54 -18.82
C VAL J 121 114.60 -101.29 -18.56
N LEU J 122 115.03 -100.17 -19.10
CA LEU J 122 114.23 -98.95 -19.02
C LEU J 122 113.46 -98.86 -20.33
N ILE J 123 112.14 -98.75 -20.24
CA ILE J 123 111.27 -98.56 -21.40
C ILE J 123 111.04 -97.08 -21.70
N ALA J 124 111.56 -96.62 -22.83
CA ALA J 124 111.35 -95.24 -23.31
C ALA J 124 110.20 -95.26 -24.33
N ASN J 125 109.01 -95.59 -23.86
CA ASN J 125 107.84 -95.75 -24.74
C ASN J 125 106.59 -95.93 -23.89
N ASN J 126 105.48 -96.16 -24.58
CA ASN J 126 104.19 -96.42 -23.96
C ASN J 126 103.39 -97.40 -24.81
N GLY J 127 102.08 -97.48 -24.55
CA GLY J 127 101.04 -98.26 -25.20
C GLY J 127 101.32 -99.74 -25.28
N ILE J 128 100.87 -100.35 -26.38
CA ILE J 128 101.04 -101.79 -26.59
C ILE J 128 102.51 -102.18 -26.63
N ALA J 129 103.37 -101.32 -27.18
CA ALA J 129 104.79 -101.65 -27.25
C ALA J 129 105.33 -101.97 -25.86
N ALA J 130 105.14 -101.06 -24.90
CA ALA J 130 105.58 -101.32 -23.54
C ALA J 130 104.93 -102.59 -23.00
N VAL J 131 103.63 -102.78 -23.26
CA VAL J 131 102.94 -103.99 -22.80
C VAL J 131 103.48 -105.21 -23.53
N LYS J 132 103.57 -105.13 -24.86
CA LYS J 132 104.08 -106.23 -25.65
C LYS J 132 105.51 -106.55 -25.25
N CYS J 133 106.34 -105.51 -25.06
CA CYS J 133 107.71 -105.72 -24.62
C CYS J 133 107.70 -106.47 -23.29
N MET J 134 106.86 -106.00 -22.38
CA MET J 134 106.74 -106.65 -21.08
C MET J 134 106.19 -108.07 -21.27
N ARG J 135 105.07 -108.21 -22.00
CA ARG J 135 104.51 -109.54 -22.22
C ARG J 135 105.51 -110.46 -22.90
N SER J 136 106.14 -109.99 -23.98
CA SER J 136 107.10 -110.84 -24.68
C SER J 136 108.28 -111.23 -23.82
N ILE J 137 108.91 -110.27 -23.15
CA ILE J 137 110.04 -110.61 -22.31
C ILE J 137 109.58 -111.37 -21.06
N ARG J 138 108.51 -110.88 -20.40
CA ARG J 138 108.01 -111.59 -19.21
C ARG J 138 107.55 -113.00 -19.55
N ARG J 139 107.02 -113.19 -20.76
CA ARG J 139 106.65 -114.52 -21.21
C ARG J 139 107.91 -115.33 -21.39
N TRP J 140 108.93 -114.69 -21.95
CA TRP J 140 110.22 -115.34 -22.12
C TRP J 140 110.85 -115.61 -20.77
N SER J 141 110.76 -114.66 -19.84
CA SER J 141 111.32 -114.89 -18.52
C SER J 141 110.56 -116.02 -17.84
N TYR J 142 109.24 -116.05 -18.04
CA TYR J 142 108.42 -117.13 -17.54
C TYR J 142 108.75 -118.43 -18.26
N GLU J 143 108.90 -118.35 -19.59
CA GLU J 143 109.30 -119.49 -20.39
C GLU J 143 110.68 -120.03 -19.98
N MET J 144 111.64 -119.12 -19.74
CA MET J 144 113.02 -119.50 -19.41
C MET J 144 113.20 -119.87 -17.94
N PHE J 145 112.59 -119.13 -17.03
CA PHE J 145 112.75 -119.26 -15.58
C PHE J 145 111.50 -119.58 -14.80
N ARG J 146 110.33 -119.66 -15.43
CA ARG J 146 109.08 -119.91 -14.73
C ARG J 146 108.86 -118.83 -13.67
N ASN J 147 109.38 -117.64 -13.97
CA ASN J 147 109.29 -116.43 -13.14
C ASN J 147 109.26 -115.29 -14.15
N GLU J 148 108.12 -114.64 -14.24
CA GLU J 148 107.90 -113.57 -15.20
C GLU J 148 108.67 -112.28 -14.91
N ARG J 149 109.23 -112.12 -13.72
CA ARG J 149 109.93 -110.90 -13.33
C ARG J 149 111.45 -111.02 -13.46
N ALA J 150 111.97 -112.04 -14.14
CA ALA J 150 113.42 -112.19 -14.27
C ALA J 150 114.07 -110.95 -14.90
N ILE J 151 113.45 -110.36 -15.92
CA ILE J 151 113.90 -109.09 -16.48
C ILE J 151 112.97 -107.99 -15.99
N ARG J 152 113.47 -107.13 -15.10
CA ARG J 152 112.62 -106.07 -14.58
C ARG J 152 112.52 -104.95 -15.61
N PHE J 153 111.40 -104.22 -15.59
CA PHE J 153 111.18 -103.08 -16.48
C PHE J 153 110.94 -101.79 -15.73
N VAL J 154 111.70 -100.75 -16.09
CA VAL J 154 111.49 -99.40 -15.58
C VAL J 154 110.80 -98.64 -16.70
N VAL J 155 109.71 -97.94 -16.37
CA VAL J 155 108.99 -97.14 -17.35
C VAL J 155 109.00 -95.66 -17.00
N MET J 156 108.91 -94.84 -18.04
CA MET J 156 108.83 -93.38 -17.93
C MET J 156 107.38 -93.00 -18.14
N VAL J 157 106.85 -92.17 -17.24
CA VAL J 157 105.44 -91.81 -17.24
C VAL J 157 105.30 -90.30 -17.39
N THR J 158 104.64 -89.88 -18.47
CA THR J 158 104.32 -88.50 -18.79
C THR J 158 103.02 -88.09 -18.09
N PRO J 159 102.83 -86.79 -17.81
CA PRO J 159 101.56 -86.36 -17.21
C PRO J 159 100.32 -86.80 -17.98
N GLU J 160 100.37 -86.76 -19.31
CA GLU J 160 99.26 -87.19 -20.15
C GLU J 160 98.93 -88.66 -19.90
N ASP J 161 99.94 -89.53 -19.99
CA ASP J 161 99.77 -90.96 -19.74
C ASP J 161 99.36 -91.21 -18.29
N LEU J 162 99.90 -90.42 -17.36
CA LEU J 162 99.53 -90.56 -15.95
C LEU J 162 98.07 -90.18 -15.74
N LYS J 163 97.65 -89.06 -16.33
CA LYS J 163 96.25 -88.66 -16.25
C LYS J 163 95.33 -89.70 -16.90
N ALA J 164 95.78 -90.36 -17.98
CA ALA J 164 94.97 -91.37 -18.64
C ALA J 164 94.92 -92.70 -17.88
N ASN J 165 95.78 -92.91 -16.89
CA ASN J 165 95.88 -94.17 -16.14
C ASN J 165 96.21 -95.37 -17.04
N ALA J 166 97.14 -95.15 -17.96
CA ALA J 166 97.63 -96.18 -18.89
C ALA J 166 98.07 -97.47 -18.19
N GLU J 167 97.42 -98.59 -18.57
CA GLU J 167 97.67 -99.89 -17.92
C GLU J 167 99.15 -100.28 -17.89
N TYR J 168 99.95 -99.85 -18.87
CA TYR J 168 101.34 -100.28 -18.91
C TYR J 168 102.14 -99.78 -17.71
N ILE J 169 101.75 -98.63 -17.14
CA ILE J 169 102.45 -98.11 -15.97
C ILE J 169 102.36 -99.13 -14.83
N LYS J 170 101.14 -99.56 -14.52
CA LYS J 170 100.94 -100.51 -13.43
C LYS J 170 101.44 -101.89 -13.84
N MET J 171 101.45 -102.19 -15.14
CA MET J 171 102.01 -103.46 -15.59
C MET J 171 103.49 -103.51 -15.27
N ALA J 172 104.17 -102.37 -15.43
CA ALA J 172 105.60 -102.26 -15.20
C ALA J 172 105.94 -102.58 -13.74
N ASP J 173 107.17 -103.05 -13.54
CA ASP J 173 107.67 -103.34 -12.21
C ASP J 173 108.12 -102.09 -11.48
N HIS J 174 108.45 -101.03 -12.22
CA HIS J 174 108.92 -99.78 -11.66
C HIS J 174 108.62 -98.70 -12.68
N TYR J 175 108.21 -97.53 -12.21
CA TYR J 175 107.89 -96.38 -13.05
C TYR J 175 108.63 -95.14 -12.57
N VAL J 176 108.97 -94.27 -13.53
CA VAL J 176 109.74 -93.06 -13.28
C VAL J 176 108.98 -91.88 -13.89
N PRO J 177 108.51 -90.90 -13.09
CA PRO J 177 107.85 -89.73 -13.69
C PRO J 177 108.85 -88.86 -14.45
N VAL J 178 108.48 -88.47 -15.67
CA VAL J 178 109.34 -87.65 -16.52
C VAL J 178 108.60 -86.35 -16.82
N PRO J 179 109.32 -85.31 -17.26
CA PRO J 179 108.67 -84.02 -17.55
C PRO J 179 107.67 -84.04 -18.68
N GLY J 180 106.61 -83.25 -18.51
CA GLY J 180 105.56 -83.10 -19.48
C GLY J 180 106.01 -82.17 -20.58
N GLY J 181 105.09 -81.85 -21.49
CA GLY J 181 105.38 -80.97 -22.59
C GLY J 181 105.79 -81.65 -23.89
N PRO J 182 106.57 -80.97 -24.73
CA PRO J 182 106.97 -81.60 -26.00
C PRO J 182 107.85 -82.83 -25.83
N ASN J 183 107.69 -83.75 -26.80
CA ASN J 183 108.37 -85.04 -26.82
C ASN J 183 109.88 -85.01 -26.62
N ASN J 184 110.52 -83.86 -26.84
CA ASN J 184 111.95 -83.70 -26.63
C ASN J 184 112.39 -83.73 -25.16
N ASN J 185 111.46 -83.51 -24.21
CA ASN J 185 111.72 -83.52 -22.77
C ASN J 185 111.55 -84.82 -22.01
N ASN J 186 110.94 -85.89 -22.54
CA ASN J 186 110.72 -87.11 -21.74
C ASN J 186 111.32 -88.30 -22.45
N TYR J 187 110.52 -89.16 -23.12
CA TYR J 187 111.03 -90.35 -23.79
C TYR J 187 112.25 -90.07 -24.68
N ALA J 188 112.31 -88.91 -25.32
CA ALA J 188 113.41 -88.58 -26.22
C ALA J 188 114.49 -87.72 -25.61
N ASN J 189 114.36 -87.29 -24.35
CA ASN J 189 115.41 -86.47 -23.76
C ASN J 189 116.52 -87.42 -23.31
N VAL J 190 117.55 -87.55 -24.15
CA VAL J 190 118.66 -88.47 -23.86
C VAL J 190 119.39 -88.10 -22.57
N GLU J 191 119.61 -86.81 -22.32
CA GLU J 191 120.28 -86.44 -21.08
C GLU J 191 119.42 -86.85 -19.89
N LEU J 192 118.10 -86.69 -20.00
CA LEU J 192 117.25 -87.14 -18.91
C LEU J 192 117.32 -88.66 -18.79
N ILE J 193 117.26 -89.37 -19.92
CA ILE J 193 117.34 -90.83 -19.90
C ILE J 193 118.64 -91.25 -19.24
N LEU J 194 119.75 -90.61 -19.64
CA LEU J 194 121.05 -90.93 -19.08
C LEU J 194 121.06 -90.67 -17.58
N ASP J 195 120.55 -89.50 -17.17
CA ASP J 195 120.48 -89.17 -15.74
C ASP J 195 119.71 -90.25 -15.00
N ILE J 196 118.60 -90.72 -15.58
CA ILE J 196 117.84 -91.78 -14.94
C ILE J 196 118.62 -93.09 -15.02
N ALA J 197 119.22 -93.36 -16.18
CA ALA J 197 120.01 -94.56 -16.37
C ALA J 197 121.15 -94.62 -15.36
N LYS J 198 121.82 -93.50 -15.14
CA LYS J 198 122.92 -93.43 -14.18
C LYS J 198 122.40 -93.55 -12.74
N ARG J 199 121.22 -92.99 -12.48
CA ARG J 199 120.69 -92.88 -11.12
C ARG J 199 120.18 -94.19 -10.55
N ILE J 200 119.43 -95.00 -11.31
CA ILE J 200 118.92 -96.27 -10.75
C ILE J 200 120.06 -97.15 -10.22
N PRO J 201 121.07 -97.57 -11.02
CA PRO J 201 121.26 -97.46 -12.47
C PRO J 201 120.63 -98.66 -13.19
N VAL J 202 120.48 -98.58 -14.51
CA VAL J 202 120.00 -99.70 -15.30
C VAL J 202 121.12 -100.21 -16.18
N GLN J 203 120.94 -101.43 -16.68
CA GLN J 203 121.88 -102.07 -17.58
C GLN J 203 121.43 -102.04 -19.02
N ALA J 204 120.16 -101.73 -19.30
CA ALA J 204 119.71 -101.65 -20.68
C ALA J 204 118.54 -100.69 -20.81
N VAL J 205 118.36 -100.19 -22.03
CA VAL J 205 117.25 -99.32 -22.40
C VAL J 205 116.52 -99.94 -23.59
N TRP J 206 115.19 -99.96 -23.52
CA TRP J 206 114.34 -100.37 -24.64
C TRP J 206 113.53 -99.15 -25.07
N ALA J 207 113.68 -98.75 -26.34
CA ALA J 207 112.98 -97.56 -26.84
C ALA J 207 111.69 -97.84 -27.60
N GLY J 208 111.49 -99.02 -28.17
CA GLY J 208 110.24 -99.24 -28.88
C GLY J 208 110.15 -98.46 -30.18
N TRP J 209 109.03 -97.75 -30.37
CA TRP J 209 108.73 -96.92 -31.51
C TRP J 209 108.48 -95.50 -31.06
N GLY J 210 108.79 -94.54 -31.92
CA GLY J 210 108.73 -93.17 -31.51
C GLY J 210 109.95 -92.63 -30.78
N HIS J 211 109.69 -91.49 -30.17
CA HIS J 211 110.57 -90.57 -29.42
C HIS J 211 112.04 -90.95 -29.32
N ALA J 212 112.52 -91.86 -28.45
CA ALA J 212 113.95 -92.15 -28.52
C ALA J 212 114.27 -93.37 -29.35
N SER J 213 113.29 -93.99 -30.01
CA SER J 213 113.60 -95.16 -30.83
C SER J 213 114.55 -94.85 -31.97
N GLU J 214 114.61 -93.58 -32.39
CA GLU J 214 115.44 -93.13 -33.50
C GLU J 214 116.38 -92.01 -33.11
N ASN J 215 116.62 -91.80 -31.81
CA ASN J 215 117.55 -90.77 -31.39
C ASN J 215 118.93 -91.40 -31.17
N PRO J 216 119.92 -91.11 -32.03
CA PRO J 216 121.24 -91.76 -31.87
C PRO J 216 121.95 -91.38 -30.58
N LYS J 217 121.52 -90.33 -29.91
CA LYS J 217 122.16 -89.95 -28.65
C LYS J 217 121.91 -90.97 -27.55
N LEU J 218 120.76 -91.65 -27.57
CA LEU J 218 120.47 -92.63 -26.51
C LEU J 218 121.53 -93.72 -26.43
N PRO J 219 121.77 -94.55 -27.45
CA PRO J 219 122.88 -95.51 -27.33
C PRO J 219 124.24 -94.85 -27.18
N GLU J 220 124.41 -93.65 -27.74
CA GLU J 220 125.68 -92.93 -27.66
C GLU J 220 126.08 -92.59 -26.23
N LEU J 221 125.23 -91.85 -25.53
CA LEU J 221 125.51 -91.46 -24.14
C LEU J 221 125.52 -92.64 -23.18
N LEU J 222 124.64 -93.64 -23.39
CA LEU J 222 124.62 -94.80 -22.50
C LEU J 222 125.93 -95.59 -22.55
N LEU J 223 126.48 -95.80 -23.75
CA LEU J 223 127.74 -96.56 -23.85
C LEU J 223 128.88 -95.87 -23.13
N LYS J 224 128.98 -94.54 -23.24
CA LYS J 224 130.02 -93.79 -22.52
C LYS J 224 129.95 -94.02 -21.01
N ASN J 225 128.76 -94.31 -20.49
CA ASN J 225 128.53 -94.55 -19.07
C ASN J 225 128.43 -96.04 -18.75
N GLY J 226 128.82 -96.91 -19.68
CA GLY J 226 128.74 -98.35 -19.48
C GLY J 226 127.37 -98.95 -19.38
N ILE J 227 126.35 -98.34 -19.98
CA ILE J 227 124.98 -98.84 -19.93
C ILE J 227 124.63 -99.36 -21.31
N ALA J 228 124.17 -100.61 -21.36
CA ALA J 228 123.82 -101.26 -22.61
C ALA J 228 122.53 -100.68 -23.20
N PHE J 229 122.38 -100.86 -24.50
CA PHE J 229 121.19 -100.44 -25.24
C PHE J 229 120.66 -101.62 -26.04
N MET J 230 119.38 -101.96 -25.87
CA MET J 230 118.81 -103.08 -26.61
C MET J 230 118.38 -102.63 -28.01
N GLY J 231 119.39 -102.33 -28.81
CA GLY J 231 119.21 -101.87 -30.16
C GLY J 231 120.56 -101.54 -30.77
N PRO J 232 120.56 -101.11 -32.03
CA PRO J 232 121.84 -100.82 -32.69
C PRO J 232 122.52 -99.64 -32.01
N PRO J 233 123.84 -99.55 -32.07
CA PRO J 233 124.52 -98.37 -31.53
C PRO J 233 124.17 -97.13 -32.34
N SER J 234 124.43 -95.97 -31.72
CA SER J 234 124.16 -94.65 -32.31
C SER J 234 124.47 -94.55 -33.79
N GLN J 235 125.70 -94.89 -34.17
CA GLN J 235 126.10 -94.79 -35.57
C GLN J 235 125.20 -95.66 -36.44
N ALA J 236 125.04 -96.93 -36.05
CA ALA J 236 124.22 -97.85 -36.82
C ALA J 236 122.74 -97.49 -36.80
N MET J 237 122.24 -96.85 -35.72
CA MET J 237 120.82 -96.52 -35.72
C MET J 237 120.51 -95.40 -36.69
N TRP J 238 121.42 -94.45 -36.85
CA TRP J 238 121.18 -93.34 -37.76
C TRP J 238 121.49 -93.79 -39.17
N ALA J 239 122.67 -94.40 -39.37
CA ALA J 239 123.09 -94.82 -40.70
C ALA J 239 122.16 -95.87 -41.31
N LEU J 240 121.30 -96.52 -40.50
CA LEU J 240 120.33 -97.50 -40.97
C LEU J 240 118.89 -97.08 -40.71
N GLY J 241 118.65 -96.24 -39.71
CA GLY J 241 117.33 -95.73 -39.41
C GLY J 241 117.01 -94.52 -40.26
N ASP J 242 118.01 -93.67 -40.47
CA ASP J 242 117.84 -92.50 -41.32
C ASP J 242 117.73 -92.93 -42.78
N LYS J 243 116.65 -92.49 -43.42
CA LYS J 243 116.31 -92.92 -44.79
C LYS J 243 117.40 -92.60 -45.80
N ILE J 244 117.98 -91.40 -45.73
CA ILE J 244 119.07 -91.04 -46.64
C ILE J 244 120.25 -91.97 -46.46
N ALA J 245 120.75 -92.08 -45.23
CA ALA J 245 121.90 -92.93 -44.97
C ALA J 245 121.61 -94.39 -45.28
N SER J 246 120.42 -94.88 -44.93
CA SER J 246 120.07 -96.29 -45.16
C SER J 246 119.99 -96.62 -46.64
N SER J 247 119.49 -95.70 -47.46
CA SER J 247 119.44 -95.94 -48.89
C SER J 247 120.86 -96.07 -49.45
N ILE J 248 121.79 -95.32 -48.90
CA ILE J 248 123.18 -95.44 -49.30
C ILE J 248 123.72 -96.79 -48.86
N VAL J 249 123.36 -97.22 -47.65
CA VAL J 249 123.74 -98.54 -47.17
C VAL J 249 123.15 -99.62 -48.05
N ALA J 250 121.87 -99.49 -48.42
CA ALA J 250 121.24 -100.48 -49.29
C ALA J 250 122.04 -100.63 -50.58
N GLN J 251 122.43 -99.52 -51.18
CA GLN J 251 123.26 -99.56 -52.38
C GLN J 251 124.61 -100.19 -52.10
N THR J 252 125.18 -99.90 -50.93
CA THR J 252 126.46 -100.52 -50.55
C THR J 252 126.33 -102.03 -50.50
N ALA J 253 125.19 -102.55 -50.06
CA ALA J 253 124.99 -103.99 -50.02
C ALA J 253 124.70 -104.56 -51.40
N GLY J 254 124.45 -103.70 -52.39
CA GLY J 254 124.13 -104.10 -53.74
C GLY J 254 122.67 -104.42 -53.97
N ILE J 255 121.78 -103.85 -53.14
CA ILE J 255 120.35 -104.02 -53.24
C ILE J 255 119.76 -102.88 -54.08
N PRO J 256 118.92 -103.14 -55.08
CA PRO J 256 118.38 -102.02 -55.87
C PRO J 256 117.54 -101.09 -55.00
N THR J 257 117.55 -99.81 -55.38
CA THR J 257 116.83 -98.75 -54.71
C THR J 257 116.15 -97.94 -55.80
N LEU J 258 115.05 -97.28 -55.42
CA LEU J 258 114.35 -96.47 -56.40
C LEU J 258 115.15 -95.22 -56.79
N PRO J 259 114.92 -94.70 -58.00
CA PRO J 259 115.61 -93.49 -58.45
C PRO J 259 115.47 -92.34 -57.48
N TRP J 260 116.60 -91.78 -57.10
CA TRP J 260 116.65 -90.67 -56.15
C TRP J 260 117.87 -89.83 -56.49
N SER J 261 117.94 -88.65 -55.87
CA SER J 261 119.06 -87.71 -56.08
C SER J 261 120.45 -88.32 -55.83
N GLY J 262 120.53 -89.43 -55.09
CA GLY J 262 121.78 -90.09 -54.76
C GLY J 262 121.98 -91.48 -55.34
N SER J 263 121.26 -91.79 -56.42
CA SER J 263 121.45 -93.07 -57.09
C SER J 263 122.89 -93.25 -57.55
N GLY J 264 123.38 -94.49 -57.42
CA GLY J 264 124.71 -94.91 -57.78
C GLY J 264 125.73 -94.74 -56.66
N LEU J 265 125.42 -93.90 -55.68
CA LEU J 265 126.29 -93.63 -54.55
C LEU J 265 126.27 -94.75 -53.52
N ARG J 266 127.44 -95.14 -53.04
CA ARG J 266 127.51 -96.18 -52.02
C ARG J 266 128.90 -96.11 -51.38
N VAL J 267 129.20 -97.08 -50.51
CA VAL J 267 130.48 -97.11 -49.82
C VAL J 267 130.88 -98.54 -49.52
N ILE J 278 131.32 -102.44 -38.94
CA ILE J 278 130.37 -101.36 -38.75
C ILE J 278 130.67 -100.26 -39.76
N LEU J 279 129.60 -99.73 -40.33
CA LEU J 279 129.64 -98.77 -41.42
C LEU J 279 129.39 -97.34 -40.96
N ASN J 280 129.81 -96.41 -41.81
CA ASN J 280 129.63 -94.98 -41.64
C ASN J 280 129.50 -94.44 -43.05
N VAL J 281 128.58 -93.52 -43.25
CA VAL J 281 128.36 -92.90 -44.55
C VAL J 281 129.10 -91.57 -44.50
N PRO J 282 130.15 -91.36 -45.30
CA PRO J 282 130.87 -90.08 -45.22
C PRO J 282 130.00 -88.93 -45.71
N GLN J 283 130.15 -87.79 -45.02
CA GLN J 283 129.36 -86.60 -45.31
C GLN J 283 129.38 -86.21 -46.77
N GLU J 284 130.48 -86.46 -47.47
CA GLU J 284 130.53 -86.09 -48.88
C GLU J 284 129.63 -86.99 -49.71
N LEU J 285 129.66 -88.31 -49.45
CA LEU J 285 128.75 -89.21 -50.16
C LEU J 285 127.31 -88.94 -49.75
N TYR J 286 127.07 -88.83 -48.44
CA TYR J 286 125.75 -88.56 -47.88
C TYR J 286 125.15 -87.26 -48.40
N GLU J 287 125.97 -86.19 -48.46
CA GLU J 287 125.51 -84.88 -48.95
C GLU J 287 125.04 -84.84 -50.40
N LYS J 288 125.33 -85.86 -51.21
CA LYS J 288 124.83 -85.82 -52.58
C LYS J 288 123.41 -86.36 -52.71
N GLY J 289 123.05 -87.35 -51.90
CA GLY J 289 121.71 -87.90 -51.99
C GLY J 289 120.59 -87.01 -51.50
N TYR J 290 120.89 -86.11 -50.57
CA TYR J 290 119.91 -85.21 -49.98
C TYR J 290 119.91 -83.82 -50.62
N VAL J 291 118.83 -83.09 -50.33
CA VAL J 291 118.59 -81.72 -50.81
C VAL J 291 118.60 -80.68 -49.69
N LYS J 292 119.76 -80.06 -49.49
CA LYS J 292 119.99 -79.08 -48.42
C LYS J 292 118.92 -77.99 -48.31
N ASP J 293 118.22 -77.68 -49.40
CA ASP J 293 117.22 -76.63 -49.37
C ASP J 293 116.21 -76.85 -50.50
N VAL J 294 115.20 -75.98 -50.55
CA VAL J 294 114.15 -76.08 -51.57
C VAL J 294 114.77 -75.96 -52.97
N ASP J 295 115.74 -75.06 -53.12
CA ASP J 295 116.38 -74.87 -54.41
C ASP J 295 117.03 -76.15 -54.90
N ASP J 296 117.83 -76.79 -54.05
CA ASP J 296 118.40 -78.07 -54.43
C ASP J 296 117.33 -79.13 -54.61
N GLY J 297 116.24 -79.04 -53.83
CA GLY J 297 115.14 -79.98 -53.97
C GLY J 297 114.35 -79.85 -55.26
N LEU J 298 113.96 -78.63 -55.63
CA LEU J 298 113.23 -78.41 -56.87
C LEU J 298 114.00 -78.93 -58.08
N GLN J 299 115.33 -78.76 -58.07
CA GLN J 299 116.18 -79.25 -59.15
C GLN J 299 116.27 -80.78 -59.13
N ALA J 300 116.47 -81.35 -57.94
CA ALA J 300 116.56 -82.80 -57.78
C ALA J 300 115.29 -83.50 -58.25
N ALA J 301 114.13 -82.99 -57.84
CA ALA J 301 112.84 -83.57 -58.24
C ALA J 301 112.69 -83.64 -59.77
N GLU J 302 113.27 -82.70 -60.50
CA GLU J 302 113.15 -82.72 -61.96
C GLU J 302 114.01 -83.80 -62.59
N GLU J 303 115.22 -84.01 -62.05
CA GLU J 303 116.12 -85.03 -62.59
C GLU J 303 115.55 -86.44 -62.45
N VAL J 304 115.16 -86.82 -61.23
CA VAL J 304 114.59 -88.16 -61.02
C VAL J 304 113.30 -88.32 -61.81
N GLY J 305 112.49 -87.27 -61.86
CA GLY J 305 111.24 -87.27 -62.59
C GLY J 305 110.06 -87.59 -61.67
N TYR J 306 109.01 -86.82 -61.86
CA TYR J 306 107.77 -86.96 -61.12
C TYR J 306 107.06 -88.27 -61.46
N PRO J 307 106.29 -88.84 -60.49
CA PRO J 307 106.03 -88.38 -59.13
C PRO J 307 107.13 -88.70 -58.13
N VAL J 308 107.38 -87.79 -57.19
CA VAL J 308 108.41 -87.95 -56.19
C VAL J 308 107.79 -87.90 -54.80
N MET J 309 108.61 -88.20 -53.79
CA MET J 309 108.22 -88.14 -52.38
C MET J 309 109.18 -87.27 -51.60
N ILE J 310 108.68 -86.26 -50.89
CA ILE J 310 109.51 -85.49 -49.98
C ILE J 310 109.38 -86.23 -48.66
N LYS J 311 110.49 -86.70 -48.15
CA LYS J 311 110.52 -87.51 -46.94
C LYS J 311 111.56 -87.00 -45.96
N ALA J 312 111.14 -86.79 -44.72
CA ALA J 312 112.08 -86.44 -43.67
C ALA J 312 112.85 -87.72 -43.38
N SER J 313 114.18 -87.62 -43.39
CA SER J 313 114.95 -88.85 -43.22
C SER J 313 114.88 -89.39 -41.80
N GLU J 314 114.49 -88.58 -40.82
CA GLU J 314 114.37 -89.04 -39.45
C GLU J 314 112.90 -89.31 -39.10
N GLY J 315 112.01 -89.19 -40.07
CA GLY J 315 110.60 -89.45 -39.85
C GLY J 315 110.31 -90.93 -39.66
N GLY J 316 109.53 -91.24 -38.63
CA GLY J 316 109.14 -92.61 -38.36
C GLY J 316 107.63 -92.73 -38.28
N GLY J 317 107.13 -93.92 -38.63
CA GLY J 317 105.70 -94.16 -38.58
C GLY J 317 104.87 -93.17 -39.38
N GLY J 318 105.26 -92.93 -40.64
CA GLY J 318 104.52 -92.00 -41.47
C GLY J 318 104.67 -90.55 -41.10
N LYS J 319 105.71 -90.21 -40.35
CA LYS J 319 105.95 -88.82 -39.96
C LYS J 319 106.90 -88.20 -40.98
N GLY J 320 106.56 -87.01 -41.47
CA GLY J 320 107.47 -86.34 -42.39
C GLY J 320 107.43 -86.83 -43.81
N ILE J 321 106.26 -87.14 -44.36
CA ILE J 321 106.15 -87.65 -45.73
C ILE J 321 105.14 -86.85 -46.54
N ARG J 322 105.56 -86.38 -47.71
CA ARG J 322 104.68 -85.65 -48.61
C ARG J 322 104.88 -86.13 -50.04
N LYS J 323 103.76 -86.39 -50.72
CA LYS J 323 103.70 -86.79 -52.12
C LYS J 323 103.68 -85.54 -53.00
N VAL J 324 104.54 -85.48 -54.01
CA VAL J 324 104.64 -84.29 -54.86
C VAL J 324 104.38 -84.68 -56.31
N ASN J 325 103.37 -84.06 -56.90
CA ASN J 325 102.97 -84.27 -58.29
C ASN J 325 103.57 -83.22 -59.21
N ASN J 326 103.87 -82.03 -58.70
CA ASN J 326 104.42 -80.95 -59.51
C ASN J 326 105.26 -80.00 -58.66
N ALA J 327 106.13 -79.27 -59.36
CA ALA J 327 107.07 -78.31 -58.79
C ALA J 327 106.43 -77.18 -57.99
N ASP J 328 105.17 -76.85 -58.24
CA ASP J 328 104.53 -75.76 -57.51
C ASP J 328 104.21 -76.14 -56.07
N ASP J 329 103.86 -77.39 -55.82
CA ASP J 329 103.55 -77.85 -54.47
C ASP J 329 104.80 -78.03 -53.62
N PHE J 330 105.93 -78.41 -54.24
CA PHE J 330 107.20 -78.68 -53.57
C PHE J 330 107.63 -77.70 -52.48
N PRO J 331 107.70 -76.37 -52.69
CA PRO J 331 108.26 -75.52 -51.62
C PRO J 331 107.53 -75.63 -50.30
N ASN J 332 106.20 -75.59 -50.32
CA ASN J 332 105.46 -75.74 -49.07
C ASN J 332 105.56 -77.15 -48.52
N LEU J 333 105.52 -78.15 -49.40
CA LEU J 333 105.67 -79.52 -48.93
C LEU J 333 107.04 -79.72 -48.31
N PHE J 334 108.06 -79.06 -48.87
CA PHE J 334 109.37 -79.10 -48.26
C PHE J 334 109.30 -78.39 -46.91
N ARG J 335 108.61 -77.24 -46.88
CA ARG J 335 108.42 -76.46 -45.67
C ARG J 335 107.55 -77.20 -44.65
N GLN J 336 106.59 -78.00 -45.12
CA GLN J 336 105.74 -78.78 -44.23
C GLN J 336 106.54 -79.87 -43.52
N VAL J 337 107.37 -80.60 -44.26
CA VAL J 337 108.19 -81.63 -43.63
C VAL J 337 109.11 -80.97 -42.60
N GLN J 338 109.66 -79.79 -42.95
CA GLN J 338 110.46 -79.05 -41.99
C GLN J 338 109.61 -78.69 -40.78
N ALA J 339 108.41 -78.15 -41.03
CA ALA J 339 107.52 -77.77 -39.95
C ALA J 339 107.03 -78.98 -39.17
N GLU J 340 106.76 -80.10 -39.86
CA GLU J 340 106.29 -81.30 -39.16
C GLU J 340 107.37 -81.87 -38.24
N VAL J 341 108.58 -82.04 -38.76
CA VAL J 341 109.73 -82.57 -38.03
C VAL J 341 110.89 -81.58 -38.13
N PRO J 342 110.91 -80.49 -37.38
CA PRO J 342 112.01 -79.53 -37.53
C PRO J 342 113.32 -80.14 -37.08
N GLY J 343 114.37 -79.84 -37.86
CA GLY J 343 115.70 -80.35 -37.63
C GLY J 343 116.00 -81.62 -38.39
N SER J 344 114.98 -82.33 -38.88
CA SER J 344 115.22 -83.56 -39.62
C SER J 344 115.68 -83.23 -41.04
N PRO J 345 116.71 -83.88 -41.58
CA PRO J 345 117.02 -83.67 -42.99
C PRO J 345 115.89 -84.13 -43.89
N ILE J 346 115.86 -83.57 -45.11
CA ILE J 346 114.83 -83.91 -46.09
C ILE J 346 115.50 -84.36 -47.37
N PHE J 347 114.94 -85.41 -47.98
CA PHE J 347 115.38 -85.91 -49.28
C PHE J 347 114.17 -86.06 -50.20
N VAL J 348 114.46 -86.28 -51.48
CA VAL J 348 113.40 -86.46 -52.48
C VAL J 348 113.69 -87.74 -53.25
N MET J 349 112.67 -88.57 -53.47
CA MET J 349 112.81 -89.82 -54.21
C MET J 349 111.61 -90.05 -55.11
N ARG J 350 111.82 -90.75 -56.23
CA ARG J 350 110.74 -91.09 -57.14
C ARG J 350 109.78 -92.13 -56.52
N LEU J 351 108.49 -91.83 -56.54
CA LEU J 351 107.46 -92.75 -56.05
C LEU J 351 107.22 -93.85 -57.07
N ALA J 352 107.62 -95.08 -56.75
CA ALA J 352 107.47 -96.17 -57.70
C ALA J 352 105.99 -96.44 -57.93
N LYS J 353 105.68 -97.21 -58.96
CA LYS J 353 104.28 -97.51 -59.19
C LYS J 353 103.82 -98.52 -58.16
N GLN J 354 102.49 -98.60 -57.97
CA GLN J 354 101.94 -99.59 -57.04
C GLN J 354 102.48 -100.97 -57.36
N SER J 355 103.09 -101.54 -56.34
CA SER J 355 103.88 -102.76 -56.30
C SER J 355 103.57 -103.39 -54.95
N ARG J 356 104.31 -104.44 -54.58
CA ARG J 356 104.14 -105.03 -53.27
C ARG J 356 105.19 -104.48 -52.33
N HIS J 357 104.76 -104.10 -51.14
CA HIS J 357 105.66 -103.62 -50.12
C HIS J 357 105.79 -104.80 -49.16
N LEU J 358 107.00 -105.32 -49.07
CA LEU J 358 107.30 -106.48 -48.25
C LEU J 358 108.38 -106.10 -47.27
N GLU J 359 108.38 -106.80 -46.14
CA GLU J 359 109.35 -106.56 -45.10
C GLU J 359 109.99 -107.88 -44.76
N VAL J 360 111.27 -107.82 -44.44
CA VAL J 360 112.04 -108.96 -43.95
C VAL J 360 112.38 -108.68 -42.50
N GLN J 361 112.02 -109.58 -41.62
CA GLN J 361 112.38 -109.39 -40.23
C GLN J 361 113.81 -109.86 -40.09
N ILE J 362 114.65 -109.00 -39.54
CA ILE J 362 116.06 -109.28 -39.35
C ILE J 362 116.36 -109.41 -37.87
N LEU J 363 117.34 -110.26 -37.59
CA LEU J 363 117.86 -110.49 -36.25
C LEU J 363 119.36 -110.70 -36.38
N ALA J 364 120.16 -109.82 -35.75
CA ALA J 364 121.62 -109.90 -35.81
C ALA J 364 122.25 -109.86 -34.43
N ASP J 365 123.31 -110.65 -34.22
CA ASP J 365 124.06 -110.66 -32.96
C ASP J 365 125.24 -109.68 -33.00
N GLN J 366 126.12 -109.72 -31.99
CA GLN J 366 127.27 -108.82 -31.91
C GLN J 366 128.54 -109.32 -32.62
N TYR J 367 128.46 -110.43 -33.37
CA TYR J 367 129.61 -111.06 -34.02
C TYR J 367 129.53 -111.16 -35.55
N GLY J 368 128.51 -110.59 -36.18
CA GLY J 368 128.36 -110.67 -37.62
C GLY J 368 127.31 -111.63 -38.13
N ASN J 369 126.68 -112.40 -37.26
CA ASN J 369 125.59 -113.29 -37.69
C ASN J 369 124.30 -112.47 -37.70
N ALA J 370 123.64 -112.41 -38.86
CA ALA J 370 122.39 -111.71 -39.12
C ALA J 370 121.53 -112.68 -39.88
N ILE J 371 120.23 -112.80 -39.54
CA ILE J 371 119.39 -113.74 -40.28
C ILE J 371 118.07 -113.19 -40.77
N SER J 372 117.53 -113.95 -41.71
CA SER J 372 116.22 -113.86 -42.30
C SER J 372 115.36 -114.96 -41.69
N LEU J 373 114.07 -114.70 -41.57
CA LEU J 373 113.14 -115.71 -41.07
C LEU J 373 112.21 -116.04 -42.22
N PHE J 374 111.45 -115.04 -42.66
CA PHE J 374 110.46 -115.04 -43.74
C PHE J 374 110.16 -113.56 -43.87
N GLY J 375 109.06 -113.18 -44.49
CA GLY J 375 108.72 -111.78 -44.66
C GLY J 375 107.33 -111.44 -44.16
N ARG J 376 107.01 -110.17 -44.33
CA ARG J 376 105.71 -109.61 -44.01
C ARG J 376 105.37 -108.71 -45.18
N ASP J 377 104.11 -108.75 -45.62
CA ASP J 377 103.61 -107.88 -46.68
C ASP J 377 102.91 -106.68 -46.06
N CYS J 378 103.40 -105.48 -46.36
CA CYS J 378 102.77 -104.26 -45.87
C CYS J 378 102.42 -103.38 -47.05
N SER J 379 101.97 -104.02 -48.13
CA SER J 379 101.54 -103.30 -49.33
C SER J 379 100.22 -102.60 -49.08
N VAL J 380 99.38 -103.24 -48.27
CA VAL J 380 98.07 -102.75 -47.89
C VAL J 380 98.14 -101.55 -46.95
N GLN J 381 98.02 -100.33 -47.50
CA GLN J 381 98.12 -99.11 -46.70
C GLN J 381 96.94 -98.19 -47.00
N ARG J 382 96.52 -97.44 -45.98
CA ARG J 382 95.44 -96.45 -46.09
C ARG J 382 95.89 -95.19 -45.39
N ARG J 383 96.11 -94.12 -46.17
CA ARG J 383 96.60 -92.84 -45.68
C ARG J 383 97.94 -93.01 -44.97
N HIS J 384 98.79 -93.85 -45.56
CA HIS J 384 100.14 -94.22 -45.13
C HIS J 384 100.14 -95.11 -43.89
N GLN J 385 98.99 -95.59 -43.46
CA GLN J 385 98.85 -96.49 -42.31
C GLN J 385 98.75 -97.94 -42.73
N LYS J 386 99.61 -98.80 -42.18
CA LYS J 386 99.57 -100.22 -42.52
C LYS J 386 98.26 -100.80 -42.00
N ILE J 387 97.40 -101.27 -42.90
CA ILE J 387 96.09 -101.78 -42.52
C ILE J 387 96.05 -103.31 -42.41
N ILE J 388 96.50 -104.02 -43.45
CA ILE J 388 96.54 -105.48 -43.44
C ILE J 388 97.97 -105.92 -43.63
N GLU J 389 98.39 -106.93 -42.88
CA GLU J 389 99.70 -107.53 -43.04
C GLU J 389 99.52 -109.02 -43.33
N GLU J 390 100.48 -109.62 -44.04
CA GLU J 390 100.42 -111.06 -44.26
C GLU J 390 101.83 -111.63 -44.09
N ALA J 391 101.90 -112.82 -43.53
CA ALA J 391 103.12 -113.63 -43.38
C ALA J 391 102.80 -115.08 -43.71
N PRO J 392 103.57 -115.76 -44.60
CA PRO J 392 104.75 -115.43 -45.41
C PRO J 392 104.43 -114.62 -46.67
N ALA J 393 105.48 -114.22 -47.41
CA ALA J 393 105.31 -113.49 -48.66
C ALA J 393 105.23 -114.53 -49.78
N THR J 394 104.07 -115.18 -49.89
CA THR J 394 103.90 -116.24 -50.89
C THR J 394 104.00 -115.71 -52.32
N ILE J 395 103.77 -114.41 -52.50
CA ILE J 395 103.82 -113.77 -53.82
C ILE J 395 105.18 -113.97 -54.52
N ALA J 396 106.29 -113.80 -53.80
CA ALA J 396 107.58 -113.94 -54.48
C ALA J 396 107.90 -115.38 -54.91
N THR J 397 108.65 -115.45 -56.01
CA THR J 397 109.17 -116.69 -56.58
C THR J 397 110.23 -117.32 -55.67
N PRO J 398 110.19 -118.66 -55.44
CA PRO J 398 111.18 -119.30 -54.55
C PRO J 398 112.64 -118.89 -54.79
N ALA J 399 113.05 -118.76 -56.05
CA ALA J 399 114.41 -118.33 -56.36
C ALA J 399 114.65 -116.91 -55.88
N VAL J 400 113.67 -116.03 -56.07
CA VAL J 400 113.77 -114.65 -55.63
C VAL J 400 113.80 -114.58 -54.12
N PHE J 401 112.98 -115.38 -53.45
CA PHE J 401 112.99 -115.39 -51.99
C PHE J 401 114.33 -115.85 -51.43
N GLU J 402 114.98 -116.82 -52.08
CA GLU J 402 116.31 -117.21 -51.61
C GLU J 402 117.29 -116.05 -51.76
N HIS J 403 117.21 -115.33 -52.88
CA HIS J 403 118.03 -114.14 -53.10
C HIS J 403 117.72 -113.05 -52.09
N MET J 404 116.43 -112.79 -51.84
CA MET J 404 116.02 -111.76 -50.87
C MET J 404 116.51 -112.04 -49.46
N GLU J 405 116.48 -113.30 -49.02
CA GLU J 405 117.01 -113.60 -47.70
C GLU J 405 118.48 -113.27 -47.58
N GLN J 406 119.29 -113.64 -48.57
CA GLN J 406 120.72 -113.36 -48.44
C GLN J 406 121.02 -111.87 -48.55
N CYS J 407 120.35 -111.15 -49.47
CA CYS J 407 120.54 -109.71 -49.56
C CYS J 407 120.13 -109.00 -48.27
N ALA J 408 118.94 -109.32 -47.75
CA ALA J 408 118.46 -108.73 -46.50
C ALA J 408 119.42 -109.01 -45.35
N VAL J 409 119.87 -110.26 -45.28
CA VAL J 409 120.83 -110.68 -44.27
C VAL J 409 122.19 -110.03 -44.47
N LYS J 410 122.64 -109.95 -45.72
CA LYS J 410 123.92 -109.32 -46.03
C LYS J 410 123.92 -107.87 -45.59
N LEU J 411 122.88 -107.11 -45.97
CA LEU J 411 122.77 -105.70 -45.56
C LEU J 411 122.89 -105.53 -44.06
N ALA J 412 122.25 -106.40 -43.30
CA ALA J 412 122.36 -106.35 -41.85
C ALA J 412 123.76 -106.72 -41.39
N LYS J 413 124.29 -107.83 -41.94
CA LYS J 413 125.62 -108.29 -41.57
C LYS J 413 126.70 -107.27 -41.88
N MET J 414 126.61 -106.62 -43.03
CA MET J 414 127.60 -105.63 -43.45
C MET J 414 127.79 -104.51 -42.43
N VAL J 415 126.71 -104.04 -41.78
CA VAL J 415 126.82 -102.91 -40.86
C VAL J 415 126.92 -103.32 -39.39
N GLY J 416 126.85 -104.60 -39.06
CA GLY J 416 126.93 -104.97 -37.65
C GLY J 416 125.72 -104.71 -36.79
N TYR J 417 124.52 -105.03 -37.26
CA TYR J 417 123.32 -104.80 -36.46
C TYR J 417 123.32 -105.66 -35.20
N VAL J 418 122.84 -105.10 -34.08
CA VAL J 418 122.71 -105.88 -32.84
C VAL J 418 121.35 -105.75 -32.18
N SER J 419 120.32 -106.45 -32.71
CA SER J 419 118.97 -106.54 -32.15
C SER J 419 118.00 -107.17 -33.15
N ALA J 420 116.70 -106.90 -32.95
CA ALA J 420 115.62 -107.31 -33.83
C ALA J 420 115.45 -106.18 -34.83
N GLY J 421 115.10 -106.50 -36.06
CA GLY J 421 114.86 -105.42 -37.01
C GLY J 421 113.94 -105.78 -38.14
N THR J 422 113.43 -104.74 -38.79
CA THR J 422 112.52 -104.88 -39.92
C THR J 422 113.12 -104.08 -41.07
N VAL J 423 113.36 -104.76 -42.17
CA VAL J 423 113.85 -104.19 -43.43
C VAL J 423 112.69 -104.03 -44.39
N GLU J 424 112.35 -102.81 -44.79
CA GLU J 424 111.21 -102.61 -45.69
C GLU J 424 111.71 -102.51 -47.12
N TYR J 425 111.08 -103.26 -48.02
CA TYR J 425 111.44 -103.31 -49.44
C TYR J 425 110.21 -103.08 -50.30
N LEU J 426 110.41 -102.54 -51.50
CA LEU J 426 109.34 -102.48 -52.47
C LEU J 426 109.62 -103.57 -53.50
N TYR J 427 108.68 -104.50 -53.63
CA TYR J 427 108.78 -105.66 -54.52
C TYR J 427 107.64 -105.46 -55.51
N SER J 428 107.85 -105.70 -56.79
CA SER J 428 106.75 -105.54 -57.73
C SER J 428 106.29 -106.89 -58.28
N GLN J 429 105.01 -106.92 -58.69
CA GLN J 429 104.44 -108.13 -59.26
C GLN J 429 105.24 -108.58 -60.47
N ASP J 430 105.83 -107.61 -61.19
CA ASP J 430 106.73 -107.91 -62.30
C ASP J 430 107.80 -108.89 -61.85
N GLY J 431 108.25 -108.69 -60.61
CA GLY J 431 109.33 -109.40 -59.97
C GLY J 431 110.56 -108.56 -59.75
N SER J 432 110.50 -107.26 -60.03
CA SER J 432 111.61 -106.35 -59.80
C SER J 432 111.39 -105.76 -58.42
N PHE J 433 112.47 -105.56 -57.66
CA PHE J 433 112.33 -104.98 -56.32
C PHE J 433 113.33 -103.87 -56.07
N TYR J 434 112.93 -102.95 -55.19
CA TYR J 434 113.73 -101.82 -54.75
C TYR J 434 113.53 -101.61 -53.25
N PHE J 435 114.63 -101.41 -52.55
CA PHE J 435 114.65 -101.09 -51.13
C PHE J 435 114.03 -99.73 -50.83
N LEU J 436 113.21 -99.67 -49.78
CA LEU J 436 112.55 -98.44 -49.35
C LEU J 436 113.13 -97.95 -48.03
N GLU J 437 113.12 -98.76 -46.98
CA GLU J 437 113.67 -98.30 -45.70
C GLU J 437 113.89 -99.50 -44.79
N LEU J 438 114.60 -99.24 -43.70
CA LEU J 438 114.82 -100.21 -42.64
C LEU J 438 114.31 -99.59 -41.35
N ASN J 439 113.40 -100.27 -40.65
CA ASN J 439 112.95 -99.77 -39.36
C ASN J 439 113.80 -100.40 -38.26
N PRO J 440 114.66 -99.63 -37.55
CA PRO J 440 115.56 -100.29 -36.58
C PRO J 440 114.82 -100.42 -35.25
N ARG J 441 113.57 -100.83 -35.30
CA ARG J 441 112.74 -100.83 -34.11
C ARG J 441 111.49 -101.68 -34.35
N LEU J 442 110.71 -101.85 -33.30
CA LEU J 442 109.43 -102.54 -33.41
C LEU J 442 108.37 -101.75 -34.17
N GLN J 443 107.53 -102.49 -34.89
CA GLN J 443 106.36 -101.96 -35.56
C GLN J 443 105.14 -102.44 -34.78
N VAL J 444 103.99 -101.79 -34.96
CA VAL J 444 102.80 -102.27 -34.26
C VAL J 444 102.39 -103.69 -34.73
N GLU J 445 102.65 -104.02 -36.00
CA GLU J 445 102.28 -105.31 -36.61
C GLU J 445 103.33 -106.43 -36.54
N HIS J 446 104.43 -106.26 -35.83
CA HIS J 446 105.45 -107.31 -35.67
C HIS J 446 105.01 -108.73 -35.24
N PRO J 447 103.94 -108.94 -34.40
CA PRO J 447 103.53 -110.32 -34.10
C PRO J 447 103.24 -111.25 -35.29
N CYS J 448 102.95 -110.69 -36.47
CA CYS J 448 102.75 -111.51 -37.67
C CYS J 448 103.91 -112.48 -37.91
N THR J 449 105.13 -111.97 -37.89
CA THR J 449 106.30 -112.84 -38.08
C THR J 449 106.42 -113.81 -36.93
N GLU J 450 106.24 -113.31 -35.70
CA GLU J 450 106.36 -114.09 -34.48
C GLU J 450 105.51 -115.38 -34.54
N MET J 451 104.28 -115.26 -35.04
CA MET J 451 103.37 -116.39 -35.10
C MET J 451 103.77 -117.47 -36.11
N VAL J 452 104.37 -117.08 -37.24
CA VAL J 452 104.80 -118.05 -38.25
C VAL J 452 106.24 -118.48 -38.02
N ALA J 453 107.05 -117.61 -37.44
CA ALA J 453 108.46 -117.87 -37.19
C ALA J 453 108.73 -118.46 -35.82
N ASP J 454 107.76 -118.40 -34.89
CA ASP J 454 107.97 -118.85 -33.51
C ASP J 454 109.15 -118.08 -32.93
N VAL J 455 109.11 -116.76 -33.12
CA VAL J 455 110.16 -115.87 -32.64
C VAL J 455 109.56 -114.82 -31.72
N ASN J 456 110.07 -114.78 -30.49
CA ASN J 456 109.70 -113.76 -29.52
C ASN J 456 110.64 -112.61 -29.86
N LEU J 457 110.14 -111.59 -30.55
CA LEU J 457 111.02 -110.50 -30.97
C LEU J 457 111.64 -109.71 -29.83
N PRO J 458 110.89 -109.14 -28.87
CA PRO J 458 111.56 -108.43 -27.76
C PRO J 458 112.51 -109.29 -26.93
N ALA J 459 112.23 -110.58 -26.78
CA ALA J 459 113.15 -111.43 -26.01
C ALA J 459 114.46 -111.60 -26.77
N ALA J 460 114.35 -111.75 -28.09
CA ALA J 460 115.54 -111.84 -28.94
C ALA J 460 116.35 -110.54 -28.87
N GLN J 461 115.67 -109.39 -28.85
CA GLN J 461 116.36 -108.11 -28.75
C GLN J 461 117.18 -108.02 -27.47
N LEU J 462 116.61 -108.46 -26.35
CA LEU J 462 117.32 -108.46 -25.07
C LEU J 462 118.52 -109.41 -25.10
N GLN J 463 118.31 -110.65 -25.57
CA GLN J 463 119.38 -111.64 -25.61
C GLN J 463 120.53 -111.14 -26.46
N ILE J 464 120.22 -110.54 -27.59
CA ILE J 464 121.24 -109.96 -28.44
C ILE J 464 121.99 -108.86 -27.68
N ALA J 465 121.27 -108.07 -26.90
CA ALA J 465 121.94 -107.01 -26.16
C ALA J 465 122.82 -107.61 -25.07
N MET J 466 122.54 -108.84 -24.66
CA MET J 466 123.36 -109.59 -23.72
C MET J 466 124.49 -110.32 -24.42
N GLY J 467 124.65 -110.13 -25.75
CA GLY J 467 125.65 -110.81 -26.54
C GLY J 467 125.37 -112.26 -26.88
N ILE J 468 124.11 -112.68 -26.86
CA ILE J 468 123.74 -114.05 -27.19
C ILE J 468 123.75 -114.23 -28.71
N PRO J 469 124.51 -115.16 -29.29
CA PRO J 469 124.48 -115.32 -30.75
C PRO J 469 123.14 -115.83 -31.27
N LEU J 470 122.86 -115.44 -32.52
CA LEU J 470 121.62 -115.80 -33.20
C LEU J 470 121.34 -117.29 -33.15
N TYR J 471 122.36 -118.10 -33.40
CA TYR J 471 122.26 -119.56 -33.37
C TYR J 471 122.03 -120.10 -31.97
N ARG J 472 122.12 -119.25 -30.95
CA ARG J 472 121.86 -119.58 -29.56
C ARG J 472 120.48 -119.10 -29.11
N ILE J 473 119.64 -118.65 -30.03
CA ILE J 473 118.28 -118.21 -29.68
C ILE J 473 117.35 -119.36 -29.99
N LYS J 474 116.67 -119.85 -28.94
CA LYS J 474 115.77 -120.99 -29.02
C LYS J 474 114.83 -120.87 -30.22
N ASP J 475 114.13 -119.74 -30.31
CA ASP J 475 113.21 -119.47 -31.40
C ASP J 475 113.85 -119.70 -32.76
N ILE J 476 115.07 -119.19 -32.92
CA ILE J 476 115.79 -119.39 -34.16
C ILE J 476 116.23 -120.84 -34.27
N ARG J 477 116.68 -121.41 -33.15
CA ARG J 477 117.12 -122.79 -33.12
C ARG J 477 116.02 -123.77 -33.50
N MET J 478 114.84 -123.67 -32.85
CA MET J 478 113.73 -124.54 -33.21
C MET J 478 113.26 -124.33 -34.64
N MET J 479 113.11 -123.06 -35.03
CA MET J 479 112.65 -122.72 -36.37
C MET J 479 113.52 -123.33 -37.46
N TYR J 480 114.83 -123.29 -37.26
CA TYR J 480 115.79 -123.80 -38.22
C TYR J 480 116.12 -125.28 -37.97
N GLY J 481 115.29 -125.96 -37.18
CA GLY J 481 115.42 -127.40 -36.98
C GLY J 481 116.69 -127.89 -36.33
N VAL J 482 117.37 -127.08 -35.51
CA VAL J 482 118.57 -127.58 -34.84
C VAL J 482 118.31 -127.91 -33.38
N SER J 483 119.35 -128.39 -32.71
CA SER J 483 119.34 -128.78 -31.31
C SER J 483 118.99 -127.63 -30.35
N PRO J 484 118.10 -127.83 -29.36
CA PRO J 484 117.79 -126.72 -28.44
C PRO J 484 119.00 -126.26 -27.62
N TRP J 485 119.97 -127.13 -27.35
CA TRP J 485 121.16 -126.81 -26.55
C TRP J 485 122.48 -126.94 -27.30
N GLY J 486 122.47 -127.17 -28.61
CA GLY J 486 123.73 -127.25 -29.32
C GLY J 486 124.35 -125.89 -29.54
N ASP J 487 125.64 -125.92 -29.90
CA ASP J 487 126.41 -124.72 -30.15
C ASP J 487 126.80 -124.57 -31.62
N SER J 488 126.31 -125.44 -32.48
CA SER J 488 126.68 -125.39 -33.88
C SER J 488 126.25 -124.14 -34.63
N PRO J 489 127.17 -123.38 -35.26
CA PRO J 489 126.74 -122.23 -36.06
C PRO J 489 125.97 -122.74 -37.26
N ILE J 490 124.95 -122.01 -37.68
CA ILE J 490 124.12 -122.41 -38.81
C ILE J 490 124.52 -121.51 -39.96
N ASP J 491 124.81 -122.12 -41.11
CA ASP J 491 125.09 -121.35 -42.32
C ASP J 491 123.72 -121.13 -42.94
N PHE J 492 123.21 -119.92 -42.70
CA PHE J 492 121.89 -119.55 -43.12
C PHE J 492 121.78 -119.44 -44.64
N GLU J 493 122.90 -119.15 -45.31
CA GLU J 493 122.90 -119.09 -46.76
C GLU J 493 122.78 -120.49 -47.34
N ASP J 494 123.61 -121.42 -46.86
CA ASP J 494 123.57 -122.79 -47.33
C ASP J 494 122.28 -123.51 -46.95
N SER J 495 121.60 -123.04 -45.90
CA SER J 495 120.35 -123.62 -45.43
C SER J 495 119.16 -122.70 -45.66
N ALA J 496 119.19 -121.93 -46.75
CA ALA J 496 118.09 -121.02 -47.06
C ALA J 496 116.78 -121.77 -47.31
N HIS J 497 116.85 -122.95 -47.94
CA HIS J 497 115.67 -123.76 -48.25
C HIS J 497 115.15 -124.58 -47.08
N VAL J 498 115.95 -124.81 -46.04
CA VAL J 498 115.49 -125.62 -44.91
C VAL J 498 114.24 -125.02 -44.25
N PRO J 499 114.20 -123.75 -43.87
CA PRO J 499 113.00 -123.22 -43.24
C PRO J 499 111.84 -123.06 -44.21
N CYS J 500 110.66 -123.41 -43.71
CA CYS J 500 109.41 -123.34 -44.44
C CYS J 500 108.39 -122.71 -43.49
N PRO J 501 107.54 -121.78 -43.95
CA PRO J 501 106.63 -121.10 -43.02
C PRO J 501 105.63 -122.02 -42.35
N ARG J 502 105.34 -121.69 -41.10
CA ARG J 502 104.36 -122.40 -40.30
C ARG J 502 103.09 -121.55 -40.33
N GLY J 503 102.16 -121.92 -41.20
CA GLY J 503 100.89 -121.25 -41.41
C GLY J 503 100.89 -119.88 -42.08
N HIS J 504 99.82 -119.14 -41.78
CA HIS J 504 99.53 -117.81 -42.32
C HIS J 504 99.01 -116.89 -41.22
N VAL J 505 99.25 -115.59 -41.37
CA VAL J 505 98.75 -114.58 -40.43
C VAL J 505 98.08 -113.44 -41.18
N ILE J 506 96.94 -112.99 -40.65
CA ILE J 506 96.22 -111.82 -41.14
C ILE J 506 96.17 -110.81 -40.00
N ALA J 507 96.55 -109.58 -40.29
CA ALA J 507 96.46 -108.47 -39.34
C ALA J 507 95.40 -107.48 -39.80
N ALA J 508 94.61 -106.96 -38.85
CA ALA J 508 93.55 -106.02 -39.14
C ALA J 508 93.58 -104.84 -38.19
N ARG J 509 93.63 -103.61 -38.73
CA ARG J 509 93.62 -102.43 -37.87
C ARG J 509 92.19 -102.19 -37.40
N ILE J 510 92.02 -102.07 -36.08
CA ILE J 510 90.73 -101.84 -35.45
C ILE J 510 90.74 -100.48 -34.76
N THR J 511 89.59 -99.82 -34.77
CA THR J 511 89.46 -98.50 -34.16
C THR J 511 88.35 -98.55 -33.13
N GLY J 524 91.93 -96.43 -18.80
CA GLY J 524 93.14 -97.11 -19.27
C GLY J 524 93.56 -96.67 -20.65
N THR J 525 94.53 -97.37 -21.23
CA THR J 525 95.01 -97.08 -22.58
C THR J 525 95.19 -98.29 -23.47
N VAL J 526 95.31 -99.52 -22.95
CA VAL J 526 95.51 -100.70 -23.79
C VAL J 526 94.63 -101.83 -23.28
N GLN J 527 93.66 -102.27 -24.08
CA GLN J 527 92.79 -103.40 -23.74
C GLN J 527 93.10 -104.58 -24.67
N GLU J 528 93.70 -105.63 -24.11
CA GLU J 528 93.99 -106.84 -24.89
C GLU J 528 92.70 -107.62 -25.12
N LEU J 529 92.28 -107.77 -26.38
CA LEU J 529 91.05 -108.49 -26.71
C LEU J 529 91.38 -109.91 -27.16
N ASN J 530 91.10 -110.86 -26.27
CA ASN J 530 91.32 -112.27 -26.49
C ASN J 530 90.07 -112.87 -27.11
N PHE J 531 90.24 -113.79 -28.07
CA PHE J 531 89.11 -114.40 -28.77
C PHE J 531 88.92 -115.86 -28.38
N ARG J 532 87.66 -116.19 -28.07
CA ARG J 532 87.19 -117.52 -27.72
C ARG J 532 86.82 -118.35 -28.95
N SER J 533 86.56 -117.70 -30.08
CA SER J 533 86.18 -118.41 -31.30
C SER J 533 87.37 -119.20 -31.85
N ASN J 534 88.58 -118.73 -31.60
CA ASN J 534 89.78 -119.38 -32.11
C ASN J 534 90.91 -119.13 -31.12
N LYS J 535 91.65 -120.20 -30.83
CA LYS J 535 92.83 -120.11 -29.97
C LYS J 535 94.01 -119.49 -30.71
N ASN J 536 94.02 -119.60 -32.04
CA ASN J 536 95.08 -119.06 -32.85
C ASN J 536 94.87 -117.61 -33.25
N VAL J 537 93.83 -116.95 -32.74
CA VAL J 537 93.58 -115.54 -33.04
C VAL J 537 93.48 -114.81 -31.73
N TRP J 538 94.17 -113.67 -31.67
CA TRP J 538 94.17 -112.74 -30.56
C TRP J 538 94.40 -111.33 -31.08
N GLY J 539 94.16 -110.36 -30.23
CA GLY J 539 94.35 -108.99 -30.65
C GLY J 539 94.26 -108.03 -29.49
N TYR J 540 94.36 -106.76 -29.83
CA TYR J 540 94.32 -105.66 -28.88
C TYR J 540 93.79 -104.37 -29.49
N PHE J 541 93.27 -103.52 -28.61
CA PHE J 541 92.82 -102.17 -28.93
C PHE J 541 93.33 -101.21 -27.88
N SER J 542 93.94 -100.10 -28.30
CA SER J 542 94.49 -99.13 -27.37
C SER J 542 93.78 -97.78 -27.48
N VAL J 543 93.90 -97.00 -26.40
CA VAL J 543 93.33 -95.67 -26.28
C VAL J 543 94.44 -94.68 -25.97
N GLN J 556 91.02 -94.90 -29.85
CA GLN J 556 92.09 -94.28 -30.61
C GLN J 556 92.20 -95.22 -31.81
N PHE J 557 92.95 -96.31 -31.67
CA PHE J 557 93.11 -97.27 -32.75
C PHE J 557 93.67 -98.55 -32.13
N GLY J 558 93.59 -99.64 -32.88
CA GLY J 558 94.12 -100.91 -32.41
C GLY J 558 94.46 -101.83 -33.55
N HIS J 559 94.85 -103.06 -33.20
CA HIS J 559 95.19 -104.07 -34.20
C HIS J 559 94.72 -105.45 -33.75
N CYS J 560 94.23 -106.25 -34.70
CA CYS J 560 93.91 -107.66 -34.48
C CYS J 560 94.83 -108.51 -35.33
N PHE J 561 95.28 -109.64 -34.78
CA PHE J 561 96.22 -110.53 -35.47
C PHE J 561 95.62 -111.94 -35.46
N SER J 562 95.46 -112.55 -36.63
CA SER J 562 94.86 -113.88 -36.76
C SER J 562 95.76 -114.85 -37.49
N TRP J 563 96.23 -115.89 -36.80
CA TRP J 563 97.05 -116.95 -37.38
C TRP J 563 96.19 -118.14 -37.80
N GLY J 564 96.66 -118.85 -38.83
CA GLY J 564 96.00 -120.04 -39.34
C GLY J 564 97.00 -120.95 -40.01
N GLU J 565 96.58 -122.21 -40.20
CA GLU J 565 97.47 -123.18 -40.85
C GLU J 565 97.76 -122.82 -42.31
N ASN J 566 96.85 -122.12 -42.98
CA ASN J 566 97.09 -121.70 -44.36
C ASN J 566 96.26 -120.44 -44.60
N ARG J 567 96.51 -119.81 -45.76
CA ARG J 567 95.83 -118.58 -46.14
C ARG J 567 94.33 -118.62 -45.90
N GLU J 568 93.67 -119.64 -46.44
CA GLU J 568 92.23 -119.76 -46.28
C GLU J 568 91.82 -119.83 -44.81
N GLU J 569 92.49 -120.69 -44.04
CA GLU J 569 92.21 -120.81 -42.62
C GLU J 569 92.48 -119.51 -41.86
N ALA J 570 93.54 -118.77 -42.22
CA ALA J 570 93.82 -117.52 -41.51
C ALA J 570 92.86 -116.40 -41.92
N ILE J 571 92.56 -116.29 -43.21
CA ILE J 571 91.56 -115.31 -43.63
C ILE J 571 90.21 -115.64 -43.05
N SER J 572 89.83 -116.92 -43.10
CA SER J 572 88.55 -117.36 -42.55
C SER J 572 88.40 -116.95 -41.08
N ASN J 573 89.42 -117.23 -40.26
CA ASN J 573 89.36 -116.84 -38.86
C ASN J 573 89.28 -115.33 -38.68
N MET J 574 89.99 -114.57 -39.51
CA MET J 574 89.93 -113.12 -39.43
C MET J 574 88.54 -112.58 -39.74
N VAL J 575 87.94 -113.07 -40.85
CA VAL J 575 86.59 -112.64 -41.24
C VAL J 575 85.59 -112.84 -40.11
N VAL J 576 85.50 -114.06 -39.57
CA VAL J 576 84.55 -114.33 -38.49
C VAL J 576 84.87 -113.46 -37.27
N ALA J 577 86.15 -113.28 -36.95
CA ALA J 577 86.49 -112.40 -35.83
C ALA J 577 86.11 -110.96 -36.14
N LEU J 578 86.40 -110.48 -37.36
CA LEU J 578 86.01 -109.12 -37.71
C LEU J 578 84.50 -109.01 -37.83
N LYS J 579 83.83 -110.08 -38.28
CA LYS J 579 82.37 -110.07 -38.33
C LYS J 579 81.82 -110.03 -36.92
N GLU J 580 82.50 -110.74 -36.01
CA GLU J 580 82.13 -110.69 -34.61
C GLU J 580 82.44 -109.30 -34.05
N LEU J 581 83.60 -108.77 -34.44
CA LEU J 581 84.03 -107.43 -34.05
C LEU J 581 83.13 -106.31 -34.56
N SER J 582 82.42 -106.51 -35.69
CA SER J 582 81.57 -105.45 -36.19
C SER J 582 80.46 -105.08 -35.21
N ILE J 583 80.01 -106.02 -34.39
CA ILE J 583 78.99 -105.72 -33.40
C ILE J 583 79.51 -104.71 -32.37
N ARG J 584 80.84 -104.55 -32.25
CA ARG J 584 81.40 -103.55 -31.36
C ARG J 584 81.23 -102.14 -31.96
N GLY J 585 81.26 -101.14 -31.06
CA GLY J 585 81.11 -99.75 -31.40
C GLY J 585 82.26 -99.06 -32.10
N ASP J 586 83.43 -99.09 -31.48
CA ASP J 586 84.64 -98.46 -32.02
C ASP J 586 85.06 -99.04 -33.36
N PHE J 587 84.66 -100.28 -33.67
CA PHE J 587 85.02 -100.93 -34.92
C PHE J 587 83.82 -101.05 -35.86
N ARG J 588 83.14 -99.91 -36.10
CA ARG J 588 81.99 -99.86 -37.00
C ARG J 588 82.34 -99.29 -38.37
N THR J 589 82.78 -98.04 -38.45
CA THR J 589 83.10 -97.50 -39.77
C THR J 589 84.35 -98.20 -40.31
N THR J 590 85.41 -98.23 -39.50
CA THR J 590 86.67 -98.84 -39.90
C THR J 590 86.51 -100.29 -40.32
N VAL J 591 85.77 -101.07 -39.50
CA VAL J 591 85.60 -102.48 -39.81
C VAL J 591 84.63 -102.80 -40.92
N GLU J 592 83.74 -101.88 -41.32
CA GLU J 592 82.81 -102.24 -42.38
C GLU J 592 83.54 -102.35 -43.71
N TYR J 593 84.28 -101.29 -44.07
CA TYR J 593 85.09 -101.28 -45.28
C TYR J 593 86.16 -102.36 -45.26
N LEU J 594 86.64 -102.71 -44.06
CA LEU J 594 87.66 -103.74 -43.90
C LEU J 594 87.09 -105.13 -44.13
N ILE J 595 85.94 -105.44 -43.53
CA ILE J 595 85.30 -106.73 -43.76
C ILE J 595 84.98 -106.86 -45.24
N LYS J 596 84.46 -105.78 -45.83
CA LYS J 596 84.18 -105.73 -47.26
C LYS J 596 85.43 -105.96 -48.10
N LEU J 597 86.47 -105.15 -47.84
CA LEU J 597 87.74 -105.23 -48.56
C LEU J 597 88.38 -106.62 -48.48
N LEU J 598 88.34 -107.25 -47.31
CA LEU J 598 88.94 -108.58 -47.19
C LEU J 598 88.23 -109.60 -48.06
N GLU J 599 86.92 -109.41 -48.32
CA GLU J 599 86.18 -110.34 -49.15
C GLU J 599 86.31 -110.03 -50.63
N THR J 600 86.76 -108.82 -50.98
CA THR J 600 86.96 -108.44 -52.37
C THR J 600 87.88 -109.42 -53.07
N GLU J 601 87.56 -109.68 -54.34
CA GLU J 601 88.33 -110.62 -55.15
C GLU J 601 89.80 -110.26 -55.20
N SER J 602 90.13 -108.97 -55.27
CA SER J 602 91.54 -108.58 -55.32
C SER J 602 92.30 -109.13 -54.11
N PHE J 603 91.74 -108.96 -52.90
CA PHE J 603 92.39 -109.54 -51.72
C PHE J 603 92.34 -111.06 -51.77
N GLN J 604 91.16 -111.62 -52.04
CA GLN J 604 90.99 -113.07 -52.14
C GLN J 604 91.94 -113.68 -53.16
N MET J 605 92.13 -113.02 -54.30
CA MET J 605 93.00 -113.48 -55.36
C MET J 605 94.45 -113.03 -55.19
N ASN J 606 94.80 -112.33 -54.12
CA ASN J 606 96.17 -111.86 -53.91
C ASN J 606 96.60 -111.01 -55.11
N ARG J 607 95.70 -110.12 -55.51
CA ARG J 607 95.81 -109.23 -56.65
C ARG J 607 95.84 -107.81 -56.09
N ILE J 608 96.81 -107.54 -55.22
CA ILE J 608 96.94 -106.25 -54.55
C ILE J 608 98.30 -105.63 -54.87
N ASP J 609 98.45 -104.37 -54.46
CA ASP J 609 99.69 -103.62 -54.63
C ASP J 609 99.74 -102.52 -53.57
N THR J 610 100.83 -101.75 -53.59
CA THR J 610 101.06 -100.66 -52.63
C THR J 610 100.00 -99.55 -52.71
N GLY J 611 99.37 -99.36 -53.86
CA GLY J 611 98.36 -98.32 -54.04
C GLY J 611 96.91 -98.78 -53.89
N TRP J 612 96.72 -100.08 -53.72
CA TRP J 612 95.44 -100.79 -53.60
C TRP J 612 94.34 -100.22 -52.70
N LEU J 613 94.54 -100.24 -51.38
CA LEU J 613 93.52 -99.74 -50.46
C LEU J 613 93.04 -98.31 -50.74
N ASP J 614 93.94 -97.36 -51.02
CA ASP J 614 93.52 -95.98 -51.25
C ASP J 614 92.56 -95.77 -52.43
N ARG J 615 92.53 -96.68 -53.41
CA ARG J 615 91.61 -96.58 -54.55
C ARG J 615 90.40 -97.52 -54.42
N LEU J 616 90.41 -98.44 -53.45
CA LEU J 616 89.28 -99.36 -53.28
C LEU J 616 88.02 -98.67 -52.75
N ILE J 617 88.16 -97.49 -52.14
CA ILE J 617 87.02 -96.78 -51.57
C ILE J 617 86.70 -95.53 -52.40
N ARG J 625 81.06 -109.28 -65.99
CA ARG J 625 82.33 -109.48 -66.68
C ARG J 625 82.68 -108.31 -67.65
N PRO J 626 83.84 -108.38 -68.37
CA PRO J 626 84.33 -107.21 -69.12
C PRO J 626 83.45 -106.67 -70.22
N ASP J 627 83.93 -105.56 -70.77
CA ASP J 627 83.38 -104.89 -71.94
C ASP J 627 84.43 -105.12 -73.03
N THR J 628 83.97 -105.59 -74.20
CA THR J 628 84.85 -105.99 -75.30
C THR J 628 86.05 -105.07 -75.55
N MET J 629 85.81 -103.78 -75.75
CA MET J 629 86.90 -102.91 -76.19
C MET J 629 87.90 -102.64 -75.08
N LEU J 630 87.45 -102.48 -73.83
CA LEU J 630 88.39 -102.54 -72.71
C LEU J 630 89.20 -103.82 -72.84
N GLY J 631 88.52 -104.93 -73.11
CA GLY J 631 89.14 -106.21 -73.36
C GLY J 631 90.19 -106.03 -74.44
N VAL J 632 89.78 -105.52 -75.61
CA VAL J 632 90.73 -105.28 -76.69
C VAL J 632 91.84 -104.33 -76.24
N VAL J 633 91.48 -103.26 -75.52
CA VAL J 633 92.48 -102.30 -75.07
C VAL J 633 93.44 -102.99 -74.11
N CYS J 634 92.91 -103.38 -72.94
CA CYS J 634 93.74 -104.06 -71.95
C CYS J 634 94.34 -105.35 -72.50
N GLY J 635 93.66 -105.99 -73.45
CA GLY J 635 94.22 -107.10 -74.21
C GLY J 635 95.50 -106.60 -74.80
N ALA J 636 95.38 -105.62 -75.69
CA ALA J 636 96.52 -105.05 -76.39
C ALA J 636 97.65 -104.76 -75.42
N LEU J 637 97.32 -104.09 -74.30
CA LEU J 637 98.32 -103.81 -73.29
C LEU J 637 98.70 -104.99 -72.42
N HIS J 638 97.95 -106.09 -72.39
CA HIS J 638 98.49 -107.26 -71.70
C HIS J 638 99.62 -107.90 -72.51
N VAL J 639 99.37 -108.13 -73.80
CA VAL J 639 100.40 -108.66 -74.70
C VAL J 639 101.60 -107.72 -74.77
N ALA J 640 101.33 -106.42 -74.94
CA ALA J 640 102.36 -105.39 -74.97
C ALA J 640 103.29 -105.46 -73.76
N ASP J 641 102.74 -105.22 -72.56
CA ASP J 641 103.53 -105.17 -71.33
C ASP J 641 104.45 -106.38 -71.23
N VAL J 642 103.94 -107.57 -71.54
CA VAL J 642 104.72 -108.79 -71.49
C VAL J 642 105.89 -108.71 -72.47
N SER J 643 105.61 -108.45 -73.76
CA SER J 643 106.70 -108.27 -74.71
C SER J 643 107.66 -107.19 -74.22
N LEU J 644 107.09 -106.10 -73.68
CA LEU J 644 107.85 -104.99 -73.12
C LEU J 644 108.67 -105.43 -71.91
N ARG J 645 108.06 -106.27 -71.05
CA ARG J 645 108.74 -106.87 -69.90
C ARG J 645 110.00 -107.57 -70.35
N ASN J 646 109.96 -108.25 -71.50
CA ASN J 646 111.14 -108.93 -72.00
C ASN J 646 112.18 -107.89 -72.37
N SER J 647 111.78 -106.86 -73.11
CA SER J 647 112.69 -105.80 -73.55
C SER J 647 113.37 -105.18 -72.33
N VAL J 648 112.59 -104.98 -71.26
CA VAL J 648 113.15 -104.45 -70.01
C VAL J 648 114.18 -105.47 -69.49
N SER J 649 113.78 -106.74 -69.46
CA SER J 649 114.64 -107.81 -68.94
C SER J 649 115.86 -108.00 -69.84
N ASN J 650 115.75 -107.59 -71.11
CA ASN J 650 116.81 -107.64 -72.10
C ASN J 650 117.83 -106.55 -71.81
N PHE J 651 117.33 -105.39 -71.37
CA PHE J 651 118.18 -104.34 -70.83
C PHE J 651 119.11 -104.79 -69.73
N LEU J 652 118.62 -105.53 -68.74
CA LEU J 652 119.55 -105.85 -67.66
C LEU J 652 120.67 -106.75 -68.15
N HIS J 653 120.41 -107.64 -69.11
CA HIS J 653 121.52 -108.30 -69.78
C HIS J 653 122.51 -107.38 -70.48
N SER J 654 122.00 -106.71 -71.52
CA SER J 654 122.86 -105.98 -72.44
C SER J 654 123.66 -104.82 -71.84
N LEU J 655 123.05 -104.01 -70.96
CA LEU J 655 123.78 -102.85 -70.46
C LEU J 655 124.77 -103.10 -69.34
N GLU J 656 124.49 -104.04 -68.44
CA GLU J 656 125.44 -104.35 -67.39
C GLU J 656 126.79 -104.78 -67.96
N ARG J 657 126.76 -105.62 -68.98
CA ARG J 657 127.99 -106.06 -69.62
C ARG J 657 128.57 -105.05 -70.59
N GLY J 658 127.78 -104.11 -71.14
CA GLY J 658 128.32 -103.14 -72.07
C GLY J 658 127.95 -103.34 -73.52
N GLN J 659 127.07 -104.28 -73.83
CA GLN J 659 126.60 -104.49 -75.20
C GLN J 659 126.03 -103.22 -75.84
N VAL J 660 126.49 -102.99 -77.06
CA VAL J 660 126.07 -101.85 -77.90
C VAL J 660 124.84 -102.38 -78.62
N LEU J 661 123.70 -102.25 -77.98
CA LEU J 661 122.47 -102.76 -78.54
C LEU J 661 121.97 -101.94 -79.73
N PRO J 662 121.34 -102.58 -80.72
CA PRO J 662 120.73 -101.81 -81.80
C PRO J 662 119.51 -101.15 -81.19
N ALA J 663 119.22 -99.93 -81.63
CA ALA J 663 118.10 -99.18 -81.07
C ALA J 663 116.81 -100.00 -81.02
N HIS J 664 116.55 -100.81 -82.05
CA HIS J 664 115.18 -101.24 -82.34
C HIS J 664 114.60 -102.11 -81.23
N THR J 665 115.47 -102.83 -80.50
CA THR J 665 115.02 -103.91 -79.63
C THR J 665 114.15 -103.47 -78.45
N LEU J 666 114.16 -102.20 -78.06
CA LEU J 666 113.34 -101.85 -76.92
C LEU J 666 111.85 -101.90 -77.27
N LEU J 667 111.52 -101.94 -78.56
CA LEU J 667 110.17 -102.22 -79.08
C LEU J 667 109.06 -101.39 -78.44
N ASN J 668 108.95 -100.14 -78.89
CA ASN J 668 107.67 -99.45 -78.82
C ASN J 668 106.71 -100.08 -79.84
N THR J 669 107.11 -100.12 -81.12
CA THR J 669 106.21 -100.62 -82.14
C THR J 669 105.95 -102.10 -81.86
N VAL J 670 104.70 -102.45 -81.59
CA VAL J 670 104.30 -103.81 -81.26
C VAL J 670 103.03 -104.14 -82.02
N ASP J 671 102.90 -105.41 -82.40
CA ASP J 671 101.83 -105.90 -83.26
C ASP J 671 101.21 -107.09 -82.55
N VAL J 672 100.03 -106.88 -81.98
CA VAL J 672 99.32 -107.88 -81.20
C VAL J 672 98.11 -108.35 -81.99
N GLU J 673 97.99 -109.68 -82.14
CA GLU J 673 96.91 -110.31 -82.90
C GLU J 673 96.21 -111.26 -81.95
N LEU J 674 94.96 -110.94 -81.60
CA LEU J 674 94.26 -111.59 -80.48
C LEU J 674 92.86 -111.96 -80.95
N ILE J 675 92.64 -113.24 -81.20
CA ILE J 675 91.41 -113.71 -81.84
C ILE J 675 90.36 -114.14 -80.81
N TYR J 676 89.29 -113.36 -80.71
CA TYR J 676 88.13 -113.66 -79.87
C TYR J 676 86.95 -113.99 -80.77
N GLU J 677 86.36 -115.17 -80.57
CA GLU J 677 85.18 -115.60 -81.33
C GLU J 677 85.48 -115.70 -82.81
N GLY J 678 86.74 -115.91 -83.20
CA GLY J 678 87.09 -116.01 -84.60
C GLY J 678 87.32 -114.65 -85.23
N VAL J 679 86.55 -113.64 -84.83
CA VAL J 679 86.76 -112.28 -85.31
C VAL J 679 87.95 -111.72 -84.56
N LYS J 680 88.98 -111.32 -85.30
CA LYS J 680 90.25 -110.97 -84.69
C LYS J 680 90.14 -109.59 -84.05
N TYR J 681 90.90 -109.39 -82.99
CA TYR J 681 91.10 -108.08 -82.43
C TYR J 681 92.37 -107.61 -83.12
N VAL J 682 92.27 -106.51 -83.86
CA VAL J 682 93.42 -105.93 -84.56
C VAL J 682 93.98 -104.83 -83.69
N LEU J 683 95.26 -104.98 -83.36
CA LEU J 683 95.91 -104.05 -82.45
C LEU J 683 97.35 -103.78 -82.84
N LYS J 684 97.79 -102.62 -82.39
CA LYS J 684 99.17 -102.25 -82.22
C LYS J 684 99.19 -101.62 -80.85
N VAL J 685 100.35 -101.66 -80.20
CA VAL J 685 100.49 -100.94 -78.95
C VAL J 685 101.83 -100.26 -79.07
N THR J 686 101.82 -98.93 -79.02
CA THR J 686 103.04 -98.17 -79.06
C THR J 686 103.16 -97.40 -77.77
N ARG J 687 104.26 -97.62 -77.09
CA ARG J 687 104.61 -96.90 -75.89
C ARG J 687 104.93 -95.48 -76.36
N GLN J 688 104.23 -94.48 -75.81
CA GLN J 688 104.26 -93.16 -76.41
C GLN J 688 105.01 -92.16 -75.53
N SER J 689 105.12 -92.43 -74.22
CA SER J 689 105.69 -91.55 -73.21
C SER J 689 105.76 -92.40 -71.94
N PRO J 690 106.77 -92.24 -71.07
CA PRO J 690 106.83 -93.08 -69.85
C PRO J 690 105.54 -93.18 -69.05
N ASN J 691 104.72 -92.14 -69.03
CA ASN J 691 103.42 -92.19 -68.37
C ASN J 691 102.29 -92.54 -69.33
N SER J 692 102.36 -92.04 -70.57
CA SER J 692 101.24 -92.07 -71.51
C SER J 692 101.44 -93.16 -72.57
N TYR J 693 100.36 -93.90 -72.84
CA TYR J 693 100.38 -95.02 -73.77
C TYR J 693 99.30 -94.77 -74.82
N VAL J 694 99.62 -95.05 -76.08
CA VAL J 694 98.66 -94.90 -77.18
C VAL J 694 98.47 -96.23 -77.90
N VAL J 695 97.24 -96.71 -77.91
CA VAL J 695 96.84 -97.92 -78.65
C VAL J 695 96.33 -97.48 -80.01
N ILE J 696 96.89 -98.04 -81.07
CA ILE J 696 96.57 -97.62 -82.44
C ILE J 696 96.09 -98.81 -83.25
N MET J 697 94.78 -98.84 -83.51
CA MET J 697 94.10 -99.91 -84.23
C MET J 697 93.83 -99.35 -85.62
N ASN J 698 94.56 -99.84 -86.61
CA ASN J 698 94.28 -99.71 -88.06
C ASN J 698 93.94 -98.27 -88.46
N GLY J 699 94.60 -97.31 -87.81
CA GLY J 699 94.36 -95.90 -88.06
C GLY J 699 93.44 -95.21 -87.06
N SER J 700 93.68 -95.41 -85.77
CA SER J 700 92.97 -94.68 -84.74
C SER J 700 93.93 -94.40 -83.60
N CYS J 701 93.52 -93.50 -82.69
CA CYS J 701 94.37 -93.05 -81.59
C CYS J 701 93.56 -92.97 -80.31
N VAL J 702 93.87 -93.83 -79.34
CA VAL J 702 93.34 -93.70 -77.99
C VAL J 702 94.54 -93.62 -77.07
N GLU J 703 94.57 -92.58 -76.25
CA GLU J 703 95.71 -92.23 -75.41
C GLU J 703 95.33 -92.48 -73.96
N VAL J 704 96.12 -93.30 -73.27
CA VAL J 704 95.88 -93.61 -71.87
C VAL J 704 97.18 -93.31 -71.15
N ASP J 705 97.09 -93.24 -69.83
CA ASP J 705 98.25 -93.12 -68.98
C ASP J 705 98.05 -94.01 -67.77
N VAL J 706 99.15 -94.41 -67.15
CA VAL J 706 99.14 -95.44 -66.14
C VAL J 706 99.94 -94.91 -64.95
N HIS J 707 100.11 -95.74 -63.93
CA HIS J 707 101.13 -95.52 -62.92
C HIS J 707 101.75 -96.84 -62.49
N LEU J 714 100.02 -100.41 -59.84
CA LEU J 714 99.60 -99.99 -61.15
C LEU J 714 98.22 -99.31 -61.10
N LEU J 715 98.17 -98.02 -61.45
CA LEU J 715 96.90 -97.33 -61.68
C LEU J 715 96.82 -97.02 -63.15
N LEU J 716 95.67 -97.29 -63.75
CA LEU J 716 95.34 -96.88 -65.10
C LEU J 716 94.12 -95.98 -65.09
N SER J 717 94.16 -94.93 -65.91
CA SER J 717 93.06 -93.99 -66.02
C SER J 717 92.62 -94.19 -67.47
N TYR J 718 91.33 -94.38 -67.69
CA TYR J 718 90.86 -94.64 -69.05
C TYR J 718 89.58 -93.83 -69.23
N ASP J 719 88.78 -94.12 -70.26
CA ASP J 719 87.42 -93.60 -70.35
C ASP J 719 86.60 -93.81 -69.09
N GLY J 720 86.41 -95.07 -68.69
CA GLY J 720 85.35 -95.34 -67.74
C GLY J 720 85.59 -94.79 -66.34
N SER J 721 86.57 -95.39 -65.67
CA SER J 721 86.80 -95.31 -64.22
C SER J 721 88.25 -95.73 -64.00
N SER J 722 88.59 -96.06 -62.75
CA SER J 722 89.96 -96.44 -62.39
C SER J 722 89.94 -97.95 -62.19
N TYR J 723 90.91 -98.64 -62.80
CA TYR J 723 90.92 -100.10 -62.88
C TYR J 723 92.30 -100.64 -62.53
N THR J 724 92.34 -101.94 -62.24
CA THR J 724 93.58 -102.63 -61.90
C THR J 724 93.69 -103.85 -62.78
N THR J 725 94.82 -103.98 -63.48
CA THR J 725 95.03 -105.09 -64.38
C THR J 725 96.38 -105.72 -64.09
N TYR J 726 96.43 -107.05 -64.18
CA TYR J 726 97.64 -107.85 -64.02
C TYR J 726 97.72 -108.84 -65.15
N MET J 727 98.94 -109.19 -65.53
CA MET J 727 99.21 -110.00 -66.71
C MET J 727 100.03 -111.19 -66.25
N LYS J 728 99.45 -112.37 -66.44
CA LYS J 728 100.10 -113.64 -66.18
C LYS J 728 100.35 -114.33 -67.52
N GLU J 729 101.58 -114.75 -67.75
CA GLU J 729 101.97 -115.45 -68.98
C GLU J 729 102.19 -116.92 -68.73
N GLU J 730 101.77 -117.73 -69.69
CA GLU J 730 102.06 -119.15 -69.72
C GLU J 730 102.73 -119.49 -71.05
N VAL J 731 103.41 -120.63 -71.06
CA VAL J 731 103.85 -121.32 -72.28
C VAL J 731 102.84 -121.22 -73.43
N ASP J 732 101.57 -121.59 -73.18
CA ASP J 732 100.54 -121.71 -74.21
C ASP J 732 99.19 -121.12 -73.84
N ARG J 733 99.10 -120.23 -72.83
CA ARG J 733 97.82 -119.66 -72.43
C ARG J 733 97.98 -118.15 -72.27
N TYR J 734 96.84 -117.45 -72.35
CA TYR J 734 96.79 -115.99 -72.28
C TYR J 734 95.82 -115.63 -71.17
N ARG J 735 96.33 -115.10 -70.06
CA ARG J 735 95.63 -115.18 -68.78
C ARG J 735 95.41 -113.76 -68.26
N ILE J 736 94.19 -113.25 -68.42
CA ILE J 736 93.92 -111.82 -68.27
C ILE J 736 93.03 -111.59 -67.06
N THR J 737 93.43 -110.64 -66.21
CA THR J 737 92.64 -110.18 -65.07
C THR J 737 92.46 -108.68 -65.21
N ILE J 738 91.21 -108.22 -65.31
CA ILE J 738 90.94 -106.79 -65.52
C ILE J 738 90.14 -106.35 -64.31
N GLY J 739 90.82 -106.21 -63.18
CA GLY J 739 90.13 -105.87 -61.93
C GLY J 739 89.71 -107.17 -61.27
N ASN J 740 88.40 -107.31 -61.07
CA ASN J 740 87.79 -108.49 -60.46
C ASN J 740 87.30 -109.43 -61.56
N LYS J 741 87.64 -109.13 -62.81
CA LYS J 741 87.11 -109.79 -64.00
C LYS J 741 88.18 -110.64 -64.65
N THR J 742 87.81 -111.82 -65.12
CA THR J 742 88.69 -112.67 -65.92
C THR J 742 88.06 -112.92 -67.28
N CYS J 743 88.93 -112.95 -68.30
CA CYS J 743 88.59 -113.39 -69.65
C CYS J 743 89.79 -114.09 -70.23
N VAL J 744 89.52 -115.11 -71.06
CA VAL J 744 90.57 -116.01 -71.55
C VAL J 744 90.51 -116.02 -73.06
N PHE J 745 91.68 -115.92 -73.67
CA PHE J 745 91.88 -115.80 -75.11
C PHE J 745 92.93 -116.79 -75.60
N GLU J 746 92.80 -117.15 -76.86
CA GLU J 746 93.71 -118.09 -77.48
C GLU J 746 94.86 -117.28 -78.08
N LYS J 747 96.05 -117.86 -78.02
CA LYS J 747 97.24 -117.35 -78.70
C LYS J 747 97.54 -118.28 -79.86
N GLU J 748 97.63 -117.67 -81.05
CA GLU J 748 97.78 -118.36 -82.32
C GLU J 748 98.64 -117.59 -83.32
N SER J 752 93.73 -120.29 -86.19
CA SER J 752 93.45 -120.63 -87.58
C SER J 752 94.70 -120.49 -88.45
N VAL J 753 95.60 -119.57 -88.08
CA VAL J 753 96.87 -119.39 -88.77
C VAL J 753 97.98 -120.01 -87.94
N MET J 754 98.89 -120.71 -88.62
CA MET J 754 100.04 -121.35 -88.00
C MET J 754 101.28 -120.50 -88.17
N ARG J 755 101.76 -119.88 -87.08
CA ARG J 755 102.89 -118.97 -87.16
C ARG J 755 104.07 -119.74 -86.61
N SER J 756 105.10 -119.90 -87.41
CA SER J 756 106.33 -120.44 -86.88
C SER J 756 106.89 -119.48 -85.83
N PRO J 757 107.54 -119.98 -84.78
CA PRO J 757 108.07 -119.09 -83.72
C PRO J 757 109.58 -118.90 -83.81
N SER J 758 110.20 -119.33 -84.90
CA SER J 758 111.64 -119.32 -85.03
C SER J 758 112.00 -119.23 -86.51
N ALA J 759 113.22 -118.79 -86.77
CA ALA J 759 113.72 -118.58 -88.12
C ALA J 759 114.41 -119.85 -88.63
N GLY J 760 115.06 -119.72 -89.78
CA GLY J 760 115.81 -120.82 -90.39
C GLY J 760 115.12 -121.46 -91.57
N LYS J 761 115.77 -122.53 -92.03
CA LYS J 761 115.30 -123.35 -93.15
C LYS J 761 114.07 -124.17 -92.79
N LEU J 762 113.30 -124.49 -93.84
CA LEU J 762 112.20 -125.45 -93.75
C LEU J 762 112.83 -126.76 -94.22
N ILE J 763 113.09 -127.65 -93.27
CA ILE J 763 113.65 -128.97 -93.58
C ILE J 763 112.64 -129.81 -94.36
N GLN J 764 111.50 -130.10 -93.75
CA GLN J 764 110.56 -131.06 -94.33
C GLN J 764 109.19 -130.83 -93.74
N TYR J 765 108.20 -131.54 -94.31
CA TYR J 765 106.81 -131.46 -93.89
C TYR J 765 106.37 -132.87 -93.52
N ILE J 766 105.92 -133.05 -92.27
CA ILE J 766 105.63 -134.38 -91.74
C ILE J 766 104.19 -134.82 -92.02
N VAL J 767 103.42 -134.01 -92.72
CA VAL J 767 102.02 -134.32 -93.05
C VAL J 767 102.01 -134.46 -94.58
N GLU J 768 100.84 -134.41 -95.21
CA GLU J 768 100.72 -134.24 -96.65
C GLU J 768 99.66 -133.19 -96.92
N ASP J 769 99.57 -132.78 -98.19
CA ASP J 769 98.55 -131.84 -98.62
C ASP J 769 97.15 -132.37 -98.30
N GLY J 770 96.26 -131.43 -98.00
CA GLY J 770 94.88 -131.73 -97.66
C GLY J 770 94.67 -132.68 -96.51
N GLY J 771 95.48 -132.56 -95.44
CA GLY J 771 95.41 -133.49 -94.34
C GLY J 771 94.98 -132.86 -93.02
N HIS J 772 93.94 -133.42 -92.41
CA HIS J 772 93.54 -133.03 -91.06
C HIS J 772 94.63 -133.39 -90.04
N VAL J 773 94.81 -132.51 -89.05
CA VAL J 773 95.82 -132.67 -88.02
C VAL J 773 95.17 -132.43 -86.65
N PHE J 774 95.95 -132.63 -85.60
CA PHE J 774 95.51 -132.52 -84.21
C PHE J 774 96.29 -131.43 -83.50
N ALA J 775 95.82 -131.12 -82.28
CA ALA J 775 96.67 -130.45 -81.30
C ALA J 775 97.88 -131.31 -80.97
N GLY J 776 99.01 -130.63 -80.80
CA GLY J 776 100.24 -131.26 -80.34
C GLY J 776 100.90 -132.17 -81.34
N GLN J 777 100.43 -132.16 -82.59
CA GLN J 777 100.92 -133.03 -83.64
C GLN J 777 101.96 -132.26 -84.43
N CYS J 778 103.14 -132.85 -84.63
CA CYS J 778 104.14 -132.21 -85.46
C CYS J 778 103.56 -131.99 -86.86
N TYR J 779 103.82 -130.81 -87.40
CA TYR J 779 103.39 -130.44 -88.74
C TYR J 779 104.50 -129.91 -89.63
N ALA J 780 105.60 -129.42 -89.08
CA ALA J 780 106.75 -129.06 -89.89
C ALA J 780 108.00 -129.35 -89.09
N GLU J 781 109.16 -129.18 -89.72
CA GLU J 781 110.43 -129.29 -89.02
C GLU J 781 111.37 -128.29 -89.67
N ILE J 782 112.11 -127.51 -88.88
CA ILE J 782 112.91 -126.41 -89.40
C ILE J 782 114.33 -126.57 -88.85
N GLU J 783 115.27 -125.81 -89.44
CA GLU J 783 116.68 -125.88 -89.06
C GLU J 783 117.15 -124.59 -88.39
N VAL J 784 117.53 -124.71 -87.12
CA VAL J 784 118.05 -123.59 -86.33
C VAL J 784 119.33 -124.12 -85.67
N MET J 785 120.41 -123.36 -85.81
CA MET J 785 121.71 -123.70 -85.23
C MET J 785 122.29 -125.00 -85.77
N LYS J 786 121.87 -125.44 -86.97
CA LYS J 786 122.30 -126.71 -87.58
C LYS J 786 121.56 -127.92 -86.99
N MET J 787 120.35 -127.71 -86.45
CA MET J 787 119.66 -128.72 -85.68
C MET J 787 118.16 -128.67 -85.96
N VAL J 788 117.51 -129.80 -85.66
CA VAL J 788 116.07 -130.00 -85.88
C VAL J 788 115.24 -129.25 -84.84
N MET J 789 113.96 -129.07 -85.15
CA MET J 789 113.04 -128.40 -84.24
C MET J 789 111.65 -128.98 -84.45
N THR J 790 111.09 -129.59 -83.40
CA THR J 790 109.67 -129.94 -83.33
C THR J 790 108.82 -128.70 -83.48
N LEU J 791 108.25 -128.49 -84.66
CA LEU J 791 107.24 -127.43 -84.83
C LEU J 791 105.92 -128.05 -84.33
N THR J 792 105.72 -127.98 -83.02
CA THR J 792 104.44 -128.40 -82.43
C THR J 792 103.26 -127.60 -82.95
N ALA J 793 102.26 -128.32 -83.46
CA ALA J 793 100.98 -127.72 -83.84
C ALA J 793 100.11 -127.45 -82.60
N VAL J 794 99.24 -126.46 -82.73
CA VAL J 794 98.43 -125.99 -81.61
C VAL J 794 96.94 -126.11 -81.88
N GLU J 795 96.51 -126.33 -83.13
CA GLU J 795 95.10 -126.43 -83.48
C GLU J 795 94.89 -127.45 -84.60
N SER J 796 93.75 -128.13 -84.53
CA SER J 796 93.41 -129.22 -85.44
C SER J 796 92.74 -128.67 -86.69
N GLY J 797 93.12 -129.21 -87.84
CA GLY J 797 92.43 -128.86 -89.07
C GLY J 797 93.14 -129.26 -90.34
N CYS J 798 92.39 -129.34 -91.44
CA CYS J 798 92.95 -129.70 -92.74
C CYS J 798 93.90 -128.60 -93.20
N ILE J 799 95.20 -128.90 -93.18
CA ILE J 799 96.19 -127.90 -93.56
C ILE J 799 96.12 -127.66 -95.06
N HIS J 800 96.08 -126.39 -95.44
CA HIS J 800 96.17 -125.97 -96.84
C HIS J 800 97.61 -125.53 -97.08
N TYR J 801 98.41 -126.41 -97.67
CA TYR J 801 99.84 -126.18 -97.82
C TYR J 801 100.10 -125.03 -98.79
N VAL J 802 100.90 -124.06 -98.35
CA VAL J 802 101.29 -122.92 -99.17
C VAL J 802 102.81 -122.78 -99.24
N LYS J 803 103.50 -122.95 -98.12
CA LYS J 803 104.93 -122.68 -98.01
C LYS J 803 105.71 -123.82 -98.66
N ARG J 804 105.88 -123.71 -99.98
CA ARG J 804 106.59 -124.68 -100.81
C ARG J 804 107.99 -124.98 -100.27
N PRO J 805 108.60 -126.10 -100.61
CA PRO J 805 109.87 -126.48 -99.96
C PRO J 805 111.05 -125.68 -100.48
N GLY J 806 112.12 -125.70 -99.69
CA GLY J 806 113.37 -125.07 -100.08
C GLY J 806 113.41 -123.57 -99.84
N ALA J 807 113.29 -123.15 -98.57
CA ALA J 807 113.30 -121.73 -98.25
C ALA J 807 113.59 -121.55 -96.77
N ALA J 808 113.89 -120.31 -96.39
CA ALA J 808 114.18 -119.93 -95.02
C ALA J 808 112.91 -119.43 -94.33
N LEU J 809 113.05 -119.03 -93.07
CA LEU J 809 111.91 -118.59 -92.26
C LEU J 809 112.38 -117.49 -91.31
N ASP J 810 111.40 -116.87 -90.64
CA ASP J 810 111.63 -115.84 -89.64
C ASP J 810 110.58 -115.97 -88.54
N PRO J 811 110.74 -115.33 -87.38
CA PRO J 811 109.70 -115.40 -86.36
C PRO J 811 108.42 -114.71 -86.80
N GLY J 812 107.29 -115.23 -86.33
CA GLY J 812 106.01 -114.65 -86.66
C GLY J 812 105.63 -114.72 -88.12
N CYS J 813 106.29 -115.58 -88.89
CA CYS J 813 105.94 -115.77 -90.30
C CYS J 813 104.74 -116.71 -90.38
N VAL J 814 104.45 -117.25 -91.57
CA VAL J 814 103.35 -118.17 -91.77
C VAL J 814 103.84 -119.35 -92.59
N LEU J 815 103.32 -120.54 -92.29
CA LEU J 815 103.70 -121.78 -92.95
C LEU J 815 102.58 -122.39 -93.76
N ALA J 816 101.39 -122.57 -93.16
CA ALA J 816 100.28 -123.15 -93.89
C ALA J 816 98.98 -122.90 -93.11
N LYS J 817 97.94 -122.50 -93.83
CA LYS J 817 96.63 -122.28 -93.23
C LYS J 817 96.01 -123.62 -92.82
N MET J 818 94.85 -123.53 -92.17
CA MET J 818 93.96 -124.67 -92.04
C MET J 818 92.56 -124.13 -91.82
N GLN J 819 91.57 -125.02 -91.97
CA GLN J 819 90.17 -124.71 -91.72
C GLN J 819 89.77 -125.43 -90.43
N LEU J 820 89.72 -124.68 -89.34
CA LEU J 820 89.46 -125.28 -88.03
C LEU J 820 88.03 -125.79 -87.96
N ASP J 821 87.85 -126.85 -87.18
CA ASP J 821 86.53 -127.44 -86.98
C ASP J 821 85.70 -126.58 -86.04
N HIS J 832 85.98 -107.04 -86.50
CA HIS J 832 87.42 -107.10 -86.64
C HIS J 832 88.10 -105.81 -86.18
N THR J 833 87.45 -104.69 -86.47
CA THR J 833 88.04 -103.36 -86.33
C THR J 833 87.41 -102.61 -85.17
N GLY J 834 88.18 -101.66 -84.65
CA GLY J 834 87.66 -100.68 -83.72
C GLY J 834 88.51 -99.43 -83.69
N SER J 835 87.88 -98.28 -83.93
CA SER J 835 88.51 -96.97 -83.79
C SER J 835 88.01 -96.35 -82.50
N LEU J 836 88.94 -96.04 -81.59
CA LEU J 836 88.62 -95.66 -80.22
C LEU J 836 88.90 -94.17 -80.02
N PRO J 837 87.96 -93.28 -80.34
CA PRO J 837 88.09 -91.90 -79.88
C PRO J 837 87.69 -91.80 -78.41
N ARG J 838 88.67 -91.71 -77.52
CA ARG J 838 88.41 -91.90 -76.09
C ARG J 838 89.42 -91.10 -75.29
N ILE J 839 88.98 -90.60 -74.13
CA ILE J 839 89.86 -89.91 -73.20
C ILE J 839 90.62 -90.93 -72.38
N LYS J 848 94.57 -71.71 -63.32
CA LYS J 848 94.39 -73.05 -63.86
C LYS J 848 95.26 -73.21 -65.12
N LEU J 849 95.44 -72.10 -65.86
CA LEU J 849 96.24 -72.13 -67.08
C LEU J 849 97.70 -72.40 -66.76
N HIS J 850 98.14 -71.96 -65.57
CA HIS J 850 99.47 -72.27 -65.06
C HIS J 850 99.76 -73.77 -65.11
N ARG J 851 98.86 -74.60 -64.59
CA ARG J 851 99.11 -76.04 -64.72
C ARG J 851 98.92 -76.49 -66.16
N VAL J 852 97.93 -75.95 -66.88
CA VAL J 852 97.83 -76.25 -68.31
C VAL J 852 99.17 -75.98 -69.01
N PHE J 853 99.74 -74.80 -68.79
CA PHE J 853 101.10 -74.51 -69.24
C PHE J 853 102.17 -75.52 -68.82
N HIS J 854 102.50 -75.56 -67.52
CA HIS J 854 103.54 -76.44 -67.01
C HIS J 854 103.37 -77.89 -67.43
N TYR J 855 102.14 -78.41 -67.30
CA TYR J 855 101.84 -79.80 -67.65
C TYR J 855 102.22 -80.09 -69.11
N VAL J 856 101.68 -79.29 -70.04
CA VAL J 856 101.93 -79.45 -71.48
C VAL J 856 103.42 -79.46 -71.81
N LEU J 857 104.23 -78.80 -70.99
CA LEU J 857 105.66 -78.71 -71.28
C LEU J 857 106.34 -80.05 -71.04
N ASP J 858 105.96 -80.73 -69.96
CA ASP J 858 106.61 -82.00 -69.62
C ASP J 858 106.34 -83.06 -70.69
N ASN J 859 105.10 -83.14 -71.19
CA ASN J 859 104.77 -84.04 -72.29
C ASN J 859 105.69 -83.84 -73.49
N LEU J 860 105.96 -82.57 -73.81
CA LEU J 860 106.75 -82.23 -75.00
C LEU J 860 108.22 -82.59 -74.86
N VAL J 861 108.84 -82.29 -73.72
CA VAL J 861 110.22 -82.70 -73.48
C VAL J 861 110.42 -84.22 -73.45
N ASN J 862 109.43 -85.02 -73.02
CA ASN J 862 109.57 -86.47 -73.17
C ASN J 862 109.42 -86.91 -74.63
N VAL J 863 108.52 -86.27 -75.37
CA VAL J 863 108.39 -86.51 -76.81
C VAL J 863 109.72 -86.21 -77.47
N MET J 864 110.34 -85.10 -77.08
CA MET J 864 111.41 -84.43 -77.79
C MET J 864 112.75 -84.73 -77.14
N ASN J 865 112.75 -85.56 -76.09
CA ASN J 865 113.96 -86.22 -75.62
C ASN J 865 114.35 -87.34 -76.58
N GLY J 866 113.42 -87.78 -77.46
CA GLY J 866 113.71 -88.86 -78.39
C GLY J 866 112.96 -90.13 -78.07
N TYR J 867 111.68 -90.03 -77.70
CA TYR J 867 110.95 -91.23 -77.32
C TYR J 867 110.75 -92.24 -78.45
N CYS J 868 110.14 -91.83 -79.57
CA CYS J 868 109.92 -92.52 -80.84
C CYS J 868 108.61 -91.97 -81.36
N LEU J 869 108.43 -91.85 -82.69
CA LEU J 869 107.16 -91.32 -83.17
C LEU J 869 106.36 -92.51 -83.67
N PRO J 870 105.12 -92.72 -83.21
CA PRO J 870 104.38 -93.90 -83.67
C PRO J 870 103.95 -93.89 -85.12
N ASP J 871 103.42 -92.79 -85.60
CA ASP J 871 102.85 -92.78 -86.94
C ASP J 871 103.03 -91.47 -87.68
N PRO J 872 102.53 -91.37 -88.92
CA PRO J 872 102.61 -90.09 -89.64
C PRO J 872 101.84 -89.02 -88.92
N PHE J 873 100.68 -89.40 -88.35
CA PHE J 873 99.73 -88.59 -87.60
C PHE J 873 100.39 -87.59 -86.65
N PHE J 874 101.61 -87.88 -86.24
CA PHE J 874 102.39 -86.97 -85.39
C PHE J 874 102.47 -85.58 -86.01
N SER J 875 102.80 -85.51 -87.31
CA SER J 875 103.10 -84.26 -88.02
C SER J 875 101.91 -83.28 -87.96
N SER J 876 100.74 -83.75 -87.55
CA SER J 876 99.56 -82.93 -87.27
C SER J 876 99.70 -82.39 -85.85
N LYS J 877 100.07 -83.28 -84.94
CA LYS J 877 100.00 -83.05 -83.49
C LYS J 877 100.90 -81.89 -83.05
N VAL J 878 102.13 -81.81 -83.56
CA VAL J 878 103.05 -80.77 -83.11
C VAL J 878 102.61 -79.35 -83.45
N LYS J 879 101.85 -79.15 -84.52
CA LYS J 879 101.51 -77.78 -84.87
C LYS J 879 100.55 -77.20 -83.83
N ASP J 880 99.53 -77.98 -83.47
CA ASP J 880 98.60 -77.62 -82.40
C ASP J 880 99.33 -77.40 -81.07
N TRP J 881 100.20 -78.36 -80.70
CA TRP J 881 100.95 -78.30 -79.43
C TRP J 881 101.66 -76.99 -79.21
N VAL J 882 102.23 -76.41 -80.26
CA VAL J 882 103.34 -75.48 -80.13
C VAL J 882 102.86 -74.04 -80.27
N GLU J 883 101.89 -73.83 -81.15
CA GLU J 883 101.14 -72.58 -81.11
C GLU J 883 100.30 -72.47 -79.84
N ARG J 884 99.64 -73.55 -79.40
CA ARG J 884 98.87 -73.42 -78.15
C ARG J 884 99.75 -73.01 -76.99
N LEU J 885 100.94 -73.59 -76.88
CA LEU J 885 101.85 -73.20 -75.83
C LEU J 885 102.33 -71.78 -76.02
N MET J 886 103.08 -71.61 -77.12
CA MET J 886 103.77 -70.36 -77.43
C MET J 886 102.84 -69.15 -77.36
N LYS J 887 101.67 -69.27 -77.99
CA LYS J 887 100.72 -68.16 -78.01
C LYS J 887 100.15 -67.88 -76.63
N THR J 888 99.77 -68.93 -75.88
CA THR J 888 99.26 -68.79 -74.52
C THR J 888 100.32 -68.39 -73.50
N LEU J 889 101.60 -68.37 -73.88
CA LEU J 889 102.66 -67.94 -72.96
C LEU J 889 102.95 -66.46 -73.12
N ARG J 890 102.56 -65.90 -74.26
CA ARG J 890 102.70 -64.46 -74.47
C ARG J 890 101.58 -63.80 -73.68
N ASP J 891 100.41 -64.46 -73.64
CA ASP J 891 99.18 -64.06 -73.00
C ASP J 891 99.55 -63.67 -71.57
N PRO J 892 99.53 -62.38 -71.21
CA PRO J 892 99.99 -62.02 -69.86
C PRO J 892 99.05 -62.35 -68.70
N SER J 893 98.05 -63.20 -68.88
CA SER J 893 97.36 -63.72 -67.71
C SER J 893 98.05 -64.97 -67.17
N LEU J 894 99.16 -65.39 -67.80
CA LEU J 894 99.93 -66.54 -67.30
C LEU J 894 100.60 -66.17 -65.98
N PRO J 895 101.44 -65.13 -65.90
CA PRO J 895 102.20 -64.83 -64.68
C PRO J 895 101.37 -64.72 -63.41
N LEU J 896 100.16 -64.16 -63.50
CA LEU J 896 99.26 -64.14 -62.35
C LEU J 896 99.05 -65.53 -61.78
N LEU J 897 98.80 -66.51 -62.64
CA LEU J 897 98.54 -67.85 -62.11
C LEU J 897 99.82 -68.48 -61.57
N GLU J 898 100.98 -68.09 -62.09
CA GLU J 898 102.25 -68.57 -61.53
C GLU J 898 102.60 -67.87 -60.23
N LEU J 899 102.33 -66.58 -60.11
CA LEU J 899 102.39 -65.90 -58.82
C LEU J 899 101.21 -66.22 -57.94
N GLN J 900 100.09 -66.67 -58.52
CA GLN J 900 99.03 -67.22 -57.69
C GLN J 900 99.56 -68.45 -56.97
N ASP J 901 100.17 -69.36 -57.71
CA ASP J 901 100.13 -70.74 -57.27
C ASP J 901 101.22 -70.98 -56.23
N ILE J 902 102.40 -70.39 -56.44
CA ILE J 902 103.44 -70.40 -55.40
C ILE J 902 103.01 -69.60 -54.17
N MET J 903 102.48 -68.39 -54.36
CA MET J 903 102.11 -67.55 -53.23
C MET J 903 100.87 -68.00 -52.47
N THR J 904 100.13 -69.01 -52.94
CA THR J 904 99.00 -69.51 -52.17
C THR J 904 99.44 -70.58 -51.20
N SER J 905 100.41 -71.38 -51.62
CA SER J 905 100.93 -72.49 -50.85
C SER J 905 102.03 -72.09 -49.89
N VAL J 906 102.51 -70.84 -49.94
CA VAL J 906 103.43 -70.29 -48.95
C VAL J 906 102.85 -69.01 -48.41
N SER J 907 101.56 -69.06 -48.06
CA SER J 907 100.92 -67.90 -47.45
C SER J 907 101.40 -67.65 -46.03
N GLY J 908 101.66 -68.70 -45.25
CA GLY J 908 102.27 -68.55 -43.95
C GLY J 908 103.79 -68.42 -43.94
N ARG J 909 104.33 -68.46 -42.72
CA ARG J 909 105.77 -68.37 -42.42
C ARG J 909 106.38 -67.06 -42.93
N ILE J 910 105.54 -66.06 -43.16
CA ILE J 910 105.79 -64.99 -44.11
C ILE J 910 106.09 -63.73 -43.30
N PRO J 911 107.08 -62.90 -43.65
CA PRO J 911 107.14 -61.53 -43.07
C PRO J 911 106.27 -60.57 -43.87
N PRO J 912 105.19 -60.05 -43.26
CA PRO J 912 104.21 -59.23 -44.01
C PRO J 912 104.73 -57.97 -44.71
N ASN J 913 105.83 -57.37 -44.27
CA ASN J 913 106.35 -56.20 -44.99
C ASN J 913 106.64 -56.54 -46.45
N VAL J 914 107.32 -57.65 -46.70
CA VAL J 914 107.72 -57.97 -48.07
C VAL J 914 106.55 -58.56 -48.82
N GLU J 915 105.70 -59.31 -48.12
CA GLU J 915 104.49 -59.89 -48.68
C GLU J 915 103.46 -58.87 -49.11
N LYS J 916 103.15 -57.89 -48.26
CA LYS J 916 102.20 -56.87 -48.69
C LYS J 916 102.76 -56.08 -49.85
N SER J 917 104.07 -55.92 -49.92
CA SER J 917 104.68 -55.28 -51.08
C SER J 917 104.55 -56.12 -52.34
N ILE J 918 104.97 -57.40 -52.30
CA ILE J 918 104.86 -58.22 -53.51
C ILE J 918 103.40 -58.44 -53.89
N LYS J 919 102.52 -58.55 -52.89
CA LYS J 919 101.13 -58.89 -53.18
C LYS J 919 100.39 -57.69 -53.73
N LYS J 920 100.88 -56.48 -53.43
CA LYS J 920 100.36 -55.27 -54.04
C LYS J 920 100.49 -55.36 -55.55
N GLU J 921 101.67 -55.69 -56.04
CA GLU J 921 101.96 -55.42 -57.44
C GLU J 921 101.44 -56.52 -58.35
N MET J 922 101.19 -57.72 -57.83
CA MET J 922 100.39 -58.66 -58.58
C MET J 922 98.98 -58.14 -58.74
N ALA J 923 98.42 -57.62 -57.64
CA ALA J 923 97.10 -56.99 -57.68
C ALA J 923 97.05 -55.94 -58.78
N GLN J 924 98.13 -55.20 -58.96
CA GLN J 924 98.26 -54.24 -60.04
C GLN J 924 99.12 -54.74 -61.20
N TYR J 925 99.58 -55.98 -61.17
CA TYR J 925 99.69 -56.73 -62.41
C TYR J 925 98.29 -57.03 -62.95
N ALA J 926 97.39 -57.42 -62.04
CA ALA J 926 96.01 -57.73 -62.38
C ALA J 926 95.20 -56.51 -62.84
N SER J 927 95.41 -55.34 -62.21
CA SER J 927 94.68 -54.14 -62.64
C SER J 927 95.15 -53.63 -63.99
N ASN J 928 96.43 -53.74 -64.30
CA ASN J 928 97.01 -53.19 -65.52
C ASN J 928 97.01 -54.21 -66.65
N ILE J 929 96.37 -55.37 -66.44
CA ILE J 929 96.25 -56.38 -67.47
C ILE J 929 95.34 -55.83 -68.56
N THR J 930 95.52 -56.35 -69.78
CA THR J 930 94.85 -55.95 -71.01
C THR J 930 95.55 -54.72 -71.58
N SER J 931 96.65 -54.27 -70.98
CA SER J 931 97.53 -53.34 -71.66
C SER J 931 98.41 -54.09 -72.65
N VAL J 932 98.82 -53.39 -73.69
CA VAL J 932 99.70 -53.97 -74.69
C VAL J 932 101.10 -54.21 -74.12
N LEU J 933 101.49 -53.43 -73.11
CA LEU J 933 102.84 -53.43 -72.54
C LEU J 933 102.96 -53.77 -71.06
N CYS J 934 102.56 -54.98 -70.65
CA CYS J 934 102.67 -55.42 -69.26
C CYS J 934 103.67 -56.58 -69.18
N GLN J 935 104.73 -56.35 -68.42
CA GLN J 935 105.72 -57.34 -68.00
C GLN J 935 105.84 -57.39 -66.48
N PHE J 936 106.35 -58.51 -66.01
CA PHE J 936 106.54 -58.76 -64.59
C PHE J 936 107.44 -57.69 -63.96
N PRO J 937 107.14 -57.23 -62.73
CA PRO J 937 108.01 -56.27 -62.02
C PRO J 937 109.01 -57.02 -61.16
N SER J 938 109.81 -57.82 -61.84
CA SER J 938 110.97 -58.57 -61.37
C SER J 938 111.84 -57.86 -60.36
N GLN J 939 112.54 -56.81 -60.77
CA GLN J 939 113.45 -56.14 -59.87
C GLN J 939 112.76 -55.62 -58.62
N GLN J 940 111.50 -55.21 -58.74
CA GLN J 940 110.77 -54.66 -57.62
C GLN J 940 110.53 -55.65 -56.49
N ILE J 941 110.05 -56.86 -56.80
CA ILE J 941 109.80 -57.79 -55.70
C ILE J 941 111.10 -58.21 -55.04
N ALA J 942 112.13 -58.51 -55.83
CA ALA J 942 113.41 -58.92 -55.26
C ALA J 942 114.05 -57.81 -54.44
N ASN J 943 114.06 -56.60 -55.01
CA ASN J 943 114.70 -55.45 -54.36
C ASN J 943 114.02 -55.07 -53.05
N ILE J 944 112.69 -55.10 -53.00
CA ILE J 944 111.99 -54.73 -51.77
C ILE J 944 112.43 -55.62 -50.62
N LEU J 945 112.40 -56.93 -50.83
CA LEU J 945 112.91 -57.86 -49.83
C LEU J 945 114.33 -57.55 -49.40
N ASP J 946 115.15 -57.09 -50.35
CA ASP J 946 116.55 -56.82 -50.09
C ASP J 946 116.82 -55.49 -49.40
N SER J 947 115.84 -54.59 -49.35
CA SER J 947 115.89 -53.56 -48.32
C SER J 947 115.92 -54.21 -46.94
N HIS J 948 115.12 -55.27 -46.74
CA HIS J 948 115.05 -55.95 -45.46
C HIS J 948 116.10 -57.05 -45.31
N ALA J 949 116.83 -57.37 -46.38
CA ALA J 949 118.09 -58.11 -46.26
C ALA J 949 119.21 -57.23 -45.73
N ALA J 950 119.15 -55.93 -46.02
CA ALA J 950 120.20 -55.02 -45.57
C ALA J 950 120.30 -54.98 -44.04
N THR J 951 119.17 -55.11 -43.34
CA THR J 951 119.14 -55.02 -41.89
C THR J 951 119.14 -56.38 -41.20
N LEU J 952 118.48 -57.39 -41.76
CA LEU J 952 118.41 -58.68 -41.08
C LEU J 952 119.68 -59.51 -41.27
N ASN J 953 120.37 -59.37 -42.40
CA ASN J 953 121.27 -60.40 -42.92
C ASN J 953 122.54 -60.54 -42.09
N ARG J 954 122.73 -59.69 -41.09
CA ARG J 954 123.92 -59.78 -40.28
C ARG J 954 123.83 -60.79 -39.15
N LYS J 955 122.84 -61.69 -39.17
CA LYS J 955 122.45 -62.38 -37.95
C LYS J 955 122.17 -63.86 -38.15
N SER J 956 122.10 -64.36 -39.39
CA SER J 956 121.80 -65.77 -39.63
C SER J 956 120.43 -66.14 -39.07
N GLU J 957 119.53 -65.16 -38.97
CA GLU J 957 118.25 -65.34 -38.30
C GLU J 957 117.13 -65.66 -39.28
N ARG J 958 117.41 -66.44 -40.33
CA ARG J 958 116.78 -66.17 -41.62
C ARG J 958 116.31 -67.46 -42.29
N GLU J 959 116.04 -68.52 -41.55
CA GLU J 959 115.71 -69.81 -42.15
C GLU J 959 114.21 -69.99 -42.34
N VAL J 960 113.39 -69.43 -41.45
CA VAL J 960 112.02 -69.09 -41.86
C VAL J 960 112.10 -68.14 -43.05
N PHE J 961 112.98 -67.15 -42.97
CA PHE J 961 113.06 -66.07 -43.94
C PHE J 961 113.61 -66.64 -45.25
N PHE J 962 114.52 -67.61 -45.12
CA PHE J 962 115.13 -68.31 -46.24
C PHE J 962 114.10 -68.88 -47.21
N MET J 963 113.12 -69.61 -46.69
CA MET J 963 112.10 -70.14 -47.60
C MET J 963 111.12 -69.11 -48.12
N ASN J 964 111.16 -67.88 -47.61
CA ASN J 964 110.41 -66.78 -48.21
C ASN J 964 111.29 -65.84 -49.03
N THR J 965 112.58 -65.67 -48.67
CA THR J 965 113.51 -64.86 -49.45
C THR J 965 114.10 -65.64 -50.61
N GLN J 966 113.86 -66.94 -50.66
CA GLN J 966 114.28 -67.72 -51.80
C GLN J 966 113.08 -67.92 -52.70
N SER J 967 111.93 -68.25 -52.09
CA SER J 967 110.72 -68.60 -52.82
C SER J 967 110.27 -67.41 -53.67
N ILE J 968 110.53 -66.20 -53.19
CA ILE J 968 110.18 -64.99 -53.92
C ILE J 968 111.20 -64.74 -55.04
N VAL J 969 112.48 -65.01 -54.79
CA VAL J 969 113.50 -64.80 -55.83
C VAL J 969 113.27 -65.86 -56.91
N GLN J 970 112.63 -66.98 -56.55
CA GLN J 970 112.25 -68.01 -57.53
C GLN J 970 111.01 -67.60 -58.32
N LEU J 971 110.13 -66.78 -57.77
CA LEU J 971 109.03 -66.24 -58.58
C LEU J 971 109.60 -65.41 -59.72
N VAL J 972 110.52 -64.50 -59.40
CA VAL J 972 111.17 -63.65 -60.40
C VAL J 972 112.06 -64.50 -61.29
N GLN J 973 112.63 -65.58 -60.76
CA GLN J 973 113.42 -66.46 -61.61
C GLN J 973 112.60 -67.11 -62.71
N ARG J 974 111.27 -67.18 -62.59
CA ARG J 974 110.50 -67.67 -63.72
C ARG J 974 110.35 -66.58 -64.76
N TYR J 975 110.55 -65.31 -64.36
CA TYR J 975 109.93 -64.14 -64.98
C TYR J 975 110.82 -62.90 -64.91
N ARG J 976 112.06 -63.00 -64.44
CA ARG J 976 112.93 -61.84 -64.36
C ARG J 976 113.14 -61.20 -65.73
N SER J 977 113.48 -61.98 -66.74
CA SER J 977 113.60 -61.41 -68.06
C SER J 977 112.27 -61.46 -68.78
N GLY J 978 111.17 -61.43 -68.04
CA GLY J 978 109.86 -61.37 -68.63
C GLY J 978 109.50 -62.75 -69.09
N ILE J 979 108.28 -62.86 -69.62
CA ILE J 979 107.82 -64.10 -70.21
C ILE J 979 108.75 -64.49 -71.37
N ARG J 980 109.50 -63.53 -71.95
CA ARG J 980 110.01 -63.49 -73.30
C ARG J 980 111.43 -64.05 -73.42
N GLY J 981 112.38 -63.52 -72.65
CA GLY J 981 113.62 -64.25 -72.42
C GLY J 981 113.45 -65.68 -71.95
N HIS J 982 112.63 -65.89 -70.93
CA HIS J 982 112.30 -67.25 -70.50
C HIS J 982 111.57 -68.10 -71.54
N MET J 983 110.48 -67.63 -72.16
CA MET J 983 109.85 -68.48 -73.18
C MET J 983 110.85 -68.85 -74.26
N LYS J 984 111.82 -67.96 -74.52
CA LYS J 984 112.98 -68.28 -75.33
C LYS J 984 113.81 -69.31 -74.57
N ALA J 985 114.25 -68.94 -73.36
CA ALA J 985 115.27 -69.69 -72.61
C ALA J 985 114.84 -71.14 -72.51
N VAL J 986 113.61 -71.38 -72.03
CA VAL J 986 113.17 -72.74 -71.77
C VAL J 986 113.24 -73.56 -73.07
N VAL J 987 112.63 -73.08 -74.15
CA VAL J 987 112.70 -73.85 -75.40
C VAL J 987 114.16 -73.94 -75.82
N MET J 988 114.92 -72.86 -75.60
CA MET J 988 116.35 -72.84 -75.89
C MET J 988 117.09 -73.91 -75.10
N ASP J 989 116.75 -74.09 -73.82
CA ASP J 989 117.40 -75.13 -73.03
C ASP J 989 117.14 -76.53 -73.60
N LEU J 990 115.87 -76.90 -73.76
CA LEU J 990 115.52 -78.23 -74.29
C LEU J 990 116.19 -78.49 -75.64
N LEU J 991 116.22 -77.51 -76.53
CA LEU J 991 116.97 -77.72 -77.78
C LEU J 991 118.42 -78.07 -77.45
N ARG J 992 119.09 -77.28 -76.59
CA ARG J 992 120.45 -77.68 -76.17
C ARG J 992 120.47 -79.05 -75.50
N GLN J 993 119.34 -79.53 -74.99
CA GLN J 993 119.26 -80.85 -74.35
C GLN J 993 119.43 -81.97 -75.38
N TYR J 994 118.54 -82.01 -76.38
CA TYR J 994 118.78 -82.65 -77.68
C TYR J 994 120.24 -82.57 -78.16
N LEU J 995 120.90 -81.42 -77.95
CA LEU J 995 122.17 -81.20 -78.64
C LEU J 995 123.29 -81.94 -77.92
N ARG J 996 123.38 -81.70 -76.61
CA ARG J 996 124.40 -82.29 -75.76
C ARG J 996 124.37 -83.79 -75.93
N VAL J 997 123.20 -84.38 -75.61
CA VAL J 997 122.98 -85.82 -75.83
C VAL J 997 123.49 -86.20 -77.22
N GLU J 998 122.96 -85.57 -78.26
CA GLU J 998 123.27 -86.05 -79.61
C GLU J 998 124.63 -85.59 -80.13
N THR J 999 125.38 -84.76 -79.41
CA THR J 999 126.71 -84.43 -79.89
C THR J 999 127.68 -85.49 -79.38
N GLN J 1000 127.53 -85.90 -78.11
CA GLN J 1000 128.30 -87.04 -77.63
C GLN J 1000 127.87 -88.31 -78.36
N PHE J 1001 126.58 -88.41 -78.72
CA PHE J 1001 126.09 -89.60 -79.41
C PHE J 1001 126.80 -89.82 -80.73
N GLN J 1002 126.94 -88.76 -81.52
CA GLN J 1002 127.61 -88.87 -82.80
C GLN J 1002 128.75 -87.87 -82.82
N ASN J 1003 129.97 -88.41 -82.80
CA ASN J 1003 131.22 -87.69 -82.88
C ASN J 1003 132.17 -88.76 -83.40
N GLY J 1004 132.08 -89.08 -84.68
CA GLY J 1004 132.86 -90.16 -85.27
C GLY J 1004 131.90 -91.22 -85.76
N HIS J 1005 131.71 -92.32 -85.01
CA HIS J 1005 130.74 -93.33 -85.43
C HIS J 1005 130.08 -93.95 -84.20
N TYR J 1006 128.87 -94.47 -84.42
CA TYR J 1006 127.96 -94.96 -83.39
C TYR J 1006 128.61 -95.86 -82.34
N ASP J 1007 129.40 -96.84 -82.79
CA ASP J 1007 129.98 -97.80 -81.85
C ASP J 1007 130.94 -97.16 -80.86
N LYS J 1008 131.99 -96.48 -81.33
CA LYS J 1008 132.95 -95.91 -80.40
C LYS J 1008 132.27 -94.91 -79.46
N CYS J 1009 131.31 -94.16 -80.02
CA CYS J 1009 130.56 -93.17 -79.25
C CYS J 1009 129.73 -93.78 -78.12
N VAL J 1010 129.16 -94.97 -78.34
CA VAL J 1010 128.35 -95.55 -77.27
C VAL J 1010 129.23 -95.92 -76.07
N PHE J 1011 130.50 -96.25 -76.31
CA PHE J 1011 131.40 -96.49 -75.19
C PHE J 1011 131.76 -95.17 -74.51
N ALA J 1012 131.86 -94.09 -75.28
CA ALA J 1012 132.02 -92.79 -74.65
C ALA J 1012 130.77 -92.43 -73.85
N LEU J 1013 129.61 -92.90 -74.32
CA LEU J 1013 128.35 -92.74 -73.60
C LEU J 1013 128.36 -93.59 -72.34
N ARG J 1014 128.83 -94.83 -72.48
CA ARG J 1014 128.97 -95.81 -71.41
C ARG J 1014 129.76 -95.28 -70.22
N GLU J 1015 130.78 -94.48 -70.48
CA GLU J 1015 131.83 -94.12 -69.54
C GLU J 1015 131.63 -92.80 -68.80
N GLU J 1016 130.82 -91.88 -69.31
CA GLU J 1016 130.53 -90.65 -68.56
C GLU J 1016 129.80 -90.95 -67.25
N ASN J 1017 128.86 -91.91 -67.23
CA ASN J 1017 128.17 -92.27 -65.97
C ASN J 1017 128.19 -93.79 -65.79
N LYS J 1018 129.38 -94.26 -65.41
CA LYS J 1018 129.65 -95.67 -65.16
C LYS J 1018 128.90 -96.20 -63.94
N SER J 1019 128.83 -95.39 -62.88
CA SER J 1019 128.36 -95.83 -61.56
C SER J 1019 126.93 -96.37 -61.57
N ASP J 1020 126.01 -95.70 -62.25
CA ASP J 1020 124.61 -96.14 -62.29
C ASP J 1020 124.19 -96.23 -63.75
N MET J 1021 123.15 -97.04 -63.99
CA MET J 1021 122.65 -97.26 -65.35
C MET J 1021 121.15 -97.07 -65.54
N ASN J 1022 120.40 -96.60 -64.53
CA ASN J 1022 118.99 -96.34 -64.77
C ASN J 1022 118.82 -95.14 -65.69
N THR J 1023 119.63 -94.09 -65.47
CA THR J 1023 119.67 -92.93 -66.34
C THR J 1023 120.09 -93.31 -67.75
N VAL J 1024 120.98 -94.28 -67.86
CA VAL J 1024 121.47 -94.79 -69.14
C VAL J 1024 120.33 -95.34 -70.00
N LEU J 1025 119.32 -95.96 -69.39
CA LEU J 1025 118.30 -96.58 -70.23
C LEU J 1025 117.56 -95.51 -71.02
N ASN J 1026 117.24 -94.39 -70.38
CA ASN J 1026 116.68 -93.25 -71.11
C ASN J 1026 117.65 -92.71 -72.15
N TYR J 1027 118.95 -92.74 -71.84
CA TYR J 1027 119.96 -92.29 -72.80
C TYR J 1027 119.90 -93.14 -74.08
N ILE J 1028 119.97 -94.46 -73.91
CA ILE J 1028 120.06 -95.39 -75.03
C ILE J 1028 118.76 -95.33 -75.85
N PHE J 1029 117.64 -95.32 -75.14
CA PHE J 1029 116.29 -95.13 -75.67
C PHE J 1029 116.09 -93.84 -76.47
N SER J 1030 116.68 -92.71 -76.04
CA SER J 1030 116.46 -91.43 -76.71
C SER J 1030 116.97 -91.40 -78.16
N HIS J 1031 118.24 -91.69 -78.37
CA HIS J 1031 118.87 -91.65 -79.68
C HIS J 1031 118.41 -92.73 -80.67
N ALA J 1032 117.43 -93.57 -80.35
CA ALA J 1032 117.02 -94.55 -81.34
C ALA J 1032 116.35 -93.96 -82.58
N GLN J 1033 115.38 -93.07 -82.40
CA GLN J 1033 114.73 -92.34 -83.50
C GLN J 1033 115.35 -90.96 -83.73
N VAL J 1034 116.62 -90.93 -84.18
CA VAL J 1034 117.22 -89.63 -84.48
C VAL J 1034 116.55 -89.00 -85.70
N THR J 1035 116.32 -89.78 -86.75
CA THR J 1035 115.78 -89.21 -87.98
C THR J 1035 114.40 -88.57 -87.73
N LYS J 1036 113.63 -89.18 -86.83
CA LYS J 1036 112.34 -88.66 -86.41
C LYS J 1036 112.51 -87.36 -85.61
N LYS J 1037 113.31 -87.44 -84.54
CA LYS J 1037 113.80 -86.33 -83.73
C LYS J 1037 114.23 -85.10 -84.54
N ASN J 1038 114.77 -85.30 -85.73
CA ASN J 1038 115.56 -84.28 -86.41
C ASN J 1038 114.63 -83.28 -87.09
N LEU J 1039 113.62 -83.78 -87.81
CA LEU J 1039 112.56 -82.95 -88.37
C LEU J 1039 111.94 -82.08 -87.27
N LEU J 1040 111.60 -82.71 -86.15
CA LEU J 1040 110.87 -82.06 -85.05
C LEU J 1040 111.61 -80.87 -84.43
N VAL J 1041 112.94 -80.88 -84.40
CA VAL J 1041 113.68 -79.71 -83.95
C VAL J 1041 113.38 -78.48 -84.82
N THR J 1042 113.38 -78.66 -86.15
CA THR J 1042 113.04 -77.56 -87.07
C THR J 1042 111.73 -76.86 -86.71
N MET J 1043 110.65 -77.59 -86.51
CA MET J 1043 109.41 -77.05 -85.95
C MET J 1043 109.58 -76.04 -84.81
N LEU J 1044 110.35 -76.40 -83.77
CA LEU J 1044 110.47 -75.52 -82.61
C LEU J 1044 111.05 -74.17 -83.02
N ILE J 1045 112.17 -74.19 -83.74
CA ILE J 1045 112.83 -72.99 -84.26
C ILE J 1045 111.94 -72.34 -85.32
N ASP J 1046 111.17 -73.16 -86.07
CA ASP J 1046 110.39 -72.69 -87.21
C ASP J 1046 109.37 -71.63 -86.81
N GLN J 1047 108.71 -71.79 -85.68
CA GLN J 1047 107.68 -70.84 -85.26
C GLN J 1047 108.26 -69.64 -84.53
N LEU J 1048 109.37 -69.81 -83.81
CA LEU J 1048 110.28 -68.71 -83.49
C LEU J 1048 110.60 -67.75 -84.64
N CYS J 1049 111.29 -68.22 -85.69
CA CYS J 1049 111.52 -67.37 -86.87
C CYS J 1049 110.24 -66.80 -87.47
N GLY J 1050 109.11 -67.48 -87.34
CA GLY J 1050 107.84 -66.90 -87.73
C GLY J 1050 107.60 -65.50 -87.16
N ARG J 1051 108.10 -65.21 -85.96
CA ARG J 1051 108.16 -63.85 -85.44
C ARG J 1051 109.50 -63.54 -84.78
N ASP J 1052 110.62 -63.84 -85.46
CA ASP J 1052 111.91 -63.36 -84.97
C ASP J 1052 112.27 -61.90 -85.22
N PRO J 1053 111.84 -61.25 -86.32
CA PRO J 1053 112.87 -60.54 -87.10
C PRO J 1053 113.82 -59.54 -86.42
N THR J 1054 113.59 -59.16 -85.16
CA THR J 1054 114.53 -58.34 -84.39
C THR J 1054 114.67 -58.87 -82.97
N LEU J 1055 114.98 -60.16 -82.80
CA LEU J 1055 114.69 -60.78 -81.51
C LEU J 1055 115.73 -60.44 -80.43
N THR J 1056 116.92 -61.04 -80.42
CA THR J 1056 117.71 -61.02 -79.17
C THR J 1056 119.08 -61.71 -79.30
N ASP J 1057 120.13 -60.99 -78.89
CA ASP J 1057 121.52 -61.42 -79.13
C ASP J 1057 121.90 -62.70 -78.39
N GLU J 1058 121.68 -62.76 -77.07
CA GLU J 1058 121.95 -63.98 -76.28
C GLU J 1058 121.36 -65.22 -76.94
N LEU J 1059 120.27 -65.07 -77.69
CA LEU J 1059 119.66 -66.21 -78.35
C LEU J 1059 120.41 -66.50 -79.65
N LEU J 1060 120.54 -65.48 -80.51
CA LEU J 1060 121.26 -65.66 -81.76
C LEU J 1060 122.64 -66.28 -81.52
N ASN J 1061 123.26 -65.95 -80.38
CA ASN J 1061 124.49 -66.61 -79.94
C ASN J 1061 124.31 -68.11 -79.73
N ILE J 1062 123.36 -68.51 -78.87
CA ILE J 1062 123.05 -69.93 -78.71
C ILE J 1062 122.63 -70.53 -80.04
N LEU J 1063 121.81 -69.79 -80.79
CA LEU J 1063 121.37 -70.22 -82.11
C LEU J 1063 122.56 -70.33 -83.05
N THR J 1064 123.49 -69.38 -82.98
CA THR J 1064 124.66 -69.41 -83.85
C THR J 1064 125.51 -70.65 -83.57
N GLU J 1065 125.42 -71.19 -82.36
CA GLU J 1065 126.01 -72.50 -82.08
C GLU J 1065 125.28 -73.57 -82.90
N LEU J 1066 123.97 -73.39 -83.08
CA LEU J 1066 123.11 -74.41 -83.70
C LEU J 1066 123.45 -74.56 -85.19
N THR J 1067 123.84 -73.48 -85.86
CA THR J 1067 124.19 -73.61 -87.28
C THR J 1067 125.36 -74.56 -87.45
N GLN J 1068 126.20 -74.67 -86.41
CA GLN J 1068 127.41 -75.45 -86.45
C GLN J 1068 127.11 -76.94 -86.39
N LEU J 1069 125.85 -77.38 -86.22
CA LEU J 1069 125.65 -78.81 -85.95
C LEU J 1069 126.13 -79.58 -87.17
N SER J 1070 127.09 -80.45 -86.90
CA SER J 1070 127.99 -80.91 -87.95
C SER J 1070 127.90 -82.41 -88.14
N LYS J 1071 126.73 -83.00 -88.34
CA LYS J 1071 126.72 -84.44 -88.52
C LYS J 1071 125.63 -84.81 -89.51
N THR J 1072 125.86 -85.96 -90.16
CA THR J 1072 125.07 -86.37 -91.32
C THR J 1072 123.57 -86.36 -91.09
N THR J 1073 123.11 -86.95 -89.98
CA THR J 1073 121.69 -86.94 -89.71
C THR J 1073 121.19 -85.55 -89.35
N ASN J 1074 121.92 -84.83 -88.51
CA ASN J 1074 121.53 -83.49 -88.07
C ASN J 1074 122.22 -82.44 -88.94
N ALA J 1075 121.72 -82.32 -90.16
CA ALA J 1075 122.29 -81.41 -91.15
C ALA J 1075 121.27 -80.42 -91.70
N LYS J 1076 119.98 -80.78 -91.74
CA LYS J 1076 118.95 -79.81 -92.06
C LYS J 1076 118.75 -78.86 -90.88
N VAL J 1077 118.75 -79.41 -89.66
CA VAL J 1077 118.45 -78.64 -88.47
C VAL J 1077 119.50 -77.55 -88.31
N ALA J 1078 120.76 -77.91 -88.54
CA ALA J 1078 121.84 -76.95 -88.47
C ALA J 1078 121.63 -75.85 -89.50
N LEU J 1079 121.36 -76.25 -90.74
CA LEU J 1079 121.06 -75.28 -91.77
C LEU J 1079 119.81 -74.44 -91.49
N ARG J 1080 118.82 -74.93 -90.73
CA ARG J 1080 117.67 -74.06 -90.47
C ARG J 1080 118.09 -72.95 -89.53
N ALA J 1081 119.02 -73.22 -88.60
CA ALA J 1081 119.56 -72.17 -87.73
C ALA J 1081 120.01 -71.01 -88.61
N ARG J 1082 120.57 -71.33 -89.78
CA ARG J 1082 121.00 -70.29 -90.69
C ARG J 1082 119.76 -69.55 -91.14
N GLN J 1083 118.69 -70.30 -91.44
CA GLN J 1083 117.46 -69.65 -91.87
C GLN J 1083 117.01 -68.69 -90.78
N VAL J 1084 117.18 -69.08 -89.51
CA VAL J 1084 116.90 -68.15 -88.42
C VAL J 1084 117.87 -66.97 -88.49
N LEU J 1085 119.16 -67.22 -88.72
CA LEU J 1085 120.13 -66.13 -88.67
C LEU J 1085 119.88 -65.17 -89.81
N ILE J 1086 119.28 -65.68 -90.88
CA ILE J 1086 118.97 -64.90 -92.06
C ILE J 1086 117.59 -64.29 -91.96
N ALA J 1087 116.60 -65.11 -91.57
CA ALA J 1087 115.22 -64.65 -91.41
C ALA J 1087 115.07 -63.42 -90.51
N SER J 1088 116.07 -63.11 -89.67
CA SER J 1088 116.16 -61.78 -89.08
C SER J 1088 116.06 -60.71 -90.16
N HIS J 1089 116.65 -60.96 -91.33
CA HIS J 1089 116.48 -60.12 -92.51
C HIS J 1089 115.38 -60.63 -93.45
N LEU J 1090 115.13 -61.95 -93.45
CA LEU J 1090 114.31 -62.62 -94.46
C LEU J 1090 113.09 -63.27 -93.79
N PRO J 1091 112.16 -62.47 -93.29
CA PRO J 1091 111.01 -63.05 -92.57
C PRO J 1091 110.16 -63.97 -93.43
N SER J 1092 109.32 -64.77 -92.77
CA SER J 1092 108.52 -65.80 -93.44
C SER J 1092 107.13 -65.89 -92.82
N TYR J 1093 106.49 -64.73 -92.62
CA TYR J 1093 105.22 -64.69 -91.91
C TYR J 1093 104.39 -63.51 -92.45
N GLU J 1094 103.51 -62.90 -91.64
CA GLU J 1094 102.62 -61.84 -92.10
C GLU J 1094 103.31 -60.49 -92.19
N LEU J 1095 104.49 -60.35 -91.55
CA LEU J 1095 105.18 -59.06 -91.60
C LEU J 1095 105.83 -58.89 -92.96
N ARG J 1096 106.37 -59.98 -93.54
CA ARG J 1096 106.93 -59.85 -94.88
C ARG J 1096 105.85 -60.00 -95.92
N HIS J 1097 104.73 -60.61 -95.54
CA HIS J 1097 103.51 -60.48 -96.32
C HIS J 1097 103.09 -59.01 -96.37
N ASN J 1098 103.28 -58.31 -95.26
CA ASN J 1098 103.11 -56.87 -95.20
C ASN J 1098 104.20 -56.15 -96.00
N GLN J 1099 105.43 -56.70 -96.01
CA GLN J 1099 106.51 -56.01 -96.72
C GLN J 1099 106.28 -56.08 -98.21
N VAL J 1100 105.79 -57.21 -98.72
CA VAL J 1100 105.53 -57.29 -100.14
C VAL J 1100 104.29 -56.44 -100.42
N GLU J 1101 103.29 -56.54 -99.55
CA GLU J 1101 102.18 -55.60 -99.55
C GLU J 1101 102.70 -54.16 -99.60
N SER J 1102 103.65 -53.82 -98.73
CA SER J 1102 104.17 -52.45 -98.71
C SER J 1102 104.77 -52.05 -100.05
N ILE J 1103 105.83 -52.76 -100.48
CA ILE J 1103 106.49 -52.46 -101.75
C ILE J 1103 105.46 -52.41 -102.89
N PHE J 1104 104.61 -53.43 -102.99
CA PHE J 1104 103.66 -53.52 -104.09
C PHE J 1104 102.63 -52.40 -104.02
N LEU J 1105 101.89 -52.28 -102.90
CA LEU J 1105 100.86 -51.25 -102.83
C LEU J 1105 101.48 -49.86 -102.92
N SER J 1106 102.66 -49.69 -102.33
CA SER J 1106 103.32 -48.40 -102.47
C SER J 1106 103.70 -48.17 -103.92
N ALA J 1107 104.31 -49.19 -104.55
CA ALA J 1107 104.75 -49.06 -105.93
C ALA J 1107 103.58 -48.74 -106.87
N ILE J 1108 102.48 -49.48 -106.77
CA ILE J 1108 101.44 -49.39 -107.81
C ILE J 1108 100.85 -47.99 -107.85
N ASP J 1109 100.67 -47.48 -109.07
CA ASP J 1109 100.07 -46.16 -109.26
C ASP J 1109 98.67 -46.11 -108.68
N MET J 1110 97.85 -47.12 -109.02
CA MET J 1110 96.40 -47.16 -108.75
C MET J 1110 95.63 -46.03 -109.43
N TYR J 1111 96.20 -45.43 -110.47
CA TYR J 1111 95.43 -44.87 -111.57
C TYR J 1111 95.36 -45.86 -112.73
N GLY J 1112 94.77 -45.44 -113.86
CA GLY J 1112 94.69 -46.29 -115.03
C GLY J 1112 96.06 -46.65 -115.57
N HIS J 1113 97.06 -45.84 -115.24
CA HIS J 1113 98.43 -46.08 -115.70
C HIS J 1113 98.91 -47.40 -115.14
N GLN J 1114 98.99 -47.49 -113.80
CA GLN J 1114 99.40 -48.74 -113.13
C GLN J 1114 100.77 -49.13 -113.68
N PHE J 1115 101.65 -48.13 -113.73
CA PHE J 1115 102.99 -48.25 -114.30
C PHE J 1115 104.08 -48.68 -113.32
N CYS J 1116 104.09 -49.99 -113.04
CA CYS J 1116 105.15 -50.67 -112.30
C CYS J 1116 105.87 -51.63 -113.23
N ILE J 1117 106.31 -51.19 -114.42
CA ILE J 1117 107.05 -52.10 -115.29
C ILE J 1117 108.38 -52.54 -114.69
N GLU J 1118 109.15 -51.64 -114.06
CA GLU J 1118 110.37 -52.12 -113.42
C GLU J 1118 110.06 -53.08 -112.28
N ASN J 1119 109.06 -52.75 -111.47
CA ASN J 1119 108.68 -53.65 -110.39
C ASN J 1119 107.99 -54.88 -110.95
N LEU J 1120 107.26 -54.74 -112.06
CA LEU J 1120 106.69 -55.91 -112.69
C LEU J 1120 107.78 -56.87 -113.14
N GLN J 1121 108.85 -56.33 -113.73
CA GLN J 1121 110.02 -57.14 -114.04
C GLN J 1121 110.76 -57.54 -112.76
N LYS J 1122 110.64 -56.75 -111.68
CA LYS J 1122 111.26 -57.18 -110.43
C LYS J 1122 110.50 -58.32 -109.83
N LEU J 1123 109.19 -58.40 -110.04
CA LEU J 1123 108.48 -59.59 -109.61
C LEU J 1123 108.99 -60.75 -110.45
N ILE J 1124 109.22 -60.50 -111.73
CA ILE J 1124 109.63 -61.52 -112.68
C ILE J 1124 111.15 -61.64 -112.71
N LEU J 1125 111.88 -60.73 -112.04
CA LEU J 1125 113.32 -60.83 -111.85
C LEU J 1125 113.54 -60.53 -110.35
N SER J 1126 112.94 -61.39 -109.53
CA SER J 1126 113.00 -61.26 -108.08
C SER J 1126 113.95 -62.30 -107.53
N GLU J 1127 114.97 -61.84 -106.79
CA GLU J 1127 115.80 -62.82 -106.10
C GLU J 1127 114.94 -63.51 -105.07
N THR J 1128 114.09 -62.73 -104.41
CA THR J 1128 113.10 -63.25 -103.47
C THR J 1128 112.01 -63.94 -104.27
N SER J 1129 111.53 -65.08 -103.80
CA SER J 1129 110.44 -65.73 -104.51
C SER J 1129 109.15 -65.04 -104.08
N ILE J 1130 108.32 -64.68 -105.06
CA ILE J 1130 107.12 -63.90 -104.80
C ILE J 1130 105.86 -64.65 -105.24
N PHE J 1131 105.93 -65.95 -105.47
CA PHE J 1131 104.69 -66.75 -105.54
C PHE J 1131 104.11 -67.02 -104.17
N ASP J 1132 104.77 -66.61 -103.09
CA ASP J 1132 104.25 -66.96 -101.78
C ASP J 1132 103.04 -66.09 -101.45
N VAL J 1133 103.20 -64.78 -101.39
CA VAL J 1133 102.17 -63.90 -100.88
C VAL J 1133 101.37 -63.23 -102.00
N LEU J 1134 102.03 -62.85 -103.10
CA LEU J 1134 101.41 -62.33 -104.32
C LEU J 1134 100.14 -63.06 -104.75
N PRO J 1135 100.07 -64.39 -104.71
CA PRO J 1135 98.77 -65.03 -104.98
C PRO J 1135 97.70 -64.63 -104.02
N ASN J 1136 98.05 -64.34 -102.78
CA ASN J 1136 97.06 -63.94 -101.81
C ASN J 1136 96.38 -62.65 -102.26
N PHE J 1137 97.13 -61.72 -102.85
CA PHE J 1137 96.52 -60.51 -103.39
C PHE J 1137 96.01 -60.56 -104.84
N PHE J 1138 96.50 -61.45 -105.77
CA PHE J 1138 95.82 -61.23 -107.11
C PHE J 1138 94.24 -61.66 -107.09
N TYR J 1139 93.68 -61.98 -105.91
CA TYR J 1139 92.25 -62.08 -105.65
C TYR J 1139 91.87 -61.26 -104.41
N HIS J 1140 92.50 -60.11 -104.23
CA HIS J 1140 92.12 -59.21 -103.15
C HIS J 1140 90.96 -58.37 -103.72
N SER J 1141 90.31 -57.55 -102.88
CA SER J 1141 89.14 -56.81 -103.31
C SER J 1141 89.43 -55.55 -104.14
N ASN J 1142 90.64 -55.38 -104.69
CA ASN J 1142 91.11 -54.08 -105.18
C ASN J 1142 91.47 -54.21 -106.65
N GLN J 1143 90.64 -53.62 -107.55
CA GLN J 1143 90.69 -53.94 -108.98
C GLN J 1143 92.08 -53.77 -109.56
N VAL J 1144 92.84 -52.80 -109.06
CA VAL J 1144 94.20 -52.60 -109.55
C VAL J 1144 95.09 -53.74 -109.08
N VAL J 1145 95.02 -54.08 -107.79
CA VAL J 1145 95.88 -55.14 -107.29
C VAL J 1145 95.44 -56.47 -107.85
N ARG J 1146 94.13 -56.70 -108.04
CA ARG J 1146 93.75 -57.78 -108.92
C ARG J 1146 94.58 -57.73 -110.19
N MET J 1147 94.27 -56.74 -111.03
CA MET J 1147 94.87 -56.60 -112.35
C MET J 1147 96.40 -56.66 -112.30
N ALA J 1148 97.04 -55.75 -111.56
CA ALA J 1148 98.51 -55.75 -111.46
C ALA J 1148 99.02 -57.11 -111.03
N ALA J 1149 98.62 -57.56 -109.85
CA ALA J 1149 99.12 -58.82 -109.31
C ALA J 1149 98.76 -59.96 -110.28
N LEU J 1150 97.53 -59.94 -110.81
CA LEU J 1150 97.09 -60.98 -111.73
C LEU J 1150 97.91 -60.98 -113.02
N GLU J 1151 98.11 -59.81 -113.64
CA GLU J 1151 98.86 -59.84 -114.91
C GLU J 1151 100.33 -60.11 -114.68
N VAL J 1152 100.92 -59.67 -113.56
CA VAL J 1152 102.31 -60.03 -113.32
C VAL J 1152 102.41 -61.52 -113.11
N TYR J 1153 101.38 -62.10 -112.47
CA TYR J 1153 101.31 -63.53 -112.32
C TYR J 1153 101.30 -64.21 -113.69
N VAL J 1154 100.45 -63.72 -114.61
CA VAL J 1154 100.46 -64.20 -115.99
C VAL J 1154 101.90 -64.15 -116.47
N ARG J 1155 102.51 -62.97 -116.35
CA ARG J 1155 103.81 -62.70 -116.93
C ARG J 1155 104.83 -63.60 -116.25
N ARG J 1156 104.62 -63.87 -114.94
CA ARG J 1156 105.45 -64.75 -114.13
C ARG J 1156 105.23 -66.21 -114.49
N ALA J 1157 104.16 -66.50 -115.23
CA ALA J 1157 103.84 -67.80 -115.83
C ALA J 1157 104.58 -67.91 -117.17
N TYR J 1158 104.30 -66.96 -118.07
CA TYR J 1158 104.77 -66.93 -119.45
C TYR J 1158 106.11 -66.24 -119.62
N ILE J 1159 106.94 -66.17 -118.57
CA ILE J 1159 108.30 -65.65 -118.70
C ILE J 1159 109.00 -66.28 -119.90
N ALA J 1160 108.64 -67.52 -120.24
CA ALA J 1160 109.19 -68.23 -121.38
C ALA J 1160 108.70 -67.64 -122.71
N TYR J 1161 107.38 -67.48 -122.86
CA TYR J 1161 106.83 -66.96 -124.10
C TYR J 1161 106.93 -65.43 -124.20
N GLU J 1162 106.56 -64.92 -125.39
CA GLU J 1162 106.56 -63.49 -125.72
C GLU J 1162 105.15 -62.89 -125.70
N LEU J 1163 104.94 -61.84 -124.88
CA LEU J 1163 103.62 -61.21 -124.74
C LEU J 1163 103.63 -59.91 -125.54
N ASN J 1164 102.72 -59.78 -126.51
CA ASN J 1164 102.70 -58.59 -127.36
C ASN J 1164 101.50 -57.69 -127.12
N SER J 1165 100.55 -58.06 -126.26
CA SER J 1165 99.40 -57.23 -125.94
C SER J 1165 98.67 -57.87 -124.77
N VAL J 1166 98.27 -57.03 -123.83
CA VAL J 1166 97.55 -57.43 -122.63
C VAL J 1166 96.69 -56.25 -122.20
N GLN J 1167 95.37 -56.37 -122.26
CA GLN J 1167 94.48 -55.28 -121.84
C GLN J 1167 93.74 -55.84 -120.65
N HIS J 1168 93.72 -55.09 -119.55
CA HIS J 1168 92.83 -55.47 -118.47
C HIS J 1168 91.39 -55.08 -118.71
N ARG J 1169 90.50 -56.06 -118.63
CA ARG J 1169 89.06 -55.88 -118.51
C ARG J 1169 88.53 -56.36 -117.17
N GLN J 1170 87.29 -55.95 -116.92
CA GLN J 1170 86.64 -56.03 -115.63
C GLN J 1170 85.20 -56.05 -116.14
N LEU J 1171 84.65 -57.26 -116.24
CA LEU J 1171 83.39 -57.52 -116.92
C LEU J 1171 82.44 -58.42 -116.13
N LYS J 1172 81.39 -58.94 -116.77
CA LYS J 1172 80.03 -58.40 -116.67
C LYS J 1172 79.91 -57.66 -115.35
N ASP J 1173 79.95 -58.35 -114.22
CA ASP J 1173 80.42 -57.65 -113.03
C ASP J 1173 81.37 -58.56 -112.26
N ASN J 1174 81.00 -59.83 -112.15
CA ASN J 1174 81.70 -60.80 -111.33
C ASN J 1174 82.92 -61.42 -112.01
N THR J 1175 83.30 -60.97 -113.21
CA THR J 1175 84.49 -61.48 -113.87
C THR J 1175 85.55 -60.43 -114.12
N CYS J 1176 86.78 -60.76 -113.74
CA CYS J 1176 87.96 -59.92 -113.89
C CYS J 1176 88.67 -60.59 -115.05
N VAL J 1177 88.92 -59.88 -116.14
CA VAL J 1177 89.61 -60.46 -117.28
C VAL J 1177 90.94 -59.80 -117.58
N VAL J 1178 91.93 -60.66 -117.83
CA VAL J 1178 93.18 -60.31 -118.47
C VAL J 1178 93.13 -61.04 -119.82
N GLU J 1179 93.80 -60.48 -120.81
CA GLU J 1179 93.92 -61.09 -122.13
C GLU J 1179 95.36 -61.52 -122.35
N PHE J 1180 95.56 -62.68 -122.97
CA PHE J 1180 96.90 -63.12 -123.29
C PHE J 1180 97.05 -62.94 -124.79
N GLN J 1181 98.28 -62.71 -125.23
CA GLN J 1181 98.59 -62.67 -126.66
C GLN J 1181 100.04 -63.05 -126.86
N PHE J 1182 100.31 -64.14 -127.57
CA PHE J 1182 101.69 -64.56 -127.71
C PHE J 1182 101.80 -65.35 -129.01
N MET J 1183 102.94 -65.99 -129.22
CA MET J 1183 103.13 -66.85 -130.38
C MET J 1183 104.18 -67.89 -130.03
N LEU J 1184 104.32 -68.86 -130.92
CA LEU J 1184 105.17 -70.01 -130.68
C LEU J 1184 106.62 -69.62 -130.96
N PRO J 1185 107.54 -69.70 -129.98
CA PRO J 1185 108.97 -69.62 -130.33
C PRO J 1185 109.59 -71.00 -130.48
N THR J 1186 109.27 -71.68 -131.59
CA THR J 1186 109.71 -73.06 -131.84
C THR J 1186 109.30 -74.01 -130.72
N SER J 1187 108.27 -73.66 -129.93
CA SER J 1187 107.83 -74.53 -128.84
C SER J 1187 107.23 -75.81 -129.37
N HIS J 1188 106.42 -75.72 -130.43
CA HIS J 1188 105.72 -76.85 -131.05
C HIS J 1188 104.68 -76.38 -132.07
N CYS J 1230 100.20 -70.40 -135.48
CA CYS J 1230 101.19 -69.40 -135.12
C CYS J 1230 100.80 -68.63 -133.87
N GLN J 1231 99.54 -68.21 -133.80
CA GLN J 1231 99.08 -67.34 -132.72
C GLN J 1231 97.80 -67.90 -132.11
N ARG J 1232 97.44 -67.34 -130.96
CA ARG J 1232 96.32 -67.74 -130.13
C ARG J 1232 96.18 -66.68 -129.05
N MET J 1233 95.00 -66.60 -128.45
CA MET J 1233 94.81 -65.69 -127.31
C MET J 1233 94.59 -66.52 -126.05
N GLY J 1234 94.34 -65.81 -124.94
CA GLY J 1234 94.16 -66.43 -123.65
C GLY J 1234 93.31 -65.62 -122.70
N GLY J 1235 92.95 -66.26 -121.60
CA GLY J 1235 92.26 -65.57 -120.53
C GLY J 1235 92.59 -66.16 -119.17
N MET J 1236 93.01 -65.30 -118.24
CA MET J 1236 93.15 -65.66 -116.84
C MET J 1236 92.17 -64.82 -116.06
N VAL J 1237 91.50 -65.45 -115.11
CA VAL J 1237 90.57 -64.79 -114.20
C VAL J 1237 90.80 -65.27 -112.77
N SER J 1238 90.88 -64.33 -111.83
CA SER J 1238 91.13 -64.66 -110.42
C SER J 1238 89.84 -64.70 -109.61
N PHE J 1239 89.54 -65.88 -109.06
CA PHE J 1239 88.33 -66.26 -108.32
C PHE J 1239 88.59 -66.97 -107.00
N ARG J 1240 87.56 -66.92 -106.17
CA ARG J 1240 87.51 -67.28 -104.76
C ARG J 1240 87.22 -68.77 -104.59
N THR J 1241 86.25 -69.27 -105.33
CA THR J 1241 85.92 -70.69 -105.30
C THR J 1241 85.67 -71.13 -106.72
N PHE J 1242 85.86 -72.42 -106.94
CA PHE J 1242 85.72 -72.94 -108.29
C PHE J 1242 84.25 -72.89 -108.70
N GLU J 1243 83.37 -72.90 -107.71
CA GLU J 1243 81.94 -72.96 -107.93
C GLU J 1243 81.51 -71.66 -108.59
N ASP J 1244 81.97 -70.55 -108.01
CA ASP J 1244 81.62 -69.20 -108.46
C ASP J 1244 81.94 -69.02 -109.93
N PHE J 1245 83.09 -69.55 -110.37
CA PHE J 1245 83.44 -69.55 -111.79
C PHE J 1245 82.28 -70.04 -112.64
N VAL J 1246 81.87 -71.30 -112.48
CA VAL J 1246 80.96 -71.89 -113.46
C VAL J 1246 79.61 -71.18 -113.53
N ARG J 1247 79.22 -70.43 -112.48
CA ARG J 1247 78.13 -69.47 -112.66
C ARG J 1247 78.58 -68.21 -113.42
N ILE J 1248 79.80 -67.74 -113.11
CA ILE J 1248 80.49 -66.60 -113.69
C ILE J 1248 81.11 -67.01 -115.04
N PHE J 1249 80.82 -68.24 -115.46
CA PHE J 1249 81.20 -68.82 -116.74
C PHE J 1249 81.16 -67.82 -117.88
N ASP J 1250 80.05 -67.10 -118.03
CA ASP J 1250 79.55 -66.84 -119.36
C ASP J 1250 80.24 -65.65 -120.02
N GLU J 1251 80.93 -64.79 -119.25
CA GLU J 1251 81.71 -63.72 -119.86
C GLU J 1251 83.13 -64.03 -120.36
N VAL J 1252 83.84 -64.99 -119.78
CA VAL J 1252 85.18 -65.29 -120.30
C VAL J 1252 85.11 -65.82 -121.72
N MET J 1253 84.25 -66.79 -121.91
CA MET J 1253 83.73 -67.41 -123.13
C MET J 1253 82.59 -66.63 -123.81
N GLY J 1254 82.16 -65.55 -123.17
CA GLY J 1254 81.15 -64.64 -123.72
C GLY J 1254 81.60 -63.88 -124.96
N CYS J 1255 82.79 -63.30 -124.93
CA CYS J 1255 83.24 -62.46 -126.03
C CYS J 1255 83.91 -63.28 -127.12
N PHE J 1256 83.83 -64.62 -127.02
CA PHE J 1256 84.41 -65.59 -127.94
C PHE J 1256 84.15 -65.27 -129.40
N PRO J 1261 83.91 -62.76 -131.92
CA PRO J 1261 84.90 -61.80 -131.42
C PRO J 1261 84.67 -60.38 -131.96
N GLN J 1262 84.79 -60.21 -133.27
CA GLN J 1262 84.43 -58.96 -133.94
C GLN J 1262 84.06 -59.33 -135.37
N SEP J 1263 83.55 -58.36 -136.14
CA SEP J 1263 83.17 -58.68 -137.51
CB SEP J 1263 82.29 -57.59 -138.12
OG SEP J 1263 80.92 -57.89 -137.90
C SEP J 1263 84.44 -58.87 -138.36
O SEP J 1263 85.49 -58.32 -138.03
P SEP J 1263 79.98 -56.60 -138.10
O1P SEP J 1263 80.50 -55.38 -137.18
O2P SEP J 1263 80.02 -56.17 -139.65
O3P SEP J 1263 78.47 -56.97 -137.69
H SEP J 1263 83.41 -57.55 -135.90
HA SEP J 1263 82.66 -59.50 -137.46
HB2 SEP J 1263 82.46 -57.55 -139.08
HB3 SEP J 1263 82.51 -56.74 -137.71
N PRO J 1264 84.34 -59.66 -139.44
CA PRO J 1264 85.50 -59.85 -140.33
C PRO J 1264 86.02 -58.56 -140.99
N THR J 1265 87.35 -58.40 -141.00
CA THR J 1265 88.04 -57.32 -141.70
C THR J 1265 88.71 -57.86 -142.96
N PHE J 1266 89.00 -56.96 -143.89
CA PHE J 1266 89.51 -57.32 -145.21
C PHE J 1266 90.90 -56.73 -145.47
N PRO J 1267 92.01 -57.49 -145.26
CA PRO J 1267 93.33 -56.89 -145.49
C PRO J 1267 93.59 -56.49 -146.95
N GLU J 1268 94.80 -55.99 -147.22
CA GLU J 1268 95.09 -55.07 -148.32
C GLU J 1268 94.72 -55.69 -149.67
N ALA J 1269 94.63 -54.83 -150.70
CA ALA J 1269 94.02 -55.16 -151.98
C ALA J 1269 94.92 -56.14 -152.74
N GLY J 1270 95.00 -56.03 -154.06
CA GLY J 1270 95.89 -56.88 -154.83
C GLY J 1270 95.32 -58.24 -155.15
N GLU J 1284 91.76 -75.76 -134.69
CA GLU J 1284 92.87 -75.17 -133.95
C GLU J 1284 92.41 -74.60 -132.61
N PRO J 1285 92.73 -75.22 -131.48
CA PRO J 1285 92.40 -74.56 -130.20
C PRO J 1285 93.33 -73.36 -130.02
N ILE J 1286 92.72 -72.19 -129.84
CA ILE J 1286 93.48 -70.95 -129.74
C ILE J 1286 93.17 -70.13 -128.48
N HIS J 1287 92.57 -70.73 -127.46
CA HIS J 1287 92.43 -70.07 -126.17
C HIS J 1287 93.16 -70.76 -125.03
N ILE J 1288 93.87 -69.96 -124.21
CA ILE J 1288 94.54 -70.44 -123.01
C ILE J 1288 93.60 -70.02 -121.90
N LEU J 1289 93.36 -70.88 -120.93
CA LEU J 1289 92.49 -70.52 -119.81
C LEU J 1289 93.02 -71.06 -118.48
N ASN J 1290 93.32 -70.18 -117.52
CA ASN J 1290 93.78 -70.34 -116.15
C ASN J 1290 92.85 -69.63 -115.17
N VAL J 1291 92.44 -70.35 -114.12
CA VAL J 1291 91.50 -69.85 -113.13
C VAL J 1291 92.15 -69.89 -111.76
N ALA J 1292 92.12 -68.76 -111.06
CA ALA J 1292 92.68 -68.63 -109.72
C ALA J 1292 91.56 -68.91 -108.74
N ILE J 1293 91.82 -69.81 -107.78
CA ILE J 1293 90.81 -70.25 -106.83
C ILE J 1293 91.42 -70.15 -105.43
N LYS J 1294 90.54 -70.18 -104.42
CA LYS J 1294 90.88 -69.96 -103.02
C LYS J 1294 90.13 -71.07 -102.26
N THR J 1295 89.99 -70.89 -100.93
CA THR J 1295 89.45 -71.86 -99.98
C THR J 1295 90.54 -72.79 -99.47
N ASP J 1296 91.82 -72.48 -99.78
CA ASP J 1296 93.03 -72.87 -99.05
C ASP J 1296 92.97 -74.28 -98.46
N CYS J 1297 92.44 -75.22 -99.23
CA CYS J 1297 92.26 -76.59 -98.78
C CYS J 1297 93.61 -77.33 -98.78
N ASP J 1298 93.57 -78.65 -98.63
CA ASP J 1298 94.70 -79.44 -98.19
C ASP J 1298 94.65 -80.81 -98.88
N ILE J 1299 95.33 -81.79 -98.28
CA ILE J 1299 96.00 -82.91 -98.95
C ILE J 1299 95.15 -83.64 -100.00
N GLU J 1300 93.83 -83.52 -99.96
CA GLU J 1300 92.92 -84.51 -100.53
C GLU J 1300 92.89 -84.49 -102.05
N ASP J 1301 94.07 -84.63 -102.69
CA ASP J 1301 94.20 -84.50 -104.14
C ASP J 1301 93.15 -85.29 -104.90
N ASP J 1302 92.80 -86.49 -104.42
CA ASP J 1302 91.78 -87.28 -105.09
C ASP J 1302 90.44 -86.56 -105.09
N ARG J 1303 89.80 -86.38 -103.92
CA ARG J 1303 88.52 -85.68 -103.86
C ARG J 1303 88.64 -84.28 -104.43
N LEU J 1304 89.76 -83.61 -104.14
CA LEU J 1304 90.08 -82.30 -104.69
C LEU J 1304 89.94 -82.29 -106.20
N ALA J 1305 91.01 -82.70 -106.90
CA ALA J 1305 91.02 -82.65 -108.35
C ALA J 1305 89.85 -83.38 -109.00
N ALA J 1306 89.28 -84.38 -108.34
CA ALA J 1306 88.20 -85.13 -108.98
C ALA J 1306 86.96 -84.26 -109.17
N MET J 1307 86.53 -83.58 -108.10
CA MET J 1307 85.52 -82.53 -108.19
C MET J 1307 85.86 -81.52 -109.27
N PHE J 1308 87.10 -81.06 -109.25
CA PHE J 1308 87.57 -80.03 -110.17
C PHE J 1308 87.50 -80.55 -111.60
N ARG J 1309 87.99 -81.78 -111.78
CA ARG J 1309 87.97 -82.54 -113.02
C ARG J 1309 86.58 -82.68 -113.62
N GLU J 1310 85.57 -83.02 -112.80
CA GLU J 1310 84.25 -83.21 -113.39
C GLU J 1310 83.61 -81.90 -113.88
N PHE J 1311 84.26 -80.75 -113.68
CA PHE J 1311 83.87 -79.56 -114.44
C PHE J 1311 84.30 -79.71 -115.89
N THR J 1312 85.51 -80.25 -116.11
CA THR J 1312 85.96 -80.46 -117.47
C THR J 1312 85.12 -81.54 -118.14
N GLN J 1313 84.89 -82.66 -117.45
CA GLN J 1313 84.08 -83.73 -118.04
C GLN J 1313 82.59 -83.40 -118.15
N GLN J 1314 82.05 -82.50 -117.33
CA GLN J 1314 80.65 -82.08 -117.55
C GLN J 1314 80.56 -81.17 -118.77
N ASN J 1315 81.44 -80.17 -118.85
CA ASN J 1315 81.53 -79.32 -120.03
C ASN J 1315 82.93 -79.54 -120.57
N LYS J 1316 83.02 -80.56 -121.43
CA LYS J 1316 83.84 -80.76 -122.63
C LYS J 1316 83.48 -79.81 -123.77
N ALA J 1317 82.49 -78.96 -123.51
CA ALA J 1317 82.12 -77.82 -124.33
C ALA J 1317 83.28 -76.94 -124.78
N THR J 1318 84.29 -76.76 -123.94
CA THR J 1318 85.51 -76.08 -124.36
C THR J 1318 86.08 -76.66 -125.65
N LEU J 1319 86.13 -77.98 -125.74
CA LEU J 1319 86.64 -78.63 -126.93
C LEU J 1319 85.76 -78.44 -128.18
N VAL J 1320 84.43 -78.51 -128.02
CA VAL J 1320 83.53 -78.39 -129.17
C VAL J 1320 83.48 -77.03 -129.89
N ASP J 1321 83.63 -75.90 -129.19
CA ASP J 1321 83.69 -74.47 -129.56
C ASP J 1321 85.04 -74.03 -130.13
N HIS J 1322 85.38 -74.57 -131.30
CA HIS J 1322 86.68 -74.29 -131.91
C HIS J 1322 87.84 -74.59 -130.94
N GLY J 1323 87.61 -75.44 -129.93
CA GLY J 1323 88.67 -75.97 -129.13
C GLY J 1323 89.25 -74.91 -128.21
N ILE J 1324 89.66 -75.32 -127.00
CA ILE J 1324 90.33 -74.44 -126.07
C ILE J 1324 91.61 -75.20 -125.80
N ARG J 1325 92.73 -74.49 -125.82
CA ARG J 1325 94.01 -75.13 -125.53
C ARG J 1325 94.13 -75.67 -124.11
N ARG J 1326 93.85 -74.86 -123.09
CA ARG J 1326 94.16 -75.28 -121.72
C ARG J 1326 93.16 -74.81 -120.69
N LEU J 1327 92.89 -75.65 -119.70
CA LEU J 1327 92.14 -75.25 -118.51
C LEU J 1327 93.02 -75.66 -117.32
N THR J 1328 93.70 -74.71 -116.72
CA THR J 1328 94.49 -74.97 -115.52
C THR J 1328 93.70 -74.41 -114.36
N PHE J 1329 93.51 -75.20 -113.32
CA PHE J 1329 92.85 -74.70 -112.14
C PHE J 1329 93.93 -74.40 -111.12
N LEU J 1330 93.90 -73.19 -110.59
CA LEU J 1330 94.84 -72.69 -109.60
C LEU J 1330 94.16 -72.43 -108.27
N VAL J 1331 94.53 -73.18 -107.24
CA VAL J 1331 93.97 -73.00 -105.89
C VAL J 1331 95.09 -72.38 -105.07
N ALA J 1332 94.79 -71.29 -104.38
CA ALA J 1332 95.79 -70.55 -103.61
C ALA J 1332 95.84 -71.03 -102.17
N GLN J 1333 96.70 -70.38 -101.38
CA GLN J 1333 97.38 -71.02 -100.26
C GLN J 1333 96.40 -71.34 -99.13
N PHE J 1352 103.26 -71.50 -102.35
CA PHE J 1352 103.01 -71.05 -103.72
C PHE J 1352 101.70 -71.65 -104.21
N PRO J 1353 101.09 -71.04 -105.24
CA PRO J 1353 99.80 -71.54 -105.73
C PRO J 1353 99.84 -73.02 -106.05
N LYS J 1354 98.81 -73.74 -105.65
CA LYS J 1354 98.73 -75.16 -105.92
C LYS J 1354 98.00 -75.23 -107.26
N PHE J 1355 98.65 -75.78 -108.28
CA PHE J 1355 97.96 -75.93 -109.55
C PHE J 1355 97.28 -77.26 -109.66
N PHE J 1356 96.20 -77.26 -110.43
CA PHE J 1356 95.37 -78.42 -110.68
C PHE J 1356 95.21 -78.22 -112.18
N THR J 1357 96.13 -78.76 -112.96
CA THR J 1357 96.15 -78.49 -114.40
C THR J 1357 95.36 -79.56 -115.14
N PHE J 1358 94.32 -79.12 -115.86
CA PHE J 1358 93.47 -79.96 -116.71
C PHE J 1358 93.59 -79.36 -118.11
N ARG J 1359 94.50 -79.88 -118.91
CA ARG J 1359 94.71 -79.37 -120.26
C ARG J 1359 94.15 -80.28 -121.34
N ALA J 1360 93.19 -79.78 -122.11
CA ALA J 1360 92.62 -80.53 -123.24
C ALA J 1360 92.56 -79.54 -124.39
N ARG J 1361 93.69 -79.36 -125.08
CA ARG J 1361 93.68 -78.69 -126.37
C ARG J 1361 92.98 -79.53 -127.44
N ASP J 1362 93.31 -80.82 -127.48
CA ASP J 1362 92.60 -81.82 -128.25
C ASP J 1362 92.53 -83.11 -127.46
N LYS J 1363 92.86 -83.07 -126.17
CA LYS J 1363 93.37 -84.18 -125.40
C LYS J 1363 92.32 -84.64 -124.41
N PHE J 1364 92.69 -85.68 -123.66
CA PHE J 1364 92.03 -86.01 -122.40
C PHE J 1364 92.06 -84.75 -121.55
N GLU J 1365 91.17 -84.64 -120.56
CA GLU J 1365 91.00 -83.40 -119.84
C GLU J 1365 92.30 -82.94 -119.18
N GLU J 1366 93.07 -83.87 -118.61
CA GLU J 1366 94.05 -83.51 -117.61
C GLU J 1366 95.33 -84.33 -117.69
N ASP J 1367 96.43 -83.61 -117.50
CA ASP J 1367 97.78 -84.11 -117.67
C ASP J 1367 98.41 -84.11 -116.28
N ARG J 1368 99.11 -85.19 -116.00
CA ARG J 1368 99.53 -85.62 -114.67
C ARG J 1368 100.96 -85.22 -114.41
N ILE J 1369 101.77 -85.19 -115.47
CA ILE J 1369 103.16 -84.73 -115.42
C ILE J 1369 103.26 -83.27 -115.00
N TYR J 1370 102.36 -82.44 -115.53
CA TYR J 1370 102.35 -80.99 -115.28
C TYR J 1370 101.49 -80.54 -114.14
N ARG J 1371 100.89 -81.42 -113.35
CA ARG J 1371 100.19 -80.90 -112.19
C ARG J 1371 101.19 -80.24 -111.26
N HIS J 1372 100.74 -79.15 -110.64
CA HIS J 1372 101.49 -78.31 -109.71
C HIS J 1372 102.42 -77.41 -110.49
N LEU J 1373 102.32 -77.34 -111.82
CA LEU J 1373 103.16 -76.43 -112.58
C LEU J 1373 102.44 -75.96 -113.84
N GLU J 1374 102.83 -74.76 -114.28
CA GLU J 1374 102.29 -74.11 -115.48
C GLU J 1374 103.21 -74.44 -116.65
N PRO J 1375 102.75 -75.14 -117.70
CA PRO J 1375 103.68 -75.63 -118.75
C PRO J 1375 104.53 -74.60 -119.48
N ALA J 1376 104.21 -73.31 -119.47
CA ALA J 1376 105.15 -72.36 -120.06
C ALA J 1376 106.45 -72.32 -119.24
N LEU J 1377 106.31 -72.21 -117.93
CA LEU J 1377 107.47 -72.20 -117.04
C LEU J 1377 108.09 -73.59 -116.92
N ALA J 1378 107.27 -74.64 -116.98
CA ALA J 1378 107.77 -76.01 -117.02
C ALA J 1378 108.76 -76.25 -118.15
N PHE J 1379 108.67 -75.48 -119.25
CA PHE J 1379 109.61 -75.64 -120.36
C PHE J 1379 111.05 -75.58 -119.86
N GLN J 1380 111.31 -74.70 -118.88
CA GLN J 1380 112.64 -74.50 -118.29
C GLN J 1380 113.30 -75.82 -117.85
N LEU J 1381 112.65 -76.59 -116.97
CA LEU J 1381 113.09 -77.99 -116.87
C LEU J 1381 112.69 -78.49 -118.24
N GLU J 1382 113.71 -78.52 -119.12
CA GLU J 1382 113.49 -78.92 -120.48
C GLU J 1382 113.02 -80.35 -120.63
N LEU J 1383 112.12 -80.51 -121.59
CA LEU J 1383 111.31 -81.69 -121.74
C LEU J 1383 111.85 -82.56 -122.86
N ASN J 1384 112.85 -82.07 -123.59
CA ASN J 1384 113.43 -82.88 -124.63
C ASN J 1384 114.56 -83.72 -124.10
N ARG J 1385 115.00 -83.49 -122.85
CA ARG J 1385 116.11 -84.25 -122.35
C ARG J 1385 115.68 -85.57 -121.76
N MET J 1386 114.37 -85.81 -121.70
CA MET J 1386 113.75 -87.09 -121.38
C MET J 1386 112.69 -87.41 -122.41
N ARG J 1387 112.87 -86.95 -123.63
CA ARG J 1387 111.87 -87.15 -124.66
C ARG J 1387 111.80 -88.61 -125.06
N ASN J 1388 112.92 -89.31 -124.97
CA ASN J 1388 112.93 -90.74 -125.15
C ASN J 1388 112.60 -91.48 -123.86
N PHE J 1389 111.50 -91.20 -123.16
CA PHE J 1389 111.33 -91.82 -121.84
C PHE J 1389 109.88 -91.73 -121.43
N ASP J 1390 109.51 -92.60 -120.48
CA ASP J 1390 108.21 -92.60 -119.81
C ASP J 1390 108.38 -92.45 -118.31
N LEU J 1391 107.94 -91.31 -117.77
CA LEU J 1391 108.23 -90.93 -116.40
C LEU J 1391 106.90 -90.78 -115.69
N THR J 1392 106.85 -91.23 -114.43
CA THR J 1392 105.60 -91.29 -113.66
C THR J 1392 105.68 -90.38 -112.45
N ALA J 1393 104.69 -89.49 -112.33
CA ALA J 1393 104.65 -88.46 -111.28
C ALA J 1393 104.22 -89.07 -109.95
N ILE J 1394 105.05 -88.92 -108.93
CA ILE J 1394 104.77 -89.40 -107.57
C ILE J 1394 104.37 -88.21 -106.72
N PRO J 1395 103.21 -88.25 -106.02
CA PRO J 1395 102.85 -87.09 -105.20
C PRO J 1395 103.64 -87.06 -103.91
N CYS J 1396 103.97 -85.84 -103.46
CA CYS J 1396 104.99 -85.64 -102.43
C CYS J 1396 104.76 -84.28 -101.79
N ALA J 1397 105.11 -84.18 -100.52
CA ALA J 1397 105.07 -82.89 -99.84
C ALA J 1397 106.21 -82.01 -100.33
N ASN J 1398 106.19 -80.75 -99.92
CA ASN J 1398 107.20 -79.77 -100.35
C ASN J 1398 107.20 -79.67 -101.87
N HIS J 1399 106.06 -79.18 -102.38
CA HIS J 1399 105.65 -79.47 -103.75
C HIS J 1399 106.54 -78.75 -104.75
N LYS J 1400 107.28 -77.74 -104.29
CA LYS J 1400 108.52 -77.28 -104.91
C LYS J 1400 109.28 -78.38 -105.64
N MET J 1401 109.43 -79.52 -104.97
CA MET J 1401 110.18 -80.68 -105.45
C MET J 1401 109.27 -81.72 -106.11
N HIS J 1402 109.32 -81.83 -107.43
CA HIS J 1402 108.44 -82.74 -108.17
C HIS J 1402 109.34 -83.92 -108.54
N LEU J 1403 108.99 -85.15 -108.11
CA LEU J 1403 109.83 -86.30 -108.46
C LEU J 1403 109.04 -87.31 -109.29
N TYR J 1404 109.68 -87.74 -110.37
CA TYR J 1404 109.13 -88.63 -111.37
C TYR J 1404 109.95 -89.92 -111.40
N LEU J 1405 109.31 -91.07 -111.65
CA LEU J 1405 110.05 -92.32 -111.75
C LEU J 1405 110.05 -92.69 -113.23
N GLY J 1406 111.23 -92.99 -113.78
CA GLY J 1406 111.39 -93.17 -115.21
C GLY J 1406 111.75 -94.59 -115.63
N ALA J 1407 110.99 -95.08 -116.60
CA ALA J 1407 111.20 -96.34 -117.29
C ALA J 1407 111.43 -96.03 -118.77
N ALA J 1408 112.50 -96.56 -119.36
CA ALA J 1408 112.78 -96.27 -120.76
C ALA J 1408 111.63 -96.77 -121.63
N LYS J 1409 110.96 -95.83 -122.31
CA LYS J 1409 109.91 -96.21 -123.27
C LYS J 1409 110.51 -96.72 -124.57
N VAL J 1410 110.00 -97.86 -125.00
CA VAL J 1410 110.60 -98.71 -126.02
C VAL J 1410 109.49 -99.15 -126.95
N GLU J 1411 109.88 -99.80 -128.04
CA GLU J 1411 108.94 -100.32 -129.01
C GLU J 1411 108.66 -101.77 -128.66
N VAL J 1412 107.52 -102.29 -129.15
CA VAL J 1412 107.14 -103.70 -129.06
C VAL J 1412 108.30 -104.66 -129.29
N GLY J 1413 109.25 -104.28 -130.14
CA GLY J 1413 110.40 -105.12 -130.41
C GLY J 1413 111.26 -105.41 -129.20
N THR J 1414 111.30 -104.49 -128.23
CA THR J 1414 112.22 -104.60 -127.11
C THR J 1414 111.54 -104.31 -125.77
N GLU J 1415 112.22 -104.79 -124.73
CA GLU J 1415 111.81 -104.76 -123.34
C GLU J 1415 112.70 -103.76 -122.61
N VAL J 1416 112.13 -103.02 -121.64
CA VAL J 1416 112.80 -101.84 -121.13
C VAL J 1416 114.05 -102.26 -120.38
N THR J 1417 115.13 -101.49 -120.53
CA THR J 1417 116.41 -101.67 -119.84
C THR J 1417 116.69 -100.68 -118.73
N ASP J 1418 116.14 -99.49 -118.78
CA ASP J 1418 116.43 -98.44 -117.81
C ASP J 1418 115.31 -98.24 -116.81
N TYR J 1419 115.72 -97.83 -115.60
CA TYR J 1419 114.94 -97.76 -114.36
C TYR J 1419 115.67 -96.66 -113.57
N ARG J 1420 115.27 -95.41 -113.83
CA ARG J 1420 115.87 -94.23 -113.23
C ARG J 1420 114.93 -93.57 -112.24
N PHE J 1421 115.46 -93.06 -111.13
CA PHE J 1421 114.64 -92.19 -110.27
C PHE J 1421 114.90 -90.80 -110.85
N PHE J 1422 113.84 -90.11 -111.27
CA PHE J 1422 113.90 -88.70 -111.63
C PHE J 1422 113.32 -87.76 -110.60
N VAL J 1423 114.04 -86.68 -110.33
CA VAL J 1423 113.44 -85.61 -109.58
C VAL J 1423 113.80 -84.34 -110.32
N ARG J 1424 112.78 -83.63 -110.78
CA ARG J 1424 112.95 -82.39 -111.52
C ARG J 1424 112.08 -81.44 -110.73
N ALA J 1425 112.72 -80.46 -110.18
CA ALA J 1425 112.11 -79.46 -109.33
C ALA J 1425 112.25 -78.11 -109.97
N ILE J 1426 111.74 -77.15 -109.23
CA ILE J 1426 111.94 -75.75 -109.51
C ILE J 1426 112.10 -75.22 -108.11
N ILE J 1427 113.04 -74.30 -107.92
CA ILE J 1427 113.30 -73.85 -106.57
C ILE J 1427 113.57 -72.38 -106.69
N ARG J 1428 112.60 -71.61 -106.24
CA ARG J 1428 112.59 -70.16 -106.15
C ARG J 1428 112.06 -70.13 -104.73
N HIS J 1429 112.98 -70.21 -103.77
CA HIS J 1429 112.64 -70.31 -102.35
C HIS J 1429 112.98 -69.06 -101.56
N SER J 1430 113.31 -67.96 -102.26
CA SER J 1430 113.63 -66.66 -101.66
C SER J 1430 115.01 -66.70 -101.01
N GLU J 1436 128.37 -65.12 -102.75
CA GLU J 1436 128.20 -65.34 -101.32
C GLU J 1436 126.81 -65.90 -101.02
N ALA J 1437 125.81 -65.38 -101.70
CA ALA J 1437 124.45 -65.86 -101.48
C ALA J 1437 124.33 -67.34 -101.82
N SER J 1438 125.05 -67.80 -102.85
CA SER J 1438 124.90 -69.17 -103.34
C SER J 1438 125.23 -70.23 -102.30
N PHE J 1439 126.39 -70.14 -101.63
CA PHE J 1439 126.73 -71.24 -100.72
C PHE J 1439 125.71 -71.31 -99.59
N GLU J 1440 125.39 -70.18 -98.96
CA GLU J 1440 124.43 -70.25 -97.86
C GLU J 1440 123.07 -70.68 -98.41
N TYR J 1441 122.65 -70.10 -99.54
CA TYR J 1441 121.35 -70.47 -100.09
C TYR J 1441 121.34 -71.93 -100.52
N LEU J 1442 122.33 -72.32 -101.33
CA LEU J 1442 122.39 -73.68 -101.86
C LEU J 1442 122.53 -74.69 -100.73
N GLN J 1443 123.46 -74.45 -99.81
CA GLN J 1443 123.70 -75.38 -98.72
C GLN J 1443 122.43 -75.57 -97.91
N ASN J 1444 121.83 -74.46 -97.50
CA ASN J 1444 120.67 -74.55 -96.64
C ASN J 1444 119.54 -75.24 -97.37
N GLU J 1445 119.23 -74.81 -98.60
CA GLU J 1445 118.14 -75.46 -99.31
C GLU J 1445 118.60 -76.86 -99.75
N GLY J 1446 119.87 -76.97 -100.17
CA GLY J 1446 120.39 -78.22 -100.67
C GLY J 1446 120.42 -79.32 -99.63
N GLU J 1447 120.88 -79.01 -98.42
CA GLU J 1447 120.91 -80.03 -97.40
C GLU J 1447 119.48 -80.45 -97.13
N ARG J 1448 118.59 -79.47 -97.03
CA ARG J 1448 117.19 -79.76 -96.75
C ARG J 1448 116.62 -80.61 -97.88
N LEU J 1449 116.92 -80.24 -99.14
CA LEU J 1449 116.43 -81.05 -100.24
C LEU J 1449 116.99 -82.45 -100.20
N LEU J 1450 118.26 -82.62 -99.83
CA LEU J 1450 118.79 -83.97 -99.86
C LEU J 1450 118.08 -84.89 -98.87
N LEU J 1451 117.89 -84.46 -97.61
CA LEU J 1451 117.12 -85.31 -96.69
C LEU J 1451 115.66 -85.35 -97.14
N GLU J 1452 115.11 -84.20 -97.54
CA GLU J 1452 113.73 -84.16 -97.99
C GLU J 1452 113.54 -85.00 -99.23
N ALA J 1453 114.47 -84.89 -100.19
CA ALA J 1453 114.35 -85.66 -101.42
C ALA J 1453 114.38 -87.13 -101.10
N MET J 1454 115.33 -87.56 -100.26
CA MET J 1454 115.33 -88.96 -99.90
C MET J 1454 114.15 -89.30 -99.03
N ASP J 1455 113.63 -88.35 -98.24
CA ASP J 1455 112.34 -88.60 -97.61
C ASP J 1455 111.28 -88.80 -98.68
N GLU J 1456 111.26 -87.94 -99.70
CA GLU J 1456 110.27 -88.10 -100.76
C GLU J 1456 110.57 -89.42 -101.46
N LEU J 1457 111.83 -89.60 -101.86
CA LEU J 1457 112.26 -90.83 -102.49
C LEU J 1457 112.09 -92.04 -101.56
N GLU J 1458 112.11 -91.83 -100.23
CA GLU J 1458 111.78 -92.94 -99.34
C GLU J 1458 110.32 -93.30 -99.54
N VAL J 1459 109.45 -92.28 -99.57
CA VAL J 1459 108.06 -92.49 -99.92
C VAL J 1459 107.98 -93.14 -101.30
N ALA J 1460 108.87 -92.70 -102.22
CA ALA J 1460 108.92 -93.28 -103.56
C ALA J 1460 109.27 -94.75 -103.50
N PHE J 1461 110.24 -95.13 -102.65
CA PHE J 1461 110.55 -96.56 -102.51
C PHE J 1461 109.32 -97.29 -102.02
N ASN J 1462 108.74 -96.80 -100.92
CA ASN J 1462 107.61 -97.44 -100.29
C ASN J 1462 106.49 -97.62 -101.31
N ASN J 1463 106.16 -96.54 -102.03
CA ASN J 1463 105.08 -96.59 -103.00
C ASN J 1463 105.36 -97.59 -104.11
N THR J 1464 106.50 -97.43 -104.80
CA THR J 1464 106.93 -98.40 -105.79
C THR J 1464 108.44 -98.57 -105.77
N ASN J 1465 108.88 -99.81 -105.90
CA ASN J 1465 110.28 -100.20 -105.85
C ASN J 1465 110.58 -100.99 -107.11
N VAL J 1466 111.73 -100.71 -107.75
CA VAL J 1466 112.12 -101.51 -108.91
C VAL J 1466 113.63 -101.74 -108.95
N ARG J 1467 114.35 -101.20 -107.96
CA ARG J 1467 115.81 -101.09 -108.05
C ARG J 1467 116.21 -100.27 -109.26
N THR J 1468 115.86 -98.99 -109.21
CA THR J 1468 116.39 -98.03 -110.15
C THR J 1468 117.90 -98.00 -110.06
N ASP J 1469 118.54 -97.58 -111.16
CA ASP J 1469 119.96 -97.77 -111.38
C ASP J 1469 120.70 -96.47 -111.60
N CYS J 1470 120.14 -95.54 -112.37
CA CYS J 1470 120.87 -94.36 -112.83
C CYS J 1470 120.08 -93.12 -112.43
N ASN J 1471 119.90 -93.00 -111.12
CA ASN J 1471 119.02 -91.99 -110.56
C ASN J 1471 119.52 -90.59 -110.87
N HIS J 1472 118.57 -89.74 -111.24
CA HIS J 1472 118.84 -88.35 -111.60
C HIS J 1472 118.19 -87.39 -110.61
N ILE J 1473 118.91 -86.32 -110.28
CA ILE J 1473 118.37 -85.21 -109.52
C ILE J 1473 118.53 -83.96 -110.37
N PHE J 1474 117.42 -83.27 -110.68
CA PHE J 1474 117.46 -82.01 -111.40
C PHE J 1474 116.77 -80.90 -110.61
N LEU J 1475 117.51 -79.81 -110.32
CA LEU J 1475 116.95 -78.58 -109.75
C LEU J 1475 117.37 -77.43 -110.67
N ASN J 1476 116.40 -76.71 -111.22
CA ASN J 1476 116.67 -75.50 -112.04
C ASN J 1476 116.43 -74.17 -111.30
N PHE J 1477 117.51 -73.57 -110.81
CA PHE J 1477 117.41 -72.24 -110.20
C PHE J 1477 117.29 -71.20 -111.30
N VAL J 1478 116.15 -70.54 -111.33
CA VAL J 1478 115.84 -69.37 -112.14
C VAL J 1478 116.26 -68.05 -111.47
N PRO J 1479 116.67 -67.98 -110.16
CA PRO J 1479 117.29 -66.72 -109.72
C PRO J 1479 118.69 -66.59 -110.30
N THR J 1480 119.37 -65.47 -110.03
CA THR J 1480 120.69 -65.16 -110.58
C THR J 1480 121.61 -64.61 -109.48
N VAL J 1481 122.32 -65.51 -108.82
CA VAL J 1481 123.18 -65.19 -107.69
C VAL J 1481 124.59 -64.81 -108.18
N ILE J 1482 125.44 -64.30 -107.28
CA ILE J 1482 126.85 -64.00 -107.55
C ILE J 1482 127.71 -64.86 -106.64
N MET J 1483 128.57 -65.68 -107.23
CA MET J 1483 129.50 -66.53 -106.49
C MET J 1483 130.55 -66.99 -107.49
N ASP J 1484 131.57 -67.74 -106.99
CA ASP J 1484 132.62 -68.27 -107.85
C ASP J 1484 132.30 -69.69 -108.30
N PRO J 1485 132.93 -70.17 -109.39
CA PRO J 1485 132.61 -71.52 -109.88
C PRO J 1485 133.23 -72.70 -109.13
N SER J 1486 134.40 -72.54 -108.50
CA SER J 1486 135.10 -73.72 -108.00
C SER J 1486 134.76 -74.05 -106.56
N LYS J 1487 134.28 -73.08 -105.76
CA LYS J 1487 133.71 -73.44 -104.47
C LYS J 1487 132.28 -73.95 -104.63
N ILE J 1488 131.59 -73.53 -105.69
CA ILE J 1488 130.35 -74.18 -106.09
C ILE J 1488 130.64 -75.63 -106.41
N GLU J 1489 131.80 -75.89 -107.03
CA GLU J 1489 132.16 -77.25 -107.41
C GLU J 1489 132.49 -78.06 -106.18
N GLU J 1490 133.20 -77.47 -105.22
CA GLU J 1490 133.35 -78.11 -103.92
C GLU J 1490 132.02 -78.22 -103.19
N SER J 1491 131.15 -77.22 -103.32
CA SER J 1491 129.89 -77.27 -102.59
C SER J 1491 129.03 -78.45 -103.07
N VAL J 1492 128.88 -78.60 -104.39
CA VAL J 1492 128.09 -79.72 -104.89
C VAL J 1492 128.86 -81.03 -104.73
N ARG J 1493 130.19 -80.97 -104.80
CA ARG J 1493 131.01 -82.15 -104.53
C ARG J 1493 130.89 -82.59 -103.08
N SER J 1494 131.14 -81.66 -102.15
CA SER J 1494 131.06 -81.95 -100.73
C SER J 1494 129.67 -82.44 -100.35
N MET J 1495 128.63 -81.80 -100.88
CA MET J 1495 127.27 -82.20 -100.58
C MET J 1495 127.05 -83.67 -100.92
N VAL J 1496 127.13 -84.01 -102.21
CA VAL J 1496 126.86 -85.38 -102.63
C VAL J 1496 127.84 -86.35 -101.99
N MET J 1497 129.10 -85.93 -101.82
CA MET J 1497 130.10 -86.82 -101.24
C MET J 1497 129.83 -87.13 -99.77
N ARG J 1498 129.48 -86.10 -98.99
CA ARG J 1498 129.30 -86.21 -97.54
C ARG J 1498 128.43 -87.39 -97.14
N TYR J 1499 127.36 -87.60 -97.87
CA TYR J 1499 126.49 -88.76 -97.74
C TYR J 1499 126.88 -89.83 -98.73
N GLY J 1500 127.15 -91.02 -98.20
CA GLY J 1500 127.75 -92.14 -98.90
C GLY J 1500 126.72 -93.24 -98.94
N SER J 1501 126.63 -94.08 -97.90
CA SER J 1501 125.65 -95.17 -97.91
C SER J 1501 124.24 -94.65 -98.21
N ARG J 1502 123.87 -93.53 -97.60
CA ARG J 1502 122.56 -92.93 -97.85
C ARG J 1502 122.30 -92.77 -99.35
N LEU J 1503 123.31 -92.30 -100.10
CA LEU J 1503 123.20 -92.19 -101.55
C LEU J 1503 122.95 -93.54 -102.21
N TRP J 1504 123.61 -94.59 -101.72
CA TRP J 1504 123.57 -95.86 -102.43
C TRP J 1504 122.26 -96.57 -102.19
N LYS J 1505 121.57 -96.28 -101.10
CA LYS J 1505 120.26 -96.87 -100.96
C LYS J 1505 119.40 -96.32 -102.10
N LEU J 1506 119.36 -94.99 -102.23
CA LEU J 1506 118.76 -94.31 -103.35
C LEU J 1506 119.57 -94.41 -104.64
N ARG J 1507 120.85 -94.79 -104.56
CA ARG J 1507 121.75 -94.94 -105.71
C ARG J 1507 121.78 -93.67 -106.55
N VAL J 1508 122.04 -92.54 -105.92
CA VAL J 1508 122.17 -91.28 -106.67
C VAL J 1508 123.59 -91.17 -107.19
N LEU J 1509 123.73 -91.12 -108.52
CA LEU J 1509 125.05 -91.14 -109.15
C LEU J 1509 125.22 -89.94 -110.05
N GLN J 1510 124.12 -89.29 -110.44
CA GLN J 1510 124.11 -88.17 -111.35
C GLN J 1510 123.08 -87.22 -110.79
N ALA J 1511 123.47 -85.97 -110.68
CA ALA J 1511 122.69 -84.86 -110.20
C ALA J 1511 122.96 -83.68 -111.09
N GLU J 1512 121.92 -82.90 -111.38
CA GLU J 1512 122.07 -81.70 -112.18
C GLU J 1512 121.45 -80.54 -111.43
N LEU J 1513 122.20 -79.46 -111.46
CA LEU J 1513 121.71 -78.17 -111.05
C LEU J 1513 121.94 -77.25 -112.23
N LYS J 1514 121.24 -76.14 -112.21
CA LYS J 1514 121.70 -74.97 -112.91
C LYS J 1514 121.53 -73.89 -111.88
N ILE J 1515 122.20 -72.79 -112.11
CA ILE J 1515 122.13 -71.65 -111.22
C ILE J 1515 122.55 -70.53 -112.12
N ASN J 1516 121.78 -69.46 -112.19
CA ASN J 1516 122.24 -68.42 -113.07
C ASN J 1516 123.22 -67.71 -112.17
N ILE J 1517 124.42 -67.54 -112.68
CA ILE J 1517 125.47 -66.85 -111.99
C ILE J 1517 126.11 -65.87 -112.96
N ARG J 1518 127.08 -65.13 -112.46
CA ARG J 1518 127.84 -64.16 -113.22
C ARG J 1518 128.87 -63.62 -112.24
N LEU J 1519 129.76 -62.79 -112.75
CA LEU J 1519 130.84 -62.26 -111.93
C LEU J 1519 130.33 -61.05 -111.14
N THR J 1520 131.21 -60.44 -110.35
CA THR J 1520 130.76 -59.48 -109.35
C THR J 1520 130.18 -58.21 -109.97
N PRO J 1521 130.84 -57.52 -110.90
CA PRO J 1521 130.22 -56.35 -111.53
C PRO J 1521 129.27 -56.70 -112.66
N THR J 1522 129.57 -57.77 -113.40
CA THR J 1522 129.14 -57.89 -114.80
C THR J 1522 127.62 -57.89 -114.95
N GLY J 1523 126.90 -58.66 -114.12
CA GLY J 1523 125.46 -58.80 -114.31
C GLY J 1523 125.00 -59.75 -115.40
N LYS J 1524 125.90 -60.31 -116.20
CA LYS J 1524 125.55 -61.18 -117.32
C LYS J 1524 125.07 -62.54 -116.80
N ALA J 1525 123.78 -62.63 -116.46
CA ALA J 1525 123.35 -63.87 -115.83
C ALA J 1525 123.34 -64.92 -116.93
N ILE J 1526 124.17 -65.95 -116.74
CA ILE J 1526 124.37 -67.07 -117.64
C ILE J 1526 123.81 -68.35 -117.05
N PRO J 1527 123.39 -69.35 -117.87
CA PRO J 1527 122.91 -70.61 -117.28
C PRO J 1527 124.08 -71.58 -117.34
N ILE J 1528 124.18 -72.45 -116.33
CA ILE J 1528 125.24 -73.45 -116.29
C ILE J 1528 124.76 -74.82 -115.87
N ARG J 1529 124.43 -75.66 -116.85
CA ARG J 1529 123.83 -76.95 -116.55
C ARG J 1529 124.95 -77.84 -116.06
N LEU J 1530 125.00 -78.08 -114.75
CA LEU J 1530 126.01 -78.98 -114.21
C LEU J 1530 125.41 -80.37 -114.30
N PHE J 1531 126.16 -81.32 -114.83
CA PHE J 1531 125.68 -82.69 -114.89
C PHE J 1531 126.77 -83.49 -114.21
N LEU J 1532 126.40 -84.31 -113.24
CA LEU J 1532 127.33 -85.06 -112.43
C LEU J 1532 127.38 -86.48 -112.98
N THR J 1533 128.59 -87.03 -112.99
CA THR J 1533 128.91 -88.34 -113.57
C THR J 1533 129.65 -89.11 -112.50
N ASN J 1534 128.99 -90.13 -111.98
CA ASN J 1534 129.51 -91.04 -110.97
C ASN J 1534 129.15 -92.46 -111.34
N GLU J 1535 130.13 -93.34 -111.25
CA GLU J 1535 130.08 -94.74 -111.58
C GLU J 1535 130.22 -95.49 -110.24
N SER J 1536 130.74 -96.72 -110.26
CA SER J 1536 130.94 -97.41 -108.99
C SER J 1536 131.86 -96.56 -108.13
N GLY J 1537 131.53 -96.47 -106.83
CA GLY J 1537 132.26 -95.57 -105.97
C GLY J 1537 131.54 -94.22 -106.00
N TYR J 1538 131.80 -93.39 -104.99
CA TYR J 1538 131.10 -92.11 -104.97
C TYR J 1538 131.92 -90.98 -105.55
N TYR J 1539 133.04 -91.28 -106.22
CA TYR J 1539 133.81 -90.19 -106.79
C TYR J 1539 133.02 -89.81 -108.02
N LEU J 1540 132.71 -88.52 -108.15
CA LEU J 1540 131.89 -88.04 -109.25
C LEU J 1540 132.54 -86.84 -109.89
N ASP J 1541 132.54 -86.82 -111.22
CA ASP J 1541 133.16 -85.75 -111.96
C ASP J 1541 132.03 -84.86 -112.43
N ILE J 1542 132.21 -83.57 -112.21
CA ILE J 1542 131.24 -82.54 -112.51
C ILE J 1542 131.60 -81.85 -113.80
N SER J 1543 130.62 -81.75 -114.67
CA SER J 1543 130.74 -81.12 -115.96
C SER J 1543 130.00 -79.82 -115.75
N LEU J 1544 130.73 -78.71 -115.80
CA LEU J 1544 130.19 -77.37 -115.67
C LEU J 1544 130.51 -76.65 -116.96
N TYR J 1545 129.52 -75.90 -117.44
CA TYR J 1545 129.67 -75.22 -118.71
C TYR J 1545 129.26 -73.76 -118.62
N LYS J 1546 129.12 -73.14 -119.79
CA LYS J 1546 128.48 -71.86 -120.01
C LYS J 1546 127.70 -72.04 -121.30
N GLU J 1547 126.69 -71.20 -121.52
CA GLU J 1547 125.84 -71.32 -122.70
C GLU J 1547 126.64 -71.39 -124.00
N VAL J 1548 127.80 -70.73 -124.06
CA VAL J 1548 128.21 -69.86 -125.18
C VAL J 1548 127.71 -70.34 -126.54
N THR J 1549 127.16 -69.43 -127.35
CA THR J 1549 126.88 -69.77 -128.74
C THR J 1549 128.16 -70.12 -129.49
N ALA J 1554 123.41 -71.51 -134.95
CA ALA J 1554 122.99 -70.57 -133.92
C ALA J 1554 122.39 -71.25 -132.69
N GLN J 1555 122.37 -72.58 -132.67
CA GLN J 1555 121.74 -73.35 -131.59
C GLN J 1555 122.76 -73.60 -130.48
N ILE J 1556 122.49 -72.98 -129.33
CA ILE J 1556 123.39 -72.76 -128.20
C ILE J 1556 124.14 -74.01 -127.77
N MET J 1557 125.39 -73.85 -127.30
CA MET J 1557 126.39 -74.91 -127.24
C MET J 1557 127.16 -74.77 -125.93
N PHE J 1558 127.01 -75.76 -125.06
CA PHE J 1558 127.71 -75.79 -123.78
C PHE J 1558 129.21 -75.99 -123.91
N GLN J 1559 129.97 -74.91 -123.70
CA GLN J 1559 131.43 -74.94 -123.74
C GLN J 1559 131.94 -74.31 -122.45
N ALA J 1560 132.73 -75.06 -121.69
CA ALA J 1560 133.29 -74.58 -120.43
C ALA J 1560 134.06 -73.28 -120.61
N LYS J 1564 135.72 -77.71 -115.63
CA LYS J 1564 136.29 -79.06 -115.62
C LYS J 1564 136.57 -79.42 -117.08
N GLN J 1565 136.59 -80.71 -117.40
CA GLN J 1565 136.17 -81.20 -118.70
C GLN J 1565 135.12 -82.28 -118.49
N GLY J 1566 134.01 -82.14 -119.21
CA GLY J 1566 132.83 -82.93 -119.00
C GLY J 1566 132.39 -83.75 -120.20
N PRO J 1567 131.94 -85.00 -119.99
CA PRO J 1567 131.51 -85.81 -121.14
C PRO J 1567 130.34 -85.11 -121.81
N LEU J 1568 130.17 -85.33 -123.11
CA LEU J 1568 129.10 -84.65 -123.86
C LEU J 1568 129.25 -83.14 -123.69
N HIS J 1569 130.43 -82.64 -124.10
CA HIS J 1569 130.81 -81.24 -123.97
C HIS J 1569 129.81 -80.28 -124.61
N GLY J 1570 129.67 -80.26 -125.93
CA GLY J 1570 128.91 -79.24 -126.63
C GLY J 1570 127.76 -79.90 -127.34
N MET J 1571 126.59 -79.31 -127.18
CA MET J 1571 125.39 -79.78 -127.85
C MET J 1571 124.28 -78.73 -127.87
N LEU J 1572 123.34 -78.97 -128.77
CA LEU J 1572 122.16 -78.14 -128.98
C LEU J 1572 121.15 -78.48 -127.90
N ILE J 1573 119.96 -77.89 -127.94
CA ILE J 1573 119.20 -77.83 -126.69
C ILE J 1573 118.21 -78.98 -126.54
N ASN J 1574 117.67 -79.54 -127.63
CA ASN J 1574 116.65 -80.58 -127.43
C ASN J 1574 117.29 -81.97 -127.42
N THR J 1575 118.30 -82.13 -126.57
CA THR J 1575 119.15 -83.32 -126.55
C THR J 1575 118.58 -84.38 -125.61
N PRO J 1576 117.99 -85.48 -126.11
CA PRO J 1576 117.48 -86.48 -125.17
C PRO J 1576 118.59 -87.16 -124.38
N TYR J 1577 118.26 -87.57 -123.17
CA TYR J 1577 119.28 -88.04 -122.24
C TYR J 1577 119.67 -89.42 -122.73
N VAL J 1578 120.97 -89.64 -122.91
CA VAL J 1578 121.48 -90.90 -123.42
C VAL J 1578 120.90 -92.02 -122.57
N THR J 1579 120.44 -93.07 -123.24
CA THR J 1579 119.91 -94.24 -122.58
C THR J 1579 121.02 -95.28 -122.46
N LYS J 1580 121.33 -95.60 -121.21
CA LYS J 1580 122.16 -96.70 -120.77
C LYS J 1580 122.11 -97.95 -121.65
N VAL K 27 -4.69 100.09 51.29
CA VAL K 27 -4.90 98.67 51.01
C VAL K 27 -3.80 97.85 51.67
N ASN K 28 -4.17 96.66 52.13
CA ASN K 28 -3.23 95.68 52.66
C ASN K 28 -3.03 94.55 51.65
N LYS K 29 -1.92 93.83 51.81
CA LYS K 29 -1.67 92.70 50.94
C LYS K 29 -2.77 91.65 51.11
N ARG K 30 -3.00 90.90 50.04
CA ARG K 30 -3.98 89.84 49.99
C ARG K 30 -3.26 88.51 49.82
N MET K 31 -3.96 87.41 50.05
CA MET K 31 -3.32 86.12 49.82
C MET K 31 -3.18 86.01 48.32
N SER K 32 -2.01 85.56 47.85
CA SER K 32 -1.86 85.38 46.41
C SER K 32 -0.88 84.28 46.01
N MET K 33 -1.36 83.31 45.25
CA MET K 33 -0.57 82.14 44.85
C MET K 33 -0.29 82.15 43.36
N VAL K 34 0.83 81.55 42.99
CA VAL K 34 1.05 81.08 41.63
C VAL K 34 1.54 79.66 41.77
N VAL K 35 1.28 78.87 40.74
CA VAL K 35 1.69 77.47 40.70
C VAL K 35 2.60 77.30 39.48
N SER K 36 3.42 76.25 39.50
CA SER K 36 4.37 76.06 38.42
C SER K 36 4.67 74.58 38.26
N GLY K 37 4.71 74.13 37.01
CA GLY K 37 5.05 72.75 36.74
C GLY K 37 3.87 71.82 36.87
N LEU K 38 2.67 72.37 37.05
CA LEU K 38 1.46 71.60 37.23
C LEU K 38 0.71 71.33 35.94
N THR K 39 0.13 70.13 35.87
CA THR K 39 -0.82 69.80 34.84
C THR K 39 -2.07 70.64 35.12
N PRO K 40 -2.94 70.85 34.12
CA PRO K 40 -4.13 71.68 34.39
C PRO K 40 -4.98 71.30 35.59
N GLU K 41 -5.33 70.02 35.82
CA GLU K 41 -6.21 69.74 36.96
C GLU K 41 -5.57 70.17 38.27
N GLU K 42 -4.26 69.97 38.37
CA GLU K 42 -3.56 70.43 39.54
C GLU K 42 -3.55 71.93 39.58
N PHE K 43 -3.40 72.57 38.41
CA PHE K 43 -3.44 74.02 38.38
C PHE K 43 -4.83 74.44 38.82
N MET K 44 -5.84 73.72 38.30
CA MET K 44 -7.25 73.94 38.61
C MET K 44 -7.53 73.56 40.05
N LEU K 45 -6.84 72.54 40.54
CA LEU K 45 -7.01 72.13 41.92
C LEU K 45 -6.55 73.25 42.82
N VAL K 46 -5.45 73.91 42.46
CA VAL K 46 -5.08 75.06 43.26
C VAL K 46 -6.12 76.13 43.05
N TYR K 47 -6.63 76.25 41.82
CA TYR K 47 -7.66 77.24 41.57
C TYR K 47 -8.89 76.93 42.39
N LYS K 48 -9.28 75.65 42.45
CA LYS K 48 -10.38 75.27 43.31
C LYS K 48 -10.01 75.57 44.75
N PHE K 49 -8.75 75.29 45.12
CA PHE K 49 -8.31 75.64 46.46
C PHE K 49 -8.33 77.13 46.68
N ALA K 50 -7.73 77.87 45.76
CA ALA K 50 -7.68 79.31 45.90
C ALA K 50 -9.08 79.84 45.86
N ARG K 51 -9.92 79.22 45.02
CA ARG K 51 -11.31 79.61 44.96
C ARG K 51 -11.99 79.29 46.28
N LYS K 52 -11.76 78.07 46.79
CA LYS K 52 -12.45 77.66 47.99
C LYS K 52 -12.01 78.54 49.15
N HIS K 53 -10.70 78.80 49.26
CA HIS K 53 -10.15 79.64 50.30
C HIS K 53 -9.75 81.04 49.83
N HIS K 54 -10.45 81.58 48.83
CA HIS K 54 -10.29 82.95 48.33
C HIS K 54 -8.86 83.49 48.23
N ILE K 55 -7.93 82.69 47.71
CA ILE K 55 -6.54 83.10 47.53
C ILE K 55 -6.42 83.60 46.09
N THR K 56 -5.77 84.74 45.89
CA THR K 56 -5.55 85.22 44.53
C THR K 56 -4.60 84.26 43.84
N LEU K 57 -4.94 83.87 42.62
CA LEU K 57 -4.12 82.91 41.90
C LEU K 57 -4.03 83.32 40.44
N THR K 58 -2.80 83.56 39.97
CA THR K 58 -2.54 84.01 38.62
C THR K 58 -1.70 82.95 37.91
N ASN K 59 -1.64 83.06 36.58
CA ASN K 59 -0.89 82.11 35.76
C ASN K 59 0.48 82.61 35.35
N LEU K 60 0.77 83.89 35.55
CA LEU K 60 2.08 84.47 35.30
C LEU K 60 2.51 85.07 36.63
N ILE K 61 3.76 84.85 37.02
CA ILE K 61 4.15 85.32 38.35
C ILE K 61 4.57 86.78 38.22
N THR K 62 4.02 87.61 39.10
CA THR K 62 4.25 89.05 39.12
C THR K 62 4.57 89.46 40.55
N GLU K 63 4.77 90.76 40.72
CA GLU K 63 5.01 91.33 42.03
C GLU K 63 3.78 91.19 42.93
N GLU K 64 2.58 91.13 42.35
CA GLU K 64 1.40 91.00 43.17
C GLU K 64 1.28 89.58 43.71
N THR K 65 1.95 88.63 43.07
CA THR K 65 1.99 87.26 43.53
C THR K 65 2.72 87.18 44.85
N THR K 66 2.14 86.47 45.82
CA THR K 66 2.72 86.36 47.15
C THR K 66 3.20 84.94 47.45
N HIS K 67 2.60 83.93 46.80
CA HIS K 67 2.91 82.52 47.01
C HIS K 67 3.24 81.87 45.67
N VAL K 68 4.26 81.01 45.68
CA VAL K 68 4.67 80.22 44.52
C VAL K 68 4.56 78.76 44.93
N VAL K 69 3.67 78.04 44.25
CA VAL K 69 3.34 76.65 44.56
C VAL K 69 4.11 75.74 43.60
N MET K 70 5.05 74.95 44.14
CA MET K 70 5.91 74.06 43.37
C MET K 70 5.62 72.57 43.45
N LYS K 71 5.90 71.89 42.34
CA LYS K 71 5.87 70.43 42.20
C LYS K 71 7.10 69.82 42.87
N THR K 72 6.93 68.95 43.88
CA THR K 72 8.07 68.41 44.62
C THR K 72 8.02 66.89 44.79
N ASP K 73 9.14 66.35 45.31
CA ASP K 73 9.25 64.97 45.78
C ASP K 73 8.97 64.93 47.29
N ALA K 74 9.24 63.79 47.94
CA ALA K 74 8.98 63.60 49.37
C ALA K 74 9.87 64.43 50.32
N GLU K 75 11.08 64.84 49.92
CA GLU K 75 12.01 65.59 50.76
C GLU K 75 12.02 67.09 50.47
N PHE K 76 10.97 67.59 49.84
CA PHE K 76 10.81 69.00 49.53
C PHE K 76 11.94 69.44 48.60
N VAL K 77 12.15 68.62 47.59
CA VAL K 77 13.09 68.87 46.51
C VAL K 77 12.22 68.92 45.26
N CYS K 78 12.37 69.97 44.46
CA CYS K 78 11.47 70.23 43.34
C CYS K 78 12.15 70.22 41.98
N GLU K 79 11.33 70.45 40.96
CA GLU K 79 11.81 70.62 39.60
C GLU K 79 12.16 72.09 39.40
N ARG K 80 12.96 72.35 38.38
CA ARG K 80 13.37 73.72 38.04
C ARG K 80 12.43 74.32 36.99
N THR K 81 11.56 75.22 37.43
CA THR K 81 10.63 75.94 36.58
C THR K 81 10.98 77.42 36.60
N LEU K 82 10.35 78.20 35.70
CA LEU K 82 10.62 79.63 35.67
C LEU K 82 10.20 80.31 36.97
N LYS K 83 9.04 79.92 37.51
CA LYS K 83 8.55 80.51 38.75
C LYS K 83 9.35 80.10 39.98
N TYR K 84 10.00 78.92 39.96
CA TYR K 84 10.83 78.53 41.10
C TYR K 84 12.01 79.49 41.24
N PHE K 85 12.71 79.73 40.14
CA PHE K 85 13.84 80.65 40.19
C PHE K 85 13.32 82.04 40.56
N LEU K 86 12.27 82.48 39.86
CA LEU K 86 11.70 83.80 40.09
C LEU K 86 11.11 83.91 41.50
N GLY K 87 10.59 82.80 42.02
CA GLY K 87 10.05 82.78 43.37
C GLY K 87 11.09 83.04 44.44
N ILE K 88 12.26 82.41 44.31
CA ILE K 88 13.33 82.60 45.28
C ILE K 88 13.87 84.03 45.20
N ALA K 89 14.07 84.53 43.98
CA ALA K 89 14.62 85.87 43.79
C ALA K 89 13.76 86.96 44.45
N GLY K 90 12.44 86.80 44.45
CA GLY K 90 11.55 87.79 45.02
C GLY K 90 11.20 87.65 46.49
N GLY K 91 11.76 86.65 47.16
CA GLY K 91 11.51 86.43 48.58
C GLY K 91 10.08 86.09 48.91
N LYS K 92 9.37 85.51 47.96
CA LYS K 92 7.97 85.13 48.07
C LYS K 92 7.86 83.75 48.70
N TRP K 93 6.65 83.43 49.13
CA TRP K 93 6.41 82.14 49.74
C TRP K 93 6.52 81.12 48.61
N VAL K 94 7.52 80.26 48.67
CA VAL K 94 7.75 79.21 47.68
C VAL K 94 7.37 77.93 48.40
N VAL K 95 6.25 77.32 48.00
CA VAL K 95 5.72 76.19 48.72
C VAL K 95 5.59 74.99 47.80
N SER K 96 5.46 73.82 48.42
CA SER K 96 5.39 72.58 47.69
C SER K 96 3.95 72.48 47.19
N TYR K 97 3.75 71.77 46.07
CA TYR K 97 2.39 71.69 45.57
C TYR K 97 1.46 71.01 46.57
N PHE K 98 2.00 70.16 47.43
CA PHE K 98 1.14 69.49 48.40
C PHE K 98 0.54 70.42 49.43
N TRP K 99 1.01 71.66 49.62
CA TRP K 99 0.28 72.51 50.55
C TRP K 99 -1.14 72.70 50.09
N VAL K 100 -1.34 72.77 48.78
CA VAL K 100 -2.69 72.92 48.30
C VAL K 100 -3.39 71.59 48.47
N THR K 101 -2.81 70.52 47.92
CA THR K 101 -3.49 69.23 48.01
C THR K 101 -3.66 68.83 49.47
N GLN K 102 -2.67 69.15 50.31
CA GLN K 102 -2.79 68.77 51.73
C GLN K 102 -3.84 69.59 52.42
N SER K 103 -3.94 70.87 52.09
CA SER K 103 -5.00 71.63 52.72
C SER K 103 -6.35 71.07 52.29
N ILE K 104 -6.43 70.61 51.04
CA ILE K 104 -7.60 69.90 50.52
C ILE K 104 -7.70 68.51 51.15
N LYS K 105 -6.56 67.80 51.25
CA LYS K 105 -6.52 66.44 51.82
C LYS K 105 -7.07 66.48 53.23
N GLU K 106 -6.80 67.58 53.93
CA GLU K 106 -7.18 67.77 55.31
C GLU K 106 -8.30 68.79 55.47
N ARG K 107 -8.79 69.39 54.38
CA ARG K 107 -9.88 70.36 54.48
C ARG K 107 -9.54 71.51 55.42
N LYS K 108 -8.26 71.81 55.59
CA LYS K 108 -7.83 72.90 56.43
C LYS K 108 -7.11 73.93 55.59
N MET K 109 -6.76 75.04 56.23
CA MET K 109 -5.87 76.06 55.67
C MET K 109 -4.59 75.77 56.44
N LEU K 110 -3.83 74.82 55.94
CA LEU K 110 -2.63 74.42 56.62
C LEU K 110 -1.58 75.51 56.59
N ASN K 111 -0.56 75.37 57.45
CA ASN K 111 0.50 76.35 57.54
C ASN K 111 1.43 76.17 56.34
N GLU K 112 1.68 77.25 55.58
CA GLU K 112 2.49 77.11 54.37
C GLU K 112 3.93 76.72 54.70
N HIS K 113 4.54 77.36 55.73
CA HIS K 113 5.93 77.09 56.09
C HIS K 113 6.28 75.62 56.15
N ASP K 114 5.34 74.76 56.55
CA ASP K 114 5.65 73.33 56.59
C ASP K 114 5.88 72.74 55.20
N PHE K 115 5.45 73.42 54.12
CA PHE K 115 5.56 72.90 52.77
C PHE K 115 6.50 73.74 51.91
N GLU K 116 7.36 74.54 52.52
CA GLU K 116 8.31 75.29 51.71
C GLU K 116 9.25 74.32 51.03
N VAL K 117 9.46 74.46 49.73
CA VAL K 117 10.35 73.53 49.04
C VAL K 117 11.79 73.79 49.45
N ARG K 118 12.57 72.72 49.66
CA ARG K 118 13.92 72.82 50.20
C ARG K 118 15.01 72.80 49.14
N GLY K 119 14.76 72.22 47.98
CA GLY K 119 15.78 72.18 46.96
C GLY K 119 15.26 71.63 45.66
N ASP K 120 16.18 71.34 44.74
CA ASP K 120 15.76 70.79 43.46
C ASP K 120 16.63 69.61 43.03
N VAL K 121 16.14 68.92 41.99
CA VAL K 121 16.71 67.67 41.50
C VAL K 121 17.96 67.82 40.64
N VAL K 122 18.48 69.04 40.49
CA VAL K 122 19.64 69.32 39.65
C VAL K 122 20.84 69.77 40.48
N ASN K 123 20.61 70.70 41.39
CA ASN K 123 21.64 71.43 42.11
C ASN K 123 21.87 70.94 43.53
N GLY K 124 21.16 69.91 43.97
CA GLY K 124 21.34 69.38 45.31
C GLY K 124 20.10 69.01 46.09
N ARG K 125 20.24 68.00 46.93
CA ARG K 125 19.19 67.36 47.70
C ARG K 125 18.82 68.10 48.98
N ASN K 126 19.63 69.08 49.39
CA ASN K 126 19.36 69.85 50.60
C ASN K 126 19.99 71.24 50.51
N HIS K 127 19.83 71.95 49.39
CA HIS K 127 20.54 73.23 49.34
C HIS K 127 19.77 74.37 49.99
N GLN K 128 18.53 74.12 50.43
CA GLN K 128 17.75 75.08 51.22
C GLN K 128 17.61 76.45 50.54
N GLY K 129 17.54 76.50 49.22
CA GLY K 129 17.44 77.79 48.56
C GLY K 129 16.26 78.66 48.96
N PRO K 130 15.04 78.18 48.72
CA PRO K 130 13.85 78.97 49.13
C PRO K 130 13.79 79.33 50.60
N LYS K 131 14.10 78.37 51.48
CA LYS K 131 14.06 78.62 52.91
C LYS K 131 15.10 79.66 53.31
N ARG K 132 16.34 79.48 52.82
CA ARG K 132 17.39 80.42 53.15
C ARG K 132 17.10 81.79 52.54
N ALA K 133 16.50 81.79 51.35
CA ALA K 133 16.18 83.03 50.63
C ALA K 133 15.22 83.96 51.35
N ARG K 134 14.16 83.44 51.99
CA ARG K 134 13.21 84.36 52.64
C ARG K 134 13.82 85.11 53.83
N GLU K 135 14.67 84.45 54.60
CA GLU K 135 15.12 85.02 55.87
C GLU K 135 16.38 85.85 55.71
N SER K 136 16.87 86.01 54.48
CA SER K 136 18.13 86.65 54.14
C SER K 136 17.99 87.60 52.95
N GLN K 137 16.82 88.25 52.81
CA GLN K 137 16.52 89.19 51.73
C GLN K 137 17.36 90.47 51.81
N ASP K 138 18.03 90.68 52.92
CA ASP K 138 18.95 91.78 53.21
C ASP K 138 20.34 91.56 52.60
N ARG K 139 20.64 90.34 52.14
CA ARG K 139 21.95 90.00 51.54
C ARG K 139 21.67 89.24 50.25
N LYS K 140 21.17 90.00 49.28
CA LYS K 140 20.81 89.45 47.99
C LYS K 140 22.08 88.89 47.35
N ILE K 141 21.95 87.78 46.61
CA ILE K 141 23.19 87.11 46.21
C ILE K 141 23.96 87.92 45.16
N PHE K 142 23.27 88.72 44.34
CA PHE K 142 23.94 89.48 43.28
C PHE K 142 24.02 90.98 43.61
N ARG K 143 23.93 91.35 44.88
CA ARG K 143 24.06 92.76 45.25
C ARG K 143 25.44 93.27 44.86
N GLY K 144 25.49 94.36 44.10
CA GLY K 144 26.77 94.95 43.75
C GLY K 144 27.48 94.35 42.56
N LEU K 145 26.78 93.56 41.75
CA LEU K 145 27.30 92.93 40.56
C LEU K 145 26.59 93.57 39.38
N GLU K 146 27.31 93.70 38.27
CA GLU K 146 26.75 94.20 37.02
C GLU K 146 26.66 93.04 36.04
N ILE K 147 25.43 92.65 35.71
CA ILE K 147 25.10 91.48 34.92
C ILE K 147 24.54 91.93 33.59
N CYS K 148 25.06 91.35 32.50
CA CYS K 148 24.52 91.57 31.15
C CYS K 148 23.88 90.25 30.74
N CYS K 149 22.57 90.29 30.59
CA CYS K 149 21.72 89.20 30.13
C CYS K 149 21.77 89.13 28.61
N TYR K 150 22.61 88.25 28.09
CA TYR K 150 22.88 88.19 26.65
C TYR K 150 21.86 87.35 25.89
N GLY K 151 20.99 88.05 25.18
CA GLY K 151 19.91 87.45 24.45
C GLY K 151 20.45 86.54 23.36
N PRO K 152 19.59 85.75 22.71
CA PRO K 152 18.16 85.64 22.89
C PRO K 152 18.02 84.52 23.90
N PHE K 153 16.81 84.17 24.32
CA PHE K 153 16.59 83.08 25.26
C PHE K 153 15.35 82.34 24.82
N THR K 154 15.34 81.07 25.17
CA THR K 154 14.26 80.16 24.90
C THR K 154 13.84 79.63 26.27
N ASN K 155 12.56 79.35 26.41
CA ASN K 155 12.00 78.76 27.61
C ASN K 155 12.15 79.63 28.87
N MET K 156 12.63 80.88 28.73
CA MET K 156 12.78 81.82 29.83
C MET K 156 12.87 83.22 29.22
N PRO K 157 11.86 84.08 29.36
CA PRO K 157 11.99 85.44 28.83
C PRO K 157 13.24 86.14 29.34
N THR K 158 13.86 86.93 28.46
CA THR K 158 15.05 87.68 28.87
C THR K 158 14.71 88.63 30.00
N ASP K 159 13.56 89.31 29.89
CA ASP K 159 13.18 90.28 30.89
C ASP K 159 12.81 89.63 32.22
N GLN K 160 12.54 88.33 32.23
CA GLN K 160 12.25 87.63 33.48
C GLN K 160 13.55 87.27 34.18
N LEU K 161 14.57 86.85 33.41
CA LEU K 161 15.87 86.63 34.04
C LEU K 161 16.42 87.96 34.53
N GLU K 162 16.18 89.01 33.75
CA GLU K 162 16.57 90.34 34.19
C GLU K 162 15.80 90.69 35.45
N TRP K 163 14.51 90.34 35.49
CA TRP K 163 13.76 90.57 36.72
C TRP K 163 14.35 89.71 37.84
N MET K 164 14.79 88.49 37.51
CA MET K 164 15.35 87.59 38.51
C MET K 164 16.59 88.18 39.17
N VAL K 165 17.56 88.60 38.35
CA VAL K 165 18.78 89.14 38.94
C VAL K 165 18.51 90.50 39.54
N GLN K 166 17.53 91.24 39.00
CA GLN K 166 17.12 92.48 39.63
C GLN K 166 16.61 92.19 41.03
N LEU K 167 15.76 91.17 41.15
CA LEU K 167 15.22 90.78 42.45
C LEU K 167 16.33 90.27 43.35
N CYS K 168 17.45 89.82 42.77
CA CYS K 168 18.61 89.32 43.49
C CYS K 168 19.69 90.39 43.62
N GLY K 169 19.38 91.64 43.27
CA GLY K 169 20.25 92.76 43.51
C GLY K 169 21.19 93.12 42.39
N ALA K 170 21.14 92.42 41.26
CA ALA K 170 22.01 92.76 40.16
C ALA K 170 21.48 93.97 39.40
N SER K 171 22.39 94.67 38.73
CA SER K 171 22.05 95.79 37.86
C SER K 171 22.08 95.31 36.42
N VAL K 172 20.96 95.44 35.73
CA VAL K 172 20.81 94.93 34.37
C VAL K 172 21.46 95.92 33.41
N VAL K 173 22.29 95.40 32.50
CA VAL K 173 22.97 96.18 31.47
C VAL K 173 22.49 95.65 30.13
N LYS K 174 21.95 96.55 29.30
CA LYS K 174 21.29 96.10 28.08
C LYS K 174 22.30 95.74 26.98
N GLU K 175 23.35 96.54 26.82
CA GLU K 175 24.39 96.34 25.80
C GLU K 175 25.79 96.48 26.38
N LEU K 176 26.74 95.76 25.78
CA LEU K 176 28.12 95.74 26.27
C LEU K 176 28.77 97.12 26.31
N SER K 177 28.42 98.01 25.37
CA SER K 177 29.05 99.33 25.36
C SER K 177 28.58 100.22 26.51
N SER K 178 27.49 99.87 27.17
CA SER K 178 26.87 100.66 28.20
C SER K 178 27.47 100.34 29.57
N PHE K 179 28.50 99.50 29.61
CA PHE K 179 29.15 99.10 30.85
C PHE K 179 29.77 100.31 31.55
N THR K 180 29.56 100.38 32.86
CA THR K 180 30.15 101.41 33.69
C THR K 180 31.65 101.18 33.87
N LEU K 181 32.43 102.26 33.75
CA LEU K 181 33.88 102.18 33.95
C LEU K 181 34.22 102.67 35.35
N GLY K 182 34.81 101.79 36.15
CA GLY K 182 35.14 102.12 37.52
C GLY K 182 35.75 100.92 38.21
N THR K 183 36.44 101.19 39.33
CA THR K 183 37.06 100.11 40.09
C THR K 183 36.05 99.33 40.93
N GLY K 184 34.99 99.99 41.39
CA GLY K 184 34.02 99.34 42.26
C GLY K 184 32.97 98.52 41.55
N VAL K 185 32.80 98.72 40.25
CA VAL K 185 31.77 98.02 39.48
C VAL K 185 32.37 96.71 39.01
N HIS K 186 31.55 95.66 39.06
CA HIS K 186 31.95 94.33 38.58
C HIS K 186 31.07 93.93 37.42
N PRO K 187 31.49 94.14 36.16
CA PRO K 187 30.63 93.74 35.05
C PRO K 187 30.80 92.25 34.79
N ILE K 188 29.68 91.62 34.48
CA ILE K 188 29.61 90.20 34.17
C ILE K 188 28.62 90.02 33.02
N VAL K 189 29.03 89.27 32.02
CA VAL K 189 28.18 88.93 30.88
C VAL K 189 27.72 87.50 31.08
N VAL K 190 26.40 87.33 31.08
CA VAL K 190 25.74 86.06 31.31
C VAL K 190 25.12 85.66 29.98
N VAL K 191 25.48 84.47 29.50
CA VAL K 191 24.99 83.95 28.23
C VAL K 191 24.47 82.54 28.45
N GLN K 192 23.72 82.04 27.48
CA GLN K 192 23.22 80.66 27.49
C GLN K 192 23.78 79.98 26.24
N PRO K 193 24.87 79.20 26.34
CA PRO K 193 25.44 78.60 25.11
C PRO K 193 24.44 77.77 24.28
N ASP K 194 23.47 77.14 24.93
CA ASP K 194 22.48 76.34 24.23
C ASP K 194 21.63 77.13 23.23
N ALA K 195 21.27 78.37 23.55
CA ALA K 195 20.33 79.07 22.67
C ALA K 195 20.94 79.46 21.32
N TRP K 196 22.25 79.64 21.24
CA TRP K 196 22.87 80.02 19.97
C TRP K 196 23.00 78.88 18.98
N THR K 197 22.53 79.14 17.76
CA THR K 197 22.56 78.20 16.65
C THR K 197 23.14 78.82 15.39
N GLU K 198 23.07 80.15 15.24
CA GLU K 198 23.55 80.82 14.05
C GLU K 198 24.95 81.38 14.22
N ASP K 199 25.44 81.48 15.46
CA ASP K 199 26.63 82.25 15.76
C ASP K 199 27.32 81.64 16.97
N ASN K 200 28.64 81.85 17.05
CA ASN K 200 29.45 81.49 18.21
C ASN K 200 29.86 82.73 19.01
N GLY K 201 29.00 83.74 19.06
CA GLY K 201 29.39 85.03 19.62
C GLY K 201 29.66 85.06 21.11
N PHE K 202 29.20 84.07 21.89
CA PHE K 202 29.44 84.26 23.33
C PHE K 202 30.90 84.06 23.70
N HIS K 203 31.73 83.48 22.83
CA HIS K 203 33.16 83.35 23.06
C HIS K 203 33.94 84.58 22.64
N ALA K 204 33.27 85.60 22.10
CA ALA K 204 33.92 86.77 21.55
C ALA K 204 33.62 88.00 22.39
N ILE K 205 32.79 87.84 23.43
CA ILE K 205 32.40 88.96 24.26
C ILE K 205 33.63 89.50 24.97
N GLY K 206 34.56 88.62 25.32
CA GLY K 206 35.78 89.04 25.98
C GLY K 206 36.61 89.99 25.14
N GLN K 207 36.44 89.96 23.82
CA GLN K 207 37.16 90.90 22.97
C GLN K 207 36.48 92.26 22.99
N MET K 208 35.19 92.27 23.34
CA MET K 208 34.36 93.46 23.36
C MET K 208 34.27 94.10 24.73
N CYS K 209 34.61 93.36 25.80
CA CYS K 209 34.53 93.92 27.14
C CYS K 209 35.47 93.21 28.08
N GLU K 210 35.69 93.85 29.23
CA GLU K 210 36.54 93.36 30.32
C GLU K 210 35.63 92.79 31.41
N ALA K 211 35.13 91.57 31.19
CA ALA K 211 34.22 90.99 32.19
C ALA K 211 34.19 89.47 32.06
N PRO K 212 34.00 88.74 33.17
CA PRO K 212 33.88 87.29 33.07
C PRO K 212 32.62 86.90 32.31
N VAL K 213 32.73 85.80 31.56
CA VAL K 213 31.61 85.26 30.80
C VAL K 213 31.31 83.88 31.35
N VAL K 214 30.09 83.70 31.85
CA VAL K 214 29.62 82.46 32.45
C VAL K 214 28.29 82.09 31.80
N THR K 215 27.89 80.84 31.97
CA THR K 215 26.64 80.40 31.36
C THR K 215 25.46 80.97 32.15
N ARG K 216 24.28 80.94 31.52
CA ARG K 216 23.10 81.42 32.22
C ARG K 216 22.82 80.54 33.44
N GLU K 217 23.21 79.27 33.36
CA GLU K 217 23.00 78.34 34.44
C GLU K 217 23.74 78.74 35.71
N TRP K 218 24.80 79.54 35.61
CA TRP K 218 25.47 80.01 36.82
C TRP K 218 24.54 80.88 37.63
N VAL K 219 23.84 81.79 36.95
CA VAL K 219 22.88 82.67 37.61
C VAL K 219 21.74 81.85 38.18
N LEU K 220 21.13 81.00 37.33
CA LEU K 220 20.00 80.18 37.75
C LEU K 220 20.39 79.32 38.94
N ASP K 221 21.58 78.71 38.90
CA ASP K 221 22.04 77.93 40.03
C ASP K 221 22.27 78.85 41.22
N SER K 222 22.84 80.02 40.98
CA SER K 222 23.08 80.93 42.09
C SER K 222 21.76 81.35 42.71
N VAL K 223 20.75 81.65 41.88
CA VAL K 223 19.44 82.04 42.38
C VAL K 223 18.75 80.85 43.05
N ALA K 224 18.78 79.70 42.38
CA ALA K 224 18.12 78.50 42.88
C ALA K 224 18.62 78.09 44.25
N LEU K 225 19.92 78.27 44.49
CA LEU K 225 20.53 77.91 45.76
C LEU K 225 20.54 79.03 46.80
N TYR K 226 20.23 80.26 46.43
CA TYR K 226 20.50 81.45 47.23
C TYR K 226 21.88 81.36 47.91
N GLN K 227 22.90 81.16 47.08
CA GLN K 227 24.27 81.26 47.59
C GLN K 227 25.14 81.59 46.39
N CYS K 228 25.96 82.63 46.51
CA CYS K 228 26.73 83.11 45.38
C CYS K 228 27.77 82.07 44.99
N GLN K 229 27.64 81.47 43.80
CA GLN K 229 28.60 80.44 43.42
C GLN K 229 29.90 81.09 42.96
N GLU K 230 30.99 80.35 43.08
CA GLU K 230 32.28 80.80 42.58
C GLU K 230 32.32 80.76 41.05
N LEU K 231 32.84 81.82 40.44
CA LEU K 231 32.85 81.88 38.99
C LEU K 231 33.83 80.88 38.36
N ASP K 232 34.82 80.42 39.14
CA ASP K 232 35.92 79.60 38.65
C ASP K 232 35.48 78.41 37.77
N THR K 233 34.55 77.60 38.27
CA THR K 233 34.19 76.39 37.53
C THR K 233 33.25 76.62 36.34
N TYR K 234 32.55 77.75 36.29
CA TYR K 234 31.59 78.10 35.25
C TYR K 234 32.11 79.08 34.21
N LEU K 235 33.38 79.47 34.27
CA LEU K 235 33.88 80.51 33.37
C LEU K 235 33.86 79.92 31.97
N ILE K 236 33.45 80.73 31.00
CA ILE K 236 33.40 80.34 29.60
C ILE K 236 34.62 80.88 28.87
N PRO K 237 35.41 80.03 28.20
CA PRO K 237 36.62 80.52 27.50
C PRO K 237 36.29 81.57 26.44
N GLN K 238 37.07 82.63 26.45
CA GLN K 238 36.96 83.76 25.54
C GLN K 238 38.15 83.66 24.59
N ILE K 239 38.16 84.48 23.54
CA ILE K 239 39.31 84.56 22.66
C ILE K 239 39.96 85.92 22.92
N PRO K 240 41.25 85.98 23.35
CA PRO K 240 41.83 87.29 23.61
C PRO K 240 42.02 88.13 22.34
N VAL L 27 8.16 100.31 31.01
CA VAL L 27 7.24 99.22 30.75
C VAL L 27 5.86 99.76 30.40
N ASN L 28 5.17 99.07 29.51
CA ASN L 28 3.80 99.36 29.14
C ASN L 28 2.89 98.32 29.76
N LYS L 29 1.61 98.67 29.91
CA LYS L 29 0.65 97.70 30.43
C LYS L 29 0.58 96.50 29.51
N ARG L 30 0.28 95.35 30.09
CA ARG L 30 0.15 94.10 29.38
C ARG L 30 -1.29 93.62 29.43
N MET L 31 -1.59 92.65 28.57
CA MET L 31 -2.92 92.08 28.56
C MET L 31 -3.05 91.25 29.83
N SER L 32 -4.19 91.37 30.50
CA SER L 32 -4.47 90.58 31.69
C SER L 32 -5.95 90.32 31.86
N MET L 33 -6.31 89.04 31.90
CA MET L 33 -7.68 88.59 31.96
C MET L 33 -8.05 87.96 33.29
N VAL L 34 -9.34 88.08 33.60
CA VAL L 34 -10.08 87.33 34.58
C VAL L 34 -11.32 86.82 33.89
N VAL L 35 -11.85 85.70 34.38
CA VAL L 35 -13.03 85.09 33.80
C VAL L 35 -14.14 85.05 34.83
N SER L 36 -15.36 84.94 34.32
CA SER L 36 -16.54 84.93 35.17
C SER L 36 -17.61 84.14 34.45
N GLY L 37 -18.27 83.26 35.16
CA GLY L 37 -19.36 82.49 34.62
C GLY L 37 -18.90 81.26 33.86
N LEU L 38 -17.60 80.95 33.90
CA LEU L 38 -17.05 79.81 33.19
C LEU L 38 -16.96 78.56 34.06
N THR L 39 -17.23 77.43 33.44
CA THR L 39 -16.93 76.17 34.06
C THR L 39 -15.41 76.02 34.07
N PRO L 40 -14.86 75.16 34.93
CA PRO L 40 -13.40 74.97 34.98
C PRO L 40 -12.78 74.65 33.61
N GLU L 41 -13.42 73.77 32.84
CA GLU L 41 -12.90 73.29 31.56
C GLU L 41 -12.63 74.43 30.57
N GLU L 42 -13.48 75.46 30.58
CA GLU L 42 -13.25 76.61 29.70
C GLU L 42 -12.00 77.40 30.09
N PHE L 43 -11.72 77.54 31.39
CA PHE L 43 -10.57 78.31 31.83
C PHE L 43 -9.23 77.73 31.36
N MET L 44 -9.08 76.40 31.35
CA MET L 44 -7.80 75.79 30.97
C MET L 44 -7.42 76.06 29.51
N LEU L 45 -8.41 76.18 28.62
CA LEU L 45 -8.11 76.46 27.22
C LEU L 45 -7.45 77.80 27.08
N VAL L 46 -7.91 78.78 27.85
CA VAL L 46 -7.27 80.08 27.82
C VAL L 46 -5.88 79.94 28.41
N TYR L 47 -5.75 79.11 29.44
CA TYR L 47 -4.44 78.92 30.02
C TYR L 47 -3.53 78.31 28.96
N LYS L 48 -4.04 77.33 28.19
CA LYS L 48 -3.26 76.80 27.08
C LYS L 48 -3.00 77.88 26.05
N PHE L 49 -4.00 78.71 25.78
CA PHE L 49 -3.79 79.83 24.87
C PHE L 49 -2.76 80.74 25.47
N ALA L 50 -2.97 81.08 26.73
CA ALA L 50 -2.07 81.95 27.45
C ALA L 50 -0.72 81.29 27.52
N ARG L 51 -0.71 79.95 27.64
CA ARG L 51 0.56 79.25 27.63
C ARG L 51 1.22 79.44 26.30
N LYS L 52 0.48 79.22 25.22
CA LYS L 52 1.11 79.35 23.93
C LYS L 52 1.48 80.80 23.68
N HIS L 53 0.54 81.72 23.96
CA HIS L 53 0.74 83.16 23.76
C HIS L 53 1.02 84.01 25.00
N HIS L 54 1.62 83.47 26.08
CA HIS L 54 2.06 84.24 27.25
C HIS L 54 1.13 85.35 27.77
N ILE L 55 -0.18 85.10 27.89
CA ILE L 55 -1.13 86.10 28.37
C ILE L 55 -1.38 85.95 29.87
N THR L 56 -1.34 87.07 30.59
CA THR L 56 -1.63 87.08 32.02
C THR L 56 -3.09 86.76 32.30
N LEU L 57 -3.33 85.85 33.25
CA LEU L 57 -4.69 85.44 33.60
C LEU L 57 -4.77 85.25 35.11
N THR L 58 -5.64 86.02 35.79
CA THR L 58 -5.79 85.97 37.24
C THR L 58 -7.20 85.56 37.62
N ASN L 59 -7.38 85.15 38.90
CA ASN L 59 -8.69 84.74 39.41
C ASN L 59 -9.43 85.79 40.21
N LEU L 60 -8.76 86.86 40.63
CA LEU L 60 -9.39 87.96 41.34
C LEU L 60 -9.17 89.21 40.53
N ILE L 61 -10.22 89.99 40.34
CA ILE L 61 -10.08 91.16 39.48
C ILE L 61 -9.54 92.31 40.32
N THR L 62 -8.50 92.93 39.81
CA THR L 62 -7.82 94.03 40.46
C THR L 62 -7.62 95.12 39.41
N GLU L 63 -6.98 96.20 39.84
CA GLU L 63 -6.64 97.27 38.92
C GLU L 63 -5.63 96.77 37.90
N GLU L 64 -4.82 95.76 38.26
CA GLU L 64 -3.84 95.26 37.29
C GLU L 64 -4.53 94.42 36.23
N THR L 65 -5.71 93.88 36.53
CA THR L 65 -6.47 93.15 35.55
C THR L 65 -6.89 94.15 34.49
N THR L 66 -6.70 93.81 33.22
CA THR L 66 -6.98 94.72 32.12
C THR L 66 -8.16 94.25 31.28
N HIS L 67 -8.42 92.95 31.28
CA HIS L 67 -9.46 92.30 30.51
C HIS L 67 -10.36 91.47 31.42
N VAL L 68 -11.66 91.50 31.15
CA VAL L 68 -12.63 90.68 31.86
C VAL L 68 -13.31 89.81 30.80
N VAL L 69 -13.15 88.50 30.93
CA VAL L 69 -13.63 87.55 29.93
C VAL L 69 -14.96 86.94 30.37
N MET L 70 -16.02 87.24 29.64
CA MET L 70 -17.36 86.76 29.96
C MET L 70 -17.80 85.66 29.00
N LYS L 71 -18.56 84.71 29.53
CA LYS L 71 -19.21 83.67 28.73
C LYS L 71 -20.46 84.22 28.06
N THR L 72 -20.56 84.16 26.72
CA THR L 72 -21.70 84.75 26.01
C THR L 72 -22.31 83.74 25.04
N ASP L 73 -23.43 84.15 24.43
CA ASP L 73 -24.09 83.44 23.35
C ASP L 73 -23.57 83.93 21.99
N ALA L 74 -24.25 83.52 20.91
CA ALA L 74 -23.84 83.90 19.57
C ALA L 74 -23.98 85.39 19.32
N GLU L 75 -24.85 86.09 20.06
CA GLU L 75 -25.07 87.51 19.89
C GLU L 75 -24.32 88.32 20.92
N PHE L 76 -23.33 87.72 21.59
CA PHE L 76 -22.49 88.42 22.55
C PHE L 76 -23.33 88.97 23.70
N VAL L 77 -24.17 88.11 24.26
CA VAL L 77 -24.99 88.42 25.41
C VAL L 77 -24.56 87.46 26.51
N CYS L 78 -24.25 88.01 27.68
CA CYS L 78 -23.66 87.27 28.80
C CYS L 78 -24.58 87.33 30.02
N GLU L 79 -24.12 86.68 31.09
CA GLU L 79 -24.79 86.75 32.37
C GLU L 79 -24.29 87.96 33.14
N ARG L 80 -25.07 88.35 34.14
CA ARG L 80 -24.72 89.48 34.99
C ARG L 80 -23.97 88.88 36.18
N THR L 81 -22.64 89.05 36.17
CA THR L 81 -21.79 88.58 37.25
C THR L 81 -21.14 89.76 37.94
N LEU L 82 -20.50 89.48 39.09
CA LEU L 82 -19.80 90.54 39.80
C LEU L 82 -18.65 91.08 38.95
N LYS L 83 -17.91 90.19 38.31
CA LYS L 83 -16.79 90.61 37.48
C LYS L 83 -17.29 91.31 36.23
N TYR L 84 -18.49 90.97 35.76
CA TYR L 84 -19.04 91.70 34.62
C TYR L 84 -19.27 93.14 35.04
N PHE L 85 -19.95 93.33 36.16
CA PHE L 85 -20.18 94.67 36.68
C PHE L 85 -18.87 95.34 37.04
N LEU L 86 -18.01 94.65 37.79
CA LEU L 86 -16.74 95.26 38.20
C LEU L 86 -15.90 95.58 36.97
N GLY L 87 -16.02 94.74 35.93
CA GLY L 87 -15.33 94.99 34.68
C GLY L 87 -15.83 96.25 34.02
N ILE L 88 -17.15 96.43 34.00
CA ILE L 88 -17.76 97.61 33.40
C ILE L 88 -17.40 98.85 34.20
N ALA L 89 -17.48 98.77 35.52
CA ALA L 89 -17.18 99.92 36.37
C ALA L 89 -15.77 100.46 36.13
N GLY L 90 -14.80 99.58 35.89
CA GLY L 90 -13.43 99.97 35.66
C GLY L 90 -13.06 100.25 34.23
N GLY L 91 -14.02 100.17 33.32
CA GLY L 91 -13.78 100.44 31.91
C GLY L 91 -12.82 99.47 31.27
N LYS L 92 -12.76 98.25 31.78
CA LYS L 92 -11.87 97.22 31.30
C LYS L 92 -12.52 96.53 30.11
N TRP L 93 -11.71 95.79 29.39
CA TRP L 93 -12.19 95.08 28.21
C TRP L 93 -13.07 93.93 28.67
N VAL L 94 -14.36 94.01 28.34
CA VAL L 94 -15.30 92.95 28.70
C VAL L 94 -15.59 92.27 27.37
N VAL L 95 -15.06 91.06 27.21
CA VAL L 95 -15.13 90.34 25.96
C VAL L 95 -15.77 89.00 26.19
N SER L 96 -16.20 88.40 25.10
CA SER L 96 -16.88 87.14 25.23
C SER L 96 -15.82 86.08 25.44
N TYR L 97 -16.18 85.02 26.14
CA TYR L 97 -15.22 83.93 26.34
C TYR L 97 -14.83 83.30 25.02
N PHE L 98 -15.70 83.44 24.02
CA PHE L 98 -15.48 82.84 22.72
C PHE L 98 -14.25 83.39 22.00
N TRP L 99 -13.67 84.52 22.42
CA TRP L 99 -12.46 84.96 21.74
C TRP L 99 -11.31 83.97 21.85
N VAL L 100 -11.14 83.33 23.00
CA VAL L 100 -10.02 82.40 23.09
C VAL L 100 -10.37 81.17 22.30
N THR L 101 -11.52 80.57 22.59
CA THR L 101 -11.89 79.34 21.92
C THR L 101 -11.94 79.61 20.43
N GLN L 102 -12.36 80.80 20.03
CA GLN L 102 -12.35 81.09 18.60
C GLN L 102 -10.92 81.24 18.15
N SER L 103 -10.07 81.84 18.98
CA SER L 103 -8.67 81.96 18.61
C SER L 103 -8.05 80.56 18.55
N ILE L 104 -8.48 79.68 19.45
CA ILE L 104 -8.09 78.27 19.44
C ILE L 104 -8.74 77.58 18.24
N LYS L 105 -10.04 77.85 18.03
CA LYS L 105 -10.84 77.24 16.95
C LYS L 105 -10.25 77.58 15.59
N GLU L 106 -9.65 78.75 15.44
CA GLU L 106 -9.10 79.24 14.18
C GLU L 106 -7.59 79.18 14.17
N ARG L 107 -6.97 78.69 15.25
CA ARG L 107 -5.53 78.53 15.36
C ARG L 107 -4.79 79.85 15.17
N LYS L 108 -5.47 80.97 15.42
CA LYS L 108 -4.88 82.29 15.35
C LYS L 108 -4.92 83.02 16.69
N MET L 109 -4.31 84.21 16.70
CA MET L 109 -4.42 85.16 17.80
C MET L 109 -5.38 86.17 17.18
N LEU L 110 -6.65 85.85 17.26
CA LEU L 110 -7.68 86.69 16.65
C LEU L 110 -7.77 88.02 17.40
N ASN L 111 -8.44 88.99 16.80
CA ASN L 111 -8.54 90.29 17.45
C ASN L 111 -9.57 90.18 18.59
N GLU L 112 -9.18 90.54 19.81
CA GLU L 112 -10.10 90.40 20.94
C GLU L 112 -11.29 91.33 20.81
N HIS L 113 -11.02 92.59 20.44
CA HIS L 113 -12.01 93.66 20.33
C HIS L 113 -13.29 93.26 19.61
N ASP L 114 -13.19 92.34 18.65
CA ASP L 114 -14.33 91.84 17.89
C ASP L 114 -15.31 91.04 18.74
N PHE L 115 -14.92 90.64 19.95
CA PHE L 115 -15.70 89.78 20.82
C PHE L 115 -16.20 90.48 22.08
N GLU L 116 -16.29 91.80 22.07
CA GLU L 116 -16.81 92.53 23.22
C GLU L 116 -18.26 92.13 23.46
N VAL L 117 -18.60 91.83 24.72
CA VAL L 117 -19.97 91.41 25.00
C VAL L 117 -20.90 92.60 24.78
N ARG L 118 -22.06 92.34 24.18
CA ARG L 118 -22.97 93.39 23.75
C ARG L 118 -24.13 93.66 24.69
N GLY L 119 -24.54 92.68 25.50
CA GLY L 119 -25.63 92.91 26.43
C GLY L 119 -25.82 91.73 27.35
N ASP L 120 -26.93 91.76 28.09
CA ASP L 120 -27.25 90.67 29.01
C ASP L 120 -28.73 90.30 28.87
N VAL L 121 -29.10 89.17 29.48
CA VAL L 121 -30.45 88.61 29.33
C VAL L 121 -31.50 89.28 30.18
N VAL L 122 -31.16 90.34 30.91
CA VAL L 122 -32.08 91.04 31.81
C VAL L 122 -32.38 92.45 31.33
N ASN L 123 -31.35 93.20 30.97
CA ASN L 123 -31.41 94.62 30.73
C ASN L 123 -31.42 94.99 29.24
N GLY L 124 -31.38 94.00 28.35
CA GLY L 124 -31.41 94.23 26.92
C GLY L 124 -30.42 93.39 26.15
N ARG L 125 -30.79 93.02 24.91
CA ARG L 125 -30.03 92.12 24.08
C ARG L 125 -28.90 92.80 23.32
N ASN L 126 -28.87 94.12 23.31
CA ASN L 126 -27.85 94.90 22.62
C ASN L 126 -27.70 96.23 23.32
N HIS L 127 -27.63 96.25 24.65
CA HIS L 127 -27.56 97.54 25.30
C HIS L 127 -26.14 98.09 25.38
N GLN L 128 -25.13 97.31 25.00
CA GLN L 128 -23.75 97.79 24.89
C GLN L 128 -23.24 98.45 26.18
N GLY L 129 -23.65 97.92 27.33
CA GLY L 129 -23.28 98.48 28.60
C GLY L 129 -21.77 98.55 28.76
N PRO L 130 -21.10 97.39 28.68
CA PRO L 130 -19.63 97.40 28.75
C PRO L 130 -18.98 98.31 27.75
N LYS L 131 -19.49 98.32 26.52
CA LYS L 131 -18.93 99.16 25.48
C LYS L 131 -19.04 100.63 25.86
N ARG L 132 -20.21 101.08 26.32
CA ARG L 132 -20.30 102.47 26.72
C ARG L 132 -19.40 102.72 27.91
N ALA L 133 -19.33 101.73 28.81
CA ALA L 133 -18.51 101.84 30.00
C ALA L 133 -17.04 102.01 29.67
N ARG L 134 -16.53 101.27 28.69
CA ARG L 134 -15.13 101.45 28.35
C ARG L 134 -14.91 102.83 27.75
N GLU L 135 -15.90 103.29 26.97
CA GLU L 135 -15.74 104.50 26.17
C GLU L 135 -16.20 105.74 26.91
N SER L 136 -16.64 105.61 28.17
CA SER L 136 -17.20 106.71 28.93
C SER L 136 -16.68 106.76 30.36
N GLN L 137 -15.44 106.33 30.57
CA GLN L 137 -14.87 106.34 31.92
C GLN L 137 -14.62 107.76 32.42
N ASP L 138 -14.67 108.75 31.54
CA ASP L 138 -14.52 110.15 31.90
C ASP L 138 -15.81 110.75 32.45
N ARG L 139 -16.95 110.09 32.24
CA ARG L 139 -18.24 110.57 32.75
C ARG L 139 -18.96 109.36 33.37
N LYS L 140 -18.40 108.93 34.50
CA LYS L 140 -18.88 107.77 35.23
C LYS L 140 -20.31 107.98 35.70
N ILE L 141 -21.11 106.90 35.71
CA ILE L 141 -22.54 107.13 35.92
C ILE L 141 -22.82 107.55 37.35
N PHE L 142 -22.00 107.14 38.33
CA PHE L 142 -22.28 107.54 39.71
C PHE L 142 -21.29 108.59 40.19
N ARG L 143 -20.64 109.32 39.27
CA ARG L 143 -19.77 110.41 39.70
C ARG L 143 -20.65 111.46 40.38
N GLY L 144 -20.29 111.81 41.61
CA GLY L 144 -21.00 112.83 42.35
C GLY L 144 -22.22 112.34 43.11
N LEU L 145 -22.36 111.03 43.30
CA LEU L 145 -23.45 110.39 44.05
C LEU L 145 -22.80 109.79 45.29
N GLU L 146 -23.53 109.76 46.40
CA GLU L 146 -23.05 109.13 47.64
C GLU L 146 -23.80 107.85 48.01
N ILE L 147 -23.08 106.74 47.94
CA ILE L 147 -23.59 105.38 48.13
C ILE L 147 -23.01 104.84 49.44
N CYS L 148 -23.88 104.32 50.30
CA CYS L 148 -23.47 103.62 51.53
C CYS L 148 -23.81 102.15 51.37
N CYS L 149 -22.79 101.31 51.33
CA CYS L 149 -22.93 99.85 51.25
C CYS L 149 -23.17 99.24 52.62
N TYR L 150 -24.45 99.00 52.95
CA TYR L 150 -24.83 98.52 54.28
C TYR L 150 -24.75 97.01 54.33
N GLY L 151 -23.71 96.49 54.99
CA GLY L 151 -23.49 95.06 55.02
C GLY L 151 -24.62 94.31 55.68
N PRO L 152 -24.62 92.97 55.57
CA PRO L 152 -23.65 92.11 54.91
C PRO L 152 -24.20 91.99 53.51
N PHE L 153 -23.53 91.28 52.62
CA PHE L 153 -23.98 91.09 51.25
C PHE L 153 -23.71 89.66 50.84
N THR L 154 -24.51 89.21 49.88
CA THR L 154 -24.42 87.88 49.31
C THR L 154 -24.17 88.05 47.82
N ASN L 155 -23.43 87.10 47.26
CA ASN L 155 -23.09 87.03 45.84
C ASN L 155 -22.28 88.23 45.37
N MET L 156 -21.85 89.10 46.30
CA MET L 156 -21.05 90.27 46.01
C MET L 156 -20.35 90.75 47.28
N PRO L 157 -19.04 90.57 47.43
CA PRO L 157 -18.36 91.10 48.62
C PRO L 157 -18.63 92.60 48.77
N THR L 158 -18.77 93.06 50.01
CA THR L 158 -19.03 94.48 50.23
C THR L 158 -17.89 95.32 49.67
N ASP L 159 -16.64 94.88 49.91
CA ASP L 159 -15.49 95.66 49.44
C ASP L 159 -15.37 95.65 47.92
N GLN L 160 -16.02 94.69 47.24
CA GLN L 160 -15.98 94.65 45.78
C GLN L 160 -17.02 95.62 45.20
N LEU L 161 -18.18 95.71 45.83
CA LEU L 161 -19.18 96.69 45.41
C LEU L 161 -18.69 98.11 45.65
N GLU L 162 -17.97 98.32 46.75
CA GLU L 162 -17.40 99.64 46.99
C GLU L 162 -16.41 99.99 45.89
N TRP L 163 -15.60 99.03 45.46
CA TRP L 163 -14.70 99.31 44.36
C TRP L 163 -15.52 99.60 43.10
N MET L 164 -16.66 98.89 42.96
CA MET L 164 -17.52 99.08 41.79
C MET L 164 -18.06 100.50 41.73
N VAL L 165 -18.68 100.96 42.81
CA VAL L 165 -19.24 102.30 42.79
C VAL L 165 -18.12 103.32 42.82
N GLN L 166 -16.98 102.97 43.44
CA GLN L 166 -15.82 103.84 43.38
C GLN L 166 -15.39 103.99 41.93
N LEU L 167 -15.31 102.88 41.21
CA LEU L 167 -14.93 102.90 39.81
C LEU L 167 -15.97 103.64 38.98
N CYS L 168 -17.21 103.74 39.47
CA CYS L 168 -18.28 104.46 38.79
C CYS L 168 -18.46 105.86 39.37
N GLY L 169 -17.55 106.31 40.24
CA GLY L 169 -17.54 107.68 40.68
C GLY L 169 -18.30 107.98 41.96
N ALA L 170 -18.90 106.98 42.60
CA ALA L 170 -19.65 107.27 43.81
C ALA L 170 -18.71 107.48 44.99
N SER L 171 -19.21 108.22 45.97
CA SER L 171 -18.52 108.50 47.23
C SER L 171 -19.03 107.60 48.36
N VAL L 172 -18.10 106.84 48.94
CA VAL L 172 -18.39 105.86 49.97
C VAL L 172 -18.55 106.59 51.30
N VAL L 173 -19.60 106.25 52.04
CA VAL L 173 -19.88 106.81 53.35
C VAL L 173 -19.78 105.65 54.33
N LYS L 174 -18.93 105.82 55.34
CA LYS L 174 -18.54 104.73 56.21
C LYS L 174 -19.62 104.39 57.24
N GLU L 175 -20.26 105.40 57.84
CA GLU L 175 -21.28 105.22 58.86
C GLU L 175 -22.51 106.06 58.53
N LEU L 176 -23.69 105.58 58.95
CA LEU L 176 -24.92 106.27 58.61
C LEU L 176 -24.91 107.69 59.16
N SER L 177 -24.29 107.91 60.33
CA SER L 177 -24.27 109.26 60.89
C SER L 177 -23.33 110.17 60.12
N SER L 178 -22.45 109.63 59.31
CA SER L 178 -21.41 110.34 58.58
C SER L 178 -21.90 110.84 57.23
N PHE L 179 -23.18 110.66 56.95
CA PHE L 179 -23.76 111.09 55.68
C PHE L 179 -23.67 112.60 55.51
N THR L 180 -23.26 113.04 54.33
CA THR L 180 -23.27 114.47 54.09
C THR L 180 -24.71 114.92 53.89
N LEU L 181 -25.11 115.99 54.55
CA LEU L 181 -26.45 116.56 54.40
C LEU L 181 -26.43 117.78 53.49
N GLY L 182 -27.18 117.73 52.39
CA GLY L 182 -27.17 118.84 51.45
C GLY L 182 -28.05 118.56 50.25
N THR L 183 -28.41 119.65 49.55
CA THR L 183 -29.26 119.50 48.37
C THR L 183 -28.49 119.01 47.16
N GLY L 184 -27.20 119.36 47.04
CA GLY L 184 -26.46 118.94 45.88
C GLY L 184 -25.93 117.53 46.00
N VAL L 185 -25.90 117.01 47.21
CA VAL L 185 -25.38 115.69 47.53
C VAL L 185 -26.53 114.72 47.35
N HIS L 186 -26.23 113.55 46.81
CA HIS L 186 -27.25 112.51 46.65
C HIS L 186 -26.83 111.32 47.49
N PRO L 187 -27.33 111.21 48.72
CA PRO L 187 -26.96 110.07 49.56
C PRO L 187 -27.83 108.89 49.17
N ILE L 188 -27.24 107.71 49.16
CA ILE L 188 -27.96 106.48 48.84
C ILE L 188 -27.48 105.35 49.73
N VAL L 189 -28.43 104.67 50.35
CA VAL L 189 -28.17 103.47 51.15
C VAL L 189 -28.58 102.31 50.25
N VAL L 190 -27.67 101.39 49.97
CA VAL L 190 -27.97 100.27 49.07
C VAL L 190 -27.98 98.98 49.86
N VAL L 191 -29.13 98.32 49.80
CA VAL L 191 -29.41 97.05 50.44
C VAL L 191 -30.08 96.17 49.39
N GLN L 192 -30.16 94.88 49.68
CA GLN L 192 -30.88 93.94 48.84
C GLN L 192 -31.95 93.45 49.81
N PRO L 193 -33.19 93.95 49.72
CA PRO L 193 -34.23 93.57 50.71
C PRO L 193 -34.46 92.08 50.90
N ASP L 194 -34.26 91.27 49.88
CA ASP L 194 -34.45 89.83 50.01
C ASP L 194 -33.55 89.20 51.07
N ALA L 195 -32.30 89.66 51.20
CA ALA L 195 -31.36 88.99 52.08
C ALA L 195 -31.67 89.12 53.58
N TRP L 196 -32.35 90.19 54.03
CA TRP L 196 -32.60 90.32 55.47
C TRP L 196 -33.72 89.42 56.01
N THR L 197 -33.37 88.71 57.08
CA THR L 197 -34.22 87.78 57.80
C THR L 197 -34.10 88.12 59.29
N GLU L 198 -35.11 87.75 60.06
CA GLU L 198 -35.28 88.01 61.49
C GLU L 198 -35.72 89.44 61.83
N ASP L 199 -35.65 90.41 60.91
CA ASP L 199 -35.77 91.82 61.26
C ASP L 199 -36.38 92.55 60.08
N ASN L 200 -37.07 93.67 60.38
CA ASN L 200 -37.60 94.58 59.38
C ASN L 200 -36.80 95.89 59.26
N GLY L 201 -35.47 95.83 59.46
CA GLY L 201 -34.71 97.08 59.57
C GLY L 201 -34.57 97.94 58.31
N PHE L 202 -34.77 97.41 57.10
CA PHE L 202 -34.50 98.31 55.96
C PHE L 202 -35.55 99.41 55.79
N HIS L 203 -36.70 99.30 56.46
CA HIS L 203 -37.75 100.32 56.46
C HIS L 203 -37.53 101.40 57.50
N ALA L 204 -36.44 101.32 58.27
CA ALA L 204 -36.18 102.23 59.38
C ALA L 204 -35.01 103.15 59.08
N ILE L 205 -34.39 103.01 57.91
CA ILE L 205 -33.23 103.82 57.55
C ILE L 205 -33.64 105.28 57.46
N GLY L 206 -34.87 105.55 57.02
CA GLY L 206 -35.33 106.92 56.93
C GLY L 206 -35.35 107.64 58.25
N GLN L 207 -35.44 106.90 59.37
CA GLN L 207 -35.39 107.53 60.69
C GLN L 207 -33.96 107.84 61.07
N MET L 208 -32.99 107.16 60.44
CA MET L 208 -31.59 107.31 60.76
C MET L 208 -30.91 108.31 59.83
N CYS L 209 -31.52 108.61 58.69
CA CYS L 209 -30.93 109.55 57.76
C CYS L 209 -32.00 110.16 56.87
N GLU L 210 -31.60 111.25 56.22
CA GLU L 210 -32.41 112.01 55.27
C GLU L 210 -31.94 111.58 53.88
N ALA L 211 -32.34 110.39 53.43
CA ALA L 211 -31.85 109.95 52.13
C ALA L 211 -32.74 108.90 51.49
N PRO L 212 -32.84 108.88 50.15
CA PRO L 212 -33.60 107.81 49.49
C PRO L 212 -32.92 106.47 49.68
N VAL L 213 -33.74 105.42 49.80
CA VAL L 213 -33.26 104.05 49.95
C VAL L 213 -33.75 103.23 48.75
N VAL L 214 -32.81 102.65 48.00
CA VAL L 214 -33.13 101.88 46.81
C VAL L 214 -32.46 100.51 46.91
N THR L 215 -32.95 99.56 46.12
CA THR L 215 -32.40 98.21 46.14
C THR L 215 -31.08 98.15 45.39
N ARG L 216 -30.34 97.05 45.65
CA ARG L 216 -29.09 96.84 44.94
C ARG L 216 -29.34 96.66 43.45
N GLU L 217 -30.53 96.15 43.09
CA GLU L 217 -30.85 95.93 41.68
C GLU L 217 -30.82 97.21 40.87
N TRP L 218 -31.00 98.37 41.51
CA TRP L 218 -30.88 99.62 40.78
C TRP L 218 -29.45 99.78 40.29
N VAL L 219 -28.50 99.51 41.18
CA VAL L 219 -27.09 99.55 40.82
C VAL L 219 -26.79 98.49 39.79
N LEU L 220 -27.19 97.24 40.06
CA LEU L 220 -26.91 96.12 39.16
C LEU L 220 -27.44 96.40 37.77
N ASP L 221 -28.69 96.87 37.68
CA ASP L 221 -29.24 97.22 36.39
C ASP L 221 -28.51 98.42 35.79
N SER L 222 -28.21 99.41 36.64
CA SER L 222 -27.51 100.60 36.17
C SER L 222 -26.11 100.24 35.68
N VAL L 223 -25.41 99.38 36.44
CA VAL L 223 -24.07 98.97 36.07
C VAL L 223 -24.10 98.13 34.80
N ALA L 224 -25.03 97.16 34.73
CA ALA L 224 -25.08 96.29 33.56
C ALA L 224 -25.26 97.12 32.29
N LEU L 225 -26.03 98.20 32.39
CA LEU L 225 -26.26 99.11 31.28
C LEU L 225 -25.27 100.25 31.25
N TYR L 226 -24.49 100.43 32.32
CA TYR L 226 -23.73 101.64 32.56
C TYR L 226 -24.57 102.88 32.21
N GLN L 227 -25.74 102.97 32.84
CA GLN L 227 -26.55 104.18 32.73
C GLN L 227 -27.46 104.27 33.96
N CYS L 228 -27.45 105.45 34.59
CA CYS L 228 -28.16 105.62 35.86
C CYS L 228 -29.65 105.47 35.62
N GLN L 229 -30.24 104.42 36.19
CA GLN L 229 -31.65 104.11 36.01
C GLN L 229 -32.51 105.02 36.89
N GLU L 230 -33.78 105.17 36.48
CA GLU L 230 -34.72 105.93 37.28
C GLU L 230 -35.05 105.18 38.56
N LEU L 231 -35.06 105.91 39.68
CA LEU L 231 -35.27 105.32 41.00
C LEU L 231 -36.70 104.82 41.22
N ASP L 232 -37.67 105.32 40.44
CA ASP L 232 -39.09 105.07 40.69
C ASP L 232 -39.43 103.60 40.95
N THR L 233 -38.98 102.70 40.08
CA THR L 233 -39.37 101.30 40.26
C THR L 233 -38.56 100.61 41.35
N TYR L 234 -37.40 101.16 41.69
CA TYR L 234 -36.47 100.59 42.67
C TYR L 234 -36.52 101.26 44.04
N LEU L 235 -37.41 102.23 44.25
CA LEU L 235 -37.44 102.96 45.52
C LEU L 235 -37.94 101.95 46.55
N ILE L 236 -37.35 101.98 47.74
CA ILE L 236 -37.75 101.09 48.83
C ILE L 236 -38.70 101.81 49.79
N PRO L 237 -39.90 101.26 50.04
CA PRO L 237 -40.88 101.89 50.93
C PRO L 237 -40.36 102.18 52.32
N GLN L 238 -40.69 103.37 52.82
CA GLN L 238 -40.26 103.82 54.13
C GLN L 238 -41.47 103.71 55.03
N ILE L 239 -41.26 103.86 56.33
CA ILE L 239 -42.34 103.91 57.31
C ILE L 239 -42.44 105.34 57.85
N PRO L 240 -43.58 106.03 57.71
CA PRO L 240 -43.65 107.40 58.24
C PRO L 240 -43.54 107.47 59.77
N VAL M 27 46.08 -88.61 34.80
CA VAL M 27 45.77 -87.75 33.68
C VAL M 27 45.40 -88.57 32.45
N ASN M 28 44.48 -88.02 31.67
CA ASN M 28 44.07 -88.57 30.38
C ASN M 28 44.68 -87.69 29.31
N LYS M 29 44.80 -88.24 28.10
CA LYS M 29 45.32 -87.41 27.03
C LYS M 29 44.38 -86.23 26.83
N ARG M 30 44.96 -85.12 26.40
CA ARG M 30 44.23 -83.90 26.15
C ARG M 30 44.30 -83.65 24.65
N MET M 31 43.45 -82.75 24.18
CA MET M 31 43.53 -82.43 22.78
C MET M 31 44.82 -81.63 22.66
N SER M 32 45.64 -81.94 21.65
CA SER M 32 46.84 -81.13 21.46
C SER M 32 47.22 -81.10 20.00
N MET M 33 47.24 -79.90 19.42
CA MET M 33 47.49 -79.73 17.99
C MET M 33 48.79 -78.99 17.76
N VAL M 34 49.42 -79.27 16.63
CA VAL M 34 50.44 -78.42 16.04
C VAL M 34 50.06 -78.20 14.60
N VAL M 35 50.51 -77.07 14.05
CA VAL M 35 50.19 -76.74 12.67
C VAL M 35 51.48 -76.61 11.88
N SER M 36 51.34 -76.76 10.57
CA SER M 36 52.49 -76.72 9.67
C SER M 36 51.96 -76.24 8.33
N GLY M 37 52.69 -75.32 7.72
CA GLY M 37 52.34 -74.83 6.40
C GLY M 37 51.28 -73.76 6.43
N LEU M 38 50.89 -73.29 7.61
CA LEU M 38 49.87 -72.25 7.76
C LEU M 38 50.47 -70.87 7.87
N THR M 39 49.77 -69.92 7.27
CA THR M 39 50.09 -68.54 7.53
C THR M 39 49.68 -68.25 8.97
N PRO M 40 50.25 -67.21 9.59
CA PRO M 40 49.87 -66.89 10.97
C PRO M 40 48.37 -66.71 11.22
N GLU M 41 47.67 -66.02 10.31
CA GLU M 41 46.23 -65.73 10.50
C GLU M 41 45.43 -67.02 10.67
N GLU M 42 45.81 -68.07 9.94
CA GLU M 42 45.14 -69.34 10.10
C GLU M 42 45.38 -69.93 11.48
N PHE M 43 46.59 -69.79 12.02
CA PHE M 43 46.87 -70.31 13.36
C PHE M 43 46.03 -69.59 14.40
N MET M 44 45.87 -68.28 14.26
CA MET M 44 45.14 -67.48 15.25
C MET M 44 43.67 -67.87 15.28
N LEU M 45 43.13 -68.25 14.11
CA LEU M 45 41.75 -68.69 14.04
C LEU M 45 41.61 -69.96 14.87
N VAL M 46 42.61 -70.83 14.77
CA VAL M 46 42.64 -72.02 15.59
C VAL M 46 42.87 -71.64 17.04
N TYR M 47 43.69 -70.61 17.29
CA TYR M 47 43.93 -70.21 18.67
C TYR M 47 42.63 -69.74 19.32
N LYS M 48 41.83 -68.95 18.61
CA LYS M 48 40.51 -68.58 19.15
C LYS M 48 39.66 -69.82 19.32
N PHE M 49 39.75 -70.73 18.34
CA PHE M 49 39.03 -72.00 18.40
C PHE M 49 39.54 -72.80 19.58
N ALA M 50 40.86 -72.93 19.67
CA ALA M 50 41.49 -73.66 20.74
C ALA M 50 41.19 -72.98 22.06
N ARG M 51 41.15 -71.64 22.03
CA ARG M 51 40.82 -70.91 23.23
C ARG M 51 39.40 -71.22 23.63
N LYS M 52 38.49 -71.19 22.66
CA LYS M 52 37.10 -71.41 23.02
C LYS M 52 36.93 -72.83 23.55
N HIS M 53 37.53 -73.81 22.88
CA HIS M 53 37.44 -75.20 23.29
C HIS M 53 38.69 -75.75 23.99
N HIS M 54 39.46 -74.91 24.69
CA HIS M 54 40.60 -75.32 25.54
C HIS M 54 41.49 -76.42 24.95
N ILE M 55 41.84 -76.28 23.68
CA ILE M 55 42.69 -77.28 23.01
C ILE M 55 44.14 -76.82 23.10
N THR M 56 45.03 -77.74 23.48
CA THR M 56 46.45 -77.43 23.53
C THR M 56 47.00 -77.21 22.12
N LEU M 57 47.75 -76.13 21.93
CA LEU M 57 48.30 -75.82 20.62
C LEU M 57 49.71 -75.28 20.82
N THR M 58 50.71 -75.96 20.27
CA THR M 58 52.11 -75.56 20.43
C THR M 58 52.73 -75.23 19.07
N ASN M 59 53.88 -74.56 19.11
CA ASN M 59 54.59 -74.17 17.90
C ASN M 59 55.74 -75.08 17.52
N LEU M 60 56.17 -75.95 18.42
CA LEU M 60 57.20 -76.95 18.13
C LEU M 60 56.57 -78.29 18.39
N ILE M 61 56.77 -79.25 17.50
CA ILE M 61 56.10 -80.53 17.67
C ILE M 61 56.96 -81.39 18.58
N THR M 62 56.33 -81.96 19.59
CA THR M 62 56.98 -82.79 20.59
C THR M 62 56.14 -84.04 20.79
N GLU M 63 56.61 -84.89 21.69
CA GLU M 63 55.88 -86.09 22.07
C GLU M 63 54.56 -85.73 22.74
N GLU M 64 54.48 -84.57 23.40
CA GLU M 64 53.24 -84.20 24.07
C GLU M 64 52.20 -83.78 23.04
N THR M 65 52.62 -83.40 21.86
CA THR M 65 51.72 -83.07 20.78
C THR M 65 50.97 -84.33 20.38
N THR M 66 49.65 -84.21 20.24
CA THR M 66 48.81 -85.35 19.92
C THR M 66 48.23 -85.25 18.53
N HIS M 67 48.09 -84.02 18.01
CA HIS M 67 47.50 -83.74 16.71
C HIS M 67 48.45 -82.90 15.89
N VAL M 68 48.55 -83.23 14.60
CA VAL M 68 49.33 -82.44 13.64
C VAL M 68 48.35 -81.99 12.58
N VAL M 69 48.16 -80.68 12.49
CA VAL M 69 47.18 -80.06 11.61
C VAL M 69 47.86 -79.56 10.33
N MET M 70 47.51 -80.14 9.19
CA MET M 70 48.12 -79.76 7.93
C MET M 70 47.15 -78.91 7.12
N LYS M 71 47.72 -77.96 6.38
CA LYS M 71 46.96 -77.15 5.42
C LYS M 71 46.74 -77.97 4.15
N THR M 72 45.48 -78.19 3.73
CA THR M 72 45.21 -79.05 2.57
C THR M 72 44.29 -78.38 1.56
N ASP M 73 44.12 -79.05 0.42
CA ASP M 73 43.14 -78.72 -0.62
C ASP M 73 41.83 -79.47 -0.37
N ALA M 74 40.93 -79.44 -1.36
CA ALA M 74 39.62 -80.09 -1.22
C ALA M 74 39.70 -81.60 -1.10
N GLU M 75 40.77 -82.24 -1.59
CA GLU M 75 40.88 -83.69 -1.53
C GLU M 75 41.77 -84.12 -0.38
N PHE M 76 42.01 -83.22 0.58
CA PHE M 76 42.77 -83.53 1.79
C PHE M 76 44.19 -83.95 1.40
N VAL M 77 44.81 -83.14 0.55
CA VAL M 77 46.18 -83.31 0.10
C VAL M 77 46.94 -82.08 0.57
N CYS M 78 48.07 -82.30 1.24
CA CYS M 78 48.84 -81.25 1.89
C CYS M 78 50.24 -81.16 1.30
N GLU M 79 51.01 -80.21 1.82
CA GLU M 79 52.42 -80.06 1.47
C GLU M 79 53.26 -80.94 2.40
N ARG M 80 54.49 -81.17 1.98
CA ARG M 80 55.45 -81.95 2.73
C ARG M 80 56.30 -81.05 3.63
N THR M 81 55.99 -81.06 4.92
CA THR M 81 56.70 -80.30 5.94
C THR M 81 57.39 -81.23 6.93
N LEU M 82 58.25 -80.64 7.77
CA LEU M 82 58.91 -81.43 8.80
C LEU M 82 57.89 -82.01 9.78
N LYS M 83 56.88 -81.21 10.16
CA LYS M 83 55.86 -81.69 11.08
C LYS M 83 54.96 -82.72 10.41
N TYR M 84 54.79 -82.65 9.09
CA TYR M 84 54.00 -83.67 8.42
C TYR M 84 54.69 -85.01 8.55
N PHE M 85 55.97 -85.06 8.21
CA PHE M 85 56.75 -86.29 8.35
C PHE M 85 56.83 -86.70 9.81
N LEU M 86 57.19 -85.75 10.69
CA LEU M 86 57.31 -86.08 12.10
C LEU M 86 55.97 -86.52 12.66
N GLY M 87 54.89 -85.94 12.12
CA GLY M 87 53.55 -86.35 12.51
C GLY M 87 53.29 -87.78 12.12
N ILE M 88 53.69 -88.15 10.90
CA ILE M 88 53.52 -89.51 10.41
C ILE M 88 54.39 -90.45 11.21
N ALA M 89 55.66 -90.07 11.43
CA ALA M 89 56.58 -90.93 12.17
C ALA M 89 56.09 -91.24 13.57
N GLY M 90 55.43 -90.28 14.22
CA GLY M 90 54.92 -90.43 15.58
C GLY M 90 53.51 -90.94 15.69
N GLY M 91 52.86 -91.26 14.58
CA GLY M 91 51.52 -91.78 14.61
C GLY M 91 50.52 -90.80 15.15
N LYS M 92 50.79 -89.50 14.99
CA LYS M 92 49.93 -88.46 15.51
C LYS M 92 48.83 -88.22 14.49
N TRP M 93 47.81 -87.53 14.95
CA TRP M 93 46.66 -87.29 14.10
C TRP M 93 47.12 -86.28 13.06
N VAL M 94 47.16 -86.67 11.78
CA VAL M 94 47.57 -85.73 10.74
C VAL M 94 46.27 -85.39 10.04
N VAL M 95 45.78 -84.19 10.29
CA VAL M 95 44.47 -83.77 9.80
C VAL M 95 44.60 -82.50 9.00
N SER M 96 43.56 -82.22 8.24
CA SER M 96 43.59 -81.07 7.39
C SER M 96 43.28 -79.85 8.23
N TYR M 97 43.81 -78.70 7.81
CA TYR M 97 43.54 -77.46 8.52
C TYR M 97 42.05 -77.13 8.48
N PHE M 98 41.33 -77.66 7.52
CA PHE M 98 39.93 -77.37 7.33
C PHE M 98 39.06 -77.82 8.50
N TRP M 99 39.53 -78.67 9.40
CA TRP M 99 38.68 -79.01 10.55
C TRP M 99 38.35 -77.82 11.44
N VAL M 100 39.28 -76.89 11.64
CA VAL M 100 38.94 -75.77 12.51
C VAL M 100 38.03 -74.80 11.79
N THR M 101 38.43 -74.33 10.60
CA THR M 101 37.62 -73.34 9.91
C THR M 101 36.26 -73.92 9.61
N GLN M 102 36.20 -75.21 9.30
CA GLN M 102 34.93 -75.85 9.04
C GLN M 102 34.14 -75.99 10.34
N SER M 103 34.83 -76.26 11.45
CA SER M 103 34.11 -76.35 12.71
C SER M 103 33.55 -74.99 13.07
N ILE M 104 34.29 -73.92 12.78
CA ILE M 104 33.81 -72.56 12.98
C ILE M 104 32.73 -72.21 11.93
N LYS M 105 33.00 -72.55 10.67
CA LYS M 105 32.11 -72.27 9.53
C LYS M 105 30.75 -72.94 9.69
N GLU M 106 30.72 -74.12 10.32
CA GLU M 106 29.54 -74.95 10.50
C GLU M 106 29.00 -74.94 11.92
N ARG M 107 29.59 -74.13 12.80
CA ARG M 107 29.18 -73.98 14.19
C ARG M 107 29.24 -75.30 14.94
N LYS M 108 30.02 -76.26 14.49
CA LYS M 108 30.20 -77.51 15.20
C LYS M 108 31.66 -77.73 15.54
N MET M 109 31.91 -78.78 16.32
CA MET M 109 33.27 -79.30 16.57
C MET M 109 33.21 -80.58 15.73
N LEU M 110 33.49 -80.45 14.44
CA LEU M 110 33.37 -81.61 13.56
C LEU M 110 34.44 -82.67 13.86
N ASN M 111 34.22 -83.86 13.32
CA ASN M 111 35.12 -84.97 13.55
C ASN M 111 36.40 -84.80 12.74
N GLU M 112 37.56 -84.88 13.42
CA GLU M 112 38.83 -84.67 12.75
C GLU M 112 39.11 -85.77 11.73
N HIS M 113 38.82 -87.05 12.08
CA HIS M 113 39.09 -88.19 11.21
C HIS M 113 38.65 -87.97 9.77
N ASP M 114 37.58 -87.21 9.58
CA ASP M 114 37.09 -86.87 8.25
C ASP M 114 38.07 -85.98 7.50
N PHE M 115 39.03 -85.37 8.20
CA PHE M 115 39.95 -84.42 7.63
C PHE M 115 41.38 -84.93 7.59
N GLU M 116 41.58 -86.25 7.68
CA GLU M 116 42.93 -86.77 7.59
C GLU M 116 43.50 -86.51 6.20
N VAL M 117 44.72 -85.98 6.14
CA VAL M 117 45.26 -85.72 4.82
C VAL M 117 45.57 -87.06 4.15
N ARG M 118 45.26 -87.17 2.86
CA ARG M 118 45.35 -88.44 2.15
C ARG M 118 46.61 -88.59 1.32
N GLY M 119 47.23 -87.50 0.91
CA GLY M 119 48.45 -87.60 0.14
C GLY M 119 49.09 -86.25 -0.09
N ASP M 120 50.11 -86.24 -0.95
CA ASP M 120 50.83 -85.02 -1.27
C ASP M 120 51.06 -84.89 -2.78
N VAL M 121 51.50 -83.70 -3.20
CA VAL M 121 51.63 -83.37 -4.62
C VAL M 121 52.86 -83.95 -5.32
N VAL M 122 53.66 -84.74 -4.62
CA VAL M 122 54.89 -85.32 -5.18
C VAL M 122 54.81 -86.83 -5.30
N ASN M 123 54.36 -87.50 -4.25
CA ASN M 123 54.42 -88.93 -4.10
C ASN M 123 53.10 -89.64 -4.37
N GLY M 124 52.05 -88.90 -4.72
CA GLY M 124 50.74 -89.46 -5.03
C GLY M 124 49.60 -88.68 -4.40
N ARG M 125 48.47 -88.64 -5.12
CA ARG M 125 47.31 -87.85 -4.73
C ARG M 125 46.40 -88.53 -3.71
N ASN M 126 46.60 -89.81 -3.46
CA ASN M 126 45.79 -90.56 -2.51
C ASN M 126 46.62 -91.71 -1.94
N HIS M 127 47.85 -91.44 -1.54
CA HIS M 127 48.68 -92.55 -1.08
C HIS M 127 48.47 -92.91 0.38
N GLN M 128 47.66 -92.14 1.12
CA GLN M 128 47.27 -92.48 2.49
C GLN M 128 48.45 -92.74 3.42
N GLY M 129 49.56 -92.02 3.23
CA GLY M 129 50.71 -92.22 4.07
C GLY M 129 50.39 -92.01 5.54
N PRO M 130 49.92 -90.82 5.89
CA PRO M 130 49.53 -90.56 7.29
C PRO M 130 48.54 -91.56 7.85
N LYS M 131 47.51 -91.92 7.06
CA LYS M 131 46.52 -92.87 7.57
C LYS M 131 47.16 -94.21 7.87
N ARG M 132 47.97 -94.74 6.96
CA ARG M 132 48.60 -96.02 7.28
C ARG M 132 49.58 -95.81 8.43
N ALA M 133 50.25 -94.65 8.45
CA ALA M 133 51.21 -94.35 9.48
C ALA M 133 50.60 -94.31 10.87
N ARG M 134 49.41 -93.71 11.01
CA ARG M 134 48.82 -93.71 12.34
C ARG M 134 48.45 -95.13 12.73
N GLU M 135 48.01 -95.91 11.76
CA GLU M 135 47.43 -97.22 12.01
C GLU M 135 48.49 -98.32 11.94
N SER M 136 49.76 -97.96 11.71
CA SER M 136 50.83 -98.93 11.52
C SER M 136 52.08 -98.56 12.31
N GLN M 137 51.91 -97.92 13.46
CA GLN M 137 53.04 -97.52 14.28
C GLN M 137 53.77 -98.70 14.90
N ASP M 138 53.17 -99.89 14.87
CA ASP M 138 53.79 -101.10 15.36
C ASP M 138 54.76 -101.72 14.35
N ARG M 139 54.70 -101.32 13.08
CA ARG M 139 55.60 -101.85 12.06
C ARG M 139 56.12 -100.67 11.23
N LYS M 140 56.93 -99.85 11.89
CA LYS M 140 57.49 -98.66 11.28
C LYS M 140 58.39 -99.03 10.13
N ILE M 141 58.41 -98.20 9.08
CA ILE M 141 59.08 -98.68 7.87
C ILE M 141 60.59 -98.75 8.08
N PHE M 142 61.18 -97.92 8.97
CA PHE M 142 62.62 -97.97 9.14
C PHE M 142 63.00 -98.62 10.47
N ARG M 143 62.08 -99.41 11.07
CA ARG M 143 62.40 -100.12 12.30
C ARG M 143 63.50 -101.15 12.04
N GLY M 144 64.56 -101.12 12.87
CA GLY M 144 65.63 -102.09 12.72
C GLY M 144 66.72 -101.70 11.74
N LEU M 145 66.77 -100.42 11.38
CA LEU M 145 67.74 -99.82 10.47
C LEU M 145 68.60 -98.90 11.34
N GLU M 146 69.88 -98.76 10.99
CA GLU M 146 70.79 -97.85 11.70
C GLU M 146 71.17 -96.63 10.88
N ILE M 147 70.70 -95.47 11.35
CA ILE M 147 70.83 -94.19 10.66
C ILE M 147 71.79 -93.30 11.46
N CYS M 148 72.78 -92.71 10.77
CA CYS M 148 73.69 -91.72 11.33
C CYS M 148 73.39 -90.38 10.66
N CYS M 149 72.92 -89.43 11.45
CA CYS M 149 72.64 -88.06 11.02
C CYS M 149 73.89 -87.18 11.01
N TYR M 150 74.52 -87.03 9.85
CA TYR M 150 75.79 -86.32 9.72
C TYR M 150 75.55 -84.83 9.52
N GLY M 151 75.81 -84.04 10.57
CA GLY M 151 75.53 -82.64 10.52
C GLY M 151 76.35 -81.93 9.45
N PRO M 152 76.03 -80.66 9.16
CA PRO M 152 74.99 -79.81 9.73
C PRO M 152 73.80 -80.07 8.84
N PHE M 153 72.64 -79.48 9.10
CA PHE M 153 71.46 -79.66 8.28
C PHE M 153 70.72 -78.36 8.11
N THR M 154 70.00 -78.28 7.01
CA THR M 154 69.17 -77.16 6.63
C THR M 154 67.75 -77.69 6.48
N ASN M 155 66.79 -76.83 6.82
CA ASN M 155 65.36 -77.08 6.70
C ASN M 155 64.89 -78.26 7.56
N MET M 156 65.75 -78.82 8.39
CA MET M 156 65.35 -79.90 9.27
C MET M 156 66.37 -79.97 10.41
N PRO M 157 66.03 -79.58 11.64
CA PRO M 157 66.99 -79.70 12.74
C PRO M 157 67.50 -81.14 12.84
N THR M 158 68.78 -81.30 13.18
CA THR M 158 69.33 -82.64 13.30
C THR M 158 68.58 -83.44 14.35
N ASP M 159 68.26 -82.82 15.49
CA ASP M 159 67.58 -83.56 16.53
C ASP M 159 66.15 -83.89 16.12
N GLN M 160 65.62 -83.20 15.10
CA GLN M 160 64.29 -83.50 14.59
C GLN M 160 64.37 -84.65 13.61
N LEU M 161 65.43 -84.69 12.78
CA LEU M 161 65.62 -85.85 11.92
C LEU M 161 65.93 -87.07 12.75
N GLU M 162 66.70 -86.89 13.82
CA GLU M 162 66.95 -88.00 14.73
C GLU M 162 65.66 -88.44 15.39
N TRP M 163 64.81 -87.48 15.80
CA TRP M 163 63.53 -87.87 16.38
C TRP M 163 62.69 -88.57 15.32
N MET M 164 62.76 -88.12 14.06
CA MET M 164 61.97 -88.74 13.00
C MET M 164 62.35 -90.20 12.82
N VAL M 165 63.64 -90.47 12.65
CA VAL M 165 64.03 -91.86 12.46
C VAL M 165 63.86 -92.59 13.77
N GLN M 166 64.00 -91.90 14.90
CA GLN M 166 63.69 -92.52 16.18
C GLN M 166 62.21 -92.90 16.17
N LEU M 167 61.37 -91.95 15.74
CA LEU M 167 59.94 -92.18 15.66
C LEU M 167 59.62 -93.23 14.61
N CYS M 168 60.52 -93.46 13.65
CA CYS M 168 60.33 -94.46 12.61
C CYS M 168 61.07 -95.75 12.92
N GLY M 169 61.61 -95.90 14.13
CA GLY M 169 62.17 -97.16 14.57
C GLY M 169 63.65 -97.34 14.32
N ALA M 170 64.34 -96.34 13.76
CA ALA M 170 65.76 -96.46 13.49
C ALA M 170 66.61 -96.29 14.75
N SER M 171 67.82 -96.85 14.68
CA SER M 171 68.82 -96.77 15.73
C SER M 171 69.89 -95.73 15.40
N VAL M 172 70.04 -94.75 16.29
CA VAL M 172 70.92 -93.60 16.14
C VAL M 172 72.35 -94.04 16.47
N VAL M 173 73.30 -93.64 15.62
CA VAL M 173 74.72 -93.95 15.78
C VAL M 173 75.46 -92.63 15.96
N LYS M 174 76.22 -92.53 17.07
CA LYS M 174 76.80 -91.27 17.51
C LYS M 174 78.04 -90.81 16.72
N GLU M 175 78.96 -91.71 16.42
CA GLU M 175 80.21 -91.42 15.71
C GLU M 175 80.47 -92.41 14.59
N LEU M 176 81.19 -91.98 13.54
CA LEU M 176 81.44 -92.91 12.42
C LEU M 176 82.17 -94.14 12.92
N SER M 177 83.06 -93.99 13.91
CA SER M 177 83.78 -95.15 14.42
C SER M 177 82.87 -96.05 15.24
N SER M 178 81.72 -95.53 15.66
CA SER M 178 80.78 -96.22 16.54
C SER M 178 79.78 -97.04 15.73
N PHE M 179 79.97 -97.11 14.41
CA PHE M 179 79.07 -97.85 13.55
C PHE M 179 79.12 -99.31 13.92
N THR M 180 77.94 -99.94 14.01
CA THR M 180 77.90 -101.36 14.27
C THR M 180 78.32 -102.14 13.03
N LEU M 181 79.19 -103.14 13.22
CA LEU M 181 79.62 -104.01 12.13
C LEU M 181 78.85 -105.33 12.20
N GLY M 182 78.09 -105.66 11.16
CA GLY M 182 77.30 -106.89 11.20
C GLY M 182 76.45 -107.04 9.97
N THR M 183 76.04 -108.29 9.72
CA THR M 183 75.19 -108.57 8.58
C THR M 183 73.75 -108.17 8.81
N GLY M 184 73.26 -108.27 10.05
CA GLY M 184 71.86 -107.98 10.32
C GLY M 184 71.57 -106.51 10.51
N VAL M 185 72.60 -105.72 10.76
CA VAL M 185 72.48 -104.30 11.01
C VAL M 185 72.53 -103.61 9.66
N HIS M 186 71.72 -102.57 9.50
CA HIS M 186 71.72 -101.79 8.26
C HIS M 186 72.16 -100.38 8.61
N PRO M 187 73.44 -100.06 8.44
CA PRO M 187 73.91 -98.71 8.75
C PRO M 187 73.59 -97.79 7.58
N ILE M 188 73.18 -96.56 7.91
CA ILE M 188 72.87 -95.57 6.89
C ILE M 188 73.35 -94.19 7.36
N VAL M 189 74.07 -93.50 6.49
CA VAL M 189 74.50 -92.13 6.72
C VAL M 189 73.58 -91.29 5.85
N VAL M 190 72.85 -90.34 6.45
CA VAL M 190 71.89 -89.53 5.69
C VAL M 190 72.39 -88.10 5.63
N VAL M 191 72.56 -87.63 4.40
CA VAL M 191 72.99 -86.29 4.06
C VAL M 191 72.05 -85.77 2.99
N GLN M 192 72.11 -84.45 2.76
CA GLN M 192 71.34 -83.81 1.69
C GLN M 192 72.43 -83.21 0.81
N PRO M 193 72.77 -83.85 -0.33
CA PRO M 193 73.88 -83.36 -1.17
C PRO M 193 73.78 -81.90 -1.59
N ASP M 194 72.57 -81.37 -1.75
CA ASP M 194 72.41 -79.97 -2.14
C ASP M 194 73.03 -79.00 -1.13
N ALA M 195 72.95 -79.28 0.17
CA ALA M 195 73.38 -78.30 1.17
C ALA M 195 74.89 -78.05 1.23
N TRP M 196 75.73 -79.01 0.83
CA TRP M 196 77.18 -78.81 0.91
C TRP M 196 77.77 -77.90 -0.17
N THR M 197 78.57 -76.93 0.30
CA THR M 197 79.23 -75.94 -0.56
C THR M 197 80.72 -75.80 -0.25
N GLU M 198 81.19 -76.13 0.96
CA GLU M 198 82.59 -75.94 1.34
C GLU M 198 83.44 -77.20 1.21
N ASP M 199 82.83 -78.39 1.06
CA ASP M 199 83.53 -79.64 1.22
C ASP M 199 82.88 -80.69 0.33
N ASN M 200 83.67 -81.69 -0.06
CA ASN M 200 83.19 -82.86 -0.79
C ASN M 200 83.07 -84.12 0.07
N GLY M 201 82.78 -83.98 1.35
CA GLY M 201 82.87 -85.13 2.23
C GLY M 201 81.87 -86.26 2.05
N PHE M 202 80.69 -86.04 1.42
CA PHE M 202 79.77 -87.19 1.42
C PHE M 202 80.19 -88.29 0.45
N HIS M 203 81.12 -88.03 -0.46
CA HIS M 203 81.66 -89.03 -1.37
C HIS M 203 82.81 -89.82 -0.77
N ALA M 204 83.20 -89.49 0.47
CA ALA M 204 84.36 -90.09 1.10
C ALA M 204 83.94 -90.98 2.27
N ILE M 205 82.64 -91.05 2.55
CA ILE M 205 82.14 -91.83 3.67
C ILE M 205 82.43 -93.30 3.44
N GLY M 206 82.38 -93.76 2.19
CA GLY M 206 82.69 -95.15 1.92
C GLY M 206 84.09 -95.54 2.31
N GLN M 207 85.02 -94.58 2.36
CA GLN M 207 86.37 -94.89 2.81
C GLN M 207 86.44 -94.96 4.32
N MET M 208 85.48 -94.31 5.01
CA MET M 208 85.43 -94.24 6.45
C MET M 208 84.54 -95.29 7.08
N CYS M 209 83.64 -95.90 6.31
CA CYS M 209 82.75 -96.90 6.87
C CYS M 209 82.24 -97.85 5.80
N GLU M 210 81.69 -98.95 6.26
CA GLU M 210 81.09 -100.01 5.46
C GLU M 210 79.58 -99.82 5.51
N ALA M 211 79.04 -98.85 4.76
CA ALA M 211 77.60 -98.64 4.83
C ALA M 211 77.08 -97.91 3.60
N PRO M 212 75.85 -98.21 3.15
CA PRO M 212 75.27 -97.44 2.04
C PRO M 212 75.01 -96.00 2.48
N VAL M 213 75.19 -95.07 1.54
CA VAL M 213 74.93 -93.65 1.77
C VAL M 213 73.84 -93.21 0.80
N VAL M 214 72.72 -92.72 1.34
CA VAL M 214 71.59 -92.30 0.52
C VAL M 214 71.19 -90.89 0.94
N THR M 215 70.44 -90.22 0.06
CA THR M 215 70.00 -88.86 0.34
C THR M 215 68.87 -88.85 1.36
N ARG M 216 68.64 -87.67 1.93
CA ARG M 216 67.53 -87.51 2.86
C ARG M 216 66.20 -87.74 2.16
N GLU M 217 66.15 -87.46 0.85
CA GLU M 217 64.91 -87.62 0.08
C GLU M 217 64.40 -89.06 0.10
N TRP M 218 65.28 -90.03 0.34
CA TRP M 218 64.82 -91.40 0.46
C TRP M 218 63.90 -91.52 1.65
N VAL M 219 64.31 -90.93 2.77
CA VAL M 219 63.49 -90.90 3.98
C VAL M 219 62.23 -90.08 3.72
N LEU M 220 62.40 -88.87 3.19
CA LEU M 220 61.27 -87.97 2.95
C LEU M 220 60.22 -88.63 2.07
N ASP M 221 60.65 -89.26 0.99
CA ASP M 221 59.70 -89.97 0.14
C ASP M 221 59.11 -91.16 0.89
N SER M 222 59.95 -91.89 1.63
CA SER M 222 59.51 -93.05 2.39
C SER M 222 58.53 -92.68 3.49
N VAL M 223 58.81 -91.58 4.20
CA VAL M 223 57.94 -91.14 5.29
C VAL M 223 56.61 -90.64 4.74
N ALA M 224 56.64 -89.82 3.69
CA ALA M 224 55.41 -89.24 3.15
C ALA M 224 54.45 -90.35 2.74
N LEU M 225 54.98 -91.45 2.21
CA LEU M 225 54.19 -92.60 1.81
C LEU M 225 54.03 -93.65 2.89
N TYR M 226 54.77 -93.57 3.99
CA TYR M 226 54.92 -94.69 4.90
C TYR M 226 55.12 -96.01 4.13
N GLN M 227 56.16 -96.01 3.31
CA GLN M 227 56.57 -97.23 2.64
C GLN M 227 58.05 -97.09 2.30
N CYS M 228 58.83 -98.10 2.69
CA CYS M 228 60.29 -98.03 2.58
C CYS M 228 60.66 -98.00 1.10
N GLN M 229 61.23 -96.90 0.63
CA GLN M 229 61.56 -96.81 -0.78
C GLN M 229 62.82 -97.62 -1.06
N GLU M 230 62.95 -98.06 -2.30
CA GLU M 230 64.15 -98.77 -2.73
C GLU M 230 65.36 -97.85 -2.80
N LEU M 231 66.49 -98.32 -2.28
CA LEU M 231 67.70 -97.50 -2.24
C LEU M 231 68.32 -97.32 -3.63
N ASP M 232 67.97 -98.21 -4.57
CA ASP M 232 68.62 -98.25 -5.89
C ASP M 232 68.72 -96.89 -6.56
N THR M 233 67.61 -96.17 -6.65
CA THR M 233 67.63 -94.89 -7.36
C THR M 233 68.25 -93.79 -6.51
N TYR M 234 68.30 -93.97 -5.20
CA TYR M 234 68.80 -92.98 -4.25
C TYR M 234 70.21 -93.26 -3.73
N LEU M 235 70.88 -94.31 -4.21
CA LEU M 235 72.20 -94.66 -3.68
C LEU M 235 73.14 -93.55 -4.13
N ILE M 236 74.03 -93.11 -3.25
CA ILE M 236 75.01 -92.08 -3.57
C ILE M 236 76.34 -92.74 -3.89
N PRO M 237 76.93 -92.48 -5.08
CA PRO M 237 78.21 -93.11 -5.46
C PRO M 237 79.35 -92.82 -4.49
N GLN M 238 80.10 -93.88 -4.16
CA GLN M 238 81.22 -93.80 -3.24
C GLN M 238 82.49 -93.94 -4.07
N ILE M 239 83.63 -93.69 -3.43
CA ILE M 239 84.94 -93.91 -4.04
C ILE M 239 85.59 -95.09 -3.30
N PRO M 240 85.94 -96.20 -4.00
CA PRO M 240 86.56 -97.30 -3.26
C PRO M 240 87.92 -96.96 -2.67
N VAL N 27 67.38 -86.29 27.03
CA VAL N 27 66.99 -84.97 26.56
C VAL N 27 67.08 -83.96 27.70
N ASN N 28 67.46 -82.73 27.38
CA ASN N 28 67.47 -81.64 28.33
C ASN N 28 66.33 -80.68 28.04
N LYS N 29 65.95 -79.91 29.06
CA LYS N 29 64.91 -78.91 28.90
C LYS N 29 65.31 -77.83 27.89
N ARG N 30 64.31 -77.28 27.22
CA ARG N 30 64.45 -76.21 26.24
C ARG N 30 63.78 -74.96 26.76
N MET N 31 64.07 -73.83 26.15
CA MET N 31 63.40 -72.60 26.54
C MET N 31 61.97 -72.76 26.04
N SER N 32 61.00 -72.39 26.87
CA SER N 32 59.61 -72.46 26.45
C SER N 32 58.73 -71.42 27.12
N MET N 33 58.08 -70.58 26.31
CA MET N 33 57.27 -69.47 26.78
C MET N 33 55.81 -69.75 26.49
N VAL N 34 54.96 -69.16 27.31
CA VAL N 34 53.54 -68.96 27.04
C VAL N 34 53.26 -67.49 27.33
N VAL N 35 52.22 -66.97 26.70
CA VAL N 35 51.86 -65.59 26.89
C VAL N 35 50.47 -65.57 27.48
N SER N 36 50.15 -64.45 28.13
CA SER N 36 48.88 -64.34 28.81
C SER N 36 48.47 -62.88 28.88
N GLY N 37 47.21 -62.63 28.59
CA GLY N 37 46.70 -61.29 28.69
C GLY N 37 46.98 -60.51 27.44
N LEU N 38 47.50 -61.16 26.40
CA LEU N 38 47.83 -60.50 25.15
C LEU N 38 46.70 -60.58 24.15
N THR N 39 46.56 -59.49 23.42
CA THR N 39 45.71 -59.45 22.26
C THR N 39 46.39 -60.31 21.20
N PRO N 40 45.64 -60.77 20.19
CA PRO N 40 46.27 -61.61 19.16
C PRO N 40 47.52 -61.00 18.54
N GLU N 41 47.51 -59.71 18.20
CA GLU N 41 48.68 -59.12 17.58
C GLU N 41 49.89 -59.23 18.49
N GLU N 42 49.67 -59.03 19.80
CA GLU N 42 50.77 -59.19 20.74
C GLU N 42 51.20 -60.65 20.80
N PHE N 43 50.21 -61.54 20.73
CA PHE N 43 50.50 -62.96 20.74
C PHE N 43 51.32 -63.26 19.49
N MET N 44 50.99 -62.60 18.39
CA MET N 44 51.67 -62.82 17.13
C MET N 44 53.12 -62.41 17.23
N LEU N 45 53.41 -61.35 17.99
CA LEU N 45 54.80 -60.97 18.13
C LEU N 45 55.56 -62.04 18.88
N VAL N 46 54.95 -62.57 19.95
CA VAL N 46 55.62 -63.63 20.67
C VAL N 46 55.62 -64.89 19.82
N TYR N 47 54.51 -65.12 19.11
CA TYR N 47 54.40 -66.30 18.26
C TYR N 47 55.43 -66.23 17.15
N LYS N 48 55.55 -65.06 16.53
CA LYS N 48 56.58 -64.85 15.53
C LYS N 48 57.96 -64.98 16.15
N PHE N 49 58.11 -64.42 17.34
CA PHE N 49 59.36 -64.49 18.07
C PHE N 49 59.79 -65.89 18.45
N ALA N 50 58.89 -66.63 19.09
CA ALA N 50 59.25 -67.98 19.53
C ALA N 50 59.58 -68.86 18.34
N ARG N 51 58.85 -68.66 17.25
CA ARG N 51 59.12 -69.43 16.03
C ARG N 51 60.50 -69.11 15.49
N LYS N 52 60.83 -67.81 15.41
CA LYS N 52 62.09 -67.41 14.81
C LYS N 52 63.25 -67.92 15.65
N HIS N 53 63.12 -67.80 16.97
CA HIS N 53 64.18 -68.23 17.88
C HIS N 53 63.88 -69.59 18.52
N HIS N 54 63.17 -70.46 17.79
CA HIS N 54 62.90 -71.85 18.16
C HIS N 54 62.56 -72.09 19.63
N ILE N 55 61.70 -71.24 20.18
CA ILE N 55 61.27 -71.37 21.57
C ILE N 55 59.97 -72.15 21.51
N THR N 56 59.82 -73.16 22.36
CA THR N 56 58.54 -73.86 22.40
C THR N 56 57.51 -72.89 22.94
N LEU N 57 56.38 -72.79 22.26
CA LEU N 57 55.35 -71.84 22.65
C LEU N 57 53.99 -72.49 22.49
N THR N 58 53.25 -72.57 23.59
CA THR N 58 51.95 -73.21 23.63
C THR N 58 50.88 -72.20 24.02
N ASN N 59 49.63 -72.60 23.78
CA ASN N 59 48.46 -71.79 24.08
C ASN N 59 47.83 -72.19 25.40
N LEU N 60 48.24 -73.32 25.96
CA LEU N 60 47.82 -73.79 27.26
C LEU N 60 49.12 -73.91 28.03
N ILE N 61 49.13 -73.42 29.27
CA ILE N 61 50.37 -73.42 30.02
C ILE N 61 50.48 -74.77 30.68
N THR N 62 51.63 -75.41 30.53
CA THR N 62 51.87 -76.73 31.07
C THR N 62 53.21 -76.72 31.79
N GLU N 63 53.54 -77.89 32.32
CA GLU N 63 54.84 -78.09 32.97
C GLU N 63 55.97 -77.94 31.98
N GLU N 64 55.71 -78.22 30.69
CA GLU N 64 56.81 -78.09 29.73
C GLU N 64 57.09 -76.62 29.47
N THR N 65 56.11 -75.76 29.72
CA THR N 65 56.28 -74.32 29.61
C THR N 65 57.25 -73.87 30.69
N THR N 66 58.22 -73.06 30.31
CA THR N 66 59.26 -72.59 31.23
C THR N 66 59.13 -71.10 31.50
N HIS N 67 58.54 -70.36 30.56
CA HIS N 67 58.36 -68.91 30.60
C HIS N 67 56.90 -68.51 30.40
N VAL N 68 56.47 -67.49 31.15
CA VAL N 68 55.15 -66.90 31.03
C VAL N 68 55.34 -65.43 30.69
N VAL N 69 54.85 -65.02 29.52
CA VAL N 69 55.05 -63.67 29.00
C VAL N 69 53.80 -62.84 29.28
N MET N 70 53.93 -61.84 30.15
CA MET N 70 52.85 -60.96 30.62
C MET N 70 52.82 -59.54 30.08
N LYS N 71 51.60 -59.02 29.95
CA LYS N 71 51.29 -57.62 29.62
C LYS N 71 51.49 -56.67 30.81
N THR N 72 52.38 -55.67 30.71
CA THR N 72 52.66 -54.77 31.85
C THR N 72 52.62 -53.30 31.45
N ASP N 73 52.73 -52.44 32.49
CA ASP N 73 52.93 -50.99 32.38
C ASP N 73 54.43 -50.71 32.44
N ALA N 74 54.81 -49.42 32.60
CA ALA N 74 56.21 -49.02 32.65
C ALA N 74 56.99 -49.51 33.87
N GLU N 75 56.34 -49.83 34.99
CA GLU N 75 57.01 -50.29 36.22
C GLU N 75 56.93 -51.80 36.39
N PHE N 76 56.66 -52.52 35.31
CA PHE N 76 56.61 -53.98 35.31
C PHE N 76 55.51 -54.43 36.26
N VAL N 77 54.34 -53.81 36.10
CA VAL N 77 53.14 -54.15 36.83
C VAL N 77 52.15 -54.58 35.75
N CYS N 78 51.54 -55.75 35.93
CA CYS N 78 50.71 -56.40 34.91
C CYS N 78 49.26 -56.59 35.30
N GLU N 79 48.50 -57.19 34.37
CA GLU N 79 47.13 -57.58 34.61
C GLU N 79 47.11 -58.98 35.20
N ARG N 80 45.97 -59.31 35.82
CA ARG N 80 45.75 -60.62 36.43
C ARG N 80 45.05 -61.58 35.48
N THR N 81 45.80 -62.54 34.93
CA THR N 81 45.31 -63.58 34.04
C THR N 81 45.48 -64.94 34.71
N LEU N 82 44.88 -65.97 34.11
CA LEU N 82 45.01 -67.32 34.67
C LEU N 82 46.46 -67.81 34.67
N LYS N 83 47.18 -67.58 33.58
CA LYS N 83 48.58 -68.01 33.49
C LYS N 83 49.51 -67.21 34.39
N TYR N 84 49.17 -65.96 34.70
CA TYR N 84 50.02 -65.19 35.62
C TYR N 84 50.04 -65.84 36.99
N PHE N 85 48.85 -66.15 37.51
CA PHE N 85 48.77 -66.81 38.80
C PHE N 85 49.44 -68.18 38.70
N LEU N 86 49.06 -68.96 37.67
CA LEU N 86 49.61 -70.30 37.51
C LEU N 86 51.11 -70.28 37.27
N GLY N 87 51.60 -69.23 36.58
CA GLY N 87 53.02 -69.09 36.35
C GLY N 87 53.81 -68.91 37.64
N ILE N 88 53.30 -68.06 38.53
CA ILE N 88 53.94 -67.79 39.80
C ILE N 88 53.91 -69.03 40.70
N ALA N 89 52.76 -69.70 40.76
CA ALA N 89 52.63 -70.88 41.61
C ALA N 89 53.64 -71.96 41.28
N GLY N 90 53.96 -72.13 40.01
CA GLY N 90 54.89 -73.12 39.51
C GLY N 90 56.33 -72.70 39.46
N GLY N 91 56.62 -71.48 39.90
CA GLY N 91 57.96 -70.95 39.92
C GLY N 91 58.56 -70.79 38.55
N LYS N 92 57.72 -70.57 37.54
CA LYS N 92 58.16 -70.41 36.17
C LYS N 92 58.55 -68.97 35.91
N TRP N 93 59.25 -68.80 34.82
CA TRP N 93 59.74 -67.49 34.48
C TRP N 93 58.54 -66.68 34.04
N VAL N 94 58.19 -65.64 34.78
CA VAL N 94 57.05 -64.79 34.44
C VAL N 94 57.68 -63.49 33.96
N VAL N 95 57.60 -63.23 32.66
CA VAL N 95 58.31 -62.10 32.08
C VAL N 95 57.31 -61.18 31.40
N SER N 96 57.75 -59.95 31.17
CA SER N 96 56.87 -58.97 30.58
C SER N 96 56.81 -59.15 29.07
N TYR N 97 55.69 -58.77 28.47
CA TYR N 97 55.57 -58.87 27.03
C TYR N 97 56.56 -57.99 26.30
N PHE N 98 57.02 -56.90 26.93
CA PHE N 98 57.96 -56.05 26.23
C PHE N 98 59.30 -56.73 25.96
N TRP N 99 59.63 -57.85 26.62
CA TRP N 99 60.85 -58.53 26.22
C TRP N 99 60.71 -58.96 24.78
N VAL N 100 59.49 -59.32 24.40
CA VAL N 100 59.25 -59.71 23.03
C VAL N 100 59.33 -58.45 22.20
N THR N 101 58.60 -57.40 22.58
CA THR N 101 58.64 -56.21 21.75
C THR N 101 60.07 -55.70 21.72
N GLN N 102 60.78 -55.80 22.86
CA GLN N 102 62.16 -55.34 22.88
C GLN N 102 63.09 -56.24 22.09
N SER N 103 62.91 -57.56 22.19
CA SER N 103 63.78 -58.43 21.41
C SER N 103 63.52 -58.25 19.91
N ILE N 104 62.25 -58.03 19.55
CA ILE N 104 61.85 -57.70 18.18
C ILE N 104 62.33 -56.31 17.80
N LYS N 105 62.15 -55.35 18.72
CA LYS N 105 62.53 -53.94 18.52
C LYS N 105 64.01 -53.84 18.22
N GLU N 106 64.81 -54.72 18.84
CA GLU N 106 66.26 -54.70 18.70
C GLU N 106 66.78 -55.85 17.86
N ARG N 107 65.89 -56.73 17.35
CA ARG N 107 66.26 -57.87 16.51
C ARG N 107 67.27 -58.78 17.19
N LYS N 108 67.35 -58.79 18.51
CA LYS N 108 68.25 -59.64 19.26
C LYS N 108 67.47 -60.57 20.16
N MET N 109 68.21 -61.45 20.83
CA MET N 109 67.66 -62.29 21.88
C MET N 109 68.15 -61.60 23.13
N LEU N 110 67.41 -60.58 23.51
CA LEU N 110 67.75 -59.78 24.65
C LEU N 110 67.56 -60.61 25.91
N ASN N 111 68.08 -60.14 27.03
CA ASN N 111 67.98 -60.91 28.25
C ASN N 111 66.56 -60.82 28.80
N GLU N 112 65.91 -61.99 29.02
CA GLU N 112 64.53 -61.97 29.49
C GLU N 112 64.45 -61.38 30.90
N HIS N 113 65.39 -61.79 31.76
CA HIS N 113 65.44 -61.40 33.17
C HIS N 113 65.24 -59.90 33.40
N ASP N 114 65.69 -59.06 32.46
CA ASP N 114 65.50 -57.62 32.60
C ASP N 114 64.03 -57.20 32.51
N PHE N 115 63.16 -58.07 32.00
CA PHE N 115 61.74 -57.79 31.78
C PHE N 115 60.83 -58.63 32.65
N GLU N 116 61.34 -59.17 33.76
CA GLU N 116 60.48 -59.93 34.64
C GLU N 116 59.42 -59.02 35.24
N VAL N 117 58.15 -59.44 35.21
CA VAL N 117 57.10 -58.58 35.74
C VAL N 117 57.19 -58.47 37.25
N ARG N 118 56.98 -57.26 37.77
CA ARG N 118 57.18 -56.94 39.18
C ARG N 118 55.89 -56.92 40.00
N GLY N 119 54.73 -56.69 39.41
CA GLY N 119 53.52 -56.66 40.20
C GLY N 119 52.28 -56.54 39.34
N ASP N 120 51.15 -56.28 40.00
CA ASP N 120 49.91 -56.13 39.25
C ASP N 120 49.10 -54.91 39.73
N VAL N 121 48.10 -54.56 38.92
CA VAL N 121 47.28 -53.35 39.07
C VAL N 121 46.19 -53.42 40.14
N VAL N 122 46.10 -54.50 40.90
CA VAL N 122 45.05 -54.71 41.89
C VAL N 122 45.60 -54.70 43.31
N ASN N 123 46.68 -55.43 43.55
CA ASN N 123 47.20 -55.75 44.86
C ASN N 123 48.41 -54.92 45.27
N GLY N 124 48.84 -53.97 44.44
CA GLY N 124 49.97 -53.13 44.79
C GLY N 124 50.97 -52.87 43.68
N ARG N 125 51.57 -51.68 43.75
CA ARG N 125 52.46 -51.11 42.76
C ARG N 125 53.89 -51.64 42.85
N ASN N 126 54.23 -52.35 43.93
CA ASN N 126 55.57 -52.89 44.10
C ASN N 126 55.55 -54.13 44.99
N HIS N 127 54.62 -55.07 44.75
CA HIS N 127 54.60 -56.19 45.68
C HIS N 127 55.59 -57.29 45.31
N GLN N 128 56.24 -57.19 44.14
CA GLN N 128 57.33 -58.08 43.73
C GLN N 128 56.95 -59.56 43.80
N GLY N 129 55.70 -59.89 43.52
CA GLY N 129 55.27 -61.27 43.61
C GLY N 129 56.01 -62.28 42.76
N PRO N 130 55.98 -62.11 41.44
CA PRO N 130 56.72 -63.05 40.56
C PRO N 130 58.19 -63.18 40.89
N LYS N 131 58.88 -62.06 41.12
CA LYS N 131 60.30 -62.11 41.45
C LYS N 131 60.54 -62.82 42.78
N ARG N 132 59.77 -62.44 43.80
CA ARG N 132 59.93 -63.06 45.10
C ARG N 132 59.55 -64.53 45.06
N ALA N 133 58.54 -64.85 44.27
CA ALA N 133 58.07 -66.23 44.15
C ALA N 133 59.13 -67.18 43.62
N ARG N 134 59.90 -66.77 42.61
CA ARG N 134 60.92 -67.68 42.05
C ARG N 134 62.05 -67.98 43.01
N GLU N 135 62.46 -67.01 43.83
CA GLU N 135 63.68 -67.19 44.58
C GLU N 135 63.45 -67.83 45.95
N SER N 136 62.20 -68.17 46.25
CA SER N 136 61.80 -68.69 47.56
C SER N 136 60.83 -69.87 47.41
N GLN N 137 60.98 -70.66 46.34
CA GLN N 137 60.12 -71.81 46.06
C GLN N 137 60.34 -72.94 47.07
N ASP N 138 61.40 -72.87 47.87
CA ASP N 138 61.69 -73.85 48.91
C ASP N 138 60.89 -73.61 50.18
N ARG N 139 60.29 -72.44 50.36
CA ARG N 139 59.47 -72.14 51.54
C ARG N 139 58.19 -71.47 51.06
N LYS N 140 57.38 -72.28 50.39
CA LYS N 140 56.12 -71.88 49.78
C LYS N 140 55.14 -71.40 50.84
N ILE N 141 54.31 -70.41 50.46
CA ILE N 141 53.50 -69.74 51.48
C ILE N 141 52.41 -70.69 52.01
N PHE N 142 51.98 -71.67 51.20
CA PHE N 142 50.91 -72.57 51.61
C PHE N 142 51.45 -73.95 52.00
N ARG N 143 52.73 -74.05 52.35
CA ARG N 143 53.26 -75.34 52.79
C ARG N 143 52.55 -75.77 54.06
N GLY N 144 51.99 -76.98 54.06
CA GLY N 144 51.36 -77.46 55.28
C GLY N 144 49.93 -77.03 55.52
N LEU N 145 49.25 -76.51 54.52
CA LEU N 145 47.86 -76.08 54.62
C LEU N 145 47.03 -77.03 53.76
N GLU N 146 45.81 -77.28 54.23
CA GLU N 146 44.84 -78.09 53.49
C GLU N 146 43.73 -77.17 53.00
N ILE N 147 43.65 -77.03 51.68
CA ILE N 147 42.78 -76.08 50.98
C ILE N 147 41.71 -76.88 50.25
N CYS N 148 40.45 -76.47 50.40
CA CYS N 148 39.34 -77.04 49.65
C CYS N 148 38.87 -75.97 48.67
N CYS N 149 39.06 -76.26 47.39
CA CYS N 149 38.63 -75.45 46.26
C CYS N 149 37.16 -75.74 45.99
N TYR N 150 36.29 -74.89 46.51
CA TYR N 150 34.85 -75.13 46.49
C TYR N 150 34.21 -74.66 45.19
N GLY N 151 33.87 -75.64 44.34
CA GLY N 151 33.32 -75.38 43.04
C GLY N 151 31.99 -74.67 43.15
N PRO N 152 31.42 -74.21 42.02
CA PRO N 152 31.93 -74.31 40.66
C PRO N 152 32.74 -73.04 40.44
N PHE N 153 33.37 -72.88 39.28
CA PHE N 153 34.12 -71.68 38.94
C PHE N 153 33.86 -71.39 37.48
N THR N 154 33.96 -70.11 37.14
CA THR N 154 33.81 -69.61 35.80
C THR N 154 35.10 -68.89 35.47
N ASN N 155 35.48 -68.92 34.21
CA ASN N 155 36.66 -68.22 33.71
C ASN N 155 37.98 -68.68 34.34
N MET N 156 37.95 -69.75 35.14
CA MET N 156 39.12 -70.33 35.79
C MET N 156 38.75 -71.77 36.16
N PRO N 157 39.27 -72.78 35.48
CA PRO N 157 38.95 -74.17 35.87
C PRO N 157 39.25 -74.43 37.34
N THR N 158 38.39 -75.24 37.96
CA THR N 158 38.61 -75.59 39.36
C THR N 158 39.93 -76.32 39.50
N ASP N 159 40.21 -77.23 38.57
CA ASP N 159 41.43 -78.03 38.65
C ASP N 159 42.68 -77.19 38.40
N GLN N 160 42.53 -76.00 37.80
CA GLN N 160 43.69 -75.14 37.61
C GLN N 160 43.99 -74.36 38.88
N LEU N 161 42.94 -73.92 39.59
CA LEU N 161 43.21 -73.30 40.90
C LEU N 161 43.75 -74.35 41.84
N GLU N 162 43.22 -75.57 41.73
CA GLU N 162 43.75 -76.66 42.51
C GLU N 162 45.20 -76.89 42.10
N TRP N 163 45.48 -76.81 40.80
CA TRP N 163 46.87 -76.94 40.38
C TRP N 163 47.70 -75.78 40.94
N MET N 164 47.08 -74.59 41.04
CA MET N 164 47.79 -73.42 41.56
C MET N 164 48.25 -73.64 42.99
N VAL N 165 47.33 -74.00 43.87
CA VAL N 165 47.71 -74.20 45.26
C VAL N 165 48.55 -75.45 45.38
N GLN N 166 48.32 -76.43 44.50
CA GLN N 166 49.18 -77.60 44.46
C GLN N 166 50.60 -77.17 44.15
N LEU N 167 50.77 -76.29 43.16
CA LEU N 167 52.09 -75.79 42.82
C LEU N 167 52.66 -74.97 43.97
N CYS N 168 51.81 -74.44 44.85
CA CYS N 168 52.21 -73.65 46.01
C CYS N 168 52.26 -74.48 47.29
N GLY N 169 52.11 -75.81 47.18
CA GLY N 169 52.31 -76.71 48.30
C GLY N 169 51.07 -77.05 49.08
N ALA N 170 49.90 -76.54 48.70
CA ALA N 170 48.68 -76.87 49.41
C ALA N 170 48.16 -78.24 49.02
N SER N 171 47.38 -78.84 49.93
CA SER N 171 46.73 -80.12 49.69
C SER N 171 45.26 -79.89 49.35
N VAL N 172 44.86 -80.34 48.17
CA VAL N 172 43.52 -80.13 47.64
C VAL N 172 42.55 -81.14 48.23
N VAL N 173 41.39 -80.65 48.70
CA VAL N 173 40.32 -81.48 49.24
C VAL N 173 39.10 -81.26 48.36
N LYS N 174 38.56 -82.34 47.81
CA LYS N 174 37.53 -82.15 46.80
C LYS N 174 36.18 -81.80 47.45
N GLU N 175 35.85 -82.49 48.55
CA GLU N 175 34.62 -82.30 49.31
C GLU N 175 34.90 -82.18 50.80
N LEU N 176 34.03 -81.45 51.48
CA LEU N 176 34.18 -81.15 52.90
C LEU N 176 34.21 -82.40 53.79
N SER N 177 33.50 -83.47 53.43
CA SER N 177 33.51 -84.63 54.31
C SER N 177 34.83 -85.39 54.30
N SER N 178 35.69 -85.13 53.32
CA SER N 178 36.92 -85.86 53.13
C SER N 178 38.07 -85.22 53.91
N PHE N 179 37.76 -84.21 54.73
CA PHE N 179 38.76 -83.51 55.53
C PHE N 179 39.41 -84.46 56.53
N THR N 180 40.74 -84.36 56.63
CA THR N 180 41.50 -85.13 57.61
C THR N 180 41.29 -84.57 59.01
N LEU N 181 41.07 -85.45 59.97
CA LEU N 181 40.91 -85.06 61.37
C LEU N 181 42.24 -85.25 62.10
N GLY N 182 42.79 -84.17 62.64
CA GLY N 182 44.08 -84.23 63.29
C GLY N 182 44.50 -82.85 63.75
N THR N 183 45.45 -82.84 64.69
CA THR N 183 45.94 -81.56 65.20
C THR N 183 46.88 -80.87 64.24
N GLY N 184 47.62 -81.64 63.43
CA GLY N 184 48.60 -81.06 62.52
C GLY N 184 48.03 -80.54 61.22
N VAL N 185 46.82 -80.94 60.87
CA VAL N 185 46.19 -80.57 59.60
C VAL N 185 45.48 -79.24 59.77
N HIS N 186 45.59 -78.39 58.75
CA HIS N 186 44.93 -77.08 58.73
C HIS N 186 43.93 -77.06 57.59
N PRO N 187 42.65 -77.35 57.82
CA PRO N 187 41.70 -77.31 56.71
C PRO N 187 41.27 -75.88 56.46
N ILE N 188 41.13 -75.56 55.18
CA ILE N 188 40.68 -74.25 54.72
C ILE N 188 39.78 -74.47 53.52
N VAL N 189 38.61 -73.85 53.54
CA VAL N 189 37.66 -73.89 52.44
C VAL N 189 37.75 -72.56 51.70
N VAL N 190 38.02 -72.67 50.40
CA VAL N 190 38.20 -71.53 49.52
C VAL N 190 36.99 -71.56 48.59
N VAL N 191 36.25 -70.45 48.55
CA VAL N 191 35.06 -70.33 47.73
C VAL N 191 35.16 -69.04 46.93
N GLN N 192 34.30 -68.93 45.92
CA GLN N 192 34.19 -67.70 45.13
C GLN N 192 32.73 -67.29 45.31
N PRO N 193 32.41 -66.33 46.19
CA PRO N 193 30.99 -65.97 46.41
C PRO N 193 30.23 -65.59 45.15
N ASP N 194 30.92 -65.00 44.17
CA ASP N 194 30.30 -64.60 42.91
C ASP N 194 29.71 -65.78 42.13
N ALA N 195 30.36 -66.94 42.13
CA ALA N 195 29.91 -68.01 41.25
C ALA N 195 28.58 -68.62 41.65
N TRP N 196 28.19 -68.58 42.92
CA TRP N 196 26.91 -69.19 43.31
C TRP N 196 25.69 -68.37 42.93
N THR N 197 24.76 -69.05 42.28
CA THR N 197 23.49 -68.53 41.81
C THR N 197 22.45 -69.52 42.29
N GLU N 198 21.26 -69.02 42.62
CA GLU N 198 20.15 -69.76 43.19
C GLU N 198 20.34 -70.05 44.68
N ASP N 199 21.53 -69.88 45.25
CA ASP N 199 21.83 -70.42 46.58
C ASP N 199 22.84 -69.53 47.28
N ASN N 200 22.76 -69.54 48.62
CA ASN N 200 23.71 -68.91 49.52
C ASN N 200 24.62 -69.92 50.22
N GLY N 201 24.99 -71.01 49.53
CA GLY N 201 25.65 -72.11 50.22
C GLY N 201 27.03 -71.83 50.80
N PHE N 202 27.74 -70.78 50.37
CA PHE N 202 29.09 -70.66 50.92
C PHE N 202 29.06 -70.23 52.38
N HIS N 203 27.93 -69.76 52.91
CA HIS N 203 27.76 -69.41 54.31
C HIS N 203 27.37 -70.61 55.18
N ALA N 204 27.23 -71.79 54.59
CA ALA N 204 26.75 -72.98 55.29
C ALA N 204 27.85 -73.98 55.46
N ILE N 205 29.04 -73.68 54.95
CA ILE N 205 30.20 -74.57 55.01
C ILE N 205 30.60 -74.77 56.46
N GLY N 206 30.44 -73.73 57.28
CA GLY N 206 30.76 -73.83 58.70
C GLY N 206 29.95 -74.89 59.41
N GLN N 207 28.77 -75.24 58.89
CA GLN N 207 27.98 -76.30 59.51
C GLN N 207 28.52 -77.66 59.13
N MET N 208 29.25 -77.73 58.01
CA MET N 208 29.77 -78.97 57.48
C MET N 208 31.21 -79.24 57.90
N CYS N 209 31.95 -78.23 58.35
CA CYS N 209 33.33 -78.45 58.74
C CYS N 209 33.81 -77.40 59.73
N GLU N 210 34.93 -77.73 60.36
CA GLU N 210 35.63 -76.88 61.33
C GLU N 210 36.82 -76.25 60.59
N ALA N 211 36.54 -75.23 59.78
CA ALA N 211 37.64 -74.64 59.02
C ALA N 211 37.29 -73.21 58.60
N PRO N 212 38.29 -72.32 58.48
CA PRO N 212 38.00 -70.97 58.00
C PRO N 212 37.54 -71.01 56.56
N VAL N 213 36.61 -70.10 56.23
CA VAL N 213 36.09 -69.97 54.89
C VAL N 213 36.46 -68.58 54.37
N VAL N 214 37.21 -68.54 53.27
CA VAL N 214 37.70 -67.31 52.67
C VAL N 214 37.34 -67.32 51.19
N THR N 215 37.39 -66.15 50.57
CA THR N 215 37.04 -66.08 49.16
C THR N 215 38.17 -66.63 48.30
N ARG N 216 37.84 -66.93 47.05
CA ARG N 216 38.87 -67.42 46.13
C ARG N 216 39.95 -66.37 45.93
N GLU N 217 39.57 -65.10 46.04
CA GLU N 217 40.50 -64.00 45.86
C GLU N 217 41.62 -64.01 46.90
N TRP N 218 41.41 -64.63 48.06
CA TRP N 218 42.47 -64.73 49.05
C TRP N 218 43.63 -65.56 48.52
N VAL N 219 43.29 -66.71 47.92
CA VAL N 219 44.29 -67.60 47.33
C VAL N 219 45.01 -66.91 46.18
N LEU N 220 44.23 -66.35 45.24
CA LEU N 220 44.82 -65.71 44.08
C LEU N 220 45.78 -64.60 44.50
N ASP N 221 45.36 -63.78 45.47
CA ASP N 221 46.26 -62.75 45.96
C ASP N 221 47.46 -63.36 46.66
N SER N 222 47.23 -64.41 47.46
CA SER N 222 48.35 -65.02 48.16
C SER N 222 49.34 -65.61 47.15
N VAL N 223 48.84 -66.28 46.12
CA VAL N 223 49.72 -66.85 45.11
C VAL N 223 50.37 -65.75 44.29
N ALA N 224 49.55 -64.79 43.83
CA ALA N 224 50.04 -63.71 42.99
C ALA N 224 51.14 -62.91 43.67
N LEU N 225 51.03 -62.72 44.98
CA LEU N 225 52.01 -61.94 45.73
C LEU N 225 53.16 -62.76 46.31
N TYR N 226 53.07 -64.09 46.32
CA TYR N 226 53.95 -64.93 47.11
C TYR N 226 54.22 -64.35 48.50
N GLN N 227 53.13 -64.13 49.22
CA GLN N 227 53.29 -63.76 50.63
C GLN N 227 51.99 -64.17 51.28
N CYS N 228 52.09 -64.92 52.36
CA CYS N 228 50.91 -65.52 52.97
C CYS N 228 50.05 -64.40 53.54
N GLN N 229 48.86 -64.20 52.97
CA GLN N 229 48.04 -63.11 53.46
C GLN N 229 47.36 -63.52 54.76
N GLU N 230 47.03 -62.54 55.57
CA GLU N 230 46.27 -62.78 56.79
C GLU N 230 44.83 -63.11 56.47
N LEU N 231 44.28 -64.13 57.13
CA LEU N 231 42.91 -64.54 56.81
C LEU N 231 41.90 -63.49 57.27
N ASP N 232 42.31 -62.64 58.23
CA ASP N 232 41.41 -61.69 58.90
C ASP N 232 40.53 -60.88 57.96
N THR N 233 41.11 -60.24 56.94
CA THR N 233 40.30 -59.37 56.10
C THR N 233 39.42 -60.11 55.10
N TYR N 234 39.76 -61.36 54.78
CA TYR N 234 39.07 -62.20 53.81
C TYR N 234 38.17 -63.27 54.43
N LEU N 235 38.03 -63.31 55.76
CA LEU N 235 37.26 -64.39 56.36
C LEU N 235 35.81 -64.16 55.95
N ILE N 236 35.12 -65.25 55.60
CA ILE N 236 33.71 -65.17 55.21
C ILE N 236 32.83 -65.59 56.38
N PRO N 237 31.88 -64.74 56.82
CA PRO N 237 30.99 -65.10 57.92
C PRO N 237 30.19 -66.36 57.60
N GLN N 238 30.10 -67.27 58.56
CA GLN N 238 29.39 -68.53 58.37
C GLN N 238 28.10 -68.46 59.18
N ILE N 239 27.23 -69.43 58.95
CA ILE N 239 25.99 -69.59 59.73
C ILE N 239 26.16 -70.86 60.57
N PRO N 240 26.08 -70.78 61.92
CA PRO N 240 26.23 -72.02 62.68
C PRO N 240 25.10 -73.03 62.46
N VAL O 27 52.58 -51.58 -150.83
CA VAL O 27 53.56 -51.14 -149.85
C VAL O 27 54.58 -50.19 -150.45
N ASN O 28 55.01 -49.25 -149.62
CA ASN O 28 56.08 -48.31 -149.94
C ASN O 28 57.30 -48.76 -149.16
N LYS O 29 58.48 -48.34 -149.62
CA LYS O 29 59.65 -48.69 -148.87
C LYS O 29 59.56 -48.08 -147.48
N ARG O 30 60.17 -48.76 -146.51
CA ARG O 30 60.22 -48.32 -145.13
C ARG O 30 61.66 -48.01 -144.81
N MET O 31 61.89 -47.29 -143.72
CA MET O 31 63.26 -47.03 -143.35
C MET O 31 63.79 -48.38 -142.85
N SER O 32 64.98 -48.76 -143.28
CA SER O 32 65.59 -50.00 -142.77
C SER O 32 67.10 -49.88 -142.81
N MET O 33 67.77 -50.00 -141.66
CA MET O 33 69.21 -49.77 -141.59
C MET O 33 69.92 -51.08 -141.29
N VAL O 34 71.17 -51.20 -141.74
CA VAL O 34 72.12 -52.20 -141.25
C VAL O 34 73.45 -51.56 -140.88
N VAL O 35 74.17 -52.20 -139.96
CA VAL O 35 75.46 -51.69 -139.51
C VAL O 35 76.55 -52.72 -139.81
N SER O 36 77.79 -52.23 -139.87
CA SER O 36 78.95 -53.05 -140.23
C SER O 36 80.22 -52.49 -139.61
N GLY O 37 81.05 -53.38 -139.06
CA GLY O 37 82.32 -52.93 -138.52
C GLY O 37 82.25 -52.41 -137.11
N LEU O 38 81.12 -52.55 -136.44
CA LEU O 38 80.94 -52.05 -135.10
C LEU O 38 81.24 -53.10 -134.04
N THR O 39 81.85 -52.63 -132.96
CA THR O 39 81.99 -53.42 -131.76
C THR O 39 80.60 -53.58 -131.16
N PRO O 40 80.38 -54.59 -130.30
CA PRO O 40 79.03 -54.76 -129.72
C PRO O 40 78.44 -53.52 -129.05
N GLU O 41 79.21 -52.78 -128.25
CA GLU O 41 78.65 -51.62 -127.54
C GLU O 41 78.09 -50.59 -128.53
N GLU O 42 78.75 -50.42 -129.67
CA GLU O 42 78.28 -49.53 -130.73
C GLU O 42 76.99 -50.03 -131.37
N PHE O 43 76.86 -51.35 -131.55
CA PHE O 43 75.66 -51.92 -132.16
C PHE O 43 74.44 -51.58 -131.30
N MET O 44 74.62 -51.60 -129.98
CA MET O 44 73.54 -51.34 -129.04
C MET O 44 73.00 -49.94 -129.21
N LEU O 45 73.88 -49.01 -129.57
CA LEU O 45 73.49 -47.63 -129.79
C LEU O 45 72.55 -47.51 -130.99
N VAL O 46 72.83 -48.25 -132.07
CA VAL O 46 71.93 -48.21 -133.22
C VAL O 46 70.60 -48.91 -132.93
N TYR O 47 70.61 -50.01 -132.16
CA TYR O 47 69.38 -50.73 -131.86
C TYR O 47 68.39 -49.87 -131.08
N LYS O 48 68.88 -49.13 -130.08
CA LYS O 48 67.99 -48.22 -129.35
C LYS O 48 67.44 -47.15 -130.28
N PHE O 49 68.28 -46.66 -131.20
CA PHE O 49 67.85 -45.66 -132.18
C PHE O 49 66.75 -46.22 -133.09
N ALA O 50 66.96 -47.42 -133.64
CA ALA O 50 66.00 -48.06 -134.53
C ALA O 50 64.69 -48.32 -133.82
N ARG O 51 64.76 -48.62 -132.53
CA ARG O 51 63.59 -48.90 -131.71
C ARG O 51 62.63 -47.71 -131.59
N LYS O 52 63.12 -46.50 -131.34
CA LYS O 52 62.19 -45.41 -131.08
C LYS O 52 61.30 -45.09 -132.29
N HIS O 53 61.86 -45.07 -133.49
CA HIS O 53 61.10 -44.78 -134.71
C HIS O 53 60.77 -46.03 -135.55
N HIS O 54 60.60 -47.19 -134.91
CA HIS O 54 60.16 -48.43 -135.58
C HIS O 54 60.86 -48.68 -136.92
N ILE O 55 62.17 -48.48 -136.93
CA ILE O 55 62.97 -48.68 -138.13
C ILE O 55 63.51 -50.09 -138.09
N THR O 56 63.40 -50.80 -139.21
CA THR O 56 63.94 -52.14 -139.30
C THR O 56 65.46 -52.11 -139.26
N LEU O 57 66.03 -52.97 -138.42
CA LEU O 57 67.48 -53.02 -138.26
C LEU O 57 67.87 -54.48 -138.17
N THR O 58 68.67 -54.93 -139.13
CA THR O 58 69.13 -56.31 -139.22
C THR O 58 70.65 -56.29 -139.14
N ASN O 59 71.22 -57.46 -138.88
CA ASN O 59 72.67 -57.58 -138.81
C ASN O 59 73.28 -58.12 -140.10
N LEU O 60 72.47 -58.66 -141.02
CA LEU O 60 72.90 -59.11 -142.33
C LEU O 60 72.10 -58.36 -143.37
N ILE O 61 72.77 -57.87 -144.41
CA ILE O 61 72.12 -57.04 -145.42
C ILE O 61 71.49 -57.93 -146.49
N THR O 62 70.23 -57.65 -146.82
CA THR O 62 69.44 -58.39 -147.80
C THR O 62 68.78 -57.38 -148.74
N GLU O 63 68.00 -57.89 -149.70
CA GLU O 63 67.27 -57.03 -150.63
C GLU O 63 66.25 -56.15 -149.92
N GLU O 64 65.73 -56.60 -148.79
CA GLU O 64 64.73 -55.81 -148.09
C GLU O 64 65.39 -54.65 -147.35
N THR O 65 66.69 -54.74 -147.08
CA THR O 65 67.45 -53.67 -146.44
C THR O 65 67.48 -52.45 -147.35
N THR O 66 67.21 -51.28 -146.78
CA THR O 66 67.14 -50.04 -147.54
C THR O 66 68.25 -49.07 -147.19
N HIS O 67 68.79 -49.13 -145.97
CA HIS O 67 69.83 -48.23 -145.48
C HIS O 67 71.01 -49.05 -144.96
N VAL O 68 72.22 -48.60 -145.26
CA VAL O 68 73.45 -49.23 -144.74
C VAL O 68 74.21 -48.17 -143.95
N VAL O 69 74.36 -48.42 -142.66
CA VAL O 69 74.99 -47.47 -141.72
C VAL O 69 76.43 -47.93 -141.47
N MET O 70 77.41 -47.13 -141.89
CA MET O 70 78.82 -47.52 -141.75
C MET O 70 79.54 -46.75 -140.64
N LYS O 71 80.48 -47.46 -140.00
CA LYS O 71 81.38 -46.88 -139.02
C LYS O 71 82.47 -46.10 -139.77
N THR O 72 82.58 -44.80 -139.52
CA THR O 72 83.51 -43.95 -140.25
C THR O 72 84.34 -43.09 -139.31
N ASP O 73 85.31 -42.37 -139.89
CA ASP O 73 86.07 -41.36 -139.18
C ASP O 73 85.36 -40.01 -139.34
N ALA O 74 86.02 -38.91 -138.94
CA ALA O 74 85.40 -37.60 -139.03
C ALA O 74 85.19 -37.09 -140.45
N GLU O 75 85.95 -37.56 -141.44
CA GLU O 75 85.83 -37.10 -142.83
C GLU O 75 85.05 -38.07 -143.71
N PHE O 76 84.30 -38.98 -143.11
CA PHE O 76 83.46 -39.93 -143.84
C PHE O 76 84.30 -40.82 -144.75
N VAL O 77 85.35 -41.38 -144.15
CA VAL O 77 86.24 -42.34 -144.78
C VAL O 77 86.10 -43.60 -143.94
N CYS O 78 85.83 -44.72 -144.58
CA CYS O 78 85.52 -45.95 -143.85
C CYS O 78 86.52 -47.06 -144.15
N GLU O 79 86.27 -48.17 -143.47
CA GLU O 79 86.94 -49.44 -143.65
C GLU O 79 86.19 -50.21 -144.74
N ARG O 80 86.86 -51.22 -145.29
CA ARG O 80 86.23 -52.06 -146.31
C ARG O 80 85.58 -53.27 -145.67
N THR O 81 84.26 -53.27 -145.58
CA THR O 81 83.54 -54.42 -145.06
C THR O 81 82.70 -54.99 -146.19
N LEU O 82 82.17 -56.19 -145.97
CA LEU O 82 81.32 -56.81 -146.97
C LEU O 82 80.04 -56.01 -147.18
N LYS O 83 79.46 -55.53 -146.08
CA LYS O 83 78.22 -54.78 -146.08
C LYS O 83 78.34 -53.40 -146.73
N TYR O 84 79.53 -52.78 -146.68
CA TYR O 84 79.71 -51.51 -147.35
C TYR O 84 79.58 -51.71 -148.86
N PHE O 85 80.30 -52.69 -149.37
CA PHE O 85 80.28 -53.04 -150.78
C PHE O 85 78.89 -53.50 -151.18
N LEU O 86 78.29 -54.40 -150.39
CA LEU O 86 76.97 -54.93 -150.73
C LEU O 86 75.94 -53.80 -150.71
N GLY O 87 76.16 -52.82 -149.84
CA GLY O 87 75.28 -51.66 -149.80
C GLY O 87 75.34 -50.87 -151.08
N ILE O 88 76.54 -50.67 -151.60
CA ILE O 88 76.74 -49.93 -152.85
C ILE O 88 76.15 -50.69 -154.03
N ALA O 89 76.40 -52.00 -154.09
CA ALA O 89 75.92 -52.81 -155.20
C ALA O 89 74.41 -52.73 -155.36
N GLY O 90 73.67 -52.65 -154.25
CA GLY O 90 72.23 -52.59 -154.25
C GLY O 90 71.59 -51.22 -154.33
N GLY O 91 72.37 -50.16 -154.44
CA GLY O 91 71.83 -48.81 -154.53
C GLY O 91 71.09 -48.39 -153.30
N LYS O 92 71.46 -48.92 -152.15
CA LYS O 92 70.82 -48.62 -150.88
C LYS O 92 71.44 -47.37 -150.28
N TRP O 93 70.75 -46.79 -149.32
CA TRP O 93 71.24 -45.56 -148.67
C TRP O 93 72.42 -45.95 -147.80
N VAL O 94 73.61 -45.46 -148.12
CA VAL O 94 74.81 -45.75 -147.34
C VAL O 94 75.21 -44.51 -146.56
N VAL O 95 75.02 -44.54 -145.24
CA VAL O 95 75.25 -43.39 -144.38
C VAL O 95 76.24 -43.76 -143.28
N SER O 96 76.81 -42.73 -142.67
CA SER O 96 77.82 -42.94 -141.64
C SER O 96 77.17 -43.26 -140.30
N TYR O 97 77.89 -44.01 -139.47
CA TYR O 97 77.41 -44.35 -138.14
C TYR O 97 77.22 -43.10 -137.28
N PHE O 98 77.95 -42.03 -137.60
CA PHE O 98 77.88 -40.78 -136.85
C PHE O 98 76.53 -40.09 -136.94
N TRP O 99 75.68 -40.46 -137.90
CA TRP O 99 74.33 -39.88 -137.93
C TRP O 99 73.52 -40.24 -136.69
N VAL O 100 73.73 -41.44 -136.14
CA VAL O 100 72.98 -41.84 -134.96
C VAL O 100 73.48 -41.07 -133.75
N THR O 101 74.80 -41.10 -133.52
CA THR O 101 75.37 -40.46 -132.34
C THR O 101 75.06 -38.97 -132.29
N GLN O 102 75.02 -38.32 -133.47
CA GLN O 102 74.71 -36.88 -133.50
C GLN O 102 73.25 -36.55 -133.16
N SER O 103 72.29 -37.38 -133.58
CA SER O 103 70.91 -37.07 -133.24
C SER O 103 70.67 -37.13 -131.73
N ILE O 104 71.34 -38.05 -131.03
CA ILE O 104 71.25 -38.10 -129.57
C ILE O 104 71.92 -36.89 -128.92
N LYS O 105 73.15 -36.54 -129.37
CA LYS O 105 73.90 -35.42 -128.74
C LYS O 105 73.18 -34.07 -128.79
N GLU O 106 72.42 -33.80 -129.84
CA GLU O 106 71.78 -32.50 -130.00
C GLU O 106 70.29 -32.51 -129.77
N ARG O 107 69.72 -33.69 -129.40
CA ARG O 107 68.30 -33.91 -129.11
C ARG O 107 67.39 -33.60 -130.29
N LYS O 108 67.95 -33.67 -131.50
CA LYS O 108 67.18 -33.48 -132.70
C LYS O 108 67.25 -34.77 -133.52
N MET O 109 66.47 -34.84 -134.60
CA MET O 109 66.56 -35.90 -135.61
C MET O 109 67.18 -35.31 -136.87
N LEU O 110 68.51 -35.25 -136.94
CA LEU O 110 69.11 -34.63 -138.12
C LEU O 110 68.91 -35.47 -139.40
N ASN O 111 69.19 -34.82 -140.53
CA ASN O 111 69.01 -35.40 -141.85
C ASN O 111 70.13 -36.40 -142.17
N GLU O 112 69.77 -37.63 -142.60
CA GLU O 112 70.77 -38.65 -142.83
C GLU O 112 71.73 -38.25 -143.95
N HIS O 113 71.19 -37.71 -145.06
CA HIS O 113 71.98 -37.31 -146.23
C HIS O 113 73.25 -36.53 -145.87
N ASP O 114 73.22 -35.76 -144.78
CA ASP O 114 74.40 -35.02 -144.38
C ASP O 114 75.54 -35.96 -143.96
N PHE O 115 75.24 -37.23 -143.68
CA PHE O 115 76.21 -38.22 -143.20
C PHE O 115 76.46 -39.33 -144.20
N GLU O 116 76.19 -39.12 -145.49
CA GLU O 116 76.48 -40.16 -146.46
C GLU O 116 77.99 -40.39 -146.51
N VAL O 117 78.41 -41.65 -146.44
CA VAL O 117 79.85 -41.90 -146.45
C VAL O 117 80.40 -41.62 -147.84
N ARG O 118 81.55 -40.96 -147.90
CA ARG O 118 82.11 -40.50 -149.17
C ARG O 118 83.20 -41.40 -149.75
N GLY O 119 83.90 -42.18 -148.92
CA GLY O 119 84.93 -43.04 -149.47
C GLY O 119 85.52 -43.97 -148.44
N ASP O 120 86.60 -44.63 -148.83
CA ASP O 120 87.30 -45.58 -147.97
C ASP O 120 88.81 -45.34 -148.05
N VAL O 121 89.52 -46.02 -147.14
CA VAL O 121 90.95 -45.83 -146.93
C VAL O 121 91.89 -46.47 -147.94
N VAL O 122 91.39 -47.08 -149.02
CA VAL O 122 92.25 -47.77 -149.99
C VAL O 122 92.24 -47.08 -151.36
N ASN O 123 91.06 -46.77 -151.89
CA ASN O 123 90.90 -46.31 -153.27
C ASN O 123 90.66 -44.80 -153.38
N GLY O 124 90.62 -44.09 -152.26
CA GLY O 124 90.42 -42.64 -152.25
C GLY O 124 89.46 -42.17 -151.19
N ARG O 125 89.72 -40.97 -150.67
CA ARG O 125 89.01 -40.36 -149.56
C ARG O 125 87.72 -39.62 -149.97
N ASN O 126 87.48 -39.43 -151.26
CA ASN O 126 86.31 -38.71 -151.74
C ASN O 126 85.90 -39.21 -153.11
N HIS O 127 85.85 -40.53 -153.30
CA HIS O 127 85.52 -41.07 -154.61
C HIS O 127 84.01 -41.17 -154.87
N GLN O 128 83.15 -40.91 -153.89
CA GLN O 128 81.69 -40.83 -154.07
C GLN O 128 81.08 -42.08 -154.70
N GLY O 129 81.63 -43.25 -154.39
CA GLY O 129 81.14 -44.50 -154.93
C GLY O 129 79.68 -44.76 -154.64
N PRO O 130 79.33 -44.81 -153.34
CA PRO O 130 77.93 -45.04 -152.95
C PRO O 130 76.90 -44.10 -153.55
N LYS O 131 77.20 -42.80 -153.61
CA LYS O 131 76.23 -41.85 -154.16
C LYS O 131 75.93 -42.12 -155.62
N ARG O 132 76.95 -42.32 -156.45
CA ARG O 132 76.68 -42.58 -157.86
C ARG O 132 75.93 -43.90 -158.04
N ALA O 133 76.27 -44.90 -157.22
CA ALA O 133 75.59 -46.19 -157.34
C ALA O 133 74.10 -46.07 -157.10
N ARG O 134 73.69 -45.28 -156.11
CA ARG O 134 72.27 -45.12 -155.86
C ARG O 134 71.59 -44.41 -157.01
N GLU O 135 72.30 -43.46 -157.62
CA GLU O 135 71.72 -42.56 -158.61
C GLU O 135 71.85 -43.12 -160.02
N SER O 136 72.43 -44.33 -160.17
CA SER O 136 72.73 -44.93 -161.46
C SER O 136 72.31 -46.40 -161.47
N GLN O 137 71.25 -46.75 -160.75
CA GLN O 137 70.79 -48.12 -160.68
C GLN O 137 70.19 -48.66 -161.98
N ASP O 138 69.87 -47.80 -162.95
CA ASP O 138 69.39 -48.27 -164.24
C ASP O 138 70.50 -48.70 -165.19
N ARG O 139 71.75 -48.32 -164.91
CA ARG O 139 72.91 -48.67 -165.73
C ARG O 139 74.07 -49.10 -164.83
N LYS O 140 73.89 -50.27 -164.23
CA LYS O 140 74.83 -50.85 -163.28
C LYS O 140 76.18 -51.10 -163.95
N ILE O 141 77.27 -50.92 -163.20
CA ILE O 141 78.56 -50.91 -163.89
C ILE O 141 78.92 -52.28 -164.44
N PHE O 142 78.44 -53.37 -163.82
CA PHE O 142 78.81 -54.70 -164.32
C PHE O 142 77.62 -55.35 -165.03
N ARG O 143 76.65 -54.55 -165.48
CA ARG O 143 75.53 -55.10 -166.25
C ARG O 143 76.06 -55.66 -167.57
N GLY O 144 75.74 -56.93 -167.83
CA GLY O 144 76.14 -57.59 -169.07
C GLY O 144 77.51 -58.22 -169.05
N LEU O 145 78.10 -58.42 -167.87
CA LEU O 145 79.40 -59.03 -167.66
C LEU O 145 79.16 -60.36 -166.95
N GLU O 146 80.01 -61.37 -167.24
CA GLU O 146 79.95 -62.65 -166.56
C GLU O 146 81.12 -62.88 -165.61
N ILE O 147 80.81 -62.92 -164.32
CA ILE O 147 81.75 -63.00 -163.21
C ILE O 147 81.59 -64.36 -162.56
N CYS O 148 82.70 -65.06 -162.32
CA CYS O 148 82.69 -66.33 -161.57
C CYS O 148 83.37 -66.12 -160.21
N CYS O 149 82.58 -66.26 -159.16
CA CYS O 149 82.95 -66.18 -157.75
C CYS O 149 83.55 -67.50 -157.25
N TYR O 150 84.87 -67.60 -157.23
CA TYR O 150 85.57 -68.84 -156.90
C TYR O 150 85.83 -69.10 -155.43
N GLY O 151 85.07 -70.04 -154.87
CA GLY O 151 85.18 -70.35 -153.47
C GLY O 151 86.57 -70.92 -153.20
N PRO O 152 86.95 -71.09 -151.94
CA PRO O 152 86.20 -70.83 -150.73
C PRO O 152 86.59 -69.40 -150.41
N PHE O 153 86.03 -68.83 -149.35
CA PHE O 153 86.35 -67.48 -148.93
C PHE O 153 86.40 -67.44 -147.42
N THR O 154 87.16 -66.48 -146.92
CA THR O 154 87.32 -66.24 -145.51
C THR O 154 86.83 -64.82 -145.33
N ASN O 155 86.22 -64.55 -144.18
CA ASN O 155 85.74 -63.23 -143.81
C ASN O 155 84.66 -62.70 -144.76
N MET O 156 84.16 -63.52 -145.71
CA MET O 156 83.13 -63.08 -146.64
C MET O 156 82.38 -64.27 -147.26
N PRO O 157 81.11 -64.53 -146.92
CA PRO O 157 80.40 -65.63 -147.59
C PRO O 157 80.45 -65.52 -149.12
N THR O 158 80.58 -66.66 -149.79
CA THR O 158 80.61 -66.68 -151.25
C THR O 158 79.32 -66.14 -151.85
N ASP O 159 78.18 -66.52 -151.28
CA ASP O 159 76.88 -66.12 -151.82
C ASP O 159 76.62 -64.64 -151.63
N GLN O 160 77.36 -63.97 -150.75
CA GLN O 160 77.19 -62.54 -150.57
C GLN O 160 77.95 -61.78 -151.65
N LEU O 161 79.15 -62.26 -152.01
CA LEU O 161 79.85 -61.64 -153.14
C LEU O 161 79.07 -61.86 -154.42
N GLU O 162 78.49 -63.05 -154.55
CA GLU O 162 77.62 -63.33 -155.68
C GLU O 162 76.41 -62.41 -155.67
N TRP O 163 75.85 -62.18 -154.48
CA TRP O 163 74.70 -61.29 -154.38
C TRP O 163 75.15 -59.89 -154.81
N MET O 164 76.41 -59.53 -154.47
CA MET O 164 76.97 -58.21 -154.80
C MET O 164 77.02 -58.00 -156.31
N VAL O 165 77.64 -58.93 -157.03
CA VAL O 165 77.76 -58.76 -158.47
C VAL O 165 76.39 -58.94 -159.12
N GLN O 166 75.51 -59.73 -158.49
CA GLN O 166 74.14 -59.83 -158.97
C GLN O 166 73.49 -58.46 -158.92
N LEU O 167 73.67 -57.76 -157.79
CA LEU O 167 73.12 -56.43 -157.61
C LEU O 167 73.75 -55.42 -158.57
N CYS O 168 74.94 -55.72 -159.11
CA CYS O 168 75.63 -54.85 -160.05
C CYS O 168 75.42 -55.27 -161.49
N GLY O 169 74.53 -56.23 -161.75
CA GLY O 169 74.14 -56.57 -163.10
C GLY O 169 74.92 -57.69 -163.75
N ALA O 170 75.89 -58.28 -163.05
CA ALA O 170 76.65 -59.36 -163.66
C ALA O 170 75.82 -60.63 -163.62
N SER O 171 76.14 -61.55 -164.54
CA SER O 171 75.49 -62.85 -164.57
C SER O 171 76.42 -63.87 -163.92
N VAL O 172 75.93 -64.50 -162.86
CA VAL O 172 76.69 -65.44 -162.06
C VAL O 172 76.72 -66.79 -162.76
N VAL O 173 77.90 -67.38 -162.87
CA VAL O 173 78.07 -68.70 -163.46
C VAL O 173 78.61 -69.56 -162.33
N LYS O 174 77.90 -70.64 -162.03
CA LYS O 174 78.15 -71.44 -160.85
C LYS O 174 79.35 -72.38 -160.99
N GLU O 175 79.51 -73.01 -162.16
CA GLU O 175 80.58 -73.97 -162.44
C GLU O 175 81.26 -73.63 -163.74
N LEU O 176 82.55 -73.99 -163.83
CA LEU O 176 83.37 -73.66 -164.99
C LEU O 176 82.78 -74.18 -166.30
N SER O 177 82.13 -75.36 -166.28
CA SER O 177 81.58 -75.88 -167.53
C SER O 177 80.36 -75.10 -167.99
N SER O 178 79.76 -74.29 -167.11
CA SER O 178 78.52 -73.57 -167.35
C SER O 178 78.78 -72.20 -167.98
N PHE O 179 80.04 -71.91 -168.32
CA PHE O 179 80.37 -70.62 -168.91
C PHE O 179 79.64 -70.45 -170.24
N THR O 180 79.07 -69.26 -170.43
CA THR O 180 78.41 -68.94 -171.68
C THR O 180 79.40 -68.72 -172.82
N LEU O 181 79.10 -69.31 -173.97
CA LEU O 181 79.91 -69.13 -175.17
C LEU O 181 79.22 -68.09 -176.06
N GLY O 182 79.88 -66.98 -176.33
CA GLY O 182 79.25 -65.93 -177.12
C GLY O 182 80.16 -64.73 -177.27
N THR O 183 79.84 -63.91 -178.28
CA THR O 183 80.63 -62.70 -178.53
C THR O 183 80.30 -61.59 -177.54
N GLY O 184 79.05 -61.52 -177.06
CA GLY O 184 78.65 -60.44 -176.18
C GLY O 184 79.02 -60.63 -174.73
N VAL O 185 79.33 -61.87 -174.33
CA VAL O 185 79.64 -62.18 -172.94
C VAL O 185 81.11 -61.96 -172.70
N HIS O 186 81.41 -61.39 -171.53
CA HIS O 186 82.78 -61.13 -171.06
C HIS O 186 82.96 -61.97 -169.81
N PRO O 187 83.57 -63.16 -169.89
CA PRO O 187 83.73 -63.97 -168.69
C PRO O 187 84.91 -63.51 -167.87
N ILE O 188 84.74 -63.58 -166.54
CA ILE O 188 85.77 -63.21 -165.58
C ILE O 188 85.71 -64.22 -164.43
N VAL O 189 86.88 -64.76 -164.08
CA VAL O 189 87.03 -65.67 -162.95
C VAL O 189 87.65 -64.85 -161.83
N VAL O 190 86.96 -64.83 -160.70
CA VAL O 190 87.35 -64.06 -159.53
C VAL O 190 87.75 -65.00 -158.41
N VAL O 191 88.98 -64.81 -157.91
CA VAL O 191 89.57 -65.60 -156.84
C VAL O 191 90.15 -64.67 -155.78
N GLN O 192 90.45 -65.25 -154.61
CA GLN O 192 91.11 -64.51 -153.53
C GLN O 192 92.44 -65.19 -153.21
N PRO O 193 93.58 -64.70 -153.71
CA PRO O 193 94.86 -65.36 -153.43
C PRO O 193 95.16 -65.53 -151.95
N ASP O 194 94.71 -64.58 -151.12
CA ASP O 194 94.93 -64.64 -149.68
C ASP O 194 94.33 -65.86 -149.00
N ALA O 195 93.15 -66.30 -149.42
CA ALA O 195 92.50 -67.38 -148.68
C ALA O 195 93.22 -68.72 -148.84
N TRP O 196 93.92 -68.94 -149.94
CA TRP O 196 94.62 -70.20 -150.16
C TRP O 196 95.91 -70.32 -149.36
N THR O 197 96.03 -71.45 -148.67
CA THR O 197 97.17 -71.78 -147.84
C THR O 197 97.70 -73.17 -148.16
N GLU O 198 96.86 -74.06 -148.71
CA GLU O 198 97.22 -75.44 -149.01
C GLU O 198 97.58 -75.60 -150.48
N ASP O 199 97.24 -74.63 -151.34
CA ASP O 199 97.27 -74.81 -152.78
C ASP O 199 97.56 -73.49 -153.47
N ASN O 200 98.16 -73.59 -154.67
CA ASN O 200 98.40 -72.48 -155.58
C ASN O 200 97.45 -72.46 -156.78
N GLY O 201 96.20 -72.87 -156.61
CA GLY O 201 95.32 -73.10 -157.74
C GLY O 201 94.94 -71.87 -158.56
N PHE O 202 95.09 -70.66 -158.03
CA PHE O 202 94.60 -69.52 -158.82
C PHE O 202 95.45 -69.23 -160.06
N HIS O 203 96.65 -69.80 -160.18
CA HIS O 203 97.48 -69.64 -161.37
C HIS O 203 97.18 -70.63 -162.50
N ALA O 204 96.22 -71.54 -162.30
CA ALA O 204 95.96 -72.61 -163.27
C ALA O 204 94.63 -72.46 -163.97
N ILE O 205 93.85 -71.44 -163.63
CA ILE O 205 92.53 -71.26 -164.20
C ILE O 205 92.60 -70.95 -165.70
N GLY O 206 93.63 -70.25 -166.15
CA GLY O 206 93.75 -69.93 -167.57
C GLY O 206 93.84 -71.15 -168.49
N GLN O 207 94.30 -72.29 -167.99
CA GLN O 207 94.35 -73.49 -168.81
C GLN O 207 92.99 -74.16 -168.91
N MET O 208 92.08 -73.87 -167.98
CA MET O 208 90.76 -74.49 -167.92
C MET O 208 89.68 -73.69 -168.62
N CYS O 209 89.91 -72.40 -168.89
CA CYS O 209 88.90 -71.58 -169.55
C CYS O 209 89.57 -70.42 -170.27
N GLU O 210 88.79 -69.79 -171.16
CA GLU O 210 89.21 -68.64 -171.95
C GLU O 210 88.64 -67.37 -171.32
N ALA O 211 89.26 -66.92 -170.23
CA ALA O 211 88.76 -65.73 -169.55
C ALA O 211 89.86 -65.11 -168.70
N PRO O 212 89.90 -63.79 -168.53
CA PRO O 212 90.90 -63.21 -167.63
C PRO O 212 90.61 -63.66 -166.21
N VAL O 213 91.67 -63.85 -165.45
CA VAL O 213 91.59 -64.25 -164.05
C VAL O 213 92.18 -63.13 -163.20
N VAL O 214 91.35 -62.56 -162.32
CA VAL O 214 91.74 -61.46 -161.45
C VAL O 214 91.37 -61.79 -160.01
N THR O 215 91.97 -61.05 -159.08
CA THR O 215 91.69 -61.29 -157.68
C THR O 215 90.32 -60.72 -157.31
N ARG O 216 89.80 -61.17 -156.17
CA ARG O 216 88.52 -60.65 -155.68
C ARG O 216 88.61 -59.17 -155.37
N GLU O 217 89.79 -58.70 -154.99
CA GLU O 217 89.99 -57.31 -154.63
C GLU O 217 89.69 -56.37 -155.78
N TRP O 218 89.75 -56.84 -157.03
CA TRP O 218 89.39 -55.99 -158.17
C TRP O 218 87.91 -55.62 -158.09
N VAL O 219 87.07 -56.61 -157.80
CA VAL O 219 85.63 -56.39 -157.65
C VAL O 219 85.40 -55.45 -156.48
N LEU O 220 85.99 -55.79 -155.33
CA LEU O 220 85.80 -55.01 -154.12
C LEU O 220 86.20 -53.56 -154.34
N ASP O 221 87.34 -53.33 -155.00
CA ASP O 221 87.76 -51.98 -155.31
C ASP O 221 86.81 -51.35 -156.32
N SER O 222 86.39 -52.14 -157.31
CA SER O 222 85.48 -51.65 -158.35
C SER O 222 84.14 -51.26 -157.75
N VAL O 223 83.64 -52.07 -156.82
CA VAL O 223 82.36 -51.80 -156.18
C VAL O 223 82.47 -50.57 -155.30
N ALA O 224 83.55 -50.49 -154.52
CA ALA O 224 83.73 -49.36 -153.60
C ALA O 224 83.70 -48.04 -154.35
N LEU O 225 84.24 -48.01 -155.57
CA LEU O 225 84.25 -46.81 -156.38
C LEU O 225 83.05 -46.67 -157.29
N TYR O 226 82.24 -47.71 -157.48
CA TYR O 226 81.30 -47.71 -158.59
C TYR O 226 81.87 -47.17 -159.89
N GLN O 227 83.01 -47.74 -160.31
CA GLN O 227 83.56 -47.46 -161.63
C GLN O 227 84.47 -48.63 -162.03
N CYS O 228 84.25 -49.18 -163.22
CA CYS O 228 84.97 -50.39 -163.61
C CYS O 228 86.46 -50.13 -163.83
N GLN O 229 87.31 -50.67 -162.97
CA GLN O 229 88.75 -50.48 -163.05
C GLN O 229 89.39 -51.40 -164.10
N GLU O 230 90.55 -50.97 -164.59
CA GLU O 230 91.33 -51.81 -165.51
C GLU O 230 91.95 -52.99 -164.75
N LEU O 231 91.87 -54.17 -165.35
CA LEU O 231 92.34 -55.41 -164.73
C LEU O 231 93.86 -55.47 -164.61
N ASP O 232 94.58 -54.63 -165.39
CA ASP O 232 96.03 -54.71 -165.53
C ASP O 232 96.78 -54.85 -164.20
N THR O 233 96.49 -54.01 -163.20
CA THR O 233 97.29 -54.13 -161.98
C THR O 233 96.87 -55.33 -161.15
N TYR O 234 95.66 -55.84 -161.37
CA TYR O 234 95.07 -56.96 -160.65
C TYR O 234 95.11 -58.26 -161.45
N LEU O 235 95.72 -58.27 -162.64
CA LEU O 235 95.72 -59.46 -163.47
C LEU O 235 96.57 -60.50 -162.76
N ILE O 236 96.11 -61.75 -162.78
CA ILE O 236 96.82 -62.86 -162.16
C ILE O 236 97.60 -63.62 -163.23
N PRO O 237 98.92 -63.78 -163.10
CA PRO O 237 99.71 -64.48 -164.11
C PRO O 237 99.24 -65.91 -164.34
N GLN O 238 99.12 -66.27 -165.61
CA GLN O 238 98.68 -67.60 -166.02
C GLN O 238 99.89 -68.33 -166.58
N ILE O 239 99.74 -69.62 -166.84
CA ILE O 239 100.78 -70.41 -167.50
C ILE O 239 100.27 -70.75 -168.90
N PRO O 240 100.98 -70.35 -169.98
CA PRO O 240 100.47 -70.68 -171.32
C PRO O 240 100.47 -72.19 -171.61
N VAL P 27 64.93 -68.47 -154.43
CA VAL P 27 65.54 -68.22 -153.13
C VAL P 27 64.73 -68.93 -152.05
N ASN P 28 65.43 -69.42 -151.02
CA ASN P 28 64.81 -70.01 -149.85
C ASN P 28 64.89 -69.10 -148.63
N LYS P 29 64.00 -69.32 -147.68
CA LYS P 29 64.00 -68.59 -146.43
C LYS P 29 65.30 -68.85 -145.67
N ARG P 30 65.71 -67.87 -144.88
CA ARG P 30 66.91 -67.94 -144.05
C ARG P 30 66.51 -67.90 -142.58
N MET P 31 67.45 -68.26 -141.72
CA MET P 31 67.19 -68.19 -140.29
C MET P 31 67.16 -66.70 -139.94
N SER P 32 66.18 -66.29 -139.14
CA SER P 32 66.10 -64.91 -138.69
C SER P 32 65.44 -64.81 -137.32
N MET P 33 66.13 -64.21 -136.37
CA MET P 33 65.66 -64.14 -135.00
C MET P 33 65.31 -62.69 -134.68
N VAL P 34 64.38 -62.51 -133.76
CA VAL P 34 64.18 -61.24 -133.07
C VAL P 34 64.13 -61.50 -131.58
N VAL P 35 64.50 -60.50 -130.77
CA VAL P 35 64.49 -60.65 -129.32
C VAL P 35 63.53 -59.63 -128.70
N SER P 36 63.09 -59.95 -127.48
CA SER P 36 62.09 -59.14 -126.78
C SER P 36 62.24 -59.27 -125.27
N GLY P 37 62.13 -58.14 -124.55
CA GLY P 37 62.18 -58.21 -123.10
C GLY P 37 63.56 -58.20 -122.51
N LEU P 38 64.59 -57.97 -123.29
CA LEU P 38 65.97 -58.01 -122.82
C LEU P 38 66.51 -56.67 -122.38
N THR P 39 67.31 -56.72 -121.31
CA THR P 39 68.11 -55.59 -120.88
C THR P 39 69.21 -55.38 -121.92
N PRO P 40 69.81 -54.18 -121.99
CA PRO P 40 70.87 -53.96 -122.99
C PRO P 40 71.97 -55.01 -122.95
N GLU P 41 72.49 -55.33 -121.75
CA GLU P 41 73.59 -56.28 -121.64
C GLU P 41 73.23 -57.66 -122.20
N GLU P 42 71.98 -58.09 -121.97
CA GLU P 42 71.48 -59.36 -122.49
C GLU P 42 71.32 -59.36 -124.00
N PHE P 43 70.89 -58.24 -124.57
CA PHE P 43 70.72 -58.13 -126.02
C PHE P 43 72.07 -58.32 -126.71
N MET P 44 73.13 -57.78 -126.11
CA MET P 44 74.48 -57.82 -126.67
C MET P 44 75.00 -59.24 -126.78
N LEU P 45 74.61 -60.13 -125.87
CA LEU P 45 75.06 -61.51 -125.95
C LEU P 45 74.54 -62.22 -127.20
N VAL P 46 73.28 -61.97 -127.58
CA VAL P 46 72.77 -62.59 -128.80
C VAL P 46 73.45 -62.02 -130.02
N TYR P 47 73.75 -60.72 -130.02
CA TYR P 47 74.43 -60.15 -131.18
C TYR P 47 75.80 -60.81 -131.32
N LYS P 48 76.50 -61.00 -130.20
CA LYS P 48 77.77 -61.72 -130.22
C LYS P 48 77.54 -63.16 -130.68
N PHE P 49 76.43 -63.77 -130.24
CA PHE P 49 76.09 -65.11 -130.68
C PHE P 49 75.88 -65.11 -132.19
N ALA P 50 75.08 -64.16 -132.67
CA ALA P 50 74.78 -64.01 -134.07
C ALA P 50 76.04 -63.67 -134.85
N ARG P 51 76.96 -62.94 -134.21
CA ARG P 51 78.23 -62.56 -134.83
C ARG P 51 79.09 -63.75 -135.20
N LYS P 52 79.26 -64.71 -134.28
CA LYS P 52 80.19 -65.79 -134.61
C LYS P 52 79.67 -66.65 -135.76
N HIS P 53 78.39 -67.03 -135.73
CA HIS P 53 77.81 -67.84 -136.80
C HIS P 53 76.94 -67.07 -137.78
N HIS P 54 77.19 -65.77 -138.00
CA HIS P 54 76.52 -64.97 -139.04
C HIS P 54 75.01 -65.25 -139.14
N ILE P 55 74.33 -65.29 -137.99
CA ILE P 55 72.90 -65.55 -137.94
C ILE P 55 72.16 -64.22 -137.95
N THR P 56 71.13 -64.15 -138.78
CA THR P 56 70.31 -62.95 -138.88
C THR P 56 69.49 -62.70 -137.62
N LEU P 57 69.55 -61.45 -137.17
CA LEU P 57 68.88 -60.97 -135.98
C LEU P 57 68.33 -59.60 -136.34
N THR P 58 67.02 -59.41 -136.29
CA THR P 58 66.40 -58.14 -136.66
C THR P 58 65.65 -57.55 -135.48
N ASN P 59 65.32 -56.24 -135.58
CA ASN P 59 64.59 -55.56 -134.51
C ASN P 59 63.10 -55.41 -134.78
N LEU P 60 62.64 -55.66 -136.02
CA LEU P 60 61.22 -55.62 -136.34
C LEU P 60 60.80 -56.98 -136.88
N ILE P 61 59.69 -57.49 -136.39
CA ILE P 61 59.24 -58.82 -136.79
C ILE P 61 58.41 -58.65 -138.05
N THR P 62 58.72 -59.43 -139.07
CA THR P 62 58.04 -59.37 -140.36
C THR P 62 57.68 -60.78 -140.79
N GLU P 63 57.07 -60.90 -141.96
CA GLU P 63 56.75 -62.21 -142.50
C GLU P 63 58.04 -62.98 -142.77
N GLU P 64 59.13 -62.25 -143.06
CA GLU P 64 60.41 -62.87 -143.34
C GLU P 64 61.08 -63.34 -142.05
N THR P 65 60.68 -62.76 -140.91
CA THR P 65 61.19 -63.17 -139.61
C THR P 65 60.72 -64.59 -139.33
N THR P 66 61.66 -65.44 -138.90
CA THR P 66 61.38 -66.85 -138.66
C THR P 66 61.46 -67.24 -137.19
N HIS P 67 62.25 -66.53 -136.40
CA HIS P 67 62.45 -66.84 -134.98
C HIS P 67 62.15 -65.61 -134.12
N VAL P 68 61.48 -65.86 -133.01
CA VAL P 68 61.18 -64.84 -131.99
C VAL P 68 61.79 -65.32 -130.68
N VAL P 69 62.75 -64.55 -130.17
CA VAL P 69 63.49 -64.91 -128.97
C VAL P 69 62.93 -64.16 -127.77
N MET P 70 62.36 -64.88 -126.82
CA MET P 70 61.76 -64.26 -125.65
C MET P 70 62.63 -64.46 -124.42
N LYS P 71 62.61 -63.47 -123.55
CA LYS P 71 63.27 -63.55 -122.25
C LYS P 71 62.43 -64.39 -121.29
N THR P 72 62.99 -65.49 -120.77
CA THR P 72 62.24 -66.38 -119.91
C THR P 72 63.03 -66.69 -118.64
N ASP P 73 62.37 -67.40 -117.73
CA ASP P 73 62.99 -67.96 -116.55
C ASP P 73 63.48 -69.37 -116.89
N ALA P 74 63.88 -70.13 -115.87
CA ALA P 74 64.38 -71.48 -116.08
C ALA P 74 63.28 -72.42 -116.60
N GLU P 75 62.01 -72.10 -116.37
CA GLU P 75 60.89 -72.93 -116.78
C GLU P 75 60.23 -72.44 -118.05
N PHE P 76 60.91 -71.57 -118.81
CA PHE P 76 60.42 -71.10 -120.11
C PHE P 76 59.10 -70.35 -120.02
N VAL P 77 59.03 -69.40 -119.10
CA VAL P 77 57.88 -68.52 -118.92
C VAL P 77 58.36 -67.12 -119.19
N CYS P 78 57.66 -66.39 -120.05
CA CYS P 78 58.10 -65.09 -120.51
C CYS P 78 57.08 -64.01 -120.15
N GLU P 79 57.41 -62.78 -120.50
CA GLU P 79 56.54 -61.63 -120.38
C GLU P 79 55.69 -61.52 -121.64
N ARG P 80 54.62 -60.76 -121.53
CA ARG P 80 53.72 -60.52 -122.64
C ARG P 80 54.21 -59.26 -123.33
N THR P 81 54.88 -59.42 -124.47
CA THR P 81 55.39 -58.32 -125.28
C THR P 81 54.71 -58.27 -126.64
N LEU P 82 54.95 -57.17 -127.36
CA LEU P 82 54.41 -57.04 -128.70
C LEU P 82 54.97 -58.12 -129.61
N LYS P 83 56.27 -58.37 -129.47
CA LYS P 83 56.97 -59.35 -130.27
C LYS P 83 56.53 -60.77 -129.92
N TYR P 84 56.11 -60.99 -128.68
CA TYR P 84 55.60 -62.31 -128.29
C TYR P 84 54.31 -62.60 -129.03
N PHE P 85 53.37 -61.66 -128.98
CA PHE P 85 52.08 -61.78 -129.65
C PHE P 85 52.24 -61.85 -131.17
N LEU P 86 53.04 -60.95 -131.75
CA LEU P 86 53.19 -60.92 -133.20
C LEU P 86 53.82 -62.22 -133.70
N GLY P 87 54.69 -62.81 -132.89
CA GLY P 87 55.29 -64.10 -133.23
C GLY P 87 54.27 -65.22 -133.30
N ILE P 88 53.36 -65.26 -132.32
CA ILE P 88 52.33 -66.29 -132.26
C ILE P 88 51.34 -66.16 -133.41
N ALA P 89 50.88 -64.96 -133.72
CA ALA P 89 49.91 -64.77 -134.79
C ALA P 89 50.42 -65.33 -136.11
N GLY P 90 51.71 -65.20 -136.36
CA GLY P 90 52.33 -65.68 -137.59
C GLY P 90 52.84 -67.10 -137.54
N GLY P 91 52.64 -67.79 -136.44
CA GLY P 91 53.09 -69.17 -136.31
C GLY P 91 54.58 -69.33 -136.39
N LYS P 92 55.32 -68.31 -135.95
CA LYS P 92 56.77 -68.30 -136.00
C LYS P 92 57.35 -68.99 -134.78
N TRP P 93 58.63 -69.32 -134.89
CA TRP P 93 59.33 -69.99 -133.82
C TRP P 93 59.55 -69.00 -132.69
N VAL P 94 58.93 -69.25 -131.54
CA VAL P 94 59.07 -68.40 -130.37
C VAL P 94 59.93 -69.16 -129.37
N VAL P 95 61.16 -68.71 -129.16
CA VAL P 95 62.10 -69.46 -128.34
C VAL P 95 62.58 -68.58 -127.20
N SER P 96 63.12 -69.23 -126.18
CA SER P 96 63.55 -68.50 -124.99
C SER P 96 64.93 -67.89 -125.23
N TYR P 97 65.18 -66.78 -124.53
CA TYR P 97 66.48 -66.14 -124.63
C TYR P 97 67.58 -67.05 -124.11
N PHE P 98 67.24 -67.99 -123.23
CA PHE P 98 68.21 -68.89 -122.66
C PHE P 98 68.85 -69.83 -123.67
N TRP P 99 68.30 -70.01 -124.87
CA TRP P 99 69.02 -70.84 -125.83
C TRP P 99 70.37 -70.24 -126.17
N VAL P 100 70.47 -68.92 -126.21
CA VAL P 100 71.76 -68.33 -126.51
C VAL P 100 72.64 -68.51 -125.29
N THR P 101 72.17 -68.10 -124.10
CA THR P 101 73.01 -68.23 -122.92
C THR P 101 73.36 -69.69 -122.71
N GLN P 102 72.42 -70.61 -123.00
CA GLN P 102 72.71 -72.03 -122.85
C GLN P 102 73.66 -72.51 -123.92
N SER P 103 73.51 -72.02 -125.16
CA SER P 103 74.46 -72.44 -126.19
C SER P 103 75.85 -71.94 -125.87
N ILE P 104 75.95 -70.73 -125.32
CA ILE P 104 77.21 -70.18 -124.85
C ILE P 104 77.66 -70.89 -123.56
N LYS P 105 76.72 -71.11 -122.62
CA LYS P 105 77.01 -71.75 -121.33
C LYS P 105 77.56 -73.15 -121.56
N GLU P 106 77.11 -73.82 -122.62
CA GLU P 106 77.53 -75.16 -122.94
C GLU P 106 78.44 -75.13 -124.16
N ARG P 107 78.70 -73.93 -124.72
CA ARG P 107 79.59 -73.74 -125.87
C ARG P 107 79.18 -74.58 -127.07
N LYS P 108 77.91 -74.96 -127.14
CA LYS P 108 77.43 -75.71 -128.28
C LYS P 108 76.36 -74.93 -129.01
N MET P 109 75.90 -75.45 -130.14
CA MET P 109 74.74 -74.87 -130.80
C MET P 109 73.62 -75.86 -130.51
N LEU P 110 73.02 -75.73 -129.34
CA LEU P 110 71.97 -76.62 -128.92
C LEU P 110 70.72 -76.37 -129.77
N ASN P 111 69.77 -77.28 -129.70
CA ASN P 111 68.59 -77.14 -130.52
C ASN P 111 67.69 -76.03 -129.94
N GLU P 112 67.33 -75.06 -130.78
CA GLU P 112 66.53 -73.93 -130.28
C GLU P 112 65.16 -74.41 -129.85
N HIS P 113 64.55 -75.26 -130.68
CA HIS P 113 63.20 -75.80 -130.48
C HIS P 113 62.97 -76.30 -129.07
N ASP P 114 64.01 -76.81 -128.42
CA ASP P 114 63.99 -77.29 -127.05
C ASP P 114 63.75 -76.16 -126.05
N PHE P 115 63.91 -74.91 -126.47
CA PHE P 115 63.83 -73.72 -125.62
C PHE P 115 62.61 -72.86 -125.96
N GLU P 116 61.58 -73.46 -126.58
CA GLU P 116 60.35 -72.76 -126.91
C GLU P 116 59.64 -72.32 -125.63
N VAL P 117 59.19 -71.05 -125.61
CA VAL P 117 58.55 -70.55 -124.41
C VAL P 117 57.23 -71.27 -124.22
N ARG P 118 56.93 -71.61 -122.96
CA ARG P 118 55.80 -72.47 -122.63
C ARG P 118 54.56 -71.70 -122.16
N GLY P 119 54.73 -70.49 -121.63
CA GLY P 119 53.60 -69.72 -121.18
C GLY P 119 54.03 -68.33 -120.79
N ASP P 120 53.11 -67.60 -120.16
CA ASP P 120 53.37 -66.22 -119.74
C ASP P 120 52.88 -66.03 -118.31
N VAL P 121 53.26 -64.87 -117.75
CA VAL P 121 53.03 -64.57 -116.33
C VAL P 121 51.61 -64.18 -115.95
N VAL P 122 50.65 -64.19 -116.86
CA VAL P 122 49.28 -63.79 -116.58
C VAL P 122 48.31 -64.96 -116.70
N ASN P 123 48.39 -65.69 -117.80
CA ASN P 123 47.42 -66.71 -118.17
C ASN P 123 47.91 -68.13 -117.93
N GLY P 124 49.15 -68.30 -117.45
CA GLY P 124 49.70 -69.61 -117.18
C GLY P 124 51.13 -69.82 -117.66
N ARG P 125 51.87 -70.62 -116.90
CA ARG P 125 53.28 -70.90 -117.10
C ARG P 125 53.56 -71.97 -118.14
N ASN P 126 52.52 -72.66 -118.63
CA ASN P 126 52.70 -73.72 -119.60
C ASN P 126 51.46 -73.81 -120.48
N HIS P 127 50.96 -72.67 -120.96
CA HIS P 127 49.76 -72.72 -121.76
C HIS P 127 50.08 -73.02 -123.22
N GLN P 128 51.37 -73.06 -123.57
CA GLN P 128 51.85 -73.49 -124.88
C GLN P 128 51.20 -72.75 -126.05
N GLY P 129 50.94 -71.46 -125.87
CA GLY P 129 50.31 -70.67 -126.90
C GLY P 129 51.14 -70.70 -128.17
N PRO P 130 52.40 -70.27 -128.10
CA PRO P 130 53.27 -70.33 -129.29
C PRO P 130 53.36 -71.73 -129.90
N LYS P 131 53.49 -72.75 -129.06
CA LYS P 131 53.58 -74.11 -129.56
C LYS P 131 52.31 -74.51 -130.30
N ARG P 132 51.14 -74.24 -129.72
CA ARG P 132 49.92 -74.60 -130.43
C ARG P 132 49.78 -73.77 -131.71
N ALA P 133 50.22 -72.51 -131.64
CA ALA P 133 50.12 -71.63 -132.80
C ALA P 133 50.93 -72.14 -133.98
N ARG P 134 52.14 -72.65 -133.74
CA ARG P 134 52.92 -73.16 -134.86
C ARG P 134 52.27 -74.39 -135.47
N GLU P 135 51.68 -75.25 -134.63
CA GLU P 135 51.22 -76.55 -135.10
C GLU P 135 49.77 -76.51 -135.57
N SER P 136 49.13 -75.34 -135.54
CA SER P 136 47.71 -75.21 -135.84
C SER P 136 47.44 -74.00 -136.74
N GLN P 137 48.38 -73.65 -137.62
CA GLN P 137 48.21 -72.51 -138.53
C GLN P 137 47.14 -72.77 -139.58
N ASP P 138 46.70 -74.01 -139.73
CA ASP P 138 45.64 -74.36 -140.66
C ASP P 138 44.26 -74.06 -140.09
N ARG P 139 44.14 -73.85 -138.78
CA ARG P 139 42.87 -73.53 -138.14
C ARG P 139 43.14 -72.38 -137.17
N LYS P 140 43.43 -71.21 -137.76
CA LYS P 140 43.78 -70.02 -137.00
C LYS P 140 42.59 -69.63 -136.11
N ILE P 141 42.90 -69.10 -134.92
CA ILE P 141 41.80 -68.98 -133.98
C ILE P 141 40.82 -67.91 -134.41
N PHE P 142 41.26 -66.87 -135.15
CA PHE P 142 40.31 -65.84 -135.55
C PHE P 142 39.99 -65.96 -137.03
N ARG P 143 40.23 -67.12 -137.66
CA ARG P 143 39.84 -67.30 -139.05
C ARG P 143 38.32 -67.22 -139.15
N GLY P 144 37.83 -66.34 -140.02
CA GLY P 144 36.41 -66.21 -140.23
C GLY P 144 35.72 -65.27 -139.26
N LEU P 145 36.47 -64.46 -138.52
CA LEU P 145 35.98 -63.49 -137.57
C LEU P 145 36.35 -62.14 -138.19
N GLU P 146 35.51 -61.13 -137.98
CA GLU P 146 35.80 -59.77 -138.43
C GLU P 146 36.10 -58.83 -137.27
N ILE P 147 37.35 -58.38 -137.22
CA ILE P 147 37.92 -57.59 -136.13
C ILE P 147 38.21 -56.17 -136.61
N CYS P 148 37.75 -55.19 -135.84
CA CYS P 148 38.04 -53.77 -136.03
C CYS P 148 38.93 -53.33 -134.86
N CYS P 149 40.15 -52.93 -135.19
CA CYS P 149 41.13 -52.42 -134.22
C CYS P 149 40.85 -50.96 -133.92
N TYR P 150 40.13 -50.73 -132.82
CA TYR P 150 39.64 -49.41 -132.42
C TYR P 150 40.65 -48.60 -131.63
N GLY P 151 41.23 -47.58 -132.28
CA GLY P 151 42.26 -46.79 -131.67
C GLY P 151 41.76 -46.06 -130.43
N PRO P 152 42.66 -45.44 -129.66
CA PRO P 152 44.10 -45.36 -129.89
C PRO P 152 44.66 -46.56 -129.18
N PHE P 153 45.96 -46.79 -129.25
CA PHE P 153 46.60 -47.90 -128.58
C PHE P 153 47.93 -47.44 -128.00
N THR P 154 48.34 -48.13 -126.95
CA THR P 154 49.60 -47.89 -126.28
C THR P 154 50.37 -49.19 -126.32
N ASN P 155 51.69 -49.08 -126.42
CA ASN P 155 52.61 -50.20 -126.39
C ASN P 155 52.40 -51.20 -127.53
N MET P 156 51.53 -50.88 -128.51
CA MET P 156 51.26 -51.74 -129.64
C MET P 156 50.67 -50.97 -130.83
N PRO P 157 51.42 -50.76 -131.92
CA PRO P 157 50.85 -50.06 -133.09
C PRO P 157 49.55 -50.73 -133.57
N THR P 158 48.60 -49.90 -134.01
CA THR P 158 47.35 -50.45 -134.51
C THR P 158 47.58 -51.32 -135.73
N ASP P 159 48.45 -50.89 -136.64
CA ASP P 159 48.69 -51.65 -137.86
C ASP P 159 49.43 -52.95 -137.59
N GLN P 160 50.08 -53.08 -136.43
CA GLN P 160 50.75 -54.31 -136.07
C GLN P 160 49.73 -55.27 -135.49
N LEU P 161 48.78 -54.76 -134.70
CA LEU P 161 47.69 -55.58 -134.21
C LEU P 161 46.81 -56.02 -135.37
N GLU P 162 46.61 -55.14 -136.34
CA GLU P 162 45.86 -55.53 -137.53
C GLU P 162 46.60 -56.65 -138.25
N TRP P 163 47.94 -56.55 -138.31
CA TRP P 163 48.70 -57.62 -138.92
C TRP P 163 48.50 -58.89 -138.10
N MET P 164 48.41 -58.73 -136.79
CA MET P 164 48.25 -59.87 -135.89
C MET P 164 46.95 -60.62 -136.17
N VAL P 165 45.83 -59.90 -136.18
CA VAL P 165 44.57 -60.58 -136.44
C VAL P 165 44.52 -61.02 -137.89
N GLN P 166 45.20 -60.28 -138.78
CA GLN P 166 45.34 -60.71 -140.17
C GLN P 166 46.07 -62.05 -140.20
N LEU P 167 47.16 -62.15 -139.45
CA LEU P 167 47.95 -63.37 -139.39
C LEU P 167 47.16 -64.51 -138.76
N CYS P 168 46.11 -64.19 -137.99
CA CYS P 168 45.26 -65.18 -137.33
C CYS P 168 43.99 -65.46 -138.13
N GLY P 169 43.90 -64.95 -139.36
CA GLY P 169 42.83 -65.30 -140.26
C GLY P 169 41.64 -64.38 -140.22
N ALA P 170 41.68 -63.34 -139.40
CA ALA P 170 40.56 -62.42 -139.32
C ALA P 170 40.59 -61.46 -140.50
N SER P 171 39.43 -60.91 -140.82
CA SER P 171 39.29 -59.91 -141.86
C SER P 171 39.22 -58.58 -141.15
N VAL P 172 40.16 -57.71 -141.47
CA VAL P 172 40.31 -56.42 -140.81
C VAL P 172 39.28 -55.45 -141.37
N VAL P 173 38.60 -54.76 -140.47
CA VAL P 173 37.60 -53.75 -140.80
C VAL P 173 38.14 -52.45 -140.25
N LYS P 174 38.30 -51.47 -141.14
CA LYS P 174 39.02 -50.25 -140.81
C LYS P 174 38.15 -49.30 -139.98
N GLU P 175 36.87 -49.18 -140.34
CA GLU P 175 35.91 -48.31 -139.69
C GLU P 175 34.64 -49.08 -139.35
N LEU P 176 33.96 -48.64 -138.29
CA LEU P 176 32.77 -49.33 -137.82
C LEU P 176 31.69 -49.44 -138.89
N SER P 177 31.57 -48.45 -139.78
CA SER P 177 30.51 -48.55 -140.78
C SER P 177 30.82 -49.61 -141.83
N SER P 178 32.06 -50.06 -141.91
CA SER P 178 32.50 -51.00 -142.94
C SER P 178 32.31 -52.44 -142.51
N PHE P 179 31.70 -52.66 -141.33
CA PHE P 179 31.47 -54.00 -140.83
C PHE P 179 30.55 -54.76 -141.77
N THR P 180 30.90 -56.01 -142.07
CA THR P 180 29.95 -56.79 -142.86
C THR P 180 28.82 -57.16 -141.91
N LEU P 181 27.57 -56.97 -142.33
CA LEU P 181 26.40 -57.33 -141.52
C LEU P 181 25.77 -58.65 -141.98
N GLY P 182 25.71 -59.64 -141.09
CA GLY P 182 25.16 -60.93 -141.48
C GLY P 182 25.22 -61.94 -140.35
N THR P 183 24.39 -62.98 -140.48
CA THR P 183 24.37 -64.03 -139.46
C THR P 183 25.56 -64.97 -139.58
N GLY P 184 26.06 -65.19 -140.80
CA GLY P 184 27.17 -66.12 -140.97
C GLY P 184 28.50 -65.46 -140.68
N VAL P 185 28.51 -64.13 -140.67
CA VAL P 185 29.66 -63.28 -140.44
C VAL P 185 29.76 -63.11 -138.94
N HIS P 186 30.98 -63.11 -138.42
CA HIS P 186 31.17 -62.90 -136.99
C HIS P 186 31.93 -61.59 -136.81
N PRO P 187 31.21 -60.49 -136.58
CA PRO P 187 31.87 -59.21 -136.38
C PRO P 187 32.29 -59.14 -134.92
N ILE P 188 33.45 -58.52 -134.69
CA ILE P 188 33.98 -58.37 -133.35
C ILE P 188 34.59 -56.98 -133.26
N VAL P 189 34.23 -56.27 -132.21
CA VAL P 189 34.76 -54.95 -131.92
C VAL P 189 35.80 -55.14 -130.84
N VAL P 190 37.03 -54.74 -131.15
CA VAL P 190 38.17 -54.88 -130.25
C VAL P 190 38.57 -53.47 -129.86
N VAL P 191 38.60 -53.20 -128.56
CA VAL P 191 38.98 -51.89 -128.04
C VAL P 191 39.99 -52.12 -126.93
N GLN P 192 40.68 -51.06 -126.54
CA GLN P 192 41.62 -51.10 -125.42
C GLN P 192 41.09 -50.07 -124.42
N PRO P 193 40.37 -50.49 -123.37
CA PRO P 193 39.82 -49.50 -122.42
C PRO P 193 40.87 -48.57 -121.85
N ASP P 194 42.09 -49.06 -121.69
CA ASP P 194 43.17 -48.24 -121.16
C ASP P 194 43.48 -47.01 -121.99
N ALA P 195 43.43 -47.11 -123.32
CA ALA P 195 43.88 -45.96 -124.10
C ALA P 195 42.94 -44.76 -124.02
N TRP P 196 41.64 -44.97 -123.81
CA TRP P 196 40.71 -43.84 -123.74
C TRP P 196 40.74 -43.10 -122.40
N THR P 197 40.89 -41.79 -122.48
CA THR P 197 40.93 -40.89 -121.34
C THR P 197 39.97 -39.76 -121.66
N GLU P 198 39.40 -39.16 -120.62
CA GLU P 198 38.39 -38.12 -120.69
C GLU P 198 36.99 -38.64 -121.03
N ASP P 199 36.84 -39.87 -121.51
CA ASP P 199 35.59 -40.31 -122.12
C ASP P 199 35.39 -41.80 -121.88
N ASN P 200 34.13 -42.21 -121.84
CA ASN P 200 33.68 -43.60 -121.77
C ASN P 200 33.12 -44.14 -123.10
N GLY P 201 33.66 -43.69 -124.24
CA GLY P 201 33.08 -43.95 -125.56
C GLY P 201 33.04 -45.39 -126.05
N PHE P 202 33.83 -46.31 -125.49
CA PHE P 202 33.89 -47.66 -126.03
C PHE P 202 32.61 -48.46 -125.77
N HIS P 203 31.69 -47.98 -124.94
CA HIS P 203 30.41 -48.63 -124.64
C HIS P 203 29.30 -48.37 -125.64
N ALA P 204 29.50 -47.61 -126.72
CA ALA P 204 28.38 -47.26 -127.59
C ALA P 204 28.46 -47.93 -128.95
N ILE P 205 29.50 -48.71 -129.22
CA ILE P 205 29.62 -49.37 -130.52
C ILE P 205 28.47 -50.38 -130.67
N GLY P 206 28.06 -51.00 -129.57
CA GLY P 206 26.95 -51.95 -129.57
C GLY P 206 25.66 -51.36 -130.05
N GLN P 207 25.51 -50.03 -129.97
CA GLN P 207 24.33 -49.37 -130.46
C GLN P 207 24.39 -49.24 -131.99
N MET P 208 25.59 -49.36 -132.56
CA MET P 208 25.84 -49.22 -133.98
C MET P 208 25.83 -50.58 -134.69
N CYS P 209 25.99 -51.66 -133.93
CA CYS P 209 26.02 -52.99 -134.53
C CYS P 209 25.59 -54.02 -133.50
N GLU P 210 25.29 -55.22 -134.00
CA GLU P 210 24.87 -56.37 -133.21
C GLU P 210 26.07 -57.31 -133.04
N ALA P 211 26.97 -56.94 -132.14
CA ALA P 211 28.16 -57.76 -131.96
C ALA P 211 28.75 -57.52 -130.58
N PRO P 212 29.38 -58.52 -129.97
CA PRO P 212 30.02 -58.30 -128.67
C PRO P 212 31.18 -57.34 -128.78
N VAL P 213 31.36 -56.55 -127.73
CA VAL P 213 32.44 -55.58 -127.61
C VAL P 213 33.27 -56.04 -126.42
N VAL P 214 34.54 -56.33 -126.67
CA VAL P 214 35.47 -56.83 -125.66
C VAL P 214 36.73 -56.00 -125.68
N THR P 215 37.51 -56.11 -124.61
CA THR P 215 38.74 -55.34 -124.54
C THR P 215 39.76 -55.99 -125.47
N ARG P 216 40.81 -55.22 -125.79
CA ARG P 216 41.86 -55.78 -126.62
C ARG P 216 42.52 -56.96 -125.93
N GLU P 217 42.53 -56.96 -124.60
CA GLU P 217 43.14 -58.04 -123.85
C GLU P 217 42.45 -59.37 -124.14
N TRP P 218 41.19 -59.34 -124.58
CA TRP P 218 40.53 -60.59 -124.94
C TRP P 218 41.27 -61.19 -126.13
N VAL P 219 41.56 -60.36 -127.13
CA VAL P 219 42.31 -60.81 -128.30
C VAL P 219 43.70 -61.23 -127.88
N LEU P 220 44.39 -60.34 -127.15
CA LEU P 220 45.76 -60.61 -126.72
C LEU P 220 45.82 -61.88 -125.91
N ASP P 221 44.88 -62.06 -124.98
CA ASP P 221 44.85 -63.31 -124.22
C ASP P 221 44.55 -64.46 -125.16
N SER P 222 43.62 -64.25 -126.10
CA SER P 222 43.31 -65.30 -127.05
C SER P 222 44.53 -65.59 -127.91
N VAL P 223 45.23 -64.53 -128.32
CA VAL P 223 46.44 -64.66 -129.12
C VAL P 223 47.56 -65.27 -128.30
N ALA P 224 47.75 -64.78 -127.06
CA ALA P 224 48.83 -65.29 -126.21
C ALA P 224 48.67 -66.78 -126.00
N LEU P 225 47.43 -67.25 -125.88
CA LEU P 225 47.13 -68.66 -125.70
C LEU P 225 46.89 -69.37 -127.02
N TYR P 226 46.78 -68.62 -128.11
CA TYR P 226 46.25 -69.11 -129.37
C TYR P 226 45.05 -70.04 -129.15
N GLN P 227 44.05 -69.50 -128.46
CA GLN P 227 42.77 -70.18 -128.33
C GLN P 227 41.71 -69.13 -128.05
N CYS P 228 40.63 -69.15 -128.81
CA CYS P 228 39.62 -68.10 -128.70
C CYS P 228 38.97 -68.19 -127.33
N GLN P 229 39.18 -67.17 -126.50
CA GLN P 229 38.66 -67.18 -125.14
C GLN P 229 37.17 -66.85 -125.12
N GLU P 230 36.50 -67.29 -124.07
CA GLU P 230 35.10 -66.96 -123.88
C GLU P 230 34.98 -65.48 -123.52
N LEU P 231 34.01 -64.81 -124.15
CA LEU P 231 33.81 -63.37 -124.00
C LEU P 231 33.27 -62.94 -122.63
N ASP P 232 32.67 -63.87 -121.86
CA ASP P 232 31.95 -63.53 -120.62
C ASP P 232 32.70 -62.57 -119.69
N THR P 233 33.97 -62.87 -119.36
CA THR P 233 34.62 -62.00 -118.38
C THR P 233 35.08 -60.68 -119.00
N TYR P 234 35.22 -60.65 -120.33
CA TYR P 234 35.68 -59.50 -121.10
C TYR P 234 34.57 -58.73 -121.81
N LEU P 235 33.29 -59.11 -121.64
CA LEU P 235 32.22 -58.45 -122.38
C LEU P 235 32.13 -57.03 -121.84
N ILE P 236 31.93 -56.07 -122.74
CA ILE P 236 31.80 -54.67 -122.37
C ILE P 236 30.33 -54.26 -122.31
N PRO P 237 29.84 -53.73 -121.18
CA PRO P 237 28.43 -53.32 -121.04
C PRO P 237 28.01 -52.23 -122.03
N GLN P 238 26.83 -52.41 -122.60
CA GLN P 238 26.27 -51.48 -123.58
C GLN P 238 25.14 -50.71 -122.88
N ILE P 239 24.64 -49.68 -123.54
CA ILE P 239 23.50 -48.92 -123.07
C ILE P 239 22.28 -49.22 -123.96
N PRO P 240 21.17 -49.74 -123.41
CA PRO P 240 20.01 -50.03 -124.27
C PRO P 240 19.40 -48.76 -124.85
N VAL Q 27 -173.50 45.33 11.94
CA VAL Q 27 -172.47 45.21 12.96
C VAL Q 27 -171.23 45.98 12.53
N ASN Q 28 -170.53 46.58 13.49
CA ASN Q 28 -169.26 47.26 13.25
C ASN Q 28 -168.07 46.47 13.76
N LYS Q 29 -166.92 46.79 13.19
CA LYS Q 29 -165.65 46.22 13.62
C LYS Q 29 -165.36 46.59 15.06
N ARG Q 30 -164.61 45.73 15.74
CA ARG Q 30 -164.20 45.93 17.12
C ARG Q 30 -162.71 46.16 17.14
N MET Q 31 -162.21 46.68 18.25
CA MET Q 31 -160.77 46.88 18.36
C MET Q 31 -160.13 45.50 18.49
N SER Q 32 -159.04 45.28 17.75
CA SER Q 32 -158.33 44.00 17.90
C SER Q 32 -156.84 44.11 17.61
N MET Q 33 -156.02 43.76 18.59
CA MET Q 33 -154.58 43.89 18.48
C MET Q 33 -153.96 42.50 18.48
N VAL Q 34 -152.81 42.35 17.83
CA VAL Q 34 -151.93 41.21 18.04
C VAL Q 34 -150.51 41.72 18.27
N VAL Q 35 -149.71 40.92 18.98
CA VAL Q 35 -148.33 41.30 19.30
C VAL Q 35 -147.36 40.30 18.69
N SER Q 36 -146.11 40.77 18.55
CA SER Q 36 -145.05 40.01 17.91
C SER Q 36 -143.70 40.44 18.49
N GLY Q 37 -142.84 39.46 18.77
CA GLY Q 37 -141.50 39.72 19.25
C GLY Q 37 -141.38 39.93 20.75
N LEU Q 38 -142.44 39.71 21.52
CA LEU Q 38 -142.43 39.93 22.96
C LEU Q 38 -142.08 38.71 23.80
N THR Q 39 -141.35 38.98 24.87
CA THR Q 39 -141.09 38.01 25.93
C THR Q 39 -142.41 37.78 26.68
N PRO Q 40 -142.56 36.66 27.40
CA PRO Q 40 -143.83 36.43 28.13
C PRO Q 40 -144.25 37.57 29.04
N GLU Q 41 -143.34 38.12 29.84
CA GLU Q 41 -143.69 39.19 30.78
C GLU Q 41 -144.24 40.40 30.03
N GLU Q 42 -143.69 40.67 28.85
CA GLU Q 42 -144.13 41.76 27.98
C GLU Q 42 -145.53 41.55 27.39
N PHE Q 43 -145.92 40.31 27.06
CA PHE Q 43 -147.25 40.08 26.49
C PHE Q 43 -148.33 40.53 27.46
N MET Q 44 -148.13 40.29 28.76
CA MET Q 44 -149.13 40.63 29.76
C MET Q 44 -149.37 42.13 29.76
N LEU Q 45 -148.35 42.92 29.47
CA LEU Q 45 -148.53 44.37 29.42
C LEU Q 45 -149.49 44.74 28.29
N VAL Q 46 -149.38 44.09 27.13
CA VAL Q 46 -150.37 44.40 26.09
C VAL Q 46 -151.73 43.85 26.49
N TYR Q 47 -151.73 42.68 27.12
CA TYR Q 47 -152.98 42.08 27.58
C TYR Q 47 -153.60 42.97 28.64
N LYS Q 48 -152.77 43.49 29.55
CA LYS Q 48 -153.23 44.43 30.56
C LYS Q 48 -153.80 45.68 29.90
N PHE Q 49 -153.17 46.15 28.83
CA PHE Q 49 -153.74 47.30 28.12
C PHE Q 49 -155.10 46.91 27.60
N ALA Q 50 -155.15 45.75 26.94
CA ALA Q 50 -156.38 45.21 26.38
C ALA Q 50 -157.37 44.91 27.49
N ARG Q 51 -156.85 44.50 28.66
CA ARG Q 51 -157.67 44.20 29.82
C ARG Q 51 -158.45 45.42 30.29
N LYS Q 52 -157.77 46.57 30.41
CA LYS Q 52 -158.47 47.72 30.96
C LYS Q 52 -159.58 48.18 30.02
N HIS Q 53 -159.31 48.25 28.71
CA HIS Q 53 -160.30 48.67 27.74
C HIS Q 53 -160.90 47.52 26.91
N HIS Q 54 -160.99 46.31 27.45
CA HIS Q 54 -161.68 45.17 26.78
C HIS Q 54 -161.40 45.07 25.28
N ILE Q 55 -160.13 45.18 24.91
CA ILE Q 55 -159.69 45.13 23.52
C ILE Q 55 -159.33 43.69 23.18
N THR Q 56 -159.78 43.25 22.00
CA THR Q 56 -159.48 41.92 21.52
C THR Q 56 -158.01 41.72 21.23
N LEU Q 57 -157.48 40.60 21.73
CA LEU Q 57 -156.07 40.26 21.58
C LEU Q 57 -156.00 38.77 21.29
N THR Q 58 -155.47 38.40 20.12
CA THR Q 58 -155.38 37.00 19.70
C THR Q 58 -153.93 36.58 19.49
N ASN Q 59 -153.70 35.26 19.44
CA ASN Q 59 -152.37 34.70 19.25
C ASN Q 59 -152.10 34.29 17.80
N LEU Q 60 -153.14 34.22 16.96
CA LEU Q 60 -153.00 33.94 15.54
C LEU Q 60 -153.58 35.12 14.79
N ILE Q 61 -152.88 35.60 13.77
CA ILE Q 61 -153.35 36.79 13.08
C ILE Q 61 -154.33 36.31 12.02
N THR Q 62 -155.51 36.92 11.97
CA THR Q 62 -156.59 36.55 11.06
C THR Q 62 -157.16 37.80 10.40
N GLU Q 63 -158.17 37.57 9.57
CA GLU Q 63 -158.87 38.68 8.92
C GLU Q 63 -159.57 39.55 9.97
N GLU Q 64 -159.97 38.95 11.09
CA GLU Q 64 -160.66 39.72 12.13
C GLU Q 64 -159.66 40.57 12.92
N THR Q 65 -158.39 40.21 12.90
CA THR Q 65 -157.35 40.98 13.55
C THR Q 65 -157.22 42.32 12.84
N THR Q 66 -157.20 43.41 13.62
CA THR Q 66 -157.15 44.75 13.05
C THR Q 66 -155.86 45.50 13.33
N HIS Q 67 -155.16 45.17 14.43
CA HIS Q 67 -153.93 45.84 14.83
C HIS Q 67 -152.84 44.78 15.02
N VAL Q 68 -151.63 45.09 14.55
CA VAL Q 68 -150.46 44.25 14.74
C VAL Q 68 -149.41 45.07 15.48
N VAL Q 69 -149.05 44.62 16.66
CA VAL Q 69 -148.15 45.31 17.58
C VAL Q 69 -146.76 44.68 17.46
N MET Q 70 -145.77 45.44 16.98
CA MET Q 70 -144.44 44.86 16.79
C MET Q 70 -143.49 45.33 17.89
N LYS Q 71 -142.59 44.43 18.24
CA LYS Q 71 -141.49 44.70 19.16
C LYS Q 71 -140.42 45.46 18.39
N THR Q 72 -140.07 46.67 18.85
CA THR Q 72 -139.12 47.50 18.10
C THR Q 72 -138.00 48.03 19.01
N ASP Q 73 -137.04 48.68 18.35
CA ASP Q 73 -135.97 49.43 18.98
C ASP Q 73 -136.41 50.90 19.12
N ALA Q 74 -135.47 51.78 19.47
CA ALA Q 74 -135.78 53.18 19.65
C ALA Q 74 -136.19 53.88 18.35
N GLU Q 75 -135.77 53.34 17.20
CA GLU Q 75 -136.07 53.95 15.90
C GLU Q 75 -137.24 53.27 15.19
N PHE Q 76 -138.02 52.48 15.92
CA PHE Q 76 -139.22 51.84 15.37
C PHE Q 76 -138.85 50.90 14.23
N VAL Q 77 -137.85 50.08 14.49
CA VAL Q 77 -137.38 49.05 13.57
C VAL Q 77 -137.59 47.73 14.29
N CYS Q 78 -138.23 46.78 13.61
CA CYS Q 78 -138.64 45.53 14.23
C CYS Q 78 -137.97 44.32 13.59
N GLU Q 79 -138.29 43.15 14.15
CA GLU Q 79 -137.89 41.86 13.63
C GLU Q 79 -138.88 41.35 12.61
N ARG Q 80 -138.40 40.37 11.83
CA ARG Q 80 -139.20 39.73 10.80
C ARG Q 80 -139.83 38.47 11.42
N THR Q 81 -141.11 38.58 11.74
CA THR Q 81 -141.93 37.50 12.29
C THR Q 81 -143.06 37.11 11.33
N LEU Q 82 -143.73 36.00 11.65
CA LEU Q 82 -144.85 35.56 10.83
C LEU Q 82 -145.99 36.58 10.82
N LYS Q 83 -146.31 37.13 12.00
CA LYS Q 83 -147.37 38.10 12.13
C LYS Q 83 -147.06 39.45 11.49
N TYR Q 84 -145.77 39.81 11.42
CA TYR Q 84 -145.41 41.06 10.77
C TYR Q 84 -145.73 41.01 9.29
N PHE Q 85 -145.29 39.96 8.60
CA PHE Q 85 -145.56 39.80 7.18
C PHE Q 85 -147.06 39.65 6.94
N LEU Q 86 -147.71 38.77 7.70
CA LEU Q 86 -149.13 38.52 7.51
C LEU Q 86 -149.92 39.79 7.80
N GLY Q 87 -149.41 40.59 8.74
CA GLY Q 87 -150.02 41.87 9.06
C GLY Q 87 -149.97 42.85 7.90
N ILE Q 88 -148.84 42.91 7.20
CA ILE Q 88 -148.68 43.82 6.07
C ILE Q 88 -149.61 43.40 4.94
N ALA Q 89 -149.67 42.10 4.64
CA ALA Q 89 -150.50 41.61 3.55
C ALA Q 89 -151.97 41.98 3.73
N GLY Q 90 -152.44 42.01 4.97
CA GLY Q 90 -153.82 42.32 5.28
C GLY Q 90 -154.14 43.78 5.50
N GLY Q 91 -153.16 44.67 5.36
CA GLY Q 91 -153.41 46.10 5.54
C GLY Q 91 -153.84 46.48 6.93
N LYS Q 92 -153.39 45.72 7.93
CA LYS Q 92 -153.78 45.97 9.31
C LYS Q 92 -152.88 47.05 9.89
N TRP Q 93 -153.31 47.61 11.02
CA TRP Q 93 -152.55 48.66 11.67
C TRP Q 93 -151.32 47.99 12.27
N VAL Q 94 -150.13 48.36 11.79
CA VAL Q 94 -148.88 47.80 12.30
C VAL Q 94 -148.18 48.87 13.11
N VAL Q 95 -148.17 48.69 14.43
CA VAL Q 95 -147.64 49.69 15.33
C VAL Q 95 -146.57 49.05 16.20
N SER Q 96 -145.74 49.91 16.78
CA SER Q 96 -144.63 49.44 17.60
C SER Q 96 -145.15 49.08 18.98
N TYR Q 97 -144.47 48.15 19.64
CA TYR Q 97 -144.86 47.79 21.00
C TYR Q 97 -144.74 48.97 21.95
N PHE Q 98 -143.88 49.95 21.63
CA PHE Q 98 -143.72 51.08 22.52
C PHE Q 98 -144.99 51.92 22.64
N TRP Q 99 -145.95 51.81 21.72
CA TRP Q 99 -147.20 52.53 21.91
C TRP Q 99 -147.94 52.03 23.13
N VAL Q 100 -147.85 50.73 23.40
CA VAL Q 100 -148.56 50.16 24.53
C VAL Q 100 -147.91 50.61 25.82
N THR Q 101 -146.59 50.42 25.93
CA THR Q 101 -145.92 50.77 27.16
C THR Q 101 -146.08 52.26 27.45
N GLN Q 102 -146.09 53.10 26.41
CA GLN Q 102 -146.21 54.53 26.64
C GLN Q 102 -147.59 54.97 27.10
N SER Q 103 -148.68 54.39 26.57
CA SER Q 103 -149.97 54.83 27.09
C SER Q 103 -150.16 54.45 28.56
N ILE Q 104 -149.67 53.27 28.94
CA ILE Q 104 -149.71 52.89 30.35
C ILE Q 104 -148.68 53.70 31.15
N LYS Q 105 -147.45 53.81 30.62
CA LYS Q 105 -146.32 54.49 31.26
C LYS Q 105 -146.62 55.94 31.58
N GLU Q 106 -147.44 56.59 30.78
CA GLU Q 106 -147.78 58.00 30.92
C GLU Q 106 -149.19 58.20 31.45
N ARG Q 107 -149.91 57.13 31.79
CA ARG Q 107 -151.26 57.21 32.35
C ARG Q 107 -152.24 57.95 31.45
N LYS Q 108 -151.98 58.00 30.15
CA LYS Q 108 -152.91 58.60 29.19
C LYS Q 108 -153.31 57.51 28.20
N MET Q 109 -154.26 57.83 27.32
CA MET Q 109 -154.59 56.96 26.18
C MET Q 109 -154.02 57.65 24.94
N LEU Q 110 -152.73 57.43 24.70
CA LEU Q 110 -152.08 58.08 23.58
C LEU Q 110 -152.51 57.51 22.22
N ASN Q 111 -152.17 58.27 21.18
CA ASN Q 111 -152.49 57.95 19.79
C ASN Q 111 -151.55 56.85 19.27
N GLU Q 112 -152.12 55.77 18.69
CA GLU Q 112 -151.27 54.66 18.26
C GLU Q 112 -150.34 55.06 17.10
N HIS Q 113 -150.89 55.78 16.12
CA HIS Q 113 -150.19 56.21 14.90
C HIS Q 113 -148.80 56.80 15.08
N ASP Q 114 -148.51 57.47 16.19
CA ASP Q 114 -147.17 58.04 16.38
C ASP Q 114 -146.07 56.99 16.49
N PHE Q 115 -146.39 55.73 16.71
CA PHE Q 115 -145.40 54.67 16.96
C PHE Q 115 -145.36 53.62 15.84
N GLU Q 116 -145.82 53.95 14.64
CA GLU Q 116 -145.78 52.99 13.53
C GLU Q 116 -144.37 52.58 13.11
N VAL Q 117 -144.16 51.26 12.98
CA VAL Q 117 -142.85 50.75 12.59
C VAL Q 117 -142.54 51.04 11.13
N ARG Q 118 -141.31 51.47 10.85
CA ARG Q 118 -140.92 51.88 9.50
C ARG Q 118 -140.11 50.85 8.71
N GLY Q 119 -139.40 49.95 9.38
CA GLY Q 119 -138.63 48.97 8.65
C GLY Q 119 -137.99 47.92 9.55
N ASP Q 120 -137.09 47.13 8.93
CA ASP Q 120 -136.38 46.05 9.61
C ASP Q 120 -134.89 46.11 9.24
N VAL Q 121 -134.09 45.32 9.97
CA VAL Q 121 -132.62 45.36 9.85
C VAL Q 121 -132.02 44.66 8.63
N VAL Q 122 -132.84 44.14 7.73
CA VAL Q 122 -132.36 43.41 6.55
C VAL Q 122 -132.67 44.14 5.25
N ASN Q 123 -133.90 44.61 5.10
CA ASN Q 123 -134.43 45.12 3.85
C ASN Q 123 -134.48 46.64 3.78
N GLY Q 124 -134.03 47.34 4.81
CA GLY Q 124 -133.99 48.79 4.84
C GLY Q 124 -134.49 49.46 6.09
N ARG Q 125 -133.86 50.60 6.41
CA ARG Q 125 -134.11 51.33 7.65
C ARG Q 125 -135.32 52.25 7.57
N ASN Q 126 -135.87 52.46 6.37
CA ASN Q 126 -137.01 53.33 6.19
C ASN Q 126 -137.78 52.87 4.95
N HIS Q 127 -138.02 51.57 4.81
CA HIS Q 127 -138.70 51.13 3.59
C HIS Q 127 -140.21 51.24 3.66
N GLN Q 128 -140.77 51.58 4.84
CA GLN Q 128 -142.19 51.87 4.99
C GLN Q 128 -143.11 50.75 4.48
N GLY Q 129 -142.69 49.50 4.62
CA GLY Q 129 -143.48 48.41 4.13
C GLY Q 129 -144.87 48.36 4.72
N PRO Q 130 -144.96 48.24 6.05
CA PRO Q 130 -146.29 48.25 6.68
C PRO Q 130 -147.14 49.46 6.35
N LYS Q 131 -146.54 50.65 6.34
CA LYS Q 131 -147.27 51.87 6.05
C LYS Q 131 -147.84 51.86 4.64
N ARG Q 132 -147.03 51.50 3.63
CA ARG Q 132 -147.54 51.51 2.27
C ARG Q 132 -148.65 50.48 2.07
N ALA Q 133 -148.52 49.32 2.73
CA ALA Q 133 -149.54 48.28 2.60
C ALA Q 133 -150.90 48.72 3.09
N ARG Q 134 -150.97 49.44 4.21
CA ARG Q 134 -152.28 49.87 4.69
C ARG Q 134 -152.91 50.86 3.72
N GLU Q 135 -152.10 51.72 3.13
CA GLU Q 135 -152.60 52.84 2.34
C GLU Q 135 -152.74 52.47 0.87
N SER Q 136 -152.42 51.22 0.51
CA SER Q 136 -152.38 50.78 -0.88
C SER Q 136 -153.03 49.41 -1.05
N GLN Q 137 -154.05 49.10 -0.24
CA GLN Q 137 -154.74 47.82 -0.33
C GLN Q 137 -155.52 47.66 -1.62
N ASP Q 138 -155.70 48.76 -2.36
CA ASP Q 138 -156.35 48.77 -3.67
C ASP Q 138 -155.41 48.33 -4.79
N ARG Q 139 -154.09 48.28 -4.54
CA ARG Q 139 -153.11 47.86 -5.53
C ARG Q 139 -152.14 46.88 -4.85
N LYS Q 140 -152.69 45.70 -4.54
CA LYS Q 140 -151.95 44.67 -3.83
C LYS Q 140 -150.76 44.22 -4.66
N ILE Q 141 -149.65 43.90 -3.99
CA ILE Q 141 -148.42 43.71 -4.76
C ILE Q 141 -148.47 42.46 -5.61
N PHE Q 142 -149.23 41.42 -5.20
CA PHE Q 142 -149.25 40.19 -5.97
C PHE Q 142 -150.58 40.03 -6.71
N ARG Q 143 -151.31 41.12 -6.93
CA ARG Q 143 -152.55 41.05 -7.71
C ARG Q 143 -152.23 40.59 -9.12
N GLY Q 144 -152.90 39.53 -9.57
CA GLY Q 144 -152.72 39.03 -10.91
C GLY Q 144 -151.55 38.11 -11.10
N LEU Q 145 -150.97 37.60 -10.01
CA LEU Q 145 -149.85 36.67 -10.02
C LEU Q 145 -150.38 35.35 -9.50
N GLU Q 146 -149.85 34.24 -10.01
CA GLU Q 146 -150.20 32.90 -9.52
C GLU Q 146 -149.01 32.29 -8.78
N ILE Q 147 -149.20 32.11 -7.47
CA ILE Q 147 -148.17 31.68 -6.54
C ILE Q 147 -148.47 30.27 -6.04
N CYS Q 148 -147.46 29.40 -6.09
CA CYS Q 148 -147.49 28.05 -5.53
C CYS Q 148 -146.53 28.01 -4.34
N CYS Q 149 -147.09 27.80 -3.15
CA CYS Q 149 -146.35 27.67 -1.90
C CYS Q 149 -145.77 26.26 -1.73
N TYR Q 150 -144.49 26.11 -2.11
CA TYR Q 150 -143.80 24.83 -2.16
C TYR Q 150 -143.17 24.40 -0.84
N GLY Q 151 -143.77 23.41 -0.19
CA GLY Q 151 -143.32 22.97 1.11
C GLY Q 151 -141.90 22.42 1.03
N PRO Q 152 -141.26 22.15 2.18
CA PRO Q 152 -141.79 22.30 3.53
C PRO Q 152 -141.41 23.70 3.92
N PHE Q 153 -141.79 24.15 5.10
CA PHE Q 153 -141.46 25.48 5.59
C PHE Q 153 -141.13 25.39 7.06
N THR Q 154 -140.31 26.34 7.50
CA THR Q 154 -139.91 26.46 8.89
C THR Q 154 -140.35 27.85 9.33
N ASN Q 155 -140.73 27.96 10.59
CA ASN Q 155 -141.10 29.23 11.21
C ASN Q 155 -142.29 29.92 10.53
N MET Q 156 -142.98 29.26 9.58
CA MET Q 156 -144.13 29.81 8.88
C MET Q 156 -145.03 28.75 8.23
N PRO Q 157 -146.24 28.50 8.76
CA PRO Q 157 -147.15 27.53 8.13
C PRO Q 157 -147.39 27.86 6.66
N THR Q 158 -147.51 26.81 5.84
CA THR Q 158 -147.77 27.01 4.42
C THR Q 158 -149.11 27.72 4.21
N ASP Q 159 -150.15 27.34 4.95
CA ASP Q 159 -151.47 27.93 4.76
C ASP Q 159 -151.52 29.39 5.21
N GLN Q 160 -150.55 29.82 6.02
CA GLN Q 160 -150.49 31.21 6.44
C GLN Q 160 -149.83 32.04 5.36
N LEU Q 161 -148.81 31.48 4.71
CA LEU Q 161 -148.18 32.15 3.58
C LEU Q 161 -149.18 32.25 2.43
N GLU Q 162 -150.01 31.22 2.26
CA GLU Q 162 -151.07 31.27 1.26
C GLU Q 162 -152.04 32.40 1.59
N TRP Q 163 -152.37 32.57 2.87
CA TRP Q 163 -153.26 33.67 3.23
C TRP Q 163 -152.59 34.99 2.87
N MET Q 164 -151.26 35.05 3.05
CA MET Q 164 -150.49 36.25 2.77
C MET Q 164 -150.60 36.64 1.31
N VAL Q 165 -150.30 35.70 0.41
CA VAL Q 165 -150.37 36.02 -1.01
C VAL Q 165 -151.83 36.18 -1.42
N GLN Q 166 -152.73 35.47 -0.73
CA GLN Q 166 -154.16 35.68 -0.96
C GLN Q 166 -154.51 37.12 -0.65
N LEU Q 167 -154.03 37.60 0.50
CA LEU Q 167 -154.26 38.97 0.94
C LEU Q 167 -153.60 39.97 0.00
N CYS Q 168 -152.60 39.54 -0.76
CA CYS Q 168 -151.88 40.40 -1.70
C CYS Q 168 -152.40 40.24 -3.13
N GLY Q 169 -153.51 39.54 -3.34
CA GLY Q 169 -154.16 39.52 -4.63
C GLY Q 169 -153.73 38.39 -5.53
N ALA Q 170 -152.83 37.52 -5.08
CA ALA Q 170 -152.39 36.42 -5.89
C ALA Q 170 -153.44 35.33 -5.88
N SER Q 171 -153.41 34.50 -6.91
CA SER Q 171 -154.28 33.35 -7.01
C SER Q 171 -153.42 32.17 -6.59
N VAL Q 172 -153.86 31.49 -5.54
CA VAL Q 172 -153.10 30.40 -4.94
C VAL Q 172 -153.30 29.15 -5.79
N VAL Q 173 -152.21 28.47 -6.11
CA VAL Q 173 -152.25 27.24 -6.89
C VAL Q 173 -151.72 26.16 -5.97
N LYS Q 174 -152.56 25.15 -5.75
CA LYS Q 174 -152.30 24.12 -4.76
C LYS Q 174 -151.29 23.07 -5.23
N GLU Q 175 -151.39 22.66 -6.50
CA GLU Q 175 -150.55 21.64 -7.12
C GLU Q 175 -149.98 22.12 -8.44
N LEU Q 176 -148.81 21.60 -8.79
CA LEU Q 176 -148.10 22.03 -10.01
C LEU Q 176 -148.95 21.84 -11.27
N SER Q 177 -149.78 20.80 -11.32
CA SER Q 177 -150.56 20.59 -12.55
C SER Q 177 -151.66 21.63 -12.72
N SER Q 178 -152.00 22.37 -11.67
CA SER Q 178 -153.10 23.32 -11.69
C SER Q 178 -152.63 24.70 -12.15
N PHE Q 179 -151.37 24.83 -12.56
CA PHE Q 179 -150.82 26.10 -13.00
C PHE Q 179 -151.55 26.56 -14.25
N THR Q 180 -151.92 27.84 -14.29
CA THR Q 180 -152.54 28.34 -15.50
C THR Q 180 -151.48 28.52 -16.59
N LEU Q 181 -151.78 28.05 -17.81
CA LEU Q 181 -150.88 28.21 -18.94
C LEU Q 181 -151.37 29.38 -19.82
N GLY Q 182 -150.56 30.41 -19.97
CA GLY Q 182 -150.99 31.55 -20.77
C GLY Q 182 -149.97 32.67 -20.76
N THR Q 183 -150.09 33.54 -21.77
CA THR Q 183 -149.16 34.67 -21.85
C THR Q 183 -149.53 35.78 -20.88
N GLY Q 184 -150.82 35.97 -20.59
CA GLY Q 184 -151.23 37.07 -19.72
C GLY Q 184 -151.13 36.74 -18.24
N VAL Q 185 -151.06 35.47 -17.92
CA VAL Q 185 -151.01 35.00 -16.54
C VAL Q 185 -149.54 34.99 -16.16
N HIS Q 186 -149.24 35.38 -14.92
CA HIS Q 186 -147.87 35.35 -14.44
C HIS Q 186 -147.76 34.36 -13.30
N PRO Q 187 -147.38 33.11 -13.59
CA PRO Q 187 -147.23 32.10 -12.56
C PRO Q 187 -145.86 32.27 -11.94
N ILE Q 188 -145.77 32.03 -10.64
CA ILE Q 188 -144.53 32.12 -9.90
C ILE Q 188 -144.49 30.97 -8.92
N VAL Q 189 -143.37 30.27 -8.90
CA VAL Q 189 -143.13 29.18 -7.97
C VAL Q 189 -142.24 29.75 -6.89
N VAL Q 190 -142.73 29.68 -5.67
CA VAL Q 190 -142.06 30.22 -4.51
C VAL Q 190 -141.66 29.02 -3.66
N VAL Q 191 -140.36 28.93 -3.36
CA VAL Q 191 -139.82 27.85 -2.57
C VAL Q 191 -138.96 28.48 -1.48
N GLN Q 192 -138.61 27.69 -0.49
CA GLN Q 192 -137.70 28.14 0.57
C GLN Q 192 -136.51 27.20 0.50
N PRO Q 193 -135.40 27.59 -0.13
CA PRO Q 193 -134.25 26.67 -0.25
C PRO Q 193 -133.77 26.14 1.08
N ASP Q 194 -133.93 26.93 2.14
CA ASP Q 194 -133.50 26.51 3.47
C ASP Q 194 -134.20 25.25 3.96
N ALA Q 195 -135.49 25.08 3.68
CA ALA Q 195 -136.16 23.93 4.30
C ALA Q 195 -135.69 22.60 3.70
N TRP Q 196 -135.25 22.58 2.45
CA TRP Q 196 -134.78 21.34 1.83
C TRP Q 196 -133.37 20.98 2.26
N THR Q 197 -133.19 19.73 2.69
CA THR Q 197 -131.91 19.21 3.15
C THR Q 197 -131.54 17.88 2.50
N GLU Q 198 -132.51 17.11 2.02
CA GLU Q 198 -132.26 15.79 1.45
C GLU Q 198 -132.15 15.82 -0.07
N ASP Q 199 -132.60 16.89 -0.72
CA ASP Q 199 -132.81 16.90 -2.16
C ASP Q 199 -132.57 18.32 -2.66
N ASN Q 200 -132.18 18.42 -3.94
CA ASN Q 200 -132.05 19.69 -4.65
C ASN Q 200 -133.19 19.94 -5.65
N GLY Q 201 -134.40 19.47 -5.35
CA GLY Q 201 -135.48 19.48 -6.34
C GLY Q 201 -136.00 20.83 -6.79
N PHE Q 202 -135.75 21.91 -6.05
CA PHE Q 202 -136.35 23.19 -6.44
C PHE Q 202 -135.73 23.77 -7.72
N HIS Q 203 -134.58 23.25 -8.19
CA HIS Q 203 -133.99 23.74 -9.43
C HIS Q 203 -134.56 23.10 -10.69
N ALA Q 204 -135.52 22.18 -10.58
CA ALA Q 204 -136.02 21.46 -11.74
C ALA Q 204 -137.45 21.84 -12.06
N ILE Q 205 -138.08 22.71 -11.26
CA ILE Q 205 -139.46 23.08 -11.47
C ILE Q 205 -139.59 23.84 -12.80
N GLY Q 206 -138.57 24.63 -13.16
CA GLY Q 206 -138.63 25.36 -14.42
C GLY Q 206 -138.72 24.44 -15.63
N GLN Q 207 -138.24 23.20 -15.50
CA GLN Q 207 -138.35 22.25 -16.60
C GLN Q 207 -139.76 21.66 -16.67
N MET Q 208 -140.47 21.70 -15.54
CA MET Q 208 -141.80 21.15 -15.33
C MET Q 208 -142.91 22.16 -15.50
N CYS Q 209 -142.59 23.46 -15.47
CA CYS Q 209 -143.60 24.49 -15.59
C CYS Q 209 -142.96 25.76 -16.16
N GLU Q 210 -143.83 26.68 -16.59
CA GLU Q 210 -143.45 27.96 -17.17
C GLU Q 210 -143.61 29.08 -16.14
N ALA Q 211 -142.66 29.18 -15.19
CA ALA Q 211 -142.76 30.21 -14.16
C ALA Q 211 -141.39 30.49 -13.56
N PRO Q 212 -141.13 31.73 -13.14
CA PRO Q 212 -139.86 32.01 -12.45
C PRO Q 212 -139.83 31.27 -11.12
N VAL Q 213 -138.64 30.83 -10.72
CA VAL Q 213 -138.46 30.15 -9.44
C VAL Q 213 -137.55 31.04 -8.61
N VAL Q 214 -138.06 31.49 -7.47
CA VAL Q 214 -137.40 32.39 -6.55
C VAL Q 214 -137.48 31.81 -5.14
N THR Q 215 -136.63 32.31 -4.26
CA THR Q 215 -136.69 31.80 -2.90
C THR Q 215 -137.92 32.41 -2.24
N ARG Q 216 -138.35 31.81 -1.13
CA ARG Q 216 -139.49 32.38 -0.43
C ARG Q 216 -139.17 33.79 0.06
N GLU Q 217 -137.90 34.07 0.32
CA GLU Q 217 -137.51 35.38 0.81
C GLU Q 217 -137.85 36.48 -0.18
N TRP Q 218 -138.01 36.16 -1.47
CA TRP Q 218 -138.44 37.17 -2.43
C TRP Q 218 -139.83 37.65 -2.07
N VAL Q 219 -140.72 36.70 -1.78
CA VAL Q 219 -142.08 37.04 -1.38
C VAL Q 219 -142.03 37.79 -0.06
N LEU Q 220 -141.34 37.21 0.92
CA LEU Q 220 -141.25 37.82 2.24
C LEU Q 220 -140.66 39.21 2.14
N ASP Q 221 -139.58 39.37 1.36
CA ASP Q 221 -139.01 40.70 1.18
C ASP Q 221 -140.00 41.58 0.42
N SER Q 222 -140.66 41.03 -0.59
CA SER Q 222 -141.63 41.82 -1.35
C SER Q 222 -142.77 42.22 -0.42
N VAL Q 223 -143.19 41.28 0.43
CA VAL Q 223 -144.25 41.52 1.40
C VAL Q 223 -143.73 42.48 2.46
N ALA Q 224 -142.52 42.23 2.96
CA ALA Q 224 -141.95 43.07 4.02
C ALA Q 224 -141.88 44.51 3.57
N LEU Q 225 -141.61 44.75 2.29
CA LEU Q 225 -141.55 46.08 1.71
C LEU Q 225 -142.90 46.52 1.16
N TYR Q 226 -143.85 45.61 1.04
CA TYR Q 226 -145.06 45.80 0.25
C TYR Q 226 -144.74 46.48 -1.08
N GLN Q 227 -143.84 45.87 -1.82
CA GLN Q 227 -143.61 46.31 -3.18
C GLN Q 227 -143.02 45.13 -3.94
N CYS Q 228 -143.59 44.79 -5.08
CA CYS Q 228 -143.17 43.58 -5.78
C CYS Q 228 -141.73 43.78 -6.26
N GLN Q 229 -140.81 43.02 -5.69
CA GLN Q 229 -139.42 43.18 -6.05
C GLN Q 229 -139.10 42.51 -7.39
N GLU Q 230 -138.05 43.01 -8.02
CA GLU Q 230 -137.55 42.41 -9.25
C GLU Q 230 -136.93 41.07 -8.90
N LEU Q 231 -137.22 40.07 -9.72
CA LEU Q 231 -136.79 38.70 -9.47
C LEU Q 231 -135.28 38.51 -9.62
N ASP Q 232 -134.59 39.44 -10.30
CA ASP Q 232 -133.17 39.26 -10.67
C ASP Q 232 -132.27 38.78 -9.53
N THR Q 233 -132.31 39.42 -8.36
CA THR Q 233 -131.35 38.96 -7.35
C THR Q 233 -131.77 37.66 -6.67
N TYR Q 234 -133.06 37.32 -6.74
CA TYR Q 234 -133.63 36.14 -6.11
C TYR Q 234 -133.95 35.00 -7.09
N LEU Q 235 -133.65 35.13 -8.38
CA LEU Q 235 -134.03 34.10 -9.34
C LEU Q 235 -133.20 32.87 -9.01
N ILE Q 236 -133.82 31.71 -9.09
CA ILE Q 236 -133.16 30.44 -8.81
C ILE Q 236 -132.75 29.77 -10.13
N PRO Q 237 -131.48 29.44 -10.33
CA PRO Q 237 -131.02 28.82 -11.58
C PRO Q 237 -131.72 27.49 -11.88
N GLN Q 238 -132.09 27.34 -13.14
CA GLN Q 238 -132.77 26.17 -13.65
C GLN Q 238 -131.72 25.41 -14.46
N ILE Q 239 -132.05 24.21 -14.91
CA ILE Q 239 -131.15 23.45 -15.77
C ILE Q 239 -131.75 23.43 -17.18
N PRO Q 240 -131.03 23.94 -18.20
CA PRO Q 240 -131.57 23.94 -19.57
C PRO Q 240 -131.71 22.53 -20.13
N VAL R 27 -163.55 26.44 4.54
CA VAL R 27 -162.90 26.37 5.85
C VAL R 27 -163.87 25.79 6.87
N ASN R 28 -163.32 25.04 7.82
CA ASN R 28 -164.06 24.50 8.95
C ASN R 28 -163.67 25.29 10.19
N LYS R 29 -164.51 25.25 11.21
CA LYS R 29 -164.16 25.94 12.43
C LYS R 29 -162.87 25.34 12.98
N ARG R 30 -162.12 26.18 13.68
CA ARG R 30 -160.86 25.83 14.30
C ARG R 30 -161.00 25.93 15.81
N MET R 31 -160.02 25.36 16.51
CA MET R 31 -160.04 25.45 17.95
C MET R 31 -159.74 26.90 18.28
N SER R 32 -160.49 27.45 19.23
CA SER R 32 -160.27 28.82 19.69
C SER R 32 -160.65 28.95 21.15
N MET R 33 -159.70 29.39 21.96
CA MET R 33 -159.88 29.46 23.40
C MET R 33 -159.94 30.89 23.91
N VAL R 34 -160.67 31.05 25.00
CA VAL R 34 -160.62 32.18 25.91
C VAL R 34 -160.46 31.61 27.31
N VAL R 35 -159.88 32.40 28.22
CA VAL R 35 -159.68 31.95 29.58
C VAL R 35 -160.47 32.90 30.46
N SER R 36 -160.80 32.43 31.66
CA SER R 36 -161.64 33.21 32.55
C SER R 36 -161.37 32.87 34.01
N GLY R 37 -161.31 33.90 34.84
CA GLY R 37 -161.13 33.68 36.26
C GLY R 37 -159.69 33.52 36.67
N LEU R 38 -158.76 33.74 35.74
CA LEU R 38 -157.35 33.59 36.00
C LEU R 38 -156.71 34.91 36.40
N THR R 39 -155.79 34.82 37.35
CA THR R 39 -154.93 35.93 37.66
C THR R 39 -153.99 36.13 36.48
N PRO R 40 -153.39 37.31 36.34
CA PRO R 40 -152.47 37.55 35.19
C PRO R 40 -151.40 36.48 35.04
N GLU R 41 -150.77 36.06 36.13
CA GLU R 41 -149.67 35.08 36.05
C GLU R 41 -150.13 33.77 35.41
N GLU R 42 -151.36 33.33 35.73
CA GLU R 42 -151.93 32.12 35.12
C GLU R 42 -152.21 32.29 33.62
N PHE R 43 -152.63 33.48 33.22
CA PHE R 43 -152.95 33.74 31.82
C PHE R 43 -151.69 33.56 30.96
N MET R 44 -150.54 33.96 31.47
CA MET R 44 -149.31 33.88 30.71
C MET R 44 -148.95 32.45 30.35
N LEU R 45 -149.28 31.50 31.22
CA LEU R 45 -149.01 30.09 30.94
C LEU R 45 -149.84 29.58 29.76
N VAL R 46 -151.10 30.00 29.68
CA VAL R 46 -151.97 29.59 28.57
C VAL R 46 -151.55 30.20 27.25
N TYR R 47 -151.08 31.46 27.24
CA TYR R 47 -150.68 32.07 25.98
C TYR R 47 -149.52 31.30 25.35
N LYS R 48 -148.53 30.91 26.15
CA LYS R 48 -147.44 30.09 25.66
C LYS R 48 -147.95 28.74 25.15
N PHE R 49 -148.92 28.17 25.85
CA PHE R 49 -149.53 26.90 25.50
C PHE R 49 -150.24 26.92 24.14
N ALA R 50 -151.10 27.91 23.90
CA ALA R 50 -151.87 28.01 22.66
C ALA R 50 -151.00 28.20 21.41
N ARG R 51 -149.88 28.91 21.55
CA ARG R 51 -148.97 29.18 20.43
C ARG R 51 -148.32 27.95 19.81
N LYS R 52 -147.84 27.00 20.60
CA LYS R 52 -147.07 25.88 20.03
C LYS R 52 -147.90 25.06 19.05
N HIS R 53 -149.16 24.78 19.37
CA HIS R 53 -150.01 23.99 18.49
C HIS R 53 -150.96 24.86 17.67
N HIS R 54 -150.53 26.08 17.32
CA HIS R 54 -151.27 26.99 16.44
C HIS R 54 -152.75 27.05 16.76
N ILE R 55 -153.05 27.12 18.05
CA ILE R 55 -154.42 27.17 18.54
C ILE R 55 -154.78 28.63 18.71
N THR R 56 -155.95 29.01 18.22
CA THR R 56 -156.44 30.36 18.40
C THR R 56 -156.77 30.61 19.87
N LEU R 57 -156.30 31.73 20.41
CA LEU R 57 -156.53 32.06 21.80
C LEU R 57 -156.82 33.55 21.85
N THR R 58 -158.02 33.93 22.28
CA THR R 58 -158.43 35.32 22.34
C THR R 58 -158.78 35.70 23.77
N ASN R 59 -158.84 37.00 24.02
CA ASN R 59 -159.19 37.54 25.33
C ASN R 59 -160.64 37.98 25.44
N LEU R 60 -161.36 38.08 24.32
CA LEU R 60 -162.77 38.40 24.29
C LEU R 60 -163.50 37.27 23.60
N ILE R 61 -164.61 36.83 24.19
CA ILE R 61 -165.34 35.69 23.66
C ILE R 61 -166.32 36.18 22.61
N THR R 62 -166.32 35.52 21.44
CA THR R 62 -167.18 35.87 20.32
C THR R 62 -167.85 34.61 19.79
N GLU R 63 -168.66 34.78 18.72
CA GLU R 63 -169.31 33.64 18.08
C GLU R 63 -168.30 32.70 17.46
N GLU R 64 -167.15 33.25 17.04
CA GLU R 64 -166.12 32.43 16.42
C GLU R 64 -165.34 31.64 17.46
N THR R 65 -165.38 32.07 18.73
CA THR R 65 -164.74 31.36 19.81
C THR R 65 -165.44 30.02 19.99
N THR R 66 -164.66 28.95 20.07
CA THR R 66 -165.16 27.59 20.16
C THR R 66 -164.88 26.93 21.50
N HIS R 67 -163.84 27.37 22.21
CA HIS R 67 -163.43 26.78 23.48
C HIS R 67 -163.36 27.86 24.55
N VAL R 68 -163.84 27.52 25.75
CA VAL R 68 -163.75 28.39 26.92
C VAL R 68 -163.01 27.64 28.03
N VAL R 69 -161.87 28.16 28.44
CA VAL R 69 -161.01 27.51 29.43
C VAL R 69 -161.25 28.15 30.79
N MET R 70 -161.79 27.39 31.74
CA MET R 70 -162.12 27.92 33.06
C MET R 70 -161.16 27.52 34.17
N LYS R 71 -160.98 28.44 35.11
CA LYS R 71 -160.24 28.20 36.34
C LYS R 71 -161.13 27.40 37.29
N THR R 72 -160.68 26.21 37.70
CA THR R 72 -161.51 25.33 38.52
C THR R 72 -160.70 24.85 39.72
N ASP R 73 -161.40 24.14 40.61
CA ASP R 73 -160.76 23.42 41.72
C ASP R 73 -160.46 21.99 41.26
N ALA R 74 -160.09 21.12 42.20
CA ALA R 74 -159.74 19.74 41.84
C ALA R 74 -160.92 18.94 41.31
N GLU R 75 -162.16 19.29 41.65
CA GLU R 75 -163.34 18.57 41.20
C GLU R 75 -164.04 19.26 40.04
N PHE R 76 -163.33 20.15 39.36
CA PHE R 76 -163.82 20.84 38.17
C PHE R 76 -165.06 21.67 38.50
N VAL R 77 -164.93 22.44 39.58
CA VAL R 77 -165.93 23.39 40.03
C VAL R 77 -165.25 24.75 39.97
N CYS R 78 -165.88 25.73 39.33
CA CYS R 78 -165.24 27.02 39.06
C CYS R 78 -165.97 28.19 39.71
N GLU R 79 -165.37 29.37 39.51
CA GLU R 79 -165.90 30.67 39.88
C GLU R 79 -166.78 31.24 38.79
N ARG R 80 -167.58 32.22 39.18
CA ARG R 80 -168.50 32.94 38.28
C ARG R 80 -167.89 34.20 37.70
N THR R 81 -167.50 34.12 36.42
CA THR R 81 -166.96 35.22 35.65
C THR R 81 -167.88 35.56 34.48
N LEU R 82 -167.59 36.69 33.84
CA LEU R 82 -168.35 37.12 32.68
C LEU R 82 -168.24 36.14 31.51
N LYS R 83 -167.02 35.66 31.25
CA LYS R 83 -166.72 34.72 30.17
C LYS R 83 -167.28 33.32 30.39
N TYR R 84 -167.45 32.88 31.64
CA TYR R 84 -168.03 31.57 31.90
C TYR R 84 -169.46 31.48 31.41
N PHE R 85 -170.26 32.47 31.78
CA PHE R 85 -171.66 32.52 31.37
C PHE R 85 -171.76 32.63 29.86
N LEU R 86 -170.99 33.54 29.26
CA LEU R 86 -171.03 33.76 27.83
C LEU R 86 -170.60 32.51 27.07
N GLY R 87 -169.69 31.73 27.68
CA GLY R 87 -169.24 30.49 27.08
C GLY R 87 -170.36 29.46 26.97
N ILE R 88 -171.15 29.32 28.02
CA ILE R 88 -172.26 28.38 28.04
C ILE R 88 -173.34 28.80 27.05
N ALA R 89 -173.65 30.10 27.01
CA ALA R 89 -174.70 30.59 26.13
C ALA R 89 -174.44 30.24 24.67
N GLY R 90 -173.18 30.24 24.24
CA GLY R 90 -172.81 29.94 22.88
C GLY R 90 -172.58 28.49 22.56
N GLY R 91 -172.78 27.60 23.53
CA GLY R 91 -172.59 26.17 23.29
C GLY R 91 -171.17 25.80 22.96
N LYS R 92 -170.21 26.55 23.48
CA LYS R 92 -168.81 26.35 23.22
C LYS R 92 -168.25 25.28 24.15
N TRP R 93 -167.09 24.77 23.79
CA TRP R 93 -166.42 23.75 24.58
C TRP R 93 -165.91 24.43 25.84
N VAL R 94 -166.42 24.05 27.00
CA VAL R 94 -166.00 24.65 28.27
C VAL R 94 -165.17 23.64 29.04
N VAL R 95 -163.86 23.91 29.14
CA VAL R 95 -162.90 22.99 29.75
C VAL R 95 -162.17 23.71 30.88
N SER R 96 -161.57 22.91 31.76
CA SER R 96 -160.87 23.46 32.92
C SER R 96 -159.46 23.93 32.59
N TYR R 97 -159.00 24.93 33.35
CA TYR R 97 -157.65 25.45 33.22
C TYR R 97 -156.59 24.40 33.52
N PHE R 98 -156.94 23.38 34.31
CA PHE R 98 -156.01 22.34 34.71
C PHE R 98 -155.49 21.48 33.56
N TRP R 99 -156.13 21.51 32.39
CA TRP R 99 -155.59 20.78 31.24
C TRP R 99 -154.20 21.30 30.86
N VAL R 100 -153.95 22.60 31.04
CA VAL R 100 -152.66 23.16 30.70
C VAL R 100 -151.63 22.70 31.72
N THR R 101 -151.93 22.88 33.02
CA THR R 101 -150.98 22.55 34.08
C THR R 101 -150.61 21.07 34.03
N GLN R 102 -151.56 20.21 33.64
CA GLN R 102 -151.32 18.77 33.54
C GLN R 102 -150.41 18.44 32.36
N SER R 103 -150.54 19.16 31.25
CA SER R 103 -149.72 18.89 30.09
C SER R 103 -148.23 19.13 30.33
N ILE R 104 -147.84 20.10 31.17
CA ILE R 104 -146.41 20.26 31.47
C ILE R 104 -145.86 19.09 32.28
N LYS R 105 -146.57 18.66 33.33
CA LYS R 105 -146.02 17.56 34.16
C LYS R 105 -145.79 16.30 33.36
N GLU R 106 -146.68 15.98 32.42
CA GLU R 106 -146.55 14.74 31.65
C GLU R 106 -146.15 14.99 30.22
N ARG R 107 -146.01 16.26 29.80
CA ARG R 107 -145.59 16.53 28.42
C ARG R 107 -146.49 15.90 27.38
N LYS R 108 -147.76 15.71 27.73
CA LYS R 108 -148.70 15.17 26.78
C LYS R 108 -149.75 16.24 26.53
N MET R 109 -150.61 15.99 25.54
CA MET R 109 -151.79 16.78 25.28
C MET R 109 -152.97 15.90 25.69
N LEU R 110 -153.31 15.90 26.97
CA LEU R 110 -154.39 15.04 27.41
C LEU R 110 -155.72 15.53 26.82
N ASN R 111 -156.73 14.68 26.92
CA ASN R 111 -158.03 14.98 26.33
C ASN R 111 -158.76 16.04 27.16
N GLU R 112 -159.21 17.10 26.48
CA GLU R 112 -159.85 18.22 27.18
C GLU R 112 -161.15 17.75 27.82
N HIS R 113 -161.95 16.94 27.10
CA HIS R 113 -163.24 16.44 27.60
C HIS R 113 -163.15 15.94 29.04
N ASP R 114 -162.00 15.38 29.42
CA ASP R 114 -161.76 14.92 30.78
C ASP R 114 -161.72 16.09 31.76
N PHE R 115 -161.57 17.32 31.25
CA PHE R 115 -161.42 18.52 32.05
C PHE R 115 -162.61 19.46 31.89
N GLU R 116 -163.75 18.95 31.43
CA GLU R 116 -164.94 19.77 31.30
C GLU R 116 -165.39 20.23 32.68
N VAL R 117 -165.69 21.51 32.82
CA VAL R 117 -166.09 21.98 34.15
C VAL R 117 -167.47 21.40 34.47
N ARG R 118 -167.64 20.96 35.71
CA ARG R 118 -168.86 20.25 36.09
C ARG R 118 -169.87 21.13 36.81
N GLY R 119 -169.42 22.19 37.44
CA GLY R 119 -170.28 23.10 38.15
C GLY R 119 -169.49 24.28 38.66
N ASP R 120 -170.14 25.08 39.52
CA ASP R 120 -169.48 26.24 40.11
C ASP R 120 -169.80 26.26 41.60
N VAL R 121 -169.08 27.11 42.35
CA VAL R 121 -169.21 27.11 43.81
C VAL R 121 -170.46 27.80 44.32
N VAL R 122 -171.33 28.26 43.43
CA VAL R 122 -172.54 28.99 43.78
C VAL R 122 -173.80 28.22 43.42
N ASN R 123 -173.86 27.71 42.19
CA ASN R 123 -175.09 27.15 41.62
C ASN R 123 -175.14 25.63 41.63
N GLY R 124 -174.11 24.96 42.12
CA GLY R 124 -174.07 23.51 42.20
C GLY R 124 -172.77 22.90 41.73
N ARG R 125 -172.36 21.81 42.39
CA ARG R 125 -171.09 21.15 42.13
C ARG R 125 -171.11 20.16 40.97
N ASN R 126 -172.29 19.84 40.44
CA ASN R 126 -172.42 18.89 39.35
C ASN R 126 -173.66 19.19 38.52
N HIS R 127 -173.89 20.45 38.19
CA HIS R 127 -175.12 20.76 37.46
C HIS R 127 -175.01 20.61 35.94
N GLN R 128 -173.81 20.35 35.40
CA GLN R 128 -173.62 20.01 33.98
C GLN R 128 -174.20 21.05 33.02
N GLY R 129 -174.17 22.33 33.38
CA GLY R 129 -174.71 23.37 32.54
C GLY R 129 -174.06 23.40 31.16
N PRO R 130 -172.73 23.56 31.14
CA PRO R 130 -172.00 23.55 29.86
C PRO R 130 -172.23 22.33 29.01
N LYS R 131 -172.28 21.15 29.64
CA LYS R 131 -172.50 19.90 28.90
C LYS R 131 -173.84 19.91 28.19
N ARG R 132 -174.90 20.32 28.90
CA ARG R 132 -176.20 20.35 28.27
C ARG R 132 -176.24 21.37 27.14
N ALA R 133 -175.54 22.50 27.31
CA ALA R 133 -175.53 23.53 26.28
C ALA R 133 -174.97 23.01 24.97
N ARG R 134 -173.90 22.22 25.03
CA ARG R 134 -173.35 21.68 23.80
C ARG R 134 -174.34 20.70 23.18
N GLU R 135 -175.05 19.94 24.03
CA GLU R 135 -175.88 18.83 23.60
C GLU R 135 -177.31 19.29 23.32
N SER R 136 -177.60 20.59 23.46
CA SER R 136 -178.93 21.15 23.34
C SER R 136 -178.94 22.41 22.49
N GLN R 137 -178.05 22.52 21.51
CA GLN R 137 -178.03 23.72 20.69
C GLN R 137 -179.25 23.83 19.79
N ASP R 138 -180.00 22.74 19.61
CA ASP R 138 -181.25 22.76 18.85
C ASP R 138 -182.46 23.22 19.65
N ARG R 139 -182.37 23.25 21.00
CA ARG R 139 -183.48 23.69 21.87
C ARG R 139 -182.98 24.62 22.99
N LYS R 140 -182.59 25.83 22.62
CA LYS R 140 -182.07 26.79 23.59
C LYS R 140 -183.12 27.09 24.65
N ILE R 141 -182.70 27.28 25.91
CA ILE R 141 -183.71 27.31 26.96
C ILE R 141 -184.58 28.56 26.88
N PHE R 142 -184.05 29.67 26.37
CA PHE R 142 -184.83 30.89 26.31
C PHE R 142 -185.28 31.18 24.87
N ARG R 143 -185.30 30.18 23.99
CA ARG R 143 -185.79 30.41 22.64
C ARG R 143 -187.27 30.79 22.69
N GLY R 144 -187.60 31.93 22.07
CA GLY R 144 -188.97 32.39 22.01
C GLY R 144 -189.45 33.20 23.19
N LEU R 145 -188.55 33.70 24.04
CA LEU R 145 -188.84 34.51 25.21
C LEU R 145 -188.29 35.92 24.96
N GLU R 146 -188.99 36.94 25.51
CA GLU R 146 -188.50 38.33 25.43
C GLU R 146 -188.03 38.88 26.77
N ILE R 147 -186.72 39.12 26.83
CA ILE R 147 -185.96 39.52 28.01
C ILE R 147 -185.49 40.95 27.76
N CYS R 148 -185.67 41.84 28.74
CA CYS R 148 -185.14 43.21 28.67
C CYS R 148 -184.00 43.38 29.67
N CYS R 149 -182.80 43.59 29.13
CA CYS R 149 -181.56 43.85 29.87
C CYS R 149 -181.45 45.32 30.27
N TYR R 150 -181.85 45.64 31.50
CA TYR R 150 -181.95 47.01 32.00
C TYR R 150 -180.66 47.60 32.59
N GLY R 151 -180.03 48.51 31.86
CA GLY R 151 -178.79 49.07 32.30
C GLY R 151 -178.99 49.84 33.60
N PRO R 152 -177.91 50.27 34.26
CA PRO R 152 -176.52 50.12 33.86
C PRO R 152 -176.11 48.82 34.50
N PHE R 153 -174.87 48.39 34.27
CA PHE R 153 -174.32 47.17 34.83
C PHE R 153 -172.88 47.43 35.21
N THR R 154 -172.43 46.63 36.17
CA THR R 154 -171.07 46.67 36.66
C THR R 154 -170.55 45.26 36.40
N ASN R 155 -169.25 45.18 36.10
CA ASN R 155 -168.55 43.91 35.89
C ASN R 155 -169.10 43.13 34.68
N MET R 156 -170.01 43.72 33.88
CA MET R 156 -170.58 43.08 32.70
C MET R 156 -171.17 44.06 31.68
N PRO R 157 -170.56 44.26 30.52
CA PRO R 157 -171.15 45.17 29.51
C PRO R 157 -172.60 44.78 29.20
N THR R 158 -173.44 45.79 28.99
CA THR R 158 -174.84 45.51 28.66
C THR R 158 -174.95 44.71 27.36
N ASP R 159 -174.17 45.08 26.35
CA ASP R 159 -174.25 44.41 25.05
C ASP R 159 -173.72 42.98 25.10
N GLN R 160 -172.94 42.63 26.13
CA GLN R 160 -172.44 41.27 26.26
C GLN R 160 -173.51 40.37 26.89
N LEU R 161 -174.26 40.88 27.85
CA LEU R 161 -175.38 40.11 28.39
C LEU R 161 -176.43 39.92 27.32
N GLU R 162 -176.64 40.94 26.49
CA GLU R 162 -177.57 40.81 25.37
C GLU R 162 -177.06 39.72 24.44
N TRP R 163 -175.76 39.69 24.19
CA TRP R 163 -175.21 38.63 23.36
C TRP R 163 -175.44 37.29 24.05
N MET R 164 -175.34 37.28 25.38
CA MET R 164 -175.53 36.05 26.14
C MET R 164 -176.93 35.49 25.97
N VAL R 165 -177.95 36.31 26.21
CA VAL R 165 -179.33 35.82 26.09
C VAL R 165 -179.69 35.60 24.63
N GLN R 166 -179.08 36.34 23.71
CA GLN R 166 -179.27 36.09 22.29
C GLN R 166 -178.80 34.68 21.96
N LEU R 167 -177.63 34.30 22.46
CA LEU R 167 -177.10 32.97 22.23
C LEU R 167 -177.98 31.90 22.87
N CYS R 168 -178.79 32.27 23.86
CA CYS R 168 -179.68 31.34 24.54
C CYS R 168 -181.10 31.43 23.99
N GLY R 169 -181.30 32.16 22.88
CA GLY R 169 -182.54 32.17 22.18
C GLY R 169 -183.51 33.26 22.59
N ALA R 170 -183.15 34.12 23.53
CA ALA R 170 -184.08 35.15 23.91
C ALA R 170 -184.09 36.25 22.85
N SER R 171 -185.20 36.97 22.79
CA SER R 171 -185.35 38.12 21.91
C SER R 171 -185.17 39.38 22.75
N VAL R 172 -184.18 40.17 22.38
CA VAL R 172 -183.82 41.36 23.14
C VAL R 172 -184.78 42.49 22.79
N VAL R 173 -185.30 43.15 23.83
CA VAL R 173 -186.19 44.29 23.67
C VAL R 173 -185.43 45.44 24.32
N LYS R 174 -185.21 46.49 23.54
CA LYS R 174 -184.30 47.56 23.94
C LYS R 174 -184.95 48.50 24.96
N GLU R 175 -186.22 48.84 24.76
CA GLU R 175 -186.98 49.75 25.61
C GLU R 175 -188.32 49.13 25.99
N LEU R 176 -188.82 49.53 27.16
CA LEU R 176 -190.05 48.95 27.69
C LEU R 176 -191.23 49.13 26.73
N SER R 177 -191.28 50.24 25.98
CA SER R 177 -192.42 50.42 25.07
C SER R 177 -192.34 49.49 23.87
N SER R 178 -191.16 48.90 23.62
CA SER R 178 -190.89 48.07 22.45
C SER R 178 -191.25 46.61 22.70
N PHE R 179 -191.84 46.32 23.85
CA PHE R 179 -192.23 44.97 24.22
C PHE R 179 -193.27 44.44 23.24
N THR R 180 -193.10 43.19 22.82
CA THR R 180 -194.11 42.61 21.96
C THR R 180 -195.34 42.32 22.81
N LEU R 181 -196.50 42.70 22.31
CA LEU R 181 -197.76 42.46 22.99
C LEU R 181 -198.45 41.25 22.38
N GLY R 182 -198.71 40.23 23.20
CA GLY R 182 -199.30 39.00 22.69
C GLY R 182 -199.45 37.98 23.80
N THR R 183 -200.31 37.00 23.53
CA THR R 183 -200.57 35.94 24.50
C THR R 183 -199.41 34.96 24.56
N GLY R 184 -198.70 34.76 23.45
CA GLY R 184 -197.63 33.80 23.41
C GLY R 184 -196.33 34.34 23.96
N VAL R 185 -196.24 35.66 24.12
CA VAL R 185 -195.03 36.32 24.59
C VAL R 185 -195.02 36.35 26.10
N HIS R 186 -193.84 36.11 26.66
CA HIS R 186 -193.58 36.16 28.11
C HIS R 186 -192.55 37.25 28.33
N PRO R 187 -192.97 38.48 28.70
CA PRO R 187 -191.98 39.55 28.90
C PRO R 187 -191.32 39.46 30.27
N ILE R 188 -190.03 39.80 30.30
CA ILE R 188 -189.23 39.82 31.54
C ILE R 188 -188.29 41.01 31.48
N VAL R 189 -188.29 41.79 32.56
CA VAL R 189 -187.39 42.93 32.76
C VAL R 189 -186.30 42.48 33.72
N VAL R 190 -185.06 42.61 33.27
CA VAL R 190 -183.89 42.18 34.02
C VAL R 190 -183.08 43.38 34.48
N VAL R 191 -182.87 43.46 35.80
CA VAL R 191 -182.11 44.52 36.46
C VAL R 191 -181.11 43.88 37.41
N GLN R 192 -180.16 44.68 37.87
CA GLN R 192 -179.19 44.25 38.88
C GLN R 192 -179.39 45.18 40.07
N PRO R 193 -180.13 44.79 41.11
CA PRO R 193 -180.36 45.71 42.24
C PRO R 193 -179.08 46.24 42.87
N ASP R 194 -178.02 45.44 42.87
CA ASP R 194 -176.75 45.84 43.42
C ASP R 194 -176.16 47.04 42.71
N ALA R 195 -176.32 47.13 41.39
CA ALA R 195 -175.64 48.18 40.66
C ALA R 195 -176.17 49.58 40.95
N TRP R 196 -177.44 49.75 41.35
CA TRP R 196 -177.91 51.10 41.57
C TRP R 196 -177.42 51.68 42.90
N THR R 197 -176.88 52.88 42.80
CA THR R 197 -176.35 53.66 43.89
C THR R 197 -177.02 55.00 43.67
N GLU R 198 -177.35 55.68 44.76
CA GLU R 198 -178.08 56.94 44.77
C GLU R 198 -179.60 56.74 44.59
N ASP R 199 -180.09 55.56 44.18
CA ASP R 199 -181.47 55.41 43.71
C ASP R 199 -182.00 54.03 44.05
N ASN R 200 -183.33 53.97 44.21
CA ASN R 200 -184.13 52.75 44.40
C ASN R 200 -184.92 52.34 43.16
N GLY R 201 -184.40 52.54 41.95
CA GLY R 201 -185.21 52.36 40.76
C GLY R 201 -185.74 50.97 40.45
N PHE R 202 -185.17 49.91 41.03
CA PHE R 202 -185.64 48.58 40.61
C PHE R 202 -187.05 48.24 41.12
N HIS R 203 -187.61 49.00 42.06
CA HIS R 203 -188.97 48.80 42.56
C HIS R 203 -190.09 49.48 41.76
N ALA R 204 -189.79 50.19 40.68
CA ALA R 204 -190.79 50.97 39.97
C ALA R 204 -191.13 50.42 38.59
N ILE R 205 -190.47 49.34 38.18
CA ILE R 205 -190.69 48.77 36.86
C ILE R 205 -192.10 48.23 36.69
N GLY R 206 -192.72 47.69 37.75
CA GLY R 206 -194.07 47.18 37.61
C GLY R 206 -195.07 48.24 37.19
N GLN R 207 -194.78 49.51 37.47
CA GLN R 207 -195.63 50.61 37.04
C GLN R 207 -195.38 50.97 35.59
N MET R 208 -194.22 50.58 35.04
CA MET R 208 -193.81 50.93 33.70
C MET R 208 -194.18 49.88 32.66
N CYS R 209 -194.45 48.65 33.08
CA CYS R 209 -194.81 47.59 32.13
C CYS R 209 -195.62 46.52 32.84
N GLU R 210 -196.25 45.67 32.04
CA GLU R 210 -197.05 44.55 32.52
C GLU R 210 -196.21 43.29 32.37
N ALA R 211 -195.23 43.11 33.26
CA ALA R 211 -194.36 41.96 33.14
C ALA R 211 -193.68 41.66 34.48
N PRO R 212 -193.38 40.39 34.78
CA PRO R 212 -192.65 40.09 36.01
C PRO R 212 -191.26 40.71 35.89
N VAL R 213 -190.74 41.18 37.03
CA VAL R 213 -189.42 41.78 37.12
C VAL R 213 -188.54 40.95 38.04
N VAL R 214 -187.42 40.45 37.49
CA VAL R 214 -186.49 39.60 38.22
C VAL R 214 -185.09 40.18 38.06
N THR R 215 -184.18 39.77 38.95
CA THR R 215 -182.82 40.26 38.91
C THR R 215 -182.01 39.62 37.79
N ARG R 216 -180.88 40.26 37.46
CA ARG R 216 -179.98 39.70 36.45
C ARG R 216 -179.42 38.38 36.93
N GLU R 217 -179.29 38.22 38.24
CA GLU R 217 -178.73 37.01 38.79
C GLU R 217 -179.58 35.79 38.44
N TRP R 218 -180.86 36.00 38.14
CA TRP R 218 -181.71 34.91 37.69
C TRP R 218 -181.18 34.40 36.35
N VAL R 219 -180.87 35.34 35.44
CA VAL R 219 -180.31 35.00 34.14
C VAL R 219 -178.96 34.34 34.34
N LEU R 220 -178.10 34.99 35.14
CA LEU R 220 -176.74 34.50 35.37
C LEU R 220 -176.79 33.08 35.92
N ASP R 221 -177.68 32.83 36.89
CA ASP R 221 -177.82 31.47 37.41
C ASP R 221 -178.37 30.56 36.32
N SER R 222 -179.34 31.06 35.55
CA SER R 222 -179.92 30.26 34.48
C SER R 222 -178.88 29.93 33.42
N VAL R 223 -178.04 30.92 33.08
CA VAL R 223 -176.99 30.71 32.10
C VAL R 223 -175.93 29.76 32.63
N ALA R 224 -175.49 29.99 33.87
CA ALA R 224 -174.45 29.14 34.45
C ALA R 224 -174.90 27.68 34.46
N LEU R 225 -176.18 27.46 34.71
CA LEU R 225 -176.76 26.13 34.72
C LEU R 225 -177.31 25.70 33.37
N TYR R 226 -177.44 26.63 32.42
CA TYR R 226 -178.22 26.43 31.21
C TYR R 226 -179.53 25.67 31.52
N GLN R 227 -180.29 26.23 32.45
CA GLN R 227 -181.62 25.73 32.74
C GLN R 227 -182.46 26.83 33.36
N CYS R 228 -183.67 27.05 32.83
CA CYS R 228 -184.48 28.18 33.26
C CYS R 228 -184.90 27.97 34.72
N GLN R 229 -184.39 28.83 35.60
CA GLN R 229 -184.63 28.75 37.04
C GLN R 229 -186.01 29.29 37.38
N GLU R 230 -186.54 28.87 38.52
CA GLU R 230 -187.80 29.41 38.98
C GLU R 230 -187.63 30.86 39.42
N LEU R 231 -188.53 31.74 38.98
CA LEU R 231 -188.44 33.16 39.30
C LEU R 231 -188.73 33.48 40.75
N ASP R 232 -189.43 32.58 41.46
CA ASP R 232 -189.94 32.83 42.80
C ASP R 232 -188.91 33.43 43.77
N THR R 233 -187.72 32.83 43.86
CA THR R 233 -186.77 33.35 44.85
C THR R 233 -186.08 34.62 44.38
N TYR R 234 -186.11 34.87 43.07
CA TYR R 234 -185.48 36.00 42.42
C TYR R 234 -186.47 37.10 42.04
N LEU R 235 -187.74 36.98 42.41
CA LEU R 235 -188.74 37.96 42.02
C LEU R 235 -188.38 39.23 42.76
N ILE R 236 -188.48 40.37 42.09
CA ILE R 236 -188.16 41.66 42.70
C ILE R 236 -189.45 42.35 43.15
N PRO R 237 -189.59 42.70 44.42
CA PRO R 237 -190.80 43.39 44.89
C PRO R 237 -191.01 44.71 44.16
N GLN R 238 -192.25 44.95 43.74
CA GLN R 238 -192.60 46.16 43.03
C GLN R 238 -193.40 47.03 44.00
N ILE R 239 -193.66 48.26 43.61
CA ILE R 239 -194.51 49.16 44.39
C ILE R 239 -195.81 49.37 43.61
N PRO R 240 -196.99 49.01 44.16
CA PRO R 240 -198.22 49.23 43.40
C PRO R 240 -198.53 50.72 43.17
#